data_7QYB
#
_entry.id   7QYB
#
loop_
_entity.id
_entity.type
_entity.pdbx_description
1 polymer '26S proteasome non-ATPase regulatory subunit 1'
2 polymer '26S proteasome non-ATPase regulatory subunit 3'
3 polymer '26S proteasome non-ATPase regulatory subunit 12'
4 polymer '26S proteasome non-ATPase regulatory subunit 11'
5 polymer '26S proteasome non-ATPase regulatory subunit 6'
6 polymer '26S proteasome non-ATPase regulatory subunit 7'
7 polymer '26S proteasome non-ATPase regulatory subunit 13'
8 polymer '26S proteasome non-ATPase regulatory subunit 4'
9 polymer '26S proteasome non-ATPase regulatory subunit 14'
10 polymer '26S proteasome non-ATPase regulatory subunit 8'
11 polymer '26S proteasome complex subunit SEM1'
12 polymer '26S proteasome non-ATPase regulatory subunit 2'
13 polymer '26S protease regulatory subunit 7'
14 polymer '26S protease regulatory subunit 4'
15 polymer 'Isoform 2 of 26S proteasome regulatory subunit 8'
16 polymer '26S protease regulatory subunit 6B'
17 polymer '26S proteasome regulatory subunit 10B'
18 polymer '26S protease regulatory subunit 6A'
19 polymer 'Proteasome subunit alpha type-6'
20 polymer 'Proteasome subunit alpha type-2'
21 polymer 'Proteasome subunit alpha type-4'
22 polymer 'Proteasome subunit alpha type-7'
23 polymer 'Proteasome subunit alpha type-5'
24 polymer 'Isoform Long of Proteasome subunit alpha type-1'
25 polymer 'Proteasome subunit alpha type-3'
26 polymer 'Proteasome subunit beta type-6'
27 polymer 'Proteasome subunit beta type-7'
28 polymer 'Proteasome subunit beta type-3'
29 polymer 'Proteasome subunit beta type-2'
30 polymer 'Proteasome subunit beta type-5'
31 polymer 'Proteasome subunit beta type-1'
32 polymer 'Proteasome subunit beta type-4'
33 non-polymer 'ZINC ION'
34 non-polymer "ADENOSINE-5'-TRIPHOSPHATE"
35 non-polymer 'MAGNESIUM ION'
36 non-polymer "ADENOSINE-5'-DIPHOSPHATE"
#
loop_
_entity_poly.entity_id
_entity_poly.type
_entity_poly.pdbx_seq_one_letter_code
_entity_poly.pdbx_strand_id
1 'polypeptide(L)'
;MITSAAGIISLLDEDEPQLKEFALHKLNAVVNDFWAEISESVDKIEVLYEDEGFRSRQFAALVASKVFYHLGAFEESLNY
ALGAGDLFNVNDNSEYVETIIAKCIDHYTKQCVENADLPEGEKKPIDQRLEGIVNKMFQRCLDDHKYKQAIGIALETRRL
DVFEKTILESNDVPGMLAYSLKLCMSLMQNKQFRNKVLRVLVKIYMNLEKPDFINVCQCLIFLDDPQAVSDILEKLVKED
NLLMAYQICFDLYESASQQFLSSVIQNLRTVGTPIASVPGSTNTGTVPGSEKDSDSMETEEKTSSAFVGKTPEASPEPKD
QTLKMIKILSGEMAIELHLQFLIRNNNTDLMILKNTKDAVRNSVCHTATVIANSFMHCGTTSDQFLRDNLEWLARATNWA
KFTATASLGVIHKGHEKEALQLMATYLPKDTSPGSAYQEGGGLYALGLIHANHGGDIIDYLLNQLKNASNDIVRHGGSLG
LGLAAMGTARQDVYDLLKTNLYQDDAVTGEAAGLALGLVMLGSKNAQAIEDMVGYAQETQHEKILRGLAVGIALVMYGRM
EEADALIESLCRDKDPILRRSGMYTVAMAYCGSGNNKAIRRLLHVAVSDVNDDVRRAAVESLGFILFRTPEQCPSVVSLL
SESYNPHVRYGAAMALGICCAGTGNKEAINLLEPMTNDPVNYVRQGALIASALIMIQQTEITCPKVNQFRQLYSKVINDK
HDDVMAKFGAILAQGILDAGGHNVTISLQSRTGHTHMPSVVGVLVFTQFWFWFPLSHFLSLAYTPTCVIGLNKDLKMPKV
QYKSNCKPSTFAYPAPLEVPKEKEKEKVSTAVLSITAKAKKKEKEKEKKEEEKMEVDEAEKKEEKEKKKEPEPNFQLLDN
PARVMPAQLKVLTMPETCRYQPFKPLSIGGIIILKDTSEDIEELVEPVAAHGPKIEEEEQEPEPPEPFEYIDD
;
U
2 'polypeptide(L)'
;KQEGSARRRGADKAKPPPGGGEQEPPPPPAPQDVEMKEEAATGGGSTGEADGKTAAAAAEHSQRELDTVTLEDIKEHVKQ
LEKAVSGKEPRFVLRALRMLPSTSRRLNHYVLYKAVQGFFTSNNATRDFLLPFLEEPMDTEADLQFRPRTGKAASTPLLP
EVEAYLQLLVVIFMMNSKRYKEAQKISDDLMQKISTQNRRALDLVAAKCYYYHARVYEFLDKLDVVRSFLHARLRTATLR
HDADGQATLLNLLLRNYLHYSLYDQAEKLVSKSVFPEQANNNEWARYLYYTGRIKAIQLEYSEARRTMTNALRKAPQHTA
VGFKQTVHKLLIVVELLLGEIPDRLQFRQPSLKRSLMPYFLLTQAVRTGNLAKFNQVLDQFGEKFQADGTYTLIIRLRHN
VIKTGVRMISLSYSRISLADIAQKLQLDSPEDAEFIVAKAIRDGVIEASINHEKGYVQSKEMIDIYSTREPQLAFHQRIS
FCLDIHNMSVKAMRFPPKSYNKDLESAEERREREQQDLEFAKEMAEDDDDSFP
;
V
3 'polypeptide(L)'
;MADGGSERADGRIVKMEVDYSATVDQRLPECAKLAKEGRLQEVIETLLSLEKQTRTASDMVSTSRILVAVVKMCYEAKEW
DLLNENIMLLSKRRSQLKQAVAKMVQQCCTYVEEITDLPIKLRLIDTLRMVTEGKIYVEIERARLTKTLATIKEQNGDVK
EAASILQELQVETYGSMEKKERVEFILEQMRLCLAVKDYIRTQIISKKINTKFFQEENTEKLKLKYYNLMIQLDQHEGSY
LSICKHYRAIYDTPCIQAESEKWQQALKSVVLYVILAPFDNEQSDLVHRISGDKKLEEIPKYKDLLKLFTTMELMRWSTL
VEDYGMELRKGSLESPATDVFGSTEEGEKRWKDLKNRVVEHNIRIMAKYYTRITMKRMAQLLDLSVDESEAFLSNLVVNK
TIFAKVDRLAGIINFQRPKDPNNLLNDWSQKLNSLMSLVNKTTHLIAKEEMIHNLQ
;
W
4 'polypeptide(L)'
;MAAAAVVEFQRAQSLLSTDREASIDILHSIVKRDIQENDEEAVQVKEQSILELGSLLAKTGQAAELGGLLKYVRPFLNSI
SKAKAARLVRSLLDLFLDMEAATGQEVELCLECIEWAKSEKRTFLRQALEARLVSLYFDTKRYQEALHLGSQLLRELKKM
DDKALLVEVQLLESKTYHALSNLPKARAALTSARTTANAIYCPPKLQATLDMQSGIIHAAEEKDWKTAYSYFYEAFEGYD
SIDSPKAITSLKYMLLCKIMLNTPEDVQALVSGKLALRYAGRQTEALKCVAQASKNRSLADFEKALTDYRAELRDDPIIS
THLAKLYDNLLEQNLIRVIEPFSRVQIEHISSLIKLSKADVERKLSQMILDKKFHGILDQGEGVLIIFDEPPVDKTYEAA
LETIQNMSKVVDSLYNKAKKLT
;
X
5 'polypeptide(L)'
;MPLENLEEEGLPKNPDLRIAQLRFLLSLPEHRGDAAVRDELMAAVRDNNMAPYYEALCKSLDWQIDVDLLNKMKKANEDE
LKRLDEELEDAEKNLGESEIRDAMMAKAEYLCRIGDKEGALTAFRKTYDKTVALGHRLDIVFYLLRIGLFYMDNDLITRN
TEKAKSLIEEGGDWDRRNRLKVYQGLYCVAIRDFKQAAELFLDTVSTFTSYELMDYKTFVTYTVYVSMIALERPDLREKV
IKGAEILEVLHSLPAVRQYLFSLYECRYSVFFQSLAVVEQEMKKDWLFAPHYRYYVREMRIHAYSQLLESYRSLTLGYMA
EAFGVGVEFIDQELSRFIAAGRLHCKIDKVNEIVETNRPDSKNWQYQETIKKGDLLLNRVQKLSRVINM
;
Y
6 'polypeptide(L)'
;MPELAVQKVVVHPLVLLSVVDHFNRIGKVGNQKRVVGVLLGSWQKKVLDVSNSFAVPFDEDDKDDSVWFLDHDYLENMYG
MFKKVNARERIVGWYHTGPKLHKNDIAINELMKRYCPNSVLVIIDVKPKDLGLPTEAYISVEEVHDDGTPTSKTFEHVTS
EIGAEEAEEVGVEHLLRDIKDTTVGTLSQRITNQVHGLKGLNSKLLDIRSYLEKVATGKLPINHQIIYQLQDVFNLLPDV
SLQEFVKAFYLKTNDQMVVVYLASLIRSVVALHNLINNKIANRDAEKKEGQEKEESKKDRKEDKEKDKDKEKSDVKKEEK
KEKK
;
Z
7 'polypeptide(L)'
;MKDVPGFLQQSQNSGPGQPAVWHRLEELYTKKLWHQLTLQVLDFVQDPCFAQGDGLIKLYENFISEFEHRVNPLSLVEII
LHVVRQMTDPNVALTFLEKTREKVKSSDEAVILCKTAIGALKLNIGDLQVTKETIEDVEEMLNNLPGVTSVHSRFYDLSS
KYYQTIGNHASYYKDALRFLGCVDIKDLPVSEQQERAFTLGLAGLLGEGVFNFGELLMHPVLESLRNTDRQWLIDTLYAF
NSGNVERFQTLKTAWGQQPDLAANEAQLLRKIQLLCLMEMTFTRPANHRQLTFEEIAKSAKITVNEVELLVMKALSVGLV
KGSIDEVDKRVHMTWVQPRVLDLQQIKGMKDRLEFWCTDVKSMEMLVEHQAHDILT
;
a
8 'polypeptide(L)'
;MVLESTMVCVDNSEYMRNGDFLPTRLQAQQDAVNIVCHSKTRSNPENNVGLITLANDCEVLTTLTPDTGRILSKLHTVQP
KGKITFCTGIRVAHLALKHRQGKNHKMRIIAFVGSPVEDNEKDLVKLAKRLKKEKVNVDIINFGEEEVNTEKLTAFVNTL
NGKDGTGSHLVTVPPGPSLADALISSPILAGEGGAMLGLGASDFEFGVDPSADPELALALRVSMEEQRQRQEEEARRAAA
ASAAEAGIATTGTEDSDDALLKMTISQQEFGRTGLPDLSSMTEEEQIAYAMQMSLQGAEFGQAESADIDASSAMDTSEPA
KEEDDYDVMQDPEFLQSVLENLPGVDPNNEAIRNAMGSLASQATKDGKKDKKEEDKK
;
b
9 'polypeptide(L)'
;DRLLRLGGGMPGLGQGPPTDAPAVDTAEQVYISSLALLKMLKHGRAGVPMEVMGLMLGEFVDDYTVRVIDVFAMPQSGTG
VSVEAVDPVFQAKMLDMLKQTGRPEMVVGWYHSHPGFGCWLSGVDINTQQSFEALSERAVAVVVDPIQSVKGKVVIDAFR
LINANMMVLGHEPRQTTSNLGHLNKPSIQALIHGLNRHYYSITINYRKNELEQKMLLNLHKKSWMEGLTLQDYSEHCKHN
ESVVKEMLELAKNYNKAVEEEDKMTPEQLAIKNVGKQDPKRHLEEHVDVLMTSNIVQCLAAMLDTVVFK
;
c
10 'polypeptide(L)'
;FIKGRAPRAPPRERRRATRGGLRQVVAPPRALGSTSRPHFRRASVCRRRCRKSGGLLAASRKMAAAAVNGAAGFSSSGPA
ATSGAVLQAATGMYEQLKGEWNRKSPNLSKCGEELGRLKLVLLELNFLPTTGTKLTKQQLILARDILEIGAQWSILRKDI
PSFERYMAQLKCYYFDYKEQLPESAYMHQLLGLNLLFLLSQNRVAEFHTELERLPAKDIQTNVYIKHPVSLEQYLMEGSY
NKVFLAKGNIPAESYTFFIDILLDTIRDEIAGCIEKAYEKILFTEATRILFFNTPKKMTDYAKKRGWVLGPNNYYSFASQ
QQKPEDTTIPSTELAKQVIEYARQLEMIV
;
d
11 'polypeptide(L)' MSEKKQPVDLGLLEEDDEFEEFPAEDWAGLDEDEDAHVWEDNWDDDNVEDDFSNQLRAELEKHGYKMETS e
12 'polypeptide(L)'
;MEEGGRDKAPVQPQQSPAAAPGGTDEKPSGKERRDAGDKDKEQELSEEDKQLQDELEMLVERLGEKDTSLYRPALEELRR
QIRSSTTSMTSVPKPLKFLRPHYGKLKEIYENMAPGENKRFAADIISVLAMTMSGERECLKYRLVGSQEELASWGHEYVR
HLAGEVAKEWQELDDAEKVQREPLLTLVKEIVPYNMAHNAEHEACDLLMEIEQVDMLEKDIDENAYAKVCLYLTSCVNYV
PEPENSALLRCALGVFRKFSRFPEALRLALMLNDMELVEDIFTSCKDVVVQKQMAFMLGRHGVFLELSEDVEEYEDLTEI
MSNVQLNSNFLALARELDIMEPKVPDDIYKTHLENNRFGGSGSQVDSARMNLASSFVNGFVNAAFGQDKLLTDDGNKWLY
KNKDHGMLSAAASLGMILLWDVDGGLTQIDKYLYSSEDYIKSGALLACGIVNSGVRNECDPALALLSDYVLHNSNTMRLG
SIFGLGLAYAGSNREDVLTLLLPVMGDSKSSMEVAGVTALACGMIAVGSCNGDVTSTILQTIMEKSETELKDTYARWLPL
GLGLNHLGKGEAIEAILAALEVVSEPFRSFANTLVDVCAYAGSGNVLKVQQLLHICSEHFDSKEKEEDKDKKEKKDKDKK
EAPADMGAHQGVAVLGIALIAMGEEIGAEMALRTFGHLLRYGEPTLRRAVPLALALISVSNPRLNILDTLSKFSHDADPE
VSYNSIFAMGMVGSGTNNARLAAMLRQLAQYHAKDPNNLFMVRLAQGLTHLGKGTLTLCPYHSDRQLMSQVAVAGLLTVL
VSFLDVRNIILGKSHYVLYGLVAAMQPRMLVTFDEELRPLPVSVRVGQAVDVVGQAGKPKTITGFQTHTTPVLLAHGERA
ELATEEFLPVTPILEGFVILRKNPNYDL
;
f
13 'polypeptide(L)'
;MPDYLGADQRKTKEDEKDDKPIRALDEGDIALLKTYGQSTYSRQIKQVEDDIQQLLKKINELTGIKESDTGLAPPALWDL
AADKQTLQSEQPLQVARCTKIINADSEDPKYIINVKQFAKFVVDLSDQVAPTDIEEGMRVGVDRNKYQIHIPLPPKIDPT
VTMMQVEEKPDVTYSDVGGCKEQIEKLREVVETPLLHPERFVNLGIEPPKGVLLFGPPGTGKTLCARAVANRTDACFIRV
IGSELVQKYVGEGARMVRELFEMARTKKACLIFFDEIDAIGGARFDDGAGGDNEVQRTMLELINQLDGFDPRGNIKVLMA
TNRPDTLDPALMRPGRLDRKIEFSLPDLEGRTHIFKIHARSMSVERDIRFELLARLCPNSTGAEIRSVCTEAGMFAIRAR
RKIATEKDFLEAVNKVIKSYAKFSATPRYMTYN
;
A
14 'polypeptide(L)'
;MGQSQSGGHGPGGGKKDDKDKKKKYEPPVPTRVGKKKKKTKGPDAASKLPLVTPHTQCRLKLLKLERIKDYLLMEEEFIR
NQEQMKPLEEKQEEERSKVDDLRGTPMSVGTLEEIIDDNHAIVSTSVGSEHYVSILSFVDKDLLEPGCSVLLNHKVHAVI
GVLMDDTDPLVTVMKVEKAPQETYADIGGLDNQIQEIKESVELPLTHPEYYEEMGIKPPKGVILYGPPGTGKTLLAKAVA
NQTSATFLRVVGSELIQKYLGDGPKLVRELFRVAEEHAPSIVFIDEIDAIGTKRYDSNSGGEREIQRTMLELLNQLDGFD
SRGDVKVIMATNRIETLDPALIRPGRIDRKIEFPLPDEKTKKRIFQIHTSRMTLADDVTLDDLIMAKDDLSGADIKAICT
EAGLMALRERRMKVTNEDFKKSKENVLYKKQEGTPEGLYL
;
B
15 'polypeptide(L)'
;MELEEGKAGSGLRQYYLSKIEELQLIVNDKSQNLRRLQAQRNELNAKVRLLREELQLLQEQGSYVGEVVRAMDKKKVLVK
VHPEGKFVVDVDKNIDINDVTPNCRVALRNDSYTLHKILPNKVDPLVSLMMVEKVPDSTYEMIGGLDKQIKEIKEVIELP
VKHPELFEALGIAQPKGVLLYGPPGTGKTLLARAVAHHTDCTFIRVSGSELVQKFIGEGARMVRELFVMAREHAPSIIFM
DEIDSIGSSRLEGGSGGDSEVQRTMLELLNQLDGFEATKNIKVIMATNRIDILDSALLRPGRIDRKIEFPPPNEEARLDI
LKIHSRKMNLTRGINLRKIAELMPGASGAEVKGVCTEAGMYALRERRVHVTQEDFEMAVAKVMQKDSEKNMSIKKLWK
;
C
16 'polypeptide(L)'
;MEEIGILVEKAQDEIPALSVSRPQTGLSFLGPEPEDLEDLYSRYKKLQQELEFLEVQEEYIKDEQKNLKKEFLHAQEEVK
RIQSIPLVIGQFLEAVDQNTAIVGSTTGSNYYVRILSTIDRELLKPNASVALHKHSNALVDVLPPEADSSIMMLTSDQKP
DVMYADIGGMDIQKQEVREAVELPLTHFELYKQIGIDPPRGVLMYGPPGCGKTMLAKAVAHHTTAAFIRVVGSEFVQKYL
GEGPRMVRDVFRLAKENAPAIIFIDEIDAIATKRFDAQTGADREVQRILLELLNQMDGFDQNVNVKVIMATNRADTLDPA
LLRPGRLDRKIEFPLPDRRQKRLIFSTITSKMNLSEEVDLEDYVARPDKISGADINSICQESGMLAVRENRYIVLAKDFE
KAYKTVIKKDEQEHEFYK
;
D
17 'polypeptide(L)'
;MAIPGIPYERRLLIMADPRDKALQDYRKKLLEHKEIDGRLKELREQLKELTKQYEKSENDLKALQSVGQIVGEVLKQLTE
EKFIVKATNGPRYVVGCRRQLDKSKLKPGTRVALDMTTLTIMRYLPREVDPLVYNMSHEDPGNVSYSEIGGLSEQIRELR
EVIELPLTNPELFQRVGIIPPKGCLLYGPPGTGKTLLARAVASQLDCNFLKVVSSSIVDKYIGESARLIREMFNYARDHQ
PCIIFMDEIDAIGGRRFSEGTSADREIQRTLMELLNQMDGFDTLHRVKMIMATNRPDTLDPALLRPGRLDRKIHIDLPNE
QARLDILKIHAGPITKHGEIDYEAIVKLSDGFNGADLRNVCTEAGMFAIRADHDFVVQEDFMKAVRKVADSKKLESKLDY
KPV
;
E
18 'polypeptide(L)'
;MNLLPNIESPVTRQEKMATVWDEAEQDGIGEEVLKMSTEEIIQRTRLLDSEIKIMKSEVLRVTHELQAMKDKIKENSEKI
KVNKTLPYLVSNVIELLDVDPNDQEEDGANIDLDSQRKGKCAVIKTSTRQTYFLPVIGLVDAEKLKPGDLVGVNKDSYLI
LETLPTEYDSRVKAMEVDERPTEQYSDIGGLDKQIQELVEAIVLPMNHKEKFENLGIQPPKGVLMYGPPGTGKTLLARAC
AAQTKATFLKLAGPQLVQMFIGDGAKLVRDAFALAKEKAPSIIFIDELDAIGTKRFDSEKAGDREVQRTMLELLNQLDGF
QPNTQVKVIAATNRVDILDPALLRSGRLDRKIEFPMPNEEARARIMQIHSRKMNVSPDVNYEELARCTDDFNGAQCKAVC
VEAGMIALRRGATELTHEDYMEGILEVQAKKKANLQYYA
;
F
19 'polypeptide(L)'
;SRGSSAGFDRHITIFSPEGRLYQVEYAFKAINQGGLTSVAVRGKDCAVIVTQKKVPDKLLDSSTVTHLFKITENIGCVMT
GMTADSRSQVQRARYEAANWKYKYGYEIPVDMLCKRIADISQVYTQNAEMRPLGCCMILIGIDEEQGPQVYKCDPAGYYC
GFKATAAGVKQTESTSFLEKKVKKKFDWTFEQTVETAITCLSTVLSIDFKPSEIEVGVVTVENPKFRILTEAEIDAHLVA
LAERD
;
G,g
20 'polypeptide(L)'
;AERGYSFSLTTFSPSGKLVQIEYALAAVAGGAPSVGIKAANGVVLATEKKQKSILYDERSVHKVEPITKHIGLVYSGMGP
DYRVLVHRARKLAQQYYLVYQEPIPTAQLVQRVASVMQEYTQSGGVRPFGVSLLICGWNEGRPYLFQSDPSGAYFAWKAT
AMGKNYVNGKTFLEKRYNEDLELEDAIHTAILTLKESFEGQMTEDNIEVGICNEAGFRRLTPTEVKDYLAAIA
;
H,h
21 'polypeptide(L)'
;SRRYDSRTTIFSPEGRLYQVEYAMEAIGHAGTCLGILANDGVLLAAERRNIHKLLDEVFFSEKIYKLNEDMACSVAGITS
DANVLTNELRLIAQRYLLQYQEPIPCEQLVTALCDIKQAYTQFGGKRPFGVSLLYIGWDKHYGFQLYQSDPSGNYGGWKA
TCIGNNSAAAVSMLKQDYKEGEMTLKSALALAIKVLNKTMDVSKLSAEKVEIATLTRENGKTVIRVLKQKEVEQLIKKHE
EEEAKAEREKKEKEQKEKDK
;
I,i
22 'polypeptide(L)'
;SYDRAITVFSPDGHLFQVEYAQEAVKKGSTAVGVRGRDIVVLGVEKKSVAKLQDERTVRKICALDDNVCMAFAGLTADAR
IVINRARVECQSHRLTVEDPVTVEYITRYIASLKQRYTQSNGRRPFGISALIVGFDFDGTPRLYQTDPSGTYHAWKANAI
GRGAKSVREFLEKNYTDEAIETDDLTIKLVIKALLEVVQSGGKNIELAVMRRDQSLKILNPEEIEKYVAEIEKEKEENEK
KKQKKAS
;
J,j
23 'polypeptide(L)'
;FLTRSEYDRGVNTFSPEGRLFQVEYAIEAIKLGSTAIGIQTSEGVCLAVEKRITSPLMEPSSIEKIVEIDAHIGCAMSGL
IADAKTLIDKARVETQNHWFTYNETMTVESVTQAVSNLALQFGEEDADPGAMSRPFGVALLFGGVDEKGPQLFHMDPSGT
FVQCDARAIGSASEGAQSSLQEVYHKSMTLKEAIKSSLIILKQVMEEKLNATNIELATVQPGQNFHMFTKEELEEVIKDI
;
K,k
24 'polypeptide(L)'
;QLSKVKFRNQYDNDVTVWSPQGRIHQIEYAMEAVKQGSATVGLKSKTHAVLVALKRAQSELAAHQKKILHVDNHIGISIA
GLTADARLLCNFMRQECLDSRFVFDRPLPVSRLVSLIGSKTQIPTQRYGRRPYGVGLLIAGYDDMGPHIFQTCPSANYFD
CRAMSIGARSQSARTYLERHMSEFMECNLNELVKHGLRALRETLPAEQDLTTKNVSIGIVGKDLEFTIYDDDDVSPFLEG
LEERPQRKAQPAQPADEPAEKADEPMEH
;
L,l
25 'polypeptide(L)'
;SSIGTGYDLSASTFSPDGRVFQVEYAMKAVENSSTAIGIRCKDGVVFGVEKLVLSKLYEEGSNKRLFNVDRHVGMAVAGL
LADARSLADIAREEASNFRSNFGYNIPLKHLADRVAMYVHAYTLYSAVRPFGCSFMLGSYSVNDGAQLYMIDPSGVSYGY
WGCAIGKARQAAKTEIEKLQMKEMTCRDIVKEVAKIIYIVHDEVKDKAFELELSWVGELTNGRHEIVPKDIREEAEKYAK
ESLKEEDESDDDNM
;
M,m
26 'polypeptide(L)'
;AATLLAARGAGPAPAWGPEAFTPDWESREVSTGTTIMAVQFDGGVVLGADSRTTTGSYIANRVTDKLTPIHDRIFCCRSG
SAADTQAVADAVTYQLGFHSIELNEPPLVHTAASLFKEMCYRYREDLMAGIIIAGWDPQEGGQVYSVPMGGMMVRQSFAI
GGSGSSYIYGYVDATYREGMTKEECLQFTANALALAMERDGSSGGVIRLAAIAESGVERQVLLGDQIPKFAVATLPPA
;
N,n
27 'polypeptide(L)'
;AAVSVYAPPVGGFSFDNCRRNAVLEADFAKRGYKLPKVRKTGTTIAGVVYKDGIVLGADTRATEGMVVADKNCSKIHFIS
PNIYCCGAGTAADTDMTTQLISSNLELHSLSTGRLPRVVTANRMLKQMLFRYQGYIGAALVLGGVDVTGPHLYSIYPHGS
TDKLPYVTMGSGSLAAMAVFEDKFRPDMEEEEAKNLVSEAIAAGIFNDLGSGSNIDLCVISKNKLDFLRPYTVPNKKGTR
LGRYRCEKGTTAVLTEKITPLEIEVLEETVQTMDTS
;
O,o
28 'polypeptide(L)'
;SIMSYNGGAVMAMKGKNCVAIAADRRFGIQAQMVTTDFQKIFPMGDRLYIGLAGLATDVQTVAQRLKFRLNLYELKEGRQ
IKPYTLMSMVANLLYEKRFGPYYTEPVIAGLDPKTFKPFICSLDLIGCPMVTDDFVVSGTCAEQMYGMCESLWEPNMDPD
HLFETISQAMLNAVDRDAVSGMGVIVHIIEKDKITTRTLKARMD
;
P,p
29 'polypeptide(L)'
;MEYLIGIQGPDYVLVASDRVAASNIVQMKDDHDKMFKMSEKILLLCVGEAGDTVQFAEYIQKNVQLYKMRNGYELSPTAA
ANFTRRNLADCLRSRTPYHVNLLLAGYDEHEGPALYYMDYLAALAKAPFAAHGYGAFLTLSILDRYYTPTISRERAVELL
RKCLEELQKRFILNLPTFSVRIIDKNGIHDLDNISFPKQGS
;
Q,q
30 'polypeptide(L)'
;ALASVLERPLPVNQRGFFGLGGRADLLDLGPGSLSDGLSLAAPGWGVPEEPGIEMLHGTTTLAFKFRHGVIVAADSRATA
GAYIASQTVKKVIEINPYLLGTMAGGAADCSFWERLLARQCRIYELRNKERISVAAASKLLANMVYQYKGMGLSMGTMIC
GWDKRGPGLYYVDSEGNRISGATFSVGSGSVYAYGVMDRGYSYDLEVEQAYDLARRAIYQATYRDAYSGGAVNLYHVRED
GWIRVSSDNVADLHEKYSGSTP
;
R,r
31 'polypeptide(L)'
;LSSTAMYSAPGRDLGMEPHRAAGPLQLRFSPYVFNGGTILAIAGEDFAIVASDTRLSEGFSIHTRDSPKCYKLTDKTVIG
CSGFHGDCLTLTKIIEARLKMYKHSNNKAMTTGAIAAMLSTILYSRRFFPYYVYNIIGGLDEEGKGAVYSFDPVGSYQRD
SFKAGGSASAMLQPLLDNQVGFKNMQNVEHVPLSLDRAMRLVKDVFISAAERDVYTGDALRICIVTKEGIREETVSLRKD
;
S,s
32 'polypeptide(L)'
;EAFLGSRSGLWAGGPAPGQFYRIPSTPDSFMDPASALYRGPITRTQNPMVTGTSVLGVKFEGGVVIAADMLGSYGSLARF
RNISRIMRVNNSTMLGASGDYADFQYLKQVLGQMVIDEELLGDGHSYSPRAIHSWLTRAMYSRRSKMNPLWNTMVIGGYA
DGESFLGYVDMLGVAYEAPSLATGYGAYLAQPLLREVLEKQPVLSQTEARDLVERCMRVLYYRDARSYNRFQIATVTEKG
VEIEGPLSTETNWDIAHMISGFE
;
T,t
#
loop_
_chem_comp.id
_chem_comp.type
_chem_comp.name
_chem_comp.formula
ADP non-polymer ADENOSINE-5'-DIPHOSPHATE 'C10 H15 N5 O10 P2'
ATP non-polymer ADENOSINE-5'-TRIPHOSPHATE 'C10 H16 N5 O13 P3'
MG non-polymer 'MAGNESIUM ION' 'Mg 2'
ZN non-polymer 'ZINC ION' 'Zn 2'
#
# COMPACT_ATOMS: atom_id res chain seq x y z
N GLY A 7 23.40 132.60 -36.91
CA GLY A 7 24.31 133.40 -37.70
C GLY A 7 24.38 134.86 -37.30
N ILE A 8 23.35 135.32 -36.58
CA ILE A 8 23.33 136.69 -36.07
C ILE A 8 23.98 136.81 -34.71
N ILE A 9 24.52 135.72 -34.17
CA ILE A 9 25.40 135.80 -33.00
C ILE A 9 26.71 136.45 -33.43
N SER A 10 27.07 136.30 -34.70
CA SER A 10 28.19 137.04 -35.29
C SER A 10 27.98 138.55 -35.19
N LEU A 11 26.74 139.00 -35.30
CA LEU A 11 26.44 140.42 -35.08
C LEU A 11 26.56 140.78 -33.61
N LEU A 12 26.32 139.83 -32.71
CA LEU A 12 26.46 140.07 -31.28
C LEU A 12 27.91 140.15 -30.84
N ASP A 13 28.84 139.70 -31.69
CA ASP A 13 30.26 139.71 -31.33
C ASP A 13 30.84 141.11 -31.41
N GLU A 14 30.37 141.92 -32.36
CA GLU A 14 30.92 143.23 -32.62
C GLU A 14 30.42 144.24 -31.57
N ASP A 15 31.19 145.32 -31.38
CA ASP A 15 31.08 146.14 -30.18
C ASP A 15 30.57 147.57 -30.47
N GLU A 16 29.51 147.70 -31.26
CA GLU A 16 28.85 149.00 -31.38
C GLU A 16 27.36 148.87 -31.08
N PRO A 17 26.73 149.90 -30.50
CA PRO A 17 25.35 149.73 -30.03
C PRO A 17 24.31 149.64 -31.15
N GLN A 18 24.48 150.37 -32.26
CA GLN A 18 23.45 150.40 -33.29
C GLN A 18 23.38 149.11 -34.09
N LEU A 19 24.34 148.22 -33.94
CA LEU A 19 24.22 146.87 -34.49
C LEU A 19 23.55 145.93 -33.50
N LYS A 20 23.70 146.20 -32.20
CA LYS A 20 23.07 145.38 -31.17
C LYS A 20 21.55 145.40 -31.29
N GLU A 21 20.97 146.60 -31.43
CA GLU A 21 19.50 146.71 -31.41
C GLU A 21 18.86 146.09 -32.65
N PHE A 22 19.61 145.99 -33.75
CA PHE A 22 19.08 145.24 -34.89
C PHE A 22 19.43 143.77 -34.80
N ALA A 23 20.41 143.42 -33.95
CA ALA A 23 20.69 142.02 -33.68
C ALA A 23 19.67 141.44 -32.71
N LEU A 24 19.28 142.22 -31.69
CA LEU A 24 18.28 141.72 -30.75
C LEU A 24 16.86 141.82 -31.29
N HIS A 25 16.60 142.74 -32.22
CA HIS A 25 15.30 142.76 -32.90
C HIS A 25 15.09 141.48 -33.69
N LYS A 26 16.18 140.93 -34.24
CA LYS A 26 16.09 139.65 -34.91
C LYS A 26 16.16 138.47 -33.94
N LEU A 27 16.39 138.71 -32.65
CA LEU A 27 16.39 137.61 -31.69
C LEU A 27 14.98 137.09 -31.45
N ASN A 28 14.09 137.93 -30.91
CA ASN A 28 12.73 137.49 -30.59
C ASN A 28 11.86 137.28 -31.82
N ALA A 29 12.30 137.72 -33.00
CA ALA A 29 11.54 137.49 -34.21
C ALA A 29 11.56 136.01 -34.59
N VAL A 30 12.69 135.35 -34.39
CA VAL A 30 12.85 133.95 -34.75
C VAL A 30 13.22 133.08 -33.55
N VAL A 31 12.87 133.51 -32.33
CA VAL A 31 13.23 132.73 -31.15
C VAL A 31 12.32 131.50 -31.03
N ASN A 32 11.14 131.54 -31.65
CA ASN A 32 10.23 130.41 -31.60
C ASN A 32 10.61 129.28 -32.54
N ASP A 33 11.44 129.56 -33.55
CA ASP A 33 11.78 128.57 -34.56
C ASP A 33 13.25 128.16 -34.53
N PHE A 34 14.12 128.97 -33.93
CA PHE A 34 15.54 128.67 -33.87
C PHE A 34 15.99 128.58 -32.41
N TRP A 35 15.24 127.77 -31.66
CA TRP A 35 15.34 127.48 -30.23
C TRP A 35 16.74 127.29 -29.67
N ALA A 36 17.44 126.27 -30.13
CA ALA A 36 18.65 125.83 -29.45
C ALA A 36 19.91 126.49 -29.95
N GLU A 37 19.82 127.37 -30.95
CA GLU A 37 20.98 128.13 -31.37
C GLU A 37 21.41 129.14 -30.31
N ILE A 38 20.44 129.73 -29.61
CA ILE A 38 20.73 130.71 -28.57
C ILE A 38 21.19 130.02 -27.28
N SER A 39 21.03 128.70 -27.18
CA SER A 39 21.36 127.96 -25.97
C SER A 39 22.85 127.96 -25.66
N GLU A 40 23.70 128.25 -26.64
CA GLU A 40 25.12 128.41 -26.42
C GLU A 40 25.52 129.86 -26.21
N SER A 41 24.78 130.80 -26.78
CA SER A 41 25.02 132.23 -26.61
C SER A 41 24.31 132.81 -25.39
N VAL A 42 24.01 131.98 -24.39
CA VAL A 42 23.35 132.44 -23.18
C VAL A 42 24.25 133.38 -22.39
N ASP A 43 25.53 132.98 -22.21
CA ASP A 43 26.49 133.79 -21.48
C ASP A 43 26.81 135.11 -22.16
N LYS A 44 26.65 135.18 -23.49
CA LYS A 44 26.84 136.45 -24.18
C LYS A 44 25.75 137.44 -23.85
N ILE A 45 24.52 136.96 -23.68
CA ILE A 45 23.39 137.84 -23.38
C ILE A 45 23.42 138.27 -21.92
N GLU A 46 23.61 137.31 -21.03
CA GLU A 46 23.70 137.59 -19.61
C GLU A 46 24.92 138.47 -19.33
N VAL A 47 25.88 138.43 -20.26
CA VAL A 47 26.86 139.49 -20.40
C VAL A 47 26.15 140.78 -20.78
N LEU A 48 25.92 140.97 -22.07
CA LEU A 48 25.22 142.17 -22.53
C LEU A 48 24.19 142.67 -21.53
N TYR A 49 23.73 141.81 -20.61
CA TYR A 49 22.75 142.26 -19.63
C TYR A 49 23.39 143.08 -18.52
N GLU A 50 24.58 142.67 -18.08
CA GLU A 50 25.19 143.23 -16.88
C GLU A 50 25.72 144.65 -17.06
N ASP A 51 25.78 145.15 -18.29
CA ASP A 51 26.20 146.52 -18.52
C ASP A 51 25.11 147.48 -18.06
N GLU A 52 25.52 148.53 -17.35
CA GLU A 52 24.61 149.62 -17.02
C GLU A 52 24.65 150.74 -18.06
N GLY A 53 25.58 150.67 -19.00
CA GLY A 53 25.63 151.58 -20.13
C GLY A 53 25.05 151.03 -21.40
N PHE A 54 24.50 149.82 -21.38
CA PHE A 54 23.91 149.23 -22.57
C PHE A 54 22.50 149.75 -22.76
N ARG A 55 22.13 149.96 -24.02
CA ARG A 55 20.92 150.71 -24.35
C ARG A 55 19.64 149.90 -24.25
N SER A 56 19.71 148.58 -24.43
CA SER A 56 18.52 147.75 -24.43
C SER A 56 18.75 146.53 -23.54
N ARG A 57 19.24 146.77 -22.32
CA ARG A 57 19.53 145.66 -21.41
C ARG A 57 18.27 144.99 -20.90
N GLN A 58 17.16 145.73 -20.78
CA GLN A 58 15.92 145.12 -20.34
C GLN A 58 15.35 144.21 -21.42
N PHE A 59 15.63 144.50 -22.69
CA PHE A 59 15.24 143.60 -23.76
C PHE A 59 16.05 142.31 -23.72
N ALA A 60 17.31 142.40 -23.29
CA ALA A 60 18.15 141.21 -23.16
C ALA A 60 17.60 140.26 -22.09
N ALA A 61 16.89 140.81 -21.11
CA ALA A 61 16.21 139.99 -20.12
C ALA A 61 14.95 139.35 -20.70
N LEU A 62 14.35 139.96 -21.73
CA LEU A 62 13.20 139.34 -22.40
C LEU A 62 13.62 138.10 -23.17
N VAL A 63 14.57 138.25 -24.12
CA VAL A 63 14.97 137.13 -24.96
C VAL A 63 15.76 136.08 -24.19
N ALA A 64 16.34 136.42 -23.04
CA ALA A 64 16.86 135.38 -22.16
C ALA A 64 15.72 134.61 -21.52
N SER A 65 14.64 135.30 -21.15
CA SER A 65 13.47 134.62 -20.61
C SER A 65 12.79 133.78 -21.68
N LYS A 66 12.96 134.15 -22.96
CA LYS A 66 12.44 133.33 -24.05
C LYS A 66 13.23 132.04 -24.20
N VAL A 67 14.55 132.11 -24.03
CA VAL A 67 15.37 130.93 -24.33
C VAL A 67 15.45 129.99 -23.15
N PHE A 68 15.35 130.49 -21.91
CA PHE A 68 15.25 129.58 -20.77
C PHE A 68 13.87 128.93 -20.70
N TYR A 69 12.88 129.56 -21.32
CA TYR A 69 11.56 128.94 -21.46
C TYR A 69 11.61 127.72 -22.37
N HIS A 70 12.51 127.73 -23.35
CA HIS A 70 12.71 126.55 -24.18
C HIS A 70 13.48 125.46 -23.42
N LEU A 71 14.52 125.84 -22.68
CA LEU A 71 15.28 124.87 -21.91
C LEU A 71 14.54 124.33 -20.70
N GLY A 72 13.42 124.94 -20.32
CA GLY A 72 12.71 124.52 -19.13
C GLY A 72 13.24 125.09 -17.85
N ALA A 73 14.28 125.93 -17.90
CA ALA A 73 14.78 126.63 -16.73
C ALA A 73 13.77 127.74 -16.42
N PHE A 74 12.80 127.42 -15.57
CA PHE A 74 11.66 128.28 -15.35
C PHE A 74 11.96 129.44 -14.42
N GLU A 75 12.83 129.23 -13.42
CA GLU A 75 13.21 130.32 -12.54
C GLU A 75 14.13 131.32 -13.23
N GLU A 76 14.90 130.85 -14.21
CA GLU A 76 15.76 131.76 -14.97
C GLU A 76 14.95 132.67 -15.87
N SER A 77 13.85 132.15 -16.44
CA SER A 77 12.89 133.02 -17.10
C SER A 77 12.16 133.90 -16.11
N LEU A 78 12.00 133.44 -14.87
CA LEU A 78 11.31 134.23 -13.85
C LEU A 78 12.18 135.39 -13.37
N ASN A 79 13.44 135.11 -13.04
CA ASN A 79 14.33 136.16 -12.53
C ASN A 79 14.65 137.20 -13.59
N TYR A 80 14.63 136.82 -14.86
CA TYR A 80 14.86 137.79 -15.92
C TYR A 80 13.57 138.48 -16.35
N ALA A 81 12.41 137.91 -16.03
CA ALA A 81 11.18 138.68 -16.13
C ALA A 81 11.12 139.74 -15.02
N LEU A 82 11.82 139.51 -13.91
CA LEU A 82 11.94 140.53 -12.89
C LEU A 82 12.80 141.70 -13.37
N GLY A 83 13.85 141.40 -14.13
CA GLY A 83 14.70 142.40 -14.73
C GLY A 83 14.25 142.88 -16.09
N ALA A 84 13.06 142.48 -16.51
CA ALA A 84 12.54 142.85 -17.82
C ALA A 84 11.92 144.24 -17.85
N GLY A 85 11.54 144.78 -16.68
CA GLY A 85 10.91 146.08 -16.65
C GLY A 85 9.48 146.02 -17.17
N ASP A 86 9.03 147.15 -17.71
CA ASP A 86 7.68 147.25 -18.25
C ASP A 86 7.60 146.68 -19.66
N LEU A 87 8.73 146.29 -20.26
CA LEU A 87 8.72 145.77 -21.62
C LEU A 87 8.12 144.37 -21.69
N PHE A 88 8.07 143.67 -20.56
CA PHE A 88 7.41 142.36 -20.53
C PHE A 88 5.90 142.51 -20.46
N ASN A 89 5.39 143.17 -19.42
CA ASN A 89 3.96 143.22 -19.15
C ASN A 89 3.20 144.16 -20.07
N VAL A 90 3.89 144.93 -20.92
CA VAL A 90 3.17 145.69 -21.94
C VAL A 90 2.65 144.74 -23.02
N ASN A 91 3.29 143.59 -23.18
CA ASN A 91 2.77 142.53 -24.04
C ASN A 91 1.95 141.58 -23.17
N ASP A 92 0.71 141.33 -23.59
CA ASP A 92 -0.21 140.56 -22.76
C ASP A 92 -0.98 139.47 -23.49
N ASN A 93 -1.05 139.50 -24.82
CA ASN A 93 -1.81 138.49 -25.57
C ASN A 93 -0.83 137.48 -26.15
N SER A 94 -0.47 136.50 -25.33
CA SER A 94 0.37 135.39 -25.76
C SER A 94 0.14 134.20 -24.85
N GLU A 95 0.48 133.01 -25.35
CA GLU A 95 0.52 131.82 -24.52
C GLU A 95 1.82 131.76 -23.74
N TYR A 96 2.84 132.48 -24.21
CA TYR A 96 4.09 132.59 -23.48
C TYR A 96 3.92 133.37 -22.19
N VAL A 97 3.27 134.54 -22.28
CA VAL A 97 3.23 135.48 -21.16
C VAL A 97 2.38 134.92 -20.02
N GLU A 98 1.35 134.13 -20.34
CA GLU A 98 0.45 133.66 -19.30
C GLU A 98 1.02 132.47 -18.54
N THR A 99 2.04 131.80 -19.09
CA THR A 99 2.59 130.64 -18.41
C THR A 99 3.63 131.03 -17.38
N ILE A 100 4.38 132.09 -17.63
CA ILE A 100 5.40 132.46 -16.66
C ILE A 100 4.92 133.56 -15.71
N ILE A 101 3.74 134.12 -15.93
CA ILE A 101 3.07 134.81 -14.82
C ILE A 101 2.25 133.85 -13.99
N ALA A 102 1.97 132.66 -14.52
CA ALA A 102 1.32 131.63 -13.72
C ALA A 102 2.23 131.13 -12.61
N LYS A 103 3.51 130.89 -12.94
CA LYS A 103 4.49 130.53 -11.93
C LYS A 103 4.83 131.72 -11.05
N CYS A 104 4.67 132.93 -11.57
CA CYS A 104 4.93 134.13 -10.78
C CYS A 104 3.88 134.31 -9.69
N ILE A 105 2.60 134.08 -10.02
CA ILE A 105 1.54 134.05 -9.01
C ILE A 105 1.77 132.88 -8.06
N ASP A 106 2.19 131.74 -8.60
CA ASP A 106 2.44 130.55 -7.79
C ASP A 106 3.60 130.77 -6.82
N HIS A 107 4.66 131.43 -7.29
CA HIS A 107 5.77 131.77 -6.40
C HIS A 107 5.36 132.82 -5.38
N TYR A 108 4.47 133.73 -5.79
CA TYR A 108 4.10 134.82 -4.89
C TYR A 108 3.10 134.36 -3.83
N THR A 109 2.18 133.48 -4.19
CA THR A 109 1.17 133.08 -3.23
C THR A 109 1.72 132.09 -2.21
N LYS A 110 2.80 131.38 -2.54
CA LYS A 110 3.46 130.56 -1.52
C LYS A 110 4.47 131.37 -0.74
N GLN A 111 4.80 132.56 -1.24
CA GLN A 111 5.67 133.46 -0.49
C GLN A 111 4.91 134.13 0.66
N CYS A 112 3.70 134.62 0.38
CA CYS A 112 2.94 135.35 1.38
C CYS A 112 2.36 134.44 2.46
N VAL A 113 2.09 133.18 2.13
CA VAL A 113 1.73 132.21 3.17
C VAL A 113 2.91 131.98 4.10
N GLU A 114 4.13 131.99 3.54
CA GLU A 114 5.32 131.95 4.38
C GLU A 114 5.51 133.28 5.12
N ASN A 115 5.19 134.41 4.47
CA ASN A 115 5.29 135.70 5.14
C ASN A 115 4.20 135.91 6.18
N ALA A 116 3.07 135.21 6.07
CA ALA A 116 2.04 135.31 7.10
C ALA A 116 2.44 134.58 8.37
N ASP A 117 3.44 133.71 8.30
CA ASP A 117 3.92 133.01 9.49
C ASP A 117 4.81 133.90 10.35
N LEU A 118 5.54 134.83 9.72
CA LEU A 118 6.46 135.73 10.41
C LEU A 118 6.09 137.18 10.10
N PRO A 119 5.23 137.80 10.92
CA PRO A 119 4.90 139.21 10.71
C PRO A 119 5.98 140.14 11.26
N GLU A 120 6.72 139.67 12.26
CA GLU A 120 7.75 140.48 12.92
C GLU A 120 8.99 140.52 12.02
N GLY A 121 8.96 141.48 11.09
CA GLY A 121 10.07 141.72 10.19
C GLY A 121 10.38 140.53 9.31
N GLU A 122 11.67 140.39 8.96
CA GLU A 122 12.33 139.22 8.34
C GLU A 122 11.58 138.65 7.13
N LYS A 123 10.87 139.51 6.41
CA LYS A 123 10.15 139.12 5.22
C LYS A 123 11.02 139.39 3.99
N LYS A 124 10.45 139.22 2.81
CA LYS A 124 11.24 139.23 1.60
C LYS A 124 10.99 140.51 0.80
N PRO A 125 12.01 140.99 0.07
CA PRO A 125 11.76 142.07 -0.90
C PRO A 125 11.03 141.55 -2.12
N ILE A 126 10.01 142.29 -2.54
CA ILE A 126 9.00 141.81 -3.46
C ILE A 126 8.89 142.77 -4.64
N ASP A 127 8.80 142.22 -5.85
CA ASP A 127 8.53 143.00 -7.05
C ASP A 127 7.12 143.59 -7.00
N GLN A 128 6.86 144.58 -7.86
CA GLN A 128 5.59 145.26 -7.84
C GLN A 128 4.81 145.16 -9.15
N ARG A 129 5.37 144.52 -10.18
CA ARG A 129 4.58 144.24 -11.37
C ARG A 129 3.70 143.02 -11.19
N LEU A 130 3.95 142.22 -10.15
CA LEU A 130 3.09 141.10 -9.82
C LEU A 130 1.72 141.53 -9.30
N GLU A 131 1.60 142.75 -8.80
CA GLU A 131 0.30 143.38 -8.58
C GLU A 131 -0.05 144.39 -9.64
N GLY A 132 0.91 144.73 -10.51
CA GLY A 132 0.59 145.50 -11.70
C GLY A 132 -0.14 144.67 -12.74
N ILE A 133 -0.06 143.34 -12.62
CA ILE A 133 -0.89 142.47 -13.43
C ILE A 133 -2.18 142.10 -12.70
N VAL A 134 -2.24 142.33 -11.38
CA VAL A 134 -3.48 142.08 -10.63
C VAL A 134 -4.54 143.11 -11.00
N ASN A 135 -4.19 144.39 -10.89
CA ASN A 135 -5.13 145.43 -11.32
C ASN A 135 -5.30 145.46 -12.84
N LYS A 136 -4.31 144.98 -13.60
CA LYS A 136 -4.52 144.78 -15.02
C LYS A 136 -5.54 143.67 -15.26
N MET A 137 -5.51 142.62 -14.44
CA MET A 137 -6.56 141.61 -14.49
C MET A 137 -7.89 142.19 -14.01
N PHE A 138 -7.83 143.16 -13.09
CA PHE A 138 -9.03 143.90 -12.73
C PHE A 138 -9.50 144.80 -13.87
N GLN A 139 -8.56 145.36 -14.65
CA GLN A 139 -8.95 146.08 -15.86
C GLN A 139 -9.59 145.15 -16.88
N ARG A 140 -9.13 143.90 -16.93
CA ARG A 140 -9.82 142.88 -17.71
C ARG A 140 -11.19 142.60 -17.12
N CYS A 141 -11.29 142.57 -15.79
CA CYS A 141 -12.58 142.34 -15.14
C CYS A 141 -13.48 143.55 -15.25
N LEU A 142 -12.90 144.75 -15.38
CA LEU A 142 -13.68 145.92 -15.78
C LEU A 142 -14.25 145.74 -17.18
N ASP A 143 -13.46 145.12 -18.07
CA ASP A 143 -13.95 144.82 -19.41
C ASP A 143 -14.85 143.59 -19.43
N ASP A 144 -14.80 142.76 -18.38
CA ASP A 144 -15.49 141.49 -18.36
C ASP A 144 -16.91 141.58 -17.80
N HIS A 145 -17.12 142.43 -16.78
CA HIS A 145 -18.24 142.51 -15.82
C HIS A 145 -18.19 141.35 -14.81
N LYS A 146 -17.31 140.37 -15.00
CA LYS A 146 -17.20 139.18 -14.17
C LYS A 146 -16.00 139.38 -13.24
N TYR A 147 -16.28 139.73 -12.00
CA TYR A 147 -15.25 139.98 -11.00
C TYR A 147 -15.04 138.78 -10.08
N LYS A 148 -15.67 137.65 -10.39
CA LYS A 148 -15.53 136.45 -9.54
C LYS A 148 -14.14 135.84 -9.67
N GLN A 149 -13.40 136.20 -10.73
CA GLN A 149 -12.11 135.58 -11.00
C GLN A 149 -10.97 136.37 -10.38
N ALA A 150 -11.07 137.70 -10.39
CA ALA A 150 -10.07 138.52 -9.73
C ALA A 150 -10.20 138.47 -8.22
N ILE A 151 -11.41 138.18 -7.72
CA ILE A 151 -11.59 138.04 -6.29
C ILE A 151 -11.04 136.70 -5.81
N GLY A 152 -10.82 135.76 -6.73
CA GLY A 152 -10.27 134.46 -6.33
C GLY A 152 -8.82 134.54 -5.90
N ILE A 153 -7.99 135.21 -6.71
CA ILE A 153 -6.60 135.43 -6.34
C ILE A 153 -6.52 136.40 -5.15
N ALA A 154 -7.48 137.32 -5.06
CA ALA A 154 -7.51 138.30 -3.96
C ALA A 154 -7.72 137.63 -2.60
N LEU A 155 -8.45 136.52 -2.56
CA LEU A 155 -8.46 135.69 -1.36
C LEU A 155 -7.14 134.95 -1.19
N GLU A 156 -6.56 134.48 -2.30
CA GLU A 156 -5.37 133.64 -2.20
C GLU A 156 -4.12 134.46 -1.88
N THR A 157 -4.07 135.73 -2.30
CA THR A 157 -2.85 136.52 -2.16
C THR A 157 -2.64 137.08 -0.76
N ARG A 158 -3.60 136.86 0.15
CA ARG A 158 -3.57 137.33 1.55
C ARG A 158 -3.45 138.85 1.64
N ARG A 159 -3.97 139.56 0.64
CA ARG A 159 -3.96 141.02 0.62
C ARG A 159 -5.40 141.50 0.60
N LEU A 160 -5.73 142.43 1.49
CA LEU A 160 -7.11 142.76 1.78
C LEU A 160 -7.56 144.15 1.33
N ASP A 161 -6.64 145.04 0.95
CA ASP A 161 -7.09 146.32 0.43
C ASP A 161 -7.55 146.20 -1.02
N VAL A 162 -6.92 145.31 -1.80
CA VAL A 162 -7.44 144.97 -3.11
C VAL A 162 -8.73 144.18 -2.97
N PHE A 163 -8.90 143.44 -1.86
CA PHE A 163 -10.18 142.83 -1.55
C PHE A 163 -11.24 143.87 -1.25
N GLU A 164 -10.84 145.00 -0.66
CA GLU A 164 -11.76 146.10 -0.43
C GLU A 164 -11.97 146.92 -1.70
N LYS A 165 -10.93 147.04 -2.53
CA LYS A 165 -11.04 147.80 -3.77
C LYS A 165 -11.95 147.10 -4.77
N THR A 166 -11.92 145.77 -4.81
CA THR A 166 -12.77 145.00 -5.71
C THR A 166 -14.20 144.85 -5.22
N ILE A 167 -14.48 145.15 -3.95
CA ILE A 167 -15.88 145.20 -3.51
C ILE A 167 -16.40 146.63 -3.47
N LEU A 168 -15.52 147.63 -3.42
CA LEU A 168 -15.88 149.01 -3.72
C LEU A 168 -15.50 149.31 -5.18
N GLU A 169 -16.09 148.50 -6.05
CA GLU A 169 -15.85 148.54 -7.48
C GLU A 169 -16.96 149.32 -8.18
N SER A 170 -17.00 149.25 -9.51
CA SER A 170 -18.16 149.68 -10.27
C SER A 170 -19.38 148.85 -9.88
N ASN A 171 -20.50 149.55 -9.67
CA ASN A 171 -21.63 149.05 -8.90
C ASN A 171 -22.30 147.88 -9.60
N ASP A 172 -22.12 146.68 -9.03
CA ASP A 172 -22.85 145.49 -9.45
C ASP A 172 -22.95 144.54 -8.26
N VAL A 173 -24.17 144.61 -7.74
CA VAL A 173 -24.67 143.88 -6.63
C VAL A 173 -23.78 143.99 -5.42
N PRO A 174 -24.42 143.80 -4.26
CA PRO A 174 -23.95 143.61 -2.88
C PRO A 174 -24.03 142.08 -2.57
N GLY A 175 -24.90 141.40 -3.32
CA GLY A 175 -25.14 139.97 -3.24
C GLY A 175 -23.98 139.13 -3.75
N MET A 176 -23.14 139.72 -4.60
CA MET A 176 -21.94 139.06 -5.11
C MET A 176 -21.00 138.94 -3.92
N LEU A 177 -20.93 140.01 -3.12
CA LEU A 177 -20.15 140.04 -1.90
C LEU A 177 -20.74 139.04 -0.90
N ALA A 178 -22.08 138.91 -0.87
CA ALA A 178 -22.72 137.92 0.01
C ALA A 178 -22.34 136.47 -0.41
N TYR A 179 -22.21 136.27 -1.72
CA TYR A 179 -21.83 134.98 -2.30
C TYR A 179 -20.38 134.69 -1.91
N SER A 180 -19.55 135.74 -1.89
CA SER A 180 -18.16 135.63 -1.48
C SER A 180 -18.12 135.25 0.00
N LEU A 181 -19.03 135.85 0.79
CA LEU A 181 -19.17 135.56 2.21
C LEU A 181 -19.54 134.10 2.48
N LYS A 182 -20.32 133.47 1.58
CA LYS A 182 -20.64 132.04 1.74
C LYS A 182 -19.28 131.33 1.79
N LEU A 183 -18.53 131.48 0.70
CA LEU A 183 -17.14 131.05 0.58
C LEU A 183 -16.46 130.99 1.94
N CYS A 184 -16.70 131.99 2.78
CA CYS A 184 -16.08 132.02 4.10
C CYS A 184 -16.70 131.01 5.06
N MET A 185 -17.89 130.50 4.74
CA MET A 185 -18.50 129.46 5.56
C MET A 185 -18.14 128.06 5.10
N SER A 186 -17.91 127.85 3.80
CA SER A 186 -17.71 126.51 3.28
C SER A 186 -16.24 126.11 3.27
N LEU A 187 -15.40 126.87 2.54
CA LEU A 187 -14.05 126.42 2.24
C LEU A 187 -12.97 127.25 2.91
N MET A 188 -13.32 128.14 3.85
CA MET A 188 -12.30 128.88 4.57
C MET A 188 -11.64 127.98 5.61
N GLN A 189 -10.32 127.87 5.54
CA GLN A 189 -9.56 126.90 6.32
C GLN A 189 -9.00 127.49 7.61
N ASN A 190 -8.24 128.58 7.51
CA ASN A 190 -7.63 129.20 8.66
C ASN A 190 -8.64 130.09 9.37
N LYS A 191 -8.42 130.30 10.66
CA LYS A 191 -9.22 131.22 11.45
C LYS A 191 -8.46 132.49 11.82
N GLN A 192 -7.17 132.55 11.51
CA GLN A 192 -6.34 133.67 11.93
C GLN A 192 -6.66 134.93 11.14
N PHE A 193 -6.72 134.84 9.81
CA PHE A 193 -7.12 135.96 8.99
C PHE A 193 -8.58 135.89 8.61
N ARG A 194 -9.31 134.86 9.07
CA ARG A 194 -10.71 134.71 8.70
C ARG A 194 -11.54 135.83 9.27
N ASN A 195 -11.29 136.20 10.52
CA ASN A 195 -12.00 137.31 11.14
C ASN A 195 -11.75 138.63 10.41
N LYS A 196 -10.53 138.80 9.89
CA LYS A 196 -10.18 140.03 9.15
C LYS A 196 -10.98 140.14 7.87
N VAL A 197 -11.12 139.03 7.15
CA VAL A 197 -12.00 138.98 5.99
C VAL A 197 -13.45 139.14 6.44
N LEU A 198 -13.79 138.55 7.59
CA LEU A 198 -15.16 138.56 8.07
C LEU A 198 -15.57 139.89 8.69
N ARG A 199 -14.60 140.72 9.09
CA ARG A 199 -14.92 142.05 9.62
C ARG A 199 -14.73 143.14 8.60
N VAL A 200 -14.04 142.87 7.49
CA VAL A 200 -14.01 143.87 6.43
C VAL A 200 -15.25 143.74 5.57
N LEU A 201 -15.98 142.62 5.69
CA LEU A 201 -17.28 142.51 5.04
C LEU A 201 -18.32 143.36 5.76
N VAL A 202 -18.24 143.47 7.08
CA VAL A 202 -19.24 144.26 7.81
C VAL A 202 -18.92 145.74 7.79
N LYS A 203 -17.72 146.13 7.32
CA LYS A 203 -17.46 147.54 7.07
C LYS A 203 -18.27 148.03 5.88
N ILE A 204 -18.23 147.27 4.77
CA ILE A 204 -19.00 147.66 3.60
C ILE A 204 -20.50 147.38 3.80
N TYR A 205 -20.85 146.52 4.75
CA TYR A 205 -22.26 146.37 5.12
C TYR A 205 -22.79 147.61 5.80
N MET A 206 -21.97 148.24 6.64
CA MET A 206 -22.33 149.52 7.22
C MET A 206 -22.20 150.67 6.24
N ASN A 207 -21.50 150.45 5.13
CA ASN A 207 -21.58 151.34 3.98
C ASN A 207 -22.75 150.99 3.07
N LEU A 208 -23.40 149.86 3.29
CA LEU A 208 -24.51 149.40 2.48
C LEU A 208 -25.82 149.77 3.18
N GLU A 209 -26.89 149.84 2.39
CA GLU A 209 -28.12 150.43 2.87
C GLU A 209 -29.00 149.43 3.64
N LYS A 210 -28.89 148.13 3.35
CA LYS A 210 -29.70 147.13 4.04
C LYS A 210 -28.82 146.11 4.74
N PRO A 211 -29.04 145.85 6.03
CA PRO A 211 -28.34 144.76 6.69
C PRO A 211 -29.02 143.43 6.43
N ASP A 212 -28.22 142.37 6.41
CA ASP A 212 -28.68 141.04 6.09
C ASP A 212 -28.96 140.28 7.38
N PHE A 213 -29.34 139.01 7.26
CA PHE A 213 -29.52 138.10 8.39
C PHE A 213 -28.33 137.17 8.56
N ILE A 214 -27.88 136.57 7.46
CA ILE A 214 -26.85 135.55 7.50
C ILE A 214 -25.47 136.15 7.77
N ASN A 215 -25.33 137.47 7.61
CA ASN A 215 -24.05 138.13 7.94
C ASN A 215 -23.76 138.04 9.43
N VAL A 216 -24.65 138.60 10.27
CA VAL A 216 -24.44 138.58 11.71
C VAL A 216 -24.70 137.19 12.27
N CYS A 217 -25.47 136.37 11.55
CA CYS A 217 -25.59 134.96 11.91
C CYS A 217 -24.30 134.19 11.65
N GLN A 218 -23.44 134.69 10.76
CA GLN A 218 -22.12 134.08 10.54
C GLN A 218 -21.01 134.86 11.24
N CYS A 219 -20.99 136.18 11.07
CA CYS A 219 -19.78 136.94 11.41
C CYS A 219 -19.65 137.10 12.92
N LEU A 220 -20.65 137.72 13.53
CA LEU A 220 -20.51 138.24 14.88
C LEU A 220 -20.60 137.17 15.96
N ILE A 221 -21.03 135.95 15.61
CA ILE A 221 -20.86 134.83 16.52
C ILE A 221 -19.51 134.15 16.31
N PHE A 222 -18.85 134.37 15.18
CA PHE A 222 -17.46 133.97 14.98
C PHE A 222 -16.48 135.08 15.34
N LEU A 223 -16.97 136.25 15.72
CA LEU A 223 -16.13 137.42 16.00
C LEU A 223 -16.41 138.03 17.36
N ASP A 224 -17.44 137.54 18.07
CA ASP A 224 -17.95 137.86 19.41
C ASP A 224 -17.81 139.34 19.83
N ASP A 225 -18.38 140.23 19.01
CA ASP A 225 -18.45 141.65 19.34
C ASP A 225 -19.86 141.96 19.78
N PRO A 226 -20.14 142.02 21.08
CA PRO A 226 -21.53 142.28 21.52
C PRO A 226 -21.95 143.72 21.33
N GLN A 227 -21.00 144.66 21.31
CA GLN A 227 -21.35 146.05 21.07
C GLN A 227 -21.72 146.31 19.62
N ALA A 228 -21.27 145.45 18.70
CA ALA A 228 -21.51 145.70 17.29
C ALA A 228 -22.95 145.37 16.90
N VAL A 229 -23.50 144.27 17.45
CA VAL A 229 -24.91 143.97 17.17
C VAL A 229 -25.82 144.87 17.98
N SER A 230 -25.35 145.40 19.12
CA SER A 230 -26.16 146.33 19.88
C SER A 230 -26.20 147.70 19.18
N ASP A 231 -25.19 147.99 18.37
CA ASP A 231 -25.22 149.22 17.58
C ASP A 231 -26.15 149.07 16.38
N ILE A 232 -26.01 147.97 15.62
CA ILE A 232 -26.71 147.87 14.36
C ILE A 232 -28.18 147.52 14.56
N LEU A 233 -28.54 146.99 15.73
CA LEU A 233 -29.95 146.81 16.01
C LEU A 233 -30.56 148.10 16.55
N GLU A 234 -29.76 148.91 17.25
CA GLU A 234 -30.18 150.26 17.62
C GLU A 234 -30.42 151.10 16.37
N LYS A 235 -29.64 150.85 15.31
CA LYS A 235 -29.94 151.41 14.00
C LYS A 235 -31.28 150.91 13.48
N LEU A 236 -31.54 149.61 13.61
CA LEU A 236 -32.82 149.04 13.17
C LEU A 236 -33.98 149.56 14.01
N VAL A 237 -33.71 149.90 15.27
CA VAL A 237 -34.70 150.64 16.05
C VAL A 237 -34.86 152.06 15.50
N LYS A 238 -33.75 152.66 15.07
CA LYS A 238 -33.72 154.09 14.78
C LYS A 238 -34.51 154.44 13.51
N GLU A 239 -34.39 153.63 12.46
CA GLU A 239 -35.23 153.83 11.28
C GLU A 239 -36.59 153.17 11.40
N ASP A 240 -36.98 152.76 12.62
CA ASP A 240 -38.26 152.11 12.93
C ASP A 240 -38.48 150.85 12.10
N ASN A 241 -37.59 149.90 12.30
CA ASN A 241 -37.64 148.62 11.60
C ASN A 241 -37.64 147.53 12.65
N LEU A 242 -38.82 147.24 13.19
CA LEU A 242 -38.99 146.19 14.19
C LEU A 242 -39.39 144.86 13.57
N LEU A 243 -39.32 144.73 12.25
CA LEU A 243 -39.56 143.45 11.62
C LEU A 243 -38.33 142.56 11.71
N MET A 244 -37.19 143.06 11.22
CA MET A 244 -35.98 142.27 11.11
C MET A 244 -35.11 142.29 12.36
N ALA A 245 -35.27 143.30 13.21
CA ALA A 245 -34.65 143.27 14.53
C ALA A 245 -35.30 142.19 15.40
N TYR A 246 -36.60 142.00 15.21
CA TYR A 246 -37.33 140.96 15.93
C TYR A 246 -36.90 139.56 15.49
N GLN A 247 -36.54 139.41 14.22
CA GLN A 247 -36.17 138.09 13.71
C GLN A 247 -34.74 137.73 14.05
N ILE A 248 -33.86 138.73 14.12
CA ILE A 248 -32.47 138.41 14.37
C ILE A 248 -32.22 138.12 15.84
N CYS A 249 -33.11 138.57 16.74
CA CYS A 249 -32.97 138.21 18.14
C CYS A 249 -33.37 136.76 18.38
N PHE A 250 -34.40 136.29 17.68
CA PHE A 250 -34.77 134.88 17.78
C PHE A 250 -33.71 133.99 17.16
N ASP A 251 -33.08 134.47 16.08
CA ASP A 251 -31.99 133.71 15.49
C ASP A 251 -30.74 133.74 16.36
N LEU A 252 -30.48 134.86 17.05
CA LEU A 252 -29.33 134.93 17.94
C LEU A 252 -29.54 134.08 19.18
N TYR A 253 -30.79 134.01 19.67
CA TYR A 253 -31.10 133.18 20.83
C TYR A 253 -31.00 131.70 20.51
N GLU A 254 -31.21 131.33 19.25
CA GLU A 254 -31.06 129.93 18.84
C GLU A 254 -29.61 129.58 18.59
N SER A 255 -28.85 130.49 17.98
CA SER A 255 -27.51 130.16 17.48
C SER A 255 -26.43 130.32 18.55
N ALA A 256 -26.32 131.51 19.13
CA ALA A 256 -25.17 131.88 19.95
C ALA A 256 -25.19 131.14 21.30
N SER A 257 -24.12 131.32 22.05
CA SER A 257 -23.87 130.56 23.27
C SER A 257 -24.04 131.44 24.50
N GLN A 258 -23.80 130.84 25.65
CA GLN A 258 -23.81 131.54 26.93
C GLN A 258 -22.64 132.51 27.00
N GLN A 259 -22.82 133.57 27.81
CA GLN A 259 -21.90 134.67 28.15
C GLN A 259 -21.79 135.68 27.00
N PHE A 260 -22.31 135.34 25.83
CA PHE A 260 -22.37 136.35 24.79
C PHE A 260 -23.72 137.04 24.76
N LEU A 261 -24.78 136.28 25.02
CA LEU A 261 -26.08 136.90 25.27
C LEU A 261 -26.06 137.71 26.56
N SER A 262 -25.26 137.29 27.55
CA SER A 262 -25.11 138.07 28.76
C SER A 262 -24.28 139.32 28.50
N SER A 263 -23.35 139.26 27.55
CA SER A 263 -22.52 140.43 27.27
C SER A 263 -23.27 141.47 26.46
N VAL A 264 -24.12 141.03 25.53
CA VAL A 264 -24.83 141.99 24.68
C VAL A 264 -25.96 142.65 25.45
N ILE A 265 -26.58 141.95 26.41
CA ILE A 265 -27.68 142.53 27.16
C ILE A 265 -27.18 143.58 28.14
N GLN A 266 -25.89 143.56 28.46
CA GLN A 266 -25.27 144.70 29.13
C GLN A 266 -25.15 145.89 28.18
N ASN A 267 -24.85 145.63 26.91
CA ASN A 267 -24.74 146.69 25.92
C ASN A 267 -26.09 147.21 25.44
N LEU A 268 -27.19 146.55 25.81
CA LEU A 268 -28.52 147.10 25.57
C LEU A 268 -28.75 148.40 26.33
N ARG A 269 -28.60 148.36 27.64
CA ARG A 269 -28.87 149.53 28.48
C ARG A 269 -27.66 150.46 28.60
N THR A 270 -26.63 150.28 27.79
CA THR A 270 -25.47 151.17 27.83
C THR A 270 -25.77 152.51 27.18
N ASP A 320 -41.57 149.28 26.07
CA ASP A 320 -41.23 149.80 24.75
C ASP A 320 -40.49 148.76 23.91
N GLN A 321 -39.86 149.24 22.84
CA GLN A 321 -39.02 148.36 22.02
C GLN A 321 -37.73 147.98 22.74
N THR A 322 -37.32 148.76 23.74
CA THR A 322 -36.19 148.37 24.57
C THR A 322 -36.57 147.21 25.48
N LEU A 323 -37.72 147.31 26.15
CA LEU A 323 -38.22 146.22 26.99
C LEU A 323 -38.65 145.03 26.15
N LYS A 324 -39.02 145.26 24.89
CA LYS A 324 -39.26 144.19 23.93
C LYS A 324 -38.01 143.34 23.74
N MET A 325 -36.86 143.99 23.54
CA MET A 325 -35.63 143.23 23.29
C MET A 325 -34.92 142.82 24.58
N ILE A 326 -35.38 143.30 25.74
CA ILE A 326 -35.01 142.67 27.00
C ILE A 326 -35.58 141.25 27.05
N LYS A 327 -36.87 141.12 26.73
CA LYS A 327 -37.59 139.88 26.94
C LYS A 327 -37.23 138.81 25.93
N ILE A 328 -36.89 139.20 24.70
CA ILE A 328 -36.60 138.21 23.66
C ILE A 328 -35.13 137.87 23.53
N LEU A 329 -34.24 138.71 24.08
CA LEU A 329 -32.84 138.31 24.20
C LEU A 329 -32.58 137.54 25.48
N SER A 330 -33.42 137.74 26.50
CA SER A 330 -33.51 136.73 27.56
C SER A 330 -34.10 135.44 27.00
N GLY A 331 -35.01 135.57 26.03
CA GLY A 331 -35.52 134.43 25.30
C GLY A 331 -36.42 133.51 26.08
N GLU A 332 -37.10 134.04 27.10
CA GLU A 332 -38.00 133.21 27.90
C GLU A 332 -39.22 132.78 27.11
N MET A 333 -39.82 133.71 26.37
CA MET A 333 -41.10 133.43 25.70
C MET A 333 -40.95 132.43 24.56
N ALA A 334 -39.76 132.33 23.97
CA ALA A 334 -39.54 131.35 22.92
C ALA A 334 -39.53 129.94 23.50
N ILE A 335 -39.17 129.80 24.77
CA ILE A 335 -39.07 128.48 25.38
C ILE A 335 -40.45 127.90 25.68
N GLU A 336 -41.32 128.70 26.30
CA GLU A 336 -42.62 128.16 26.71
C GLU A 336 -43.54 127.94 25.51
N LEU A 337 -43.36 128.69 24.42
CA LEU A 337 -44.10 128.35 23.21
C LEU A 337 -43.54 127.08 22.57
N HIS A 338 -42.23 126.88 22.68
CA HIS A 338 -41.65 125.60 22.29
C HIS A 338 -42.06 124.49 23.25
N LEU A 339 -42.19 124.82 24.53
CA LEU A 339 -42.80 123.87 25.48
C LEU A 339 -44.27 123.63 25.14
N GLN A 340 -44.93 124.65 24.58
CA GLN A 340 -46.35 124.51 24.25
C GLN A 340 -46.56 123.57 23.09
N PHE A 341 -45.64 123.55 22.11
CA PHE A 341 -45.80 122.62 21.00
C PHE A 341 -45.46 121.19 21.42
N LEU A 342 -44.55 121.03 22.39
CA LEU A 342 -44.21 119.69 22.84
C LEU A 342 -45.33 119.05 23.65
N ILE A 343 -46.17 119.87 24.30
CA ILE A 343 -47.32 119.30 25.00
C ILE A 343 -48.54 119.20 24.07
N ARG A 344 -48.65 120.09 23.08
CA ARG A 344 -49.78 120.00 22.16
C ARG A 344 -49.54 119.05 20.98
N ASN A 345 -48.40 118.37 20.93
CA ASN A 345 -48.20 117.36 19.90
C ASN A 345 -47.75 116.06 20.56
N ASN A 346 -48.49 115.61 21.57
CA ASN A 346 -48.11 114.43 22.34
C ASN A 346 -48.74 113.19 21.72
N ASN A 347 -48.14 112.74 20.61
CA ASN A 347 -48.36 111.38 20.15
C ASN A 347 -47.09 110.56 20.42
N THR A 348 -47.01 110.07 21.64
CA THR A 348 -46.10 109.00 21.98
C THR A 348 -46.89 107.69 21.94
N ASP A 349 -46.17 106.59 22.10
CA ASP A 349 -46.81 105.28 22.13
C ASP A 349 -46.51 104.63 23.47
N LEU A 350 -47.56 104.11 24.11
CA LEU A 350 -47.44 103.50 25.42
C LEU A 350 -47.26 101.99 25.35
N MET A 351 -47.71 101.34 24.27
CA MET A 351 -47.74 99.89 24.24
C MET A 351 -46.40 99.30 23.78
N ILE A 352 -45.64 100.06 22.96
CA ILE A 352 -44.26 99.66 22.63
C ILE A 352 -43.42 99.57 23.90
N LEU A 353 -43.55 100.58 24.76
CA LEU A 353 -42.90 100.56 26.06
C LEU A 353 -43.43 99.43 26.95
N LYS A 354 -44.68 99.00 26.72
CA LYS A 354 -45.20 97.84 27.43
C LYS A 354 -44.78 96.54 26.78
N ASN A 355 -44.67 96.50 25.44
CA ASN A 355 -44.18 95.30 24.78
C ASN A 355 -42.66 95.13 24.86
N THR A 356 -41.96 96.10 25.43
CA THR A 356 -40.59 95.88 25.88
C THR A 356 -40.51 95.68 27.38
N LYS A 357 -41.57 96.07 28.10
CA LYS A 357 -41.62 95.86 29.55
C LYS A 357 -41.72 94.39 29.92
N ASP A 358 -42.50 93.62 29.16
CA ASP A 358 -42.77 92.22 29.50
C ASP A 358 -41.51 91.36 29.38
N ALA A 359 -40.60 91.71 28.48
CA ALA A 359 -39.37 90.96 28.29
C ALA A 359 -38.27 91.36 29.26
N VAL A 360 -38.54 92.28 30.19
CA VAL A 360 -37.54 92.71 31.16
C VAL A 360 -37.38 91.61 32.19
N ARG A 361 -36.22 90.97 32.20
CA ARG A 361 -35.89 89.97 33.21
C ARG A 361 -35.19 90.66 34.38
N ASN A 362 -34.53 89.88 35.23
CA ASN A 362 -34.03 90.39 36.51
C ASN A 362 -32.64 91.01 36.39
N SER A 363 -32.28 91.48 35.19
CA SER A 363 -31.01 92.16 34.96
C SER A 363 -31.07 93.61 35.40
N VAL A 364 -30.09 94.41 34.97
CA VAL A 364 -30.00 95.81 35.36
C VAL A 364 -30.54 96.62 34.18
N CYS A 365 -31.47 96.02 33.43
CA CYS A 365 -32.17 96.68 32.34
C CYS A 365 -33.18 97.71 32.82
N HIS A 366 -33.42 97.80 34.14
CA HIS A 366 -34.35 98.78 34.68
C HIS A 366 -33.84 100.20 34.45
N THR A 367 -32.53 100.41 34.58
CA THR A 367 -31.93 101.69 34.23
C THR A 367 -32.01 101.93 32.73
N ALA A 368 -31.97 100.86 31.95
CA ALA A 368 -32.02 100.98 30.50
C ALA A 368 -33.44 101.29 30.02
N THR A 369 -34.44 100.95 30.82
CA THR A 369 -35.82 101.29 30.47
C THR A 369 -36.17 102.69 30.94
N VAL A 370 -35.67 103.11 32.10
CA VAL A 370 -36.02 104.45 32.57
C VAL A 370 -35.17 105.51 31.89
N ILE A 371 -34.16 105.10 31.11
CA ILE A 371 -33.53 106.04 30.19
C ILE A 371 -34.24 106.00 28.84
N ALA A 372 -34.98 104.93 28.56
CA ALA A 372 -35.64 104.79 27.27
C ALA A 372 -36.92 105.63 27.22
N ASN A 373 -37.72 105.58 28.29
CA ASN A 373 -38.94 106.37 28.31
C ASN A 373 -38.66 107.86 28.42
N SER A 374 -37.60 108.22 29.15
CA SER A 374 -37.23 109.63 29.28
C SER A 374 -36.75 110.20 27.95
N PHE A 375 -36.17 109.37 27.09
CA PHE A 375 -35.84 109.81 25.73
C PHE A 375 -37.10 110.06 24.92
N MET A 376 -38.02 109.10 24.90
CA MET A 376 -39.23 109.26 24.10
C MET A 376 -40.37 109.96 24.84
N HIS A 377 -40.07 110.60 25.96
CA HIS A 377 -40.98 111.56 26.58
C HIS A 377 -40.22 112.82 26.95
N CYS A 378 -39.14 113.11 26.24
CA CYS A 378 -38.28 114.25 26.58
C CYS A 378 -38.96 115.56 26.23
N GLY A 379 -39.08 116.44 27.21
CA GLY A 379 -39.80 117.69 27.04
C GLY A 379 -41.31 117.55 26.98
N THR A 380 -41.84 116.34 27.14
CA THR A 380 -43.27 116.10 26.99
C THR A 380 -44.02 116.50 28.25
N THR A 381 -43.34 116.41 29.41
CA THR A 381 -43.92 116.61 30.74
C THR A 381 -45.13 115.71 30.96
N SER A 382 -44.99 114.44 30.61
CA SER A 382 -46.04 113.45 30.75
C SER A 382 -45.54 112.34 31.67
N ASP A 383 -46.05 112.32 32.90
CA ASP A 383 -45.69 111.30 33.88
C ASP A 383 -46.83 110.28 33.92
N GLN A 384 -46.59 109.12 33.33
CA GLN A 384 -47.52 108.01 33.51
C GLN A 384 -46.84 106.77 34.04
N PHE A 385 -45.57 106.54 33.72
CA PHE A 385 -44.83 105.41 34.28
C PHE A 385 -44.44 105.65 35.73
N LEU A 386 -44.33 106.90 36.14
CA LEU A 386 -44.17 107.23 37.55
C LEU A 386 -45.51 107.34 38.26
N ARG A 387 -46.59 106.95 37.59
CA ARG A 387 -47.94 106.93 38.17
C ARG A 387 -48.56 105.55 38.16
N ASP A 388 -48.52 104.84 37.03
CA ASP A 388 -49.27 103.59 36.92
C ASP A 388 -48.59 102.41 37.62
N ASN A 389 -47.28 102.46 37.78
CA ASN A 389 -46.58 101.39 38.50
C ASN A 389 -45.39 101.95 39.25
N LEU A 390 -45.15 101.39 40.44
CA LEU A 390 -44.02 101.80 41.27
C LEU A 390 -43.26 100.62 41.86
N GLU A 391 -43.88 99.45 41.99
CA GLU A 391 -43.23 98.32 42.65
C GLU A 391 -42.13 97.74 41.76
N TRP A 392 -42.34 97.75 40.44
CA TRP A 392 -41.27 97.40 39.52
C TRP A 392 -40.20 98.49 39.49
N LEU A 393 -40.61 99.74 39.70
CA LEU A 393 -39.66 100.85 39.76
C LEU A 393 -38.87 100.81 41.05
N ALA A 394 -39.45 100.27 42.12
CA ALA A 394 -38.76 100.16 43.39
C ALA A 394 -37.95 98.86 43.52
N ARG A 395 -37.83 98.08 42.45
CA ARG A 395 -37.08 96.84 42.52
C ARG A 395 -35.58 97.11 42.50
N ALA A 396 -35.09 97.78 41.46
CA ALA A 396 -33.67 98.06 41.36
C ALA A 396 -33.27 99.17 42.33
N THR A 397 -31.99 99.22 42.65
CA THR A 397 -31.54 100.11 43.71
C THR A 397 -30.07 100.49 43.52
N ASN A 398 -29.66 101.45 44.35
CA ASN A 398 -28.31 101.89 44.70
C ASN A 398 -27.63 102.71 43.61
N TRP A 399 -28.14 102.66 42.37
CA TRP A 399 -27.92 103.71 41.37
C TRP A 399 -29.13 103.96 40.51
N ALA A 400 -30.12 103.07 40.49
CA ALA A 400 -31.29 103.28 39.66
C ALA A 400 -32.19 104.36 40.22
N LYS A 401 -32.18 104.53 41.55
CA LYS A 401 -32.88 105.66 42.15
C LYS A 401 -32.22 106.98 41.74
N PHE A 402 -30.88 106.98 41.62
CA PHE A 402 -30.18 108.12 41.08
C PHE A 402 -30.54 108.36 39.61
N THR A 403 -30.80 107.27 38.89
CA THR A 403 -31.14 107.38 37.47
C THR A 403 -32.60 107.78 37.29
N ALA A 404 -33.50 107.28 38.14
CA ALA A 404 -34.94 107.49 37.94
C ALA A 404 -35.34 108.92 38.22
N THR A 405 -34.88 109.49 39.34
CA THR A 405 -35.17 110.89 39.62
C THR A 405 -34.39 111.84 38.73
N ALA A 406 -33.36 111.35 38.04
CA ALA A 406 -32.75 112.11 36.95
C ALA A 406 -33.65 112.10 35.72
N SER A 407 -34.32 110.98 35.47
CA SER A 407 -35.21 110.87 34.31
C SER A 407 -36.46 111.70 34.50
N LEU A 408 -36.80 112.05 35.74
CA LEU A 408 -37.93 112.93 36.00
C LEU A 408 -37.65 114.34 35.46
N GLY A 409 -36.39 114.77 35.51
CA GLY A 409 -36.04 116.05 34.93
C GLY A 409 -35.95 116.03 33.42
N VAL A 410 -35.73 114.86 32.83
CA VAL A 410 -35.59 114.76 31.38
C VAL A 410 -36.94 114.93 30.70
N ILE A 411 -37.99 114.34 31.30
CA ILE A 411 -39.35 114.47 30.78
C ILE A 411 -39.83 115.91 30.91
N HIS A 412 -39.33 116.63 31.90
CA HIS A 412 -39.66 118.03 32.14
C HIS A 412 -38.56 118.98 31.66
N LYS A 413 -37.97 118.72 30.50
CA LYS A 413 -36.98 119.63 29.95
C LYS A 413 -37.67 120.93 29.51
N GLY A 414 -37.09 122.07 29.92
CA GLY A 414 -37.64 123.37 29.60
C GLY A 414 -38.97 123.65 30.26
N HIS A 415 -38.95 123.58 31.59
CA HIS A 415 -40.10 123.82 32.46
C HIS A 415 -39.55 124.78 33.51
N GLU A 416 -39.40 126.03 33.08
CA GLU A 416 -38.83 127.09 33.91
C GLU A 416 -39.35 127.29 35.33
N LYS A 417 -40.64 127.56 35.50
CA LYS A 417 -41.12 127.88 36.83
C LYS A 417 -41.75 126.66 37.51
N GLU A 418 -42.45 125.82 36.76
CA GLU A 418 -43.16 124.69 37.35
C GLU A 418 -42.19 123.59 37.79
N ALA A 419 -40.98 123.54 37.21
CA ALA A 419 -40.00 122.53 37.62
C ALA A 419 -39.44 122.82 39.00
N LEU A 420 -39.40 124.09 39.41
CA LEU A 420 -38.96 124.42 40.76
C LEU A 420 -39.95 123.92 41.79
N GLN A 421 -41.24 124.18 41.58
CA GLN A 421 -42.26 123.70 42.51
C GLN A 421 -42.54 122.22 42.35
N LEU A 422 -42.09 121.60 41.24
CA LEU A 422 -42.22 120.15 41.09
C LEU A 422 -41.27 119.43 42.04
N MET A 423 -40.06 119.96 42.15
CA MET A 423 -39.04 119.40 43.02
C MET A 423 -39.30 119.87 44.44
N ALA A 424 -39.90 121.05 44.55
CA ALA A 424 -40.26 121.61 45.84
C ALA A 424 -41.16 120.58 46.52
N THR A 425 -41.85 119.81 45.68
CA THR A 425 -42.72 118.76 46.17
C THR A 425 -41.95 117.46 46.43
N TYR A 426 -40.92 117.18 45.64
CA TYR A 426 -40.11 115.98 45.75
C TYR A 426 -38.72 116.38 46.22
N LEU A 427 -38.67 117.24 47.25
CA LEU A 427 -37.54 117.98 47.79
C LEU A 427 -36.31 117.13 48.06
N PRO A 428 -35.10 117.72 48.11
CA PRO A 428 -33.92 116.97 48.53
C PRO A 428 -33.90 116.56 50.01
N LYS A 429 -34.89 116.97 50.81
CA LYS A 429 -34.91 116.59 52.21
C LYS A 429 -36.28 116.17 52.74
N ASP A 430 -37.31 116.11 51.89
CA ASP A 430 -38.66 115.78 52.35
C ASP A 430 -39.23 114.50 51.77
N THR A 431 -38.59 113.91 50.77
CA THR A 431 -38.98 112.56 50.35
C THR A 431 -38.56 111.54 51.39
N SER A 432 -37.25 111.45 51.65
CA SER A 432 -36.68 110.63 52.70
C SER A 432 -35.31 111.20 53.06
N PRO A 433 -35.04 111.49 54.34
CA PRO A 433 -33.73 112.05 54.71
C PRO A 433 -32.59 111.05 54.67
N GLY A 434 -32.87 109.76 54.51
CA GLY A 434 -31.84 108.75 54.54
C GLY A 434 -31.21 108.45 53.19
N SER A 435 -31.94 108.68 52.11
CA SER A 435 -31.46 108.35 50.77
C SER A 435 -30.79 109.57 50.15
N ALA A 436 -29.48 109.48 49.95
CA ALA A 436 -28.75 110.53 49.26
C ALA A 436 -28.93 110.46 47.75
N TYR A 437 -29.47 109.36 47.23
CA TYR A 437 -29.61 109.21 45.79
C TYR A 437 -30.78 110.04 45.27
N GLN A 438 -31.76 110.32 46.12
CA GLN A 438 -32.84 111.23 45.74
C GLN A 438 -32.33 112.66 45.64
N GLU A 439 -31.59 113.11 46.67
CA GLU A 439 -31.09 114.49 46.66
C GLU A 439 -29.92 114.66 45.72
N GLY A 440 -29.20 113.58 45.41
CA GLY A 440 -28.15 113.68 44.41
C GLY A 440 -28.71 113.83 43.01
N GLY A 441 -29.52 112.87 42.57
CA GLY A 441 -30.14 112.93 41.26
C GLY A 441 -31.21 113.98 41.13
N GLY A 442 -31.72 114.50 42.25
CA GLY A 442 -32.64 115.62 42.19
C GLY A 442 -31.95 116.89 41.74
N LEU A 443 -30.78 117.20 42.31
CA LEU A 443 -30.01 118.36 41.88
C LEU A 443 -29.48 118.18 40.46
N TYR A 444 -29.19 116.94 40.08
CA TYR A 444 -28.84 116.66 38.70
C TYR A 444 -30.01 116.89 37.76
N ALA A 445 -31.24 116.66 38.25
CA ALA A 445 -32.42 116.87 37.40
C ALA A 445 -32.71 118.36 37.19
N LEU A 446 -32.42 119.20 38.19
CA LEU A 446 -32.59 120.64 38.02
C LEU A 446 -31.62 121.19 36.97
N GLY A 447 -30.42 120.61 36.88
CA GLY A 447 -29.49 121.02 35.84
C GLY A 447 -29.93 120.57 34.47
N LEU A 448 -30.59 119.41 34.39
CA LEU A 448 -31.10 118.92 33.11
C LEU A 448 -32.23 119.79 32.59
N ILE A 449 -33.02 120.36 33.50
CA ILE A 449 -34.17 121.16 33.08
C ILE A 449 -33.73 122.54 32.62
N HIS A 450 -32.92 123.21 33.43
CA HIS A 450 -32.59 124.61 33.23
C HIS A 450 -31.21 124.81 32.63
N ALA A 451 -30.81 123.96 31.69
CA ALA A 451 -29.56 124.15 30.97
C ALA A 451 -29.63 125.39 30.09
N ASN A 452 -28.51 126.13 30.07
CA ASN A 452 -28.36 127.40 29.35
C ASN A 452 -29.39 128.44 29.81
N HIS A 453 -29.63 128.49 31.11
CA HIS A 453 -30.56 129.47 31.70
C HIS A 453 -29.96 129.96 33.03
N GLY A 454 -29.38 131.15 32.99
CA GLY A 454 -28.81 131.73 34.20
C GLY A 454 -29.88 132.35 35.07
N GLY A 455 -29.87 132.02 36.35
CA GLY A 455 -30.84 132.56 37.26
C GLY A 455 -30.53 132.21 38.69
N ASP A 456 -31.57 132.22 39.52
CA ASP A 456 -31.46 131.87 40.93
C ASP A 456 -31.12 130.40 41.14
N ILE A 457 -31.40 129.55 40.15
CA ILE A 457 -31.14 128.12 40.26
C ILE A 457 -29.64 127.83 40.30
N ILE A 458 -28.84 128.69 39.66
CA ILE A 458 -27.39 128.65 39.87
C ILE A 458 -27.06 128.98 41.32
N ASP A 459 -27.68 130.03 41.86
CA ASP A 459 -27.45 130.40 43.26
C ASP A 459 -28.11 129.41 44.22
N TYR A 460 -29.22 128.79 43.81
CA TYR A 460 -29.89 127.81 44.64
C TYR A 460 -29.05 126.54 44.78
N LEU A 461 -28.44 126.11 43.68
CA LEU A 461 -27.50 124.99 43.75
C LEU A 461 -26.16 125.40 44.34
N LEU A 462 -25.85 126.70 44.33
CA LEU A 462 -24.62 127.18 44.96
C LEU A 462 -24.70 127.01 46.46
N ASN A 463 -25.83 127.38 47.06
CA ASN A 463 -25.98 127.34 48.52
C ASN A 463 -26.11 125.92 49.04
N GLN A 464 -26.55 124.97 48.20
CA GLN A 464 -26.65 123.59 48.66
C GLN A 464 -25.40 122.78 48.38
N LEU A 465 -24.45 123.31 47.60
CA LEU A 465 -23.09 122.77 47.61
C LEU A 465 -22.25 123.34 48.73
N LYS A 466 -22.70 124.43 49.36
CA LYS A 466 -22.06 124.87 50.59
C LYS A 466 -22.28 123.87 51.71
N ASN A 467 -23.53 123.43 51.88
CA ASN A 467 -23.92 122.48 52.91
C ASN A 467 -24.42 121.21 52.23
N ALA A 468 -23.58 120.19 52.16
CA ALA A 468 -23.94 118.96 51.50
C ALA A 468 -23.20 117.79 52.15
N SER A 469 -23.63 116.58 51.80
CA SER A 469 -22.89 115.38 52.17
C SER A 469 -21.77 115.15 51.15
N ASN A 470 -21.14 113.97 51.19
CA ASN A 470 -19.89 113.76 50.50
C ASN A 470 -20.04 113.15 49.12
N ASP A 471 -20.59 111.94 49.03
CA ASP A 471 -20.35 111.09 47.87
C ASP A 471 -21.37 111.26 46.75
N ILE A 472 -22.63 110.91 47.00
CA ILE A 472 -23.61 110.93 45.91
C ILE A 472 -24.57 112.07 46.23
N VAL A 473 -24.03 113.13 46.79
CA VAL A 473 -24.70 114.42 46.86
C VAL A 473 -23.95 115.46 46.03
N ARG A 474 -22.62 115.45 46.12
CA ARG A 474 -21.81 116.38 45.35
C ARG A 474 -21.71 115.99 43.89
N HIS A 475 -22.10 114.77 43.51
CA HIS A 475 -22.16 114.39 42.10
C HIS A 475 -23.22 115.18 41.37
N GLY A 476 -24.49 114.92 41.69
CA GLY A 476 -25.57 115.54 40.96
C GLY A 476 -25.73 117.01 41.31
N GLY A 477 -25.17 117.44 42.44
CA GLY A 477 -25.10 118.85 42.72
C GLY A 477 -24.17 119.56 41.74
N SER A 478 -22.96 119.03 41.56
CA SER A 478 -22.01 119.68 40.67
C SER A 478 -22.33 119.45 39.20
N LEU A 479 -22.82 118.26 38.84
CA LEU A 479 -23.25 118.02 37.45
C LEU A 479 -24.42 118.89 37.09
N GLY A 480 -25.37 119.07 38.00
CA GLY A 480 -26.47 119.99 37.76
C GLY A 480 -26.03 121.44 37.72
N LEU A 481 -25.02 121.79 38.52
CA LEU A 481 -24.56 123.17 38.57
C LEU A 481 -23.73 123.52 37.35
N GLY A 482 -22.88 122.60 36.91
CA GLY A 482 -22.10 122.84 35.70
C GLY A 482 -22.91 122.81 34.43
N LEU A 483 -24.05 122.11 34.43
CA LEU A 483 -24.87 122.04 33.23
C LEU A 483 -25.76 123.26 33.11
N ALA A 484 -26.32 123.72 34.23
CA ALA A 484 -27.17 124.91 34.19
C ALA A 484 -26.35 126.18 33.98
N ALA A 485 -25.12 126.21 34.49
CA ALA A 485 -24.20 127.32 34.27
C ALA A 485 -23.17 127.00 33.21
N MET A 486 -23.57 126.26 32.18
CA MET A 486 -22.64 125.87 31.13
C MET A 486 -22.27 127.07 30.26
N GLY A 487 -20.96 127.30 30.12
CA GLY A 487 -20.47 128.37 29.28
C GLY A 487 -20.55 129.75 29.87
N THR A 488 -20.75 129.87 31.19
CA THR A 488 -20.86 131.19 31.79
C THR A 488 -19.51 131.87 31.95
N ALA A 489 -18.45 131.08 32.16
CA ALA A 489 -17.15 131.54 32.68
C ALA A 489 -17.31 132.38 33.95
N ARG A 490 -18.25 131.96 34.79
CA ARG A 490 -18.53 132.64 36.05
C ARG A 490 -17.50 132.21 37.08
N GLN A 491 -16.96 133.20 37.80
CA GLN A 491 -15.84 132.95 38.69
C GLN A 491 -16.26 132.18 39.94
N ASP A 492 -17.47 132.43 40.44
CA ASP A 492 -17.88 131.86 41.72
C ASP A 492 -18.20 130.39 41.61
N VAL A 493 -18.82 129.96 40.51
CA VAL A 493 -18.99 128.53 40.27
C VAL A 493 -17.65 127.89 39.93
N TYR A 494 -16.72 128.67 39.35
CA TYR A 494 -15.40 128.14 39.03
C TYR A 494 -14.57 127.94 40.29
N ASP A 495 -14.83 128.74 41.32
CA ASP A 495 -14.00 128.65 42.53
C ASP A 495 -14.39 127.47 43.39
N LEU A 496 -15.69 127.25 43.60
CA LEU A 496 -16.10 126.15 44.47
C LEU A 496 -15.97 124.80 43.77
N LEU A 497 -15.90 124.81 42.44
CA LEU A 497 -15.54 123.59 41.72
C LEU A 497 -14.05 123.27 41.85
N LYS A 498 -13.20 124.28 42.07
CA LYS A 498 -11.80 123.97 42.38
C LYS A 498 -11.65 123.32 43.74
N THR A 499 -12.31 123.87 44.76
CA THR A 499 -12.19 123.28 46.09
C THR A 499 -12.97 121.98 46.20
N ASN A 500 -13.88 121.73 45.25
CA ASN A 500 -14.44 120.39 45.11
C ASN A 500 -13.43 119.43 44.50
N LEU A 501 -12.61 119.93 43.57
CA LEU A 501 -11.60 119.12 42.92
C LEU A 501 -10.48 118.76 43.89
N TYR A 502 -10.09 119.71 44.74
CA TYR A 502 -9.02 119.45 45.69
C TYR A 502 -9.52 118.84 46.99
N GLN A 503 -10.75 118.32 47.03
CA GLN A 503 -11.16 117.44 48.11
C GLN A 503 -10.38 116.14 48.09
N ASP A 504 -9.99 115.70 46.88
CA ASP A 504 -9.29 114.44 46.61
C ASP A 504 -10.09 113.24 47.11
N ASP A 505 -11.33 113.18 46.64
CA ASP A 505 -12.17 111.99 46.78
C ASP A 505 -12.14 111.24 45.45
N ALA A 506 -12.24 109.92 45.52
CA ALA A 506 -12.13 109.12 44.30
C ALA A 506 -13.39 109.19 43.46
N VAL A 507 -14.55 109.35 44.09
CA VAL A 507 -15.81 109.15 43.39
C VAL A 507 -16.39 110.46 42.85
N THR A 508 -16.01 111.61 43.41
CA THR A 508 -16.46 112.89 42.86
C THR A 508 -15.49 113.45 41.84
N GLY A 509 -14.45 112.68 41.48
CA GLY A 509 -13.51 113.15 40.47
C GLY A 509 -14.13 113.20 39.08
N GLU A 510 -15.04 112.28 38.79
CA GLU A 510 -15.87 112.41 37.60
C GLU A 510 -16.78 113.62 37.71
N ALA A 511 -17.21 113.93 38.93
CA ALA A 511 -18.15 115.03 39.13
C ALA A 511 -17.46 116.38 39.03
N ALA A 512 -16.25 116.49 39.55
CA ALA A 512 -15.54 117.76 39.51
C ALA A 512 -15.02 118.08 38.12
N GLY A 513 -14.52 117.06 37.41
CA GLY A 513 -13.84 117.30 36.15
C GLY A 513 -14.78 117.65 35.02
N LEU A 514 -15.97 117.06 34.99
CA LEU A 514 -16.90 117.34 33.91
C LEU A 514 -17.51 118.73 34.06
N ALA A 515 -17.85 119.12 35.29
CA ALA A 515 -18.49 120.41 35.50
C ALA A 515 -17.49 121.55 35.38
N LEU A 516 -16.21 121.27 35.59
CA LEU A 516 -15.19 122.31 35.49
C LEU A 516 -14.93 122.68 34.05
N GLY A 517 -15.14 121.73 33.13
CA GLY A 517 -15.05 122.06 31.72
C GLY A 517 -16.28 122.77 31.20
N LEU A 518 -17.47 122.40 31.71
CA LEU A 518 -18.72 122.96 31.21
C LEU A 518 -18.85 124.44 31.55
N VAL A 519 -18.36 124.86 32.72
CA VAL A 519 -18.35 126.29 33.04
C VAL A 519 -17.26 127.04 32.31
N MET A 520 -16.30 126.33 31.69
CA MET A 520 -15.21 126.96 30.97
C MET A 520 -15.18 126.51 29.51
N LEU A 521 -16.36 126.25 28.95
CA LEU A 521 -16.44 125.75 27.57
C LEU A 521 -16.06 126.83 26.56
N GLY A 522 -15.08 126.51 25.73
CA GLY A 522 -14.61 127.44 24.72
C GLY A 522 -13.92 128.66 25.28
N SER A 523 -13.27 128.54 26.42
CA SER A 523 -12.72 129.71 27.10
C SER A 523 -11.28 129.99 26.74
N LYS A 524 -10.43 128.96 26.76
CA LYS A 524 -8.96 129.05 26.65
C LYS A 524 -8.43 130.05 27.69
N ASN A 525 -8.58 129.66 28.95
CA ASN A 525 -8.12 130.47 30.06
C ASN A 525 -6.69 130.09 30.42
N ALA A 526 -6.00 131.01 31.10
CA ALA A 526 -4.65 130.73 31.57
C ALA A 526 -4.66 129.70 32.69
N GLN A 527 -5.44 129.94 33.74
CA GLN A 527 -5.42 129.07 34.91
C GLN A 527 -6.24 127.80 34.74
N ALA A 528 -7.18 127.78 33.80
CA ALA A 528 -8.08 126.62 33.68
C ALA A 528 -7.35 125.42 33.10
N ILE A 529 -6.67 125.60 31.96
CA ILE A 529 -5.90 124.52 31.35
C ILE A 529 -4.73 124.13 32.25
N GLU A 530 -4.07 125.14 32.84
CA GLU A 530 -2.84 124.92 33.58
C GLU A 530 -3.08 124.15 34.89
N ASP A 531 -4.16 124.50 35.61
CA ASP A 531 -4.43 123.80 36.86
C ASP A 531 -4.94 122.40 36.61
N MET A 532 -5.73 122.21 35.55
CA MET A 532 -6.26 120.88 35.27
C MET A 532 -5.18 119.97 34.70
N VAL A 533 -4.32 120.49 33.82
CA VAL A 533 -3.26 119.63 33.30
C VAL A 533 -2.14 119.47 34.33
N GLY A 534 -2.07 120.35 35.33
CA GLY A 534 -1.11 120.16 36.40
C GLY A 534 -1.59 119.18 37.45
N TYR A 535 -2.90 119.03 37.61
CA TYR A 535 -3.45 118.15 38.63
C TYR A 535 -3.54 116.70 38.15
N ALA A 536 -3.50 116.47 36.84
CA ALA A 536 -3.86 115.18 36.26
C ALA A 536 -2.69 114.21 36.17
N GLN A 537 -1.67 114.37 36.99
CA GLN A 537 -0.60 113.37 36.99
C GLN A 537 -0.33 112.79 38.36
N GLU A 538 -0.35 113.62 39.41
CA GLU A 538 0.05 113.19 40.75
C GLU A 538 -1.06 112.48 41.50
N THR A 539 -2.28 112.46 40.98
CA THR A 539 -3.38 111.80 41.66
C THR A 539 -3.23 110.28 41.56
N GLN A 540 -3.98 109.58 42.41
CA GLN A 540 -3.83 108.14 42.56
C GLN A 540 -4.94 107.33 41.93
N HIS A 541 -6.10 107.92 41.67
CA HIS A 541 -7.24 107.20 41.13
C HIS A 541 -7.30 107.42 39.62
N GLU A 542 -8.38 106.97 38.99
CA GLU A 542 -8.56 107.17 37.56
C GLU A 542 -9.93 107.72 37.16
N LYS A 543 -10.94 107.63 38.03
CA LYS A 543 -12.17 108.40 37.81
C LYS A 543 -11.90 109.89 37.92
N ILE A 544 -10.95 110.26 38.77
CA ILE A 544 -10.46 111.63 38.83
C ILE A 544 -9.81 112.02 37.50
N LEU A 545 -9.21 111.05 36.80
CA LEU A 545 -8.56 111.36 35.54
C LEU A 545 -9.54 111.43 34.38
N ARG A 546 -10.59 110.60 34.41
CA ARG A 546 -11.48 110.54 33.26
C ARG A 546 -12.46 111.70 33.26
N GLY A 547 -12.75 112.27 34.43
CA GLY A 547 -13.54 113.48 34.49
C GLY A 547 -12.79 114.68 33.94
N LEU A 548 -11.50 114.78 34.30
CA LEU A 548 -10.64 115.82 33.74
C LEU A 548 -10.21 115.50 32.32
N ALA A 549 -10.42 114.27 31.86
CA ALA A 549 -10.09 113.93 30.47
C ALA A 549 -11.00 114.67 29.51
N VAL A 550 -12.31 114.59 29.73
CA VAL A 550 -13.27 115.30 28.89
C VAL A 550 -13.22 116.79 29.21
N GLY A 551 -12.86 117.15 30.44
CA GLY A 551 -12.90 118.54 30.86
C GLY A 551 -11.87 119.41 30.17
N ILE A 552 -10.65 118.91 30.02
CA ILE A 552 -9.65 119.68 29.28
C ILE A 552 -9.85 119.57 27.79
N ALA A 553 -10.64 118.60 27.33
CA ALA A 553 -11.04 118.56 25.94
C ALA A 553 -12.12 119.59 25.65
N LEU A 554 -12.91 119.92 26.67
CA LEU A 554 -14.08 120.77 26.51
C LEU A 554 -13.81 122.21 26.89
N VAL A 555 -12.65 122.50 27.49
CA VAL A 555 -12.30 123.89 27.80
C VAL A 555 -11.92 124.63 26.52
N MET A 556 -11.43 123.92 25.51
CA MET A 556 -11.16 124.50 24.20
C MET A 556 -12.15 123.95 23.20
N TYR A 557 -12.63 124.81 22.31
CA TYR A 557 -13.70 124.45 21.39
C TYR A 557 -13.59 125.31 20.14
N GLY A 558 -13.12 124.71 19.06
CA GLY A 558 -13.06 125.41 17.79
C GLY A 558 -12.02 126.49 17.68
N ARG A 559 -10.91 126.36 18.43
CA ARG A 559 -9.83 127.33 18.30
C ARG A 559 -9.07 127.15 16.99
N MET A 560 -8.96 125.90 16.53
CA MET A 560 -8.59 125.46 15.18
C MET A 560 -7.11 125.66 14.83
N GLU A 561 -6.38 126.43 15.62
CA GLU A 561 -4.91 126.43 15.57
C GLU A 561 -4.25 126.60 16.91
N GLU A 562 -4.97 127.05 17.93
CA GLU A 562 -4.36 127.50 19.18
C GLU A 562 -4.19 126.38 20.20
N ALA A 563 -4.70 125.20 19.91
CA ALA A 563 -4.58 124.06 20.81
C ALA A 563 -3.39 123.17 20.48
N ASP A 564 -2.63 123.50 19.43
CA ASP A 564 -1.69 122.55 18.84
C ASP A 564 -0.51 122.26 19.75
N ALA A 565 -0.13 123.23 20.60
CA ALA A 565 0.88 122.95 21.61
C ALA A 565 0.34 122.03 22.68
N LEU A 566 -0.96 122.16 23.01
CA LEU A 566 -1.57 121.27 23.98
C LEU A 566 -1.84 119.90 23.39
N ILE A 567 -2.18 119.85 22.10
CA ILE A 567 -2.42 118.57 21.43
C ILE A 567 -1.14 117.74 21.35
N GLU A 568 -0.02 118.41 21.07
CA GLU A 568 1.27 117.71 21.03
C GLU A 568 1.71 117.29 22.44
N SER A 569 1.33 118.07 23.46
CA SER A 569 1.80 117.80 24.81
C SER A 569 1.10 116.59 25.42
N LEU A 570 -0.20 116.43 25.18
CA LEU A 570 -0.95 115.36 25.83
C LEU A 570 -0.70 114.01 25.19
N CYS A 571 -0.40 113.98 23.90
CA CYS A 571 -0.25 112.70 23.21
C CYS A 571 1.16 112.15 23.36
N ARG A 572 2.15 113.03 23.54
CA ARG A 572 3.52 112.58 23.72
C ARG A 572 3.74 111.93 25.09
N ASP A 573 2.90 112.25 26.07
CA ASP A 573 2.98 111.65 27.40
C ASP A 573 2.61 110.16 27.32
N LYS A 574 3.07 109.40 28.30
CA LYS A 574 2.86 107.96 28.35
C LYS A 574 1.64 107.57 29.18
N ASP A 575 0.89 108.55 29.68
CA ASP A 575 -0.35 108.26 30.38
C ASP A 575 -1.40 107.85 29.35
N PRO A 576 -1.99 106.65 29.47
CA PRO A 576 -2.97 106.23 28.45
C PRO A 576 -4.28 107.01 28.51
N ILE A 577 -4.68 107.45 29.71
CA ILE A 577 -5.90 108.25 29.83
C ILE A 577 -5.67 109.63 29.24
N LEU A 578 -4.48 110.19 29.45
CA LEU A 578 -4.19 111.53 28.98
C LEU A 578 -3.97 111.57 27.47
N ARG A 579 -3.40 110.50 26.90
CA ARG A 579 -3.36 110.37 25.44
C ARG A 579 -4.76 110.27 24.87
N ARG A 580 -5.64 109.52 25.55
CA ARG A 580 -7.04 109.46 25.16
C ARG A 580 -7.71 110.81 25.33
N SER A 581 -7.29 111.58 26.35
CA SER A 581 -7.86 112.90 26.58
C SER A 581 -7.48 113.88 25.48
N GLY A 582 -6.26 113.75 24.93
CA GLY A 582 -5.87 114.59 23.82
C GLY A 582 -6.63 114.27 22.56
N MET A 583 -7.13 113.03 22.43
CA MET A 583 -7.88 112.66 21.25
C MET A 583 -9.27 113.28 21.26
N TYR A 584 -9.85 113.46 22.45
CA TYR A 584 -11.10 114.21 22.53
C TYR A 584 -10.84 115.70 22.40
N THR A 585 -9.61 116.14 22.69
CA THR A 585 -9.31 117.57 22.59
C THR A 585 -9.10 117.98 21.14
N VAL A 586 -8.45 117.12 20.35
CA VAL A 586 -8.28 117.39 18.93
C VAL A 586 -9.60 117.23 18.18
N ALA A 587 -10.57 116.51 18.76
CA ALA A 587 -11.89 116.43 18.16
C ALA A 587 -12.65 117.73 18.34
N MET A 588 -12.65 118.26 19.57
CA MET A 588 -13.46 119.44 19.87
C MET A 588 -12.82 120.73 19.40
N ALA A 589 -11.52 120.75 19.15
CA ALA A 589 -10.90 121.96 18.64
C ALA A 589 -11.03 122.08 17.13
N TYR A 590 -11.42 121.00 16.44
CA TYR A 590 -11.45 120.90 15.00
C TYR A 590 -12.82 120.44 14.52
N CYS A 591 -13.88 121.06 15.05
CA CYS A 591 -15.24 120.60 14.77
C CYS A 591 -15.66 120.97 13.36
N GLY A 592 -16.05 119.97 12.58
CA GLY A 592 -16.66 120.17 11.28
C GLY A 592 -15.76 120.66 10.18
N SER A 593 -14.45 120.78 10.43
CA SER A 593 -13.52 121.26 9.43
C SER A 593 -12.74 120.08 8.86
N GLY A 594 -12.59 120.06 7.54
CA GLY A 594 -11.81 119.02 6.89
C GLY A 594 -10.33 119.28 6.97
N ASN A 595 -9.77 119.29 8.17
CA ASN A 595 -8.37 119.61 8.38
C ASN A 595 -7.52 118.43 7.94
N ASN A 596 -6.62 118.67 6.99
CA ASN A 596 -5.73 117.62 6.52
C ASN A 596 -4.73 117.22 7.60
N LYS A 597 -4.29 118.18 8.42
CA LYS A 597 -3.35 117.88 9.49
C LYS A 597 -4.02 117.06 10.60
N ALA A 598 -5.31 117.30 10.83
CA ALA A 598 -6.03 116.51 11.82
C ALA A 598 -6.22 115.08 11.36
N ILE A 599 -6.70 114.90 10.13
CA ILE A 599 -7.03 113.56 9.64
C ILE A 599 -5.77 112.75 9.37
N ARG A 600 -4.64 113.42 9.18
CA ARG A 600 -3.36 112.71 9.11
C ARG A 600 -2.95 112.21 10.49
N ARG A 601 -2.97 113.11 11.48
CA ARG A 601 -2.40 112.81 12.79
C ARG A 601 -3.31 111.89 13.60
N LEU A 602 -4.63 112.08 13.49
CA LEU A 602 -5.58 111.26 14.23
C LEU A 602 -5.61 109.83 13.71
N LEU A 603 -5.50 109.66 12.39
CA LEU A 603 -5.41 108.33 11.82
C LEU A 603 -4.06 107.69 12.09
N HIS A 604 -3.03 108.50 12.32
CA HIS A 604 -1.69 107.95 12.57
C HIS A 604 -1.63 107.23 13.91
N VAL A 605 -2.17 107.84 14.95
CA VAL A 605 -2.23 107.19 16.26
C VAL A 605 -3.33 106.13 16.27
N ALA A 606 -4.27 106.18 15.33
CA ALA A 606 -5.27 105.12 15.20
C ALA A 606 -4.63 103.82 14.73
N VAL A 607 -3.47 103.88 14.09
CA VAL A 607 -2.79 102.67 13.65
C VAL A 607 -1.82 102.16 14.71
N SER A 608 -0.91 103.03 15.14
CA SER A 608 0.31 102.58 15.81
C SER A 608 0.21 102.49 17.33
N ASP A 609 -0.89 102.94 17.93
CA ASP A 609 -0.92 102.97 19.38
C ASP A 609 -1.37 101.61 19.92
N VAL A 610 -1.06 101.37 21.20
CA VAL A 610 -1.15 100.02 21.74
C VAL A 610 -2.35 99.82 22.66
N ASN A 611 -2.78 100.88 23.35
CA ASN A 611 -3.96 100.75 24.21
C ASN A 611 -5.22 100.84 23.38
N ASP A 612 -6.21 100.01 23.71
CA ASP A 612 -7.43 99.96 22.91
C ASP A 612 -8.32 101.18 23.12
N ASP A 613 -8.28 101.76 24.33
CA ASP A 613 -9.21 102.84 24.66
C ASP A 613 -8.87 104.13 23.93
N VAL A 614 -7.58 104.41 23.76
CA VAL A 614 -7.19 105.60 23.01
C VAL A 614 -7.36 105.36 21.51
N ARG A 615 -7.26 104.10 21.06
CA ARG A 615 -7.51 103.79 19.65
C ARG A 615 -8.97 103.99 19.29
N ARG A 616 -9.87 103.75 20.24
CA ARG A 616 -11.29 104.02 20.00
C ARG A 616 -11.54 105.52 19.85
N ALA A 617 -10.97 106.32 20.75
CA ALA A 617 -11.21 107.75 20.75
C ALA A 617 -10.58 108.42 19.53
N ALA A 618 -9.63 107.75 18.88
CA ALA A 618 -9.22 108.16 17.54
C ALA A 618 -10.36 107.94 16.55
N VAL A 619 -10.79 106.68 16.37
CA VAL A 619 -11.81 106.37 15.37
C VAL A 619 -13.21 106.81 15.79
N GLU A 620 -13.41 107.23 17.04
CA GLU A 620 -14.67 107.87 17.40
C GLU A 620 -14.68 109.36 17.04
N SER A 621 -13.53 109.99 16.94
CA SER A 621 -13.43 111.42 16.67
C SER A 621 -13.56 111.75 15.19
N LEU A 622 -13.84 110.77 14.34
CA LEU A 622 -13.96 111.03 12.91
C LEU A 622 -15.23 111.81 12.59
N GLY A 623 -16.33 111.49 13.26
CA GLY A 623 -17.57 112.19 12.99
C GLY A 623 -17.58 113.61 13.49
N PHE A 624 -16.75 113.90 14.50
CA PHE A 624 -16.69 115.25 15.05
C PHE A 624 -16.00 116.22 14.11
N ILE A 625 -15.11 115.71 13.25
CA ILE A 625 -14.39 116.58 12.33
C ILE A 625 -14.92 116.52 10.91
N LEU A 626 -15.89 115.64 10.62
CA LEU A 626 -16.32 115.42 9.25
C LEU A 626 -17.84 115.41 9.09
N PHE A 627 -18.59 115.90 10.08
CA PHE A 627 -20.05 115.83 9.98
C PHE A 627 -20.62 116.87 9.02
N ARG A 628 -19.83 117.88 8.65
CA ARG A 628 -20.34 118.91 7.75
C ARG A 628 -20.49 118.37 6.33
N THR A 629 -19.56 117.53 5.89
CA THR A 629 -19.66 116.81 4.61
C THR A 629 -19.82 115.32 4.89
N PRO A 630 -21.06 114.82 4.97
CA PRO A 630 -21.27 113.42 5.34
C PRO A 630 -20.97 112.42 4.25
N GLU A 631 -20.62 112.87 3.04
CA GLU A 631 -20.36 111.94 1.94
C GLU A 631 -19.02 111.23 2.05
N GLN A 632 -18.02 111.88 2.62
CA GLN A 632 -16.70 111.27 2.73
C GLN A 632 -16.66 110.19 3.81
N CYS A 633 -17.55 110.28 4.80
CA CYS A 633 -17.53 109.37 5.94
C CYS A 633 -17.78 107.89 5.62
N PRO A 634 -18.71 107.49 4.72
CA PRO A 634 -18.74 106.05 4.39
C PRO A 634 -17.52 105.58 3.61
N SER A 635 -16.85 106.47 2.88
CA SER A 635 -15.70 106.06 2.09
C SER A 635 -14.47 105.81 2.95
N VAL A 636 -14.35 106.50 4.08
CA VAL A 636 -13.12 106.46 4.86
C VAL A 636 -13.25 105.44 5.98
N VAL A 637 -14.48 105.21 6.45
CA VAL A 637 -14.73 104.18 7.46
C VAL A 637 -15.18 102.88 6.79
N SER A 638 -14.97 102.74 5.48
CA SER A 638 -15.38 101.54 4.77
C SER A 638 -14.55 100.34 5.20
N LEU A 639 -13.27 100.55 5.44
CA LEU A 639 -12.38 99.48 5.86
C LEU A 639 -11.96 99.60 7.32
N LEU A 640 -12.26 100.75 7.95
CA LEU A 640 -12.12 100.86 9.40
C LEU A 640 -13.10 99.97 10.13
N SER A 641 -14.24 99.65 9.49
CA SER A 641 -15.18 98.69 10.03
C SER A 641 -14.74 97.25 9.86
N GLU A 642 -13.63 97.00 9.18
CA GLU A 642 -13.16 95.65 8.87
C GLU A 642 -11.73 95.47 9.34
N SER A 643 -11.44 95.87 10.57
CA SER A 643 -10.16 95.60 11.19
C SER A 643 -10.21 94.23 11.87
N TYR A 644 -9.18 93.90 12.64
CA TYR A 644 -9.14 92.64 13.36
C TYR A 644 -9.59 92.76 14.81
N ASN A 645 -9.33 93.91 15.46
CA ASN A 645 -9.82 94.06 16.82
C ASN A 645 -11.21 94.67 16.84
N PRO A 646 -12.03 94.31 17.84
CA PRO A 646 -13.38 94.90 17.92
C PRO A 646 -13.39 96.35 18.36
N HIS A 647 -12.33 96.84 19.00
CA HIS A 647 -12.32 98.20 19.52
C HIS A 647 -12.27 99.23 18.40
N VAL A 648 -11.48 98.97 17.37
CA VAL A 648 -11.48 99.85 16.20
C VAL A 648 -12.81 99.72 15.46
N ARG A 649 -13.37 98.50 15.39
CA ARG A 649 -14.67 98.31 14.75
C ARG A 649 -15.79 98.94 15.56
N TYR A 650 -15.61 99.07 16.88
CA TYR A 650 -16.64 99.70 17.69
C TYR A 650 -16.71 101.20 17.42
N GLY A 651 -15.56 101.87 17.50
CA GLY A 651 -15.55 103.30 17.24
C GLY A 651 -15.78 103.64 15.79
N ALA A 652 -15.55 102.67 14.89
CA ALA A 652 -15.98 102.82 13.51
C ALA A 652 -17.49 102.89 13.42
N ALA A 653 -18.20 102.09 14.23
CA ALA A 653 -19.65 102.08 14.18
C ALA A 653 -20.24 103.37 14.71
N MET A 654 -19.67 103.92 15.79
CA MET A 654 -20.17 105.19 16.30
C MET A 654 -19.83 106.34 15.36
N ALA A 655 -18.75 106.20 14.58
CA ALA A 655 -18.37 107.24 13.63
C ALA A 655 -19.38 107.37 12.50
N LEU A 656 -20.02 106.27 12.11
CA LEU A 656 -21.16 106.35 11.20
C LEU A 656 -22.34 107.03 11.87
N GLY A 657 -22.48 106.86 13.19
CA GLY A 657 -23.62 107.38 13.89
C GLY A 657 -23.58 108.88 14.10
N ILE A 658 -22.38 109.46 14.17
CA ILE A 658 -22.24 110.87 14.54
C ILE A 658 -21.79 111.74 13.38
N CYS A 659 -21.18 111.18 12.34
CA CYS A 659 -20.93 111.97 11.13
C CYS A 659 -22.24 112.24 10.40
N CYS A 660 -22.90 111.19 9.95
CA CYS A 660 -24.22 111.32 9.35
C CYS A 660 -25.24 111.38 10.48
N ALA A 661 -25.92 112.53 10.61
CA ALA A 661 -26.80 112.72 11.76
C ALA A 661 -28.16 112.08 11.53
N GLY A 662 -28.91 112.57 10.55
CA GLY A 662 -30.27 112.08 10.34
C GLY A 662 -30.57 111.78 8.89
N THR A 663 -29.53 111.48 8.11
CA THR A 663 -29.73 111.25 6.69
C THR A 663 -30.27 109.86 6.43
N GLY A 664 -31.08 109.74 5.37
CA GLY A 664 -31.42 108.43 4.85
C GLY A 664 -30.35 108.00 3.89
N ASN A 665 -29.18 107.61 4.42
CA ASN A 665 -27.98 107.45 3.61
C ASN A 665 -28.07 106.22 2.72
N LYS A 666 -28.36 105.05 3.33
CA LYS A 666 -28.50 103.70 2.75
C LYS A 666 -27.14 103.13 2.35
N GLU A 667 -26.09 103.95 2.38
CA GLU A 667 -24.73 103.47 2.22
C GLU A 667 -24.12 103.15 3.57
N ALA A 668 -24.35 104.02 4.56
CA ALA A 668 -23.95 103.71 5.93
C ALA A 668 -24.80 102.58 6.50
N ILE A 669 -26.07 102.51 6.10
CA ILE A 669 -26.95 101.43 6.52
C ILE A 669 -26.50 100.12 5.89
N ASN A 670 -25.97 100.17 4.67
CA ASN A 670 -25.34 99.00 4.05
C ASN A 670 -24.11 98.57 4.83
N LEU A 671 -23.37 99.52 5.40
CA LEU A 671 -22.20 99.17 6.19
C LEU A 671 -22.60 98.60 7.55
N LEU A 672 -23.66 99.13 8.16
CA LEU A 672 -24.06 98.71 9.49
C LEU A 672 -24.69 97.32 9.55
N GLU A 673 -25.09 96.76 8.40
CA GLU A 673 -25.74 95.46 8.41
C GLU A 673 -24.81 94.31 8.78
N PRO A 674 -23.57 94.20 8.29
CA PRO A 674 -22.65 93.24 8.92
C PRO A 674 -22.13 93.68 10.28
N MET A 675 -22.24 94.98 10.62
CA MET A 675 -21.77 95.44 11.92
C MET A 675 -22.66 94.95 13.05
N THR A 676 -23.97 94.87 12.82
CA THR A 676 -24.89 94.28 13.77
C THR A 676 -24.95 92.77 13.66
N ASN A 677 -24.14 92.16 12.80
CA ASN A 677 -24.05 90.72 12.69
C ASN A 677 -22.61 90.29 12.93
N ASP A 678 -22.01 90.81 14.00
CA ASP A 678 -20.63 90.53 14.34
C ASP A 678 -20.57 89.38 15.34
N PRO A 679 -19.45 88.65 15.40
CA PRO A 679 -19.31 87.69 16.51
C PRO A 679 -19.19 88.33 17.87
N VAL A 680 -18.54 89.50 17.97
CA VAL A 680 -18.35 90.13 19.27
C VAL A 680 -19.59 90.97 19.61
N ASN A 681 -19.96 90.96 20.90
CA ASN A 681 -21.26 91.45 21.32
C ASN A 681 -21.36 92.98 21.33
N TYR A 682 -20.35 93.67 21.89
CA TYR A 682 -20.51 95.10 22.12
C TYR A 682 -20.35 95.92 20.85
N VAL A 683 -19.68 95.40 19.83
CA VAL A 683 -19.64 96.12 18.56
C VAL A 683 -20.98 96.00 17.85
N ARG A 684 -21.74 94.92 18.11
CA ARG A 684 -23.12 94.86 17.64
C ARG A 684 -23.98 95.87 18.38
N GLN A 685 -23.69 96.09 19.67
CA GLN A 685 -24.43 97.03 20.49
C GLN A 685 -24.29 98.45 19.95
N GLY A 686 -23.06 98.87 19.65
CA GLY A 686 -22.86 100.19 19.10
C GLY A 686 -23.39 100.33 17.68
N ALA A 687 -23.47 99.22 16.96
CA ALA A 687 -24.11 99.23 15.65
C ALA A 687 -25.61 99.47 15.78
N LEU A 688 -26.23 98.92 16.82
CA LEU A 688 -27.66 99.14 17.04
C LEU A 688 -27.95 100.58 17.44
N ILE A 689 -27.06 101.17 18.25
CA ILE A 689 -27.25 102.55 18.68
C ILE A 689 -27.04 103.51 17.54
N ALA A 690 -26.02 103.27 16.70
CA ALA A 690 -25.75 104.15 15.57
C ALA A 690 -26.83 104.02 14.50
N SER A 691 -27.40 102.82 14.36
CA SER A 691 -28.56 102.65 13.48
C SER A 691 -29.77 103.38 14.04
N ALA A 692 -29.86 103.50 15.37
CA ALA A 692 -30.95 104.27 15.96
C ALA A 692 -30.70 105.77 15.78
N LEU A 693 -29.44 106.19 15.78
CA LEU A 693 -29.15 107.62 15.69
C LEU A 693 -29.41 108.16 14.28
N ILE A 694 -29.24 107.32 13.27
CA ILE A 694 -29.28 107.82 11.90
C ILE A 694 -30.72 107.97 11.38
N MET A 695 -31.65 107.13 11.83
CA MET A 695 -32.96 107.04 11.19
C MET A 695 -34.11 107.44 12.11
N ILE A 696 -33.91 108.43 12.97
CA ILE A 696 -35.05 108.97 13.70
C ILE A 696 -35.86 109.86 12.77
N GLN A 697 -37.19 109.73 12.89
CA GLN A 697 -38.19 110.42 12.07
C GLN A 697 -37.95 110.18 10.58
N GLN A 698 -37.95 108.90 10.20
CA GLN A 698 -37.84 108.51 8.80
C GLN A 698 -38.83 107.38 8.58
N THR A 699 -39.74 107.57 7.61
CA THR A 699 -40.72 106.53 7.33
C THR A 699 -40.16 105.52 6.34
N GLU A 700 -40.96 104.48 6.08
CA GLU A 700 -40.53 103.41 5.18
C GLU A 700 -40.45 103.87 3.73
N ILE A 701 -41.28 104.84 3.35
CA ILE A 701 -41.22 105.38 2.00
C ILE A 701 -40.01 106.29 1.81
N THR A 702 -39.46 106.85 2.88
CA THR A 702 -38.26 107.67 2.77
C THR A 702 -37.02 106.82 2.55
N CYS A 703 -36.87 105.73 3.31
CA CYS A 703 -35.81 104.78 3.08
C CYS A 703 -36.34 103.41 3.50
N PRO A 704 -36.05 102.36 2.72
CA PRO A 704 -36.70 101.07 2.94
C PRO A 704 -36.10 100.21 4.05
N LYS A 705 -35.29 100.78 4.93
CA LYS A 705 -34.65 100.02 5.99
C LYS A 705 -35.19 100.35 7.38
N VAL A 706 -36.30 101.08 7.47
CA VAL A 706 -36.82 101.49 8.77
C VAL A 706 -37.48 100.32 9.47
N ASN A 707 -38.51 99.75 8.85
CA ASN A 707 -39.27 98.66 9.48
C ASN A 707 -38.49 97.36 9.51
N GLN A 708 -37.44 97.26 8.70
CA GLN A 708 -36.51 96.13 8.78
C GLN A 708 -35.81 96.09 10.13
N PHE A 709 -35.43 97.25 10.64
CA PHE A 709 -34.65 97.30 11.86
C PHE A 709 -35.51 97.46 13.10
N ARG A 710 -36.75 97.95 12.95
CA ARG A 710 -37.67 98.00 14.09
C ARG A 710 -38.04 96.60 14.55
N GLN A 711 -38.29 95.70 13.61
CA GLN A 711 -38.50 94.31 13.96
C GLN A 711 -37.20 93.60 14.30
N LEU A 712 -36.06 94.13 13.84
CA LEU A 712 -34.78 93.58 14.27
C LEU A 712 -34.46 93.99 15.69
N TYR A 713 -34.80 95.22 16.05
CA TYR A 713 -34.75 95.64 17.45
C TYR A 713 -35.72 94.83 18.29
N SER A 714 -36.90 94.56 17.74
CA SER A 714 -37.92 93.82 18.48
C SER A 714 -37.57 92.35 18.59
N LYS A 715 -36.78 91.84 17.65
CA LYS A 715 -36.34 90.45 17.72
C LYS A 715 -35.35 90.25 18.85
N VAL A 716 -34.33 91.11 18.92
CA VAL A 716 -33.27 90.92 19.90
C VAL A 716 -33.68 91.37 21.30
N ILE A 717 -34.75 92.16 21.43
CA ILE A 717 -35.19 92.53 22.77
C ILE A 717 -36.17 91.50 23.34
N ASN A 718 -36.88 90.77 22.49
CA ASN A 718 -37.68 89.63 22.93
C ASN A 718 -36.90 88.33 22.85
N ASP A 719 -35.66 88.39 22.37
CA ASP A 719 -34.75 87.26 22.49
C ASP A 719 -34.35 87.09 23.95
N LYS A 720 -34.01 85.87 24.32
CA LYS A 720 -33.64 85.53 25.68
C LYS A 720 -32.15 85.27 25.87
N HIS A 721 -31.50 84.63 24.91
CA HIS A 721 -30.16 84.11 25.08
C HIS A 721 -29.08 85.04 24.53
N ASP A 722 -29.27 86.35 24.64
CA ASP A 722 -28.23 87.31 24.37
C ASP A 722 -27.71 87.88 25.69
N ASP A 723 -26.71 88.75 25.59
CA ASP A 723 -26.15 89.38 26.77
C ASP A 723 -27.00 90.55 27.22
N VAL A 724 -26.78 90.98 28.46
CA VAL A 724 -27.28 92.27 28.90
C VAL A 724 -26.58 93.37 28.11
N MET A 725 -25.29 93.18 27.85
CA MET A 725 -24.53 94.06 26.95
C MET A 725 -25.10 94.04 25.54
N ALA A 726 -25.56 92.86 25.08
CA ALA A 726 -26.12 92.77 23.75
C ALA A 726 -27.50 93.41 23.63
N LYS A 727 -28.27 93.43 24.72
CA LYS A 727 -29.61 94.00 24.68
C LYS A 727 -29.70 95.40 25.27
N PHE A 728 -28.61 95.91 25.87
CA PHE A 728 -28.63 97.30 26.36
C PHE A 728 -28.78 98.28 25.21
N GLY A 729 -28.14 97.98 24.08
CA GLY A 729 -28.28 98.83 22.90
C GLY A 729 -29.64 98.72 22.25
N ALA A 730 -30.33 97.60 22.46
CA ALA A 730 -31.63 97.40 21.81
C ALA A 730 -32.72 98.22 22.48
N ILE A 731 -32.82 98.11 23.81
CA ILE A 731 -33.79 98.92 24.56
C ILE A 731 -33.44 100.40 24.47
N LEU A 732 -32.17 100.74 24.33
CA LEU A 732 -31.80 102.13 24.10
C LEU A 732 -32.22 102.57 22.70
N ALA A 733 -32.18 101.66 21.73
CA ALA A 733 -32.58 102.00 20.36
C ALA A 733 -34.07 102.27 20.25
N GLN A 734 -34.87 101.63 21.11
CA GLN A 734 -36.29 101.94 21.16
C GLN A 734 -36.52 103.33 21.73
N GLY A 735 -35.67 103.77 22.67
CA GLY A 735 -35.81 105.09 23.23
C GLY A 735 -35.39 106.19 22.27
N ILE A 736 -34.38 105.92 21.43
CA ILE A 736 -33.90 106.94 20.50
C ILE A 736 -34.90 107.14 19.37
N LEU A 737 -35.46 106.04 18.85
CA LEU A 737 -36.12 106.06 17.56
C LEU A 737 -37.45 106.81 17.59
N ASP A 738 -38.05 106.95 18.76
CA ASP A 738 -39.33 107.65 18.89
C ASP A 738 -39.21 108.81 19.86
N ALA A 739 -38.04 109.46 19.89
CA ALA A 739 -37.75 110.46 20.90
C ALA A 739 -38.51 111.75 20.67
N GLY A 740 -38.97 112.36 21.75
CA GLY A 740 -39.75 113.58 21.67
C GLY A 740 -41.13 113.44 21.10
N GLY A 741 -41.66 112.22 21.03
CA GLY A 741 -42.94 111.99 20.38
C GLY A 741 -42.90 112.26 18.89
N HIS A 742 -41.78 111.92 18.23
CA HIS A 742 -41.53 112.18 16.81
C HIS A 742 -41.64 113.66 16.47
N ASN A 743 -41.13 114.52 17.34
CA ASN A 743 -41.18 115.97 17.13
C ASN A 743 -39.82 116.63 17.09
N VAL A 744 -38.81 116.03 17.71
CA VAL A 744 -37.46 116.57 17.72
C VAL A 744 -36.54 115.62 16.96
N THR A 745 -35.35 116.12 16.64
CA THR A 745 -34.32 115.32 15.99
C THR A 745 -32.97 115.67 16.59
N ILE A 746 -31.96 114.90 16.22
CA ILE A 746 -30.58 115.24 16.52
C ILE A 746 -29.94 115.83 15.27
N SER A 747 -29.24 116.95 15.45
CA SER A 747 -28.56 117.61 14.35
C SER A 747 -27.46 118.47 14.95
N LEU A 748 -26.22 118.02 14.82
CA LEU A 748 -25.09 118.88 15.15
C LEU A 748 -24.99 120.06 14.19
N GLN A 749 -25.41 119.85 12.94
CA GLN A 749 -25.57 120.93 11.98
C GLN A 749 -26.83 121.72 12.30
N SER A 750 -26.69 123.04 12.36
CA SER A 750 -27.83 123.89 12.67
C SER A 750 -28.52 124.34 11.38
N ARG A 751 -29.38 125.34 11.52
CA ARG A 751 -30.13 125.96 10.44
C ARG A 751 -29.24 126.61 9.38
N THR A 752 -28.49 127.64 9.76
CA THR A 752 -27.87 128.55 8.80
C THR A 752 -26.41 128.24 8.53
N GLY A 753 -26.02 126.96 8.50
CA GLY A 753 -24.64 126.60 8.24
C GLY A 753 -23.76 126.48 9.46
N HIS A 754 -24.06 127.22 10.51
CA HIS A 754 -23.38 127.13 11.79
C HIS A 754 -23.69 125.78 12.46
N THR A 755 -22.95 125.43 13.50
CA THR A 755 -23.21 124.21 14.26
C THR A 755 -23.58 124.56 15.70
N HIS A 756 -24.38 123.70 16.32
CA HIS A 756 -24.84 123.95 17.68
C HIS A 756 -23.75 123.62 18.69
N MET A 757 -23.55 124.50 19.66
CA MET A 757 -22.76 124.13 20.83
C MET A 757 -23.46 123.16 21.80
N PRO A 758 -24.81 123.11 21.98
CA PRO A 758 -25.32 122.05 22.86
C PRO A 758 -25.36 120.69 22.20
N SER A 759 -25.66 120.62 20.90
CA SER A 759 -25.77 119.34 20.22
C SER A 759 -24.42 118.64 20.06
N VAL A 760 -23.32 119.39 20.09
CA VAL A 760 -22.00 118.77 20.07
C VAL A 760 -21.64 118.25 21.45
N VAL A 761 -21.76 119.11 22.47
CA VAL A 761 -21.39 118.74 23.83
C VAL A 761 -22.33 117.67 24.37
N GLY A 762 -23.60 117.70 23.96
CA GLY A 762 -24.55 116.70 24.42
C GLY A 762 -24.26 115.32 23.90
N VAL A 763 -23.74 115.22 22.68
CA VAL A 763 -23.52 113.89 22.11
C VAL A 763 -22.15 113.33 22.52
N LEU A 764 -21.17 114.19 22.82
CA LEU A 764 -19.82 113.67 23.06
C LEU A 764 -19.68 113.13 24.48
N VAL A 765 -20.44 113.68 25.44
CA VAL A 765 -20.44 113.07 26.76
C VAL A 765 -21.38 111.87 26.74
N PHE A 766 -22.30 111.84 25.77
CA PHE A 766 -23.14 110.64 25.58
C PHE A 766 -22.31 109.48 25.03
N THR A 767 -21.17 109.75 24.39
CA THR A 767 -20.25 108.68 24.01
C THR A 767 -19.65 108.00 25.23
N GLN A 768 -19.59 108.72 26.35
CA GLN A 768 -19.02 108.20 27.59
C GLN A 768 -20.07 107.47 28.43
N PHE A 769 -20.79 106.56 27.80
CA PHE A 769 -21.72 105.71 28.53
C PHE A 769 -21.10 104.39 28.92
N TRP A 770 -19.88 104.10 28.47
CA TRP A 770 -19.16 102.96 29.01
C TRP A 770 -18.81 103.17 30.48
N PHE A 771 -18.24 104.31 30.80
CA PHE A 771 -17.65 104.53 32.12
C PHE A 771 -18.67 104.99 33.14
N TRP A 772 -19.83 105.45 32.69
CA TRP A 772 -20.87 105.98 33.59
C TRP A 772 -22.18 105.94 32.82
N PHE A 773 -23.14 105.16 33.30
CA PHE A 773 -24.45 105.15 32.65
C PHE A 773 -25.25 106.46 32.80
N PRO A 774 -25.30 107.16 33.99
CA PRO A 774 -26.09 108.41 34.01
C PRO A 774 -25.52 109.60 33.24
N LEU A 775 -24.44 109.43 32.48
CA LEU A 775 -24.10 110.46 31.50
C LEU A 775 -25.01 110.44 30.28
N SER A 776 -25.84 109.40 30.13
CA SER A 776 -26.72 109.28 28.97
C SER A 776 -27.89 110.23 29.01
N HIS A 777 -28.12 110.92 30.14
CA HIS A 777 -29.14 111.96 30.18
C HIS A 777 -28.75 113.19 29.34
N PHE A 778 -27.47 113.36 29.05
CA PHE A 778 -26.99 114.55 28.35
C PHE A 778 -27.36 114.59 26.87
N LEU A 779 -27.87 113.50 26.30
CA LEU A 779 -28.28 113.50 24.91
C LEU A 779 -29.55 114.32 24.68
N SER A 780 -30.29 114.63 25.74
CA SER A 780 -31.48 115.48 25.65
C SER A 780 -31.15 116.91 25.22
N LEU A 781 -29.91 117.35 25.37
CA LEU A 781 -29.51 118.65 24.86
C LEU A 781 -29.50 118.68 23.33
N ALA A 782 -29.24 117.55 22.70
CA ALA A 782 -29.16 117.46 21.24
C ALA A 782 -30.51 117.23 20.57
N TYR A 783 -31.62 117.40 21.30
CA TYR A 783 -32.95 117.20 20.76
C TYR A 783 -33.48 118.55 20.29
N THR A 784 -33.34 118.82 18.99
CA THR A 784 -33.75 120.07 18.37
C THR A 784 -35.03 119.87 17.60
N PRO A 785 -35.97 120.82 17.64
CA PRO A 785 -37.31 120.56 17.09
C PRO A 785 -37.33 120.57 15.57
N THR A 786 -38.17 119.72 15.02
CA THR A 786 -38.44 119.71 13.57
C THR A 786 -39.73 120.48 13.29
N CYS A 787 -39.78 121.73 13.68
CA CYS A 787 -40.99 122.52 13.52
C CYS A 787 -40.68 123.92 13.02
N VAL A 788 -41.66 124.52 12.33
CA VAL A 788 -41.65 125.92 11.96
C VAL A 788 -42.63 126.65 12.86
N ILE A 789 -42.46 127.97 12.99
CA ILE A 789 -43.28 128.79 13.87
C ILE A 789 -43.65 130.08 13.13
N GLY A 790 -44.94 130.34 13.01
CA GLY A 790 -45.43 131.45 12.21
C GLY A 790 -45.83 132.68 12.99
N LEU A 791 -45.03 133.04 13.99
CA LEU A 791 -45.32 134.17 14.87
C LEU A 791 -45.08 135.48 14.15
N ASN A 792 -46.13 136.25 13.91
CA ASN A 792 -46.00 137.49 13.13
C ASN A 792 -45.76 138.71 14.02
N LYS A 793 -46.63 138.94 14.99
CA LYS A 793 -46.43 140.00 15.96
C LYS A 793 -45.63 139.41 17.13
N ASP A 794 -45.39 140.21 18.17
CA ASP A 794 -44.70 139.72 19.34
C ASP A 794 -45.53 138.69 20.12
N LEU A 795 -46.85 138.73 19.98
CA LEU A 795 -47.74 137.86 20.74
C LEU A 795 -48.61 136.97 19.85
N LYS A 796 -49.10 137.48 18.73
CA LYS A 796 -50.09 136.78 17.93
C LYS A 796 -49.46 135.62 17.15
N MET A 797 -49.94 134.42 17.40
CA MET A 797 -49.64 133.48 16.31
C MET A 797 -50.90 133.20 15.50
N PRO A 798 -50.96 133.66 14.25
CA PRO A 798 -52.22 133.57 13.49
C PRO A 798 -52.44 132.19 12.88
N LYS A 799 -53.68 131.75 12.75
CA LYS A 799 -53.93 130.38 12.29
C LYS A 799 -53.96 130.40 10.77
N VAL A 800 -52.88 129.89 10.18
CA VAL A 800 -52.55 130.06 8.77
C VAL A 800 -52.67 128.68 8.11
N GLN A 801 -52.94 128.67 6.81
CA GLN A 801 -53.07 127.44 6.03
C GLN A 801 -52.09 127.50 4.86
N TYR A 802 -51.17 126.54 4.81
CA TYR A 802 -50.22 126.43 3.70
C TYR A 802 -49.99 124.95 3.43
N LYS A 803 -49.42 124.66 2.27
CA LYS A 803 -49.55 123.31 1.73
C LYS A 803 -48.22 122.67 1.34
N SER A 804 -48.27 121.53 0.66
CA SER A 804 -47.11 120.71 0.36
C SER A 804 -46.83 120.61 -1.14
N ASN A 805 -45.69 120.00 -1.46
CA ASN A 805 -45.29 119.77 -2.85
C ASN A 805 -44.61 118.42 -3.05
N CYS A 806 -44.94 117.42 -2.23
CA CYS A 806 -44.42 116.04 -2.31
C CYS A 806 -44.66 115.43 -3.67
N LYS A 807 -43.77 114.53 -4.11
CA LYS A 807 -43.69 114.18 -5.52
C LYS A 807 -44.89 113.31 -5.95
N PRO A 808 -45.06 112.13 -5.34
CA PRO A 808 -46.15 111.21 -5.60
C PRO A 808 -46.98 110.77 -4.37
N SER A 809 -46.60 111.12 -3.13
CA SER A 809 -47.39 110.66 -1.97
C SER A 809 -47.38 111.45 -0.64
N THR A 810 -47.71 110.70 0.41
CA THR A 810 -47.82 111.16 1.80
C THR A 810 -47.08 110.19 2.71
N PHE A 811 -46.71 110.68 3.89
CA PHE A 811 -45.96 109.90 4.89
C PHE A 811 -45.93 110.58 6.24
N ALA A 812 -45.05 110.06 7.09
CA ALA A 812 -44.75 110.54 8.45
C ALA A 812 -45.77 110.48 9.59
N TYR A 813 -45.23 110.17 10.76
CA TYR A 813 -45.96 110.12 12.04
C TYR A 813 -47.13 109.16 12.27
N PRO A 814 -47.20 108.01 11.55
CA PRO A 814 -48.33 107.15 11.91
C PRO A 814 -48.29 106.56 13.33
N ALA A 815 -47.19 105.88 13.65
CA ALA A 815 -47.08 104.94 14.78
C ALA A 815 -48.33 104.15 15.14
N PRO A 816 -48.94 103.40 14.19
CA PRO A 816 -50.31 102.90 14.47
C PRO A 816 -50.41 101.50 15.07
N LEU A 817 -49.37 100.68 14.92
CA LEU A 817 -49.55 99.23 14.95
C LEU A 817 -49.33 98.68 16.35
N GLU A 818 -50.41 98.35 17.04
CA GLU A 818 -50.30 97.68 18.33
C GLU A 818 -51.24 96.48 18.41
N VAL A 819 -51.22 95.63 17.38
CA VAL A 819 -51.95 94.38 17.42
C VAL A 819 -51.03 93.30 17.99
N PRO A 820 -51.56 92.32 18.73
CA PRO A 820 -50.73 91.22 19.22
C PRO A 820 -50.53 90.07 18.23
N LYS A 821 -51.03 90.22 16.99
CA LYS A 821 -51.02 89.18 15.96
C LYS A 821 -51.70 87.91 16.47
N GLU A 822 -53.02 88.02 16.65
CA GLU A 822 -53.85 86.86 17.01
C GLU A 822 -53.82 85.83 15.90
N LYS A 823 -53.15 84.70 16.16
CA LYS A 823 -52.94 83.66 15.16
C LYS A 823 -53.57 82.35 15.63
N GLU A 824 -53.84 81.48 14.66
CA GLU A 824 -54.51 80.22 14.91
C GLU A 824 -53.79 79.11 14.17
N LYS A 825 -53.48 78.01 14.86
CA LYS A 825 -53.06 76.80 14.17
C LYS A 825 -54.24 76.21 13.40
N GLU A 826 -55.29 75.81 14.13
CA GLU A 826 -56.68 75.70 13.70
C GLU A 826 -56.98 74.54 12.76
N LYS A 827 -55.97 73.99 12.09
CA LYS A 827 -56.13 73.01 11.01
C LYS A 827 -54.77 72.40 10.67
N VAL A 828 -54.82 71.17 10.18
CA VAL A 828 -53.79 70.58 9.34
C VAL A 828 -54.50 70.07 8.10
N SER A 829 -54.00 70.43 6.92
CA SER A 829 -54.70 70.16 5.67
C SER A 829 -54.74 68.67 5.37
N THR A 830 -55.95 68.16 5.13
CA THR A 830 -56.16 66.74 4.84
C THR A 830 -55.65 66.46 3.44
N ALA A 831 -54.48 65.83 3.35
CA ALA A 831 -53.80 65.60 2.09
C ALA A 831 -53.99 64.19 1.56
N VAL A 832 -55.13 63.56 1.83
CA VAL A 832 -55.43 62.24 1.29
C VAL A 832 -55.76 62.40 -0.18
N LEU A 833 -54.82 62.07 -1.06
CA LEU A 833 -55.00 62.19 -2.50
C LEU A 833 -55.27 60.79 -3.04
N SER A 834 -56.52 60.56 -3.41
CA SER A 834 -57.10 59.23 -3.60
C SER A 834 -58.33 59.38 -4.49
N ILE A 835 -59.27 58.44 -4.35
CA ILE A 835 -60.62 58.53 -4.93
C ILE A 835 -61.41 59.76 -4.48
N THR A 836 -60.91 60.48 -3.47
CA THR A 836 -61.45 61.78 -3.04
C THR A 836 -61.55 62.79 -4.18
N ALA A 837 -60.64 62.73 -5.16
CA ALA A 837 -60.52 63.80 -6.15
C ALA A 837 -61.71 63.83 -7.09
N LYS A 838 -62.16 62.67 -7.57
CA LYS A 838 -63.35 62.63 -8.41
C LYS A 838 -64.63 62.61 -7.58
N ALA A 839 -64.54 62.38 -6.27
CA ALA A 839 -65.73 62.35 -5.43
C ALA A 839 -66.17 63.76 -5.06
N LYS A 840 -65.22 64.68 -4.87
CA LYS A 840 -65.58 66.08 -4.67
C LYS A 840 -66.05 66.74 -5.96
N LYS A 841 -65.58 66.23 -7.11
CA LYS A 841 -65.95 66.80 -8.40
C LYS A 841 -67.41 66.54 -8.73
N LYS A 842 -67.90 65.32 -8.47
CA LYS A 842 -69.31 65.02 -8.67
C LYS A 842 -70.19 65.67 -7.61
N GLU A 843 -69.61 66.07 -6.48
CA GLU A 843 -70.35 66.85 -5.50
C GLU A 843 -70.55 68.28 -5.97
N LYS A 844 -69.57 68.84 -6.68
CA LYS A 844 -69.75 70.16 -7.28
C LYS A 844 -70.75 70.13 -8.43
N GLU A 845 -70.93 68.96 -9.07
CA GLU A 845 -72.01 68.79 -10.02
C GLU A 845 -73.37 68.79 -9.34
N LYS A 846 -73.42 68.31 -8.08
CA LYS A 846 -74.68 68.30 -7.34
C LYS A 846 -75.10 69.72 -6.95
N GLU A 847 -74.14 70.63 -6.80
CA GLU A 847 -74.49 72.00 -6.48
C GLU A 847 -74.96 72.79 -7.70
N LYS A 848 -74.64 72.33 -8.91
CA LYS A 848 -75.09 73.01 -10.11
C LYS A 848 -76.57 72.72 -10.42
N LYS A 849 -77.20 71.80 -9.70
CA LYS A 849 -78.64 71.66 -9.72
C LYS A 849 -79.31 72.42 -8.57
N GLU A 850 -78.62 72.56 -7.44
CA GLU A 850 -79.19 73.13 -6.23
C GLU A 850 -78.95 74.63 -6.09
N GLU A 851 -77.81 75.14 -6.53
CA GLU A 851 -77.54 76.56 -6.34
C GLU A 851 -78.23 77.42 -7.39
N GLU A 852 -77.85 77.24 -8.66
CA GLU A 852 -78.25 78.16 -9.73
C GLU A 852 -79.69 77.99 -10.19
N LYS A 853 -80.44 77.05 -9.60
CA LYS A 853 -81.81 76.82 -10.04
C LYS A 853 -82.86 77.23 -9.02
N MET A 854 -82.49 77.42 -7.76
CA MET A 854 -83.46 77.86 -6.75
C MET A 854 -83.27 79.32 -6.35
N GLU A 855 -82.12 79.68 -5.77
CA GLU A 855 -81.86 81.04 -5.36
C GLU A 855 -80.37 81.25 -5.13
N VAL A 856 -79.69 81.89 -6.09
CA VAL A 856 -78.43 82.57 -5.81
C VAL A 856 -78.32 83.83 -6.66
N ASP A 857 -78.42 84.99 -6.02
CA ASP A 857 -78.35 86.27 -6.72
C ASP A 857 -77.49 87.28 -5.96
N GLU A 858 -76.33 86.83 -5.47
CA GLU A 858 -75.46 87.68 -4.67
C GLU A 858 -74.37 88.31 -5.54
N ALA A 859 -74.09 89.58 -5.27
CA ALA A 859 -73.11 90.32 -6.07
C ALA A 859 -72.39 91.30 -5.16
N GLU A 860 -71.29 91.83 -5.68
CA GLU A 860 -70.44 92.77 -4.94
C GLU A 860 -69.88 93.76 -5.95
N LYS A 861 -69.36 94.88 -5.47
CA LYS A 861 -68.91 95.96 -6.34
C LYS A 861 -67.41 96.19 -6.12
N LYS A 862 -66.72 96.46 -7.22
CA LYS A 862 -65.27 96.66 -7.29
C LYS A 862 -64.99 98.17 -7.30
N GLU A 863 -63.71 98.52 -7.15
CA GLU A 863 -63.07 99.83 -7.35
C GLU A 863 -63.66 100.98 -6.54
N GLU A 864 -64.40 100.70 -5.47
CA GLU A 864 -64.74 101.77 -4.53
C GLU A 864 -63.54 102.15 -3.68
N LYS A 865 -62.73 101.16 -3.30
CA LYS A 865 -61.60 101.40 -2.40
C LYS A 865 -60.39 101.98 -3.12
N GLU A 866 -60.31 101.79 -4.44
CA GLU A 866 -59.28 102.41 -5.25
C GLU A 866 -59.58 103.88 -5.55
N LYS A 867 -60.85 104.28 -5.43
CA LYS A 867 -61.28 105.61 -5.89
C LYS A 867 -60.78 106.71 -4.97
N LYS A 868 -60.75 106.48 -3.66
CA LYS A 868 -60.37 107.51 -2.70
C LYS A 868 -58.86 107.76 -2.65
N LYS A 869 -58.05 106.91 -3.29
CA LYS A 869 -56.60 107.01 -3.13
C LYS A 869 -56.00 108.09 -4.02
N GLU A 870 -56.37 108.12 -5.29
CA GLU A 870 -55.71 109.02 -6.23
C GLU A 870 -56.00 110.52 -6.11
N PRO A 871 -57.16 111.04 -5.66
CA PRO A 871 -57.28 112.50 -5.53
C PRO A 871 -56.68 113.09 -4.27
N GLU A 872 -55.79 112.36 -3.59
CA GLU A 872 -55.26 112.62 -2.26
C GLU A 872 -54.57 113.98 -2.09
N PRO A 873 -54.42 114.40 -0.82
CA PRO A 873 -53.86 115.65 -0.34
C PRO A 873 -52.39 115.67 0.03
N ASN A 874 -51.61 116.37 -0.78
CA ASN A 874 -50.21 116.56 -0.53
C ASN A 874 -50.19 118.03 -0.16
N PHE A 875 -51.41 118.57 -0.09
CA PHE A 875 -51.68 119.96 0.22
C PHE A 875 -52.16 120.13 1.67
N GLN A 876 -51.51 119.43 2.62
CA GLN A 876 -51.94 119.43 4.02
C GLN A 876 -51.73 120.79 4.68
N LEU A 877 -52.80 121.33 5.25
CA LEU A 877 -52.75 122.64 5.88
C LEU A 877 -52.35 122.51 7.35
N LEU A 878 -51.64 123.52 7.85
CA LEU A 878 -50.94 123.40 9.13
C LEU A 878 -50.98 124.71 9.89
N ASP A 879 -51.35 124.65 11.17
CA ASP A 879 -51.32 125.80 12.05
C ASP A 879 -49.90 126.18 12.43
N ASN A 880 -49.77 127.22 13.29
CA ASN A 880 -48.53 127.92 13.62
C ASN A 880 -47.33 127.06 14.02
N PRO A 881 -47.39 126.17 15.05
CA PRO A 881 -46.14 125.51 15.47
C PRO A 881 -45.86 124.26 14.66
N ALA A 882 -45.99 124.34 13.35
CA ALA A 882 -46.17 123.16 12.50
C ALA A 882 -44.90 122.34 12.40
N ARG A 883 -45.02 121.06 12.76
CA ARG A 883 -43.96 120.11 12.49
C ARG A 883 -43.82 119.87 11.00
N VAL A 884 -42.59 119.58 10.59
CA VAL A 884 -42.25 119.18 9.23
C VAL A 884 -40.93 118.43 9.31
N MET A 885 -40.84 117.32 8.58
CA MET A 885 -39.59 116.59 8.50
C MET A 885 -38.53 117.46 7.85
N PRO A 886 -37.29 117.47 8.37
CA PRO A 886 -36.25 118.34 7.79
C PRO A 886 -35.85 118.01 6.36
N ALA A 887 -36.28 116.86 5.82
CA ALA A 887 -36.13 116.62 4.40
C ALA A 887 -37.11 117.43 3.56
N GLN A 888 -38.21 117.90 4.17
CA GLN A 888 -39.19 118.68 3.44
C GLN A 888 -39.22 120.14 3.87
N LEU A 889 -38.06 120.72 4.11
CA LEU A 889 -37.99 122.17 4.30
C LEU A 889 -37.98 122.92 2.98
N LYS A 890 -37.77 122.20 1.87
CA LYS A 890 -37.66 122.80 0.55
C LYS A 890 -38.84 122.47 -0.36
N VAL A 891 -39.64 121.46 -0.03
CA VAL A 891 -40.80 121.10 -0.85
C VAL A 891 -42.07 121.39 -0.07
N LEU A 892 -42.01 122.37 0.82
CA LEU A 892 -43.21 122.96 1.38
C LEU A 892 -43.70 124.06 0.43
N THR A 893 -44.78 124.72 0.80
CA THR A 893 -45.38 125.76 -0.04
C THR A 893 -45.81 126.92 0.86
N MET A 894 -45.56 128.15 0.41
CA MET A 894 -45.92 129.32 1.17
C MET A 894 -47.43 129.52 1.17
N PRO A 895 -48.00 130.13 2.22
CA PRO A 895 -49.46 130.40 2.23
C PRO A 895 -49.87 131.59 1.37
N GLU A 896 -49.81 131.41 0.05
CA GLU A 896 -50.24 132.48 -0.84
C GLU A 896 -51.74 132.49 -1.07
N THR A 897 -52.42 131.36 -0.83
CA THR A 897 -53.86 131.29 -1.04
C THR A 897 -54.64 132.01 0.06
N CYS A 898 -54.02 132.26 1.21
CA CYS A 898 -54.67 132.97 2.29
C CYS A 898 -54.42 134.47 2.17
N ARG A 899 -55.11 135.23 3.01
CA ARG A 899 -54.89 136.67 3.06
C ARG A 899 -53.51 136.98 3.65
N TYR A 900 -53.07 136.16 4.60
CA TYR A 900 -51.89 136.45 5.42
C TYR A 900 -50.72 135.66 4.86
N GLN A 901 -49.86 136.34 4.09
CA GLN A 901 -48.83 135.74 3.25
C GLN A 901 -47.44 136.08 3.78
N PRO A 902 -46.47 135.16 3.69
CA PRO A 902 -45.21 135.34 4.44
C PRO A 902 -44.30 136.39 3.82
N PHE A 903 -43.37 136.87 4.64
CA PHE A 903 -42.39 137.85 4.22
C PHE A 903 -40.96 137.37 4.30
N LYS A 904 -40.57 136.70 5.38
CA LYS A 904 -39.23 136.14 5.51
C LYS A 904 -39.06 134.99 4.53
N PRO A 905 -37.88 134.86 3.93
CA PRO A 905 -37.57 133.67 3.11
C PRO A 905 -37.70 132.39 3.91
N LEU A 906 -38.69 131.58 3.54
CA LEU A 906 -39.11 130.40 4.28
C LEU A 906 -38.62 129.18 3.52
N SER A 907 -37.48 128.62 3.96
CA SER A 907 -36.95 127.43 3.34
C SER A 907 -36.35 126.44 4.34
N ILE A 908 -36.44 126.70 5.64
CA ILE A 908 -35.80 125.84 6.64
C ILE A 908 -36.49 126.08 7.98
N GLY A 909 -36.61 125.01 8.77
CA GLY A 909 -37.45 125.03 9.95
C GLY A 909 -36.86 125.83 11.09
N GLY A 910 -37.75 126.29 11.97
CA GLY A 910 -37.38 127.19 13.04
C GLY A 910 -38.49 128.16 13.40
N ILE A 911 -38.22 129.45 13.29
CA ILE A 911 -39.22 130.47 13.59
C ILE A 911 -39.08 131.59 12.55
N ILE A 912 -40.22 132.08 12.08
CA ILE A 912 -40.29 133.13 11.07
C ILE A 912 -41.29 134.19 11.52
N ILE A 913 -41.33 135.30 10.79
CA ILE A 913 -42.47 136.21 10.83
C ILE A 913 -43.29 135.99 9.58
N LEU A 914 -44.60 136.04 9.73
CA LEU A 914 -45.51 136.24 8.62
C LEU A 914 -45.61 137.73 8.36
N LYS A 915 -45.85 138.10 7.11
CA LYS A 915 -46.36 139.44 6.84
C LYS A 915 -47.85 139.31 7.00
N ASP A 916 -48.34 139.66 8.18
CA ASP A 916 -49.78 139.77 8.36
C ASP A 916 -50.20 140.95 7.51
N THR A 917 -50.91 140.64 6.43
CA THR A 917 -51.23 141.63 5.41
C THR A 917 -52.37 142.52 5.85
N SER A 918 -53.01 143.19 4.89
CA SER A 918 -54.00 144.25 5.08
C SER A 918 -55.12 143.95 6.07
N GLU A 919 -55.75 145.01 6.56
CA GLU A 919 -56.46 145.18 7.83
C GLU A 919 -57.57 144.16 8.08
N ASP A 920 -58.08 144.12 9.33
CA ASP A 920 -58.82 143.04 10.03
C ASP A 920 -57.90 141.86 10.37
N ILE A 921 -57.00 142.14 11.32
CA ILE A 921 -56.08 141.17 11.91
C ILE A 921 -56.83 140.35 12.97
N GLU A 922 -56.64 139.02 12.96
CA GLU A 922 -57.46 138.13 13.78
C GLU A 922 -56.65 136.90 14.20
N GLU A 923 -57.37 135.85 14.64
CA GLU A 923 -56.91 134.46 14.78
C GLU A 923 -55.82 134.29 15.85
N LEU A 924 -56.21 134.53 17.10
CA LEU A 924 -55.38 134.19 18.25
C LEU A 924 -55.43 132.69 18.54
N VAL A 925 -54.35 132.17 19.13
CA VAL A 925 -54.38 130.90 19.86
C VAL A 925 -53.31 130.95 20.96
N GLU A 926 -53.73 130.75 22.20
CA GLU A 926 -52.85 130.70 23.36
C GLU A 926 -53.41 129.66 24.33
N PRO A 927 -52.92 128.41 24.29
CA PRO A 927 -53.33 127.41 25.28
C PRO A 927 -52.42 127.38 26.51
N PRO B 17 -23.43 96.06 -67.21
CA PRO B 17 -24.67 96.10 -66.42
C PRO B 17 -25.43 94.76 -66.25
N PRO B 18 -25.37 93.77 -67.19
CA PRO B 18 -25.77 92.41 -66.79
C PRO B 18 -24.62 91.64 -66.18
N GLY B 19 -23.40 92.11 -66.42
CA GLY B 19 -22.23 91.45 -65.86
C GLY B 19 -21.77 92.05 -64.54
N GLY B 20 -21.59 93.37 -64.52
CA GLY B 20 -21.12 94.06 -63.33
C GLY B 20 -22.23 94.76 -62.58
N GLY B 21 -23.27 95.20 -63.30
CA GLY B 21 -24.41 95.84 -62.67
C GLY B 21 -25.24 94.91 -61.81
N GLU B 22 -25.23 93.62 -62.12
CA GLU B 22 -25.85 92.62 -61.26
C GLU B 22 -24.97 92.25 -60.07
N GLN B 23 -23.67 92.55 -60.15
CA GLN B 23 -22.75 92.39 -59.03
C GLN B 23 -22.53 93.69 -58.28
N GLU B 24 -23.33 94.72 -58.56
CA GLU B 24 -23.49 95.93 -57.77
C GLU B 24 -24.31 95.82 -56.48
N PRO B 25 -25.37 95.00 -56.37
CA PRO B 25 -26.02 94.82 -55.03
C PRO B 25 -25.14 94.20 -53.95
N PRO B 26 -24.23 93.24 -54.19
CA PRO B 26 -23.45 92.69 -53.02
C PRO B 26 -22.46 93.63 -52.31
N PRO B 27 -21.90 94.61 -53.02
CA PRO B 27 -20.95 95.56 -52.43
C PRO B 27 -21.50 96.31 -51.23
N PRO B 28 -22.66 96.97 -51.40
CA PRO B 28 -23.33 97.77 -50.36
C PRO B 28 -23.84 96.97 -49.15
N PRO B 29 -24.59 95.89 -49.39
CA PRO B 29 -25.21 94.99 -48.41
C PRO B 29 -24.46 94.85 -47.08
N ALA B 30 -23.26 94.28 -47.12
CA ALA B 30 -22.47 94.08 -45.91
C ALA B 30 -22.00 95.40 -45.27
N PRO B 31 -20.96 96.00 -45.85
CA PRO B 31 -20.34 97.26 -45.39
C PRO B 31 -21.34 98.35 -44.99
N GLN B 32 -22.59 98.29 -45.42
CA GLN B 32 -23.59 99.16 -44.82
C GLN B 32 -23.96 98.72 -43.42
N ASP B 33 -23.68 97.47 -43.05
CA ASP B 33 -23.99 96.97 -41.71
C ASP B 33 -22.78 96.91 -40.79
N VAL B 34 -21.76 96.12 -41.15
CA VAL B 34 -20.72 95.86 -40.16
C VAL B 34 -19.66 96.96 -40.17
N GLU B 35 -19.45 97.64 -41.30
CA GLU B 35 -18.57 98.78 -41.30
C GLU B 35 -19.25 99.99 -40.68
N MET B 36 -20.58 100.03 -40.70
CA MET B 36 -21.29 101.10 -40.01
C MET B 36 -21.25 100.89 -38.50
N LYS B 37 -21.37 99.65 -38.05
CA LYS B 37 -21.32 99.37 -36.62
C LYS B 37 -19.91 99.47 -36.05
N GLU B 38 -18.89 99.67 -36.89
CA GLU B 38 -17.53 99.92 -36.41
C GLU B 38 -17.47 101.22 -35.61
N GLU B 39 -17.76 102.35 -36.27
CA GLU B 39 -17.71 103.62 -35.55
C GLU B 39 -18.91 103.81 -34.64
N ALA B 40 -19.98 103.05 -34.84
CA ALA B 40 -21.09 103.07 -33.88
C ALA B 40 -20.66 102.48 -32.55
N ALA B 41 -19.91 101.37 -32.59
CA ALA B 41 -19.35 100.83 -31.37
C ALA B 41 -18.15 101.63 -30.88
N THR B 42 -17.38 102.20 -31.81
CA THR B 42 -16.24 103.03 -31.43
C THR B 42 -16.70 104.34 -30.82
N GLY B 43 -17.65 105.01 -31.47
CA GLY B 43 -18.14 106.28 -30.96
C GLY B 43 -18.95 106.12 -29.68
N GLY B 44 -19.59 104.97 -29.51
CA GLY B 44 -20.30 104.71 -28.27
C GLY B 44 -19.35 104.38 -27.13
N GLY B 45 -18.35 103.55 -27.39
CA GLY B 45 -17.43 103.14 -26.34
C GLY B 45 -16.43 104.21 -25.96
N SER B 46 -16.03 105.06 -26.92
CA SER B 46 -15.16 106.18 -26.59
C SER B 46 -15.90 107.21 -25.74
N THR B 47 -17.19 107.41 -26.02
CA THR B 47 -18.02 108.27 -25.19
C THR B 47 -18.22 107.67 -23.81
N GLY B 48 -18.34 106.34 -23.73
CA GLY B 48 -18.53 105.69 -22.45
C GLY B 48 -17.32 105.79 -21.54
N GLU B 49 -16.12 105.80 -22.13
CA GLU B 49 -14.95 105.98 -21.28
C GLU B 49 -14.55 107.46 -21.13
N ALA B 50 -15.05 108.33 -21.99
CA ALA B 50 -14.83 109.77 -21.77
C ALA B 50 -15.68 110.28 -20.61
N ASP B 51 -16.83 109.65 -20.35
CA ASP B 51 -17.71 110.10 -19.29
C ASP B 51 -17.25 109.55 -17.94
N GLY B 52 -17.28 108.23 -17.79
CA GLY B 52 -16.77 107.58 -16.59
C GLY B 52 -15.50 106.82 -16.91
N LYS B 53 -14.66 106.64 -15.88
CA LYS B 53 -13.29 106.13 -16.00
C LYS B 53 -12.50 106.97 -17.01
N THR B 54 -12.26 108.21 -16.59
CA THR B 54 -11.74 109.24 -17.48
C THR B 54 -10.31 108.97 -17.94
N ALA B 55 -9.59 108.05 -17.30
CA ALA B 55 -8.35 107.52 -17.85
C ALA B 55 -8.72 106.52 -18.94
N ALA B 56 -8.89 107.02 -20.16
CA ALA B 56 -9.50 106.26 -21.25
C ALA B 56 -8.48 105.77 -22.27
N ALA B 57 -7.28 105.41 -21.83
CA ALA B 57 -6.26 104.93 -22.76
C ALA B 57 -6.55 103.52 -23.23
N ALA B 58 -7.15 102.69 -22.38
CA ALA B 58 -7.39 101.28 -22.67
C ALA B 58 -8.83 101.14 -23.15
N ALA B 59 -9.02 101.30 -24.45
CA ALA B 59 -10.31 101.11 -25.09
C ALA B 59 -10.05 100.67 -26.52
N GLU B 60 -11.06 100.80 -27.37
CA GLU B 60 -10.88 100.58 -28.80
C GLU B 60 -10.28 101.78 -29.52
N HIS B 61 -9.82 102.79 -28.76
CA HIS B 61 -9.02 103.88 -29.32
C HIS B 61 -7.81 103.36 -30.07
N SER B 62 -7.13 102.36 -29.50
CA SER B 62 -5.92 101.81 -30.09
C SER B 62 -6.23 100.95 -31.30
N GLN B 63 -7.24 100.09 -31.20
CA GLN B 63 -7.53 99.15 -32.29
C GLN B 63 -8.20 99.86 -33.47
N ARG B 64 -9.01 100.89 -33.20
CA ARG B 64 -9.53 101.71 -34.28
C ARG B 64 -8.42 102.50 -34.94
N GLU B 65 -7.43 102.94 -34.16
CA GLU B 65 -6.28 103.60 -34.74
C GLU B 65 -5.45 102.63 -35.57
N LEU B 66 -5.34 101.38 -35.13
CA LEU B 66 -4.75 100.35 -35.98
C LEU B 66 -5.65 100.04 -37.18
N ASP B 67 -6.97 100.20 -37.02
CA ASP B 67 -7.87 100.03 -38.15
C ASP B 67 -7.80 101.22 -39.11
N THR B 68 -7.76 102.45 -38.58
CA THR B 68 -7.71 103.60 -39.48
C THR B 68 -6.37 103.71 -40.22
N VAL B 69 -5.32 103.05 -39.72
CA VAL B 69 -4.14 102.85 -40.55
C VAL B 69 -4.41 101.77 -41.60
N THR B 70 -4.98 100.64 -41.16
CA THR B 70 -5.08 99.46 -42.03
C THR B 70 -6.46 99.31 -42.66
N LEU B 71 -7.52 99.22 -41.85
CA LEU B 71 -8.79 98.69 -42.32
C LEU B 71 -9.52 99.70 -43.20
N GLU B 72 -9.93 100.83 -42.62
CA GLU B 72 -10.82 101.75 -43.33
C GLU B 72 -10.14 102.52 -44.45
N ASP B 73 -8.81 102.45 -44.56
CA ASP B 73 -8.16 102.94 -45.77
C ASP B 73 -8.38 101.99 -46.94
N ILE B 74 -8.37 100.68 -46.69
CA ILE B 74 -8.60 99.72 -47.75
C ILE B 74 -9.98 99.08 -47.67
N LYS B 75 -10.76 99.36 -46.62
CA LYS B 75 -12.18 99.03 -46.67
C LYS B 75 -12.90 99.88 -47.71
N GLU B 76 -12.45 101.12 -47.89
CA GLU B 76 -13.03 102.03 -48.87
C GLU B 76 -12.01 103.12 -49.21
N HIS B 77 -11.88 103.40 -50.50
CA HIS B 77 -11.18 104.59 -50.98
C HIS B 77 -12.16 105.56 -51.61
N VAL B 78 -12.96 105.08 -52.57
CA VAL B 78 -14.07 105.83 -53.14
C VAL B 78 -15.22 105.70 -52.14
N LYS B 79 -16.26 106.52 -52.30
CA LYS B 79 -17.37 106.48 -51.37
C LYS B 79 -18.38 105.37 -51.64
N GLN B 80 -18.05 104.36 -52.46
CA GLN B 80 -18.71 103.04 -52.47
C GLN B 80 -20.21 103.14 -52.77
N LEU B 81 -20.51 103.47 -54.04
CA LEU B 81 -21.84 103.82 -54.51
C LEU B 81 -22.87 102.70 -54.25
N GLU B 82 -24.15 103.07 -54.44
CA GLU B 82 -25.32 102.45 -53.81
C GLU B 82 -25.18 102.54 -52.28
N LYS B 83 -24.66 103.68 -51.82
CA LYS B 83 -24.86 104.25 -50.49
C LYS B 83 -24.34 103.36 -49.36
N ALA B 84 -23.05 103.07 -49.40
CA ALA B 84 -22.35 102.49 -48.26
C ALA B 84 -21.48 103.52 -47.56
N VAL B 85 -20.55 104.13 -48.29
CA VAL B 85 -19.80 105.26 -47.77
C VAL B 85 -20.32 106.56 -48.39
N SER B 86 -21.00 106.47 -49.54
CA SER B 86 -21.67 107.61 -50.15
C SER B 86 -22.76 108.16 -49.24
N GLY B 87 -23.41 107.29 -48.48
CA GLY B 87 -24.41 107.69 -47.53
C GLY B 87 -23.90 108.30 -46.26
N LYS B 88 -22.61 108.10 -45.93
CA LYS B 88 -22.05 108.60 -44.68
C LYS B 88 -22.09 110.12 -44.58
N GLU B 89 -22.00 110.81 -45.71
CA GLU B 89 -22.02 112.27 -45.68
C GLU B 89 -23.43 112.82 -45.49
N PRO B 90 -24.50 112.34 -46.18
CA PRO B 90 -25.84 112.78 -45.76
C PRO B 90 -26.34 112.13 -44.47
N ARG B 91 -25.69 111.07 -43.98
CA ARG B 91 -26.05 110.51 -42.69
C ARG B 91 -25.63 111.45 -41.57
N PHE B 92 -24.36 111.84 -41.56
CA PHE B 92 -23.78 112.66 -40.51
C PHE B 92 -23.85 114.15 -40.82
N VAL B 93 -24.65 114.55 -41.81
CA VAL B 93 -24.81 115.97 -42.12
C VAL B 93 -25.69 116.66 -41.07
N LEU B 94 -26.42 115.90 -40.26
CA LEU B 94 -27.41 116.43 -39.33
C LEU B 94 -27.13 115.79 -37.97
N ARG B 95 -26.21 116.42 -37.22
CA ARG B 95 -25.78 115.91 -35.93
C ARG B 95 -25.79 117.04 -34.91
N ALA B 96 -26.81 117.06 -34.06
CA ALA B 96 -26.85 117.99 -32.93
C ALA B 96 -26.37 117.32 -31.64
N LEU B 97 -27.12 116.31 -31.16
CA LEU B 97 -26.84 115.56 -29.92
C LEU B 97 -26.68 116.47 -28.71
N ARG B 98 -27.41 117.58 -28.68
CA ARG B 98 -27.08 118.69 -27.80
C ARG B 98 -27.61 118.47 -26.38
N MET B 99 -28.92 118.40 -26.21
CA MET B 99 -29.54 118.09 -24.94
C MET B 99 -30.12 116.67 -25.06
N LEU B 100 -30.61 116.13 -23.94
CA LEU B 100 -31.26 114.81 -23.93
C LEU B 100 -32.41 114.63 -24.92
N PRO B 101 -33.30 115.61 -25.20
CA PRO B 101 -34.16 115.44 -26.37
C PRO B 101 -33.41 115.55 -27.68
N SER B 102 -32.40 116.42 -27.76
CA SER B 102 -31.60 116.52 -28.97
C SER B 102 -30.67 115.33 -29.16
N THR B 103 -30.44 114.52 -28.12
CA THR B 103 -29.80 113.24 -28.36
C THR B 103 -30.81 112.22 -28.87
N SER B 104 -31.98 112.13 -28.22
CA SER B 104 -32.96 111.11 -28.54
C SER B 104 -33.61 111.35 -29.89
N ARG B 105 -33.71 112.62 -30.31
CA ARG B 105 -34.20 112.89 -31.65
C ARG B 105 -33.14 112.57 -32.71
N ARG B 106 -31.86 112.82 -32.41
CA ARG B 106 -30.82 112.38 -33.34
C ARG B 106 -30.63 110.88 -33.32
N LEU B 107 -30.97 110.22 -32.21
CA LEU B 107 -31.02 108.76 -32.20
C LEU B 107 -32.13 108.23 -33.10
N ASN B 108 -33.22 109.00 -33.25
CA ASN B 108 -34.20 108.67 -34.28
C ASN B 108 -33.63 108.95 -35.66
N HIS B 109 -32.78 109.97 -35.78
CA HIS B 109 -32.12 110.25 -37.06
C HIS B 109 -31.06 109.20 -37.37
N TYR B 110 -30.50 108.56 -36.34
CA TYR B 110 -29.68 107.37 -36.57
C TYR B 110 -30.52 106.19 -37.03
N VAL B 111 -31.82 106.18 -36.77
CA VAL B 111 -32.66 105.07 -37.21
C VAL B 111 -33.18 105.33 -38.63
N LEU B 112 -33.65 106.54 -38.89
CA LEU B 112 -34.38 106.82 -40.12
C LEU B 112 -33.45 106.88 -41.33
N TYR B 113 -32.36 107.62 -41.23
CA TYR B 113 -31.50 107.83 -42.39
C TYR B 113 -30.71 106.59 -42.75
N LYS B 114 -30.34 105.76 -41.77
CA LYS B 114 -29.70 104.49 -42.09
C LYS B 114 -30.67 103.52 -42.73
N ALA B 115 -31.97 103.68 -42.45
CA ALA B 115 -32.98 102.90 -43.16
C ALA B 115 -33.17 103.39 -44.59
N VAL B 116 -33.11 104.71 -44.80
CA VAL B 116 -33.27 105.27 -46.14
C VAL B 116 -32.05 104.92 -47.00
N GLN B 117 -30.85 105.11 -46.47
CA GLN B 117 -29.63 104.79 -47.20
C GLN B 117 -29.43 103.29 -47.38
N GLY B 118 -30.01 102.47 -46.50
CA GLY B 118 -30.03 101.04 -46.72
C GLY B 118 -31.03 100.64 -47.79
N PHE B 119 -32.06 101.44 -48.01
CA PHE B 119 -33.07 101.15 -49.02
C PHE B 119 -32.78 101.84 -50.34
N PHE B 120 -32.74 103.17 -50.33
CA PHE B 120 -32.75 103.99 -51.53
C PHE B 120 -31.46 104.81 -51.63
N THR B 121 -31.42 105.72 -52.60
CA THR B 121 -30.28 106.58 -52.80
C THR B 121 -30.54 107.95 -52.17
N SER B 122 -29.67 108.33 -51.24
CA SER B 122 -29.73 109.63 -50.58
C SER B 122 -28.86 110.63 -51.33
N ASN B 123 -28.51 111.74 -50.69
CA ASN B 123 -27.76 112.83 -51.32
C ASN B 123 -26.33 112.41 -51.64
N ASN B 124 -26.09 112.03 -52.88
CA ASN B 124 -24.78 111.60 -53.35
C ASN B 124 -23.94 112.82 -53.68
N ALA B 125 -22.92 113.08 -52.87
CA ALA B 125 -21.93 114.10 -53.20
C ALA B 125 -21.01 113.58 -54.31
N THR B 126 -20.77 114.40 -55.33
CA THR B 126 -19.96 114.00 -56.47
C THR B 126 -18.51 114.45 -56.31
N ARG B 127 -17.93 114.07 -55.17
CA ARG B 127 -16.52 114.19 -54.78
C ARG B 127 -16.05 115.63 -54.56
N ASP B 128 -16.88 116.63 -54.81
CA ASP B 128 -16.49 118.02 -54.64
C ASP B 128 -17.47 118.72 -53.71
N PHE B 129 -18.65 118.14 -53.55
CA PHE B 129 -19.62 118.58 -52.56
C PHE B 129 -19.39 117.93 -51.21
N LEU B 130 -18.22 117.33 -50.99
CA LEU B 130 -17.89 116.76 -49.69
C LEU B 130 -17.61 117.85 -48.66
N LEU B 131 -17.03 118.98 -49.07
CA LEU B 131 -16.79 120.06 -48.12
C LEU B 131 -18.04 120.81 -47.65
N PRO B 132 -19.07 121.07 -48.47
CA PRO B 132 -20.34 121.51 -47.87
C PRO B 132 -21.03 120.43 -47.07
N PHE B 133 -20.75 119.15 -47.34
CA PHE B 133 -21.15 118.08 -46.45
C PHE B 133 -20.15 117.86 -45.32
N LEU B 134 -19.20 118.78 -45.13
CA LEU B 134 -18.44 118.90 -43.90
C LEU B 134 -18.73 120.23 -43.20
N GLU B 135 -19.68 121.00 -43.71
CA GLU B 135 -20.09 122.25 -43.06
C GLU B 135 -21.18 121.99 -42.03
N GLU B 136 -22.32 121.47 -42.47
CA GLU B 136 -23.39 121.05 -41.57
C GLU B 136 -23.06 119.92 -40.59
N PRO B 137 -22.05 119.07 -40.81
CA PRO B 137 -21.51 118.34 -39.65
C PRO B 137 -20.88 119.25 -38.60
N MET B 138 -20.10 120.25 -39.02
CA MET B 138 -19.60 121.23 -38.07
C MET B 138 -20.70 122.17 -37.62
N ASP B 139 -21.67 122.45 -38.49
CA ASP B 139 -22.85 123.23 -38.16
C ASP B 139 -23.94 122.27 -37.66
N THR B 140 -25.19 122.74 -37.68
CA THR B 140 -26.39 121.98 -37.29
C THR B 140 -26.29 121.58 -35.81
N GLU B 141 -26.03 122.59 -34.97
CA GLU B 141 -26.03 122.50 -33.51
C GLU B 141 -25.04 121.47 -32.99
N ALA B 142 -23.87 121.40 -33.64
CA ALA B 142 -22.83 120.49 -33.18
C ALA B 142 -22.23 120.98 -31.86
N ASP B 143 -21.70 120.03 -31.10
CA ASP B 143 -21.33 120.26 -29.71
C ASP B 143 -19.82 120.42 -29.56
N LEU B 144 -19.42 120.92 -28.39
CA LEU B 144 -18.03 120.96 -27.98
C LEU B 144 -17.70 119.87 -26.96
N GLN B 145 -18.69 119.39 -26.22
CA GLN B 145 -18.45 118.31 -25.26
C GLN B 145 -18.21 116.99 -25.97
N PHE B 146 -18.81 116.78 -27.13
CA PHE B 146 -18.54 115.60 -27.95
C PHE B 146 -17.37 115.84 -28.90
N ARG B 147 -16.28 116.35 -28.33
CA ARG B 147 -15.01 116.61 -29.00
C ARG B 147 -14.23 115.36 -29.47
N PRO B 148 -14.40 114.15 -28.91
CA PRO B 148 -13.93 112.98 -29.68
C PRO B 148 -14.79 112.72 -30.90
N ARG B 149 -16.09 112.95 -30.82
CA ARG B 149 -16.98 112.68 -31.94
C ARG B 149 -16.73 113.65 -33.09
N THR B 150 -16.46 114.91 -32.76
CA THR B 150 -16.10 115.88 -33.80
C THR B 150 -14.72 115.59 -34.37
N GLY B 151 -13.77 115.21 -33.51
CA GLY B 151 -12.41 115.02 -33.96
C GLY B 151 -12.22 113.76 -34.80
N LYS B 152 -12.87 112.67 -34.41
CA LYS B 152 -12.72 111.42 -35.13
C LYS B 152 -13.52 111.42 -36.42
N ALA B 153 -14.80 111.78 -36.35
CA ALA B 153 -15.67 111.71 -37.52
C ALA B 153 -15.48 112.86 -38.48
N ALA B 154 -14.54 113.76 -38.25
CA ALA B 154 -14.10 114.69 -39.29
C ALA B 154 -12.82 114.22 -39.95
N SER B 155 -11.90 113.66 -39.18
CA SER B 155 -10.63 113.19 -39.72
C SER B 155 -10.78 111.89 -40.51
N THR B 156 -11.73 111.04 -40.13
CA THR B 156 -11.96 109.80 -40.86
C THR B 156 -12.56 109.96 -42.25
N PRO B 157 -13.35 110.99 -42.59
CA PRO B 157 -13.61 111.25 -44.01
C PRO B 157 -12.48 111.94 -44.75
N LEU B 158 -11.42 112.38 -44.06
CA LEU B 158 -10.32 113.01 -44.79
C LEU B 158 -9.46 112.01 -45.54
N LEU B 159 -9.49 110.76 -45.13
CA LEU B 159 -8.75 109.72 -45.83
C LEU B 159 -9.42 109.31 -47.15
N PRO B 160 -10.74 109.24 -47.29
CA PRO B 160 -11.28 109.23 -48.66
C PRO B 160 -11.07 110.54 -49.40
N GLU B 161 -10.92 111.65 -48.66
CA GLU B 161 -10.64 112.93 -49.30
C GLU B 161 -9.21 113.04 -49.81
N VAL B 162 -8.27 112.24 -49.30
CA VAL B 162 -6.88 112.28 -49.74
C VAL B 162 -6.52 111.07 -50.59
N GLU B 163 -6.91 109.89 -50.15
CA GLU B 163 -6.67 108.67 -50.93
C GLU B 163 -7.64 108.47 -52.07
N ALA B 164 -8.36 109.49 -52.55
CA ALA B 164 -8.94 109.42 -53.87
C ALA B 164 -7.86 109.52 -54.95
N TYR B 165 -6.71 110.12 -54.60
CA TYR B 165 -5.48 110.21 -55.38
C TYR B 165 -5.62 110.94 -56.71
N LEU B 166 -6.70 111.69 -56.91
CA LEU B 166 -6.80 112.45 -58.15
C LEU B 166 -5.95 113.71 -58.10
N GLN B 167 -5.78 114.29 -56.91
CA GLN B 167 -4.77 115.31 -56.59
C GLN B 167 -4.94 116.60 -57.40
N LEU B 168 -6.15 116.93 -57.83
CA LEU B 168 -6.40 118.13 -58.64
C LEU B 168 -7.60 118.85 -58.03
N LEU B 169 -7.33 120.00 -57.39
CA LEU B 169 -8.28 120.94 -56.77
C LEU B 169 -8.91 120.37 -55.49
N VAL B 170 -8.66 119.09 -55.21
CA VAL B 170 -8.95 118.51 -53.91
C VAL B 170 -7.76 118.70 -52.97
N VAL B 171 -6.58 118.97 -53.53
CA VAL B 171 -5.39 119.29 -52.75
C VAL B 171 -5.59 120.57 -51.92
N ILE B 172 -6.24 121.57 -52.52
CA ILE B 172 -6.59 122.74 -51.71
C ILE B 172 -7.77 122.41 -50.81
N PHE B 173 -8.60 121.44 -51.19
CA PHE B 173 -9.66 120.99 -50.30
C PHE B 173 -9.09 120.13 -49.18
N MET B 174 -7.99 119.42 -49.46
CA MET B 174 -7.18 118.84 -48.38
C MET B 174 -6.69 119.92 -47.45
N MET B 175 -6.16 121.02 -48.01
CA MET B 175 -5.56 122.08 -47.23
C MET B 175 -6.61 122.80 -46.39
N ASN B 176 -7.82 122.95 -46.94
CA ASN B 176 -8.89 123.63 -46.20
C ASN B 176 -9.44 122.75 -45.09
N SER B 177 -9.69 121.46 -45.40
CA SER B 177 -10.41 120.61 -44.46
C SER B 177 -9.52 120.17 -43.29
N LYS B 178 -8.20 120.14 -43.49
CA LYS B 178 -7.32 119.90 -42.36
C LYS B 178 -7.27 121.12 -41.45
N ARG B 179 -7.17 122.32 -42.01
CA ARG B 179 -7.19 123.53 -41.19
C ARG B 179 -8.57 123.80 -40.60
N TYR B 180 -9.62 123.21 -41.18
CA TYR B 180 -10.91 123.16 -40.49
C TYR B 180 -10.78 122.35 -39.21
N LYS B 181 -10.23 121.14 -39.33
CA LYS B 181 -10.01 120.26 -38.18
C LYS B 181 -9.01 120.86 -37.21
N GLU B 182 -7.91 121.41 -37.74
CA GLU B 182 -6.87 121.95 -36.86
C GLU B 182 -7.30 123.23 -36.17
N ALA B 183 -8.25 123.97 -36.73
CA ALA B 183 -8.83 125.07 -35.97
C ALA B 183 -9.69 124.55 -34.83
N GLN B 184 -10.36 123.41 -35.04
CA GLN B 184 -11.07 122.76 -33.94
C GLN B 184 -10.09 122.11 -32.97
N LYS B 185 -8.97 121.60 -33.50
CA LYS B 185 -7.94 120.99 -32.68
C LYS B 185 -7.28 122.01 -31.75
N ILE B 186 -6.92 123.18 -32.28
CA ILE B 186 -6.29 124.22 -31.47
C ILE B 186 -7.29 124.81 -30.48
N SER B 187 -8.54 125.00 -30.91
CA SER B 187 -9.56 125.54 -30.01
C SER B 187 -9.90 124.57 -28.89
N ASP B 188 -9.83 123.26 -29.16
CA ASP B 188 -9.97 122.28 -28.09
C ASP B 188 -8.80 122.37 -27.12
N ASP B 189 -7.61 122.68 -27.64
CA ASP B 189 -6.46 122.89 -26.77
C ASP B 189 -6.61 124.17 -25.97
N LEU B 190 -7.12 125.20 -26.64
CA LEU B 190 -7.43 126.45 -25.97
C LEU B 190 -8.91 126.39 -25.61
N MET B 191 -9.41 125.18 -25.35
CA MET B 191 -10.79 124.93 -25.03
C MET B 191 -10.94 124.11 -23.76
N GLN B 192 -9.82 123.81 -23.09
CA GLN B 192 -9.81 123.08 -21.82
C GLN B 192 -10.52 121.72 -21.80
N LYS B 193 -9.88 120.71 -22.39
CA LYS B 193 -10.46 119.38 -22.55
C LYS B 193 -10.62 118.70 -21.18
N ILE B 194 -11.83 118.82 -20.63
CA ILE B 194 -12.12 118.30 -19.29
C ILE B 194 -12.24 116.78 -19.33
N SER B 195 -11.23 116.11 -18.79
CA SER B 195 -11.22 114.68 -18.42
C SER B 195 -11.32 113.74 -19.62
N THR B 196 -11.18 114.23 -20.85
CA THR B 196 -11.11 113.34 -22.01
C THR B 196 -9.68 113.25 -22.55
N GLN B 197 -9.06 114.40 -22.81
CA GLN B 197 -7.70 114.53 -23.33
C GLN B 197 -7.53 113.79 -24.65
N ASN B 198 -8.17 114.38 -25.67
CA ASN B 198 -8.13 113.92 -27.05
C ASN B 198 -6.75 113.82 -27.68
N ARG B 199 -5.71 114.34 -27.00
CA ARG B 199 -4.33 114.25 -27.45
C ARG B 199 -3.90 112.81 -27.73
N ARG B 200 -4.42 111.85 -26.96
CA ARG B 200 -4.21 110.43 -27.24
C ARG B 200 -4.73 110.03 -28.61
N ALA B 201 -5.79 110.67 -29.10
CA ALA B 201 -6.23 110.55 -30.49
C ALA B 201 -5.63 111.62 -31.38
N LEU B 202 -5.48 112.85 -30.88
CA LEU B 202 -5.06 113.96 -31.72
C LEU B 202 -3.59 113.91 -32.11
N ASP B 203 -2.79 113.03 -31.50
CA ASP B 203 -1.40 112.89 -31.92
C ASP B 203 -1.29 112.28 -33.30
N LEU B 204 -1.91 111.13 -33.51
CA LEU B 204 -1.86 110.51 -34.82
C LEU B 204 -2.84 111.17 -35.80
N VAL B 205 -3.82 111.92 -35.28
CA VAL B 205 -4.56 112.84 -36.12
C VAL B 205 -3.63 113.93 -36.65
N ALA B 206 -2.75 114.44 -35.78
CA ALA B 206 -1.74 115.39 -36.23
C ALA B 206 -0.68 114.73 -37.09
N ALA B 207 -0.54 113.41 -37.00
CA ALA B 207 0.38 112.71 -37.91
C ALA B 207 -0.26 112.50 -39.27
N LYS B 208 -1.46 111.89 -39.30
CA LYS B 208 -2.11 111.49 -40.55
C LYS B 208 -2.46 112.68 -41.42
N CYS B 209 -2.74 113.83 -40.80
CA CYS B 209 -2.93 115.04 -41.58
C CYS B 209 -1.61 115.50 -42.18
N TYR B 210 -0.54 115.48 -41.38
CA TYR B 210 0.75 116.02 -41.79
C TYR B 210 1.63 115.03 -42.52
N TYR B 211 1.21 113.77 -42.71
CA TYR B 211 1.89 112.95 -43.69
C TYR B 211 1.56 113.43 -45.09
N TYR B 212 0.27 113.66 -45.37
CA TYR B 212 -0.12 114.13 -46.68
C TYR B 212 -0.02 115.64 -46.82
N HIS B 213 -0.03 116.38 -45.72
CA HIS B 213 0.26 117.81 -45.79
C HIS B 213 1.73 118.04 -46.10
N ALA B 214 2.58 117.09 -45.74
CA ALA B 214 3.96 117.10 -46.21
C ALA B 214 4.04 116.75 -47.68
N ARG B 215 3.18 115.84 -48.15
CA ARG B 215 3.11 115.56 -49.58
C ARG B 215 2.62 116.77 -50.36
N VAL B 216 1.62 117.48 -49.83
CA VAL B 216 1.08 118.66 -50.49
C VAL B 216 2.15 119.73 -50.61
N TYR B 217 2.95 119.91 -49.56
CA TYR B 217 4.05 120.86 -49.64
C TYR B 217 5.31 120.25 -50.26
N GLU B 218 5.22 119.03 -50.78
CA GLU B 218 6.19 118.56 -51.78
C GLU B 218 5.67 118.80 -53.18
N PHE B 219 4.35 118.70 -53.38
CA PHE B 219 3.76 119.07 -54.65
C PHE B 219 3.65 120.59 -54.83
N LEU B 220 3.80 121.36 -53.75
CA LEU B 220 3.97 122.80 -53.84
C LEU B 220 5.22 123.16 -53.04
N ASP B 221 5.42 124.46 -52.76
CA ASP B 221 6.60 124.95 -52.06
C ASP B 221 6.77 124.40 -50.64
N LYS B 222 7.88 124.77 -50.00
CA LYS B 222 8.48 124.05 -48.88
C LYS B 222 7.57 124.05 -47.64
N LEU B 223 7.89 123.17 -46.70
CA LEU B 223 7.09 122.91 -45.51
C LEU B 223 7.81 123.36 -44.24
N ASP B 224 8.57 124.44 -44.33
CA ASP B 224 9.07 125.10 -43.13
C ASP B 224 7.98 125.85 -42.39
N VAL B 225 6.88 126.20 -43.07
CA VAL B 225 5.73 126.81 -42.40
C VAL B 225 5.06 125.78 -41.50
N VAL B 226 5.13 124.50 -41.88
CA VAL B 226 4.66 123.42 -41.01
C VAL B 226 5.53 123.33 -39.77
N ARG B 227 6.84 123.45 -39.94
CA ARG B 227 7.77 123.38 -38.82
C ARG B 227 7.65 124.57 -37.88
N SER B 228 7.32 125.75 -38.42
CA SER B 228 7.05 126.89 -37.55
C SER B 228 5.77 126.68 -36.77
N PHE B 229 4.78 126.03 -37.39
CA PHE B 229 3.60 125.62 -36.64
C PHE B 229 3.93 124.50 -35.67
N LEU B 230 4.72 123.52 -36.11
CA LEU B 230 4.97 122.34 -35.30
C LEU B 230 5.90 122.64 -34.14
N HIS B 231 6.72 123.69 -34.25
CA HIS B 231 7.47 124.17 -33.09
C HIS B 231 6.52 124.71 -32.02
N ALA B 232 5.54 125.52 -32.42
CA ALA B 232 4.53 125.99 -31.46
C ALA B 232 3.63 124.84 -31.02
N ARG B 233 3.42 123.86 -31.89
CA ARG B 233 2.62 122.70 -31.52
C ARG B 233 3.37 121.81 -30.54
N LEU B 234 4.69 121.65 -30.71
CA LEU B 234 5.49 120.94 -29.73
C LEU B 234 5.65 121.74 -28.44
N ARG B 235 5.44 123.06 -28.51
CA ARG B 235 5.54 123.88 -27.31
C ARG B 235 4.35 123.66 -26.38
N THR B 236 3.13 123.66 -26.93
CA THR B 236 1.95 123.45 -26.11
C THR B 236 1.80 121.99 -25.69
N ALA B 237 2.46 121.08 -26.40
CA ALA B 237 2.61 119.73 -25.90
C ALA B 237 3.71 119.70 -24.86
N THR B 238 3.48 118.91 -23.80
CA THR B 238 4.42 118.52 -22.74
C THR B 238 4.72 119.69 -21.79
N LEU B 239 4.33 120.91 -22.17
CA LEU B 239 4.20 121.96 -21.17
C LEU B 239 2.91 121.78 -20.41
N ARG B 240 1.90 121.19 -21.05
CA ARG B 240 0.73 120.72 -20.33
C ARG B 240 1.11 119.47 -19.53
N HIS B 241 1.43 118.39 -20.25
CA HIS B 241 2.12 117.14 -19.91
C HIS B 241 2.12 116.30 -21.18
N ASP B 242 2.98 115.28 -21.20
CA ASP B 242 3.06 114.39 -22.36
C ASP B 242 2.13 113.20 -22.17
N ALA B 243 1.24 112.99 -23.15
CA ALA B 243 0.53 111.73 -23.35
C ALA B 243 0.67 111.41 -24.84
N ASP B 244 1.80 110.82 -25.21
CA ASP B 244 2.27 110.49 -26.56
C ASP B 244 2.49 111.75 -27.42
N GLY B 245 2.40 112.95 -26.83
CA GLY B 245 2.44 114.17 -27.63
C GLY B 245 3.84 114.54 -28.05
N GLN B 246 4.80 114.45 -27.11
CA GLN B 246 6.18 114.75 -27.44
C GLN B 246 6.77 113.70 -28.36
N ALA B 247 6.27 112.46 -28.27
CA ALA B 247 6.81 111.37 -29.07
C ALA B 247 6.47 111.52 -30.54
N THR B 248 5.19 111.83 -30.84
CA THR B 248 4.76 111.88 -32.23
C THR B 248 5.27 113.12 -32.93
N LEU B 249 5.20 114.28 -32.26
CA LEU B 249 5.54 115.53 -32.91
C LEU B 249 7.04 115.66 -33.15
N LEU B 250 7.86 114.93 -32.39
CA LEU B 250 9.30 115.03 -32.55
C LEU B 250 9.77 114.30 -33.79
N ASN B 251 9.24 113.09 -34.04
CA ASN B 251 9.57 112.39 -35.29
C ASN B 251 8.99 113.09 -36.50
N LEU B 252 7.88 113.80 -36.32
CA LEU B 252 7.37 114.63 -37.40
C LEU B 252 8.27 115.81 -37.67
N LEU B 253 8.77 116.46 -36.61
CA LEU B 253 9.63 117.63 -36.79
C LEU B 253 11.01 117.23 -37.31
N LEU B 254 11.45 116.02 -36.97
CA LEU B 254 12.79 115.59 -37.35
C LEU B 254 12.82 115.15 -38.81
N ARG B 255 11.69 114.72 -39.35
CA ARG B 255 11.69 114.08 -40.66
C ARG B 255 11.91 115.05 -41.80
N ASN B 256 11.32 116.25 -41.74
CA ASN B 256 11.52 117.25 -42.79
C ASN B 256 12.97 117.71 -42.84
N TYR B 257 13.55 117.98 -41.66
CA TYR B 257 14.94 118.45 -41.62
C TYR B 257 15.90 117.37 -42.07
N LEU B 258 15.56 116.10 -41.85
CA LEU B 258 16.32 115.02 -42.45
C LEU B 258 15.99 114.86 -43.94
N HIS B 259 14.76 115.19 -44.34
CA HIS B 259 14.38 115.12 -45.76
C HIS B 259 15.05 116.20 -46.58
N TYR B 260 15.23 117.39 -46.00
CA TYR B 260 15.97 118.44 -46.68
C TYR B 260 17.44 118.05 -46.74
N SER B 261 18.02 118.17 -47.94
CA SER B 261 19.41 117.84 -48.19
C SER B 261 20.34 119.01 -47.89
N LEU B 262 19.89 119.98 -47.10
CA LEU B 262 20.72 121.07 -46.61
C LEU B 262 21.47 120.55 -45.38
N TYR B 263 22.12 121.45 -44.63
CA TYR B 263 23.00 121.11 -43.52
C TYR B 263 22.29 120.36 -42.40
N ASP B 264 21.40 121.00 -41.65
CA ASP B 264 20.25 120.36 -41.01
C ASP B 264 20.50 119.31 -39.93
N GLN B 265 21.74 118.89 -39.70
CA GLN B 265 21.95 117.83 -38.71
C GLN B 265 22.49 118.34 -37.39
N ALA B 266 23.29 119.42 -37.39
CA ALA B 266 23.69 120.02 -36.13
C ALA B 266 22.53 120.74 -35.45
N GLU B 267 21.49 121.07 -36.22
CA GLU B 267 20.21 121.45 -35.62
C GLU B 267 19.65 120.30 -34.78
N LYS B 268 19.83 119.07 -35.24
CA LYS B 268 19.31 117.92 -34.52
C LYS B 268 20.26 117.49 -33.41
N LEU B 269 21.55 117.80 -33.54
CA LEU B 269 22.51 117.52 -32.49
C LEU B 269 22.22 118.35 -31.25
N VAL B 270 21.84 119.61 -31.45
CA VAL B 270 21.46 120.47 -30.33
C VAL B 270 20.00 120.33 -29.95
N SER B 271 19.26 119.45 -30.61
CA SER B 271 17.87 119.20 -30.23
C SER B 271 17.83 118.39 -28.94
N LYS B 272 17.75 119.07 -27.80
CA LYS B 272 17.75 118.42 -26.50
C LYS B 272 16.29 118.24 -26.03
N SER B 273 15.63 117.29 -26.69
CA SER B 273 14.27 116.87 -26.36
C SER B 273 14.17 115.36 -26.47
N VAL B 274 15.10 114.65 -25.84
CA VAL B 274 15.42 113.28 -26.22
C VAL B 274 14.68 112.33 -25.28
N PHE B 275 13.59 112.80 -24.68
CA PHE B 275 12.82 112.00 -23.74
C PHE B 275 11.36 111.92 -24.19
N PRO B 276 11.01 110.91 -24.98
CA PRO B 276 9.59 110.57 -25.12
C PRO B 276 9.16 109.60 -24.03
N GLU B 277 10.11 108.77 -23.57
CA GLU B 277 10.10 107.94 -22.37
C GLU B 277 9.16 106.73 -22.42
N GLN B 278 8.29 106.67 -23.41
CA GLN B 278 7.43 105.53 -23.75
C GLN B 278 6.80 105.83 -25.10
N ALA B 279 6.64 104.80 -25.92
CA ALA B 279 6.15 105.05 -27.27
C ALA B 279 5.24 103.96 -27.82
N ASN B 280 4.81 103.00 -26.99
CA ASN B 280 3.92 101.89 -27.37
C ASN B 280 4.50 101.07 -28.52
N ASN B 281 5.81 100.84 -28.47
CA ASN B 281 6.56 99.91 -29.33
C ASN B 281 6.55 100.32 -30.81
N ASN B 282 6.11 101.53 -31.13
CA ASN B 282 5.99 101.87 -32.54
C ASN B 282 6.65 103.19 -32.90
N GLU B 283 6.56 104.19 -32.05
CA GLU B 283 7.26 105.44 -32.32
C GLU B 283 8.74 105.29 -32.02
N TRP B 284 9.07 104.52 -30.98
CA TRP B 284 10.45 104.39 -30.52
C TRP B 284 11.32 103.64 -31.51
N ALA B 285 10.73 102.72 -32.27
CA ALA B 285 11.51 101.95 -33.24
C ALA B 285 11.92 102.81 -34.42
N ARG B 286 11.04 103.71 -34.87
CA ARG B 286 11.41 104.59 -35.99
C ARG B 286 12.20 105.81 -35.50
N TYR B 287 12.01 106.20 -34.24
CA TYR B 287 12.81 107.27 -33.65
C TYR B 287 14.27 106.88 -33.55
N LEU B 288 14.53 105.61 -33.22
CA LEU B 288 15.90 105.10 -33.20
C LEU B 288 16.46 104.94 -34.61
N TYR B 289 15.60 104.87 -35.63
CA TYR B 289 16.11 104.85 -37.00
C TYR B 289 16.62 106.22 -37.41
N TYR B 290 15.90 107.28 -37.03
CA TYR B 290 16.32 108.61 -37.45
C TYR B 290 17.60 109.04 -36.75
N THR B 291 17.66 108.87 -35.43
CA THR B 291 18.85 109.30 -34.70
C THR B 291 20.04 108.38 -34.94
N GLY B 292 19.80 107.16 -35.42
CA GLY B 292 20.92 106.32 -35.83
C GLY B 292 21.55 106.81 -37.12
N ARG B 293 20.74 107.35 -38.03
CA ARG B 293 21.28 107.96 -39.23
C ARG B 293 22.03 109.25 -38.90
N ILE B 294 21.58 109.97 -37.87
CA ILE B 294 22.22 111.23 -37.50
C ILE B 294 23.60 110.98 -36.90
N LYS B 295 23.70 110.02 -35.99
CA LYS B 295 25.00 109.71 -35.40
C LYS B 295 25.94 109.00 -36.37
N ALA B 296 25.40 108.48 -37.48
CA ALA B 296 26.24 107.92 -38.53
C ALA B 296 26.87 109.00 -39.40
N ILE B 297 26.22 110.14 -39.57
CA ILE B 297 26.75 111.15 -40.48
C ILE B 297 27.80 112.03 -39.80
N GLN B 298 27.80 112.10 -38.47
CA GLN B 298 28.92 112.68 -37.73
C GLN B 298 29.91 111.61 -37.28
N LEU B 299 29.99 110.50 -38.02
CA LEU B 299 31.09 109.55 -38.00
C LEU B 299 31.29 108.79 -36.69
N GLU B 300 30.35 108.91 -35.75
CA GLU B 300 30.37 108.06 -34.57
C GLU B 300 29.70 106.75 -34.93
N TYR B 301 30.51 105.75 -35.29
CA TYR B 301 30.00 104.51 -35.88
C TYR B 301 29.58 103.49 -34.84
N SER B 302 30.20 103.50 -33.66
CA SER B 302 29.94 102.46 -32.67
C SER B 302 28.56 102.60 -32.04
N GLU B 303 28.24 103.81 -31.56
CA GLU B 303 26.93 104.04 -30.96
C GLU B 303 25.82 104.00 -31.99
N ALA B 304 26.14 104.33 -33.25
CA ALA B 304 25.12 104.34 -34.29
C ALA B 304 24.68 102.92 -34.64
N ARG B 305 25.63 102.01 -34.83
CA ARG B 305 25.28 100.68 -35.34
C ARG B 305 24.60 99.83 -34.27
N ARG B 306 24.73 100.19 -33.00
CA ARG B 306 24.04 99.43 -31.96
C ARG B 306 22.62 99.93 -31.73
N THR B 307 22.36 101.22 -31.99
CA THR B 307 20.99 101.70 -31.90
C THR B 307 20.24 101.51 -33.22
N MET B 308 20.98 101.34 -34.32
CA MET B 308 20.36 100.85 -35.54
C MET B 308 20.00 99.37 -35.40
N THR B 309 20.82 98.62 -34.67
CA THR B 309 20.49 97.24 -34.36
C THR B 309 19.26 97.16 -33.45
N ASN B 310 19.17 98.10 -32.50
CA ASN B 310 18.04 98.13 -31.57
C ASN B 310 16.76 98.50 -32.29
N ALA B 311 16.85 99.35 -33.32
CA ALA B 311 15.67 99.75 -34.07
C ALA B 311 15.17 98.61 -34.95
N LEU B 312 16.08 97.80 -35.49
CA LEU B 312 15.68 96.70 -36.36
C LEU B 312 15.00 95.58 -35.57
N ARG B 313 15.48 95.31 -34.35
CA ARG B 313 14.97 94.20 -33.57
C ARG B 313 13.81 94.58 -32.67
N LYS B 314 13.34 95.83 -32.71
CA LYS B 314 12.26 96.22 -31.81
C LYS B 314 10.88 96.04 -32.40
N ALA B 315 10.60 96.57 -33.60
CA ALA B 315 9.30 96.41 -34.23
C ALA B 315 9.46 95.92 -35.67
N PRO B 316 9.68 94.62 -35.87
CA PRO B 316 9.66 94.06 -37.23
C PRO B 316 8.34 93.40 -37.62
N GLN B 317 7.30 93.54 -36.80
CA GLN B 317 6.09 92.72 -36.90
C GLN B 317 5.25 93.21 -38.08
N HIS B 318 5.66 92.82 -39.28
CA HIS B 318 4.96 93.16 -40.49
C HIS B 318 5.10 91.99 -41.46
N THR B 319 4.72 92.22 -42.72
CA THR B 319 4.85 91.25 -43.80
C THR B 319 5.52 91.96 -44.98
N ALA B 320 6.86 92.00 -44.97
CA ALA B 320 7.71 92.53 -46.05
C ALA B 320 7.37 93.99 -46.36
N VAL B 321 7.54 94.83 -45.34
CA VAL B 321 6.93 96.16 -45.40
C VAL B 321 7.84 97.16 -46.14
N GLY B 322 9.15 97.10 -45.93
CA GLY B 322 10.03 98.00 -46.64
C GLY B 322 10.87 98.94 -45.80
N PHE B 323 10.29 99.55 -44.76
CA PHE B 323 11.13 100.36 -43.89
C PHE B 323 11.98 99.48 -42.98
N LYS B 324 11.48 98.28 -42.66
CA LYS B 324 12.32 97.25 -42.08
C LYS B 324 13.46 96.89 -43.03
N GLN B 325 13.19 96.88 -44.34
CA GLN B 325 14.26 96.71 -45.31
C GLN B 325 15.09 97.97 -45.49
N THR B 326 14.64 99.11 -44.93
CA THR B 326 15.41 100.34 -45.01
C THR B 326 16.33 100.49 -43.79
N VAL B 327 15.89 100.05 -42.62
CA VAL B 327 16.79 100.04 -41.47
C VAL B 327 17.81 98.91 -41.62
N HIS B 328 17.42 97.82 -42.30
CA HIS B 328 18.37 96.80 -42.70
C HIS B 328 19.31 97.29 -43.81
N LYS B 329 18.88 98.31 -44.56
CA LYS B 329 19.70 98.88 -45.62
C LYS B 329 20.84 99.73 -45.08
N LEU B 330 20.57 100.56 -44.08
CA LEU B 330 21.62 101.42 -43.53
C LEU B 330 22.51 100.69 -42.53
N LEU B 331 22.03 99.60 -41.94
CA LEU B 331 22.78 98.91 -40.90
C LEU B 331 23.98 98.17 -41.49
N ILE B 332 23.88 97.69 -42.73
CA ILE B 332 24.98 96.96 -43.32
C ILE B 332 26.10 97.90 -43.76
N VAL B 333 25.78 99.18 -43.97
CA VAL B 333 26.79 100.12 -44.42
C VAL B 333 27.75 100.48 -43.29
N VAL B 334 27.20 100.80 -42.12
CA VAL B 334 28.04 101.17 -40.99
C VAL B 334 28.78 99.96 -40.42
N GLU B 335 28.25 98.76 -40.63
CA GLU B 335 29.02 97.56 -40.29
C GLU B 335 30.11 97.29 -41.31
N LEU B 336 29.91 97.69 -42.57
CA LEU B 336 31.03 97.73 -43.50
C LEU B 336 31.96 98.91 -43.23
N LEU B 337 31.51 99.88 -42.44
CA LEU B 337 32.41 100.91 -41.92
C LEU B 337 33.11 100.47 -40.65
N LEU B 338 32.82 99.25 -40.16
CA LEU B 338 33.58 98.64 -39.07
C LEU B 338 33.88 97.17 -39.32
N GLY B 339 33.68 96.67 -40.54
CA GLY B 339 34.26 95.40 -40.95
C GLY B 339 33.39 94.16 -40.99
N GLU B 340 32.58 93.94 -39.96
CA GLU B 340 31.80 92.71 -39.88
C GLU B 340 30.55 92.80 -40.77
N ILE B 341 30.07 91.64 -41.21
CA ILE B 341 28.84 91.56 -41.99
C ILE B 341 28.19 90.19 -41.83
N PRO B 342 26.89 90.13 -41.49
CA PRO B 342 26.19 88.84 -41.43
C PRO B 342 25.51 88.46 -42.74
N ASP B 343 24.78 87.34 -42.71
CA ASP B 343 23.90 86.95 -43.80
C ASP B 343 22.76 87.97 -43.91
N ARG B 344 22.56 88.50 -45.11
CA ARG B 344 21.55 89.53 -45.33
C ARG B 344 20.33 89.06 -46.11
N LEU B 345 20.53 88.24 -47.15
CA LEU B 345 19.45 87.89 -48.07
C LEU B 345 18.73 86.61 -47.68
N GLN B 346 18.87 86.18 -46.42
CA GLN B 346 18.22 84.97 -45.93
C GLN B 346 16.72 85.16 -45.68
N PHE B 347 16.18 86.35 -45.89
CA PHE B 347 14.74 86.61 -45.79
C PHE B 347 14.27 87.26 -47.08
N ARG B 348 14.61 86.65 -48.21
CA ARG B 348 14.42 87.26 -49.51
C ARG B 348 12.94 87.39 -49.85
N GLN B 349 12.60 88.46 -50.56
CA GLN B 349 11.23 88.86 -50.85
C GLN B 349 11.08 89.05 -52.36
N PRO B 350 9.85 89.16 -52.88
CA PRO B 350 9.70 89.57 -54.29
C PRO B 350 10.20 90.97 -54.59
N SER B 351 10.35 91.84 -53.60
CA SER B 351 10.90 93.17 -53.80
C SER B 351 12.34 93.31 -53.31
N LEU B 352 12.76 92.45 -52.38
CA LEU B 352 14.16 92.45 -51.91
C LEU B 352 15.11 91.94 -52.98
N LYS B 353 14.61 91.20 -53.97
CA LYS B 353 15.40 90.80 -55.14
C LYS B 353 15.99 92.01 -55.87
N ARG B 354 15.27 93.13 -55.89
CA ARG B 354 15.82 94.35 -56.46
C ARG B 354 16.92 94.93 -55.58
N SER B 355 16.75 94.87 -54.26
CA SER B 355 17.62 95.60 -53.34
C SER B 355 18.64 94.73 -52.63
N LEU B 356 18.76 93.45 -52.99
CA LEU B 356 19.83 92.63 -52.41
C LEU B 356 21.08 92.69 -53.27
N MET B 357 20.89 92.75 -54.59
CA MET B 357 22.00 92.62 -55.54
C MET B 357 23.08 93.70 -55.45
N PRO B 358 22.79 94.99 -55.21
CA PRO B 358 23.94 95.92 -55.03
C PRO B 358 24.69 95.70 -53.74
N TYR B 359 24.00 95.53 -52.63
CA TYR B 359 24.65 95.56 -51.32
C TYR B 359 25.37 94.25 -51.00
N PHE B 360 24.80 93.12 -51.43
CA PHE B 360 25.49 91.84 -51.27
C PHE B 360 26.74 91.77 -52.12
N LEU B 361 26.68 92.36 -53.31
CA LEU B 361 27.87 92.36 -54.17
C LEU B 361 28.82 93.47 -53.76
N LEU B 362 28.33 94.46 -53.00
CA LEU B 362 29.20 95.49 -52.44
C LEU B 362 30.15 94.90 -51.41
N THR B 363 29.59 94.23 -50.39
CA THR B 363 30.41 93.59 -49.37
C THR B 363 31.18 92.38 -49.91
N GLN B 364 30.80 91.88 -51.08
CA GLN B 364 31.61 90.89 -51.77
C GLN B 364 32.96 91.46 -52.17
N ALA B 365 32.96 92.68 -52.70
CA ALA B 365 34.20 93.33 -53.10
C ALA B 365 34.95 93.93 -51.91
N VAL B 366 34.26 94.20 -50.80
CA VAL B 366 34.91 94.78 -49.63
C VAL B 366 35.75 93.73 -48.92
N ARG B 367 35.23 92.49 -48.80
CA ARG B 367 35.94 91.44 -48.09
C ARG B 367 37.20 91.02 -48.84
N THR B 368 37.13 90.94 -50.16
CA THR B 368 38.34 90.76 -50.96
C THR B 368 39.09 92.07 -51.06
N GLY B 369 40.34 91.98 -51.51
CA GLY B 369 41.16 93.17 -51.65
C GLY B 369 41.06 93.83 -53.01
N ASN B 370 39.93 93.68 -53.68
CA ASN B 370 39.75 94.21 -55.03
C ASN B 370 39.10 95.59 -54.94
N LEU B 371 39.74 96.57 -55.59
CA LEU B 371 39.20 97.92 -55.67
C LEU B 371 38.69 98.27 -57.06
N ALA B 372 39.18 97.59 -58.09
CA ALA B 372 38.68 97.84 -59.45
C ALA B 372 37.25 97.37 -59.60
N LYS B 373 36.90 96.26 -58.95
CA LYS B 373 35.50 95.85 -58.89
C LYS B 373 34.69 96.81 -58.03
N PHE B 374 35.30 97.34 -56.98
CA PHE B 374 34.62 98.27 -56.09
C PHE B 374 34.28 99.57 -56.80
N ASN B 375 35.16 100.03 -57.69
CA ASN B 375 34.87 101.22 -58.47
C ASN B 375 33.95 100.93 -59.63
N GLN B 376 33.96 99.69 -60.13
CA GLN B 376 33.10 99.31 -61.25
C GLN B 376 31.63 99.25 -60.82
N VAL B 377 31.36 98.69 -59.65
CA VAL B 377 29.98 98.48 -59.22
C VAL B 377 29.43 99.77 -58.60
N LEU B 378 30.30 100.66 -58.13
CA LEU B 378 29.90 102.04 -57.90
C LEU B 378 29.36 102.66 -59.18
N ASP B 379 30.09 102.51 -60.28
CA ASP B 379 29.64 103.00 -61.57
C ASP B 379 28.44 102.22 -62.07
N GLN B 380 28.37 100.93 -61.74
CA GLN B 380 27.25 100.12 -62.22
C GLN B 380 25.97 100.41 -61.45
N PHE B 381 26.08 100.56 -60.13
CA PHE B 381 24.91 100.64 -59.26
C PHE B 381 24.84 101.97 -58.51
N GLY B 382 25.43 103.04 -59.04
CA GLY B 382 25.33 104.33 -58.41
C GLY B 382 23.95 104.94 -58.49
N GLU B 383 23.20 104.63 -59.55
CA GLU B 383 21.87 105.20 -59.69
C GLU B 383 20.90 104.55 -58.72
N LYS B 384 21.13 103.29 -58.37
CA LYS B 384 20.38 102.70 -57.26
C LYS B 384 20.79 103.33 -55.94
N PHE B 385 22.05 103.77 -55.82
CA PHE B 385 22.48 104.50 -54.63
C PHE B 385 21.83 105.88 -54.58
N GLN B 386 21.48 106.42 -55.75
CA GLN B 386 20.77 107.71 -55.78
C GLN B 386 19.37 107.57 -55.24
N ALA B 387 18.72 106.43 -55.48
CA ALA B 387 17.37 106.23 -54.98
C ALA B 387 17.35 105.96 -53.48
N ASP B 388 18.43 105.39 -52.96
CA ASP B 388 18.52 105.10 -51.54
C ASP B 388 19.07 106.28 -50.74
N GLY B 389 19.61 107.30 -51.39
CA GLY B 389 20.12 108.46 -50.69
C GLY B 389 21.39 108.22 -49.91
N THR B 390 22.31 107.45 -50.48
CA THR B 390 23.55 107.05 -49.82
C THR B 390 24.75 107.25 -50.74
N TYR B 391 24.90 108.45 -51.29
CA TYR B 391 26.09 108.79 -52.09
C TYR B 391 27.37 108.66 -51.31
N THR B 392 27.33 108.96 -50.01
CA THR B 392 28.51 109.25 -49.21
C THR B 392 29.36 108.03 -48.92
N LEU B 393 28.94 106.82 -49.32
CA LEU B 393 29.72 105.63 -49.04
C LEU B 393 31.05 105.62 -49.78
N ILE B 394 31.10 106.18 -50.99
CA ILE B 394 32.32 106.11 -51.79
C ILE B 394 33.43 106.96 -51.17
N ILE B 395 33.08 108.04 -50.48
CA ILE B 395 34.11 108.87 -49.89
C ILE B 395 34.54 108.36 -48.50
N ARG B 396 33.71 107.58 -47.82
CA ARG B 396 34.00 107.21 -46.44
C ARG B 396 34.20 105.71 -46.23
N LEU B 397 33.86 104.86 -47.22
CA LEU B 397 34.14 103.44 -47.07
C LEU B 397 35.44 103.02 -47.74
N ARG B 398 36.02 103.85 -48.61
CA ARG B 398 37.36 103.59 -49.11
C ARG B 398 38.42 103.67 -48.02
N HIS B 399 38.10 104.34 -46.91
CA HIS B 399 38.88 104.21 -45.68
C HIS B 399 38.97 102.75 -45.24
N ASN B 400 37.81 102.12 -45.02
CA ASN B 400 37.79 100.76 -44.48
C ASN B 400 38.14 99.70 -45.51
N VAL B 401 38.33 100.06 -46.78
CA VAL B 401 38.83 99.08 -47.75
C VAL B 401 40.24 98.62 -47.37
N ILE B 402 41.07 99.54 -46.88
CA ILE B 402 42.38 99.14 -46.40
C ILE B 402 42.34 98.76 -44.92
N LYS B 403 41.31 99.18 -44.19
CA LYS B 403 41.26 98.93 -42.75
C LYS B 403 40.55 97.64 -42.39
N THR B 404 39.88 96.99 -43.34
CA THR B 404 39.21 95.72 -43.04
C THR B 404 40.24 94.61 -42.86
N GLY B 405 41.27 94.60 -43.71
CA GLY B 405 42.30 93.58 -43.61
C GLY B 405 43.13 93.71 -42.35
N VAL B 406 43.44 94.94 -41.94
CA VAL B 406 44.26 95.12 -40.75
C VAL B 406 43.45 94.84 -39.49
N ARG B 407 42.11 94.94 -39.57
CA ARG B 407 41.28 94.42 -38.50
C ARG B 407 41.26 92.90 -38.52
N MET B 408 41.30 92.32 -39.71
CA MET B 408 41.26 90.87 -39.85
C MET B 408 42.58 90.23 -39.45
N ILE B 409 43.71 90.88 -39.78
CA ILE B 409 45.02 90.34 -39.45
C ILE B 409 45.26 90.41 -37.94
N SER B 410 45.00 91.57 -37.34
CA SER B 410 45.25 91.78 -35.93
C SER B 410 44.29 90.99 -35.02
N LEU B 411 43.19 90.49 -35.56
CA LEU B 411 42.38 89.53 -34.83
C LEU B 411 42.91 88.12 -34.97
N SER B 412 43.50 87.79 -36.13
CA SER B 412 44.04 86.46 -36.35
C SER B 412 45.38 86.30 -35.64
N TYR B 413 46.34 87.16 -35.99
CA TYR B 413 47.69 87.03 -35.46
C TYR B 413 47.79 87.64 -34.07
N SER B 414 48.85 87.27 -33.36
CA SER B 414 49.05 87.69 -31.99
C SER B 414 50.28 88.56 -31.80
N ARG B 415 51.35 88.31 -32.54
CA ARG B 415 52.58 89.09 -32.40
C ARG B 415 53.26 89.07 -33.76
N ILE B 416 52.93 90.05 -34.60
CA ILE B 416 53.28 90.04 -36.01
C ILE B 416 54.39 91.05 -36.23
N SER B 417 55.23 90.78 -37.23
CA SER B 417 56.23 91.74 -37.68
C SER B 417 55.61 92.62 -38.76
N LEU B 418 56.04 93.89 -38.78
CA LEU B 418 55.51 94.82 -39.77
C LEU B 418 56.08 94.55 -41.16
N ALA B 419 57.19 93.83 -41.24
CA ALA B 419 57.75 93.48 -42.54
C ALA B 419 56.91 92.45 -43.28
N ASP B 420 56.08 91.69 -42.58
CA ASP B 420 55.26 90.66 -43.19
C ASP B 420 53.84 91.13 -43.46
N ILE B 421 53.37 92.13 -42.74
CA ILE B 421 52.02 92.65 -42.95
C ILE B 421 51.98 93.50 -44.22
N ALA B 422 53.13 93.93 -44.74
CA ALA B 422 53.17 94.71 -45.96
C ALA B 422 52.76 93.87 -47.17
N GLN B 423 53.25 92.63 -47.24
CA GLN B 423 52.83 91.77 -48.34
C GLN B 423 51.45 91.19 -48.07
N LYS B 424 51.06 91.07 -46.81
CA LYS B 424 49.76 90.48 -46.49
C LYS B 424 48.63 91.46 -46.75
N LEU B 425 48.88 92.75 -46.55
CA LEU B 425 47.98 93.80 -47.01
C LEU B 425 48.29 94.24 -48.42
N GLN B 426 49.19 93.53 -49.12
CA GLN B 426 49.78 93.80 -50.44
C GLN B 426 50.09 95.28 -50.68
N LEU B 427 50.64 95.93 -49.66
CA LEU B 427 50.99 97.35 -49.72
C LEU B 427 52.38 97.57 -50.30
N ASP B 428 53.25 96.56 -50.22
CA ASP B 428 54.59 96.53 -50.82
C ASP B 428 55.50 97.62 -50.22
N SER B 429 55.20 98.03 -49.00
CA SER B 429 55.98 99.04 -48.30
C SER B 429 55.80 98.91 -46.79
N PRO B 430 56.85 98.60 -46.03
CA PRO B 430 56.73 98.53 -44.57
C PRO B 430 56.75 99.90 -43.91
N GLU B 431 57.19 100.95 -44.60
CA GLU B 431 57.44 102.23 -43.95
C GLU B 431 56.15 103.00 -43.70
N ASP B 432 55.17 102.90 -44.60
CA ASP B 432 53.88 103.53 -44.38
C ASP B 432 52.91 102.62 -43.68
N ALA B 433 53.15 101.31 -43.69
CA ALA B 433 52.28 100.36 -43.01
C ALA B 433 52.33 100.55 -41.50
N GLU B 434 53.40 101.14 -40.99
CA GLU B 434 53.42 101.62 -39.61
C GLU B 434 52.31 102.65 -39.38
N PHE B 435 52.10 103.54 -40.35
CA PHE B 435 51.15 104.64 -40.19
C PHE B 435 49.70 104.16 -40.30
N ILE B 436 49.41 103.18 -41.17
CA ILE B 436 48.07 102.60 -41.23
C ILE B 436 47.72 101.91 -39.92
N VAL B 437 48.67 101.16 -39.36
CA VAL B 437 48.50 100.56 -38.04
C VAL B 437 48.42 101.64 -36.98
N ALA B 438 49.16 102.75 -37.15
CA ALA B 438 49.07 103.84 -36.20
C ALA B 438 47.71 104.53 -36.25
N LYS B 439 47.14 104.66 -37.46
CA LYS B 439 45.82 105.29 -37.58
C LYS B 439 44.71 104.41 -37.01
N ALA B 440 44.83 103.09 -37.17
CA ALA B 440 43.77 102.20 -36.70
C ALA B 440 43.75 102.13 -35.17
N ILE B 441 44.93 102.15 -34.55
CA ILE B 441 44.99 102.16 -33.09
C ILE B 441 44.63 103.56 -32.57
N ARG B 442 44.87 104.59 -33.38
CA ARG B 442 44.39 105.93 -33.04
C ARG B 442 42.86 105.98 -33.06
N ASP B 443 42.24 105.31 -34.02
CA ASP B 443 40.79 105.25 -34.10
C ASP B 443 40.18 104.20 -33.20
N GLY B 444 41.00 103.40 -32.52
CA GLY B 444 40.47 102.33 -31.69
C GLY B 444 39.90 101.17 -32.47
N VAL B 445 40.40 100.93 -33.69
CA VAL B 445 39.96 99.78 -34.47
C VAL B 445 40.45 98.50 -33.82
N ILE B 446 41.75 98.42 -33.54
CA ILE B 446 42.33 97.34 -32.76
C ILE B 446 43.02 97.95 -31.55
N GLU B 447 42.96 97.23 -30.42
CA GLU B 447 43.49 97.68 -29.14
C GLU B 447 44.98 97.37 -29.00
N ALA B 448 45.62 96.86 -30.05
CA ALA B 448 46.97 96.35 -29.96
C ALA B 448 48.00 97.46 -29.85
N SER B 449 49.26 97.07 -29.64
CA SER B 449 50.38 97.98 -29.46
C SER B 449 51.49 97.63 -30.44
N ILE B 450 52.46 98.53 -30.57
CA ILE B 450 53.56 98.36 -31.51
C ILE B 450 54.85 98.45 -30.72
N ASN B 451 55.78 97.55 -31.03
CA ASN B 451 57.15 97.66 -30.52
C ASN B 451 57.99 98.31 -31.60
N HIS B 452 58.29 99.60 -31.44
CA HIS B 452 59.14 100.31 -32.38
C HIS B 452 60.62 100.23 -32.01
N GLU B 453 61.10 99.02 -31.79
CA GLU B 453 62.51 98.77 -31.52
C GLU B 453 63.11 97.82 -32.53
N LYS B 454 62.39 96.78 -32.92
CA LYS B 454 62.87 95.88 -33.96
C LYS B 454 61.76 95.46 -34.91
N GLY B 455 60.61 96.11 -34.88
CA GLY B 455 59.57 95.89 -35.86
C GLY B 455 58.43 95.00 -35.44
N TYR B 456 58.16 94.87 -34.14
CA TYR B 456 57.11 94.00 -33.67
C TYR B 456 55.79 94.75 -33.53
N VAL B 457 54.72 94.08 -33.95
CA VAL B 457 53.36 94.56 -33.72
C VAL B 457 52.66 93.42 -32.99
N GLN B 458 52.56 93.52 -31.66
CA GLN B 458 51.92 92.48 -30.87
C GLN B 458 50.50 92.89 -30.49
N SER B 459 49.67 91.88 -30.29
CA SER B 459 48.27 92.11 -29.96
C SER B 459 48.14 92.38 -28.46
N LYS B 460 46.91 92.28 -27.96
CA LYS B 460 46.62 92.53 -26.56
C LYS B 460 47.05 91.35 -25.69
N GLU B 461 46.67 91.42 -24.43
CA GLU B 461 46.99 90.40 -23.45
C GLU B 461 45.91 89.30 -23.52
N MET B 462 45.91 88.38 -22.57
CA MET B 462 44.99 87.26 -22.52
C MET B 462 43.59 87.77 -22.09
N ILE B 463 42.64 86.84 -21.94
CA ILE B 463 41.34 87.14 -21.37
C ILE B 463 41.53 87.63 -19.93
N ASP B 464 41.02 88.82 -19.66
CA ASP B 464 41.31 89.61 -18.48
C ASP B 464 40.35 89.25 -17.35
N ILE B 465 40.18 90.17 -16.40
CA ILE B 465 39.39 90.08 -15.18
C ILE B 465 37.88 89.93 -15.44
N TYR B 466 37.50 89.87 -16.72
CA TYR B 466 36.17 89.57 -17.27
C TYR B 466 35.38 88.51 -16.50
N SER B 467 36.06 87.48 -16.00
CA SER B 467 35.44 86.49 -15.13
C SER B 467 35.16 87.00 -13.72
N THR B 468 35.80 88.09 -13.29
CA THR B 468 35.72 88.52 -11.90
C THR B 468 35.07 89.88 -11.72
N ARG B 469 35.56 90.93 -12.40
CA ARG B 469 35.21 92.31 -12.09
C ARG B 469 34.02 92.83 -12.91
N GLU B 470 34.00 92.51 -14.20
CA GLU B 470 32.95 92.99 -15.10
C GLU B 470 31.50 92.63 -14.72
N PRO B 471 31.13 91.36 -14.47
CA PRO B 471 29.74 90.92 -14.73
C PRO B 471 28.66 91.59 -13.89
N GLN B 472 29.01 92.17 -12.74
CA GLN B 472 28.03 92.93 -11.97
C GLN B 472 27.65 94.24 -12.66
N LEU B 473 28.52 94.75 -13.54
CA LEU B 473 28.20 95.94 -14.31
C LEU B 473 27.31 95.62 -15.51
N ALA B 474 27.05 94.34 -15.76
CA ALA B 474 25.93 93.91 -16.57
C ALA B 474 24.73 93.51 -15.72
N PHE B 475 24.97 93.02 -14.50
CA PHE B 475 23.90 92.52 -13.65
C PHE B 475 23.05 93.63 -13.06
N HIS B 476 23.58 94.84 -12.94
CA HIS B 476 22.85 95.92 -12.29
C HIS B 476 21.68 96.39 -13.14
N GLN B 477 21.84 96.37 -14.47
CA GLN B 477 20.76 96.78 -15.35
C GLN B 477 19.65 95.74 -15.36
N ARG B 478 20.01 94.47 -15.23
CA ARG B 478 19.03 93.40 -15.37
C ARG B 478 18.20 93.24 -14.10
N ILE B 479 18.79 93.55 -12.93
CA ILE B 479 18.00 93.73 -11.72
C ILE B 479 17.00 94.88 -11.90
N SER B 480 17.50 96.03 -12.36
CA SER B 480 16.68 97.24 -12.40
C SER B 480 15.59 97.15 -13.46
N PHE B 481 15.86 96.44 -14.55
CA PHE B 481 14.86 96.32 -15.61
C PHE B 481 13.76 95.34 -15.20
N CYS B 482 14.12 94.23 -14.55
CA CYS B 482 13.13 93.20 -14.29
C CYS B 482 12.23 93.56 -13.11
N LEU B 483 12.74 94.30 -12.12
CA LEU B 483 11.86 94.71 -11.03
C LEU B 483 10.95 95.86 -11.46
N ASP B 484 11.37 96.64 -12.46
CA ASP B 484 10.47 97.63 -13.02
C ASP B 484 9.35 96.98 -13.81
N ILE B 485 9.62 95.82 -14.42
CA ILE B 485 8.53 95.02 -14.98
C ILE B 485 7.58 94.58 -13.87
N HIS B 486 8.16 94.16 -12.73
CA HIS B 486 7.35 93.84 -11.56
C HIS B 486 6.65 95.07 -11.01
N ASN B 487 7.26 96.24 -11.14
CA ASN B 487 6.60 97.45 -10.67
C ASN B 487 5.50 97.89 -11.62
N MET B 488 5.77 97.87 -12.92
CA MET B 488 4.75 98.27 -13.90
C MET B 488 3.62 97.25 -13.99
N SER B 489 3.89 96.01 -13.58
CA SER B 489 2.82 95.02 -13.50
C SER B 489 1.88 95.35 -12.35
N VAL B 490 2.43 95.56 -11.16
CA VAL B 490 1.62 95.71 -9.96
C VAL B 490 0.82 97.01 -9.98
N LYS B 491 1.39 98.09 -10.49
CA LYS B 491 0.71 99.39 -10.47
C LYS B 491 -0.51 99.41 -11.40
N ALA B 492 -0.39 98.79 -12.58
CA ALA B 492 -1.47 98.78 -13.55
C ALA B 492 -2.40 97.58 -13.39
N MET B 493 -2.44 96.97 -12.21
CA MET B 493 -3.12 95.68 -12.07
C MET B 493 -4.64 95.80 -11.99
N ARG B 494 -5.17 96.45 -10.96
CA ARG B 494 -6.58 96.34 -10.60
C ARG B 494 -7.33 97.57 -11.08
N PHE B 495 -8.05 97.42 -12.19
CA PHE B 495 -9.05 98.40 -12.60
C PHE B 495 -10.39 98.19 -11.88
N PRO B 496 -10.90 96.94 -11.69
CA PRO B 496 -12.08 96.94 -10.81
C PRO B 496 -11.72 97.11 -9.33
N MET C 1 57.91 -12.55 51.06
CA MET C 1 57.70 -13.18 49.75
C MET C 1 58.92 -13.02 48.86
N ALA C 2 59.15 -11.79 48.41
CA ALA C 2 60.25 -11.49 47.50
C ALA C 2 61.52 -11.07 48.22
N ASP C 3 61.56 -11.19 49.56
CA ASP C 3 62.80 -10.95 50.30
C ASP C 3 63.83 -12.04 50.05
N GLY C 4 63.41 -13.23 49.64
CA GLY C 4 64.36 -14.24 49.21
C GLY C 4 65.08 -13.84 47.94
N GLY C 5 64.40 -13.16 47.03
CA GLY C 5 65.05 -12.61 45.87
C GLY C 5 65.98 -11.46 46.20
N SER C 6 65.73 -10.77 47.32
CA SER C 6 66.63 -9.71 47.74
C SER C 6 67.90 -10.26 48.37
N GLU C 7 67.77 -11.32 49.18
CA GLU C 7 68.95 -11.91 49.80
C GLU C 7 69.75 -12.76 48.81
N ARG C 8 69.10 -13.24 47.75
CA ARG C 8 69.86 -13.81 46.64
C ARG C 8 70.58 -12.72 45.85
N ALA C 9 69.97 -11.55 45.74
CA ALA C 9 70.65 -10.40 45.14
C ALA C 9 71.75 -9.89 46.05
N ASP C 10 71.63 -10.12 47.36
CA ASP C 10 72.74 -9.87 48.27
C ASP C 10 73.88 -10.85 47.99
N GLY C 11 73.55 -12.05 47.53
CA GLY C 11 74.58 -12.99 47.16
C GLY C 11 75.26 -12.63 45.85
N ARG C 12 74.50 -12.20 44.85
CA ARG C 12 75.07 -11.99 43.52
C ARG C 12 75.94 -10.75 43.45
N ILE C 13 75.70 -9.74 44.29
CA ILE C 13 76.55 -8.56 44.26
C ILE C 13 77.91 -8.86 44.88
N VAL C 14 77.98 -9.84 45.77
CA VAL C 14 79.28 -10.32 46.23
C VAL C 14 79.92 -11.21 45.16
N LYS C 15 79.09 -12.02 44.49
CA LYS C 15 79.56 -12.94 43.46
C LYS C 15 79.50 -12.33 42.06
N MET C 16 79.65 -11.01 41.94
CA MET C 16 79.87 -10.42 40.62
C MET C 16 81.24 -10.82 40.07
N GLU C 17 82.23 -10.92 40.95
CA GLU C 17 83.59 -11.27 40.57
C GLU C 17 84.00 -12.66 41.03
N VAL C 18 83.46 -13.13 42.16
CA VAL C 18 83.73 -14.49 42.62
C VAL C 18 83.09 -15.51 41.67
N ASP C 19 81.82 -15.30 41.34
CA ASP C 19 81.16 -16.05 40.29
C ASP C 19 81.06 -15.17 39.05
N TYR C 20 80.85 -15.79 37.90
CA TYR C 20 80.75 -15.03 36.67
C TYR C 20 79.35 -14.46 36.51
N SER C 21 79.27 -13.31 35.83
CA SER C 21 78.04 -12.51 35.75
C SER C 21 76.95 -13.15 34.89
N ALA C 22 77.27 -14.20 34.11
CA ALA C 22 76.20 -14.91 33.40
C ALA C 22 75.35 -15.71 34.38
N THR C 23 75.93 -16.15 35.50
CA THR C 23 75.16 -16.82 36.54
C THR C 23 74.21 -15.87 37.26
N VAL C 24 74.52 -14.57 37.27
CA VAL C 24 73.58 -13.57 37.74
C VAL C 24 72.38 -13.52 36.79
N ASP C 25 72.63 -13.69 35.49
CA ASP C 25 71.57 -13.84 34.51
C ASP C 25 70.97 -15.24 34.51
N GLN C 26 71.55 -16.18 35.24
CA GLN C 26 70.95 -17.48 35.45
C GLN C 26 70.10 -17.52 36.72
N ARG C 27 70.41 -16.68 37.71
CA ARG C 27 69.51 -16.51 38.84
C ARG C 27 68.41 -15.51 38.51
N LEU C 28 68.60 -14.71 37.46
CA LEU C 28 67.59 -13.76 37.02
C LEU C 28 66.23 -14.34 36.60
N PRO C 29 66.11 -15.45 35.83
CA PRO C 29 64.75 -15.87 35.43
C PRO C 29 63.90 -16.44 36.55
N GLU C 30 64.50 -16.83 37.67
CA GLU C 30 63.71 -17.16 38.86
C GLU C 30 63.03 -15.91 39.41
N CYS C 31 63.73 -14.78 39.40
CA CYS C 31 63.11 -13.52 39.79
C CYS C 31 62.11 -13.05 38.74
N ALA C 32 62.31 -13.46 37.47
CA ALA C 32 61.29 -13.23 36.46
C ALA C 32 60.06 -14.08 36.72
N LYS C 33 60.25 -15.34 37.12
CA LYS C 33 59.10 -16.17 37.49
C LYS C 33 58.38 -15.65 38.72
N LEU C 34 59.11 -14.95 39.61
CA LEU C 34 58.47 -14.20 40.67
C LEU C 34 57.67 -13.03 40.11
N ALA C 35 58.22 -12.35 39.10
CA ALA C 35 57.45 -11.31 38.42
C ALA C 35 56.35 -11.89 37.54
N LYS C 36 56.51 -13.15 37.11
CA LYS C 36 55.43 -13.82 36.39
C LYS C 36 54.24 -14.09 37.28
N GLU C 37 54.48 -14.34 38.57
CA GLU C 37 53.40 -14.52 39.53
C GLU C 37 52.60 -13.22 39.71
N GLY C 38 53.23 -12.21 40.33
CA GLY C 38 52.71 -10.86 40.54
C GLY C 38 51.25 -10.67 40.87
N ARG C 39 50.70 -11.40 41.85
CA ARG C 39 49.26 -11.61 41.88
C ARG C 39 48.49 -10.41 42.42
N LEU C 40 48.55 -10.19 43.74
CA LEU C 40 47.79 -9.09 44.32
C LEU C 40 48.63 -8.15 45.16
N GLN C 41 49.32 -8.70 46.16
CA GLN C 41 50.12 -7.91 47.09
C GLN C 41 51.46 -8.53 47.45
N GLU C 42 51.69 -9.81 47.14
CA GLU C 42 52.85 -10.51 47.66
C GLU C 42 54.12 -10.16 46.89
N VAL C 43 54.11 -10.37 45.58
CA VAL C 43 55.30 -10.30 44.75
C VAL C 43 55.04 -9.27 43.64
N ILE C 44 54.40 -8.17 44.01
CA ILE C 44 53.91 -7.19 43.05
C ILE C 44 54.79 -5.94 43.18
N GLU C 45 54.50 -4.90 42.40
CA GLU C 45 55.28 -3.71 42.04
C GLU C 45 56.30 -3.17 43.03
N THR C 46 55.91 -3.05 44.31
CA THR C 46 56.80 -2.48 45.31
C THR C 46 58.00 -3.39 45.56
N LEU C 47 57.77 -4.70 45.68
CA LEU C 47 58.91 -5.61 45.79
C LEU C 47 59.49 -5.93 44.43
N LEU C 48 58.72 -5.77 43.35
CA LEU C 48 59.27 -5.94 42.01
C LEU C 48 60.25 -4.84 41.66
N SER C 49 60.05 -3.65 42.24
CA SER C 49 61.00 -2.57 42.03
C SER C 49 62.34 -2.86 42.71
N LEU C 50 62.35 -3.72 43.73
CA LEU C 50 63.60 -4.04 44.39
C LEU C 50 64.48 -4.97 43.55
N GLU C 51 63.88 -5.99 42.92
CA GLU C 51 64.66 -6.81 42.00
C GLU C 51 65.05 -6.01 40.77
N LYS C 52 64.17 -5.13 40.32
CA LYS C 52 64.52 -4.21 39.23
C LYS C 52 65.63 -3.25 39.64
N GLN C 53 65.69 -2.90 40.93
CA GLN C 53 66.81 -2.10 41.40
C GLN C 53 68.10 -2.92 41.46
N THR C 54 68.00 -4.16 41.93
CA THR C 54 69.22 -4.96 42.13
C THR C 54 69.71 -5.57 40.82
N ARG C 55 68.82 -5.80 39.85
CA ARG C 55 69.31 -6.30 38.57
C ARG C 55 69.99 -5.18 37.79
N THR C 56 69.57 -3.93 38.00
CA THR C 56 70.27 -2.80 37.40
C THR C 56 71.58 -2.50 38.12
N ALA C 57 71.62 -2.73 39.44
CA ALA C 57 72.87 -2.57 40.18
C ALA C 57 73.89 -3.64 39.78
N SER C 58 73.41 -4.86 39.50
CA SER C 58 74.30 -5.87 38.92
C SER C 58 74.67 -5.50 37.48
N ASP C 59 73.76 -4.85 36.76
CA ASP C 59 74.10 -4.34 35.43
C ASP C 59 75.08 -3.17 35.51
N MET C 60 75.08 -2.45 36.62
CA MET C 60 76.08 -1.40 36.82
C MET C 60 77.48 -1.99 37.01
N VAL C 61 77.59 -3.05 37.81
CA VAL C 61 78.90 -3.63 38.10
C VAL C 61 79.45 -4.36 36.88
N SER C 62 78.57 -5.05 36.14
CA SER C 62 78.99 -5.84 34.99
C SER C 62 79.46 -4.94 33.84
N THR C 63 78.79 -3.82 33.62
CA THR C 63 79.10 -2.94 32.51
C THR C 63 79.64 -1.59 32.96
N SER C 64 80.25 -1.53 34.14
CA SER C 64 81.11 -0.39 34.46
C SER C 64 82.36 -0.41 33.60
N ARG C 65 82.79 -1.60 33.18
CA ARG C 65 83.93 -1.77 32.29
C ARG C 65 83.52 -1.45 30.85
N ILE C 66 84.46 -1.62 29.91
CA ILE C 66 84.19 -1.36 28.50
C ILE C 66 83.44 -2.51 27.82
N LEU C 67 83.20 -3.61 28.54
CA LEU C 67 82.27 -4.63 28.08
C LEU C 67 80.87 -4.14 28.41
N VAL C 68 80.33 -3.33 27.48
CA VAL C 68 79.10 -2.60 27.75
C VAL C 68 77.87 -3.38 27.28
N ALA C 69 78.05 -4.34 26.36
CA ALA C 69 76.95 -4.96 25.62
C ALA C 69 75.96 -5.75 26.48
N VAL C 70 76.32 -6.10 27.71
CA VAL C 70 75.47 -6.94 28.54
C VAL C 70 74.28 -6.15 29.10
N VAL C 71 74.51 -4.89 29.51
CA VAL C 71 73.41 -4.08 30.04
C VAL C 71 72.42 -3.73 28.94
N LYS C 72 72.88 -3.67 27.68
CA LYS C 72 71.97 -3.30 26.60
C LYS C 72 71.16 -4.51 26.12
N MET C 73 71.80 -5.67 25.96
CA MET C 73 71.07 -6.84 25.48
C MET C 73 70.17 -7.44 26.56
N CYS C 74 70.42 -7.11 27.83
CA CYS C 74 69.49 -7.48 28.88
C CYS C 74 68.23 -6.63 28.82
N TYR C 75 68.32 -5.44 28.22
CA TYR C 75 67.18 -4.54 28.21
C TYR C 75 66.18 -4.92 27.12
N GLU C 76 66.64 -5.16 25.89
CA GLU C 76 65.72 -5.64 24.87
C GLU C 76 65.29 -7.08 25.12
N ALA C 77 66.00 -7.79 26.00
CA ALA C 77 65.47 -9.03 26.54
C ALA C 77 64.21 -8.78 27.35
N LYS C 78 64.33 -8.00 28.44
CA LYS C 78 63.23 -7.92 29.40
C LYS C 78 62.11 -6.96 28.97
N GLU C 79 62.42 -5.93 28.19
CA GLU C 79 61.45 -4.91 27.88
C GLU C 79 60.60 -5.26 26.66
N TRP C 80 60.99 -6.30 25.94
CA TRP C 80 60.08 -6.95 25.01
C TRP C 80 59.31 -8.07 25.70
N ASP C 81 59.87 -8.61 26.78
CA ASP C 81 59.29 -9.76 27.43
C ASP C 81 58.38 -9.39 28.59
N LEU C 82 58.37 -8.12 29.02
CA LEU C 82 57.56 -7.69 30.16
C LEU C 82 56.07 -7.76 29.85
N LEU C 83 55.70 -7.75 28.56
CA LEU C 83 54.31 -8.01 28.18
C LEU C 83 53.90 -9.44 28.50
N ASN C 84 54.86 -10.35 28.52
CA ASN C 84 54.63 -11.72 28.96
C ASN C 84 54.96 -11.92 30.43
N GLU C 85 55.64 -10.97 31.07
CA GLU C 85 56.07 -11.16 32.45
C GLU C 85 54.97 -10.79 33.45
N ASN C 86 54.62 -9.51 33.55
CA ASN C 86 53.99 -8.99 34.76
C ASN C 86 52.47 -9.01 34.67
N ILE C 87 51.87 -8.19 33.80
CA ILE C 87 50.43 -8.11 33.62
C ILE C 87 50.17 -7.82 32.15
N MET C 88 49.29 -8.58 31.54
CA MET C 88 48.99 -8.36 30.14
C MET C 88 47.98 -7.23 29.99
N LEU C 89 47.92 -6.66 28.77
CA LEU C 89 47.26 -5.38 28.46
C LEU C 89 47.87 -4.24 29.26
N LEU C 90 48.96 -3.72 28.70
CA LEU C 90 49.71 -2.58 29.22
C LEU C 90 49.86 -2.58 30.73
N SER C 91 50.65 -3.54 31.23
CA SER C 91 50.98 -3.81 32.64
C SER C 91 50.55 -2.77 33.67
N LYS C 92 51.39 -1.74 33.87
CA LYS C 92 51.11 -0.67 34.79
C LYS C 92 51.53 0.68 34.21
N ARG C 93 52.67 0.68 33.51
CA ARG C 93 53.50 1.87 33.26
C ARG C 93 53.67 2.67 34.56
N ARG C 94 54.01 1.93 35.62
CA ARG C 94 53.98 2.45 37.00
C ARG C 94 55.03 1.69 37.81
N SER C 95 56.25 2.24 37.87
CA SER C 95 57.34 1.81 38.74
C SER C 95 57.80 0.37 38.50
N GLN C 96 57.47 -0.22 37.36
CA GLN C 96 57.97 -1.54 37.03
C GLN C 96 59.20 -1.49 36.15
N LEU C 97 59.41 -0.41 35.41
CA LEU C 97 60.60 -0.23 34.60
C LEU C 97 61.15 1.18 34.65
N LYS C 98 60.39 2.14 35.20
CA LYS C 98 60.68 3.56 35.00
C LYS C 98 61.94 4.01 35.74
N GLN C 99 61.96 3.88 37.07
CA GLN C 99 63.10 4.33 37.85
C GLN C 99 64.31 3.41 37.69
N ALA C 100 64.11 2.20 37.18
CA ALA C 100 65.24 1.33 36.87
C ALA C 100 66.08 1.90 35.73
N VAL C 101 65.44 2.61 34.81
CA VAL C 101 66.15 3.24 33.70
C VAL C 101 66.29 4.75 33.92
N ALA C 102 65.42 5.35 34.75
CA ALA C 102 65.65 6.73 35.18
C ALA C 102 66.92 6.85 36.03
N LYS C 103 67.27 5.77 36.73
CA LYS C 103 68.60 5.70 37.32
C LYS C 103 69.68 5.59 36.24
N MET C 104 69.38 4.87 35.16
CA MET C 104 70.40 4.62 34.13
C MET C 104 70.66 5.85 33.27
N VAL C 105 69.63 6.65 32.98
CA VAL C 105 69.88 7.89 32.26
C VAL C 105 70.52 8.91 33.19
N GLN C 106 70.35 8.75 34.50
CA GLN C 106 71.17 9.50 35.44
C GLN C 106 72.61 8.99 35.43
N GLN C 107 72.79 7.69 35.20
CA GLN C 107 74.16 7.17 35.04
C GLN C 107 74.77 7.62 33.73
N CYS C 108 73.96 7.76 32.68
CA CYS C 108 74.47 8.30 31.42
C CYS C 108 74.85 9.76 31.56
N CYS C 109 74.25 10.47 32.52
CA CYS C 109 74.72 11.80 32.87
C CYS C 109 76.06 11.74 33.59
N THR C 110 76.32 10.66 34.35
CA THR C 110 77.60 10.54 35.03
C THR C 110 78.70 10.08 34.09
N TYR C 111 78.43 9.09 33.24
CA TYR C 111 79.48 8.52 32.41
C TYR C 111 79.84 9.39 31.22
N VAL C 112 79.04 10.42 30.89
CA VAL C 112 79.31 11.21 29.68
C VAL C 112 80.58 12.04 29.83
N GLU C 113 80.98 12.37 31.05
CA GLU C 113 82.28 12.99 31.28
C GLU C 113 83.40 11.98 31.44
N GLU C 114 83.08 10.69 31.50
CA GLU C 114 84.08 9.64 31.66
C GLU C 114 84.17 8.75 30.43
N ILE C 115 83.06 8.14 30.02
CA ILE C 115 83.08 7.21 28.90
C ILE C 115 83.13 8.02 27.61
N THR C 116 83.69 7.44 26.56
CA THR C 116 83.79 8.17 25.31
C THR C 116 82.46 8.14 24.57
N ASP C 117 82.41 8.86 23.45
CA ASP C 117 81.13 9.14 22.81
C ASP C 117 80.53 7.94 22.11
N LEU C 118 81.34 6.92 21.79
CA LEU C 118 80.83 5.81 20.99
C LEU C 118 79.90 4.86 21.78
N PRO C 119 80.30 4.25 22.92
CA PRO C 119 79.38 3.30 23.55
C PRO C 119 78.26 3.97 24.33
N ILE C 120 78.33 5.27 24.56
CA ILE C 120 77.23 5.94 25.23
C ILE C 120 76.12 6.26 24.23
N LYS C 121 76.45 6.52 22.96
CA LYS C 121 75.37 6.68 22.00
C LYS C 121 74.87 5.35 21.47
N LEU C 122 75.66 4.28 21.59
CA LEU C 122 75.10 2.94 21.49
C LEU C 122 74.18 2.64 22.68
N ARG C 123 74.51 3.21 23.84
CA ARG C 123 73.63 3.09 24.99
C ARG C 123 72.36 3.92 24.79
N LEU C 124 72.50 5.09 24.17
CA LEU C 124 71.32 5.95 23.97
C LEU C 124 70.41 5.41 22.87
N ILE C 125 70.99 4.86 21.80
CA ILE C 125 70.17 4.38 20.69
C ILE C 125 69.41 3.12 21.07
N ASP C 126 69.83 2.42 22.13
CA ASP C 126 69.10 1.27 22.62
C ASP C 126 68.12 1.63 23.72
N THR C 127 68.26 2.80 24.35
CA THR C 127 67.22 3.23 25.27
C THR C 127 66.17 4.10 24.60
N LEU C 128 66.47 4.67 23.43
CA LEU C 128 65.43 5.37 22.66
C LEU C 128 64.35 4.43 22.16
N ARG C 129 64.66 3.12 22.06
CA ARG C 129 63.70 2.16 21.51
C ARG C 129 62.46 2.00 22.41
N MET C 130 62.63 2.01 23.72
CA MET C 130 61.49 1.88 24.62
C MET C 130 61.03 3.21 25.19
N VAL C 131 61.85 4.26 25.09
CA VAL C 131 61.40 5.60 25.47
C VAL C 131 60.36 6.11 24.47
N THR C 132 60.46 5.70 23.20
CA THR C 132 59.41 5.98 22.23
C THR C 132 58.08 5.30 22.56
N GLU C 133 58.09 4.25 23.35
CA GLU C 133 56.86 3.57 23.73
C GLU C 133 56.19 4.24 24.93
N GLY C 134 56.89 4.24 26.07
CA GLY C 134 56.32 4.79 27.29
C GLY C 134 57.34 5.52 28.12
N LYS C 135 57.21 5.42 29.45
CA LYS C 135 58.19 5.76 30.50
C LYS C 135 58.68 7.20 30.52
N ILE C 136 58.14 8.08 29.69
CA ILE C 136 58.50 9.50 29.76
C ILE C 136 57.23 10.33 29.90
N TYR C 137 56.22 9.74 30.55
CA TYR C 137 54.93 10.43 30.67
C TYR C 137 55.04 11.59 31.65
N VAL C 138 55.06 11.27 32.94
CA VAL C 138 55.10 12.29 33.98
C VAL C 138 56.23 11.97 34.96
N GLU C 139 56.38 12.78 36.01
CA GLU C 139 57.41 12.64 37.06
C GLU C 139 58.85 12.80 36.54
N ILE C 140 59.35 11.80 35.83
CA ILE C 140 60.53 11.99 35.01
C ILE C 140 60.20 12.10 33.52
N GLU C 141 59.29 13.01 33.16
CA GLU C 141 58.96 13.16 31.74
C GLU C 141 60.19 13.48 30.93
N ARG C 142 61.24 13.98 31.58
CA ARG C 142 62.47 14.37 30.91
C ARG C 142 63.54 13.29 30.98
N ALA C 143 63.13 12.03 31.12
CA ALA C 143 64.05 10.92 30.90
C ALA C 143 64.51 10.90 29.44
N ARG C 144 63.62 11.29 28.53
CA ARG C 144 64.04 11.55 27.15
C ARG C 144 64.83 12.85 27.04
N LEU C 145 64.40 13.89 27.75
CA LEU C 145 64.91 15.22 27.43
C LEU C 145 66.29 15.47 28.02
N THR C 146 66.62 14.81 29.13
CA THR C 146 67.97 14.97 29.66
C THR C 146 68.99 14.16 28.86
N LYS C 147 68.55 13.26 27.99
CA LYS C 147 69.46 12.51 27.15
C LYS C 147 69.37 12.89 25.67
N THR C 148 68.24 13.42 25.20
CA THR C 148 68.22 13.93 23.84
C THR C 148 68.89 15.29 23.75
N LEU C 149 68.98 16.01 24.86
CA LEU C 149 69.84 17.19 24.93
C LEU C 149 71.30 16.78 24.95
N ALA C 150 71.59 15.60 25.52
CA ALA C 150 72.96 15.09 25.50
C ALA C 150 73.38 14.70 24.10
N THR C 151 72.44 14.17 23.29
CA THR C 151 72.74 13.86 21.90
C THR C 151 73.04 15.10 21.08
N ILE C 152 72.45 16.24 21.45
CA ILE C 152 72.76 17.50 20.79
C ILE C 152 74.20 17.90 21.07
N LYS C 153 74.62 17.80 22.33
CA LYS C 153 75.95 18.20 22.72
C LYS C 153 77.00 17.10 22.55
N GLU C 154 76.64 15.97 21.92
CA GLU C 154 77.65 15.01 21.49
C GLU C 154 78.56 15.63 20.44
N GLN C 155 77.99 15.99 19.29
CA GLN C 155 78.70 16.76 18.28
C GLN C 155 78.43 18.24 18.38
N ASN C 156 77.83 18.68 19.50
CA ASN C 156 77.66 20.09 19.86
C ASN C 156 76.77 20.84 18.87
N GLY C 157 75.79 20.14 18.31
CA GLY C 157 74.76 20.79 17.52
C GLY C 157 75.09 21.00 16.05
N ASP C 158 74.11 20.71 15.19
CA ASP C 158 74.19 20.93 13.76
C ASP C 158 72.77 21.03 13.22
N VAL C 159 72.62 20.88 11.90
CA VAL C 159 71.31 20.82 11.27
C VAL C 159 70.51 19.62 11.78
N LYS C 160 71.19 18.49 12.03
CA LYS C 160 70.49 17.26 12.39
C LYS C 160 69.96 17.32 13.82
N GLU C 161 70.74 17.87 14.75
CA GLU C 161 70.30 17.93 16.14
C GLU C 161 69.22 18.97 16.35
N ALA C 162 69.16 19.99 15.48
CA ALA C 162 68.00 20.88 15.48
C ALA C 162 66.76 20.14 14.98
N ALA C 163 66.93 19.28 13.99
CA ALA C 163 65.83 18.43 13.55
C ALA C 163 65.52 17.36 14.58
N SER C 164 66.52 16.95 15.36
CA SER C 164 66.30 15.92 16.37
C SER C 164 65.54 16.46 17.57
N ILE C 165 65.60 17.77 17.82
CA ILE C 165 64.84 18.31 18.94
C ILE C 165 63.46 18.84 18.50
N LEU C 166 63.34 19.32 17.26
CA LEU C 166 62.04 19.81 16.77
C LEU C 166 61.04 18.68 16.60
N GLN C 167 61.51 17.45 16.37
CA GLN C 167 60.62 16.31 16.28
C GLN C 167 60.18 15.79 17.64
N GLU C 168 60.82 16.24 18.72
CA GLU C 168 60.53 15.75 20.07
C GLU C 168 60.08 16.86 21.01
N LEU C 169 59.65 18.00 20.49
CA LEU C 169 59.27 19.14 21.34
C LEU C 169 58.07 18.88 22.21
N GLN C 170 56.90 18.70 21.59
CA GLN C 170 55.63 18.75 22.29
C GLN C 170 55.29 17.45 23.01
N VAL C 171 56.23 16.52 23.11
CA VAL C 171 55.95 15.21 23.70
C VAL C 171 55.88 15.33 25.23
N GLU C 172 56.44 16.43 25.71
CA GLU C 172 56.44 16.76 27.14
C GLU C 172 55.15 17.52 27.39
N THR C 173 54.76 18.34 26.42
CA THR C 173 53.50 19.08 26.50
C THR C 173 52.49 17.95 26.57
N TYR C 174 52.84 16.86 25.89
CA TYR C 174 52.05 15.63 25.89
C TYR C 174 52.25 14.83 27.17
N GLY C 175 53.14 15.25 28.05
CA GLY C 175 53.23 14.65 29.36
C GLY C 175 52.78 15.54 30.49
N SER C 176 53.11 16.82 30.41
CA SER C 176 52.73 17.78 31.45
C SER C 176 53.76 18.90 31.57
N MET C 177 53.48 20.03 30.93
CA MET C 177 54.38 21.18 30.97
C MET C 177 54.71 21.57 32.41
N GLU C 178 55.99 21.81 32.67
CA GLU C 178 56.46 22.19 34.00
C GLU C 178 56.60 23.70 34.11
N LYS C 179 55.73 24.32 34.90
CA LYS C 179 55.78 25.76 35.09
C LYS C 179 57.11 26.37 34.66
N LYS C 180 58.22 25.74 35.02
CA LYS C 180 59.51 26.36 34.77
C LYS C 180 60.38 25.58 33.80
N GLU C 181 60.69 24.32 34.10
CA GLU C 181 61.64 23.55 33.31
C GLU C 181 61.11 23.22 31.93
N ARG C 182 59.79 23.07 31.80
CA ARG C 182 59.20 22.88 30.48
C ARG C 182 59.31 24.14 29.65
N VAL C 183 59.15 25.30 30.28
CA VAL C 183 59.38 26.57 29.59
C VAL C 183 60.86 26.70 29.25
N GLU C 184 61.74 26.25 30.15
CA GLU C 184 63.17 26.30 29.89
C GLU C 184 63.60 25.33 28.80
N PHE C 185 62.85 24.26 28.59
CA PHE C 185 63.19 23.38 27.47
C PHE C 185 62.59 23.88 26.17
N ILE C 186 61.37 24.41 26.21
CA ILE C 186 60.69 24.81 24.98
C ILE C 186 61.19 26.16 24.47
N LEU C 187 62.05 26.84 25.23
CA LEU C 187 62.74 27.98 24.66
C LEU C 187 64.00 27.57 23.90
N GLU C 188 64.66 26.48 24.32
CA GLU C 188 66.06 26.25 23.97
C GLU C 188 66.24 25.89 22.50
N GLN C 189 65.22 25.33 21.85
CA GLN C 189 65.41 24.81 20.50
C GLN C 189 65.45 25.89 19.43
N MET C 190 64.99 27.11 19.72
CA MET C 190 64.87 28.07 18.63
C MET C 190 66.17 28.82 18.39
N ARG C 191 67.09 28.85 19.36
CA ARG C 191 68.43 29.31 19.07
C ARG C 191 69.17 28.31 18.19
N LEU C 192 68.79 27.03 18.27
CA LEU C 192 69.25 26.06 17.28
C LEU C 192 68.62 26.34 15.93
N CYS C 193 67.36 26.79 15.92
CA CYS C 193 66.71 27.19 14.69
C CYS C 193 67.36 28.43 14.09
N LEU C 194 67.89 29.32 14.93
CA LEU C 194 68.68 30.43 14.41
C LEU C 194 70.03 29.97 13.89
N ALA C 195 70.56 28.87 14.43
CA ALA C 195 71.79 28.31 13.88
C ALA C 195 71.56 27.69 12.51
N VAL C 196 70.36 27.15 12.26
CA VAL C 196 69.99 26.72 10.91
C VAL C 196 69.34 27.88 10.13
N LYS C 197 69.36 29.10 10.71
CA LYS C 197 68.88 30.34 10.09
C LYS C 197 67.41 30.24 9.72
N ASP C 198 66.62 29.74 10.66
CA ASP C 198 65.18 29.61 10.50
C ASP C 198 64.51 30.68 11.35
N TYR C 199 63.66 31.45 10.73
CA TYR C 199 63.09 32.62 11.38
C TYR C 199 61.57 32.57 11.48
N ILE C 200 60.90 32.00 10.47
CA ILE C 200 59.44 31.90 10.52
C ILE C 200 59.01 30.81 11.50
N ARG C 201 59.77 29.71 11.56
CA ARG C 201 59.48 28.67 12.56
C ARG C 201 59.83 29.15 13.95
N THR C 202 60.83 30.03 14.05
CA THR C 202 61.35 30.47 15.35
C THR C 202 60.30 31.27 16.11
N GLN C 203 59.58 32.16 15.43
CA GLN C 203 58.60 32.98 16.13
C GLN C 203 57.31 32.23 16.40
N ILE C 204 57.05 31.13 15.70
CA ILE C 204 55.87 30.32 15.99
C ILE C 204 56.05 29.60 17.33
N ILE C 205 57.20 28.96 17.51
CA ILE C 205 57.46 28.29 18.78
C ILE C 205 57.89 29.26 19.86
N SER C 206 58.12 30.53 19.52
CA SER C 206 58.34 31.55 20.54
C SER C 206 57.06 32.13 21.10
N LYS C 207 55.96 32.04 20.36
CA LYS C 207 54.70 32.60 20.81
C LYS C 207 54.02 31.73 21.87
N LYS C 208 54.51 30.50 22.07
CA LYS C 208 54.06 29.66 23.18
C LYS C 208 54.53 30.20 24.53
N ILE C 209 55.59 31.00 24.55
CA ILE C 209 56.22 31.43 25.78
C ILE C 209 55.38 32.45 26.54
N ASN C 210 54.67 33.32 25.80
CA ASN C 210 54.22 34.62 26.28
C ASN C 210 53.25 34.57 27.47
N THR C 211 52.51 33.47 27.63
CA THR C 211 51.56 33.40 28.74
C THR C 211 52.20 33.02 30.06
N LYS C 212 53.40 32.42 30.05
CA LYS C 212 54.10 32.07 31.29
C LYS C 212 55.14 33.16 31.57
N PHE C 213 54.66 34.22 32.22
CA PHE C 213 55.52 35.32 32.64
C PHE C 213 55.49 35.43 34.15
N PHE C 214 56.23 36.41 34.67
CA PHE C 214 56.40 36.68 36.10
C PHE C 214 56.97 35.48 36.87
N GLN C 215 57.84 34.68 36.24
CA GLN C 215 58.65 33.75 36.98
C GLN C 215 60.11 34.19 37.05
N GLU C 216 60.40 35.42 36.66
CA GLU C 216 61.71 36.02 36.88
C GLU C 216 61.92 36.46 38.32
N GLU C 217 60.89 36.36 39.17
CA GLU C 217 61.05 36.64 40.59
C GLU C 217 61.96 35.63 41.26
N ASN C 218 61.81 34.35 40.91
CA ASN C 218 62.66 33.29 41.43
C ASN C 218 63.80 32.94 40.48
N THR C 219 64.00 33.73 39.43
CA THR C 219 64.98 33.45 38.39
C THR C 219 65.99 34.58 38.35
N GLU C 220 67.26 34.25 38.60
CA GLU C 220 68.30 35.26 38.70
C GLU C 220 68.83 35.68 37.32
N LYS C 221 69.40 34.72 36.57
CA LYS C 221 70.11 35.03 35.33
C LYS C 221 69.61 34.22 34.14
N LEU C 222 68.32 33.88 34.10
CA LEU C 222 67.92 33.03 32.98
C LEU C 222 66.69 33.54 32.23
N LYS C 223 65.74 34.15 32.92
CA LYS C 223 64.44 34.44 32.30
C LYS C 223 64.52 35.59 31.31
N LEU C 224 64.90 36.78 31.77
CA LEU C 224 64.98 37.94 30.91
C LEU C 224 66.37 38.10 30.28
N LYS C 225 67.13 37.02 30.22
CA LYS C 225 68.36 36.99 29.45
C LYS C 225 68.30 36.08 28.25
N TYR C 226 67.33 35.16 28.20
CA TYR C 226 67.08 34.42 26.96
C TYR C 226 66.40 35.30 25.92
N TYR C 227 65.70 36.34 26.35
CA TYR C 227 65.04 37.25 25.43
C TYR C 227 66.02 38.13 24.67
N ASN C 228 67.29 38.13 25.08
CA ASN C 228 68.36 38.71 24.26
C ASN C 228 68.62 37.90 22.99
N LEU C 229 68.12 36.67 22.92
CA LEU C 229 68.05 35.96 21.65
C LEU C 229 66.75 36.23 20.89
N MET C 230 65.74 36.76 21.58
CA MET C 230 64.49 37.08 20.90
C MET C 230 64.61 38.39 20.13
N ILE C 231 65.48 39.28 20.57
CA ILE C 231 65.79 40.45 19.73
C ILE C 231 66.64 40.06 18.54
N GLN C 232 67.39 38.96 18.63
CA GLN C 232 68.13 38.48 17.47
C GLN C 232 67.19 37.98 16.39
N LEU C 233 66.02 37.46 16.78
CA LEU C 233 64.98 37.13 15.82
C LEU C 233 64.45 38.38 15.13
N ASP C 234 64.15 39.42 15.91
CA ASP C 234 63.67 40.67 15.34
C ASP C 234 64.80 41.61 14.94
N GLN C 235 66.04 41.17 15.08
CA GLN C 235 67.18 41.83 14.44
C GLN C 235 67.09 41.76 12.91
N HIS C 236 66.37 40.75 12.39
CA HIS C 236 66.50 40.34 10.99
C HIS C 236 66.01 41.42 10.03
N GLU C 237 64.74 41.79 10.09
CA GLU C 237 64.26 42.65 9.01
C GLU C 237 64.26 44.16 9.32
N GLY C 238 63.38 44.66 10.19
CA GLY C 238 63.37 46.09 10.46
C GLY C 238 62.80 46.55 11.79
N SER C 239 62.31 45.62 12.62
CA SER C 239 61.35 45.93 13.68
C SER C 239 62.03 46.66 14.84
N TYR C 240 62.35 47.92 14.60
CA TYR C 240 63.18 48.67 15.54
C TYR C 240 62.40 49.22 16.72
N LEU C 241 61.13 49.58 16.53
CA LEU C 241 60.34 50.10 17.63
C LEU C 241 59.97 48.98 18.61
N SER C 242 59.81 47.76 18.10
CA SER C 242 59.41 46.65 18.96
C SER C 242 60.55 46.20 19.87
N ILE C 243 61.79 46.26 19.38
CA ILE C 243 62.91 45.86 20.23
C ILE C 243 63.44 47.01 21.07
N CYS C 244 62.89 48.21 20.92
CA CYS C 244 63.08 49.22 21.94
C CYS C 244 62.02 49.12 23.02
N LYS C 245 60.83 48.62 22.67
CA LYS C 245 59.87 48.20 23.69
C LYS C 245 60.41 47.00 24.46
N HIS C 246 61.20 46.17 23.78
CA HIS C 246 61.81 45.02 24.43
C HIS C 246 62.87 45.44 25.43
N TYR C 247 63.67 46.46 25.10
CA TYR C 247 64.75 46.87 25.99
C TYR C 247 64.22 47.49 27.26
N ARG C 248 63.06 48.13 27.20
CA ARG C 248 62.41 48.61 28.42
C ARG C 248 61.81 47.46 29.22
N ALA C 249 61.55 46.32 28.58
CA ALA C 249 61.08 45.15 29.33
C ALA C 249 62.22 44.48 30.07
N ILE C 250 63.39 44.35 29.43
CA ILE C 250 64.57 43.82 30.11
C ILE C 250 65.34 44.90 30.86
N TYR C 251 64.80 46.10 30.95
CA TYR C 251 65.39 47.19 31.71
C TYR C 251 65.32 46.95 33.21
N ASP C 252 64.37 46.13 33.67
CA ASP C 252 64.03 46.12 35.08
C ASP C 252 65.02 45.31 35.92
N THR C 253 65.33 44.08 35.49
CA THR C 253 66.13 43.13 36.26
C THR C 253 67.56 43.61 36.58
N PRO C 254 68.33 44.29 35.64
CA PRO C 254 69.60 44.87 36.09
C PRO C 254 69.46 46.13 36.94
N CYS C 255 68.24 46.56 37.21
CA CYS C 255 68.01 47.51 38.29
C CYS C 255 67.61 46.80 39.58
N ILE C 256 66.95 45.65 39.49
CA ILE C 256 66.90 44.73 40.63
C ILE C 256 68.30 44.23 40.95
N GLN C 257 68.98 43.67 39.96
CA GLN C 257 70.36 43.22 40.10
C GLN C 257 71.25 44.46 39.97
N ALA C 258 71.52 45.12 41.08
CA ALA C 258 72.01 46.51 41.10
C ALA C 258 73.43 46.58 40.58
N GLU C 259 73.55 46.59 39.26
CA GLU C 259 74.81 46.66 38.54
C GLU C 259 74.94 48.04 37.91
N SER C 260 76.18 48.52 37.77
CA SER C 260 76.43 49.81 37.13
C SER C 260 77.26 49.66 35.85
N GLU C 261 77.29 48.48 35.26
CA GLU C 261 77.81 48.34 33.90
C GLU C 261 76.88 47.57 32.99
N LYS C 262 76.25 46.51 33.49
CA LYS C 262 75.25 45.77 32.72
C LYS C 262 73.97 46.59 32.60
N TRP C 263 73.62 47.31 33.66
CA TRP C 263 72.42 48.13 33.61
C TRP C 263 72.65 49.40 32.83
N GLN C 264 73.87 49.95 32.89
CA GLN C 264 74.17 51.18 32.19
C GLN C 264 74.15 50.98 30.68
N GLN C 265 74.66 49.83 30.20
CA GLN C 265 74.58 49.53 28.78
C GLN C 265 73.17 49.17 28.33
N ALA C 266 72.29 48.82 29.28
CA ALA C 266 70.87 48.73 28.94
C ALA C 266 70.29 50.11 28.64
N LEU C 267 70.73 51.14 29.39
CA LEU C 267 70.37 52.51 29.03
C LEU C 267 71.02 52.93 27.72
N LYS C 268 72.24 52.46 27.46
CA LYS C 268 72.94 52.80 26.22
C LYS C 268 72.24 52.17 25.02
N SER C 269 71.86 50.89 25.13
CA SER C 269 71.30 50.18 24.00
C SER C 269 69.88 50.64 23.68
N VAL C 270 69.13 51.12 24.67
CA VAL C 270 67.78 51.54 24.37
C VAL C 270 67.77 52.95 23.77
N VAL C 271 68.73 53.79 24.13
CA VAL C 271 68.69 55.18 23.68
C VAL C 271 69.27 55.34 22.28
N LEU C 272 69.89 54.29 21.74
CA LEU C 272 70.52 54.41 20.42
C LEU C 272 69.48 54.44 19.31
N TYR C 273 68.57 53.48 19.28
CA TYR C 273 67.74 53.34 18.09
C TYR C 273 66.25 53.29 18.40
N VAL C 274 65.80 54.06 19.40
CA VAL C 274 64.43 54.58 19.34
C VAL C 274 64.35 55.58 18.19
N ILE C 275 65.46 56.28 17.93
CA ILE C 275 65.62 57.16 16.78
C ILE C 275 65.39 56.40 15.47
N LEU C 276 65.98 55.21 15.35
CA LEU C 276 65.97 54.49 14.08
C LEU C 276 64.62 53.88 13.73
N ALA C 277 63.65 53.91 14.64
CA ALA C 277 62.29 53.59 14.25
C ALA C 277 61.74 54.70 13.37
N PRO C 278 60.87 54.38 12.40
CA PRO C 278 60.22 55.43 11.62
C PRO C 278 59.26 56.24 12.47
N PHE C 279 59.06 57.49 12.08
CA PHE C 279 58.31 58.42 12.90
C PHE C 279 56.83 58.07 12.92
N ASP C 280 56.24 58.15 14.11
CA ASP C 280 54.87 57.75 14.34
C ASP C 280 54.39 58.50 15.58
N ASN C 281 53.10 58.36 15.90
CA ASN C 281 52.66 58.80 17.22
C ASN C 281 53.24 57.93 18.32
N GLU C 282 53.54 56.66 18.01
CA GLU C 282 54.11 55.76 19.00
C GLU C 282 55.55 56.13 19.34
N GLN C 283 56.30 56.65 18.36
CA GLN C 283 57.64 57.12 18.68
C GLN C 283 57.59 58.46 19.40
N SER C 284 56.57 59.27 19.10
CA SER C 284 56.52 60.63 19.61
C SER C 284 56.21 60.68 21.10
N ASP C 285 55.40 59.74 21.59
CA ASP C 285 55.11 59.71 23.01
C ASP C 285 56.04 58.80 23.79
N LEU C 286 56.69 57.84 23.13
CA LEU C 286 57.67 57.00 23.81
C LEU C 286 58.90 57.81 24.19
N VAL C 287 59.32 58.73 23.32
CA VAL C 287 60.42 59.61 23.69
C VAL C 287 59.97 60.62 24.74
N HIS C 288 58.67 60.90 24.82
CA HIS C 288 58.16 61.74 25.90
C HIS C 288 57.98 60.96 27.19
N ARG C 289 58.00 59.63 27.13
CA ARG C 289 58.04 58.83 28.34
C ARG C 289 59.47 58.66 28.84
N ILE C 290 60.38 58.26 27.95
CA ILE C 290 61.74 57.92 28.39
C ILE C 290 62.60 59.15 28.61
N SER C 291 62.18 60.33 28.17
CA SER C 291 62.86 61.54 28.61
C SER C 291 62.33 61.95 29.98
N GLY C 292 63.01 62.91 30.59
CA GLY C 292 62.71 63.25 31.96
C GLY C 292 63.16 62.20 32.95
N ASP C 293 64.12 61.36 32.57
CA ASP C 293 64.61 60.31 33.43
C ASP C 293 65.65 60.86 34.40
N LYS C 294 65.65 60.28 35.61
CA LYS C 294 66.67 60.59 36.60
C LYS C 294 67.96 59.84 36.33
N LYS C 295 67.94 58.85 35.44
CA LYS C 295 69.12 58.05 35.15
C LYS C 295 69.74 58.35 33.80
N LEU C 296 69.01 59.02 32.91
CA LEU C 296 69.48 59.24 31.54
C LEU C 296 70.64 60.22 31.47
N GLU C 297 70.76 61.13 32.42
CA GLU C 297 71.81 62.16 32.37
C GLU C 297 73.17 61.65 32.81
N GLU C 298 73.33 60.34 33.03
CA GLU C 298 74.66 59.77 33.23
C GLU C 298 75.45 59.70 31.93
N ILE C 299 74.77 59.80 30.79
CA ILE C 299 75.37 59.54 29.47
C ILE C 299 75.25 60.80 28.64
N PRO C 300 76.27 61.18 27.86
CA PRO C 300 76.15 62.35 26.98
C PRO C 300 75.21 62.17 25.79
N LYS C 301 74.58 61.01 25.61
CA LYS C 301 73.48 60.89 24.65
C LYS C 301 72.16 61.40 25.20
N TYR C 302 72.14 61.97 26.40
CA TYR C 302 71.07 62.86 26.80
C TYR C 302 71.01 64.09 25.91
N LYS C 303 72.16 64.52 25.40
CA LYS C 303 72.22 65.60 24.43
C LYS C 303 71.58 65.20 23.11
N ASP C 304 71.77 63.94 22.71
CA ASP C 304 71.27 63.48 21.41
C ASP C 304 69.75 63.39 21.39
N LEU C 305 69.16 62.86 22.46
CA LEU C 305 67.71 62.79 22.56
C LEU C 305 67.11 64.19 22.68
N LEU C 306 67.84 65.10 23.31
CA LEU C 306 67.45 66.51 23.28
C LEU C 306 67.59 67.10 21.88
N LYS C 307 68.63 66.67 21.14
CA LYS C 307 68.85 67.18 19.79
C LYS C 307 67.79 66.71 18.81
N LEU C 308 67.14 65.57 19.08
CA LEU C 308 66.07 65.10 18.24
C LEU C 308 64.70 65.37 18.87
N PHE C 309 64.56 66.51 19.55
CA PHE C 309 63.24 66.91 20.05
C PHE C 309 62.32 67.40 18.94
N THR C 310 62.65 68.57 18.38
CA THR C 310 61.84 69.29 17.41
C THR C 310 62.60 70.53 16.97
N THR C 311 62.07 71.17 15.91
CA THR C 311 62.49 72.49 15.41
C THR C 311 63.97 72.56 15.08
N MET C 312 64.49 71.44 14.55
CA MET C 312 65.81 71.21 13.97
C MET C 312 66.94 71.13 14.99
N GLU C 313 66.82 71.94 16.05
CA GLU C 313 67.85 72.11 17.08
C GLU C 313 69.12 72.61 16.39
N LEU C 314 68.95 73.25 15.22
CA LEU C 314 70.03 73.80 14.38
C LEU C 314 71.04 72.69 14.11
N MET C 315 70.67 71.76 13.24
CA MET C 315 71.48 70.56 13.09
C MET C 315 72.13 70.51 11.72
N ARG C 316 72.99 69.50 11.57
CA ARG C 316 73.83 69.26 10.41
C ARG C 316 74.41 67.86 10.55
N TRP C 317 74.40 67.08 9.47
CA TRP C 317 74.84 65.68 9.59
C TRP C 317 76.35 65.57 9.80
N SER C 318 77.13 66.49 9.23
CA SER C 318 78.57 66.48 9.46
C SER C 318 78.91 66.82 10.90
N THR C 319 78.10 67.66 11.54
CA THR C 319 78.27 67.91 12.98
C THR C 319 77.86 66.70 13.80
N LEU C 320 76.91 65.90 13.29
CA LEU C 320 76.56 64.65 13.96
C LEU C 320 77.70 63.63 13.84
N VAL C 321 78.45 63.68 12.75
CA VAL C 321 79.63 62.83 12.61
C VAL C 321 80.71 63.25 13.61
N GLU C 322 80.90 64.56 13.78
CA GLU C 322 81.91 65.06 14.71
C GLU C 322 81.48 64.95 16.17
N ASP C 323 80.19 64.75 16.44
CA ASP C 323 79.75 64.38 17.79
C ASP C 323 79.98 62.91 18.07
N TYR C 324 80.11 62.12 17.02
CA TYR C 324 80.20 60.67 17.13
C TYR C 324 81.50 60.12 16.55
N GLY C 325 82.63 60.67 17.01
CA GLY C 325 83.87 59.93 16.88
C GLY C 325 84.11 58.96 18.02
N MET C 326 83.38 59.12 19.13
CA MET C 326 83.64 58.38 20.34
C MET C 326 83.03 56.99 20.34
N GLU C 327 81.96 56.80 19.56
CA GLU C 327 81.19 55.54 19.49
C GLU C 327 82.02 54.32 19.09
N LEU C 328 83.21 54.51 18.52
CA LEU C 328 84.13 53.42 18.23
C LEU C 328 85.27 53.33 19.24
N ARG C 329 85.64 54.44 19.86
CA ARG C 329 86.93 54.54 20.54
C ARG C 329 86.80 54.65 22.06
N LYS C 330 86.12 55.67 22.58
CA LYS C 330 86.17 55.94 24.01
C LYS C 330 84.76 56.17 24.56
N GLY C 331 84.69 56.32 25.88
CA GLY C 331 83.45 56.41 26.60
C GLY C 331 83.61 55.77 27.96
N SER C 332 82.54 55.70 28.75
CA SER C 332 82.62 55.03 30.04
C SER C 332 82.74 53.52 29.85
N LEU C 333 81.83 52.93 29.10
CA LEU C 333 81.91 51.53 28.74
C LEU C 333 81.83 51.28 27.23
N GLU C 334 81.10 52.12 26.48
CA GLU C 334 81.23 52.31 25.03
C GLU C 334 80.72 51.14 24.20
N SER C 335 80.38 50.02 24.83
CA SER C 335 80.15 48.76 24.13
C SER C 335 78.91 48.63 23.24
N PRO C 336 77.71 49.17 23.56
CA PRO C 336 76.60 49.03 22.59
C PRO C 336 76.74 49.90 21.36
N ALA C 337 77.46 51.02 21.45
CA ALA C 337 77.69 51.85 20.26
C ALA C 337 78.58 51.13 19.27
N THR C 338 79.56 50.37 19.77
CA THR C 338 80.32 49.48 18.89
C THR C 338 79.45 48.30 18.44
N ASP C 339 78.52 47.87 19.27
CA ASP C 339 77.64 46.76 18.90
C ASP C 339 76.62 47.17 17.84
N VAL C 340 76.04 48.35 18.00
CA VAL C 340 74.99 48.77 17.08
C VAL C 340 75.57 49.39 15.82
N PHE C 341 76.43 50.40 15.96
CA PHE C 341 76.95 51.12 14.81
C PHE C 341 78.39 50.77 14.46
N GLY C 342 79.20 50.36 15.42
CA GLY C 342 80.58 50.04 15.14
C GLY C 342 80.82 48.73 14.40
N SER C 343 79.78 47.92 14.22
CA SER C 343 79.91 46.67 13.49
C SER C 343 80.11 46.94 12.00
N THR C 344 80.53 45.90 11.28
CA THR C 344 80.94 46.09 9.88
C THR C 344 79.75 46.12 8.93
N GLU C 345 79.01 45.02 8.85
CA GLU C 345 77.92 44.98 7.87
C GLU C 345 76.56 45.30 8.49
N GLU C 346 76.35 44.97 9.76
CA GLU C 346 75.09 45.34 10.39
C GLU C 346 75.11 46.80 10.81
N GLY C 347 76.30 47.33 11.12
CA GLY C 347 76.40 48.75 11.38
C GLY C 347 76.21 49.60 10.14
N GLU C 348 76.66 49.11 8.99
CA GLU C 348 76.64 49.92 7.78
C GLU C 348 75.22 50.07 7.23
N LYS C 349 74.39 49.04 7.40
CA LYS C 349 72.96 49.19 7.13
C LYS C 349 72.34 50.17 8.11
N ARG C 350 72.79 50.14 9.36
CA ARG C 350 72.36 51.15 10.32
C ARG C 350 73.06 52.48 10.09
N TRP C 351 74.21 52.49 9.42
CA TRP C 351 74.80 53.77 9.03
C TRP C 351 73.94 54.49 8.02
N LYS C 352 73.52 53.79 6.98
CA LYS C 352 72.69 54.41 5.95
C LYS C 352 71.30 54.72 6.51
N ASP C 353 70.85 53.95 7.50
CA ASP C 353 69.54 54.20 8.07
C ASP C 353 69.56 55.41 8.99
N LEU C 354 70.66 55.62 9.72
CA LEU C 354 70.77 56.81 10.56
C LEU C 354 70.92 58.05 9.71
N LYS C 355 71.58 57.94 8.56
CA LYS C 355 71.55 59.00 7.57
C LYS C 355 70.13 59.18 7.02
N ASN C 356 69.39 58.08 6.90
CA ASN C 356 68.02 58.16 6.39
C ASN C 356 67.09 58.78 7.42
N ARG C 357 67.34 58.53 8.72
CA ARG C 357 66.46 59.08 9.74
C ARG C 357 66.68 60.56 9.95
N VAL C 358 67.91 61.05 9.76
CA VAL C 358 68.12 62.48 9.99
C VAL C 358 67.64 63.31 8.81
N VAL C 359 67.71 62.77 7.59
CA VAL C 359 67.17 63.51 6.46
C VAL C 359 65.65 63.47 6.48
N GLU C 360 65.07 62.40 7.03
CA GLU C 360 63.62 62.35 7.25
C GLU C 360 63.21 63.34 8.32
N HIS C 361 64.08 63.58 9.30
CA HIS C 361 63.82 64.62 10.30
C HIS C 361 63.83 66.00 9.67
N ASN C 362 64.68 66.21 8.67
CA ASN C 362 64.82 67.55 8.11
C ASN C 362 63.75 67.88 7.07
N ILE C 363 63.04 66.90 6.54
CA ILE C 363 61.99 67.21 5.56
C ILE C 363 60.76 67.80 6.26
N ARG C 364 60.42 67.25 7.44
CA ARG C 364 59.22 67.68 8.15
C ARG C 364 59.32 69.13 8.62
N ILE C 365 60.47 69.51 9.15
CA ILE C 365 60.66 70.87 9.64
C ILE C 365 60.73 71.87 8.50
N MET C 366 61.13 71.43 7.31
CA MET C 366 61.08 72.32 6.15
C MET C 366 59.65 72.54 5.69
N ALA C 367 58.81 71.52 5.81
CA ALA C 367 57.39 71.68 5.51
C ALA C 367 56.68 72.55 6.52
N LYS C 368 57.24 72.70 7.73
CA LYS C 368 56.61 73.54 8.73
C LYS C 368 56.89 75.02 8.46
N TYR C 369 58.11 75.35 8.04
CA TYR C 369 58.59 76.72 8.10
C TYR C 369 58.97 77.28 6.73
N TYR C 370 58.51 76.69 5.64
CA TYR C 370 58.87 77.24 4.33
C TYR C 370 57.70 77.22 3.38
N THR C 371 57.50 78.35 2.70
CA THR C 371 56.59 78.40 1.57
C THR C 371 57.22 77.74 0.35
N ARG C 372 58.40 78.22 -0.03
CA ARG C 372 59.17 77.64 -1.13
C ARG C 372 60.61 77.46 -0.70
N ILE C 373 61.31 76.61 -1.44
CA ILE C 373 62.73 76.33 -1.23
C ILE C 373 63.35 75.90 -2.56
N THR C 374 64.49 76.50 -2.90
CA THR C 374 65.17 76.19 -4.16
C THR C 374 65.78 74.80 -4.10
N MET C 375 66.25 74.34 -5.26
CA MET C 375 66.82 73.01 -5.36
C MET C 375 68.23 72.95 -4.79
N LYS C 376 69.02 74.00 -5.02
CA LYS C 376 70.42 73.97 -4.60
C LYS C 376 70.55 74.13 -3.09
N ARG C 377 69.66 74.90 -2.47
CA ARG C 377 69.77 75.09 -1.03
C ARG C 377 69.29 73.86 -0.26
N MET C 378 68.31 73.13 -0.80
CA MET C 378 67.88 71.91 -0.14
C MET C 378 68.98 70.84 -0.21
N ALA C 379 69.73 70.80 -1.31
CA ALA C 379 70.81 69.82 -1.44
C ALA C 379 71.95 70.11 -0.47
N GLN C 380 72.27 71.38 -0.22
CA GLN C 380 73.34 71.68 0.72
C GLN C 380 72.85 71.62 2.16
N LEU C 381 71.54 71.75 2.38
CA LEU C 381 70.97 71.55 3.71
C LEU C 381 70.65 70.10 4.02
N LEU C 382 70.84 69.19 3.07
CA LEU C 382 70.71 67.77 3.34
C LEU C 382 72.01 67.01 3.11
N ASP C 383 73.09 67.73 2.80
CA ASP C 383 74.47 67.22 2.71
C ASP C 383 74.63 66.13 1.65
N LEU C 384 73.89 66.23 0.55
CA LEU C 384 73.94 65.23 -0.50
C LEU C 384 73.54 65.85 -1.84
N SER C 385 73.52 65.03 -2.87
CA SER C 385 73.39 65.50 -4.24
C SER C 385 71.96 65.98 -4.54
N VAL C 386 71.82 66.66 -5.68
CA VAL C 386 70.50 67.09 -6.12
C VAL C 386 69.68 65.90 -6.61
N ASP C 387 70.34 64.91 -7.21
CA ASP C 387 69.60 63.77 -7.76
C ASP C 387 69.16 62.83 -6.66
N GLU C 388 70.01 62.64 -5.64
CA GLU C 388 69.61 61.83 -4.49
C GLU C 388 68.55 62.54 -3.67
N SER C 389 68.51 63.88 -3.74
CA SER C 389 67.41 64.62 -3.15
C SER C 389 66.12 64.41 -3.93
N GLU C 390 66.22 64.28 -5.25
CA GLU C 390 65.04 63.99 -6.07
C GLU C 390 64.49 62.60 -5.77
N ALA C 391 65.38 61.64 -5.48
CA ALA C 391 64.94 60.30 -5.15
C ALA C 391 64.30 60.24 -3.76
N PHE C 392 64.80 61.06 -2.84
CA PHE C 392 64.25 61.06 -1.48
C PHE C 392 62.88 61.73 -1.44
N LEU C 393 62.68 62.79 -2.22
CA LEU C 393 61.37 63.44 -2.23
C LEU C 393 60.37 62.66 -3.08
N SER C 394 60.84 61.78 -3.96
CA SER C 394 59.92 61.02 -4.79
C SER C 394 59.26 59.90 -3.99
N ASN C 395 60.05 59.08 -3.31
CA ASN C 395 59.47 57.95 -2.57
C ASN C 395 58.81 58.35 -1.26
N LEU C 396 58.86 59.63 -0.87
CA LEU C 396 58.05 60.09 0.25
C LEU C 396 56.70 60.60 -0.21
N VAL C 397 56.63 61.20 -1.41
CA VAL C 397 55.36 61.75 -1.87
C VAL C 397 54.48 60.68 -2.48
N VAL C 398 55.06 59.60 -3.04
CA VAL C 398 54.26 58.45 -3.44
C VAL C 398 53.95 57.56 -2.25
N ASN C 399 54.62 57.78 -1.13
CA ASN C 399 54.24 57.23 0.15
C ASN C 399 53.14 58.06 0.80
N LYS C 400 52.81 59.21 0.19
CA LYS C 400 51.84 60.24 0.63
C LYS C 400 51.93 60.54 2.12
N THR C 401 53.16 60.62 2.62
CA THR C 401 53.43 60.95 4.00
C THR C 401 53.98 62.36 4.20
N ILE C 402 54.51 62.99 3.16
CA ILE C 402 54.83 64.41 3.18
C ILE C 402 54.23 65.03 1.92
N PHE C 403 53.40 66.05 2.10
CA PHE C 403 52.78 66.73 0.96
C PHE C 403 53.78 67.71 0.35
N ALA C 404 54.18 67.45 -0.89
CA ALA C 404 55.07 68.34 -1.62
C ALA C 404 54.85 68.11 -3.11
N LYS C 405 55.34 69.05 -3.91
CA LYS C 405 55.18 68.99 -5.36
C LYS C 405 56.25 69.88 -5.99
N VAL C 406 57.05 69.32 -6.88
CA VAL C 406 58.26 70.01 -7.33
C VAL C 406 58.03 70.58 -8.72
N ASP C 407 59.00 71.37 -9.18
CA ASP C 407 58.99 71.99 -10.50
C ASP C 407 60.45 72.07 -10.94
N ARG C 408 60.89 71.10 -11.75
CA ARG C 408 62.31 70.84 -11.91
C ARG C 408 62.89 71.36 -13.22
N LEU C 409 62.12 72.10 -14.02
CA LEU C 409 62.77 72.85 -15.09
C LEU C 409 63.48 74.07 -14.54
N ALA C 410 62.94 74.65 -13.47
CA ALA C 410 63.55 75.79 -12.81
C ALA C 410 64.08 75.45 -11.42
N GLY C 411 63.76 74.27 -10.90
CA GLY C 411 64.30 73.80 -9.65
C GLY C 411 63.53 74.22 -8.40
N ILE C 412 62.60 75.15 -8.53
CA ILE C 412 61.88 75.67 -7.36
C ILE C 412 60.80 74.68 -6.98
N ILE C 413 60.82 74.23 -5.73
CA ILE C 413 59.77 73.39 -5.22
C ILE C 413 58.98 74.21 -4.20
N ASN C 414 57.79 73.75 -3.86
CA ASN C 414 56.99 74.45 -2.87
C ASN C 414 56.34 73.46 -1.91
N PHE C 415 55.99 73.98 -0.74
CA PHE C 415 55.35 73.21 0.32
C PHE C 415 53.95 73.74 0.60
N GLN C 416 53.40 74.53 -0.31
CA GLN C 416 52.10 75.15 -0.10
C GLN C 416 50.98 74.11 -0.14
N ARG C 417 49.94 74.37 0.64
CA ARG C 417 48.71 73.62 0.51
C ARG C 417 48.04 74.00 -0.81
N PRO C 418 47.24 73.09 -1.41
CA PRO C 418 46.53 73.45 -2.65
C PRO C 418 45.47 74.50 -2.42
N LYS C 419 45.64 75.65 -3.05
CA LYS C 419 44.77 76.81 -2.79
C LYS C 419 43.40 76.60 -3.41
N ASP C 420 42.38 77.11 -2.72
CA ASP C 420 40.98 77.10 -3.12
C ASP C 420 40.37 78.47 -2.84
N PRO C 421 39.31 78.88 -3.56
CA PRO C 421 38.77 80.24 -3.38
C PRO C 421 38.14 80.53 -2.02
N ASN C 422 37.22 79.69 -1.56
CA ASN C 422 36.42 80.07 -0.40
C ASN C 422 37.18 79.94 0.91
N ASN C 423 38.11 78.99 1.02
CA ASN C 423 38.81 78.77 2.28
C ASN C 423 39.77 79.91 2.59
N LEU C 424 40.42 80.46 1.56
CA LEU C 424 41.19 81.70 1.72
C LEU C 424 40.27 82.83 2.16
N LEU C 425 39.08 82.89 1.58
CA LEU C 425 38.14 83.95 1.96
C LEU C 425 37.46 83.60 3.27
N ASN C 426 37.48 82.33 3.66
CA ASN C 426 36.95 81.93 4.96
C ASN C 426 37.92 82.39 6.06
N ASP C 427 39.19 82.58 5.70
CA ASP C 427 40.19 83.05 6.63
C ASP C 427 40.09 84.54 6.93
N TRP C 428 39.68 85.35 5.95
CA TRP C 428 39.58 86.79 6.15
C TRP C 428 38.46 87.13 7.13
N SER C 429 37.34 86.41 7.06
CA SER C 429 36.26 86.64 8.00
C SER C 429 36.62 86.15 9.40
N GLN C 430 37.47 85.12 9.47
CA GLN C 430 37.84 84.56 10.77
C GLN C 430 38.80 85.47 11.50
N LYS C 431 39.75 86.06 10.78
CA LYS C 431 40.61 87.09 11.36
C LYS C 431 39.80 88.31 11.75
N LEU C 432 38.75 88.60 10.98
CA LEU C 432 37.92 89.77 11.23
C LEU C 432 37.07 89.58 12.49
N ASN C 433 36.49 88.39 12.64
CA ASN C 433 35.63 88.12 13.78
C ASN C 433 36.45 88.06 15.07
N SER C 434 37.68 87.56 14.97
CA SER C 434 38.58 87.59 16.11
C SER C 434 39.04 89.00 16.43
N LEU C 435 39.12 89.85 15.41
CA LEU C 435 39.55 91.23 15.60
C LEU C 435 38.47 92.02 16.33
N MET C 436 37.23 91.92 15.87
CA MET C 436 36.13 92.72 16.42
C MET C 436 35.76 92.24 17.82
N SER C 437 35.91 90.96 18.09
CA SER C 437 35.60 90.44 19.41
C SER C 437 36.65 90.85 20.43
N LEU C 438 37.91 90.95 20.00
CA LEU C 438 38.99 91.21 20.96
C LEU C 438 39.00 92.66 21.39
N VAL C 439 38.59 93.57 20.50
CA VAL C 439 38.54 94.99 20.85
C VAL C 439 37.35 95.25 21.77
N ASN C 440 36.33 94.40 21.71
CA ASN C 440 35.24 94.48 22.67
C ASN C 440 35.71 94.08 24.06
N LYS C 441 36.51 93.01 24.12
CA LYS C 441 37.10 92.61 25.40
C LYS C 441 38.15 93.61 25.85
N THR C 442 38.77 94.30 24.90
CA THR C 442 39.76 95.32 25.24
C THR C 442 39.08 96.54 25.83
N THR C 443 38.04 97.04 25.17
CA THR C 443 37.38 98.27 25.60
C THR C 443 36.60 98.05 26.89
N HIS C 444 36.09 96.84 27.08
CA HIS C 444 35.47 96.46 28.34
C HIS C 444 36.47 96.48 29.48
N LEU C 445 37.72 96.18 29.16
CA LEU C 445 38.76 96.09 30.20
C LEU C 445 39.32 97.46 30.53
N ILE C 446 39.43 98.35 29.53
CA ILE C 446 39.99 99.68 29.79
C ILE C 446 38.93 100.57 30.41
N ALA C 447 37.66 100.21 30.26
CA ALA C 447 36.59 100.96 30.92
C ALA C 447 36.57 100.64 32.41
N LYS C 448 36.98 99.43 32.77
CA LYS C 448 37.07 99.04 34.16
C LYS C 448 38.23 99.74 34.85
N GLU C 449 39.42 99.70 34.23
CA GLU C 449 40.61 100.29 34.83
C GLU C 449 40.50 101.80 34.90
N GLU C 450 39.77 102.40 33.95
CA GLU C 450 39.41 103.81 34.06
C GLU C 450 38.49 104.03 35.25
N MET C 451 37.59 103.08 35.51
CA MET C 451 36.58 103.27 36.53
C MET C 451 37.16 103.11 37.93
N ILE C 452 38.13 102.20 38.09
CA ILE C 452 38.70 101.95 39.40
C ILE C 452 39.57 103.13 39.84
N HIS C 453 40.43 103.61 38.94
CA HIS C 453 41.42 104.61 39.34
C HIS C 453 40.80 106.00 39.47
N ASN C 454 39.70 106.26 38.74
CA ASN C 454 39.03 107.55 38.84
C ASN C 454 38.44 107.74 40.24
N LEU C 455 38.02 106.65 40.85
CA LEU C 455 37.59 106.68 42.25
C LEU C 455 38.78 106.78 43.20
N GLN C 456 39.94 106.29 42.77
CA GLN C 456 41.12 105.90 43.60
C GLN C 456 40.74 105.20 44.93
N VAL D 43 43.68 -8.54 -61.49
CA VAL D 43 42.88 -7.33 -61.69
C VAL D 43 42.83 -6.53 -60.40
N GLN D 44 42.38 -7.17 -59.31
CA GLN D 44 42.23 -6.48 -58.03
C GLN D 44 43.58 -6.15 -57.41
N VAL D 45 44.63 -6.91 -57.74
CA VAL D 45 45.97 -6.60 -57.27
C VAL D 45 46.51 -5.35 -57.96
N LYS D 46 45.96 -5.00 -59.13
CA LYS D 46 46.24 -3.71 -59.75
C LYS D 46 45.32 -2.63 -59.21
N GLU D 47 44.11 -3.00 -58.77
CA GLU D 47 43.14 -2.02 -58.26
C GLU D 47 43.63 -1.35 -56.99
N GLN D 48 44.15 -2.14 -56.05
CA GLN D 48 44.75 -1.55 -54.85
C GLN D 48 46.16 -1.04 -55.10
N SER D 49 46.78 -1.44 -56.22
CA SER D 49 48.06 -0.84 -56.60
C SER D 49 47.89 0.59 -57.08
N ILE D 50 46.70 0.93 -57.60
CA ILE D 50 46.38 2.32 -57.91
C ILE D 50 46.36 3.15 -56.63
N LEU D 51 45.81 2.58 -55.56
CA LEU D 51 45.84 3.26 -54.26
C LEU D 51 47.24 3.27 -53.67
N GLU D 52 48.05 2.24 -53.97
CA GLU D 52 49.41 2.19 -53.45
C GLU D 52 50.33 3.14 -54.20
N LEU D 53 50.26 3.14 -55.53
CA LEU D 53 51.06 4.08 -56.31
C LEU D 53 50.58 5.51 -56.11
N GLY D 54 49.27 5.70 -55.90
CA GLY D 54 48.76 7.02 -55.58
C GLY D 54 49.26 7.53 -54.25
N SER D 55 49.52 6.63 -53.30
CA SER D 55 50.19 7.03 -52.06
C SER D 55 51.64 7.39 -52.34
N LEU D 56 52.27 6.71 -53.30
CA LEU D 56 53.62 7.09 -53.71
C LEU D 56 53.60 8.39 -54.50
N LEU D 57 52.50 8.66 -55.22
CA LEU D 57 52.34 9.95 -55.88
C LEU D 57 52.21 11.08 -54.88
N ALA D 58 51.69 10.79 -53.68
CA ALA D 58 51.51 11.81 -52.66
C ALA D 58 52.76 12.03 -51.83
N LYS D 59 53.45 10.96 -51.45
CA LYS D 59 54.61 11.10 -50.56
C LYS D 59 55.82 11.67 -51.29
N THR D 60 56.02 11.28 -52.56
CA THR D 60 57.16 11.77 -53.31
C THR D 60 56.95 13.17 -53.89
N GLY D 61 55.72 13.68 -53.85
CA GLY D 61 55.48 15.07 -54.19
C GLY D 61 55.39 15.39 -55.67
N GLN D 62 54.40 14.80 -56.36
CA GLN D 62 54.07 15.20 -57.72
C GLN D 62 52.56 15.30 -57.84
N ALA D 63 52.09 16.41 -58.42
CA ALA D 63 50.70 16.81 -58.34
C ALA D 63 49.90 16.55 -59.61
N ALA D 64 50.47 16.80 -60.79
CA ALA D 64 49.75 16.56 -62.03
C ALA D 64 49.56 15.08 -62.30
N GLU D 65 50.51 14.25 -61.86
CA GLU D 65 50.34 12.81 -61.97
C GLU D 65 49.35 12.29 -60.95
N LEU D 66 49.35 12.84 -59.74
CA LEU D 66 48.36 12.44 -58.74
C LEU D 66 47.00 13.04 -59.04
N GLY D 67 46.96 14.31 -59.45
CA GLY D 67 45.71 14.90 -59.90
C GLY D 67 45.20 14.27 -61.18
N GLY D 68 46.10 13.79 -62.03
CA GLY D 68 45.68 13.00 -63.17
C GLY D 68 45.15 11.65 -62.77
N LEU D 69 45.65 11.09 -61.67
CA LEU D 69 45.11 9.82 -61.17
C LEU D 69 43.71 10.03 -60.58
N LEU D 70 43.52 11.13 -59.85
CA LEU D 70 42.18 11.49 -59.39
C LEU D 70 41.23 11.83 -60.53
N LYS D 71 41.76 12.23 -61.69
CA LYS D 71 40.90 12.32 -62.86
C LYS D 71 40.71 10.98 -63.55
N TYR D 72 41.52 9.98 -63.22
CA TYR D 72 41.52 8.69 -63.90
C TYR D 72 40.59 7.68 -63.25
N VAL D 73 40.38 7.79 -61.94
CA VAL D 73 39.70 6.74 -61.19
C VAL D 73 38.21 7.03 -61.04
N ARG D 74 37.71 7.97 -61.83
CA ARG D 74 36.33 8.43 -61.69
C ARG D 74 35.31 7.46 -62.33
N PRO D 75 35.57 6.80 -63.47
CA PRO D 75 34.77 5.61 -63.79
C PRO D 75 35.17 4.40 -63.00
N PHE D 76 36.40 4.37 -62.47
CA PHE D 76 36.84 3.30 -61.59
C PHE D 76 36.17 3.38 -60.22
N LEU D 77 35.65 4.56 -59.86
CA LEU D 77 34.81 4.67 -58.66
C LEU D 77 33.51 3.91 -58.84
N ASN D 78 33.05 3.74 -60.07
CA ASN D 78 31.88 2.92 -60.39
C ASN D 78 32.27 1.44 -60.54
N SER D 79 32.98 0.91 -59.54
CA SER D 79 33.38 -0.49 -59.52
C SER D 79 33.30 -1.15 -58.15
N ILE D 80 33.21 -0.38 -57.06
CA ILE D 80 33.31 -0.93 -55.71
C ILE D 80 32.12 -0.45 -54.88
N SER D 81 32.15 -0.73 -53.58
CA SER D 81 31.09 -0.37 -52.66
C SER D 81 30.88 1.14 -52.59
N LYS D 82 29.70 1.58 -53.03
CA LYS D 82 29.44 3.00 -53.22
C LYS D 82 29.29 3.74 -51.90
N ALA D 83 28.88 3.06 -50.83
CA ALA D 83 28.72 3.71 -49.54
C ALA D 83 30.08 4.01 -48.90
N LYS D 84 30.98 3.03 -48.93
CA LYS D 84 32.31 3.19 -48.37
C LYS D 84 33.30 3.81 -49.35
N ALA D 85 32.82 4.24 -50.52
CA ALA D 85 33.69 4.92 -51.47
C ALA D 85 34.03 6.34 -51.03
N ALA D 86 33.23 6.92 -50.11
CA ALA D 86 33.47 8.28 -49.65
C ALA D 86 34.76 8.38 -48.83
N ARG D 87 35.14 7.32 -48.13
CA ARG D 87 36.43 7.28 -47.46
C ARG D 87 37.56 7.26 -48.48
N LEU D 88 37.34 6.59 -49.62
CA LEU D 88 38.35 6.57 -50.68
C LEU D 88 38.46 7.94 -51.34
N VAL D 89 37.35 8.65 -51.50
CA VAL D 89 37.39 10.00 -52.06
C VAL D 89 38.04 10.95 -51.07
N ARG D 90 37.75 10.79 -49.78
CA ARG D 90 38.29 11.67 -48.75
C ARG D 90 39.80 11.51 -48.62
N SER D 91 40.28 10.27 -48.60
CA SER D 91 41.70 10.03 -48.39
C SER D 91 42.53 10.46 -49.60
N LEU D 92 42.00 10.29 -50.80
CA LEU D 92 42.71 10.75 -51.99
C LEU D 92 42.66 12.27 -52.13
N LEU D 93 41.58 12.90 -51.64
CA LEU D 93 41.51 14.36 -51.70
C LEU D 93 42.40 14.99 -50.64
N ASP D 94 42.46 14.40 -49.45
CA ASP D 94 43.27 14.97 -48.37
C ASP D 94 44.76 14.87 -48.69
N LEU D 95 45.21 13.70 -49.15
CA LEU D 95 46.61 13.54 -49.53
C LEU D 95 46.96 14.33 -50.78
N PHE D 96 45.98 14.74 -51.58
CA PHE D 96 46.25 15.65 -52.68
C PHE D 96 46.48 17.06 -52.18
N LEU D 97 45.61 17.53 -51.28
CA LEU D 97 45.64 18.92 -50.83
C LEU D 97 46.72 19.20 -49.79
N ASP D 98 47.33 18.16 -49.21
CA ASP D 98 48.38 18.35 -48.21
C ASP D 98 49.76 18.57 -48.82
N MET D 99 49.87 18.73 -50.14
CA MET D 99 51.17 18.67 -50.81
C MET D 99 51.81 20.04 -51.00
N GLU D 100 51.18 20.91 -51.79
CA GLU D 100 51.81 22.11 -52.28
C GLU D 100 50.73 23.01 -52.87
N ALA D 101 50.88 24.31 -52.67
CA ALA D 101 49.89 25.30 -53.11
C ALA D 101 49.98 25.46 -54.62
N ALA D 102 49.33 24.54 -55.34
CA ALA D 102 49.07 24.68 -56.77
C ALA D 102 47.55 24.80 -56.90
N THR D 103 47.05 26.01 -56.68
CA THR D 103 45.63 26.22 -56.48
C THR D 103 44.84 26.30 -57.79
N GLY D 104 45.51 26.32 -58.93
CA GLY D 104 44.80 26.22 -60.19
C GLY D 104 44.20 24.86 -60.44
N GLN D 105 44.72 23.82 -59.78
CA GLN D 105 44.17 22.47 -59.85
C GLN D 105 43.41 22.07 -58.61
N GLU D 106 43.70 22.68 -57.45
CA GLU D 106 43.06 22.34 -56.19
C GLU D 106 41.57 22.63 -56.19
N VAL D 107 41.20 23.91 -56.33
CA VAL D 107 39.80 24.28 -56.28
C VAL D 107 39.07 23.89 -57.56
N GLU D 108 39.80 23.72 -58.67
CA GLU D 108 39.14 23.40 -59.94
C GLU D 108 38.74 21.94 -60.00
N LEU D 109 39.62 21.02 -59.56
CA LEU D 109 39.24 19.62 -59.48
C LEU D 109 38.26 19.35 -58.36
N CYS D 110 38.17 20.24 -57.37
CA CYS D 110 37.05 20.18 -56.44
C CYS D 110 35.74 20.49 -57.16
N LEU D 111 35.74 21.54 -57.99
CA LEU D 111 34.53 21.88 -58.75
C LEU D 111 34.21 20.84 -59.82
N GLU D 112 35.21 20.08 -60.26
CA GLU D 112 34.94 18.96 -61.15
C GLU D 112 34.19 17.86 -60.42
N CYS D 113 34.58 17.59 -59.17
CA CYS D 113 33.91 16.56 -58.39
C CYS D 113 32.52 16.99 -57.95
N ILE D 114 32.30 18.30 -57.81
CA ILE D 114 30.98 18.82 -57.45
C ILE D 114 30.02 18.63 -58.62
N GLU D 115 30.44 19.01 -59.82
CA GLU D 115 29.61 18.85 -61.01
C GLU D 115 29.41 17.38 -61.37
N TRP D 116 30.37 16.53 -60.99
CA TRP D 116 30.21 15.09 -61.15
C TRP D 116 29.09 14.58 -60.26
N ALA D 117 29.03 15.03 -59.02
CA ALA D 117 27.99 14.60 -58.11
C ALA D 117 26.65 15.26 -58.39
N LYS D 118 26.64 16.31 -59.22
CA LYS D 118 25.38 16.77 -59.81
C LYS D 118 24.83 15.72 -60.76
N SER D 119 25.72 15.01 -61.46
CA SER D 119 25.37 14.02 -62.46
C SER D 119 25.50 12.58 -61.97
N GLU D 120 25.93 12.37 -60.73
CA GLU D 120 26.05 11.02 -60.20
C GLU D 120 25.10 10.86 -59.01
N LYS D 121 24.83 11.98 -58.33
CA LYS D 121 23.82 12.10 -57.27
C LYS D 121 24.10 11.16 -56.09
N ARG D 122 25.22 11.44 -55.42
CA ARG D 122 25.49 10.89 -54.10
C ARG D 122 25.46 12.08 -53.14
N THR D 123 24.43 12.12 -52.28
CA THR D 123 24.20 13.31 -51.46
C THR D 123 25.24 13.43 -50.36
N PHE D 124 25.64 12.30 -49.76
CA PHE D 124 26.58 12.35 -48.65
C PHE D 124 27.98 12.72 -49.12
N LEU D 125 28.34 12.37 -50.34
CA LEU D 125 29.68 12.69 -50.83
C LEU D 125 29.80 14.16 -51.19
N ARG D 126 28.80 14.70 -51.88
CA ARG D 126 28.87 16.09 -52.33
C ARG D 126 28.80 17.06 -51.15
N GLN D 127 28.06 16.71 -50.10
CA GLN D 127 28.06 17.54 -48.90
C GLN D 127 29.38 17.44 -48.15
N ALA D 128 30.03 16.28 -48.24
CA ALA D 128 31.37 16.13 -47.67
C ALA D 128 32.40 16.90 -48.47
N LEU D 129 32.21 17.01 -49.79
CA LEU D 129 33.16 17.75 -50.61
C LEU D 129 33.02 19.24 -50.40
N GLU D 130 31.81 19.72 -50.13
CA GLU D 130 31.63 21.15 -49.90
C GLU D 130 32.23 21.56 -48.57
N ALA D 131 32.17 20.68 -47.57
CA ALA D 131 32.75 20.99 -46.26
C ALA D 131 34.27 21.07 -46.32
N ARG D 132 34.88 20.27 -47.19
CA ARG D 132 36.32 20.42 -47.43
C ARG D 132 36.60 21.68 -48.21
N LEU D 133 35.68 22.07 -49.11
CA LEU D 133 35.90 23.21 -49.97
C LEU D 133 35.81 24.52 -49.20
N VAL D 134 34.86 24.63 -48.28
CA VAL D 134 34.76 25.83 -47.46
C VAL D 134 35.91 25.90 -46.46
N SER D 135 36.46 24.74 -46.08
CA SER D 135 37.71 24.74 -45.34
C SER D 135 38.87 25.22 -46.21
N LEU D 136 38.84 24.88 -47.49
CA LEU D 136 39.86 25.37 -48.42
C LEU D 136 39.69 26.86 -48.68
N TYR D 137 38.45 27.36 -48.61
CA TYR D 137 38.21 28.80 -48.73
C TYR D 137 38.83 29.56 -47.57
N PHE D 138 38.77 28.97 -46.37
CA PHE D 138 39.32 29.61 -45.18
C PHE D 138 40.84 29.64 -45.18
N ASP D 139 41.47 28.71 -45.90
CA ASP D 139 42.93 28.58 -45.88
C ASP D 139 43.59 29.80 -46.51
N THR D 140 42.92 30.44 -47.46
CA THR D 140 43.39 31.68 -48.05
C THR D 140 42.54 32.88 -47.66
N LYS D 141 41.56 32.60 -46.81
CA LYS D 141 40.56 33.53 -46.25
C LYS D 141 39.58 34.08 -47.27
N ARG D 142 38.65 33.23 -47.70
CA ARG D 142 37.62 33.63 -48.64
C ARG D 142 36.85 34.79 -48.06
N TYR D 143 36.63 35.83 -48.86
CA TYR D 143 35.91 37.00 -48.37
C TYR D 143 34.45 36.72 -48.02
N GLN D 144 33.67 36.21 -48.96
CA GLN D 144 32.27 35.97 -48.64
C GLN D 144 31.72 34.67 -49.19
N GLU D 145 32.36 34.06 -50.19
CA GLU D 145 31.82 32.84 -50.76
C GLU D 145 32.00 31.65 -49.83
N ALA D 146 32.90 31.75 -48.84
CA ALA D 146 32.90 30.78 -47.75
C ALA D 146 31.62 30.90 -46.93
N LEU D 147 31.20 32.14 -46.65
CA LEU D 147 29.95 32.38 -45.97
C LEU D 147 28.76 32.09 -46.87
N HIS D 148 28.91 32.34 -48.17
CA HIS D 148 27.83 32.04 -49.10
C HIS D 148 27.66 30.54 -49.28
N LEU D 149 28.74 29.79 -49.22
CA LEU D 149 28.62 28.33 -49.31
C LEU D 149 28.09 27.74 -48.01
N GLY D 150 28.56 28.26 -46.88
CA GLY D 150 28.10 27.74 -45.59
C GLY D 150 26.64 28.01 -45.32
N SER D 151 26.12 29.12 -45.86
CA SER D 151 24.68 29.35 -45.78
C SER D 151 23.90 28.36 -46.63
N GLN D 152 24.44 27.99 -47.79
CA GLN D 152 23.79 27.02 -48.65
C GLN D 152 23.94 25.59 -48.15
N LEU D 153 24.91 25.33 -47.27
CA LEU D 153 24.95 24.04 -46.61
C LEU D 153 23.94 23.94 -45.48
N LEU D 154 23.70 25.05 -44.78
CA LEU D 154 22.71 25.06 -43.71
C LEU D 154 21.29 25.06 -44.25
N ARG D 155 21.10 25.41 -45.52
CA ARG D 155 19.82 25.13 -46.15
C ARG D 155 19.64 23.65 -46.42
N GLU D 156 20.73 22.87 -46.41
CA GLU D 156 20.68 21.44 -46.64
C GLU D 156 20.80 20.64 -45.34
N LEU D 157 21.83 20.95 -44.54
CA LEU D 157 22.30 19.99 -43.53
C LEU D 157 21.36 19.88 -42.34
N LYS D 158 20.88 21.01 -41.80
CA LYS D 158 19.95 20.91 -40.68
C LYS D 158 18.57 20.45 -41.12
N LYS D 159 18.28 20.48 -42.42
CA LYS D 159 17.09 19.82 -42.96
C LYS D 159 17.27 18.30 -43.01
N MET D 160 18.50 17.82 -43.10
CA MET D 160 18.75 16.38 -43.24
C MET D 160 18.74 15.71 -41.87
N ASP D 161 19.19 14.45 -41.83
CA ASP D 161 19.19 13.64 -40.63
C ASP D 161 20.58 13.39 -40.05
N ASP D 162 21.62 13.39 -40.88
CA ASP D 162 22.98 13.23 -40.39
C ASP D 162 23.37 14.43 -39.53
N LYS D 163 24.12 14.16 -38.47
CA LYS D 163 24.35 15.14 -37.42
C LYS D 163 25.78 15.63 -37.30
N ALA D 164 26.77 14.74 -37.48
CA ALA D 164 28.16 15.10 -37.20
C ALA D 164 28.73 16.10 -38.20
N LEU D 165 28.11 16.25 -39.37
CA LEU D 165 28.58 17.25 -40.32
C LEU D 165 28.07 18.64 -39.97
N LEU D 166 26.98 18.73 -39.20
CA LEU D 166 26.49 20.03 -38.75
C LEU D 166 27.45 20.68 -37.76
N VAL D 167 28.05 19.87 -36.89
CA VAL D 167 28.95 20.41 -35.88
C VAL D 167 30.22 20.95 -36.54
N GLU D 168 30.60 20.39 -37.68
CA GLU D 168 31.73 20.92 -38.43
C GLU D 168 31.39 22.27 -39.06
N VAL D 169 30.23 22.38 -39.70
CA VAL D 169 29.92 23.60 -40.42
C VAL D 169 29.45 24.70 -39.48
N GLN D 170 28.95 24.36 -38.29
CA GLN D 170 28.64 25.39 -37.31
C GLN D 170 29.92 25.95 -36.69
N LEU D 171 30.90 25.09 -36.46
CA LEU D 171 32.14 25.55 -35.86
C LEU D 171 33.00 26.30 -36.86
N LEU D 172 32.95 25.91 -38.13
CA LEU D 172 33.79 26.55 -39.13
C LEU D 172 33.27 27.94 -39.50
N GLU D 173 31.95 28.14 -39.42
CA GLU D 173 31.42 29.49 -39.57
C GLU D 173 31.81 30.36 -38.38
N SER D 174 31.88 29.78 -37.17
CA SER D 174 32.25 30.56 -36.00
C SER D 174 33.72 30.97 -36.06
N LYS D 175 34.52 30.29 -36.87
CA LYS D 175 35.86 30.77 -37.18
C LYS D 175 35.79 32.02 -38.05
N THR D 176 35.04 31.95 -39.15
CA THR D 176 35.12 33.02 -40.15
C THR D 176 34.30 34.25 -39.76
N TYR D 177 33.31 34.13 -38.87
CA TYR D 177 32.72 35.35 -38.34
C TYR D 177 33.66 36.01 -37.35
N HIS D 178 34.45 35.23 -36.62
CA HIS D 178 35.48 35.80 -35.77
C HIS D 178 36.65 36.30 -36.60
N ALA D 179 36.90 35.66 -37.74
CA ALA D 179 37.97 36.12 -38.61
C ALA D 179 37.62 37.43 -39.29
N LEU D 180 36.34 37.69 -39.52
CA LEU D 180 35.89 38.97 -40.06
C LEU D 180 35.52 39.95 -38.95
N SER D 181 35.99 39.69 -37.73
CA SER D 181 35.90 40.59 -36.57
C SER D 181 34.45 40.89 -36.19
N ASN D 182 33.54 39.95 -36.41
CA ASN D 182 32.18 40.04 -35.90
C ASN D 182 32.08 39.13 -34.69
N LEU D 183 32.10 39.72 -33.51
CA LEU D 183 32.10 38.99 -32.25
C LEU D 183 30.74 38.41 -31.86
N PRO D 184 29.61 39.15 -31.86
CA PRO D 184 28.37 38.53 -31.33
C PRO D 184 27.76 37.50 -32.26
N LYS D 185 27.97 37.61 -33.57
CA LYS D 185 27.43 36.61 -34.48
C LYS D 185 28.24 35.33 -34.40
N ALA D 186 29.54 35.44 -34.13
CA ALA D 186 30.35 34.26 -33.89
C ALA D 186 30.01 33.62 -32.55
N ARG D 187 29.52 34.44 -31.61
CA ARG D 187 29.02 33.90 -30.34
C ARG D 187 27.78 33.05 -30.56
N ALA D 188 26.84 33.54 -31.38
CA ALA D 188 25.60 32.82 -31.61
C ALA D 188 25.82 31.56 -32.43
N ALA D 189 26.79 31.59 -33.35
CA ALA D 189 27.09 30.40 -34.12
C ALA D 189 27.78 29.35 -33.28
N LEU D 190 28.56 29.78 -32.28
CA LEU D 190 29.20 28.83 -31.39
C LEU D 190 28.19 28.21 -30.43
N THR D 191 27.23 29.00 -29.96
CA THR D 191 26.22 28.49 -29.04
C THR D 191 25.30 27.49 -29.71
N SER D 192 24.98 27.73 -30.99
CA SER D 192 24.23 26.75 -31.76
C SER D 192 25.06 25.50 -32.03
N ALA D 193 26.39 25.64 -32.06
CA ALA D 193 27.24 24.48 -32.21
C ALA D 193 27.31 23.67 -30.92
N ARG D 194 27.14 24.33 -29.77
CA ARG D 194 27.18 23.61 -28.50
C ARG D 194 25.96 22.73 -28.32
N THR D 195 24.77 23.28 -28.55
CA THR D 195 23.54 22.51 -28.40
C THR D 195 23.36 21.48 -29.50
N THR D 196 24.07 21.61 -30.62
CA THR D 196 24.07 20.56 -31.62
C THR D 196 24.98 19.41 -31.22
N ALA D 197 26.11 19.74 -30.59
CA ALA D 197 27.12 18.75 -30.23
C ALA D 197 26.77 17.93 -28.99
N ASN D 198 25.54 18.00 -28.51
CA ASN D 198 25.16 17.26 -27.31
C ASN D 198 24.49 15.93 -27.64
N ALA D 199 24.46 15.52 -28.91
CA ALA D 199 23.71 14.33 -29.30
C ALA D 199 24.49 13.49 -30.32
N ILE D 200 25.77 13.26 -30.11
CA ILE D 200 26.61 12.50 -31.02
C ILE D 200 27.28 11.38 -30.23
N TYR D 201 27.42 10.21 -30.87
CA TYR D 201 28.16 9.07 -30.32
C TYR D 201 29.51 9.49 -29.75
N CYS D 202 30.35 10.02 -30.62
CA CYS D 202 31.62 10.49 -30.18
C CYS D 202 32.14 11.54 -31.13
N PRO D 203 32.70 12.62 -30.57
CA PRO D 203 33.40 13.76 -31.16
C PRO D 203 34.72 13.45 -30.47
N PRO D 204 35.42 12.42 -30.96
CA PRO D 204 36.59 11.96 -30.19
C PRO D 204 37.80 12.88 -30.34
N LYS D 205 37.82 13.71 -31.34
CA LYS D 205 38.80 14.74 -31.68
C LYS D 205 38.14 16.09 -31.89
N LEU D 206 36.90 16.11 -32.39
CA LEU D 206 36.16 17.33 -32.61
C LEU D 206 35.77 18.03 -31.32
N GLN D 207 35.81 17.33 -30.19
CA GLN D 207 35.58 17.98 -28.90
C GLN D 207 36.68 18.99 -28.59
N ALA D 208 37.94 18.61 -28.78
CA ALA D 208 39.05 19.52 -28.53
C ALA D 208 39.08 20.62 -29.57
N THR D 209 38.66 20.31 -30.80
CA THR D 209 38.51 21.34 -31.82
C THR D 209 37.41 22.33 -31.44
N LEU D 210 36.34 21.84 -30.83
CA LEU D 210 35.29 22.73 -30.33
C LEU D 210 35.76 23.47 -29.08
N ASP D 211 36.54 22.82 -28.22
CA ASP D 211 36.89 23.43 -26.95
C ASP D 211 37.98 24.48 -27.09
N MET D 212 38.74 24.45 -28.18
CA MET D 212 39.71 25.52 -28.42
C MET D 212 39.01 26.83 -28.72
N GLN D 213 38.03 26.79 -29.61
CA GLN D 213 37.37 28.02 -30.04
C GLN D 213 36.30 28.45 -29.07
N SER D 214 35.94 27.59 -28.11
CA SER D 214 35.29 28.09 -26.91
C SER D 214 36.22 29.04 -26.16
N GLY D 215 37.51 28.71 -26.11
CA GLY D 215 38.46 29.60 -25.45
C GLY D 215 38.80 30.81 -26.28
N ILE D 216 38.70 30.71 -27.61
CA ILE D 216 39.06 31.82 -28.49
C ILE D 216 38.06 32.96 -28.33
N ILE D 217 36.79 32.66 -28.50
CA ILE D 217 35.75 33.68 -28.45
C ILE D 217 35.58 34.21 -27.01
N HIS D 218 35.79 33.34 -26.01
CA HIS D 218 35.80 33.83 -24.63
C HIS D 218 36.99 34.74 -24.34
N ALA D 219 38.13 34.51 -25.01
CA ALA D 219 39.26 35.41 -24.83
C ALA D 219 39.05 36.72 -25.58
N ALA D 220 38.22 36.70 -26.63
CA ALA D 220 37.95 37.92 -27.39
C ALA D 220 37.06 38.89 -26.63
N GLU D 221 36.44 38.47 -25.53
CA GLU D 221 35.70 39.39 -24.68
C GLU D 221 36.62 40.36 -23.96
N GLU D 222 37.87 39.93 -23.70
CA GLU D 222 38.83 40.59 -22.80
C GLU D 222 38.25 40.79 -21.41
N LYS D 223 37.41 39.85 -20.97
CA LYS D 223 36.75 39.92 -19.67
C LYS D 223 36.87 38.65 -18.85
N ASP D 224 37.00 37.49 -19.49
CA ASP D 224 37.01 36.20 -18.79
C ASP D 224 38.33 35.51 -19.12
N TRP D 225 39.33 35.78 -18.30
CA TRP D 225 40.69 35.28 -18.50
C TRP D 225 41.00 34.13 -17.55
N LYS D 226 39.97 33.49 -17.03
CA LYS D 226 40.16 32.32 -16.19
C LYS D 226 39.48 31.08 -16.76
N THR D 227 38.21 31.20 -17.16
CA THR D 227 37.51 30.04 -17.69
C THR D 227 37.93 29.73 -19.12
N ALA D 228 38.31 30.77 -19.88
CA ALA D 228 38.81 30.55 -21.22
C ALA D 228 40.14 29.79 -21.19
N TYR D 229 40.94 30.01 -20.15
CA TYR D 229 42.12 29.20 -19.90
C TYR D 229 41.77 27.74 -19.71
N SER D 230 40.62 27.45 -19.08
CA SER D 230 40.19 26.07 -18.92
C SER D 230 39.75 25.48 -20.26
N TYR D 231 39.22 26.31 -21.16
CA TYR D 231 38.82 25.79 -22.47
C TYR D 231 40.04 25.48 -23.33
N PHE D 232 41.08 26.32 -23.26
CA PHE D 232 42.30 26.04 -24.00
C PHE D 232 42.98 24.79 -23.48
N TYR D 233 42.91 24.57 -22.18
CA TYR D 233 43.62 23.43 -21.60
C TYR D 233 42.93 22.12 -21.91
N GLU D 234 41.59 22.13 -21.95
CA GLU D 234 40.85 20.94 -22.32
C GLU D 234 41.08 20.60 -23.79
N ALA D 235 41.27 21.62 -24.62
CA ALA D 235 41.58 21.39 -26.03
C ALA D 235 42.95 20.74 -26.21
N PHE D 236 43.90 21.07 -25.34
CA PHE D 236 45.22 20.44 -25.43
C PHE D 236 45.19 19.00 -24.94
N GLU D 237 44.36 18.73 -23.92
CA GLU D 237 44.24 17.36 -23.43
C GLU D 237 43.57 16.45 -24.45
N GLY D 238 42.67 16.99 -25.25
CA GLY D 238 42.15 16.23 -26.38
C GLY D 238 43.16 16.08 -27.49
N TYR D 239 44.09 17.02 -27.60
CA TYR D 239 45.17 16.97 -28.57
C TYR D 239 46.39 16.22 -28.07
N ASP D 240 46.25 15.41 -27.02
CA ASP D 240 47.40 14.76 -26.40
C ASP D 240 47.86 13.62 -27.30
N SER D 241 48.89 13.90 -28.11
CA SER D 241 49.64 12.98 -28.97
C SER D 241 48.83 12.37 -30.11
N ILE D 242 47.55 12.72 -30.26
CA ILE D 242 46.77 12.26 -31.40
C ILE D 242 46.58 13.34 -32.45
N ASP D 243 46.86 14.61 -32.12
CA ASP D 243 46.95 15.67 -33.12
C ASP D 243 48.02 16.64 -32.60
N SER D 244 49.25 16.42 -33.00
CA SER D 244 50.41 17.19 -32.57
C SER D 244 50.55 18.61 -33.17
N PRO D 245 50.26 18.88 -34.45
CA PRO D 245 50.35 20.27 -34.91
C PRO D 245 49.34 21.20 -34.26
N LYS D 246 48.15 20.71 -33.94
CA LYS D 246 47.20 21.50 -33.21
C LYS D 246 47.46 21.51 -31.71
N ALA D 247 48.31 20.61 -31.21
CA ALA D 247 48.63 20.57 -29.79
C ALA D 247 49.67 21.62 -29.42
N ILE D 248 50.62 21.87 -30.32
CA ILE D 248 51.73 22.76 -29.99
C ILE D 248 51.28 24.22 -29.96
N THR D 249 50.24 24.58 -30.72
CA THR D 249 49.69 25.92 -30.65
C THR D 249 48.79 26.11 -29.44
N SER D 250 48.39 25.05 -28.76
CA SER D 250 47.52 25.18 -27.60
C SER D 250 48.26 25.76 -26.41
N LEU D 251 49.57 25.48 -26.30
CA LEU D 251 50.36 26.08 -25.23
C LEU D 251 50.53 27.57 -25.44
N LYS D 252 50.50 28.02 -26.69
CA LYS D 252 50.65 29.44 -26.99
C LYS D 252 49.50 30.24 -26.42
N TYR D 253 48.28 29.71 -26.48
CA TYR D 253 47.14 30.48 -26.01
C TYR D 253 47.00 30.40 -24.49
N MET D 254 47.27 29.24 -23.90
CA MET D 254 47.03 29.10 -22.46
C MET D 254 48.12 29.78 -21.64
N LEU D 255 49.33 29.90 -22.19
CA LEU D 255 50.33 30.71 -21.51
C LEU D 255 50.01 32.19 -21.68
N LEU D 256 49.45 32.56 -22.85
CA LEU D 256 49.06 33.95 -23.08
C LEU D 256 47.94 34.38 -22.15
N CYS D 257 47.06 33.45 -21.80
CA CYS D 257 45.96 33.77 -20.89
C CYS D 257 46.47 33.88 -19.45
N LYS D 258 47.59 33.22 -19.15
CA LYS D 258 48.17 33.29 -17.82
C LYS D 258 49.07 34.51 -17.66
N ILE D 259 49.68 34.97 -18.76
CA ILE D 259 50.33 36.29 -18.75
C ILE D 259 49.31 37.37 -18.49
N MET D 260 48.18 37.30 -19.18
CA MET D 260 47.16 38.34 -19.11
C MET D 260 46.40 38.32 -17.79
N LEU D 261 46.47 37.23 -17.04
CA LEU D 261 45.90 37.15 -15.71
C LEU D 261 46.84 37.73 -14.65
N ASN D 262 47.98 38.28 -15.08
CA ASN D 262 49.00 38.92 -14.23
C ASN D 262 49.57 37.96 -13.20
N THR D 263 49.71 36.69 -13.59
CA THR D 263 50.40 35.67 -12.78
C THR D 263 51.51 35.08 -13.64
N PRO D 264 52.62 35.81 -13.82
CA PRO D 264 53.66 35.31 -14.73
C PRO D 264 54.53 34.22 -14.15
N GLU D 265 54.48 34.01 -12.83
CA GLU D 265 55.34 33.00 -12.21
C GLU D 265 54.87 31.59 -12.51
N ASP D 266 53.55 31.39 -12.59
CA ASP D 266 52.99 30.07 -12.90
C ASP D 266 53.21 29.67 -14.35
N VAL D 267 53.64 30.61 -15.21
CA VAL D 267 53.99 30.28 -16.59
C VAL D 267 55.19 29.34 -16.62
N GLN D 268 56.22 29.66 -15.82
CA GLN D 268 57.36 28.76 -15.71
C GLN D 268 56.98 27.46 -15.00
N ALA D 269 55.99 27.52 -14.11
CA ALA D 269 55.56 26.32 -13.40
C ALA D 269 54.84 25.34 -14.32
N LEU D 270 54.17 25.84 -15.37
CA LEU D 270 53.53 24.92 -16.31
C LEU D 270 54.56 24.25 -17.21
N VAL D 271 55.46 25.04 -17.79
CA VAL D 271 56.39 24.51 -18.78
C VAL D 271 57.47 23.63 -18.15
N SER D 272 57.65 23.72 -16.83
CA SER D 272 58.45 22.74 -16.10
C SER D 272 57.65 21.49 -15.76
N GLY D 273 56.34 21.50 -16.00
CA GLY D 273 55.55 20.31 -15.78
C GLY D 273 55.87 19.21 -16.77
N LYS D 274 55.58 17.97 -16.37
CA LYS D 274 56.06 16.80 -17.08
C LYS D 274 55.36 16.61 -18.43
N LEU D 275 54.15 17.13 -18.58
CA LEU D 275 53.47 17.00 -19.86
C LEU D 275 53.94 18.05 -20.86
N ALA D 276 54.28 19.24 -20.37
CA ALA D 276 54.78 20.30 -21.24
C ALA D 276 56.21 20.05 -21.70
N LEU D 277 56.96 19.21 -20.99
CA LEU D 277 58.32 18.88 -21.43
C LEU D 277 58.32 18.00 -22.67
N ARG D 278 57.21 17.33 -22.97
CA ARG D 278 57.08 16.58 -24.21
C ARG D 278 57.11 17.48 -25.42
N TYR D 279 56.54 18.68 -25.31
CA TYR D 279 56.40 19.60 -26.43
C TYR D 279 57.24 20.86 -26.23
N ALA D 280 58.42 20.73 -25.63
CA ALA D 280 59.29 21.87 -25.43
C ALA D 280 59.93 22.30 -26.74
N GLY D 281 60.46 23.52 -26.75
CA GLY D 281 61.07 24.06 -27.94
C GLY D 281 61.28 25.56 -27.92
N ARG D 282 61.07 26.21 -29.07
CA ARG D 282 61.37 27.63 -29.20
C ARG D 282 60.25 28.50 -28.66
N GLN D 283 59.01 28.21 -29.05
CA GLN D 283 57.90 29.10 -28.76
C GLN D 283 57.53 29.10 -27.28
N THR D 284 57.83 28.02 -26.56
CA THR D 284 57.68 28.05 -25.11
C THR D 284 58.74 28.93 -24.47
N GLU D 285 59.94 29.02 -25.07
CA GLU D 285 60.96 29.91 -24.55
C GLU D 285 60.64 31.36 -24.87
N ALA D 286 59.86 31.59 -25.92
CA ALA D 286 59.44 32.95 -26.26
C ALA D 286 58.52 33.52 -25.20
N LEU D 287 57.64 32.69 -24.65
CA LEU D 287 56.71 33.18 -23.65
C LEU D 287 57.34 33.24 -22.26
N LYS D 288 58.49 32.58 -22.08
CA LYS D 288 59.18 32.65 -20.79
C LYS D 288 59.84 34.01 -20.58
N CYS D 289 60.54 34.51 -21.61
CA CYS D 289 61.19 35.81 -21.46
C CYS D 289 60.17 36.94 -21.50
N VAL D 290 59.03 36.73 -22.15
CA VAL D 290 57.92 37.68 -22.04
C VAL D 290 57.36 37.66 -20.63
N ALA D 291 57.30 36.48 -20.00
CA ALA D 291 56.85 36.39 -18.62
C ALA D 291 57.79 37.11 -17.67
N GLN D 292 59.10 36.98 -17.90
CA GLN D 292 60.08 37.64 -17.06
C GLN D 292 60.06 39.16 -17.25
N ALA D 293 59.79 39.62 -18.47
CA ALA D 293 59.69 41.05 -18.71
C ALA D 293 58.45 41.64 -18.06
N SER D 294 57.33 40.92 -18.12
CA SER D 294 56.13 41.36 -17.42
C SER D 294 56.27 41.19 -15.91
N LYS D 295 57.12 40.27 -15.48
CA LYS D 295 57.39 40.12 -14.05
C LYS D 295 58.17 41.32 -13.50
N ASN D 296 59.22 41.72 -14.21
CA ASN D 296 60.06 42.83 -13.76
C ASN D 296 59.46 44.19 -14.08
N ARG D 297 58.38 44.23 -14.88
CA ARG D 297 57.77 45.46 -15.41
C ARG D 297 58.79 46.32 -16.16
N SER D 298 59.74 45.69 -16.84
CA SER D 298 60.75 46.38 -17.62
C SER D 298 60.21 46.56 -19.03
N LEU D 299 60.18 47.80 -19.51
CA LEU D 299 59.46 48.12 -20.74
C LEU D 299 60.24 47.69 -21.97
N ALA D 300 61.51 48.08 -22.07
CA ALA D 300 62.30 47.75 -23.24
C ALA D 300 62.70 46.28 -23.26
N ASP D 301 62.68 45.62 -22.10
CA ASP D 301 62.93 44.19 -22.05
C ASP D 301 61.82 43.43 -22.77
N PHE D 302 60.59 43.91 -22.64
CA PHE D 302 59.48 43.36 -23.42
C PHE D 302 59.69 43.66 -24.91
N GLU D 303 60.17 44.87 -25.22
CA GLU D 303 60.43 45.24 -26.60
C GLU D 303 61.59 44.43 -27.17
N LYS D 304 62.59 44.15 -26.35
CA LYS D 304 63.71 43.33 -26.80
C LYS D 304 63.29 41.89 -27.04
N ALA D 305 62.45 41.35 -26.15
CA ALA D 305 61.97 39.99 -26.32
C ALA D 305 61.03 39.87 -27.52
N LEU D 306 60.28 40.92 -27.81
CA LEU D 306 59.47 40.93 -29.03
C LEU D 306 60.35 41.02 -30.27
N THR D 307 61.46 41.76 -30.18
CA THR D 307 62.33 41.97 -31.33
C THR D 307 63.15 40.72 -31.62
N ASP D 308 63.57 40.00 -30.59
CA ASP D 308 64.44 38.85 -30.78
C ASP D 308 63.70 37.68 -31.41
N TYR D 309 62.41 37.56 -31.17
CA TYR D 309 61.60 36.43 -31.65
C TYR D 309 60.49 36.98 -32.52
N ARG D 310 60.74 37.06 -33.82
CA ARG D 310 59.77 37.68 -34.73
C ARG D 310 58.66 36.71 -35.13
N ALA D 311 59.03 35.65 -35.86
CA ALA D 311 58.04 34.71 -36.39
C ALA D 311 57.36 33.87 -35.31
N GLU D 312 57.88 33.91 -34.09
CA GLU D 312 57.22 33.26 -32.97
C GLU D 312 55.95 34.02 -32.57
N LEU D 313 56.08 35.30 -32.20
CA LEU D 313 54.96 35.94 -31.52
C LEU D 313 54.65 37.39 -31.90
N ARG D 314 55.30 37.98 -32.89
CA ARG D 314 54.74 39.22 -33.42
C ARG D 314 53.82 38.97 -34.61
N ASP D 315 53.83 37.76 -35.14
CA ASP D 315 52.72 37.31 -35.98
C ASP D 315 51.47 37.22 -35.12
N ASP D 316 50.30 37.45 -35.71
CA ASP D 316 49.08 37.38 -34.91
C ASP D 316 48.11 36.25 -35.30
N PRO D 317 48.40 35.05 -34.80
CA PRO D 317 47.44 33.98 -35.11
C PRO D 317 46.22 34.47 -34.38
N ILE D 318 46.43 34.74 -33.09
CA ILE D 318 45.44 35.27 -32.19
C ILE D 318 46.15 35.78 -30.94
N ILE D 319 47.46 36.08 -30.99
CA ILE D 319 48.03 36.49 -29.71
C ILE D 319 48.68 37.87 -29.79
N SER D 320 49.14 38.29 -30.97
CA SER D 320 49.87 39.55 -31.06
C SER D 320 48.96 40.76 -30.92
N THR D 321 47.67 40.62 -31.21
CA THR D 321 46.71 41.66 -30.86
C THR D 321 46.60 41.78 -29.35
N HIS D 322 46.55 40.64 -28.66
CA HIS D 322 46.47 40.64 -27.21
C HIS D 322 47.76 41.12 -26.56
N LEU D 323 48.91 40.88 -27.20
CA LEU D 323 50.17 41.38 -26.66
C LEU D 323 50.27 42.89 -26.82
N ALA D 324 49.68 43.44 -27.89
CA ALA D 324 49.65 44.88 -28.07
C ALA D 324 48.76 45.55 -27.03
N LYS D 325 47.71 44.86 -26.60
CA LYS D 325 46.87 45.38 -25.53
C LYS D 325 47.61 45.37 -24.21
N LEU D 326 48.41 44.33 -23.96
CA LEU D 326 49.16 44.27 -22.71
C LEU D 326 50.34 45.23 -22.72
N TYR D 327 50.91 45.49 -23.91
CA TYR D 327 52.01 46.44 -23.97
C TYR D 327 51.52 47.88 -23.85
N ASP D 328 50.41 48.21 -24.52
CA ASP D 328 49.87 49.56 -24.43
C ASP D 328 49.27 49.83 -23.06
N ASN D 329 48.86 48.78 -22.34
CA ASN D 329 48.49 48.95 -20.95
C ASN D 329 49.72 49.26 -20.11
N LEU D 330 50.84 48.60 -20.40
CA LEU D 330 52.04 48.69 -19.57
C LEU D 330 52.71 50.05 -19.67
N LEU D 331 52.41 50.81 -20.73
CA LEU D 331 52.93 52.18 -20.84
C LEU D 331 52.38 53.07 -19.74
N GLU D 332 51.04 53.28 -19.71
CA GLU D 332 50.50 54.20 -18.72
C GLU D 332 50.56 53.65 -17.30
N GLN D 333 50.65 52.33 -17.12
CA GLN D 333 50.92 51.79 -15.80
C GLN D 333 52.30 52.20 -15.30
N ASN D 334 53.27 52.27 -16.20
CA ASN D 334 54.56 52.83 -15.86
C ASN D 334 54.52 54.36 -15.84
N LEU D 335 53.68 54.96 -16.68
CA LEU D 335 53.68 56.41 -16.80
C LEU D 335 52.96 57.10 -15.65
N ILE D 336 51.95 56.48 -15.04
CA ILE D 336 51.28 57.16 -13.94
C ILE D 336 52.13 57.18 -12.69
N ARG D 337 53.08 56.27 -12.55
CA ARG D 337 53.86 56.16 -11.32
C ARG D 337 54.88 57.28 -11.19
N VAL D 338 55.19 57.96 -12.29
CA VAL D 338 56.32 58.89 -12.33
C VAL D 338 55.87 60.31 -12.64
N ILE D 339 54.67 60.68 -12.18
CA ILE D 339 54.18 62.03 -12.41
C ILE D 339 54.07 62.76 -11.07
N GLU D 340 53.61 62.05 -10.04
CA GLU D 340 53.32 62.55 -8.69
C GLU D 340 54.35 63.47 -8.00
N PRO D 341 55.68 63.32 -8.15
CA PRO D 341 56.57 64.28 -7.49
C PRO D 341 56.51 65.70 -8.04
N PHE D 342 56.09 65.92 -9.28
CA PHE D 342 56.17 67.26 -9.83
C PHE D 342 54.80 67.81 -10.20
N SER D 343 54.76 69.13 -10.38
CA SER D 343 53.67 69.77 -11.10
C SER D 343 54.02 69.96 -12.56
N ARG D 344 55.31 70.06 -12.85
CA ARG D 344 55.77 70.50 -14.17
C ARG D 344 57.15 69.92 -14.43
N VAL D 345 57.32 69.27 -15.58
CA VAL D 345 58.58 68.62 -15.94
C VAL D 345 58.82 68.88 -17.42
N GLN D 346 60.08 68.74 -17.84
CA GLN D 346 60.45 68.68 -19.23
C GLN D 346 60.58 67.21 -19.64
N ILE D 347 60.28 66.94 -20.91
CA ILE D 347 59.95 65.58 -21.32
C ILE D 347 61.17 64.72 -21.67
N GLU D 348 62.36 65.30 -21.73
CA GLU D 348 63.52 64.45 -21.97
C GLU D 348 63.91 63.70 -20.70
N HIS D 349 63.56 64.23 -19.52
CA HIS D 349 63.81 63.51 -18.28
C HIS D 349 62.82 62.38 -18.10
N ILE D 350 61.58 62.57 -18.53
CA ILE D 350 60.60 61.51 -18.36
C ILE D 350 60.82 60.41 -19.39
N SER D 351 61.50 60.73 -20.50
CA SER D 351 62.00 59.68 -21.38
C SER D 351 63.21 58.97 -20.76
N SER D 352 63.96 59.67 -19.90
CA SER D 352 65.12 59.07 -19.27
C SER D 352 64.70 58.13 -18.13
N LEU D 353 63.68 58.53 -17.36
CA LEU D 353 63.17 57.66 -16.30
C LEU D 353 62.48 56.43 -16.84
N ILE D 354 61.91 56.52 -18.05
CA ILE D 354 61.24 55.37 -18.64
C ILE D 354 62.19 54.55 -19.52
N LYS D 355 63.36 55.09 -19.86
CA LYS D 355 64.38 54.46 -20.70
C LYS D 355 63.79 54.09 -22.07
N LEU D 356 63.44 55.13 -22.81
CA LEU D 356 62.78 55.01 -24.11
C LEU D 356 63.03 56.31 -24.86
N SER D 357 62.71 56.30 -26.15
CA SER D 357 62.73 57.50 -26.97
C SER D 357 61.63 58.47 -26.52
N LYS D 358 61.68 59.71 -27.03
CA LYS D 358 60.76 60.74 -26.59
C LYS D 358 59.59 60.97 -27.54
N ALA D 359 59.70 60.56 -28.81
CA ALA D 359 58.65 60.84 -29.77
C ALA D 359 57.42 59.97 -29.53
N ASP D 360 57.62 58.70 -29.18
CA ASP D 360 56.49 57.85 -28.85
C ASP D 360 55.88 58.21 -27.51
N VAL D 361 56.67 58.82 -26.62
CA VAL D 361 56.13 59.34 -25.37
C VAL D 361 55.19 60.51 -25.64
N GLU D 362 55.54 61.36 -26.61
CA GLU D 362 54.70 62.49 -27.00
C GLU D 362 53.36 62.03 -27.56
N ARG D 363 53.37 61.02 -28.43
CA ARG D 363 52.12 60.55 -29.00
C ARG D 363 51.31 59.77 -27.98
N LYS D 364 51.97 59.15 -27.01
CA LYS D 364 51.23 58.42 -25.98
C LYS D 364 50.61 59.38 -24.98
N LEU D 365 51.37 60.39 -24.53
CA LEU D 365 50.83 61.37 -23.59
C LEU D 365 49.73 62.20 -24.22
N SER D 366 49.84 62.53 -25.51
CA SER D 366 48.79 63.28 -26.18
C SER D 366 47.51 62.46 -26.29
N GLN D 367 47.64 61.13 -26.36
CA GLN D 367 46.47 60.27 -26.31
C GLN D 367 45.83 60.30 -24.93
N MET D 368 46.64 60.50 -23.89
CA MET D 368 46.12 60.40 -22.52
C MET D 368 45.27 61.61 -22.14
N ILE D 369 45.65 62.80 -22.60
CA ILE D 369 44.83 63.98 -22.33
C ILE D 369 43.55 63.94 -23.16
N LEU D 370 43.64 63.52 -24.42
CA LEU D 370 42.47 63.45 -25.30
C LEU D 370 41.45 62.44 -24.80
N ASP D 371 41.92 61.34 -24.20
CA ASP D 371 41.03 60.32 -23.70
C ASP D 371 40.68 60.52 -22.23
N LYS D 372 41.05 61.68 -21.66
CA LYS D 372 40.68 62.12 -20.31
C LYS D 372 41.15 61.16 -19.22
N LYS D 373 42.27 60.48 -19.46
CA LYS D 373 42.87 59.61 -18.46
C LYS D 373 43.82 60.34 -17.53
N PHE D 374 43.79 61.68 -17.56
CA PHE D 374 44.91 62.48 -17.08
C PHE D 374 44.45 63.93 -17.06
N HIS D 375 45.09 64.72 -16.22
CA HIS D 375 44.81 66.16 -16.09
C HIS D 375 46.08 66.92 -16.42
N GLY D 376 46.25 67.31 -17.68
CA GLY D 376 47.50 67.95 -18.05
C GLY D 376 47.44 68.68 -19.36
N ILE D 377 48.60 69.20 -19.76
CA ILE D 377 48.76 69.96 -21.00
C ILE D 377 50.23 69.83 -21.39
N LEU D 378 50.53 70.05 -22.67
CA LEU D 378 51.90 69.98 -23.16
C LEU D 378 52.28 71.28 -23.85
N ASP D 379 53.59 71.47 -24.01
CA ASP D 379 54.16 72.60 -24.72
C ASP D 379 55.15 72.11 -25.77
N GLN D 380 55.19 72.80 -26.90
CA GLN D 380 56.23 72.56 -27.89
C GLN D 380 57.33 73.61 -27.85
N GLY D 381 57.02 74.81 -27.35
CA GLY D 381 58.01 75.85 -27.21
C GLY D 381 59.03 75.57 -26.13
N GLU D 382 58.70 74.70 -25.18
CA GLU D 382 59.62 74.33 -24.12
C GLU D 382 59.74 72.82 -23.93
N GLY D 383 58.89 72.02 -24.58
CA GLY D 383 58.89 70.58 -24.44
C GLY D 383 58.56 70.13 -23.02
N VAL D 384 57.43 70.61 -22.50
CA VAL D 384 57.17 70.61 -21.07
C VAL D 384 55.77 70.08 -20.78
N LEU D 385 55.68 69.10 -19.88
CA LEU D 385 54.41 68.60 -19.38
C LEU D 385 54.02 69.32 -18.10
N ILE D 386 52.78 69.78 -18.03
CA ILE D 386 52.27 70.59 -16.91
C ILE D 386 51.01 69.93 -16.37
N ILE D 387 50.90 69.85 -15.04
CA ILE D 387 49.80 69.14 -14.37
C ILE D 387 49.04 70.13 -13.48
N PHE D 388 47.72 70.14 -13.61
CA PHE D 388 46.86 71.09 -12.92
C PHE D 388 45.64 70.35 -12.37
N ASP D 389 44.71 71.11 -11.79
CA ASP D 389 43.44 70.59 -11.28
C ASP D 389 42.28 71.44 -11.81
N GLU D 390 41.05 71.08 -11.47
CA GLU D 390 39.88 71.77 -12.03
C GLU D 390 38.82 71.87 -10.93
N PRO D 391 37.96 72.87 -10.99
CA PRO D 391 36.90 73.01 -9.98
C PRO D 391 35.65 72.23 -10.35
N PRO D 392 35.13 71.44 -9.41
CA PRO D 392 33.87 70.70 -9.67
C PRO D 392 32.62 71.49 -9.32
N VAL D 393 32.72 72.81 -9.16
CA VAL D 393 31.68 73.57 -8.47
C VAL D 393 30.84 74.26 -9.54
N ASP D 394 30.70 73.61 -10.69
CA ASP D 394 29.88 74.12 -11.77
C ASP D 394 28.40 73.86 -11.57
N LYS D 395 28.03 73.16 -10.50
CA LYS D 395 26.66 72.67 -10.33
C LYS D 395 25.67 73.80 -10.10
N THR D 396 26.16 74.95 -9.60
CA THR D 396 25.31 76.13 -9.49
C THR D 396 24.99 76.71 -10.86
N TYR D 397 26.02 76.98 -11.65
CA TYR D 397 25.85 77.62 -12.95
C TYR D 397 25.27 76.68 -13.99
N GLU D 398 25.46 75.38 -13.82
CA GLU D 398 24.81 74.40 -14.69
C GLU D 398 23.30 74.45 -14.53
N ALA D 399 22.82 74.31 -13.29
CA ALA D 399 21.39 74.38 -13.01
C ALA D 399 20.83 75.80 -13.09
N ALA D 400 21.69 76.81 -13.22
CA ALA D 400 21.22 78.18 -13.33
C ALA D 400 20.49 78.42 -14.65
N LEU D 401 21.18 78.16 -15.77
CA LEU D 401 20.61 78.43 -17.08
C LEU D 401 19.63 77.36 -17.54
N GLU D 402 19.55 76.22 -16.85
CA GLU D 402 18.52 75.25 -17.19
C GLU D 402 17.15 75.71 -16.73
N THR D 403 17.09 76.60 -15.73
CA THR D 403 15.83 77.25 -15.38
C THR D 403 15.40 78.25 -16.43
N ILE D 404 16.33 78.81 -17.20
CA ILE D 404 15.99 79.75 -18.26
C ILE D 404 15.25 79.02 -19.38
N GLN D 405 15.61 77.75 -19.61
CA GLN D 405 14.86 76.91 -20.54
C GLN D 405 13.44 76.68 -20.05
N ASN D 406 13.27 76.53 -18.74
CA ASN D 406 11.93 76.48 -18.18
C ASN D 406 11.25 77.84 -18.25
N MET D 407 12.03 78.92 -18.09
CA MET D 407 11.46 80.25 -18.17
C MET D 407 11.20 80.66 -19.61
N SER D 408 11.89 80.06 -20.57
CA SER D 408 11.60 80.34 -21.97
C SER D 408 10.27 79.74 -22.38
N LYS D 409 9.93 78.58 -21.82
CA LYS D 409 8.73 77.88 -22.27
C LYS D 409 7.46 78.50 -21.68
N VAL D 410 7.56 79.10 -20.51
CA VAL D 410 6.36 79.66 -19.88
C VAL D 410 5.98 80.98 -20.53
N VAL D 411 6.97 81.76 -20.96
CA VAL D 411 6.70 83.05 -21.60
C VAL D 411 6.15 82.82 -23.01
N ASP D 412 6.62 81.76 -23.65
CA ASP D 412 6.03 81.34 -24.92
C ASP D 412 4.60 80.86 -24.73
N SER D 413 4.30 80.31 -23.55
CA SER D 413 2.93 79.86 -23.27
C SER D 413 2.02 81.04 -22.93
N LEU D 414 2.56 82.03 -22.21
CA LEU D 414 1.75 83.18 -21.79
C LEU D 414 1.37 84.06 -22.97
N TYR D 415 2.35 84.33 -23.84
CA TYR D 415 2.10 85.13 -25.04
C TYR D 415 1.12 84.42 -25.97
N ASN D 416 1.10 83.09 -25.93
CA ASN D 416 0.08 82.33 -26.65
C ASN D 416 -1.28 82.51 -25.99
N LYS D 417 -1.32 82.61 -24.66
CA LYS D 417 -2.58 82.82 -23.95
C LYS D 417 -3.07 84.24 -24.15
N ALA D 418 -2.15 85.21 -24.13
CA ALA D 418 -2.52 86.61 -24.33
C ALA D 418 -2.92 86.89 -25.77
N LYS D 419 -2.40 86.12 -26.72
CA LYS D 419 -2.83 86.27 -28.11
C LYS D 419 -4.22 85.71 -28.32
N LYS D 420 -4.60 84.72 -27.50
CA LYS D 420 -5.90 84.06 -27.64
C LYS D 420 -7.04 85.03 -27.32
N LEU D 421 -6.84 85.89 -26.33
CA LEU D 421 -7.85 86.89 -25.97
C LEU D 421 -7.13 88.08 -25.38
N THR D 422 -7.59 89.27 -25.74
CA THR D 422 -6.92 90.54 -25.42
C THR D 422 -6.78 90.81 -23.92
N PRO E 12 11.60 48.14 -64.31
CA PRO E 12 10.77 48.35 -63.11
C PRO E 12 11.15 49.63 -62.38
N LYS E 13 11.21 49.55 -61.06
CA LYS E 13 11.67 50.66 -60.23
C LYS E 13 12.71 50.22 -59.21
N ASN E 14 13.13 48.96 -59.24
CA ASN E 14 13.96 48.44 -58.16
C ASN E 14 15.44 48.83 -58.34
N PRO E 15 16.08 48.70 -59.56
CA PRO E 15 17.42 49.27 -59.71
C PRO E 15 17.42 50.69 -60.24
N ASP E 16 16.28 51.38 -60.11
CA ASP E 16 15.97 52.55 -60.93
C ASP E 16 16.85 53.76 -60.60
N LEU E 17 17.39 53.83 -59.39
CA LEU E 17 18.13 55.03 -58.99
C LEU E 17 19.52 55.10 -59.58
N ARG E 18 19.99 54.04 -60.23
CA ARG E 18 21.26 54.13 -60.96
C ARG E 18 21.12 55.04 -62.17
N ILE E 19 19.92 55.11 -62.75
CA ILE E 19 19.67 55.99 -63.89
C ILE E 19 19.85 57.45 -63.50
N ALA E 20 19.33 57.83 -62.32
CA ALA E 20 19.44 59.21 -61.86
C ALA E 20 20.87 59.59 -61.52
N GLN E 21 21.72 58.60 -61.23
CA GLN E 21 23.15 58.85 -61.15
C GLN E 21 23.73 59.15 -62.52
N LEU E 22 23.38 58.35 -63.53
CA LEU E 22 23.96 58.55 -64.86
C LEU E 22 23.32 59.72 -65.59
N ARG E 23 22.18 60.21 -65.12
CA ARG E 23 21.69 61.50 -65.62
C ARG E 23 22.61 62.63 -65.15
N PHE E 24 22.97 62.61 -63.87
CA PHE E 24 23.80 63.68 -63.31
C PHE E 24 25.25 63.54 -63.76
N LEU E 25 25.78 62.32 -63.75
CA LEU E 25 27.20 62.10 -64.00
C LEU E 25 27.57 62.42 -65.45
N LEU E 26 26.63 62.26 -66.37
CA LEU E 26 26.86 62.64 -67.76
C LEU E 26 26.68 64.13 -67.99
N SER E 27 25.86 64.80 -67.17
CA SER E 27 25.42 66.15 -67.50
C SER E 27 26.46 67.21 -67.13
N LEU E 28 26.72 67.37 -65.83
CA LEU E 28 27.47 68.56 -65.40
C LEU E 28 28.97 68.42 -65.66
N PRO E 29 29.64 67.26 -65.39
CA PRO E 29 30.96 67.09 -66.02
C PRO E 29 30.84 66.61 -67.46
N GLU E 30 31.09 67.50 -68.43
CA GLU E 30 31.09 67.08 -69.82
C GLU E 30 32.32 66.25 -70.15
N HIS E 31 33.42 66.45 -69.41
CA HIS E 31 34.60 65.60 -69.56
C HIS E 31 34.31 64.17 -69.11
N ARG E 32 33.41 64.00 -68.14
CA ARG E 32 32.90 62.68 -67.79
C ARG E 32 31.73 62.38 -68.76
N GLY E 33 32.10 61.96 -69.96
CA GLY E 33 31.11 61.65 -70.97
C GLY E 33 31.46 60.50 -71.90
N ASP E 34 32.32 59.58 -71.44
CA ASP E 34 32.78 58.50 -72.30
C ASP E 34 31.94 57.23 -72.16
N ALA E 35 31.88 56.65 -70.96
CA ALA E 35 31.23 55.36 -70.76
C ALA E 35 29.84 55.46 -70.18
N ALA E 36 29.44 56.64 -69.68
CA ALA E 36 28.09 56.79 -69.16
C ALA E 36 27.07 56.75 -70.28
N VAL E 37 27.39 57.35 -71.43
CA VAL E 37 26.45 57.35 -72.55
C VAL E 37 26.42 55.97 -73.21
N ARG E 38 27.45 55.15 -72.99
CA ARG E 38 27.50 53.86 -73.68
C ARG E 38 26.58 52.84 -73.03
N ASP E 39 26.38 52.92 -71.71
CA ASP E 39 25.54 51.96 -71.01
C ASP E 39 24.23 52.56 -70.52
N GLU E 40 23.91 53.79 -70.90
CA GLU E 40 22.62 54.39 -70.57
C GLU E 40 21.65 54.30 -71.74
N LEU E 41 22.10 54.67 -72.94
CA LEU E 41 21.26 54.64 -74.12
C LEU E 41 20.84 53.22 -74.49
N MET E 42 21.74 52.26 -74.31
CA MET E 42 21.36 50.87 -74.48
C MET E 42 20.45 50.42 -73.34
N ALA E 43 20.64 50.95 -72.14
CA ALA E 43 19.70 50.70 -71.06
C ALA E 43 18.39 51.45 -71.24
N ALA E 44 18.40 52.55 -71.99
CA ALA E 44 17.16 53.28 -72.25
C ALA E 44 16.34 52.67 -73.37
N VAL E 45 16.98 52.05 -74.36
CA VAL E 45 16.20 51.29 -75.33
C VAL E 45 15.76 49.96 -74.74
N ARG E 46 16.45 49.49 -73.69
CA ARG E 46 15.89 48.46 -72.84
C ARG E 46 14.83 49.07 -71.94
N ASP E 47 13.95 48.19 -71.42
CA ASP E 47 12.88 48.49 -70.48
C ASP E 47 11.82 49.44 -71.08
N ASN E 48 11.90 49.69 -72.40
CA ASN E 48 10.99 50.53 -73.19
C ASN E 48 10.92 51.97 -72.65
N ASN E 49 12.04 52.49 -72.14
CA ASN E 49 12.08 53.82 -71.53
C ASN E 49 11.88 54.89 -72.58
N MET E 50 10.73 55.54 -72.57
CA MET E 50 10.44 56.41 -73.71
C MET E 50 10.18 57.86 -73.36
N ALA E 51 9.48 58.14 -72.27
CA ALA E 51 9.15 59.53 -71.97
C ALA E 51 10.31 60.32 -71.36
N PRO E 52 10.94 59.90 -70.23
CA PRO E 52 11.79 60.87 -69.52
C PRO E 52 13.15 61.15 -70.14
N TYR E 53 13.49 60.63 -71.31
CA TYR E 53 14.85 60.81 -71.81
C TYR E 53 14.95 61.89 -72.89
N TYR E 54 13.83 62.49 -73.29
CA TYR E 54 13.86 63.58 -74.27
C TYR E 54 14.63 64.78 -73.76
N GLU E 55 14.57 65.04 -72.45
CA GLU E 55 15.42 66.06 -71.86
C GLU E 55 16.88 65.65 -71.92
N ALA E 56 17.17 64.38 -71.60
CA ALA E 56 18.53 63.87 -71.70
C ALA E 56 18.99 63.82 -73.15
N LEU E 57 18.07 63.59 -74.08
CA LEU E 57 18.42 63.56 -75.49
C LEU E 57 18.74 64.94 -76.03
N CYS E 58 18.30 66.00 -75.33
CA CYS E 58 18.71 67.35 -75.68
C CYS E 58 20.13 67.65 -75.19
N LYS E 59 20.50 67.12 -74.02
CA LYS E 59 21.80 67.43 -73.43
C LYS E 59 22.88 66.46 -73.90
N SER E 60 22.53 65.20 -74.13
CA SER E 60 23.42 64.22 -74.73
C SER E 60 23.39 64.33 -76.24
N LEU E 61 23.83 63.26 -76.93
CA LEU E 61 23.83 63.16 -78.39
C LEU E 61 22.45 63.47 -78.97
N ASP E 62 22.46 63.94 -80.22
CA ASP E 62 21.39 64.72 -80.82
C ASP E 62 20.05 63.99 -80.92
N TRP E 63 19.96 62.99 -81.80
CA TRP E 63 18.72 62.26 -82.06
C TRP E 63 19.08 60.92 -82.67
N GLN E 64 18.13 59.98 -82.60
CA GLN E 64 18.22 58.71 -83.31
C GLN E 64 16.82 58.14 -83.41
N ILE E 65 16.48 57.62 -84.58
CA ILE E 65 15.14 57.09 -84.92
C ILE E 65 14.44 55.99 -84.11
N ASP E 66 15.12 55.29 -83.20
CA ASP E 66 14.44 54.22 -82.46
C ASP E 66 13.28 54.73 -81.60
N VAL E 67 12.89 55.97 -81.80
CA VAL E 67 11.80 56.55 -81.02
C VAL E 67 10.46 56.06 -81.55
N ASP E 68 10.30 56.07 -82.87
CA ASP E 68 9.06 55.60 -83.48
C ASP E 68 8.89 54.10 -83.34
N LEU E 69 10.01 53.37 -83.29
CA LEU E 69 9.94 51.92 -83.12
C LEU E 69 9.49 51.56 -81.71
N LEU E 70 9.95 52.32 -80.72
CA LEU E 70 9.54 52.05 -79.35
C LEU E 70 8.22 52.74 -79.01
N ASN E 71 7.80 53.72 -79.81
CA ASN E 71 6.50 54.33 -79.58
C ASN E 71 5.37 53.37 -79.94
N LYS E 72 5.51 52.61 -81.03
CA LYS E 72 4.51 51.59 -81.31
C LYS E 72 4.64 50.41 -80.37
N MET E 73 5.81 50.21 -79.78
CA MET E 73 5.96 49.22 -78.71
C MET E 73 5.35 49.73 -77.42
N LYS E 74 5.50 51.04 -77.14
CA LYS E 74 4.91 51.55 -75.90
C LYS E 74 3.41 51.73 -76.03
N LYS E 75 2.90 51.85 -77.26
CA LYS E 75 1.47 51.96 -77.45
C LYS E 75 0.80 50.59 -77.42
N ALA E 76 1.50 49.57 -77.93
CA ALA E 76 0.94 48.21 -77.93
C ALA E 76 0.82 47.68 -76.52
N ASN E 77 1.84 47.91 -75.68
CA ASN E 77 1.75 47.47 -74.28
C ASN E 77 0.77 48.33 -73.50
N GLU E 78 0.60 49.60 -73.89
CA GLU E 78 -0.47 50.40 -73.30
C GLU E 78 -1.83 49.88 -73.70
N ASP E 79 -2.02 49.59 -74.99
CA ASP E 79 -3.32 49.13 -75.48
C ASP E 79 -3.62 47.71 -75.03
N GLU E 80 -2.58 46.89 -74.80
CA GLU E 80 -2.80 45.54 -74.28
C GLU E 80 -3.35 45.60 -72.86
N LEU E 81 -2.89 46.56 -72.07
CA LEU E 81 -3.40 46.70 -70.71
C LEU E 81 -4.63 47.59 -70.67
N LYS E 82 -4.81 48.44 -71.70
CA LYS E 82 -6.00 49.28 -71.79
C LYS E 82 -7.24 48.44 -71.99
N ARG E 83 -7.20 47.52 -72.96
CA ARG E 83 -8.34 46.63 -73.17
C ARG E 83 -8.48 45.61 -72.05
N LEU E 84 -7.42 45.41 -71.27
CA LEU E 84 -7.49 44.48 -70.15
C LEU E 84 -8.33 45.05 -69.02
N ASP E 85 -8.06 46.28 -68.60
CA ASP E 85 -8.72 46.81 -67.41
C ASP E 85 -10.03 47.54 -67.73
N GLU E 86 -10.31 47.87 -68.99
CA GLU E 86 -11.65 48.40 -69.28
C GLU E 86 -12.67 47.28 -69.35
N GLU E 87 -12.26 46.10 -69.86
CA GLU E 87 -13.13 44.94 -69.83
C GLU E 87 -13.29 44.43 -68.41
N LEU E 88 -12.27 44.62 -67.59
CA LEU E 88 -12.31 44.20 -66.20
C LEU E 88 -13.26 45.06 -65.37
N GLU E 89 -13.22 46.39 -65.57
CA GLU E 89 -14.08 47.27 -64.80
C GLU E 89 -15.53 47.24 -65.30
N ASP E 90 -15.76 46.72 -66.50
CA ASP E 90 -17.10 46.67 -67.06
C ASP E 90 -17.77 45.30 -66.90
N ALA E 91 -17.00 44.26 -66.58
CA ALA E 91 -17.57 42.94 -66.35
C ALA E 91 -17.56 42.54 -64.89
N GLU E 92 -16.43 42.70 -64.21
CA GLU E 92 -16.23 42.19 -62.85
C GLU E 92 -16.28 43.37 -61.89
N LYS E 93 -17.10 43.25 -60.85
CA LYS E 93 -17.50 44.40 -60.05
C LYS E 93 -17.09 44.33 -58.59
N ASN E 94 -16.06 43.56 -58.26
CA ASN E 94 -15.50 43.56 -56.91
C ASN E 94 -14.30 44.48 -56.90
N LEU E 95 -14.26 45.39 -55.93
CA LEU E 95 -13.32 46.50 -55.93
C LEU E 95 -12.48 46.50 -54.65
N GLY E 96 -11.70 47.56 -54.48
CA GLY E 96 -10.84 47.71 -53.32
C GLY E 96 -9.39 47.41 -53.66
N GLU E 97 -8.91 46.26 -53.19
CA GLU E 97 -7.58 45.75 -53.53
C GLU E 97 -7.71 44.55 -54.45
N SER E 98 -8.72 44.59 -55.32
CA SER E 98 -9.12 43.49 -56.19
C SER E 98 -8.40 43.49 -57.53
N GLU E 99 -8.96 42.79 -58.51
CA GLU E 99 -8.31 42.69 -59.81
C GLU E 99 -8.32 44.01 -60.57
N ILE E 100 -9.33 44.87 -60.35
CA ILE E 100 -9.31 46.21 -60.92
C ILE E 100 -8.15 47.02 -60.34
N ARG E 101 -7.86 46.80 -59.05
CA ARG E 101 -6.79 47.51 -58.36
C ARG E 101 -5.41 47.20 -58.95
N ASP E 102 -5.04 45.92 -59.02
CA ASP E 102 -3.68 45.61 -59.44
C ASP E 102 -3.48 45.71 -60.95
N ALA E 103 -4.57 45.69 -61.73
CA ALA E 103 -4.45 46.01 -63.14
C ALA E 103 -4.26 47.51 -63.34
N MET E 104 -5.00 48.33 -62.58
CA MET E 104 -4.88 49.77 -62.75
C MET E 104 -3.61 50.32 -62.10
N MET E 105 -3.04 49.63 -61.10
CA MET E 105 -1.70 50.03 -60.69
C MET E 105 -0.65 49.54 -61.67
N ALA E 106 -0.96 48.52 -62.49
CA ALA E 106 -0.01 48.10 -63.51
C ALA E 106 0.06 49.13 -64.63
N LYS E 107 -1.03 49.89 -64.84
CA LYS E 107 -0.92 51.15 -65.58
C LYS E 107 -0.01 52.13 -64.86
N ALA E 108 -0.17 52.23 -63.53
CA ALA E 108 0.59 53.21 -62.76
C ALA E 108 2.04 52.80 -62.64
N GLU E 109 2.30 51.49 -62.57
CA GLU E 109 3.68 51.01 -62.61
C GLU E 109 4.27 51.16 -63.99
N TYR E 110 3.44 51.12 -65.04
CA TYR E 110 3.92 51.32 -66.38
C TYR E 110 4.36 52.77 -66.61
N LEU E 111 3.68 53.72 -65.97
CA LEU E 111 3.98 55.12 -66.21
C LEU E 111 5.13 55.64 -65.36
N CYS E 112 5.57 54.89 -64.36
CA CYS E 112 6.85 55.21 -63.73
C CYS E 112 8.00 54.53 -64.46
N ARG E 113 7.77 53.29 -64.90
CA ARG E 113 8.82 52.52 -65.57
C ARG E 113 9.11 53.08 -66.96
N ILE E 114 8.08 53.49 -67.67
CA ILE E 114 8.20 53.96 -69.05
C ILE E 114 7.88 55.44 -69.16
N GLY E 115 6.72 55.85 -68.64
CA GLY E 115 6.23 57.20 -68.85
C GLY E 115 6.90 58.24 -67.97
N ASP E 116 6.37 59.46 -68.07
CA ASP E 116 6.73 60.55 -67.19
C ASP E 116 5.94 60.47 -65.89
N LYS E 117 6.15 61.46 -65.03
CA LYS E 117 5.52 61.44 -63.71
C LYS E 117 4.04 61.79 -63.75
N GLU E 118 3.60 62.55 -64.75
CA GLU E 118 2.28 63.19 -64.71
C GLU E 118 1.14 62.19 -64.86
N GLY E 119 1.26 61.27 -65.82
CA GLY E 119 0.30 60.19 -65.91
C GLY E 119 0.40 59.22 -64.74
N ALA E 120 1.59 59.12 -64.14
CA ALA E 120 1.78 58.22 -63.01
C ALA E 120 1.20 58.80 -61.74
N LEU E 121 1.34 60.12 -61.53
CA LEU E 121 0.86 60.71 -60.28
C LEU E 121 -0.65 60.81 -60.25
N THR E 122 -1.30 61.03 -61.39
CA THR E 122 -2.75 61.08 -61.40
C THR E 122 -3.36 59.69 -61.31
N ALA E 123 -2.61 58.66 -61.69
CA ALA E 123 -3.06 57.30 -61.43
C ALA E 123 -2.83 56.94 -59.97
N PHE E 124 -1.78 57.52 -59.37
CA PHE E 124 -1.51 57.31 -57.95
C PHE E 124 -2.58 57.95 -57.07
N ARG E 125 -2.88 59.23 -57.31
CA ARG E 125 -3.87 59.92 -56.50
C ARG E 125 -5.29 59.43 -56.76
N LYS E 126 -5.53 58.78 -57.90
CA LYS E 126 -6.81 58.11 -58.10
C LYS E 126 -6.88 56.81 -57.31
N THR E 127 -5.82 56.00 -57.38
CA THR E 127 -5.86 54.69 -56.73
C THR E 127 -5.65 54.78 -55.22
N TYR E 128 -5.18 55.91 -54.71
CA TYR E 128 -5.08 56.07 -53.26
C TYR E 128 -6.44 56.32 -52.64
N ASP E 129 -7.36 56.94 -53.39
CA ASP E 129 -8.68 57.26 -52.89
C ASP E 129 -9.65 56.08 -52.93
N LYS E 130 -9.19 54.90 -53.35
CA LYS E 130 -10.05 53.74 -53.55
C LYS E 130 -9.88 52.68 -52.48
N THR E 131 -8.74 52.63 -51.82
CA THR E 131 -8.34 51.48 -51.04
C THR E 131 -8.52 51.68 -49.54
N VAL E 132 -8.60 50.57 -48.83
CA VAL E 132 -8.74 50.58 -47.38
C VAL E 132 -7.59 49.88 -46.66
N ALA E 133 -6.90 48.94 -47.31
CA ALA E 133 -5.75 48.29 -46.69
C ALA E 133 -4.58 49.26 -46.70
N LEU E 134 -4.14 49.68 -45.51
CA LEU E 134 -3.11 50.70 -45.39
C LEU E 134 -1.74 50.21 -45.85
N GLY E 135 -1.51 48.90 -45.91
CA GLY E 135 -0.29 48.40 -46.50
C GLY E 135 -0.23 48.69 -47.99
N HIS E 136 -1.35 48.55 -48.69
CA HIS E 136 -1.41 48.93 -50.09
C HIS E 136 -1.42 50.45 -50.24
N ARG E 137 -1.95 51.15 -49.23
CA ARG E 137 -1.87 52.61 -49.23
C ARG E 137 -0.42 53.07 -49.06
N LEU E 138 0.31 52.43 -48.14
CA LEU E 138 1.69 52.80 -47.88
C LEU E 138 2.60 52.43 -49.04
N ASP E 139 2.23 51.40 -49.81
CA ASP E 139 3.02 51.06 -50.99
C ASP E 139 2.87 52.10 -52.08
N ILE E 140 1.70 52.71 -52.20
CA ILE E 140 1.53 53.85 -53.09
C ILE E 140 2.37 55.03 -52.62
N VAL E 141 2.40 55.28 -51.31
CA VAL E 141 3.23 56.35 -50.76
C VAL E 141 4.71 56.00 -50.91
N PHE E 142 5.04 54.71 -50.94
CA PHE E 142 6.40 54.30 -51.30
C PHE E 142 6.73 54.68 -52.74
N TYR E 143 5.71 54.71 -53.60
CA TYR E 143 5.97 54.97 -55.02
C TYR E 143 6.06 56.46 -55.30
N LEU E 144 5.29 57.28 -54.58
CA LEU E 144 5.43 58.74 -54.68
C LEU E 144 6.78 59.20 -54.16
N LEU E 145 7.23 58.61 -53.05
CA LEU E 145 8.50 59.01 -52.45
C LEU E 145 9.69 58.68 -53.33
N ARG E 146 9.57 57.65 -54.18
CA ARG E 146 10.69 57.27 -55.02
C ARG E 146 10.75 58.14 -56.27
N ILE E 147 9.60 58.45 -56.87
CA ILE E 147 9.59 59.29 -58.05
C ILE E 147 9.82 60.75 -57.66
N GLY E 148 9.51 61.13 -56.42
CA GLY E 148 9.90 62.42 -55.92
C GLY E 148 11.37 62.50 -55.56
N LEU E 149 12.02 61.35 -55.37
CA LEU E 149 13.45 61.32 -55.15
C LEU E 149 14.22 61.31 -56.47
N PHE E 150 13.57 60.88 -57.55
CA PHE E 150 14.18 60.93 -58.87
C PHE E 150 14.37 62.37 -59.31
N TYR E 151 13.29 63.14 -59.31
CA TYR E 151 13.27 64.49 -59.84
C TYR E 151 13.51 65.53 -58.77
N MET E 152 13.96 65.11 -57.57
CA MET E 152 14.22 65.87 -56.35
C MET E 152 13.16 66.93 -56.03
N ASP E 153 11.89 66.58 -56.26
CA ASP E 153 10.79 67.52 -56.02
C ASP E 153 10.58 67.68 -54.52
N ASN E 154 10.94 68.86 -54.01
CA ASN E 154 10.87 69.13 -52.58
C ASN E 154 9.45 69.30 -52.07
N ASP E 155 8.48 69.52 -52.95
CA ASP E 155 7.09 69.65 -52.52
C ASP E 155 6.35 68.34 -52.49
N LEU E 156 6.79 67.35 -53.27
CA LEU E 156 6.20 66.02 -53.17
C LEU E 156 6.60 65.35 -51.85
N ILE E 157 7.85 65.53 -51.44
CA ILE E 157 8.40 64.75 -50.33
C ILE E 157 7.91 65.29 -48.99
N THR E 158 7.61 66.58 -48.90
CA THR E 158 7.07 67.11 -47.65
C THR E 158 5.65 66.65 -47.40
N ARG E 159 4.92 66.29 -48.45
CA ARG E 159 3.55 65.83 -48.28
C ARG E 159 3.51 64.38 -47.80
N ASN E 160 4.06 63.47 -48.59
CA ASN E 160 3.88 62.04 -48.38
C ASN E 160 4.70 61.47 -47.23
N THR E 161 5.73 62.17 -46.78
CA THR E 161 6.37 61.77 -45.52
C THR E 161 5.46 62.05 -44.34
N GLU E 162 4.69 63.14 -44.40
CA GLU E 162 3.66 63.37 -43.40
C GLU E 162 2.52 62.38 -43.55
N LYS E 163 2.25 61.92 -44.78
CA LYS E 163 1.31 60.82 -44.98
C LYS E 163 1.82 59.54 -44.33
N ALA E 164 3.13 59.32 -44.38
CA ALA E 164 3.70 58.09 -43.84
C ALA E 164 3.69 58.09 -42.33
N LYS E 165 4.17 59.18 -41.70
CA LYS E 165 4.24 59.25 -40.25
C LYS E 165 2.85 59.32 -39.63
N SER E 166 2.10 60.37 -39.95
CA SER E 166 0.83 60.62 -39.29
C SER E 166 -0.28 59.72 -39.85
N LEU E 167 -0.54 59.82 -41.15
CA LEU E 167 -1.75 59.25 -41.73
C LEU E 167 -1.70 57.74 -41.91
N ILE E 168 -0.53 57.11 -41.78
CA ILE E 168 -0.45 55.68 -42.03
C ILE E 168 0.11 54.93 -40.82
N GLU E 169 1.31 55.32 -40.38
CA GLU E 169 2.04 54.48 -39.42
C GLU E 169 1.63 54.82 -37.99
N GLU E 170 0.38 54.46 -37.69
CA GLU E 170 -0.05 54.13 -36.34
C GLU E 170 -0.33 52.64 -36.23
N GLY E 171 -0.24 51.91 -37.33
CA GLY E 171 -0.60 50.51 -37.38
C GLY E 171 0.55 49.58 -37.67
N GLY E 172 0.73 49.23 -38.96
CA GLY E 172 1.68 48.23 -39.39
C GLY E 172 3.12 48.58 -39.07
N ASP E 173 3.96 47.55 -39.04
CA ASP E 173 5.21 47.64 -38.31
C ASP E 173 6.34 46.93 -39.06
N TRP E 174 7.55 47.46 -38.86
CA TRP E 174 8.81 46.94 -39.44
C TRP E 174 8.83 46.96 -40.96
N ASP E 175 8.20 47.98 -41.49
CA ASP E 175 8.14 48.24 -42.92
C ASP E 175 8.57 49.69 -42.96
N ARG E 176 8.51 50.30 -41.78
CA ARG E 176 8.89 51.69 -41.60
C ARG E 176 10.39 51.87 -41.55
N ARG E 177 11.14 50.79 -41.25
CA ARG E 177 12.60 50.86 -41.26
C ARG E 177 13.15 51.08 -42.65
N ASN E 178 12.35 50.75 -43.68
CA ASN E 178 12.68 51.16 -45.04
C ASN E 178 12.69 52.67 -45.16
N ARG E 179 11.76 53.34 -44.47
CA ARG E 179 11.69 54.79 -44.50
C ARG E 179 12.66 55.45 -43.54
N LEU E 180 13.09 54.74 -42.50
CA LEU E 180 14.21 55.20 -41.67
C LEU E 180 15.50 55.33 -42.48
N LYS E 181 15.63 54.56 -43.58
CA LYS E 181 16.72 54.83 -44.49
C LYS E 181 16.40 55.99 -45.45
N VAL E 182 15.12 56.37 -45.55
CA VAL E 182 14.76 57.35 -46.56
C VAL E 182 14.66 58.75 -45.97
N TYR E 183 14.08 58.87 -44.75
CA TYR E 183 13.91 60.17 -44.10
C TYR E 183 15.25 60.88 -43.90
N GLN E 184 16.31 60.11 -43.72
CA GLN E 184 17.63 60.67 -43.52
C GLN E 184 18.49 60.57 -44.77
N GLY E 185 18.05 59.79 -45.76
CA GLY E 185 18.61 59.93 -47.09
C GLY E 185 18.19 61.25 -47.72
N LEU E 186 16.99 61.73 -47.37
CA LEU E 186 16.59 63.07 -47.76
C LEU E 186 17.25 64.14 -46.91
N TYR E 187 17.76 63.77 -45.73
CA TYR E 187 18.49 64.74 -44.94
C TYR E 187 19.92 64.91 -45.42
N CYS E 188 20.44 63.93 -46.16
CA CYS E 188 21.76 64.08 -46.76
C CYS E 188 21.70 64.96 -48.00
N VAL E 189 20.59 64.93 -48.74
CA VAL E 189 20.47 65.80 -49.91
C VAL E 189 20.14 67.22 -49.47
N ALA E 190 19.59 67.39 -48.27
CA ALA E 190 19.54 68.71 -47.65
C ALA E 190 20.87 68.96 -46.93
N ILE E 191 20.94 70.04 -46.16
CA ILE E 191 22.18 70.37 -45.47
C ILE E 191 22.30 69.64 -44.14
N ARG E 192 21.33 68.78 -43.80
CA ARG E 192 21.37 68.00 -42.56
C ARG E 192 22.33 66.81 -42.70
N ASP E 193 23.58 67.16 -43.00
CA ASP E 193 24.73 66.28 -43.03
C ASP E 193 25.37 66.19 -41.65
N PHE E 194 24.68 66.69 -40.64
CA PHE E 194 25.28 66.91 -39.33
C PHE E 194 24.76 65.93 -38.29
N LYS E 195 23.46 65.90 -38.01
CA LYS E 195 23.12 65.05 -36.87
C LYS E 195 21.98 64.08 -37.12
N GLN E 196 20.96 64.48 -37.88
CA GLN E 196 19.81 63.60 -38.08
C GLN E 196 20.16 62.42 -38.97
N ALA E 197 20.95 62.67 -40.02
CA ALA E 197 21.35 61.62 -40.95
C ALA E 197 22.24 60.60 -40.27
N ALA E 198 23.14 61.05 -39.39
CA ALA E 198 23.99 60.12 -38.68
C ALA E 198 23.22 59.38 -37.59
N GLU E 199 22.11 59.95 -37.11
CA GLU E 199 21.40 59.34 -36.00
C GLU E 199 20.59 58.13 -36.45
N LEU E 200 19.90 58.23 -37.58
CA LEU E 200 19.03 57.15 -38.02
C LEU E 200 19.57 56.40 -39.22
N PHE E 201 20.82 56.65 -39.62
CA PHE E 201 21.55 55.65 -40.37
C PHE E 201 22.26 54.68 -39.43
N LEU E 202 22.13 54.86 -38.12
CA LEU E 202 22.93 54.09 -37.17
C LEU E 202 22.40 52.66 -37.05
N ASP E 203 21.11 52.44 -37.29
CA ASP E 203 20.56 51.10 -37.40
C ASP E 203 20.84 50.62 -38.82
N THR E 204 21.86 49.76 -38.96
CA THR E 204 22.38 49.36 -40.25
C THR E 204 21.92 47.97 -40.66
N VAL E 205 21.08 47.32 -39.86
CA VAL E 205 20.75 45.92 -40.10
C VAL E 205 19.53 45.91 -41.01
N SER E 206 19.79 46.13 -42.30
CA SER E 206 18.84 45.85 -43.38
C SER E 206 19.69 45.69 -44.64
N THR E 207 19.94 44.44 -45.03
CA THR E 207 21.04 44.12 -45.94
C THR E 207 20.60 43.73 -47.34
N PHE E 208 19.37 43.27 -47.52
CA PHE E 208 18.90 42.76 -48.82
C PHE E 208 18.76 43.92 -49.79
N THR E 209 19.60 43.94 -50.83
CA THR E 209 19.71 45.09 -51.72
C THR E 209 18.47 45.19 -52.60
N SER E 210 17.41 45.73 -52.00
CA SER E 210 16.08 45.76 -52.58
C SER E 210 15.83 47.09 -53.29
N TYR E 211 14.56 47.35 -53.61
CA TYR E 211 14.11 48.70 -53.95
C TYR E 211 13.97 49.56 -52.69
N GLU E 212 13.48 48.96 -51.61
CA GLU E 212 13.35 49.65 -50.34
C GLU E 212 14.69 49.77 -49.63
N LEU E 213 15.66 48.95 -50.00
CA LEU E 213 17.03 49.00 -49.48
C LEU E 213 17.87 49.05 -50.75
N MET E 214 18.11 50.26 -51.27
CA MET E 214 18.50 50.45 -52.67
C MET E 214 19.89 49.90 -52.96
N ASP E 215 20.80 49.96 -51.98
CA ASP E 215 22.10 49.32 -52.06
C ASP E 215 22.62 49.22 -50.64
N TYR E 216 23.51 48.26 -50.40
CA TYR E 216 24.02 48.04 -49.06
C TYR E 216 25.44 48.53 -48.85
N LYS E 217 26.35 48.24 -49.79
CA LYS E 217 27.75 48.60 -49.59
C LYS E 217 27.95 50.10 -49.70
N THR E 218 27.22 50.77 -50.59
CA THR E 218 27.27 52.22 -50.66
C THR E 218 26.56 52.85 -49.48
N PHE E 219 25.56 52.15 -48.91
CA PHE E 219 24.90 52.63 -47.70
C PHE E 219 25.84 52.62 -46.52
N VAL E 220 26.80 51.69 -46.50
CA VAL E 220 27.80 51.67 -45.46
C VAL E 220 28.76 52.84 -45.61
N THR E 221 29.12 53.17 -46.86
CA THR E 221 29.99 54.32 -47.08
C THR E 221 29.26 55.62 -46.77
N TYR E 222 27.95 55.65 -46.97
CA TYR E 222 27.18 56.86 -46.67
C TYR E 222 27.05 57.06 -45.17
N THR E 223 26.79 55.98 -44.42
CA THR E 223 26.63 56.12 -42.98
C THR E 223 27.95 56.28 -42.25
N VAL E 224 29.08 56.09 -42.91
CA VAL E 224 30.35 56.30 -42.24
C VAL E 224 30.95 57.66 -42.56
N TYR E 225 30.57 58.24 -43.71
CA TYR E 225 31.03 59.59 -44.02
C TYR E 225 30.32 60.61 -43.15
N VAL E 226 29.00 60.46 -43.00
CA VAL E 226 28.19 61.42 -42.23
C VAL E 226 28.41 61.28 -40.73
N SER E 227 28.97 60.15 -40.28
CA SER E 227 29.03 59.84 -38.86
C SER E 227 30.06 60.67 -38.12
N MET E 228 31.17 61.04 -38.76
CA MET E 228 32.27 61.72 -38.09
C MET E 228 32.10 63.24 -38.08
N ILE E 229 30.87 63.73 -38.28
CA ILE E 229 30.55 65.13 -38.05
C ILE E 229 29.58 65.31 -36.89
N ALA E 230 28.71 64.32 -36.64
CA ALA E 230 27.79 64.38 -35.50
C ALA E 230 28.52 64.38 -34.17
N LEU E 231 29.62 63.63 -34.09
CA LEU E 231 30.27 63.36 -32.82
C LEU E 231 31.72 63.03 -33.08
N GLU E 232 32.62 63.62 -32.28
CA GLU E 232 34.04 63.33 -32.46
C GLU E 232 34.54 62.37 -31.40
N ARG E 233 34.49 62.83 -30.15
CA ARG E 233 34.94 62.05 -29.01
C ARG E 233 33.80 61.62 -28.10
N PRO E 234 32.58 62.17 -28.34
CA PRO E 234 31.39 61.77 -27.58
C PRO E 234 31.03 60.35 -27.98
N ASP E 235 31.93 59.45 -27.64
CA ASP E 235 31.86 58.03 -27.94
C ASP E 235 31.44 57.78 -29.39
N LEU E 236 32.27 58.26 -30.30
CA LEU E 236 32.24 57.78 -31.68
C LEU E 236 32.60 56.31 -31.75
N ARG E 237 33.50 55.87 -30.87
CA ARG E 237 34.16 54.57 -31.06
C ARG E 237 33.23 53.41 -30.74
N GLU E 238 32.16 53.62 -29.97
CA GLU E 238 31.28 52.49 -29.68
C GLU E 238 30.41 52.15 -30.89
N LYS E 239 29.89 53.15 -31.58
CA LYS E 239 28.89 52.90 -32.60
C LYS E 239 29.47 52.55 -33.96
N VAL E 240 30.66 53.02 -34.29
CA VAL E 240 31.26 52.73 -35.58
C VAL E 240 32.58 51.98 -35.50
N ILE E 241 33.29 52.01 -34.37
CA ILE E 241 34.55 51.29 -34.21
C ILE E 241 34.35 50.01 -33.40
N LYS E 242 33.71 50.14 -32.22
CA LYS E 242 33.34 48.93 -31.48
C LYS E 242 32.11 48.25 -32.06
N GLY E 243 31.39 48.92 -32.97
CA GLY E 243 30.30 48.26 -33.65
C GLY E 243 30.79 47.15 -34.54
N ALA E 244 30.04 46.05 -34.56
CA ALA E 244 30.51 44.81 -35.14
C ALA E 244 30.09 44.63 -36.59
N GLU E 245 28.79 44.73 -36.89
CA GLU E 245 28.33 44.51 -38.26
C GLU E 245 28.71 45.65 -39.18
N ILE E 246 29.00 46.83 -38.64
CA ILE E 246 29.57 47.88 -39.46
C ILE E 246 31.02 47.56 -39.79
N LEU E 247 31.71 46.83 -38.90
CA LEU E 247 33.13 46.55 -39.04
C LEU E 247 33.39 45.40 -40.00
N GLU E 248 32.38 44.59 -40.30
CA GLU E 248 32.51 43.54 -41.31
C GLU E 248 32.77 44.13 -42.69
N VAL E 249 31.89 45.04 -43.11
CA VAL E 249 31.92 45.52 -44.48
C VAL E 249 32.97 46.59 -44.72
N LEU E 250 33.42 47.29 -43.68
CA LEU E 250 34.57 48.16 -43.88
C LEU E 250 35.88 47.41 -43.75
N HIS E 251 35.84 46.14 -43.35
CA HIS E 251 36.98 45.25 -43.50
C HIS E 251 37.13 44.80 -44.95
N SER E 252 36.06 44.89 -45.74
CA SER E 252 36.17 44.67 -47.18
C SER E 252 36.81 45.87 -47.85
N LEU E 253 36.27 47.06 -47.61
CA LEU E 253 36.72 48.26 -48.29
C LEU E 253 37.99 48.78 -47.61
N PRO E 254 39.15 48.77 -48.29
CA PRO E 254 40.40 49.09 -47.57
C PRO E 254 40.60 50.57 -47.33
N ALA E 255 40.12 51.42 -48.24
CA ALA E 255 40.38 52.85 -48.13
C ALA E 255 39.53 53.50 -47.06
N VAL E 256 38.31 52.99 -46.85
CA VAL E 256 37.40 53.60 -45.90
C VAL E 256 37.85 53.35 -44.47
N ARG E 257 38.30 52.12 -44.19
CA ARG E 257 38.85 51.81 -42.87
C ARG E 257 40.15 52.56 -42.62
N GLN E 258 40.94 52.76 -43.67
CA GLN E 258 42.12 53.62 -43.56
C GLN E 258 41.72 55.06 -43.31
N TYR E 259 40.60 55.49 -43.89
CA TYR E 259 40.10 56.84 -43.67
C TYR E 259 39.57 57.01 -42.25
N LEU E 260 39.05 55.92 -41.66
CA LEU E 260 38.59 55.97 -40.28
C LEU E 260 39.75 56.03 -39.31
N PHE E 261 40.63 55.04 -39.36
CA PHE E 261 41.64 54.88 -38.32
C PHE E 261 42.74 55.91 -38.39
N SER E 262 42.84 56.64 -39.50
CA SER E 262 43.73 57.78 -39.54
C SER E 262 43.23 58.89 -38.63
N LEU E 263 41.91 59.04 -38.52
CA LEU E 263 41.35 60.08 -37.67
C LEU E 263 41.37 59.69 -36.20
N TYR E 264 41.08 58.43 -35.90
CA TYR E 264 40.94 58.02 -34.51
C TYR E 264 42.30 57.79 -33.85
N GLU E 265 43.24 57.19 -34.58
CA GLU E 265 44.55 56.88 -34.03
C GLU E 265 45.54 58.02 -34.30
N CYS E 266 45.04 59.15 -34.81
CA CYS E 266 45.74 60.45 -34.88
C CYS E 266 46.98 60.42 -35.78
N ARG E 267 46.89 59.75 -36.93
CA ARG E 267 47.94 59.84 -37.95
C ARG E 267 47.43 60.82 -39.01
N TYR E 268 47.91 62.06 -38.94
CA TYR E 268 47.33 63.13 -39.73
C TYR E 268 47.90 63.23 -41.14
N SER E 269 49.12 62.73 -41.35
CA SER E 269 49.72 62.81 -42.68
C SER E 269 49.03 61.87 -43.66
N VAL E 270 48.75 60.65 -43.22
CA VAL E 270 48.02 59.70 -44.06
C VAL E 270 46.54 60.03 -44.09
N PHE E 271 46.08 60.86 -43.16
CA PHE E 271 44.66 61.25 -43.12
C PHE E 271 44.29 62.14 -44.30
N PHE E 272 45.19 63.03 -44.71
CA PHE E 272 44.88 63.90 -45.83
C PHE E 272 44.98 63.19 -47.16
N GLN E 273 45.86 62.19 -47.27
CA GLN E 273 45.91 61.37 -48.46
C GLN E 273 44.63 60.58 -48.64
N SER E 274 44.05 60.13 -47.53
CA SER E 274 42.74 59.50 -47.59
C SER E 274 41.66 60.53 -47.90
N LEU E 275 41.77 61.73 -47.32
CA LEU E 275 40.71 62.73 -47.45
C LEU E 275 40.64 63.29 -48.87
N ALA E 276 41.78 63.38 -49.56
CA ALA E 276 41.76 63.86 -50.94
C ALA E 276 41.15 62.82 -51.87
N VAL E 277 41.32 61.54 -51.55
CA VAL E 277 40.68 60.48 -52.31
C VAL E 277 39.17 60.51 -52.10
N VAL E 278 38.75 60.78 -50.86
CA VAL E 278 37.32 60.83 -50.54
C VAL E 278 36.63 61.98 -51.28
N GLU E 279 37.26 63.16 -51.29
CA GLU E 279 36.70 64.31 -51.98
C GLU E 279 36.64 64.09 -53.49
N GLN E 280 37.64 63.42 -54.06
CA GLN E 280 37.58 63.12 -55.47
C GLN E 280 36.56 62.04 -55.77
N GLU E 281 36.43 61.04 -54.89
CA GLU E 281 35.37 60.05 -55.02
C GLU E 281 34.00 60.63 -54.70
N MET E 282 33.95 61.71 -53.93
CA MET E 282 32.69 62.40 -53.64
C MET E 282 32.08 62.99 -54.90
N LYS E 283 32.92 63.37 -55.88
CA LYS E 283 32.48 64.05 -57.09
C LYS E 283 31.51 63.22 -57.92
N LYS E 284 31.55 61.90 -57.76
CA LYS E 284 30.69 61.01 -58.54
C LYS E 284 29.47 60.59 -57.72
N ASP E 285 28.70 61.59 -57.29
CA ASP E 285 27.51 61.39 -56.48
C ASP E 285 26.35 62.15 -57.10
N TRP E 286 25.12 61.73 -56.83
CA TRP E 286 23.95 62.39 -57.42
C TRP E 286 23.15 63.21 -56.42
N LEU E 287 23.43 63.08 -55.12
CA LEU E 287 22.88 63.97 -54.09
C LEU E 287 23.95 64.93 -53.61
N PHE E 288 24.70 65.46 -54.58
CA PHE E 288 26.08 65.90 -54.46
C PHE E 288 26.27 67.36 -54.09
N ALA E 289 25.32 68.20 -54.47
CA ALA E 289 25.33 69.65 -54.22
C ALA E 289 25.92 70.11 -52.87
N PRO E 290 25.43 69.53 -51.77
CA PRO E 290 25.92 69.86 -50.44
C PRO E 290 26.91 68.82 -49.93
N HIS E 291 28.11 68.79 -50.51
CA HIS E 291 29.11 67.80 -50.09
C HIS E 291 30.54 68.33 -50.10
N TYR E 292 31.28 67.94 -51.14
CA TYR E 292 32.69 68.30 -51.35
C TYR E 292 33.19 69.66 -50.84
N ARG E 293 32.46 70.74 -51.14
CA ARG E 293 32.88 72.06 -50.72
C ARG E 293 32.72 72.21 -49.22
N TYR E 294 31.57 71.79 -48.72
CA TYR E 294 31.27 71.88 -47.30
C TYR E 294 31.84 70.73 -46.48
N TYR E 295 32.07 69.57 -47.10
CA TYR E 295 32.53 68.41 -46.34
C TYR E 295 34.00 68.53 -45.97
N VAL E 296 34.85 68.90 -46.93
CA VAL E 296 36.29 68.93 -46.70
C VAL E 296 36.65 70.05 -45.73
N ARG E 297 36.02 71.22 -45.89
CA ARG E 297 36.31 72.36 -45.04
C ARG E 297 35.87 72.11 -43.60
N GLU E 298 34.90 71.22 -43.38
CA GLU E 298 34.47 70.92 -42.04
C GLU E 298 35.38 69.88 -41.41
N MET E 299 35.87 68.93 -42.22
CA MET E 299 36.72 67.87 -41.70
C MET E 299 38.14 68.34 -41.42
N ARG E 300 38.61 69.38 -42.11
CA ARG E 300 39.93 69.91 -41.82
C ARG E 300 39.94 70.65 -40.48
N ILE E 301 38.92 71.47 -40.23
CA ILE E 301 38.82 72.14 -38.95
C ILE E 301 38.37 71.17 -37.85
N HIS E 302 37.82 70.02 -38.25
CA HIS E 302 37.53 68.95 -37.31
C HIS E 302 38.81 68.34 -36.77
N ALA E 303 39.79 68.09 -37.63
CA ALA E 303 41.05 67.50 -37.20
C ALA E 303 41.92 68.51 -36.49
N TYR E 304 41.71 69.80 -36.76
CA TYR E 304 42.54 70.82 -36.12
C TYR E 304 42.14 71.03 -34.68
N SER E 305 40.87 70.81 -34.37
CA SER E 305 40.38 71.06 -33.01
C SER E 305 40.94 70.04 -32.03
N GLN E 306 41.04 68.78 -32.44
CA GLN E 306 41.61 67.77 -31.56
C GLN E 306 43.13 67.84 -31.52
N LEU E 307 43.76 68.37 -32.57
CA LEU E 307 45.21 68.47 -32.56
C LEU E 307 45.65 69.65 -31.69
N LEU E 308 44.94 70.76 -31.76
CA LEU E 308 45.23 71.89 -30.87
C LEU E 308 44.79 71.61 -29.45
N GLU E 309 43.85 70.69 -29.25
CA GLU E 309 43.61 70.13 -27.94
C GLU E 309 44.82 69.29 -27.53
N SER E 310 45.01 69.19 -26.21
CA SER E 310 46.10 68.58 -25.43
C SER E 310 47.35 69.45 -25.44
N TYR E 311 47.38 70.53 -26.22
CA TYR E 311 48.49 71.45 -26.25
C TYR E 311 48.00 72.84 -25.87
N ARG E 312 48.88 73.63 -25.26
CA ARG E 312 48.64 75.06 -25.16
C ARG E 312 49.79 75.88 -25.71
N SER E 313 50.85 75.24 -26.20
CA SER E 313 51.96 75.94 -26.82
C SER E 313 52.51 75.02 -27.90
N LEU E 314 52.02 75.19 -29.13
CA LEU E 314 52.49 74.43 -30.27
C LEU E 314 53.28 75.33 -31.19
N THR E 315 54.47 74.90 -31.58
CA THR E 315 55.18 75.54 -32.68
C THR E 315 54.71 74.91 -33.99
N LEU E 316 54.52 75.76 -35.00
CA LEU E 316 54.03 75.24 -36.27
C LEU E 316 55.13 74.62 -37.12
N GLY E 317 56.39 74.76 -36.71
CA GLY E 317 57.44 73.92 -37.27
C GLY E 317 57.29 72.46 -36.88
N TYR E 318 56.63 72.17 -35.77
CA TYR E 318 56.27 70.80 -35.46
C TYR E 318 55.16 70.31 -36.39
N MET E 319 54.34 71.22 -36.89
CA MET E 319 53.36 70.90 -37.91
C MET E 319 53.93 70.92 -39.31
N ALA E 320 55.24 71.13 -39.46
CA ALA E 320 55.83 71.14 -40.79
C ALA E 320 56.11 69.73 -41.30
N GLU E 321 56.24 68.75 -40.41
CA GLU E 321 56.56 67.38 -40.81
C GLU E 321 55.72 66.31 -40.14
N ALA E 322 55.14 66.55 -38.96
CA ALA E 322 54.26 65.60 -38.30
C ALA E 322 52.83 65.71 -38.81
N PHE E 323 52.62 66.47 -39.86
CA PHE E 323 51.31 66.86 -40.33
C PHE E 323 51.16 66.80 -41.84
N GLY E 324 52.26 66.73 -42.58
CA GLY E 324 52.28 67.03 -43.99
C GLY E 324 53.51 67.86 -44.27
N VAL E 325 53.42 68.84 -45.16
CA VAL E 325 54.49 69.79 -45.45
C VAL E 325 53.88 71.19 -45.56
N GLY E 326 54.68 72.16 -46.00
CA GLY E 326 54.10 73.46 -46.31
C GLY E 326 53.86 74.39 -45.13
N VAL E 327 54.94 74.91 -44.55
CA VAL E 327 54.91 75.84 -43.41
C VAL E 327 53.93 76.99 -43.64
N GLU E 328 54.01 77.61 -44.83
CA GLU E 328 53.11 78.72 -45.15
C GLU E 328 51.68 78.25 -45.40
N PHE E 329 51.49 76.97 -45.72
CA PHE E 329 50.15 76.46 -46.02
C PHE E 329 49.34 76.28 -44.75
N ILE E 330 49.96 75.77 -43.68
CA ILE E 330 49.33 75.74 -42.37
C ILE E 330 49.07 77.17 -41.89
N ASP E 331 50.00 78.07 -42.18
CA ASP E 331 49.91 79.46 -41.73
C ASP E 331 48.71 80.18 -42.36
N GLN E 332 48.47 79.95 -43.66
CA GLN E 332 47.37 80.63 -44.31
C GLN E 332 46.03 79.98 -43.98
N GLU E 333 46.03 78.68 -43.64
CA GLU E 333 44.75 78.01 -43.40
C GLU E 333 44.29 78.23 -41.96
N LEU E 334 45.22 78.32 -41.02
CA LEU E 334 44.85 78.71 -39.66
C LEU E 334 44.39 80.16 -39.61
N SER E 335 44.98 81.02 -40.45
CA SER E 335 44.63 82.43 -40.45
C SER E 335 43.21 82.65 -40.98
N ARG E 336 42.79 81.83 -41.94
CA ARG E 336 41.42 81.91 -42.41
C ARG E 336 40.45 81.36 -41.38
N PHE E 337 40.87 80.35 -40.62
CA PHE E 337 39.97 79.71 -39.66
C PHE E 337 39.82 80.50 -38.36
N ILE E 338 40.90 81.15 -37.90
CA ILE E 338 40.80 81.99 -36.71
C ILE E 338 39.96 83.23 -37.01
N ALA E 339 40.11 83.78 -38.20
CA ALA E 339 39.29 84.91 -38.62
C ALA E 339 37.84 84.50 -38.90
N ALA E 340 37.58 83.21 -39.06
CA ALA E 340 36.24 82.70 -39.32
C ALA E 340 35.36 82.63 -38.08
N GLY E 341 35.86 83.05 -36.92
CA GLY E 341 35.12 82.87 -35.70
C GLY E 341 35.18 81.47 -35.13
N ARG E 342 36.05 80.62 -35.67
CA ARG E 342 36.22 79.26 -35.18
C ARG E 342 37.67 79.03 -34.83
N LEU E 343 38.01 77.79 -34.44
CA LEU E 343 39.38 77.31 -34.23
C LEU E 343 40.09 78.17 -33.18
N HIS E 344 39.65 77.98 -31.94
CA HIS E 344 39.86 78.91 -30.84
C HIS E 344 41.32 78.85 -30.38
N CYS E 345 42.16 79.60 -31.09
CA CYS E 345 43.56 79.78 -30.72
C CYS E 345 44.05 81.09 -31.34
N LYS E 346 45.34 81.38 -31.15
CA LYS E 346 45.96 82.61 -31.64
C LYS E 346 47.28 82.26 -32.32
N ILE E 347 47.36 82.51 -33.62
CA ILE E 347 48.55 82.20 -34.41
C ILE E 347 49.58 83.31 -34.21
N ASP E 348 50.86 82.96 -34.33
CA ASP E 348 51.94 83.88 -34.02
C ASP E 348 53.03 83.83 -35.10
N LYS E 349 53.69 84.97 -35.33
CA LYS E 349 54.74 85.08 -36.35
C LYS E 349 56.14 84.63 -35.91
N VAL E 350 56.99 85.60 -35.60
CA VAL E 350 58.39 85.41 -35.19
C VAL E 350 58.65 84.17 -34.31
N ASN E 351 58.24 84.28 -33.06
CA ASN E 351 58.32 83.19 -32.08
C ASN E 351 57.86 81.87 -32.69
N GLU E 352 56.91 81.94 -33.63
CA GLU E 352 56.43 80.82 -34.44
C GLU E 352 55.80 79.75 -33.55
N ILE E 353 54.96 80.19 -32.61
CA ILE E 353 54.34 79.33 -31.61
C ILE E 353 52.84 79.60 -31.62
N VAL E 354 52.05 78.63 -32.07
CA VAL E 354 50.60 78.76 -32.06
C VAL E 354 50.13 78.64 -30.62
N GLU E 355 49.65 79.74 -30.05
CA GLU E 355 49.16 79.80 -28.69
C GLU E 355 47.65 79.70 -28.68
N THR E 356 47.10 78.94 -27.75
CA THR E 356 45.66 78.76 -27.71
C THR E 356 45.07 79.46 -26.50
N ASN E 357 43.74 79.56 -26.50
CA ASN E 357 42.98 80.04 -25.37
C ASN E 357 41.61 79.38 -25.41
N ARG E 358 41.09 79.06 -24.24
CA ARG E 358 39.80 78.41 -24.07
C ARG E 358 39.07 79.12 -22.95
N PRO E 359 37.74 79.07 -22.93
CA PRO E 359 37.01 79.55 -21.76
C PRO E 359 37.15 78.57 -20.62
N ASP E 360 36.66 78.98 -19.46
CA ASP E 360 36.74 78.20 -18.25
C ASP E 360 35.33 77.84 -17.81
N SER E 361 35.23 77.33 -16.59
CA SER E 361 33.94 77.17 -15.94
C SER E 361 33.18 78.48 -15.89
N LYS E 362 33.81 79.52 -15.32
CA LYS E 362 33.16 80.83 -15.20
C LYS E 362 32.92 81.46 -16.56
N ASN E 363 33.88 81.34 -17.48
CA ASN E 363 33.81 82.06 -18.74
C ASN E 363 32.81 81.47 -19.73
N TRP E 364 32.63 80.15 -19.72
CA TRP E 364 31.63 79.54 -20.58
C TRP E 364 30.23 79.65 -20.02
N GLN E 365 30.07 79.55 -18.70
CA GLN E 365 28.75 79.68 -18.09
C GLN E 365 28.25 81.11 -18.05
N TYR E 366 29.16 82.09 -18.10
CA TYR E 366 28.71 83.47 -18.18
C TYR E 366 28.37 83.88 -19.61
N GLN E 367 29.05 83.29 -20.59
CA GLN E 367 28.78 83.64 -21.97
C GLN E 367 27.44 83.06 -22.43
N GLU E 368 27.01 81.96 -21.83
CA GLU E 368 25.70 81.41 -22.16
C GLU E 368 24.59 82.18 -21.46
N THR E 369 24.79 82.54 -20.19
CA THR E 369 23.74 83.25 -19.46
C THR E 369 23.61 84.71 -19.89
N ILE E 370 24.64 85.27 -20.52
CA ILE E 370 24.52 86.64 -21.00
C ILE E 370 23.69 86.67 -22.29
N LYS E 371 23.56 85.52 -22.98
CA LYS E 371 22.81 85.49 -24.22
C LYS E 371 21.38 85.01 -23.99
N LYS E 372 21.22 83.98 -23.17
CA LYS E 372 19.88 83.49 -22.85
C LYS E 372 19.12 84.49 -22.00
N GLY E 373 19.84 85.28 -21.20
CA GLY E 373 19.19 86.33 -20.42
C GLY E 373 18.66 87.46 -21.28
N ASP E 374 19.46 87.89 -22.27
CA ASP E 374 19.05 88.99 -23.12
C ASP E 374 17.95 88.59 -24.10
N LEU E 375 17.90 87.32 -24.47
CA LEU E 375 16.84 86.86 -25.36
C LEU E 375 15.50 86.87 -24.64
N LEU E 376 15.49 86.43 -23.38
CA LEU E 376 14.26 86.45 -22.61
C LEU E 376 13.91 87.85 -22.13
N LEU E 377 14.93 88.71 -21.95
CA LEU E 377 14.66 90.10 -21.59
C LEU E 377 14.03 90.85 -22.74
N ASN E 378 14.52 90.63 -23.96
CA ASN E 378 13.89 91.22 -25.14
C ASN E 378 12.52 90.61 -25.39
N ARG E 379 12.32 89.37 -24.92
CA ARG E 379 11.04 88.70 -25.11
C ARG E 379 9.97 89.30 -24.21
N VAL E 380 10.36 89.70 -23.00
CA VAL E 380 9.38 90.30 -22.09
C VAL E 380 9.32 91.82 -22.24
N GLN E 381 10.19 92.42 -23.05
CA GLN E 381 9.95 93.78 -23.51
C GLN E 381 8.67 93.86 -24.33
N LYS E 382 8.52 92.93 -25.28
CA LYS E 382 7.37 92.94 -26.16
C LYS E 382 6.11 92.51 -25.43
N LEU E 383 6.23 91.49 -24.58
CA LEU E 383 5.06 90.92 -23.89
C LEU E 383 4.46 91.91 -22.89
N SER E 384 5.29 92.72 -22.25
CA SER E 384 4.78 93.72 -21.32
C SER E 384 4.07 94.86 -22.05
N ARG E 385 4.32 95.02 -23.34
CA ARG E 385 3.71 96.09 -24.11
C ARG E 385 2.58 95.63 -25.02
N VAL E 386 2.44 94.32 -25.25
CA VAL E 386 1.23 93.82 -25.92
C VAL E 386 0.02 94.04 -25.03
N ILE E 387 0.14 93.69 -23.75
CA ILE E 387 -0.86 94.06 -22.76
C ILE E 387 -0.61 95.51 -22.37
N ASN E 388 -1.58 96.10 -21.64
CA ASN E 388 -1.54 97.48 -21.16
C ASN E 388 -1.39 98.45 -22.33
N MET E 389 -2.44 98.46 -23.16
CA MET E 389 -2.49 99.07 -24.49
C MET E 389 -1.40 98.52 -25.42
N ALA F 5 38.58 81.31 40.92
CA ALA F 5 38.40 82.03 39.66
C ALA F 5 37.03 81.74 39.07
N VAL F 6 36.17 82.76 39.06
CA VAL F 6 34.82 82.62 38.55
C VAL F 6 34.82 82.86 37.05
N GLN F 7 34.13 81.99 36.31
CA GLN F 7 34.04 82.15 34.86
C GLN F 7 33.19 83.36 34.48
N LYS F 8 31.91 83.33 34.83
CA LYS F 8 30.99 84.43 34.56
C LYS F 8 29.77 84.27 35.45
N VAL F 9 29.04 85.37 35.61
CA VAL F 9 27.80 85.37 36.38
C VAL F 9 26.63 85.36 35.41
N VAL F 10 25.48 84.89 35.90
CA VAL F 10 24.26 84.79 35.10
C VAL F 10 23.20 85.62 35.80
N VAL F 11 22.71 86.66 35.13
CA VAL F 11 21.66 87.49 35.72
C VAL F 11 20.26 86.91 35.45
N HIS F 12 19.69 86.24 36.44
CA HIS F 12 18.25 85.96 36.45
C HIS F 12 17.51 87.28 36.39
N PRO F 13 16.48 87.38 35.52
CA PRO F 13 15.88 88.72 35.49
C PRO F 13 14.78 88.97 36.51
N LEU F 14 15.08 88.76 37.79
CA LEU F 14 14.19 89.17 38.87
C LEU F 14 14.96 90.05 39.83
N VAL F 15 16.26 89.75 39.98
CA VAL F 15 17.16 90.46 40.88
C VAL F 15 17.42 91.94 40.59
N LEU F 16 17.82 92.26 39.36
CA LEU F 16 17.94 93.65 38.91
C LEU F 16 16.64 94.36 39.23
N LEU F 17 15.57 93.87 38.60
CA LEU F 17 14.22 94.34 38.86
C LEU F 17 13.99 94.58 40.36
N SER F 18 14.41 93.64 41.20
CA SER F 18 14.25 93.79 42.64
C SER F 18 15.33 94.66 43.27
N VAL F 19 16.16 95.30 42.45
CA VAL F 19 16.96 96.41 42.91
C VAL F 19 16.30 97.74 42.55
N VAL F 20 15.60 97.77 41.40
CA VAL F 20 14.90 98.96 40.94
C VAL F 20 13.81 99.37 41.92
N ASP F 21 13.07 98.39 42.46
CA ASP F 21 11.98 98.72 43.37
C ASP F 21 12.50 99.26 44.70
N HIS F 22 13.59 98.69 45.22
CA HIS F 22 14.08 99.13 46.52
C HIS F 22 14.82 100.46 46.42
N PHE F 23 15.39 100.75 45.25
CA PHE F 23 15.86 102.11 44.99
C PHE F 23 14.68 103.07 44.90
N ASN F 24 13.52 102.57 44.48
CA ASN F 24 12.32 103.38 44.43
C ASN F 24 11.60 103.41 45.78
N ARG F 25 11.86 102.45 46.67
CA ARG F 25 11.30 102.52 48.02
C ARG F 25 11.88 103.69 48.81
N ILE F 26 13.21 103.78 48.85
CA ILE F 26 13.86 104.88 49.55
C ILE F 26 13.96 106.13 48.69
N GLY F 27 13.57 106.06 47.41
CA GLY F 27 13.77 107.14 46.47
C GLY F 27 12.97 108.39 46.76
N LYS F 28 11.90 108.28 47.57
CA LYS F 28 11.21 109.47 48.02
C LYS F 28 12.05 110.27 49.01
N VAL F 29 12.99 109.63 49.69
CA VAL F 29 13.91 110.29 50.59
C VAL F 29 15.36 110.05 50.13
N GLY F 30 15.52 109.53 48.91
CA GLY F 30 16.81 109.17 48.39
C GLY F 30 17.74 110.34 48.14
N ASN F 31 18.72 110.47 49.02
CA ASN F 31 19.83 111.40 48.87
C ASN F 31 21.17 110.75 49.17
N GLN F 32 21.18 109.51 49.65
CA GLN F 32 22.39 108.71 49.81
C GLN F 32 22.94 108.24 48.46
N LYS F 33 22.10 108.25 47.41
CA LYS F 33 22.37 107.86 46.01
C LYS F 33 23.03 106.48 45.88
N ARG F 34 22.88 105.62 46.87
CA ARG F 34 23.43 104.26 46.81
C ARG F 34 22.58 103.35 47.69
N VAL F 35 22.38 102.13 47.21
CA VAL F 35 21.60 101.12 47.91
C VAL F 35 22.40 99.83 47.92
N VAL F 36 22.81 99.41 49.10
CA VAL F 36 23.52 98.14 49.25
C VAL F 36 22.50 97.06 49.56
N GLY F 37 22.63 95.91 48.90
CA GLY F 37 21.80 94.76 49.22
C GLY F 37 22.59 93.49 49.02
N VAL F 38 21.99 92.38 49.46
CA VAL F 38 22.64 91.08 49.48
C VAL F 38 22.22 90.31 48.24
N LEU F 39 23.20 89.78 47.51
CA LEU F 39 22.96 89.07 46.25
C LEU F 39 22.92 87.58 46.54
N LEU F 40 21.72 87.00 46.52
CA LEU F 40 21.56 85.56 46.64
C LEU F 40 21.88 84.90 45.30
N GLY F 41 22.41 83.68 45.36
CA GLY F 41 22.81 83.00 44.14
C GLY F 41 22.86 81.51 44.30
N SER F 42 23.08 80.83 43.17
CA SER F 42 23.19 79.38 43.11
C SER F 42 24.54 79.03 42.50
N TRP F 43 25.45 78.52 43.33
CA TRP F 43 26.78 78.15 42.86
C TRP F 43 26.71 76.83 42.11
N GLN F 44 26.98 76.85 40.81
CA GLN F 44 26.84 75.68 39.95
C GLN F 44 28.18 75.06 39.59
N LYS F 45 29.09 75.86 39.05
CA LYS F 45 30.34 75.41 38.46
C LYS F 45 31.32 76.57 38.63
N LYS F 46 32.39 76.59 37.84
CA LYS F 46 33.18 77.81 37.67
C LYS F 46 32.32 78.97 37.15
N VAL F 47 31.31 78.67 36.34
CA VAL F 47 30.26 79.62 36.01
C VAL F 47 29.33 79.79 37.23
N LEU F 48 28.82 81.00 37.42
CA LEU F 48 28.01 81.35 38.57
C LEU F 48 26.58 81.66 38.11
N ASP F 49 25.62 81.48 39.03
CA ASP F 49 24.23 81.76 38.74
C ASP F 49 23.63 82.61 39.86
N VAL F 50 22.70 83.49 39.49
CA VAL F 50 22.01 84.38 40.42
C VAL F 50 20.51 84.18 40.26
N SER F 51 19.80 84.02 41.38
CA SER F 51 18.37 83.77 41.35
C SER F 51 17.54 84.79 42.12
N ASN F 52 18.06 85.37 43.20
CA ASN F 52 17.23 86.17 44.07
C ASN F 52 18.13 87.18 44.77
N SER F 53 17.51 88.12 45.48
CA SER F 53 18.22 89.09 46.32
C SER F 53 17.26 89.72 47.31
N PHE F 54 17.82 90.48 48.23
CA PHE F 54 17.07 91.29 49.19
C PHE F 54 17.96 92.45 49.60
N ALA F 55 17.47 93.28 50.51
CA ALA F 55 18.14 94.53 50.85
C ALA F 55 18.61 94.50 52.30
N VAL F 56 19.19 95.63 52.72
CA VAL F 56 19.73 95.79 54.07
C VAL F 56 19.70 97.28 54.38
N PRO F 57 19.44 97.68 55.62
CA PRO F 57 19.60 99.11 55.98
C PRO F 57 21.06 99.51 55.94
N PHE F 58 21.36 100.52 55.14
CA PHE F 58 22.73 100.96 54.89
C PHE F 58 22.82 102.47 55.00
N ASP F 59 23.82 102.93 55.75
CA ASP F 59 24.19 104.34 55.75
C ASP F 59 25.68 104.44 55.45
N GLU F 60 26.10 105.65 55.08
CA GLU F 60 27.48 105.95 54.73
C GLU F 60 27.64 107.46 54.71
N ASP F 61 28.80 107.93 55.14
CA ASP F 61 29.10 109.36 55.14
C ASP F 61 30.41 109.58 54.38
N ASP F 62 30.43 110.57 53.50
CA ASP F 62 31.66 110.94 52.82
C ASP F 62 32.68 111.55 53.77
N LYS F 63 32.20 112.21 54.83
CA LYS F 63 33.07 112.68 55.91
C LYS F 63 33.69 111.49 56.62
N ASP F 64 35.03 111.40 56.54
CA ASP F 64 35.95 110.35 57.04
C ASP F 64 35.83 109.04 56.23
N ASP F 65 34.85 108.94 55.32
CA ASP F 65 34.57 107.94 54.28
C ASP F 65 34.90 106.49 54.64
N SER F 66 34.70 106.14 55.91
CA SER F 66 34.85 104.77 56.38
C SER F 66 33.80 104.44 57.44
N VAL F 67 32.79 105.28 57.57
CA VAL F 67 31.77 105.15 58.60
C VAL F 67 30.49 104.70 57.91
N TRP F 68 30.05 103.49 58.20
CA TRP F 68 29.01 102.85 57.41
C TRP F 68 28.43 101.68 58.19
N PHE F 69 27.32 101.15 57.70
CA PHE F 69 26.65 100.07 58.42
C PHE F 69 26.04 98.95 57.59
N LEU F 70 26.51 97.73 57.85
CA LEU F 70 25.99 96.53 57.22
C LEU F 70 25.37 95.87 58.44
N ASP F 71 24.08 95.57 58.39
CA ASP F 71 23.48 95.03 59.61
C ASP F 71 23.68 93.52 59.54
N HIS F 72 24.61 93.03 60.36
CA HIS F 72 24.85 91.60 60.46
C HIS F 72 23.63 90.88 61.00
N ASP F 73 22.96 91.47 61.99
CA ASP F 73 21.80 90.86 62.63
C ASP F 73 20.64 90.75 61.65
N TYR F 74 20.43 91.79 60.84
CA TYR F 74 19.41 91.74 59.80
C TYR F 74 19.81 90.77 58.69
N LEU F 75 21.12 90.62 58.46
CA LEU F 75 21.58 89.72 57.42
C LEU F 75 21.51 88.26 57.85
N GLU F 76 21.58 88.00 59.15
CA GLU F 76 21.47 86.62 59.63
C GLU F 76 20.04 86.13 59.53
N ASN F 77 19.09 86.91 60.04
CA ASN F 77 17.75 86.38 60.27
C ASN F 77 16.91 86.36 59.00
N MET F 78 17.04 87.38 58.15
CA MET F 78 16.23 87.41 56.93
C MET F 78 16.72 86.39 55.90
N TYR F 79 18.03 86.20 55.79
CA TYR F 79 18.57 85.09 55.02
C TYR F 79 18.18 83.74 55.60
N GLY F 80 18.06 83.66 56.93
CA GLY F 80 17.56 82.43 57.54
C GLY F 80 16.12 82.13 57.18
N MET F 81 15.33 83.18 56.94
CA MET F 81 13.96 82.98 56.47
C MET F 81 13.94 82.51 55.02
N PHE F 82 14.80 83.08 54.17
CA PHE F 82 14.85 82.63 52.78
C PHE F 82 15.46 81.24 52.66
N LYS F 83 16.28 80.85 53.64
CA LYS F 83 16.73 79.47 53.72
C LYS F 83 15.59 78.54 54.07
N LYS F 84 14.67 78.99 54.93
CA LYS F 84 13.57 78.14 55.38
C LYS F 84 12.53 77.96 54.29
N VAL F 85 12.24 79.01 53.52
CA VAL F 85 11.27 78.87 52.44
C VAL F 85 11.89 78.23 51.21
N ASN F 86 13.22 78.21 51.13
CA ASN F 86 13.91 77.63 49.97
C ASN F 86 15.29 77.17 50.43
N ALA F 87 15.47 75.86 50.51
CA ALA F 87 16.75 75.30 50.92
C ALA F 87 17.77 75.26 49.80
N ARG F 88 17.33 75.45 48.55
CA ARG F 88 18.26 75.51 47.43
C ARG F 88 19.12 76.77 47.47
N GLU F 89 18.56 77.87 47.98
CA GLU F 89 19.17 79.19 47.83
C GLU F 89 20.19 79.44 48.94
N ARG F 90 21.31 80.05 48.57
CA ARG F 90 22.25 80.59 49.54
C ARG F 90 22.86 81.89 49.02
N ILE F 91 23.67 82.51 49.88
CA ILE F 91 24.33 83.77 49.55
C ILE F 91 25.50 83.51 48.61
N VAL F 92 25.75 84.45 47.71
CA VAL F 92 26.91 84.36 46.82
C VAL F 92 27.64 85.70 46.81
N GLY F 93 26.99 86.74 47.31
CA GLY F 93 27.62 88.05 47.32
C GLY F 93 26.63 89.15 47.65
N TRP F 94 26.89 90.33 47.08
CA TRP F 94 26.13 91.53 47.42
C TRP F 94 26.08 92.42 46.18
N TYR F 95 25.43 93.57 46.31
CA TYR F 95 25.34 94.51 45.20
C TYR F 95 25.27 95.93 45.73
N HIS F 96 25.54 96.89 44.85
CA HIS F 96 25.15 98.28 45.08
C HIS F 96 24.93 98.96 43.74
N THR F 97 24.40 100.17 43.80
CA THR F 97 24.02 100.95 42.63
C THR F 97 24.69 102.31 42.66
N GLY F 98 24.27 103.24 41.80
CA GLY F 98 24.95 104.51 41.74
C GLY F 98 26.29 104.36 41.05
N PRO F 99 26.26 104.30 39.70
CA PRO F 99 27.29 103.59 38.89
C PRO F 99 28.76 103.89 39.21
N LYS F 100 29.05 105.04 39.79
CA LYS F 100 30.39 105.24 40.33
C LYS F 100 30.49 104.56 41.69
N LEU F 101 31.25 103.48 41.74
CA LEU F 101 31.56 102.80 43.01
C LEU F 101 32.32 103.75 43.92
N HIS F 102 32.24 103.53 45.22
CA HIS F 102 32.89 104.41 46.16
C HIS F 102 33.94 103.67 46.96
N LYS F 103 34.78 104.46 47.67
CA LYS F 103 35.99 104.01 48.35
C LYS F 103 35.73 102.98 49.44
N ASN F 104 34.50 102.85 49.90
CA ASN F 104 34.14 101.96 50.98
C ASN F 104 34.05 100.50 50.55
N ASP F 105 34.06 100.24 49.24
CA ASP F 105 33.68 98.92 48.72
C ASP F 105 34.74 97.86 49.01
N ILE F 106 35.97 98.29 49.33
CA ILE F 106 36.95 97.38 49.89
C ILE F 106 36.48 96.86 51.25
N ALA F 107 35.83 97.72 52.05
CA ALA F 107 35.49 97.34 53.41
C ALA F 107 34.28 96.42 53.45
N ILE F 108 33.28 96.65 52.61
CA ILE F 108 32.11 95.77 52.57
C ILE F 108 32.50 94.39 52.06
N ASN F 109 33.33 94.35 51.02
CA ASN F 109 33.69 93.07 50.39
C ASN F 109 34.56 92.23 51.33
N GLU F 110 35.59 92.83 51.92
CA GLU F 110 36.47 92.09 52.83
C GLU F 110 35.78 91.75 54.14
N LEU F 111 34.69 92.43 54.49
CA LEU F 111 33.89 91.99 55.62
C LEU F 111 33.15 90.70 55.31
N MET F 112 32.27 90.71 54.32
CA MET F 112 31.36 89.61 54.10
C MET F 112 31.92 88.52 53.20
N LYS F 113 33.26 88.43 53.07
CA LYS F 113 33.86 87.20 52.57
C LYS F 113 33.86 86.09 53.62
N ARG F 114 33.54 86.40 54.88
CA ARG F 114 33.35 85.40 55.90
C ARG F 114 31.97 84.75 55.86
N TYR F 115 31.12 85.14 54.90
CA TYR F 115 29.89 84.42 54.62
C TYR F 115 30.04 83.48 53.45
N CYS F 116 30.66 83.92 52.36
CA CYS F 116 31.04 83.05 51.27
C CYS F 116 32.45 83.51 50.88
N PRO F 117 33.39 82.56 50.77
CA PRO F 117 34.79 82.97 50.55
C PRO F 117 35.05 83.61 49.20
N ASN F 118 34.51 83.05 48.13
CA ASN F 118 34.63 83.66 46.80
C ASN F 118 33.41 84.54 46.50
N SER F 119 33.21 85.53 47.37
CA SER F 119 32.10 86.45 47.23
C SER F 119 32.34 87.41 46.06
N VAL F 120 31.26 87.94 45.52
CA VAL F 120 31.30 88.71 44.28
C VAL F 120 30.24 89.81 44.36
N LEU F 121 30.60 91.01 43.93
CA LEU F 121 29.67 92.13 43.92
C LEU F 121 29.27 92.44 42.49
N VAL F 122 28.05 92.95 42.33
CA VAL F 122 27.52 93.30 41.02
C VAL F 122 27.01 94.73 41.08
N ILE F 123 27.55 95.60 40.25
CA ILE F 123 27.03 96.96 40.14
C ILE F 123 26.00 96.99 39.01
N ILE F 124 24.79 97.42 39.34
CA ILE F 124 23.76 97.65 38.36
C ILE F 124 23.73 99.15 38.06
N ASP F 125 23.04 99.52 37.00
CA ASP F 125 22.84 100.92 36.64
C ASP F 125 21.34 101.14 36.55
N VAL F 126 20.75 101.70 37.60
CA VAL F 126 19.30 101.87 37.62
C VAL F 126 18.88 103.03 36.73
N LYS F 127 19.57 104.17 36.82
CA LYS F 127 19.27 105.30 35.95
C LYS F 127 19.93 105.18 34.58
N PRO F 128 21.22 104.83 34.43
CA PRO F 128 21.72 104.61 33.06
C PRO F 128 21.21 103.28 32.51
N LYS F 129 20.52 103.35 31.38
CA LYS F 129 19.90 102.17 30.80
C LYS F 129 19.97 102.19 29.28
N ASP F 130 20.96 102.89 28.73
CA ASP F 130 20.87 103.39 27.37
C ASP F 130 21.66 102.57 26.34
N LEU F 131 22.98 102.47 26.47
CA LEU F 131 23.76 102.02 25.33
C LEU F 131 24.14 100.54 25.31
N GLY F 132 25.00 100.13 26.23
CA GLY F 132 25.64 98.84 26.04
C GLY F 132 25.96 98.00 27.26
N LEU F 133 25.60 98.47 28.45
CA LEU F 133 26.05 97.79 29.67
C LEU F 133 24.88 97.44 30.58
N PRO F 134 24.53 96.18 30.71
CA PRO F 134 23.56 95.78 31.74
C PRO F 134 24.09 95.91 33.15
N THR F 135 25.19 95.23 33.46
CA THR F 135 25.77 95.16 34.81
C THR F 135 27.29 95.12 34.68
N GLU F 136 27.94 94.79 35.80
CA GLU F 136 29.36 94.46 35.85
C GLU F 136 29.59 93.69 37.14
N ALA F 137 30.50 92.72 37.12
CA ALA F 137 30.85 91.95 38.30
C ALA F 137 32.32 92.12 38.64
N TYR F 138 32.63 92.39 39.90
CA TYR F 138 34.01 92.51 40.35
C TYR F 138 34.41 91.34 41.24
N ILE F 139 35.72 91.09 41.30
CA ILE F 139 36.29 90.04 42.13
C ILE F 139 37.61 90.57 42.71
N SER F 140 38.01 89.99 43.84
CA SER F 140 39.22 90.37 44.53
C SER F 140 40.29 89.29 44.37
N VAL F 141 41.51 89.70 44.02
CA VAL F 141 42.67 88.81 44.07
C VAL F 141 43.76 89.52 44.85
N GLU F 142 44.60 88.72 45.52
CA GLU F 142 45.75 89.23 46.27
C GLU F 142 46.93 88.29 46.00
N GLU F 143 47.70 88.59 44.96
CA GLU F 143 49.00 87.98 44.71
C GLU F 143 50.06 88.84 45.40
N VAL F 144 51.32 88.63 45.03
CA VAL F 144 52.42 89.38 45.61
C VAL F 144 52.06 90.81 45.35
N HIS F 145 51.83 91.05 44.06
CA HIS F 145 51.41 92.30 43.45
C HIS F 145 51.41 92.15 41.95
N ASP F 146 52.62 91.92 41.45
CA ASP F 146 52.99 91.97 40.05
C ASP F 146 54.49 91.67 40.02
N ASP F 147 55.16 91.92 38.89
CA ASP F 147 56.61 91.89 38.87
C ASP F 147 57.22 92.98 39.77
N GLY F 148 56.65 94.19 39.76
CA GLY F 148 57.29 95.26 40.51
C GLY F 148 56.45 96.31 41.19
N THR F 149 55.17 96.05 41.42
CA THR F 149 54.29 97.08 41.96
C THR F 149 54.00 96.82 43.44
N PRO F 150 53.68 97.88 44.21
CA PRO F 150 53.22 97.67 45.58
C PRO F 150 51.89 96.94 45.65
N THR F 151 51.71 96.20 46.75
CA THR F 151 50.52 95.39 46.93
C THR F 151 49.32 96.26 47.28
N SER F 152 48.13 95.77 46.91
CA SER F 152 46.87 96.45 47.17
C SER F 152 45.73 95.43 47.09
N LYS F 153 44.50 95.92 47.04
CA LYS F 153 43.32 95.07 46.95
C LYS F 153 43.00 94.76 45.49
N THR F 154 42.79 95.80 44.69
CA THR F 154 42.67 95.75 43.22
C THR F 154 41.51 94.85 42.77
N PHE F 155 40.30 95.40 42.92
CA PHE F 155 39.09 94.92 42.26
C PHE F 155 39.37 94.51 40.82
N GLU F 156 39.11 93.25 40.50
CA GLU F 156 39.34 92.71 39.17
C GLU F 156 38.02 92.50 38.47
N HIS F 157 38.09 92.00 37.24
CA HIS F 157 36.93 91.91 36.37
C HIS F 157 36.45 90.48 36.21
N VAL F 158 35.14 90.31 36.28
CA VAL F 158 34.46 89.08 35.85
C VAL F 158 33.46 89.48 34.78
N THR F 159 33.48 88.78 33.65
CA THR F 159 32.52 89.05 32.59
C THR F 159 31.12 88.62 33.02
N SER F 160 30.12 89.32 32.50
CA SER F 160 28.74 89.16 32.94
C SER F 160 27.81 88.99 31.75
N GLU F 161 26.59 88.51 32.04
CA GLU F 161 25.57 88.31 31.03
C GLU F 161 24.22 88.31 31.70
N ILE F 162 23.17 88.26 30.88
CA ILE F 162 21.80 88.15 31.34
C ILE F 162 21.26 86.80 30.85
N GLY F 163 21.02 85.89 31.80
CA GLY F 163 20.43 84.60 31.49
C GLY F 163 18.92 84.63 31.62
N ALA F 164 18.35 83.42 31.58
CA ALA F 164 16.90 83.27 31.66
C ALA F 164 16.59 81.89 32.23
N GLU F 165 15.31 81.53 32.18
CA GLU F 165 14.83 80.25 32.68
C GLU F 165 13.46 80.01 32.07
N GLU F 166 13.13 78.74 31.84
CA GLU F 166 11.76 78.39 31.49
C GLU F 166 10.84 78.71 32.65
N ALA F 167 9.60 79.08 32.31
CA ALA F 167 8.57 79.62 33.23
C ALA F 167 9.06 80.86 33.97
N GLU F 168 9.95 81.64 33.37
CA GLU F 168 10.07 83.06 33.66
C GLU F 168 10.17 83.91 32.40
N GLU F 169 10.55 83.31 31.26
CA GLU F 169 10.41 83.98 29.97
C GLU F 169 8.96 84.17 29.59
N VAL F 170 8.07 83.32 30.12
CA VAL F 170 6.63 83.53 29.95
C VAL F 170 6.21 84.83 30.60
N GLY F 171 6.77 85.12 31.78
CA GLY F 171 6.55 86.41 32.40
C GLY F 171 7.24 87.54 31.68
N VAL F 172 8.32 87.24 30.95
CA VAL F 172 8.97 88.27 30.15
C VAL F 172 8.10 88.65 28.97
N GLU F 173 7.66 87.67 28.19
CA GLU F 173 6.92 87.93 26.96
C GLU F 173 5.54 88.50 27.23
N HIS F 174 4.89 88.08 28.31
CA HIS F 174 3.52 88.48 28.55
C HIS F 174 3.43 89.85 29.23
N LEU F 175 4.45 90.24 29.98
CA LEU F 175 4.44 91.56 30.60
C LEU F 175 4.83 92.67 29.63
N LEU F 176 5.64 92.37 28.61
CA LEU F 176 6.06 93.46 27.73
C LEU F 176 4.97 93.80 26.72
N ARG F 177 4.65 92.87 25.80
CA ARG F 177 3.65 92.99 24.73
C ARG F 177 3.64 94.33 24.00
N ASP F 178 4.81 94.93 23.83
CA ASP F 178 4.89 96.34 23.46
C ASP F 178 5.33 96.55 22.02
N ILE F 179 6.50 96.03 21.65
CA ILE F 179 7.02 96.17 20.30
C ILE F 179 6.96 94.85 19.54
N LYS F 180 7.24 93.73 20.23
CA LYS F 180 7.04 92.35 19.76
C LYS F 180 7.68 92.08 18.40
N ASP F 181 8.94 92.50 18.25
CA ASP F 181 9.64 92.31 17.00
C ASP F 181 10.39 90.98 17.01
N THR F 182 10.22 90.22 15.94
CA THR F 182 10.98 89.00 15.72
C THR F 182 12.25 89.32 14.95
N THR F 183 13.19 88.37 14.95
CA THR F 183 14.40 88.50 14.14
C THR F 183 14.08 88.40 12.66
N VAL F 184 13.01 87.70 12.31
CA VAL F 184 12.54 87.64 10.92
C VAL F 184 12.01 89.02 10.52
N GLY F 185 12.12 89.32 9.22
CA GLY F 185 12.05 90.68 8.74
C GLY F 185 13.40 90.99 8.12
N THR F 186 13.96 89.93 7.53
CA THR F 186 15.36 89.77 7.14
C THR F 186 15.87 90.88 6.24
N LEU F 187 15.00 91.54 5.47
CA LEU F 187 15.43 92.74 4.78
C LEU F 187 15.53 93.91 5.74
N SER F 188 14.43 94.24 6.44
CA SER F 188 14.44 95.42 7.28
C SER F 188 15.20 95.20 8.58
N GLN F 189 15.07 94.02 9.18
CA GLN F 189 15.61 93.81 10.52
C GLN F 189 17.12 93.63 10.50
N ARG F 190 17.64 92.89 9.52
CA ARG F 190 19.07 92.56 9.53
C ARG F 190 19.91 93.76 9.11
N ILE F 191 19.36 94.66 8.29
CA ILE F 191 20.08 95.87 7.95
C ILE F 191 20.20 96.77 9.17
N THR F 192 19.13 96.90 9.95
CA THR F 192 19.21 97.67 11.20
C THR F 192 20.12 97.01 12.22
N ASN F 193 20.26 95.68 12.17
CA ASN F 193 21.26 95.00 12.98
C ASN F 193 22.66 95.40 12.54
N GLN F 194 22.85 95.63 11.25
CA GLN F 194 24.13 96.14 10.77
C GLN F 194 24.31 97.61 11.09
N VAL F 195 23.20 98.35 11.23
CA VAL F 195 23.29 99.78 11.51
C VAL F 195 23.72 100.02 12.95
N HIS F 196 22.92 99.56 13.92
CA HIS F 196 23.27 99.82 15.31
C HIS F 196 24.34 98.85 15.81
N GLY F 197 24.64 97.80 15.07
CA GLY F 197 25.84 97.04 15.35
C GLY F 197 27.08 97.85 15.05
N LEU F 198 27.01 98.75 14.08
CA LEU F 198 28.14 99.60 13.75
C LEU F 198 28.10 100.89 14.57
N LYS F 199 26.93 101.23 15.12
CA LYS F 199 26.85 102.37 16.03
C LYS F 199 27.46 102.06 17.39
N GLY F 200 27.77 100.80 17.66
CA GLY F 200 28.57 100.46 18.81
C GLY F 200 30.03 100.28 18.46
N LEU F 201 30.32 100.11 17.17
CA LEU F 201 31.70 100.01 16.71
C LEU F 201 32.44 101.32 16.91
N ASN F 202 31.79 102.45 16.66
CA ASN F 202 32.42 103.71 17.00
C ASN F 202 32.22 104.08 18.47
N SER F 203 31.25 103.48 19.15
CA SER F 203 31.05 103.75 20.57
C SER F 203 32.16 103.13 21.40
N LYS F 204 32.56 101.90 21.08
CA LYS F 204 33.74 101.32 21.71
C LYS F 204 35.00 102.01 21.23
N LEU F 205 34.97 102.55 20.01
CA LEU F 205 36.09 103.30 19.47
C LEU F 205 36.27 104.63 20.20
N LEU F 206 35.16 105.34 20.45
CA LEU F 206 35.24 106.60 21.17
C LEU F 206 35.60 106.41 22.64
N ASP F 207 35.40 105.20 23.17
CA ASP F 207 35.89 104.91 24.51
C ASP F 207 37.38 104.64 24.51
N ILE F 208 37.86 103.89 23.52
CA ILE F 208 39.31 103.69 23.41
C ILE F 208 39.97 104.95 22.86
N ARG F 209 39.20 105.84 22.25
CA ARG F 209 39.69 107.17 21.92
C ARG F 209 40.06 107.93 23.19
N SER F 210 39.16 107.93 24.17
CA SER F 210 39.31 108.80 25.33
C SER F 210 40.37 108.29 26.30
N TYR F 211 40.64 106.98 26.29
CA TYR F 211 41.53 106.41 27.30
C TYR F 211 42.98 106.78 27.05
N LEU F 212 43.47 106.54 25.83
CA LEU F 212 44.85 106.86 25.51
C LEU F 212 45.08 108.35 25.28
N GLU F 213 44.02 109.17 25.24
CA GLU F 213 44.23 110.61 25.30
C GLU F 213 44.63 111.04 26.70
N LYS F 214 44.02 110.45 27.72
CA LYS F 214 44.29 110.85 29.09
C LYS F 214 45.40 110.04 29.76
N VAL F 215 46.18 109.28 29.00
CA VAL F 215 47.29 108.52 29.57
C VAL F 215 48.58 108.70 28.77
N ALA F 216 48.39 109.22 27.58
CA ALA F 216 49.43 109.69 26.67
C ALA F 216 49.67 111.12 27.22
N THR F 217 48.59 111.81 27.58
CA THR F 217 48.63 113.11 28.24
C THR F 217 49.40 112.66 29.47
N GLY F 218 48.91 111.62 30.14
CA GLY F 218 49.74 111.08 31.20
C GLY F 218 49.20 111.33 32.59
N LYS F 219 47.87 111.41 32.75
CA LYS F 219 47.30 111.67 34.06
C LYS F 219 47.39 110.44 34.96
N LEU F 220 46.76 109.40 34.56
CA LEU F 220 46.67 108.18 35.36
C LEU F 220 47.84 107.26 35.07
N PRO F 221 48.26 106.45 36.05
CA PRO F 221 49.43 105.58 35.83
C PRO F 221 49.18 104.50 34.79
N ILE F 222 50.20 104.27 33.97
CA ILE F 222 50.08 103.36 32.83
C ILE F 222 50.10 101.93 33.35
N ASN F 223 49.01 101.20 33.10
CA ASN F 223 48.94 99.79 33.48
C ASN F 223 49.81 99.01 32.52
N HIS F 224 51.04 98.72 32.93
CA HIS F 224 52.02 98.03 32.09
C HIS F 224 51.68 96.56 31.88
N GLN F 225 50.71 96.01 32.60
CA GLN F 225 50.43 94.58 32.56
C GLN F 225 49.49 94.22 31.41
N ILE F 226 48.34 94.87 31.30
CA ILE F 226 47.33 94.33 30.41
C ILE F 226 46.69 95.40 29.51
N ILE F 227 46.82 96.68 29.88
CA ILE F 227 45.94 97.69 29.30
C ILE F 227 46.36 98.06 27.87
N TYR F 228 47.60 97.77 27.50
CA TYR F 228 48.06 97.97 26.13
C TYR F 228 48.84 96.78 25.61
N GLN F 229 49.34 95.91 26.50
CA GLN F 229 49.98 94.68 26.07
C GLN F 229 48.98 93.77 25.37
N LEU F 230 47.73 93.78 25.83
CA LEU F 230 46.68 93.10 25.09
C LEU F 230 46.31 93.86 23.82
N GLN F 231 46.52 95.18 23.82
CA GLN F 231 46.33 95.96 22.61
C GLN F 231 47.52 95.81 21.66
N ASP F 232 48.70 95.51 22.21
CA ASP F 232 49.86 95.21 21.38
C ASP F 232 49.65 93.94 20.59
N VAL F 233 48.93 92.97 21.16
CA VAL F 233 48.49 91.80 20.40
C VAL F 233 47.48 92.21 19.34
N PHE F 234 46.63 93.19 19.65
CA PHE F 234 45.49 93.53 18.82
C PHE F 234 45.89 94.20 17.51
N ASN F 235 46.83 95.14 17.56
CA ASN F 235 46.96 96.13 16.50
C ASN F 235 47.78 95.62 15.29
N LEU F 236 47.82 94.32 15.05
CA LEU F 236 48.51 93.78 13.89
C LEU F 236 47.58 93.05 12.92
N LEU F 237 46.43 92.65 13.46
CA LEU F 237 45.40 91.88 12.78
C LEU F 237 45.03 92.30 11.37
N PRO F 238 44.18 93.34 11.26
CA PRO F 238 43.63 93.97 10.06
C PRO F 238 44.42 93.76 8.78
N ASP F 239 44.40 92.55 8.25
CA ASP F 239 45.12 92.25 7.01
C ASP F 239 44.23 92.51 5.79
N VAL F 240 44.72 93.37 4.89
CA VAL F 240 43.98 93.81 3.72
C VAL F 240 44.83 93.66 2.45
N SER F 241 45.70 92.65 2.42
CA SER F 241 46.61 92.44 1.29
C SER F 241 45.83 92.14 0.00
N LEU F 242 46.08 92.96 -1.02
CA LEU F 242 45.08 93.19 -2.07
C LEU F 242 44.99 92.04 -3.08
N GLN F 243 46.07 91.80 -3.84
CA GLN F 243 46.00 91.15 -5.15
C GLN F 243 45.54 89.69 -5.13
N GLU F 244 45.36 89.09 -3.97
CA GLU F 244 44.67 87.82 -3.84
C GLU F 244 43.30 87.95 -3.20
N PHE F 245 43.15 88.92 -2.30
CA PHE F 245 41.85 89.26 -1.74
C PHE F 245 41.01 90.09 -2.72
N VAL F 246 41.64 90.67 -3.74
CA VAL F 246 40.89 91.20 -4.87
C VAL F 246 40.15 90.08 -5.58
N LYS F 247 40.74 88.90 -5.64
CA LYS F 247 40.12 87.73 -6.25
C LYS F 247 39.16 87.02 -5.30
N ALA F 248 38.70 87.70 -4.25
CA ALA F 248 37.54 87.25 -3.50
C ALA F 248 36.25 87.62 -4.20
N PHE F 249 36.31 88.50 -5.19
CA PHE F 249 35.12 89.19 -5.68
C PHE F 249 34.55 88.61 -6.96
N TYR F 250 34.99 87.42 -7.37
CA TYR F 250 34.13 86.64 -8.26
C TYR F 250 33.21 85.72 -7.46
N LEU F 251 33.56 85.43 -6.21
CA LEU F 251 32.59 84.85 -5.29
C LEU F 251 31.53 85.88 -4.92
N LYS F 252 31.89 87.17 -4.93
CA LYS F 252 30.90 88.23 -4.85
C LYS F 252 30.01 88.23 -6.09
N THR F 253 30.62 88.01 -7.26
CA THR F 253 29.85 87.83 -8.48
C THR F 253 29.01 86.56 -8.41
N ASN F 254 29.54 85.52 -7.76
CA ASN F 254 28.79 84.28 -7.58
C ASN F 254 27.60 84.47 -6.65
N ASP F 255 27.79 85.22 -5.56
CA ASP F 255 26.67 85.57 -4.70
C ASP F 255 25.71 86.53 -5.39
N GLN F 256 26.21 87.31 -6.35
CA GLN F 256 25.35 88.19 -7.13
C GLN F 256 24.53 87.41 -8.15
N MET F 257 25.14 86.34 -8.70
CA MET F 257 24.58 85.62 -9.84
C MET F 257 23.24 84.96 -9.51
N VAL F 258 23.08 84.48 -8.27
CA VAL F 258 21.84 83.83 -7.87
C VAL F 258 20.73 84.87 -7.72
N VAL F 259 21.09 86.08 -7.31
CA VAL F 259 20.12 87.15 -7.11
C VAL F 259 19.58 87.65 -8.46
N VAL F 260 20.47 87.83 -9.43
CA VAL F 260 20.13 88.60 -10.60
C VAL F 260 19.24 87.84 -11.57
N TYR F 261 19.69 86.69 -12.05
CA TYR F 261 18.94 86.06 -13.13
C TYR F 261 17.85 85.12 -12.60
N LEU F 262 17.91 84.74 -11.33
CA LEU F 262 16.87 83.88 -10.81
C LEU F 262 15.79 84.70 -10.11
N ALA F 263 16.18 85.66 -9.28
CA ALA F 263 15.20 86.28 -8.41
C ALA F 263 14.52 87.46 -9.09
N SER F 264 15.19 88.09 -10.04
CA SER F 264 14.55 89.23 -10.71
C SER F 264 13.63 88.75 -11.83
N LEU F 265 13.97 87.62 -12.47
CA LEU F 265 13.15 87.13 -13.57
C LEU F 265 11.84 86.55 -13.08
N ILE F 266 11.92 85.59 -12.16
CA ILE F 266 10.74 84.81 -11.75
C ILE F 266 9.74 85.68 -10.99
N ARG F 267 10.24 86.62 -10.18
CA ARG F 267 9.36 87.55 -9.49
C ARG F 267 8.62 88.46 -10.47
N SER F 268 9.26 88.77 -11.60
CA SER F 268 8.59 89.59 -12.61
C SER F 268 7.57 88.78 -13.39
N VAL F 269 7.89 87.51 -13.69
CA VAL F 269 7.01 86.69 -14.52
C VAL F 269 5.77 86.26 -13.75
N VAL F 270 5.89 86.01 -12.45
CA VAL F 270 4.74 85.65 -11.62
C VAL F 270 3.76 86.81 -11.50
N ALA F 271 4.28 88.03 -11.32
CA ALA F 271 3.40 89.20 -11.29
C ALA F 271 2.84 89.51 -12.66
N LEU F 272 3.48 89.03 -13.73
CA LEU F 272 2.94 89.19 -15.06
C LEU F 272 1.74 88.27 -15.28
N HIS F 273 1.71 87.12 -14.60
CA HIS F 273 0.53 86.26 -14.60
C HIS F 273 -0.66 86.98 -13.98
N ASN F 274 -0.40 87.79 -12.96
CA ASN F 274 -1.48 88.49 -12.27
C ASN F 274 -2.06 89.61 -13.12
N LEU F 275 -1.34 90.04 -14.16
CA LEU F 275 -1.90 91.00 -15.10
C LEU F 275 -2.94 90.35 -16.00
N ILE F 276 -2.55 89.29 -16.72
CA ILE F 276 -3.45 88.66 -17.69
C ILE F 276 -4.64 88.03 -16.99
N ASN F 277 -4.42 87.47 -15.79
CA ASN F 277 -5.53 86.90 -15.02
C ASN F 277 -6.48 87.99 -14.53
N ASN F 278 -5.99 89.22 -14.37
CA ASN F 278 -6.88 90.29 -13.98
C ASN F 278 -7.51 90.96 -15.20
N LYS F 279 -6.74 91.10 -16.29
CA LYS F 279 -7.28 91.75 -17.49
C LYS F 279 -8.32 90.87 -18.18
N ILE F 280 -8.20 89.55 -18.04
CA ILE F 280 -9.29 88.67 -18.46
C ILE F 280 -10.49 88.85 -17.55
N ALA F 281 -10.27 88.80 -16.23
CA ALA F 281 -11.36 88.90 -15.28
C ALA F 281 -11.97 90.29 -15.21
N ASN F 282 -11.24 91.32 -15.66
CA ASN F 282 -11.82 92.65 -15.78
C ASN F 282 -12.93 92.69 -16.83
N ARG F 283 -12.56 92.45 -18.09
CA ARG F 283 -13.48 92.75 -19.17
C ARG F 283 -14.48 91.63 -19.43
N ASP F 284 -14.15 90.39 -19.06
CA ASP F 284 -15.12 89.31 -19.22
C ASP F 284 -16.19 89.36 -18.15
N ALA F 285 -15.94 90.03 -17.03
CA ALA F 285 -17.00 90.39 -16.11
C ALA F 285 -17.69 91.69 -16.51
N GLU F 286 -16.99 92.52 -17.30
CA GLU F 286 -17.60 93.77 -17.78
C GLU F 286 -18.57 93.50 -18.92
N LYS F 287 -18.18 92.62 -19.86
CA LYS F 287 -19.04 92.31 -20.99
C LYS F 287 -20.23 91.43 -20.61
N LYS F 288 -20.21 90.81 -19.44
CA LYS F 288 -21.33 90.04 -18.95
C LYS F 288 -22.15 90.78 -17.90
N GLU F 289 -21.80 92.04 -17.62
CA GLU F 289 -22.62 92.83 -16.71
C GLU F 289 -23.92 93.27 -17.38
N GLY F 290 -23.85 93.63 -18.65
CA GLY F 290 -25.04 94.02 -19.39
C GLY F 290 -25.87 92.85 -19.85
N VAL G 4 67.03 87.32 90.25
CA VAL G 4 66.50 87.51 88.90
C VAL G 4 66.54 89.00 88.44
N PRO G 5 66.21 89.99 89.29
CA PRO G 5 66.60 91.37 88.92
C PRO G 5 68.10 91.58 88.96
N GLY G 6 68.80 90.89 89.87
CA GLY G 6 70.25 90.96 89.93
C GLY G 6 70.95 90.26 88.79
N PHE G 7 70.22 89.47 88.00
CA PHE G 7 70.79 88.89 86.78
C PHE G 7 71.15 89.98 85.77
N LEU G 8 70.31 91.01 85.67
CA LEU G 8 70.65 92.13 84.80
C LEU G 8 71.36 93.25 85.53
N GLN G 9 71.50 93.16 86.85
CA GLN G 9 72.33 94.12 87.57
C GLN G 9 73.81 93.81 87.39
N GLN G 10 74.15 92.55 87.19
CA GLN G 10 75.53 92.18 86.90
C GLN G 10 75.83 92.21 85.39
N SER G 11 74.80 92.01 84.55
CA SER G 11 74.93 92.21 83.11
C SER G 11 74.40 93.56 82.68
N GLN G 12 74.47 94.55 83.58
CA GLN G 12 74.09 95.92 83.25
C GLN G 12 75.08 96.55 82.28
N ASN G 13 76.35 96.20 82.40
CA ASN G 13 77.42 96.89 81.69
C ASN G 13 77.42 96.53 80.20
N SER G 14 78.19 97.31 79.44
CA SER G 14 78.42 97.28 77.99
C SER G 14 77.20 97.69 77.17
N GLY G 15 76.05 97.97 77.80
CA GLY G 15 74.95 98.62 77.12
C GLY G 15 74.97 100.09 77.46
N PRO G 16 75.38 100.92 76.48
CA PRO G 16 75.87 102.28 76.80
C PRO G 16 74.81 103.19 77.37
N GLY G 17 75.22 103.98 78.37
CA GLY G 17 74.28 104.72 79.18
C GLY G 17 73.59 103.80 80.15
N GLN G 18 74.38 103.01 80.89
CA GLN G 18 73.89 101.88 81.69
C GLN G 18 72.80 102.21 82.71
N PRO G 19 72.87 103.30 83.56
CA PRO G 19 71.82 103.47 84.58
C PRO G 19 70.46 103.85 84.01
N ALA G 20 70.45 104.73 83.00
CA ALA G 20 69.19 105.26 82.49
C ALA G 20 68.39 104.26 81.68
N VAL G 21 68.97 103.15 81.25
CA VAL G 21 68.29 102.20 80.39
C VAL G 21 68.10 100.84 81.07
N TRP G 22 69.05 100.41 81.91
CA TRP G 22 68.93 99.09 82.52
C TRP G 22 68.12 99.15 83.81
N HIS G 23 68.24 100.25 84.56
CA HIS G 23 67.32 100.44 85.68
C HIS G 23 65.93 100.79 85.17
N ARG G 24 65.85 101.43 84.01
CA ARG G 24 64.56 101.57 83.33
C ARG G 24 64.02 100.20 82.89
N LEU G 25 64.93 99.29 82.50
CA LEU G 25 64.52 97.94 82.14
C LEU G 25 63.94 97.19 83.33
N GLU G 26 64.61 97.28 84.49
CA GLU G 26 64.08 96.62 85.68
C GLU G 26 62.91 97.37 86.31
N GLU G 27 62.50 98.52 85.76
CA GLU G 27 61.19 99.05 86.11
C GLU G 27 60.08 98.33 85.37
N LEU G 28 60.23 98.21 84.05
CA LEU G 28 59.10 97.90 83.18
C LEU G 28 58.56 96.48 83.35
N TYR G 29 59.43 95.51 83.67
CA TYR G 29 58.84 94.20 83.94
C TYR G 29 58.42 94.04 85.39
N THR G 30 58.84 94.92 86.28
CA THR G 30 58.25 94.96 87.62
C THR G 30 56.92 95.68 87.65
N LYS G 31 56.58 96.42 86.58
CA LYS G 31 55.19 96.79 86.32
C LYS G 31 54.42 95.65 85.66
N LYS G 32 55.10 94.56 85.32
CA LYS G 32 54.56 93.38 84.64
C LYS G 32 53.91 93.71 83.30
N LEU G 33 54.38 94.76 82.63
CA LEU G 33 53.93 95.04 81.28
C LEU G 33 54.81 94.31 80.26
N TRP G 34 54.27 94.13 79.06
CA TRP G 34 54.91 93.22 78.11
C TRP G 34 54.98 93.76 76.69
N HIS G 35 54.78 95.07 76.49
CA HIS G 35 54.93 95.64 75.15
C HIS G 35 56.01 96.70 75.09
N GLN G 36 55.94 97.70 75.97
CA GLN G 36 57.05 98.65 76.08
C GLN G 36 58.29 97.97 76.65
N LEU G 37 58.09 96.89 77.41
CA LEU G 37 59.17 95.96 77.71
C LEU G 37 59.68 95.30 76.43
N THR G 38 58.75 94.77 75.62
CA THR G 38 59.13 93.98 74.45
C THR G 38 59.74 94.85 73.35
N LEU G 39 59.17 96.05 73.13
CA LEU G 39 59.66 96.91 72.06
C LEU G 39 61.02 97.52 72.39
N GLN G 40 61.35 97.61 73.68
CA GLN G 40 62.61 98.24 74.05
C GLN G 40 63.76 97.24 74.07
N VAL G 41 63.49 95.99 74.44
CA VAL G 41 64.53 94.97 74.37
C VAL G 41 64.85 94.65 72.91
N LEU G 42 63.84 94.68 72.05
CA LEU G 42 64.07 94.61 70.60
C LEU G 42 64.85 95.82 70.11
N ASP G 43 64.66 96.98 70.74
CA ASP G 43 65.45 98.15 70.41
C ASP G 43 66.88 97.99 70.91
N PHE G 44 67.06 97.43 72.11
CA PHE G 44 68.38 97.34 72.73
C PHE G 44 69.18 96.12 72.29
N VAL G 45 68.58 95.21 71.53
CA VAL G 45 69.38 94.27 70.75
C VAL G 45 69.78 94.92 69.42
N GLN G 46 68.90 95.74 68.87
CA GLN G 46 69.19 96.57 67.70
C GLN G 46 70.19 97.69 68.03
N ASP G 47 70.45 97.96 69.30
CA ASP G 47 71.49 98.86 69.78
C ASP G 47 72.85 98.46 69.22
N PRO G 48 73.50 99.30 68.39
CA PRO G 48 74.72 98.86 67.71
C PRO G 48 75.92 98.71 68.62
N CYS G 49 76.21 97.45 68.94
CA CYS G 49 77.41 97.05 69.67
C CYS G 49 77.84 95.73 69.04
N PHE G 50 78.72 95.00 69.73
CA PHE G 50 78.92 93.61 69.38
C PHE G 50 77.77 92.72 69.84
N ALA G 51 76.95 93.21 70.77
CA ALA G 51 75.93 92.44 71.49
C ALA G 51 76.55 91.19 72.12
N GLN G 52 77.68 91.40 72.81
CA GLN G 52 78.43 90.32 73.44
C GLN G 52 77.67 89.66 74.58
N GLY G 53 76.67 90.33 75.14
CA GLY G 53 75.86 89.76 76.19
C GLY G 53 74.63 89.04 75.68
N ASP G 54 74.78 88.32 74.56
CA ASP G 54 73.69 87.45 74.11
C ASP G 54 73.48 86.31 75.09
N GLY G 55 74.57 85.71 75.59
CA GLY G 55 74.44 84.69 76.62
C GLY G 55 73.97 85.26 77.94
N LEU G 56 74.27 86.54 78.18
CA LEU G 56 73.77 87.24 79.35
C LEU G 56 72.34 87.75 79.18
N ILE G 57 71.73 87.52 78.02
CA ILE G 57 70.32 87.87 77.82
C ILE G 57 69.49 86.69 77.33
N LYS G 58 70.10 85.67 76.69
CA LYS G 58 69.32 84.53 76.22
C LYS G 58 68.83 83.66 77.36
N LEU G 59 69.45 83.78 78.54
CA LEU G 59 68.87 83.13 79.72
C LEU G 59 67.64 83.88 80.20
N TYR G 60 67.69 85.21 80.16
CA TYR G 60 66.52 85.99 80.58
C TYR G 60 65.47 86.06 79.48
N GLU G 61 65.87 86.00 78.21
CA GLU G 61 64.87 85.91 77.16
C GLU G 61 64.23 84.53 77.12
N ASN G 62 64.95 83.50 77.55
CA ASN G 62 64.30 82.23 77.84
C ASN G 62 63.40 82.36 79.06
N PHE G 63 63.81 83.14 80.05
CA PHE G 63 62.98 83.39 81.22
C PHE G 63 61.73 84.17 80.84
N ILE G 64 61.86 85.14 79.92
CA ILE G 64 60.68 85.80 79.37
C ILE G 64 59.81 84.81 78.63
N SER G 65 60.42 83.84 77.93
CA SER G 65 59.65 82.88 77.14
C SER G 65 58.92 81.87 78.02
N GLU G 66 59.40 81.65 79.24
CA GLU G 66 58.80 80.62 80.10
C GLU G 66 57.47 81.08 80.68
N PHE G 67 57.43 82.23 81.36
CA PHE G 67 56.18 82.79 81.86
C PHE G 67 55.64 83.86 80.92
N GLU G 68 55.75 83.63 79.61
CA GLU G 68 55.37 84.60 78.60
C GLU G 68 53.87 84.83 78.54
N HIS G 69 53.13 83.84 78.01
CA HIS G 69 51.67 83.69 77.92
C HIS G 69 50.89 84.88 77.33
N ARG G 70 51.57 85.97 76.95
CA ARG G 70 50.91 87.12 76.34
C ARG G 70 51.66 87.74 75.17
N VAL G 71 52.97 87.57 75.06
CA VAL G 71 53.80 88.39 74.17
C VAL G 71 53.65 87.87 72.75
N ASN G 72 53.65 88.82 71.79
CA ASN G 72 53.61 88.60 70.34
C ASN G 72 54.72 87.64 69.93
N PRO G 73 54.35 86.46 69.44
CA PRO G 73 55.39 85.50 68.99
C PRO G 73 56.11 85.93 67.73
N LEU G 74 55.56 86.89 66.99
CA LEU G 74 56.28 87.48 65.86
C LEU G 74 57.55 88.16 66.33
N SER G 75 57.41 89.12 67.26
CA SER G 75 58.57 89.83 67.80
C SER G 75 59.43 88.94 68.68
N LEU G 76 58.87 87.84 69.19
CA LEU G 76 59.67 86.87 69.91
C LEU G 76 60.65 86.16 68.98
N VAL G 77 60.20 85.81 67.77
CA VAL G 77 61.09 85.19 66.82
C VAL G 77 61.97 86.26 66.15
N GLU G 78 61.46 87.50 66.06
CA GLU G 78 62.26 88.60 65.51
C GLU G 78 63.44 88.98 66.39
N ILE G 79 63.44 88.58 67.66
CA ILE G 79 64.55 88.92 68.54
C ILE G 79 65.42 87.68 68.75
N ILE G 80 64.85 86.49 68.54
CA ILE G 80 65.65 85.29 68.71
C ILE G 80 66.49 85.03 67.45
N LEU G 81 66.16 85.67 66.34
CA LEU G 81 67.01 85.56 65.16
C LEU G 81 68.30 86.36 65.33
N HIS G 82 68.22 87.47 66.08
CA HIS G 82 69.43 88.19 66.43
C HIS G 82 70.25 87.41 67.45
N VAL G 83 69.57 86.65 68.32
CA VAL G 83 70.26 85.83 69.31
C VAL G 83 71.01 84.69 68.63
N VAL G 84 70.33 84.00 67.72
CA VAL G 84 70.94 82.85 67.05
C VAL G 84 71.96 83.31 66.01
N ARG G 85 71.89 84.58 65.58
CA ARG G 85 72.97 85.17 64.79
C ARG G 85 74.23 85.33 65.62
N GLN G 86 74.07 85.89 66.83
CA GLN G 86 75.21 86.19 67.70
C GLN G 86 75.74 84.96 68.41
N MET G 87 75.02 83.83 68.34
CA MET G 87 75.56 82.56 68.83
C MET G 87 76.81 82.15 68.07
N THR G 88 76.81 82.32 66.74
CA THR G 88 77.93 82.05 65.82
C THR G 88 78.46 80.61 65.95
N ASP G 89 77.57 79.68 66.26
CA ASP G 89 77.94 78.28 66.47
C ASP G 89 76.83 77.43 65.89
N PRO G 90 76.93 77.03 64.61
CA PRO G 90 75.83 76.34 63.93
C PRO G 90 75.61 74.89 64.36
N ASN G 91 76.39 74.39 65.32
CA ASN G 91 76.19 73.03 65.82
C ASN G 91 74.89 72.92 66.61
N VAL G 92 74.77 73.71 67.69
CA VAL G 92 73.58 73.68 68.52
C VAL G 92 72.53 74.68 68.06
N ALA G 93 72.89 75.62 67.17
CA ALA G 93 71.97 76.67 66.76
C ALA G 93 70.83 76.12 65.91
N LEU G 94 71.06 75.00 65.23
CA LEU G 94 69.98 74.31 64.55
C LEU G 94 68.98 73.74 65.56
N THR G 95 69.49 73.00 66.55
CA THR G 95 68.61 72.41 67.55
C THR G 95 68.06 73.45 68.51
N PHE G 96 68.74 74.58 68.67
CA PHE G 96 68.19 75.66 69.47
C PHE G 96 67.00 76.31 68.78
N LEU G 97 67.09 76.50 67.46
CA LEU G 97 66.01 77.14 66.74
C LEU G 97 64.84 76.18 66.54
N GLU G 98 65.13 74.87 66.44
CA GLU G 98 64.05 73.89 66.42
C GLU G 98 63.32 73.83 67.75
N LYS G 99 64.05 74.07 68.86
CA LYS G 99 63.42 74.10 70.17
C LYS G 99 62.56 75.34 70.34
N THR G 100 63.03 76.49 69.85
CA THR G 100 62.21 77.70 69.92
C THR G 100 61.06 77.66 68.93
N ARG G 101 61.18 76.88 67.86
CA ARG G 101 60.08 76.73 66.93
C ARG G 101 59.02 75.78 67.48
N GLU G 102 59.44 74.72 68.17
CA GLU G 102 58.46 73.77 68.68
C GLU G 102 57.80 74.24 69.97
N LYS G 103 58.39 75.20 70.68
CA LYS G 103 57.74 75.71 71.89
C LYS G 103 56.78 76.85 71.60
N VAL G 104 56.84 77.43 70.40
CA VAL G 104 55.73 78.24 69.92
C VAL G 104 55.15 77.48 68.73
N LYS G 105 54.21 76.58 69.01
CA LYS G 105 53.70 75.65 68.01
C LYS G 105 52.22 75.92 67.72
N SER G 106 51.77 77.14 67.97
CA SER G 106 50.39 77.54 67.68
C SER G 106 50.26 77.85 66.19
N SER G 107 49.12 78.43 65.81
CA SER G 107 48.86 78.80 64.43
C SER G 107 49.47 80.15 64.04
N ASP G 108 50.34 80.69 64.88
CA ASP G 108 50.94 81.99 64.64
C ASP G 108 51.96 81.90 63.52
N GLU G 109 51.94 82.87 62.62
CA GLU G 109 52.72 82.79 61.39
C GLU G 109 54.08 83.47 61.54
N ALA G 110 54.77 83.08 62.61
CA ALA G 110 56.20 83.28 62.72
C ALA G 110 56.96 81.99 62.51
N VAL G 111 56.26 80.85 62.48
CA VAL G 111 56.87 79.56 62.21
C VAL G 111 57.34 79.48 60.75
N ILE G 112 56.75 80.28 59.86
CA ILE G 112 57.15 80.27 58.46
C ILE G 112 58.52 80.89 58.28
N LEU G 113 58.86 81.89 59.09
CA LEU G 113 60.18 82.47 59.01
C LEU G 113 61.15 81.83 59.99
N CYS G 114 60.65 80.94 60.85
CA CYS G 114 61.54 79.98 61.50
C CYS G 114 62.10 79.02 60.47
N LYS G 115 61.26 78.57 59.52
CA LYS G 115 61.69 77.63 58.51
C LYS G 115 62.67 78.26 57.53
N THR G 116 62.54 79.57 57.27
CA THR G 116 63.56 80.24 56.47
C THR G 116 64.84 80.42 57.27
N ALA G 117 64.71 80.67 58.58
CA ALA G 117 65.88 80.77 59.44
C ALA G 117 66.51 79.39 59.66
N ILE G 118 65.71 78.32 59.55
CA ILE G 118 66.28 76.99 59.37
C ILE G 118 67.08 76.94 58.08
N GLY G 119 66.47 77.37 56.97
CA GLY G 119 67.10 77.24 55.67
C GLY G 119 68.27 78.17 55.47
N ALA G 120 68.25 79.34 56.13
CA ALA G 120 69.36 80.29 56.02
C ALA G 120 70.64 79.73 56.62
N LEU G 121 70.52 78.89 57.65
CA LEU G 121 71.64 78.14 58.18
C LEU G 121 71.77 76.77 57.52
N LYS G 122 70.86 76.43 56.60
CA LYS G 122 70.88 75.17 55.89
C LYS G 122 71.24 75.34 54.42
N LEU G 123 71.08 76.54 53.86
CA LEU G 123 71.77 76.91 52.64
C LEU G 123 73.17 77.42 52.90
N ASN G 124 73.67 77.25 54.13
CA ASN G 124 75.09 77.42 54.44
C ASN G 124 75.83 76.08 54.51
N ILE G 125 75.22 75.06 55.12
CA ILE G 125 75.81 73.73 55.21
C ILE G 125 74.76 72.70 54.79
N GLY G 126 75.17 71.74 53.96
CA GLY G 126 74.24 70.77 53.40
C GLY G 126 73.26 71.41 52.44
N ASP G 127 73.76 71.90 51.31
CA ASP G 127 73.05 72.90 50.52
C ASP G 127 72.15 72.32 49.44
N LEU G 128 71.95 71.00 49.40
CA LEU G 128 71.18 70.47 48.28
C LEU G 128 70.06 69.52 48.68
N GLN G 129 70.27 68.66 49.68
CA GLN G 129 69.43 67.48 49.85
C GLN G 129 68.05 67.82 50.41
N VAL G 130 67.96 68.78 51.33
CA VAL G 130 66.70 69.13 51.97
C VAL G 130 66.47 70.63 51.97
N THR G 131 67.37 71.39 51.34
CA THR G 131 67.15 72.82 51.12
C THR G 131 66.00 73.07 50.15
N LYS G 132 65.82 72.17 49.18
CA LYS G 132 64.70 72.29 48.25
C LYS G 132 63.37 72.09 48.97
N GLU G 133 63.34 71.18 49.95
CA GLU G 133 62.12 70.91 50.69
C GLU G 133 61.76 72.05 51.63
N THR G 134 62.76 72.61 52.33
CA THR G 134 62.46 73.73 53.22
C THR G 134 62.22 75.02 52.45
N ILE G 135 62.60 75.07 51.17
CA ILE G 135 62.02 76.06 50.28
C ILE G 135 60.56 75.74 50.02
N GLU G 136 60.28 74.50 49.58
CA GLU G 136 58.98 74.16 48.99
C GLU G 136 57.86 74.20 50.02
N ASP G 137 58.18 73.92 51.28
CA ASP G 137 57.18 73.90 52.34
C ASP G 137 56.62 75.29 52.62
N VAL G 138 57.37 76.34 52.31
CA VAL G 138 56.97 77.68 52.73
C VAL G 138 55.85 78.21 51.82
N GLU G 139 55.98 78.03 50.51
CA GLU G 139 54.91 78.47 49.63
C GLU G 139 53.70 77.55 49.67
N GLU G 140 53.86 76.34 50.20
CA GLU G 140 52.70 75.54 50.59
C GLU G 140 51.96 76.23 51.73
N MET G 141 52.70 76.83 52.66
CA MET G 141 52.14 77.56 53.78
C MET G 141 51.91 79.03 53.49
N LEU G 142 52.48 79.57 52.41
CA LEU G 142 52.24 80.96 52.04
C LEU G 142 50.86 81.01 51.39
N ASN G 143 49.84 81.03 52.24
CA ASN G 143 48.44 80.92 51.86
C ASN G 143 47.59 81.62 52.90
N ASN G 144 46.39 82.01 52.48
CA ASN G 144 45.27 82.42 53.31
C ASN G 144 45.46 83.75 54.05
N LEU G 145 46.65 84.35 53.97
CA LEU G 145 46.91 85.68 54.51
C LEU G 145 48.13 86.25 53.80
N PRO G 146 47.97 86.90 52.64
CA PRO G 146 49.13 87.46 51.94
C PRO G 146 49.56 88.82 52.44
N GLY G 147 48.93 89.35 53.50
CA GLY G 147 49.18 90.69 53.97
C GLY G 147 50.30 90.86 54.97
N VAL G 148 51.06 89.81 55.29
CA VAL G 148 52.18 89.94 56.21
C VAL G 148 53.35 90.66 55.54
N THR G 149 53.79 90.12 54.39
CA THR G 149 54.83 90.58 53.45
C THR G 149 56.23 90.37 54.05
N SER G 150 56.31 90.05 55.34
CA SER G 150 57.52 89.51 55.91
C SER G 150 57.64 88.03 55.63
N VAL G 151 56.50 87.36 55.37
CA VAL G 151 56.53 86.01 54.83
C VAL G 151 57.10 86.02 53.42
N HIS G 152 56.82 87.09 52.67
CA HIS G 152 57.39 87.24 51.34
C HIS G 152 58.83 87.72 51.44
N SER G 153 59.18 88.41 52.53
CA SER G 153 60.54 88.88 52.71
C SER G 153 61.51 87.74 52.95
N ARG G 154 61.24 86.92 53.97
CA ARG G 154 62.20 85.91 54.41
C ARG G 154 62.31 84.76 53.41
N PHE G 155 61.22 84.43 52.73
CA PHE G 155 61.24 83.30 51.81
C PHE G 155 61.89 83.68 50.48
N TYR G 156 61.70 84.91 50.02
CA TYR G 156 62.32 85.30 48.77
C TYR G 156 63.79 85.63 49.00
N ASP G 157 64.16 85.94 50.24
CA ASP G 157 65.56 85.95 50.61
C ASP G 157 66.13 84.54 50.68
N LEU G 158 65.30 83.56 51.04
CA LEU G 158 65.76 82.17 51.06
C LEU G 158 66.01 81.67 49.65
N SER G 159 65.19 82.08 48.69
CA SER G 159 65.42 81.71 47.30
C SER G 159 66.51 82.57 46.68
N SER G 160 66.81 83.72 47.28
CA SER G 160 67.93 84.53 46.81
C SER G 160 69.26 83.85 47.13
N LYS G 161 69.32 83.14 48.25
CA LYS G 161 70.51 82.33 48.54
C LYS G 161 70.53 81.07 47.69
N TYR G 162 69.38 80.70 47.12
CA TYR G 162 69.31 79.55 46.23
C TYR G 162 69.82 79.89 44.84
N TYR G 163 70.07 81.19 44.57
CA TYR G 163 70.69 81.63 43.32
C TYR G 163 72.08 81.04 43.12
N GLN G 164 72.79 80.75 44.21
CA GLN G 164 74.11 80.14 44.09
C GLN G 164 74.00 78.62 43.97
N THR G 165 73.13 78.17 43.08
CA THR G 165 73.11 76.84 42.51
C THR G 165 73.32 77.00 41.00
N ILE G 166 73.36 75.88 40.29
CA ILE G 166 73.64 75.93 38.86
C ILE G 166 72.40 76.38 38.09
N GLY G 167 71.30 75.64 38.25
CA GLY G 167 70.11 75.89 37.46
C GLY G 167 69.14 76.91 38.03
N ASN G 168 69.64 78.10 38.37
CA ASN G 168 68.81 79.19 38.86
C ASN G 168 69.36 80.48 38.26
N HIS G 169 68.79 80.90 37.14
CA HIS G 169 68.99 82.24 36.60
C HIS G 169 67.68 82.98 36.40
N ALA G 170 66.71 82.35 35.75
CA ALA G 170 65.46 83.04 35.46
C ALA G 170 64.53 83.03 36.65
N SER G 171 64.53 81.95 37.44
CA SER G 171 63.63 81.87 38.59
C SER G 171 64.06 82.81 39.71
N TYR G 172 65.37 83.02 39.86
CA TYR G 172 65.85 84.07 40.76
C TYR G 172 65.46 85.45 40.24
N TYR G 173 65.63 85.68 38.94
CA TYR G 173 65.26 86.96 38.35
C TYR G 173 63.76 87.21 38.44
N LYS G 174 62.97 86.14 38.32
CA LYS G 174 61.53 86.27 38.52
C LYS G 174 61.21 86.55 39.98
N ASP G 175 62.05 86.04 40.90
CA ASP G 175 61.75 86.16 42.32
C ASP G 175 62.42 87.36 42.98
N ALA G 176 63.56 87.82 42.44
CA ALA G 176 64.16 89.04 42.97
C ALA G 176 63.33 90.26 42.61
N LEU G 177 62.51 90.15 41.55
CA LEU G 177 61.49 91.14 41.30
C LEU G 177 60.35 91.02 42.31
N ARG G 178 60.00 89.79 42.71
CA ARG G 178 58.91 89.60 43.66
C ARG G 178 59.25 90.18 45.03
N PHE G 179 60.51 90.03 45.47
CA PHE G 179 60.92 90.72 46.69
C PHE G 179 60.95 92.22 46.49
N LEU G 180 61.32 92.66 45.29
CA LEU G 180 61.31 94.07 44.93
C LEU G 180 59.90 94.64 44.86
N GLY G 181 58.89 93.79 44.67
CA GLY G 181 57.52 94.25 44.61
C GLY G 181 56.75 94.05 45.89
N CYS G 182 57.22 93.15 46.76
CA CYS G 182 56.53 92.94 48.01
C CYS G 182 56.86 94.05 49.01
N VAL G 183 58.14 94.16 49.39
CA VAL G 183 58.59 95.32 50.15
C VAL G 183 58.89 96.44 49.14
N ASP G 184 58.53 97.66 49.50
CA ASP G 184 58.41 98.74 48.52
C ASP G 184 59.37 99.89 48.78
N ILE G 185 59.33 100.48 49.97
CA ILE G 185 60.02 101.74 50.24
C ILE G 185 61.52 101.51 50.40
N LYS G 186 62.26 102.62 50.48
CA LYS G 186 63.72 102.59 50.43
C LYS G 186 64.30 101.87 51.65
N ASP G 187 64.04 102.39 52.85
CA ASP G 187 64.10 101.82 54.20
C ASP G 187 65.30 100.92 54.54
N LEU G 188 66.40 101.05 53.78
CA LEU G 188 67.65 100.31 53.87
C LEU G 188 68.59 100.96 52.85
N PRO G 189 69.91 100.96 53.10
CA PRO G 189 70.80 101.91 52.40
C PRO G 189 70.98 101.61 50.91
N VAL G 190 71.36 102.67 50.19
CA VAL G 190 71.74 102.56 48.78
C VAL G 190 72.97 101.67 48.62
N SER G 191 73.84 101.64 49.65
CA SER G 191 74.98 100.74 49.73
C SER G 191 74.60 99.26 49.85
N GLU G 192 73.31 98.94 49.93
CA GLU G 192 72.80 97.60 49.69
C GLU G 192 71.91 97.54 48.45
N GLN G 193 71.27 98.64 48.08
CA GLN G 193 70.28 98.63 47.01
C GLN G 193 70.92 98.54 45.63
N GLN G 194 72.02 99.27 45.41
CA GLN G 194 72.63 99.26 44.08
C GLN G 194 73.36 97.95 43.81
N GLU G 195 73.71 97.21 44.87
CA GLU G 195 74.25 95.87 44.69
C GLU G 195 73.15 94.89 44.31
N ARG G 196 71.92 95.16 44.77
CA ARG G 196 70.78 94.35 44.35
C ARG G 196 70.49 94.53 42.87
N ALA G 197 70.47 95.78 42.40
CA ALA G 197 70.16 96.04 41.00
C ALA G 197 71.29 95.60 40.08
N PHE G 198 72.51 95.54 40.59
CA PHE G 198 73.63 95.09 39.77
C PHE G 198 73.54 93.58 39.51
N THR G 199 73.23 92.81 40.55
CA THR G 199 73.05 91.37 40.35
C THR G 199 71.68 91.04 39.76
N LEU G 200 70.75 91.98 39.78
CA LEU G 200 69.47 91.76 39.10
C LEU G 200 69.63 91.89 37.59
N GLY G 201 70.45 92.85 37.14
CA GLY G 201 70.68 92.99 35.72
C GLY G 201 71.51 91.87 35.15
N LEU G 202 72.43 91.31 35.95
CA LEU G 202 73.22 90.18 35.49
C LEU G 202 72.38 88.91 35.42
N ALA G 203 71.43 88.74 36.35
CA ALA G 203 70.59 87.55 36.34
C ALA G 203 69.59 87.59 35.19
N GLY G 204 69.08 88.77 34.86
CA GLY G 204 68.19 88.89 33.71
C GLY G 204 68.93 88.81 32.39
N LEU G 205 70.23 89.07 32.40
CA LEU G 205 71.01 88.99 31.18
C LEU G 205 71.44 87.56 30.89
N LEU G 206 71.82 86.82 31.92
CA LEU G 206 72.19 85.42 31.76
C LEU G 206 70.99 84.49 31.76
N GLY G 207 69.80 85.01 32.03
CA GLY G 207 68.61 84.20 31.96
C GLY G 207 68.24 83.86 30.53
N GLU G 208 67.57 82.72 30.37
CA GLU G 208 67.32 82.18 29.04
C GLU G 208 66.12 82.84 28.37
N GLY G 209 64.94 82.73 28.98
CA GLY G 209 63.74 83.26 28.35
C GLY G 209 63.67 84.78 28.39
N VAL G 210 64.17 85.37 29.47
CA VAL G 210 64.22 86.82 29.59
C VAL G 210 65.33 87.38 28.70
N PHE G 211 65.10 88.56 28.11
CA PHE G 211 66.16 89.33 27.50
C PHE G 211 66.48 90.60 28.30
N ASN G 212 65.54 91.52 28.47
CA ASN G 212 65.64 92.51 29.53
C ASN G 212 64.31 92.66 30.26
N PHE G 213 63.22 92.53 29.50
CA PHE G 213 61.82 92.71 29.94
C PHE G 213 61.62 94.10 30.57
N GLY G 214 61.74 95.11 29.71
CA GLY G 214 61.72 96.51 30.11
C GLY G 214 60.53 97.04 30.88
N GLU G 215 60.65 98.31 31.29
CA GLU G 215 59.86 99.15 32.19
C GLU G 215 60.09 98.76 33.66
N LEU G 216 60.76 97.64 33.94
CA LEU G 216 61.48 97.57 35.21
C LEU G 216 62.80 98.29 35.10
N LEU G 217 63.29 98.51 33.87
CA LEU G 217 64.29 99.53 33.63
C LEU G 217 63.76 100.91 34.01
N MET G 218 62.46 101.14 33.79
CA MET G 218 61.82 102.37 34.26
C MET G 218 61.62 102.37 35.77
N HIS G 219 61.60 101.19 36.40
CA HIS G 219 61.44 101.12 37.85
C HIS G 219 62.70 101.68 38.52
N PRO G 220 62.56 102.57 39.50
CA PRO G 220 63.69 103.45 39.87
C PRO G 220 64.78 102.78 40.70
N VAL G 221 64.63 101.53 41.13
CA VAL G 221 65.64 100.92 42.00
C VAL G 221 66.89 100.48 41.25
N LEU G 222 66.98 100.70 39.95
CA LEU G 222 68.22 100.49 39.21
C LEU G 222 68.74 101.76 38.58
N GLU G 223 67.85 102.61 38.05
CA GLU G 223 68.32 103.77 37.29
C GLU G 223 68.53 105.00 38.19
N SER G 224 67.75 105.13 39.26
CA SER G 224 67.95 106.26 40.17
C SER G 224 69.10 106.00 41.14
N LEU G 225 69.59 104.77 41.21
CA LEU G 225 70.62 104.40 42.17
C LEU G 225 71.99 104.20 41.54
N ARG G 226 72.04 103.94 40.23
CA ARG G 226 73.31 103.80 39.53
C ARG G 226 73.33 104.64 38.26
N ASN G 227 72.86 105.87 38.37
CA ASN G 227 73.07 106.86 37.31
C ASN G 227 74.38 107.61 37.50
N THR G 228 75.22 107.16 38.44
CA THR G 228 76.53 107.74 38.69
C THR G 228 77.64 106.77 38.31
N ASP G 229 77.63 105.56 38.86
CA ASP G 229 78.61 104.54 38.55
C ASP G 229 77.89 103.33 37.97
N ARG G 230 78.64 102.57 37.15
CA ARG G 230 78.15 101.42 36.40
C ARG G 230 76.97 101.81 35.52
N GLN G 231 77.10 102.95 34.87
CA GLN G 231 76.10 103.39 33.90
C GLN G 231 76.09 102.52 32.65
N TRP G 232 77.19 101.81 32.38
CA TRP G 232 77.28 100.91 31.25
C TRP G 232 76.25 99.78 31.30
N LEU G 233 75.89 99.32 32.51
CA LEU G 233 74.87 98.30 32.63
C LEU G 233 73.50 98.86 32.28
N ILE G 234 73.22 100.10 32.69
CA ILE G 234 72.01 100.77 32.26
C ILE G 234 72.11 101.13 30.78
N ASP G 235 73.32 101.42 30.31
CA ASP G 235 73.53 101.72 28.90
C ASP G 235 73.33 100.48 28.03
N THR G 236 73.81 99.32 28.48
CA THR G 236 73.68 98.14 27.64
C THR G 236 72.26 97.58 27.65
N LEU G 237 71.52 97.74 28.75
CA LEU G 237 70.13 97.29 28.78
C LEU G 237 69.25 98.19 27.92
N TYR G 238 69.65 99.44 27.73
CA TYR G 238 69.01 100.27 26.72
C TYR G 238 69.32 99.77 25.32
N ALA G 239 70.51 99.19 25.12
CA ALA G 239 70.91 98.75 23.79
C ALA G 239 70.18 97.48 23.39
N PHE G 240 69.82 96.63 24.36
CA PHE G 240 68.91 95.52 24.05
C PHE G 240 67.53 96.05 23.70
N ASN G 241 67.05 97.04 24.45
CA ASN G 241 65.75 97.62 24.15
C ASN G 241 65.78 98.50 22.90
N SER G 242 66.95 98.97 22.47
CA SER G 242 67.08 99.71 21.23
C SER G 242 67.05 98.82 20.00
N GLY G 243 67.44 97.56 20.13
CA GLY G 243 67.42 96.62 19.02
C GLY G 243 68.54 96.77 18.02
N ASN G 244 69.45 97.72 18.21
CA ASN G 244 70.64 97.77 17.39
C ASN G 244 71.67 96.77 17.88
N VAL G 245 72.52 96.29 16.96
CA VAL G 245 73.68 95.52 17.38
C VAL G 245 74.62 96.39 18.17
N GLU G 246 75.16 97.44 17.52
CA GLU G 246 75.89 98.54 18.14
C GLU G 246 77.11 98.01 18.90
N ARG G 247 78.06 97.51 18.09
CA ARG G 247 79.16 96.66 18.57
C ARG G 247 80.08 97.37 19.58
N PHE G 248 80.03 98.70 19.64
CA PHE G 248 80.92 99.44 20.54
C PHE G 248 80.52 99.21 22.00
N GLN G 249 79.33 99.66 22.39
CA GLN G 249 78.93 99.59 23.80
C GLN G 249 78.60 98.17 24.22
N THR G 250 78.15 97.33 23.29
CA THR G 250 77.89 95.94 23.69
C THR G 250 79.18 95.13 23.77
N LEU G 251 80.33 95.70 23.43
CA LEU G 251 81.63 95.15 23.79
C LEU G 251 82.25 95.89 24.98
N LYS G 252 81.91 97.17 25.18
CA LYS G 252 82.40 97.89 26.35
C LYS G 252 81.85 97.34 27.65
N THR G 253 80.70 96.67 27.62
CA THR G 253 80.29 95.88 28.77
C THR G 253 81.21 94.68 28.99
N ALA G 254 81.74 94.11 27.91
CA ALA G 254 82.66 92.98 28.05
C ALA G 254 84.08 93.45 28.34
N TRP G 255 84.43 94.67 27.95
CA TRP G 255 85.68 95.26 28.41
C TRP G 255 85.66 95.45 29.93
N GLY G 256 84.55 95.95 30.46
CA GLY G 256 84.42 96.18 31.88
C GLY G 256 84.13 94.92 32.67
N GLN G 257 82.99 94.29 32.41
CA GLN G 257 82.58 93.09 33.14
C GLN G 257 83.31 91.90 32.54
N GLN G 258 84.44 91.55 33.12
CA GLN G 258 85.19 90.37 32.69
C GLN G 258 84.64 89.04 33.25
N PRO G 259 84.34 88.88 34.55
CA PRO G 259 83.77 87.60 34.97
C PRO G 259 82.29 87.50 34.63
N ASP G 260 81.88 86.26 34.29
CA ASP G 260 80.49 85.86 34.01
C ASP G 260 79.89 86.58 32.82
N LEU G 261 80.69 87.19 31.96
CA LEU G 261 80.15 87.81 30.78
C LEU G 261 80.89 87.40 29.52
N ALA G 262 82.21 87.23 29.60
CA ALA G 262 82.98 86.73 28.46
C ALA G 262 82.74 85.25 28.21
N ALA G 263 82.27 84.51 29.22
CA ALA G 263 81.93 83.11 29.04
C ALA G 263 80.62 82.93 28.28
N ASN G 264 79.81 83.99 28.15
CA ASN G 264 78.55 83.91 27.43
C ASN G 264 78.39 85.04 26.42
N GLU G 265 79.50 85.53 25.86
CA GLU G 265 79.43 86.62 24.89
C GLU G 265 78.81 86.17 23.58
N ALA G 266 79.01 84.90 23.21
CA ALA G 266 78.38 84.37 22.01
C ALA G 266 76.87 84.26 22.18
N GLN G 267 76.41 83.99 23.40
CA GLN G 267 74.99 83.98 23.67
C GLN G 267 74.42 85.39 23.71
N LEU G 268 75.24 86.38 24.07
CA LEU G 268 74.82 87.77 23.96
C LEU G 268 74.64 88.17 22.51
N LEU G 269 75.56 87.76 21.65
CA LEU G 269 75.40 87.96 20.22
C LEU G 269 74.25 87.14 19.68
N ARG G 270 73.97 85.99 20.31
CA ARG G 270 72.83 85.18 19.90
C ARG G 270 71.52 85.87 20.27
N LYS G 271 71.49 86.55 21.42
CA LYS G 271 70.25 87.19 21.86
C LYS G 271 69.94 88.46 21.08
N ILE G 272 70.95 89.27 20.73
CA ILE G 272 70.67 90.52 20.02
C ILE G 272 70.23 90.26 18.59
N GLN G 273 70.67 89.15 18.00
CA GLN G 273 70.30 88.87 16.62
C GLN G 273 68.87 88.36 16.52
N LEU G 274 68.36 87.74 17.58
CA LEU G 274 66.95 87.39 17.62
C LEU G 274 66.10 88.52 18.19
N LEU G 275 66.72 89.50 18.84
CA LEU G 275 65.98 90.62 19.41
C LEU G 275 65.87 91.80 18.45
N CYS G 276 66.82 91.95 17.52
CA CYS G 276 66.71 93.00 16.53
C CYS G 276 65.56 92.76 15.57
N LEU G 277 65.23 91.48 15.32
CA LEU G 277 64.11 91.14 14.44
C LEU G 277 62.79 91.65 14.99
N MET G 278 62.50 91.32 16.25
CA MET G 278 61.20 91.62 16.85
C MET G 278 61.02 93.10 17.18
N GLU G 279 62.00 93.95 16.87
CA GLU G 279 61.81 95.39 16.92
C GLU G 279 61.86 96.03 15.53
N MET G 280 62.59 95.44 14.59
CA MET G 280 62.54 95.95 13.22
C MET G 280 61.29 95.49 12.49
N THR G 281 60.67 94.39 12.91
CA THR G 281 59.34 94.06 12.42
C THR G 281 58.28 94.89 13.14
N PHE G 282 58.63 95.50 14.27
CA PHE G 282 57.80 96.50 14.93
C PHE G 282 58.02 97.90 14.36
N THR G 283 59.15 98.10 13.67
CA THR G 283 59.44 99.40 13.06
C THR G 283 58.44 99.71 11.96
N ARG G 284 58.14 98.73 11.11
CA ARG G 284 57.03 98.87 10.19
C ARG G 284 55.87 98.04 10.68
N PRO G 285 54.81 98.63 11.21
CA PRO G 285 53.70 97.84 11.79
C PRO G 285 52.72 97.29 10.74
N ALA G 286 53.18 96.23 10.06
CA ALA G 286 52.40 95.43 9.11
C ALA G 286 51.87 96.25 7.94
N ASN G 287 52.57 97.33 7.57
CA ASN G 287 52.22 98.09 6.39
C ASN G 287 52.61 97.30 5.16
N HIS G 288 53.90 97.04 5.01
CA HIS G 288 54.43 96.04 4.09
C HIS G 288 55.43 95.22 4.90
N ARG G 289 54.93 94.24 5.64
CA ARG G 289 55.71 93.48 6.60
C ARG G 289 56.51 92.36 5.95
N GLN G 290 56.46 92.22 4.63
CA GLN G 290 57.28 91.24 3.92
C GLN G 290 58.69 91.81 3.84
N LEU G 291 59.52 91.46 4.81
CA LEU G 291 60.85 92.05 4.92
C LEU G 291 61.83 91.35 3.98
N THR G 292 62.68 92.14 3.32
CA THR G 292 63.72 91.58 2.48
C THR G 292 64.91 91.15 3.32
N PHE G 293 65.69 90.22 2.77
CA PHE G 293 66.76 89.55 3.52
C PHE G 293 67.93 90.48 3.79
N GLU G 294 68.19 91.45 2.91
CA GLU G 294 69.36 92.32 3.06
C GLU G 294 69.19 93.29 4.23
N GLU G 295 67.95 93.64 4.56
CA GLU G 295 67.70 94.51 5.69
C GLU G 295 68.01 93.82 7.01
N ILE G 296 67.69 92.52 7.11
CA ILE G 296 68.08 91.75 8.28
C ILE G 296 69.58 91.54 8.32
N ALA G 297 70.18 91.19 7.17
CA ALA G 297 71.61 90.90 7.10
C ALA G 297 72.48 92.13 7.34
N LYS G 298 71.93 93.33 7.15
CA LYS G 298 72.68 94.54 7.46
C LYS G 298 72.47 95.00 8.90
N SER G 299 71.21 95.03 9.35
CA SER G 299 70.93 95.58 10.67
C SER G 299 71.34 94.65 11.78
N ALA G 300 71.23 93.33 11.56
CA ALA G 300 71.80 92.38 12.51
C ALA G 300 73.28 92.15 12.29
N LYS G 301 73.84 92.72 11.21
CA LYS G 301 75.20 92.51 10.69
C LYS G 301 75.64 91.04 10.72
N ILE G 302 74.73 90.18 10.31
CA ILE G 302 74.97 88.77 10.15
C ILE G 302 75.17 88.52 8.66
N THR G 303 75.83 87.42 8.33
CA THR G 303 76.05 87.07 6.93
C THR G 303 74.73 86.63 6.28
N VAL G 304 74.76 86.56 4.95
CA VAL G 304 73.53 86.34 4.18
C VAL G 304 73.04 84.90 4.34
N ASN G 305 73.95 83.93 4.42
CA ASN G 305 73.56 82.53 4.48
C ASN G 305 72.96 82.12 5.82
N GLU G 306 73.10 82.94 6.86
CA GLU G 306 72.64 82.57 8.19
C GLU G 306 71.42 83.35 8.64
N VAL G 307 70.75 84.06 7.72
CA VAL G 307 69.51 84.72 8.11
C VAL G 307 68.38 83.71 8.22
N GLU G 308 68.51 82.57 7.56
CA GLU G 308 67.45 81.55 7.61
C GLU G 308 67.50 80.78 8.91
N LEU G 309 68.71 80.41 9.34
CA LEU G 309 68.86 79.73 10.63
C LEU G 309 68.55 80.66 11.79
N LEU G 310 68.69 81.96 11.56
CA LEU G 310 68.37 82.95 12.60
C LEU G 310 66.87 83.08 12.78
N VAL G 311 66.11 83.06 11.68
CA VAL G 311 64.67 83.23 11.81
C VAL G 311 63.96 81.93 12.15
N MET G 312 64.56 80.78 11.83
CA MET G 312 63.97 79.52 12.27
C MET G 312 64.13 79.34 13.77
N LYS G 313 65.16 79.95 14.35
CA LYS G 313 65.30 79.93 15.80
C LYS G 313 64.24 80.79 16.46
N ALA G 314 63.95 81.96 15.89
CA ALA G 314 62.94 82.84 16.46
C ALA G 314 61.54 82.27 16.29
N LEU G 315 61.32 81.46 15.25
CA LEU G 315 60.07 80.71 15.14
C LEU G 315 60.04 79.53 16.10
N SER G 316 61.20 78.94 16.39
CA SER G 316 61.26 77.82 17.32
C SER G 316 60.99 78.26 18.74
N VAL G 317 61.45 79.45 19.12
CA VAL G 317 61.17 79.98 20.45
C VAL G 317 59.70 80.34 20.57
N GLY G 318 59.18 81.11 19.61
CA GLY G 318 57.77 81.38 19.58
C GLY G 318 57.39 82.82 19.81
N LEU G 319 58.32 83.73 19.52
CA LEU G 319 58.04 85.16 19.61
C LEU G 319 57.58 85.73 18.28
N VAL G 320 57.40 84.88 17.27
CA VAL G 320 56.93 85.29 15.95
C VAL G 320 56.36 84.06 15.28
N LYS G 321 55.40 84.25 14.38
CA LYS G 321 54.76 83.13 13.67
C LYS G 321 54.67 83.41 12.17
N GLY G 322 55.76 83.87 11.58
CA GLY G 322 55.81 84.16 10.15
C GLY G 322 56.10 82.94 9.30
N SER G 323 56.69 83.19 8.12
CA SER G 323 57.05 82.14 7.18
C SER G 323 58.20 82.65 6.32
N ILE G 324 58.83 81.73 5.59
CA ILE G 324 60.03 82.04 4.82
C ILE G 324 59.81 81.65 3.36
N ASP G 325 60.02 82.61 2.46
CA ASP G 325 60.22 82.33 1.05
C ASP G 325 61.71 82.33 0.77
N GLU G 326 62.13 81.53 -0.21
CA GLU G 326 63.54 81.48 -0.60
C GLU G 326 63.81 81.70 -2.07
N VAL G 327 62.81 81.59 -2.95
CA VAL G 327 63.04 81.95 -4.35
C VAL G 327 63.15 83.47 -4.48
N ASP G 328 62.43 84.21 -3.66
CA ASP G 328 62.56 85.65 -3.58
C ASP G 328 63.36 86.09 -2.35
N LYS G 329 63.54 85.18 -1.38
CA LYS G 329 64.26 85.41 -0.12
C LYS G 329 63.65 86.54 0.70
N ARG G 330 62.36 86.78 0.52
CA ARG G 330 61.62 87.71 1.36
C ARG G 330 60.94 86.94 2.49
N VAL G 331 60.94 87.53 3.68
CA VAL G 331 60.47 86.85 4.87
C VAL G 331 59.13 87.48 5.27
N HIS G 332 58.07 86.69 5.19
CA HIS G 332 56.72 87.12 5.54
C HIS G 332 56.52 87.04 7.05
N MET G 333 55.74 87.96 7.58
CA MET G 333 55.65 88.19 9.03
C MET G 333 54.21 88.19 9.50
N THR G 334 53.92 87.31 10.47
CA THR G 334 52.77 87.45 11.36
C THR G 334 53.29 87.34 12.79
N TRP G 335 52.97 88.32 13.61
CA TRP G 335 53.66 88.55 14.87
C TRP G 335 52.66 88.74 15.99
N VAL G 336 52.77 87.92 17.04
CA VAL G 336 51.81 87.95 18.14
C VAL G 336 52.45 88.24 19.49
N GLN G 337 53.75 88.53 19.56
CA GLN G 337 54.40 88.68 20.85
C GLN G 337 54.33 90.13 21.32
N PRO G 338 53.72 90.42 22.46
CA PRO G 338 53.63 91.82 22.91
C PRO G 338 54.73 92.20 23.90
N ARG G 339 55.01 93.50 24.02
CA ARG G 339 55.89 94.04 25.06
C ARG G 339 55.56 95.54 25.22
N VAL G 340 56.37 96.26 26.00
CA VAL G 340 56.20 97.66 26.33
C VAL G 340 56.32 98.54 25.09
N LEU G 341 55.64 99.69 25.11
CA LEU G 341 55.71 100.66 24.05
C LEU G 341 55.95 102.00 24.72
N ASP G 342 57.14 102.59 24.53
CA ASP G 342 57.47 103.90 25.11
C ASP G 342 56.42 104.90 24.64
N LEU G 343 55.92 105.72 25.57
CA LEU G 343 54.80 106.66 25.32
C LEU G 343 54.71 107.30 23.93
N GLN G 344 55.86 107.61 23.31
CA GLN G 344 55.89 108.19 21.96
C GLN G 344 55.14 107.34 20.93
N GLN G 345 55.08 106.02 21.11
CA GLN G 345 54.37 105.19 20.15
C GLN G 345 52.87 105.17 20.40
N ILE G 346 52.41 105.70 21.53
CA ILE G 346 51.00 105.99 21.71
C ILE G 346 50.56 107.16 20.85
N LYS G 347 51.45 108.13 20.62
CA LYS G 347 51.14 109.31 19.79
C LYS G 347 50.87 108.91 18.35
N GLY G 348 51.69 108.01 17.80
CA GLY G 348 51.40 107.47 16.49
C GLY G 348 50.19 106.55 16.49
N MET G 349 49.95 105.89 17.62
CA MET G 349 48.76 105.06 17.75
C MET G 349 47.49 105.91 17.84
N LYS G 350 47.60 107.14 18.34
CA LYS G 350 46.45 108.05 18.37
C LYS G 350 46.06 108.48 16.97
N ASP G 351 47.05 108.76 16.11
CA ASP G 351 46.76 109.26 14.77
C ASP G 351 46.16 108.16 13.91
N ARG G 352 46.60 106.93 14.11
CA ARG G 352 46.01 105.80 13.41
C ARG G 352 44.61 105.52 13.92
N LEU G 353 44.35 105.79 15.20
CA LEU G 353 43.01 105.59 15.74
C LEU G 353 42.07 106.71 15.32
N GLU G 354 42.62 107.89 14.99
CA GLU G 354 41.78 109.00 14.56
C GLU G 354 41.39 108.84 13.10
N PHE G 355 42.27 108.29 12.27
CA PHE G 355 41.90 107.93 10.91
C PHE G 355 40.86 106.81 10.92
N TRP G 356 41.04 105.87 11.86
CA TRP G 356 40.10 104.79 12.17
C TRP G 356 38.76 105.34 12.64
N CYS G 357 38.77 106.54 13.24
CA CYS G 357 37.54 107.13 13.74
C CYS G 357 36.66 107.65 12.62
N THR G 358 37.20 108.53 11.77
CA THR G 358 36.39 109.22 10.79
C THR G 358 36.00 108.31 9.62
N ASP G 359 36.68 107.18 9.47
CA ASP G 359 36.24 106.20 8.47
C ASP G 359 34.99 105.47 8.95
N VAL G 360 34.97 105.08 10.22
CA VAL G 360 33.81 104.41 10.80
C VAL G 360 32.64 105.38 10.92
N LYS G 361 32.92 106.62 11.32
CA LYS G 361 31.86 107.57 11.64
C LYS G 361 31.15 108.07 10.40
N SER G 362 31.92 108.52 9.40
CA SER G 362 31.31 109.16 8.22
C SER G 362 30.62 108.15 7.33
N MET G 363 31.19 106.97 7.19
CA MET G 363 30.63 105.98 6.28
C MET G 363 29.48 105.22 6.91
N GLU G 364 29.27 105.38 8.22
CA GLU G 364 28.00 104.98 8.83
C GLU G 364 26.91 106.00 8.54
N MET G 365 27.28 107.28 8.47
CA MET G 365 26.32 108.31 8.10
C MET G 365 25.90 108.16 6.64
N LEU G 366 26.75 107.57 5.82
CA LEU G 366 26.37 107.25 4.44
C LEU G 366 25.31 106.16 4.40
N VAL G 367 25.48 105.12 5.22
CA VAL G 367 24.57 103.98 5.19
C VAL G 367 23.22 104.35 5.79
N GLU G 368 23.24 105.12 6.89
CA GLU G 368 21.99 105.49 7.56
C GLU G 368 21.17 106.45 6.71
N HIS G 369 21.82 107.42 6.07
CA HIS G 369 21.09 108.36 5.23
C HIS G 369 20.59 107.71 3.94
N GLN G 370 21.26 106.64 3.49
CA GLN G 370 20.81 105.95 2.29
C GLN G 370 19.63 105.02 2.58
N ALA G 371 19.71 104.26 3.67
CA ALA G 371 18.69 103.28 4.03
C ALA G 371 17.82 103.75 5.18
N HIS G 372 17.47 105.04 5.20
CA HIS G 372 16.70 105.60 6.31
C HIS G 372 15.26 105.14 6.30
N ASP G 373 14.67 104.99 5.11
CA ASP G 373 13.23 104.80 5.03
C ASP G 373 12.81 103.34 5.22
N ILE G 374 13.74 102.40 5.11
CA ILE G 374 13.48 101.00 5.46
C ILE G 374 14.03 100.65 6.84
N LEU G 375 14.55 101.63 7.58
CA LEU G 375 15.13 101.35 8.88
C LEU G 375 14.05 101.14 9.94
N THR G 376 13.23 102.17 10.17
CA THR G 376 12.23 102.26 11.24
C THR G 376 12.84 102.01 12.63
N MET H 1 14.27 101.57 84.24
CA MET H 1 12.95 102.01 83.79
C MET H 1 13.06 103.09 82.73
N VAL H 2 14.11 103.89 82.81
CA VAL H 2 14.38 104.91 81.81
C VAL H 2 14.84 104.23 80.52
N LEU H 3 14.53 104.85 79.39
CA LEU H 3 14.71 104.25 78.06
C LEU H 3 15.96 104.83 77.42
N GLU H 4 16.96 103.97 77.19
CA GLU H 4 18.18 104.37 76.49
C GLU H 4 18.67 103.22 75.65
N SER H 5 19.78 103.46 74.96
CA SER H 5 20.45 102.43 74.17
C SER H 5 21.94 102.57 74.43
N THR H 6 22.51 101.65 75.20
CA THR H 6 23.89 101.72 75.62
C THR H 6 24.78 101.02 74.61
N MET H 7 25.86 101.68 74.21
CA MET H 7 26.78 101.16 73.20
C MET H 7 28.16 101.05 73.83
N VAL H 8 28.58 99.83 74.14
CA VAL H 8 29.88 99.60 74.75
C VAL H 8 30.95 99.58 73.65
N CYS H 9 32.12 100.12 73.97
CA CYS H 9 33.20 100.31 73.00
C CYS H 9 34.50 99.77 73.62
N VAL H 10 34.81 98.51 73.30
CA VAL H 10 35.97 97.84 73.88
C VAL H 10 37.22 98.09 73.04
N ASP H 11 38.38 97.81 73.61
CA ASP H 11 39.64 97.84 72.90
C ASP H 11 40.19 96.43 72.79
N ASN H 12 40.61 96.06 71.57
CA ASN H 12 41.34 94.81 71.36
C ASN H 12 42.66 95.08 70.67
N SER H 13 43.37 96.10 71.14
CA SER H 13 44.71 96.36 70.66
C SER H 13 45.70 95.42 71.33
N GLU H 14 46.98 95.57 70.99
CA GLU H 14 48.00 94.72 71.62
C GLU H 14 48.27 95.12 73.06
N TYR H 15 48.02 96.39 73.42
CA TYR H 15 48.39 96.94 74.71
C TYR H 15 47.58 96.39 75.88
N MET H 16 46.57 95.57 75.62
CA MET H 16 45.83 94.85 76.64
C MET H 16 46.40 93.46 76.90
N ARG H 17 47.54 93.13 76.29
CA ARG H 17 48.21 91.84 76.48
C ARG H 17 49.33 91.94 77.51
N ASN H 18 49.10 92.66 78.59
CA ASN H 18 50.06 92.74 79.67
C ASN H 18 49.35 92.58 81.01
N GLY H 19 50.14 92.34 82.06
CA GLY H 19 49.57 91.89 83.31
C GLY H 19 49.78 92.73 84.56
N ASP H 20 49.64 94.05 84.48
CA ASP H 20 49.59 94.83 85.72
C ASP H 20 48.21 94.72 86.38
N PHE H 21 47.16 94.66 85.56
CA PHE H 21 45.79 94.54 86.00
C PHE H 21 45.49 93.06 86.22
N LEU H 22 46.12 92.50 87.25
CA LEU H 22 45.95 91.11 87.64
C LEU H 22 46.27 90.03 86.60
N PRO H 23 45.27 89.20 86.28
CA PRO H 23 45.24 88.02 85.39
C PRO H 23 45.56 88.33 83.94
N THR H 24 44.82 89.27 83.34
CA THR H 24 44.81 89.66 81.93
C THR H 24 43.91 90.90 81.85
N ARG H 25 44.30 91.90 81.06
CA ARG H 25 43.45 93.09 80.96
C ARG H 25 42.21 92.84 80.11
N LEU H 26 42.27 91.88 79.18
CA LEU H 26 41.05 91.39 78.54
C LEU H 26 40.09 90.82 79.57
N GLN H 27 40.61 90.01 80.48
CA GLN H 27 39.85 89.48 81.60
C GLN H 27 39.39 90.58 82.54
N ALA H 28 40.11 91.70 82.59
CA ALA H 28 39.64 92.86 83.33
C ALA H 28 38.51 93.56 82.59
N GLN H 29 38.70 93.85 81.31
CA GLN H 29 37.69 94.62 80.57
C GLN H 29 36.46 93.79 80.24
N GLN H 30 36.58 92.45 80.18
CA GLN H 30 35.40 91.63 79.91
C GLN H 30 34.48 91.63 81.11
N ASP H 31 35.03 91.55 82.32
CA ASP H 31 34.25 91.68 83.54
C ASP H 31 33.61 93.06 83.65
N ALA H 32 34.26 94.08 83.08
CA ALA H 32 33.64 95.40 82.99
C ALA H 32 32.45 95.37 82.04
N VAL H 33 32.57 94.63 80.93
CA VAL H 33 31.42 94.43 80.05
C VAL H 33 30.37 93.57 80.75
N ASN H 34 30.80 92.63 81.58
CA ASN H 34 29.87 91.78 82.33
C ASN H 34 29.02 92.58 83.29
N ILE H 35 29.60 93.61 83.92
CA ILE H 35 28.83 94.31 84.93
C ILE H 35 27.96 95.42 84.31
N VAL H 36 28.37 95.99 83.18
CA VAL H 36 27.54 97.04 82.59
C VAL H 36 26.35 96.46 81.84
N CYS H 37 26.47 95.24 81.31
CA CYS H 37 25.34 94.66 80.61
C CYS H 37 24.31 94.14 81.59
N HIS H 38 24.77 93.63 82.73
CA HIS H 38 23.86 93.21 83.78
C HIS H 38 23.30 94.40 84.54
N SER H 39 23.96 95.56 84.47
CA SER H 39 23.38 96.76 85.07
C SER H 39 22.25 97.31 84.21
N LYS H 40 22.50 97.43 82.90
CA LYS H 40 21.50 98.00 82.01
C LYS H 40 20.32 97.07 81.76
N THR H 41 20.49 95.77 81.99
CA THR H 41 19.38 94.83 81.83
C THR H 41 18.51 94.78 83.07
N ARG H 42 19.13 94.80 84.25
CA ARG H 42 18.37 94.61 85.48
C ARG H 42 17.76 95.91 85.97
N SER H 43 18.35 97.06 85.61
CA SER H 43 17.71 98.34 85.91
C SER H 43 16.55 98.59 84.97
N ASN H 44 16.64 98.14 83.73
CA ASN H 44 15.55 98.26 82.77
C ASN H 44 15.55 97.04 81.87
N PRO H 45 14.50 96.22 81.90
CA PRO H 45 14.47 95.02 81.06
C PRO H 45 14.02 95.29 79.62
N GLU H 46 14.04 96.55 79.20
CA GLU H 46 13.54 96.94 77.89
C GLU H 46 14.61 97.51 76.96
N ASN H 47 15.81 97.80 77.46
CA ASN H 47 16.82 98.45 76.64
C ASN H 47 17.56 97.41 75.80
N ASN H 48 18.64 97.85 75.15
CA ASN H 48 19.41 96.99 74.26
C ASN H 48 20.85 97.47 74.20
N VAL H 49 21.78 96.51 74.06
CA VAL H 49 23.22 96.77 74.15
C VAL H 49 23.90 96.13 72.95
N GLY H 50 24.75 96.90 72.26
CA GLY H 50 25.61 96.36 71.24
C GLY H 50 27.05 96.76 71.50
N LEU H 51 27.98 96.02 70.89
CA LEU H 51 29.40 96.29 71.07
C LEU H 51 30.02 96.77 69.77
N ILE H 52 31.08 97.56 69.92
CA ILE H 52 31.86 98.09 68.81
C ILE H 52 33.33 98.01 69.22
N THR H 53 34.19 97.60 68.30
CA THR H 53 35.61 97.62 68.59
C THR H 53 36.25 98.84 67.92
N LEU H 54 37.45 99.19 68.37
CA LEU H 54 38.14 100.38 67.88
C LEU H 54 39.53 100.13 67.32
N ALA H 55 40.24 99.08 67.75
CA ALA H 55 41.60 98.84 67.31
C ALA H 55 41.59 98.19 65.93
N ASN H 56 42.27 98.86 64.98
CA ASN H 56 42.62 98.40 63.63
C ASN H 56 41.41 98.34 62.69
N ASP H 57 40.20 98.52 63.23
CA ASP H 57 38.95 98.30 62.52
C ASP H 57 37.84 98.77 63.46
N CYS H 58 36.65 98.95 62.90
CA CYS H 58 35.45 99.27 63.67
C CYS H 58 34.38 98.25 63.28
N GLU H 59 34.26 97.19 64.09
CA GLU H 59 33.38 96.08 63.79
C GLU H 59 32.18 96.09 64.73
N VAL H 60 31.03 95.73 64.18
CA VAL H 60 29.73 95.92 64.83
C VAL H 60 29.25 94.50 65.12
N LEU H 61 30.21 93.66 65.55
CA LEU H 61 30.12 92.23 65.84
C LEU H 61 28.83 91.79 66.55
N THR H 62 28.29 92.64 67.43
CA THR H 62 26.90 92.54 67.85
C THR H 62 26.19 93.82 67.48
N THR H 63 25.06 93.70 66.80
CA THR H 63 24.20 94.84 66.60
C THR H 63 23.45 95.10 67.91
N LEU H 64 22.80 96.26 68.01
CA LEU H 64 22.16 96.70 69.25
C LEU H 64 20.95 95.84 69.57
N THR H 65 21.17 94.77 70.35
CA THR H 65 20.22 93.71 70.68
C THR H 65 19.90 93.71 72.17
N PRO H 66 18.67 93.35 72.56
CA PRO H 66 18.34 93.32 73.99
C PRO H 66 18.90 92.13 74.74
N ASP H 67 19.14 91.00 74.08
CA ASP H 67 19.73 89.86 74.76
C ASP H 67 21.23 90.09 74.91
N THR H 68 21.75 89.74 76.09
CA THR H 68 23.15 89.94 76.38
C THR H 68 24.02 88.73 76.08
N GLY H 69 23.42 87.55 75.90
CA GLY H 69 24.21 86.35 75.71
C GLY H 69 24.89 86.27 74.37
N ARG H 70 24.40 87.03 73.38
CA ARG H 70 25.09 87.12 72.11
C ARG H 70 26.40 87.88 72.25
N ILE H 71 26.39 88.96 73.02
CA ILE H 71 27.60 89.75 73.32
C ILE H 71 28.64 88.88 74.01
N LEU H 72 28.21 88.06 74.96
CA LEU H 72 29.14 87.28 75.76
C LEU H 72 29.73 86.13 74.95
N SER H 73 29.01 85.67 73.93
CA SER H 73 29.59 84.72 73.00
C SER H 73 30.62 85.38 72.10
N LYS H 74 30.45 86.66 71.80
CA LYS H 74 31.37 87.36 70.92
C LYS H 74 32.56 87.97 71.63
N LEU H 75 32.54 88.04 72.96
CA LEU H 75 33.71 88.49 73.69
C LEU H 75 34.84 87.46 73.66
N HIS H 76 34.49 86.19 73.48
CA HIS H 76 35.49 85.18 73.19
C HIS H 76 36.09 85.42 71.81
N THR H 77 37.29 84.87 71.61
CA THR H 77 38.21 85.10 70.47
C THR H 77 38.20 86.57 69.99
N VAL H 78 38.42 87.46 70.95
CA VAL H 78 38.41 88.88 70.64
C VAL H 78 39.74 89.29 69.97
N GLN H 79 40.79 88.47 70.14
CA GLN H 79 42.09 88.55 69.49
C GLN H 79 42.76 89.91 69.65
N PRO H 80 43.35 90.17 70.81
CA PRO H 80 43.97 91.49 71.07
C PRO H 80 45.25 91.75 70.29
N LYS H 81 45.15 92.02 68.99
CA LYS H 81 46.34 92.25 68.19
C LYS H 81 46.30 93.54 67.40
N GLY H 82 45.33 94.42 67.65
CA GLY H 82 45.14 95.59 66.82
C GLY H 82 46.00 96.78 67.22
N LYS H 83 45.82 97.86 66.48
CA LYS H 83 46.41 99.15 66.79
C LYS H 83 45.28 100.17 66.88
N ILE H 84 45.35 101.03 67.90
CA ILE H 84 44.22 101.87 68.30
C ILE H 84 43.88 102.90 67.22
N THR H 85 42.60 103.03 66.93
CA THR H 85 42.06 104.04 66.02
C THR H 85 40.86 104.67 66.71
N PHE H 86 40.86 105.99 66.81
CA PHE H 86 39.94 106.69 67.71
C PHE H 86 38.97 107.62 67.01
N CYS H 87 39.37 108.29 65.94
CA CYS H 87 38.55 109.36 65.37
C CYS H 87 37.32 108.82 64.66
N THR H 88 37.43 107.63 64.05
CA THR H 88 36.29 107.01 63.40
C THR H 88 35.47 106.15 64.35
N GLY H 89 36.01 105.79 65.51
CA GLY H 89 35.33 104.87 66.41
C GLY H 89 34.09 105.44 67.07
N ILE H 90 34.02 106.77 67.22
CA ILE H 90 32.85 107.41 67.81
C ILE H 90 31.84 107.80 66.73
N ARG H 91 32.32 108.22 65.56
CA ARG H 91 31.41 108.49 64.45
C ARG H 91 30.76 107.20 63.95
N VAL H 92 31.45 106.07 64.06
CA VAL H 92 30.80 104.80 63.76
C VAL H 92 29.98 104.34 64.96
N ALA H 93 30.22 104.92 66.14
CA ALA H 93 29.36 104.60 67.28
C ALA H 93 28.09 105.41 67.23
N HIS H 94 28.16 106.63 66.68
CA HIS H 94 26.98 107.50 66.69
C HIS H 94 26.01 107.14 65.57
N LEU H 95 26.51 106.69 64.41
CA LEU H 95 25.61 106.34 63.32
C LEU H 95 24.85 105.06 63.63
N ALA H 96 25.43 104.19 64.46
CA ALA H 96 24.69 103.11 65.08
C ALA H 96 23.55 103.64 65.94
N LEU H 97 23.82 104.68 66.73
CA LEU H 97 22.80 105.30 67.56
C LEU H 97 21.80 106.11 66.76
N LYS H 98 22.05 106.36 65.48
CA LYS H 98 20.99 106.85 64.63
C LYS H 98 20.24 105.71 63.94
N HIS H 99 20.66 104.46 64.14
CA HIS H 99 19.91 103.29 63.70
C HIS H 99 19.03 102.70 64.80
N ARG H 100 18.54 103.52 65.72
CA ARG H 100 17.70 103.02 66.81
C ARG H 100 16.35 102.59 66.26
N GLN H 101 16.05 101.30 66.37
CA GLN H 101 14.76 100.78 65.91
C GLN H 101 13.61 101.26 66.79
N GLY H 102 13.87 101.61 68.05
CA GLY H 102 12.93 102.32 68.87
C GLY H 102 13.44 103.73 69.11
N LYS H 103 12.80 104.72 68.49
CA LYS H 103 13.31 106.09 68.49
C LYS H 103 12.87 106.88 69.72
N ASN H 104 12.43 106.21 70.77
CA ASN H 104 12.16 106.88 72.04
C ASN H 104 13.25 106.64 73.07
N HIS H 105 14.16 105.71 72.82
CA HIS H 105 15.29 105.49 73.70
C HIS H 105 16.30 106.62 73.57
N LYS H 106 16.97 106.91 74.69
CA LYS H 106 18.06 107.86 74.70
C LYS H 106 19.31 107.23 74.09
N MET H 107 20.38 108.03 74.02
CA MET H 107 21.58 107.67 73.28
C MET H 107 22.78 107.75 74.21
N ARG H 108 23.41 106.61 74.46
CA ARG H 108 24.50 106.51 75.44
C ARG H 108 25.60 105.59 74.92
N ILE H 109 26.85 106.03 75.08
CA ILE H 109 28.03 105.27 74.69
C ILE H 109 28.95 105.15 75.89
N ILE H 110 29.48 103.97 76.14
CA ILE H 110 30.59 103.81 77.06
C ILE H 110 31.77 103.23 76.29
N ALA H 111 32.97 103.64 76.68
CA ALA H 111 34.19 103.30 75.95
C ALA H 111 35.30 102.95 76.92
N PHE H 112 36.14 102.00 76.52
CA PHE H 112 37.22 101.49 77.35
C PHE H 112 38.55 101.88 76.71
N VAL H 113 39.33 102.68 77.42
CA VAL H 113 40.59 103.20 76.91
C VAL H 113 41.71 102.47 77.65
N GLY H 114 42.36 101.53 76.96
CA GLY H 114 43.47 100.81 77.55
C GLY H 114 44.74 101.01 76.76
N SER H 115 44.72 101.97 75.84
CA SER H 115 45.86 102.31 75.00
C SER H 115 45.95 103.82 74.91
N PRO H 116 47.15 104.37 74.69
CA PRO H 116 47.26 105.81 74.47
C PRO H 116 46.62 106.23 73.16
N VAL H 117 46.00 107.40 73.16
CA VAL H 117 45.32 107.95 72.00
C VAL H 117 46.31 108.81 71.22
N GLU H 118 46.21 108.76 69.89
CA GLU H 118 47.06 109.55 69.00
C GLU H 118 46.14 110.24 68.01
N ASP H 119 45.64 111.41 68.38
CA ASP H 119 44.69 112.14 67.54
C ASP H 119 44.81 113.63 67.86
N ASN H 120 44.44 114.45 66.88
CA ASN H 120 44.41 115.89 67.07
C ASN H 120 43.32 116.27 68.07
N GLU H 121 43.63 117.28 68.90
CA GLU H 121 42.63 117.80 69.82
C GLU H 121 41.58 118.63 69.10
N LYS H 122 41.89 119.13 67.89
CA LYS H 122 40.89 119.88 67.13
C LYS H 122 39.85 118.96 66.52
N ASP H 123 40.24 117.72 66.20
CA ASP H 123 39.29 116.76 65.61
C ASP H 123 38.25 116.33 66.64
N LEU H 124 38.67 116.08 67.87
CA LEU H 124 37.75 115.63 68.89
C LEU H 124 36.87 116.75 69.42
N VAL H 125 37.34 118.00 69.39
CA VAL H 125 36.48 119.09 69.83
C VAL H 125 35.49 119.46 68.73
N LYS H 126 35.81 119.16 67.47
CA LYS H 126 34.76 119.18 66.45
C LYS H 126 33.78 118.04 66.65
N LEU H 127 34.26 116.87 67.10
CA LEU H 127 33.36 115.78 67.44
C LEU H 127 32.61 116.06 68.74
N ALA H 128 33.20 116.86 69.63
CA ALA H 128 32.53 117.21 70.87
C ALA H 128 31.35 118.15 70.60
N LYS H 129 31.58 119.18 69.78
CA LYS H 129 30.48 120.07 69.42
C LYS H 129 29.52 119.40 68.46
N ARG H 130 29.95 118.34 67.78
CA ARG H 130 29.03 117.53 66.99
C ARG H 130 28.04 116.80 67.91
N LEU H 131 28.56 116.16 68.96
CA LEU H 131 27.71 115.45 69.91
C LEU H 131 26.88 116.38 70.76
N LYS H 132 27.29 117.64 70.92
CA LYS H 132 26.43 118.63 71.55
C LYS H 132 25.21 118.91 70.70
N LYS H 133 25.41 119.02 69.37
CA LYS H 133 24.29 119.16 68.45
C LYS H 133 23.52 117.85 68.28
N GLU H 134 24.11 116.72 68.67
CA GLU H 134 23.51 115.41 68.46
C GLU H 134 23.01 114.77 69.74
N LYS H 135 23.28 115.36 70.91
CA LYS H 135 22.64 115.05 72.20
C LYS H 135 22.90 113.60 72.61
N VAL H 136 24.18 113.32 72.86
CA VAL H 136 24.64 111.99 73.23
C VAL H 136 25.56 112.12 74.44
N ASN H 137 25.28 111.32 75.47
CA ASN H 137 26.13 111.24 76.67
C ASN H 137 27.09 110.08 76.48
N VAL H 138 28.38 110.37 76.35
CA VAL H 138 29.42 109.35 76.22
C VAL H 138 30.19 109.31 77.54
N ASP H 139 30.26 108.13 78.13
CA ASP H 139 30.93 107.92 79.41
C ASP H 139 32.28 107.25 79.13
N ILE H 140 33.36 108.03 79.22
CA ILE H 140 34.69 107.52 78.92
C ILE H 140 35.25 106.86 80.17
N ILE H 141 35.65 105.58 80.04
CA ILE H 141 36.19 104.79 81.14
C ILE H 141 37.62 104.42 80.77
N ASN H 142 38.57 104.82 81.60
CA ASN H 142 39.98 104.57 81.34
C ASN H 142 40.43 103.28 82.01
N PHE H 143 41.14 102.45 81.24
CA PHE H 143 41.75 101.20 81.70
C PHE H 143 43.25 101.22 81.40
N GLY H 144 43.90 100.06 81.54
CA GLY H 144 45.21 99.77 80.97
C GLY H 144 46.34 100.69 81.42
N GLU H 145 47.43 100.65 80.65
CA GLU H 145 48.42 101.70 80.81
C GLU H 145 47.89 102.95 80.14
N GLU H 146 48.23 104.10 80.74
CA GLU H 146 47.45 105.29 80.45
C GLU H 146 48.34 106.51 80.55
N GLU H 147 48.35 107.32 79.49
CA GLU H 147 48.77 108.71 79.64
C GLU H 147 47.68 109.36 80.47
N VAL H 148 47.91 109.46 81.78
CA VAL H 148 46.83 109.62 82.73
C VAL H 148 46.32 111.05 82.73
N ASN H 149 45.02 111.21 82.45
CA ASN H 149 44.30 112.49 82.41
C ASN H 149 44.93 113.45 81.41
N THR H 150 44.85 113.06 80.13
CA THR H 150 45.21 113.96 79.06
C THR H 150 44.26 115.15 79.03
N GLU H 151 44.77 116.27 78.53
CA GLU H 151 43.90 117.42 78.31
C GLU H 151 42.88 117.15 77.21
N LYS H 152 43.22 116.28 76.27
CA LYS H 152 42.30 115.98 75.16
C LYS H 152 41.08 115.21 75.63
N LEU H 153 41.28 114.19 76.48
CA LEU H 153 40.14 113.46 77.01
C LEU H 153 39.36 114.27 78.04
N THR H 154 40.06 115.10 78.82
CA THR H 154 39.39 115.84 79.89
C THR H 154 38.55 116.97 79.33
N ALA H 155 39.08 117.70 78.33
CA ALA H 155 38.28 118.72 77.67
C ALA H 155 37.17 118.14 76.82
N PHE H 156 37.37 116.94 76.27
CA PHE H 156 36.29 116.27 75.54
C PHE H 156 35.15 115.88 76.47
N VAL H 157 35.47 115.55 77.72
CA VAL H 157 34.44 115.36 78.74
C VAL H 157 33.74 116.68 79.02
N ASN H 158 34.51 117.77 79.14
CA ASN H 158 33.92 119.08 79.41
C ASN H 158 33.13 119.59 78.22
N THR H 159 33.70 119.48 77.01
CA THR H 159 33.00 119.92 75.81
C THR H 159 32.02 118.89 75.25
N LEU H 160 31.83 117.76 75.93
CA LEU H 160 30.68 116.93 75.64
C LEU H 160 29.41 117.61 76.11
N ASN H 161 29.46 118.18 77.31
CA ASN H 161 28.30 118.78 77.97
C ASN H 161 28.81 119.91 78.87
N GLY H 162 28.89 121.10 78.29
CA GLY H 162 29.24 122.29 79.02
C GLY H 162 28.02 123.18 79.23
N LYS H 163 28.23 124.22 80.04
CA LYS H 163 27.18 125.15 80.49
C LYS H 163 26.03 124.39 81.15
N ASP H 164 26.36 123.77 82.29
CA ASP H 164 25.46 122.94 83.12
C ASP H 164 24.92 121.76 82.31
N GLY H 165 25.84 120.88 81.93
CA GLY H 165 25.52 119.66 81.22
C GLY H 165 25.15 118.53 82.14
N THR H 166 25.26 117.31 81.60
CA THR H 166 24.89 116.12 82.38
C THR H 166 25.95 115.81 83.43
N GLY H 167 27.21 115.82 83.04
CA GLY H 167 28.29 115.34 83.87
C GLY H 167 28.68 113.91 83.53
N SER H 168 28.87 113.65 82.24
CA SER H 168 29.31 112.33 81.77
C SER H 168 30.74 112.10 82.27
N HIS H 169 30.89 111.21 83.24
CA HIS H 169 32.09 111.17 84.07
C HIS H 169 33.28 110.57 83.33
N LEU H 170 34.44 111.20 83.50
CA LEU H 170 35.71 110.65 83.05
C LEU H 170 36.19 109.68 84.12
N VAL H 171 35.98 108.39 83.88
CA VAL H 171 36.34 107.37 84.86
C VAL H 171 37.84 107.14 84.79
N THR H 172 38.52 107.33 85.91
CA THR H 172 39.95 107.10 86.01
C THR H 172 40.22 105.88 86.87
N VAL H 173 41.22 105.10 86.50
CA VAL H 173 41.57 103.87 87.20
C VAL H 173 42.91 104.10 87.90
N PRO H 174 43.09 103.61 89.12
CA PRO H 174 44.43 103.38 89.65
C PRO H 174 44.96 102.05 89.13
N PRO H 175 46.09 102.07 88.43
CA PRO H 175 46.64 100.80 87.89
C PRO H 175 47.14 99.89 89.02
N GLY H 176 46.43 98.78 89.21
CA GLY H 176 46.72 97.87 90.28
C GLY H 176 45.62 96.86 90.49
N PRO H 177 45.61 96.20 91.65
CA PRO H 177 44.57 95.20 91.94
C PRO H 177 43.23 95.87 92.22
N SER H 178 42.31 95.73 91.27
CA SER H 178 40.99 96.32 91.41
C SER H 178 39.99 95.54 90.59
N LEU H 179 38.75 95.55 91.06
CA LEU H 179 37.60 95.06 90.32
C LEU H 179 37.01 96.24 89.55
N ALA H 180 35.76 96.11 89.11
CA ALA H 180 35.00 97.24 88.58
C ALA H 180 34.28 98.01 89.68
N ASP H 181 34.79 97.96 90.92
CA ASP H 181 34.16 98.64 92.05
C ASP H 181 34.26 100.15 91.92
N ALA H 182 35.38 100.65 91.39
CA ALA H 182 35.47 102.06 91.07
C ALA H 182 34.59 102.42 89.88
N LEU H 183 34.34 101.46 89.00
CA LEU H 183 33.45 101.70 87.87
C LEU H 183 31.99 101.79 88.30
N ILE H 184 31.63 101.13 89.42
CA ILE H 184 30.24 101.12 89.84
C ILE H 184 29.97 102.05 91.00
N SER H 185 30.98 102.72 91.53
CA SER H 185 30.79 103.58 92.70
C SER H 185 29.91 104.79 92.39
N SER H 186 30.43 105.75 91.65
CA SER H 186 29.64 106.83 91.07
C SER H 186 29.00 106.54 89.70
N PRO H 187 29.76 106.18 88.64
CA PRO H 187 29.27 106.50 87.29
C PRO H 187 28.22 105.56 86.72
N ILE H 188 28.08 104.34 87.24
CA ILE H 188 27.17 103.40 86.61
C ILE H 188 25.72 103.69 87.01
N LEU H 189 25.51 104.48 88.07
CA LEU H 189 24.17 104.84 88.52
C LEU H 189 23.90 106.34 88.42
N ALA H 190 24.92 107.16 88.61
CA ALA H 190 24.84 108.60 88.41
C ALA H 190 25.93 108.98 87.42
N GLY H 191 25.55 109.20 86.16
CA GLY H 191 26.50 109.54 85.12
C GLY H 191 26.42 110.98 84.69
N ALA I 23 -23.69 100.51 50.48
CA ALA I 23 -22.34 100.39 49.93
C ALA I 23 -22.05 98.95 49.54
N VAL I 24 -22.00 98.66 48.26
CA VAL I 24 -21.80 97.31 47.76
C VAL I 24 -20.94 97.37 46.50
N ASP I 25 -20.57 96.19 45.99
CA ASP I 25 -19.54 96.04 44.98
C ASP I 25 -19.97 96.60 43.63
N THR I 26 -18.97 96.81 42.78
CA THR I 26 -19.13 97.35 41.44
C THR I 26 -18.18 96.48 40.60
N ALA I 27 -17.87 96.91 39.39
CA ALA I 27 -16.83 96.25 38.60
C ALA I 27 -15.48 96.82 39.04
N GLU I 28 -14.75 96.05 39.83
CA GLU I 28 -13.50 96.51 40.41
C GLU I 28 -12.36 96.41 39.40
N GLN I 29 -11.15 96.68 39.89
CA GLN I 29 -9.93 96.54 39.09
C GLN I 29 -8.78 96.15 40.01
N VAL I 30 -7.97 95.20 39.57
CA VAL I 30 -6.83 94.70 40.33
C VAL I 30 -5.56 95.13 39.63
N TYR I 31 -4.69 95.83 40.35
CA TYR I 31 -3.37 96.22 39.87
C TYR I 31 -2.35 95.28 40.47
N ILE I 32 -1.50 94.71 39.63
CA ILE I 32 -0.38 93.90 40.10
C ILE I 32 0.91 94.51 39.59
N SER I 33 1.94 94.48 40.43
CA SER I 33 3.24 94.98 40.04
C SER I 33 3.96 93.94 39.20
N SER I 34 5.02 94.39 38.51
CA SER I 34 5.75 93.51 37.61
C SER I 34 6.52 92.44 38.38
N LEU I 35 7.03 92.77 39.56
CA LEU I 35 7.74 91.78 40.35
C LEU I 35 6.79 90.78 40.97
N ALA I 36 5.53 91.17 41.19
CA ALA I 36 4.57 90.31 41.88
C ALA I 36 4.24 89.10 41.04
N LEU I 37 4.02 89.32 39.74
CA LEU I 37 3.73 88.22 38.83
C LEU I 37 4.94 87.30 38.68
N LEU I 38 6.15 87.85 38.75
CA LEU I 38 7.35 87.04 38.61
C LEU I 38 7.58 86.17 39.83
N LYS I 39 7.17 86.65 41.02
CA LYS I 39 7.28 85.80 42.20
C LYS I 39 6.23 84.70 42.19
N MET I 40 5.11 84.92 41.51
CA MET I 40 4.07 83.89 41.40
C MET I 40 4.55 82.71 40.57
N LEU I 41 5.01 82.98 39.35
CA LEU I 41 5.41 81.91 38.45
C LEU I 41 6.69 81.23 38.89
N LYS I 42 7.58 81.92 39.59
CA LYS I 42 8.82 81.27 40.05
C LYS I 42 8.55 80.33 41.20
N HIS I 43 7.72 80.76 42.16
CA HIS I 43 7.39 79.90 43.29
C HIS I 43 6.48 78.75 42.87
N GLY I 44 5.69 78.96 41.81
CA GLY I 44 4.91 77.86 41.27
C GLY I 44 5.74 76.85 40.51
N ARG I 45 6.73 77.34 39.76
CA ARG I 45 7.64 76.45 39.04
C ARG I 45 8.56 75.68 39.97
N ALA I 46 8.84 76.23 41.16
CA ALA I 46 9.71 75.55 42.11
C ALA I 46 9.06 74.29 42.65
N GLY I 47 7.95 74.44 43.37
CA GLY I 47 7.20 73.29 43.84
C GLY I 47 6.06 72.90 42.91
N VAL I 48 6.38 72.48 41.70
CA VAL I 48 5.37 72.07 40.72
C VAL I 48 4.42 70.92 41.09
N PRO I 49 4.76 69.93 41.97
CA PRO I 49 3.71 68.94 42.27
C PRO I 49 2.79 69.28 43.42
N MET I 50 3.24 70.05 44.41
CA MET I 50 2.64 69.93 45.73
C MET I 50 2.02 71.24 46.23
N GLU I 51 1.36 71.95 45.32
CA GLU I 51 0.40 73.05 45.56
C GLU I 51 0.93 74.11 46.55
N VAL I 52 1.94 74.84 46.06
CA VAL I 52 2.65 75.82 46.89
C VAL I 52 1.73 76.97 47.32
N MET I 53 2.14 77.65 48.37
CA MET I 53 1.31 78.57 49.14
C MET I 53 2.12 79.81 49.47
N GLY I 54 1.47 80.97 49.49
CA GLY I 54 2.18 82.18 49.83
C GLY I 54 1.22 83.30 50.16
N LEU I 55 1.80 84.45 50.51
CA LEU I 55 1.07 85.62 50.95
C LEU I 55 1.24 86.78 49.98
N MET I 56 0.28 87.70 50.01
CA MET I 56 0.18 88.77 49.02
C MET I 56 0.04 90.09 49.74
N LEU I 57 0.95 91.02 49.47
CA LEU I 57 1.14 92.24 50.24
C LEU I 57 1.02 93.45 49.33
N GLY I 58 0.01 94.29 49.58
CA GLY I 58 -0.26 95.45 48.73
C GLY I 58 -0.86 96.61 49.48
N GLU I 59 -1.87 97.24 48.90
CA GLU I 59 -2.44 98.45 49.49
C GLU I 59 -3.86 98.66 48.96
N PHE I 60 -4.76 99.09 49.84
CA PHE I 60 -6.13 99.44 49.47
C PHE I 60 -6.19 100.93 49.17
N VAL I 61 -6.24 101.29 47.90
CA VAL I 61 -6.12 102.70 47.53
C VAL I 61 -7.48 103.43 47.60
N ASP I 62 -8.59 102.75 47.36
CA ASP I 62 -9.89 103.40 47.34
C ASP I 62 -10.95 102.40 47.79
N ASP I 63 -12.20 102.67 47.40
CA ASP I 63 -13.29 101.74 47.62
C ASP I 63 -13.08 100.45 46.82
N TYR I 64 -12.89 100.55 45.51
CA TYR I 64 -13.06 99.37 44.68
C TYR I 64 -12.00 99.24 43.60
N THR I 65 -10.76 99.64 43.87
CA THR I 65 -9.61 99.17 43.11
C THR I 65 -8.52 98.77 44.09
N VAL I 66 -7.98 97.56 43.92
CA VAL I 66 -6.95 97.05 44.81
C VAL I 66 -5.65 96.93 44.02
N ARG I 67 -4.54 97.26 44.68
CA ARG I 67 -3.22 97.13 44.09
C ARG I 67 -2.33 96.28 45.00
N VAL I 68 -1.35 95.63 44.39
CA VAL I 68 -0.38 94.82 45.11
C VAL I 68 1.02 95.15 44.60
N ILE I 69 1.95 95.34 45.53
CA ILE I 69 3.33 95.65 45.19
C ILE I 69 4.29 94.50 45.50
N ASP I 70 3.94 93.58 46.41
CA ASP I 70 4.92 92.68 46.97
C ASP I 70 4.33 91.30 47.19
N VAL I 71 5.17 90.29 47.07
CA VAL I 71 4.81 88.88 47.23
C VAL I 71 5.95 88.17 47.97
N PHE I 72 5.61 87.52 49.09
CA PHE I 72 6.53 86.59 49.73
C PHE I 72 5.78 85.32 50.08
N ALA I 73 6.51 84.20 50.04
CA ALA I 73 5.91 82.88 50.07
C ALA I 73 5.79 82.36 51.50
N MET I 74 5.44 81.09 51.63
CA MET I 74 5.27 80.41 52.91
C MET I 74 6.04 79.09 52.89
N PRO I 75 6.53 78.65 54.05
CA PRO I 75 7.10 77.30 54.12
C PRO I 75 6.04 76.24 53.95
N GLN I 76 6.48 75.07 53.48
CA GLN I 76 5.56 74.00 53.10
C GLN I 76 5.02 73.31 54.34
N SER I 77 3.70 73.24 54.46
CA SER I 77 3.03 72.55 55.56
C SER I 77 2.53 71.20 55.09
N GLY I 78 2.55 70.23 56.01
CA GLY I 78 2.06 68.89 55.71
C GLY I 78 0.55 68.78 55.57
N THR I 79 -0.19 69.79 56.03
CA THR I 79 -1.64 69.77 55.89
C THR I 79 -2.05 70.04 54.45
N GLY I 80 -1.44 71.04 53.82
CA GLY I 80 -1.82 71.48 52.50
C GLY I 80 -2.28 72.92 52.51
N VAL I 81 -2.95 73.30 51.41
CA VAL I 81 -3.43 74.67 51.25
C VAL I 81 -4.66 74.81 52.13
N SER I 82 -4.49 75.40 53.31
CA SER I 82 -5.57 75.61 54.26
C SER I 82 -5.16 76.74 55.21
N VAL I 83 -5.99 76.96 56.23
CA VAL I 83 -5.67 77.95 57.24
C VAL I 83 -4.56 77.46 58.17
N GLU I 84 -4.35 76.14 58.25
CA GLU I 84 -3.30 75.59 59.10
C GLU I 84 -1.91 75.78 58.49
N ALA I 85 -1.82 76.11 57.22
CA ALA I 85 -0.54 76.39 56.59
C ALA I 85 -0.03 77.79 56.87
N VAL I 86 -0.80 78.62 57.56
CA VAL I 86 -0.40 79.99 57.88
C VAL I 86 0.35 79.99 59.19
N ASP I 87 1.61 80.40 59.17
CA ASP I 87 2.44 80.45 60.35
C ASP I 87 2.38 81.87 60.92
N PRO I 88 1.84 82.08 62.12
CA PRO I 88 1.77 83.45 62.65
C PRO I 88 3.11 84.00 63.13
N VAL I 89 4.05 83.14 63.51
CA VAL I 89 5.35 83.67 63.91
C VAL I 89 6.22 83.96 62.70
N PHE I 90 5.98 83.26 61.59
CA PHE I 90 6.61 83.63 60.33
C PHE I 90 5.88 84.82 59.69
N GLN I 91 4.63 85.04 60.09
CA GLN I 91 3.88 86.22 59.66
C GLN I 91 4.52 87.49 60.21
N ALA I 92 4.57 87.61 61.54
CA ALA I 92 4.87 88.90 62.17
C ALA I 92 6.35 89.23 62.08
N LYS I 93 7.23 88.23 62.14
CA LYS I 93 8.66 88.52 62.13
C LYS I 93 9.16 88.85 60.72
N MET I 94 8.52 88.29 59.68
CA MET I 94 8.82 88.72 58.31
C MET I 94 8.32 90.14 58.07
N LEU I 95 7.15 90.48 58.63
CA LEU I 95 6.67 91.85 58.56
C LEU I 95 7.54 92.79 59.37
N ASP I 96 8.15 92.29 60.46
CA ASP I 96 9.00 93.10 61.31
C ASP I 96 10.22 93.62 60.53
N MET I 97 10.70 92.82 59.59
CA MET I 97 11.88 93.21 58.83
C MET I 97 11.53 94.18 57.71
N LEU I 98 10.38 93.95 57.07
CA LEU I 98 9.97 94.77 55.94
C LEU I 98 9.46 96.15 56.35
N LYS I 99 9.19 96.37 57.64
CA LYS I 99 8.83 97.72 58.08
C LYS I 99 10.06 98.61 58.10
N GLN I 100 11.16 98.12 58.64
CA GLN I 100 12.36 98.93 58.78
C GLN I 100 13.20 99.00 57.52
N THR I 101 12.89 98.18 56.51
CA THR I 101 13.65 98.16 55.26
C THR I 101 12.67 98.03 54.11
N GLY I 102 12.76 98.93 53.16
CA GLY I 102 11.82 98.96 52.04
C GLY I 102 10.59 99.81 52.36
N ARG I 103 9.46 99.15 52.66
CA ARG I 103 8.26 99.89 53.00
C ARG I 103 7.36 99.04 53.88
N PRO I 104 6.78 99.61 54.93
CA PRO I 104 5.68 98.93 55.65
C PRO I 104 4.34 99.17 54.98
N GLU I 105 3.57 98.10 54.78
CA GLU I 105 2.20 98.24 54.30
C GLU I 105 1.37 97.06 54.78
N MET I 106 0.06 97.20 54.61
CA MET I 106 -0.90 96.22 55.08
C MET I 106 -1.04 95.08 54.09
N VAL I 107 -1.25 93.87 54.63
CA VAL I 107 -1.59 92.73 53.78
C VAL I 107 -2.98 92.95 53.17
N VAL I 108 -3.16 92.50 51.93
CA VAL I 108 -4.40 92.72 51.22
C VAL I 108 -4.92 91.39 50.69
N GLY I 109 -4.17 90.32 50.91
CA GLY I 109 -4.63 89.03 50.46
C GLY I 109 -3.59 87.94 50.52
N TRP I 110 -3.69 86.99 49.58
CA TRP I 110 -2.96 85.74 49.66
C TRP I 110 -3.07 85.07 48.30
N TYR I 111 -2.40 83.93 48.17
CA TYR I 111 -2.49 83.13 46.96
C TYR I 111 -2.10 81.70 47.28
N HIS I 112 -2.29 80.83 46.29
CA HIS I 112 -1.72 79.49 46.27
C HIS I 112 -1.60 79.07 44.81
N SER I 113 -1.20 77.82 44.59
CA SER I 113 -1.10 77.26 43.25
C SER I 113 -1.91 75.99 43.18
N HIS I 114 -2.70 75.86 42.11
CA HIS I 114 -3.50 74.68 41.85
C HIS I 114 -3.08 74.04 40.53
N PRO I 115 -2.21 73.03 40.56
CA PRO I 115 -1.63 72.52 39.30
C PRO I 115 -2.55 71.63 38.50
N GLY I 116 -3.43 70.87 39.16
CA GLY I 116 -4.25 69.87 38.46
C GLY I 116 -5.33 70.43 37.57
N PHE I 117 -5.62 71.72 37.65
CA PHE I 117 -6.64 72.34 36.83
C PHE I 117 -6.26 73.80 36.63
N GLY I 118 -7.11 74.53 35.92
CA GLY I 118 -6.82 75.94 35.74
C GLY I 118 -7.01 76.75 37.01
N CYS I 119 -8.27 77.01 37.38
CA CYS I 119 -8.56 77.86 38.54
C CYS I 119 -10.02 77.71 38.96
N TRP I 120 -10.25 77.23 40.18
CA TRP I 120 -11.52 77.36 40.90
C TRP I 120 -11.26 77.03 42.36
N LEU I 121 -11.96 77.76 43.23
CA LEU I 121 -11.82 77.56 44.67
C LEU I 121 -12.42 76.22 45.07
N SER I 122 -11.61 75.38 45.68
CA SER I 122 -12.02 74.06 46.13
C SER I 122 -12.58 74.14 47.55
N GLY I 123 -12.81 72.96 48.13
CA GLY I 123 -13.34 72.82 49.47
C GLY I 123 -12.52 73.47 50.56
N VAL I 124 -11.23 73.13 50.64
CA VAL I 124 -10.40 73.71 51.69
C VAL I 124 -9.90 75.10 51.30
N ASP I 125 -10.04 75.46 50.03
CA ASP I 125 -9.83 76.84 49.60
C ASP I 125 -10.80 77.79 50.29
N ILE I 126 -12.09 77.44 50.25
CA ILE I 126 -13.13 78.41 50.62
C ILE I 126 -13.23 78.56 52.13
N ASN I 127 -12.72 77.59 52.90
CA ASN I 127 -12.78 77.68 54.34
C ASN I 127 -11.84 78.76 54.88
N THR I 128 -10.62 78.81 54.34
CA THR I 128 -9.66 79.79 54.84
C THR I 128 -9.94 81.18 54.28
N GLN I 129 -10.80 81.28 53.27
CA GLN I 129 -11.20 82.58 52.73
C GLN I 129 -12.09 83.32 53.72
N GLN I 130 -12.97 82.59 54.40
CA GLN I 130 -13.91 83.16 55.36
C GLN I 130 -13.20 83.78 56.56
N SER I 131 -12.04 83.23 56.91
CA SER I 131 -11.24 83.83 57.97
C SER I 131 -10.64 85.15 57.53
N PHE I 132 -10.27 85.25 56.26
CA PHE I 132 -9.57 86.44 55.78
C PHE I 132 -10.53 87.60 55.55
N GLU I 133 -11.71 87.32 54.99
CA GLU I 133 -12.71 88.36 54.85
C GLU I 133 -13.36 88.75 56.17
N ALA I 134 -13.19 87.94 57.22
CA ALA I 134 -13.56 88.39 58.55
C ALA I 134 -12.52 89.34 59.12
N LEU I 135 -11.25 89.15 58.72
CA LEU I 135 -10.19 90.03 59.17
C LEU I 135 -10.13 91.30 58.33
N SER I 136 -9.98 91.16 57.02
CA SER I 136 -9.85 92.29 56.12
C SER I 136 -11.23 92.66 55.56
N GLU I 137 -11.25 93.70 54.71
CA GLU I 137 -12.48 94.04 54.01
C GLU I 137 -12.79 93.02 52.92
N ARG I 138 -11.85 92.83 51.99
CA ARG I 138 -12.10 91.90 50.90
C ARG I 138 -11.17 90.70 50.89
N ALA I 139 -9.85 90.90 50.94
CA ALA I 139 -8.82 89.85 50.98
C ALA I 139 -8.95 88.90 49.78
N VAL I 140 -8.64 89.47 48.61
CA VAL I 140 -8.88 88.81 47.32
C VAL I 140 -7.98 87.60 47.17
N ALA I 141 -8.58 86.45 46.85
CA ALA I 141 -7.84 85.24 46.54
C ALA I 141 -7.22 85.33 45.16
N VAL I 142 -6.12 84.59 44.96
CA VAL I 142 -5.45 84.47 43.66
C VAL I 142 -5.09 83.01 43.44
N VAL I 143 -5.51 82.46 42.30
CA VAL I 143 -5.22 81.08 41.93
C VAL I 143 -4.44 81.08 40.63
N VAL I 144 -3.29 80.41 40.60
CA VAL I 144 -2.42 80.34 39.43
C VAL I 144 -2.03 78.89 39.19
N ASP I 145 -2.25 78.41 37.97
CA ASP I 145 -1.66 77.15 37.53
C ASP I 145 -0.29 77.44 36.93
N PRO I 146 0.80 76.93 37.50
CA PRO I 146 2.12 77.18 36.92
C PRO I 146 2.41 76.33 35.69
N ILE I 147 1.93 75.09 35.66
CA ILE I 147 2.31 74.18 34.57
C ILE I 147 1.45 74.35 33.33
N GLN I 148 0.28 74.97 33.44
CA GLN I 148 -0.55 75.19 32.25
C GLN I 148 0.01 76.32 31.40
N SER I 149 0.50 77.39 32.04
CA SER I 149 1.05 78.54 31.35
C SER I 149 2.37 78.15 30.71
N VAL I 150 2.37 77.99 29.39
CA VAL I 150 3.57 77.51 28.69
C VAL I 150 3.97 78.49 27.58
N LYS I 151 3.03 78.80 26.68
CA LYS I 151 3.42 79.32 25.37
C LYS I 151 3.80 80.80 25.42
N GLY I 152 2.83 81.67 25.64
CA GLY I 152 3.11 83.08 25.76
C GLY I 152 2.14 83.78 26.69
N LYS I 153 1.28 83.01 27.33
CA LYS I 153 0.20 83.55 28.15
C LYS I 153 0.21 82.85 29.49
N VAL I 154 -0.39 83.52 30.48
CA VAL I 154 -0.42 83.02 31.85
C VAL I 154 -1.86 82.80 32.27
N VAL I 155 -2.09 81.70 32.97
CA VAL I 155 -3.40 81.38 33.51
C VAL I 155 -3.43 81.89 34.95
N ILE I 156 -3.75 83.16 35.09
CA ILE I 156 -3.89 83.82 36.39
C ILE I 156 -5.29 84.40 36.45
N ASP I 157 -5.94 84.26 37.60
CA ASP I 157 -7.22 84.90 37.83
C ASP I 157 -7.41 85.07 39.34
N ALA I 158 -8.10 86.14 39.71
CA ALA I 158 -8.31 86.49 41.11
C ALA I 158 -9.81 86.45 41.40
N PHE I 159 -10.18 85.95 42.58
CA PHE I 159 -11.59 85.75 42.91
C PHE I 159 -11.87 86.29 44.30
N ARG I 160 -13.15 86.38 44.64
CA ARG I 160 -13.60 87.05 45.85
C ARG I 160 -14.99 86.57 46.25
N LEU I 161 -15.09 86.05 47.47
CA LEU I 161 -16.26 85.33 47.97
C LEU I 161 -17.46 86.25 48.18
N ILE I 162 -18.68 85.69 48.02
CA ILE I 162 -19.92 86.43 48.23
C ILE I 162 -20.62 85.88 49.49
N ASN I 163 -21.58 86.65 50.01
CA ASN I 163 -22.29 86.30 51.24
C ASN I 163 -23.50 85.42 50.92
N ALA I 164 -24.33 85.19 51.93
CA ALA I 164 -25.57 84.45 51.80
C ALA I 164 -26.80 85.33 51.98
N ASN I 165 -26.64 86.65 52.08
CA ASN I 165 -27.77 87.53 52.32
C ASN I 165 -28.60 87.77 51.07
N MET I 166 -27.97 87.69 49.90
CA MET I 166 -28.64 87.87 48.62
C MET I 166 -28.73 86.54 47.86
N MET I 167 -28.97 85.45 48.58
CA MET I 167 -28.81 84.12 48.00
C MET I 167 -29.98 83.76 47.08
N VAL I 168 -31.13 84.41 47.28
CA VAL I 168 -32.26 84.22 46.38
C VAL I 168 -32.37 85.45 45.50
N LEU I 169 -31.33 86.29 45.52
CA LEU I 169 -31.30 87.52 44.74
C LEU I 169 -30.09 87.44 43.80
N GLY I 170 -29.91 88.42 42.93
CA GLY I 170 -28.78 88.38 42.01
C GLY I 170 -27.48 88.79 42.65
N HIS I 171 -26.56 87.83 42.80
CA HIS I 171 -25.23 88.12 43.32
C HIS I 171 -24.41 88.91 42.30
N GLU I 172 -23.26 89.43 42.76
CA GLU I 172 -22.45 90.42 42.05
C GLU I 172 -23.33 91.62 41.69
N PRO I 173 -23.50 92.56 42.61
CA PRO I 173 -24.53 93.60 42.45
C PRO I 173 -24.22 94.70 41.43
N ARG I 174 -23.29 94.46 40.48
CA ARG I 174 -22.69 95.42 39.56
C ARG I 174 -23.64 96.39 38.88
N GLN I 175 -23.10 97.54 38.49
CA GLN I 175 -23.85 98.76 38.23
C GLN I 175 -23.22 99.48 37.05
N THR I 176 -23.33 100.81 37.03
CA THR I 176 -23.12 101.64 35.85
C THR I 176 -21.66 101.60 35.43
N THR I 177 -21.37 100.67 34.51
CA THR I 177 -20.06 100.50 33.90
C THR I 177 -20.25 99.63 32.67
N SER I 178 -19.21 99.54 31.85
CA SER I 178 -19.26 98.60 30.74
C SER I 178 -17.98 97.82 30.55
N ASN I 179 -17.11 97.74 31.56
CA ASN I 179 -15.85 97.00 31.51
C ASN I 179 -15.95 95.66 32.22
N LEU I 180 -17.13 95.04 32.20
CA LEU I 180 -17.37 93.82 32.94
C LEU I 180 -17.37 92.66 31.94
N GLY I 181 -17.85 92.87 30.71
CA GLY I 181 -17.92 91.80 29.73
C GLY I 181 -16.58 91.31 29.20
N HIS I 182 -15.52 92.05 29.49
CA HIS I 182 -14.19 91.66 29.06
C HIS I 182 -13.46 90.83 30.12
N LEU I 183 -12.18 90.56 29.83
CA LEU I 183 -11.12 89.96 30.65
C LEU I 183 -11.27 88.47 30.89
N ASN I 184 -12.51 87.96 30.81
CA ASN I 184 -12.87 86.54 30.70
C ASN I 184 -14.38 86.50 30.59
N LYS I 185 -14.91 85.59 29.79
CA LYS I 185 -16.22 85.06 30.09
C LYS I 185 -16.05 83.90 31.06
N PRO I 186 -17.07 83.60 31.89
CA PRO I 186 -16.96 82.42 32.77
C PRO I 186 -16.78 81.12 32.00
N SER I 187 -15.62 80.49 32.19
CA SER I 187 -15.31 79.27 31.45
C SER I 187 -16.00 78.08 32.09
N ILE I 188 -16.28 77.07 31.26
CA ILE I 188 -17.15 75.97 31.68
C ILE I 188 -16.39 75.01 32.59
N GLN I 189 -15.07 74.98 32.48
CA GLN I 189 -14.27 74.24 33.44
C GLN I 189 -14.17 74.96 34.78
N ALA I 190 -14.58 76.23 34.84
CA ALA I 190 -14.61 76.98 36.08
C ALA I 190 -16.02 77.20 36.61
N LEU I 191 -17.04 77.27 35.75
CA LEU I 191 -18.39 77.51 36.22
C LEU I 191 -19.10 76.22 36.63
N ILE I 192 -18.53 75.06 36.32
CA ILE I 192 -19.09 73.80 36.81
C ILE I 192 -18.94 73.69 38.33
N HIS I 193 -17.92 74.33 38.89
CA HIS I 193 -17.76 74.51 40.32
C HIS I 193 -18.34 75.86 40.71
N GLY I 194 -17.97 76.31 41.92
CA GLY I 194 -18.43 77.54 42.54
C GLY I 194 -18.70 78.76 41.71
N LEU I 195 -17.66 79.54 41.45
CA LEU I 195 -17.71 80.77 40.64
C LEU I 195 -18.94 81.65 40.86
N ASN I 196 -20.03 81.29 40.17
CA ASN I 196 -21.19 82.15 40.03
C ASN I 196 -22.00 82.40 41.31
N ARG I 197 -22.61 81.36 41.86
CA ARG I 197 -23.43 81.58 43.05
C ARG I 197 -22.62 81.40 44.34
N HIS I 198 -21.30 81.40 44.23
CA HIS I 198 -20.50 81.34 45.45
C HIS I 198 -19.51 82.49 45.59
N TYR I 199 -18.80 82.90 44.53
CA TYR I 199 -18.00 84.10 44.79
C TYR I 199 -18.23 85.33 43.91
N TYR I 200 -17.44 85.51 42.83
CA TYR I 200 -17.60 86.27 41.59
C TYR I 200 -16.20 86.33 40.98
N SER I 201 -16.07 86.62 39.69
CA SER I 201 -14.74 86.87 39.15
C SER I 201 -14.47 88.37 39.07
N ILE I 202 -13.19 88.73 39.10
CA ILE I 202 -12.78 90.13 39.17
C ILE I 202 -11.81 90.37 38.01
N THR I 203 -11.62 91.64 37.67
CA THR I 203 -10.80 92.02 36.53
C THR I 203 -9.37 92.34 36.97
N ILE I 204 -8.41 91.90 36.17
CA ILE I 204 -6.98 92.08 36.46
C ILE I 204 -6.31 92.65 35.22
N ASN I 205 -5.74 93.84 35.35
CA ASN I 205 -4.76 94.33 34.39
C ASN I 205 -3.43 94.52 35.09
N TYR I 206 -2.45 95.00 34.34
CA TYR I 206 -1.06 95.07 34.79
C TYR I 206 -0.65 96.53 34.95
N ARG I 207 0.04 96.84 36.04
CA ARG I 207 0.61 98.17 36.20
C ARG I 207 1.91 98.20 35.39
N LYS I 208 1.77 98.47 34.10
CA LYS I 208 2.92 98.55 33.21
C LYS I 208 3.62 99.89 33.41
N ASN I 209 4.92 99.85 33.69
CA ASN I 209 5.68 101.05 33.99
C ASN I 209 6.88 101.22 33.07
N GLU I 210 7.30 102.47 32.93
CA GLU I 210 8.60 102.80 32.37
C GLU I 210 9.61 102.82 33.53
N LEU I 211 10.91 102.81 33.18
CA LEU I 211 12.14 102.66 33.96
C LEU I 211 12.33 101.19 34.30
N GLU I 212 11.40 100.32 33.89
CA GLU I 212 11.54 98.88 34.00
C GLU I 212 11.37 98.19 32.65
N GLN I 213 10.52 98.74 31.79
CA GLN I 213 10.08 98.01 30.58
C GLN I 213 11.20 97.90 29.57
N LYS I 214 11.92 99.00 29.33
CA LYS I 214 12.98 98.98 28.32
C LYS I 214 14.23 98.30 28.87
N MET I 215 14.49 98.43 30.17
CA MET I 215 15.67 97.78 30.74
C MET I 215 15.46 96.29 30.90
N LEU I 216 14.22 95.81 30.81
CA LEU I 216 14.00 94.38 30.71
C LEU I 216 14.10 93.93 29.26
N LEU I 217 13.68 94.78 28.33
CA LEU I 217 13.62 94.39 26.92
C LEU I 217 15.01 94.35 26.31
N ASN I 218 15.74 95.46 26.38
CA ASN I 218 17.03 95.58 25.73
C ASN I 218 18.09 94.73 26.40
N LEU I 219 17.93 94.42 27.68
CA LEU I 219 18.96 93.67 28.40
C LEU I 219 18.76 92.16 28.30
N HIS I 220 17.57 91.70 27.96
CA HIS I 220 17.32 90.26 27.86
C HIS I 220 17.58 89.72 26.46
N LYS I 221 17.31 90.50 25.42
CA LYS I 221 17.54 90.08 24.04
C LYS I 221 18.46 91.11 23.39
N LYS I 222 19.72 90.74 23.24
CA LYS I 222 20.73 91.68 22.76
C LYS I 222 21.97 90.89 22.35
N SER I 223 22.59 91.33 21.25
CA SER I 223 23.86 90.79 20.80
C SER I 223 24.52 91.84 19.92
N TRP I 224 25.72 92.26 20.31
CA TRP I 224 26.34 93.43 19.69
C TRP I 224 27.00 93.09 18.37
N MET I 225 27.99 92.19 18.40
CA MET I 225 28.80 91.93 17.22
C MET I 225 28.16 90.92 16.28
N GLU I 226 26.98 90.39 16.62
CA GLU I 226 26.35 89.37 15.78
C GLU I 226 25.87 89.95 14.45
N GLY I 227 25.52 91.25 14.43
CA GLY I 227 24.91 91.86 13.26
C GLY I 227 25.79 91.93 12.03
N LEU I 228 27.10 91.78 12.18
CA LEU I 228 28.02 91.84 11.05
C LEU I 228 28.97 90.64 11.03
N THR I 229 28.49 89.47 11.44
CA THR I 229 29.21 88.23 11.24
C THR I 229 28.94 87.69 9.85
N LEU I 230 29.54 86.55 9.50
CA LEU I 230 29.53 86.13 8.11
C LEU I 230 28.89 84.77 7.87
N GLN I 231 28.81 83.96 8.93
CA GLN I 231 28.28 82.60 8.83
C GLN I 231 28.93 81.88 7.65
N ASP I 232 30.09 82.40 7.26
CA ASP I 232 30.92 81.93 6.17
C ASP I 232 30.29 81.88 4.79
N TYR I 233 31.04 81.20 3.96
CA TYR I 233 30.81 80.93 2.54
C TYR I 233 30.71 79.44 2.22
N SER I 234 31.46 78.62 2.97
CA SER I 234 31.44 77.19 2.73
C SER I 234 30.15 76.55 3.20
N GLU I 235 29.49 77.17 4.20
CA GLU I 235 28.16 76.76 4.61
C GLU I 235 27.08 77.47 3.81
N HIS I 236 27.44 78.52 3.07
CA HIS I 236 26.50 79.42 2.44
C HIS I 236 26.38 79.20 0.94
N CYS I 237 27.50 78.93 0.26
CA CYS I 237 27.42 78.57 -1.16
C CYS I 237 26.79 77.21 -1.35
N LYS I 238 26.93 76.32 -0.37
CA LYS I 238 26.24 75.04 -0.41
C LYS I 238 24.73 75.22 -0.31
N HIS I 239 24.28 76.19 0.49
CA HIS I 239 22.85 76.47 0.59
C HIS I 239 22.33 77.10 -0.69
N ASN I 240 23.11 77.98 -1.32
CA ASN I 240 22.73 78.52 -2.61
C ASN I 240 22.77 77.46 -3.69
N GLU I 241 23.63 76.45 -3.52
CA GLU I 241 23.66 75.32 -4.44
C GLU I 241 22.37 74.51 -4.38
N SER I 242 21.85 74.29 -3.17
CA SER I 242 20.78 73.33 -2.98
C SER I 242 19.43 73.84 -3.48
N VAL I 243 19.08 75.07 -3.11
CA VAL I 243 17.70 75.56 -3.25
C VAL I 243 17.32 75.73 -4.71
N VAL I 244 18.29 76.10 -5.55
CA VAL I 244 18.07 76.31 -6.99
C VAL I 244 17.66 75.01 -7.68
N LYS I 245 18.13 73.86 -7.17
CA LYS I 245 17.93 72.59 -7.86
C LYS I 245 16.47 72.14 -7.83
N GLU I 246 15.83 72.18 -6.65
CA GLU I 246 14.41 71.87 -6.62
C GLU I 246 13.57 73.02 -7.15
N MET I 247 14.09 74.24 -7.13
CA MET I 247 13.39 75.37 -7.73
C MET I 247 13.35 75.24 -9.24
N LEU I 248 14.33 74.55 -9.82
CA LEU I 248 14.27 74.18 -11.23
C LEU I 248 13.11 73.24 -11.51
N GLU I 249 12.94 72.21 -10.66
CA GLU I 249 11.80 71.32 -10.82
C GLU I 249 10.50 72.01 -10.41
N LEU I 250 10.58 72.96 -9.47
CA LEU I 250 9.42 73.78 -9.15
C LEU I 250 9.04 74.66 -10.33
N ALA I 251 10.03 75.09 -11.11
CA ALA I 251 9.74 75.83 -12.33
C ALA I 251 9.17 74.90 -13.40
N LYS I 252 9.62 73.65 -13.44
CA LYS I 252 9.07 72.68 -14.37
C LYS I 252 7.63 72.33 -14.00
N ASN I 253 7.35 72.24 -12.70
CA ASN I 253 5.96 72.08 -12.27
C ASN I 253 5.15 73.35 -12.51
N TYR I 254 5.82 74.52 -12.49
CA TYR I 254 5.10 75.74 -12.80
C TYR I 254 4.81 75.82 -14.29
N ASN I 255 5.66 75.20 -15.12
CA ASN I 255 5.38 75.16 -16.55
C ASN I 255 4.16 74.30 -16.84
N LYS I 256 4.01 73.22 -16.07
CA LYS I 256 3.01 72.19 -16.36
C LYS I 256 1.59 72.72 -16.20
N ALA I 257 1.36 73.57 -15.18
CA ALA I 257 0.03 74.14 -15.00
C ALA I 257 -0.24 75.26 -16.00
N VAL I 258 0.80 75.99 -16.43
CA VAL I 258 0.59 77.12 -17.33
C VAL I 258 0.30 76.63 -18.74
N GLU I 259 1.07 75.65 -19.23
CA GLU I 259 0.78 75.11 -20.57
C GLU I 259 -0.45 74.21 -20.59
N GLU I 260 -1.00 73.86 -19.42
CA GLU I 260 -2.22 73.07 -19.38
C GLU I 260 -3.39 73.91 -19.86
N GLU I 261 -3.76 74.91 -19.06
CA GLU I 261 -4.69 76.02 -19.35
C GLU I 261 -5.93 75.56 -20.13
N ASP I 262 -6.70 74.71 -19.47
CA ASP I 262 -7.90 74.16 -20.10
C ASP I 262 -9.15 74.73 -19.43
N LYS I 263 -10.21 74.86 -20.22
CA LYS I 263 -11.48 75.37 -19.72
C LYS I 263 -12.33 74.20 -19.21
N MET I 264 -11.84 73.60 -18.14
CA MET I 264 -12.52 72.54 -17.39
C MET I 264 -13.14 73.17 -16.13
N THR I 265 -13.68 74.40 -16.31
CA THR I 265 -14.11 75.32 -15.26
C THR I 265 -12.96 75.53 -14.29
N PRO I 266 -11.97 76.36 -14.67
CA PRO I 266 -10.64 76.29 -14.03
C PRO I 266 -10.60 76.60 -12.54
N GLU I 267 -11.64 77.20 -11.97
CA GLU I 267 -11.71 77.32 -10.52
C GLU I 267 -12.15 76.01 -9.90
N GLN I 268 -12.90 75.19 -10.64
CA GLN I 268 -13.24 73.85 -10.18
C GLN I 268 -12.16 72.86 -10.57
N LEU I 269 -11.42 73.14 -11.64
CA LEU I 269 -10.29 72.29 -12.01
C LEU I 269 -9.15 72.45 -11.02
N ALA I 270 -9.04 73.62 -10.40
CA ALA I 270 -8.01 73.84 -9.39
C ALA I 270 -8.36 73.20 -8.05
N ILE I 271 -9.65 73.13 -7.72
CA ILE I 271 -10.03 72.55 -6.43
C ILE I 271 -10.03 71.02 -6.49
N LYS I 272 -10.17 70.43 -7.69
CA LYS I 272 -10.00 68.99 -7.83
C LYS I 272 -8.55 68.61 -8.08
N ASN I 273 -7.65 69.58 -8.10
CA ASN I 273 -6.22 69.35 -8.27
C ASN I 273 -5.45 69.97 -7.11
N VAL I 274 -6.03 69.95 -5.92
CA VAL I 274 -5.36 70.46 -4.73
C VAL I 274 -4.31 69.45 -4.28
N GLY I 275 -3.10 69.94 -4.02
CA GLY I 275 -2.03 69.06 -3.61
C GLY I 275 -1.05 69.66 -2.62
N LYS I 276 -1.38 70.85 -2.09
CA LYS I 276 -0.50 71.67 -1.25
C LYS I 276 0.82 71.92 -1.99
N GLN I 277 0.72 72.67 -3.08
CA GLN I 277 1.70 72.59 -4.15
C GLN I 277 1.84 73.94 -4.82
N ASP I 278 2.49 73.87 -5.99
CA ASP I 278 2.91 74.95 -6.90
C ASP I 278 2.26 76.34 -6.92
N PRO I 279 1.37 76.55 -7.91
CA PRO I 279 0.65 77.77 -8.28
C PRO I 279 1.45 79.00 -7.91
N LYS I 280 1.19 79.53 -6.72
CA LYS I 280 1.97 80.67 -6.24
C LYS I 280 2.49 80.46 -4.83
N ARG I 281 2.00 79.46 -4.09
CA ARG I 281 2.41 79.26 -2.71
C ARG I 281 3.81 78.66 -2.64
N HIS I 282 4.07 77.61 -3.42
CA HIS I 282 5.37 76.96 -3.45
C HIS I 282 6.34 77.69 -4.38
N LEU I 283 5.90 78.80 -4.95
CA LEU I 283 6.64 79.76 -5.75
C LEU I 283 7.45 80.68 -4.84
N GLU I 284 7.65 81.92 -5.28
CA GLU I 284 8.61 82.92 -4.85
C GLU I 284 8.97 83.04 -3.37
N GLU I 285 8.15 82.45 -2.49
CA GLU I 285 8.55 82.14 -1.11
C GLU I 285 10.00 81.63 -0.99
N HIS I 286 10.40 80.68 -1.84
CA HIS I 286 11.81 80.26 -1.87
C HIS I 286 12.69 81.37 -2.44
N VAL I 287 12.19 82.08 -3.45
CA VAL I 287 12.95 83.14 -4.11
C VAL I 287 13.19 84.31 -3.15
N ASP I 288 12.23 84.57 -2.28
CA ASP I 288 12.42 85.60 -1.25
C ASP I 288 13.52 85.20 -0.28
N VAL I 289 13.57 83.92 0.09
CA VAL I 289 14.63 83.43 0.97
C VAL I 289 15.98 83.47 0.27
N LEU I 290 15.99 83.17 -1.04
CA LEU I 290 17.23 83.29 -1.82
C LEU I 290 17.64 84.74 -1.98
N MET I 291 16.67 85.66 -1.99
CA MET I 291 16.98 87.07 -2.08
C MET I 291 17.56 87.60 -0.78
N THR I 292 16.91 87.29 0.34
CA THR I 292 17.28 87.89 1.62
C THR I 292 18.60 87.32 2.13
N SER I 293 18.88 86.06 1.82
CA SER I 293 20.10 85.42 2.33
C SER I 293 21.34 86.00 1.66
N ASN I 294 21.27 86.25 0.36
CA ASN I 294 22.45 86.72 -0.35
C ASN I 294 22.67 88.21 -0.16
N ILE I 295 21.59 88.99 0.04
CA ILE I 295 21.75 90.42 0.28
C ILE I 295 22.40 90.68 1.63
N VAL I 296 21.93 90.01 2.68
CA VAL I 296 22.53 90.18 4.01
C VAL I 296 23.95 89.62 4.03
N GLN I 297 24.21 88.58 3.24
CA GLN I 297 25.57 88.06 3.11
C GLN I 297 26.48 89.04 2.37
N CYS I 298 25.99 89.67 1.30
CA CYS I 298 26.87 90.54 0.53
C CYS I 298 27.00 91.92 1.12
N LEU I 299 25.94 92.46 1.74
CA LEU I 299 26.04 93.75 2.42
C LEU I 299 26.98 93.68 3.61
N ALA I 300 26.98 92.56 4.33
CA ALA I 300 27.95 92.39 5.41
C ALA I 300 29.36 92.25 4.85
N ALA I 301 29.48 91.69 3.64
CA ALA I 301 30.79 91.53 3.04
C ALA I 301 31.34 92.86 2.56
N MET I 302 30.49 93.75 2.06
CA MET I 302 31.00 94.99 1.49
C MET I 302 31.30 96.01 2.58
N LEU I 303 30.50 96.02 3.65
CA LEU I 303 30.76 96.96 4.75
C LEU I 303 32.04 96.61 5.50
N ASP I 304 32.36 95.32 5.59
CA ASP I 304 33.55 94.90 6.31
C ASP I 304 34.83 95.23 5.55
N THR I 305 34.77 95.28 4.22
CA THR I 305 35.90 95.78 3.46
C THR I 305 36.06 97.29 3.63
N VAL I 306 34.94 97.99 3.83
CA VAL I 306 34.97 99.44 3.93
C VAL I 306 35.58 99.89 5.26
N VAL I 307 35.06 99.35 6.36
CA VAL I 307 35.39 99.79 7.72
C VAL I 307 36.85 99.50 8.06
N PHE I 308 37.25 98.25 7.88
CA PHE I 308 38.52 97.77 8.39
C PHE I 308 39.65 98.04 7.41
N LYS I 309 40.47 99.02 7.75
CA LYS I 309 41.49 99.62 6.86
C LYS I 309 40.92 100.05 5.52
N MET J 93 27.10 155.49 -49.41
CA MET J 93 26.08 154.87 -50.26
C MET J 93 26.69 154.43 -51.58
N TYR J 94 26.59 153.12 -51.86
CA TYR J 94 27.20 152.44 -53.00
C TYR J 94 28.72 152.69 -53.03
N GLU J 95 29.38 152.19 -51.99
CA GLU J 95 30.73 152.59 -51.64
C GLU J 95 31.75 151.59 -52.15
N GLN J 96 32.32 151.87 -53.33
CA GLN J 96 33.55 151.28 -53.85
C GLN J 96 33.45 149.75 -53.97
N LEU J 97 32.59 149.33 -54.90
CA LEU J 97 32.40 147.90 -55.16
C LEU J 97 33.68 147.24 -55.65
N LYS J 98 34.50 147.97 -56.41
CA LYS J 98 35.83 147.55 -56.83
C LYS J 98 36.83 148.68 -56.60
N GLY J 99 36.79 149.26 -55.40
CA GLY J 99 37.62 150.41 -55.07
C GLY J 99 39.11 150.14 -55.06
N GLU J 100 39.56 149.32 -54.12
CA GLU J 100 40.94 148.84 -54.07
C GLU J 100 40.99 147.33 -54.12
N TRP J 101 40.14 146.72 -54.96
CA TRP J 101 40.06 145.27 -54.99
C TRP J 101 41.13 144.68 -55.91
N ASN J 102 41.27 145.23 -57.12
CA ASN J 102 42.03 144.55 -58.16
C ASN J 102 43.54 144.63 -57.95
N ARG J 103 44.07 145.84 -57.70
CA ARG J 103 45.53 145.98 -57.66
C ARG J 103 46.10 145.58 -56.30
N LYS J 104 45.81 146.37 -55.27
CA LYS J 104 46.31 146.15 -53.92
C LYS J 104 45.32 146.73 -52.92
N SER J 105 45.40 146.23 -51.68
CA SER J 105 44.64 146.80 -50.57
C SER J 105 45.52 146.87 -49.34
N PRO J 106 46.32 147.95 -49.21
CA PRO J 106 47.08 148.16 -47.97
C PRO J 106 46.31 149.00 -46.97
N ASN J 107 44.99 149.11 -47.18
CA ASN J 107 44.17 150.09 -46.50
C ASN J 107 43.94 149.72 -45.03
N LEU J 108 43.69 150.75 -44.23
CA LEU J 108 43.17 150.60 -42.88
C LEU J 108 41.99 151.54 -42.70
N SER J 109 41.93 152.57 -43.54
CA SER J 109 40.82 153.52 -43.51
C SER J 109 39.65 153.04 -44.34
N LYS J 110 39.91 152.36 -45.47
CA LYS J 110 38.83 151.72 -46.21
C LYS J 110 38.29 150.51 -45.46
N CYS J 111 39.09 149.93 -44.56
CA CYS J 111 38.57 148.96 -43.60
C CYS J 111 37.53 149.59 -42.69
N GLY J 112 37.75 150.86 -42.31
CA GLY J 112 36.73 151.60 -41.60
C GLY J 112 35.58 152.04 -42.50
N GLU J 113 35.87 152.25 -43.79
CA GLU J 113 34.81 152.50 -44.75
C GLU J 113 33.99 151.24 -45.00
N GLU J 114 34.65 150.09 -45.05
CA GLU J 114 33.94 148.81 -45.06
C GLU J 114 33.20 148.59 -43.75
N LEU J 115 33.78 149.06 -42.64
CA LEU J 115 33.06 149.04 -41.37
C LEU J 115 31.83 149.92 -41.41
N GLY J 116 31.94 151.10 -42.01
CA GLY J 116 30.78 151.93 -42.23
C GLY J 116 29.82 151.35 -43.25
N ARG J 117 30.35 150.60 -44.22
CA ARG J 117 29.51 149.93 -45.21
C ARG J 117 28.67 148.83 -44.56
N LEU J 118 29.22 148.18 -43.52
CA LEU J 118 28.40 147.28 -42.72
C LEU J 118 27.36 148.05 -41.93
N LYS J 119 27.68 149.27 -41.51
CA LYS J 119 26.70 150.10 -40.82
C LYS J 119 25.68 150.68 -41.79
N LEU J 120 25.99 150.69 -43.09
CA LEU J 120 25.01 151.14 -44.06
C LEU J 120 23.97 150.05 -44.34
N VAL J 121 24.43 148.88 -44.78
CA VAL J 121 23.54 147.88 -45.36
C VAL J 121 22.68 147.21 -44.29
N LEU J 122 23.29 146.81 -43.18
CA LEU J 122 22.56 146.15 -42.10
C LEU J 122 21.82 147.14 -41.20
N LEU J 123 21.73 148.40 -41.59
CA LEU J 123 20.81 149.35 -41.00
C LEU J 123 19.82 149.92 -42.01
N GLU J 124 19.81 149.40 -43.24
CA GLU J 124 18.84 149.86 -44.23
C GLU J 124 17.41 149.50 -43.82
N LEU J 125 17.04 148.22 -43.97
CA LEU J 125 15.87 147.73 -43.25
C LEU J 125 16.17 146.47 -42.44
N ASN J 126 16.48 145.39 -43.15
CA ASN J 126 16.57 144.03 -42.62
C ASN J 126 16.98 143.10 -43.76
N PHE J 127 17.15 141.80 -43.46
CA PHE J 127 17.22 140.79 -44.52
C PHE J 127 16.43 139.54 -44.14
N LEU J 128 15.62 139.60 -43.09
CA LEU J 128 15.00 138.42 -42.50
C LEU J 128 13.83 137.83 -43.29
N PRO J 129 12.73 138.59 -43.69
CA PRO J 129 11.60 137.89 -44.33
C PRO J 129 11.89 137.35 -45.73
N THR J 130 12.34 138.22 -46.65
CA THR J 130 12.72 137.90 -48.02
C THR J 130 11.59 137.15 -48.76
N THR J 131 10.48 137.87 -48.94
CA THR J 131 9.31 137.26 -49.58
C THR J 131 9.48 137.19 -51.09
N GLY J 132 9.53 138.36 -51.74
CA GLY J 132 9.72 138.45 -53.17
C GLY J 132 10.55 139.69 -53.47
N THR J 133 10.08 140.49 -54.43
CA THR J 133 10.53 141.88 -54.65
C THR J 133 12.02 141.95 -54.97
N LYS J 134 12.37 141.60 -56.22
CA LYS J 134 13.75 141.70 -56.72
C LYS J 134 14.40 143.07 -56.46
N LEU J 135 13.61 144.14 -56.41
CA LEU J 135 14.13 145.47 -56.06
C LEU J 135 14.70 145.51 -54.65
N THR J 136 14.02 144.92 -53.66
CA THR J 136 14.64 144.83 -52.34
C THR J 136 15.57 143.62 -52.23
N LYS J 137 15.64 142.80 -53.27
CA LYS J 137 16.74 141.86 -53.40
C LYS J 137 17.99 142.50 -53.98
N GLN J 138 17.89 143.74 -54.50
CA GLN J 138 19.06 144.38 -55.13
C GLN J 138 20.12 144.72 -54.10
N GLN J 139 19.72 145.18 -52.91
CA GLN J 139 20.71 145.34 -51.86
C GLN J 139 21.16 144.00 -51.31
N LEU J 140 20.36 142.94 -51.47
CA LEU J 140 20.81 141.60 -51.11
C LEU J 140 21.83 141.07 -52.10
N ILE J 141 21.82 141.58 -53.33
CA ILE J 141 22.91 141.27 -54.26
C ILE J 141 24.21 141.91 -53.77
N LEU J 142 24.11 143.16 -53.32
CA LEU J 142 25.30 143.87 -52.87
C LEU J 142 25.74 143.45 -51.48
N ALA J 143 24.80 143.03 -50.63
CA ALA J 143 25.17 142.58 -49.28
C ALA J 143 25.97 141.28 -49.33
N ARG J 144 25.70 140.43 -50.33
CA ARG J 144 26.55 139.28 -50.56
C ARG J 144 27.93 139.73 -51.04
N ASP J 145 27.96 140.68 -51.97
CA ASP J 145 29.21 141.05 -52.62
C ASP J 145 30.14 141.81 -51.68
N ILE J 146 29.59 142.60 -50.75
CA ILE J 146 30.47 143.30 -49.83
C ILE J 146 30.98 142.37 -48.74
N LEU J 147 30.27 141.27 -48.46
CA LEU J 147 30.81 140.32 -47.50
C LEU J 147 31.76 139.33 -48.17
N GLU J 148 31.62 139.12 -49.48
CA GLU J 148 32.62 138.36 -50.22
C GLU J 148 33.96 139.08 -50.21
N ILE J 149 33.97 140.35 -50.62
CA ILE J 149 35.20 141.14 -50.59
C ILE J 149 35.62 141.45 -49.15
N GLY J 150 34.69 141.43 -48.20
CA GLY J 150 35.07 141.46 -46.80
C GLY J 150 35.76 140.19 -46.36
N ALA J 151 35.34 139.04 -46.90
CA ALA J 151 36.05 137.80 -46.63
C ALA J 151 37.35 137.73 -47.41
N GLN J 152 37.42 138.41 -48.57
CA GLN J 152 38.68 138.50 -49.30
C GLN J 152 39.70 139.31 -48.52
N TRP J 153 39.27 140.44 -47.94
CA TRP J 153 40.20 141.27 -47.18
C TRP J 153 40.49 140.68 -45.81
N SER J 154 39.67 139.75 -45.35
CA SER J 154 39.90 139.11 -44.06
C SER J 154 41.03 138.09 -44.14
N ILE J 155 41.02 137.27 -45.20
CA ILE J 155 42.10 136.32 -45.42
C ILE J 155 43.34 137.04 -45.95
N LEU J 156 43.16 138.25 -46.51
CA LEU J 156 44.30 139.07 -46.87
C LEU J 156 45.05 139.58 -45.65
N ARG J 157 44.40 139.63 -44.48
CA ARG J 157 45.02 140.13 -43.26
C ARG J 157 45.14 139.09 -42.16
N LYS J 158 44.54 137.91 -42.33
CA LYS J 158 44.59 136.78 -41.39
C LYS J 158 44.00 137.18 -40.02
N ASP J 159 42.69 137.38 -40.03
CA ASP J 159 41.93 137.50 -38.79
C ASP J 159 41.04 136.27 -38.64
N ILE J 160 41.29 135.48 -37.61
CA ILE J 160 40.64 134.18 -37.44
C ILE J 160 39.19 134.30 -36.96
N PRO J 161 38.83 135.06 -35.90
CA PRO J 161 37.39 135.15 -35.56
C PRO J 161 36.59 135.97 -36.55
N SER J 162 37.24 136.84 -37.33
CA SER J 162 36.51 137.59 -38.34
C SER J 162 36.17 136.73 -39.54
N PHE J 163 37.07 135.81 -39.91
CA PHE J 163 36.86 135.04 -41.14
C PHE J 163 35.69 134.10 -41.01
N GLU J 164 35.49 133.51 -39.83
CA GLU J 164 34.29 132.74 -39.59
C GLU J 164 33.07 133.63 -39.44
N ARG J 165 33.27 134.90 -39.07
CA ARG J 165 32.15 135.83 -38.90
C ARG J 165 31.57 136.24 -40.26
N TYR J 166 32.44 136.59 -41.21
CA TYR J 166 31.96 136.96 -42.53
C TYR J 166 31.41 135.75 -43.28
N MET J 167 32.02 134.58 -43.10
CA MET J 167 31.59 133.39 -43.84
C MET J 167 30.25 132.87 -43.33
N ALA J 168 29.97 133.02 -42.03
CA ALA J 168 28.67 132.61 -41.51
C ALA J 168 27.54 133.47 -42.06
N GLN J 169 27.79 134.76 -42.20
CA GLN J 169 26.78 135.65 -42.77
C GLN J 169 26.63 135.41 -44.26
N LEU J 170 27.72 135.03 -44.94
CA LEU J 170 27.64 134.61 -46.32
C LEU J 170 26.89 133.29 -46.45
N LYS J 171 27.15 132.35 -45.54
CA LYS J 171 26.40 131.10 -45.55
C LYS J 171 24.95 131.32 -45.15
N CYS J 172 24.69 132.32 -44.30
CA CYS J 172 23.30 132.70 -44.02
C CYS J 172 22.63 133.33 -45.24
N TYR J 173 23.41 133.88 -46.18
CA TYR J 173 22.79 134.40 -47.39
C TYR J 173 22.58 133.32 -48.44
N TYR J 174 23.28 132.20 -48.34
CA TYR J 174 22.89 131.00 -49.07
C TYR J 174 21.94 130.12 -48.26
N PHE J 175 21.61 130.53 -47.03
CA PHE J 175 20.49 130.04 -46.25
C PHE J 175 19.23 130.87 -46.51
N ASP J 176 19.16 131.49 -47.68
CA ASP J 176 18.00 132.30 -48.04
C ASP J 176 16.84 131.39 -48.41
N TYR J 177 15.67 131.69 -47.86
CA TYR J 177 14.50 130.84 -48.05
C TYR J 177 13.91 130.99 -49.44
N LYS J 178 14.01 132.19 -50.01
CA LYS J 178 13.47 132.48 -51.34
C LYS J 178 14.68 132.93 -52.15
N GLU J 179 15.41 131.95 -52.69
CA GLU J 179 16.69 132.19 -53.34
C GLU J 179 16.46 132.27 -54.85
N GLN J 180 16.19 133.49 -55.28
CA GLN J 180 16.05 133.80 -56.70
C GLN J 180 17.36 134.47 -57.16
N LEU J 181 18.16 134.93 -56.20
CA LEU J 181 19.45 135.58 -56.45
C LEU J 181 20.32 134.68 -57.33
N PRO J 182 20.93 135.30 -58.33
CA PRO J 182 21.78 134.71 -59.37
C PRO J 182 23.20 134.41 -58.87
N GLU J 183 23.83 133.43 -59.52
CA GLU J 183 25.04 132.79 -59.01
C GLU J 183 26.22 133.76 -59.09
N SER J 184 26.66 134.22 -57.93
CA SER J 184 27.90 134.98 -57.85
C SER J 184 29.07 134.04 -58.16
N ALA J 185 29.96 134.48 -59.04
CA ALA J 185 31.07 133.67 -59.52
C ALA J 185 32.17 133.44 -58.49
N TYR J 186 32.00 133.88 -57.24
CA TYR J 186 32.98 133.69 -56.20
C TYR J 186 32.59 132.61 -55.22
N MET J 187 31.45 131.94 -55.43
CA MET J 187 30.85 131.08 -54.40
C MET J 187 31.67 129.81 -54.16
N HIS J 188 32.20 129.22 -55.22
CA HIS J 188 32.81 127.89 -55.09
C HIS J 188 34.16 127.97 -54.39
N GLN J 189 34.93 129.03 -54.64
CA GLN J 189 36.16 129.18 -53.87
C GLN J 189 35.91 129.77 -52.50
N LEU J 190 34.79 130.49 -52.31
CA LEU J 190 34.44 131.00 -50.99
C LEU J 190 34.07 129.87 -50.04
N LEU J 191 33.29 128.90 -50.53
CA LEU J 191 33.03 127.70 -49.75
C LEU J 191 34.28 126.84 -49.63
N GLY J 192 35.18 126.91 -50.62
CA GLY J 192 36.45 126.20 -50.51
C GLY J 192 37.35 126.79 -49.44
N LEU J 193 37.24 128.10 -49.21
CA LEU J 193 37.90 128.71 -48.07
C LEU J 193 37.30 128.20 -46.75
N ASN J 194 35.97 128.05 -46.72
CA ASN J 194 35.30 127.53 -45.52
C ASN J 194 35.59 126.04 -45.36
N LEU J 195 35.68 125.32 -46.47
CA LEU J 195 35.91 123.87 -46.43
C LEU J 195 37.32 123.57 -45.96
N LEU J 196 38.25 124.50 -46.22
CA LEU J 196 39.64 124.28 -45.85
C LEU J 196 39.92 124.76 -44.44
N PHE J 197 39.25 125.84 -44.02
CA PHE J 197 39.37 126.36 -42.66
C PHE J 197 38.80 125.40 -41.64
N LEU J 198 37.60 124.88 -41.92
CA LEU J 198 36.93 123.98 -41.00
C LEU J 198 37.54 122.59 -41.01
N LEU J 199 38.32 122.27 -42.05
CA LEU J 199 39.14 121.07 -42.01
C LEU J 199 40.36 121.29 -41.12
N SER J 200 40.87 122.53 -41.09
CA SER J 200 42.17 122.79 -40.47
C SER J 200 42.08 122.81 -38.95
N GLN J 201 40.96 123.31 -38.40
CA GLN J 201 40.80 123.40 -36.96
C GLN J 201 40.09 122.19 -36.35
N ASN J 202 40.23 121.03 -37.00
CA ASN J 202 39.84 119.72 -36.45
C ASN J 202 38.34 119.62 -36.18
N ARG J 203 37.56 120.23 -37.07
CA ARG J 203 36.10 120.05 -37.07
C ARG J 203 35.70 118.98 -38.08
N VAL J 204 36.25 117.77 -37.86
CA VAL J 204 36.10 116.70 -38.84
C VAL J 204 34.69 116.13 -38.81
N ALA J 205 34.03 116.18 -37.64
CA ALA J 205 32.62 115.82 -37.59
C ALA J 205 31.77 116.89 -38.24
N GLU J 206 32.18 118.15 -38.12
CA GLU J 206 31.49 119.23 -38.81
C GLU J 206 31.83 119.27 -40.29
N PHE J 207 32.92 118.57 -40.69
CA PHE J 207 33.33 118.57 -42.09
C PHE J 207 32.35 117.80 -42.96
N HIS J 208 32.00 116.58 -42.55
CA HIS J 208 31.21 115.71 -43.41
C HIS J 208 29.73 116.07 -43.39
N THR J 209 29.23 116.61 -42.28
CA THR J 209 27.87 117.12 -42.28
C THR J 209 27.73 118.45 -43.01
N GLU J 210 28.85 119.14 -43.27
CA GLU J 210 28.81 120.31 -44.13
C GLU J 210 28.60 119.92 -45.59
N LEU J 211 29.10 118.76 -46.00
CA LEU J 211 29.06 118.26 -47.37
C LEU J 211 27.70 117.76 -47.80
N GLU J 212 26.66 117.86 -46.97
CA GLU J 212 25.33 117.43 -47.37
C GLU J 212 24.70 118.39 -48.36
N ARG J 213 24.95 119.70 -48.23
CA ARG J 213 24.28 120.68 -49.07
C ARG J 213 24.85 120.76 -50.49
N LEU J 214 25.85 119.96 -50.82
CA LEU J 214 26.43 119.96 -52.17
C LEU J 214 25.90 118.76 -52.94
N PRO J 215 24.94 118.97 -53.87
CA PRO J 215 24.29 117.83 -54.55
C PRO J 215 25.21 116.99 -55.44
N ALA J 216 25.82 117.63 -56.44
CA ALA J 216 26.61 116.88 -57.40
C ALA J 216 27.86 117.63 -57.85
N LYS J 217 28.18 118.77 -57.23
CA LYS J 217 29.32 119.57 -57.67
C LYS J 217 30.65 118.93 -57.27
N ASP J 218 30.64 117.97 -56.35
CA ASP J 218 31.88 117.35 -55.90
C ASP J 218 32.48 116.43 -56.94
N ILE J 219 31.64 115.85 -57.80
CA ILE J 219 32.08 114.83 -58.74
C ILE J 219 32.28 115.41 -60.14
N GLN J 220 31.33 116.23 -60.59
CA GLN J 220 31.29 116.67 -61.99
C GLN J 220 32.43 117.64 -62.30
N THR J 221 32.59 118.65 -61.45
CA THR J 221 33.40 119.82 -61.72
C THR J 221 33.95 120.33 -60.40
N ASN J 222 34.26 121.63 -60.35
CA ASN J 222 34.45 122.38 -59.11
C ASN J 222 35.68 121.91 -58.34
N VAL J 223 36.85 122.12 -58.94
CA VAL J 223 38.13 121.76 -58.33
C VAL J 223 38.43 122.59 -57.09
N TYR J 224 37.74 123.72 -56.91
CA TYR J 224 37.83 124.50 -55.69
C TYR J 224 37.32 123.72 -54.48
N ILE J 225 36.31 122.87 -54.68
CA ILE J 225 35.71 122.07 -53.63
C ILE J 225 36.26 120.65 -53.72
N LYS J 226 36.61 120.23 -54.94
CA LYS J 226 37.14 118.89 -55.15
C LYS J 226 38.52 118.71 -54.51
N HIS J 227 39.29 119.79 -54.40
CA HIS J 227 40.63 119.67 -53.80
C HIS J 227 40.62 119.41 -52.30
N PRO J 228 39.81 120.09 -51.46
CA PRO J 228 39.84 119.70 -50.03
C PRO J 228 39.16 118.38 -49.74
N VAL J 229 38.21 117.93 -50.57
CA VAL J 229 37.61 116.62 -50.29
C VAL J 229 38.49 115.50 -50.83
N SER J 230 39.33 115.79 -51.83
CA SER J 230 40.41 114.86 -52.16
C SER J 230 41.49 114.90 -51.10
N LEU J 231 41.65 116.05 -50.45
CA LEU J 231 42.62 116.17 -49.35
C LEU J 231 42.19 115.35 -48.15
N GLU J 232 40.90 115.43 -47.78
CA GLU J 232 40.38 114.67 -46.65
C GLU J 232 40.40 113.18 -46.93
N GLN J 233 40.19 112.80 -48.20
CA GLN J 233 40.32 111.40 -48.58
C GLN J 233 41.76 110.91 -48.44
N TYR J 234 42.74 111.81 -48.66
CA TYR J 234 44.13 111.43 -48.46
C TYR J 234 44.45 111.28 -46.98
N LEU J 235 43.78 112.05 -46.12
CA LEU J 235 43.91 111.86 -44.68
C LEU J 235 43.22 110.60 -44.16
N MET J 236 42.33 109.99 -44.95
CA MET J 236 41.60 108.82 -44.50
C MET J 236 42.47 107.59 -44.24
N GLU J 237 43.07 107.03 -45.29
CA GLU J 237 43.52 105.65 -45.18
C GLU J 237 44.88 105.53 -44.49
N GLY J 238 45.94 105.95 -45.15
CA GLY J 238 47.24 106.01 -44.52
C GLY J 238 48.15 107.06 -45.12
N SER J 239 47.61 107.84 -46.04
CA SER J 239 48.44 108.50 -47.05
C SER J 239 48.78 109.91 -46.59
N TYR J 240 49.83 110.02 -45.77
CA TYR J 240 50.30 111.34 -45.37
C TYR J 240 51.05 112.03 -46.51
N ASN J 241 51.85 111.27 -47.26
CA ASN J 241 52.80 111.89 -48.18
C ASN J 241 52.12 112.46 -49.43
N LYS J 242 50.97 111.92 -49.83
CA LYS J 242 50.25 112.46 -50.98
C LYS J 242 49.66 113.83 -50.68
N VAL J 243 49.40 114.12 -49.39
CA VAL J 243 49.03 115.48 -48.97
C VAL J 243 50.18 116.45 -49.25
N PHE J 244 51.39 116.09 -48.81
CA PHE J 244 52.52 116.99 -48.92
C PHE J 244 53.11 117.02 -50.32
N LEU J 245 52.79 116.05 -51.17
CA LEU J 245 53.21 116.10 -52.57
C LEU J 245 52.17 116.78 -53.45
N ALA J 246 50.93 116.90 -52.99
CA ALA J 246 49.95 117.79 -53.60
C ALA J 246 49.98 119.18 -53.00
N LYS J 247 50.98 119.47 -52.16
CA LYS J 247 51.16 120.81 -51.60
C LYS J 247 51.52 121.81 -52.68
N GLY J 248 52.28 121.36 -53.70
CA GLY J 248 52.69 122.24 -54.78
C GLY J 248 51.70 122.31 -55.91
N ASN J 249 50.42 122.09 -55.60
CA ASN J 249 49.37 122.19 -56.62
C ASN J 249 48.10 122.66 -55.91
N ILE J 250 47.86 123.96 -55.95
CA ILE J 250 46.57 124.54 -55.59
C ILE J 250 46.05 125.22 -56.85
N PRO J 251 44.89 124.79 -57.39
CA PRO J 251 44.34 125.48 -58.56
C PRO J 251 43.70 126.81 -58.22
N ALA J 252 43.43 127.06 -56.95
CA ALA J 252 42.74 128.25 -56.48
C ALA J 252 43.76 129.34 -56.17
N GLU J 253 43.33 130.36 -55.41
CA GLU J 253 44.23 131.26 -54.72
C GLU J 253 45.05 130.49 -53.68
N SER J 254 46.01 131.21 -53.09
CA SER J 254 47.22 130.61 -52.49
C SER J 254 46.91 129.61 -51.38
N TYR J 255 45.82 129.81 -50.64
CA TYR J 255 45.34 128.96 -49.54
C TYR J 255 46.38 128.78 -48.43
N THR J 256 47.38 129.65 -48.34
CA THR J 256 48.56 129.35 -47.53
C THR J 256 48.28 129.59 -46.07
N PHE J 257 47.41 130.56 -45.75
CA PHE J 257 47.10 130.88 -44.36
C PHE J 257 46.26 129.78 -43.69
N PHE J 258 45.64 128.91 -44.47
CA PHE J 258 44.98 127.75 -43.87
C PHE J 258 45.88 126.54 -43.83
N ILE J 259 46.59 126.26 -44.93
CA ILE J 259 47.37 125.03 -45.00
C ILE J 259 48.64 125.12 -44.18
N ASP J 260 49.09 126.30 -43.78
CA ASP J 260 50.14 126.36 -42.78
C ASP J 260 49.62 125.86 -41.43
N ILE J 261 48.37 126.19 -41.10
CA ILE J 261 47.76 125.69 -39.87
C ILE J 261 47.40 124.22 -40.02
N LEU J 262 46.95 123.83 -41.22
CA LEU J 262 46.50 122.47 -41.47
C LEU J 262 47.65 121.47 -41.37
N LEU J 263 48.83 121.85 -41.83
CA LEU J 263 49.95 120.92 -41.74
C LEU J 263 50.60 120.98 -40.37
N ASP J 264 50.54 122.15 -39.69
CA ASP J 264 51.07 122.26 -38.34
C ASP J 264 50.26 121.40 -37.37
N THR J 265 48.94 121.34 -37.56
CA THR J 265 48.14 120.44 -36.73
C THR J 265 48.24 118.99 -37.18
N ILE J 266 48.93 118.72 -38.30
CA ILE J 266 49.33 117.36 -38.62
C ILE J 266 50.65 117.02 -37.94
N ARG J 267 51.61 117.97 -37.96
CA ARG J 267 52.97 117.70 -37.50
C ARG J 267 53.02 117.40 -36.00
N ASP J 268 52.26 118.16 -35.21
CA ASP J 268 52.25 117.94 -33.77
C ASP J 268 51.54 116.65 -33.37
N GLU J 269 50.64 116.14 -34.22
CA GLU J 269 49.97 114.89 -33.93
C GLU J 269 50.91 113.70 -34.12
N ILE J 270 51.66 113.69 -35.22
CA ILE J 270 52.75 112.74 -35.40
C ILE J 270 53.84 112.97 -34.37
N ALA J 271 54.07 114.23 -33.99
CA ALA J 271 54.92 114.50 -32.84
C ALA J 271 54.28 113.97 -31.56
N GLY J 272 52.95 114.08 -31.45
CA GLY J 272 52.26 113.49 -30.32
C GLY J 272 52.32 111.97 -30.29
N CYS J 273 52.51 111.35 -31.46
CA CYS J 273 52.75 109.91 -31.49
C CYS J 273 54.18 109.57 -31.13
N ILE J 274 55.13 110.44 -31.47
CA ILE J 274 56.53 110.16 -31.20
C ILE J 274 56.96 110.69 -29.82
N GLU J 275 56.13 111.52 -29.17
CA GLU J 275 56.37 111.90 -27.78
C GLU J 275 55.87 110.86 -26.78
N LYS J 276 55.43 109.70 -27.27
CA LYS J 276 55.13 108.54 -26.43
C LYS J 276 56.41 107.81 -26.06
N ALA J 277 56.28 106.55 -25.64
CA ALA J 277 57.39 105.71 -25.18
C ALA J 277 58.43 105.36 -26.30
N TYR J 278 58.32 105.86 -27.53
CA TYR J 278 59.27 105.59 -28.61
C TYR J 278 60.53 106.37 -28.29
N GLU J 279 61.54 105.69 -27.74
CA GLU J 279 62.58 106.35 -26.94
C GLU J 279 63.57 107.20 -27.72
N LYS J 280 64.34 106.60 -28.64
CA LYS J 280 65.44 107.33 -29.23
C LYS J 280 65.60 107.00 -30.71
N ILE J 281 65.87 108.03 -31.50
CA ILE J 281 66.18 107.94 -32.92
C ILE J 281 67.25 108.97 -33.25
N LEU J 282 67.56 109.12 -34.53
CA LEU J 282 68.53 110.10 -34.99
C LEU J 282 67.81 111.16 -35.81
N PHE J 283 68.54 112.19 -36.24
CA PHE J 283 67.97 113.26 -37.07
C PHE J 283 67.45 112.74 -38.41
N THR J 284 68.05 111.65 -38.93
CA THR J 284 67.58 111.13 -40.21
C THR J 284 66.21 110.48 -40.11
N GLU J 285 65.80 110.02 -38.91
CA GLU J 285 64.42 109.59 -38.73
C GLU J 285 63.49 110.79 -38.63
N ALA J 286 63.97 111.87 -38.00
CA ALA J 286 63.21 113.12 -38.05
C ALA J 286 63.22 113.73 -39.44
N THR J 287 64.19 113.34 -40.28
CA THR J 287 64.13 113.70 -41.68
C THR J 287 63.12 112.84 -42.43
N ARG J 288 63.07 111.54 -42.12
CA ARG J 288 62.13 110.66 -42.82
C ARG J 288 60.70 110.85 -42.33
N ILE J 289 60.50 110.69 -41.02
CA ILE J 289 59.14 110.75 -40.48
C ILE J 289 58.60 112.16 -40.49
N LEU J 290 59.34 113.12 -39.91
CA LEU J 290 58.73 114.42 -39.74
C LEU J 290 58.71 115.22 -41.03
N PHE J 291 59.87 115.68 -41.51
CA PHE J 291 60.33 115.97 -42.90
C PHE J 291 61.70 116.63 -42.89
N PHE J 292 62.09 117.21 -44.04
CA PHE J 292 63.01 118.35 -44.08
C PHE J 292 64.44 118.14 -43.59
N ASN J 293 65.36 117.83 -44.49
CA ASN J 293 66.75 117.66 -44.11
C ASN J 293 67.49 119.00 -43.93
N THR J 294 67.89 119.28 -42.69
CA THR J 294 68.66 120.48 -42.30
C THR J 294 68.07 121.89 -42.49
N PRO J 295 66.98 122.19 -41.76
CA PRO J 295 66.25 123.47 -41.70
C PRO J 295 66.10 123.85 -40.22
N LYS J 296 65.96 125.13 -39.84
CA LYS J 296 65.80 125.35 -38.40
C LYS J 296 64.54 124.68 -37.82
N LYS J 297 63.93 123.72 -38.51
CA LYS J 297 62.84 122.95 -37.91
C LYS J 297 63.36 122.02 -36.83
N MET J 298 64.61 121.56 -36.95
CA MET J 298 65.20 120.81 -35.86
C MET J 298 65.48 121.70 -34.66
N THR J 299 65.64 123.00 -34.89
CA THR J 299 65.65 123.97 -33.81
C THR J 299 64.24 124.21 -33.29
N ASP J 300 63.24 124.15 -34.19
CA ASP J 300 61.84 124.36 -33.80
C ASP J 300 61.36 123.29 -32.83
N TYR J 301 61.66 122.02 -33.12
CA TYR J 301 61.24 120.95 -32.23
C TYR J 301 62.27 120.63 -31.16
N ALA J 302 63.39 121.35 -31.12
CA ALA J 302 64.26 121.27 -29.95
C ALA J 302 63.74 122.17 -28.84
N LYS J 303 63.09 123.28 -29.19
CA LYS J 303 62.62 124.25 -28.21
C LYS J 303 61.14 124.03 -27.86
N LYS J 304 60.32 123.70 -28.86
CA LYS J 304 58.92 123.37 -28.58
C LYS J 304 58.84 122.01 -27.89
N ARG J 305 59.34 120.97 -28.55
CA ARG J 305 59.42 119.63 -27.97
C ARG J 305 60.77 119.50 -27.25
N GLY J 306 61.16 118.26 -26.94
CA GLY J 306 62.43 118.01 -26.31
C GLY J 306 63.50 117.74 -27.34
N TRP J 307 63.86 116.47 -27.51
CA TRP J 307 64.65 115.97 -28.65
C TRP J 307 66.05 116.59 -28.70
N VAL J 308 66.79 116.42 -27.61
CA VAL J 308 68.15 116.92 -27.52
C VAL J 308 69.08 115.97 -28.25
N LEU J 309 69.88 116.50 -29.16
CA LEU J 309 70.86 115.70 -29.88
C LEU J 309 72.05 115.41 -28.97
N GLY J 310 72.20 114.14 -28.59
CA GLY J 310 73.32 113.73 -27.78
C GLY J 310 74.51 113.36 -28.65
N PRO J 311 75.15 112.21 -28.35
CA PRO J 311 76.24 111.72 -29.22
C PRO J 311 75.70 111.11 -30.52
N ASN J 312 75.21 112.00 -31.38
CA ASN J 312 74.43 111.69 -32.59
C ASN J 312 73.27 110.75 -32.26
N ASN J 313 72.48 111.16 -31.27
CA ASN J 313 71.39 110.35 -30.75
C ASN J 313 70.40 111.30 -30.07
N TYR J 314 69.13 111.22 -30.47
CA TYR J 314 68.10 112.00 -29.79
C TYR J 314 67.64 111.30 -28.52
N TYR J 315 66.81 112.00 -27.75
CA TYR J 315 66.30 111.49 -26.49
C TYR J 315 64.85 111.91 -26.31
N SER J 316 63.98 110.93 -26.11
CA SER J 316 62.60 111.18 -25.74
C SER J 316 62.24 110.22 -24.62
N PHE J 317 61.82 110.76 -23.48
CA PHE J 317 61.67 109.97 -22.27
C PHE J 317 60.35 109.18 -22.31
N ALA J 318 60.06 108.47 -21.22
CA ALA J 318 58.88 107.62 -21.15
C ALA J 318 57.70 108.44 -20.63
N SER J 319 56.64 108.52 -21.43
CA SER J 319 55.42 109.22 -21.05
C SER J 319 54.39 108.29 -20.43
N GLN J 320 54.80 107.08 -20.03
CA GLN J 320 53.88 106.10 -19.47
C GLN J 320 53.70 106.37 -17.98
N GLN J 321 52.43 106.35 -17.54
CA GLN J 321 52.11 106.62 -16.14
C GLN J 321 52.31 105.37 -15.30
N GLN J 322 51.96 105.47 -14.02
CA GLN J 322 52.16 104.39 -13.06
C GLN J 322 50.95 103.50 -12.89
N LYS J 323 49.75 103.97 -13.30
CA LYS J 323 48.44 103.33 -13.15
C LYS J 323 48.19 102.93 -11.69
N PRO J 324 47.87 103.89 -10.81
CA PRO J 324 47.53 103.52 -9.42
C PRO J 324 46.20 102.79 -9.37
N GLU J 325 46.21 101.62 -8.71
CA GLU J 325 45.03 100.78 -8.62
C GLU J 325 44.82 100.32 -7.19
N ASP J 326 43.56 100.08 -6.86
CA ASP J 326 43.19 99.31 -5.70
C ASP J 326 42.19 98.20 -6.03
N THR J 327 41.27 98.47 -6.97
CA THR J 327 40.25 97.57 -7.51
C THR J 327 39.24 97.05 -6.48
N THR J 328 39.33 97.53 -5.23
CA THR J 328 38.24 97.43 -4.27
C THR J 328 37.65 98.80 -3.97
N ILE J 329 38.02 99.80 -4.76
CA ILE J 329 37.46 101.14 -4.79
C ILE J 329 35.92 101.18 -4.81
N PRO J 330 35.17 100.37 -5.64
CA PRO J 330 33.71 100.53 -5.61
C PRO J 330 33.01 99.94 -4.40
N SER J 331 33.75 99.64 -3.32
CA SER J 331 33.17 99.01 -2.13
C SER J 331 32.10 99.87 -1.48
N THR J 332 32.22 101.20 -1.60
CA THR J 332 31.14 102.06 -1.14
C THR J 332 29.93 101.98 -2.06
N GLU J 333 30.14 102.23 -3.36
CA GLU J 333 29.02 102.32 -4.29
C GLU J 333 28.38 100.97 -4.59
N LEU J 334 29.12 99.86 -4.48
CA LEU J 334 28.47 98.56 -4.57
C LEU J 334 27.62 98.30 -3.33
N ALA J 335 28.05 98.82 -2.18
CA ALA J 335 27.22 98.76 -0.99
C ALA J 335 26.03 99.70 -1.10
N LYS J 336 26.13 100.73 -1.95
CA LYS J 336 24.98 101.59 -2.23
C LYS J 336 23.95 100.87 -3.08
N GLN J 337 24.42 100.14 -4.10
CA GLN J 337 23.52 99.54 -5.10
C GLN J 337 22.63 98.48 -4.49
N VAL J 338 23.19 97.69 -3.56
CA VAL J 338 22.41 96.62 -2.94
C VAL J 338 21.36 97.20 -1.99
N ILE J 339 21.58 98.42 -1.48
CA ILE J 339 20.59 99.06 -0.63
C ILE J 339 19.33 99.40 -1.42
N GLU J 340 19.48 100.02 -2.59
CA GLU J 340 18.27 100.31 -3.37
C GLU J 340 17.69 99.07 -4.03
N TYR J 341 18.36 97.92 -3.98
CA TYR J 341 17.71 96.69 -4.36
C TYR J 341 16.60 96.35 -3.38
N ALA J 342 16.93 96.24 -2.09
CA ALA J 342 15.94 95.90 -1.08
C ALA J 342 15.01 97.06 -0.79
N ARG J 343 15.46 98.30 -1.04
CA ARG J 343 14.60 99.46 -0.91
C ARG J 343 13.51 99.45 -1.97
N GLN J 344 13.80 98.89 -3.13
CA GLN J 344 12.79 98.74 -4.18
C GLN J 344 12.08 97.39 -4.12
N LEU J 345 12.51 96.50 -3.23
CA LEU J 345 11.72 95.31 -2.93
C LEU J 345 10.69 95.60 -1.85
N GLU J 346 11.15 96.14 -0.71
CA GLU J 346 10.24 96.61 0.32
C GLU J 346 9.80 98.03 0.02
N MET J 347 9.06 98.66 0.93
CA MET J 347 8.85 100.10 1.07
C MET J 347 8.00 100.73 -0.04
N ILE J 348 7.82 100.04 -1.16
CA ILE J 348 6.99 100.54 -2.26
C ILE J 348 5.98 99.46 -2.61
N VAL J 349 4.81 99.55 -1.98
CA VAL J 349 3.88 98.44 -1.93
C VAL J 349 2.66 98.74 -2.78
N MET K 1 0.27 98.05 -40.39
CA MET K 1 0.67 99.32 -39.80
C MET K 1 1.72 100.01 -40.67
N SER K 2 1.24 100.82 -41.62
CA SER K 2 2.15 101.53 -42.51
C SER K 2 2.84 102.66 -41.76
N GLU K 3 4.16 102.72 -41.89
CA GLU K 3 4.95 103.73 -41.19
C GLU K 3 5.54 104.78 -42.12
N LYS K 4 5.02 104.86 -43.36
CA LYS K 4 5.27 105.95 -44.32
C LYS K 4 6.75 106.05 -44.73
N LYS K 5 7.50 104.97 -44.59
CA LYS K 5 8.91 104.93 -44.93
C LYS K 5 9.16 103.66 -45.75
N GLN K 6 8.10 102.99 -46.19
CA GLN K 6 8.24 101.77 -46.97
C GLN K 6 7.65 101.87 -48.38
N PRO K 7 8.35 102.54 -49.31
CA PRO K 7 7.81 102.61 -50.66
C PRO K 7 8.51 101.69 -51.65
N VAL K 8 9.61 101.06 -51.26
CA VAL K 8 10.33 100.18 -52.19
C VAL K 8 9.96 98.72 -51.93
N ASP K 9 10.25 98.22 -50.74
CA ASP K 9 10.06 96.81 -50.44
C ASP K 9 8.79 96.58 -49.64
N GLU K 40 19.22 72.36 -52.31
CA GLU K 40 20.29 73.31 -52.07
C GLU K 40 20.56 74.13 -53.34
N ASP K 41 19.74 75.15 -53.56
CA ASP K 41 20.05 76.12 -54.61
C ASP K 41 21.07 77.13 -54.09
N ASN K 42 20.64 77.94 -53.13
CA ASN K 42 21.50 78.76 -52.28
C ASN K 42 20.99 78.64 -50.86
N TRP K 43 20.57 77.43 -50.49
CA TRP K 43 19.66 77.20 -49.39
C TRP K 43 20.30 77.43 -48.01
N ASP K 44 21.60 77.18 -47.88
CA ASP K 44 22.34 77.67 -46.71
C ASP K 44 23.71 78.19 -47.15
N ASP K 45 23.74 78.96 -48.23
CA ASP K 45 24.97 79.24 -48.97
C ASP K 45 25.85 80.31 -48.32
N ASP K 46 25.24 81.34 -47.72
CA ASP K 46 26.01 82.54 -47.37
C ASP K 46 26.93 82.29 -46.18
N ASN K 47 26.65 81.30 -45.34
CA ASN K 47 27.59 80.95 -44.28
C ASN K 47 28.84 80.33 -44.88
N VAL K 48 28.66 79.51 -45.92
CA VAL K 48 29.80 78.95 -46.64
C VAL K 48 30.53 80.04 -47.41
N GLU K 49 29.78 80.96 -48.03
CA GLU K 49 30.36 81.91 -48.96
C GLU K 49 31.04 83.07 -48.26
N ASP K 50 30.54 83.51 -47.10
CA ASP K 50 31.21 84.57 -46.37
C ASP K 50 32.54 84.12 -45.80
N ASP K 51 32.72 82.81 -45.63
CA ASP K 51 33.98 82.31 -45.08
C ASP K 51 34.98 81.95 -46.19
N PHE K 52 34.59 81.03 -47.08
CA PHE K 52 35.40 80.69 -48.26
C PHE K 52 34.64 81.02 -49.54
N SER K 53 35.30 81.72 -50.46
CA SER K 53 34.61 82.05 -51.71
C SER K 53 34.95 81.16 -52.89
N ASN K 54 36.18 81.24 -53.39
CA ASN K 54 36.50 80.59 -54.66
C ASN K 54 37.93 80.09 -54.72
N GLN K 55 38.41 79.47 -53.64
CA GLN K 55 39.85 79.22 -53.51
C GLN K 55 40.20 77.80 -53.93
N LEU K 56 40.03 77.54 -55.24
CA LEU K 56 40.33 76.27 -55.92
C LEU K 56 39.74 75.07 -55.18
N ARG K 57 38.41 74.99 -55.21
CA ARG K 57 37.61 74.15 -54.31
C ARG K 57 37.70 72.65 -54.59
N ALA K 58 38.49 72.25 -55.60
CA ALA K 58 38.74 70.82 -55.77
C ALA K 58 39.68 70.27 -54.70
N GLU K 59 40.44 71.15 -54.04
CA GLU K 59 41.15 70.86 -52.78
C GLU K 59 42.23 69.78 -52.94
N LEU K 60 42.73 69.62 -54.15
CA LEU K 60 43.77 68.64 -54.43
C LEU K 60 44.97 69.24 -55.13
N GLU K 61 44.75 70.21 -56.01
CA GLU K 61 45.81 70.71 -56.88
C GLU K 61 46.83 71.54 -56.14
N LYS K 62 46.48 72.09 -55.00
CA LYS K 62 47.46 72.70 -54.12
C LYS K 62 47.35 72.17 -52.70
N HIS K 63 46.13 71.89 -52.24
CA HIS K 63 45.94 71.40 -50.87
C HIS K 63 46.46 69.99 -50.72
N GLY K 64 46.24 69.14 -51.73
CA GLY K 64 46.84 67.82 -51.73
C GLY K 64 48.14 67.73 -52.50
N TYR K 65 48.52 68.77 -53.22
CA TYR K 65 49.72 68.75 -54.04
C TYR K 65 50.72 69.79 -53.56
N LYS K 66 51.00 69.80 -52.26
CA LYS K 66 52.18 70.51 -51.77
C LYS K 66 53.43 69.66 -51.93
N MET K 67 53.25 68.34 -52.06
CA MET K 67 54.31 67.38 -51.82
C MET K 67 55.39 67.34 -52.89
N GLU K 68 55.20 68.02 -54.02
CA GLU K 68 56.28 68.14 -54.99
C GLU K 68 57.34 69.12 -54.53
N THR K 69 57.02 70.00 -53.58
CA THR K 69 58.02 70.90 -53.02
C THR K 69 58.98 70.15 -52.09
N SER K 70 58.52 69.07 -51.48
CA SER K 70 59.36 68.29 -50.57
C SER K 70 59.42 66.84 -51.03
N MET L 1 -20.87 40.44 -29.36
CA MET L 1 -21.71 41.36 -30.12
C MET L 1 -21.62 41.09 -31.62
N GLU L 2 -22.50 40.22 -32.11
CA GLU L 2 -22.51 39.82 -33.51
C GLU L 2 -23.56 40.63 -34.26
N GLU L 3 -23.28 41.92 -34.44
CA GLU L 3 -24.09 42.78 -35.30
C GLU L 3 -23.63 42.65 -36.73
N GLY L 4 -24.44 43.17 -37.65
CA GLY L 4 -24.02 43.29 -39.03
C GLY L 4 -24.13 42.03 -39.87
N GLY L 5 -24.33 42.20 -41.18
CA GLY L 5 -24.36 41.10 -42.11
C GLY L 5 -25.73 40.53 -42.37
N ARG L 6 -26.59 40.51 -41.35
CA ARG L 6 -27.96 40.03 -41.50
C ARG L 6 -28.97 41.11 -41.15
N ASP L 7 -28.54 42.38 -41.16
CA ASP L 7 -29.42 43.50 -40.85
C ASP L 7 -30.15 43.90 -42.13
N LYS L 8 -31.05 43.04 -42.58
CA LYS L 8 -31.86 43.35 -43.75
C LYS L 8 -32.94 44.36 -43.39
N ALA L 9 -33.74 44.04 -42.38
CA ALA L 9 -34.82 44.88 -41.87
C ALA L 9 -34.38 46.22 -41.25
N PRO L 10 -33.15 46.36 -40.66
CA PRO L 10 -32.70 47.74 -40.37
C PRO L 10 -32.08 48.48 -41.55
N VAL L 11 -32.29 48.00 -42.78
CA VAL L 11 -31.75 48.71 -43.95
C VAL L 11 -32.86 49.00 -44.96
N GLN L 12 -33.58 47.97 -45.39
CA GLN L 12 -34.54 48.19 -46.47
C GLN L 12 -35.85 48.81 -45.95
N PRO L 13 -36.39 48.44 -44.78
CA PRO L 13 -37.37 49.32 -44.12
C PRO L 13 -36.77 50.54 -43.44
N GLN L 14 -35.45 50.73 -43.50
CA GLN L 14 -34.88 52.02 -43.16
C GLN L 14 -34.83 52.94 -44.38
N GLN L 15 -34.75 52.38 -45.57
CA GLN L 15 -34.62 53.14 -46.81
C GLN L 15 -35.95 53.38 -47.51
N SER L 16 -36.82 52.38 -47.60
CA SER L 16 -38.06 52.51 -48.36
C SER L 16 -39.10 53.44 -47.70
N PRO L 17 -39.27 53.47 -46.37
CA PRO L 17 -40.00 54.61 -45.80
C PRO L 17 -39.23 55.93 -45.84
N ALA L 18 -37.90 55.89 -45.93
CA ALA L 18 -37.18 57.14 -46.16
C ALA L 18 -37.32 57.58 -47.62
N ALA L 19 -37.50 56.63 -48.52
CA ALA L 19 -37.83 56.95 -49.91
C ALA L 19 -39.32 57.13 -50.15
N ALA L 20 -40.13 57.06 -49.09
CA ALA L 20 -41.56 57.31 -49.21
C ALA L 20 -41.86 58.80 -49.41
N PRO L 21 -41.20 59.77 -48.74
CA PRO L 21 -41.30 61.14 -49.25
C PRO L 21 -40.60 61.35 -50.57
N GLY L 22 -39.60 60.53 -50.89
CA GLY L 22 -39.04 60.52 -52.22
C GLY L 22 -39.88 59.80 -53.25
N GLY L 23 -40.95 59.14 -52.82
CA GLY L 23 -41.83 58.45 -53.73
C GLY L 23 -43.31 58.56 -53.42
N THR L 24 -43.70 59.58 -52.64
CA THR L 24 -45.12 59.90 -52.52
C THR L 24 -45.58 60.71 -53.72
N ASP L 25 -45.01 61.90 -53.90
CA ASP L 25 -45.16 62.65 -55.14
C ASP L 25 -44.29 61.99 -56.21
N GLU L 26 -44.69 62.20 -57.48
CA GLU L 26 -44.12 61.69 -58.73
C GLU L 26 -43.93 60.18 -58.79
N LYS L 27 -44.51 59.43 -57.85
CA LYS L 27 -44.49 57.96 -57.86
C LYS L 27 -45.81 57.49 -57.26
N PRO L 28 -46.86 57.35 -58.07
CA PRO L 28 -48.14 56.92 -57.52
C PRO L 28 -48.16 55.44 -57.15
N SER L 29 -47.30 54.63 -57.76
CA SER L 29 -47.25 53.21 -57.43
C SER L 29 -46.39 52.97 -56.20
N GLY L 30 -45.20 53.59 -56.17
CA GLY L 30 -44.30 53.44 -55.04
C GLY L 30 -44.81 54.06 -53.75
N LYS L 31 -45.73 55.02 -53.85
CA LYS L 31 -46.42 55.51 -52.67
C LYS L 31 -47.36 54.46 -52.09
N GLU L 32 -47.96 53.63 -52.93
CA GLU L 32 -49.01 52.70 -52.51
C GLU L 32 -48.48 51.29 -52.29
N ARG L 33 -47.71 50.75 -53.23
CA ARG L 33 -47.34 49.35 -53.15
C ARG L 33 -46.20 49.10 -52.17
N ARG L 34 -45.28 50.05 -52.04
CA ARG L 34 -44.28 49.93 -50.99
C ARG L 34 -44.88 50.18 -49.62
N ASP L 35 -45.97 50.95 -49.55
CA ASP L 35 -46.68 51.11 -48.30
C ASP L 35 -47.39 49.82 -47.92
N ALA L 36 -48.01 49.16 -48.89
CA ALA L 36 -48.69 47.89 -48.62
C ALA L 36 -47.68 46.78 -48.33
N GLY L 37 -46.53 46.81 -49.00
CA GLY L 37 -45.45 45.90 -48.65
C GLY L 37 -44.83 46.19 -47.30
N ASP L 38 -44.85 47.45 -46.88
CA ASP L 38 -44.45 47.79 -45.51
C ASP L 38 -45.51 47.35 -44.51
N LYS L 39 -46.79 47.49 -44.89
CA LYS L 39 -47.87 47.32 -43.93
C LYS L 39 -48.05 45.86 -43.53
N ASP L 40 -48.10 44.96 -44.52
CA ASP L 40 -48.35 43.56 -44.22
C ASP L 40 -47.16 42.89 -43.56
N LYS L 41 -45.95 43.32 -43.90
CA LYS L 41 -44.75 42.71 -43.34
C LYS L 41 -44.54 43.16 -41.91
N GLU L 42 -44.81 44.44 -41.61
CA GLU L 42 -44.77 44.89 -40.23
C GLU L 42 -45.91 44.28 -39.43
N GLN L 43 -47.05 44.01 -40.08
CA GLN L 43 -48.13 43.28 -39.45
C GLN L 43 -47.72 41.83 -39.19
N GLU L 44 -46.96 41.22 -40.10
CA GLU L 44 -46.58 39.82 -39.95
C GLU L 44 -45.49 39.63 -38.88
N LEU L 45 -44.58 40.59 -38.74
CA LEU L 45 -43.54 40.53 -37.72
C LEU L 45 -44.03 40.96 -36.33
N SER L 46 -45.34 40.96 -36.09
CA SER L 46 -45.88 41.20 -34.77
C SER L 46 -46.89 40.16 -34.31
N GLU L 47 -47.44 39.34 -35.21
CA GLU L 47 -48.56 38.48 -34.84
C GLU L 47 -48.12 37.29 -33.99
N GLU L 48 -46.94 36.76 -34.23
CA GLU L 48 -46.40 35.80 -33.30
C GLU L 48 -46.02 36.56 -32.03
N ASP L 49 -46.56 36.14 -30.90
CA ASP L 49 -46.14 36.69 -29.61
C ASP L 49 -45.02 35.84 -29.02
N LYS L 50 -44.06 35.55 -29.89
CA LYS L 50 -42.86 34.79 -29.59
C LYS L 50 -41.65 35.48 -30.18
N GLN L 51 -41.83 36.69 -30.70
CA GLN L 51 -40.76 37.63 -30.99
C GLN L 51 -41.33 38.97 -30.56
N LEU L 52 -41.12 39.36 -29.31
CA LEU L 52 -41.55 40.70 -28.92
C LEU L 52 -40.65 41.73 -29.59
N GLN L 53 -39.34 41.47 -29.65
CA GLN L 53 -38.45 42.33 -30.39
C GLN L 53 -38.75 42.22 -31.88
N ASP L 54 -39.25 43.30 -32.44
CA ASP L 54 -39.67 43.35 -33.84
C ASP L 54 -38.59 44.07 -34.61
N GLU L 55 -38.18 43.50 -35.74
CA GLU L 55 -37.08 44.04 -36.51
C GLU L 55 -37.43 45.33 -37.25
N LEU L 56 -38.70 45.75 -37.22
CA LEU L 56 -39.12 47.05 -37.73
C LEU L 56 -39.59 48.01 -36.66
N GLU L 57 -40.42 47.53 -35.72
CA GLU L 57 -41.26 48.39 -34.88
C GLU L 57 -40.43 49.28 -33.95
N MET L 58 -39.21 48.87 -33.62
CA MET L 58 -38.27 49.76 -32.95
C MET L 58 -37.00 49.94 -33.75
N LEU L 59 -37.08 49.84 -35.07
CA LEU L 59 -35.99 50.15 -35.99
C LEU L 59 -36.33 51.24 -36.98
N VAL L 60 -37.61 51.37 -37.35
CA VAL L 60 -37.96 52.31 -38.40
C VAL L 60 -38.21 53.71 -37.85
N GLU L 61 -38.71 53.85 -36.62
CA GLU L 61 -39.18 55.15 -36.13
C GLU L 61 -38.04 56.06 -35.70
N ARG L 62 -36.80 55.56 -35.68
CA ARG L 62 -35.65 56.42 -35.39
C ARG L 62 -35.54 57.56 -36.40
N LEU L 63 -35.89 57.28 -37.65
CA LEU L 63 -36.21 58.33 -38.61
C LEU L 63 -37.71 58.40 -38.90
N GLY L 64 -38.44 57.31 -38.67
CA GLY L 64 -39.85 57.24 -39.03
C GLY L 64 -40.78 58.07 -38.17
N GLU L 65 -40.34 58.46 -36.97
CA GLU L 65 -41.14 59.38 -36.18
C GLU L 65 -41.16 60.77 -36.81
N LYS L 66 -39.98 61.26 -37.21
CA LYS L 66 -39.93 62.51 -37.96
C LYS L 66 -40.49 62.35 -39.37
N ASP L 67 -40.47 61.13 -39.90
CA ASP L 67 -41.10 60.88 -41.20
C ASP L 67 -42.61 60.99 -41.11
N THR L 68 -43.22 60.30 -40.14
CA THR L 68 -44.68 60.28 -39.99
C THR L 68 -45.21 61.66 -39.63
N SER L 69 -44.40 62.46 -38.96
CA SER L 69 -44.76 63.86 -38.70
C SER L 69 -44.78 64.68 -39.99
N LEU L 70 -44.08 64.23 -41.03
CA LEU L 70 -44.07 64.89 -42.32
C LEU L 70 -44.76 64.10 -43.41
N TYR L 71 -45.24 62.89 -43.11
CA TYR L 71 -45.94 62.05 -44.07
C TYR L 71 -47.44 62.06 -43.89
N ARG L 72 -47.92 61.94 -42.66
CA ARG L 72 -49.36 61.94 -42.42
C ARG L 72 -49.97 63.34 -42.45
N PRO L 73 -49.48 64.38 -41.66
CA PRO L 73 -50.14 65.69 -41.76
C PRO L 73 -49.83 66.39 -43.07
N ALA L 74 -48.53 66.47 -43.40
CA ALA L 74 -48.05 67.35 -44.47
C ALA L 74 -48.38 66.84 -45.87
N LEU L 75 -49.01 65.68 -46.01
CA LEU L 75 -49.46 65.26 -47.33
C LEU L 75 -50.67 66.06 -47.77
N GLU L 76 -51.64 66.25 -46.86
CA GLU L 76 -52.78 67.17 -46.98
C GLU L 76 -53.76 66.86 -48.11
N GLU L 77 -53.55 65.78 -48.85
CA GLU L 77 -54.43 65.38 -49.95
C GLU L 77 -54.68 63.89 -49.85
N LEU L 78 -54.99 63.45 -48.63
CA LEU L 78 -55.04 62.03 -48.31
C LEU L 78 -56.20 61.35 -49.01
N ARG L 79 -55.88 60.29 -49.75
CA ARG L 79 -56.84 59.54 -50.53
C ARG L 79 -57.67 58.63 -49.62
N ARG L 80 -58.57 57.86 -50.24
CA ARG L 80 -59.43 56.94 -49.50
C ARG L 80 -58.74 55.62 -49.19
N GLN L 81 -57.64 55.30 -49.85
CA GLN L 81 -56.94 54.03 -49.63
C GLN L 81 -55.62 54.29 -48.93
N ILE L 82 -54.98 55.42 -49.22
CA ILE L 82 -53.66 55.67 -48.65
C ILE L 82 -53.76 56.07 -47.18
N ARG L 83 -54.95 56.46 -46.71
CA ARG L 83 -55.15 56.64 -45.28
C ARG L 83 -55.35 55.30 -44.59
N SER L 84 -55.90 54.32 -45.30
CA SER L 84 -56.07 52.98 -44.78
C SER L 84 -54.79 52.17 -44.84
N SER L 85 -53.75 52.67 -45.51
CA SER L 85 -52.44 52.05 -45.51
C SER L 85 -51.48 52.76 -44.57
N THR L 86 -51.62 54.08 -44.43
CA THR L 86 -50.77 54.82 -43.50
C THR L 86 -51.17 54.55 -42.06
N THR L 87 -52.44 54.79 -41.73
CA THR L 87 -52.89 54.69 -40.34
C THR L 87 -52.94 53.25 -39.85
N SER L 88 -53.08 52.27 -40.76
CA SER L 88 -53.00 50.88 -40.34
C SER L 88 -51.56 50.48 -40.04
N MET L 89 -50.58 51.14 -40.66
CA MET L 89 -49.19 50.79 -40.46
C MET L 89 -48.52 51.64 -39.40
N THR L 90 -48.99 52.88 -39.18
CA THR L 90 -48.32 53.81 -38.29
C THR L 90 -49.04 54.02 -36.96
N SER L 91 -50.25 53.50 -36.78
CA SER L 91 -50.85 53.52 -35.44
C SER L 91 -50.38 52.36 -34.59
N VAL L 92 -49.68 51.39 -35.18
CA VAL L 92 -49.14 50.27 -34.43
C VAL L 92 -47.93 50.69 -33.58
N PRO L 93 -46.88 51.37 -34.06
CA PRO L 93 -45.73 51.60 -33.17
C PRO L 93 -45.90 52.78 -32.22
N LYS L 94 -47.00 53.53 -32.31
CA LYS L 94 -47.15 54.76 -31.52
C LYS L 94 -47.17 54.61 -29.99
N PRO L 95 -47.52 53.46 -29.35
CA PRO L 95 -47.22 53.39 -27.90
C PRO L 95 -45.74 53.35 -27.60
N LEU L 96 -44.92 52.92 -28.55
CA LEU L 96 -43.49 52.84 -28.34
C LEU L 96 -42.71 53.85 -29.18
N LYS L 97 -43.36 54.46 -30.17
CA LYS L 97 -42.83 55.68 -30.78
C LYS L 97 -42.79 56.80 -29.75
N PHE L 98 -43.85 56.92 -28.96
CA PHE L 98 -44.01 58.03 -28.05
C PHE L 98 -43.75 57.59 -26.61
N LEU L 99 -43.32 58.54 -25.80
CA LEU L 99 -43.11 58.32 -24.37
C LEU L 99 -44.42 58.64 -23.64
N ARG L 100 -44.34 58.74 -22.31
CA ARG L 100 -45.49 58.80 -21.40
C ARG L 100 -46.49 59.93 -21.62
N PRO L 101 -46.14 61.08 -22.26
CA PRO L 101 -47.21 61.90 -22.87
C PRO L 101 -47.63 61.43 -24.25
N HIS L 102 -47.78 60.11 -24.43
CA HIS L 102 -48.59 59.59 -25.52
C HIS L 102 -50.07 59.76 -25.22
N TYR L 103 -50.43 59.92 -23.94
CA TYR L 103 -51.80 59.84 -23.46
C TYR L 103 -52.71 60.93 -24.02
N GLY L 104 -52.14 62.04 -24.51
CA GLY L 104 -52.93 63.03 -25.18
C GLY L 104 -52.95 62.85 -26.69
N LYS L 105 -52.09 61.98 -27.20
CA LYS L 105 -51.90 61.85 -28.64
C LYS L 105 -51.83 60.38 -29.07
N LEU L 106 -52.80 59.58 -28.61
CA LEU L 106 -53.08 58.31 -29.27
C LEU L 106 -53.98 58.48 -30.49
N LYS L 107 -54.15 59.71 -30.97
CA LYS L 107 -55.13 60.05 -31.98
C LYS L 107 -54.54 60.76 -33.18
N GLU L 108 -53.35 61.36 -33.07
CA GLU L 108 -52.77 62.15 -34.15
C GLU L 108 -52.24 61.29 -35.29
N ILE L 109 -52.20 59.98 -35.12
CA ILE L 109 -52.08 59.04 -36.23
C ILE L 109 -53.38 58.25 -36.41
N TYR L 110 -53.98 57.80 -35.32
CA TYR L 110 -55.11 56.87 -35.42
C TYR L 110 -56.39 57.58 -35.82
N GLU L 111 -56.78 58.62 -35.08
CA GLU L 111 -58.10 59.22 -35.22
C GLU L 111 -58.14 60.28 -36.34
N ASN L 112 -57.13 60.32 -37.21
CA ASN L 112 -57.31 60.98 -38.50
C ASN L 112 -58.39 60.26 -39.29
N MET L 113 -58.25 58.94 -39.41
CA MET L 113 -59.35 58.04 -39.77
C MET L 113 -58.95 56.66 -39.29
N ALA L 114 -59.78 56.07 -38.43
CA ALA L 114 -59.58 54.69 -38.02
C ALA L 114 -59.84 53.77 -39.20
N PRO L 115 -58.83 53.06 -39.74
CA PRO L 115 -59.05 52.33 -41.00
C PRO L 115 -59.87 51.06 -40.83
N GLY L 116 -61.15 51.15 -41.18
CA GLY L 116 -62.02 50.00 -41.24
C GLY L 116 -62.28 49.25 -39.95
N GLU L 117 -61.66 48.08 -39.84
CA GLU L 117 -62.04 47.04 -38.89
C GLU L 117 -60.80 46.53 -38.15
N ASN L 118 -60.07 47.47 -37.53
CA ASN L 118 -58.69 47.38 -37.04
C ASN L 118 -58.26 46.08 -36.37
N LYS L 119 -59.20 45.34 -35.80
CA LYS L 119 -58.97 43.96 -35.38
C LYS L 119 -58.76 42.99 -36.55
N ARG L 120 -58.99 43.42 -37.81
CA ARG L 120 -58.71 42.57 -38.96
C ARG L 120 -57.24 42.21 -39.07
N PHE L 121 -56.36 43.12 -38.65
CA PHE L 121 -54.94 42.85 -38.54
C PHE L 121 -54.52 42.78 -37.08
N ALA L 122 -55.49 42.63 -36.18
CA ALA L 122 -55.22 42.51 -34.75
C ALA L 122 -56.09 41.45 -34.10
N ALA L 123 -56.42 40.36 -34.80
CA ALA L 123 -57.33 39.37 -34.24
C ALA L 123 -56.62 38.37 -33.35
N ASP L 124 -55.64 37.64 -33.88
CA ASP L 124 -55.01 36.54 -33.16
C ASP L 124 -53.98 37.02 -32.15
N ILE L 125 -53.57 38.28 -32.21
CA ILE L 125 -52.62 38.83 -31.26
C ILE L 125 -53.38 39.30 -30.02
N ILE L 126 -52.80 39.06 -28.85
CA ILE L 126 -53.53 39.29 -27.61
C ILE L 126 -53.59 40.77 -27.27
N SER L 127 -52.43 41.37 -26.98
CA SER L 127 -52.43 42.77 -26.58
C SER L 127 -51.25 43.57 -27.11
N VAL L 128 -50.36 42.98 -27.91
CA VAL L 128 -49.14 43.68 -28.29
C VAL L 128 -49.45 44.70 -29.39
N LEU L 129 -50.44 44.42 -30.24
CA LEU L 129 -50.73 45.32 -31.35
C LEU L 129 -51.44 46.57 -30.87
N ALA L 130 -52.69 46.42 -30.43
CA ALA L 130 -53.48 47.59 -30.07
C ALA L 130 -54.36 47.42 -28.84
N MET L 131 -54.40 46.24 -28.22
CA MET L 131 -55.35 46.03 -27.13
C MET L 131 -54.86 46.65 -25.83
N THR L 132 -53.55 46.63 -25.60
CA THR L 132 -52.98 47.47 -24.57
C THR L 132 -53.16 48.94 -24.93
N MET L 133 -52.96 49.26 -26.22
CA MET L 133 -53.17 50.62 -26.70
C MET L 133 -54.63 51.04 -26.61
N SER L 134 -55.57 50.09 -26.72
CA SER L 134 -56.98 50.40 -26.56
C SER L 134 -57.31 50.74 -25.11
N GLY L 135 -56.68 50.04 -24.17
CA GLY L 135 -56.83 50.41 -22.77
C GLY L 135 -56.18 51.74 -22.44
N GLU L 136 -55.14 52.11 -23.21
CA GLU L 136 -54.51 53.42 -23.04
C GLU L 136 -55.44 54.53 -23.53
N ARG L 137 -56.29 54.22 -24.51
CA ARG L 137 -57.28 55.21 -24.94
C ARG L 137 -58.38 55.38 -23.89
N GLU L 138 -58.87 54.27 -23.34
CA GLU L 138 -60.00 54.35 -22.43
C GLU L 138 -59.58 54.83 -21.05
N CYS L 139 -58.28 54.73 -20.72
CA CYS L 139 -57.79 55.25 -19.44
C CYS L 139 -57.91 56.77 -19.38
N LEU L 140 -57.19 57.46 -20.25
CA LEU L 140 -57.01 58.90 -20.14
C LEU L 140 -57.86 59.68 -21.13
N LYS L 141 -57.95 59.21 -22.39
CA LYS L 141 -58.59 60.01 -23.43
C LYS L 141 -60.11 60.03 -23.27
N TYR L 142 -60.70 58.88 -22.98
CA TYR L 142 -62.16 58.84 -22.84
C TYR L 142 -62.61 59.47 -21.53
N ARG L 143 -61.78 59.43 -20.50
CA ARG L 143 -62.18 59.95 -19.20
C ARG L 143 -62.22 61.48 -19.20
N LEU L 144 -61.29 62.12 -19.90
CA LEU L 144 -61.34 63.58 -20.01
C LEU L 144 -62.50 64.04 -20.88
N VAL L 145 -62.87 63.23 -21.87
CA VAL L 145 -64.09 63.50 -22.63
C VAL L 145 -65.30 63.22 -21.75
N GLY L 146 -65.37 62.01 -21.19
CA GLY L 146 -66.51 61.62 -20.38
C GLY L 146 -66.47 62.04 -18.92
N SER L 147 -65.75 63.13 -18.62
CA SER L 147 -65.82 63.71 -17.29
C SER L 147 -67.09 64.52 -17.10
N GLN L 148 -67.42 65.36 -18.08
CA GLN L 148 -68.65 66.13 -18.11
C GLN L 148 -69.34 66.08 -19.46
N GLU L 149 -68.71 65.49 -20.47
CA GLU L 149 -69.15 65.55 -21.86
C GLU L 149 -69.15 64.12 -22.41
N GLU L 150 -69.87 63.24 -21.72
CA GLU L 150 -70.07 61.88 -22.19
C GLU L 150 -70.73 61.86 -23.58
N LEU L 151 -71.88 62.53 -23.70
CA LEU L 151 -72.55 62.63 -24.99
C LEU L 151 -71.78 63.58 -25.89
N ALA L 152 -70.91 63.04 -26.74
CA ALA L 152 -69.93 63.85 -27.44
C ALA L 152 -69.63 63.21 -28.79
N SER L 153 -68.50 63.59 -29.37
CA SER L 153 -68.09 63.26 -30.73
C SER L 153 -67.58 61.83 -30.87
N TRP L 154 -66.86 61.59 -31.97
CA TRP L 154 -66.22 60.33 -32.37
C TRP L 154 -65.41 59.66 -31.25
N GLY L 155 -64.89 60.45 -30.31
CA GLY L 155 -64.28 59.93 -29.09
C GLY L 155 -65.25 59.25 -28.14
N HIS L 156 -66.55 59.29 -28.41
CA HIS L 156 -67.55 58.51 -27.71
C HIS L 156 -68.36 57.62 -28.64
N GLU L 157 -68.66 58.10 -29.85
CA GLU L 157 -69.66 57.45 -30.70
C GLU L 157 -69.14 56.13 -31.26
N TYR L 158 -68.05 56.17 -32.03
CA TYR L 158 -67.42 54.95 -32.49
C TYR L 158 -66.73 54.21 -31.36
N VAL L 159 -66.26 54.96 -30.35
CA VAL L 159 -65.54 54.40 -29.20
C VAL L 159 -66.42 53.46 -28.39
N ARG L 160 -67.74 53.68 -28.40
CA ARG L 160 -68.67 52.73 -27.80
C ARG L 160 -68.56 51.35 -28.44
N HIS L 161 -68.82 51.29 -29.75
CA HIS L 161 -68.75 50.00 -30.44
C HIS L 161 -67.31 49.52 -30.60
N LEU L 162 -66.34 50.44 -30.60
CA LEU L 162 -64.93 50.04 -30.56
C LEU L 162 -64.62 49.31 -29.27
N ALA L 163 -65.07 49.85 -28.13
CA ALA L 163 -64.94 49.14 -26.87
C ALA L 163 -65.87 47.94 -26.81
N GLY L 164 -66.92 47.91 -27.63
CA GLY L 164 -67.80 46.76 -27.64
C GLY L 164 -67.13 45.53 -28.25
N GLU L 165 -66.52 45.70 -29.42
CA GLU L 165 -65.87 44.57 -30.08
C GLU L 165 -64.58 44.16 -29.38
N VAL L 166 -63.89 45.11 -28.74
CA VAL L 166 -62.71 44.78 -27.96
C VAL L 166 -63.10 43.95 -26.74
N ALA L 167 -64.19 44.33 -26.07
CA ALA L 167 -64.66 43.56 -24.93
C ALA L 167 -65.19 42.20 -25.36
N LYS L 168 -65.67 42.06 -26.60
CA LYS L 168 -65.93 40.72 -27.12
C LYS L 168 -64.64 39.97 -27.39
N GLU L 169 -63.57 40.70 -27.78
CA GLU L 169 -62.32 40.06 -28.16
C GLU L 169 -61.57 39.48 -26.96
N TRP L 170 -61.83 39.99 -25.75
CA TRP L 170 -61.19 39.42 -24.56
C TRP L 170 -61.69 38.00 -24.30
N GLN L 171 -63.00 37.78 -24.42
CA GLN L 171 -63.50 36.41 -24.41
C GLN L 171 -63.65 35.85 -25.82
N GLU L 172 -62.69 36.05 -26.70
CA GLU L 172 -62.78 35.46 -28.02
C GLU L 172 -61.54 34.64 -28.37
N LEU L 173 -60.37 35.25 -28.17
CA LEU L 173 -59.09 34.71 -28.64
C LEU L 173 -58.74 33.40 -27.95
N ASP L 174 -58.52 33.47 -26.63
CA ASP L 174 -58.06 32.35 -25.85
C ASP L 174 -59.01 31.99 -24.72
N ASP L 175 -59.93 32.89 -24.35
CA ASP L 175 -60.84 32.76 -23.21
C ASP L 175 -60.08 32.48 -21.91
N ALA L 176 -58.94 33.16 -21.75
CA ALA L 176 -58.08 33.02 -20.57
C ALA L 176 -58.63 33.89 -19.44
N GLU L 177 -57.81 34.16 -18.42
CA GLU L 177 -58.20 35.05 -17.31
C GLU L 177 -58.37 36.55 -17.73
N LYS L 178 -58.23 36.88 -19.02
CA LYS L 178 -58.63 38.15 -19.62
C LYS L 178 -60.15 38.31 -19.71
N VAL L 179 -60.92 37.32 -19.27
CA VAL L 179 -62.35 37.53 -18.98
C VAL L 179 -62.50 38.65 -17.96
N GLN L 180 -61.72 38.59 -16.89
CA GLN L 180 -61.74 39.64 -15.88
C GLN L 180 -61.14 40.95 -16.37
N ARG L 181 -60.42 40.95 -17.50
CA ARG L 181 -60.00 42.20 -18.11
C ARG L 181 -61.18 42.98 -18.67
N GLU L 182 -62.31 42.33 -18.95
CA GLU L 182 -63.47 43.07 -19.42
C GLU L 182 -64.08 43.96 -18.33
N PRO L 183 -64.24 43.53 -17.06
CA PRO L 183 -64.55 44.54 -16.02
C PRO L 183 -63.43 45.53 -15.75
N LEU L 184 -62.17 45.16 -16.02
CA LEU L 184 -61.10 46.15 -16.03
C LEU L 184 -61.30 47.17 -17.14
N LEU L 185 -61.94 46.78 -18.24
CA LEU L 185 -62.17 47.72 -19.32
C LEU L 185 -63.49 48.47 -19.11
N THR L 186 -64.51 47.78 -18.61
CA THR L 186 -65.85 48.35 -18.55
C THR L 186 -65.96 49.39 -17.44
N LEU L 187 -65.13 49.29 -16.42
CA LEU L 187 -65.24 50.21 -15.30
C LEU L 187 -64.30 51.41 -15.43
N VAL L 188 -63.16 51.25 -16.09
CA VAL L 188 -62.30 52.40 -16.36
C VAL L 188 -62.96 53.32 -17.39
N LYS L 189 -63.51 52.73 -18.44
CA LYS L 189 -64.36 53.48 -19.37
C LYS L 189 -65.65 53.87 -18.67
N GLU L 190 -65.94 55.18 -18.62
CA GLU L 190 -67.14 55.80 -18.05
C GLU L 190 -67.50 55.23 -16.67
N ILE L 191 -66.64 55.62 -15.71
CA ILE L 191 -66.66 55.12 -14.34
C ILE L 191 -68.04 55.28 -13.70
N VAL L 192 -68.60 56.48 -13.79
CA VAL L 192 -69.94 56.74 -13.24
C VAL L 192 -71.02 56.22 -14.19
N PRO L 193 -70.94 56.42 -15.63
CA PRO L 193 -71.88 55.71 -16.52
C PRO L 193 -71.48 54.26 -16.81
N TYR L 194 -71.18 53.51 -15.74
CA TYR L 194 -70.80 52.10 -15.88
C TYR L 194 -71.94 51.27 -16.46
N ASN L 195 -73.18 51.58 -16.05
CA ASN L 195 -74.34 50.87 -16.54
C ASN L 195 -74.57 51.12 -18.03
N MET L 196 -74.25 52.32 -18.51
CA MET L 196 -74.35 52.61 -19.94
C MET L 196 -73.30 51.82 -20.71
N ALA L 197 -72.16 51.56 -20.09
CA ALA L 197 -71.22 50.59 -20.64
C ALA L 197 -71.70 49.16 -20.41
N HIS L 198 -72.20 48.87 -19.21
CA HIS L 198 -72.56 47.51 -18.84
C HIS L 198 -73.81 47.01 -19.54
N ASN L 199 -74.72 47.91 -19.97
CA ASN L 199 -75.96 47.45 -20.60
C ASN L 199 -75.68 46.77 -21.94
N ALA L 200 -74.74 47.31 -22.71
CA ALA L 200 -74.25 46.59 -23.88
C ALA L 200 -73.44 45.36 -23.46
N GLU L 201 -72.71 45.47 -22.34
CA GLU L 201 -71.89 44.35 -21.90
C GLU L 201 -72.72 43.32 -21.13
N HIS L 202 -73.93 43.68 -20.71
CA HIS L 202 -74.84 42.68 -20.18
C HIS L 202 -75.34 41.76 -21.30
N GLU L 203 -75.87 42.37 -22.37
CA GLU L 203 -76.43 41.60 -23.47
C GLU L 203 -75.36 40.86 -24.24
N ALA L 204 -74.14 41.43 -24.30
CA ALA L 204 -73.02 40.70 -24.89
C ALA L 204 -72.61 39.51 -24.04
N CYS L 205 -72.69 39.64 -22.72
CA CYS L 205 -72.39 38.52 -21.84
C CYS L 205 -73.49 37.46 -21.87
N ASP L 206 -74.73 37.88 -22.15
CA ASP L 206 -75.84 36.94 -22.20
C ASP L 206 -75.68 35.98 -23.37
N LEU L 207 -75.08 36.45 -24.46
CA LEU L 207 -74.79 35.62 -25.62
C LEU L 207 -73.33 35.21 -25.70
N LEU L 208 -72.56 35.41 -24.62
CA LEU L 208 -71.14 35.08 -24.64
C LEU L 208 -70.92 33.60 -24.34
N MET L 209 -71.30 33.17 -23.14
CA MET L 209 -71.07 31.80 -22.69
C MET L 209 -72.04 31.55 -21.54
N GLU L 210 -72.21 30.29 -21.19
CA GLU L 210 -72.94 29.92 -19.98
C GLU L 210 -72.09 29.08 -19.04
N ILE L 211 -70.83 28.81 -19.39
CA ILE L 211 -69.87 28.20 -18.51
C ILE L 211 -68.86 29.22 -18.00
N GLU L 212 -68.53 30.22 -18.83
CA GLU L 212 -67.59 31.28 -18.49
C GLU L 212 -68.34 32.51 -17.98
N GLN L 213 -69.40 32.26 -17.22
CA GLN L 213 -70.08 33.31 -16.47
C GLN L 213 -69.57 33.43 -15.04
N VAL L 214 -69.28 32.29 -14.40
CA VAL L 214 -69.26 32.24 -12.94
C VAL L 214 -68.02 32.90 -12.34
N ASP L 215 -66.87 32.85 -13.01
CA ASP L 215 -65.69 33.49 -12.42
C ASP L 215 -65.72 35.00 -12.63
N MET L 216 -66.31 35.46 -13.74
CA MET L 216 -66.59 36.88 -13.88
C MET L 216 -67.72 37.30 -12.95
N LEU L 217 -68.66 36.38 -12.68
CA LEU L 217 -69.75 36.63 -11.74
C LEU L 217 -69.24 36.89 -10.34
N GLU L 218 -68.27 36.11 -9.87
CA GLU L 218 -67.66 36.39 -8.57
C GLU L 218 -66.61 37.49 -8.65
N LYS L 219 -66.13 37.81 -9.86
CA LYS L 219 -65.25 38.95 -10.01
C LYS L 219 -66.00 40.26 -9.75
N ASP L 220 -67.28 40.32 -10.13
CA ASP L 220 -68.08 41.51 -9.91
C ASP L 220 -68.31 41.74 -8.42
N ILE L 221 -68.72 40.69 -7.69
CA ILE L 221 -69.04 40.84 -6.28
C ILE L 221 -67.76 41.02 -5.45
N ASP L 222 -66.60 40.60 -5.96
CA ASP L 222 -65.37 40.94 -5.27
C ASP L 222 -65.04 42.41 -5.46
N GLU L 223 -65.31 42.94 -6.65
CA GLU L 223 -65.22 44.38 -6.87
C GLU L 223 -66.36 45.13 -6.18
N ASN L 224 -67.48 44.46 -5.93
CA ASN L 224 -68.58 45.04 -5.20
C ASN L 224 -68.45 44.88 -3.69
N ALA L 225 -67.31 44.34 -3.21
CA ALA L 225 -67.08 44.29 -1.77
C ALA L 225 -66.79 45.69 -1.22
N TYR L 226 -66.25 46.57 -2.05
CA TYR L 226 -65.96 47.94 -1.69
C TYR L 226 -65.80 48.75 -2.96
N ALA L 227 -66.38 49.94 -2.97
CA ALA L 227 -66.31 50.86 -4.10
C ALA L 227 -66.63 52.26 -3.58
N LYS L 228 -66.90 53.19 -4.50
CA LYS L 228 -67.50 54.47 -4.17
C LYS L 228 -68.99 54.23 -3.89
N VAL L 229 -69.69 55.24 -3.35
CA VAL L 229 -71.13 55.16 -3.12
C VAL L 229 -71.87 54.90 -4.41
N CYS L 230 -71.56 55.65 -5.46
CA CYS L 230 -72.26 55.50 -6.73
C CYS L 230 -71.82 54.26 -7.49
N LEU L 231 -70.56 53.83 -7.35
CA LEU L 231 -70.11 52.61 -8.02
C LEU L 231 -70.73 51.37 -7.37
N TYR L 232 -70.80 51.36 -6.03
CA TYR L 232 -71.52 50.31 -5.34
C TYR L 232 -73.02 50.39 -5.59
N LEU L 233 -73.51 51.60 -5.92
CA LEU L 233 -74.89 51.76 -6.37
C LEU L 233 -75.11 51.23 -7.77
N THR L 234 -74.09 51.23 -8.62
CA THR L 234 -74.26 50.92 -10.03
C THR L 234 -73.96 49.46 -10.34
N SER L 235 -72.76 48.99 -10.00
CA SER L 235 -72.33 47.66 -10.40
C SER L 235 -73.02 46.56 -9.61
N CYS L 236 -73.72 46.89 -8.53
CA CYS L 236 -74.49 45.87 -7.83
C CYS L 236 -75.82 45.60 -8.54
N VAL L 237 -76.42 46.61 -9.15
CA VAL L 237 -77.65 46.35 -9.90
C VAL L 237 -77.31 45.85 -11.30
N ASN L 238 -76.11 46.13 -11.80
CA ASN L 238 -75.62 45.41 -12.98
C ASN L 238 -75.38 43.94 -12.68
N TYR L 239 -75.03 43.63 -11.42
CA TYR L 239 -74.80 42.25 -11.00
C TYR L 239 -76.07 41.42 -10.99
N VAL L 240 -77.23 42.07 -10.85
CA VAL L 240 -78.48 41.32 -10.64
C VAL L 240 -78.90 40.45 -11.82
N PRO L 241 -79.08 40.97 -13.05
CA PRO L 241 -79.76 40.14 -14.05
C PRO L 241 -78.88 39.08 -14.71
N GLU L 242 -77.62 38.91 -14.31
CA GLU L 242 -76.76 37.95 -15.00
C GLU L 242 -77.08 36.49 -14.63
N PRO L 243 -77.39 36.13 -13.38
CA PRO L 243 -78.06 34.85 -13.14
C PRO L 243 -79.57 34.87 -13.37
N GLU L 244 -80.13 35.98 -13.86
CA GLU L 244 -81.54 36.02 -14.22
C GLU L 244 -81.76 35.88 -15.72
N ASN L 245 -80.88 36.46 -16.53
CA ASN L 245 -81.05 36.49 -17.97
C ASN L 245 -80.14 35.54 -18.71
N SER L 246 -78.84 35.56 -18.44
CA SER L 246 -77.91 34.67 -19.13
C SER L 246 -78.10 33.23 -18.64
N ALA L 247 -77.83 32.99 -17.37
CA ALA L 247 -78.08 31.70 -16.76
C ALA L 247 -79.33 31.79 -15.89
N LEU L 248 -79.74 30.66 -15.35
CA LEU L 248 -80.80 30.59 -14.35
C LEU L 248 -80.33 29.79 -13.15
N LEU L 249 -79.14 30.12 -12.66
CA LEU L 249 -78.70 29.63 -11.36
C LEU L 249 -79.67 30.09 -10.28
N ARG L 250 -79.92 31.40 -10.19
CA ARG L 250 -81.14 32.08 -9.74
C ARG L 250 -81.56 31.76 -8.30
N CYS L 251 -80.82 30.91 -7.59
CA CYS L 251 -81.10 30.71 -6.18
C CYS L 251 -80.25 31.65 -5.35
N ALA L 252 -79.34 32.36 -6.00
CA ALA L 252 -78.59 33.45 -5.41
C ALA L 252 -79.32 34.78 -5.51
N LEU L 253 -80.64 34.76 -5.61
CA LEU L 253 -81.37 36.02 -5.67
C LEU L 253 -81.52 36.63 -4.28
N GLY L 254 -82.25 35.94 -3.39
CA GLY L 254 -82.79 36.49 -2.17
C GLY L 254 -81.84 37.16 -1.19
N VAL L 255 -80.72 36.49 -0.91
CA VAL L 255 -79.71 37.06 -0.02
C VAL L 255 -78.73 37.93 -0.78
N PHE L 256 -78.41 37.57 -2.01
CA PHE L 256 -77.39 38.30 -2.75
C PHE L 256 -77.98 39.45 -3.55
N ARG L 257 -79.28 39.68 -3.42
CA ARG L 257 -79.90 40.94 -3.82
C ARG L 257 -80.47 41.68 -2.62
N LYS L 258 -80.42 41.06 -1.43
CA LYS L 258 -80.43 41.83 -0.20
C LYS L 258 -79.15 42.67 -0.08
N PHE L 259 -78.07 42.22 -0.76
CA PHE L 259 -77.00 43.11 -1.19
C PHE L 259 -77.53 44.40 -1.80
N SER L 260 -78.47 44.27 -2.73
CA SER L 260 -78.96 45.39 -3.53
C SER L 260 -80.30 45.92 -3.07
N ARG L 261 -80.75 45.56 -1.86
CA ARG L 261 -82.05 46.06 -1.41
C ARG L 261 -81.95 47.50 -0.93
N PHE L 262 -81.16 47.74 0.11
CA PHE L 262 -80.96 49.08 0.66
C PHE L 262 -80.21 50.10 -0.22
N PRO L 263 -79.13 49.74 -1.01
CA PRO L 263 -78.49 50.79 -1.85
C PRO L 263 -79.37 51.37 -2.95
N GLU L 264 -79.89 50.52 -3.85
CA GLU L 264 -80.54 51.06 -5.04
C GLU L 264 -81.97 51.51 -4.74
N ALA L 265 -82.84 50.57 -4.37
CA ALA L 265 -84.22 50.89 -4.04
C ALA L 265 -84.80 49.72 -3.25
N LEU L 266 -85.55 50.05 -2.19
CA LEU L 266 -86.20 49.03 -1.37
C LEU L 266 -87.26 48.28 -2.19
N ARG L 267 -87.95 48.99 -3.07
CA ARG L 267 -88.93 48.34 -3.95
C ARG L 267 -88.26 47.51 -5.04
N LEU L 268 -86.99 47.78 -5.35
CA LEU L 268 -86.33 47.06 -6.44
C LEU L 268 -86.10 45.60 -6.07
N ALA L 269 -85.60 45.35 -4.85
CA ALA L 269 -85.55 43.99 -4.36
C ALA L 269 -86.93 43.43 -4.08
N LEU L 270 -87.92 44.28 -3.84
CA LEU L 270 -89.30 43.82 -3.75
C LEU L 270 -89.81 43.45 -5.14
N MET L 271 -89.33 44.14 -6.18
CA MET L 271 -89.56 43.67 -7.53
C MET L 271 -88.75 42.42 -7.82
N LEU L 272 -87.62 42.25 -7.14
CA LEU L 272 -86.90 40.98 -7.20
C LEU L 272 -87.55 39.93 -6.31
N ASN L 273 -88.19 40.38 -5.22
CA ASN L 273 -89.11 39.49 -4.50
C ASN L 273 -90.29 39.12 -5.39
N ASP L 274 -90.70 40.04 -6.27
CA ASP L 274 -91.67 39.67 -7.30
C ASP L 274 -91.04 38.73 -8.32
N MET L 275 -89.75 38.94 -8.64
CA MET L 275 -89.04 38.01 -9.51
C MET L 275 -88.81 36.67 -8.83
N GLU L 276 -88.83 36.62 -7.49
CA GLU L 276 -88.92 35.33 -6.82
C GLU L 276 -90.25 34.66 -7.10
N LEU L 277 -91.34 35.42 -7.01
CA LEU L 277 -92.67 34.87 -7.24
C LEU L 277 -93.00 34.67 -8.72
N VAL L 278 -92.10 35.04 -9.62
CA VAL L 278 -92.24 34.64 -11.02
C VAL L 278 -91.70 33.24 -11.23
N GLU L 279 -90.42 33.02 -10.91
CA GLU L 279 -89.76 31.75 -11.19
C GLU L 279 -90.05 30.74 -10.06
N ASP L 280 -91.26 30.19 -10.12
CA ASP L 280 -91.77 29.30 -9.08
C ASP L 280 -91.51 27.84 -9.39
N ILE L 281 -90.61 27.71 -10.37
CA ILE L 281 -90.10 26.49 -11.00
C ILE L 281 -90.66 25.18 -10.52
N PHE L 282 -89.88 24.51 -9.70
CA PHE L 282 -90.37 23.37 -8.97
C PHE L 282 -90.70 23.83 -7.57
N THR L 283 -89.89 23.38 -6.62
CA THR L 283 -89.96 23.64 -5.19
C THR L 283 -88.60 23.81 -4.53
N SER L 284 -87.55 23.11 -5.00
CA SER L 284 -86.34 22.90 -4.22
C SER L 284 -85.47 24.16 -4.16
N CYS L 285 -85.25 24.81 -5.30
CA CYS L 285 -84.61 26.11 -5.29
C CYS L 285 -85.54 27.15 -4.69
N LYS L 286 -86.85 27.01 -4.95
CA LYS L 286 -87.86 27.91 -4.39
C LYS L 286 -87.89 27.80 -2.86
N ASP L 287 -87.70 26.59 -2.33
CA ASP L 287 -87.72 26.39 -0.88
C ASP L 287 -86.60 27.16 -0.20
N VAL L 288 -85.40 27.14 -0.79
CA VAL L 288 -84.23 27.65 -0.07
C VAL L 288 -83.98 29.12 -0.43
N VAL L 289 -84.56 29.58 -1.56
CA VAL L 289 -84.73 31.01 -1.77
C VAL L 289 -85.55 31.61 -0.64
N VAL L 290 -86.66 30.96 -0.27
CA VAL L 290 -87.49 31.55 0.79
C VAL L 290 -87.16 31.03 2.18
N GLN L 291 -86.16 30.15 2.35
CA GLN L 291 -85.74 29.81 3.71
C GLN L 291 -85.10 31.00 4.39
N LYS L 292 -84.36 31.82 3.65
CA LYS L 292 -83.64 32.91 4.30
C LYS L 292 -84.54 34.10 4.61
N GLN L 293 -85.66 34.22 3.91
CA GLN L 293 -86.58 35.36 3.97
C GLN L 293 -87.28 35.54 5.33
N MET L 294 -87.08 34.74 6.38
CA MET L 294 -87.76 34.90 7.65
C MET L 294 -86.83 35.28 8.78
N ALA L 295 -85.81 34.47 9.03
CA ALA L 295 -84.88 34.67 10.14
C ALA L 295 -83.47 34.39 9.69
N PHE L 296 -83.06 34.99 8.57
CA PHE L 296 -81.66 34.93 8.19
C PHE L 296 -81.14 36.30 7.75
N MET L 297 -81.99 37.12 7.13
CA MET L 297 -81.62 38.52 6.96
C MET L 297 -82.74 39.51 7.24
N LEU L 298 -84.01 39.13 7.13
CA LEU L 298 -85.12 39.99 7.50
C LEU L 298 -86.35 39.11 7.66
N GLY L 299 -87.37 39.65 8.32
CA GLY L 299 -88.67 39.00 8.35
C GLY L 299 -89.64 39.67 7.40
N ARG L 300 -90.79 40.11 7.94
CA ARG L 300 -91.79 41.01 7.32
C ARG L 300 -92.22 40.60 5.90
N HIS L 301 -92.15 39.31 5.56
CA HIS L 301 -92.51 38.84 4.24
C HIS L 301 -93.81 38.04 4.25
N GLY L 302 -94.52 38.03 5.38
CA GLY L 302 -95.69 37.19 5.54
C GLY L 302 -96.98 37.78 5.04
N VAL L 303 -96.90 38.75 4.14
CA VAL L 303 -98.08 39.40 3.58
C VAL L 303 -98.20 39.21 2.08
N PHE L 304 -97.19 38.64 1.41
CA PHE L 304 -97.15 38.58 -0.04
C PHE L 304 -97.25 37.16 -0.58
N LEU L 305 -97.48 36.16 0.27
CA LEU L 305 -97.61 34.78 -0.19
C LEU L 305 -98.94 34.17 0.23
N GLU L 306 -99.98 34.98 0.37
CA GLU L 306 -101.34 34.50 0.62
C GLU L 306 -102.23 34.90 -0.56
N LEU L 307 -101.72 34.67 -1.76
CA LEU L 307 -102.45 34.93 -2.99
C LEU L 307 -103.12 33.64 -3.45
N SER L 308 -103.59 33.61 -4.69
CA SER L 308 -104.49 32.61 -5.28
C SER L 308 -103.92 31.15 -5.32
N GLU L 309 -102.72 30.80 -4.86
CA GLU L 309 -102.26 29.41 -4.93
C GLU L 309 -101.99 28.83 -3.54
N ASP L 310 -102.92 29.05 -2.61
CA ASP L 310 -102.77 28.62 -1.22
C ASP L 310 -103.10 27.13 -1.03
N VAL L 311 -102.25 26.28 -1.62
CA VAL L 311 -102.39 24.84 -1.37
C VAL L 311 -101.09 24.29 -0.79
N GLU L 312 -100.03 24.32 -1.58
CA GLU L 312 -98.67 24.05 -1.11
C GLU L 312 -97.65 25.04 -1.64
N GLU L 313 -97.91 25.68 -2.78
CA GLU L 313 -96.95 26.59 -3.38
C GLU L 313 -96.96 27.95 -2.68
N TYR L 314 -98.09 28.34 -2.10
CA TYR L 314 -98.13 29.54 -1.26
C TYR L 314 -98.37 29.22 0.20
N GLU L 315 -98.51 27.96 0.56
CA GLU L 315 -98.60 27.56 1.96
C GLU L 315 -97.24 27.21 2.54
N ASP L 316 -96.16 27.54 1.82
CA ASP L 316 -94.83 27.53 2.40
C ASP L 316 -94.61 28.73 3.31
N LEU L 317 -95.45 29.76 3.20
CA LEU L 317 -95.24 31.03 3.89
C LEU L 317 -95.26 30.87 5.40
N THR L 318 -96.32 30.26 5.94
CA THR L 318 -96.38 29.99 7.37
C THR L 318 -95.37 28.91 7.76
N GLU L 319 -95.08 27.98 6.85
CA GLU L 319 -94.01 27.00 7.07
C GLU L 319 -92.67 27.71 7.21
N ILE L 320 -92.42 28.71 6.39
CA ILE L 320 -91.24 29.55 6.53
C ILE L 320 -91.30 30.36 7.82
N MET L 321 -92.50 30.83 8.18
CA MET L 321 -92.65 31.83 9.23
C MET L 321 -92.38 31.24 10.61
N SER L 322 -93.01 30.10 10.91
CA SER L 322 -92.86 29.51 12.25
C SER L 322 -92.62 28.01 12.27
N ASN L 323 -92.87 27.27 11.18
CA ASN L 323 -92.76 25.81 11.26
C ASN L 323 -91.32 25.34 11.08
N VAL L 324 -90.59 25.91 10.12
CA VAL L 324 -89.17 25.61 10.03
C VAL L 324 -88.40 26.32 11.14
N GLN L 325 -88.98 27.37 11.71
CA GLN L 325 -88.51 27.90 12.99
C GLN L 325 -88.66 26.85 14.09
N LEU L 326 -89.79 26.16 14.11
CA LEU L 326 -90.00 25.09 15.07
C LEU L 326 -89.24 23.82 14.68
N ASN L 327 -88.96 23.63 13.39
CA ASN L 327 -88.06 22.56 12.99
C ASN L 327 -86.63 22.89 13.42
N SER L 328 -86.30 24.18 13.47
CA SER L 328 -85.06 24.63 14.09
C SER L 328 -85.11 24.48 15.61
N ASN L 329 -86.29 24.56 16.20
CA ASN L 329 -86.41 24.19 17.61
C ASN L 329 -86.25 22.69 17.79
N PHE L 330 -86.63 21.92 16.76
CA PHE L 330 -86.43 20.47 16.79
C PHE L 330 -84.96 20.11 16.64
N LEU L 331 -84.15 21.03 16.08
CA LEU L 331 -82.69 20.87 16.17
C LEU L 331 -82.23 20.89 17.61
N ALA L 332 -82.59 21.95 18.34
CA ALA L 332 -82.16 22.10 19.72
C ALA L 332 -82.89 21.14 20.66
N LEU L 333 -84.07 20.67 20.26
CA LEU L 333 -84.74 19.63 21.03
C LEU L 333 -84.13 18.26 20.76
N ALA L 334 -84.20 17.78 19.52
CA ALA L 334 -83.77 16.41 19.25
C ALA L 334 -82.26 16.32 19.15
N ARG L 335 -81.68 17.07 18.22
CA ARG L 335 -80.29 16.81 17.83
C ARG L 335 -79.29 17.29 18.88
N GLU L 336 -79.64 18.30 19.67
CA GLU L 336 -78.67 18.88 20.58
C GLU L 336 -78.79 18.35 22.01
N LEU L 337 -79.84 17.60 22.32
CA LEU L 337 -79.78 16.70 23.47
C LEU L 337 -78.99 15.44 23.13
N ASP L 338 -78.84 15.13 21.84
CA ASP L 338 -78.13 13.93 21.43
C ASP L 338 -76.62 14.14 21.45
N ILE L 339 -76.17 15.32 21.06
CA ILE L 339 -74.73 15.55 20.89
C ILE L 339 -74.06 15.75 22.24
N MET L 340 -74.41 16.81 22.97
CA MET L 340 -73.75 17.06 24.26
C MET L 340 -74.60 17.94 25.13
N GLU L 341 -75.77 17.44 25.52
CA GLU L 341 -76.62 18.31 26.31
C GLU L 341 -77.62 17.76 27.31
N PRO L 342 -77.21 17.63 28.61
CA PRO L 342 -78.37 17.38 29.49
C PRO L 342 -78.97 18.69 29.97
N LYS L 343 -80.04 18.67 30.75
CA LYS L 343 -80.88 19.85 30.96
C LYS L 343 -80.16 20.92 31.77
N VAL L 344 -79.33 20.53 32.73
CA VAL L 344 -78.56 21.49 33.51
C VAL L 344 -77.11 21.06 33.62
N PRO L 345 -76.19 21.69 32.89
CA PRO L 345 -74.78 21.58 33.24
C PRO L 345 -74.52 22.21 34.59
N ASP L 346 -74.82 23.52 34.72
CA ASP L 346 -74.86 24.28 35.99
C ASP L 346 -73.51 24.25 36.74
N ASP L 347 -72.41 23.99 36.03
CA ASP L 347 -71.15 23.68 36.70
C ASP L 347 -69.97 24.50 36.21
N ILE L 348 -70.20 25.59 35.47
CA ILE L 348 -69.11 26.53 35.27
C ILE L 348 -68.88 27.29 36.57
N TYR L 349 -69.95 27.47 37.35
CA TYR L 349 -69.81 27.88 38.75
C TYR L 349 -69.03 26.85 39.55
N LYS L 350 -69.31 25.57 39.33
CA LYS L 350 -68.57 24.50 39.98
C LYS L 350 -67.14 24.39 39.45
N THR L 351 -66.85 24.93 38.27
CA THR L 351 -65.47 24.93 37.77
C THR L 351 -64.59 25.86 38.62
N HIS L 352 -65.18 26.77 39.38
CA HIS L 352 -64.50 27.50 40.45
C HIS L 352 -64.43 26.66 41.73
N LEU L 353 -63.82 25.48 41.62
CA LEU L 353 -63.66 24.58 42.76
C LEU L 353 -62.24 24.58 43.31
N GLU L 354 -61.23 24.62 42.44
CA GLU L 354 -59.84 24.54 42.84
C GLU L 354 -59.33 25.83 43.48
N ASN L 355 -60.12 26.90 43.43
CA ASN L 355 -59.70 28.19 43.99
C ASN L 355 -59.64 28.16 45.51
N ASN L 356 -60.45 27.29 46.15
CA ASN L 356 -60.57 27.27 47.60
C ASN L 356 -59.33 26.72 48.29
N ARG L 357 -58.47 25.99 47.59
CA ARG L 357 -57.20 25.54 48.13
C ARG L 357 -56.02 26.38 47.63
N PHE L 358 -56.25 27.32 46.72
CA PHE L 358 -55.20 28.17 46.18
C PHE L 358 -54.92 29.29 47.18
N GLY L 359 -53.98 29.04 48.08
CA GLY L 359 -53.62 30.02 49.08
C GLY L 359 -54.31 29.83 50.41
N GLY L 360 -54.29 28.59 50.91
CA GLY L 360 -54.83 28.31 52.23
C GLY L 360 -56.28 27.86 52.22
N SER L 361 -57.19 28.74 52.61
CA SER L 361 -58.60 28.40 52.77
C SER L 361 -59.45 29.23 51.81
N GLY L 362 -60.77 29.08 51.92
CA GLY L 362 -61.71 29.82 51.11
C GLY L 362 -62.90 30.30 51.91
N SER L 363 -64.05 30.43 51.24
CA SER L 363 -65.32 30.86 51.82
C SER L 363 -65.21 32.24 52.48
N GLN L 364 -64.67 33.19 51.72
CA GLN L 364 -64.49 34.56 52.19
C GLN L 364 -65.39 35.53 51.44
N VAL L 365 -65.95 35.12 50.30
CA VAL L 365 -66.71 35.99 49.43
C VAL L 365 -68.18 35.90 49.82
N ASP L 366 -68.73 37.01 50.32
CA ASP L 366 -70.13 37.08 50.71
C ASP L 366 -70.83 38.30 50.13
N SER L 367 -70.37 38.81 48.98
CA SER L 367 -70.92 40.03 48.41
C SER L 367 -72.31 39.76 47.82
N ALA L 368 -73.25 40.66 48.13
CA ALA L 368 -74.63 40.49 47.71
C ALA L 368 -74.82 40.74 46.22
N ARG L 369 -73.93 41.51 45.60
CA ARG L 369 -74.02 41.77 44.17
C ARG L 369 -73.45 40.63 43.33
N MET L 370 -72.74 39.68 43.95
CA MET L 370 -72.39 38.45 43.27
C MET L 370 -73.63 37.63 42.94
N ASN L 371 -74.67 37.76 43.76
CA ASN L 371 -75.92 37.01 43.58
C ASN L 371 -76.68 37.46 42.34
N LEU L 372 -76.34 38.61 41.77
CA LEU L 372 -76.78 38.95 40.42
C LEU L 372 -76.19 38.00 39.39
N ALA L 373 -74.89 37.72 39.51
CA ALA L 373 -74.24 36.78 38.60
C ALA L 373 -74.61 35.34 38.89
N SER L 374 -75.15 35.06 40.09
CA SER L 374 -75.59 33.71 40.41
C SER L 374 -76.80 33.29 39.59
N SER L 375 -77.55 34.25 39.03
CA SER L 375 -78.67 33.93 38.17
C SER L 375 -78.23 33.43 36.79
N PHE L 376 -76.98 33.66 36.40
CA PHE L 376 -76.52 33.28 35.07
C PHE L 376 -75.90 31.90 35.02
N VAL L 377 -75.70 31.26 36.17
CA VAL L 377 -75.44 29.82 36.18
C VAL L 377 -76.70 29.10 35.71
N ASN L 378 -77.86 29.66 36.03
CA ASN L 378 -79.14 29.23 35.50
C ASN L 378 -79.51 29.94 34.21
N GLY L 379 -79.09 31.18 34.04
CA GLY L 379 -79.57 32.02 32.95
C GLY L 379 -79.01 31.71 31.58
N PHE L 380 -77.70 31.80 31.42
CA PHE L 380 -77.11 31.70 30.09
C PHE L 380 -77.04 30.26 29.58
N VAL L 381 -76.93 29.28 30.49
CA VAL L 381 -76.72 27.90 30.03
C VAL L 381 -78.03 27.29 29.55
N ASN L 382 -79.16 27.90 29.87
CA ASN L 382 -80.47 27.30 29.61
C ASN L 382 -81.14 27.87 28.37
N ALA L 383 -80.41 28.57 27.52
CA ALA L 383 -80.95 28.91 26.21
C ALA L 383 -81.06 27.66 25.36
N ALA L 384 -81.99 27.71 24.39
CA ALA L 384 -82.34 26.60 23.50
C ALA L 384 -82.76 25.37 24.29
N PHE L 385 -83.91 25.53 24.97
CA PHE L 385 -84.62 24.47 25.70
C PHE L 385 -83.82 23.95 26.89
N GLY L 386 -83.36 24.87 27.74
CA GLY L 386 -82.85 24.49 29.04
C GLY L 386 -83.92 24.59 30.10
N GLN L 387 -85.07 23.96 29.86
CA GLN L 387 -86.24 24.14 30.71
C GLN L 387 -86.02 23.53 32.09
N ASP L 388 -86.42 24.28 33.12
CA ASP L 388 -86.05 23.97 34.50
C ASP L 388 -87.26 24.11 35.41
N LYS L 389 -87.79 22.98 35.87
CA LYS L 389 -88.68 22.96 37.03
C LYS L 389 -87.85 22.61 38.25
N LEU L 390 -87.88 23.49 39.25
CA LEU L 390 -87.17 23.44 40.54
C LEU L 390 -85.65 23.54 40.42
N LEU L 391 -85.10 23.64 39.22
CA LEU L 391 -83.72 24.10 39.07
C LEU L 391 -83.64 25.61 39.03
N THR L 392 -84.79 26.28 38.98
CA THR L 392 -84.89 27.72 39.19
C THR L 392 -85.15 28.07 40.64
N ASP L 393 -84.87 27.15 41.58
CA ASP L 393 -85.07 27.45 42.99
C ASP L 393 -84.01 28.42 43.52
N ASP L 394 -82.83 28.44 42.91
CA ASP L 394 -81.88 29.51 43.20
C ASP L 394 -82.44 30.86 42.72
N GLY L 395 -83.18 30.84 41.63
CA GLY L 395 -83.98 32.00 41.27
C GLY L 395 -85.15 32.23 42.20
N ASN L 396 -85.86 31.16 42.56
CA ASN L 396 -87.12 31.27 43.30
C ASN L 396 -86.88 31.80 44.71
N LYS L 397 -85.77 31.42 45.34
CA LYS L 397 -85.44 31.98 46.64
C LYS L 397 -85.02 33.43 46.52
N TRP L 398 -84.04 33.72 45.63
CA TRP L 398 -83.50 35.05 45.47
C TRP L 398 -84.50 36.04 44.85
N LEU L 399 -85.51 35.54 44.13
CA LEU L 399 -86.62 36.40 43.73
C LEU L 399 -87.38 36.89 44.95
N TYR L 400 -87.64 36.00 45.90
CA TYR L 400 -88.41 36.33 47.10
C TYR L 400 -87.53 36.65 48.29
N LYS L 401 -86.29 37.12 48.06
CA LYS L 401 -85.38 37.43 49.16
C LYS L 401 -85.02 38.91 49.21
N ASN L 402 -84.44 39.47 48.15
CA ASN L 402 -84.08 40.89 48.09
C ASN L 402 -83.91 41.30 46.63
N LYS L 403 -83.25 42.44 46.42
CA LYS L 403 -82.67 42.87 45.13
C LYS L 403 -83.77 43.03 44.07
N ASP L 404 -84.50 44.13 44.23
CA ASP L 404 -85.62 44.46 43.34
C ASP L 404 -85.22 44.49 41.86
N HIS L 405 -84.06 45.03 41.54
CA HIS L 405 -83.59 44.99 40.16
C HIS L 405 -83.19 43.57 39.77
N GLY L 406 -82.78 42.76 40.74
CA GLY L 406 -82.56 41.35 40.48
C GLY L 406 -83.84 40.53 40.49
N MET L 407 -84.90 41.06 41.11
CA MET L 407 -86.22 40.46 40.93
C MET L 407 -86.70 40.64 39.50
N LEU L 408 -86.36 41.78 38.90
CA LEU L 408 -86.63 41.98 37.49
C LEU L 408 -85.69 41.15 36.63
N SER L 409 -84.45 40.98 37.09
CA SER L 409 -83.45 40.28 36.30
C SER L 409 -83.69 38.78 36.28
N ALA L 410 -84.01 38.20 37.43
CA ALA L 410 -84.30 36.76 37.48
C ALA L 410 -85.59 36.43 36.76
N ALA L 411 -86.55 37.37 36.74
CA ALA L 411 -87.77 37.17 35.96
C ALA L 411 -87.51 37.34 34.47
N ALA L 412 -86.54 38.19 34.11
CA ALA L 412 -86.18 38.35 32.71
C ALA L 412 -85.34 37.18 32.19
N SER L 413 -84.73 36.40 33.09
CA SER L 413 -83.94 35.26 32.65
C SER L 413 -84.82 34.11 32.18
N LEU L 414 -86.10 34.11 32.56
CA LEU L 414 -87.00 33.05 32.15
C LEU L 414 -87.31 33.10 30.66
N GLY L 415 -87.25 34.29 30.06
CA GLY L 415 -87.40 34.39 28.62
C GLY L 415 -86.20 33.84 27.87
N MET L 416 -85.01 33.94 28.46
CA MET L 416 -83.84 33.30 27.87
C MET L 416 -83.84 31.79 28.07
N ILE L 417 -84.50 31.30 29.12
CA ILE L 417 -84.60 29.86 29.32
C ILE L 417 -85.48 29.22 28.25
N LEU L 418 -86.64 29.83 28.00
CA LEU L 418 -87.50 29.40 26.89
C LEU L 418 -87.40 30.44 25.78
N LEU L 419 -86.42 30.24 24.90
CA LEU L 419 -86.20 31.12 23.75
C LEU L 419 -86.68 30.42 22.49
N TRP L 420 -87.15 31.23 21.52
CA TRP L 420 -87.69 30.78 20.23
C TRP L 420 -88.88 29.85 20.42
N ASP L 421 -89.75 30.17 21.38
CA ASP L 421 -90.84 29.26 21.75
C ASP L 421 -92.19 29.96 21.61
N VAL L 422 -93.21 29.20 21.19
CA VAL L 422 -94.55 29.73 21.10
C VAL L 422 -95.54 28.70 21.69
N ASP L 423 -95.08 27.46 21.88
CA ASP L 423 -95.99 26.37 22.20
C ASP L 423 -96.45 26.42 23.64
N GLY L 424 -95.53 26.58 24.59
CA GLY L 424 -95.89 26.60 25.99
C GLY L 424 -95.05 27.59 26.78
N GLY L 425 -94.54 28.61 26.09
CA GLY L 425 -93.66 29.56 26.75
C GLY L 425 -94.38 30.48 27.72
N LEU L 426 -95.61 30.85 27.38
CA LEU L 426 -96.40 31.67 28.30
C LEU L 426 -96.89 30.88 29.51
N THR L 427 -97.08 29.57 29.36
CA THR L 427 -97.55 28.74 30.47
C THR L 427 -96.48 28.61 31.55
N GLN L 428 -95.21 28.69 31.16
CA GLN L 428 -94.12 28.67 32.13
C GLN L 428 -94.09 29.96 32.93
N ILE L 429 -94.41 31.09 32.28
CA ILE L 429 -94.38 32.38 32.96
C ILE L 429 -95.52 32.54 33.96
N ASP L 430 -96.71 32.01 33.64
CA ASP L 430 -97.93 32.31 34.40
C ASP L 430 -97.88 31.80 35.82
N LYS L 431 -97.22 30.67 36.05
CA LYS L 431 -97.05 30.19 37.43
C LYS L 431 -96.06 31.04 38.22
N TYR L 432 -95.07 31.62 37.53
CA TYR L 432 -94.13 32.53 38.17
C TYR L 432 -94.51 33.99 37.98
N LEU L 433 -95.74 34.26 37.54
CA LEU L 433 -96.19 35.63 37.25
C LEU L 433 -96.97 36.26 38.38
N TYR L 434 -97.92 35.52 38.97
CA TYR L 434 -98.88 36.12 39.90
C TYR L 434 -98.27 36.19 41.28
N SER L 435 -97.38 37.18 41.45
CA SER L 435 -96.88 37.57 42.75
C SER L 435 -97.31 38.98 43.13
N SER L 436 -97.97 39.70 42.21
CA SER L 436 -98.53 41.04 42.42
C SER L 436 -97.47 42.06 42.82
N GLU L 437 -96.30 41.96 42.21
CA GLU L 437 -95.21 42.88 42.48
C GLU L 437 -94.87 43.67 41.22
N ASP L 438 -94.27 44.84 41.43
CA ASP L 438 -93.84 45.66 40.30
C ASP L 438 -92.68 45.01 39.56
N TYR L 439 -91.63 44.65 40.28
CA TYR L 439 -90.39 44.19 39.67
C TYR L 439 -90.51 42.79 39.09
N ILE L 440 -91.35 41.95 39.70
CA ILE L 440 -91.46 40.55 39.26
C ILE L 440 -92.19 40.46 37.93
N LYS L 441 -93.33 41.15 37.83
CA LYS L 441 -94.11 41.07 36.59
C LYS L 441 -93.47 41.87 35.46
N SER L 442 -92.79 42.97 35.77
CA SER L 442 -92.16 43.77 34.72
C SER L 442 -90.95 43.08 34.11
N GLY L 443 -90.31 42.17 34.85
CA GLY L 443 -89.25 41.38 34.29
C GLY L 443 -89.78 40.16 33.56
N ALA L 444 -90.88 39.61 34.08
CA ALA L 444 -91.45 38.39 33.49
C ALA L 444 -92.19 38.70 32.20
N LEU L 445 -92.96 39.79 32.18
CA LEU L 445 -93.72 40.12 30.98
C LEU L 445 -92.86 40.80 29.92
N LEU L 446 -91.73 41.39 30.31
CA LEU L 446 -90.71 41.74 29.32
C LEU L 446 -90.09 40.49 28.74
N ALA L 447 -89.93 39.45 29.57
CA ALA L 447 -89.41 38.18 29.10
C ALA L 447 -90.40 37.44 28.21
N CYS L 448 -91.70 37.77 28.30
CA CYS L 448 -92.67 37.18 27.39
C CYS L 448 -92.46 37.65 25.96
N GLY L 449 -91.98 38.89 25.77
CA GLY L 449 -91.59 39.33 24.44
C GLY L 449 -90.36 38.61 23.93
N ILE L 450 -89.50 38.16 24.84
CA ILE L 450 -88.30 37.41 24.47
C ILE L 450 -88.66 35.99 24.04
N VAL L 451 -89.71 35.41 24.62
CA VAL L 451 -90.11 34.04 24.30
C VAL L 451 -90.63 33.97 22.87
N ASN L 452 -91.56 34.85 22.51
CA ASN L 452 -92.11 34.89 21.16
C ASN L 452 -91.31 35.78 20.20
N SER L 453 -90.07 36.10 20.54
CA SER L 453 -89.22 36.88 19.67
C SER L 453 -88.78 36.04 18.48
N GLY L 454 -88.89 36.60 17.29
CA GLY L 454 -88.64 35.87 16.05
C GLY L 454 -89.80 35.03 15.57
N VAL L 455 -90.88 34.95 16.33
CA VAL L 455 -92.07 34.21 15.91
C VAL L 455 -92.96 35.07 15.03
N ARG L 456 -93.25 36.29 15.51
CA ARG L 456 -94.13 37.33 14.93
C ARG L 456 -95.50 36.79 14.46
N ASN L 457 -95.97 35.70 15.04
CA ASN L 457 -97.28 35.16 14.73
C ASN L 457 -98.28 35.80 15.70
N GLU L 458 -99.49 35.24 15.78
CA GLU L 458 -100.47 35.76 16.75
C GLU L 458 -100.19 35.15 18.12
N CYS L 459 -99.43 35.89 18.92
CA CYS L 459 -99.28 35.58 20.33
C CYS L 459 -99.83 36.69 21.21
N ASP L 460 -99.32 37.91 21.03
CA ASP L 460 -99.80 39.12 21.67
C ASP L 460 -99.32 40.36 20.91
N PRO L 461 -99.98 40.73 19.81
CA PRO L 461 -99.66 42.04 19.19
C PRO L 461 -100.13 43.21 20.05
N ALA L 462 -101.28 43.08 20.69
CA ALA L 462 -101.70 44.01 21.72
C ALA L 462 -102.39 43.30 22.88
N LEU L 463 -102.21 41.99 23.01
CA LEU L 463 -102.98 41.22 23.99
C LEU L 463 -102.39 41.35 25.38
N ALA L 464 -101.16 40.88 25.57
CA ALA L 464 -100.59 40.78 26.91
C ALA L 464 -99.84 42.05 27.31
N LEU L 465 -98.83 42.45 26.52
CA LEU L 465 -97.94 43.52 26.92
C LEU L 465 -98.56 44.91 26.73
N LEU L 466 -99.58 45.04 25.89
CA LEU L 466 -100.30 46.31 25.83
C LEU L 466 -101.19 46.46 27.07
N SER L 467 -101.77 45.35 27.54
CA SER L 467 -102.50 45.38 28.80
C SER L 467 -101.56 45.55 29.98
N ASP L 468 -100.32 45.07 29.87
CA ASP L 468 -99.32 45.34 30.89
C ASP L 468 -98.95 46.82 30.89
N TYR L 469 -98.96 47.46 29.73
CA TYR L 469 -98.52 48.84 29.66
C TYR L 469 -99.56 49.80 30.22
N VAL L 470 -100.85 49.57 29.93
CA VAL L 470 -101.90 50.46 30.40
C VAL L 470 -102.19 50.31 31.89
N LEU L 471 -101.48 49.43 32.59
CA LEU L 471 -101.49 49.35 34.04
C LEU L 471 -100.71 50.49 34.69
N HIS L 472 -99.99 51.29 33.91
CA HIS L 472 -98.98 52.21 34.44
C HIS L 472 -99.61 53.40 35.17
N ASN L 473 -99.15 53.62 36.39
CA ASN L 473 -99.20 54.90 37.08
C ASN L 473 -97.95 55.07 37.92
N SER L 474 -96.89 54.36 37.56
CA SER L 474 -95.89 53.91 38.52
C SER L 474 -94.59 53.61 37.79
N ASN L 475 -93.78 52.77 38.41
CA ASN L 475 -92.46 52.33 37.96
C ASN L 475 -92.60 51.31 36.83
N THR L 476 -91.60 50.43 36.65
CA THR L 476 -91.26 49.64 35.47
C THR L 476 -92.39 48.89 34.74
N MET L 477 -93.58 48.80 35.34
CA MET L 477 -94.79 48.58 34.55
C MET L 477 -94.90 49.62 33.44
N ARG L 478 -94.59 50.88 33.76
CA ARG L 478 -94.47 51.93 32.75
C ARG L 478 -93.34 51.65 31.78
N LEU L 479 -92.25 51.01 32.24
CA LEU L 479 -91.05 50.85 31.42
C LEU L 479 -91.03 49.50 30.71
N GLY L 480 -91.08 48.40 31.47
CA GLY L 480 -90.75 47.08 30.96
C GLY L 480 -91.79 46.46 30.05
N SER L 481 -92.88 47.15 29.76
CA SER L 481 -93.93 46.58 28.92
C SER L 481 -93.74 46.93 27.44
N ILE L 482 -93.22 48.12 27.14
CA ILE L 482 -93.03 48.50 25.74
C ILE L 482 -91.78 47.85 25.14
N PHE L 483 -90.86 47.38 25.97
CA PHE L 483 -89.57 46.92 25.47
C PHE L 483 -89.66 45.53 24.87
N GLY L 484 -90.43 44.64 25.49
CA GLY L 484 -90.47 43.25 25.05
C GLY L 484 -91.22 43.04 23.76
N LEU L 485 -92.27 43.83 23.52
CA LEU L 485 -93.07 43.65 22.31
C LEU L 485 -92.36 44.22 21.09
N GLY L 486 -91.65 45.33 21.26
CA GLY L 486 -90.80 45.83 20.19
C GLY L 486 -89.59 44.96 19.97
N LEU L 487 -89.18 44.21 20.99
CA LEU L 487 -88.14 43.20 20.82
C LEU L 487 -88.67 42.02 20.02
N ALA L 488 -89.92 41.63 20.27
CA ALA L 488 -90.51 40.50 19.57
C ALA L 488 -90.82 40.85 18.12
N TYR L 489 -91.31 42.07 17.87
CA TYR L 489 -91.67 42.51 16.53
C TYR L 489 -90.59 43.40 15.92
N ALA L 490 -89.33 43.18 16.31
CA ALA L 490 -88.23 43.92 15.72
C ALA L 490 -88.00 43.53 14.27
N GLY L 491 -88.28 42.27 13.91
CA GLY L 491 -88.13 41.85 12.54
C GLY L 491 -89.21 42.39 11.63
N SER L 492 -90.33 42.81 12.20
CA SER L 492 -91.43 43.34 11.42
C SER L 492 -91.30 44.86 11.27
N ASN L 493 -91.96 45.40 10.25
CA ASN L 493 -92.10 46.84 10.10
C ASN L 493 -93.59 47.17 10.09
N ARG L 494 -94.33 46.58 11.02
CA ARG L 494 -95.75 46.87 11.12
C ARG L 494 -95.97 48.27 11.66
N GLU L 495 -96.96 48.95 11.11
CA GLU L 495 -97.24 50.34 11.46
C GLU L 495 -98.19 50.48 12.64
N ASP L 496 -99.05 49.49 12.87
CA ASP L 496 -100.16 49.64 13.81
C ASP L 496 -99.69 49.75 15.26
N VAL L 497 -98.92 48.77 15.75
CA VAL L 497 -98.50 48.81 17.14
C VAL L 497 -97.39 49.82 17.36
N LEU L 498 -96.74 50.27 16.27
CA LEU L 498 -95.90 51.46 16.32
C LEU L 498 -96.73 52.69 16.66
N THR L 499 -97.94 52.78 16.10
CA THR L 499 -98.84 53.86 16.45
C THR L 499 -99.58 53.61 17.76
N LEU L 500 -99.64 52.36 18.22
CA LEU L 500 -100.10 52.10 19.58
C LEU L 500 -99.09 52.57 20.61
N LEU L 501 -97.81 52.44 20.30
CA LEU L 501 -96.75 52.76 21.24
C LEU L 501 -96.07 54.09 20.95
N LEU L 502 -96.58 54.86 20.00
CA LEU L 502 -96.19 56.26 19.82
C LEU L 502 -96.76 57.21 20.87
N PRO L 503 -97.99 57.03 21.42
CA PRO L 503 -98.36 57.84 22.60
C PRO L 503 -97.58 57.53 23.87
N VAL L 504 -96.73 56.49 23.89
CA VAL L 504 -95.72 56.40 24.93
C VAL L 504 -94.77 57.59 24.85
N MET L 505 -94.35 57.92 23.63
CA MET L 505 -93.54 59.12 23.41
C MET L 505 -94.36 60.39 23.58
N GLY L 506 -95.63 60.35 23.19
CA GLY L 506 -96.50 61.52 23.27
C GLY L 506 -97.21 61.73 24.59
N ASP L 507 -96.96 60.88 25.59
CA ASP L 507 -97.62 61.05 26.88
C ASP L 507 -97.04 62.24 27.65
N SER L 508 -95.73 62.47 27.51
CA SER L 508 -94.93 63.43 28.28
C SER L 508 -94.99 63.17 29.79
N LYS L 509 -95.35 61.96 30.21
CA LYS L 509 -95.10 61.50 31.56
C LYS L 509 -93.59 61.33 31.70
N SER L 510 -92.98 62.13 32.58
CA SER L 510 -91.57 62.47 32.45
C SER L 510 -90.63 61.46 33.10
N SER L 511 -91.05 60.20 33.21
CA SER L 511 -90.13 59.13 33.54
C SER L 511 -89.08 59.01 32.44
N MET L 512 -87.84 59.36 32.76
CA MET L 512 -86.83 59.58 31.73
C MET L 512 -86.36 58.28 31.11
N GLU L 513 -86.16 57.23 31.93
CA GLU L 513 -85.68 55.96 31.40
C GLU L 513 -86.75 55.25 30.57
N VAL L 514 -88.02 55.58 30.78
CA VAL L 514 -89.09 54.99 29.99
C VAL L 514 -89.07 55.54 28.57
N ALA L 515 -88.94 56.86 28.44
CA ALA L 515 -88.87 57.49 27.13
C ALA L 515 -87.59 57.15 26.40
N GLY L 516 -86.51 56.85 27.13
CA GLY L 516 -85.27 56.48 26.48
C GLY L 516 -85.33 55.12 25.80
N VAL L 517 -85.85 54.12 26.52
CA VAL L 517 -86.02 52.80 25.92
C VAL L 517 -87.22 52.75 24.99
N THR L 518 -88.08 53.78 25.01
CA THR L 518 -89.13 53.91 24.00
C THR L 518 -88.52 54.17 22.64
N ALA L 519 -87.47 55.00 22.59
CA ALA L 519 -86.73 55.19 21.35
C ALA L 519 -86.01 53.91 20.94
N LEU L 520 -85.53 53.14 21.92
CA LEU L 520 -84.87 51.88 21.62
C LEU L 520 -85.88 50.82 21.18
N ALA L 521 -87.11 50.88 21.71
CA ALA L 521 -88.11 49.89 21.33
C ALA L 521 -88.62 50.14 19.92
N CYS L 522 -88.87 51.41 19.57
CA CYS L 522 -89.31 51.72 18.21
C CYS L 522 -88.16 51.67 17.22
N GLY L 523 -86.92 51.84 17.71
CA GLY L 523 -85.78 51.74 16.83
C GLY L 523 -85.53 50.34 16.35
N MET L 524 -85.82 49.33 17.18
CA MET L 524 -85.65 47.94 16.78
C MET L 524 -86.66 47.53 15.72
N ILE L 525 -87.78 48.23 15.61
CA ILE L 525 -88.82 47.83 14.69
C ILE L 525 -88.46 48.21 13.26
N ALA L 526 -88.26 49.50 13.00
CA ALA L 526 -88.17 50.02 11.64
C ALA L 526 -86.77 50.52 11.34
N VAL L 527 -86.38 50.41 10.07
CA VAL L 527 -85.14 50.99 9.57
C VAL L 527 -85.36 51.95 8.41
N GLY L 528 -86.56 52.02 7.85
CA GLY L 528 -86.80 52.79 6.64
C GLY L 528 -87.69 54.00 6.83
N SER L 529 -88.97 53.81 6.52
CA SER L 529 -89.97 54.88 6.44
C SER L 529 -90.46 55.31 7.82
N CYS L 530 -91.63 55.98 7.83
CA CYS L 530 -92.27 56.57 9.01
C CYS L 530 -91.39 57.64 9.64
N ASN L 531 -91.27 58.75 8.89
CA ASN L 531 -90.60 59.95 9.34
C ASN L 531 -91.27 60.59 10.56
N GLY L 532 -92.54 60.25 10.82
CA GLY L 532 -93.21 60.72 12.02
C GLY L 532 -92.64 60.17 13.32
N ASP L 533 -91.92 59.04 13.26
CA ASP L 533 -91.15 58.59 14.41
C ASP L 533 -90.02 59.56 14.70
N VAL L 534 -89.36 60.06 13.65
CA VAL L 534 -88.31 61.05 13.81
C VAL L 534 -88.90 62.36 14.32
N THR L 535 -90.13 62.68 13.90
CA THR L 535 -90.83 63.84 14.43
C THR L 535 -91.19 63.64 15.91
N SER L 536 -91.71 62.47 16.28
CA SER L 536 -92.16 62.21 17.64
C SER L 536 -91.00 62.20 18.64
N THR L 537 -89.84 61.68 18.23
CA THR L 537 -88.70 61.64 19.14
C THR L 537 -88.12 63.03 19.39
N ILE L 538 -87.99 63.84 18.34
CA ILE L 538 -87.33 65.13 18.52
C ILE L 538 -88.22 66.14 19.22
N LEU L 539 -89.54 65.92 19.27
CA LEU L 539 -90.41 66.83 20.00
C LEU L 539 -90.12 66.78 21.50
N GLN L 540 -90.14 65.58 22.08
CA GLN L 540 -89.80 65.44 23.50
C GLN L 540 -88.31 65.70 23.74
N THR L 541 -87.47 65.51 22.73
CA THR L 541 -86.05 65.83 22.86
C THR L 541 -85.84 67.33 23.01
N ILE L 542 -86.54 68.12 22.20
CA ILE L 542 -86.45 69.58 22.33
C ILE L 542 -87.18 70.06 23.59
N MET L 543 -88.21 69.32 24.04
CA MET L 543 -88.86 69.71 25.28
C MET L 543 -88.00 69.41 26.51
N GLU L 544 -87.35 68.26 26.55
CA GLU L 544 -86.67 67.82 27.77
C GLU L 544 -85.19 68.17 27.77
N LYS L 545 -84.45 67.75 26.73
CA LYS L 545 -82.99 67.85 26.74
C LYS L 545 -82.52 69.29 26.59
N SER L 546 -83.36 70.19 26.06
CA SER L 546 -82.99 71.60 26.00
C SER L 546 -82.97 72.22 27.39
N GLU L 547 -83.87 71.79 28.27
CA GLU L 547 -83.89 72.31 29.64
C GLU L 547 -83.07 71.44 30.58
N THR L 548 -81.86 71.09 30.16
CA THR L 548 -80.90 70.33 30.96
C THR L 548 -79.56 70.37 30.24
N GLU L 549 -78.49 70.07 30.98
CA GLU L 549 -77.15 69.88 30.44
C GLU L 549 -76.51 68.67 31.11
N LEU L 550 -77.27 67.59 31.22
CA LEU L 550 -76.99 66.53 32.17
C LEU L 550 -76.91 65.18 31.46
N LYS L 551 -77.02 64.11 32.26
CA LYS L 551 -76.61 62.73 32.00
C LYS L 551 -77.03 62.12 30.67
N ASP L 552 -76.32 61.07 30.27
CA ASP L 552 -76.46 60.43 28.97
C ASP L 552 -77.67 59.51 28.86
N THR L 553 -78.54 59.48 29.88
CA THR L 553 -79.85 58.84 29.71
C THR L 553 -80.65 59.55 28.61
N TYR L 554 -80.50 60.87 28.54
CA TYR L 554 -80.88 61.61 27.34
C TYR L 554 -80.14 61.11 26.11
N ALA L 555 -78.80 61.00 26.21
CA ALA L 555 -77.95 60.96 25.03
C ALA L 555 -77.72 59.54 24.51
N ARG L 556 -77.67 58.54 25.39
CA ARG L 556 -77.39 57.18 24.94
C ARG L 556 -78.60 56.45 24.38
N TRP L 557 -79.80 56.99 24.52
CA TRP L 557 -81.00 56.24 24.21
C TRP L 557 -81.90 56.92 23.19
N LEU L 558 -82.04 58.25 23.25
CA LEU L 558 -82.97 58.95 22.38
C LEU L 558 -82.45 59.17 20.96
N PRO L 559 -81.20 59.57 20.69
CA PRO L 559 -80.77 59.63 19.28
C PRO L 559 -80.48 58.28 18.69
N LEU L 560 -80.41 57.22 19.51
CA LEU L 560 -80.04 55.90 18.99
C LEU L 560 -81.18 55.28 18.20
N GLY L 561 -82.42 55.46 18.64
CA GLY L 561 -83.56 54.99 17.88
C GLY L 561 -83.75 55.73 16.58
N LEU L 562 -83.29 56.99 16.54
CA LEU L 562 -83.21 57.73 15.28
C LEU L 562 -82.25 57.05 14.30
N GLY L 563 -81.07 56.66 14.80
CA GLY L 563 -80.13 55.96 13.94
C GLY L 563 -80.60 54.58 13.55
N LEU L 564 -81.38 53.92 14.41
CA LEU L 564 -81.91 52.61 14.07
C LEU L 564 -83.06 52.72 13.09
N ASN L 565 -83.78 53.84 13.10
CA ASN L 565 -84.82 54.09 12.13
C ASN L 565 -84.26 54.55 10.78
N HIS L 566 -82.97 54.82 10.70
CA HIS L 566 -82.32 55.21 9.46
C HIS L 566 -80.98 54.51 9.32
N LEU L 567 -80.97 53.20 9.49
CA LEU L 567 -79.74 52.41 9.41
C LEU L 567 -79.51 51.92 7.98
N GLY L 568 -78.26 51.97 7.55
CA GLY L 568 -77.81 51.28 6.36
C GLY L 568 -78.16 51.87 5.01
N LYS L 569 -77.75 53.13 4.77
CA LYS L 569 -77.80 53.71 3.44
C LYS L 569 -76.79 54.86 3.35
N GLY L 570 -75.93 54.79 2.35
CA GLY L 570 -74.87 55.77 2.20
C GLY L 570 -75.25 56.92 1.29
N GLU L 571 -76.53 57.29 1.32
CA GLU L 571 -77.05 58.32 0.44
C GLU L 571 -76.63 59.72 0.89
N ALA L 572 -76.31 59.89 2.19
CA ALA L 572 -75.98 61.17 2.82
C ALA L 572 -77.08 62.21 2.66
N ILE L 573 -78.34 61.76 2.61
CA ILE L 573 -79.49 62.64 2.73
C ILE L 573 -79.93 62.59 4.19
N GLU L 574 -79.74 61.42 4.81
CA GLU L 574 -80.14 61.22 6.20
C GLU L 574 -79.30 62.07 7.15
N ALA L 575 -78.06 62.36 6.80
CA ALA L 575 -77.27 63.33 7.56
C ALA L 575 -77.79 64.74 7.32
N ILE L 576 -78.21 65.04 6.09
CA ILE L 576 -78.82 66.34 5.81
C ILE L 576 -80.17 66.45 6.48
N LEU L 577 -80.89 65.33 6.62
CA LEU L 577 -82.15 65.33 7.36
C LEU L 577 -81.92 65.56 8.84
N ALA L 578 -81.09 64.73 9.48
CA ALA L 578 -81.04 64.69 10.95
C ALA L 578 -80.25 65.85 11.53
N ALA L 579 -79.10 66.19 10.95
CA ALA L 579 -78.22 67.17 11.57
C ALA L 579 -78.76 68.58 11.41
N LEU L 580 -79.48 68.86 10.32
CA LEU L 580 -80.14 70.15 10.16
C LEU L 580 -81.48 70.22 10.90
N GLU L 581 -81.93 69.10 11.47
CA GLU L 581 -83.16 69.04 12.24
C GLU L 581 -82.92 69.37 13.71
N VAL L 582 -81.72 69.05 14.22
CA VAL L 582 -81.41 69.22 15.63
C VAL L 582 -80.24 70.20 15.70
N VAL L 583 -80.27 71.21 14.83
CA VAL L 583 -79.33 72.34 14.93
C VAL L 583 -79.52 73.03 16.27
N SER L 584 -78.51 72.92 17.13
CA SER L 584 -78.70 73.11 18.56
C SER L 584 -77.35 73.30 19.24
N GLU L 585 -77.37 73.30 20.58
CA GLU L 585 -76.17 73.43 21.39
C GLU L 585 -75.32 72.16 21.30
N PRO L 586 -74.01 72.24 21.58
CA PRO L 586 -73.13 71.08 21.32
C PRO L 586 -73.40 69.85 22.19
N PHE L 587 -74.03 69.99 23.35
CA PHE L 587 -74.35 68.79 24.12
C PHE L 587 -75.58 68.08 23.57
N ARG L 588 -76.44 68.79 22.82
CA ARG L 588 -77.42 68.14 21.97
C ARG L 588 -76.87 67.82 20.59
N SER L 589 -75.80 68.48 20.16
CA SER L 589 -75.07 68.11 18.95
C SER L 589 -74.08 66.98 19.19
N PHE L 590 -74.13 66.38 20.38
CA PHE L 590 -73.64 65.01 20.56
C PHE L 590 -74.30 64.04 19.60
N ALA L 591 -75.59 64.28 19.30
CA ALA L 591 -76.38 63.46 18.39
C ALA L 591 -76.00 63.65 16.92
N ASN L 592 -75.07 64.55 16.60
CA ASN L 592 -74.65 64.77 15.23
C ASN L 592 -73.97 63.54 14.64
N THR L 593 -73.14 62.87 15.44
CA THR L 593 -72.39 61.71 14.98
C THR L 593 -73.21 60.42 15.01
N LEU L 594 -74.41 60.44 15.61
CA LEU L 594 -75.18 59.20 15.72
C LEU L 594 -75.83 58.83 14.40
N VAL L 595 -76.75 59.67 13.92
CA VAL L 595 -77.54 59.34 12.73
C VAL L 595 -76.70 59.55 11.47
N ASP L 596 -75.55 60.23 11.59
CA ASP L 596 -74.57 60.30 10.52
C ASP L 596 -74.09 58.91 10.10
N VAL L 597 -73.59 58.13 11.05
CA VAL L 597 -72.85 56.91 10.74
C VAL L 597 -73.68 55.66 11.05
N CYS L 598 -74.83 55.79 11.70
CA CYS L 598 -75.72 54.64 11.80
C CYS L 598 -76.32 54.26 10.45
N ALA L 599 -76.41 55.22 9.53
CA ALA L 599 -76.73 54.95 8.14
C ALA L 599 -75.54 54.39 7.36
N TYR L 600 -74.39 54.24 8.03
CA TYR L 600 -73.11 53.92 7.43
C TYR L 600 -72.60 52.64 8.09
N ALA L 601 -73.41 51.58 8.00
CA ALA L 601 -73.12 50.31 8.65
C ALA L 601 -71.84 49.68 8.10
N GLY L 602 -71.76 49.47 6.79
CA GLY L 602 -70.56 48.89 6.22
C GLY L 602 -70.41 49.01 4.72
N SER L 603 -69.24 49.53 4.31
CA SER L 603 -68.83 49.81 2.94
C SER L 603 -67.38 50.31 2.97
N GLY L 604 -66.86 50.72 1.81
CA GLY L 604 -65.68 51.56 1.79
C GLY L 604 -66.02 53.01 1.50
N ASN L 605 -66.13 53.85 2.53
CA ASN L 605 -66.36 55.29 2.34
C ASN L 605 -65.37 56.09 3.15
N VAL L 606 -64.07 55.78 2.94
CA VAL L 606 -62.91 56.29 3.67
C VAL L 606 -62.92 57.81 3.88
N LEU L 607 -63.55 58.55 2.96
CA LEU L 607 -63.79 59.98 3.14
C LEU L 607 -64.67 60.27 4.35
N LYS L 608 -65.55 59.34 4.73
CA LYS L 608 -66.25 59.52 6.00
C LYS L 608 -65.33 59.17 7.17
N VAL L 609 -64.39 58.24 6.96
CA VAL L 609 -63.60 57.76 8.09
C VAL L 609 -62.57 58.82 8.48
N GLN L 610 -62.21 59.70 7.54
CA GLN L 610 -61.34 60.81 7.90
C GLN L 610 -62.10 61.93 8.61
N GLN L 611 -63.36 62.18 8.25
CA GLN L 611 -64.15 63.13 9.03
C GLN L 611 -64.65 62.49 10.31
N LEU L 612 -64.53 61.16 10.40
CA LEU L 612 -64.69 60.45 11.66
C LEU L 612 -63.46 60.61 12.56
N LEU L 613 -62.40 61.24 12.07
CA LEU L 613 -61.22 61.53 12.87
C LEU L 613 -60.91 63.01 12.97
N HIS L 614 -60.87 63.71 11.83
CA HIS L 614 -60.17 64.99 11.76
C HIS L 614 -60.91 66.14 12.45
N ILE L 615 -62.23 66.07 12.62
CA ILE L 615 -62.93 67.18 13.26
C ILE L 615 -62.67 67.18 14.76
N CYS L 616 -63.13 66.16 15.47
CA CYS L 616 -62.88 66.02 16.90
C CYS L 616 -61.81 64.96 17.14
N SER L 617 -60.55 65.34 16.88
CA SER L 617 -59.48 64.36 17.02
C SER L 617 -59.00 64.24 18.47
N GLU L 618 -58.30 65.25 18.98
CA GLU L 618 -57.95 65.26 20.40
C GLU L 618 -58.40 66.53 21.10
N HIS L 619 -57.79 67.69 20.81
CA HIS L 619 -58.03 69.03 21.35
C HIS L 619 -57.75 69.21 22.84
N PHE L 620 -57.52 68.09 23.54
CA PHE L 620 -57.27 67.87 24.97
C PHE L 620 -58.49 68.16 25.87
N ASP L 621 -59.43 68.99 25.39
CA ASP L 621 -60.85 69.06 25.75
C ASP L 621 -61.17 68.93 27.24
N SER L 622 -60.96 69.98 28.04
CA SER L 622 -61.04 69.88 29.50
C SER L 622 -62.47 69.61 29.94
N LYS L 623 -62.88 68.33 29.75
CA LYS L 623 -64.07 67.71 30.34
C LYS L 623 -65.37 68.34 29.84
N GLU L 624 -65.44 68.62 28.53
CA GLU L 624 -66.66 69.19 27.96
C GLU L 624 -67.30 68.27 26.93
N LYS L 625 -66.61 67.93 25.83
CA LYS L 625 -67.19 67.09 24.80
C LYS L 625 -66.55 65.70 24.73
N GLU L 626 -65.97 65.22 25.82
CA GLU L 626 -65.31 63.91 25.89
C GLU L 626 -66.24 62.75 25.57
N GLU L 627 -67.55 62.92 25.76
CA GLU L 627 -68.51 61.90 25.36
C GLU L 627 -68.61 61.84 23.83
N ASP L 628 -68.46 62.98 23.16
CA ASP L 628 -68.65 63.02 21.72
C ASP L 628 -67.49 62.37 20.98
N LYS L 629 -66.26 62.54 21.49
CA LYS L 629 -65.12 61.88 20.88
C LYS L 629 -65.12 60.38 21.17
N ASP L 630 -65.77 59.97 22.26
CA ASP L 630 -65.99 58.55 22.47
C ASP L 630 -67.02 58.03 21.48
N LYS L 631 -68.11 58.78 21.26
CA LYS L 631 -69.15 58.34 20.36
C LYS L 631 -68.73 58.50 18.90
N LYS L 632 -67.85 59.47 18.61
CA LYS L 632 -67.24 59.50 17.28
C LYS L 632 -66.34 58.28 17.08
N GLU L 633 -65.70 57.81 18.14
CA GLU L 633 -64.93 56.57 18.04
C GLU L 633 -65.85 55.35 18.03
N LYS L 634 -67.02 55.46 18.66
CA LYS L 634 -68.03 54.41 18.61
C LYS L 634 -68.49 54.13 17.19
N LYS L 635 -68.54 55.16 16.36
CA LYS L 635 -68.95 54.97 14.98
C LYS L 635 -67.79 54.60 14.08
N ASP L 636 -66.57 54.61 14.61
CA ASP L 636 -65.44 54.01 13.92
C ASP L 636 -65.45 52.49 14.04
N LYS L 637 -66.20 51.97 15.01
CA LYS L 637 -66.23 50.54 15.27
C LYS L 637 -66.96 49.79 14.18
N ASP L 638 -68.10 50.29 13.75
CA ASP L 638 -68.72 49.83 12.51
C ASP L 638 -68.07 50.60 11.35
N LYS L 639 -68.46 50.24 10.12
CA LYS L 639 -67.77 50.56 8.85
C LYS L 639 -66.36 49.93 8.85
N LYS L 640 -66.19 48.90 9.68
CA LYS L 640 -64.92 48.21 9.85
C LYS L 640 -65.16 46.71 9.96
N GLU L 641 -66.38 46.33 10.32
CA GLU L 641 -66.71 44.93 10.58
C GLU L 641 -67.29 44.22 9.38
N ALA L 642 -67.39 44.91 8.24
CA ALA L 642 -67.96 44.32 7.04
C ALA L 642 -67.05 44.28 5.80
N PRO L 643 -65.99 45.12 5.78
CA PRO L 643 -65.08 45.16 4.63
C PRO L 643 -64.28 43.88 4.48
N ALA L 644 -64.84 42.79 5.01
CA ALA L 644 -64.29 41.42 5.07
C ALA L 644 -62.77 41.45 5.22
N ASP L 645 -62.36 41.93 6.40
CA ASP L 645 -61.03 41.78 7.00
C ASP L 645 -59.98 42.66 6.32
N MET L 646 -60.38 43.40 5.29
CA MET L 646 -59.47 44.29 4.58
C MET L 646 -59.10 45.48 5.44
N GLY L 647 -60.05 45.96 6.23
CA GLY L 647 -59.80 47.09 7.11
C GLY L 647 -59.76 46.68 8.56
N ALA L 648 -60.05 45.40 8.83
CA ALA L 648 -60.00 44.90 10.19
C ALA L 648 -58.58 44.82 10.71
N HIS L 649 -57.63 44.42 9.85
CA HIS L 649 -56.22 44.48 10.21
C HIS L 649 -55.77 45.93 10.35
N GLN L 650 -56.33 46.81 9.53
CA GLN L 650 -56.00 48.22 9.65
C GLN L 650 -56.69 48.85 10.85
N GLY L 651 -57.84 48.30 11.24
CA GLY L 651 -58.52 48.82 12.43
C GLY L 651 -57.77 48.47 13.70
N VAL L 652 -57.26 47.24 13.79
CA VAL L 652 -56.52 46.85 14.98
C VAL L 652 -55.13 47.45 14.98
N ALA L 653 -54.62 47.85 13.81
CA ALA L 653 -53.32 48.52 13.75
C ALA L 653 -53.42 49.96 14.23
N VAL L 654 -54.48 50.66 13.81
CA VAL L 654 -54.65 52.05 14.20
C VAL L 654 -55.05 52.16 15.65
N LEU L 655 -56.14 51.47 16.04
CA LEU L 655 -56.71 51.65 17.37
C LEU L 655 -55.89 51.00 18.47
N GLY L 656 -54.91 50.17 18.12
CA GLY L 656 -53.98 49.68 19.10
C GLY L 656 -52.90 50.71 19.38
N ILE L 657 -52.48 51.42 18.34
CA ILE L 657 -51.38 52.38 18.47
C ILE L 657 -51.90 53.74 18.89
N ALA L 658 -52.91 54.25 18.19
CA ALA L 658 -53.23 55.67 18.26
C ALA L 658 -53.91 56.06 19.57
N LEU L 659 -54.82 55.22 20.07
CA LEU L 659 -55.63 55.64 21.21
C LEU L 659 -55.07 55.14 22.54
N ILE L 660 -54.99 53.81 22.67
CA ILE L 660 -54.48 53.20 23.89
C ILE L 660 -53.00 53.51 24.08
N ALA L 661 -52.40 54.14 23.08
CA ALA L 661 -50.98 54.50 23.13
C ALA L 661 -50.81 56.00 23.39
N MET L 662 -51.26 56.81 22.44
CA MET L 662 -51.15 58.26 22.55
C MET L 662 -52.53 58.90 22.65
N GLY L 663 -53.30 58.48 23.66
CA GLY L 663 -54.64 59.03 23.86
C GLY L 663 -54.82 59.59 25.26
N GLU L 664 -56.05 59.55 25.75
CA GLU L 664 -56.37 60.07 27.07
C GLU L 664 -57.70 59.51 27.57
N GLU L 665 -58.77 60.25 27.32
CA GLU L 665 -60.11 59.82 27.75
C GLU L 665 -60.77 59.00 26.64
N ILE L 666 -60.31 59.23 25.41
CA ILE L 666 -60.82 58.50 24.26
C ILE L 666 -60.34 57.06 24.29
N GLY L 667 -59.05 56.87 24.52
CA GLY L 667 -58.47 55.54 24.55
C GLY L 667 -58.70 54.78 25.84
N ALA L 668 -58.25 55.33 26.96
CA ALA L 668 -58.18 54.62 28.23
C ALA L 668 -59.52 54.54 28.97
N GLU L 669 -60.62 54.92 28.34
CA GLU L 669 -61.94 54.77 28.93
C GLU L 669 -62.86 53.90 28.08
N MET L 670 -62.78 54.05 26.75
CA MET L 670 -63.85 53.60 25.88
C MET L 670 -63.39 52.83 24.65
N ALA L 671 -62.14 53.02 24.18
CA ALA L 671 -61.74 52.56 22.85
C ALA L 671 -61.45 51.06 22.77
N LEU L 672 -61.87 50.27 23.76
CA LEU L 672 -61.74 48.83 23.66
C LEU L 672 -63.02 48.18 23.17
N ARG L 673 -64.14 48.92 23.15
CA ARG L 673 -65.39 48.38 22.64
C ARG L 673 -65.38 48.15 21.14
N THR L 674 -64.33 48.59 20.43
CA THR L 674 -64.09 48.14 19.07
C THR L 674 -63.94 46.63 19.02
N PHE L 675 -63.08 46.11 19.90
CA PHE L 675 -62.81 44.67 19.93
C PHE L 675 -64.01 43.90 20.45
N GLY L 676 -64.85 44.55 21.24
CA GLY L 676 -66.17 44.05 21.58
C GLY L 676 -67.24 44.32 20.54
N HIS L 677 -66.86 44.81 19.36
CA HIS L 677 -67.79 45.02 18.27
C HIS L 677 -67.26 44.52 16.94
N LEU L 678 -65.94 44.40 16.78
CA LEU L 678 -65.36 44.05 15.48
C LEU L 678 -65.61 42.58 15.15
N LEU L 679 -65.19 41.69 16.04
CA LEU L 679 -65.39 40.27 15.81
C LEU L 679 -65.85 39.60 17.10
N ARG L 680 -66.45 38.42 16.98
CA ARG L 680 -66.79 37.63 18.15
C ARG L 680 -66.24 36.22 17.96
N TYR L 681 -65.33 36.09 17.02
CA TYR L 681 -64.72 34.79 16.74
C TYR L 681 -63.60 34.43 17.70
N GLY L 682 -62.69 35.36 17.95
CA GLY L 682 -61.57 35.10 18.80
C GLY L 682 -60.34 34.60 18.09
N GLU L 683 -59.21 35.27 18.33
CA GLU L 683 -57.91 34.92 17.77
C GLU L 683 -56.89 35.60 18.66
N PRO L 684 -55.71 35.00 18.88
CA PRO L 684 -54.83 35.46 19.96
C PRO L 684 -54.11 36.77 19.70
N THR L 685 -54.35 37.44 18.57
CA THR L 685 -53.77 38.77 18.38
C THR L 685 -54.43 39.78 19.30
N LEU L 686 -55.75 39.98 19.14
CA LEU L 686 -56.45 40.94 19.98
C LEU L 686 -56.84 40.33 21.32
N ARG L 687 -56.99 39.00 21.39
CA ARG L 687 -57.34 38.36 22.65
C ARG L 687 -56.18 38.43 23.65
N ARG L 688 -54.95 38.63 23.18
CA ARG L 688 -53.85 38.85 24.10
C ARG L 688 -53.45 40.31 24.22
N ALA L 689 -53.89 41.17 23.29
CA ALA L 689 -53.60 42.59 23.35
C ALA L 689 -54.45 43.32 24.37
N VAL L 690 -55.62 42.80 24.71
CA VAL L 690 -56.49 43.40 25.72
C VAL L 690 -55.95 43.16 27.13
N PRO L 691 -55.47 41.97 27.53
CA PRO L 691 -54.82 41.87 28.86
C PRO L 691 -53.48 42.58 28.96
N LEU L 692 -52.92 43.11 27.86
CA LEU L 692 -51.81 44.04 27.98
C LEU L 692 -52.27 45.33 28.65
N ALA L 693 -53.54 45.70 28.48
CA ALA L 693 -54.15 46.83 29.16
C ALA L 693 -55.17 46.42 30.21
N LEU L 694 -55.26 45.13 30.54
CA LEU L 694 -56.15 44.67 31.60
C LEU L 694 -55.43 44.09 32.80
N ALA L 695 -54.41 43.25 32.59
CA ALA L 695 -53.56 42.82 33.69
C ALA L 695 -52.87 44.00 34.33
N LEU L 696 -52.46 44.97 33.51
CA LEU L 696 -52.25 46.33 33.98
C LEU L 696 -53.62 46.99 34.05
N ILE L 697 -54.21 47.00 35.25
CA ILE L 697 -55.56 47.53 35.44
C ILE L 697 -55.56 49.04 35.27
N SER L 698 -54.44 49.69 35.61
CA SER L 698 -54.29 51.15 35.69
C SER L 698 -55.35 51.75 36.61
N VAL L 699 -55.25 51.40 37.90
CA VAL L 699 -56.31 51.62 38.86
C VAL L 699 -56.54 53.07 39.26
N SER L 700 -55.73 54.01 38.75
CA SER L 700 -55.86 55.41 39.13
C SER L 700 -57.15 56.04 38.60
N ASN L 701 -57.68 55.55 37.50
CA ASN L 701 -58.95 56.03 36.97
C ASN L 701 -60.10 55.39 37.73
N PRO L 702 -61.36 55.76 37.45
CA PRO L 702 -62.47 54.93 37.94
C PRO L 702 -62.50 53.59 37.24
N ARG L 703 -61.69 52.65 37.75
CA ARG L 703 -61.21 51.42 37.09
C ARG L 703 -62.28 50.54 36.46
N LEU L 704 -63.55 50.76 36.79
CA LEU L 704 -64.64 50.10 36.07
C LEU L 704 -64.77 50.57 34.62
N ASN L 705 -64.07 51.65 34.24
CA ASN L 705 -63.84 51.91 32.83
C ASN L 705 -62.99 50.81 32.19
N ILE L 706 -61.84 50.50 32.79
CA ILE L 706 -61.02 49.39 32.34
C ILE L 706 -61.68 48.06 32.67
N LEU L 707 -62.47 48.00 33.74
CA LEU L 707 -63.21 46.79 33.99
C LEU L 707 -64.47 46.68 33.16
N ASP L 708 -64.92 47.77 32.51
CA ASP L 708 -65.89 47.59 31.42
C ASP L 708 -65.20 46.93 30.24
N THR L 709 -63.92 47.24 30.03
CA THR L 709 -63.16 46.62 28.97
C THR L 709 -62.79 45.18 29.33
N LEU L 710 -62.84 44.84 30.62
CA LEU L 710 -62.79 43.44 31.03
C LEU L 710 -64.03 42.71 30.56
N SER L 711 -65.19 43.37 30.67
CA SER L 711 -66.49 42.69 30.54
C SER L 711 -66.72 42.18 29.13
N LYS L 712 -66.61 43.06 28.14
CA LYS L 712 -66.79 42.66 26.77
C LYS L 712 -65.48 42.41 26.05
N PHE L 713 -64.41 42.15 26.81
CA PHE L 713 -63.32 41.33 26.29
C PHE L 713 -63.78 39.91 26.02
N SER L 714 -64.71 39.42 26.85
CA SER L 714 -65.36 38.13 26.63
C SER L 714 -66.63 38.26 25.82
N HIS L 715 -66.69 39.26 24.95
CA HIS L 715 -67.74 39.39 23.96
C HIS L 715 -67.39 38.64 22.68
N ASP L 716 -66.56 37.61 22.79
CA ASP L 716 -66.30 36.68 21.71
C ASP L 716 -66.99 35.37 22.05
N ALA L 717 -67.92 34.97 21.18
CA ALA L 717 -68.66 33.74 21.32
C ALA L 717 -67.83 32.59 20.75
N ASP L 718 -68.46 31.42 20.47
CA ASP L 718 -67.82 30.17 20.05
C ASP L 718 -66.80 29.72 21.10
N PRO L 719 -67.26 29.02 22.19
CA PRO L 719 -66.42 28.72 23.38
C PRO L 719 -65.00 28.21 23.13
N GLU L 720 -64.06 28.70 23.94
CA GLU L 720 -62.65 28.54 23.67
C GLU L 720 -61.86 28.12 24.89
N VAL L 721 -60.53 28.20 24.78
CA VAL L 721 -59.59 27.95 25.85
C VAL L 721 -59.30 29.23 26.64
N SER L 722 -60.14 30.26 26.45
CA SER L 722 -59.92 31.57 27.06
C SER L 722 -60.18 31.57 28.57
N TYR L 723 -60.66 30.44 29.11
CA TYR L 723 -60.82 30.21 30.54
C TYR L 723 -59.54 30.43 31.34
N ASN L 724 -58.39 30.20 30.70
CA ASN L 724 -57.09 30.47 31.32
C ASN L 724 -56.94 31.93 31.69
N SER L 725 -57.47 32.84 30.88
CA SER L 725 -57.36 34.25 31.17
C SER L 725 -58.35 34.68 32.24
N ILE L 726 -59.60 34.24 32.11
CA ILE L 726 -60.68 34.80 32.93
C ILE L 726 -60.63 34.24 34.36
N PHE L 727 -60.36 32.94 34.49
CA PHE L 727 -60.30 32.36 35.84
C PHE L 727 -59.08 32.84 36.61
N ALA L 728 -57.95 33.03 35.91
CA ALA L 728 -56.76 33.54 36.60
C ALA L 728 -56.91 35.01 36.93
N MET L 729 -57.66 35.76 36.12
CA MET L 729 -57.95 37.14 36.48
C MET L 729 -59.09 37.21 37.49
N GLY L 730 -59.94 36.18 37.54
CA GLY L 730 -60.91 36.09 38.61
C GLY L 730 -60.28 35.75 39.94
N MET L 731 -59.11 35.09 39.92
CA MET L 731 -58.42 34.78 41.16
C MET L 731 -57.79 36.03 41.78
N VAL L 732 -57.19 36.88 40.94
CA VAL L 732 -56.74 38.20 41.40
C VAL L 732 -57.91 39.17 41.48
N GLY L 733 -59.05 38.82 40.90
CA GLY L 733 -60.22 39.66 40.92
C GLY L 733 -61.17 39.47 42.07
N SER L 734 -60.90 38.51 42.96
CA SER L 734 -61.73 38.34 44.14
C SER L 734 -61.38 39.36 45.22
N GLY L 735 -60.15 39.30 45.72
CA GLY L 735 -59.68 40.26 46.71
C GLY L 735 -59.43 41.64 46.13
N THR L 736 -58.42 41.77 45.29
CA THR L 736 -58.23 42.99 44.52
C THR L 736 -59.25 43.03 43.39
N ASN L 737 -59.38 44.21 42.76
CA ASN L 737 -60.41 44.47 41.75
C ASN L 737 -61.72 44.15 42.46
N ASN L 738 -61.92 44.88 43.56
CA ASN L 738 -63.07 44.80 44.50
C ASN L 738 -64.35 44.08 44.09
N ALA L 739 -64.72 43.07 44.88
CA ALA L 739 -65.91 42.29 44.57
C ALA L 739 -67.20 43.04 44.84
N ARG L 740 -67.13 44.25 45.40
CA ARG L 740 -68.34 45.06 45.56
C ARG L 740 -68.88 45.53 44.21
N LEU L 741 -68.00 45.69 43.23
CA LEU L 741 -68.40 46.34 41.99
C LEU L 741 -68.49 45.39 40.80
N ALA L 742 -67.51 44.49 40.65
CA ALA L 742 -67.42 43.70 39.43
C ALA L 742 -67.40 42.20 39.67
N ALA L 743 -67.80 41.73 40.86
CA ALA L 743 -67.92 40.28 41.07
C ALA L 743 -69.04 39.71 40.23
N MET L 744 -70.06 40.52 39.94
CA MET L 744 -71.01 40.19 38.88
C MET L 744 -70.31 40.11 37.53
N LEU L 745 -69.37 41.04 37.28
CA LEU L 745 -68.89 41.29 35.93
C LEU L 745 -67.94 40.21 35.44
N ARG L 746 -66.96 39.82 36.27
CA ARG L 746 -65.97 38.84 35.86
C ARG L 746 -66.62 37.49 35.60
N GLN L 747 -67.61 37.12 36.41
CA GLN L 747 -68.37 35.92 36.15
C GLN L 747 -69.44 36.13 35.08
N LEU L 748 -69.85 37.36 34.82
CA LEU L 748 -70.61 37.62 33.60
C LEU L 748 -69.74 37.37 32.37
N ALA L 749 -68.47 37.76 32.45
CA ALA L 749 -67.53 37.46 31.37
C ALA L 749 -67.19 35.98 31.33
N GLN L 750 -67.13 35.33 32.48
CA GLN L 750 -66.78 33.92 32.52
C GLN L 750 -67.90 33.06 31.96
N TYR L 751 -69.15 33.39 32.27
CA TYR L 751 -70.26 32.51 31.94
C TYR L 751 -70.84 32.78 30.56
N HIS L 752 -70.34 33.79 29.85
CA HIS L 752 -70.93 34.16 28.57
C HIS L 752 -70.25 33.46 27.39
N ALA L 753 -68.97 33.08 27.54
CA ALA L 753 -68.30 32.38 26.45
C ALA L 753 -68.89 31.01 26.22
N LYS L 754 -69.12 30.25 27.28
CA LYS L 754 -69.88 29.01 27.20
C LYS L 754 -71.35 29.29 27.45
N ASP L 755 -71.95 30.12 26.58
CA ASP L 755 -73.36 30.54 26.77
C ASP L 755 -74.18 29.30 26.88
N PRO L 756 -74.12 28.52 25.81
CA PRO L 756 -74.57 27.21 25.39
C PRO L 756 -73.42 26.61 24.58
N ASN L 757 -73.43 25.30 24.42
CA ASN L 757 -72.42 24.69 23.54
C ASN L 757 -72.42 25.33 22.17
N ASN L 758 -73.62 25.68 21.68
CA ASN L 758 -73.84 26.08 20.30
C ASN L 758 -74.53 27.42 20.31
N LEU L 759 -75.05 27.82 19.14
CA LEU L 759 -75.82 29.04 18.95
C LEU L 759 -74.97 30.27 19.31
N PHE L 760 -73.88 30.42 18.56
CA PHE L 760 -72.98 31.55 18.76
C PHE L 760 -72.98 32.53 17.60
N MET L 761 -73.88 32.36 16.64
CA MET L 761 -73.86 33.25 15.48
C MET L 761 -74.59 34.55 15.79
N VAL L 762 -73.83 35.54 16.26
CA VAL L 762 -74.32 36.87 16.58
C VAL L 762 -73.47 37.93 15.89
N ARG L 763 -72.97 37.62 14.72
CA ARG L 763 -71.84 38.36 14.19
C ARG L 763 -72.12 38.98 12.82
N LEU L 764 -73.37 39.00 12.40
CA LEU L 764 -73.89 39.85 11.33
C LEU L 764 -73.27 39.52 9.96
N ALA L 765 -73.07 38.22 9.73
CA ALA L 765 -72.49 37.80 8.48
C ALA L 765 -73.10 36.46 8.07
N GLN L 766 -73.90 36.48 7.02
CA GLN L 766 -74.61 35.29 6.58
C GLN L 766 -74.22 34.99 5.15
N GLY L 767 -74.20 33.69 4.82
CA GLY L 767 -73.92 33.21 3.49
C GLY L 767 -72.45 33.35 3.16
N LEU L 768 -72.03 34.57 2.84
CA LEU L 768 -70.63 34.92 2.92
C LEU L 768 -70.42 36.20 3.71
N THR L 769 -71.21 37.24 3.41
CA THR L 769 -70.91 38.54 3.99
C THR L 769 -72.12 39.44 4.29
N HIS L 770 -73.35 39.00 4.05
CA HIS L 770 -74.42 39.99 4.18
C HIS L 770 -74.89 40.08 5.62
N LEU L 771 -75.51 41.22 5.94
CA LEU L 771 -75.59 41.71 7.31
C LEU L 771 -76.61 40.91 8.13
N GLY L 772 -77.88 41.03 7.74
CA GLY L 772 -78.96 40.34 8.41
C GLY L 772 -79.17 40.82 9.82
N LYS L 773 -78.59 41.99 10.07
CA LYS L 773 -78.69 42.72 11.33
C LYS L 773 -78.10 42.10 12.59
N GLY L 774 -78.82 42.26 13.68
CA GLY L 774 -78.35 41.82 14.97
C GLY L 774 -77.83 43.16 15.46
N THR L 775 -77.64 44.03 14.48
CA THR L 775 -77.18 45.40 14.68
C THR L 775 -78.20 46.18 15.49
N LEU L 776 -79.48 46.12 15.11
CA LEU L 776 -80.45 46.88 15.87
C LEU L 776 -80.63 46.35 17.29
N THR L 777 -80.18 45.11 17.53
CA THR L 777 -80.38 44.45 18.80
C THR L 777 -79.11 44.45 19.65
N LEU L 778 -77.94 44.49 19.01
CA LEU L 778 -76.67 44.48 19.74
C LEU L 778 -76.25 45.89 20.15
N CYS L 779 -76.10 46.79 19.17
CA CYS L 779 -75.63 48.17 19.28
C CYS L 779 -76.27 49.01 20.40
N PRO L 780 -77.53 48.77 20.83
CA PRO L 780 -77.94 49.35 22.12
C PRO L 780 -77.08 49.00 23.32
N TYR L 781 -76.47 47.81 23.39
CA TYR L 781 -75.69 47.49 24.58
C TYR L 781 -74.37 48.23 24.63
N HIS L 782 -73.65 48.27 23.52
CA HIS L 782 -72.38 48.99 23.51
C HIS L 782 -72.59 50.49 23.52
N SER L 783 -73.78 50.96 23.16
CA SER L 783 -74.16 52.33 23.45
C SER L 783 -74.57 52.50 24.92
N ASP L 784 -75.02 51.42 25.56
CA ASP L 784 -75.49 51.51 26.94
C ASP L 784 -74.32 51.64 27.91
N ARG L 785 -73.26 50.89 27.66
CA ARG L 785 -72.11 50.90 28.56
C ARG L 785 -70.84 51.50 27.97
N GLN L 786 -70.41 52.57 28.63
CA GLN L 786 -69.19 53.32 28.37
C GLN L 786 -69.06 54.35 29.50
N LEU L 787 -69.62 54.01 30.66
CA LEU L 787 -69.64 54.86 31.81
C LEU L 787 -69.69 54.03 33.08
N MET L 788 -70.80 54.18 33.81
CA MET L 788 -71.00 53.62 35.14
C MET L 788 -72.46 53.87 35.53
N SER L 789 -72.87 53.41 36.72
CA SER L 789 -74.17 53.61 37.39
C SER L 789 -75.31 52.86 36.71
N GLN L 790 -74.99 52.15 35.63
CA GLN L 790 -75.93 51.22 35.02
C GLN L 790 -75.46 49.80 35.28
N VAL L 791 -74.35 49.68 36.03
CA VAL L 791 -73.97 48.39 36.59
C VAL L 791 -74.80 48.02 37.81
N ALA L 792 -75.60 48.95 38.32
CA ALA L 792 -76.40 48.74 39.53
C ALA L 792 -77.89 48.83 39.28
N VAL L 793 -78.37 49.86 38.59
CA VAL L 793 -79.80 50.19 38.54
C VAL L 793 -80.37 50.04 37.14
N ALA L 794 -79.92 50.88 36.20
CA ALA L 794 -80.67 51.08 34.96
C ALA L 794 -80.25 50.13 33.84
N GLY L 795 -78.97 49.78 33.76
CA GLY L 795 -78.52 48.93 32.67
C GLY L 795 -78.83 47.47 32.85
N LEU L 796 -79.38 47.09 34.01
CA LEU L 796 -79.84 45.72 34.23
C LEU L 796 -81.04 45.36 33.37
N LEU L 797 -81.78 46.35 32.88
CA LEU L 797 -82.73 46.10 31.80
C LEU L 797 -82.00 45.67 30.54
N THR L 798 -80.85 46.28 30.27
CA THR L 798 -80.10 46.08 29.04
C THR L 798 -79.18 44.86 29.11
N VAL L 799 -78.32 44.80 30.14
CA VAL L 799 -77.13 43.94 30.15
C VAL L 799 -77.50 42.45 30.09
N LEU L 800 -78.71 42.08 30.56
CA LEU L 800 -79.14 40.71 30.43
C LEU L 800 -79.60 40.40 29.01
N VAL L 801 -80.55 41.18 28.51
CA VAL L 801 -81.34 40.79 27.36
C VAL L 801 -81.24 41.81 26.22
N SER L 802 -80.09 42.47 26.07
CA SER L 802 -79.91 43.43 24.98
C SER L 802 -79.95 42.75 23.62
N PHE L 803 -78.97 41.90 23.35
CA PHE L 803 -78.80 41.30 22.03
C PHE L 803 -79.39 39.90 22.06
N LEU L 804 -80.42 39.69 21.25
CA LEU L 804 -81.19 38.45 21.23
C LEU L 804 -81.51 38.07 19.79
N ASP L 805 -80.54 38.22 18.89
CA ASP L 805 -80.74 37.85 17.49
C ASP L 805 -79.81 36.72 17.11
N VAL L 806 -79.78 35.68 17.90
CA VAL L 806 -78.90 34.58 17.59
C VAL L 806 -79.64 33.65 16.62
N ARG L 807 -79.11 33.51 15.41
CA ARG L 807 -79.80 32.69 14.40
C ARG L 807 -79.24 31.29 14.24
N ASN L 808 -79.69 30.37 15.12
CA ASN L 808 -79.23 28.97 15.13
C ASN L 808 -77.71 28.86 15.16
N ILE L 809 -77.11 27.87 14.52
CA ILE L 809 -75.64 27.76 14.61
C ILE L 809 -74.89 27.16 13.42
N ILE L 810 -75.18 25.91 13.08
CA ILE L 810 -74.46 25.28 12.00
C ILE L 810 -75.24 25.00 10.73
N LEU L 811 -74.55 24.32 9.82
CA LEU L 811 -75.03 23.92 8.50
C LEU L 811 -75.07 22.40 8.36
N GLY L 812 -75.56 21.76 9.39
CA GLY L 812 -75.85 20.35 9.30
C GLY L 812 -77.30 20.04 9.57
N LYS L 813 -77.98 19.70 8.46
CA LYS L 813 -79.31 19.10 8.29
C LYS L 813 -79.44 18.90 6.78
N SER L 814 -80.40 18.11 6.32
CA SER L 814 -80.46 17.82 4.90
C SER L 814 -81.81 18.12 4.27
N HIS L 815 -82.89 17.82 4.99
CA HIS L 815 -84.26 18.23 4.67
C HIS L 815 -84.83 17.67 3.37
N TYR L 816 -84.18 16.67 2.81
CA TYR L 816 -84.66 16.05 1.58
C TYR L 816 -86.02 15.42 1.82
N VAL L 817 -87.06 16.23 1.68
CA VAL L 817 -88.46 15.82 1.86
C VAL L 817 -88.85 15.19 3.20
N LEU L 818 -88.39 13.98 3.47
CA LEU L 818 -88.78 13.28 4.69
C LEU L 818 -87.86 13.63 5.87
N TYR L 819 -86.77 14.35 5.60
CA TYR L 819 -85.71 14.65 6.57
C TYR L 819 -85.15 13.36 7.19
N GLY L 820 -84.47 12.60 6.33
CA GLY L 820 -83.80 11.40 6.78
C GLY L 820 -82.33 11.36 6.41
N LEU L 821 -81.95 12.16 5.42
CA LEU L 821 -80.57 12.17 4.92
C LEU L 821 -79.67 12.87 5.92
N VAL L 822 -78.39 12.51 5.88
CA VAL L 822 -77.39 13.13 6.75
C VAL L 822 -76.21 13.58 5.91
N ALA L 823 -75.99 12.86 4.80
CA ALA L 823 -74.93 13.11 3.82
C ALA L 823 -73.48 13.04 4.31
N ALA L 824 -72.56 13.46 3.44
CA ALA L 824 -71.13 13.46 3.74
C ALA L 824 -70.56 14.84 3.46
N MET L 825 -70.38 15.62 4.52
CA MET L 825 -69.85 16.98 4.40
C MET L 825 -68.38 17.03 4.82
N GLN L 826 -67.66 18.01 4.31
CA GLN L 826 -66.22 17.97 4.51
C GLN L 826 -65.70 19.35 4.93
N PRO L 827 -65.58 19.59 6.24
CA PRO L 827 -65.35 20.95 6.77
C PRO L 827 -63.90 21.39 6.70
N ARG L 828 -63.68 22.66 6.33
CA ARG L 828 -62.36 23.22 6.05
C ARG L 828 -62.28 24.71 6.41
N MET L 829 -61.06 25.19 6.71
CA MET L 829 -60.65 26.60 6.76
C MET L 829 -61.00 27.24 5.40
N LEU L 830 -61.60 28.43 5.46
CA LEU L 830 -62.34 29.02 4.31
C LEU L 830 -61.49 29.33 3.08
N VAL L 831 -62.19 29.69 2.01
CA VAL L 831 -61.67 29.91 0.66
C VAL L 831 -60.65 31.03 0.63
N THR L 832 -59.75 30.97 -0.35
CA THR L 832 -58.81 32.03 -0.64
C THR L 832 -58.85 32.31 -2.13
N PHE L 833 -59.53 31.44 -2.87
CA PHE L 833 -59.41 31.40 -4.32
C PHE L 833 -60.11 32.60 -4.97
N ASP L 834 -59.34 33.40 -5.69
CA ASP L 834 -59.89 34.62 -6.29
C ASP L 834 -59.82 34.54 -7.81
N GLU L 835 -58.60 34.42 -8.36
CA GLU L 835 -58.44 34.03 -9.76
C GLU L 835 -57.10 33.28 -9.89
N GLU L 836 -57.22 31.98 -10.10
CA GLU L 836 -56.09 31.07 -10.33
C GLU L 836 -56.51 30.10 -11.43
N LEU L 837 -55.80 28.99 -11.53
CA LEU L 837 -56.08 27.99 -12.55
C LEU L 837 -57.45 27.34 -12.35
N ARG L 838 -58.09 27.15 -13.49
CA ARG L 838 -59.43 26.56 -13.72
C ARG L 838 -60.26 26.15 -12.52
N PRO L 839 -60.36 24.83 -12.29
CA PRO L 839 -60.98 24.30 -11.08
C PRO L 839 -60.18 24.74 -9.87
N LEU L 840 -60.55 25.89 -9.30
CA LEU L 840 -59.84 26.43 -8.16
C LEU L 840 -60.25 25.69 -6.91
N PRO L 841 -59.32 24.91 -6.34
CA PRO L 841 -59.61 24.20 -5.09
C PRO L 841 -60.12 25.15 -4.03
N VAL L 842 -61.32 24.86 -3.54
CA VAL L 842 -62.08 25.80 -2.73
C VAL L 842 -61.43 25.97 -1.37
N SER L 843 -60.91 24.90 -0.77
CA SER L 843 -60.28 25.09 0.52
C SER L 843 -59.11 24.13 0.78
N VAL L 844 -58.61 24.14 2.03
CA VAL L 844 -57.23 23.78 2.31
C VAL L 844 -57.05 22.92 3.57
N ARG L 845 -58.12 22.64 4.32
CA ARG L 845 -57.99 22.04 5.65
C ARG L 845 -58.65 20.67 5.71
N VAL L 846 -58.28 19.76 4.82
CA VAL L 846 -59.04 18.56 4.45
C VAL L 846 -59.21 17.57 5.62
N GLY L 847 -58.48 17.77 6.71
CA GLY L 847 -58.45 16.87 7.86
C GLY L 847 -59.77 16.57 8.55
N GLN L 848 -60.58 17.60 8.83
CA GLN L 848 -61.87 17.37 9.45
C GLN L 848 -62.85 16.78 8.44
N ALA L 849 -63.62 15.78 8.89
CA ALA L 849 -64.56 15.07 8.03
C ALA L 849 -65.72 14.55 8.90
N VAL L 850 -66.89 15.17 8.73
CA VAL L 850 -68.08 14.82 9.49
C VAL L 850 -69.17 14.37 8.51
N ASP L 851 -70.36 14.06 9.02
CA ASP L 851 -71.46 13.66 8.15
C ASP L 851 -72.66 14.60 8.28
N VAL L 852 -73.00 14.97 9.50
CA VAL L 852 -74.27 15.59 9.87
C VAL L 852 -73.89 16.71 10.85
N VAL L 853 -74.80 17.12 11.73
CA VAL L 853 -74.99 18.43 12.38
C VAL L 853 -73.78 19.15 12.97
N GLY L 854 -72.59 18.78 12.51
CA GLY L 854 -71.35 19.41 12.96
C GLY L 854 -71.27 20.93 12.90
N GLN L 855 -70.46 21.48 13.80
CA GLN L 855 -70.29 22.93 13.95
C GLN L 855 -69.87 23.78 12.73
N ALA L 856 -70.04 25.08 12.91
CA ALA L 856 -69.79 26.12 11.92
C ALA L 856 -68.35 26.58 12.07
N GLY L 857 -67.95 27.15 13.20
CA GLY L 857 -66.59 27.64 13.34
C GLY L 857 -66.36 28.97 12.63
N LYS L 858 -65.13 29.50 12.78
CA LYS L 858 -64.87 30.82 12.22
C LYS L 858 -64.79 30.81 10.68
N PRO L 859 -63.73 30.22 10.00
CA PRO L 859 -63.81 30.40 8.55
C PRO L 859 -64.21 29.11 7.82
N LYS L 860 -65.48 28.72 7.81
CA LYS L 860 -65.77 27.40 7.25
C LYS L 860 -66.82 27.47 6.14
N THR L 861 -66.33 27.25 4.91
CA THR L 861 -67.19 26.88 3.78
C THR L 861 -67.11 25.37 3.59
N ILE L 862 -68.07 24.67 4.21
CA ILE L 862 -68.03 23.21 4.24
C ILE L 862 -68.63 22.67 2.95
N THR L 863 -67.89 21.81 2.27
CA THR L 863 -68.32 21.24 1.00
C THR L 863 -68.69 19.78 1.18
N GLY L 864 -69.20 19.19 0.11
CA GLY L 864 -69.67 17.81 0.14
C GLY L 864 -69.27 17.07 -1.11
N PHE L 865 -69.34 15.74 -1.03
CA PHE L 865 -68.91 14.86 -2.11
C PHE L 865 -69.88 13.70 -2.28
N GLN L 866 -69.42 12.62 -2.95
CA GLN L 866 -70.13 11.33 -3.12
C GLN L 866 -71.24 11.47 -4.16
N THR L 867 -71.12 12.51 -5.00
CA THR L 867 -71.98 12.82 -6.14
C THR L 867 -73.44 12.93 -5.68
N HIS L 868 -73.70 13.88 -4.80
CA HIS L 868 -75.06 14.20 -4.39
C HIS L 868 -75.49 15.50 -5.04
N THR L 869 -74.56 16.15 -5.75
CA THR L 869 -74.61 17.34 -6.61
C THR L 869 -74.78 18.64 -5.85
N THR L 870 -75.47 18.58 -4.70
CA THR L 870 -75.81 19.73 -3.80
C THR L 870 -76.15 20.96 -4.62
N PRO L 871 -77.10 20.80 -5.56
CA PRO L 871 -77.36 21.84 -6.53
C PRO L 871 -78.35 22.82 -6.02
N VAL L 872 -78.20 23.26 -4.77
CA VAL L 872 -79.25 24.18 -4.35
C VAL L 872 -78.98 25.65 -4.67
N LEU L 873 -77.96 26.23 -4.03
CA LEU L 873 -77.64 27.63 -4.27
C LEU L 873 -76.15 27.77 -4.48
N LEU L 874 -75.40 26.72 -4.11
CA LEU L 874 -73.95 26.60 -4.27
C LEU L 874 -73.22 27.72 -3.52
N ALA L 875 -73.84 28.16 -2.43
CA ALA L 875 -73.31 29.21 -1.57
C ALA L 875 -73.67 28.99 -0.08
N HIS L 876 -74.10 27.77 0.24
CA HIS L 876 -74.48 27.35 1.61
C HIS L 876 -75.61 28.13 2.29
N GLY L 877 -75.74 28.00 3.62
CA GLY L 877 -76.80 28.68 4.33
C GLY L 877 -77.66 27.85 5.26
N GLU L 878 -77.21 26.66 5.62
CA GLU L 878 -77.60 25.90 6.82
C GLU L 878 -79.02 25.35 6.75
N ARG L 879 -79.67 25.46 5.60
CA ARG L 879 -80.85 24.66 5.33
C ARG L 879 -80.82 24.19 3.88
N ALA L 880 -79.73 23.53 3.49
CA ALA L 880 -79.59 22.97 2.14
C ALA L 880 -80.68 21.94 1.85
N GLU L 881 -80.98 21.75 0.56
CA GLU L 881 -82.10 20.92 0.14
C GLU L 881 -81.65 19.57 -0.42
N LEU L 882 -80.51 19.55 -1.12
CA LEU L 882 -79.74 18.33 -1.41
C LEU L 882 -80.45 17.26 -2.22
N ALA L 883 -80.66 17.49 -3.52
CA ALA L 883 -81.26 16.48 -4.39
C ALA L 883 -80.26 15.36 -4.72
N THR L 884 -80.57 14.52 -5.71
CA THR L 884 -79.77 13.31 -5.93
C THR L 884 -79.66 13.03 -7.42
N GLU L 885 -78.43 12.82 -7.91
CA GLU L 885 -78.17 12.58 -9.32
C GLU L 885 -76.74 12.05 -9.50
N GLU L 886 -76.59 11.01 -10.34
CA GLU L 886 -75.29 10.38 -10.54
C GLU L 886 -75.07 9.94 -12.00
N PHE L 887 -75.25 10.80 -12.99
CA PHE L 887 -75.15 10.36 -14.39
C PHE L 887 -73.71 10.52 -14.90
N LEU L 888 -72.73 10.08 -14.10
CA LEU L 888 -71.37 10.06 -14.65
C LEU L 888 -70.65 8.70 -14.61
N PRO L 889 -71.25 7.56 -15.08
CA PRO L 889 -70.24 6.53 -15.39
C PRO L 889 -69.97 6.41 -16.88
N PRO M 21 -22.38 32.23 -31.35
CA PRO M 21 -23.19 33.15 -32.14
C PRO M 21 -24.47 33.56 -31.42
N ILE M 22 -24.39 33.82 -30.11
CA ILE M 22 -25.59 34.11 -29.34
C ILE M 22 -25.38 35.41 -28.57
N ARG M 23 -26.02 36.48 -29.02
CA ARG M 23 -25.97 37.76 -28.33
C ARG M 23 -27.30 38.44 -28.62
N ALA M 24 -27.98 38.89 -27.57
CA ALA M 24 -29.31 39.41 -27.82
C ALA M 24 -29.64 40.66 -27.01
N LEU M 25 -28.65 41.52 -26.77
CA LEU M 25 -28.90 42.72 -25.98
C LEU M 25 -28.29 43.94 -26.66
N ASP M 26 -29.10 44.99 -26.76
CA ASP M 26 -28.69 46.28 -27.31
C ASP M 26 -29.73 47.26 -26.77
N GLU M 27 -29.27 48.42 -26.30
CA GLU M 27 -30.06 49.41 -25.55
C GLU M 27 -31.42 49.79 -26.17
N GLY M 28 -31.51 49.77 -27.50
CA GLY M 28 -32.81 49.93 -28.14
C GLY M 28 -33.75 48.78 -27.87
N ASP M 29 -33.20 47.57 -27.76
CA ASP M 29 -34.04 46.40 -27.51
C ASP M 29 -34.46 46.29 -26.05
N ILE M 30 -33.82 47.04 -25.17
CA ILE M 30 -34.30 47.18 -23.79
C ILE M 30 -35.67 47.85 -23.74
N ALA M 31 -35.90 48.86 -24.57
CA ALA M 31 -37.17 49.58 -24.58
C ALA M 31 -38.32 48.78 -25.18
N LEU M 32 -38.03 47.66 -25.83
CA LEU M 32 -39.06 46.72 -26.26
C LEU M 32 -39.77 46.08 -25.07
N LEU M 33 -39.02 45.69 -24.05
CA LEU M 33 -39.50 44.81 -22.98
C LEU M 33 -40.51 45.47 -22.06
N LYS M 34 -40.21 46.67 -21.57
CA LYS M 34 -40.99 47.27 -20.50
C LYS M 34 -42.12 48.15 -21.03
N THR M 35 -42.65 47.81 -22.20
CA THR M 35 -43.81 48.52 -22.71
C THR M 35 -44.80 47.47 -23.25
N TYR M 36 -44.32 46.24 -23.43
CA TYR M 36 -45.13 45.14 -23.94
C TYR M 36 -45.74 44.37 -22.78
N GLY M 37 -47.05 44.47 -22.66
CA GLY M 37 -47.76 43.69 -21.66
C GLY M 37 -47.99 44.48 -20.40
N GLN M 38 -49.24 44.92 -20.21
CA GLN M 38 -49.71 45.71 -19.08
C GLN M 38 -48.89 46.98 -18.92
N SER M 39 -48.94 47.86 -19.93
CA SER M 39 -48.30 49.17 -19.80
C SER M 39 -49.14 50.09 -18.92
N THR M 40 -50.41 49.72 -18.72
CA THR M 40 -51.36 50.49 -17.93
C THR M 40 -51.11 50.38 -16.43
N TYR M 41 -50.93 49.16 -15.91
CA TYR M 41 -50.89 48.92 -14.48
C TYR M 41 -49.52 48.47 -13.98
N SER M 42 -48.46 48.63 -14.78
CA SER M 42 -47.16 48.13 -14.34
C SER M 42 -46.57 49.03 -13.25
N ARG M 43 -46.28 50.28 -13.58
CA ARG M 43 -45.85 51.23 -12.56
C ARG M 43 -47.01 51.67 -11.68
N GLN M 44 -48.23 51.55 -12.18
CA GLN M 44 -49.41 51.98 -11.44
C GLN M 44 -49.64 51.12 -10.20
N ILE M 45 -49.27 49.84 -10.28
CA ILE M 45 -49.38 48.97 -9.12
C ILE M 45 -48.09 48.96 -8.31
N LYS M 46 -46.97 49.36 -8.91
CA LYS M 46 -45.67 49.15 -8.29
C LYS M 46 -45.35 50.24 -7.28
N GLN M 47 -45.47 51.51 -7.68
CA GLN M 47 -45.15 52.61 -6.79
C GLN M 47 -46.14 52.76 -5.64
N VAL M 48 -47.34 52.21 -5.78
CA VAL M 48 -48.26 52.11 -4.65
C VAL M 48 -47.68 51.17 -3.60
N GLU M 49 -47.09 50.06 -4.02
CA GLU M 49 -46.40 49.19 -3.08
C GLU M 49 -45.09 49.82 -2.59
N ASP M 50 -44.48 50.68 -3.41
CA ASP M 50 -43.21 51.28 -3.02
C ASP M 50 -43.40 52.32 -1.93
N ASP M 51 -44.31 53.27 -2.12
CA ASP M 51 -44.44 54.35 -1.16
C ASP M 51 -45.20 53.93 0.09
N ILE M 52 -45.90 52.80 0.07
CA ILE M 52 -46.51 52.34 1.31
C ILE M 52 -45.44 51.72 2.21
N GLN M 53 -44.40 51.10 1.63
CA GLN M 53 -43.29 50.61 2.43
C GLN M 53 -42.45 51.77 2.94
N GLN M 54 -42.39 52.85 2.16
CA GLN M 54 -41.87 54.11 2.70
C GLN M 54 -42.75 54.61 3.84
N LEU M 55 -44.06 54.41 3.72
CA LEU M 55 -44.99 54.88 4.74
C LEU M 55 -44.99 53.96 5.96
N LEU M 56 -44.58 52.70 5.81
CA LEU M 56 -44.31 51.86 6.98
C LEU M 56 -43.19 52.45 7.81
N LYS M 57 -42.18 53.02 7.16
CA LYS M 57 -41.10 53.66 7.90
C LYS M 57 -41.57 54.96 8.55
N LYS M 58 -42.27 55.80 7.79
CA LYS M 58 -42.58 57.14 8.25
C LYS M 58 -43.64 57.16 9.34
N ILE M 59 -44.35 56.06 9.56
CA ILE M 59 -45.18 55.94 10.75
C ILE M 59 -44.29 55.69 11.97
N ASN M 60 -43.23 54.88 11.79
CA ASN M 60 -42.46 54.39 12.94
C ASN M 60 -41.66 55.51 13.59
N GLU M 61 -40.99 56.35 12.81
CA GLU M 61 -40.26 57.46 13.41
C GLU M 61 -41.20 58.58 13.83
N LEU M 62 -42.45 58.57 13.35
CA LEU M 62 -43.41 59.56 13.82
C LEU M 62 -44.02 59.15 15.15
N THR M 63 -44.15 57.84 15.40
CA THR M 63 -44.56 57.37 16.72
C THR M 63 -43.52 57.72 17.79
N GLY M 64 -42.35 57.09 17.71
CA GLY M 64 -41.26 57.25 18.67
C GLY M 64 -41.62 57.15 20.14
N ILE M 65 -42.21 56.03 20.55
CA ILE M 65 -42.84 55.92 21.87
C ILE M 65 -42.18 54.83 22.70
N LYS M 66 -40.86 54.69 22.56
CA LYS M 66 -40.04 53.63 23.14
C LYS M 66 -40.21 53.48 24.65
N GLU M 67 -40.03 54.57 25.40
CA GLU M 67 -40.43 54.71 26.80
C GLU M 67 -39.81 53.69 27.75
N SER M 68 -38.50 53.70 27.93
CA SER M 68 -37.83 52.78 28.85
C SER M 68 -37.83 53.32 30.27
N ASP M 69 -39.03 53.58 30.81
CA ASP M 69 -39.18 54.14 32.15
C ASP M 69 -38.85 53.13 33.24
N THR M 70 -37.84 53.44 34.04
CA THR M 70 -37.43 52.57 35.14
C THR M 70 -36.72 53.40 36.19
N GLY M 71 -36.62 52.83 37.39
CA GLY M 71 -35.97 53.52 38.49
C GLY M 71 -36.94 54.30 39.36
N LEU M 72 -37.88 54.99 38.71
CA LEU M 72 -38.82 55.84 39.43
C LEU M 72 -39.81 55.02 40.25
N ALA M 73 -40.12 55.51 41.44
CA ALA M 73 -41.15 54.96 42.29
C ALA M 73 -42.51 55.43 41.79
N PRO M 74 -43.62 54.95 42.36
CA PRO M 74 -44.88 55.69 42.25
C PRO M 74 -44.73 57.11 42.76
N PRO M 75 -45.10 58.11 41.96
CA PRO M 75 -44.89 59.52 42.33
C PRO M 75 -45.94 60.07 43.28
N ALA M 76 -46.11 59.38 44.41
CA ALA M 76 -47.00 59.87 45.46
C ALA M 76 -46.41 59.65 46.84
N LEU M 77 -45.15 59.23 46.95
CA LEU M 77 -44.53 58.92 48.24
C LEU M 77 -43.20 59.61 48.48
N TRP M 78 -42.40 59.89 47.44
CA TRP M 78 -41.08 60.47 47.64
C TRP M 78 -41.09 61.98 47.78
N ASP M 79 -42.28 62.59 47.76
CA ASP M 79 -42.47 64.04 47.73
C ASP M 79 -41.85 64.72 48.95
N LEU M 80 -41.85 64.01 50.08
CA LEU M 80 -41.25 64.56 51.30
C LEU M 80 -39.74 64.59 51.20
N ALA M 81 -39.14 63.56 50.60
CA ALA M 81 -37.68 63.48 50.51
C ALA M 81 -37.13 64.52 49.54
N ALA M 82 -37.72 64.63 48.34
CA ALA M 82 -37.17 65.52 47.30
C ALA M 82 -37.86 66.88 47.37
N ASP M 83 -37.85 67.45 48.57
CA ASP M 83 -38.21 68.85 48.79
C ASP M 83 -36.97 69.62 49.23
N LYS M 84 -36.34 69.15 50.31
CA LYS M 84 -35.08 69.72 50.78
C LYS M 84 -34.08 68.65 51.19
N GLN M 85 -34.55 67.45 51.57
CA GLN M 85 -33.67 66.45 52.17
C GLN M 85 -32.71 65.87 51.15
N THR M 86 -33.16 65.77 49.90
CA THR M 86 -32.27 65.35 48.82
C THR M 86 -31.18 66.37 48.57
N LEU M 87 -31.54 67.66 48.63
CA LEU M 87 -30.53 68.71 48.57
C LEU M 87 -29.72 68.75 49.85
N GLN M 88 -30.30 68.31 50.97
CA GLN M 88 -29.58 68.19 52.23
C GLN M 88 -28.68 66.96 52.24
N SER M 89 -28.89 66.01 51.33
CA SER M 89 -28.05 64.82 51.26
C SER M 89 -27.16 64.81 50.03
N GLU M 90 -26.74 65.98 49.56
CA GLU M 90 -25.70 66.07 48.54
C GLU M 90 -24.35 66.46 49.12
N GLN M 91 -24.24 67.66 49.66
CA GLN M 91 -22.98 68.18 50.18
C GLN M 91 -22.58 67.63 51.55
N PRO M 92 -23.46 67.49 52.56
CA PRO M 92 -22.99 66.86 53.81
C PRO M 92 -22.75 65.36 53.70
N LEU M 93 -23.39 64.67 52.75
CA LEU M 93 -23.23 63.23 52.67
C LEU M 93 -21.92 62.87 51.98
N GLN M 94 -21.44 61.66 52.28
CA GLN M 94 -20.08 61.23 51.95
C GLN M 94 -20.12 60.12 50.91
N VAL M 95 -19.05 60.06 50.11
CA VAL M 95 -18.87 59.11 49.02
C VAL M 95 -17.77 58.12 49.44
N ALA M 96 -17.74 57.82 50.74
CA ALA M 96 -16.69 57.01 51.34
C ALA M 96 -16.64 55.59 50.77
N ARG M 97 -15.44 55.01 50.76
CA ARG M 97 -15.20 53.69 50.20
C ARG M 97 -14.96 52.68 51.31
N CYS M 98 -15.08 51.41 50.95
CA CYS M 98 -14.80 50.29 51.85
C CYS M 98 -13.50 49.61 51.44
N THR M 99 -12.80 49.07 52.42
CA THR M 99 -11.44 48.56 52.23
C THR M 99 -11.27 47.33 53.11
N LYS M 100 -10.02 46.94 53.36
CA LYS M 100 -9.70 45.90 54.32
C LYS M 100 -8.46 46.33 55.10
N ILE M 101 -8.35 45.83 56.33
CA ILE M 101 -7.29 46.21 57.25
C ILE M 101 -6.32 45.05 57.40
N ILE M 102 -5.02 45.35 57.33
CA ILE M 102 -4.02 44.33 57.61
C ILE M 102 -3.80 44.19 59.13
N ASN M 103 -3.35 45.26 59.77
CA ASN M 103 -3.07 45.18 61.21
C ASN M 103 -3.13 46.57 61.83
N ALA M 104 -2.61 46.67 63.06
CA ALA M 104 -2.51 47.92 63.80
C ALA M 104 -1.26 47.85 64.66
N ASP M 105 -0.89 49.00 65.23
CA ASP M 105 0.24 49.07 66.15
C ASP M 105 -0.21 49.72 67.46
N SER M 106 0.61 49.57 68.49
CA SER M 106 0.24 49.98 69.83
C SER M 106 0.45 51.48 70.02
N GLU M 107 -0.31 52.05 70.98
CA GLU M 107 -0.30 53.43 71.47
C GLU M 107 -0.78 54.46 70.46
N ASP M 108 -1.06 54.04 69.23
CA ASP M 108 -1.34 54.91 68.11
C ASP M 108 -2.27 54.14 67.19
N PRO M 109 -2.89 54.80 66.21
CA PRO M 109 -3.53 54.01 65.14
C PRO M 109 -2.53 53.17 64.36
N LYS M 110 -1.64 53.82 63.62
CA LYS M 110 -0.70 53.19 62.66
C LYS M 110 -1.38 52.09 61.84
N TYR M 111 -2.53 52.42 61.26
CA TYR M 111 -3.37 51.45 60.59
C TYR M 111 -2.89 51.19 59.17
N ILE M 112 -2.68 49.92 58.84
CA ILE M 112 -2.21 49.53 57.50
C ILE M 112 -3.37 48.89 56.76
N ILE M 113 -3.76 49.50 55.64
CA ILE M 113 -5.02 49.23 54.97
C ILE M 113 -4.77 49.04 53.48
N ASN M 114 -5.33 47.98 52.91
CA ASN M 114 -5.25 47.74 51.47
C ASN M 114 -6.62 47.86 50.80
N VAL M 115 -6.57 47.92 49.48
CA VAL M 115 -7.77 47.93 48.66
C VAL M 115 -7.89 46.67 47.80
N LYS M 116 -6.75 46.05 47.43
CA LYS M 116 -6.48 44.92 46.54
C LYS M 116 -6.58 45.34 45.07
N GLN M 117 -7.09 46.54 44.79
CA GLN M 117 -7.08 47.12 43.46
C GLN M 117 -6.32 48.43 43.40
N PHE M 118 -6.47 49.24 44.44
CA PHE M 118 -5.74 50.50 44.52
C PHE M 118 -4.44 50.19 45.26
N ALA M 119 -3.84 51.22 45.86
CA ALA M 119 -2.60 51.05 46.61
C ALA M 119 -2.90 50.67 48.06
N LYS M 120 -1.87 50.63 48.89
CA LYS M 120 -1.98 50.34 50.31
C LYS M 120 -1.56 51.57 51.10
N PHE M 121 -2.47 52.12 51.88
CA PHE M 121 -2.22 53.33 52.64
C PHE M 121 -1.89 53.01 54.10
N VAL M 122 -1.35 54.00 54.79
CA VAL M 122 -1.18 53.98 56.24
C VAL M 122 -1.78 55.27 56.77
N VAL M 123 -2.91 55.17 57.48
CA VAL M 123 -3.77 56.30 57.75
C VAL M 123 -4.10 56.35 59.24
N ASP M 124 -4.97 57.29 59.59
CA ASP M 124 -5.41 57.58 60.94
C ASP M 124 -6.89 57.23 61.08
N LEU M 125 -7.30 56.95 62.31
CA LEU M 125 -8.71 56.87 62.66
C LEU M 125 -9.30 58.26 62.78
N SER M 126 -10.62 58.35 62.60
CA SER M 126 -11.33 59.62 62.73
C SER M 126 -11.89 59.77 64.15
N ASP M 127 -12.76 60.77 64.33
CA ASP M 127 -13.29 61.05 65.66
C ASP M 127 -14.52 60.21 65.98
N GLN M 128 -15.27 59.80 64.96
CA GLN M 128 -16.54 59.12 65.15
C GLN M 128 -16.41 57.62 65.37
N VAL M 129 -15.20 57.12 65.60
CA VAL M 129 -14.98 55.70 65.76
C VAL M 129 -14.68 55.38 67.22
N ALA M 130 -15.00 54.16 67.60
CA ALA M 130 -14.47 53.59 68.83
C ALA M 130 -13.21 52.81 68.49
N PRO M 131 -12.08 53.07 69.16
CA PRO M 131 -10.82 52.43 68.77
C PRO M 131 -10.70 50.95 69.15
N THR M 132 -11.77 50.34 69.66
CA THR M 132 -11.73 48.91 69.97
C THR M 132 -12.14 48.07 68.76
N ASP M 133 -13.19 48.47 68.05
CA ASP M 133 -13.74 47.67 66.97
C ASP M 133 -13.08 47.98 65.62
N ILE M 134 -11.75 47.97 65.60
CA ILE M 134 -10.97 48.21 64.40
C ILE M 134 -10.09 46.97 64.24
N GLU M 135 -10.68 45.80 64.52
CA GLU M 135 -10.01 44.52 64.40
C GLU M 135 -9.48 44.27 62.99
N GLU M 136 -8.55 43.34 62.87
CA GLU M 136 -7.86 43.08 61.63
C GLU M 136 -8.76 42.33 60.65
N GLY M 137 -8.54 42.57 59.36
CA GLY M 137 -9.35 41.92 58.34
C GLY M 137 -10.78 42.38 58.29
N MET M 138 -11.05 43.60 58.74
CA MET M 138 -12.41 44.12 58.82
C MET M 138 -12.66 45.15 57.72
N ARG M 139 -13.81 45.04 57.06
CA ARG M 139 -14.22 46.05 56.12
C ARG M 139 -14.62 47.32 56.85
N VAL M 140 -14.06 48.45 56.43
CA VAL M 140 -14.26 49.73 57.11
C VAL M 140 -14.50 50.83 56.09
N GLY M 141 -15.38 51.77 56.45
CA GLY M 141 -15.65 52.93 55.61
C GLY M 141 -14.54 53.95 55.68
N VAL M 142 -13.98 54.30 54.53
CA VAL M 142 -12.75 55.09 54.44
C VAL M 142 -13.04 56.36 53.67
N ASP M 143 -12.59 57.50 54.22
CA ASP M 143 -12.71 58.81 53.60
C ASP M 143 -12.00 58.84 52.24
N ARG M 144 -12.42 59.79 51.40
CA ARG M 144 -11.80 59.97 50.09
C ARG M 144 -10.62 60.94 50.10
N ASN M 145 -10.60 61.90 51.02
CA ASN M 145 -9.55 62.92 51.00
C ASN M 145 -8.37 62.53 51.88
N LYS M 146 -8.61 62.36 53.18
CA LYS M 146 -7.57 62.01 54.12
C LYS M 146 -7.63 60.54 54.53
N TYR M 147 -8.62 59.80 54.01
CA TYR M 147 -8.67 58.34 54.05
C TYR M 147 -8.78 57.80 55.46
N GLN M 148 -9.52 58.49 56.31
CA GLN M 148 -9.72 58.07 57.69
C GLN M 148 -10.87 57.08 57.80
N ILE M 149 -10.74 56.14 58.73
CA ILE M 149 -11.78 55.16 58.98
C ILE M 149 -12.97 55.85 59.64
N HIS M 150 -14.16 55.62 59.10
CA HIS M 150 -15.37 56.20 59.67
C HIS M 150 -16.34 55.15 60.19
N ILE M 151 -16.71 54.17 59.38
CA ILE M 151 -17.74 53.20 59.75
C ILE M 151 -17.22 51.79 59.49
N PRO M 152 -17.17 50.91 60.48
CA PRO M 152 -16.87 49.51 60.22
C PRO M 152 -18.10 48.77 59.67
N LEU M 153 -17.82 47.69 58.96
CA LEU M 153 -18.84 46.98 58.20
C LEU M 153 -19.02 45.56 58.71
N PRO M 154 -20.19 44.96 58.47
CA PRO M 154 -20.31 43.51 58.61
C PRO M 154 -19.49 42.81 57.54
N PRO M 155 -19.07 41.57 57.78
CA PRO M 155 -18.21 40.88 56.81
C PRO M 155 -18.95 40.52 55.53
N LYS M 156 -18.16 40.31 54.48
CA LYS M 156 -18.70 40.03 53.15
C LYS M 156 -19.14 38.57 53.08
N ILE M 157 -20.33 38.36 52.56
CA ILE M 157 -20.79 37.02 52.23
C ILE M 157 -20.69 36.85 50.72
N ASP M 158 -20.46 35.62 50.29
CA ASP M 158 -20.25 35.38 48.87
C ASP M 158 -21.57 35.47 48.11
N PRO M 159 -21.63 36.23 47.01
CA PRO M 159 -22.93 36.54 46.40
C PRO M 159 -23.52 35.44 45.53
N THR M 160 -22.71 34.52 45.00
CA THR M 160 -23.22 33.56 44.03
C THR M 160 -23.54 32.19 44.61
N VAL M 161 -23.04 31.87 45.81
CA VAL M 161 -23.48 30.64 46.47
C VAL M 161 -24.88 30.84 47.03
N THR M 162 -25.22 32.08 47.41
CA THR M 162 -26.60 32.43 47.76
C THR M 162 -27.54 32.26 46.57
N MET M 163 -27.03 32.47 45.35
CA MET M 163 -27.84 32.28 44.16
C MET M 163 -28.13 30.81 43.90
N MET M 164 -27.25 29.91 44.34
CA MET M 164 -27.40 28.50 44.02
C MET M 164 -27.79 27.62 45.20
N GLN M 165 -27.99 28.19 46.38
CA GLN M 165 -28.73 27.48 47.41
C GLN M 165 -30.20 27.45 46.98
N VAL M 166 -30.77 26.24 46.89
CA VAL M 166 -31.95 26.02 46.06
C VAL M 166 -33.19 26.67 46.67
N GLU M 167 -33.42 26.50 47.98
CA GLU M 167 -34.53 27.10 48.75
C GLU M 167 -35.90 26.78 48.14
N GLU M 168 -36.02 25.61 47.51
CA GLU M 168 -37.17 25.32 46.68
C GLU M 168 -37.29 23.80 46.52
N LYS M 169 -38.52 23.30 46.53
CA LYS M 169 -38.78 21.87 46.44
C LYS M 169 -39.21 21.52 45.02
N PRO M 170 -38.45 20.73 44.28
CA PRO M 170 -39.01 20.09 43.09
C PRO M 170 -39.80 18.85 43.47
N ASP M 171 -40.97 18.71 42.86
CA ASP M 171 -41.98 17.76 43.32
C ASP M 171 -41.83 16.44 42.56
N VAL M 172 -40.95 15.58 43.04
CA VAL M 172 -40.85 14.21 42.56
C VAL M 172 -40.76 13.29 43.77
N THR M 173 -41.73 12.40 43.92
CA THR M 173 -41.75 11.42 44.99
C THR M 173 -40.97 10.19 44.53
N TYR M 174 -40.48 9.41 45.50
CA TYR M 174 -39.77 8.16 45.23
C TYR M 174 -40.62 7.12 44.49
N SER M 175 -41.95 7.27 44.50
CA SER M 175 -42.86 6.41 43.76
C SER M 175 -42.84 6.67 42.25
N ASP M 176 -42.01 7.58 41.75
CA ASP M 176 -41.90 7.84 40.33
C ASP M 176 -40.59 7.37 39.74
N VAL M 177 -39.78 6.64 40.51
CA VAL M 177 -38.45 6.25 40.09
C VAL M 177 -38.48 4.73 39.98
N GLY M 178 -39.62 4.21 39.50
CA GLY M 178 -39.80 2.77 39.43
C GLY M 178 -38.83 2.10 38.47
N GLY M 179 -38.60 0.82 38.69
CA GLY M 179 -37.58 0.07 37.99
C GLY M 179 -36.22 0.13 38.63
N CYS M 180 -36.09 0.80 39.78
CA CYS M 180 -34.81 1.04 40.44
C CYS M 180 -34.92 0.73 41.93
N LYS M 181 -35.44 -0.46 42.26
CA LYS M 181 -35.64 -0.84 43.66
C LYS M 181 -34.33 -1.02 44.42
N GLU M 182 -33.22 -1.29 43.73
CA GLU M 182 -31.95 -1.50 44.38
C GLU M 182 -30.99 -0.32 44.27
N GLN M 183 -31.10 0.49 43.22
CA GLN M 183 -30.25 1.66 43.12
C GLN M 183 -30.65 2.74 44.11
N ILE M 184 -31.94 2.85 44.42
CA ILE M 184 -32.37 3.74 45.49
C ILE M 184 -31.92 3.20 46.83
N GLU M 185 -31.91 1.87 46.97
CA GLU M 185 -31.49 1.22 48.21
C GLU M 185 -30.03 1.50 48.53
N LYS M 186 -29.18 1.55 47.50
CA LYS M 186 -27.80 1.97 47.72
C LYS M 186 -27.72 3.45 48.03
N LEU M 187 -28.53 4.25 47.35
CA LEU M 187 -28.49 5.69 47.54
C LEU M 187 -29.17 6.13 48.83
N ARG M 188 -30.10 5.32 49.35
CA ARG M 188 -30.71 5.63 50.64
C ARG M 188 -29.69 5.48 51.76
N GLU M 189 -28.73 4.57 51.60
CA GLU M 189 -27.77 4.28 52.65
C GLU M 189 -26.82 5.46 52.88
N VAL M 190 -26.41 6.13 51.82
CA VAL M 190 -25.37 7.14 51.93
C VAL M 190 -25.95 8.47 52.40
N VAL M 191 -27.05 8.90 51.80
CA VAL M 191 -27.54 10.25 52.02
C VAL M 191 -28.47 10.30 53.23
N GLU M 192 -29.55 9.53 53.18
CA GLU M 192 -30.65 9.75 54.11
C GLU M 192 -30.38 9.16 55.49
N THR M 193 -29.86 7.94 55.55
CA THR M 193 -29.74 7.20 56.80
C THR M 193 -28.74 7.72 57.86
N PRO M 194 -27.58 8.33 57.54
CA PRO M 194 -26.82 8.95 58.63
C PRO M 194 -27.39 10.26 59.10
N LEU M 195 -28.22 10.93 58.30
CA LEU M 195 -28.80 12.19 58.70
C LEU M 195 -30.01 12.01 59.62
N LEU M 196 -30.55 10.80 59.72
CA LEU M 196 -31.70 10.52 60.55
C LEU M 196 -31.43 9.50 61.63
N HIS M 197 -30.50 8.58 61.41
CA HIS M 197 -30.08 7.62 62.44
C HIS M 197 -28.55 7.59 62.46
N PRO M 198 -27.91 8.57 63.12
CA PRO M 198 -26.44 8.53 63.21
C PRO M 198 -25.97 7.70 64.39
N GLU M 199 -26.56 6.53 64.59
CA GLU M 199 -26.31 5.71 65.76
C GLU M 199 -25.72 4.35 65.38
N ARG M 200 -26.38 3.62 64.48
CA ARG M 200 -25.99 2.26 64.15
C ARG M 200 -24.65 2.19 63.43
N PHE M 201 -24.21 3.28 62.83
CA PHE M 201 -22.87 3.32 62.25
C PHE M 201 -21.82 3.34 63.36
N VAL M 202 -22.05 4.13 64.40
CA VAL M 202 -21.13 4.20 65.53
C VAL M 202 -21.31 3.00 66.45
N ASN M 203 -22.56 2.58 66.69
CA ASN M 203 -22.85 1.47 67.58
C ASN M 203 -22.47 0.11 67.00
N LEU M 204 -22.05 0.05 65.74
CA LEU M 204 -21.36 -1.13 65.22
C LEU M 204 -19.90 -0.86 64.95
N GLY M 205 -19.54 0.37 64.60
CA GLY M 205 -18.14 0.74 64.43
C GLY M 205 -17.74 0.93 62.98
N ILE M 206 -18.64 1.46 62.17
CA ILE M 206 -18.36 1.73 60.76
C ILE M 206 -18.55 3.23 60.51
N GLU M 207 -18.16 3.64 59.30
CA GLU M 207 -18.33 5.00 58.85
C GLU M 207 -19.04 5.01 57.51
N PRO M 208 -19.99 5.92 57.28
CA PRO M 208 -20.67 5.94 56.00
C PRO M 208 -19.78 6.54 54.92
N PRO M 209 -19.98 6.15 53.66
CA PRO M 209 -19.28 6.82 52.57
C PRO M 209 -19.79 8.24 52.39
N LYS M 210 -18.96 9.07 51.77
CA LYS M 210 -19.26 10.49 51.65
C LYS M 210 -19.30 10.97 50.20
N GLY M 211 -19.06 10.11 49.23
CA GLY M 211 -19.12 10.50 47.83
C GLY M 211 -19.69 9.43 46.93
N VAL M 212 -20.71 9.77 46.15
CA VAL M 212 -21.40 8.82 45.29
C VAL M 212 -21.43 9.39 43.87
N LEU M 213 -20.96 8.61 42.91
CA LEU M 213 -21.05 8.95 41.50
C LEU M 213 -22.19 8.14 40.87
N LEU M 214 -22.83 8.75 39.87
CA LEU M 214 -23.90 8.10 39.11
C LEU M 214 -23.51 8.08 37.65
N PHE M 215 -23.54 6.90 37.03
CA PHE M 215 -23.09 6.78 35.66
C PHE M 215 -23.92 5.74 34.93
N GLY M 216 -23.99 5.88 33.62
CA GLY M 216 -24.80 5.01 32.80
C GLY M 216 -25.27 5.67 31.53
N PRO M 217 -26.21 5.03 30.83
CA PRO M 217 -26.72 5.57 29.57
C PRO M 217 -27.57 6.81 29.81
N PRO M 218 -27.73 7.68 28.82
CA PRO M 218 -28.52 8.90 29.03
C PRO M 218 -30.02 8.60 29.04
N GLY M 219 -30.76 9.48 29.70
CA GLY M 219 -32.19 9.31 29.81
C GLY M 219 -32.61 8.15 30.69
N THR M 220 -31.75 7.70 31.59
CA THR M 220 -32.03 6.52 32.38
C THR M 220 -32.61 6.86 33.74
N GLY M 221 -32.43 8.09 34.21
CA GLY M 221 -32.96 8.47 35.50
C GLY M 221 -31.96 9.07 36.45
N LYS M 222 -30.87 9.63 35.92
CA LYS M 222 -29.86 10.28 36.75
C LYS M 222 -30.45 11.49 37.47
N THR M 223 -31.11 12.37 36.73
CA THR M 223 -31.60 13.62 37.30
C THR M 223 -32.77 13.37 38.24
N LEU M 224 -33.54 12.30 37.99
CA LEU M 224 -34.70 11.99 38.82
C LEU M 224 -34.32 11.67 40.26
N CYS M 225 -33.27 10.87 40.43
CA CYS M 225 -32.82 10.53 41.77
C CYS M 225 -32.25 11.73 42.50
N ALA M 226 -31.65 12.67 41.76
CA ALA M 226 -31.21 13.91 42.37
C ALA M 226 -32.38 14.84 42.63
N ARG M 227 -33.37 14.83 41.75
CA ARG M 227 -34.54 15.69 41.93
C ARG M 227 -35.42 15.18 43.05
N ALA M 228 -35.44 13.87 43.30
CA ALA M 228 -36.32 13.33 44.32
C ALA M 228 -35.72 13.44 45.72
N VAL M 229 -34.39 13.46 45.85
CA VAL M 229 -33.81 13.62 47.17
C VAL M 229 -33.82 15.08 47.60
N ALA M 230 -33.98 16.01 46.67
CA ALA M 230 -34.19 17.40 47.06
C ALA M 230 -35.56 17.60 47.67
N ASN M 231 -36.52 16.73 47.35
CA ASN M 231 -37.81 16.75 48.02
C ASN M 231 -37.67 16.33 49.49
N ARG M 232 -37.22 15.10 49.72
CA ARG M 232 -37.11 14.56 51.08
C ARG M 232 -35.67 14.63 51.56
N THR M 233 -35.26 15.83 51.98
CA THR M 233 -33.92 16.01 52.51
C THR M 233 -33.88 16.46 53.95
N ASP M 234 -34.72 17.44 54.34
CA ASP M 234 -34.71 18.11 55.65
C ASP M 234 -33.30 18.62 56.01
N ALA M 235 -32.60 19.19 55.02
CA ALA M 235 -31.21 19.58 55.20
C ALA M 235 -30.86 20.64 54.16
N CYS M 236 -29.64 21.17 54.28
CA CYS M 236 -29.08 22.08 53.29
C CYS M 236 -28.74 21.31 52.02
N PHE M 237 -29.26 21.77 50.89
CA PHE M 237 -29.01 21.17 49.58
C PHE M 237 -28.56 22.27 48.63
N ILE M 238 -27.45 22.02 47.93
CA ILE M 238 -26.86 23.01 47.04
C ILE M 238 -26.73 22.39 45.65
N ARG M 239 -27.55 22.87 44.72
CA ARG M 239 -27.27 22.67 43.30
C ARG M 239 -26.07 23.53 42.93
N VAL M 240 -25.20 23.00 42.09
CA VAL M 240 -24.05 23.74 41.60
C VAL M 240 -24.10 23.75 40.09
N ILE M 241 -24.21 24.94 39.50
CA ILE M 241 -24.09 25.08 38.05
C ILE M 241 -22.64 24.85 37.68
N GLY M 242 -22.41 23.90 36.77
CA GLY M 242 -21.06 23.45 36.48
C GLY M 242 -20.20 24.46 35.76
N SER M 243 -20.75 25.23 34.83
CA SER M 243 -19.90 26.11 34.03
C SER M 243 -19.74 27.49 34.64
N GLU M 244 -20.28 27.71 35.84
CA GLU M 244 -19.90 28.89 36.61
C GLU M 244 -18.48 28.76 37.15
N LEU M 245 -17.98 27.53 37.30
CA LEU M 245 -16.61 27.31 37.74
C LEU M 245 -15.59 27.76 36.70
N VAL M 246 -15.99 27.79 35.43
CA VAL M 246 -15.10 28.24 34.36
C VAL M 246 -15.35 29.73 34.14
N GLN M 247 -14.30 30.53 34.26
CA GLN M 247 -14.40 31.97 34.18
C GLN M 247 -13.45 32.52 33.12
N LYS M 248 -13.50 33.82 32.93
CA LYS M 248 -12.63 34.51 31.99
C LYS M 248 -11.27 34.84 32.60
N TYR M 249 -11.24 35.17 33.88
CA TYR M 249 -10.02 35.60 34.54
C TYR M 249 -9.25 34.41 35.10
N VAL M 250 -7.96 34.62 35.30
CA VAL M 250 -7.06 33.57 35.77
C VAL M 250 -7.19 33.47 37.28
N GLY M 251 -7.50 32.28 37.78
CA GLY M 251 -7.58 32.01 39.20
C GLY M 251 -8.93 32.34 39.80
N GLU M 252 -9.84 32.94 39.02
CA GLU M 252 -11.14 33.32 39.54
C GLU M 252 -12.00 32.09 39.84
N GLY M 253 -11.92 31.08 38.97
CA GLY M 253 -12.70 29.87 39.18
C GLY M 253 -12.23 29.07 40.38
N ALA M 254 -10.94 29.17 40.70
CA ALA M 254 -10.41 28.47 41.86
C ALA M 254 -10.86 29.14 43.15
N ARG M 255 -11.10 30.45 43.11
CA ARG M 255 -11.57 31.15 44.29
C ARG M 255 -13.04 30.82 44.56
N MET M 256 -13.81 30.53 43.51
CA MET M 256 -15.20 30.15 43.67
C MET M 256 -15.33 28.79 44.35
N VAL M 257 -14.31 27.95 44.19
CA VAL M 257 -14.31 26.64 44.85
C VAL M 257 -14.18 26.81 46.35
N ARG M 258 -13.34 27.77 46.77
CA ARG M 258 -13.00 27.92 48.18
C ARG M 258 -14.19 28.40 49.00
N GLU M 259 -14.92 29.39 48.49
CA GLU M 259 -16.07 29.94 49.19
C GLU M 259 -17.18 28.91 49.34
N LEU M 260 -17.24 27.94 48.42
CA LEU M 260 -18.20 26.87 48.55
C LEU M 260 -17.83 25.91 49.68
N PHE M 261 -16.54 25.61 49.83
CA PHE M 261 -16.10 24.66 50.85
C PHE M 261 -15.72 25.35 52.16
N GLU M 262 -16.10 26.60 52.36
CA GLU M 262 -16.00 27.22 53.67
C GLU M 262 -17.34 27.29 54.38
N MET M 263 -18.38 27.73 53.69
CA MET M 263 -19.68 27.92 54.33
C MET M 263 -20.38 26.58 54.60
N ALA M 264 -19.95 25.52 53.91
CA ALA M 264 -20.43 24.18 54.18
C ALA M 264 -19.94 23.71 55.56
N ARG M 265 -18.76 24.19 55.97
CA ARG M 265 -18.25 23.86 57.30
C ARG M 265 -18.98 24.62 58.40
N THR M 266 -19.63 25.74 58.07
CA THR M 266 -20.27 26.56 59.10
C THR M 266 -21.52 25.88 59.64
N LYS M 267 -22.51 25.66 58.79
CA LYS M 267 -23.67 24.88 59.17
C LYS M 267 -23.31 23.40 59.16
N LYS M 268 -24.18 22.59 59.74
CA LYS M 268 -23.94 21.15 59.84
C LYS M 268 -24.66 20.42 58.71
N ALA M 269 -23.92 19.51 58.06
CA ALA M 269 -24.44 18.47 57.18
C ALA M 269 -25.24 19.05 55.99
N CYS M 270 -24.53 19.78 55.14
CA CYS M 270 -25.13 20.30 53.93
C CYS M 270 -24.76 19.42 52.73
N LEU M 271 -25.72 19.28 51.83
CA LEU M 271 -25.58 18.44 50.64
C LEU M 271 -25.13 19.31 49.47
N ILE M 272 -24.17 18.81 48.70
CA ILE M 272 -23.68 19.48 47.51
C ILE M 272 -23.85 18.54 46.33
N PHE M 273 -24.58 18.97 45.32
CA PHE M 273 -24.81 18.19 44.11
C PHE M 273 -24.11 18.86 42.94
N PHE M 274 -23.07 18.21 42.43
CA PHE M 274 -22.51 18.57 41.14
C PHE M 274 -23.29 17.85 40.04
N ASP M 275 -23.13 18.33 38.82
CA ASP M 275 -23.81 17.68 37.71
C ASP M 275 -22.99 17.91 36.44
N GLU M 276 -22.75 16.83 35.70
CA GLU M 276 -21.90 16.79 34.51
C GLU M 276 -20.51 17.37 34.79
N ILE M 277 -19.79 16.62 35.62
CA ILE M 277 -18.41 16.95 35.99
C ILE M 277 -17.44 16.52 34.89
N ASP M 278 -17.97 16.00 33.78
CA ASP M 278 -17.19 15.84 32.57
C ASP M 278 -16.70 17.19 32.05
N ALA M 279 -17.49 18.25 32.24
CA ALA M 279 -17.17 19.55 31.68
C ALA M 279 -16.06 20.25 32.46
N ILE M 280 -15.98 20.05 33.78
CA ILE M 280 -15.11 20.84 34.61
C ILE M 280 -13.77 20.13 34.82
N GLY M 281 -13.48 19.15 33.98
CA GLY M 281 -12.17 18.52 33.99
C GLY M 281 -12.26 17.01 33.91
N GLY M 282 -11.65 16.43 32.90
CA GLY M 282 -11.71 15.01 32.72
C GLY M 282 -10.36 14.32 32.61
N ALA M 283 -9.35 15.06 32.17
CA ALA M 283 -8.04 14.46 31.96
C ALA M 283 -6.98 15.53 32.11
N ARG M 284 -5.83 15.14 32.64
CA ARG M 284 -4.70 16.05 32.78
C ARG M 284 -3.60 15.60 31.84
N PHE M 285 -3.37 16.38 30.79
CA PHE M 285 -2.31 16.11 29.82
C PHE M 285 -1.62 17.43 29.50
N ASP M 286 -0.40 17.33 28.97
CA ASP M 286 0.32 18.43 28.34
C ASP M 286 1.32 17.91 27.32
N ASP M 287 0.96 17.93 26.04
CA ASP M 287 1.90 17.58 24.98
C ASP M 287 2.18 18.73 24.02
N GLY M 288 1.19 19.55 23.72
CA GLY M 288 1.37 20.67 22.82
C GLY M 288 1.70 21.93 23.57
N ALA M 289 2.02 21.77 24.86
CA ALA M 289 2.39 22.84 25.78
C ALA M 289 1.30 23.91 25.86
N GLY M 290 0.17 23.54 26.43
CA GLY M 290 -0.92 24.47 26.61
C GLY M 290 -2.26 23.76 26.54
N GLY M 291 -3.31 24.57 26.46
CA GLY M 291 -4.66 24.08 26.31
C GLY M 291 -5.55 24.51 27.47
N ASP M 292 -6.21 23.53 28.08
CA ASP M 292 -7.15 23.77 29.17
C ASP M 292 -6.41 23.96 30.50
N ASN M 293 -5.59 25.01 30.56
CA ASN M 293 -4.77 25.23 31.75
C ASN M 293 -5.59 25.73 32.92
N GLU M 294 -6.38 26.79 32.70
CA GLU M 294 -7.17 27.40 33.77
C GLU M 294 -8.24 26.43 34.30
N VAL M 295 -8.72 25.53 33.46
CA VAL M 295 -9.68 24.52 33.90
C VAL M 295 -9.02 23.55 34.88
N GLN M 296 -7.74 23.24 34.67
CA GLN M 296 -7.03 22.33 35.58
C GLN M 296 -6.79 22.94 36.95
N ARG M 297 -6.57 24.26 37.02
CA ARG M 297 -6.36 24.90 38.32
C ARG M 297 -7.61 24.87 39.17
N THR M 298 -8.76 25.10 38.55
CA THR M 298 -10.04 24.97 39.27
C THR M 298 -10.31 23.52 39.63
N MET M 299 -9.92 22.58 38.76
CA MET M 299 -10.21 21.18 39.01
C MET M 299 -9.32 20.60 40.10
N LEU M 300 -8.06 21.02 40.16
CA LEU M 300 -7.18 20.55 41.22
C LEU M 300 -7.45 21.22 42.55
N GLU M 301 -7.98 22.44 42.54
CA GLU M 301 -8.42 23.06 43.78
C GLU M 301 -9.63 22.33 44.37
N LEU M 302 -10.46 21.76 43.50
CA LEU M 302 -11.58 20.93 43.95
C LEU M 302 -11.08 19.67 44.64
N ILE M 303 -9.94 19.14 44.21
CA ILE M 303 -9.41 17.91 44.75
C ILE M 303 -8.86 18.14 46.16
N ASN M 304 -8.12 19.23 46.35
CA ASN M 304 -7.44 19.41 47.63
C ASN M 304 -8.39 19.87 48.73
N GLN M 305 -9.56 20.39 48.39
CA GLN M 305 -10.59 20.62 49.39
C GLN M 305 -11.59 19.47 49.45
N LEU M 306 -11.28 18.35 48.80
CA LEU M 306 -12.06 17.13 48.88
C LEU M 306 -11.36 16.08 49.75
N ASP M 307 -10.07 15.84 49.48
CA ASP M 307 -9.18 15.15 50.40
C ASP M 307 -7.91 15.96 50.57
N GLY M 308 -7.16 15.63 51.60
CA GLY M 308 -5.92 16.30 51.93
C GLY M 308 -5.88 16.61 53.41
N PHE M 309 -5.09 17.62 53.78
CA PHE M 309 -5.16 18.15 55.12
C PHE M 309 -6.50 18.84 55.34
N ASP M 310 -6.91 18.92 56.62
CA ASP M 310 -8.21 19.38 57.08
C ASP M 310 -9.34 18.63 56.39
N PRO M 311 -9.64 17.39 56.79
CA PRO M 311 -10.81 16.69 56.23
C PRO M 311 -12.11 17.42 56.56
N ARG M 312 -13.07 17.29 55.65
CA ARG M 312 -14.23 18.18 55.65
C ARG M 312 -15.27 17.83 56.71
N GLY M 313 -15.35 16.58 57.13
CA GLY M 313 -16.40 16.20 58.04
C GLY M 313 -17.71 15.90 57.33
N ASN M 314 -18.76 16.66 57.68
CA ASN M 314 -20.11 16.33 57.21
C ASN M 314 -20.46 17.14 55.97
N ILE M 315 -19.82 16.76 54.86
CA ILE M 315 -20.15 17.30 53.54
C ILE M 315 -20.26 16.12 52.59
N LYS M 316 -21.46 15.91 52.04
CA LYS M 316 -21.74 14.81 51.14
C LYS M 316 -21.78 15.33 49.71
N VAL M 317 -21.09 14.65 48.80
CA VAL M 317 -20.92 15.09 47.42
C VAL M 317 -21.58 14.05 46.51
N LEU M 318 -22.47 14.52 45.65
CA LEU M 318 -23.10 13.69 44.63
C LEU M 318 -22.70 14.19 43.25
N MET M 319 -22.29 13.27 42.38
CA MET M 319 -21.94 13.60 41.02
C MET M 319 -22.69 12.68 40.08
N ALA M 320 -22.87 13.15 38.84
CA ALA M 320 -23.56 12.38 37.82
C ALA M 320 -22.97 12.68 36.47
N THR M 321 -22.80 11.66 35.64
CA THR M 321 -22.23 11.85 34.32
C THR M 321 -22.82 10.86 33.34
N ASN M 322 -22.63 11.16 32.06
CA ASN M 322 -23.03 10.27 30.99
C ASN M 322 -21.83 9.55 30.39
N ARG M 323 -20.64 10.12 30.51
CA ARG M 323 -19.42 9.59 29.91
C ARG M 323 -18.43 9.39 31.06
N PRO M 324 -18.53 8.28 31.78
CA PRO M 324 -17.66 8.09 32.96
C PRO M 324 -16.27 7.61 32.61
N ASP M 325 -16.03 7.21 31.37
CA ASP M 325 -14.74 6.69 30.97
C ASP M 325 -13.67 7.78 30.97
N THR M 326 -14.07 9.00 30.61
CA THR M 326 -13.12 10.08 30.35
C THR M 326 -12.87 10.94 31.57
N LEU M 327 -12.95 10.38 32.77
CA LEU M 327 -12.72 11.16 33.96
C LEU M 327 -11.35 10.85 34.55
N ASP M 328 -10.86 11.80 35.34
CA ASP M 328 -9.52 11.74 35.91
C ASP M 328 -9.47 10.65 36.97
N PRO M 329 -8.44 9.78 36.96
CA PRO M 329 -8.25 8.84 38.08
C PRO M 329 -8.00 9.48 39.42
N ALA M 330 -7.67 10.78 39.49
CA ALA M 330 -7.62 11.46 40.78
C ALA M 330 -9.01 11.59 41.40
N LEU M 331 -10.07 11.65 40.60
CA LEU M 331 -11.42 11.61 41.12
C LEU M 331 -11.97 10.20 41.28
N MET M 332 -11.41 9.24 40.56
CA MET M 332 -11.85 7.85 40.67
C MET M 332 -11.41 7.18 41.96
N ARG M 333 -10.54 7.80 42.73
CA ARG M 333 -10.05 7.19 43.95
C ARG M 333 -11.15 7.22 45.02
N PRO M 334 -11.43 6.11 45.68
CA PRO M 334 -12.29 6.16 46.87
C PRO M 334 -11.64 6.95 47.98
N GLY M 335 -12.47 7.58 48.80
CA GLY M 335 -12.08 8.66 49.65
C GLY M 335 -12.51 10.01 49.11
N ARG M 336 -12.65 10.10 47.79
CA ARG M 336 -13.28 11.24 47.13
C ARG M 336 -14.64 10.87 46.56
N LEU M 337 -14.71 9.76 45.81
CA LEU M 337 -15.96 9.21 45.30
C LEU M 337 -15.98 7.74 45.66
N ASP M 338 -16.88 7.35 46.56
CA ASP M 338 -16.77 6.07 47.23
C ASP M 338 -17.71 4.99 46.69
N ARG M 339 -18.90 5.37 46.23
CA ARG M 339 -19.87 4.40 45.76
C ARG M 339 -20.19 4.65 44.30
N LYS M 340 -20.08 3.60 43.49
CA LYS M 340 -20.33 3.70 42.05
C LYS M 340 -21.68 3.05 41.76
N ILE M 341 -22.73 3.84 41.93
CA ILE M 341 -24.08 3.40 41.56
C ILE M 341 -24.24 3.59 40.06
N GLU M 342 -24.59 2.52 39.36
CA GLU M 342 -24.84 2.60 37.93
C GLU M 342 -26.29 2.28 37.64
N PHE M 343 -26.79 2.84 36.55
CA PHE M 343 -28.18 2.67 36.13
C PHE M 343 -28.18 1.84 34.85
N SER M 344 -29.04 0.84 34.81
CA SER M 344 -29.14 -0.06 33.68
C SER M 344 -30.54 0.00 33.10
N LEU M 345 -30.81 -0.89 32.15
CA LEU M 345 -32.16 -0.89 31.60
C LEU M 345 -33.05 -1.85 32.39
N PRO M 346 -34.30 -1.47 32.65
CA PRO M 346 -35.20 -2.36 33.39
C PRO M 346 -35.56 -3.57 32.55
N ASP M 347 -35.55 -4.76 33.17
CA ASP M 347 -35.63 -5.99 32.40
C ASP M 347 -37.01 -6.28 31.81
N LEU M 348 -38.01 -6.64 32.62
CA LEU M 348 -39.42 -6.58 32.22
C LEU M 348 -40.28 -6.03 33.35
N GLU M 349 -39.97 -6.42 34.57
CA GLU M 349 -40.78 -6.00 35.72
C GLU M 349 -40.61 -4.52 36.01
N GLY M 350 -39.45 -3.98 35.65
CA GLY M 350 -39.26 -2.54 35.76
C GLY M 350 -40.14 -1.78 34.79
N ARG M 351 -40.14 -2.20 33.52
CA ARG M 351 -40.86 -1.45 32.48
C ARG M 351 -42.37 -1.50 32.67
N THR M 352 -42.90 -2.67 33.07
CA THR M 352 -44.33 -2.79 33.35
C THR M 352 -44.76 -1.90 34.50
N HIS M 353 -43.86 -1.62 35.44
CA HIS M 353 -44.14 -0.64 36.46
C HIS M 353 -44.01 0.79 35.93
N ILE M 354 -43.17 1.01 34.92
CA ILE M 354 -42.98 2.36 34.39
C ILE M 354 -44.18 2.80 33.56
N PHE M 355 -44.75 1.89 32.76
CA PHE M 355 -45.96 2.19 32.00
C PHE M 355 -47.13 2.54 32.91
N LYS M 356 -47.24 1.89 34.07
CA LYS M 356 -48.30 2.22 35.00
C LYS M 356 -48.08 3.56 35.70
N ILE M 357 -46.86 4.09 35.68
CA ILE M 357 -46.62 5.42 36.24
C ILE M 357 -47.02 6.49 35.24
N HIS M 358 -46.49 6.41 34.02
CA HIS M 358 -46.65 7.48 33.06
C HIS M 358 -47.97 7.44 32.30
N ALA M 359 -48.81 6.44 32.54
CA ALA M 359 -50.09 6.36 31.85
C ALA M 359 -51.26 6.21 32.80
N ARG M 360 -51.07 6.44 34.09
CA ARG M 360 -52.20 6.40 35.02
C ARG M 360 -53.01 7.68 34.99
N SER M 361 -52.39 8.81 34.64
CA SER M 361 -53.04 10.10 34.66
C SER M 361 -53.53 10.53 33.28
N MET M 362 -53.98 9.58 32.46
CA MET M 362 -54.44 9.88 31.12
C MET M 362 -55.66 9.03 30.80
N SER M 363 -56.51 9.56 29.94
CA SER M 363 -57.77 8.90 29.61
C SER M 363 -57.51 7.72 28.67
N VAL M 364 -57.55 6.52 29.23
CA VAL M 364 -57.29 5.31 28.46
C VAL M 364 -58.49 4.37 28.58
N GLU M 365 -58.49 3.34 27.76
CA GLU M 365 -59.42 2.24 27.94
C GLU M 365 -59.03 1.46 29.18
N ARG M 366 -60.03 1.11 29.98
CA ARG M 366 -59.81 0.52 31.30
C ARG M 366 -59.58 -0.98 31.26
N ASP M 367 -59.29 -1.54 30.08
CA ASP M 367 -59.14 -2.99 29.95
C ASP M 367 -57.85 -3.40 29.24
N ILE M 368 -56.98 -2.46 28.91
CA ILE M 368 -55.78 -2.80 28.16
C ILE M 368 -54.74 -3.42 29.09
N ARG M 369 -53.81 -4.16 28.50
CA ARG M 369 -52.69 -4.74 29.22
C ARG M 369 -51.41 -4.03 28.82
N PHE M 370 -50.48 -3.94 29.77
CA PHE M 370 -49.23 -3.22 29.57
C PHE M 370 -48.04 -4.14 29.38
N GLU M 371 -48.17 -5.42 29.74
CA GLU M 371 -47.06 -6.36 29.61
C GLU M 371 -46.76 -6.65 28.15
N LEU M 372 -47.77 -6.58 27.28
CA LEU M 372 -47.54 -6.71 25.85
C LEU M 372 -46.78 -5.52 25.31
N LEU M 373 -46.94 -4.34 25.92
CA LEU M 373 -46.19 -3.17 25.49
C LEU M 373 -44.74 -3.24 25.96
N ALA M 374 -44.51 -3.82 27.13
CA ALA M 374 -43.16 -3.91 27.66
C ALA M 374 -42.33 -4.96 26.92
N ARG M 375 -42.97 -5.89 26.22
CA ARG M 375 -42.24 -6.77 25.31
C ARG M 375 -41.58 -5.98 24.19
N LEU M 376 -42.36 -5.13 23.54
CA LEU M 376 -41.97 -4.48 22.30
C LEU M 376 -41.02 -3.31 22.51
N CYS M 377 -40.51 -3.10 23.73
CA CYS M 377 -39.50 -2.10 24.01
C CYS M 377 -38.31 -2.79 24.66
N PRO M 378 -37.52 -3.56 23.88
CA PRO M 378 -36.50 -4.45 24.49
C PRO M 378 -35.35 -3.69 25.14
N ASN M 379 -34.75 -2.79 24.38
CA ASN M 379 -33.65 -1.97 24.85
C ASN M 379 -34.15 -0.52 24.82
N SER M 380 -34.81 -0.13 25.90
CA SER M 380 -35.40 1.20 25.98
C SER M 380 -35.16 1.77 27.36
N THR M 381 -35.28 3.08 27.45
CA THR M 381 -35.04 3.83 28.68
C THR M 381 -36.37 4.35 29.21
N GLY M 382 -36.29 4.99 30.38
CA GLY M 382 -37.49 5.59 30.96
C GLY M 382 -37.97 6.80 30.19
N ALA M 383 -37.07 7.47 29.48
CA ALA M 383 -37.48 8.59 28.64
C ALA M 383 -38.20 8.10 27.40
N GLU M 384 -37.76 6.97 26.83
CA GLU M 384 -38.39 6.45 25.62
C GLU M 384 -39.77 5.88 25.91
N ILE M 385 -39.98 5.34 27.11
CA ILE M 385 -41.27 4.78 27.48
C ILE M 385 -42.30 5.91 27.63
N ARG M 386 -41.88 7.03 28.20
CA ARG M 386 -42.78 8.17 28.37
C ARG M 386 -43.11 8.80 27.03
N SER M 387 -42.19 8.74 26.08
CA SER M 387 -42.46 9.28 24.74
C SER M 387 -43.49 8.46 24.01
N VAL M 388 -43.56 7.15 24.29
CA VAL M 388 -44.62 6.32 23.72
C VAL M 388 -45.96 6.69 24.32
N CYS M 389 -45.98 6.97 25.64
CA CYS M 389 -47.22 7.32 26.31
C CYS M 389 -47.76 8.66 25.85
N THR M 390 -46.88 9.61 25.51
CA THR M 390 -47.34 10.89 24.99
C THR M 390 -47.78 10.79 23.54
N GLU M 391 -47.11 9.94 22.76
CA GLU M 391 -47.41 9.87 21.33
C GLU M 391 -48.72 9.16 21.07
N ALA M 392 -49.09 8.20 21.92
CA ALA M 392 -50.33 7.44 21.71
C ALA M 392 -51.56 8.31 21.87
N GLY M 393 -51.49 9.30 22.77
CA GLY M 393 -52.58 10.27 22.86
C GLY M 393 -52.61 11.21 21.68
N MET M 394 -51.47 11.42 21.02
CA MET M 394 -51.45 12.28 19.85
C MET M 394 -52.15 11.62 18.67
N PHE M 395 -52.15 10.29 18.61
CA PHE M 395 -52.95 9.61 17.59
C PHE M 395 -54.44 9.76 17.86
N ALA M 396 -54.82 9.92 19.13
CA ALA M 396 -56.23 10.10 19.46
C ALA M 396 -56.73 11.49 19.04
N ILE M 397 -55.82 12.44 18.88
CA ILE M 397 -56.19 13.76 18.39
C ILE M 397 -56.09 13.83 16.87
N ARG M 398 -55.34 12.91 16.26
CA ARG M 398 -55.42 12.72 14.81
C ARG M 398 -56.79 12.24 14.38
N ALA M 399 -57.34 11.28 15.12
CA ALA M 399 -58.75 10.96 15.00
C ALA M 399 -59.52 11.87 15.95
N ARG M 400 -60.80 11.57 16.20
CA ARG M 400 -61.59 12.39 17.10
C ARG M 400 -62.04 11.48 18.23
N ARG M 401 -61.17 11.29 19.22
CA ARG M 401 -61.45 10.46 20.37
C ARG M 401 -61.07 11.21 21.64
N LYS M 402 -61.51 10.68 22.77
CA LYS M 402 -61.09 11.19 24.07
C LYS M 402 -60.62 10.09 25.00
N ILE M 403 -60.42 8.88 24.48
CA ILE M 403 -59.82 7.79 25.24
C ILE M 403 -58.91 7.01 24.30
N ALA M 404 -57.89 6.39 24.87
CA ALA M 404 -56.88 5.69 24.10
C ALA M 404 -57.24 4.21 23.97
N THR M 405 -57.05 3.67 22.78
CA THR M 405 -57.30 2.26 22.52
C THR M 405 -55.98 1.50 22.52
N GLU M 406 -56.09 0.18 22.32
CA GLU M 406 -54.90 -0.67 22.28
C GLU M 406 -54.06 -0.37 21.04
N LYS M 407 -54.72 -0.19 19.89
CA LYS M 407 -54.00 0.09 18.65
C LYS M 407 -53.41 1.50 18.61
N ASP M 408 -53.83 2.39 19.52
CA ASP M 408 -53.16 3.68 19.65
C ASP M 408 -51.74 3.49 20.16
N PHE M 409 -51.55 2.60 21.13
CA PHE M 409 -50.21 2.34 21.65
C PHE M 409 -49.38 1.53 20.67
N LEU M 410 -50.02 0.62 19.94
CA LEU M 410 -49.28 -0.25 19.02
C LEU M 410 -48.73 0.52 17.84
N GLU M 411 -49.43 1.56 17.39
CA GLU M 411 -48.89 2.42 16.36
C GLU M 411 -47.83 3.35 16.93
N ALA M 412 -47.91 3.65 18.22
CA ALA M 412 -46.93 4.55 18.83
C ALA M 412 -45.58 3.86 19.02
N VAL M 413 -45.58 2.55 19.23
CA VAL M 413 -44.32 1.81 19.34
C VAL M 413 -43.60 1.80 18.01
N ASN M 414 -44.35 1.62 16.92
CA ASN M 414 -43.76 1.65 15.58
C ASN M 414 -43.31 3.06 15.22
N LYS M 415 -43.96 4.08 15.77
CA LYS M 415 -43.57 5.45 15.47
C LYS M 415 -42.28 5.84 16.18
N VAL M 416 -42.12 5.39 17.43
CA VAL M 416 -40.97 5.81 18.21
C VAL M 416 -39.76 4.93 17.95
N ILE M 417 -39.91 3.62 18.16
CA ILE M 417 -38.78 2.72 18.09
C ILE M 417 -38.54 2.24 16.66
N LYS M 418 -39.55 1.60 16.07
CA LYS M 418 -39.39 0.89 14.80
C LYS M 418 -39.16 1.83 13.62
N SER M 419 -39.47 3.12 13.76
CA SER M 419 -39.16 4.07 12.71
C SER M 419 -37.68 4.45 12.67
N TYR M 420 -36.93 4.11 13.71
CA TYR M 420 -35.52 4.48 13.80
C TYR M 420 -34.60 3.32 14.18
N ALA M 421 -35.10 2.29 14.85
CA ALA M 421 -34.25 1.19 15.31
C ALA M 421 -34.01 0.13 14.25
N LYS M 422 -34.96 -0.10 13.36
CA LYS M 422 -34.80 -1.15 12.35
C LYS M 422 -35.60 -0.80 11.09
N PHE M 423 -34.99 -1.04 9.93
CA PHE M 423 -35.68 -0.89 8.65
C PHE M 423 -35.40 -2.04 7.70
N SER M 424 -34.35 -2.83 7.92
CA SER M 424 -34.07 -4.00 7.10
C SER M 424 -34.66 -5.27 7.69
N ALA M 425 -34.82 -5.33 9.02
CA ALA M 425 -35.25 -6.55 9.68
C ALA M 425 -36.77 -6.72 9.70
N THR M 426 -37.54 -5.65 9.53
CA THR M 426 -38.99 -5.78 9.60
C THR M 426 -39.60 -6.30 8.28
N PRO M 427 -39.31 -5.73 7.05
CA PRO M 427 -39.94 -6.31 5.85
C PRO M 427 -39.34 -7.64 5.48
N ARG M 428 -38.01 -7.71 5.48
CA ARG M 428 -37.28 -8.92 5.16
C ARG M 428 -36.96 -9.60 6.49
N TYR M 429 -38.01 -10.14 7.10
CA TYR M 429 -37.97 -10.73 8.42
C TYR M 429 -37.83 -12.25 8.40
N MET M 430 -38.09 -12.87 7.26
CA MET M 430 -38.26 -14.32 7.19
C MET M 430 -36.95 -15.09 7.35
N THR M 431 -36.33 -14.96 8.53
CA THR M 431 -35.24 -15.81 8.97
C THR M 431 -35.47 -16.31 10.39
N TYR M 432 -36.59 -15.93 11.02
CA TYR M 432 -36.73 -15.97 12.47
C TYR M 432 -38.01 -16.62 12.98
N ASN M 433 -39.07 -16.70 12.19
CA ASN M 433 -40.35 -17.21 12.68
C ASN M 433 -40.35 -18.72 12.88
N PRO N 30 -47.65 34.38 50.30
CA PRO N 30 -48.99 34.53 49.72
C PRO N 30 -49.26 33.50 48.63
N THR N 31 -50.34 33.70 47.87
CA THR N 31 -50.70 32.75 46.82
C THR N 31 -50.11 33.14 45.47
N ARG N 32 -49.99 34.44 45.19
CA ARG N 32 -49.66 34.95 43.88
C ARG N 32 -48.45 35.88 43.96
N VAL N 33 -47.38 35.36 44.56
CA VAL N 33 -46.16 36.10 44.93
C VAL N 33 -45.50 36.78 43.73
N GLY N 34 -45.41 38.12 43.79
CA GLY N 34 -44.76 38.91 42.76
C GLY N 34 -45.49 39.07 41.46
N LYS N 35 -46.68 38.46 41.35
CA LYS N 35 -47.58 38.37 40.19
C LYS N 35 -46.88 38.16 38.85
N LYS N 36 -45.79 37.36 38.87
CA LYS N 36 -45.01 36.92 37.71
C LYS N 36 -44.44 38.08 36.90
N LYS N 37 -43.54 38.83 37.55
CA LYS N 37 -42.54 39.70 36.95
C LYS N 37 -43.09 40.90 36.18
N LYS N 38 -44.40 41.17 36.26
CA LYS N 38 -45.04 42.41 35.79
C LYS N 38 -44.87 42.63 34.29
N LYS N 39 -44.61 41.56 33.53
CA LYS N 39 -44.02 41.70 32.20
C LYS N 39 -45.01 41.28 31.11
N THR N 40 -45.14 42.14 30.11
CA THR N 40 -45.94 41.89 28.93
C THR N 40 -45.09 41.16 27.89
N LYS N 41 -45.57 41.09 26.65
CA LYS N 41 -44.79 40.51 25.57
C LYS N 41 -44.87 41.43 24.36
N GLY N 42 -43.77 41.54 23.62
CA GLY N 42 -43.77 42.25 22.37
C GLY N 42 -43.65 41.31 21.19
N PRO N 43 -44.75 41.04 20.49
CA PRO N 43 -44.67 40.24 19.27
C PRO N 43 -44.32 41.08 18.06
N ASP N 44 -44.39 40.49 16.86
CA ASP N 44 -44.01 41.18 15.65
C ASP N 44 -45.01 42.26 15.28
N ALA N 45 -44.59 43.14 14.38
CA ALA N 45 -45.45 44.16 13.81
C ALA N 45 -45.63 44.04 12.31
N ALA N 46 -45.09 42.99 11.69
CA ALA N 46 -45.20 42.78 10.25
C ALA N 46 -46.53 42.09 9.96
N SER N 47 -46.70 41.60 8.71
CA SER N 47 -47.94 41.01 8.20
C SER N 47 -49.11 41.98 8.35
N LYS N 48 -49.01 43.13 7.69
CA LYS N 48 -50.06 44.15 7.79
C LYS N 48 -51.33 43.71 7.07
N LEU N 49 -51.17 43.08 5.92
CA LEU N 49 -52.29 42.62 5.10
C LEU N 49 -51.75 41.60 4.11
N PRO N 50 -51.68 40.32 4.47
CA PRO N 50 -51.19 39.29 3.55
C PRO N 50 -52.28 38.76 2.61
N LEU N 51 -53.03 39.68 2.01
CA LEU N 51 -54.15 39.33 1.13
C LEU N 51 -53.95 40.14 -0.15
N VAL N 52 -53.11 39.61 -1.03
CA VAL N 52 -52.84 40.19 -2.34
C VAL N 52 -53.22 39.12 -3.36
N THR N 53 -54.19 38.30 -2.98
CA THR N 53 -54.60 37.04 -3.59
C THR N 53 -54.96 36.99 -5.08
N PRO N 54 -55.30 38.09 -5.81
CA PRO N 54 -55.30 37.96 -7.28
C PRO N 54 -53.99 37.49 -7.89
N HIS N 55 -52.84 37.89 -7.32
CA HIS N 55 -51.50 37.42 -7.70
C HIS N 55 -51.15 37.69 -9.16
N THR N 56 -51.79 38.69 -9.76
CA THR N 56 -51.58 39.01 -11.16
C THR N 56 -51.93 40.48 -11.35
N GLN N 57 -51.65 40.98 -12.55
CA GLN N 57 -51.89 42.39 -12.85
C GLN N 57 -53.39 42.57 -13.11
N CYS N 58 -54.13 42.67 -12.00
CA CYS N 58 -55.56 42.88 -12.03
C CYS N 58 -55.87 44.16 -11.25
N ARG N 59 -57.03 44.75 -11.53
CA ARG N 59 -57.40 46.00 -10.87
C ARG N 59 -57.73 45.80 -9.40
N LEU N 60 -58.06 44.57 -8.99
CA LEU N 60 -58.28 44.28 -7.57
C LEU N 60 -57.06 44.60 -6.72
N LYS N 61 -55.89 44.10 -7.13
CA LYS N 61 -54.66 44.44 -6.44
C LYS N 61 -54.31 45.92 -6.58
N LEU N 62 -54.80 46.57 -7.63
CA LEU N 62 -54.73 48.03 -7.66
C LEU N 62 -55.72 48.63 -6.68
N LEU N 63 -56.90 48.02 -6.53
CA LEU N 63 -57.86 48.53 -5.56
C LEU N 63 -57.49 48.18 -4.13
N LYS N 64 -56.96 46.97 -3.89
CA LYS N 64 -56.67 46.53 -2.52
C LYS N 64 -55.54 47.33 -1.90
N LEU N 65 -54.46 47.56 -2.66
CA LEU N 65 -53.31 48.27 -2.12
C LEU N 65 -53.59 49.75 -1.89
N GLU N 66 -54.47 50.35 -2.70
CA GLU N 66 -54.88 51.72 -2.45
C GLU N 66 -55.71 51.85 -1.20
N ARG N 67 -56.44 50.80 -0.80
CA ARG N 67 -57.10 50.80 0.49
C ARG N 67 -56.07 50.82 1.63
N ILE N 68 -54.99 50.05 1.46
CA ILE N 68 -53.92 50.03 2.47
C ILE N 68 -53.23 51.39 2.52
N LYS N 69 -53.13 52.06 1.37
CA LYS N 69 -52.62 53.43 1.34
C LYS N 69 -53.55 54.39 2.08
N ASP N 70 -54.85 54.12 2.04
CA ASP N 70 -55.82 55.01 2.69
C ASP N 70 -55.70 54.94 4.21
N TYR N 71 -55.57 53.73 4.75
CA TYR N 71 -55.55 53.60 6.20
C TYR N 71 -54.23 54.05 6.81
N LEU N 72 -53.10 53.81 6.12
CA LEU N 72 -51.82 54.22 6.71
C LEU N 72 -51.59 55.71 6.60
N LEU N 73 -52.08 56.36 5.54
CA LEU N 73 -52.02 57.82 5.48
C LEU N 73 -52.88 58.45 6.55
N MET N 74 -54.06 57.87 6.81
CA MET N 74 -54.91 58.38 7.87
C MET N 74 -54.32 58.12 9.25
N GLU N 75 -53.63 56.98 9.41
CA GLU N 75 -52.92 56.73 10.67
C GLU N 75 -51.76 57.69 10.84
N GLU N 76 -51.14 58.10 9.72
CA GLU N 76 -50.12 59.13 9.79
C GLU N 76 -50.73 60.47 10.19
N GLU N 77 -51.83 60.86 9.55
CA GLU N 77 -52.41 62.18 9.77
C GLU N 77 -53.10 62.30 11.11
N PHE N 78 -53.57 61.19 11.67
CA PHE N 78 -54.21 61.24 12.98
C PHE N 78 -53.17 61.43 14.08
N ILE N 79 -52.03 60.73 13.97
CA ILE N 79 -50.98 60.94 14.95
C ILE N 79 -50.25 62.25 14.66
N ARG N 80 -50.31 62.74 13.41
CA ARG N 80 -49.82 64.08 13.12
C ARG N 80 -50.66 65.14 13.80
N ASN N 81 -51.99 64.93 13.82
CA ASN N 81 -52.87 65.76 14.62
C ASN N 81 -52.70 65.48 16.11
N GLN N 82 -52.18 64.31 16.48
CA GLN N 82 -52.03 64.02 17.91
C GLN N 82 -50.89 64.82 18.52
N GLU N 83 -49.75 64.93 17.84
CA GLU N 83 -48.70 65.79 18.40
C GLU N 83 -48.93 67.26 18.07
N GLN N 84 -49.98 67.59 17.32
CA GLN N 84 -50.25 68.98 16.98
C GLN N 84 -51.10 69.67 18.04
N MET N 85 -52.30 69.13 18.30
CA MET N 85 -53.30 69.81 19.10
C MET N 85 -53.20 69.42 20.59
N LYS N 86 -52.03 69.66 21.17
CA LYS N 86 -51.78 69.43 22.59
C LYS N 86 -51.48 70.76 23.25
N PRO N 87 -52.49 71.41 23.84
CA PRO N 87 -52.22 72.64 24.61
C PRO N 87 -51.90 72.36 26.07
N LEU N 88 -51.69 71.11 26.44
CA LEU N 88 -51.38 70.75 27.82
C LEU N 88 -49.88 70.94 28.03
N GLU N 89 -49.55 71.87 28.92
CA GLU N 89 -48.20 71.96 29.45
C GLU N 89 -48.25 72.10 30.97
N GLU N 90 -47.64 71.14 31.65
CA GLU N 90 -47.33 71.29 33.08
C GLU N 90 -45.90 70.82 33.38
N LYS N 91 -45.37 70.14 32.36
CA LYS N 91 -44.04 69.52 32.26
C LYS N 91 -43.96 68.30 33.15
N GLN N 92 -44.08 68.52 34.45
CA GLN N 92 -44.04 67.44 35.42
C GLN N 92 -44.59 67.91 36.76
N GLU N 93 -45.39 69.01 36.74
CA GLU N 93 -45.89 69.61 37.96
C GLU N 93 -44.82 69.65 39.05
N GLU N 94 -43.61 70.12 38.68
CA GLU N 94 -42.49 70.52 39.54
C GLU N 94 -41.79 69.32 40.20
N GLU N 95 -42.36 68.12 40.05
CA GLU N 95 -41.85 66.97 40.79
C GLU N 95 -40.71 66.30 40.04
N ARG N 96 -40.95 65.83 38.82
CA ARG N 96 -39.93 65.11 38.07
C ARG N 96 -38.92 66.07 37.44
N SER N 97 -39.27 67.35 37.34
CA SER N 97 -38.42 68.31 36.65
C SER N 97 -37.20 68.66 37.48
N LYS N 98 -37.40 68.86 38.79
CA LYS N 98 -36.28 69.00 39.69
C LYS N 98 -35.56 67.67 39.88
N VAL N 99 -36.30 66.57 39.82
CA VAL N 99 -35.70 65.23 39.89
C VAL N 99 -34.77 64.97 38.71
N ASP N 100 -35.19 65.35 37.51
CA ASP N 100 -34.32 65.26 36.33
C ASP N 100 -33.12 66.20 36.43
N ASP N 101 -33.22 67.25 37.25
CA ASP N 101 -32.07 68.07 37.60
C ASP N 101 -31.40 67.62 38.89
N LEU N 102 -32.09 66.82 39.71
CA LEU N 102 -31.47 66.26 40.90
C LEU N 102 -30.43 65.22 40.54
N ARG N 103 -30.79 64.31 39.63
CA ARG N 103 -29.83 63.38 39.07
C ARG N 103 -28.83 64.13 38.19
N GLY N 104 -27.64 63.56 38.07
CA GLY N 104 -26.64 64.12 37.20
C GLY N 104 -27.00 63.94 35.74
N THR N 105 -26.46 64.80 34.90
CA THR N 105 -26.72 64.68 33.47
C THR N 105 -25.88 63.55 32.85
N PRO N 106 -24.54 63.40 33.13
CA PRO N 106 -23.89 62.15 32.72
C PRO N 106 -24.24 60.99 33.64
N MET N 107 -25.39 60.35 33.40
CA MET N 107 -25.79 59.22 34.22
C MET N 107 -24.92 58.00 33.93
N SER N 108 -24.38 57.41 34.99
CA SER N 108 -23.45 56.29 34.88
C SER N 108 -24.14 55.00 35.33
N VAL N 109 -23.42 53.89 35.18
CA VAL N 109 -23.95 52.55 35.37
C VAL N 109 -23.10 51.83 36.42
N GLY N 110 -23.76 51.31 37.46
CA GLY N 110 -23.08 50.59 38.52
C GLY N 110 -23.61 49.19 38.76
N THR N 111 -23.13 48.54 39.81
CA THR N 111 -23.51 47.17 40.11
C THR N 111 -23.59 46.98 41.62
N LEU N 112 -24.71 46.43 42.09
CA LEU N 112 -24.87 46.15 43.51
C LEU N 112 -24.01 44.98 43.94
N GLU N 113 -23.42 45.08 45.14
CA GLU N 113 -22.79 43.95 45.79
C GLU N 113 -23.61 43.45 46.97
N GLU N 114 -23.90 44.32 47.94
CA GLU N 114 -24.74 43.99 49.09
C GLU N 114 -25.69 45.15 49.33
N ILE N 115 -26.65 44.93 50.23
CA ILE N 115 -27.70 45.89 50.52
C ILE N 115 -27.67 46.19 52.00
N ILE N 116 -27.16 47.38 52.37
CA ILE N 116 -27.27 47.88 53.73
C ILE N 116 -28.46 48.83 53.72
N ASP N 117 -29.55 48.40 54.34
CA ASP N 117 -30.89 48.97 54.12
C ASP N 117 -31.18 50.20 54.96
N ASP N 118 -30.17 50.92 55.45
CA ASP N 118 -30.38 52.14 56.21
C ASP N 118 -30.36 53.37 55.31
N ASN N 119 -30.83 53.21 54.07
CA ASN N 119 -30.71 54.16 52.96
C ASN N 119 -29.26 54.50 52.65
N HIS N 120 -28.33 53.58 52.91
CA HIS N 120 -26.91 53.77 52.64
C HIS N 120 -26.34 52.41 52.27
N ALA N 121 -26.29 52.10 50.98
CA ALA N 121 -25.91 50.76 50.54
C ALA N 121 -24.49 50.77 49.96
N ILE N 122 -24.05 49.61 49.50
CA ILE N 122 -22.74 49.43 48.89
C ILE N 122 -22.92 49.01 47.44
N VAL N 123 -22.08 49.56 46.56
CA VAL N 123 -22.14 49.24 45.14
C VAL N 123 -20.76 48.85 44.65
N SER N 124 -20.64 48.60 43.35
CA SER N 124 -19.37 48.28 42.72
C SER N 124 -19.35 48.86 41.33
N THR N 125 -18.24 49.48 40.96
CA THR N 125 -18.07 50.06 39.63
C THR N 125 -17.51 48.99 38.70
N SER N 126 -17.09 49.40 37.50
CA SER N 126 -16.53 48.46 36.54
C SER N 126 -15.14 48.00 36.96
N VAL N 127 -14.34 48.92 37.50
CA VAL N 127 -13.01 48.54 37.96
C VAL N 127 -13.06 47.80 39.30
N GLY N 128 -14.18 47.89 40.01
CA GLY N 128 -14.28 47.32 41.35
C GLY N 128 -14.14 48.33 42.46
N SER N 129 -14.14 49.62 42.17
CA SER N 129 -14.13 50.63 43.22
C SER N 129 -15.50 50.65 43.89
N GLU N 130 -15.52 50.35 45.18
CA GLU N 130 -16.76 50.13 45.92
C GLU N 130 -17.01 51.30 46.85
N HIS N 131 -18.23 51.80 46.86
CA HIS N 131 -18.54 53.09 47.46
C HIS N 131 -19.73 52.96 48.40
N TYR N 132 -19.60 53.51 49.61
CA TYR N 132 -20.70 53.55 50.57
C TYR N 132 -21.66 54.68 50.20
N VAL N 133 -22.47 54.41 49.17
CA VAL N 133 -23.37 55.43 48.65
C VAL N 133 -24.71 55.35 49.35
N SER N 134 -25.45 56.44 49.29
CA SER N 134 -26.77 56.51 49.86
C SER N 134 -27.80 56.19 48.78
N ILE N 135 -29.07 56.16 49.17
CA ILE N 135 -30.16 56.09 48.21
C ILE N 135 -30.83 57.45 48.20
N LEU N 136 -30.67 58.17 47.10
CA LEU N 136 -31.30 59.48 46.93
C LEU N 136 -32.77 59.44 46.47
N SER N 137 -33.57 58.59 47.13
CA SER N 137 -35.03 58.46 46.90
C SER N 137 -35.66 57.98 45.56
N PHE N 138 -36.99 58.08 45.55
CA PHE N 138 -37.93 57.69 44.49
C PHE N 138 -37.53 56.36 43.84
N VAL N 139 -36.92 55.48 44.63
CA VAL N 139 -36.63 54.11 44.21
C VAL N 139 -37.20 53.18 45.28
N ASP N 140 -38.15 52.33 44.89
CA ASP N 140 -38.66 51.32 45.80
C ASP N 140 -37.60 50.23 45.98
N LYS N 141 -37.31 49.91 47.24
CA LYS N 141 -36.36 48.85 47.57
C LYS N 141 -36.99 47.47 47.50
N ASP N 142 -37.59 47.14 46.36
CA ASP N 142 -38.30 45.88 46.16
C ASP N 142 -37.90 45.14 44.90
N LEU N 143 -37.15 45.75 43.99
CA LEU N 143 -36.76 45.14 42.73
C LEU N 143 -35.26 45.32 42.51
N LEU N 144 -34.52 45.48 43.60
CA LEU N 144 -33.08 45.63 43.52
C LEU N 144 -32.45 44.46 44.27
N GLU N 145 -31.62 43.70 43.55
CA GLU N 145 -31.02 42.47 44.03
C GLU N 145 -29.54 42.55 43.69
N PRO N 146 -28.64 41.95 44.50
CA PRO N 146 -27.22 41.89 44.12
C PRO N 146 -26.98 41.16 42.81
N GLY N 147 -26.56 41.91 41.80
CA GLY N 147 -26.52 41.47 40.41
C GLY N 147 -27.29 42.41 39.48
N CYS N 148 -28.36 43.01 39.98
CA CYS N 148 -29.10 44.01 39.21
C CYS N 148 -28.30 45.30 39.12
N SER N 149 -28.12 45.79 37.91
CA SER N 149 -27.31 46.98 37.68
C SER N 149 -28.12 48.24 37.94
N VAL N 150 -27.45 49.25 38.48
CA VAL N 150 -28.11 50.47 38.94
C VAL N 150 -27.56 51.69 38.20
N LEU N 151 -28.06 52.87 38.57
CA LEU N 151 -27.69 54.12 37.93
C LEU N 151 -27.08 55.03 38.98
N LEU N 152 -25.93 55.64 38.64
CA LEU N 152 -25.14 56.36 39.63
C LEU N 152 -24.78 57.75 39.13
N ASN N 153 -24.17 58.52 40.02
CA ASN N 153 -23.73 59.87 39.78
C ASN N 153 -22.20 59.89 39.63
N HIS N 154 -21.63 61.06 39.37
CA HIS N 154 -20.19 61.25 39.38
C HIS N 154 -19.70 62.08 40.55
N LYS N 155 -20.43 63.14 40.90
CA LYS N 155 -19.97 64.05 41.94
C LYS N 155 -20.11 63.44 43.32
N VAL N 156 -21.21 62.71 43.55
CA VAL N 156 -21.43 62.01 44.82
C VAL N 156 -21.68 60.53 44.63
N HIS N 157 -21.69 60.04 43.38
CA HIS N 157 -21.88 58.63 43.00
C HIS N 157 -23.19 58.04 43.50
N ALA N 158 -24.20 58.87 43.77
CA ALA N 158 -25.37 58.41 44.49
C ALA N 158 -26.30 57.61 43.58
N VAL N 159 -27.06 56.71 44.19
CA VAL N 159 -28.02 55.91 43.45
C VAL N 159 -29.20 56.79 43.05
N ILE N 160 -29.40 56.96 41.75
CA ILE N 160 -30.51 57.77 41.25
C ILE N 160 -31.63 56.88 40.73
N GLY N 161 -31.31 55.94 39.84
CA GLY N 161 -32.29 54.99 39.35
C GLY N 161 -31.77 53.58 39.37
N VAL N 162 -32.42 52.68 38.63
CA VAL N 162 -31.94 51.32 38.48
C VAL N 162 -32.08 50.92 37.00
N LEU N 163 -31.03 50.36 36.43
CA LEU N 163 -31.04 50.01 35.01
C LEU N 163 -31.85 48.74 34.79
N MET N 164 -32.73 48.78 33.80
CA MET N 164 -33.63 47.68 33.52
C MET N 164 -33.21 46.97 32.22
N ASP N 165 -33.61 45.70 32.11
CA ASP N 165 -33.62 44.78 30.98
C ASP N 165 -32.24 44.25 30.59
N ASP N 166 -31.19 45.02 30.87
CA ASP N 166 -29.75 44.70 30.90
C ASP N 166 -29.30 43.64 29.86
N THR N 167 -29.84 43.68 28.64
CA THR N 167 -29.50 42.66 27.65
C THR N 167 -28.18 43.00 26.98
N ASP N 168 -27.30 42.01 26.91
CA ASP N 168 -26.08 42.19 26.14
C ASP N 168 -26.42 42.21 24.66
N PRO N 169 -25.97 43.22 23.91
CA PRO N 169 -26.40 43.36 22.52
C PRO N 169 -25.76 42.37 21.56
N LEU N 170 -25.97 41.08 21.81
CA LEU N 170 -25.59 40.02 20.89
C LEU N 170 -26.79 39.11 20.72
N VAL N 171 -27.64 39.08 21.75
CA VAL N 171 -28.85 38.27 21.71
C VAL N 171 -30.00 39.05 21.10
N THR N 172 -29.99 40.38 21.19
CA THR N 172 -31.03 41.19 20.58
C THR N 172 -30.91 41.24 19.06
N VAL N 173 -29.74 40.91 18.53
CA VAL N 173 -29.59 40.75 17.09
C VAL N 173 -30.38 39.55 16.61
N MET N 174 -30.48 38.52 17.43
CA MET N 174 -31.14 37.27 17.05
C MET N 174 -32.65 37.30 17.28
N LYS N 175 -33.25 38.48 17.37
CA LYS N 175 -34.67 38.63 17.61
C LYS N 175 -35.33 39.09 16.32
N VAL N 176 -36.13 38.21 15.72
CA VAL N 176 -36.73 38.47 14.42
C VAL N 176 -37.92 39.40 14.57
N GLU N 177 -37.97 40.44 13.74
CA GLU N 177 -39.08 41.37 13.72
C GLU N 177 -39.95 41.26 12.47
N LYS N 178 -39.51 40.54 11.44
CA LYS N 178 -40.19 40.56 10.15
C LYS N 178 -40.56 39.15 9.73
N ALA N 179 -41.78 38.99 9.22
CA ALA N 179 -42.20 37.73 8.61
C ALA N 179 -41.69 37.67 7.19
N PRO N 180 -40.69 36.84 6.89
CA PRO N 180 -39.95 36.97 5.63
C PRO N 180 -40.71 36.55 4.36
N GLN N 181 -41.32 35.38 4.37
CA GLN N 181 -41.87 34.81 3.15
C GLN N 181 -43.32 34.40 3.32
N GLU N 182 -43.84 33.65 2.37
CA GLU N 182 -45.25 33.31 2.32
C GLU N 182 -45.56 32.16 3.29
N THR N 183 -46.83 31.78 3.32
CA THR N 183 -47.37 30.90 4.34
C THR N 183 -47.22 29.46 3.86
N TYR N 184 -47.94 28.52 4.46
CA TYR N 184 -47.82 27.10 4.13
C TYR N 184 -48.23 26.79 2.70
N ALA N 185 -49.02 27.66 2.07
CA ALA N 185 -49.40 27.50 0.67
C ALA N 185 -48.28 27.85 -0.30
N ASP N 186 -47.13 28.28 0.19
CA ASP N 186 -45.98 28.56 -0.66
C ASP N 186 -45.25 27.30 -1.08
N ILE N 187 -45.06 26.36 -0.18
CA ILE N 187 -44.24 25.20 -0.46
C ILE N 187 -45.08 24.14 -1.17
N GLY N 188 -44.40 23.28 -1.91
CA GLY N 188 -45.07 22.46 -2.91
C GLY N 188 -45.49 21.08 -2.50
N GLY N 189 -46.05 20.93 -1.31
CA GLY N 189 -46.69 19.69 -0.95
C GLY N 189 -45.79 18.82 -0.12
N LEU N 190 -45.97 18.90 1.19
CA LEU N 190 -45.18 18.13 2.13
C LEU N 190 -46.05 17.72 3.32
N ASP N 191 -47.35 17.55 3.06
CA ASP N 191 -48.43 17.69 4.02
C ASP N 191 -48.41 16.65 5.13
N ASN N 192 -47.75 15.51 4.93
CA ASN N 192 -47.63 14.56 6.02
C ASN N 192 -46.74 15.10 7.12
N GLN N 193 -45.68 15.81 6.75
CA GLN N 193 -44.76 16.36 7.72
C GLN N 193 -45.09 17.79 8.08
N ILE N 194 -46.01 18.44 7.35
CA ILE N 194 -46.51 19.75 7.78
C ILE N 194 -47.42 19.57 8.98
N GLN N 195 -48.20 18.50 8.97
CA GLN N 195 -49.11 18.20 10.06
C GLN N 195 -48.37 17.76 11.31
N GLU N 196 -47.13 17.29 11.16
CA GLU N 196 -46.32 16.90 12.32
C GLU N 196 -45.85 18.11 13.12
N ILE N 197 -45.26 19.08 12.43
CA ILE N 197 -44.71 20.25 13.12
C ILE N 197 -45.83 21.15 13.63
N LYS N 198 -47.02 21.06 13.05
CA LYS N 198 -48.14 21.86 13.53
C LYS N 198 -48.67 21.30 14.84
N GLU N 199 -48.53 19.99 15.06
CA GLU N 199 -48.95 19.38 16.32
C GLU N 199 -48.13 19.82 17.51
N SER N 200 -46.91 20.32 17.30
CA SER N 200 -46.03 20.67 18.39
C SER N 200 -45.81 22.16 18.57
N VAL N 201 -46.20 22.97 17.60
CA VAL N 201 -45.90 24.39 17.67
C VAL N 201 -47.19 25.21 17.66
N GLU N 202 -47.98 25.06 16.60
CA GLU N 202 -49.13 25.94 16.42
C GLU N 202 -50.34 25.47 17.22
N LEU N 203 -50.72 24.21 17.05
CA LEU N 203 -51.88 23.66 17.74
C LEU N 203 -51.82 23.68 19.27
N PRO N 204 -50.69 23.44 19.96
CA PRO N 204 -50.72 23.63 21.42
C PRO N 204 -50.87 25.07 21.85
N LEU N 205 -50.50 26.03 21.01
CA LEU N 205 -50.61 27.43 21.41
C LEU N 205 -51.99 27.99 21.09
N THR N 206 -52.57 27.58 19.96
CA THR N 206 -53.89 28.07 19.60
C THR N 206 -54.99 27.39 20.40
N HIS N 207 -54.96 26.08 20.51
CA HIS N 207 -56.05 25.33 21.12
C HIS N 207 -55.53 24.27 22.10
N PRO N 208 -55.05 24.70 23.29
CA PRO N 208 -54.66 23.69 24.28
C PRO N 208 -55.80 23.20 25.15
N GLU N 209 -56.94 22.88 24.55
CA GLU N 209 -58.02 22.25 25.28
C GLU N 209 -58.04 20.73 25.09
N TYR N 210 -57.42 20.24 24.03
CA TYR N 210 -57.37 18.81 23.78
C TYR N 210 -56.43 18.11 24.74
N TYR N 211 -55.37 18.79 25.18
CA TYR N 211 -54.31 18.13 25.92
C TYR N 211 -54.67 17.92 27.38
N GLU N 212 -55.47 18.82 27.95
CA GLU N 212 -55.90 18.66 29.33
C GLU N 212 -56.89 17.52 29.52
N GLU N 213 -57.58 17.13 28.46
CA GLU N 213 -58.49 16.00 28.55
C GLU N 213 -57.75 14.67 28.66
N MET N 214 -56.48 14.64 28.29
CA MET N 214 -55.64 13.47 28.52
C MET N 214 -54.40 13.77 29.35
N GLY N 215 -54.20 15.01 29.77
CA GLY N 215 -53.09 15.35 30.64
C GLY N 215 -51.72 15.19 30.02
N ILE N 216 -51.64 15.26 28.69
CA ILE N 216 -50.42 14.97 27.96
C ILE N 216 -49.79 16.29 27.54
N LYS N 217 -48.55 16.52 27.98
CA LYS N 217 -47.84 17.70 27.57
C LYS N 217 -47.41 17.57 26.11
N PRO N 218 -47.41 18.65 25.35
CA PRO N 218 -47.00 18.58 23.95
C PRO N 218 -45.51 18.36 23.83
N PRO N 219 -45.05 17.80 22.71
CA PRO N 219 -43.60 17.61 22.52
C PRO N 219 -42.86 18.93 22.37
N LYS N 220 -41.59 18.91 22.72
CA LYS N 220 -40.77 20.11 22.82
C LYS N 220 -39.77 20.26 21.67
N GLY N 221 -38.92 19.26 21.47
CA GLY N 221 -37.83 19.35 20.51
C GLY N 221 -38.15 18.64 19.21
N VAL N 222 -37.73 19.23 18.10
CA VAL N 222 -37.99 18.72 16.76
C VAL N 222 -36.69 18.80 15.96
N ILE N 223 -36.29 17.68 15.36
CA ILE N 223 -35.16 17.64 14.44
C ILE N 223 -35.68 17.60 13.01
N LEU N 224 -35.14 18.48 12.16
CA LEU N 224 -35.35 18.43 10.72
C LEU N 224 -34.10 17.89 10.06
N TYR N 225 -34.18 16.73 9.44
CA TYR N 225 -32.99 16.14 8.85
C TYR N 225 -33.32 15.48 7.52
N GLY N 226 -32.30 15.37 6.67
CA GLY N 226 -32.44 14.84 5.34
C GLY N 226 -31.37 15.36 4.40
N PRO N 227 -31.49 15.02 3.11
CA PRO N 227 -30.54 15.51 2.13
C PRO N 227 -30.68 17.01 1.93
N PRO N 228 -29.63 17.69 1.48
CA PRO N 228 -29.73 19.15 1.31
C PRO N 228 -30.60 19.52 0.12
N GLY N 229 -31.20 20.71 0.21
CA GLY N 229 -32.08 21.21 -0.82
C GLY N 229 -33.49 20.68 -0.78
N THR N 230 -34.02 20.41 0.41
CA THR N 230 -35.29 19.71 0.51
C THR N 230 -36.40 20.56 1.08
N GLY N 231 -36.10 21.57 1.89
CA GLY N 231 -37.16 22.39 2.42
C GLY N 231 -37.08 22.66 3.90
N LYS N 232 -35.91 22.42 4.49
CA LYS N 232 -35.73 22.61 5.93
C LYS N 232 -35.84 24.08 6.30
N THR N 233 -35.15 24.96 5.58
CA THR N 233 -35.14 26.37 5.91
C THR N 233 -36.49 27.02 5.60
N LEU N 234 -37.21 26.50 4.60
CA LEU N 234 -38.55 27.02 4.28
C LEU N 234 -39.53 26.74 5.40
N LEU N 235 -39.45 25.56 5.99
CA LEU N 235 -40.44 25.14 6.98
C LEU N 235 -40.31 25.95 8.26
N ALA N 236 -39.11 26.46 8.55
CA ALA N 236 -38.99 27.37 9.68
C ALA N 236 -39.52 28.75 9.35
N LYS N 237 -39.30 29.21 8.11
CA LYS N 237 -39.72 30.56 7.73
C LYS N 237 -41.23 30.65 7.63
N ALA N 238 -41.88 29.55 7.22
CA ALA N 238 -43.33 29.56 7.14
C ALA N 238 -43.98 29.52 8.52
N VAL N 239 -43.33 28.87 9.48
CA VAL N 239 -43.80 28.91 10.87
C VAL N 239 -43.60 30.31 11.45
N ALA N 240 -42.45 30.92 11.16
CA ALA N 240 -42.18 32.27 11.65
C ALA N 240 -43.07 33.31 10.98
N ASN N 241 -43.61 32.99 9.80
CA ASN N 241 -44.61 33.87 9.20
C ASN N 241 -45.92 33.77 9.97
N GLN N 242 -46.52 32.60 9.99
CA GLN N 242 -47.81 32.40 10.63
C GLN N 242 -47.57 31.93 12.06
N THR N 243 -47.53 32.89 12.97
CA THR N 243 -47.37 32.60 14.40
C THR N 243 -47.99 33.74 15.20
N SER N 244 -47.98 33.57 16.50
CA SER N 244 -48.41 34.62 17.41
C SER N 244 -47.39 34.95 18.49
N ALA N 245 -46.56 33.99 18.89
CA ALA N 245 -45.51 34.23 19.85
C ALA N 245 -44.30 34.82 19.12
N THR N 246 -43.24 35.13 19.86
CA THR N 246 -42.08 35.71 19.19
C THR N 246 -41.18 34.61 18.64
N PHE N 247 -40.06 35.01 18.06
CA PHE N 247 -39.26 34.10 17.26
C PHE N 247 -37.79 34.47 17.44
N LEU N 248 -36.95 33.44 17.54
CA LEU N 248 -35.50 33.63 17.69
C LEU N 248 -34.79 32.71 16.72
N ARG N 249 -33.84 33.26 15.97
CA ARG N 249 -33.03 32.49 15.04
C ARG N 249 -31.60 32.44 15.55
N VAL N 250 -30.96 31.28 15.37
CA VAL N 250 -29.57 31.10 15.77
C VAL N 250 -28.84 30.44 14.60
N VAL N 251 -27.86 31.13 14.06
CA VAL N 251 -27.10 30.62 12.92
C VAL N 251 -25.87 29.90 13.44
N GLY N 252 -26.03 28.61 13.78
CA GLY N 252 -24.94 27.66 13.92
C GLY N 252 -23.85 28.02 14.92
N SER N 253 -22.68 28.38 14.38
CA SER N 253 -21.57 28.90 15.16
C SER N 253 -21.80 30.39 15.44
N GLU N 254 -22.76 30.65 16.31
CA GLU N 254 -23.12 32.02 16.66
C GLU N 254 -22.78 32.23 18.13
N LEU N 255 -22.90 31.16 18.90
CA LEU N 255 -22.65 31.16 20.34
C LEU N 255 -21.24 30.71 20.69
N ILE N 256 -20.29 30.95 19.80
CA ILE N 256 -18.91 30.50 19.97
C ILE N 256 -18.02 31.72 20.09
N GLN N 257 -17.31 31.83 21.21
CA GLN N 257 -16.36 32.91 21.41
C GLN N 257 -15.02 32.35 21.85
N LYS N 258 -14.10 33.21 22.28
CA LYS N 258 -12.74 32.79 22.57
C LYS N 258 -12.29 33.02 24.01
N TYR N 259 -13.13 33.59 24.86
CA TYR N 259 -12.73 33.99 26.21
C TYR N 259 -12.99 32.92 27.26
N LEU N 260 -13.21 31.67 26.83
CA LEU N 260 -13.21 30.44 27.63
C LEU N 260 -14.43 30.30 28.54
N GLY N 261 -15.19 31.38 28.72
CA GLY N 261 -16.41 31.32 29.50
C GLY N 261 -17.48 32.13 28.81
N ASP N 262 -17.07 32.83 27.75
CA ASP N 262 -17.99 33.65 26.97
C ASP N 262 -18.93 32.80 26.14
N GLY N 263 -18.51 31.59 25.78
CA GLY N 263 -19.34 30.62 25.11
C GLY N 263 -20.58 30.20 25.87
N PRO N 264 -20.41 29.53 27.02
CA PRO N 264 -21.59 29.08 27.78
C PRO N 264 -22.40 30.20 28.42
N LYS N 265 -21.82 31.38 28.61
CA LYS N 265 -22.53 32.49 29.22
C LYS N 265 -23.59 33.08 28.31
N LEU N 266 -23.35 33.07 27.00
CA LEU N 266 -24.34 33.58 26.05
C LEU N 266 -25.52 32.63 25.91
N VAL N 267 -25.31 31.34 26.20
CA VAL N 267 -26.40 30.38 26.09
C VAL N 267 -27.39 30.57 27.23
N ARG N 268 -26.89 30.93 28.42
CA ARG N 268 -27.77 31.22 29.55
C ARG N 268 -28.64 32.43 29.27
N GLU N 269 -28.03 33.49 28.71
CA GLU N 269 -28.80 34.69 28.41
C GLU N 269 -29.76 34.48 27.24
N LEU N 270 -29.48 33.50 26.38
CA LEU N 270 -30.37 33.20 25.27
C LEU N 270 -31.70 32.64 25.76
N PHE N 271 -31.64 31.64 26.64
CA PHE N 271 -32.87 31.06 27.17
C PHE N 271 -33.50 31.93 28.23
N ARG N 272 -32.72 32.82 28.84
CA ARG N 272 -33.26 33.77 29.81
C ARG N 272 -34.19 34.77 29.13
N VAL N 273 -33.77 35.29 27.97
CA VAL N 273 -34.58 36.26 27.23
C VAL N 273 -35.85 35.59 26.71
N ALA N 274 -35.73 34.35 26.24
CA ALA N 274 -36.88 33.62 25.71
C ALA N 274 -37.86 33.28 26.83
N GLU N 275 -37.36 33.04 28.04
CA GLU N 275 -38.24 32.73 29.15
C GLU N 275 -38.92 33.98 29.69
N GLU N 276 -38.17 35.09 29.77
CA GLU N 276 -38.73 36.33 30.29
C GLU N 276 -39.79 36.91 29.37
N HIS N 277 -39.62 36.75 28.06
CA HIS N 277 -40.62 37.20 27.11
C HIS N 277 -41.70 36.14 26.96
N ALA N 278 -42.44 36.24 25.86
CA ALA N 278 -43.61 35.45 25.46
C ALA N 278 -43.38 33.94 25.54
N PRO N 279 -44.44 33.13 25.64
CA PRO N 279 -44.28 31.69 25.47
C PRO N 279 -43.90 31.34 24.04
N SER N 280 -42.63 31.53 23.68
CA SER N 280 -42.19 31.56 22.30
C SER N 280 -41.28 30.38 21.98
N ILE N 281 -40.87 30.31 20.72
CA ILE N 281 -40.07 29.21 20.22
C ILE N 281 -38.70 29.74 19.82
N VAL N 282 -37.71 28.84 19.79
CA VAL N 282 -36.34 29.17 19.45
C VAL N 282 -35.90 28.25 18.32
N PHE N 283 -35.41 28.83 17.23
CA PHE N 283 -34.94 28.07 16.08
C PHE N 283 -33.43 28.15 16.01
N ILE N 284 -32.76 27.04 16.25
CA ILE N 284 -31.30 26.95 16.19
C ILE N 284 -30.97 26.06 15.00
N ASP N 285 -30.39 26.65 13.97
CA ASP N 285 -30.15 25.92 12.74
C ASP N 285 -28.67 25.53 12.64
N GLU N 286 -28.42 24.47 11.87
CA GLU N 286 -27.10 23.87 11.64
C GLU N 286 -26.43 23.47 12.96
N ILE N 287 -27.07 22.49 13.60
CA ILE N 287 -26.56 21.96 14.85
C ILE N 287 -25.62 20.78 14.63
N ASP N 288 -25.14 20.58 13.41
CA ASP N 288 -24.06 19.64 13.15
C ASP N 288 -22.70 20.22 13.52
N ALA N 289 -22.61 21.54 13.69
CA ALA N 289 -21.42 22.20 14.20
C ALA N 289 -21.52 22.46 15.70
N ILE N 290 -22.43 21.76 16.38
CA ILE N 290 -22.62 21.98 17.80
C ILE N 290 -22.63 20.62 18.50
N GLY N 291 -22.62 19.54 17.74
CA GLY N 291 -22.54 18.24 18.37
C GLY N 291 -21.91 17.15 17.53
N THR N 292 -20.90 16.46 18.07
CA THR N 292 -20.42 15.22 17.48
C THR N 292 -19.91 14.30 18.60
N LYS N 293 -20.82 13.47 19.11
CA LYS N 293 -20.62 12.24 19.89
C LYS N 293 -19.81 12.37 21.18
N ARG N 294 -19.34 13.59 21.50
CA ARG N 294 -18.70 13.97 22.77
C ARG N 294 -17.54 13.05 23.13
N TYR N 295 -16.51 13.15 22.32
CA TYR N 295 -15.29 12.40 22.56
C TYR N 295 -14.24 13.29 23.21
N ASP N 296 -13.28 12.66 23.90
CA ASP N 296 -12.24 13.39 24.63
C ASP N 296 -10.93 13.24 23.88
N SER N 297 -10.22 14.35 23.69
CA SER N 297 -9.03 14.33 22.86
C SER N 297 -8.03 15.38 23.35
N ASN N 298 -7.13 15.77 22.45
CA ASN N 298 -5.83 16.33 22.76
C ASN N 298 -5.74 17.84 22.55
N SER N 299 -6.77 18.47 22.03
CA SER N 299 -6.70 19.89 21.72
C SER N 299 -7.38 20.69 22.81
N GLY N 300 -6.76 21.81 23.20
CA GLY N 300 -7.30 22.62 24.26
C GLY N 300 -8.39 23.59 23.85
N GLY N 301 -8.40 24.04 22.60
CA GLY N 301 -9.51 24.83 22.12
C GLY N 301 -10.72 24.01 21.75
N GLU N 302 -10.53 22.70 21.67
CA GLU N 302 -11.59 21.74 21.42
C GLU N 302 -12.54 21.60 22.61
N ARG N 303 -12.07 21.90 23.81
CA ARG N 303 -12.85 21.66 25.01
C ARG N 303 -13.83 22.78 25.31
N GLU N 304 -13.41 24.03 25.15
CA GLU N 304 -14.33 25.17 25.26
C GLU N 304 -15.39 25.13 24.16
N ILE N 305 -15.05 24.51 23.02
CA ILE N 305 -16.08 24.06 22.08
C ILE N 305 -16.96 23.02 22.76
N GLN N 306 -16.36 21.97 23.31
CA GLN N 306 -17.13 20.82 23.79
C GLN N 306 -17.88 21.13 25.09
N ARG N 307 -17.43 22.14 25.84
CA ARG N 307 -18.06 22.44 27.13
C ARG N 307 -19.32 23.28 26.96
N THR N 308 -19.27 24.25 26.05
CA THR N 308 -20.44 25.06 25.72
C THR N 308 -21.59 24.20 25.22
N MET N 309 -21.24 23.19 24.43
CA MET N 309 -22.21 22.28 23.84
C MET N 309 -22.68 21.23 24.83
N LEU N 310 -22.06 21.17 26.01
CA LEU N 310 -22.47 20.23 27.05
C LEU N 310 -23.37 20.88 28.08
N GLU N 311 -23.35 22.21 28.18
CA GLU N 311 -24.26 22.89 29.09
C GLU N 311 -25.53 23.36 28.39
N LEU N 312 -25.54 23.43 27.07
CA LEU N 312 -26.79 23.53 26.33
C LEU N 312 -27.68 22.34 26.62
N LEU N 313 -27.07 21.15 26.75
CA LEU N 313 -27.73 19.97 27.28
C LEU N 313 -28.33 20.23 28.66
N ASN N 314 -27.66 21.01 29.50
CA ASN N 314 -28.14 21.23 30.86
C ASN N 314 -29.31 22.20 30.89
N GLN N 315 -29.25 23.29 30.13
CA GLN N 315 -30.33 24.26 30.07
C GLN N 315 -31.58 23.71 29.40
N LEU N 316 -31.43 22.70 28.55
CA LEU N 316 -32.54 22.21 27.75
C LEU N 316 -33.47 21.32 28.56
N ASP N 317 -32.94 20.21 29.06
CA ASP N 317 -33.73 19.23 29.81
C ASP N 317 -32.93 18.71 31.01
N GLY N 318 -32.33 19.63 31.76
CA GLY N 318 -31.54 19.24 32.91
C GLY N 318 -32.30 19.35 34.21
N PHE N 319 -32.05 20.43 34.95
CA PHE N 319 -32.69 20.63 36.25
C PHE N 319 -33.88 21.58 36.18
N ASP N 320 -34.39 21.93 37.36
CA ASP N 320 -35.53 22.83 37.48
C ASP N 320 -36.69 22.43 36.58
N SER N 321 -36.99 23.27 35.61
CA SER N 321 -38.08 23.01 34.67
C SER N 321 -37.66 23.42 33.27
N ARG N 322 -38.59 24.02 32.53
CA ARG N 322 -38.29 24.47 31.18
C ARG N 322 -39.07 25.72 30.81
N GLY N 323 -40.33 25.82 31.23
CA GLY N 323 -41.20 26.86 30.74
C GLY N 323 -41.80 26.47 29.40
N ASP N 324 -42.44 27.45 28.76
CA ASP N 324 -43.04 27.24 27.45
C ASP N 324 -42.07 27.77 26.40
N VAL N 325 -41.00 27.01 26.18
CA VAL N 325 -39.99 27.32 25.17
C VAL N 325 -39.83 26.08 24.30
N LYS N 326 -40.07 26.24 23.00
CA LYS N 326 -39.92 25.15 22.04
C LYS N 326 -38.63 25.37 21.26
N VAL N 327 -37.99 24.26 20.86
CA VAL N 327 -36.71 24.30 20.18
C VAL N 327 -36.83 23.51 18.88
N ILE N 328 -36.44 24.11 17.77
CA ILE N 328 -36.44 23.47 16.46
C ILE N 328 -35.01 23.46 15.93
N MET N 329 -34.53 22.28 15.56
CA MET N 329 -33.14 22.07 15.18
C MET N 329 -33.09 21.39 13.82
N ALA N 330 -32.02 21.66 13.06
CA ALA N 330 -31.96 21.18 11.69
C ALA N 330 -30.52 20.94 11.25
N THR N 331 -30.30 19.80 10.60
CA THR N 331 -29.03 19.44 9.98
C THR N 331 -29.26 18.81 8.61
N ASN N 332 -28.14 18.44 7.98
CA ASN N 332 -28.12 17.56 6.82
C ASN N 332 -27.81 16.13 7.21
N ARG N 333 -26.79 15.93 8.05
CA ARG N 333 -26.44 14.62 8.55
C ARG N 333 -26.87 14.46 10.00
N ILE N 334 -27.32 13.26 10.34
CA ILE N 334 -27.88 13.01 11.66
C ILE N 334 -27.05 11.99 12.46
N GLU N 335 -26.31 11.11 11.80
CA GLU N 335 -25.63 10.03 12.51
C GLU N 335 -24.39 10.51 13.24
N THR N 336 -23.86 11.67 12.88
CA THR N 336 -22.66 12.21 13.52
C THR N 336 -22.99 13.13 14.68
N LEU N 337 -24.12 12.92 15.34
CA LEU N 337 -24.53 13.78 16.45
C LEU N 337 -24.27 13.09 17.78
N ASP N 338 -24.35 13.88 18.83
CA ASP N 338 -24.21 13.37 20.18
C ASP N 338 -25.49 12.64 20.58
N PRO N 339 -25.42 11.38 20.99
CA PRO N 339 -26.64 10.66 21.40
C PRO N 339 -27.31 11.22 22.65
N ALA N 340 -26.65 12.09 23.41
CA ALA N 340 -27.29 12.72 24.55
C ALA N 340 -28.34 13.75 24.11
N LEU N 341 -28.23 14.28 22.90
CA LEU N 341 -29.22 15.23 22.40
C LEU N 341 -30.37 14.55 21.68
N ILE N 342 -30.15 13.36 21.14
CA ILE N 342 -31.17 12.70 20.33
C ILE N 342 -32.24 12.05 21.20
N ARG N 343 -31.96 11.85 22.49
CA ARG N 343 -32.87 11.12 23.35
C ARG N 343 -34.15 11.92 23.60
N PRO N 344 -35.28 11.24 23.80
CA PRO N 344 -36.51 11.95 24.16
C PRO N 344 -36.40 12.57 25.55
N GLY N 345 -37.28 13.52 25.79
CA GLY N 345 -37.13 14.44 26.90
C GLY N 345 -36.52 15.72 26.40
N ARG N 346 -35.59 15.61 25.47
CA ARG N 346 -35.01 16.77 24.80
C ARG N 346 -35.66 17.01 23.46
N ILE N 347 -35.66 15.99 22.62
CA ILE N 347 -36.24 16.06 21.28
C ILE N 347 -37.15 14.87 21.11
N ASP N 348 -38.43 15.12 20.85
CA ASP N 348 -39.43 14.08 20.78
C ASP N 348 -39.87 13.75 19.36
N ARG N 349 -39.44 14.52 18.37
CA ARG N 349 -39.81 14.30 17.00
C ARG N 349 -38.57 14.24 16.11
N LYS N 350 -38.49 13.19 15.31
CA LYS N 350 -37.47 13.06 14.28
C LYS N 350 -38.17 13.00 12.94
N ILE N 351 -37.89 13.96 12.06
CA ILE N 351 -38.65 14.15 10.84
C ILE N 351 -37.71 14.02 9.65
N GLU N 352 -37.97 13.03 8.78
CA GLU N 352 -37.23 12.87 7.55
C GLU N 352 -37.78 13.79 6.47
N PHE N 353 -36.88 14.37 5.70
CA PHE N 353 -37.24 15.12 4.49
C PHE N 353 -36.61 14.43 3.30
N PRO N 354 -37.28 13.44 2.70
CA PRO N 354 -36.69 12.74 1.55
C PRO N 354 -36.86 13.55 0.28
N LEU N 355 -36.12 13.13 -0.74
CA LEU N 355 -36.23 13.71 -2.08
C LEU N 355 -37.60 13.37 -2.65
N PRO N 356 -38.20 14.25 -3.48
CA PRO N 356 -39.62 14.08 -3.84
C PRO N 356 -39.93 12.89 -4.74
N ASP N 357 -41.18 12.84 -5.17
CA ASP N 357 -41.77 11.71 -5.89
C ASP N 357 -42.12 12.15 -7.30
N GLU N 358 -42.90 11.34 -8.03
CA GLU N 358 -43.46 11.80 -9.29
C GLU N 358 -44.83 12.45 -9.15
N LYS N 359 -45.31 12.71 -7.93
CA LYS N 359 -46.63 13.28 -7.72
C LYS N 359 -46.60 14.66 -7.09
N THR N 360 -45.92 14.82 -5.95
CA THR N 360 -45.80 16.13 -5.34
C THR N 360 -44.78 17.00 -6.05
N LYS N 361 -43.97 16.41 -6.92
CA LYS N 361 -43.05 17.17 -7.76
C LYS N 361 -43.80 18.06 -8.73
N LYS N 362 -45.00 17.63 -9.15
CA LYS N 362 -45.87 18.45 -9.98
C LYS N 362 -46.23 19.75 -9.27
N ARG N 363 -46.44 19.69 -7.96
CA ARG N 363 -46.76 20.88 -7.19
C ARG N 363 -45.56 21.82 -7.08
N ILE N 364 -44.35 21.27 -7.17
CA ILE N 364 -43.16 22.12 -7.14
C ILE N 364 -43.07 22.94 -8.43
N PHE N 365 -43.25 22.27 -9.57
CA PHE N 365 -43.21 22.95 -10.86
C PHE N 365 -44.39 23.90 -11.02
N GLN N 366 -45.52 23.58 -10.40
CA GLN N 366 -46.70 24.44 -10.54
C GLN N 366 -46.51 25.76 -9.81
N ILE N 367 -45.93 25.72 -8.61
CA ILE N 367 -45.82 26.94 -7.81
C ILE N 367 -44.71 27.84 -8.34
N HIS N 368 -43.58 27.26 -8.74
CA HIS N 368 -42.49 28.07 -9.26
C HIS N 368 -42.73 28.56 -10.68
N THR N 369 -43.81 28.15 -11.32
CA THR N 369 -44.24 28.71 -12.60
C THR N 369 -45.58 29.43 -12.45
N SER N 370 -45.71 30.19 -11.35
CA SER N 370 -46.97 30.88 -11.09
C SER N 370 -47.10 32.12 -11.96
N ARG N 371 -46.15 33.05 -11.84
CA ARG N 371 -46.27 34.37 -12.43
C ARG N 371 -45.33 34.53 -13.62
N MET N 372 -45.19 33.50 -14.43
CA MET N 372 -44.40 33.58 -15.65
C MET N 372 -45.25 33.22 -16.86
N THR N 373 -44.99 33.90 -17.97
CA THR N 373 -45.77 33.72 -19.19
C THR N 373 -45.45 32.36 -19.80
N LEU N 374 -46.38 31.43 -19.69
CA LEU N 374 -46.18 30.04 -20.05
C LEU N 374 -46.87 29.77 -21.38
N ALA N 375 -46.08 29.39 -22.38
CA ALA N 375 -46.63 28.99 -23.66
C ALA N 375 -47.35 27.65 -23.54
N ASP N 376 -48.36 27.44 -24.39
CA ASP N 376 -49.21 26.26 -24.29
C ASP N 376 -48.59 25.01 -24.88
N ASP N 377 -47.38 25.10 -25.44
CA ASP N 377 -46.74 23.93 -26.02
C ASP N 377 -46.19 22.98 -24.97
N VAL N 378 -45.98 23.44 -23.75
CA VAL N 378 -45.21 22.68 -22.78
C VAL N 378 -46.08 21.61 -22.13
N THR N 379 -45.41 20.55 -21.67
CA THR N 379 -46.00 19.57 -20.78
C THR N 379 -45.11 19.47 -19.56
N LEU N 380 -45.69 19.63 -18.37
CA LEU N 380 -44.90 19.58 -17.15
C LEU N 380 -44.38 18.18 -16.87
N ASP N 381 -45.12 17.16 -17.30
CA ASP N 381 -44.77 15.77 -17.02
C ASP N 381 -43.68 15.23 -17.93
N ASP N 382 -43.13 16.05 -18.82
CA ASP N 382 -42.03 15.61 -19.66
C ASP N 382 -40.76 15.42 -18.83
N LEU N 383 -40.36 16.44 -18.08
CA LEU N 383 -39.14 16.37 -17.30
C LEU N 383 -39.32 15.60 -15.99
N ILE N 384 -40.54 15.48 -15.51
CA ILE N 384 -40.79 14.78 -14.25
C ILE N 384 -40.60 13.28 -14.42
N MET N 385 -41.31 12.68 -15.37
CA MET N 385 -41.35 11.23 -15.48
C MET N 385 -40.06 10.66 -16.07
N ALA N 386 -39.41 11.42 -16.97
CA ALA N 386 -38.27 10.88 -17.70
C ALA N 386 -37.05 10.74 -16.80
N LYS N 387 -36.86 11.72 -15.93
CA LYS N 387 -35.77 11.72 -14.96
C LYS N 387 -36.37 11.65 -13.56
N ASP N 388 -35.87 10.73 -12.73
CA ASP N 388 -36.40 10.56 -11.38
C ASP N 388 -35.37 10.79 -10.26
N ASP N 389 -34.68 11.92 -10.32
CA ASP N 389 -33.68 12.27 -9.31
C ASP N 389 -33.38 13.76 -9.36
N LEU N 390 -33.71 14.48 -8.29
CA LEU N 390 -33.46 15.91 -8.26
C LEU N 390 -34.28 16.56 -7.15
N SER N 391 -33.73 17.61 -6.54
CA SER N 391 -34.31 18.19 -5.35
C SER N 391 -35.30 19.29 -5.71
N GLY N 392 -35.93 19.86 -4.67
CA GLY N 392 -36.81 21.00 -4.87
C GLY N 392 -36.06 22.26 -5.22
N ALA N 393 -34.84 22.41 -4.71
CA ALA N 393 -34.01 23.55 -5.08
C ALA N 393 -33.47 23.42 -6.49
N ASP N 394 -33.47 22.21 -7.06
CA ASP N 394 -33.15 22.06 -8.47
C ASP N 394 -34.22 22.68 -9.35
N ILE N 395 -35.48 22.53 -8.93
CA ILE N 395 -36.62 22.93 -9.75
C ILE N 395 -36.72 24.45 -9.85
N LYS N 396 -36.37 25.15 -8.77
CA LYS N 396 -36.32 26.61 -8.81
C LYS N 396 -35.22 27.10 -9.74
N ALA N 397 -34.11 26.36 -9.82
CA ALA N 397 -33.05 26.74 -10.74
C ALA N 397 -33.43 26.49 -12.18
N ILE N 398 -34.26 25.47 -12.43
CA ILE N 398 -34.72 25.19 -13.79
C ILE N 398 -35.65 26.30 -14.27
N CYS N 399 -36.53 26.76 -13.38
CA CYS N 399 -37.50 27.80 -13.76
C CYS N 399 -36.82 29.13 -14.01
N THR N 400 -35.76 29.44 -13.26
CA THR N 400 -35.03 30.67 -13.51
C THR N 400 -34.14 30.58 -14.74
N GLU N 401 -33.57 29.41 -15.02
CA GLU N 401 -32.69 29.28 -16.17
C GLU N 401 -33.48 29.32 -17.47
N ALA N 402 -34.66 28.69 -17.49
CA ALA N 402 -35.49 28.69 -18.70
C ALA N 402 -36.02 30.08 -18.99
N GLY N 403 -36.25 30.90 -17.96
CA GLY N 403 -36.59 32.28 -18.18
C GLY N 403 -35.45 33.10 -18.73
N LEU N 404 -34.22 32.75 -18.36
CA LEU N 404 -33.07 33.41 -18.95
C LEU N 404 -32.85 33.01 -20.39
N MET N 405 -33.28 31.79 -20.77
CA MET N 405 -33.15 31.35 -22.15
C MET N 405 -34.11 32.09 -23.08
N ALA N 406 -35.24 32.57 -22.57
CA ALA N 406 -36.17 33.30 -23.41
C ALA N 406 -35.62 34.68 -23.78
N LEU N 407 -35.01 35.37 -22.82
CA LEU N 407 -34.33 36.62 -23.13
C LEU N 407 -33.06 36.38 -23.93
N ARG N 408 -32.49 35.18 -23.82
CA ARG N 408 -31.29 34.85 -24.58
C ARG N 408 -31.60 34.72 -26.07
N GLU N 409 -32.80 34.28 -26.42
CA GLU N 409 -33.25 34.29 -27.81
C GLU N 409 -34.47 35.16 -28.03
N ARG N 410 -34.58 36.27 -27.29
CA ARG N 410 -35.47 37.39 -27.60
C ARG N 410 -36.94 37.01 -27.51
N ARG N 411 -37.35 36.46 -26.37
CA ARG N 411 -38.72 35.99 -26.21
C ARG N 411 -39.26 36.39 -24.84
N MET N 412 -40.59 36.39 -24.73
CA MET N 412 -41.29 36.51 -23.46
C MET N 412 -41.87 35.19 -22.98
N LYS N 413 -42.59 34.48 -23.86
CA LYS N 413 -43.13 33.18 -23.50
C LYS N 413 -42.02 32.14 -23.45
N VAL N 414 -42.28 31.05 -22.74
CA VAL N 414 -41.31 30.01 -22.48
C VAL N 414 -41.85 28.70 -23.03
N THR N 415 -41.13 28.10 -23.96
CA THR N 415 -41.53 26.85 -24.58
C THR N 415 -40.77 25.67 -24.02
N ASN N 416 -41.02 24.50 -24.65
CA ASN N 416 -40.37 23.26 -24.26
C ASN N 416 -38.87 23.31 -24.50
N GLU N 417 -38.44 24.03 -25.54
CA GLU N 417 -37.02 24.10 -25.87
C GLU N 417 -36.20 24.86 -24.84
N ASP N 418 -36.83 25.75 -24.08
CA ASP N 418 -36.16 26.33 -22.92
C ASP N 418 -35.90 25.27 -21.86
N PHE N 419 -36.91 24.46 -21.56
CA PHE N 419 -36.76 23.43 -20.54
C PHE N 419 -35.88 22.28 -20.99
N LYS N 420 -35.72 22.06 -22.29
CA LYS N 420 -34.78 21.06 -22.75
C LYS N 420 -33.34 21.49 -22.47
N LYS N 421 -33.04 22.76 -22.70
CA LYS N 421 -31.70 23.25 -22.42
C LYS N 421 -31.48 23.52 -20.94
N SER N 422 -32.54 23.86 -20.21
CA SER N 422 -32.40 24.18 -18.79
C SER N 422 -32.21 22.93 -17.96
N LYS N 423 -32.95 21.86 -18.26
CA LYS N 423 -32.83 20.60 -17.53
C LYS N 423 -31.46 19.97 -17.74
N GLU N 424 -30.84 20.22 -18.89
CA GLU N 424 -29.44 19.85 -19.05
C GLU N 424 -28.54 20.68 -18.13
N ASN N 425 -28.55 22.00 -18.31
CA ASN N 425 -27.55 22.90 -17.74
C ASN N 425 -27.56 22.93 -16.22
N VAL N 426 -28.71 22.70 -15.59
CA VAL N 426 -28.77 22.66 -14.14
C VAL N 426 -28.18 21.35 -13.61
N LEU N 427 -28.51 20.22 -14.23
CA LEU N 427 -28.18 18.92 -13.69
C LEU N 427 -26.73 18.49 -13.93
N TYR N 428 -25.94 19.22 -14.72
CA TYR N 428 -24.57 18.83 -14.96
C TYR N 428 -23.67 19.39 -13.85
N LYS N 429 -23.96 19.01 -12.61
CA LYS N 429 -23.10 19.39 -11.49
C LYS N 429 -22.98 18.23 -10.52
N LYS N 430 -23.56 17.10 -10.89
CA LYS N 430 -23.57 15.85 -10.13
C LYS N 430 -23.06 14.73 -11.03
N GLN N 431 -22.09 13.96 -10.51
CA GLN N 431 -21.23 13.06 -11.27
C GLN N 431 -21.96 11.95 -12.02
N GLU N 432 -21.21 11.26 -12.88
CA GLU N 432 -21.75 10.40 -13.93
C GLU N 432 -22.55 9.21 -13.40
N GLY N 433 -21.97 8.40 -12.52
CA GLY N 433 -22.67 7.23 -12.02
C GLY N 433 -22.00 6.44 -10.93
N THR N 434 -22.60 5.31 -10.60
CA THR N 434 -22.07 4.44 -9.56
C THR N 434 -21.38 3.23 -10.18
N PRO N 435 -22.06 2.07 -10.13
CA PRO N 435 -21.49 0.85 -10.68
C PRO N 435 -22.07 0.47 -12.04
N GLU N 436 -21.34 -0.42 -12.72
CA GLU N 436 -21.70 -0.97 -14.03
C GLU N 436 -22.67 -2.15 -13.85
N GLY N 437 -23.16 -2.73 -14.95
CA GLY N 437 -24.24 -3.71 -14.90
C GLY N 437 -23.88 -5.06 -14.31
N LEU N 438 -23.44 -5.06 -13.05
CA LEU N 438 -23.28 -6.27 -12.28
C LEU N 438 -24.66 -6.78 -11.92
N TYR N 439 -25.47 -5.89 -11.35
CA TYR N 439 -26.81 -6.24 -10.93
C TYR N 439 -27.76 -6.23 -12.11
N LEU N 440 -28.77 -7.09 -12.04
CA LEU N 440 -29.78 -7.18 -13.08
C LEU N 440 -31.05 -7.81 -12.52
N LEU O 3 -15.45 141.34 -27.38
CA LEU O 3 -15.47 140.14 -26.54
C LEU O 3 -15.35 140.51 -25.06
N GLU O 4 -16.49 140.67 -24.40
CA GLU O 4 -16.49 140.91 -22.96
C GLU O 4 -16.02 139.68 -22.21
N GLU O 5 -16.52 138.50 -22.61
CA GLU O 5 -16.14 137.24 -22.00
C GLU O 5 -15.02 136.53 -22.75
N GLY O 6 -14.88 136.76 -24.06
CA GLY O 6 -13.94 135.98 -24.85
C GLY O 6 -12.49 136.32 -24.58
N LYS O 7 -12.18 137.61 -24.38
CA LYS O 7 -10.83 138.00 -23.98
C LYS O 7 -10.51 137.53 -22.57
N ALA O 8 -11.53 137.36 -21.74
CA ALA O 8 -11.29 137.01 -20.34
C ALA O 8 -11.40 135.51 -20.10
N GLY O 9 -12.09 134.78 -20.99
CA GLY O 9 -12.09 133.33 -20.89
C GLY O 9 -10.73 132.73 -21.18
N SER O 10 -9.90 133.45 -21.93
CA SER O 10 -8.51 133.07 -22.14
C SER O 10 -7.57 133.70 -21.12
N GLY O 11 -8.02 134.70 -20.38
CA GLY O 11 -7.14 135.42 -19.46
C GLY O 11 -7.26 135.04 -18.00
N LEU O 12 -8.50 134.97 -17.50
CA LEU O 12 -8.75 134.75 -16.08
C LEU O 12 -9.56 133.49 -15.81
N ARG O 13 -9.96 132.79 -16.86
CA ARG O 13 -10.57 131.46 -16.76
C ARG O 13 -9.69 130.37 -17.32
N GLN O 14 -8.89 130.67 -18.35
CA GLN O 14 -7.92 129.70 -18.85
C GLN O 14 -6.82 129.42 -17.83
N TYR O 15 -6.59 130.35 -16.91
CA TYR O 15 -5.68 130.08 -15.80
C TYR O 15 -6.26 129.01 -14.87
N TYR O 16 -7.55 129.09 -14.58
CA TYR O 16 -8.13 128.14 -13.63
C TYR O 16 -8.35 126.77 -14.27
N LEU O 17 -8.98 126.74 -15.45
CA LEU O 17 -9.43 125.46 -15.99
C LEU O 17 -8.26 124.64 -16.53
N SER O 18 -7.15 125.29 -16.87
CA SER O 18 -5.94 124.52 -17.16
C SER O 18 -5.32 124.00 -15.87
N LYS O 19 -5.51 124.72 -14.76
CA LYS O 19 -4.92 124.30 -13.50
C LYS O 19 -5.67 123.12 -12.90
N ILE O 20 -7.00 123.11 -13.00
CA ILE O 20 -7.79 122.02 -12.44
C ILE O 20 -7.72 120.76 -13.30
N GLU O 21 -7.10 120.83 -14.47
CA GLU O 21 -7.00 119.66 -15.34
C GLU O 21 -6.10 118.59 -14.72
N GLU O 22 -4.88 118.96 -14.35
CA GLU O 22 -3.98 118.01 -13.72
C GLU O 22 -4.44 117.67 -12.30
N LEU O 23 -5.15 118.59 -11.65
CA LEU O 23 -5.75 118.27 -10.36
C LEU O 23 -6.87 117.26 -10.50
N GLN O 24 -7.50 117.20 -11.68
CA GLN O 24 -8.48 116.16 -11.94
C GLN O 24 -7.81 114.83 -12.31
N LEU O 25 -6.62 114.90 -12.92
CA LEU O 25 -5.93 113.69 -13.37
C LEU O 25 -5.40 112.87 -12.19
N ILE O 26 -4.87 113.54 -11.17
CA ILE O 26 -4.21 112.82 -10.08
C ILE O 26 -5.26 112.19 -9.17
N VAL O 27 -6.37 112.90 -8.94
CA VAL O 27 -7.49 112.35 -8.19
C VAL O 27 -8.09 111.15 -8.93
N ASN O 28 -8.13 111.23 -10.26
CA ASN O 28 -8.45 110.05 -11.07
C ASN O 28 -7.41 108.97 -10.93
N ASP O 29 -6.13 109.36 -10.80
CA ASP O 29 -5.04 108.38 -10.78
C ASP O 29 -4.97 107.64 -9.44
N LYS O 30 -5.15 108.36 -8.33
CA LYS O 30 -5.00 107.73 -7.02
C LYS O 30 -6.16 106.82 -6.70
N SER O 31 -7.34 107.05 -7.28
CA SER O 31 -8.49 106.20 -7.02
C SER O 31 -8.31 104.81 -7.61
N GLN O 32 -7.68 104.72 -8.78
CA GLN O 32 -7.26 103.43 -9.29
C GLN O 32 -6.18 102.81 -8.42
N ASN O 33 -5.33 103.66 -7.84
CA ASN O 33 -4.26 103.18 -6.96
C ASN O 33 -4.82 102.79 -5.60
N LEU O 34 -5.87 103.48 -5.14
CA LEU O 34 -6.37 103.23 -3.80
C LEU O 34 -7.11 101.90 -3.71
N ARG O 35 -8.05 101.66 -4.65
CA ARG O 35 -8.83 100.43 -4.64
C ARG O 35 -7.97 99.20 -4.92
N ARG O 36 -6.84 99.39 -5.59
CA ARG O 36 -5.85 98.34 -5.69
C ARG O 36 -5.24 98.03 -4.33
N LEU O 37 -4.89 99.07 -3.57
CA LEU O 37 -4.38 98.89 -2.21
C LEU O 37 -5.44 98.30 -1.29
N GLN O 38 -6.72 98.64 -1.53
CA GLN O 38 -7.82 98.08 -0.74
C GLN O 38 -7.87 96.57 -0.86
N ALA O 39 -7.89 96.05 -2.10
CA ALA O 39 -8.05 94.63 -2.33
C ALA O 39 -6.83 93.84 -1.88
N GLN O 40 -5.64 94.45 -1.96
CA GLN O 40 -4.44 93.78 -1.46
C GLN O 40 -4.46 93.66 0.06
N ARG O 41 -5.06 94.63 0.75
CA ARG O 41 -5.22 94.50 2.19
C ARG O 41 -6.31 93.49 2.54
N ASN O 42 -7.34 93.38 1.69
CA ASN O 42 -8.42 92.43 1.98
C ASN O 42 -7.96 91.00 1.81
N GLU O 43 -6.90 90.76 1.03
CA GLU O 43 -6.35 89.42 0.92
C GLU O 43 -5.63 89.02 2.20
N LEU O 44 -4.75 89.89 2.70
CA LEU O 44 -3.95 89.57 3.88
C LEU O 44 -4.80 89.50 5.14
N ASN O 45 -5.87 90.30 5.21
CA ASN O 45 -6.77 90.17 6.35
C ASN O 45 -7.57 88.87 6.27
N ALA O 46 -7.85 88.41 5.05
CA ALA O 46 -8.53 87.12 4.89
C ALA O 46 -7.62 85.96 5.24
N LYS O 47 -6.30 86.15 5.17
CA LYS O 47 -5.37 85.11 5.58
C LYS O 47 -5.28 85.04 7.10
N VAL O 48 -5.08 86.19 7.74
CA VAL O 48 -4.77 86.21 9.17
C VAL O 48 -6.00 85.85 9.99
N ARG O 49 -7.18 86.34 9.58
CA ARG O 49 -8.42 86.00 10.28
C ARG O 49 -8.76 84.52 10.15
N LEU O 50 -8.46 83.92 9.01
CA LEU O 50 -8.67 82.49 8.84
C LEU O 50 -7.65 81.69 9.65
N LEU O 51 -6.41 82.19 9.74
CA LEU O 51 -5.37 81.45 10.47
C LEU O 51 -5.56 81.54 11.97
N ARG O 52 -5.97 82.71 12.49
CA ARG O 52 -6.22 82.84 13.91
C ARG O 52 -7.46 82.06 14.34
N GLU O 53 -8.48 82.02 13.48
CA GLU O 53 -9.63 81.16 13.75
C GLU O 53 -9.24 79.69 13.67
N GLU O 54 -8.30 79.34 12.80
CA GLU O 54 -7.80 77.98 12.74
C GLU O 54 -7.00 77.63 13.99
N LEU O 55 -6.33 78.60 14.61
CA LEU O 55 -5.47 78.29 15.74
C LEU O 55 -6.27 78.15 17.03
N GLN O 56 -7.37 78.89 17.16
CA GLN O 56 -8.14 78.87 18.40
C GLN O 56 -8.95 77.59 18.54
N LEU O 57 -9.51 77.10 17.43
CA LEU O 57 -10.34 75.89 17.47
C LEU O 57 -9.51 74.63 17.70
N LEU O 58 -8.23 74.66 17.34
CA LEU O 58 -7.38 73.51 17.60
C LEU O 58 -6.93 73.47 19.06
N GLN O 59 -6.90 74.63 19.72
CA GLN O 59 -6.59 74.69 21.14
C GLN O 59 -7.84 74.38 21.94
N GLU O 60 -8.23 73.11 21.96
CA GLU O 60 -9.47 72.66 22.59
C GLU O 60 -9.40 71.16 22.86
N GLN O 61 -9.91 70.74 24.02
CA GLN O 61 -9.86 69.35 24.46
C GLN O 61 -10.61 68.43 23.49
N GLY O 62 -10.06 67.24 23.30
CA GLY O 62 -10.60 66.31 22.32
C GLY O 62 -11.85 65.59 22.79
N SER O 63 -12.49 64.92 21.84
CA SER O 63 -13.73 64.21 22.13
C SER O 63 -13.44 62.74 22.43
N TYR O 64 -14.46 62.07 22.96
CA TYR O 64 -14.41 60.64 23.25
C TYR O 64 -15.22 59.89 22.22
N VAL O 65 -14.78 58.69 21.90
CA VAL O 65 -15.51 57.79 21.00
C VAL O 65 -16.14 56.69 21.84
N GLY O 66 -17.40 56.39 21.57
CA GLY O 66 -18.11 55.36 22.30
C GLY O 66 -19.22 54.79 21.45
N GLU O 67 -19.43 53.49 21.60
CA GLU O 67 -20.41 52.77 20.79
C GLU O 67 -21.77 52.80 21.47
N VAL O 68 -22.79 53.15 20.71
CA VAL O 68 -24.16 53.18 21.23
C VAL O 68 -24.72 51.78 21.23
N VAL O 69 -25.19 51.32 22.37
CA VAL O 69 -25.88 50.03 22.43
C VAL O 69 -27.27 50.16 21.81
N ARG O 70 -28.13 50.97 22.42
CA ARG O 70 -29.45 51.32 21.93
C ARG O 70 -29.93 52.52 22.72
N ALA O 71 -30.92 53.20 22.19
CA ALA O 71 -31.34 54.48 22.75
C ALA O 71 -32.39 54.28 23.83
N MET O 72 -32.40 55.23 24.77
CA MET O 72 -33.49 55.38 25.72
C MET O 72 -34.53 56.30 25.10
N ASP O 73 -35.48 56.77 25.89
CA ASP O 73 -36.47 57.72 25.39
C ASP O 73 -36.05 59.11 25.83
N LYS O 74 -36.51 60.11 25.07
CA LYS O 74 -36.30 61.54 25.31
C LYS O 74 -34.82 61.91 25.34
N LYS O 75 -34.16 61.74 24.19
CA LYS O 75 -32.83 62.29 23.92
C LYS O 75 -31.76 61.69 24.82
N LYS O 76 -31.90 60.39 25.12
CA LYS O 76 -30.94 59.67 25.94
C LYS O 76 -30.59 58.35 25.27
N VAL O 77 -29.32 57.96 25.39
CA VAL O 77 -28.81 56.74 24.78
C VAL O 77 -28.09 55.92 25.84
N LEU O 78 -27.44 54.83 25.42
CA LEU O 78 -26.77 53.92 26.36
C LEU O 78 -25.43 53.53 25.75
N VAL O 79 -24.34 54.11 26.27
CA VAL O 79 -23.02 54.04 25.64
C VAL O 79 -21.97 53.59 26.65
N LYS O 80 -21.27 52.51 26.34
CA LYS O 80 -19.97 52.20 26.94
C LYS O 80 -18.90 52.79 26.03
N VAL O 81 -17.96 53.50 26.64
CA VAL O 81 -16.90 54.17 25.91
C VAL O 81 -15.92 53.20 25.29
N HIS O 82 -14.92 52.85 26.08
CA HIS O 82 -13.90 51.92 25.63
C HIS O 82 -13.39 51.20 26.85
N PRO O 83 -13.05 51.95 27.91
CA PRO O 83 -12.53 51.20 29.05
C PRO O 83 -13.27 51.47 30.35
N GLU O 84 -14.59 51.57 30.32
CA GLU O 84 -15.33 52.03 31.50
C GLU O 84 -16.68 51.34 31.51
N GLY O 85 -17.53 51.76 32.44
CA GLY O 85 -18.90 51.31 32.46
C GLY O 85 -19.73 52.00 31.42
N LYS O 86 -21.01 51.63 31.39
CA LYS O 86 -21.90 52.24 30.42
C LYS O 86 -22.41 53.58 30.95
N PHE O 87 -23.00 54.37 30.06
CA PHE O 87 -23.44 55.71 30.42
C PHE O 87 -24.74 56.05 29.70
N VAL O 88 -25.59 56.82 30.39
CA VAL O 88 -26.78 57.39 29.79
C VAL O 88 -26.57 58.88 29.71
N VAL O 89 -26.46 59.40 28.49
CA VAL O 89 -26.07 60.79 28.28
C VAL O 89 -27.13 61.52 27.49
N ASP O 90 -26.88 62.80 27.20
CA ASP O 90 -27.80 63.64 26.45
C ASP O 90 -27.22 63.93 25.07
N VAL O 91 -28.10 64.27 24.14
CA VAL O 91 -27.73 64.51 22.76
C VAL O 91 -27.52 66.01 22.57
N ASP O 92 -26.96 66.38 21.42
CA ASP O 92 -26.80 67.77 21.05
C ASP O 92 -28.04 68.23 20.27
N LYS O 93 -27.94 69.41 19.64
CA LYS O 93 -29.06 69.94 18.89
C LYS O 93 -29.20 69.25 17.53
N ASN O 94 -28.09 69.10 16.81
CA ASN O 94 -28.14 68.70 15.42
C ASN O 94 -28.41 67.21 15.23
N ILE O 95 -28.21 66.39 16.25
CA ILE O 95 -28.44 64.96 16.14
C ILE O 95 -29.80 64.63 16.76
N ASP O 96 -30.38 63.52 16.31
CA ASP O 96 -31.72 63.14 16.71
C ASP O 96 -31.74 61.70 17.17
N ILE O 97 -32.87 61.31 17.76
CA ILE O 97 -33.05 59.94 18.21
C ILE O 97 -33.16 59.00 17.02
N ASN O 98 -33.91 59.42 15.99
CA ASN O 98 -34.11 58.60 14.80
C ASN O 98 -32.85 58.44 13.97
N ASP O 99 -31.87 59.32 14.15
CA ASP O 99 -30.59 59.21 13.47
C ASP O 99 -29.67 58.20 14.13
N VAL O 100 -29.98 57.74 15.33
CA VAL O 100 -29.10 56.87 16.08
C VAL O 100 -29.22 55.45 15.55
N THR O 101 -28.15 54.94 14.98
CA THR O 101 -28.09 53.52 14.69
C THR O 101 -27.59 52.76 15.91
N PRO O 102 -28.15 51.60 16.21
CA PRO O 102 -27.54 50.73 17.21
C PRO O 102 -26.22 50.19 16.70
N ASN O 103 -25.29 49.99 17.63
CA ASN O 103 -23.90 49.59 17.37
C ASN O 103 -23.21 50.57 16.42
N CYS O 104 -23.31 51.86 16.77
CA CYS O 104 -22.68 52.94 16.01
C CYS O 104 -21.89 53.82 16.97
N ARG O 105 -20.74 54.30 16.51
CA ARG O 105 -19.90 55.15 17.34
C ARG O 105 -20.34 56.61 17.22
N VAL O 106 -20.17 57.34 18.31
CA VAL O 106 -20.49 58.76 18.37
C VAL O 106 -19.31 59.50 18.98
N ALA O 107 -19.31 60.82 18.79
CA ALA O 107 -18.33 61.68 19.43
C ALA O 107 -18.91 62.15 20.76
N LEU O 108 -18.17 61.92 21.84
CA LEU O 108 -18.62 62.28 23.18
C LEU O 108 -17.70 63.38 23.72
N ARG O 109 -18.30 64.49 24.14
CA ARG O 109 -17.53 65.57 24.74
C ARG O 109 -16.99 65.14 26.09
N ASN O 110 -15.73 65.47 26.36
CA ASN O 110 -15.18 65.24 27.69
C ASN O 110 -15.56 66.32 28.69
N ASP O 111 -16.32 67.32 28.25
CA ASP O 111 -16.74 68.42 29.10
C ASP O 111 -17.79 67.96 30.10
N SER O 112 -18.95 67.53 29.60
CA SER O 112 -20.05 67.13 30.47
C SER O 112 -20.65 65.80 30.04
N TYR O 113 -19.90 65.02 29.24
CA TYR O 113 -20.37 63.81 28.58
C TYR O 113 -21.63 64.07 27.78
N THR O 114 -21.58 65.11 26.95
CA THR O 114 -22.64 65.40 26.01
C THR O 114 -22.25 64.85 24.64
N LEU O 115 -23.26 64.39 23.90
CA LEU O 115 -22.99 63.87 22.56
C LEU O 115 -22.68 65.00 21.60
N HIS O 116 -21.79 64.72 20.67
CA HIS O 116 -21.27 65.74 19.77
C HIS O 116 -21.61 65.47 18.31
N LYS O 117 -21.30 64.28 17.81
CA LYS O 117 -21.51 63.97 16.40
C LYS O 117 -21.52 62.46 16.22
N ILE O 118 -22.41 61.98 15.35
CA ILE O 118 -22.41 60.58 14.94
C ILE O 118 -21.15 60.32 14.13
N LEU O 119 -20.38 59.31 14.52
CA LEU O 119 -19.14 59.00 13.83
C LEU O 119 -19.37 57.86 12.86
N PRO O 120 -19.19 58.08 11.56
CA PRO O 120 -19.30 56.98 10.59
C PRO O 120 -18.09 56.06 10.60
N ASN O 121 -18.04 55.18 9.60
CA ASN O 121 -16.94 54.23 9.37
C ASN O 121 -16.78 53.29 10.57
N LYS O 122 -17.80 52.44 10.71
CA LYS O 122 -17.98 51.57 11.87
C LYS O 122 -16.82 50.60 12.05
N VAL O 123 -16.75 50.02 13.26
CA VAL O 123 -15.64 49.19 13.73
C VAL O 123 -15.38 48.00 12.82
N ASP O 124 -14.20 48.00 12.19
CA ASP O 124 -13.83 46.97 11.20
C ASP O 124 -12.33 47.09 10.99
N PRO O 125 -11.52 46.33 11.73
CA PRO O 125 -10.07 46.49 11.61
C PRO O 125 -9.43 45.60 10.56
N LEU O 126 -10.26 44.99 9.71
CA LEU O 126 -9.73 43.97 8.82
C LEU O 126 -10.35 44.09 7.41
N VAL O 127 -10.69 45.31 7.00
CA VAL O 127 -11.02 45.59 5.61
C VAL O 127 -9.85 46.27 4.89
N SER O 128 -8.63 46.07 5.38
CA SER O 128 -7.45 46.40 4.58
C SER O 128 -7.35 45.49 3.37
N LEU O 129 -7.58 44.19 3.57
CA LEU O 129 -7.49 43.25 2.46
C LEU O 129 -8.70 43.37 1.54
N MET O 130 -9.86 43.66 2.10
CA MET O 130 -11.07 43.73 1.29
C MET O 130 -11.26 45.12 0.71
N MET O 131 -12.11 45.20 -0.32
CA MET O 131 -12.45 46.38 -1.12
C MET O 131 -11.23 47.22 -1.53
N VAL O 132 -10.44 46.66 -2.44
CA VAL O 132 -9.26 47.31 -3.02
C VAL O 132 -9.63 48.68 -3.58
N GLU O 133 -8.85 49.70 -3.19
CA GLU O 133 -9.18 51.08 -3.52
C GLU O 133 -9.00 51.37 -5.00
N LYS O 134 -7.81 51.08 -5.52
CA LYS O 134 -7.46 51.38 -6.90
C LYS O 134 -7.73 50.16 -7.78
N VAL O 135 -8.31 50.40 -8.96
CA VAL O 135 -8.31 49.38 -10.01
C VAL O 135 -7.76 50.02 -11.29
N PRO O 136 -6.43 50.18 -11.44
CA PRO O 136 -5.88 50.34 -12.79
C PRO O 136 -5.44 49.00 -13.35
N ASP O 137 -6.34 48.02 -13.26
CA ASP O 137 -6.02 46.64 -13.64
C ASP O 137 -6.14 46.46 -15.15
N SER O 138 -6.18 45.20 -15.59
CA SER O 138 -6.22 44.87 -17.01
C SER O 138 -7.59 45.26 -17.57
N THR O 139 -7.74 45.18 -18.89
CA THR O 139 -8.96 45.66 -19.53
C THR O 139 -9.89 44.48 -19.76
N TYR O 140 -10.97 44.75 -20.49
CA TYR O 140 -12.03 43.79 -20.72
C TYR O 140 -11.80 42.95 -21.97
N GLU O 141 -11.05 43.45 -22.94
CA GLU O 141 -10.97 42.83 -24.25
C GLU O 141 -9.73 42.00 -24.47
N MET O 142 -8.77 42.01 -23.53
CA MET O 142 -7.58 41.19 -23.67
C MET O 142 -7.76 39.77 -23.16
N ILE O 143 -9.00 39.34 -22.94
CA ILE O 143 -9.26 37.97 -22.52
C ILE O 143 -9.10 37.02 -23.71
N GLY O 144 -9.71 37.35 -24.83
CA GLY O 144 -9.38 36.73 -26.10
C GLY O 144 -9.77 35.28 -26.30
N GLY O 145 -11.06 35.00 -26.38
CA GLY O 145 -11.49 33.68 -26.81
C GLY O 145 -12.25 32.89 -25.77
N LEU O 146 -13.00 33.58 -24.91
CA LEU O 146 -13.83 32.94 -23.90
C LEU O 146 -15.23 33.50 -23.95
N ASP O 147 -15.72 33.79 -25.16
CA ASP O 147 -16.91 34.62 -25.32
C ASP O 147 -18.18 33.92 -24.85
N LYS O 148 -18.23 32.58 -24.96
CA LYS O 148 -19.33 31.84 -24.37
C LYS O 148 -19.31 31.97 -22.84
N GLN O 149 -18.12 31.95 -22.25
CA GLN O 149 -18.02 32.06 -20.80
C GLN O 149 -18.29 33.48 -20.33
N ILE O 150 -17.93 34.47 -21.14
CA ILE O 150 -18.04 35.86 -20.72
C ILE O 150 -19.49 36.32 -20.73
N LYS O 151 -20.25 35.94 -21.75
CA LYS O 151 -21.61 36.42 -21.90
C LYS O 151 -22.56 35.85 -20.85
N GLU O 152 -22.22 34.71 -20.27
CA GLU O 152 -23.03 34.16 -19.19
C GLU O 152 -22.88 34.98 -17.92
N ILE O 153 -21.72 35.60 -17.73
CA ILE O 153 -21.48 36.41 -16.54
C ILE O 153 -22.21 37.75 -16.63
N LYS O 154 -22.43 38.25 -17.85
CA LYS O 154 -23.29 39.40 -18.05
C LYS O 154 -24.72 39.12 -17.61
N GLU O 155 -25.19 37.89 -17.82
CA GLU O 155 -26.58 37.54 -17.51
C GLU O 155 -26.83 37.50 -16.02
N VAL O 156 -25.81 37.23 -15.23
CA VAL O 156 -25.98 37.00 -13.80
C VAL O 156 -25.54 38.19 -12.96
N ILE O 157 -24.69 39.07 -13.48
CA ILE O 157 -24.13 40.18 -12.72
C ILE O 157 -24.56 41.52 -13.27
N GLU O 158 -24.35 41.74 -14.57
CA GLU O 158 -24.70 43.03 -15.16
C GLU O 158 -26.20 43.23 -15.25
N LEU O 159 -26.89 42.27 -15.86
CA LEU O 159 -28.32 42.31 -16.12
C LEU O 159 -29.22 42.47 -14.88
N PRO O 160 -28.99 41.80 -13.74
CA PRO O 160 -29.84 42.11 -12.57
C PRO O 160 -29.56 43.46 -11.96
N VAL O 161 -28.33 43.96 -12.06
CA VAL O 161 -28.01 45.26 -11.50
C VAL O 161 -28.53 46.38 -12.39
N LYS O 162 -28.29 46.27 -13.70
CA LYS O 162 -28.68 47.33 -14.62
C LYS O 162 -30.19 47.38 -14.82
N HIS O 163 -30.82 46.22 -14.98
CA HIS O 163 -32.25 46.16 -15.29
C HIS O 163 -32.93 45.13 -14.39
N PRO O 164 -33.29 45.50 -13.17
CA PRO O 164 -34.01 44.55 -12.30
C PRO O 164 -35.47 44.37 -12.66
N GLU O 165 -36.04 45.29 -13.44
CA GLU O 165 -37.47 45.24 -13.72
C GLU O 165 -37.81 44.18 -14.77
N LEU O 166 -36.79 43.63 -15.44
CA LEU O 166 -37.03 42.53 -16.36
C LEU O 166 -37.42 41.27 -15.63
N PHE O 167 -36.75 40.96 -14.53
CA PHE O 167 -37.07 39.80 -13.72
C PHE O 167 -38.36 39.99 -12.94
N GLU O 168 -38.77 41.24 -12.72
CA GLU O 168 -40.10 41.51 -12.20
C GLU O 168 -41.17 41.11 -13.19
N ALA O 169 -41.04 41.56 -14.44
CA ALA O 169 -42.05 41.30 -15.46
C ALA O 169 -42.03 39.85 -15.90
N LEU O 170 -40.87 39.22 -15.90
CA LEU O 170 -40.81 37.82 -16.31
C LEU O 170 -41.27 36.89 -15.20
N GLY O 171 -41.09 37.28 -13.94
CA GLY O 171 -41.63 36.53 -12.83
C GLY O 171 -40.77 35.39 -12.32
N ILE O 172 -39.46 35.59 -12.22
CA ILE O 172 -38.56 34.61 -11.66
C ILE O 172 -37.64 35.30 -10.65
N ALA O 173 -37.02 34.49 -9.81
CA ALA O 173 -36.02 35.01 -8.88
C ALA O 173 -34.71 35.27 -9.62
N GLN O 174 -33.90 36.15 -9.04
CA GLN O 174 -32.70 36.46 -9.81
C GLN O 174 -31.51 35.64 -9.31
N PRO O 175 -30.61 35.22 -10.20
CA PRO O 175 -29.49 34.38 -9.76
C PRO O 175 -28.40 35.17 -9.07
N LYS O 176 -27.65 34.47 -8.23
CA LYS O 176 -26.59 35.11 -7.44
C LYS O 176 -25.32 34.29 -7.30
N GLY O 177 -25.25 33.07 -7.82
CA GLY O 177 -24.12 32.18 -7.58
C GLY O 177 -23.39 31.84 -8.87
N VAL O 178 -22.06 31.99 -8.84
CA VAL O 178 -21.20 31.75 -9.98
C VAL O 178 -20.04 30.86 -9.52
N LEU O 179 -19.79 29.77 -10.24
CA LEU O 179 -18.63 28.94 -10.01
C LEU O 179 -17.79 28.86 -11.29
N LEU O 180 -16.48 29.01 -11.13
CA LEU O 180 -15.54 28.99 -12.24
C LEU O 180 -14.56 27.85 -12.01
N TYR O 181 -14.42 26.97 -13.01
CA TYR O 181 -13.54 25.82 -12.81
C TYR O 181 -12.79 25.43 -14.08
N GLY O 182 -11.78 24.57 -13.92
CA GLY O 182 -11.00 24.09 -15.02
C GLY O 182 -9.56 23.78 -14.64
N PRO O 183 -8.76 23.37 -15.63
CA PRO O 183 -7.34 23.13 -15.39
C PRO O 183 -6.60 24.43 -15.12
N PRO O 184 -5.42 24.37 -14.48
CA PRO O 184 -4.73 25.62 -14.13
C PRO O 184 -4.18 26.34 -15.35
N GLY O 185 -4.23 27.66 -15.30
CA GLY O 185 -3.78 28.51 -16.39
C GLY O 185 -4.78 28.65 -17.52
N THR O 186 -6.03 28.97 -17.18
CA THR O 186 -7.06 29.08 -18.20
C THR O 186 -7.90 30.32 -17.95
N GLY O 187 -7.26 31.40 -17.53
CA GLY O 187 -7.93 32.68 -17.48
C GLY O 187 -8.96 32.86 -16.39
N LYS O 188 -8.75 32.25 -15.23
CA LYS O 188 -9.71 32.36 -14.15
C LYS O 188 -9.63 33.66 -13.38
N THR O 189 -8.45 34.29 -13.34
CA THR O 189 -8.26 35.44 -12.48
C THR O 189 -8.30 36.76 -13.25
N LEU O 190 -8.04 36.72 -14.57
CA LEU O 190 -8.25 37.90 -15.40
C LEU O 190 -9.71 38.30 -15.39
N LEU O 191 -10.58 37.30 -15.53
CA LEU O 191 -12.01 37.50 -15.58
C LEU O 191 -12.56 38.04 -14.27
N ALA O 192 -11.88 37.78 -13.16
CA ALA O 192 -12.18 38.54 -11.94
C ALA O 192 -11.72 39.98 -12.07
N ARG O 193 -10.51 40.20 -12.59
CA ARG O 193 -9.98 41.55 -12.67
C ARG O 193 -10.60 42.34 -13.82
N ALA O 194 -11.07 41.66 -14.86
CA ALA O 194 -11.73 42.36 -15.95
C ALA O 194 -13.11 42.86 -15.53
N VAL O 195 -13.83 42.06 -14.74
CA VAL O 195 -15.11 42.51 -14.18
C VAL O 195 -14.88 43.65 -13.21
N ALA O 196 -13.84 43.54 -12.37
CA ALA O 196 -13.57 44.56 -11.35
C ALA O 196 -13.13 45.88 -11.96
N HIS O 197 -12.67 45.88 -13.20
CA HIS O 197 -12.30 47.12 -13.87
C HIS O 197 -13.52 47.83 -14.44
N HIS O 198 -14.63 47.12 -14.64
CA HIS O 198 -15.78 47.66 -15.36
C HIS O 198 -17.09 47.49 -14.60
N THR O 199 -17.04 47.23 -13.30
CA THR O 199 -18.24 46.81 -12.60
C THR O 199 -19.19 47.97 -12.28
N ASP O 200 -18.65 49.19 -12.10
CA ASP O 200 -19.38 50.36 -11.60
C ASP O 200 -20.11 50.01 -10.30
N CYS O 201 -19.39 49.37 -9.39
CA CYS O 201 -20.00 48.78 -8.21
C CYS O 201 -18.91 48.51 -7.18
N THR O 202 -19.33 48.12 -5.99
CA THR O 202 -18.39 47.77 -4.93
C THR O 202 -17.85 46.37 -5.16
N PHE O 203 -16.53 46.22 -5.08
CA PHE O 203 -15.87 44.95 -5.33
C PHE O 203 -15.09 44.55 -4.09
N ILE O 204 -15.47 43.43 -3.48
CA ILE O 204 -14.90 42.99 -2.21
C ILE O 204 -14.06 41.74 -2.44
N ARG O 205 -12.74 41.86 -2.32
CA ARG O 205 -11.85 40.75 -2.60
C ARG O 205 -11.57 39.96 -1.33
N VAL O 206 -11.93 38.68 -1.32
CA VAL O 206 -11.63 37.80 -0.20
C VAL O 206 -10.85 36.60 -0.70
N SER O 207 -9.59 36.48 -0.31
CA SER O 207 -8.89 35.23 -0.61
C SER O 207 -9.39 34.14 0.34
N GLY O 208 -9.32 32.91 -0.13
CA GLY O 208 -10.02 31.85 0.58
C GLY O 208 -9.25 31.15 1.67
N SER O 209 -8.37 31.87 2.38
CA SER O 209 -7.58 31.19 3.40
C SER O 209 -7.30 32.00 4.66
N GLU O 210 -7.83 33.21 4.78
CA GLU O 210 -7.58 34.02 5.98
C GLU O 210 -8.74 33.95 6.97
N LEU O 211 -9.56 32.91 6.90
CA LEU O 211 -10.75 32.84 7.73
C LEU O 211 -10.53 31.83 8.84
N VAL O 212 -9.29 31.70 9.31
CA VAL O 212 -9.00 30.73 10.33
C VAL O 212 -8.34 31.37 11.52
N GLN O 213 -7.58 32.42 11.22
CA GLN O 213 -6.86 33.18 12.23
C GLN O 213 -6.05 32.26 13.14
N LYS O 214 -6.50 32.17 14.39
CA LYS O 214 -5.85 31.36 15.43
C LYS O 214 -6.67 31.04 16.69
N PHE O 215 -7.78 31.73 16.88
CA PHE O 215 -8.62 31.53 18.06
C PHE O 215 -10.00 31.13 17.60
N ILE O 216 -10.61 30.16 18.28
CA ILE O 216 -11.86 29.60 17.80
C ILE O 216 -13.01 30.57 18.08
N GLY O 217 -13.86 30.74 17.08
CA GLY O 217 -15.03 31.58 17.22
C GLY O 217 -14.82 32.93 16.60
N GLU O 218 -13.67 33.55 16.85
CA GLU O 218 -13.35 34.78 16.15
C GLU O 218 -12.79 34.52 14.77
N GLY O 219 -12.26 33.33 14.53
CA GLY O 219 -11.93 32.91 13.20
C GLY O 219 -13.13 32.68 12.31
N ALA O 220 -14.31 32.53 12.91
CA ALA O 220 -15.54 32.41 12.15
C ALA O 220 -16.27 33.74 11.98
N ARG O 221 -16.59 34.43 13.09
CA ARG O 221 -17.56 35.51 13.13
C ARG O 221 -17.25 36.70 12.23
N MET O 222 -15.98 36.88 11.82
CA MET O 222 -15.67 37.96 10.90
C MET O 222 -16.21 37.70 9.50
N VAL O 223 -16.49 36.44 9.16
CA VAL O 223 -17.23 36.13 7.94
C VAL O 223 -18.65 36.67 8.04
N ARG O 224 -19.25 36.55 9.22
CA ARG O 224 -20.55 37.18 9.45
C ARG O 224 -20.42 38.69 9.47
N GLU O 225 -19.28 39.20 9.94
CA GLU O 225 -19.04 40.64 9.89
C GLU O 225 -18.60 41.10 8.51
N LEU O 226 -18.09 40.17 7.69
CA LEU O 226 -17.76 40.50 6.30
C LEU O 226 -19.01 40.82 5.50
N PHE O 227 -19.97 39.90 5.49
CA PHE O 227 -21.11 40.04 4.60
C PHE O 227 -22.06 41.13 5.08
N VAL O 228 -22.10 41.39 6.40
CA VAL O 228 -22.96 42.46 6.88
C VAL O 228 -22.32 43.83 6.60
N MET O 229 -21.02 43.87 6.34
CA MET O 229 -20.41 45.10 5.86
C MET O 229 -20.72 45.32 4.39
N ALA O 230 -21.04 44.26 3.65
CA ALA O 230 -21.46 44.41 2.26
C ALA O 230 -22.86 44.98 2.14
N ARG O 231 -23.66 44.97 3.21
CA ARG O 231 -24.94 45.65 3.18
C ARG O 231 -24.79 47.17 3.16
N GLU O 232 -23.64 47.68 3.63
CA GLU O 232 -23.40 49.12 3.62
C GLU O 232 -23.28 49.66 2.20
N HIS O 233 -22.44 49.02 1.40
CA HIS O 233 -22.33 49.34 -0.02
C HIS O 233 -23.30 48.39 -0.72
N ALA O 234 -24.54 48.87 -0.88
CA ALA O 234 -25.67 47.95 -1.05
C ALA O 234 -25.66 47.15 -2.35
N PRO O 235 -25.16 47.63 -3.49
CA PRO O 235 -24.74 46.68 -4.52
C PRO O 235 -23.28 46.32 -4.30
N SER O 236 -22.97 45.03 -4.40
CA SER O 236 -21.60 44.59 -4.20
C SER O 236 -21.36 43.27 -4.89
N ILE O 237 -20.09 43.00 -5.18
CA ILE O 237 -19.64 41.71 -5.70
C ILE O 237 -18.48 41.25 -4.80
N ILE O 238 -18.62 40.05 -4.24
CA ILE O 238 -17.61 39.45 -3.39
C ILE O 238 -17.01 38.27 -4.11
N PHE O 239 -15.69 38.15 -4.08
CA PHE O 239 -14.98 37.16 -4.88
C PHE O 239 -14.19 36.22 -3.98
N MET O 240 -14.13 34.94 -4.38
CA MET O 240 -13.40 33.90 -3.65
C MET O 240 -12.16 33.51 -4.44
N ASP O 241 -11.02 33.47 -3.75
CA ASP O 241 -9.80 32.91 -4.32
C ASP O 241 -9.65 31.46 -3.88
N GLU O 242 -9.74 30.54 -4.85
CA GLU O 242 -9.19 29.19 -4.76
C GLU O 242 -9.77 28.38 -3.60
N ILE O 243 -11.04 28.02 -3.74
CA ILE O 243 -11.70 27.20 -2.72
C ILE O 243 -11.32 25.77 -3.03
N ASP O 244 -10.09 25.41 -2.65
CA ASP O 244 -9.66 24.05 -2.39
C ASP O 244 -9.28 23.96 -0.93
N SER O 245 -9.24 25.11 -0.26
CA SER O 245 -9.25 25.35 1.18
C SER O 245 -10.68 25.20 1.69
N ILE O 246 -11.00 25.92 2.76
CA ILE O 246 -12.26 25.88 3.51
C ILE O 246 -13.47 25.85 2.59
N GLY O 247 -14.27 24.80 2.71
CA GLY O 247 -15.29 24.50 1.73
C GLY O 247 -15.07 23.15 1.07
N SER O 248 -14.18 22.34 1.62
CA SER O 248 -13.84 21.07 1.00
C SER O 248 -14.86 19.97 1.32
N SER O 249 -14.93 19.54 2.58
CA SER O 249 -15.77 18.39 2.90
C SER O 249 -16.00 18.30 4.39
N ARG O 250 -17.25 18.03 4.77
CA ARG O 250 -17.56 17.68 6.14
C ARG O 250 -17.08 16.26 6.39
N LEU O 251 -15.93 16.13 7.04
CA LEU O 251 -15.43 14.81 7.42
C LEU O 251 -15.99 14.37 8.75
N GLU O 252 -15.44 13.32 9.32
CA GLU O 252 -15.92 12.72 10.55
C GLU O 252 -15.45 13.54 11.75
N GLY O 253 -15.80 13.06 12.93
CA GLY O 253 -15.28 13.59 14.17
C GLY O 253 -13.95 12.98 14.50
N GLY O 254 -13.74 12.72 15.79
CA GLY O 254 -12.47 12.15 16.22
C GLY O 254 -11.37 13.19 16.16
N SER O 255 -10.13 12.72 16.27
CA SER O 255 -8.97 13.58 16.07
C SER O 255 -8.53 13.54 14.61
N GLY O 256 -9.52 13.79 13.74
CA GLY O 256 -9.29 13.80 12.31
C GLY O 256 -10.26 14.75 11.65
N GLY O 257 -10.00 15.02 10.38
CA GLY O 257 -10.67 16.12 9.71
C GLY O 257 -10.27 17.42 10.38
N ASP O 258 -11.22 18.36 10.43
CA ASP O 258 -11.07 19.54 11.27
C ASP O 258 -12.46 20.08 11.57
N SER O 259 -12.67 20.47 12.82
CA SER O 259 -13.92 21.12 13.15
C SER O 259 -13.94 22.58 12.71
N GLU O 260 -12.85 23.31 12.95
CA GLU O 260 -12.87 24.77 12.83
C GLU O 260 -12.95 25.21 11.38
N VAL O 261 -12.40 24.41 10.46
CA VAL O 261 -12.61 24.64 9.03
C VAL O 261 -14.09 24.52 8.69
N GLN O 262 -14.77 23.55 9.31
CA GLN O 262 -16.21 23.41 9.10
C GLN O 262 -16.98 24.52 9.78
N ARG O 263 -16.49 24.98 10.95
CA ARG O 263 -17.17 26.03 11.70
C ARG O 263 -17.25 27.33 10.90
N THR O 264 -16.18 27.62 10.16
CA THR O 264 -16.21 28.78 9.27
C THR O 264 -17.08 28.51 8.04
N MET O 265 -17.03 27.28 7.52
CA MET O 265 -17.75 26.93 6.31
C MET O 265 -19.26 26.99 6.48
N LEU O 266 -19.76 26.62 7.66
CA LEU O 266 -21.18 26.66 7.91
C LEU O 266 -21.72 28.09 7.91
N GLU O 267 -20.88 29.06 8.26
CA GLU O 267 -21.33 30.45 8.20
C GLU O 267 -21.41 30.96 6.77
N LEU O 268 -20.47 30.53 5.91
CA LEU O 268 -20.57 30.82 4.48
C LEU O 268 -21.78 30.13 3.88
N LEU O 269 -22.13 28.98 4.43
CA LEU O 269 -23.26 28.17 4.01
C LEU O 269 -24.59 28.82 4.40
N ASN O 270 -24.55 29.86 5.23
CA ASN O 270 -25.77 30.36 5.86
C ASN O 270 -25.99 31.86 5.80
N GLN O 271 -24.95 32.67 5.59
CA GLN O 271 -25.23 34.10 5.53
C GLN O 271 -25.86 34.48 4.20
N LEU O 272 -25.72 33.65 3.18
CA LEU O 272 -26.43 33.84 1.92
C LEU O 272 -27.65 32.92 1.77
N ASP O 273 -27.85 31.97 2.70
CA ASP O 273 -29.01 31.08 2.59
C ASP O 273 -29.64 30.79 3.96
N GLY O 274 -29.64 31.75 4.86
CA GLY O 274 -30.23 31.51 6.17
C GLY O 274 -31.69 31.88 6.26
N PHE O 275 -32.11 32.31 7.44
CA PHE O 275 -33.45 32.83 7.63
C PHE O 275 -33.70 34.11 6.85
N GLU O 276 -32.67 34.93 6.69
CA GLU O 276 -32.78 36.22 6.00
C GLU O 276 -32.06 36.12 4.67
N ALA O 277 -32.83 36.20 3.58
CA ALA O 277 -32.25 36.19 2.25
C ALA O 277 -31.72 37.58 1.90
N THR O 278 -30.49 37.64 1.41
CA THR O 278 -29.87 38.91 1.07
C THR O 278 -30.23 39.29 -0.37
N LYS O 279 -30.09 40.56 -0.69
CA LYS O 279 -30.35 41.08 -2.02
C LYS O 279 -29.18 41.95 -2.46
N ASN O 280 -28.98 42.04 -3.78
CA ASN O 280 -27.99 42.90 -4.45
C ASN O 280 -26.55 42.59 -4.04
N ILE O 281 -26.30 41.37 -3.58
CA ILE O 281 -24.96 40.91 -3.26
C ILE O 281 -24.72 39.62 -4.02
N LYS O 282 -23.67 39.59 -4.83
CA LYS O 282 -23.39 38.46 -5.71
C LYS O 282 -22.00 37.92 -5.39
N VAL O 283 -21.86 36.60 -5.43
CA VAL O 283 -20.61 35.93 -5.12
C VAL O 283 -20.08 35.24 -6.36
N ILE O 284 -18.75 35.18 -6.47
CA ILE O 284 -18.07 34.47 -7.53
C ILE O 284 -17.00 33.60 -6.88
N MET O 285 -17.04 32.31 -7.16
CA MET O 285 -16.08 31.36 -6.59
C MET O 285 -15.32 30.70 -7.74
N ALA O 286 -14.01 30.56 -7.58
CA ALA O 286 -13.16 30.06 -8.66
C ALA O 286 -12.08 29.17 -8.09
N THR O 287 -12.02 27.94 -8.58
CA THR O 287 -11.07 26.92 -8.14
C THR O 287 -11.09 25.78 -9.13
N ASN O 288 -10.08 24.92 -9.03
CA ASN O 288 -10.13 23.61 -9.67
C ASN O 288 -10.69 22.60 -8.67
N ARG O 289 -10.56 21.31 -8.99
CA ARG O 289 -10.92 20.18 -8.13
C ARG O 289 -12.41 20.20 -7.76
N ILE O 290 -13.21 19.98 -8.82
CA ILE O 290 -14.65 20.18 -8.76
C ILE O 290 -15.34 19.15 -7.86
N ASP O 291 -14.85 17.93 -7.82
CA ASP O 291 -15.55 16.86 -7.13
C ASP O 291 -15.25 16.81 -5.64
N ILE O 292 -14.31 17.60 -5.14
CA ILE O 292 -13.93 17.50 -3.73
C ILE O 292 -14.33 18.72 -2.92
N LEU O 293 -15.11 19.64 -3.47
CA LEU O 293 -15.77 20.60 -2.60
C LEU O 293 -17.17 20.10 -2.28
N ASP O 294 -17.71 20.60 -1.15
CA ASP O 294 -18.79 19.93 -0.45
C ASP O 294 -20.12 20.08 -1.18
N SER O 295 -20.95 19.05 -1.08
CA SER O 295 -22.24 19.01 -1.75
C SER O 295 -23.35 19.62 -0.89
N ALA O 296 -23.08 20.79 -0.32
CA ALA O 296 -24.09 21.60 0.31
C ALA O 296 -24.04 23.05 -0.13
N LEU O 297 -22.90 23.51 -0.63
CA LEU O 297 -22.80 24.78 -1.32
C LEU O 297 -22.78 24.61 -2.84
N LEU O 298 -22.69 23.38 -3.33
CA LEU O 298 -22.84 23.12 -4.75
C LEU O 298 -24.31 22.99 -5.16
N ARG O 299 -25.25 23.02 -4.22
CA ARG O 299 -26.64 22.87 -4.57
C ARG O 299 -27.15 24.15 -5.23
N PRO O 300 -28.04 24.02 -6.22
CA PRO O 300 -28.41 25.18 -7.06
C PRO O 300 -29.26 26.22 -6.36
N GLY O 301 -29.56 26.08 -5.07
CA GLY O 301 -29.99 27.23 -4.31
C GLY O 301 -28.85 28.18 -4.01
N ARG O 302 -27.63 27.69 -3.97
CA ARG O 302 -26.46 28.50 -3.62
C ARG O 302 -25.76 29.05 -4.87
N ILE O 303 -25.26 28.15 -5.70
CA ILE O 303 -24.50 28.53 -6.89
C ILE O 303 -25.32 28.15 -8.11
N ASP O 304 -25.63 29.16 -8.92
CA ASP O 304 -26.55 29.01 -10.04
C ASP O 304 -25.82 28.76 -11.36
N ARG O 305 -24.59 29.24 -11.50
CA ARG O 305 -23.85 29.14 -12.74
C ARG O 305 -22.54 28.42 -12.45
N LYS O 306 -22.35 27.27 -13.09
CA LYS O 306 -21.07 26.57 -13.06
C LYS O 306 -20.46 26.61 -14.44
N ILE O 307 -19.29 27.23 -14.55
CA ILE O 307 -18.69 27.62 -15.82
C ILE O 307 -17.32 26.98 -15.94
N GLU O 308 -17.15 26.15 -16.96
CA GLU O 308 -15.87 25.50 -17.20
C GLU O 308 -14.90 26.44 -17.90
N PHE O 309 -13.65 26.01 -18.00
CA PHE O 309 -12.63 26.69 -18.78
C PHE O 309 -11.74 25.64 -19.42
N PRO O 310 -12.12 25.13 -20.59
CA PRO O 310 -11.31 24.12 -21.26
C PRO O 310 -10.07 24.75 -21.86
N PRO O 311 -9.02 23.96 -22.12
CA PRO O 311 -7.86 24.48 -22.84
C PRO O 311 -8.24 24.90 -24.25
N PRO O 312 -7.66 25.98 -24.75
CA PRO O 312 -8.20 26.63 -25.95
C PRO O 312 -7.92 25.85 -27.23
N ASN O 313 -8.76 26.12 -28.22
CA ASN O 313 -8.64 25.49 -29.52
C ASN O 313 -7.53 26.15 -30.33
N GLU O 314 -7.25 25.57 -31.50
CA GLU O 314 -6.24 26.11 -32.40
C GLU O 314 -6.65 27.47 -32.94
N GLU O 315 -7.94 27.68 -33.17
CA GLU O 315 -8.42 29.02 -33.50
C GLU O 315 -8.34 29.94 -32.29
N ALA O 316 -8.47 29.40 -31.09
CA ALA O 316 -8.42 30.20 -29.88
C ALA O 316 -7.01 30.42 -29.37
N ARG O 317 -6.08 29.48 -29.65
CA ARG O 317 -4.68 29.72 -29.29
C ARG O 317 -4.07 30.82 -30.17
N LEU O 318 -4.62 31.03 -31.36
CA LEU O 318 -4.14 32.11 -32.22
C LEU O 318 -4.47 33.47 -31.63
N ASP O 319 -5.67 33.62 -31.06
CA ASP O 319 -6.11 34.92 -30.57
C ASP O 319 -5.40 35.30 -29.28
N ILE O 320 -5.09 34.30 -28.44
CA ILE O 320 -4.30 34.55 -27.24
C ILE O 320 -2.88 34.96 -27.63
N LEU O 321 -2.36 34.36 -28.70
CA LEU O 321 -1.02 34.69 -29.17
C LEU O 321 -0.96 36.10 -29.75
N LYS O 322 -2.06 36.59 -30.32
CA LYS O 322 -2.06 37.93 -30.89
C LYS O 322 -2.08 39.01 -29.83
N ILE O 323 -2.61 38.72 -28.64
CA ILE O 323 -2.72 39.74 -27.61
C ILE O 323 -1.36 40.02 -26.98
N HIS O 324 -0.60 38.97 -26.67
CA HIS O 324 0.67 39.16 -25.99
C HIS O 324 1.82 39.46 -26.95
N SER O 325 1.64 39.19 -28.24
CA SER O 325 2.61 39.61 -29.25
C SER O 325 2.23 40.92 -29.89
N ARG O 326 1.28 41.65 -29.29
CA ARG O 326 0.89 42.96 -29.80
C ARG O 326 2.01 43.97 -29.66
N LYS O 327 2.46 44.20 -28.43
CA LYS O 327 3.60 45.10 -28.20
C LYS O 327 4.92 44.47 -28.61
N MET O 328 4.98 43.16 -28.77
CA MET O 328 6.15 42.54 -29.36
C MET O 328 6.24 42.91 -30.83
N ASN O 329 7.47 43.01 -31.31
CA ASN O 329 7.74 43.60 -32.61
C ASN O 329 8.34 42.51 -33.50
N LEU O 330 7.54 42.03 -34.44
CA LEU O 330 7.94 40.96 -35.33
C LEU O 330 8.41 41.56 -36.66
N THR O 331 9.26 40.82 -37.37
CA THR O 331 9.83 41.43 -38.56
C THR O 331 8.91 41.30 -39.77
N ARG O 332 8.85 40.09 -40.36
CA ARG O 332 8.14 39.70 -41.57
C ARG O 332 8.36 38.21 -41.78
N GLY O 333 7.66 37.62 -42.74
CA GLY O 333 7.85 36.22 -43.11
C GLY O 333 7.56 35.24 -41.99
N ILE O 334 6.63 35.58 -41.11
CA ILE O 334 6.41 34.87 -39.86
C ILE O 334 4.94 34.51 -39.77
N ASN O 335 4.65 33.28 -39.38
CA ASN O 335 3.29 32.76 -39.35
C ASN O 335 2.95 32.32 -37.94
N LEU O 336 1.96 32.99 -37.34
CA LEU O 336 1.55 32.61 -36.00
C LEU O 336 0.68 31.36 -36.00
N ARG O 337 0.01 31.07 -37.11
CA ARG O 337 -0.82 29.88 -37.19
C ARG O 337 0.00 28.61 -37.21
N LYS O 338 1.19 28.65 -37.81
CA LYS O 338 2.09 27.51 -37.74
C LYS O 338 2.58 27.29 -36.31
N ILE O 339 2.86 28.38 -35.60
CA ILE O 339 3.31 28.29 -34.22
C ILE O 339 2.15 27.85 -33.33
N ALA O 340 0.92 28.26 -33.67
CA ALA O 340 -0.24 27.85 -32.89
C ALA O 340 -0.54 26.36 -33.07
N GLU O 341 -0.16 25.79 -34.21
CA GLU O 341 -0.30 24.36 -34.42
C GLU O 341 0.82 23.55 -33.77
N LEU O 342 1.85 24.22 -33.26
CA LEU O 342 2.92 23.54 -32.53
C LEU O 342 2.60 23.30 -31.07
N MET O 343 1.36 23.57 -30.65
CA MET O 343 0.94 23.41 -29.25
C MET O 343 -0.20 22.42 -29.22
N PRO O 344 0.08 21.13 -29.11
CA PRO O 344 -1.01 20.14 -29.00
C PRO O 344 -1.65 20.15 -27.61
N GLY O 345 -2.54 21.10 -27.40
CA GLY O 345 -3.23 21.22 -26.14
C GLY O 345 -2.48 22.02 -25.09
N ALA O 346 -2.14 23.26 -25.43
CA ALA O 346 -1.50 24.14 -24.47
C ALA O 346 -2.51 24.68 -23.48
N SER O 347 -2.00 25.23 -22.38
CA SER O 347 -2.89 25.76 -21.34
C SER O 347 -3.49 27.09 -21.75
N GLY O 348 -2.71 27.93 -22.43
CA GLY O 348 -3.15 29.26 -22.78
C GLY O 348 -2.39 30.29 -21.99
N ALA O 349 -2.18 30.01 -20.70
CA ALA O 349 -1.32 30.87 -19.91
C ALA O 349 0.15 30.68 -20.25
N GLU O 350 0.51 29.53 -20.81
CA GLU O 350 1.88 29.28 -21.23
C GLU O 350 2.16 29.79 -22.63
N VAL O 351 1.17 30.43 -23.27
CA VAL O 351 1.44 31.17 -24.50
C VAL O 351 2.29 32.39 -24.18
N LYS O 352 2.07 33.01 -23.01
CA LYS O 352 2.94 34.08 -22.55
C LYS O 352 4.36 33.62 -22.34
N GLY O 353 4.54 32.40 -21.81
CA GLY O 353 5.88 31.87 -21.62
C GLY O 353 6.63 31.67 -22.92
N VAL O 354 5.91 31.38 -23.99
CA VAL O 354 6.52 31.40 -25.32
C VAL O 354 6.87 32.82 -25.72
N CYS O 355 5.96 33.77 -25.46
CA CYS O 355 6.17 35.14 -25.86
C CYS O 355 7.29 35.81 -25.09
N THR O 356 7.48 35.47 -23.81
CA THR O 356 8.57 36.07 -23.06
C THR O 356 9.91 35.46 -23.43
N GLU O 357 9.97 34.14 -23.60
CA GLU O 357 11.25 33.49 -23.85
C GLU O 357 11.73 33.71 -25.28
N ALA O 358 10.81 33.92 -26.23
CA ALA O 358 11.23 34.24 -27.59
C ALA O 358 11.84 35.63 -27.65
N GLY O 359 11.23 36.60 -26.96
CA GLY O 359 11.81 37.92 -26.86
C GLY O 359 13.04 37.96 -25.99
N MET O 360 13.22 36.96 -25.13
CA MET O 360 14.42 36.89 -24.31
C MET O 360 15.65 36.51 -25.13
N TYR O 361 15.45 35.73 -26.19
CA TYR O 361 16.55 35.36 -27.08
C TYR O 361 17.13 36.57 -27.79
N ALA O 362 16.29 37.55 -28.11
CA ALA O 362 16.79 38.78 -28.70
C ALA O 362 17.51 39.65 -27.69
N LEU O 363 17.19 39.53 -26.41
CA LEU O 363 17.82 40.37 -25.39
C LEU O 363 19.27 39.98 -25.17
N ARG O 364 19.56 38.69 -25.17
CA ARG O 364 20.95 38.25 -25.02
C ARG O 364 21.78 38.48 -26.27
N GLU O 365 21.15 38.80 -27.40
CA GLU O 365 21.85 39.12 -28.62
C GLU O 365 22.00 40.62 -28.84
N ARG O 366 21.53 41.43 -27.88
CA ARG O 366 21.46 42.90 -28.00
C ARG O 366 20.70 43.31 -29.26
N ARG O 367 19.57 42.66 -29.49
CA ARG O 367 18.80 42.81 -30.71
C ARG O 367 17.35 43.08 -30.32
N VAL O 368 16.65 43.83 -31.17
CA VAL O 368 15.21 44.00 -31.03
C VAL O 368 14.42 43.18 -32.03
N HIS O 369 15.05 42.62 -33.06
CA HIS O 369 14.34 41.88 -34.07
C HIS O 369 14.06 40.46 -33.63
N VAL O 370 12.82 40.03 -33.82
CA VAL O 370 12.37 38.70 -33.41
C VAL O 370 11.92 37.95 -34.65
N THR O 371 12.57 36.83 -34.92
CA THR O 371 12.26 36.00 -36.08
C THR O 371 11.38 34.83 -35.67
N GLN O 372 10.99 34.05 -36.68
CA GLN O 372 10.20 32.84 -36.42
C GLN O 372 11.05 31.75 -35.79
N GLU O 373 12.37 31.78 -36.05
CA GLU O 373 13.28 30.83 -35.43
C GLU O 373 13.37 31.01 -33.92
N ASP O 374 13.14 32.25 -33.44
CA ASP O 374 13.16 32.51 -32.01
C ASP O 374 11.98 31.84 -31.30
N PHE O 375 10.84 31.74 -31.98
CA PHE O 375 9.68 31.09 -31.37
C PHE O 375 9.84 29.58 -31.35
N GLU O 376 10.37 29.01 -32.44
CA GLU O 376 10.45 27.55 -32.56
C GLU O 376 11.45 26.96 -31.58
N MET O 377 12.48 27.72 -31.21
CA MET O 377 13.32 27.31 -30.09
C MET O 377 12.63 27.50 -28.75
N ALA O 378 11.71 28.47 -28.66
CA ALA O 378 11.01 28.72 -27.40
C ALA O 378 9.87 27.75 -27.15
N VAL O 379 9.39 27.07 -28.19
CA VAL O 379 8.36 26.06 -28.00
C VAL O 379 8.92 24.86 -27.26
N ALA O 380 10.11 24.39 -27.66
CA ALA O 380 10.72 23.24 -26.99
C ALA O 380 11.21 23.60 -25.59
N LYS O 381 11.45 24.88 -25.32
CA LYS O 381 11.89 25.26 -23.98
C LYS O 381 10.72 25.28 -23.00
N VAL O 382 9.59 25.85 -23.40
CA VAL O 382 8.45 25.96 -22.49
C VAL O 382 7.76 24.63 -22.34
N MET O 383 7.45 23.98 -23.45
CA MET O 383 6.78 22.68 -23.40
C MET O 383 7.75 21.60 -22.95
N GLN O 384 7.35 20.85 -21.93
CA GLN O 384 8.16 19.77 -21.39
C GLN O 384 7.28 18.54 -21.23
N LYS O 385 7.81 17.52 -20.56
CA LYS O 385 7.09 16.29 -20.30
C LYS O 385 7.39 15.83 -18.88
N ASP O 386 6.66 14.82 -18.44
CA ASP O 386 6.95 14.20 -17.16
C ASP O 386 8.22 13.36 -17.21
N SER O 387 8.52 12.76 -18.37
CA SER O 387 9.69 11.93 -18.62
C SER O 387 9.75 10.74 -17.66
N GLU O 388 8.72 9.90 -17.75
CA GLU O 388 8.59 8.73 -16.89
C GLU O 388 9.63 7.68 -17.25
N LYS O 389 10.65 7.54 -16.40
CA LYS O 389 11.77 6.66 -16.69
C LYS O 389 11.46 5.23 -16.29
N ASN O 390 12.39 4.34 -16.68
CA ASN O 390 12.67 2.93 -16.41
C ASN O 390 11.70 1.96 -17.07
N MET O 391 10.54 2.41 -17.52
CA MET O 391 9.58 1.72 -18.39
C MET O 391 8.95 0.47 -17.76
N SER O 392 9.44 0.06 -16.59
CA SER O 392 8.95 -1.13 -15.90
C SER O 392 7.61 -0.80 -15.28
N ILE O 393 7.45 0.46 -14.88
CA ILE O 393 6.16 0.93 -14.39
C ILE O 393 5.14 0.92 -15.53
N LYS O 394 5.59 1.24 -16.75
CA LYS O 394 4.69 1.27 -17.89
C LYS O 394 4.24 -0.13 -18.29
N LYS O 395 5.13 -1.11 -18.14
CA LYS O 395 4.84 -2.43 -18.69
C LYS O 395 4.35 -3.39 -17.62
N LEU O 396 4.45 -2.99 -16.36
CA LEU O 396 3.61 -3.59 -15.32
C LEU O 396 2.15 -3.24 -15.57
N TRP O 397 1.92 -2.09 -16.19
CA TRP O 397 0.62 -1.46 -16.34
C TRP O 397 0.25 -1.28 -17.81
N LYS O 398 0.55 -2.27 -18.65
CA LYS O 398 0.23 -2.25 -20.07
C LYS O 398 -1.28 -2.36 -20.26
N ASP P 39 -18.05 129.47 -9.13
CA ASP P 39 -17.91 128.51 -10.22
C ASP P 39 -16.57 127.81 -10.17
N LEU P 40 -15.55 128.50 -10.71
CA LEU P 40 -14.29 127.85 -11.02
C LEU P 40 -13.34 127.85 -9.84
N TYR P 41 -13.43 128.88 -8.99
CA TYR P 41 -12.61 128.93 -7.78
C TYR P 41 -13.06 127.89 -6.77
N SER P 42 -14.36 127.60 -6.72
CA SER P 42 -14.86 126.57 -5.80
C SER P 42 -14.50 125.18 -6.29
N ARG P 43 -14.45 124.98 -7.61
CA ARG P 43 -14.02 123.69 -8.15
C ARG P 43 -12.53 123.46 -7.89
N TYR P 44 -11.74 124.54 -7.91
CA TYR P 44 -10.31 124.40 -7.70
C TYR P 44 -9.98 124.16 -6.23
N LYS P 45 -10.81 124.69 -5.32
CA LYS P 45 -10.57 124.43 -3.91
C LYS P 45 -10.95 123.00 -3.54
N LYS P 46 -12.05 122.50 -4.10
CA LYS P 46 -12.51 121.14 -3.78
C LYS P 46 -11.59 120.08 -4.36
N LEU P 47 -10.98 120.35 -5.51
CA LEU P 47 -10.00 119.39 -6.04
C LEU P 47 -8.71 119.44 -5.24
N GLN P 48 -8.40 120.58 -4.62
CA GLN P 48 -7.30 120.61 -3.67
C GLN P 48 -7.61 119.78 -2.43
N GLN P 49 -8.85 119.87 -1.94
CA GLN P 49 -9.22 119.17 -0.72
C GLN P 49 -9.27 117.66 -0.94
N GLU P 50 -9.95 117.22 -2.01
CA GLU P 50 -10.11 115.79 -2.28
C GLU P 50 -8.79 115.11 -2.58
N LEU P 51 -7.84 115.83 -3.18
CA LEU P 51 -6.53 115.26 -3.45
C LEU P 51 -5.75 115.02 -2.17
N GLU P 52 -5.78 115.98 -1.25
CA GLU P 52 -5.08 115.81 0.02
C GLU P 52 -5.85 114.88 0.95
N PHE P 53 -7.14 114.64 0.66
CA PHE P 53 -7.89 113.65 1.42
C PHE P 53 -7.43 112.23 1.13
N LEU P 54 -7.48 111.82 -0.15
CA LEU P 54 -7.24 110.42 -0.43
C LEU P 54 -5.77 110.05 -0.43
N GLU P 55 -4.88 111.04 -0.27
CA GLU P 55 -3.51 110.73 0.09
C GLU P 55 -3.45 110.17 1.51
N VAL P 56 -4.27 110.71 2.41
CA VAL P 56 -4.28 110.26 3.80
C VAL P 56 -4.87 108.86 3.90
N GLN P 57 -5.96 108.59 3.18
CA GLN P 57 -6.49 107.24 3.17
C GLN P 57 -5.61 106.28 2.36
N GLU P 58 -4.77 106.80 1.48
CA GLU P 58 -3.72 105.96 0.89
C GLU P 58 -2.67 105.61 1.94
N GLU P 59 -2.39 106.54 2.85
CA GLU P 59 -1.39 106.30 3.89
C GLU P 59 -1.89 105.29 4.92
N TYR P 60 -3.20 105.19 5.11
CA TYR P 60 -3.74 104.22 6.07
C TYR P 60 -3.55 102.80 5.57
N ILE P 61 -3.79 102.57 4.28
CA ILE P 61 -3.70 101.20 3.75
C ILE P 61 -2.24 100.78 3.64
N LYS P 62 -1.34 101.75 3.53
CA LYS P 62 0.09 101.46 3.56
C LYS P 62 0.50 100.91 4.92
N ASP P 63 -0.12 101.42 5.99
CA ASP P 63 0.23 100.95 7.33
C ASP P 63 -0.35 99.58 7.62
N GLU P 64 -1.61 99.36 7.22
CA GLU P 64 -2.31 98.13 7.57
C GLU P 64 -1.73 96.93 6.83
N GLN P 65 -1.40 97.10 5.54
CA GLN P 65 -0.77 96.03 4.80
C GLN P 65 0.65 95.77 5.32
N LYS P 66 1.32 96.81 5.82
CA LYS P 66 2.56 96.60 6.56
C LYS P 66 2.31 95.95 7.90
N ASN P 67 1.17 96.24 8.53
CA ASN P 67 0.89 95.68 9.84
C ASN P 67 0.48 94.21 9.75
N LEU P 68 -0.30 93.86 8.73
CA LEU P 68 -0.78 92.48 8.61
C LEU P 68 0.33 91.51 8.21
N LYS P 69 1.45 92.01 7.69
CA LYS P 69 2.59 91.13 7.45
C LYS P 69 3.19 90.63 8.75
N LYS P 70 3.24 91.50 9.76
CA LYS P 70 3.78 91.09 11.06
C LYS P 70 2.83 90.14 11.78
N GLU P 71 1.52 90.41 11.72
CA GLU P 71 0.54 89.54 12.37
C GLU P 71 0.49 88.18 11.71
N PHE P 72 0.76 88.12 10.41
CA PHE P 72 0.83 86.84 9.72
C PHE P 72 2.09 86.07 10.12
N LEU P 73 3.15 86.78 10.53
CA LEU P 73 4.35 86.08 11.00
C LEU P 73 4.20 85.60 12.43
N HIS P 74 3.50 86.37 13.27
CA HIS P 74 3.24 85.90 14.63
C HIS P 74 2.22 84.76 14.64
N ALA P 75 1.35 84.72 13.64
CA ALA P 75 0.49 83.54 13.49
C ALA P 75 1.29 82.33 13.05
N GLN P 76 2.32 82.55 12.22
CA GLN P 76 3.19 81.44 11.82
C GLN P 76 4.02 80.95 13.00
N GLU P 77 4.46 81.87 13.87
CA GLU P 77 5.35 81.50 14.96
C GLU P 77 4.64 80.65 16.00
N GLU P 78 3.46 81.09 16.44
CA GLU P 78 2.72 80.36 17.46
C GLU P 78 2.16 79.04 16.95
N VAL P 79 1.98 78.88 15.64
CA VAL P 79 1.66 77.58 15.08
C VAL P 79 2.87 76.68 15.07
N LYS P 80 4.00 77.18 14.55
CA LYS P 80 5.17 76.33 14.35
C LYS P 80 5.99 76.10 15.61
N ARG P 81 5.46 76.44 16.80
CA ARG P 81 6.03 75.97 18.05
C ARG P 81 5.03 75.15 18.86
N ILE P 82 4.07 74.54 18.18
CA ILE P 82 3.23 73.53 18.80
C ILE P 82 3.87 72.16 18.74
N GLN P 83 4.94 72.02 17.95
CA GLN P 83 5.59 70.74 17.73
C GLN P 83 6.91 70.60 18.47
N SER P 84 7.26 71.57 19.33
CA SER P 84 8.44 71.46 20.17
C SER P 84 7.97 71.47 21.62
N ILE P 85 7.54 70.29 22.07
CA ILE P 85 6.95 70.04 23.38
C ILE P 85 7.33 68.59 23.69
N PRO P 86 7.54 68.20 24.96
CA PRO P 86 7.71 66.77 25.26
C PRO P 86 6.41 66.00 25.04
N LEU P 87 6.15 65.66 23.77
CA LEU P 87 4.88 65.12 23.33
C LEU P 87 4.73 63.66 23.72
N VAL P 88 3.48 63.23 23.76
CA VAL P 88 3.15 61.82 23.98
C VAL P 88 2.97 61.15 22.62
N ILE P 89 3.08 59.82 22.61
CA ILE P 89 3.10 59.04 21.39
C ILE P 89 1.82 58.22 21.33
N GLY P 90 1.12 58.30 20.20
CA GLY P 90 -0.04 57.47 19.96
C GLY P 90 0.04 56.78 18.61
N GLN P 91 -1.07 56.24 18.14
CA GLN P 91 -1.12 55.61 16.83
C GLN P 91 -2.36 56.07 16.07
N PHE P 92 -2.18 56.33 14.77
CA PHE P 92 -3.31 56.70 13.92
C PHE P 92 -4.20 55.49 13.69
N LEU P 93 -5.51 55.71 13.79
CA LEU P 93 -6.47 54.62 13.62
C LEU P 93 -7.36 54.80 12.40
N GLU P 94 -8.12 55.89 12.34
CA GLU P 94 -9.09 56.11 11.27
C GLU P 94 -9.13 57.58 10.91
N ALA P 95 -9.56 57.86 9.69
CA ALA P 95 -9.74 59.22 9.20
C ALA P 95 -11.21 59.44 8.87
N VAL P 96 -11.79 60.49 9.42
CA VAL P 96 -13.22 60.76 9.22
C VAL P 96 -13.45 61.50 7.91
N ASP P 97 -12.90 62.70 7.82
CA ASP P 97 -13.23 63.67 6.79
C ASP P 97 -11.98 64.52 6.56
N GLN P 98 -12.19 65.72 6.01
CA GLN P 98 -11.14 66.72 6.05
C GLN P 98 -10.75 67.03 7.48
N ASN P 99 -9.44 67.01 7.74
CA ASN P 99 -8.69 67.37 8.95
C ASN P 99 -9.31 67.04 10.31
N THR P 100 -9.93 65.85 10.44
CA THR P 100 -10.39 65.36 11.74
C THR P 100 -10.36 63.84 11.71
N ALA P 101 -9.84 63.22 12.77
CA ALA P 101 -9.53 61.80 12.76
C ALA P 101 -9.77 61.15 14.12
N ILE P 102 -9.72 59.82 14.14
CA ILE P 102 -9.66 59.04 15.37
C ILE P 102 -8.23 58.57 15.57
N VAL P 103 -7.67 58.83 16.75
CA VAL P 103 -6.36 58.34 17.10
C VAL P 103 -6.44 57.59 18.43
N GLY P 104 -5.78 56.44 18.50
CA GLY P 104 -5.64 55.69 19.73
C GLY P 104 -4.27 55.95 20.32
N SER P 105 -4.24 56.21 21.62
CA SER P 105 -3.01 56.53 22.30
C SER P 105 -2.36 55.29 22.89
N THR P 106 -1.12 55.44 23.33
CA THR P 106 -0.46 54.39 24.10
C THR P 106 -0.95 54.34 25.54
N THR P 107 -1.76 55.30 25.97
CA THR P 107 -2.48 55.21 27.23
C THR P 107 -3.80 54.46 27.09
N GLY P 108 -4.14 53.99 25.89
CA GLY P 108 -5.45 53.43 25.66
C GLY P 108 -6.50 54.53 25.60
N SER P 109 -7.77 54.12 25.79
CA SER P 109 -8.93 55.01 25.93
C SER P 109 -9.08 55.91 24.71
N ASN P 110 -9.46 55.26 23.60
CA ASN P 110 -9.48 55.82 22.25
C ASN P 110 -10.21 57.17 22.17
N TYR P 111 -9.63 58.09 21.39
CA TYR P 111 -10.00 59.50 21.40
C TYR P 111 -10.58 59.92 20.05
N TYR P 112 -10.85 61.23 19.93
CA TYR P 112 -11.35 61.83 18.70
C TYR P 112 -11.01 63.32 18.71
N VAL P 113 -10.00 63.71 17.92
CA VAL P 113 -9.46 65.05 17.95
C VAL P 113 -9.40 65.62 16.54
N ARG P 114 -9.18 66.93 16.47
CA ARG P 114 -8.84 67.62 15.23
C ARG P 114 -7.34 67.60 15.03
N ILE P 115 -6.91 67.77 13.78
CA ILE P 115 -5.49 67.68 13.44
C ILE P 115 -5.05 69.03 12.88
N LEU P 116 -3.77 69.15 12.53
CA LEU P 116 -3.17 70.43 12.14
C LEU P 116 -3.54 70.79 10.71
N SER P 117 -2.84 71.77 10.15
CA SER P 117 -3.01 72.18 8.77
C SER P 117 -1.72 72.02 7.97
N THR P 118 -0.73 71.32 8.50
CA THR P 118 0.62 71.29 7.94
C THR P 118 1.00 69.93 7.38
N ILE P 119 0.57 68.85 8.03
CA ILE P 119 1.04 67.50 7.68
C ILE P 119 0.45 67.08 6.34
N ASP P 120 1.32 66.65 5.43
CA ASP P 120 0.86 66.03 4.20
C ASP P 120 0.16 64.71 4.51
N ARG P 121 -1.04 64.55 4.00
CA ARG P 121 -1.96 63.48 4.40
C ARG P 121 -1.64 62.14 3.75
N GLU P 122 -0.49 62.01 3.09
CA GLU P 122 -0.08 60.76 2.45
C GLU P 122 0.85 59.94 3.34
N LEU P 123 0.72 60.07 4.66
CA LEU P 123 1.56 59.32 5.58
C LEU P 123 0.73 58.64 6.67
N LEU P 124 -0.57 58.48 6.44
CA LEU P 124 -1.51 58.04 7.45
C LEU P 124 -2.45 57.01 6.88
N LYS P 125 -1.94 56.04 6.10
CA LYS P 125 -2.87 55.33 5.23
C LYS P 125 -3.68 54.25 5.98
N PRO P 126 -3.11 53.16 6.64
CA PRO P 126 -3.96 52.50 7.65
C PRO P 126 -3.59 52.81 9.10
N ASN P 127 -2.40 53.35 9.32
CA ASN P 127 -1.69 53.31 10.60
C ASN P 127 -0.46 54.18 10.47
N ALA P 128 -0.06 54.78 11.59
CA ALA P 128 1.17 55.54 11.68
C ALA P 128 1.53 55.73 13.15
N SER P 129 2.82 55.61 13.45
CA SER P 129 3.31 56.08 14.75
C SER P 129 3.29 57.60 14.73
N VAL P 130 2.47 58.19 15.59
CA VAL P 130 2.19 59.62 15.55
C VAL P 130 2.49 60.24 16.91
N ALA P 131 2.62 61.56 16.89
CA ALA P 131 2.83 62.35 18.10
C ALA P 131 1.55 63.07 18.45
N LEU P 132 1.29 63.20 19.74
CA LEU P 132 0.05 63.79 20.23
C LEU P 132 0.34 64.88 21.24
N HIS P 133 -0.55 65.87 21.30
CA HIS P 133 -0.49 66.93 22.28
C HIS P 133 -0.82 66.38 23.67
N LYS P 134 -0.36 67.08 24.70
CA LYS P 134 -0.70 66.72 26.07
C LYS P 134 -2.16 67.01 26.39
N HIS P 135 -2.56 68.28 26.28
CA HIS P 135 -3.89 68.68 26.71
C HIS P 135 -4.93 68.45 25.62
N SER P 136 -4.79 69.15 24.49
CA SER P 136 -5.78 69.08 23.44
C SER P 136 -5.72 67.78 22.66
N ASN P 137 -4.60 67.05 22.79
CA ASN P 137 -4.42 65.68 22.31
C ASN P 137 -4.51 65.59 20.78
N ALA P 138 -4.21 66.68 20.10
CA ALA P 138 -4.30 66.75 18.66
C ALA P 138 -3.13 66.02 18.00
N LEU P 139 -3.29 65.70 16.72
CA LEU P 139 -2.15 65.20 15.97
C LEU P 139 -1.19 66.34 15.68
N VAL P 140 0.10 66.04 15.83
CA VAL P 140 1.14 67.04 15.72
C VAL P 140 2.13 66.63 14.64
N ASP P 141 2.62 65.40 14.70
CA ASP P 141 3.66 64.95 13.80
C ASP P 141 3.57 63.45 13.63
N VAL P 142 4.05 62.97 12.48
CA VAL P 142 4.13 61.55 12.18
C VAL P 142 5.57 61.10 12.35
N LEU P 143 5.79 60.10 13.19
CA LEU P 143 7.10 59.55 13.41
C LEU P 143 7.53 58.71 12.20
N PRO P 144 8.83 58.54 11.99
CA PRO P 144 9.30 57.58 10.98
C PRO P 144 8.93 56.15 11.39
N PRO P 145 8.22 55.42 10.54
CA PRO P 145 7.76 54.07 10.91
C PRO P 145 8.92 53.09 10.91
N GLU P 146 8.64 51.90 11.46
CA GLU P 146 9.67 50.88 11.60
C GLU P 146 9.36 49.60 10.84
N ALA P 147 8.11 49.12 10.88
CA ALA P 147 7.69 47.81 10.36
C ALA P 147 8.61 46.69 10.86
N ASP P 148 8.79 46.64 12.17
CA ASP P 148 9.91 45.94 12.79
C ASP P 148 9.39 44.87 13.74
N SER P 149 9.03 43.71 13.19
CA SER P 149 8.57 42.62 14.05
C SER P 149 9.21 41.27 13.76
N SER P 150 9.43 40.94 12.49
CA SER P 150 9.82 39.59 12.06
C SER P 150 10.97 39.67 11.07
N ILE P 151 12.01 40.40 11.48
CA ILE P 151 13.00 40.95 10.55
C ILE P 151 13.92 39.84 10.07
N MET P 152 13.98 39.67 8.75
CA MET P 152 14.97 38.79 8.11
C MET P 152 15.71 39.54 7.02
N MET P 153 15.71 40.86 7.07
CA MET P 153 16.22 41.70 5.98
C MET P 153 17.73 41.76 6.08
N LEU P 154 18.42 40.97 5.28
CA LEU P 154 19.88 41.05 5.20
C LEU P 154 20.24 42.33 4.46
N THR P 155 20.53 43.35 5.24
CA THR P 155 20.92 44.68 4.77
C THR P 155 21.77 45.31 5.88
N SER P 156 21.88 46.64 5.84
CA SER P 156 22.66 47.40 6.82
C SER P 156 24.05 46.81 7.02
N ASP P 157 24.77 46.62 5.91
CA ASP P 157 26.11 46.04 5.92
C ASP P 157 26.16 44.73 6.71
N GLN P 158 25.47 43.72 6.21
CA GLN P 158 25.43 42.41 6.84
C GLN P 158 25.12 41.33 5.81
N LYS P 159 24.52 41.76 4.70
CA LYS P 159 24.16 40.86 3.61
C LYS P 159 25.32 40.07 2.98
N PRO P 160 26.43 40.71 2.45
CA PRO P 160 27.17 40.06 1.35
C PRO P 160 27.99 38.84 1.73
N ASP P 161 29.07 39.12 2.46
CA ASP P 161 30.17 38.24 2.86
C ASP P 161 30.78 37.43 1.70
N VAL P 162 30.61 37.86 0.45
CA VAL P 162 31.07 37.11 -0.73
C VAL P 162 31.07 38.08 -1.92
N MET P 163 31.99 37.87 -2.85
CA MET P 163 31.96 38.60 -4.11
C MET P 163 31.35 37.74 -5.21
N TYR P 164 31.15 38.36 -6.38
CA TYR P 164 30.46 37.70 -7.49
C TYR P 164 31.34 36.68 -8.20
N ALA P 165 32.66 36.87 -8.18
CA ALA P 165 33.58 35.99 -8.89
C ALA P 165 34.14 34.89 -7.99
N ASP P 166 33.49 34.64 -6.85
CA ASP P 166 33.96 33.59 -5.96
C ASP P 166 33.53 32.21 -6.43
N ILE P 167 32.37 32.13 -7.10
CA ILE P 167 31.82 30.85 -7.54
C ILE P 167 32.59 30.37 -8.76
N GLY P 168 33.05 29.12 -8.71
CA GLY P 168 33.89 28.60 -9.77
C GLY P 168 33.13 27.97 -10.92
N GLY P 169 32.92 28.72 -11.99
CA GLY P 169 32.52 28.15 -13.27
C GLY P 169 31.09 27.69 -13.41
N MET P 170 30.14 28.41 -12.83
CA MET P 170 28.72 28.20 -13.13
C MET P 170 28.27 29.18 -14.22
N ASP P 171 29.01 29.20 -15.32
CA ASP P 171 28.96 30.33 -16.25
C ASP P 171 27.68 30.36 -17.07
N ILE P 172 27.10 29.20 -17.36
CA ILE P 172 25.78 29.16 -17.97
C ILE P 172 24.74 29.64 -16.96
N GLN P 173 24.94 29.31 -15.71
CA GLN P 173 23.95 29.54 -14.67
C GLN P 173 24.13 30.87 -13.95
N LYS P 174 25.38 31.35 -13.85
CA LYS P 174 25.59 32.73 -13.38
C LYS P 174 25.04 33.73 -14.38
N GLN P 175 25.06 33.39 -15.67
CA GLN P 175 24.49 34.27 -16.68
C GLN P 175 22.97 34.19 -16.68
N GLU P 176 22.41 33.05 -16.28
CA GLU P 176 20.96 32.86 -16.41
C GLU P 176 20.19 33.51 -15.27
N VAL P 177 20.68 33.36 -14.03
CA VAL P 177 20.03 33.99 -12.88
C VAL P 177 20.14 35.50 -12.99
N ARG P 178 21.25 36.00 -13.52
CA ARG P 178 21.47 37.43 -13.67
C ARG P 178 20.49 38.07 -14.64
N GLU P 179 20.02 37.30 -15.63
CA GLU P 179 19.05 37.82 -16.60
C GLU P 179 17.68 38.05 -15.98
N ALA P 180 17.32 37.28 -14.97
CA ALA P 180 15.97 37.37 -14.42
C ALA P 180 15.88 38.31 -13.23
N VAL P 181 16.99 38.57 -12.54
CA VAL P 181 16.94 39.34 -11.30
C VAL P 181 17.76 40.62 -11.41
N GLU P 182 19.06 40.46 -11.67
CA GLU P 182 19.97 41.60 -11.64
C GLU P 182 19.77 42.49 -12.87
N LEU P 183 19.49 41.88 -14.02
CA LEU P 183 19.31 42.68 -15.24
C LEU P 183 18.01 43.49 -15.25
N PRO P 184 16.82 42.96 -14.91
CA PRO P 184 15.63 43.83 -14.94
C PRO P 184 15.61 44.87 -13.84
N LEU P 185 16.42 44.70 -12.81
CA LEU P 185 16.46 45.67 -11.72
C LEU P 185 17.14 46.96 -12.15
N THR P 186 18.19 46.87 -12.95
CA THR P 186 18.94 48.04 -13.39
C THR P 186 18.56 48.50 -14.78
N HIS P 187 18.69 47.62 -15.78
CA HIS P 187 18.41 47.98 -17.16
C HIS P 187 16.98 47.58 -17.52
N PHE P 188 16.03 48.26 -16.87
CA PHE P 188 14.62 48.00 -17.10
C PHE P 188 14.16 48.51 -18.47
N GLU P 189 14.91 49.43 -19.07
CA GLU P 189 14.51 50.02 -20.35
C GLU P 189 14.61 49.03 -21.50
N LEU P 190 15.42 47.99 -21.34
CA LEU P 190 15.59 47.02 -22.43
C LEU P 190 14.35 46.16 -22.60
N TYR P 191 13.67 45.84 -21.50
CA TYR P 191 12.45 45.05 -21.59
C TYR P 191 11.30 45.88 -22.16
N LYS P 192 11.23 47.17 -21.79
CA LYS P 192 10.23 48.05 -22.36
C LYS P 192 10.54 48.39 -23.81
N GLN P 193 11.79 48.25 -24.23
CA GLN P 193 12.15 48.45 -25.63
C GLN P 193 11.54 47.37 -26.52
N ILE P 194 11.28 46.18 -25.98
CA ILE P 194 10.67 45.11 -26.72
C ILE P 194 9.24 44.81 -26.27
N GLY P 195 8.93 45.03 -24.98
CA GLY P 195 7.65 44.64 -24.45
C GLY P 195 7.65 43.19 -24.00
N ILE P 196 8.54 42.88 -23.06
CA ILE P 196 8.83 41.50 -22.69
C ILE P 196 8.03 41.09 -21.46
N ASP P 197 7.85 42.03 -20.50
CA ASP P 197 7.38 41.77 -19.14
C ASP P 197 8.29 40.73 -18.49
N PRO P 198 9.41 41.18 -17.91
CA PRO P 198 10.49 40.27 -17.51
C PRO P 198 10.01 39.25 -16.48
N PRO P 199 10.63 38.07 -16.45
CA PRO P 199 10.04 36.94 -15.72
C PRO P 199 10.06 37.13 -14.21
N ARG P 200 9.13 36.44 -13.57
CA ARG P 200 8.80 36.65 -12.17
C ARG P 200 9.62 35.78 -11.23
N GLY P 201 9.66 34.48 -11.47
CA GLY P 201 10.26 33.56 -10.54
C GLY P 201 11.20 32.60 -11.22
N VAL P 202 12.11 32.04 -10.43
CA VAL P 202 13.11 31.10 -10.90
C VAL P 202 13.16 29.91 -9.94
N LEU P 203 13.17 28.70 -10.50
CA LEU P 203 13.24 27.47 -9.74
C LEU P 203 14.60 26.85 -9.99
N MET P 204 15.40 26.73 -8.95
CA MET P 204 16.67 26.02 -9.01
C MET P 204 16.50 24.65 -8.39
N TYR P 205 17.22 23.67 -8.92
CA TYR P 205 17.15 22.32 -8.38
C TYR P 205 18.43 21.57 -8.71
N GLY P 206 18.77 20.62 -7.85
CA GLY P 206 19.95 19.82 -8.03
C GLY P 206 20.32 19.02 -6.80
N PRO P 207 21.45 18.32 -6.87
CA PRO P 207 21.93 17.53 -5.73
C PRO P 207 22.36 18.43 -4.58
N PRO P 208 22.35 17.91 -3.34
CA PRO P 208 22.64 18.76 -2.18
C PRO P 208 24.12 19.10 -1.99
N GLY P 209 24.55 20.21 -2.59
CA GLY P 209 25.94 20.62 -2.43
C GLY P 209 26.61 21.03 -3.73
N CYS P 210 25.82 21.36 -4.73
CA CYS P 210 26.34 21.86 -5.99
C CYS P 210 26.46 23.37 -6.02
N GLY P 211 26.47 24.03 -4.86
CA GLY P 211 26.61 25.46 -4.81
C GLY P 211 25.33 26.20 -5.13
N LYS P 212 24.30 26.00 -4.31
CA LYS P 212 23.01 26.61 -4.56
C LYS P 212 22.81 27.87 -3.73
N THR P 213 22.98 27.75 -2.40
CA THR P 213 22.77 28.87 -1.50
C THR P 213 23.88 29.90 -1.67
N MET P 214 25.07 29.46 -2.08
CA MET P 214 26.17 30.38 -2.36
C MET P 214 25.84 31.32 -3.50
N LEU P 215 25.13 30.83 -4.52
CA LEU P 215 24.69 31.68 -5.60
C LEU P 215 23.66 32.70 -5.14
N ALA P 216 22.81 32.32 -4.19
CA ALA P 216 21.87 33.28 -3.61
C ALA P 216 22.59 34.32 -2.77
N LYS P 217 23.65 33.91 -2.08
CA LYS P 217 24.44 34.86 -1.31
C LYS P 217 25.24 35.78 -2.23
N ALA P 218 25.63 35.29 -3.40
CA ALA P 218 26.42 36.11 -4.32
C ALA P 218 25.57 37.19 -4.98
N VAL P 219 24.27 36.95 -5.12
CA VAL P 219 23.38 37.98 -5.65
C VAL P 219 23.20 39.09 -4.63
N ALA P 220 23.14 38.74 -3.34
CA ALA P 220 22.87 39.71 -2.29
C ALA P 220 23.97 40.74 -2.12
N HIS P 221 25.20 40.45 -2.55
CA HIS P 221 26.27 41.44 -2.52
C HIS P 221 26.05 42.53 -3.55
N HIS P 222 26.02 42.14 -4.82
CA HIS P 222 26.05 43.09 -5.93
C HIS P 222 24.65 43.43 -6.43
N THR P 223 23.68 43.42 -5.53
CA THR P 223 22.36 43.97 -5.82
C THR P 223 22.14 45.22 -4.97
N THR P 224 21.11 45.96 -5.33
CA THR P 224 20.64 47.10 -4.55
C THR P 224 19.22 46.86 -4.08
N ALA P 225 18.92 45.62 -3.73
CA ALA P 225 17.58 45.20 -3.38
C ALA P 225 17.46 44.98 -1.88
N ALA P 226 16.30 44.51 -1.45
CA ALA P 226 16.05 44.12 -0.06
C ALA P 226 15.97 42.59 -0.05
N PHE P 227 17.12 41.95 0.18
CA PHE P 227 17.18 40.50 0.12
C PHE P 227 16.53 39.90 1.36
N ILE P 228 15.64 38.93 1.14
CA ILE P 228 14.90 38.25 2.19
C ILE P 228 15.06 36.77 1.95
N ARG P 229 15.73 36.06 2.88
CA ARG P 229 15.84 34.62 2.80
C ARG P 229 14.99 33.99 3.90
N VAL P 230 14.24 32.95 3.54
CA VAL P 230 13.29 32.30 4.44
C VAL P 230 13.44 30.80 4.27
N VAL P 231 13.68 30.09 5.37
CA VAL P 231 13.72 28.63 5.33
C VAL P 231 12.30 28.10 5.21
N GLY P 232 12.13 27.05 4.42
CA GLY P 232 10.80 26.50 4.21
C GLY P 232 10.32 25.52 5.28
N SER P 233 10.72 25.73 6.52
CA SER P 233 10.42 24.79 7.59
C SER P 233 9.74 25.39 8.80
N GLU P 234 9.82 26.70 9.01
CA GLU P 234 9.24 27.28 10.21
C GLU P 234 7.77 27.64 10.05
N PHE P 235 7.11 27.24 8.97
CA PHE P 235 5.68 27.46 8.83
C PHE P 235 4.91 26.16 8.60
N VAL P 236 5.53 25.01 8.83
CA VAL P 236 4.85 23.73 8.71
C VAL P 236 4.56 23.25 10.13
N GLN P 237 4.52 24.21 11.05
CA GLN P 237 4.46 23.96 12.47
C GLN P 237 3.01 23.67 12.91
N LYS P 238 2.79 23.65 14.22
CA LYS P 238 1.47 23.51 14.83
C LYS P 238 0.74 24.84 14.87
N TYR P 239 -0.31 24.94 15.70
CA TYR P 239 -1.12 26.15 15.88
C TYR P 239 -1.78 26.55 14.57
N LEU P 240 -2.78 25.74 14.21
CA LEU P 240 -3.55 25.80 12.97
C LEU P 240 -3.97 27.22 12.60
N GLY P 241 -3.41 27.73 11.50
CA GLY P 241 -3.66 29.07 11.01
C GLY P 241 -2.42 29.95 11.02
N GLU P 242 -1.41 29.59 11.80
CA GLU P 242 -0.19 30.40 11.89
C GLU P 242 0.67 30.21 10.65
N GLY P 243 0.68 28.99 10.11
CA GLY P 243 1.38 28.66 8.88
C GLY P 243 1.04 29.55 7.69
N PRO P 244 -0.24 29.60 7.28
CA PRO P 244 -0.60 30.50 6.17
C PRO P 244 -0.48 31.98 6.49
N ARG P 245 -0.46 32.38 7.76
CA ARG P 245 -0.32 33.80 8.03
C ARG P 245 1.13 34.25 7.93
N MET P 246 2.08 33.35 8.19
CA MET P 246 3.49 33.69 8.02
C MET P 246 3.85 33.90 6.55
N VAL P 247 3.10 33.29 5.64
CA VAL P 247 3.25 33.60 4.22
C VAL P 247 2.79 35.03 3.95
N ARG P 248 1.69 35.44 4.58
CA ARG P 248 1.22 36.81 4.44
C ARG P 248 2.14 37.80 5.12
N ASP P 249 2.80 37.40 6.20
CA ASP P 249 3.68 38.30 6.92
C ASP P 249 4.93 38.65 6.12
N VAL P 250 5.34 37.76 5.22
CA VAL P 250 6.49 38.03 4.37
C VAL P 250 6.12 39.05 3.31
N PHE P 251 5.04 38.81 2.57
CA PHE P 251 4.74 39.60 1.39
C PHE P 251 4.21 40.98 1.74
N ARG P 252 3.48 41.11 2.86
CA ARG P 252 3.10 42.43 3.33
C ARG P 252 4.31 43.23 3.78
N LEU P 253 5.34 42.54 4.30
CA LEU P 253 6.60 43.21 4.59
C LEU P 253 7.39 43.47 3.32
N ALA P 254 7.18 42.66 2.29
CA ALA P 254 7.93 42.84 1.05
C ALA P 254 7.33 43.94 0.18
N LYS P 255 6.03 43.86 -0.08
CA LYS P 255 5.40 44.80 -1.00
C LYS P 255 5.27 46.20 -0.42
N GLU P 256 5.37 46.34 0.89
CA GLU P 256 5.51 47.65 1.50
C GLU P 256 6.90 48.22 1.28
N ASN P 257 7.88 47.39 0.98
CA ASN P 257 9.27 47.83 0.90
C ASN P 257 9.72 48.00 -0.54
N ALA P 258 11.02 48.17 -0.70
CA ALA P 258 11.77 48.37 -1.94
C ALA P 258 11.60 47.22 -2.94
N PRO P 259 12.08 47.37 -4.19
CA PRO P 259 12.40 46.18 -5.00
C PRO P 259 13.20 45.15 -4.24
N ALA P 260 12.61 43.96 -4.06
CA ALA P 260 13.09 43.02 -3.08
C ALA P 260 13.18 41.63 -3.67
N ILE P 261 13.98 40.79 -3.02
CA ILE P 261 14.20 39.41 -3.42
C ILE P 261 13.75 38.51 -2.27
N ILE P 262 12.87 37.57 -2.56
CA ILE P 262 12.33 36.66 -1.57
C ILE P 262 12.88 35.28 -1.90
N PHE P 263 13.87 34.84 -1.14
CA PHE P 263 14.54 33.57 -1.38
C PHE P 263 14.01 32.54 -0.40
N ILE P 264 13.09 31.70 -0.87
CA ILE P 264 12.66 30.55 -0.08
C ILE P 264 13.70 29.45 -0.24
N ASP P 265 14.24 28.97 0.89
CA ASP P 265 15.43 28.13 0.85
C ASP P 265 15.10 26.74 0.32
N GLU P 266 14.19 26.03 0.96
CA GLU P 266 13.82 24.68 0.54
C GLU P 266 12.31 24.55 0.49
N ILE P 267 11.81 24.01 -0.62
CA ILE P 267 10.44 23.50 -0.66
C ILE P 267 10.47 22.08 -1.18
N ASP P 268 11.53 21.37 -0.85
CA ASP P 268 11.51 19.94 -1.12
C ASP P 268 10.50 19.34 -0.09
N ALA P 269 10.06 20.14 0.90
CA ALA P 269 9.10 19.77 1.93
C ALA P 269 7.68 19.89 1.39
N ILE P 270 6.91 20.90 1.81
CA ILE P 270 5.57 20.95 1.23
C ILE P 270 5.52 21.72 -0.09
N ALA P 271 5.33 20.96 -1.18
CA ALA P 271 5.22 21.57 -2.51
C ALA P 271 4.31 20.77 -3.45
N THR P 272 3.52 19.82 -2.97
CA THR P 272 2.91 18.86 -3.87
C THR P 272 1.52 18.46 -3.36
N LYS P 273 0.50 18.62 -4.20
CA LYS P 273 -0.84 18.19 -3.79
C LYS P 273 -1.04 16.70 -4.07
N ARG P 274 -1.21 16.36 -5.36
CA ARG P 274 -1.23 15.00 -5.92
C ARG P 274 -2.25 14.02 -5.35
N PHE P 275 -3.07 14.45 -4.38
CA PHE P 275 -4.17 13.66 -3.85
C PHE P 275 -5.10 14.59 -3.09
N ASP P 276 -6.35 14.17 -2.96
CA ASP P 276 -7.29 14.81 -2.06
C ASP P 276 -7.18 14.17 -0.69
N ALA P 277 -6.81 14.96 0.32
CA ALA P 277 -6.57 14.44 1.65
C ALA P 277 -7.89 14.18 2.36
N GLN P 278 -8.27 12.91 2.46
CA GLN P 278 -9.41 12.51 3.29
C GLN P 278 -8.96 12.15 4.70
N THR P 279 -8.13 13.02 5.30
CA THR P 279 -7.59 12.83 6.63
C THR P 279 -7.63 14.15 7.38
N GLY P 280 -7.08 14.15 8.58
CA GLY P 280 -6.86 15.38 9.31
C GLY P 280 -5.42 15.82 9.24
N ALA P 281 -5.23 17.14 9.39
CA ALA P 281 -3.93 17.82 9.44
C ALA P 281 -3.07 17.63 8.19
N ASP P 282 -3.66 17.15 7.11
CA ASP P 282 -3.01 17.10 5.81
C ASP P 282 -3.57 18.14 4.86
N ARG P 283 -4.81 18.57 5.09
CA ARG P 283 -5.33 19.72 4.36
C ARG P 283 -4.73 21.02 4.86
N GLU P 284 -4.27 21.06 6.11
CA GLU P 284 -3.49 22.20 6.57
C GLU P 284 -2.13 22.23 5.89
N VAL P 285 -1.55 21.05 5.67
CA VAL P 285 -0.35 20.94 4.85
C VAL P 285 -0.63 21.39 3.43
N GLN P 286 -1.79 21.00 2.89
CA GLN P 286 -2.11 21.28 1.51
C GLN P 286 -2.44 22.75 1.27
N ARG P 287 -3.03 23.42 2.26
CA ARG P 287 -3.54 24.77 2.03
C ARG P 287 -2.48 25.84 2.11
N ILE P 288 -1.27 25.52 2.59
CA ILE P 288 -0.20 26.51 2.60
C ILE P 288 0.26 26.77 1.17
N LEU P 289 0.22 25.74 0.32
CA LEU P 289 0.43 25.93 -1.11
C LEU P 289 -0.62 26.82 -1.71
N LEU P 290 -1.88 26.65 -1.28
CA LEU P 290 -2.98 27.45 -1.79
C LEU P 290 -2.82 28.91 -1.40
N GLU P 291 -2.31 29.18 -0.20
CA GLU P 291 -1.97 30.54 0.17
C GLU P 291 -0.75 31.05 -0.58
N LEU P 292 0.19 30.15 -0.88
CA LEU P 292 1.38 30.55 -1.63
C LEU P 292 1.01 30.90 -3.07
N LEU P 293 0.06 30.17 -3.67
CA LEU P 293 -0.35 30.47 -5.03
C LEU P 293 -1.17 31.75 -5.10
N ASN P 294 -1.94 32.06 -4.05
CA ASN P 294 -2.83 33.21 -4.08
C ASN P 294 -2.08 34.53 -4.05
N GLN P 295 -0.90 34.54 -3.44
CA GLN P 295 -0.11 35.76 -3.37
C GLN P 295 1.15 35.68 -4.22
N MET P 296 1.20 34.74 -5.16
CA MET P 296 2.23 34.66 -6.18
C MET P 296 1.70 35.08 -7.54
N ASP P 297 0.63 34.42 -8.00
CA ASP P 297 -0.03 34.76 -9.26
C ASP P 297 -1.53 34.84 -9.02
N GLY P 298 -1.92 35.63 -8.03
CA GLY P 298 -3.31 35.89 -7.73
C GLY P 298 -3.72 37.13 -8.47
N PHE P 299 -3.81 38.26 -7.78
CA PHE P 299 -4.01 39.53 -8.48
C PHE P 299 -2.70 40.01 -9.09
N ASP P 300 -2.67 41.28 -9.48
CA ASP P 300 -1.57 41.87 -10.22
C ASP P 300 -0.29 41.84 -9.39
N GLN P 301 -0.25 42.64 -8.31
CA GLN P 301 0.78 42.58 -7.25
C GLN P 301 2.19 42.73 -7.82
N ASN P 302 2.32 43.54 -8.87
CA ASN P 302 3.37 43.39 -9.86
C ASN P 302 4.71 43.91 -9.39
N VAL P 303 4.73 45.10 -8.78
CA VAL P 303 5.91 45.96 -8.81
C VAL P 303 7.06 45.40 -7.98
N ASN P 304 8.04 44.86 -8.69
CA ASN P 304 9.41 44.61 -8.22
C ASN P 304 9.48 43.61 -7.08
N VAL P 305 8.71 42.53 -7.16
CA VAL P 305 8.81 41.42 -6.24
C VAL P 305 9.32 40.20 -6.99
N LYS P 306 10.36 39.56 -6.46
CA LYS P 306 10.99 38.42 -7.12
C LYS P 306 11.11 37.27 -6.13
N VAL P 307 10.88 36.06 -6.63
CA VAL P 307 10.83 34.86 -5.80
C VAL P 307 11.80 33.83 -6.36
N ILE P 308 12.69 33.33 -5.49
CA ILE P 308 13.67 32.32 -5.85
C ILE P 308 13.46 31.13 -4.94
N MET P 309 13.38 29.93 -5.53
CA MET P 309 13.22 28.70 -4.76
C MET P 309 14.33 27.71 -5.15
N ALA P 310 14.58 26.76 -4.26
CA ALA P 310 15.66 25.81 -4.45
C ALA P 310 15.28 24.47 -3.84
N THR P 311 15.38 23.39 -4.63
CA THR P 311 15.04 22.05 -4.15
C THR P 311 15.99 20.96 -4.60
N ASN P 312 15.62 19.73 -4.27
CA ASN P 312 16.07 18.52 -4.93
C ASN P 312 15.17 18.27 -6.14
N ARG P 313 15.10 17.01 -6.61
CA ARG P 313 14.34 16.55 -7.76
C ARG P 313 12.93 17.16 -7.85
N ALA P 314 12.66 17.78 -8.99
CA ALA P 314 11.51 18.65 -9.15
C ALA P 314 10.29 17.97 -9.74
N ASP P 315 10.37 16.66 -10.06
CA ASP P 315 9.20 15.95 -10.55
C ASP P 315 8.17 15.71 -9.45
N THR P 316 8.56 15.84 -8.19
CA THR P 316 7.66 15.52 -7.09
C THR P 316 6.57 16.57 -6.93
N LEU P 317 6.91 17.83 -7.14
CA LEU P 317 6.10 18.93 -6.66
C LEU P 317 4.90 19.19 -7.57
N ASP P 318 4.16 20.23 -7.25
CA ASP P 318 2.86 20.48 -7.85
C ASP P 318 3.02 20.98 -9.29
N PRO P 319 2.30 20.40 -10.25
CA PRO P 319 2.26 20.99 -11.60
C PRO P 319 1.57 22.34 -11.67
N ALA P 320 0.78 22.71 -10.66
CA ALA P 320 0.18 24.04 -10.62
C ALA P 320 1.24 25.12 -10.39
N LEU P 321 2.32 24.78 -9.69
CA LEU P 321 3.43 25.73 -9.55
C LEU P 321 4.18 25.92 -10.86
N LEU P 322 4.27 24.89 -11.68
CA LEU P 322 5.22 24.87 -12.78
C LEU P 322 4.71 25.55 -14.04
N ARG P 323 3.57 26.24 -13.97
CA ARG P 323 3.17 26.95 -15.19
C ARG P 323 3.99 28.24 -15.31
N PRO P 324 4.39 28.62 -16.51
CA PRO P 324 5.07 29.90 -16.69
C PRO P 324 4.11 31.05 -16.53
N GLY P 325 4.66 32.18 -16.08
CA GLY P 325 3.89 33.25 -15.48
C GLY P 325 3.97 33.22 -13.97
N ARG P 326 4.32 32.08 -13.41
CA ARG P 326 4.58 31.92 -11.98
C ARG P 326 6.00 31.47 -11.69
N LEU P 327 6.49 30.46 -12.41
CA LEU P 327 7.82 29.88 -12.21
C LEU P 327 8.52 29.74 -13.57
N ASP P 328 8.62 30.88 -14.27
CA ASP P 328 9.13 30.98 -15.64
C ASP P 328 10.46 30.27 -15.88
N ARG P 329 11.35 30.24 -14.88
CA ARG P 329 12.69 29.74 -15.09
C ARG P 329 12.90 28.40 -14.39
N LYS P 330 13.56 27.49 -15.10
CA LYS P 330 13.94 26.18 -14.57
C LYS P 330 15.42 26.01 -14.84
N ILE P 331 16.22 25.85 -13.78
CA ILE P 331 17.67 25.71 -13.91
C ILE P 331 18.11 24.44 -13.22
N GLU P 332 18.80 23.58 -13.95
CA GLU P 332 19.30 22.31 -13.43
C GLU P 332 20.77 22.44 -13.08
N PHE P 333 21.18 21.79 -12.00
CA PHE P 333 22.57 21.84 -11.55
C PHE P 333 23.23 20.49 -11.72
N PRO P 334 24.26 20.37 -12.55
CA PRO P 334 25.12 19.18 -12.55
C PRO P 334 26.06 19.25 -11.35
N LEU P 335 26.90 18.22 -11.22
CA LEU P 335 27.88 18.17 -10.15
C LEU P 335 29.22 18.66 -10.68
N PRO P 336 30.31 18.07 -10.19
CA PRO P 336 31.64 18.48 -10.62
C PRO P 336 32.13 17.69 -11.83
N ASP P 337 31.90 18.22 -13.03
CA ASP P 337 32.35 17.58 -14.26
C ASP P 337 33.76 18.06 -14.59
N ARG P 338 34.35 17.57 -15.67
CA ARG P 338 35.70 18.04 -15.96
C ARG P 338 35.62 19.45 -16.55
N ARG P 339 36.70 20.23 -16.31
CA ARG P 339 36.90 21.67 -16.50
C ARG P 339 36.21 22.49 -15.42
N GLN P 340 35.40 21.86 -14.57
CA GLN P 340 34.84 22.55 -13.43
C GLN P 340 35.48 22.11 -12.14
N LYS P 341 36.05 20.91 -12.10
CA LYS P 341 36.93 20.56 -10.99
C LYS P 341 38.19 21.41 -11.01
N ARG P 342 38.66 21.81 -12.19
CA ARG P 342 39.83 22.67 -12.27
C ARG P 342 39.53 24.07 -11.74
N LEU P 343 38.35 24.60 -12.05
CA LEU P 343 38.03 25.96 -11.66
C LEU P 343 37.79 26.09 -10.16
N ILE P 344 37.21 25.08 -9.53
CA ILE P 344 36.98 25.18 -8.10
C ILE P 344 38.26 24.90 -7.33
N PHE P 345 39.09 23.97 -7.83
CA PHE P 345 40.40 23.74 -7.21
C PHE P 345 41.31 24.96 -7.35
N SER P 346 41.15 25.72 -8.43
CA SER P 346 41.96 26.92 -8.61
C SER P 346 41.57 28.01 -7.62
N THR P 347 40.26 28.28 -7.51
CA THR P 347 39.81 29.43 -6.73
C THR P 347 39.93 29.20 -5.23
N ILE P 348 39.75 27.96 -4.77
CA ILE P 348 39.91 27.68 -3.34
C ILE P 348 41.37 27.74 -2.95
N THR P 349 42.25 27.16 -3.78
CA THR P 349 43.67 27.22 -3.51
C THR P 349 44.31 28.54 -3.95
N SER P 350 43.56 29.43 -4.60
CA SER P 350 44.06 30.77 -4.86
C SER P 350 44.21 31.54 -3.55
N LYS P 351 43.16 31.54 -2.73
CA LYS P 351 43.19 32.18 -1.43
C LYS P 351 43.62 31.18 -0.36
N MET P 352 44.74 30.51 -0.64
CA MET P 352 45.28 29.49 0.25
C MET P 352 46.75 29.30 -0.11
N ASN P 353 47.63 29.50 0.86
CA ASN P 353 49.06 29.37 0.63
C ASN P 353 49.41 27.89 0.55
N LEU P 354 49.44 27.35 -0.66
CA LEU P 354 49.85 25.96 -0.87
C LEU P 354 51.36 25.86 -0.97
N SER P 355 51.95 26.51 -1.98
CA SER P 355 53.39 26.75 -2.11
C SER P 355 54.20 25.45 -2.18
N GLU P 356 53.81 24.57 -3.09
CA GLU P 356 54.54 23.34 -3.33
C GLU P 356 54.69 23.12 -4.82
N GLU P 357 55.35 22.02 -5.17
CA GLU P 357 55.40 21.52 -6.54
C GLU P 357 54.57 20.27 -6.69
N VAL P 358 53.58 20.10 -5.82
CA VAL P 358 52.68 18.96 -5.87
C VAL P 358 51.45 19.37 -6.69
N ASP P 359 51.28 18.74 -7.84
CA ASP P 359 50.25 19.14 -8.78
C ASP P 359 48.88 18.62 -8.36
N LEU P 360 47.89 19.50 -8.37
CA LEU P 360 46.53 19.16 -7.96
C LEU P 360 45.72 18.47 -9.04
N GLU P 361 46.12 18.59 -10.31
CA GLU P 361 45.34 18.05 -11.41
C GLU P 361 45.35 16.52 -11.45
N ASP P 362 46.28 15.87 -10.73
CA ASP P 362 46.19 14.44 -10.48
C ASP P 362 44.91 14.05 -9.74
N TYR P 363 44.26 15.00 -9.07
CA TYR P 363 42.96 14.81 -8.48
C TYR P 363 41.83 15.44 -9.29
N VAL P 364 42.14 16.23 -10.31
CA VAL P 364 41.13 16.61 -11.29
C VAL P 364 40.75 15.40 -12.12
N ALA P 365 41.74 14.66 -12.62
CA ALA P 365 41.53 13.56 -13.55
C ALA P 365 40.97 12.31 -12.89
N ARG P 366 40.69 12.34 -11.59
CA ARG P 366 40.13 11.18 -10.94
C ARG P 366 38.64 11.04 -11.26
N PRO P 367 38.18 9.80 -11.38
CA PRO P 367 36.77 9.49 -11.11
C PRO P 367 36.44 9.49 -9.62
N ASP P 368 35.30 8.90 -9.24
CA ASP P 368 34.62 9.10 -7.95
C ASP P 368 34.21 10.56 -7.82
N LYS P 369 33.19 10.90 -8.61
CA LYS P 369 32.63 12.24 -8.71
C LYS P 369 32.26 12.82 -7.35
N ILE P 370 32.72 14.04 -7.10
CA ILE P 370 32.66 14.68 -5.79
C ILE P 370 31.69 15.85 -5.87
N SER P 371 30.80 15.95 -4.90
CA SER P 371 29.93 17.11 -4.81
C SER P 371 30.73 18.34 -4.44
N GLY P 372 30.27 19.50 -4.91
CA GLY P 372 31.01 20.76 -4.78
C GLY P 372 31.25 21.22 -3.35
N ALA P 373 30.43 20.77 -2.41
CA ALA P 373 30.69 21.08 -1.01
C ALA P 373 31.87 20.29 -0.47
N ASP P 374 32.11 19.10 -1.01
CA ASP P 374 33.18 18.26 -0.47
C ASP P 374 34.54 18.64 -1.01
N ILE P 375 34.61 19.36 -2.13
CA ILE P 375 35.86 20.00 -2.56
C ILE P 375 36.32 20.98 -1.49
N ASN P 376 35.39 21.75 -0.93
CA ASN P 376 35.70 22.68 0.15
C ASN P 376 36.18 21.94 1.39
N SER P 377 35.71 20.71 1.59
CA SER P 377 36.16 19.94 2.74
C SER P 377 37.58 19.43 2.57
N ILE P 378 38.00 19.18 1.34
CA ILE P 378 39.33 18.62 1.11
C ILE P 378 40.41 19.64 1.42
N CYS P 379 40.27 20.86 0.91
CA CYS P 379 41.30 21.87 1.08
C CYS P 379 41.37 22.38 2.51
N GLN P 380 40.24 22.36 3.22
CA GLN P 380 40.27 22.73 4.62
C GLN P 380 40.81 21.62 5.51
N GLU P 381 40.63 20.36 5.13
CA GLU P 381 41.14 19.26 5.95
C GLU P 381 42.66 19.19 5.89
N SER P 382 43.22 19.34 4.68
CA SER P 382 44.67 19.40 4.54
C SER P 382 45.26 20.65 5.18
N GLY P 383 44.47 21.71 5.35
CA GLY P 383 44.89 22.82 6.19
C GLY P 383 45.02 22.42 7.64
N MET P 384 44.07 21.62 8.14
CA MET P 384 44.20 21.06 9.47
C MET P 384 45.31 20.03 9.55
N LEU P 385 45.49 19.24 8.50
CA LEU P 385 46.42 18.11 8.53
C LEU P 385 47.87 18.53 8.25
N ALA P 386 48.17 19.83 8.35
CA ALA P 386 49.53 20.34 8.39
C ALA P 386 49.78 21.25 9.58
N VAL P 387 48.79 22.08 9.94
CA VAL P 387 48.96 23.01 11.06
C VAL P 387 48.95 22.28 12.39
N ARG P 388 48.11 21.25 12.52
CA ARG P 388 48.06 20.45 13.73
C ARG P 388 49.36 19.68 13.95
N GLU P 389 50.07 19.37 12.87
CA GLU P 389 51.39 18.77 12.93
C GLU P 389 52.50 19.80 12.97
N ASN P 390 52.16 21.07 13.21
CA ASN P 390 53.07 22.21 13.35
C ASN P 390 53.90 22.42 12.08
N ARG P 391 53.20 22.77 11.01
CA ARG P 391 53.81 23.18 9.76
C ARG P 391 53.28 24.55 9.38
N TYR P 392 54.17 25.46 9.00
CA TYR P 392 53.75 26.77 8.55
C TYR P 392 53.40 26.79 7.07
N ILE P 393 53.46 25.63 6.41
CA ILE P 393 53.07 25.52 5.00
C ILE P 393 52.55 24.10 4.79
N VAL P 394 51.58 23.96 3.90
CA VAL P 394 51.17 22.64 3.45
C VAL P 394 52.33 22.02 2.67
N LEU P 395 52.67 20.78 3.00
CA LEU P 395 53.68 20.04 2.27
C LEU P 395 53.08 19.05 1.28
N ALA P 396 51.76 18.85 1.34
CA ALA P 396 50.96 18.10 0.36
C ALA P 396 51.35 16.63 0.31
N LYS P 397 51.95 16.12 1.39
CA LYS P 397 51.95 14.70 1.65
C LYS P 397 50.74 14.29 2.49
N ASP P 398 50.12 15.25 3.16
CA ASP P 398 48.84 15.08 3.83
C ASP P 398 47.67 15.13 2.87
N PHE P 399 47.86 15.73 1.69
CA PHE P 399 46.76 15.97 0.76
C PHE P 399 46.22 14.66 0.18
N GLU P 400 47.05 13.62 0.14
CA GLU P 400 46.57 12.28 -0.20
C GLU P 400 45.63 11.75 0.86
N LYS P 401 45.98 11.94 2.13
CA LYS P 401 45.19 11.38 3.22
C LYS P 401 43.88 12.13 3.40
N ALA P 402 43.87 13.44 3.18
CA ALA P 402 42.62 14.19 3.27
C ALA P 402 41.70 13.86 2.12
N TYR P 403 42.26 13.49 0.97
CA TYR P 403 41.44 13.06 -0.16
C TYR P 403 40.80 11.71 0.12
N LYS P 404 41.58 10.78 0.67
CA LYS P 404 41.06 9.44 0.95
C LYS P 404 40.12 9.42 2.14
N THR P 405 40.17 10.44 3.00
CA THR P 405 39.29 10.47 4.16
C THR P 405 37.85 10.76 3.77
N VAL P 406 37.62 11.86 3.06
CA VAL P 406 36.27 12.30 2.76
C VAL P 406 35.61 11.48 1.66
N ILE P 407 36.39 10.74 0.86
CA ILE P 407 35.80 9.96 -0.21
C ILE P 407 35.14 8.69 0.31
N LYS P 408 35.47 8.27 1.54
CA LYS P 408 34.91 7.05 2.11
C LYS P 408 33.55 7.38 2.74
N LYS P 409 32.54 7.49 1.88
CA LYS P 409 31.14 7.56 2.32
C LYS P 409 30.33 6.55 1.50
N ASP P 410 30.55 5.32 1.88
CA ASP P 410 29.88 4.11 1.43
C ASP P 410 29.20 3.49 2.68
N GLU P 411 29.67 3.91 3.86
CA GLU P 411 29.18 3.52 5.16
C GLU P 411 29.26 2.03 5.43
N GLN P 412 28.09 1.42 5.47
CA GLN P 412 27.95 0.00 5.78
C GLN P 412 27.35 -0.79 4.63
N GLU P 413 26.09 -0.50 4.27
CA GLU P 413 25.28 -1.16 3.22
C GLU P 413 25.11 -2.68 3.44
N HIS P 414 25.61 -3.19 4.57
CA HIS P 414 25.48 -4.56 5.10
C HIS P 414 26.02 -5.65 4.18
N GLU P 415 26.73 -5.28 3.10
CA GLU P 415 27.16 -6.18 2.03
C GLU P 415 25.99 -7.03 1.55
N PHE P 416 24.90 -6.34 1.23
CA PHE P 416 23.61 -6.97 1.02
C PHE P 416 22.76 -6.03 0.21
N TYR P 417 21.86 -6.60 -0.60
CA TYR P 417 21.20 -5.99 -1.76
C TYR P 417 22.14 -5.14 -2.61
N LYS P 418 23.36 -5.66 -2.80
CA LYS P 418 24.46 -5.03 -3.54
C LYS P 418 24.74 -3.57 -3.17
N MET Q 15 47.61 86.17 113.23
CA MET Q 15 48.00 84.89 112.66
C MET Q 15 49.19 85.04 111.72
N ALA Q 16 49.26 86.18 111.03
CA ALA Q 16 50.34 86.48 110.10
C ALA Q 16 50.60 85.33 109.12
N ASP Q 17 51.87 85.00 108.93
CA ASP Q 17 52.23 83.90 108.02
C ASP Q 17 53.10 82.84 108.69
N PRO Q 18 52.52 81.98 109.58
CA PRO Q 18 53.31 80.98 110.29
C PRO Q 18 53.32 79.60 109.64
N ARG Q 19 53.63 79.56 108.33
CA ARG Q 19 53.86 78.36 107.51
C ARG Q 19 52.65 77.46 107.31
N ASP Q 20 51.51 77.75 107.95
CA ASP Q 20 50.35 76.88 107.81
C ASP Q 20 49.16 77.64 107.23
N LYS Q 21 48.95 78.88 107.68
CA LYS Q 21 48.00 79.79 107.04
C LYS Q 21 48.45 80.07 105.61
N ALA Q 22 49.76 80.02 105.38
CA ALA Q 22 50.27 79.78 104.03
C ALA Q 22 49.72 78.49 103.45
N LEU Q 23 50.06 77.35 104.06
CA LEU Q 23 49.87 76.06 103.39
C LEU Q 23 48.40 75.64 103.33
N GLN Q 24 47.59 76.07 104.30
CA GLN Q 24 46.15 75.79 104.23
C GLN Q 24 45.48 76.59 103.14
N ASP Q 25 46.06 77.73 102.77
CA ASP Q 25 45.50 78.54 101.69
C ASP Q 25 45.67 77.86 100.33
N TYR Q 26 46.89 77.36 100.06
CA TYR Q 26 47.21 76.76 98.76
C TYR Q 26 46.34 75.54 98.47
N ARG Q 27 45.92 74.84 99.52
CA ARG Q 27 45.00 73.73 99.34
C ARG Q 27 43.59 74.22 99.01
N LYS Q 28 43.10 75.23 99.73
CA LYS Q 28 41.71 75.64 99.51
C LYS Q 28 41.56 76.50 98.26
N LYS Q 29 42.65 77.11 97.78
CA LYS Q 29 42.58 77.80 96.50
C LYS Q 29 42.63 76.81 95.35
N LEU Q 30 43.44 75.75 95.48
CA LEU Q 30 43.58 74.80 94.38
C LEU Q 30 42.44 73.79 94.37
N LEU Q 31 41.79 73.58 95.51
CA LEU Q 31 40.58 72.75 95.52
C LEU Q 31 39.42 73.49 94.84
N GLU Q 32 39.48 74.82 94.85
CA GLU Q 32 38.39 75.61 94.29
C GLU Q 32 38.56 75.75 92.78
N HIS Q 33 39.81 75.76 92.30
CA HIS Q 33 40.07 75.93 90.87
C HIS Q 33 39.76 74.65 90.11
N LYS Q 34 40.08 73.50 90.70
CA LYS Q 34 39.80 72.23 90.03
C LYS Q 34 38.31 71.88 90.13
N GLU Q 35 37.63 72.42 91.13
CA GLU Q 35 36.18 72.28 91.21
C GLU Q 35 35.50 73.05 90.08
N ILE Q 36 36.00 74.26 89.79
CA ILE Q 36 35.32 75.11 88.82
C ILE Q 36 35.79 74.82 87.40
N ASP Q 37 36.95 74.19 87.24
CA ASP Q 37 37.40 73.76 85.91
C ASP Q 37 36.69 72.48 85.49
N GLY Q 38 36.16 71.71 86.43
CA GLY Q 38 35.50 70.46 86.14
C GLY Q 38 34.16 70.61 85.45
N ARG Q 39 33.31 71.50 85.96
CA ARG Q 39 32.00 71.76 85.35
C ARG Q 39 32.15 72.47 84.01
N LEU Q 40 33.29 73.15 83.80
CA LEU Q 40 33.55 73.78 82.52
C LEU Q 40 33.78 72.73 81.43
N LYS Q 41 34.52 71.67 81.75
CA LYS Q 41 34.76 70.61 80.77
C LYS Q 41 33.50 69.80 80.52
N GLU Q 42 32.67 69.62 81.55
CA GLU Q 42 31.44 68.84 81.41
C GLU Q 42 30.40 69.57 80.57
N LEU Q 43 30.29 70.89 80.77
CA LEU Q 43 29.30 71.66 80.03
C LEU Q 43 29.73 71.89 78.59
N ARG Q 44 31.04 72.04 78.34
CA ARG Q 44 31.52 72.17 76.97
C ARG Q 44 31.35 70.86 76.21
N GLU Q 45 31.42 69.73 76.91
CA GLU Q 45 31.19 68.44 76.27
C GLU Q 45 29.73 68.28 75.86
N GLN Q 46 28.82 68.89 76.63
CA GLN Q 46 27.40 68.81 76.31
C GLN Q 46 27.06 69.68 75.11
N LEU Q 47 27.79 70.79 74.93
CA LEU Q 47 27.54 71.64 73.78
C LEU Q 47 28.10 71.00 72.51
N LYS Q 48 29.13 70.18 72.65
CA LYS Q 48 29.69 69.45 71.51
C LYS Q 48 28.72 68.37 71.03
N GLU Q 49 27.92 67.83 71.96
CA GLU Q 49 27.04 66.72 71.63
C GLU Q 49 25.81 67.20 70.85
N LEU Q 50 25.28 68.37 71.22
CA LEU Q 50 24.04 68.85 70.60
C LEU Q 50 24.29 69.37 69.19
N THR Q 51 25.53 69.73 68.87
CA THR Q 51 25.88 70.17 67.53
C THR Q 51 25.78 69.00 66.54
N LYS Q 52 26.10 67.81 67.02
CA LYS Q 52 25.92 66.58 66.24
C LYS Q 52 24.44 66.35 65.98
N GLN Q 53 23.59 66.65 66.97
CA GLN Q 53 22.15 66.55 66.78
C GLN Q 53 21.63 67.63 65.85
N TYR Q 54 22.19 68.84 65.95
CA TYR Q 54 21.77 69.94 65.10
C TYR Q 54 22.21 69.73 63.65
N GLU Q 55 23.30 68.98 63.46
CA GLU Q 55 23.77 68.59 62.14
C GLU Q 55 22.76 67.69 61.43
N LYS Q 56 22.17 66.76 62.18
CA LYS Q 56 21.19 65.85 61.59
C LYS Q 56 19.89 66.58 61.27
N SER Q 57 19.55 67.61 62.04
CA SER Q 57 18.33 68.37 61.77
C SER Q 57 18.47 69.21 60.51
N GLU Q 58 19.64 69.83 60.32
CA GLU Q 58 19.85 70.65 59.13
C GLU Q 58 20.04 69.79 57.88
N ASN Q 59 20.49 68.56 58.04
CA ASN Q 59 20.50 67.62 56.91
C ASN Q 59 19.08 67.25 56.52
N ASP Q 60 18.17 67.19 57.49
CA ASP Q 60 16.79 66.87 57.19
C ASP Q 60 16.06 68.05 56.55
N LEU Q 61 16.43 69.28 56.93
CA LEU Q 61 15.88 70.45 56.28
C LEU Q 61 16.38 70.57 54.85
N LYS Q 62 17.61 70.12 54.59
CA LYS Q 62 18.07 69.95 53.22
C LYS Q 62 17.34 68.81 52.53
N ALA Q 63 17.05 67.76 53.28
CA ALA Q 63 16.35 66.59 52.75
C ALA Q 63 14.84 66.80 52.79
N LEU Q 64 14.34 67.65 51.91
CA LEU Q 64 12.91 67.92 51.84
C LEU Q 64 12.52 68.52 50.49
N GLN Q 65 13.06 67.94 49.43
CA GLN Q 65 12.79 68.42 48.08
C GLN Q 65 13.15 67.36 47.04
N SER Q 66 12.88 66.10 47.36
CA SER Q 66 13.16 65.00 46.45
C SER Q 66 11.89 64.64 45.71
N VAL Q 67 11.33 65.62 45.00
CA VAL Q 67 10.10 65.44 44.26
C VAL Q 67 10.12 64.22 43.34
N GLY Q 68 11.08 63.33 43.54
CA GLY Q 68 11.13 62.14 42.70
C GLY Q 68 11.80 62.25 41.34
N GLN Q 69 12.03 61.10 40.71
CA GLN Q 69 12.40 61.02 39.31
C GLN Q 69 11.68 59.80 38.72
N ILE Q 70 11.36 59.88 37.44
CA ILE Q 70 10.63 58.83 36.75
C ILE Q 70 11.62 57.92 36.05
N VAL Q 71 11.51 56.62 36.30
CA VAL Q 71 12.43 55.63 35.76
C VAL Q 71 11.87 55.11 34.44
N GLY Q 72 12.65 55.21 33.38
CA GLY Q 72 12.25 54.71 32.07
C GLY Q 72 13.46 54.17 31.33
N GLU Q 73 13.22 53.69 30.12
CA GLU Q 73 14.27 53.16 29.27
C GLU Q 73 14.18 53.74 27.88
N VAL Q 74 15.34 53.97 27.27
CA VAL Q 74 15.42 54.53 25.93
C VAL Q 74 15.07 53.46 24.92
N LEU Q 75 14.06 53.73 24.10
CA LEU Q 75 13.68 52.80 23.05
C LEU Q 75 14.52 52.98 21.79
N LYS Q 76 14.59 54.21 21.29
CA LYS Q 76 15.46 54.53 20.16
C LYS Q 76 15.77 56.02 20.19
N GLN Q 77 16.69 56.41 19.32
CA GLN Q 77 17.12 57.81 19.19
C GLN Q 77 16.43 58.44 17.99
N LEU Q 78 15.67 59.49 18.23
CA LEU Q 78 14.97 60.17 17.14
C LEU Q 78 15.89 61.17 16.42
N THR Q 79 16.31 62.21 17.13
CA THR Q 79 17.27 63.19 16.63
C THR Q 79 18.39 63.34 17.66
N GLU Q 80 19.19 64.40 17.49
CA GLU Q 80 20.30 64.66 18.41
C GLU Q 80 19.82 64.99 19.82
N GLU Q 81 18.64 65.60 19.96
CA GLU Q 81 18.11 65.92 21.27
C GLU Q 81 16.68 65.45 21.46
N LYS Q 82 16.14 64.66 20.52
CA LYS Q 82 14.87 63.98 20.71
C LYS Q 82 15.10 62.49 20.79
N PHE Q 83 14.46 61.86 21.77
CA PHE Q 83 14.58 60.42 22.00
C PHE Q 83 13.18 59.86 22.20
N ILE Q 84 13.08 58.54 22.22
CA ILE Q 84 11.82 57.85 22.50
C ILE Q 84 12.04 56.98 23.72
N VAL Q 85 11.35 57.30 24.81
CA VAL Q 85 11.46 56.54 26.04
C VAL Q 85 10.09 55.98 26.38
N LYS Q 86 10.05 55.09 27.37
CA LYS Q 86 8.81 54.49 27.84
C LYS Q 86 8.93 54.22 29.32
N ALA Q 87 7.86 54.52 30.07
CA ALA Q 87 7.82 54.22 31.48
C ALA Q 87 7.76 52.70 31.71
N THR Q 88 8.06 52.31 32.95
CA THR Q 88 8.12 50.88 33.28
C THR Q 88 6.74 50.25 33.29
N ASN Q 89 5.68 51.04 33.47
CA ASN Q 89 4.32 50.54 33.37
C ASN Q 89 3.42 51.47 32.56
N GLY Q 90 3.97 52.51 31.96
CA GLY Q 90 3.16 53.52 31.31
C GLY Q 90 3.43 53.69 29.83
N PRO Q 91 3.04 54.85 29.30
CA PRO Q 91 3.08 55.06 27.84
C PRO Q 91 4.45 55.49 27.34
N ARG Q 92 4.52 55.82 26.06
CA ARG Q 92 5.75 56.28 25.42
C ARG Q 92 5.76 57.80 25.31
N TYR Q 93 6.96 58.36 25.16
CA TYR Q 93 7.15 59.80 25.18
C TYR Q 93 8.28 60.19 24.24
N VAL Q 94 8.35 61.49 23.96
CA VAL Q 94 9.46 62.10 23.21
C VAL Q 94 10.07 63.17 24.10
N VAL Q 95 11.35 63.04 24.40
CA VAL Q 95 11.99 63.77 25.50
C VAL Q 95 13.26 64.45 25.01
N GLY Q 96 13.95 65.11 25.94
CA GLY Q 96 15.25 65.69 25.70
C GLY Q 96 16.13 65.53 26.93
N CYS Q 97 17.36 66.04 26.83
CA CYS Q 97 18.34 65.95 27.90
C CYS Q 97 18.43 67.28 28.63
N ARG Q 98 19.36 67.37 29.59
CA ARG Q 98 19.39 68.60 30.38
C ARG Q 98 20.14 69.71 29.68
N ARG Q 99 21.48 69.68 29.74
CA ARG Q 99 22.32 70.55 28.91
C ARG Q 99 23.54 69.82 28.36
N GLN Q 100 24.18 69.02 29.22
CA GLN Q 100 25.54 68.52 28.99
C GLN Q 100 25.62 67.05 29.39
N LEU Q 101 24.64 66.27 28.97
CA LEU Q 101 24.45 64.92 29.48
C LEU Q 101 25.32 63.88 28.77
N ASP Q 102 26.13 64.30 27.79
CA ASP Q 102 26.99 63.45 26.97
C ASP Q 102 26.15 62.38 26.25
N LYS Q 103 25.35 62.89 25.31
CA LYS Q 103 24.25 62.16 24.68
C LYS Q 103 24.71 60.98 23.83
N SER Q 104 26.01 60.84 23.55
CA SER Q 104 26.51 59.69 22.80
C SER Q 104 26.41 58.40 23.61
N LYS Q 105 26.39 58.49 24.94
CA LYS Q 105 26.29 57.31 25.77
C LYS Q 105 24.86 56.77 25.85
N LEU Q 106 23.88 57.52 25.36
CA LEU Q 106 22.48 57.08 25.40
C LEU Q 106 22.21 56.13 24.24
N LYS Q 107 22.74 54.92 24.37
CA LYS Q 107 22.44 53.96 23.33
C LYS Q 107 21.10 53.30 23.62
N PRO Q 108 20.30 53.01 22.57
CA PRO Q 108 18.94 52.50 22.80
C PRO Q 108 18.89 51.13 23.46
N GLY Q 109 18.37 51.10 24.68
CA GLY Q 109 18.35 49.90 25.48
C GLY Q 109 18.77 50.19 26.90
N THR Q 110 19.34 51.37 27.12
CA THR Q 110 19.79 51.76 28.45
C THR Q 110 18.61 52.18 29.32
N ARG Q 111 18.89 52.37 30.61
CA ARG Q 111 17.89 52.80 31.57
C ARG Q 111 18.24 54.20 32.04
N VAL Q 112 17.30 55.13 31.87
CA VAL Q 112 17.50 56.52 32.23
C VAL Q 112 16.50 56.92 33.30
N ALA Q 113 16.62 58.16 33.76
CA ALA Q 113 15.72 58.72 34.75
C ALA Q 113 15.15 60.03 34.22
N LEU Q 114 13.86 60.24 34.46
CA LEU Q 114 13.13 61.36 33.88
C LEU Q 114 12.63 62.29 34.98
N ASP Q 115 12.37 63.53 34.59
CA ASP Q 115 11.73 64.49 35.48
C ASP Q 115 10.25 64.13 35.63
N MET Q 116 9.64 64.63 36.71
CA MET Q 116 8.22 64.37 36.94
C MET Q 116 7.35 65.21 36.02
N THR Q 117 7.59 66.52 35.98
CA THR Q 117 6.73 67.45 35.25
C THR Q 117 7.33 67.87 33.91
N THR Q 118 8.59 68.32 33.92
CA THR Q 118 9.27 68.68 32.66
C THR Q 118 9.51 67.44 31.81
N LEU Q 119 9.69 66.29 32.46
CA LEU Q 119 9.67 64.94 31.91
C LEU Q 119 10.89 64.67 31.03
N THR Q 120 11.90 65.52 31.08
CA THR Q 120 13.13 65.34 30.32
C THR Q 120 14.10 64.44 31.05
N ILE Q 121 15.17 64.04 30.35
CA ILE Q 121 16.13 63.07 30.86
C ILE Q 121 17.05 63.76 31.86
N MET Q 122 17.26 63.13 33.02
CA MET Q 122 18.20 63.62 34.01
C MET Q 122 19.54 62.87 33.97
N ARG Q 123 19.50 61.54 34.10
CA ARG Q 123 20.72 60.75 34.19
C ARG Q 123 20.41 59.30 33.84
N TYR Q 124 21.29 58.70 33.05
CA TYR Q 124 21.20 57.29 32.73
C TYR Q 124 21.71 56.45 33.90
N LEU Q 125 21.26 55.20 33.97
CA LEU Q 125 21.57 54.30 35.07
C LEU Q 125 21.89 52.92 34.54
N PRO Q 126 22.83 52.20 35.16
CA PRO Q 126 23.08 50.82 34.78
C PRO Q 126 22.00 49.89 35.32
N ARG Q 127 22.04 48.65 34.85
CA ARG Q 127 20.94 47.72 35.08
C ARG Q 127 21.44 46.32 35.38
N GLU Q 128 20.77 45.65 36.32
CA GLU Q 128 20.84 44.19 36.44
C GLU Q 128 19.52 43.71 37.03
N VAL Q 129 18.83 42.84 36.29
CA VAL Q 129 17.52 42.34 36.69
C VAL Q 129 17.30 41.00 36.00
N ASP Q 130 16.19 40.29 36.34
CA ASP Q 130 15.64 39.16 35.58
C ASP Q 130 16.60 37.99 35.41
N PRO Q 131 16.68 37.07 36.40
CA PRO Q 131 17.68 35.97 36.36
C PRO Q 131 17.64 35.01 35.17
N LEU Q 132 16.76 35.22 34.18
CA LEU Q 132 16.97 34.66 32.85
C LEU Q 132 18.26 35.19 32.23
N VAL Q 133 18.68 36.41 32.59
CA VAL Q 133 20.00 36.93 32.26
C VAL Q 133 21.09 36.04 32.87
N TYR Q 134 20.83 35.51 34.08
CA TYR Q 134 21.77 34.59 34.71
C TYR Q 134 21.73 33.19 34.11
N ASN Q 135 21.04 32.99 32.99
CA ASN Q 135 21.19 31.77 32.21
C ASN Q 135 22.11 31.95 31.02
N MET Q 136 22.46 33.19 30.66
CA MET Q 136 23.16 33.44 29.39
C MET Q 136 24.28 34.46 29.44
N SER Q 137 24.41 35.30 30.47
CA SER Q 137 25.26 36.48 30.34
C SER Q 137 26.37 36.59 31.38
N HIS Q 138 26.22 35.99 32.55
CA HIS Q 138 27.22 36.14 33.60
C HIS Q 138 28.47 35.32 33.27
N GLU Q 139 29.54 35.60 34.00
CA GLU Q 139 30.80 34.91 33.81
C GLU Q 139 31.01 33.90 34.94
N ASP Q 140 32.01 33.04 34.74
CA ASP Q 140 32.45 32.09 35.77
C ASP Q 140 33.95 31.91 35.63
N PRO Q 141 34.76 32.85 36.19
CA PRO Q 141 36.23 32.73 36.13
C PRO Q 141 36.82 31.89 37.26
N GLY Q 142 36.20 30.75 37.53
CA GLY Q 142 36.64 29.85 38.59
C GLY Q 142 37.39 28.68 38.00
N ASN Q 143 38.48 28.30 38.65
CA ASN Q 143 39.36 27.23 38.19
C ASN Q 143 39.30 26.03 39.12
N VAL Q 144 39.69 24.88 38.56
CA VAL Q 144 40.11 23.73 39.34
C VAL Q 144 41.55 23.43 38.93
N SER Q 145 42.31 22.87 39.87
CA SER Q 145 43.74 22.69 39.65
C SER Q 145 44.06 21.32 39.05
N TYR Q 146 43.33 20.93 38.00
CA TYR Q 146 43.58 19.81 37.08
C TYR Q 146 43.71 18.43 37.73
N SER Q 147 43.51 18.31 39.04
CA SER Q 147 43.66 17.05 39.74
C SER Q 147 42.46 16.73 40.63
N GLU Q 148 41.49 17.64 40.70
CA GLU Q 148 40.26 17.39 41.43
C GLU Q 148 39.40 16.39 40.68
N ILE Q 149 39.64 16.23 39.38
CA ILE Q 149 39.00 15.21 38.56
C ILE Q 149 40.09 14.21 38.20
N GLY Q 150 39.72 12.97 37.94
CA GLY Q 150 40.73 11.96 37.71
C GLY Q 150 40.35 10.80 36.80
N GLY Q 151 41.32 10.34 36.01
CA GLY Q 151 41.18 9.12 35.24
C GLY Q 151 40.73 9.31 33.81
N LEU Q 152 41.04 10.47 33.24
CA LEU Q 152 40.71 10.76 31.84
C LEU Q 152 41.92 11.42 31.17
N SER Q 153 43.10 10.86 31.39
CA SER Q 153 44.36 11.54 31.09
C SER Q 153 44.58 11.74 29.60
N GLU Q 154 44.03 10.86 28.76
CA GLU Q 154 44.18 11.03 27.32
C GLU Q 154 43.29 12.17 26.81
N GLN Q 155 42.19 12.45 27.50
CA GLN Q 155 41.18 13.37 27.02
C GLN Q 155 41.25 14.73 27.70
N ILE Q 156 42.10 14.89 28.72
CA ILE Q 156 42.43 16.22 29.24
C ILE Q 156 43.11 17.04 28.15
N ARG Q 157 43.94 16.38 27.34
CA ARG Q 157 44.88 17.06 26.48
C ARG Q 157 44.47 17.02 25.01
N GLU Q 158 43.80 15.95 24.59
CA GLU Q 158 43.31 15.83 23.23
C GLU Q 158 42.28 16.93 22.93
N LEU Q 159 41.54 17.35 23.95
CA LEU Q 159 40.67 18.49 23.83
C LEU Q 159 41.40 19.82 24.06
N ARG Q 160 42.55 19.79 24.72
CA ARG Q 160 43.24 21.02 25.10
C ARG Q 160 43.80 21.79 23.89
N GLU Q 161 44.75 21.21 23.17
CA GLU Q 161 45.40 21.95 22.10
C GLU Q 161 44.59 22.02 20.82
N VAL Q 162 43.48 21.27 20.72
CA VAL Q 162 42.57 21.47 19.60
C VAL Q 162 41.75 22.73 19.82
N ILE Q 163 41.72 23.25 21.04
CA ILE Q 163 41.12 24.55 21.33
C ILE Q 163 42.18 25.62 21.54
N GLU Q 164 43.28 25.25 22.20
CA GLU Q 164 44.30 26.22 22.60
C GLU Q 164 45.06 26.78 21.41
N LEU Q 165 45.63 25.89 20.58
CA LEU Q 165 46.39 26.31 19.40
C LEU Q 165 45.62 27.15 18.38
N PRO Q 166 44.32 26.95 18.10
CA PRO Q 166 43.66 27.93 17.23
C PRO Q 166 43.42 29.28 17.89
N LEU Q 167 43.13 29.32 19.20
CA LEU Q 167 42.89 30.62 19.82
C LEU Q 167 44.19 31.37 20.12
N THR Q 168 45.23 30.65 20.55
CA THR Q 168 46.51 31.29 20.81
C THR Q 168 47.23 31.68 19.53
N ASN Q 169 47.02 30.96 18.43
CA ASN Q 169 47.77 31.17 17.21
C ASN Q 169 46.80 31.31 16.04
N PRO Q 170 46.26 32.50 15.82
CA PRO Q 170 45.49 32.74 14.58
C PRO Q 170 46.38 33.09 13.40
N GLU Q 171 47.67 33.30 13.63
CA GLU Q 171 48.57 33.69 12.56
C GLU Q 171 48.91 32.55 11.63
N LEU Q 172 48.90 31.30 12.13
CA LEU Q 172 49.01 30.15 11.24
C LEU Q 172 47.79 29.99 10.36
N PHE Q 173 46.65 30.56 10.75
CA PHE Q 173 45.45 30.56 9.93
C PHE Q 173 45.46 31.65 8.87
N GLN Q 174 46.62 32.27 8.63
CA GLN Q 174 46.91 32.99 7.42
C GLN Q 174 48.17 32.51 6.74
N ARG Q 175 48.96 31.65 7.41
CA ARG Q 175 50.10 31.04 6.76
C ARG Q 175 49.68 29.95 5.78
N VAL Q 176 48.48 29.40 5.97
CA VAL Q 176 47.80 28.62 4.94
C VAL Q 176 46.42 29.18 4.63
N GLY Q 177 45.66 29.54 5.65
CA GLY Q 177 44.44 30.31 5.54
C GLY Q 177 43.19 29.47 5.58
N ILE Q 178 42.68 29.28 6.81
CA ILE Q 178 41.32 28.81 7.09
C ILE Q 178 41.00 29.12 8.55
N ILE Q 179 39.84 29.72 8.78
CA ILE Q 179 39.40 30.23 10.08
C ILE Q 179 38.72 29.22 11.03
N PRO Q 180 38.01 28.23 10.47
CA PRO Q 180 37.16 27.03 10.69
C PRO Q 180 37.20 26.07 11.92
N PRO Q 181 38.35 25.79 12.56
CA PRO Q 181 38.33 24.84 13.69
C PRO Q 181 37.37 25.23 14.84
N LYS Q 182 36.14 24.73 14.86
CA LYS Q 182 35.14 25.14 15.83
C LYS Q 182 34.71 24.03 16.79
N GLY Q 183 35.64 23.20 17.25
CA GLY Q 183 35.40 22.50 18.50
C GLY Q 183 34.94 21.07 18.32
N CYS Q 184 35.04 20.31 19.41
CA CYS Q 184 34.78 18.88 19.42
C CYS Q 184 33.38 18.56 19.93
N LEU Q 185 32.98 17.30 19.75
CA LEU Q 185 31.75 16.78 20.30
C LEU Q 185 32.07 15.86 21.47
N LEU Q 186 31.65 16.26 22.66
CA LEU Q 186 31.80 15.46 23.87
C LEU Q 186 30.53 14.66 24.03
N TYR Q 187 30.59 13.37 23.68
CA TYR Q 187 29.43 12.51 23.79
C TYR Q 187 29.78 11.23 24.53
N GLY Q 188 28.78 10.68 25.23
CA GLY Q 188 28.95 9.48 26.01
C GLY Q 188 27.88 9.35 27.08
N PRO Q 189 28.29 9.09 28.31
CA PRO Q 189 27.35 9.04 29.42
C PRO Q 189 27.05 10.44 29.93
N PRO Q 190 26.06 10.61 30.81
CA PRO Q 190 26.02 11.82 31.63
C PRO Q 190 27.23 11.91 32.55
N GLY Q 191 27.39 10.90 33.42
CA GLY Q 191 28.49 10.75 34.37
C GLY Q 191 28.88 11.99 35.14
N THR Q 192 30.18 12.19 35.30
CA THR Q 192 30.66 13.49 35.72
C THR Q 192 31.41 14.20 34.59
N GLY Q 193 31.54 13.59 33.42
CA GLY Q 193 32.39 14.11 32.36
C GLY Q 193 31.95 15.42 31.73
N LYS Q 194 30.64 15.63 31.59
CA LYS Q 194 30.14 16.82 30.91
C LYS Q 194 30.43 18.08 31.73
N THR Q 195 30.35 17.98 33.06
CA THR Q 195 30.53 19.15 33.90
C THR Q 195 31.96 19.29 34.44
N LEU Q 196 32.69 18.19 34.60
CA LEU Q 196 33.96 18.27 35.30
C LEU Q 196 35.15 18.53 34.36
N LEU Q 197 35.21 17.85 33.22
CA LEU Q 197 36.34 18.13 32.32
C LEU Q 197 36.13 19.41 31.52
N ALA Q 198 34.93 19.99 31.56
CA ALA Q 198 34.80 21.38 31.14
C ALA Q 198 35.59 22.31 32.04
N ARG Q 199 35.71 21.96 33.32
CA ARG Q 199 36.58 22.71 34.23
C ARG Q 199 38.05 22.32 34.05
N ALA Q 200 38.31 21.20 33.37
CA ALA Q 200 39.70 20.88 33.05
C ALA Q 200 40.22 21.76 31.92
N VAL Q 201 39.34 22.20 31.04
CA VAL Q 201 39.74 23.15 29.99
C VAL Q 201 39.91 24.54 30.59
N ALA Q 202 39.30 24.77 31.76
CA ALA Q 202 39.41 26.03 32.52
C ALA Q 202 40.76 26.22 33.19
N SER Q 203 41.74 25.36 32.94
CA SER Q 203 42.98 25.35 33.70
C SER Q 203 43.94 26.48 33.34
N GLN Q 204 43.86 26.91 32.09
CA GLN Q 204 44.63 28.03 31.58
C GLN Q 204 43.56 29.02 31.11
N LEU Q 205 43.75 30.29 31.44
CA LEU Q 205 42.79 31.32 31.03
C LEU Q 205 41.37 30.79 31.17
N ASP Q 206 40.81 30.34 30.06
CA ASP Q 206 39.44 29.80 30.01
C ASP Q 206 38.45 30.75 30.70
N CYS Q 207 38.02 30.37 31.90
CA CYS Q 207 37.11 31.22 32.69
C CYS Q 207 35.66 31.32 32.20
N ASN Q 208 35.45 32.26 31.28
CA ASN Q 208 34.15 32.54 30.66
C ASN Q 208 33.01 31.70 31.20
N PHE Q 209 32.89 30.48 30.65
CA PHE Q 209 31.85 29.50 31.00
C PHE Q 209 30.39 29.90 30.72
N LEU Q 210 29.88 30.89 31.46
CA LEU Q 210 28.50 31.37 31.32
C LEU Q 210 27.56 30.18 31.40
N LYS Q 211 26.87 29.87 30.30
CA LYS Q 211 26.03 28.69 30.31
C LYS Q 211 25.17 28.71 29.05
N VAL Q 212 24.99 27.55 28.44
CA VAL Q 212 24.04 27.39 27.35
C VAL Q 212 23.09 26.26 27.73
N VAL Q 213 21.85 26.61 28.04
CA VAL Q 213 20.86 25.61 28.42
C VAL Q 213 20.28 24.89 27.22
N SER Q 214 20.51 25.43 26.03
CA SER Q 214 20.00 24.83 24.80
C SER Q 214 18.47 24.75 24.86
N SER Q 215 17.84 25.87 25.20
CA SER Q 215 16.38 25.91 25.30
C SER Q 215 15.76 27.30 25.16
N SER Q 216 16.46 28.34 25.63
CA SER Q 216 15.91 29.68 25.54
C SER Q 216 16.10 30.31 24.17
N ILE Q 217 16.94 29.72 23.32
CA ILE Q 217 17.20 30.23 21.98
C ILE Q 217 16.38 29.46 20.94
N VAL Q 218 15.86 28.29 21.30
CA VAL Q 218 15.26 27.34 20.36
C VAL Q 218 13.80 27.69 20.04
N ASP Q 219 13.38 28.91 20.39
CA ASP Q 219 12.06 29.42 20.01
C ASP Q 219 11.88 29.39 18.49
N LYS Q 220 10.63 29.23 18.06
CA LYS Q 220 10.33 28.62 16.77
C LYS Q 220 10.67 29.53 15.59
N TYR Q 221 10.17 30.76 15.58
CA TYR Q 221 10.57 31.70 14.53
C TYR Q 221 11.97 32.23 14.87
N ILE Q 222 12.89 32.11 13.92
CA ILE Q 222 14.31 32.30 14.20
C ILE Q 222 14.72 33.74 13.98
N GLY Q 223 13.75 34.63 13.73
CA GLY Q 223 14.03 36.05 13.77
C GLY Q 223 14.33 36.53 15.18
N GLU Q 224 13.72 35.90 16.18
CA GLU Q 224 14.07 36.16 17.57
C GLU Q 224 15.34 35.42 17.95
N SER Q 225 15.50 34.19 17.44
CA SER Q 225 16.64 33.34 17.81
C SER Q 225 17.96 33.91 17.34
N ALA Q 226 17.97 34.57 16.17
CA ALA Q 226 19.20 35.21 15.69
C ALA Q 226 19.55 36.42 16.56
N ARG Q 227 18.55 37.09 17.13
CA ARG Q 227 18.83 38.10 18.14
C ARG Q 227 19.27 37.43 19.45
N LEU Q 228 18.72 36.27 19.76
CA LEU Q 228 19.15 35.50 20.93
C LEU Q 228 20.52 34.89 20.74
N ILE Q 229 21.00 34.76 19.49
CA ILE Q 229 22.41 34.48 19.25
C ILE Q 229 23.25 35.64 19.77
N ARG Q 230 23.02 36.83 19.22
CA ARG Q 230 23.88 37.99 19.49
C ARG Q 230 23.61 38.60 20.86
N GLU Q 231 22.53 38.19 21.54
CA GLU Q 231 22.32 38.61 22.93
C GLU Q 231 23.37 38.03 23.85
N MET Q 232 23.77 36.78 23.59
CA MET Q 232 24.81 36.14 24.40
C MET Q 232 26.19 36.66 24.04
N PHE Q 233 26.36 37.20 22.83
CA PHE Q 233 27.63 37.80 22.45
C PHE Q 233 27.80 39.21 22.98
N ASN Q 234 26.80 39.75 23.69
CA ASN Q 234 26.98 41.04 24.35
C ASN Q 234 27.99 40.97 25.48
N TYR Q 235 28.18 39.81 26.09
CA TYR Q 235 29.29 39.61 27.00
C TYR Q 235 30.49 38.96 26.32
N ALA Q 236 30.28 38.16 25.27
CA ALA Q 236 31.41 37.57 24.56
C ALA Q 236 32.20 38.58 23.76
N ARG Q 237 31.64 39.76 23.49
CA ARG Q 237 32.38 40.86 22.89
C ARG Q 237 33.26 41.58 23.92
N ASP Q 238 32.98 41.41 25.20
CA ASP Q 238 33.68 42.16 26.24
C ASP Q 238 35.11 41.67 26.47
N HIS Q 239 35.54 40.61 25.79
CA HIS Q 239 36.84 40.01 26.05
C HIS Q 239 37.55 39.62 24.75
N GLN Q 240 38.57 38.79 24.96
CA GLN Q 240 39.42 37.97 24.11
C GLN Q 240 38.61 36.67 23.84
N PRO Q 241 39.22 35.61 23.32
CA PRO Q 241 38.36 34.45 23.12
C PRO Q 241 37.55 34.08 24.38
N CYS Q 242 36.26 34.42 24.40
CA CYS Q 242 35.37 34.07 25.52
C CYS Q 242 35.06 32.58 25.35
N ILE Q 243 34.74 31.84 26.41
CA ILE Q 243 34.60 30.43 26.08
C ILE Q 243 33.16 30.09 26.47
N ILE Q 244 32.30 30.02 25.46
CA ILE Q 244 30.88 29.78 25.71
C ILE Q 244 30.70 28.31 26.07
N PHE Q 245 30.58 28.04 27.36
CA PHE Q 245 30.18 26.72 27.83
C PHE Q 245 28.76 26.46 27.37
N MET Q 246 28.54 25.28 26.79
CA MET Q 246 27.23 24.91 26.26
C MET Q 246 26.73 23.54 26.69
N ASP Q 247 25.80 23.56 27.64
CA ASP Q 247 25.16 22.38 28.15
C ASP Q 247 23.88 22.05 27.39
N GLU Q 248 23.66 20.76 27.33
CA GLU Q 248 22.53 20.06 26.69
C GLU Q 248 22.23 20.55 25.27
N ILE Q 249 23.27 20.48 24.44
CA ILE Q 249 23.15 20.86 23.04
C ILE Q 249 21.94 20.12 22.50
N ASP Q 250 21.97 18.81 22.59
CA ASP Q 250 20.82 18.02 22.15
C ASP Q 250 20.05 17.48 23.35
N ALA Q 251 19.14 18.30 23.86
CA ALA Q 251 18.17 17.88 24.87
C ALA Q 251 17.00 18.85 24.86
N ILE Q 252 15.79 18.30 24.71
CA ILE Q 252 14.55 19.06 24.80
C ILE Q 252 13.83 18.55 26.05
N GLY Q 253 12.84 19.31 26.51
CA GLY Q 253 12.02 18.89 27.64
C GLY Q 253 11.24 17.64 27.33
N GLY Q 254 11.64 16.53 27.93
CA GLY Q 254 11.13 15.23 27.57
C GLY Q 254 12.16 14.41 26.83
N ARG Q 255 11.78 13.85 25.68
CA ARG Q 255 12.66 13.00 24.87
C ARG Q 255 12.67 13.50 23.43
N ARG Q 256 13.62 13.00 22.65
CA ARG Q 256 13.73 13.34 21.24
C ARG Q 256 13.82 12.05 20.42
N PHE Q 257 12.78 11.80 19.64
CA PHE Q 257 12.70 10.70 18.68
C PHE Q 257 12.98 11.24 17.28
N SER Q 258 12.68 10.44 16.27
CA SER Q 258 12.81 10.85 14.87
C SER Q 258 11.66 11.77 14.49
N GLU Q 259 11.56 12.10 13.21
CA GLU Q 259 10.65 13.15 12.74
C GLU Q 259 9.19 12.72 12.73
N GLY Q 260 8.60 12.63 13.93
CA GLY Q 260 7.18 12.36 14.09
C GLY Q 260 6.42 13.52 14.70
N THR Q 261 6.25 13.46 16.02
CA THR Q 261 5.66 14.51 16.85
C THR Q 261 6.75 15.55 17.11
N SER Q 262 6.62 16.39 18.14
CA SER Q 262 7.56 17.49 18.36
C SER Q 262 8.95 17.02 18.79
N ALA Q 263 9.62 16.32 17.89
CA ALA Q 263 10.99 15.84 18.00
C ALA Q 263 11.69 16.16 16.69
N ASP Q 264 11.58 17.43 16.29
CA ASP Q 264 11.76 17.88 14.92
C ASP Q 264 12.99 18.78 14.83
N ARG Q 265 13.11 19.51 13.73
CA ARG Q 265 14.19 20.47 13.49
C ARG Q 265 14.19 21.67 14.47
N GLU Q 266 13.37 21.73 15.56
CA GLU Q 266 13.42 22.80 16.54
C GLU Q 266 14.82 23.11 17.05
N ILE Q 267 15.66 22.07 17.17
CA ILE Q 267 17.09 22.28 17.32
C ILE Q 267 17.68 22.87 16.05
N GLN Q 268 17.46 22.21 14.90
CA GLN Q 268 18.21 22.51 13.69
C GLN Q 268 17.77 23.79 12.99
N ARG Q 269 16.59 24.34 13.30
CA ARG Q 269 16.31 25.72 12.90
C ARG Q 269 17.28 26.68 13.57
N THR Q 270 17.61 26.41 14.83
CA THR Q 270 18.62 27.19 15.54
C THR Q 270 20.02 26.69 15.18
N LEU Q 271 20.23 25.37 15.22
CA LEU Q 271 21.56 24.77 15.27
C LEU Q 271 22.38 25.03 14.00
N MET Q 272 21.77 24.85 12.83
CA MET Q 272 22.48 25.14 11.60
C MET Q 272 22.72 26.63 11.40
N GLU Q 273 21.93 27.48 12.05
CA GLU Q 273 22.18 28.91 12.02
C GLU Q 273 23.25 29.34 13.02
N LEU Q 274 23.53 28.52 14.05
CA LEU Q 274 24.56 28.88 15.01
C LEU Q 274 25.94 28.79 14.39
N LEU Q 275 26.27 27.63 13.83
CA LEU Q 275 27.54 27.34 13.20
C LEU Q 275 27.76 28.17 11.93
N ASN Q 276 26.71 28.81 11.42
CA ASN Q 276 26.79 29.88 10.45
C ASN Q 276 27.12 31.23 11.12
N GLN Q 277 26.37 31.59 12.16
CA GLN Q 277 26.36 32.97 12.64
C GLN Q 277 27.08 33.19 13.97
N MET Q 278 27.24 32.17 14.82
CA MET Q 278 27.95 32.38 16.08
C MET Q 278 29.43 32.65 15.84
N ASP Q 279 30.14 31.67 15.29
CA ASP Q 279 31.56 31.80 15.09
C ASP Q 279 31.94 30.95 13.88
N GLY Q 280 33.16 31.15 13.38
CA GLY Q 280 33.56 30.50 12.14
C GLY Q 280 33.32 31.38 10.93
N PHE Q 281 32.18 31.17 10.25
CA PHE Q 281 31.85 31.95 9.07
C PHE Q 281 31.53 33.39 9.44
N ASP Q 282 30.50 33.59 10.26
CA ASP Q 282 30.24 34.88 10.88
C ASP Q 282 30.75 34.83 12.32
N THR Q 283 31.80 35.60 12.59
CA THR Q 283 32.58 35.41 13.81
C THR Q 283 33.01 36.75 14.36
N LEU Q 284 33.63 36.71 15.54
CA LEU Q 284 34.35 37.85 16.10
C LEU Q 284 35.44 37.31 17.02
N HIS Q 285 36.70 37.49 16.59
CA HIS Q 285 37.90 37.41 17.44
C HIS Q 285 38.09 36.03 18.08
N ARG Q 286 38.05 35.01 17.21
CA ARG Q 286 38.49 33.61 17.44
C ARG Q 286 37.96 33.02 18.76
N VAL Q 287 36.70 33.31 19.07
CA VAL Q 287 35.94 32.70 20.16
C VAL Q 287 35.74 31.22 19.87
N LYS Q 288 35.81 30.37 20.89
CA LYS Q 288 35.81 28.91 20.71
C LYS Q 288 34.56 28.29 21.30
N MET Q 289 33.89 27.46 20.51
CA MET Q 289 32.73 26.71 20.95
C MET Q 289 33.11 25.26 21.26
N ILE Q 290 32.43 24.66 22.23
CA ILE Q 290 32.71 23.30 22.70
C ILE Q 290 31.37 22.57 22.76
N MET Q 291 31.06 21.79 21.72
CA MET Q 291 29.82 21.01 21.70
C MET Q 291 29.90 19.85 22.69
N ALA Q 292 28.81 19.64 23.44
CA ALA Q 292 28.79 18.59 24.45
C ALA Q 292 27.34 18.21 24.74
N THR Q 293 26.97 16.98 24.39
CA THR Q 293 25.67 16.41 24.73
C THR Q 293 25.77 14.89 24.65
N ASN Q 294 24.78 14.21 25.21
CA ASN Q 294 24.80 12.75 25.31
C ASN Q 294 23.58 12.06 24.75
N ARG Q 295 22.60 12.79 24.23
CA ARG Q 295 21.37 12.12 23.76
C ARG Q 295 21.22 11.82 22.26
N PRO Q 296 21.26 12.88 21.44
CA PRO Q 296 21.12 13.01 19.99
C PRO Q 296 20.79 11.80 19.08
N ASP Q 297 19.50 11.67 18.76
CA ASP Q 297 18.95 10.71 17.81
C ASP Q 297 18.99 11.24 16.38
N THR Q 298 18.53 12.47 16.16
CA THR Q 298 18.57 13.13 14.86
C THR Q 298 19.71 14.15 14.84
N LEU Q 299 20.44 14.19 13.73
CA LEU Q 299 21.58 15.09 13.57
C LEU Q 299 21.68 15.53 12.12
N ASP Q 300 22.59 16.46 11.89
CA ASP Q 300 22.86 16.95 10.54
C ASP Q 300 23.95 16.09 9.91
N PRO Q 301 23.75 15.58 8.69
CA PRO Q 301 24.87 14.98 7.96
C PRO Q 301 25.90 15.99 7.52
N ALA Q 302 25.53 17.26 7.38
CA ALA Q 302 26.47 18.33 7.06
C ALA Q 302 27.19 18.86 8.30
N LEU Q 303 26.91 18.30 9.48
CA LEU Q 303 27.60 18.67 10.71
C LEU Q 303 29.00 18.08 10.78
N LEU Q 304 29.30 17.08 9.95
CA LEU Q 304 30.57 16.37 9.98
C LEU Q 304 31.62 17.00 9.07
N ARG Q 305 31.38 18.21 8.58
CA ARG Q 305 32.36 18.93 7.78
C ARG Q 305 33.43 19.51 8.71
N PRO Q 306 34.62 19.83 8.18
CA PRO Q 306 35.59 20.54 9.03
C PRO Q 306 35.13 21.96 9.32
N GLY Q 307 34.69 22.20 10.55
CA GLY Q 307 34.21 23.51 10.95
C GLY Q 307 33.00 23.49 11.85
N ARG Q 308 32.41 22.31 12.03
CA ARG Q 308 31.35 22.15 13.01
C ARG Q 308 31.70 21.14 14.10
N LEU Q 309 32.12 19.94 13.71
CA LEU Q 309 32.56 18.90 14.63
C LEU Q 309 33.87 18.31 14.13
N ASP Q 310 34.84 19.21 13.90
CA ASP Q 310 36.17 18.99 13.33
C ASP Q 310 36.89 17.72 13.78
N ARG Q 311 36.74 17.36 15.06
CA ARG Q 311 37.14 16.04 15.54
C ARG Q 311 36.17 15.66 16.66
N LYS Q 312 35.80 14.38 16.72
CA LYS Q 312 34.87 13.90 17.73
C LYS Q 312 35.58 12.93 18.67
N ILE Q 313 35.02 12.76 19.86
CA ILE Q 313 35.64 11.93 20.88
C ILE Q 313 34.54 11.36 21.78
N HIS Q 314 34.71 10.09 22.17
CA HIS Q 314 33.75 9.37 22.97
C HIS Q 314 34.27 9.18 24.39
N ILE Q 315 33.39 9.34 25.36
CA ILE Q 315 33.70 9.11 26.77
C ILE Q 315 33.13 7.74 27.15
N ASP Q 316 33.94 6.92 27.81
CA ASP Q 316 33.54 5.59 28.24
C ASP Q 316 33.19 5.60 29.73
N LEU Q 317 32.31 4.68 30.11
CA LEU Q 317 31.85 4.67 31.50
C LEU Q 317 32.82 3.95 32.45
N PRO Q 318 33.30 2.67 32.18
CA PRO Q 318 34.12 2.02 33.21
C PRO Q 318 35.61 2.23 33.01
N ASN Q 319 36.37 2.08 34.08
CA ASN Q 319 37.79 1.75 33.94
C ASN Q 319 38.25 0.65 34.91
N GLU Q 320 37.60 0.52 36.09
CA GLU Q 320 37.92 -0.31 37.25
C GLU Q 320 39.18 0.19 37.97
N GLN Q 321 39.85 1.18 37.41
CA GLN Q 321 41.01 1.81 38.02
C GLN Q 321 40.87 3.32 38.10
N ALA Q 322 40.12 3.95 37.19
CA ALA Q 322 39.68 5.32 37.39
C ALA Q 322 38.48 5.42 38.30
N ARG Q 323 37.88 4.28 38.67
CA ARG Q 323 37.05 4.22 39.87
C ARG Q 323 37.84 4.74 41.06
N LEU Q 324 38.99 4.11 41.31
CA LEU Q 324 39.82 4.39 42.47
C LEU Q 324 40.37 5.81 42.46
N ASP Q 325 40.55 6.39 41.27
CA ASP Q 325 40.83 7.81 41.17
C ASP Q 325 39.67 8.63 41.69
N ILE Q 326 38.47 8.40 41.14
CA ILE Q 326 37.29 9.15 41.52
C ILE Q 326 36.83 8.78 42.94
N LEU Q 327 37.13 7.55 43.37
CA LEU Q 327 36.79 7.12 44.73
C LEU Q 327 37.56 7.91 45.77
N LYS Q 328 38.88 7.99 45.64
CA LYS Q 328 39.72 8.71 46.59
C LYS Q 328 39.48 10.22 46.55
N ILE Q 329 38.97 10.74 45.43
CA ILE Q 329 38.48 12.11 45.42
C ILE Q 329 37.27 12.24 46.34
N HIS Q 330 36.31 11.33 46.22
CA HIS Q 330 35.13 11.39 47.06
C HIS Q 330 35.35 10.73 48.43
N ALA Q 331 36.40 9.93 48.59
CA ALA Q 331 36.85 9.54 49.91
C ALA Q 331 37.93 10.49 50.42
N GLY Q 332 37.62 11.78 50.35
CA GLY Q 332 38.52 12.83 50.73
C GLY Q 332 38.09 13.43 52.05
N PRO Q 333 37.34 14.55 51.99
CA PRO Q 333 36.91 15.23 53.22
C PRO Q 333 35.81 14.50 53.99
N ILE Q 334 36.06 13.24 54.35
CA ILE Q 334 35.17 12.45 55.18
C ILE Q 334 36.01 11.84 56.29
N THR Q 335 35.59 12.01 57.54
CA THR Q 335 36.39 11.60 58.68
C THR Q 335 36.46 10.09 58.78
N LYS Q 336 37.67 9.58 59.01
CA LYS Q 336 37.96 8.15 59.07
C LYS Q 336 39.25 7.97 59.86
N HIS Q 337 39.81 6.76 59.82
CA HIS Q 337 41.07 6.47 60.49
C HIS Q 337 42.26 6.38 59.56
N GLY Q 338 42.04 6.30 58.25
CA GLY Q 338 43.06 5.75 57.38
C GLY Q 338 43.09 4.24 57.41
N GLU Q 339 42.02 3.63 57.91
CA GLU Q 339 41.86 2.20 58.08
C GLU Q 339 41.48 1.52 56.76
N ILE Q 340 41.24 2.30 55.72
CA ILE Q 340 40.48 1.88 54.55
C ILE Q 340 41.41 1.16 53.58
N ASP Q 341 41.02 -0.04 53.16
CA ASP Q 341 41.58 -0.67 51.96
C ASP Q 341 40.70 -0.21 50.81
N TYR Q 342 41.18 0.80 50.09
CA TYR Q 342 40.38 1.41 49.03
C TYR Q 342 40.21 0.50 47.82
N GLU Q 343 41.16 -0.39 47.57
CA GLU Q 343 41.02 -1.34 46.48
C GLU Q 343 40.03 -2.46 46.84
N ALA Q 344 39.93 -2.78 48.13
CA ALA Q 344 38.91 -3.72 48.58
C ALA Q 344 37.51 -3.18 48.38
N ILE Q 345 37.35 -1.85 48.36
CA ILE Q 345 36.08 -1.27 47.94
C ILE Q 345 35.87 -1.52 46.45
N VAL Q 346 36.89 -1.24 45.64
CA VAL Q 346 36.75 -1.19 44.18
C VAL Q 346 36.46 -2.56 43.59
N LYS Q 347 37.15 -3.60 44.10
CA LYS Q 347 36.91 -4.95 43.62
C LYS Q 347 35.52 -5.44 43.99
N LEU Q 348 35.03 -5.06 45.16
CA LEU Q 348 33.65 -5.34 45.54
C LEU Q 348 32.66 -4.35 44.96
N SER Q 349 33.12 -3.26 44.35
CA SER Q 349 32.21 -2.30 43.74
C SER Q 349 31.92 -2.68 42.31
N ASP Q 350 30.65 -2.56 41.92
CA ASP Q 350 30.25 -2.63 40.52
C ASP Q 350 29.26 -1.48 40.30
N GLY Q 351 29.79 -0.29 40.02
CA GLY Q 351 28.93 0.86 39.80
C GLY Q 351 28.86 1.32 38.36
N PHE Q 352 30.03 1.38 37.72
CA PHE Q 352 30.19 1.71 36.29
C PHE Q 352 29.62 3.07 35.93
N ASN Q 353 29.70 4.01 36.87
CA ASN Q 353 29.24 5.38 36.62
C ASN Q 353 29.93 6.31 37.60
N GLY Q 354 30.59 7.34 37.07
CA GLY Q 354 31.35 8.24 37.93
C GLY Q 354 30.48 9.13 38.80
N ALA Q 355 29.31 9.52 38.30
CA ALA Q 355 28.39 10.30 39.13
C ALA Q 355 27.72 9.44 40.19
N ASP Q 356 27.64 8.14 39.97
CA ASP Q 356 27.00 7.24 40.92
C ASP Q 356 27.97 6.67 41.95
N LEU Q 357 29.28 6.68 41.67
CA LEU Q 357 30.24 6.40 42.72
C LEU Q 357 30.35 7.55 43.70
N ARG Q 358 29.98 8.76 43.27
CA ARG Q 358 29.77 9.87 44.21
C ARG Q 358 28.65 9.55 45.19
N ASN Q 359 27.62 8.85 44.73
CA ASN Q 359 26.53 8.43 45.59
C ASN Q 359 26.94 7.31 46.54
N VAL Q 360 27.95 6.52 46.17
CA VAL Q 360 28.40 5.42 47.03
C VAL Q 360 29.09 5.97 48.28
N CYS Q 361 29.95 6.98 48.12
CA CYS Q 361 30.59 7.60 49.27
C CYS Q 361 29.62 8.42 50.11
N THR Q 362 28.50 8.85 49.52
CA THR Q 362 27.49 9.56 50.29
C THR Q 362 26.76 8.63 51.25
N GLU Q 363 26.36 7.46 50.76
CA GLU Q 363 25.61 6.53 51.60
C GLU Q 363 26.48 5.80 52.60
N ALA Q 364 27.79 5.74 52.38
CA ALA Q 364 28.68 5.19 53.40
C ALA Q 364 28.74 6.08 54.63
N GLY Q 365 28.56 7.39 54.45
CA GLY Q 365 28.38 8.28 55.58
C GLY Q 365 27.03 8.09 56.26
N MET Q 366 26.03 7.63 55.50
CA MET Q 366 24.75 7.30 56.12
C MET Q 366 24.85 6.06 56.99
N PHE Q 367 25.67 5.08 56.58
CA PHE Q 367 26.01 3.98 57.46
C PHE Q 367 26.92 4.40 58.60
N ALA Q 368 27.59 5.55 58.48
CA ALA Q 368 28.35 6.09 59.60
C ALA Q 368 27.45 6.86 60.56
N ILE Q 369 26.37 7.46 60.04
CA ILE Q 369 25.31 7.98 60.89
C ILE Q 369 24.66 6.85 61.67
N ARG Q 370 24.45 5.72 61.00
CA ARG Q 370 24.09 4.49 61.68
C ARG Q 370 25.24 4.04 62.57
N ALA Q 371 24.89 3.44 63.72
CA ALA Q 371 25.79 2.85 64.71
C ALA Q 371 26.80 3.83 65.31
N ASP Q 372 26.58 5.14 65.13
CA ASP Q 372 27.36 6.24 65.73
C ASP Q 372 28.85 6.13 65.39
N HIS Q 373 29.14 6.24 64.10
CA HIS Q 373 30.52 6.27 63.61
C HIS Q 373 30.86 7.70 63.23
N ASP Q 374 31.61 8.39 64.09
CA ASP Q 374 32.17 9.68 63.69
C ASP Q 374 33.26 9.51 62.65
N PHE Q 375 33.95 8.38 62.69
CA PHE Q 375 34.84 7.94 61.62
C PHE Q 375 34.00 7.20 60.58
N VAL Q 376 34.67 6.57 59.61
CA VAL Q 376 34.02 5.64 58.69
C VAL Q 376 34.84 4.37 58.67
N VAL Q 377 34.24 3.25 59.05
CA VAL Q 377 34.95 1.98 59.08
C VAL Q 377 34.95 1.46 57.64
N GLN Q 378 35.81 0.47 57.36
CA GLN Q 378 35.90 -0.10 56.02
C GLN Q 378 34.66 -0.90 55.66
N GLU Q 379 33.89 -1.35 56.66
CA GLU Q 379 32.65 -2.07 56.39
C GLU Q 379 31.58 -1.16 55.80
N ASP Q 380 31.61 0.13 56.14
CA ASP Q 380 30.56 1.07 55.72
C ASP Q 380 30.55 1.26 54.21
N PHE Q 381 31.71 1.19 53.57
CA PHE Q 381 31.74 1.26 52.11
C PHE Q 381 31.22 -0.03 51.50
N MET Q 382 31.51 -1.18 52.12
CA MET Q 382 30.95 -2.44 51.64
C MET Q 382 29.46 -2.51 51.90
N LYS Q 383 28.99 -1.85 52.97
CA LYS Q 383 27.56 -1.66 53.15
C LYS Q 383 26.99 -0.76 52.08
N ALA Q 384 27.78 0.23 51.62
CA ALA Q 384 27.27 1.23 50.70
C ALA Q 384 27.10 0.68 49.29
N VAL Q 385 27.98 -0.24 48.87
CA VAL Q 385 27.88 -0.81 47.52
C VAL Q 385 26.65 -1.69 47.42
N ARG Q 386 26.33 -2.44 48.47
CA ARG Q 386 25.18 -3.33 48.44
C ARG Q 386 23.86 -2.55 48.47
N LYS Q 387 23.87 -1.32 48.98
CA LYS Q 387 22.67 -0.51 48.95
C LYS Q 387 22.54 0.28 47.64
N VAL Q 388 23.63 0.90 47.19
CA VAL Q 388 23.56 1.80 46.05
C VAL Q 388 23.46 1.01 44.74
N ALA Q 389 24.37 0.07 44.53
CA ALA Q 389 24.42 -0.65 43.25
C ALA Q 389 23.24 -1.59 43.07
N ASP Q 390 22.61 -2.02 44.16
CA ASP Q 390 21.36 -2.78 44.01
C ASP Q 390 20.21 -1.86 43.60
N SER Q 391 20.23 -0.61 44.07
CA SER Q 391 19.22 0.36 43.65
C SER Q 391 19.38 0.79 42.21
N LYS Q 392 20.60 0.70 41.66
CA LYS Q 392 20.81 0.98 40.25
C LYS Q 392 20.21 -0.11 39.37
N LYS Q 393 20.26 -1.35 39.83
CA LYS Q 393 19.78 -2.48 39.03
C LYS Q 393 18.27 -2.51 38.89
N LEU Q 394 17.54 -1.81 39.75
CA LEU Q 394 16.08 -1.90 39.81
C LEU Q 394 15.40 -0.76 39.08
N GLU Q 395 15.99 -0.29 37.97
CA GLU Q 395 15.39 0.75 37.15
C GLU Q 395 15.35 0.31 35.70
N SER Q 396 14.24 0.61 35.03
CA SER Q 396 14.06 0.27 33.62
C SER Q 396 14.52 1.43 32.75
N LYS Q 397 14.18 1.36 31.45
CA LYS Q 397 14.52 2.36 30.43
C LYS Q 397 16.04 2.53 30.32
N LEU Q 398 16.67 1.48 29.82
CA LEU Q 398 18.12 1.38 29.72
C LEU Q 398 18.63 1.40 28.28
N ASP Q 399 18.05 2.27 27.44
CA ASP Q 399 18.54 2.45 26.07
C ASP Q 399 18.82 3.93 25.83
N TYR Q 400 20.11 4.29 25.82
CA TYR Q 400 20.56 5.65 25.57
C TYR Q 400 21.90 5.60 24.85
N LYS Q 401 21.98 6.28 23.71
CA LYS Q 401 23.23 6.30 22.95
C LYS Q 401 23.38 7.60 22.18
N PRO Q 402 24.44 8.36 22.42
CA PRO Q 402 24.70 9.55 21.61
C PRO Q 402 25.25 9.19 20.23
N VAL Q 403 24.76 9.89 19.22
CA VAL Q 403 25.21 9.69 17.85
C VAL Q 403 26.18 10.79 17.45
N GLU R 25 59.91 68.28 91.45
CA GLU R 25 58.71 68.83 92.06
C GLU R 25 58.89 68.96 93.57
N GLN R 26 60.05 68.50 94.06
CA GLN R 26 60.40 68.75 95.45
C GLN R 26 60.59 70.24 95.70
N ASP R 27 61.19 70.94 94.73
CA ASP R 27 61.23 72.40 94.79
C ASP R 27 59.86 73.01 94.52
N GLY R 28 58.98 72.30 93.81
CA GLY R 28 57.65 72.82 93.55
C GLY R 28 56.79 72.88 94.80
N ILE R 29 56.90 71.86 95.67
CA ILE R 29 56.24 71.91 96.96
C ILE R 29 57.09 72.67 97.97
N GLY R 30 58.42 72.52 97.88
CA GLY R 30 59.30 73.04 98.91
C GLY R 30 59.44 74.55 98.93
N GLU R 31 59.27 75.21 97.78
CA GLU R 31 59.27 76.66 97.77
C GLU R 31 57.98 77.25 98.32
N GLU R 32 56.91 76.45 98.37
CA GLU R 32 55.71 76.81 99.09
C GLU R 32 55.83 76.58 100.59
N VAL R 33 56.95 76.01 101.03
CA VAL R 33 57.21 75.76 102.44
C VAL R 33 58.06 76.86 103.07
N LEU R 34 59.06 77.39 102.36
CA LEU R 34 59.88 78.43 102.97
C LEU R 34 59.49 79.83 102.53
N LYS R 35 58.64 80.00 101.51
CA LYS R 35 58.08 81.31 101.20
C LYS R 35 56.67 81.43 101.74
N MET R 36 56.42 82.57 102.37
CA MET R 36 55.19 82.82 103.11
C MET R 36 54.12 83.55 102.31
N SER R 37 54.50 84.40 101.37
CA SER R 37 53.53 85.21 100.64
C SER R 37 53.63 85.09 99.13
N THR R 38 54.81 84.90 98.55
CA THR R 38 55.01 84.79 97.10
C THR R 38 54.29 83.58 96.55
N GLU R 39 54.40 82.44 97.24
CA GLU R 39 53.72 81.24 96.80
C GLU R 39 52.29 81.18 97.33
N GLU R 40 51.82 82.19 98.06
CA GLU R 40 50.45 82.12 98.57
C GLU R 40 49.56 83.29 98.16
N ILE R 41 50.04 84.53 98.31
CA ILE R 41 49.22 85.70 98.00
C ILE R 41 48.94 85.76 96.50
N ILE R 42 49.91 85.32 95.70
CA ILE R 42 49.69 85.22 94.26
C ILE R 42 48.69 84.11 93.95
N GLN R 43 48.76 83.01 94.70
CA GLN R 43 47.76 81.95 94.56
C GLN R 43 46.40 82.42 95.07
N ARG R 44 46.40 83.30 96.07
CA ARG R 44 45.17 84.01 96.42
C ARG R 44 44.75 84.94 95.30
N THR R 45 45.73 85.60 94.67
CA THR R 45 45.44 86.53 93.59
C THR R 45 44.92 85.80 92.35
N ARG R 46 45.63 84.75 91.92
CA ARG R 46 45.29 84.13 90.64
C ARG R 46 44.06 83.24 90.74
N LEU R 47 43.62 82.92 91.95
CA LEU R 47 42.32 82.23 92.08
C LEU R 47 41.17 83.23 92.02
N LEU R 48 41.23 84.27 92.87
CA LEU R 48 40.15 85.26 92.94
C LEU R 48 40.00 86.04 91.65
N ASP R 49 41.08 86.10 90.87
CA ASP R 49 40.97 86.61 89.50
C ASP R 49 40.31 85.59 88.58
N SER R 50 40.63 84.31 88.78
CA SER R 50 40.04 83.26 87.95
C SER R 50 38.57 83.05 88.33
N GLU R 51 38.30 82.98 89.63
CA GLU R 51 36.96 82.64 90.10
C GLU R 51 35.95 83.73 89.81
N ILE R 52 36.42 84.98 89.68
CA ILE R 52 35.50 86.04 89.28
C ILE R 52 35.39 86.09 87.75
N LYS R 53 36.20 85.28 87.05
CA LYS R 53 36.11 85.20 85.59
C LYS R 53 35.78 83.80 85.06
N ILE R 54 36.64 82.82 85.33
CA ILE R 54 36.60 81.49 84.74
C ILE R 54 35.38 80.75 85.26
N MET R 55 34.97 81.04 86.50
CA MET R 55 33.60 80.72 86.87
C MET R 55 32.62 81.57 86.07
N LYS R 56 32.72 82.89 86.20
CA LYS R 56 31.60 83.77 85.87
C LYS R 56 31.36 83.89 84.37
N SER R 57 32.33 84.44 83.63
CA SER R 57 32.09 84.74 82.22
C SER R 57 32.00 83.46 81.38
N GLU R 58 32.71 82.42 81.81
CA GLU R 58 32.75 81.18 81.03
C GLU R 58 31.45 80.41 81.11
N VAL R 59 30.95 80.15 82.33
CA VAL R 59 29.79 79.27 82.46
C VAL R 59 28.51 80.01 82.11
N LEU R 60 28.57 81.34 82.09
CA LEU R 60 27.38 82.13 81.74
C LEU R 60 27.27 82.27 80.23
N ARG R 61 28.41 82.25 79.54
CA ARG R 61 28.40 82.13 78.09
C ARG R 61 27.89 80.77 77.67
N VAL R 62 28.32 79.71 78.37
CA VAL R 62 27.88 78.35 78.08
C VAL R 62 26.39 78.22 78.42
N THR R 63 25.94 78.92 79.46
CA THR R 63 24.51 79.02 79.74
C THR R 63 23.76 79.70 78.60
N HIS R 64 24.34 80.77 78.04
CA HIS R 64 23.71 81.36 76.87
C HIS R 64 24.23 80.73 75.58
N GLU R 65 24.29 79.40 75.53
CA GLU R 65 24.40 78.69 74.26
C GLU R 65 23.38 77.56 74.30
N LEU R 66 23.20 77.00 75.50
CA LEU R 66 22.32 75.84 75.67
C LEU R 66 20.85 76.24 75.64
N GLN R 67 20.52 77.39 76.25
CA GLN R 67 19.14 77.86 76.23
C GLN R 67 18.70 78.26 74.84
N ALA R 68 19.65 78.70 74.01
CA ALA R 68 19.34 79.01 72.62
C ALA R 68 19.06 77.75 71.81
N MET R 69 19.90 76.73 71.95
CA MET R 69 19.78 75.53 71.13
C MET R 69 18.56 74.70 71.51
N LYS R 70 18.10 74.82 72.76
CA LYS R 70 16.83 74.21 73.12
C LYS R 70 15.65 75.01 72.56
N ASP R 71 15.84 76.32 72.36
CA ASP R 71 14.84 77.13 71.68
C ASP R 71 14.94 76.98 70.17
N LYS R 72 16.08 76.47 69.70
CA LYS R 72 16.33 75.90 68.38
C LYS R 72 15.73 74.50 68.34
N ILE R 73 16.46 73.55 67.75
CA ILE R 73 16.08 72.28 67.11
C ILE R 73 14.77 71.60 67.54
N LYS R 74 14.32 71.84 68.79
CA LYS R 74 12.93 71.60 69.19
C LYS R 74 11.94 72.17 68.16
N GLU R 75 12.19 73.39 67.68
CA GLU R 75 11.37 73.95 66.62
C GLU R 75 11.55 73.20 65.31
N ASN R 76 12.78 72.77 65.02
CA ASN R 76 13.01 71.94 63.84
C ASN R 76 12.34 70.58 63.98
N SER R 77 12.42 69.98 65.17
CA SER R 77 11.80 68.68 65.38
C SER R 77 10.27 68.79 65.42
N GLU R 78 9.75 69.95 65.81
CA GLU R 78 8.31 70.18 65.70
C GLU R 78 7.90 70.31 64.24
N LYS R 79 8.77 70.89 63.41
CA LYS R 79 8.46 71.04 62.00
C LYS R 79 8.51 69.70 61.28
N ILE R 80 9.44 68.83 61.67
CA ILE R 80 9.47 67.48 61.09
C ILE R 80 8.29 66.67 61.59
N LYS R 81 7.80 66.99 62.80
CA LYS R 81 6.64 66.29 63.36
C LYS R 81 5.38 66.58 62.56
N VAL R 82 5.27 67.78 61.99
CA VAL R 82 4.05 68.19 61.31
C VAL R 82 4.21 67.91 59.83
N ASN R 83 5.39 67.41 59.45
CA ASN R 83 5.68 67.09 58.07
C ASN R 83 5.72 65.58 57.82
N LYS R 84 5.29 64.78 58.79
CA LYS R 84 5.14 63.34 58.65
C LYS R 84 3.67 62.94 58.63
N THR R 85 2.87 63.83 58.04
CA THR R 85 1.40 63.73 57.87
C THR R 85 0.63 62.54 58.45
N LEU R 86 0.25 61.61 57.58
CA LEU R 86 -0.43 60.37 57.96
C LEU R 86 -0.39 59.35 56.83
N PRO R 87 -0.97 59.71 55.67
CA PRO R 87 -1.09 58.93 54.43
C PRO R 87 0.24 58.39 53.90
N TYR R 88 0.86 57.51 54.67
CA TYR R 88 2.13 56.90 54.28
C TYR R 88 1.83 55.87 53.19
N LEU R 89 2.26 56.15 51.97
CA LEU R 89 2.12 55.22 50.87
C LEU R 89 3.26 54.21 50.97
N VAL R 90 2.92 52.94 51.22
CA VAL R 90 3.96 51.94 51.34
C VAL R 90 4.51 51.59 49.97
N SER R 91 5.69 50.99 49.96
CA SER R 91 6.42 50.79 48.71
C SER R 91 7.42 49.66 48.90
N ASN R 92 8.33 49.53 47.94
CA ASN R 92 9.36 48.51 47.97
C ASN R 92 10.65 49.11 47.45
N VAL R 93 11.72 48.96 48.22
CA VAL R 93 13.05 49.38 47.79
C VAL R 93 13.69 48.20 47.06
N ILE R 94 14.17 48.45 45.85
CA ILE R 94 14.71 47.40 45.01
C ILE R 94 16.23 47.36 45.07
N GLU R 95 16.91 48.50 44.92
CA GLU R 95 18.34 48.56 45.12
C GLU R 95 18.72 49.92 45.68
N LEU R 96 20.01 50.07 45.99
CA LEU R 96 20.56 51.31 46.52
C LEU R 96 21.83 51.63 45.76
N LEU R 97 22.06 52.92 45.53
CA LEU R 97 23.26 53.40 44.85
C LEU R 97 23.84 54.58 45.62
N ASP R 98 24.95 55.12 45.11
CA ASP R 98 25.67 56.20 45.78
C ASP R 98 25.62 57.50 45.01
N VAL R 99 26.07 57.50 43.75
CA VAL R 99 26.08 58.72 42.96
C VAL R 99 25.21 58.55 41.72
N LYS R 120 22.86 56.46 49.11
CA LYS R 120 22.55 57.86 48.86
C LYS R 120 21.52 57.98 47.73
N CYS R 121 21.61 57.05 46.77
CA CYS R 121 20.64 56.94 45.69
C CYS R 121 19.88 55.63 45.84
N ALA R 122 18.60 55.64 45.50
CA ALA R 122 17.75 54.49 45.73
C ALA R 122 16.59 54.48 44.73
N VAL R 123 16.10 53.28 44.43
CA VAL R 123 15.00 53.07 43.49
C VAL R 123 13.82 52.52 44.26
N ILE R 124 12.67 53.15 44.11
CA ILE R 124 11.47 52.87 44.91
C ILE R 124 10.36 52.41 43.97
N LYS R 125 9.80 51.24 44.24
CA LYS R 125 8.60 50.79 43.56
C LYS R 125 7.44 50.79 44.57
N THR R 126 6.38 51.52 44.23
CA THR R 126 5.25 51.66 45.12
C THR R 126 4.30 50.48 44.97
N SER R 127 3.22 50.50 45.75
CA SER R 127 2.12 49.57 45.54
C SER R 127 1.17 50.01 44.44
N THR R 128 1.44 51.14 43.80
CA THR R 128 0.85 51.49 42.51
C THR R 128 1.66 50.93 41.35
N ARG R 129 2.70 50.13 41.65
CA ARG R 129 3.59 49.50 40.68
C ARG R 129 4.28 50.53 39.79
N GLN R 130 4.72 51.63 40.41
CA GLN R 130 5.43 52.69 39.70
C GLN R 130 6.82 52.83 40.28
N THR R 131 7.82 52.90 39.40
CA THR R 131 9.22 52.94 39.80
C THR R 131 9.69 54.39 39.87
N TYR R 132 10.21 54.78 41.02
CA TYR R 132 10.72 56.12 41.23
C TYR R 132 12.20 56.08 41.59
N PHE R 133 12.84 57.24 41.46
CA PHE R 133 14.25 57.38 41.80
C PHE R 133 14.46 58.66 42.57
N LEU R 134 15.39 58.62 43.53
CA LEU R 134 15.66 59.75 44.40
C LEU R 134 17.11 60.19 44.29
N PRO R 135 17.38 61.48 44.45
CA PRO R 135 18.75 61.90 44.77
C PRO R 135 19.02 61.86 46.27
N VAL R 136 17.99 62.05 47.08
CA VAL R 136 18.09 62.17 48.53
C VAL R 136 17.12 61.19 49.16
N ILE R 137 17.59 60.40 50.13
CA ILE R 137 16.78 59.31 50.66
C ILE R 137 15.67 59.86 51.57
N GLY R 138 16.05 60.50 52.67
CA GLY R 138 15.05 61.06 53.55
C GLY R 138 15.30 60.87 55.04
N LEU R 139 14.24 60.59 55.80
CA LEU R 139 14.31 60.56 57.26
C LEU R 139 14.63 59.17 57.79
N VAL R 140 15.64 58.52 57.22
CA VAL R 140 16.13 57.21 57.64
C VAL R 140 17.64 57.19 57.48
N ASP R 141 18.25 56.05 57.79
CA ASP R 141 19.66 55.83 57.56
C ASP R 141 19.84 54.76 56.51
N ALA R 142 20.82 54.98 55.63
CA ALA R 142 21.08 54.03 54.54
C ALA R 142 21.68 52.74 55.06
N GLU R 143 22.43 52.79 56.16
CA GLU R 143 22.94 51.57 56.77
C GLU R 143 21.85 50.78 57.47
N LYS R 144 20.76 51.43 57.87
CA LYS R 144 19.62 50.74 58.43
C LYS R 144 18.73 50.11 57.37
N LEU R 145 18.98 50.40 56.09
CA LEU R 145 18.15 49.89 55.02
C LEU R 145 18.88 48.80 54.23
N LYS R 146 18.15 48.20 53.30
CA LYS R 146 18.61 47.10 52.48
C LYS R 146 17.66 46.95 51.32
N PRO R 147 18.04 46.24 50.25
CA PRO R 147 17.07 45.92 49.20
C PRO R 147 15.94 45.04 49.72
N GLY R 148 14.71 45.48 49.48
CA GLY R 148 13.54 44.76 49.93
C GLY R 148 12.98 45.20 51.27
N ASP R 149 12.67 46.50 51.41
CA ASP R 149 12.11 47.04 52.64
C ASP R 149 10.75 47.65 52.39
N LEU R 150 9.87 47.54 53.38
CA LEU R 150 8.48 47.98 53.27
C LEU R 150 8.31 49.37 53.87
N VAL R 151 9.02 50.33 53.29
CA VAL R 151 9.14 51.66 53.86
C VAL R 151 7.87 52.47 53.60
N GLY R 152 7.65 53.46 54.46
CA GLY R 152 6.53 54.37 54.30
C GLY R 152 6.93 55.64 53.59
N VAL R 153 6.27 55.93 52.47
CA VAL R 153 6.70 56.98 51.55
C VAL R 153 5.56 57.98 51.38
N ASN R 154 5.90 59.27 51.33
CA ASN R 154 4.93 60.31 51.07
C ASN R 154 4.31 60.15 49.68
N LYS R 155 3.06 60.58 49.54
CA LYS R 155 2.35 60.44 48.29
C LYS R 155 2.92 61.36 47.21
N ASP R 156 2.86 62.66 47.46
CA ASP R 156 3.24 63.61 46.43
C ASP R 156 4.75 63.77 46.34
N SER R 157 5.42 63.91 47.48
CA SER R 157 6.86 64.15 47.47
C SER R 157 7.65 62.92 47.08
N TYR R 158 7.11 61.73 47.30
CA TYR R 158 7.77 60.43 47.10
C TYR R 158 9.10 60.38 47.85
N LEU R 159 9.02 60.49 49.18
CA LEU R 159 10.19 60.51 50.03
C LEU R 159 9.97 59.55 51.18
N ILE R 160 11.02 58.80 51.52
CA ILE R 160 10.92 57.75 52.53
C ILE R 160 10.81 58.38 53.91
N LEU R 161 9.80 57.96 54.68
CA LEU R 161 9.53 58.53 55.98
C LEU R 161 9.75 57.57 57.13
N GLU R 162 9.17 56.37 57.08
CA GLU R 162 9.34 55.40 58.16
C GLU R 162 9.80 54.08 57.57
N THR R 163 9.86 53.04 58.41
CA THR R 163 10.47 51.77 58.06
C THR R 163 9.46 50.64 58.00
N LEU R 164 8.72 50.42 59.10
CA LEU R 164 7.64 49.44 59.37
C LEU R 164 7.79 48.07 58.68
N PRO R 165 8.84 47.29 59.00
CA PRO R 165 9.09 46.08 58.23
C PRO R 165 8.32 44.87 58.74
N THR R 166 8.46 43.74 58.02
CA THR R 166 8.02 42.40 58.42
C THR R 166 6.50 42.35 58.67
N GLU R 167 5.75 42.57 57.59
CA GLU R 167 4.31 42.52 57.67
C GLU R 167 3.78 41.54 56.64
N TYR R 168 2.90 40.64 57.08
CA TYR R 168 2.38 39.55 56.28
C TYR R 168 0.85 39.64 56.26
N ASP R 169 0.25 38.99 55.28
CA ASP R 169 -1.21 38.97 55.21
C ASP R 169 -1.76 37.83 56.08
N SER R 170 -3.09 37.75 56.14
CA SER R 170 -3.73 36.68 56.90
C SER R 170 -3.70 35.34 56.19
N ARG R 171 -3.42 35.33 54.88
CA ARG R 171 -3.45 34.09 54.12
C ARG R 171 -2.29 33.19 54.47
N VAL R 172 -1.09 33.77 54.66
CA VAL R 172 0.07 32.98 55.07
C VAL R 172 -0.08 32.53 56.51
N LYS R 173 -0.68 33.37 57.36
CA LYS R 173 -0.89 33.01 58.76
C LYS R 173 -1.89 31.88 58.92
N ALA R 174 -2.81 31.73 57.98
CA ALA R 174 -3.71 30.58 57.98
C ALA R 174 -3.04 29.30 57.52
N MET R 175 -1.88 29.38 56.87
CA MET R 175 -1.22 28.19 56.36
C MET R 175 -0.45 27.43 57.41
N GLU R 176 -0.19 28.04 58.57
CA GLU R 176 0.47 27.34 59.66
C GLU R 176 -0.53 26.43 60.36
N VAL R 177 -0.13 25.18 60.58
CA VAL R 177 -1.03 24.17 61.12
C VAL R 177 -1.08 24.29 62.64
N ASP R 178 -2.28 24.52 63.17
CA ASP R 178 -2.53 24.44 64.60
C ASP R 178 -3.36 23.22 64.96
N GLU R 179 -3.61 22.33 63.99
CA GLU R 179 -4.42 21.14 64.25
C GLU R 179 -3.64 20.12 65.07
N ARG R 180 -2.39 19.84 64.67
CA ARG R 180 -1.52 18.78 65.18
C ARG R 180 -2.25 17.44 65.13
N PRO R 181 -2.30 16.80 63.94
CA PRO R 181 -3.05 15.53 63.80
C PRO R 181 -2.51 14.38 64.64
N THR R 182 -3.21 13.24 64.62
CA THR R 182 -2.97 12.17 65.56
C THR R 182 -2.46 10.90 64.89
N GLU R 183 -1.93 11.00 63.68
CA GLU R 183 -1.50 9.82 62.94
C GLU R 183 -0.16 9.33 63.44
N GLN R 184 -0.05 8.02 63.65
CA GLN R 184 1.19 7.38 64.05
C GLN R 184 1.71 6.49 62.92
N TYR R 185 2.96 6.05 63.07
CA TYR R 185 3.54 5.15 62.07
C TYR R 185 2.94 3.75 62.15
N SER R 186 2.33 3.39 63.29
CA SER R 186 1.63 2.12 63.38
C SER R 186 0.37 2.11 62.50
N ASP R 187 -0.19 3.29 62.24
CA ASP R 187 -1.35 3.39 61.36
C ASP R 187 -0.98 3.15 59.90
N ILE R 188 0.28 3.40 59.53
CA ILE R 188 0.77 3.21 58.17
C ILE R 188 1.34 1.81 58.07
N GLY R 189 1.00 1.11 57.00
CA GLY R 189 1.54 -0.22 56.76
C GLY R 189 2.02 -0.38 55.33
N GLY R 190 3.15 -1.07 55.18
CA GLY R 190 3.63 -1.48 53.87
C GLY R 190 4.61 -0.54 53.22
N LEU R 191 5.08 0.50 53.91
CA LEU R 191 5.97 1.50 53.33
C LEU R 191 7.23 1.66 54.16
N ASP R 192 7.73 0.56 54.73
CA ASP R 192 8.79 0.62 55.72
C ASP R 192 10.14 1.03 55.14
N LYS R 193 10.34 0.85 53.84
CA LYS R 193 11.55 1.38 53.22
C LYS R 193 11.51 2.90 53.14
N GLN R 194 10.35 3.45 52.79
CA GLN R 194 10.21 4.89 52.63
C GLN R 194 10.10 5.61 53.96
N ILE R 195 9.74 4.91 55.04
CA ILE R 195 9.73 5.51 56.36
C ILE R 195 11.14 5.86 56.81
N GLN R 196 12.09 4.93 56.60
CA GLN R 196 13.47 5.20 56.96
C GLN R 196 14.08 6.28 56.08
N GLU R 197 13.83 6.22 54.77
CA GLU R 197 14.41 7.17 53.84
C GLU R 197 13.86 8.58 53.98
N LEU R 198 12.75 8.76 54.70
CA LEU R 198 12.28 10.08 55.04
C LEU R 198 12.95 10.60 56.31
N VAL R 199 13.03 9.74 57.34
CA VAL R 199 13.60 10.15 58.63
C VAL R 199 15.10 10.39 58.49
N GLU R 200 15.79 9.58 57.67
CA GLU R 200 17.20 9.81 57.39
C GLU R 200 17.44 11.07 56.58
N ALA R 201 16.42 11.64 55.96
CA ALA R 201 16.58 12.80 55.09
C ALA R 201 16.23 14.12 55.77
N ILE R 202 15.19 14.16 56.60
CA ILE R 202 14.63 15.40 57.10
C ILE R 202 14.66 15.46 58.62
N VAL R 203 14.28 14.36 59.28
CA VAL R 203 14.10 14.37 60.73
C VAL R 203 15.45 14.47 61.45
N LEU R 204 16.46 13.77 60.95
CA LEU R 204 17.79 13.83 61.55
C LEU R 204 18.52 15.16 61.36
N PRO R 205 18.40 15.88 60.22
CA PRO R 205 18.89 17.28 60.23
C PRO R 205 18.08 18.20 61.12
N MET R 206 16.82 17.87 61.42
CA MET R 206 16.08 18.68 62.39
C MET R 206 16.59 18.44 63.80
N ASN R 207 16.96 17.20 64.11
CA ASN R 207 17.39 16.86 65.46
C ASN R 207 18.89 17.06 65.63
N HIS R 208 19.69 16.35 64.85
CA HIS R 208 21.14 16.32 65.01
C HIS R 208 21.74 17.27 63.98
N LYS R 209 21.92 18.52 64.38
CA LYS R 209 22.62 19.47 63.52
C LYS R 209 24.10 19.16 63.44
N GLU R 210 24.67 18.61 64.52
CA GLU R 210 26.11 18.41 64.62
C GLU R 210 26.58 17.06 64.11
N LYS R 211 25.67 16.08 63.97
CA LYS R 211 26.07 14.79 63.40
C LYS R 211 26.34 14.92 61.92
N PHE R 212 25.70 15.87 61.25
CA PHE R 212 26.03 16.22 59.88
C PHE R 212 27.21 17.17 59.79
N GLU R 213 27.79 17.58 60.92
CA GLU R 213 28.96 18.45 60.97
C GLU R 213 30.25 17.68 61.18
N ASN R 214 30.29 16.84 62.22
CA ASN R 214 31.51 16.09 62.52
C ASN R 214 31.83 15.03 61.48
N LEU R 215 30.83 14.49 60.79
CA LEU R 215 31.12 13.59 59.68
C LEU R 215 31.52 14.37 58.43
N GLY R 216 30.92 15.55 58.23
CA GLY R 216 31.34 16.43 57.16
C GLY R 216 30.74 16.13 55.79
N ILE R 217 29.41 16.04 55.73
CA ILE R 217 28.67 15.96 54.48
C ILE R 217 27.55 17.00 54.53
N GLN R 218 26.74 17.04 53.48
CA GLN R 218 25.65 17.99 53.39
C GLN R 218 24.32 17.27 53.20
N PRO R 219 23.32 17.49 54.05
CA PRO R 219 22.01 16.88 53.84
C PRO R 219 21.24 17.64 52.77
N PRO R 220 20.53 16.93 51.89
CA PRO R 220 19.73 17.62 50.87
C PRO R 220 18.52 18.28 51.50
N LYS R 221 18.06 19.35 50.86
CA LYS R 221 16.91 20.10 51.33
C LYS R 221 15.68 19.91 50.44
N GLY R 222 15.73 18.98 49.50
CA GLY R 222 14.61 18.76 48.61
C GLY R 222 14.19 17.31 48.49
N VAL R 223 12.97 17.01 48.90
CA VAL R 223 12.41 15.66 48.87
C VAL R 223 11.13 15.69 48.05
N LEU R 224 11.04 14.83 47.04
CA LEU R 224 9.90 14.76 46.15
C LEU R 224 9.28 13.38 46.24
N MET R 225 7.96 13.33 46.44
CA MET R 225 7.20 12.10 46.35
C MET R 225 6.48 12.00 45.01
N TYR R 226 6.42 10.79 44.47
CA TYR R 226 5.70 10.54 43.24
C TYR R 226 5.26 9.08 43.23
N GLY R 227 4.35 8.77 42.30
CA GLY R 227 3.81 7.44 42.18
C GLY R 227 2.36 7.44 41.75
N PRO R 228 1.72 6.27 41.78
CA PRO R 228 0.30 6.19 41.46
C PRO R 228 -0.54 6.89 42.51
N PRO R 229 -1.67 7.49 42.12
CA PRO R 229 -2.35 8.40 43.05
C PRO R 229 -3.27 7.73 44.05
N GLY R 230 -2.81 6.66 44.69
CA GLY R 230 -3.60 6.04 45.74
C GLY R 230 -2.73 5.42 46.82
N THR R 231 -1.46 5.79 46.83
CA THR R 231 -0.48 5.08 47.64
C THR R 231 -0.28 5.66 49.02
N GLY R 232 -0.69 6.90 49.26
CA GLY R 232 -0.53 7.46 50.58
C GLY R 232 0.46 8.61 50.66
N LYS R 233 0.51 9.43 49.60
CA LYS R 233 1.40 10.58 49.58
C LYS R 233 0.99 11.60 50.64
N THR R 234 -0.29 12.00 50.64
CA THR R 234 -0.79 12.90 51.68
C THR R 234 -0.86 12.18 53.02
N LEU R 235 -1.10 10.87 53.00
CA LEU R 235 -1.21 10.09 54.23
C LEU R 235 0.13 9.99 54.94
N LEU R 236 1.24 10.01 54.21
CA LEU R 236 2.55 9.96 54.84
C LEU R 236 2.90 11.30 55.46
N ALA R 237 2.60 12.39 54.78
CA ALA R 237 3.00 13.72 55.25
C ALA R 237 2.21 14.18 56.47
N ARG R 238 1.00 13.65 56.67
CA ARG R 238 0.23 14.02 57.85
C ARG R 238 0.83 13.43 59.12
N ALA R 239 1.43 12.24 59.03
CA ALA R 239 2.07 11.64 60.19
C ALA R 239 3.35 12.38 60.57
N CYS R 240 4.05 12.93 59.59
CA CYS R 240 5.26 13.68 59.89
C CYS R 240 4.93 15.02 60.53
N ALA R 241 3.81 15.62 60.16
CA ALA R 241 3.30 16.78 60.87
C ALA R 241 2.75 16.42 62.24
N ALA R 242 2.40 15.14 62.45
CA ALA R 242 1.78 14.72 63.69
C ALA R 242 2.81 14.54 64.81
N GLN R 243 3.84 13.74 64.56
CA GLN R 243 4.76 13.41 65.64
C GLN R 243 5.82 14.47 65.85
N THR R 244 6.14 15.27 64.83
CA THR R 244 7.14 16.32 64.98
C THR R 244 6.47 17.65 65.31
N LYS R 245 7.19 18.46 66.06
CA LYS R 245 6.72 19.76 66.53
C LYS R 245 7.32 20.92 65.75
N ALA R 246 8.07 20.63 64.69
CA ALA R 246 8.94 21.61 64.06
C ALA R 246 8.26 22.55 63.09
N THR R 247 7.15 23.18 63.53
CA THR R 247 6.46 24.29 62.85
C THR R 247 6.08 23.92 61.41
N PHE R 248 5.16 22.96 61.32
CA PHE R 248 4.73 22.45 60.03
C PHE R 248 3.96 23.51 59.26
N LEU R 249 4.31 23.68 57.98
CA LEU R 249 3.69 24.68 57.12
C LEU R 249 3.16 23.98 55.88
N LYS R 250 1.85 23.77 55.84
CA LYS R 250 1.21 23.18 54.67
C LYS R 250 1.04 24.24 53.58
N LEU R 251 1.02 23.77 52.34
CA LEU R 251 0.84 24.65 51.19
C LEU R 251 0.31 23.82 50.03
N ALA R 252 -0.71 24.32 49.37
CA ALA R 252 -1.28 23.62 48.22
C ALA R 252 -0.71 24.17 46.92
N GLY R 253 -0.97 23.44 45.84
CA GLY R 253 -0.54 23.81 44.52
C GLY R 253 -1.19 25.07 43.97
N PRO R 254 -2.51 25.03 43.71
CA PRO R 254 -3.17 26.17 43.06
C PRO R 254 -3.40 27.38 43.95
N GLN R 255 -2.87 27.38 45.17
CA GLN R 255 -3.02 28.55 46.03
C GLN R 255 -2.18 29.73 45.55
N LEU R 256 -1.09 29.46 44.82
CA LEU R 256 -0.19 30.52 44.40
C LEU R 256 -0.71 31.30 43.20
N VAL R 257 -1.74 30.80 42.52
CA VAL R 257 -2.30 31.49 41.36
C VAL R 257 -3.31 32.51 41.84
N GLN R 258 -3.10 33.78 41.47
CA GLN R 258 -4.01 34.85 41.83
C GLN R 258 -4.39 35.63 40.57
N MET R 259 -5.38 36.51 40.73
CA MET R 259 -5.96 37.15 39.55
C MET R 259 -5.17 38.38 39.11
N PHE R 260 -4.80 39.25 40.04
CA PHE R 260 -4.06 40.44 39.64
C PHE R 260 -2.59 40.11 39.40
N ILE R 261 -1.87 41.08 38.89
CA ILE R 261 -0.50 40.86 38.42
C ILE R 261 0.45 40.82 39.62
N GLY R 262 1.34 39.82 39.62
CA GLY R 262 2.43 39.78 40.56
C GLY R 262 2.06 39.42 41.98
N ASP R 263 0.86 38.88 42.20
CA ASP R 263 0.45 38.55 43.56
C ASP R 263 0.99 37.22 44.04
N GLY R 264 1.25 36.29 43.13
CA GLY R 264 1.74 34.99 43.55
C GLY R 264 3.15 35.02 44.07
N ALA R 265 4.03 35.82 43.42
CA ALA R 265 5.39 35.96 43.90
C ALA R 265 5.45 36.69 45.23
N LYS R 266 4.45 37.52 45.52
CA LYS R 266 4.27 38.03 46.88
C LYS R 266 3.94 36.90 47.84
N LEU R 267 3.00 36.04 47.45
CA LEU R 267 2.58 34.93 48.30
C LEU R 267 3.65 33.86 48.42
N VAL R 268 4.49 33.71 47.40
CA VAL R 268 5.59 32.75 47.49
C VAL R 268 6.67 33.26 48.44
N ARG R 269 7.07 34.52 48.28
CA ARG R 269 8.22 35.02 49.01
C ARG R 269 7.90 35.31 50.47
N ASP R 270 6.68 35.75 50.77
CA ASP R 270 6.33 36.10 52.14
C ASP R 270 6.23 34.87 53.03
N ALA R 271 5.74 33.75 52.50
CA ALA R 271 5.68 32.53 53.29
C ALA R 271 7.07 31.94 53.52
N PHE R 272 7.98 32.13 52.56
CA PHE R 272 9.34 31.64 52.75
C PHE R 272 10.10 32.53 53.71
N ALA R 273 9.82 33.83 53.73
CA ALA R 273 10.39 34.69 54.75
C ALA R 273 9.76 34.42 56.11
N LEU R 274 8.50 33.99 56.13
CA LEU R 274 7.88 33.56 57.38
C LEU R 274 8.52 32.29 57.91
N ALA R 275 8.73 31.31 57.02
CA ALA R 275 9.34 30.05 57.44
C ALA R 275 10.83 30.18 57.73
N LYS R 276 11.44 31.29 57.33
CA LYS R 276 12.81 31.58 57.73
C LYS R 276 12.87 32.20 59.13
N GLU R 277 11.80 32.88 59.56
CA GLU R 277 11.76 33.46 60.89
C GLU R 277 11.76 32.38 61.96
N LYS R 278 11.01 31.31 61.76
CA LYS R 278 11.08 30.15 62.63
C LYS R 278 12.24 29.27 62.18
N ALA R 279 13.08 28.86 63.14
CA ALA R 279 14.21 27.99 62.80
C ALA R 279 13.78 26.60 62.32
N PRO R 280 13.05 25.78 63.09
CA PRO R 280 12.87 24.39 62.64
C PRO R 280 11.80 24.17 61.59
N SER R 281 11.22 25.25 61.05
CA SER R 281 10.02 25.16 60.21
C SER R 281 10.32 24.50 58.87
N ILE R 282 9.46 23.57 58.47
CA ILE R 282 9.58 22.85 57.22
C ILE R 282 8.27 22.98 56.45
N ILE R 283 8.37 22.92 55.13
CA ILE R 283 7.29 23.30 54.22
C ILE R 283 6.89 22.10 53.39
N PHE R 284 5.59 21.82 53.33
CA PHE R 284 5.03 20.80 52.47
C PHE R 284 4.24 21.45 51.35
N ILE R 285 4.46 20.98 50.12
CA ILE R 285 3.75 21.47 48.95
C ILE R 285 3.09 20.29 48.26
N ASP R 286 1.78 20.35 48.10
CA ASP R 286 1.01 19.30 47.46
C ASP R 286 0.59 19.78 46.08
N GLU R 287 0.52 18.84 45.13
CA GLU R 287 0.30 19.03 43.69
C GLU R 287 1.18 20.17 43.12
N LEU R 288 2.48 19.90 43.14
CA LEU R 288 3.42 20.82 42.52
C LEU R 288 3.26 20.88 41.00
N ASP R 289 2.69 19.84 40.39
CA ASP R 289 2.37 19.86 38.97
C ASP R 289 1.20 20.78 38.62
N ALA R 290 0.51 21.35 39.61
CA ALA R 290 -0.52 22.35 39.31
C ALA R 290 0.10 23.61 38.75
N ILE R 291 1.33 23.92 39.13
CA ILE R 291 2.07 25.03 38.54
C ILE R 291 3.34 24.58 37.84
N GLY R 292 3.90 23.43 38.20
CA GLY R 292 5.15 22.95 37.63
C GLY R 292 4.95 22.33 36.27
N THR R 293 4.79 23.16 35.27
CA THR R 293 4.40 22.74 33.94
C THR R 293 5.47 23.19 32.96
N LYS R 294 5.53 22.53 31.80
CA LYS R 294 6.35 22.98 30.68
C LYS R 294 5.94 24.39 30.26
N ARG R 295 6.80 25.36 30.49
CA ARG R 295 6.49 26.74 30.18
C ARG R 295 6.49 26.97 28.67
N PHE R 296 5.46 27.64 28.18
CA PHE R 296 5.31 27.89 26.75
C PHE R 296 5.09 29.37 26.49
N ASP R 297 5.56 29.84 25.34
CA ASP R 297 5.43 31.24 24.98
C ASP R 297 4.03 31.58 24.49
N SER R 298 3.61 32.81 24.74
CA SER R 298 2.28 33.27 24.34
C SER R 298 2.30 34.75 24.01
N GLU R 299 1.11 35.33 23.84
CA GLU R 299 0.99 36.75 23.52
C GLU R 299 -0.16 37.40 24.28
N LYS R 300 -0.98 36.59 24.92
CA LYS R 300 -2.11 37.09 25.70
C LYS R 300 -2.00 36.74 27.17
N ALA R 301 -0.91 37.18 27.80
CA ALA R 301 -0.66 36.92 29.21
C ALA R 301 -0.83 35.46 29.58
N GLY R 302 -2.02 35.11 30.06
CA GLY R 302 -2.32 33.75 30.46
C GLY R 302 -1.31 33.21 31.46
N ASP R 303 -0.48 32.28 30.99
CA ASP R 303 0.55 31.71 31.84
C ASP R 303 1.67 32.69 32.16
N ARG R 304 1.71 33.87 31.53
CA ARG R 304 2.83 34.78 31.70
C ARG R 304 2.73 35.62 32.99
N GLU R 305 2.33 34.97 34.07
CA GLU R 305 2.60 35.35 35.45
C GLU R 305 2.99 34.15 36.28
N VAL R 306 2.68 32.93 35.81
CA VAL R 306 2.93 31.72 36.57
C VAL R 306 4.42 31.44 36.66
N GLN R 307 5.17 31.73 35.60
CA GLN R 307 6.62 31.56 35.67
C GLN R 307 7.26 32.58 36.60
N ARG R 308 6.66 33.77 36.72
CA ARG R 308 7.12 34.72 37.73
C ARG R 308 6.82 34.22 39.13
N THR R 309 5.78 33.40 39.28
CA THR R 309 5.59 32.69 40.55
C THR R 309 6.47 31.44 40.60
N MET R 310 6.75 30.83 39.45
CA MET R 310 7.59 29.65 39.44
C MET R 310 9.05 30.00 39.68
N LEU R 311 9.57 31.01 38.99
CA LEU R 311 10.98 31.36 39.14
C LEU R 311 11.27 31.94 40.51
N GLU R 312 10.28 32.59 41.13
CA GLU R 312 10.44 33.06 42.50
C GLU R 312 10.63 31.88 43.46
N LEU R 313 9.92 30.77 43.20
CA LEU R 313 10.22 29.53 43.91
C LEU R 313 11.60 29.01 43.56
N LEU R 314 12.02 29.15 42.32
CA LEU R 314 13.35 28.69 41.94
C LEU R 314 14.44 29.63 42.44
N ASN R 315 14.16 30.94 42.48
CA ASN R 315 15.17 31.88 42.95
C ASN R 315 15.36 31.79 44.46
N GLN R 316 14.27 31.59 45.21
CA GLN R 316 14.40 31.51 46.65
C GLN R 316 15.06 30.21 47.09
N LEU R 317 14.80 29.11 46.38
CA LEU R 317 15.34 27.83 46.79
C LEU R 317 16.84 27.75 46.56
N ASP R 318 17.33 28.40 45.50
CA ASP R 318 18.76 28.61 45.33
C ASP R 318 19.23 29.87 46.05
N GLY R 319 18.34 30.58 46.72
CA GLY R 319 18.73 31.81 47.40
C GLY R 319 19.49 31.56 48.68
N PHE R 320 19.22 30.45 49.35
CA PHE R 320 19.87 30.13 50.61
C PHE R 320 20.66 28.84 50.50
N GLN R 321 21.70 28.74 51.32
CA GLN R 321 22.58 27.60 51.38
C GLN R 321 21.86 26.40 52.00
N PRO R 322 22.25 25.15 51.66
CA PRO R 322 21.40 24.00 52.00
C PRO R 322 21.43 23.53 53.45
N ASN R 323 21.88 24.39 54.36
CA ASN R 323 21.93 24.06 55.78
C ASN R 323 20.57 23.58 56.27
N THR R 324 20.47 22.29 56.56
CA THR R 324 19.24 21.68 57.04
C THR R 324 18.61 22.43 58.21
N GLN R 325 17.57 23.19 57.91
CA GLN R 325 16.62 23.66 58.92
C GLN R 325 15.27 23.99 58.30
N VAL R 326 15.29 24.32 57.01
CA VAL R 326 14.06 24.69 56.29
C VAL R 326 13.89 23.72 55.12
N LYS R 327 14.11 22.43 55.38
CA LYS R 327 13.80 21.32 54.48
C LYS R 327 12.41 21.46 53.85
N VAL R 328 12.31 21.17 52.55
CA VAL R 328 11.09 21.40 51.77
C VAL R 328 10.64 20.07 51.20
N ILE R 329 9.33 19.78 51.33
CA ILE R 329 8.73 18.55 50.85
C ILE R 329 7.75 18.88 49.74
N ALA R 330 7.81 18.12 48.65
CA ALA R 330 6.87 18.25 47.53
C ALA R 330 6.36 16.88 47.15
N ALA R 331 5.19 16.85 46.52
CA ALA R 331 4.56 15.59 46.14
C ALA R 331 3.63 15.82 44.96
N THR R 332 3.81 15.04 43.89
CA THR R 332 2.95 15.07 42.72
C THR R 332 2.48 13.66 42.39
N ASN R 333 1.48 13.58 41.52
CA ASN R 333 0.99 12.30 41.03
C ASN R 333 1.56 11.91 39.69
N ARG R 334 1.89 12.88 38.84
CA ARG R 334 2.48 12.62 37.54
C ARG R 334 3.78 13.37 37.40
N VAL R 335 4.84 12.65 37.03
CA VAL R 335 6.16 13.25 36.92
C VAL R 335 6.30 14.04 35.62
N ASP R 336 5.63 13.60 34.56
CA ASP R 336 5.86 14.09 33.19
C ASP R 336 5.34 15.50 32.94
N ILE R 337 4.78 16.17 33.93
CA ILE R 337 4.43 17.58 33.81
C ILE R 337 5.57 18.47 34.29
N LEU R 338 6.32 18.00 35.29
CA LEU R 338 7.31 18.80 35.98
C LEU R 338 8.50 19.11 35.10
N ASP R 339 9.30 20.08 35.54
CA ASP R 339 10.45 20.55 34.79
C ASP R 339 11.69 19.84 35.32
N PRO R 340 12.22 18.82 34.61
CA PRO R 340 13.25 17.96 35.22
C PRO R 340 14.62 18.62 35.30
N ALA R 341 14.98 19.40 34.29
CA ALA R 341 16.25 20.13 34.31
C ALA R 341 16.23 21.31 35.26
N LEU R 342 15.05 21.75 35.69
CA LEU R 342 14.95 22.83 36.65
C LEU R 342 15.19 22.38 38.08
N LEU R 343 15.15 21.08 38.36
CA LEU R 343 15.43 20.61 39.71
C LEU R 343 16.88 20.14 39.66
N ARG R 344 17.02 18.90 39.24
CA ARG R 344 18.29 18.20 39.02
C ARG R 344 19.57 18.33 39.87
N SER R 345 19.85 19.43 40.58
CA SER R 345 21.13 19.45 41.27
C SER R 345 21.10 19.70 42.78
N GLY R 346 20.38 20.75 43.18
CA GLY R 346 20.43 21.24 44.54
C GLY R 346 19.06 21.73 44.96
N ARG R 347 18.15 21.64 44.01
CA ARG R 347 16.73 21.89 44.21
C ARG R 347 16.08 20.62 44.75
N LEU R 348 14.76 20.47 44.60
CA LEU R 348 14.06 19.23 44.93
C LEU R 348 14.72 18.05 44.24
N ASP R 349 15.37 17.18 45.01
CA ASP R 349 16.36 16.27 44.46
C ASP R 349 16.14 14.82 44.86
N ARG R 350 15.74 14.56 46.10
CA ARG R 350 15.64 13.18 46.57
C ARG R 350 14.35 12.55 46.07
N LYS R 351 14.49 11.39 45.44
CA LYS R 351 13.36 10.69 44.82
C LYS R 351 12.84 9.64 45.79
N ILE R 352 11.65 9.85 46.30
CA ILE R 352 10.98 8.88 47.17
C ILE R 352 9.72 8.44 46.44
N GLU R 353 9.81 7.35 45.69
CA GLU R 353 8.65 6.85 44.98
C GLU R 353 7.81 5.96 45.88
N PHE R 354 6.52 5.91 45.60
CA PHE R 354 5.58 5.12 46.37
C PHE R 354 4.97 4.06 45.47
N PRO R 355 5.48 2.83 45.48
CA PRO R 355 4.92 1.78 44.62
C PRO R 355 3.62 1.24 45.19
N MET R 356 2.97 0.42 44.40
CA MET R 356 1.73 -0.21 44.83
C MET R 356 2.02 -1.34 45.82
N PRO R 357 1.11 -1.61 46.76
CA PRO R 357 1.36 -2.68 47.75
C PRO R 357 1.41 -4.06 47.11
N ASN R 358 2.37 -4.87 47.56
CA ASN R 358 2.75 -6.03 46.75
C ASN R 358 1.82 -7.23 46.91
N GLU R 359 1.92 -7.94 48.04
CA GLU R 359 0.85 -8.83 48.44
C GLU R 359 0.49 -8.63 49.91
N GLU R 360 1.49 -8.70 50.78
CA GLU R 360 1.26 -8.64 52.20
C GLU R 360 1.02 -7.23 52.68
N ALA R 361 1.52 -6.25 51.92
CA ALA R 361 1.21 -4.86 52.23
C ALA R 361 -0.26 -4.56 51.96
N ARG R 362 -0.88 -5.26 51.02
CA ARG R 362 -2.34 -5.19 50.90
C ARG R 362 -3.00 -5.83 52.11
N ALA R 363 -2.52 -7.00 52.53
CA ALA R 363 -3.09 -7.70 53.66
C ALA R 363 -2.81 -6.98 54.98
N ARG R 364 -1.77 -6.15 55.04
CA ARG R 364 -1.51 -5.36 56.22
C ARG R 364 -2.52 -4.23 56.34
N ILE R 365 -2.75 -3.49 55.25
CA ILE R 365 -3.61 -2.31 55.27
C ILE R 365 -5.05 -2.70 55.53
N MET R 366 -5.51 -3.82 54.95
CA MET R 366 -6.85 -4.31 55.22
C MET R 366 -7.02 -4.76 56.66
N GLN R 367 -5.92 -5.16 57.31
CA GLN R 367 -5.97 -5.45 58.74
C GLN R 367 -5.96 -4.16 59.57
N ILE R 368 -5.34 -3.09 59.05
CA ILE R 368 -5.26 -1.83 59.78
C ILE R 368 -6.64 -1.20 59.92
N HIS R 369 -7.35 -1.04 58.80
CA HIS R 369 -8.64 -0.35 58.84
C HIS R 369 -9.74 -1.21 59.44
N SER R 370 -9.55 -2.52 59.53
CA SER R 370 -10.53 -3.41 60.16
C SER R 370 -10.30 -3.56 61.65
N ARG R 371 -9.61 -2.60 62.27
CA ARG R 371 -9.31 -2.67 63.70
C ARG R 371 -10.54 -2.35 64.55
N LYS R 372 -11.48 -1.57 63.99
CA LYS R 372 -12.55 -0.97 64.76
C LYS R 372 -13.88 -1.70 64.64
N MET R 373 -13.89 -2.93 64.12
CA MET R 373 -15.14 -3.62 63.87
C MET R 373 -15.15 -5.00 64.52
N ASN R 374 -16.30 -5.64 64.46
CA ASN R 374 -16.53 -6.98 64.99
C ASN R 374 -16.20 -7.96 63.87
N VAL R 375 -14.97 -8.41 63.82
CA VAL R 375 -14.54 -9.40 62.83
C VAL R 375 -14.57 -10.77 63.49
N SER R 376 -15.34 -11.69 62.91
CA SER R 376 -15.30 -13.07 63.38
C SER R 376 -13.96 -13.68 63.02
N PRO R 377 -13.34 -14.42 63.94
CA PRO R 377 -11.95 -14.84 63.73
C PRO R 377 -11.80 -16.06 62.85
N ASP R 378 -12.53 -16.15 61.74
CA ASP R 378 -12.20 -17.02 60.62
C ASP R 378 -12.18 -16.15 59.37
N VAL R 379 -11.11 -15.37 59.23
CA VAL R 379 -10.85 -14.49 58.10
C VAL R 379 -9.33 -14.41 57.99
N ASN R 380 -8.80 -14.85 56.85
CA ASN R 380 -7.37 -14.71 56.59
C ASN R 380 -7.17 -13.62 55.55
N TYR R 381 -6.40 -12.60 55.91
CA TYR R 381 -6.12 -11.51 54.99
C TYR R 381 -5.21 -11.95 53.85
N GLU R 382 -4.44 -13.03 54.04
CA GLU R 382 -3.69 -13.61 52.95
C GLU R 382 -4.60 -14.23 51.91
N GLU R 383 -5.74 -14.77 52.35
CA GLU R 383 -6.73 -15.31 51.42
C GLU R 383 -7.42 -14.19 50.66
N LEU R 384 -7.52 -13.01 51.27
CA LEU R 384 -8.06 -11.85 50.56
C LEU R 384 -7.07 -11.31 49.54
N ALA R 385 -5.77 -11.38 49.84
CA ALA R 385 -4.76 -10.95 48.88
C ALA R 385 -4.64 -11.89 47.70
N ARG R 386 -5.16 -13.11 47.82
CA ARG R 386 -5.25 -14.01 46.67
C ARG R 386 -6.15 -13.44 45.59
N CYS R 387 -7.33 -12.97 45.97
CA CYS R 387 -8.32 -12.49 45.02
C CYS R 387 -8.23 -10.99 44.75
N THR R 388 -7.70 -10.20 45.69
CA THR R 388 -7.52 -8.77 45.48
C THR R 388 -6.16 -8.53 44.84
N ASP R 389 -6.16 -7.89 43.68
CA ASP R 389 -4.93 -7.64 42.95
C ASP R 389 -5.07 -6.31 42.23
N ASP R 390 -3.92 -5.65 42.01
CA ASP R 390 -3.80 -4.36 41.32
C ASP R 390 -4.62 -3.27 42.00
N PHE R 391 -4.68 -3.28 43.33
CA PHE R 391 -5.39 -2.27 44.09
C PHE R 391 -4.38 -1.33 44.73
N ASN R 392 -4.79 -0.09 44.93
CA ASN R 392 -3.97 0.84 45.70
C ASN R 392 -4.36 0.76 47.17
N GLY R 393 -3.79 1.65 47.98
CA GLY R 393 -4.11 1.65 49.39
C GLY R 393 -5.51 2.11 49.70
N ALA R 394 -6.05 3.00 48.87
CA ALA R 394 -7.38 3.53 49.14
C ALA R 394 -8.49 2.56 48.75
N GLN R 395 -8.29 1.78 47.68
CA GLN R 395 -9.26 0.75 47.35
C GLN R 395 -9.25 -0.38 48.36
N CYS R 396 -8.12 -0.63 48.99
CA CYS R 396 -8.09 -1.58 50.10
C CYS R 396 -8.85 -1.04 51.30
N LYS R 397 -8.86 0.28 51.49
CA LYS R 397 -9.71 0.85 52.52
C LYS R 397 -11.18 0.79 52.13
N ALA R 398 -11.47 0.88 50.83
CA ALA R 398 -12.85 0.85 50.36
C ALA R 398 -13.50 -0.51 50.50
N VAL R 399 -12.72 -1.59 50.42
CA VAL R 399 -13.26 -2.92 50.68
C VAL R 399 -13.65 -3.04 52.14
N CYS R 400 -12.85 -2.43 53.03
CA CYS R 400 -13.11 -2.51 54.46
C CYS R 400 -14.35 -1.71 54.86
N VAL R 401 -14.64 -0.63 54.15
CA VAL R 401 -15.82 0.17 54.48
C VAL R 401 -17.09 -0.51 53.98
N GLU R 402 -17.07 -1.01 52.75
CA GLU R 402 -18.27 -1.57 52.14
C GLU R 402 -18.68 -2.88 52.76
N ALA R 403 -17.72 -3.63 53.32
CA ALA R 403 -18.05 -4.91 53.94
C ALA R 403 -18.83 -4.72 55.24
N GLY R 404 -18.63 -3.59 55.91
CA GLY R 404 -19.38 -3.32 57.13
C GLY R 404 -20.84 -3.04 56.87
N MET R 405 -21.17 -2.50 55.70
CA MET R 405 -22.55 -2.16 55.39
C MET R 405 -23.30 -3.31 54.74
N ILE R 406 -22.62 -4.26 54.11
CA ILE R 406 -23.29 -5.45 53.59
C ILE R 406 -23.82 -6.29 54.73
N ALA R 407 -23.06 -6.39 55.82
CA ALA R 407 -23.56 -7.05 57.02
C ALA R 407 -24.68 -6.25 57.69
N LEU R 408 -24.71 -4.94 57.45
CA LEU R 408 -25.79 -4.11 57.97
C LEU R 408 -27.09 -4.31 57.19
N ARG R 409 -27.00 -4.81 55.95
CA ARG R 409 -28.20 -5.04 55.14
C ARG R 409 -29.09 -6.12 55.76
N ARG R 410 -28.52 -7.29 56.00
CA ARG R 410 -29.24 -8.39 56.63
C ARG R 410 -29.21 -8.32 58.15
N GLY R 411 -28.64 -7.25 58.71
CA GLY R 411 -28.60 -7.11 60.16
C GLY R 411 -27.63 -8.04 60.85
N ALA R 412 -26.55 -8.42 60.17
CA ALA R 412 -25.55 -9.27 60.80
C ALA R 412 -24.78 -8.50 61.85
N THR R 413 -24.32 -9.23 62.87
CA THR R 413 -23.63 -8.61 64.01
C THR R 413 -22.12 -8.62 63.87
N GLU R 414 -21.56 -9.57 63.14
CA GLU R 414 -20.13 -9.61 62.86
C GLU R 414 -19.91 -9.87 61.38
N LEU R 415 -18.66 -9.88 60.98
CA LEU R 415 -18.28 -10.05 59.58
C LEU R 415 -17.90 -11.49 59.29
N THR R 416 -17.70 -11.78 58.01
CA THR R 416 -17.26 -13.09 57.57
C THR R 416 -16.42 -12.91 56.31
N HIS R 417 -15.78 -14.00 55.89
CA HIS R 417 -15.00 -13.96 54.66
C HIS R 417 -15.89 -13.73 53.45
N GLU R 418 -17.12 -14.25 53.48
CA GLU R 418 -18.07 -14.00 52.41
C GLU R 418 -18.48 -12.53 52.36
N ASP R 419 -18.48 -11.85 53.51
CA ASP R 419 -18.86 -10.45 53.55
C ASP R 419 -17.81 -9.58 52.86
N TYR R 420 -16.54 -9.95 52.93
CA TYR R 420 -15.53 -9.19 52.23
C TYR R 420 -15.57 -9.44 50.73
N MET R 421 -15.88 -10.68 50.31
CA MET R 421 -15.87 -11.03 48.90
C MET R 421 -16.93 -10.28 48.11
N GLU R 422 -18.08 -10.02 48.73
CA GLU R 422 -19.07 -9.17 48.10
C GLU R 422 -18.66 -7.71 48.14
N GLY R 423 -17.89 -7.32 49.16
CA GLY R 423 -17.38 -5.97 49.21
C GLY R 423 -16.29 -5.71 48.20
N ILE R 424 -15.61 -6.77 47.75
CA ILE R 424 -14.61 -6.62 46.70
C ILE R 424 -15.27 -6.29 45.37
N LEU R 425 -16.34 -7.02 45.03
CA LEU R 425 -17.01 -6.81 43.75
C LEU R 425 -17.73 -5.46 43.70
N GLU R 426 -18.11 -4.93 44.85
CA GLU R 426 -18.79 -3.64 44.89
C GLU R 426 -17.83 -2.48 44.60
N VAL R 427 -16.53 -2.67 44.83
CA VAL R 427 -15.55 -1.61 44.59
C VAL R 427 -15.45 -1.29 43.10
N GLN R 428 -15.23 -2.32 42.28
CA GLN R 428 -15.30 -2.14 40.84
C GLN R 428 -16.71 -2.31 40.28
N ALA R 429 -17.71 -2.37 41.16
CA ALA R 429 -19.14 -2.36 40.82
C ALA R 429 -19.53 -3.52 39.91
N LYS R 430 -19.39 -4.73 40.45
CA LYS R 430 -19.81 -5.94 39.75
C LYS R 430 -21.01 -6.56 40.45
N LYS R 431 -21.61 -7.52 39.76
CA LYS R 431 -22.72 -8.30 40.28
C LYS R 431 -22.80 -9.59 39.48
N LYS R 432 -23.42 -10.60 40.07
CA LYS R 432 -23.44 -11.94 39.49
C LYS R 432 -24.87 -12.47 39.45
N ALA R 433 -25.16 -13.23 38.40
CA ALA R 433 -26.42 -13.90 38.19
C ALA R 433 -26.21 -15.41 38.15
N ASN R 434 -27.25 -16.14 37.79
CA ASN R 434 -27.12 -17.51 37.32
C ASN R 434 -26.91 -17.49 35.80
N LEU R 435 -25.69 -17.80 35.38
CA LEU R 435 -25.24 -17.56 34.01
C LEU R 435 -25.52 -18.72 33.07
N GLN R 436 -26.18 -19.79 33.56
CA GLN R 436 -26.70 -20.95 32.85
C GLN R 436 -25.69 -21.67 31.95
N TYR R 437 -24.39 -21.42 32.13
CA TYR R 437 -23.34 -22.21 31.54
C TYR R 437 -22.77 -23.21 32.52
N TYR R 438 -22.94 -22.93 33.81
CA TYR R 438 -22.06 -23.45 34.84
C TYR R 438 -22.74 -24.47 35.73
N ALA R 439 -23.79 -25.12 35.23
CA ALA R 439 -24.50 -26.22 35.87
C ALA R 439 -25.10 -25.88 37.24
N SER S 5 10.30 7.85 9.95
CA SER S 5 10.40 7.44 8.57
C SER S 5 9.89 6.01 8.39
N ALA S 6 10.63 5.16 9.12
CA ALA S 6 10.54 3.72 9.21
C ALA S 6 9.15 3.16 9.15
N GLY S 7 8.48 3.06 10.30
CA GLY S 7 7.10 2.60 10.42
C GLY S 7 6.70 1.44 9.54
N PHE S 8 6.35 1.78 8.30
CA PHE S 8 5.98 0.88 7.23
C PHE S 8 6.39 -0.58 7.29
N ASP S 9 7.67 -0.93 7.58
CA ASP S 9 7.88 -2.38 7.56
C ASP S 9 8.82 -2.78 8.69
N ARG S 10 8.43 -2.49 9.91
CA ARG S 10 9.32 -2.71 11.02
C ARG S 10 8.76 -3.76 11.97
N HIS S 11 7.68 -4.42 11.60
CA HIS S 11 7.14 -5.55 12.35
C HIS S 11 7.39 -6.88 11.63
N ILE S 12 6.94 -6.98 10.38
CA ILE S 12 7.07 -8.22 9.62
C ILE S 12 7.97 -7.96 8.41
N THR S 13 8.20 -9.01 7.63
CA THR S 13 9.16 -8.97 6.53
C THR S 13 8.43 -8.66 5.22
N ILE S 14 8.22 -7.37 4.99
CA ILE S 14 7.78 -6.85 3.70
C ILE S 14 8.69 -5.68 3.33
N PHE S 15 8.42 -5.08 2.17
CA PHE S 15 9.28 -4.02 1.66
C PHE S 15 8.98 -2.69 2.32
N SER S 16 9.97 -1.81 2.29
CA SER S 16 9.81 -0.41 2.62
C SER S 16 9.69 0.40 1.34
N PRO S 17 9.03 1.56 1.43
CA PRO S 17 8.87 2.41 0.24
C PRO S 17 10.25 2.75 -0.28
N GLU S 18 10.61 2.19 -1.44
CA GLU S 18 11.89 2.39 -2.16
C GLU S 18 13.19 1.77 -1.57
N GLY S 19 13.29 1.66 -0.26
CA GLY S 19 14.49 1.16 0.37
C GLY S 19 14.56 -0.36 0.44
N ARG S 20 14.80 -0.89 1.62
CA ARG S 20 14.90 -2.34 1.79
C ARG S 20 13.86 -2.89 2.77
N LEU S 21 14.36 -3.62 3.77
CA LEU S 21 13.51 -4.23 4.77
C LEU S 21 14.31 -4.42 6.05
N TYR S 22 13.64 -4.27 7.19
CA TYR S 22 14.32 -4.01 8.46
C TYR S 22 14.48 -5.22 9.34
N GLN S 23 13.60 -6.22 9.25
CA GLN S 23 13.66 -7.36 10.15
C GLN S 23 14.88 -8.24 9.92
N VAL S 24 15.36 -8.32 8.68
CA VAL S 24 16.60 -9.04 8.43
C VAL S 24 17.79 -8.25 8.97
N GLU S 25 17.81 -6.95 8.71
CA GLU S 25 18.94 -6.15 9.18
C GLU S 25 18.83 -5.77 10.64
N TYR S 26 17.79 -6.23 11.35
CA TYR S 26 17.84 -6.22 12.81
C TYR S 26 18.52 -7.46 13.36
N ALA S 27 18.62 -8.53 12.56
CA ALA S 27 19.39 -9.69 12.98
C ALA S 27 20.88 -9.44 12.91
N PHE S 28 21.32 -8.44 12.15
CA PHE S 28 22.75 -8.15 12.08
C PHE S 28 23.25 -7.53 13.38
N LYS S 29 22.40 -6.79 14.08
CA LYS S 29 22.72 -6.33 15.42
C LYS S 29 22.22 -7.28 16.49
N ALA S 30 21.76 -8.47 16.10
CA ALA S 30 21.43 -9.52 17.05
C ALA S 30 22.63 -10.40 17.37
N ILE S 31 23.73 -10.27 16.63
CA ILE S 31 24.97 -10.96 17.00
C ILE S 31 25.55 -10.33 18.26
N ASN S 32 25.45 -9.01 18.37
CA ASN S 32 26.22 -8.24 19.34
C ASN S 32 25.80 -8.42 20.79
N GLN S 33 24.69 -9.13 21.07
CA GLN S 33 24.38 -9.42 22.46
C GLN S 33 25.21 -10.57 23.02
N GLY S 34 25.97 -11.27 22.19
CA GLY S 34 26.89 -12.27 22.70
C GLY S 34 28.04 -11.66 23.49
N GLY S 35 28.47 -10.46 23.11
CA GLY S 35 29.59 -9.80 23.74
C GLY S 35 30.89 -10.54 23.46
N LEU S 36 31.18 -10.76 22.18
CA LEU S 36 32.26 -11.67 21.82
C LEU S 36 32.80 -11.23 20.46
N THR S 37 33.99 -11.72 20.13
CA THR S 37 34.65 -11.36 18.88
C THR S 37 35.47 -12.57 18.42
N SER S 38 35.39 -12.89 17.13
CA SER S 38 36.14 -14.01 16.57
C SER S 38 36.93 -13.54 15.36
N VAL S 39 38.09 -14.15 15.16
CA VAL S 39 39.02 -13.77 14.08
C VAL S 39 39.46 -15.03 13.35
N ALA S 40 39.34 -15.03 12.02
CA ALA S 40 39.89 -16.08 11.17
C ALA S 40 40.89 -15.46 10.21
N VAL S 41 42.02 -16.16 9.99
CA VAL S 41 43.12 -15.65 9.18
C VAL S 41 43.58 -16.75 8.24
N ARG S 42 43.62 -16.46 6.94
CA ARG S 42 44.26 -17.30 5.94
C ARG S 42 45.40 -16.51 5.31
N GLY S 43 46.64 -16.92 5.58
CA GLY S 43 47.77 -16.26 4.96
C GLY S 43 48.47 -17.07 3.88
N LYS S 44 48.64 -18.35 4.15
CA LYS S 44 49.34 -19.29 3.27
C LYS S 44 48.71 -20.65 3.50
N ASP S 45 49.45 -21.73 3.27
CA ASP S 45 48.94 -23.10 3.23
C ASP S 45 48.27 -23.63 4.51
N CYS S 46 48.17 -22.83 5.56
CA CYS S 46 47.43 -23.21 6.77
C CYS S 46 46.22 -22.28 6.95
N ALA S 47 45.46 -22.52 8.02
CA ALA S 47 44.31 -21.68 8.32
C ALA S 47 44.05 -21.72 9.82
N VAL S 48 43.77 -20.56 10.40
CA VAL S 48 43.72 -20.38 11.85
C VAL S 48 42.40 -19.72 12.24
N ILE S 49 41.69 -20.34 13.19
CA ILE S 49 40.59 -19.71 13.91
C ILE S 49 41.13 -19.30 15.27
N VAL S 50 40.75 -18.10 15.74
CA VAL S 50 41.02 -17.70 17.11
C VAL S 50 39.79 -16.99 17.67
N THR S 51 39.43 -17.32 18.90
CA THR S 51 38.24 -16.78 19.56
C THR S 51 38.48 -16.86 21.06
N GLN S 52 38.16 -15.79 21.77
CA GLN S 52 38.29 -15.79 23.23
C GLN S 52 37.09 -16.46 23.85
N LYS S 53 37.26 -16.93 25.08
CA LYS S 53 36.15 -17.36 25.92
C LYS S 53 35.98 -16.37 27.06
N LYS S 54 34.79 -16.38 27.65
CA LYS S 54 34.47 -15.49 28.77
C LYS S 54 33.74 -16.34 29.80
N VAL S 55 34.44 -16.72 30.86
CA VAL S 55 33.88 -17.57 31.90
C VAL S 55 33.59 -16.69 33.11
N PRO S 56 32.33 -16.41 33.43
CA PRO S 56 32.01 -15.52 34.55
C PRO S 56 31.75 -16.22 35.88
N ASP S 57 32.02 -17.51 36.01
CA ASP S 57 31.67 -18.23 37.22
C ASP S 57 32.68 -19.34 37.45
N LYS S 58 32.98 -19.58 38.73
CA LYS S 58 33.81 -20.70 39.11
C LYS S 58 33.07 -22.02 39.14
N LEU S 59 31.76 -21.98 39.38
CA LEU S 59 30.95 -23.20 39.32
C LEU S 59 30.73 -23.64 37.89
N LEU S 60 30.81 -22.70 36.95
CA LEU S 60 30.70 -23.00 35.54
C LEU S 60 31.92 -23.78 35.07
N ASP S 61 31.69 -24.76 34.18
CA ASP S 61 32.74 -25.68 33.76
C ASP S 61 33.68 -25.03 32.75
N SER S 62 34.52 -25.84 32.13
CA SER S 62 35.48 -25.35 31.15
C SER S 62 35.31 -26.05 29.82
N SER S 63 34.96 -27.34 29.85
CA SER S 63 34.91 -28.12 28.63
C SER S 63 33.66 -27.84 27.81
N THR S 64 32.56 -27.46 28.45
CA THR S 64 31.30 -27.22 27.76
C THR S 64 31.10 -25.78 27.35
N VAL S 65 32.19 -25.03 27.13
CA VAL S 65 32.11 -23.62 26.81
C VAL S 65 32.53 -23.35 25.35
N THR S 66 33.32 -24.25 24.75
CA THR S 66 34.06 -23.97 23.53
C THR S 66 33.15 -23.77 22.32
N HIS S 67 33.35 -22.68 21.59
CA HIS S 67 32.60 -22.38 20.39
C HIS S 67 33.19 -23.02 19.14
N LEU S 68 34.33 -23.68 19.25
CA LEU S 68 34.90 -24.41 18.11
C LEU S 68 34.15 -25.72 17.94
N PHE S 69 33.64 -25.94 16.73
CA PHE S 69 32.74 -27.03 16.44
C PHE S 69 33.29 -27.80 15.25
N LYS S 70 33.46 -29.10 15.41
CA LYS S 70 33.98 -29.95 14.36
C LYS S 70 32.82 -30.46 13.52
N ILE S 71 32.76 -30.02 12.27
CA ILE S 71 31.68 -30.43 11.37
C ILE S 71 31.97 -31.79 10.75
N THR S 72 33.09 -31.91 10.07
CA THR S 72 33.50 -33.19 9.51
C THR S 72 34.96 -33.35 9.94
N GLU S 73 35.64 -34.40 9.48
CA GLU S 73 37.02 -34.62 9.90
C GLU S 73 38.00 -33.60 9.32
N ASN S 74 37.61 -32.90 8.26
CA ASN S 74 38.50 -31.92 7.65
C ASN S 74 37.90 -30.52 7.63
N ILE S 75 36.73 -30.34 8.25
CA ILE S 75 36.03 -29.06 8.24
C ILE S 75 35.65 -28.70 9.67
N GLY S 76 36.15 -27.57 10.15
CA GLY S 76 35.77 -27.06 11.44
C GLY S 76 35.17 -25.67 11.32
N CYS S 77 34.47 -25.20 12.35
CA CYS S 77 33.82 -23.90 12.29
C CYS S 77 33.81 -23.25 13.67
N VAL S 78 33.43 -21.99 13.69
CA VAL S 78 33.26 -21.23 14.92
C VAL S 78 31.95 -20.45 14.81
N MET S 79 31.28 -20.24 15.93
CA MET S 79 29.96 -19.63 15.96
C MET S 79 29.97 -18.38 16.83
N THR S 80 29.36 -17.33 16.31
CA THR S 80 29.10 -16.10 17.07
C THR S 80 27.60 -15.89 17.15
N GLY S 81 27.21 -14.74 17.69
CA GLY S 81 25.80 -14.46 17.88
C GLY S 81 25.29 -15.04 19.18
N MET S 82 23.98 -15.15 19.27
CA MET S 82 23.38 -15.74 20.45
C MET S 82 23.53 -17.26 20.42
N THR S 83 23.51 -17.86 21.60
CA THR S 83 24.02 -19.21 21.79
C THR S 83 23.07 -20.27 21.24
N ALA S 84 21.78 -20.16 21.56
CA ALA S 84 20.84 -21.22 21.22
C ALA S 84 20.58 -21.30 19.72
N ASP S 85 20.57 -20.16 19.02
CA ASP S 85 20.43 -20.19 17.58
C ASP S 85 21.69 -20.69 16.89
N SER S 86 22.84 -20.61 17.57
CA SER S 86 24.08 -21.05 16.94
C SER S 86 24.15 -22.57 16.84
N ARG S 87 23.71 -23.28 17.87
CA ARG S 87 23.85 -24.73 17.89
C ARG S 87 22.88 -25.42 16.94
N SER S 88 21.70 -24.86 16.74
CA SER S 88 20.77 -25.43 15.77
C SER S 88 21.25 -25.19 14.35
N GLN S 89 22.02 -24.13 14.14
CA GLN S 89 22.66 -23.91 12.85
C GLN S 89 23.73 -24.96 12.60
N VAL S 90 24.43 -25.41 13.65
CA VAL S 90 25.46 -26.42 13.50
C VAL S 90 24.85 -27.79 13.20
N GLN S 91 23.66 -28.06 13.75
CA GLN S 91 23.00 -29.34 13.54
C GLN S 91 22.62 -29.53 12.08
N ARG S 92 22.26 -28.45 11.38
CA ARG S 92 22.05 -28.55 9.95
C ARG S 92 23.36 -28.72 9.20
N ALA S 93 24.44 -28.13 9.72
CA ALA S 93 25.74 -28.22 9.06
C ALA S 93 26.30 -29.63 9.17
N ARG S 94 26.14 -30.26 10.33
CA ARG S 94 26.59 -31.64 10.49
C ARG S 94 25.72 -32.60 9.67
N TYR S 95 24.45 -32.25 9.47
CA TYR S 95 23.53 -33.16 8.80
C TYR S 95 23.77 -33.19 7.31
N GLU S 96 23.83 -32.03 6.67
CA GLU S 96 23.97 -31.97 5.23
C GLU S 96 25.39 -32.25 4.76
N ALA S 97 26.37 -32.22 5.66
CA ALA S 97 27.71 -32.67 5.29
C ALA S 97 27.74 -34.17 5.09
N ALA S 98 26.91 -34.92 5.80
CA ALA S 98 26.84 -36.36 5.64
C ALA S 98 25.96 -36.78 4.47
N ASN S 99 25.01 -35.93 4.06
CA ASN S 99 24.19 -36.26 2.90
C ASN S 99 24.99 -36.16 1.60
N TRP S 100 26.00 -35.29 1.57
CA TRP S 100 26.85 -35.19 0.39
C TRP S 100 27.65 -36.47 0.20
N LYS S 101 28.19 -37.01 1.28
CA LYS S 101 28.96 -38.24 1.22
C LYS S 101 28.07 -39.43 0.84
N TYR S 102 26.80 -39.40 1.25
CA TYR S 102 25.90 -40.50 0.95
C TYR S 102 25.39 -40.43 -0.49
N LYS S 103 24.97 -39.24 -0.93
CA LYS S 103 24.41 -39.10 -2.26
C LYS S 103 25.50 -39.16 -3.32
N TYR S 104 26.66 -38.56 -3.06
CA TYR S 104 27.60 -38.26 -4.12
C TYR S 104 28.93 -39.01 -3.99
N GLY S 105 29.23 -39.56 -2.83
CA GLY S 105 30.31 -40.51 -2.69
C GLY S 105 31.67 -39.96 -2.38
N TYR S 106 31.79 -38.68 -2.03
CA TYR S 106 33.09 -38.11 -1.71
C TYR S 106 32.91 -36.99 -0.70
N GLU S 107 34.04 -36.46 -0.24
CA GLU S 107 34.03 -35.43 0.80
C GLU S 107 33.55 -34.10 0.25
N ILE S 108 32.70 -33.43 1.01
CA ILE S 108 32.09 -32.18 0.54
C ILE S 108 33.12 -31.06 0.56
N PRO S 109 33.16 -30.21 -0.46
CA PRO S 109 34.03 -29.03 -0.39
C PRO S 109 33.49 -28.02 0.60
N VAL S 110 34.40 -27.24 1.17
CA VAL S 110 34.03 -26.16 2.08
C VAL S 110 33.30 -25.05 1.33
N ASP S 111 33.53 -24.92 0.02
CA ASP S 111 32.80 -23.92 -0.77
C ASP S 111 31.34 -24.31 -0.95
N MET S 112 31.08 -25.61 -1.17
CA MET S 112 29.73 -26.07 -1.44
C MET S 112 28.86 -26.04 -0.20
N LEU S 113 29.45 -26.05 0.99
CA LEU S 113 28.64 -26.18 2.21
C LEU S 113 27.97 -24.87 2.55
N CYS S 114 28.64 -23.73 2.34
CA CYS S 114 28.04 -22.44 2.62
C CYS S 114 26.92 -22.09 1.65
N LYS S 115 26.90 -22.68 0.47
CA LYS S 115 25.74 -22.56 -0.40
C LYS S 115 24.54 -23.25 0.23
N ARG S 116 24.73 -24.44 0.78
CA ARG S 116 23.64 -25.18 1.38
C ARG S 116 23.17 -24.56 2.69
N ILE S 117 24.04 -23.82 3.38
CA ILE S 117 23.62 -23.16 4.62
C ILE S 117 22.85 -21.90 4.33
N ALA S 118 23.37 -21.05 3.42
CA ALA S 118 22.76 -19.76 3.17
C ALA S 118 21.43 -19.89 2.43
N ASP S 119 21.22 -20.98 1.70
CA ASP S 119 19.94 -21.20 1.06
C ASP S 119 18.86 -21.57 2.06
N ILE S 120 19.23 -22.22 3.17
CA ILE S 120 18.25 -22.47 4.22
C ILE S 120 17.90 -21.19 4.95
N SER S 121 18.90 -20.31 5.15
CA SER S 121 18.65 -18.99 5.71
C SER S 121 17.95 -18.07 4.74
N GLN S 122 17.87 -18.43 3.46
CA GLN S 122 17.21 -17.64 2.45
C GLN S 122 15.69 -17.79 2.48
N VAL S 123 15.21 -19.02 2.71
CA VAL S 123 13.79 -19.31 2.72
C VAL S 123 13.11 -18.59 3.88
N TYR S 124 13.81 -18.42 4.99
CA TYR S 124 13.23 -17.79 6.17
C TYR S 124 13.04 -16.29 5.97
N THR S 125 13.76 -15.71 5.02
CA THR S 125 13.56 -14.33 4.58
C THR S 125 12.46 -14.24 3.52
N GLN S 126 12.51 -15.13 2.53
CA GLN S 126 11.52 -15.14 1.45
C GLN S 126 10.15 -15.51 1.99
N ASN S 127 10.03 -16.71 2.55
CA ASN S 127 8.80 -17.12 3.22
C ASN S 127 8.87 -16.71 4.69
N ALA S 128 7.73 -16.27 5.21
CA ALA S 128 7.69 -15.71 6.55
C ALA S 128 7.43 -16.82 7.57
N GLU S 129 7.07 -16.40 8.79
CA GLU S 129 6.60 -17.27 9.87
C GLU S 129 7.66 -18.25 10.36
N MET S 130 8.89 -17.72 10.53
CA MET S 130 9.95 -18.34 11.33
C MET S 130 11.05 -17.31 11.59
N ARG S 131 11.54 -17.25 12.83
CA ARG S 131 12.54 -16.26 13.19
C ARG S 131 13.88 -16.61 12.56
N PRO S 132 14.55 -15.66 11.91
CA PRO S 132 15.68 -16.01 11.04
C PRO S 132 17.04 -16.14 11.70
N LEU S 133 17.14 -16.78 12.88
CA LEU S 133 18.36 -17.42 13.40
C LEU S 133 19.55 -16.46 13.51
N GLY S 134 19.45 -15.53 14.45
CA GLY S 134 20.43 -14.47 14.55
C GLY S 134 21.81 -14.87 15.03
N CYS S 135 22.55 -15.60 14.19
CA CYS S 135 23.92 -16.02 14.48
C CYS S 135 24.72 -16.01 13.19
N CYS S 136 26.05 -16.01 13.34
CA CYS S 136 26.97 -15.97 12.22
C CYS S 136 27.93 -17.15 12.30
N MET S 137 28.35 -17.62 11.12
CA MET S 137 29.18 -18.82 11.01
C MET S 137 30.41 -18.54 10.15
N ILE S 138 31.57 -18.99 10.61
CA ILE S 138 32.83 -18.88 9.87
C ILE S 138 33.39 -20.29 9.69
N LEU S 139 33.79 -20.62 8.45
CA LEU S 139 34.32 -21.93 8.13
C LEU S 139 35.79 -21.86 7.72
N ILE S 140 36.48 -22.98 7.91
CA ILE S 140 37.81 -23.21 7.34
C ILE S 140 37.87 -24.64 6.80
N GLY S 141 38.74 -24.85 5.84
CA GLY S 141 38.94 -26.19 5.30
C GLY S 141 40.03 -26.19 4.26
N ILE S 142 40.49 -27.40 3.93
CA ILE S 142 41.54 -27.62 2.95
C ILE S 142 40.89 -28.18 1.69
N ASP S 143 41.22 -27.59 0.55
CA ASP S 143 40.73 -28.04 -0.74
C ASP S 143 41.91 -28.48 -1.60
N GLU S 144 41.72 -29.58 -2.32
CA GLU S 144 42.73 -30.04 -3.27
C GLU S 144 42.79 -29.09 -4.46
N GLU S 145 44.02 -28.76 -4.87
CA GLU S 145 44.35 -27.85 -5.98
C GLU S 145 43.79 -26.43 -5.77
N GLN S 146 43.42 -26.07 -4.54
CA GLN S 146 42.91 -24.75 -4.23
C GLN S 146 43.49 -24.16 -2.95
N GLY S 147 44.14 -24.96 -2.11
CA GLY S 147 44.69 -24.47 -0.87
C GLY S 147 43.64 -24.38 0.21
N PRO S 148 43.97 -23.70 1.31
CA PRO S 148 43.00 -23.49 2.37
C PRO S 148 42.07 -22.32 2.06
N GLN S 149 40.91 -22.33 2.70
CA GLN S 149 39.89 -21.32 2.47
C GLN S 149 39.26 -20.89 3.79
N VAL S 150 38.72 -19.68 3.80
CA VAL S 150 37.94 -19.14 4.91
C VAL S 150 36.65 -18.59 4.35
N TYR S 151 35.52 -19.08 4.85
CA TYR S 151 34.21 -18.61 4.40
C TYR S 151 33.42 -18.05 5.57
N LYS S 152 32.49 -17.16 5.25
CA LYS S 152 31.57 -16.58 6.23
C LYS S 152 30.16 -16.67 5.69
N CYS S 153 29.24 -17.18 6.51
CA CYS S 153 27.83 -17.15 6.19
C CYS S 153 27.14 -16.08 7.04
N ASP S 154 26.12 -15.46 6.46
CA ASP S 154 25.40 -14.36 7.09
C ASP S 154 23.96 -14.76 7.38
N PRO S 155 23.28 -14.11 8.33
CA PRO S 155 21.87 -14.43 8.58
C PRO S 155 20.94 -14.04 7.44
N ALA S 156 21.35 -13.14 6.56
CA ALA S 156 20.52 -12.77 5.42
C ALA S 156 20.53 -13.80 4.31
N GLY S 157 21.46 -14.75 4.34
CA GLY S 157 21.68 -15.65 3.22
C GLY S 157 22.82 -15.25 2.32
N TYR S 158 23.66 -14.32 2.74
CA TYR S 158 24.83 -13.93 1.98
C TYR S 158 26.02 -14.76 2.43
N TYR S 159 26.93 -15.02 1.50
CA TYR S 159 28.19 -15.66 1.82
C TYR S 159 29.27 -15.11 0.89
N CYS S 160 30.48 -15.05 1.41
CA CYS S 160 31.64 -14.67 0.61
C CYS S 160 32.88 -15.21 1.30
N GLY S 161 33.80 -15.74 0.50
CA GLY S 161 35.05 -16.25 1.03
C GLY S 161 36.14 -15.20 0.94
N PHE S 162 36.91 -15.06 2.02
CA PHE S 162 37.88 -13.99 2.08
C PHE S 162 38.96 -14.30 3.11
N LYS S 163 40.09 -13.62 2.95
CA LYS S 163 41.35 -14.06 3.56
C LYS S 163 41.38 -13.80 5.06
N ALA S 164 41.33 -12.53 5.45
CA ALA S 164 41.34 -12.16 6.86
C ALA S 164 39.93 -11.80 7.28
N THR S 165 39.50 -12.35 8.42
CA THR S 165 38.09 -12.37 8.77
C THR S 165 37.91 -11.98 10.23
N ALA S 166 36.95 -11.09 10.50
CA ALA S 166 36.55 -10.76 11.85
C ALA S 166 35.03 -10.87 11.96
N ALA S 167 34.55 -11.01 13.19
CA ALA S 167 33.12 -11.14 13.44
C ALA S 167 32.84 -10.67 14.86
N GLY S 168 31.60 -10.88 15.29
CA GLY S 168 31.22 -10.53 16.65
C GLY S 168 30.97 -9.05 16.81
N VAL S 169 31.56 -8.45 17.85
CA VAL S 169 31.30 -7.05 18.16
C VAL S 169 32.20 -6.12 17.35
N LYS S 170 33.43 -6.54 17.09
CA LYS S 170 34.47 -5.60 16.68
C LYS S 170 34.98 -5.86 15.27
N GLN S 171 34.06 -6.01 14.31
CA GLN S 171 34.46 -6.19 12.91
C GLN S 171 35.22 -4.97 12.39
N THR S 172 34.61 -3.79 12.51
CA THR S 172 35.12 -2.58 11.87
C THR S 172 36.44 -2.11 12.45
N GLU S 173 36.79 -2.57 13.65
CA GLU S 173 38.08 -2.21 14.23
C GLU S 173 39.13 -3.27 13.92
N SER S 174 38.73 -4.53 13.87
CA SER S 174 39.70 -5.60 13.58
C SER S 174 40.01 -5.69 12.09
N THR S 175 39.00 -5.51 11.24
CA THR S 175 39.24 -5.52 9.81
C THR S 175 40.02 -4.30 9.37
N SER S 176 39.88 -3.17 10.08
CA SER S 176 40.71 -2.01 9.81
C SER S 176 42.17 -2.28 10.13
N PHE S 177 42.43 -3.09 11.16
CA PHE S 177 43.78 -3.50 11.46
C PHE S 177 44.33 -4.46 10.42
N LEU S 178 43.49 -5.35 9.91
CA LEU S 178 43.94 -6.39 8.99
C LEU S 178 44.08 -5.90 7.55
N GLU S 179 43.41 -4.81 7.18
CA GLU S 179 43.67 -4.20 5.88
C GLU S 179 45.08 -3.62 5.83
N LYS S 180 45.48 -2.92 6.90
CA LYS S 180 46.85 -2.43 6.97
C LYS S 180 47.83 -3.57 7.21
N LYS S 181 47.37 -4.69 7.78
CA LYS S 181 48.24 -5.82 7.99
C LYS S 181 48.49 -6.57 6.68
N VAL S 182 47.44 -7.02 6.01
CA VAL S 182 47.60 -7.72 4.74
C VAL S 182 47.57 -6.63 3.67
N LYS S 183 48.69 -5.94 3.54
CA LYS S 183 49.03 -5.17 2.35
C LYS S 183 50.48 -5.36 1.93
N LYS S 184 51.37 -5.65 2.86
CA LYS S 184 52.74 -6.02 2.57
C LYS S 184 52.78 -7.50 2.16
N LYS S 185 53.79 -7.85 1.37
CA LYS S 185 53.86 -9.15 0.72
C LYS S 185 54.63 -10.19 1.55
N PHE S 186 54.53 -10.11 2.87
CA PHE S 186 55.22 -11.06 3.74
C PHE S 186 54.63 -12.46 3.59
N ASP S 187 55.50 -13.46 3.69
CA ASP S 187 55.05 -14.84 3.69
C ASP S 187 54.40 -15.18 5.02
N TRP S 188 53.68 -16.30 5.05
CA TRP S 188 52.87 -16.66 6.20
C TRP S 188 53.20 -18.10 6.60
N THR S 189 54.28 -18.27 7.34
CA THR S 189 54.83 -19.60 7.60
C THR S 189 54.33 -20.20 8.91
N PHE S 190 53.01 -20.20 9.11
CA PHE S 190 52.27 -20.93 10.14
C PHE S 190 52.47 -20.40 11.56
N GLU S 191 53.47 -19.54 11.76
CA GLU S 191 53.58 -18.75 12.98
C GLU S 191 53.51 -17.27 12.70
N GLN S 192 53.75 -16.85 11.46
CA GLN S 192 53.37 -15.51 11.05
C GLN S 192 51.84 -15.40 11.02
N THR S 193 51.16 -16.50 10.72
CA THR S 193 49.70 -16.51 10.72
C THR S 193 49.15 -16.37 12.13
N VAL S 194 49.67 -17.17 13.07
CA VAL S 194 49.09 -17.24 14.41
C VAL S 194 49.38 -15.97 15.18
N GLU S 195 50.61 -15.45 15.07
CA GLU S 195 51.00 -14.27 15.84
C GLU S 195 50.23 -13.03 15.39
N THR S 196 49.91 -12.93 14.10
CA THR S 196 49.02 -11.86 13.65
C THR S 196 47.58 -12.13 14.06
N ALA S 197 47.19 -13.41 14.13
CA ALA S 197 45.84 -13.74 14.58
C ALA S 197 45.68 -13.47 16.07
N ILE S 198 46.76 -13.52 16.84
CA ILE S 198 46.67 -13.16 18.24
C ILE S 198 46.65 -11.65 18.41
N THR S 199 47.68 -10.97 17.88
CA THR S 199 47.90 -9.55 18.16
C THR S 199 46.84 -8.65 17.54
N CYS S 200 46.10 -9.12 16.54
CA CYS S 200 44.97 -8.33 16.05
C CYS S 200 43.85 -8.31 17.07
N LEU S 201 43.45 -9.49 17.56
CA LEU S 201 42.44 -9.59 18.60
C LEU S 201 42.95 -9.03 19.92
N SER S 202 44.26 -9.10 20.16
CA SER S 202 44.82 -8.64 21.42
C SER S 202 44.84 -7.13 21.55
N THR S 203 44.88 -6.40 20.44
CA THR S 203 44.89 -4.95 20.49
C THR S 203 43.53 -4.33 20.25
N VAL S 204 42.67 -4.98 19.45
CA VAL S 204 41.34 -4.45 19.21
C VAL S 204 40.47 -4.60 20.45
N LEU S 205 40.45 -5.79 21.05
CA LEU S 205 39.79 -5.95 22.33
C LEU S 205 40.54 -5.27 23.45
N SER S 206 41.85 -5.08 23.30
CA SER S 206 42.76 -4.62 24.34
C SER S 206 42.67 -5.52 25.57
N ILE S 207 43.14 -6.76 25.40
CA ILE S 207 43.19 -7.76 26.46
C ILE S 207 44.60 -8.35 26.59
N ASP S 208 45.26 -8.68 25.46
CA ASP S 208 46.64 -9.31 25.39
C ASP S 208 46.56 -10.48 26.35
N PHE S 209 45.66 -11.37 25.99
CA PHE S 209 45.08 -12.33 26.92
C PHE S 209 46.08 -13.21 27.66
N LYS S 210 45.71 -13.52 28.91
CA LYS S 210 46.26 -14.62 29.68
C LYS S 210 45.98 -15.94 28.95
N PRO S 211 46.86 -16.95 29.06
CA PRO S 211 46.74 -18.16 28.20
C PRO S 211 45.43 -18.95 28.28
N SER S 212 44.65 -18.88 29.36
CA SER S 212 43.52 -19.76 29.52
C SER S 212 42.18 -19.12 29.14
N GLU S 213 42.20 -18.05 28.35
CA GLU S 213 41.00 -17.30 28.03
C GLU S 213 40.55 -17.38 26.58
N ILE S 214 41.17 -18.23 25.75
CA ILE S 214 40.87 -18.26 24.32
C ILE S 214 40.63 -19.68 23.85
N GLU S 215 40.42 -19.81 22.54
CA GLU S 215 40.53 -21.06 21.80
C GLU S 215 41.22 -20.80 20.47
N VAL S 216 41.93 -21.79 19.95
CA VAL S 216 42.56 -21.71 18.63
C VAL S 216 42.31 -23.02 17.90
N GLY S 217 41.54 -22.97 16.82
CA GLY S 217 41.42 -24.07 15.90
C GLY S 217 42.35 -23.83 14.71
N VAL S 218 42.84 -24.92 14.13
CA VAL S 218 43.84 -24.83 13.08
C VAL S 218 43.60 -25.94 12.07
N VAL S 219 44.04 -25.70 10.84
CA VAL S 219 44.15 -26.74 9.82
C VAL S 219 45.30 -26.33 8.91
N THR S 220 46.00 -27.32 8.36
CA THR S 220 47.27 -27.12 7.70
C THR S 220 47.38 -28.17 6.60
N VAL S 221 48.04 -27.82 5.49
CA VAL S 221 48.19 -28.74 4.36
C VAL S 221 48.76 -30.09 4.75
N GLU S 222 49.67 -30.10 5.72
CA GLU S 222 50.30 -31.34 6.15
C GLU S 222 49.33 -32.36 6.73
N ASN S 223 48.63 -31.98 7.79
CA ASN S 223 47.69 -32.86 8.47
C ASN S 223 46.34 -32.18 8.35
N PRO S 224 45.54 -32.55 7.34
CA PRO S 224 44.30 -31.83 7.06
C PRO S 224 43.17 -32.06 8.06
N LYS S 225 43.38 -32.84 9.12
CA LYS S 225 42.37 -33.00 10.15
C LYS S 225 42.20 -31.70 10.92
N PHE S 226 40.96 -31.41 11.30
CA PHE S 226 40.70 -30.24 12.13
C PHE S 226 41.21 -30.48 13.54
N ARG S 227 41.87 -29.47 14.10
CA ARG S 227 42.64 -29.67 15.31
C ARG S 227 42.43 -28.49 16.25
N ILE S 228 42.06 -28.80 17.49
CA ILE S 228 41.93 -27.80 18.55
C ILE S 228 43.20 -27.83 19.38
N LEU S 229 43.81 -26.67 19.59
CA LEU S 229 45.11 -26.60 20.22
C LEU S 229 45.05 -26.93 21.71
N THR S 230 46.09 -27.61 22.18
CA THR S 230 46.25 -27.90 23.59
C THR S 230 46.60 -26.61 24.33
N GLU S 231 46.14 -26.50 25.58
CA GLU S 231 46.44 -25.35 26.43
C GLU S 231 47.93 -25.15 26.64
N ALA S 232 48.71 -26.23 26.62
CA ALA S 232 50.16 -26.11 26.78
C ALA S 232 50.80 -25.44 25.56
N GLU S 233 50.42 -25.84 24.36
CA GLU S 233 51.01 -25.24 23.16
C GLU S 233 50.42 -23.89 22.80
N ILE S 234 49.26 -23.55 23.37
CA ILE S 234 48.78 -22.17 23.32
C ILE S 234 49.74 -21.25 24.05
N ASP S 235 50.27 -21.71 25.19
CA ASP S 235 51.28 -20.98 25.92
C ASP S 235 52.59 -20.91 25.13
N ALA S 236 52.86 -21.92 24.30
CA ALA S 236 54.09 -21.94 23.52
C ALA S 236 54.07 -20.90 22.42
N HIS S 237 52.91 -20.70 21.78
CA HIS S 237 52.81 -19.62 20.81
C HIS S 237 52.69 -18.26 21.47
N LEU S 238 52.21 -18.20 22.71
CA LEU S 238 52.14 -16.93 23.39
C LEU S 238 53.49 -16.45 23.86
N VAL S 239 54.36 -17.37 24.33
CA VAL S 239 55.73 -16.99 24.66
C VAL S 239 56.59 -16.83 23.42
N ALA S 240 56.09 -17.19 22.24
CA ALA S 240 56.86 -17.04 21.01
C ALA S 240 56.79 -15.61 20.50
N LEU S 241 55.60 -14.99 20.54
CA LEU S 241 55.48 -13.62 20.03
C LEU S 241 56.10 -12.61 20.98
N ALA S 242 55.93 -12.80 22.28
CA ALA S 242 56.62 -11.98 23.27
C ALA S 242 57.86 -12.76 23.70
N GLU S 243 58.96 -12.56 22.96
CA GLU S 243 60.20 -13.27 23.22
C GLU S 243 60.84 -12.81 24.53
N GLY T 4 -1.29 5.71 3.45
CA GLY T 4 -1.20 4.69 2.43
C GLY T 4 -2.01 3.44 2.73
N TYR T 5 -2.51 2.84 1.65
CA TYR T 5 -3.31 1.61 1.67
C TYR T 5 -2.42 0.38 1.76
N SER T 6 -1.54 0.22 0.77
CA SER T 6 -0.57 -0.89 0.59
C SER T 6 -0.45 -1.99 1.66
N PHE T 7 0.60 -1.90 2.47
CA PHE T 7 0.83 -2.84 3.57
C PHE T 7 0.77 -4.34 3.26
N SER T 8 0.51 -4.73 2.00
CA SER T 8 0.06 -6.07 1.65
C SER T 8 -0.04 -6.20 0.14
N LEU T 9 -0.29 -7.42 -0.32
CA LEU T 9 -0.17 -7.76 -1.72
C LEU T 9 -1.47 -8.30 -2.33
N THR T 10 -2.43 -8.70 -1.50
CA THR T 10 -3.64 -9.37 -1.99
C THR T 10 -4.83 -8.42 -2.16
N THR T 11 -4.59 -7.11 -2.17
CA THR T 11 -5.69 -6.17 -2.38
C THR T 11 -5.22 -5.00 -3.23
N PHE T 12 -6.18 -4.31 -3.82
CA PHE T 12 -5.90 -3.17 -4.69
C PHE T 12 -5.93 -1.87 -3.92
N SER T 13 -5.41 -0.85 -4.55
CA SER T 13 -5.64 0.51 -4.09
C SER T 13 -6.93 1.04 -4.71
N PRO T 14 -7.59 2.01 -4.08
CA PRO T 14 -8.83 2.55 -4.66
C PRO T 14 -8.63 3.30 -5.97
N SER T 15 -7.43 3.75 -6.28
CA SER T 15 -7.17 4.52 -7.49
C SER T 15 -6.37 3.72 -8.52
N GLY T 16 -5.22 3.19 -8.12
CA GLY T 16 -4.30 2.63 -9.10
C GLY T 16 -4.00 1.16 -8.93
N LYS T 17 -2.71 0.84 -8.77
CA LYS T 17 -2.21 -0.51 -8.94
C LYS T 17 -1.61 -1.03 -7.63
N LEU T 18 -0.94 -2.17 -7.74
CA LEU T 18 -0.32 -2.81 -6.58
C LEU T 18 0.94 -2.05 -6.18
N VAL T 19 1.02 -1.69 -4.89
CA VAL T 19 2.04 -0.76 -4.46
C VAL T 19 3.30 -1.51 -4.01
N GLN T 20 3.13 -2.69 -3.41
CA GLN T 20 4.28 -3.46 -2.92
C GLN T 20 5.15 -3.98 -4.05
N ILE T 21 4.61 -4.17 -5.25
CA ILE T 21 5.44 -4.55 -6.37
C ILE T 21 6.26 -3.34 -6.84
N GLU T 22 5.69 -2.13 -6.72
CA GLU T 22 6.43 -0.93 -7.03
C GLU T 22 7.55 -0.69 -6.04
N TYR T 23 7.33 -1.02 -4.76
CA TYR T 23 8.39 -0.90 -3.78
C TYR T 23 9.46 -1.95 -3.98
N ALA T 24 9.10 -3.10 -4.57
CA ALA T 24 10.10 -4.12 -4.86
C ALA T 24 11.01 -3.68 -6.00
N LEU T 25 10.50 -2.86 -6.91
CA LEU T 25 11.33 -2.32 -7.98
C LEU T 25 12.31 -1.27 -7.49
N ALA T 26 12.04 -0.66 -6.33
CA ALA T 26 12.98 0.29 -5.75
C ALA T 26 14.26 -0.38 -5.28
N ALA T 27 14.18 -1.63 -4.83
CA ALA T 27 15.38 -2.37 -4.47
C ALA T 27 16.19 -2.78 -5.70
N VAL T 28 15.54 -2.86 -6.87
CA VAL T 28 16.27 -3.17 -8.10
C VAL T 28 17.13 -1.97 -8.50
N ALA T 29 16.59 -0.76 -8.37
CA ALA T 29 17.33 0.44 -8.75
C ALA T 29 18.46 0.75 -7.78
N GLY T 30 18.42 0.22 -6.57
CA GLY T 30 19.49 0.47 -5.62
C GLY T 30 20.56 -0.60 -5.64
N GLY T 31 20.59 -1.41 -6.70
CA GLY T 31 21.56 -2.48 -6.83
C GLY T 31 22.79 -2.05 -7.61
N ALA T 32 23.65 -3.03 -7.87
CA ALA T 32 24.86 -2.78 -8.64
C ALA T 32 24.50 -2.55 -10.11
N PRO T 33 25.21 -1.66 -10.80
CA PRO T 33 24.88 -1.38 -12.20
C PRO T 33 25.30 -2.53 -13.11
N SER T 34 24.65 -2.59 -14.26
CA SER T 34 24.89 -3.65 -15.23
C SER T 34 24.52 -3.13 -16.61
N VAL T 35 25.00 -3.83 -17.64
CA VAL T 35 24.76 -3.43 -19.02
C VAL T 35 24.74 -4.67 -19.90
N GLY T 36 23.97 -4.59 -20.99
CA GLY T 36 23.89 -5.68 -21.94
C GLY T 36 23.59 -5.17 -23.33
N ILE T 37 24.40 -5.57 -24.31
CA ILE T 37 24.33 -5.05 -25.67
C ILE T 37 24.21 -6.21 -26.65
N LYS T 38 23.21 -6.15 -27.52
CA LYS T 38 22.99 -7.16 -28.56
C LYS T 38 23.63 -6.65 -29.85
N ALA T 39 24.68 -7.34 -30.28
CA ALA T 39 25.38 -7.00 -31.51
C ALA T 39 24.84 -7.84 -32.66
N ALA T 40 25.53 -7.77 -33.80
CA ALA T 40 25.05 -8.46 -34.99
C ALA T 40 25.38 -9.95 -34.98
N ASN T 41 26.43 -10.35 -34.28
CA ASN T 41 26.82 -11.75 -34.22
C ASN T 41 26.82 -12.32 -32.80
N GLY T 42 26.47 -11.53 -31.80
CA GLY T 42 26.47 -12.04 -30.44
C GLY T 42 25.92 -11.01 -29.47
N VAL T 43 25.78 -11.44 -28.22
CA VAL T 43 25.29 -10.60 -27.14
C VAL T 43 26.38 -10.53 -26.06
N VAL T 44 26.63 -9.32 -25.56
CA VAL T 44 27.65 -9.08 -24.56
C VAL T 44 26.98 -8.69 -23.25
N LEU T 45 27.32 -9.39 -22.18
CA LEU T 45 26.89 -9.01 -20.84
C LEU T 45 28.08 -8.49 -20.06
N ALA T 46 27.85 -7.43 -19.28
CA ALA T 46 28.90 -6.83 -18.46
C ALA T 46 28.27 -6.23 -17.22
N THR T 47 28.94 -6.39 -16.09
CA THR T 47 28.40 -5.94 -14.82
C THR T 47 29.52 -5.35 -13.98
N GLU T 48 29.14 -4.78 -12.84
CA GLU T 48 30.04 -4.10 -11.93
C GLU T 48 30.16 -4.90 -10.65
N LYS T 49 31.39 -5.03 -10.14
CA LYS T 49 31.66 -5.93 -9.03
C LYS T 49 32.83 -5.37 -8.22
N LYS T 50 32.52 -4.61 -7.18
CA LYS T 50 33.54 -4.08 -6.30
C LYS T 50 33.36 -4.61 -4.90
N GLN T 51 34.46 -5.02 -4.29
CA GLN T 51 34.45 -5.46 -2.90
C GLN T 51 34.51 -4.26 -1.97
N LYS T 52 34.03 -4.46 -0.74
CA LYS T 52 34.08 -3.39 0.25
C LYS T 52 35.46 -3.22 0.84
N SER T 53 36.33 -4.22 0.70
CA SER T 53 37.66 -4.18 1.29
C SER T 53 38.64 -4.87 0.36
N ILE T 54 39.92 -4.82 0.73
CA ILE T 54 40.96 -5.55 0.00
C ILE T 54 41.04 -7.00 0.42
N LEU T 55 40.21 -7.43 1.37
CA LEU T 55 40.28 -8.79 1.89
C LEU T 55 39.45 -9.77 1.09
N TYR T 56 38.45 -9.29 0.35
CA TYR T 56 37.49 -10.17 -0.29
C TYR T 56 38.10 -10.84 -1.52
N ASP T 57 38.03 -12.16 -1.55
CA ASP T 57 38.50 -12.91 -2.71
C ASP T 57 37.53 -12.71 -3.85
N GLU T 58 38.03 -12.19 -4.97
CA GLU T 58 37.16 -11.83 -6.09
C GLU T 58 36.80 -13.05 -6.93
N ARG T 59 37.64 -14.08 -6.94
CA ARG T 59 37.43 -15.26 -7.75
C ARG T 59 36.60 -16.34 -7.05
N SER T 60 35.79 -15.95 -6.06
CA SER T 60 34.99 -16.91 -5.30
C SER T 60 33.55 -16.96 -5.78
N VAL T 61 32.87 -15.82 -5.80
CA VAL T 61 31.47 -15.74 -6.20
C VAL T 61 31.40 -15.00 -7.53
N HIS T 62 30.64 -15.53 -8.48
CA HIS T 62 30.57 -15.00 -9.82
C HIS T 62 29.24 -14.32 -10.08
N LYS T 63 29.23 -13.40 -11.04
CA LYS T 63 28.02 -12.68 -11.43
C LYS T 63 27.44 -13.21 -12.73
N VAL T 64 28.24 -13.20 -13.80
CA VAL T 64 27.84 -13.84 -15.05
C VAL T 64 27.77 -15.35 -14.81
N GLU T 65 26.59 -15.92 -15.01
CA GLU T 65 26.32 -17.29 -14.60
C GLU T 65 25.68 -18.06 -15.75
N PRO T 66 26.30 -19.12 -16.24
CA PRO T 66 25.71 -19.87 -17.35
C PRO T 66 24.57 -20.75 -16.88
N ILE T 67 23.55 -20.87 -17.73
CA ILE T 67 22.43 -21.76 -17.50
C ILE T 67 22.56 -23.04 -18.31
N THR T 68 22.74 -22.90 -19.61
CA THR T 68 22.99 -24.04 -20.48
C THR T 68 24.29 -23.70 -21.21
N LYS T 69 24.68 -24.48 -22.20
CA LYS T 69 25.90 -24.19 -22.94
C LYS T 69 25.74 -23.07 -23.96
N HIS T 70 24.57 -22.45 -24.03
CA HIS T 70 24.36 -21.33 -24.95
C HIS T 70 23.55 -20.21 -24.32
N ILE T 71 23.37 -20.21 -23.01
CA ILE T 71 22.49 -19.26 -22.33
C ILE T 71 23.19 -18.77 -21.06
N GLY T 72 23.35 -17.44 -20.95
CA GLY T 72 23.88 -16.82 -19.76
C GLY T 72 22.93 -15.79 -19.21
N LEU T 73 23.31 -15.23 -18.05
CA LEU T 73 22.35 -14.50 -17.24
C LEU T 73 23.07 -13.65 -16.21
N VAL T 74 22.63 -12.39 -16.07
CA VAL T 74 23.12 -11.48 -15.04
C VAL T 74 21.92 -10.89 -14.31
N TYR T 75 22.19 -9.96 -13.40
CA TYR T 75 21.14 -9.43 -12.54
C TYR T 75 21.53 -8.06 -12.02
N SER T 76 20.56 -7.41 -11.37
CA SER T 76 20.79 -6.18 -10.60
C SER T 76 19.74 -6.15 -9.51
N GLY T 77 20.17 -6.41 -8.28
CA GLY T 77 19.24 -6.51 -7.17
C GLY T 77 19.92 -7.03 -5.93
N MET T 78 19.39 -8.09 -5.33
CA MET T 78 20.03 -8.74 -4.21
C MET T 78 20.49 -10.15 -4.60
N GLY T 79 21.81 -10.37 -4.54
CA GLY T 79 22.45 -11.64 -4.78
C GLY T 79 21.92 -12.83 -4.03
N PRO T 80 21.56 -12.72 -2.73
CA PRO T 80 20.88 -13.83 -2.07
C PRO T 80 19.55 -14.27 -2.68
N ASP T 81 18.70 -13.34 -3.15
CA ASP T 81 17.53 -13.79 -3.89
C ASP T 81 17.89 -14.27 -5.30
N TYR T 82 19.05 -13.88 -5.80
CA TYR T 82 19.44 -14.27 -7.16
C TYR T 82 19.75 -15.76 -7.25
N ARG T 83 20.34 -16.33 -6.21
CA ARG T 83 20.74 -17.73 -6.25
C ARG T 83 19.57 -18.69 -6.23
N VAL T 84 18.38 -18.24 -5.82
CA VAL T 84 17.22 -19.12 -5.79
C VAL T 84 16.74 -19.41 -7.20
N LEU T 85 16.42 -18.36 -7.96
CA LEU T 85 15.86 -18.54 -9.28
C LEU T 85 16.89 -18.97 -10.32
N VAL T 86 18.18 -18.86 -10.02
CA VAL T 86 19.19 -19.50 -10.88
C VAL T 86 19.07 -21.01 -10.77
N HIS T 87 19.05 -21.53 -9.54
CA HIS T 87 18.88 -22.96 -9.33
C HIS T 87 17.51 -23.44 -9.79
N ARG T 88 16.51 -22.57 -9.77
CA ARG T 88 15.23 -22.92 -10.37
C ARG T 88 15.35 -23.02 -11.89
N ALA T 89 16.06 -22.09 -12.51
CA ALA T 89 16.17 -22.08 -13.96
C ALA T 89 17.06 -23.19 -14.50
N ARG T 90 17.99 -23.70 -13.69
CA ARG T 90 18.81 -24.84 -14.10
C ARG T 90 17.96 -26.09 -14.24
N LYS T 91 17.22 -26.44 -13.18
CA LYS T 91 16.42 -27.65 -13.17
C LYS T 91 15.26 -27.56 -14.13
N LEU T 92 14.74 -26.35 -14.35
CA LEU T 92 13.70 -26.15 -15.34
C LEU T 92 14.20 -26.31 -16.76
N ALA T 93 15.46 -25.94 -17.03
CA ALA T 93 16.02 -26.11 -18.36
C ALA T 93 16.30 -27.57 -18.69
N GLN T 94 16.54 -28.39 -17.67
CA GLN T 94 16.76 -29.80 -17.92
C GLN T 94 15.46 -30.54 -18.20
N GLN T 95 14.33 -30.04 -17.70
CA GLN T 95 13.06 -30.69 -17.92
C GLN T 95 12.62 -30.60 -19.37
N TYR T 96 13.00 -29.52 -20.06
CA TYR T 96 12.76 -29.45 -21.50
C TYR T 96 13.60 -30.48 -22.23
N TYR T 97 14.84 -30.66 -21.81
CA TYR T 97 15.77 -31.52 -22.52
C TYR T 97 15.47 -32.99 -22.30
N LEU T 98 14.86 -33.34 -21.17
CA LEU T 98 14.47 -34.74 -20.96
C LEU T 98 13.28 -35.11 -21.81
N VAL T 99 12.42 -34.15 -22.12
CA VAL T 99 11.22 -34.42 -22.91
C VAL T 99 11.55 -34.36 -24.39
N TYR T 100 12.13 -33.25 -24.83
CA TYR T 100 12.24 -32.96 -26.25
C TYR T 100 13.58 -33.33 -26.86
N GLN T 101 14.59 -33.63 -26.02
CA GLN T 101 15.95 -33.99 -26.44
C GLN T 101 16.56 -32.92 -27.34
N GLU T 102 16.47 -31.67 -26.90
CA GLU T 102 16.86 -30.54 -27.72
C GLU T 102 17.13 -29.38 -26.79
N PRO T 103 18.20 -28.60 -27.02
CA PRO T 103 18.49 -27.46 -26.13
C PRO T 103 17.41 -26.39 -26.21
N ILE T 104 16.99 -25.92 -25.05
CA ILE T 104 15.79 -25.08 -24.92
C ILE T 104 16.06 -23.71 -25.53
N PRO T 105 15.15 -23.19 -26.35
CA PRO T 105 15.34 -21.84 -26.89
C PRO T 105 15.17 -20.77 -25.82
N THR T 106 15.79 -19.62 -26.08
CA THR T 106 15.84 -18.55 -25.09
C THR T 106 14.50 -17.88 -24.87
N ALA T 107 13.60 -17.94 -25.84
CA ALA T 107 12.26 -17.40 -25.64
C ALA T 107 11.38 -18.29 -24.77
N GLN T 108 11.83 -19.51 -24.48
CA GLN T 108 11.02 -20.47 -23.75
C GLN T 108 11.26 -20.44 -22.25
N LEU T 109 12.50 -20.16 -21.81
CA LEU T 109 12.76 -19.99 -20.38
C LEU T 109 12.04 -18.79 -19.82
N VAL T 110 12.00 -17.71 -20.60
CA VAL T 110 11.45 -16.46 -20.14
C VAL T 110 9.92 -16.54 -20.06
N GLN T 111 9.31 -17.46 -20.81
CA GLN T 111 7.93 -17.84 -20.53
C GLN T 111 7.80 -18.44 -19.14
N ARG T 112 8.76 -19.26 -18.75
CA ARG T 112 8.66 -20.09 -17.55
C ARG T 112 9.32 -19.47 -16.32
N VAL T 113 10.43 -18.78 -16.49
CA VAL T 113 11.09 -18.14 -15.35
C VAL T 113 10.25 -16.98 -14.83
N ALA T 114 9.62 -16.23 -15.73
CA ALA T 114 8.70 -15.18 -15.32
C ALA T 114 7.45 -15.75 -14.65
N SER T 115 7.06 -16.97 -15.00
CA SER T 115 5.96 -17.61 -14.30
C SER T 115 6.36 -18.09 -12.92
N VAL T 116 7.66 -18.27 -12.66
CA VAL T 116 8.11 -18.55 -11.30
C VAL T 116 8.06 -17.28 -10.46
N MET T 117 8.54 -16.16 -11.02
CA MET T 117 8.49 -14.90 -10.31
C MET T 117 7.07 -14.37 -10.21
N GLN T 118 6.19 -14.84 -11.09
CA GLN T 118 4.76 -14.65 -10.95
C GLN T 118 4.24 -15.18 -9.63
N GLU T 119 4.65 -16.40 -9.27
CA GLU T 119 3.98 -17.16 -8.24
C GLU T 119 4.26 -16.62 -6.84
N TYR T 120 5.36 -15.90 -6.66
CA TYR T 120 5.64 -15.28 -5.37
C TYR T 120 4.94 -13.93 -5.20
N THR T 121 4.28 -13.44 -6.24
CA THR T 121 3.43 -12.27 -6.13
C THR T 121 2.00 -12.62 -5.76
N GLN T 122 1.79 -13.88 -5.39
CA GLN T 122 0.48 -14.35 -4.98
C GLN T 122 0.47 -14.50 -3.47
N SER T 123 -0.41 -15.36 -2.96
CA SER T 123 -0.52 -15.61 -1.53
C SER T 123 -0.61 -14.34 -0.69
N GLY T 124 0.56 -13.83 -0.29
CA GLY T 124 0.62 -12.75 0.68
C GLY T 124 1.64 -13.06 1.75
N GLY T 125 1.59 -14.27 2.28
CA GLY T 125 2.51 -14.69 3.32
C GLY T 125 3.92 -14.79 2.76
N VAL T 126 4.10 -14.29 1.55
CA VAL T 126 5.38 -14.34 0.89
C VAL T 126 5.69 -12.95 0.35
N ARG T 127 6.95 -12.74 0.01
CA ARG T 127 7.41 -11.49 -0.58
C ARG T 127 7.82 -11.72 -2.02
N PRO T 128 7.73 -10.70 -2.87
CA PRO T 128 8.26 -10.82 -4.22
C PRO T 128 9.78 -10.77 -4.21
N PHE T 129 10.36 -11.03 -5.38
CA PHE T 129 11.80 -10.87 -5.53
C PHE T 129 12.18 -9.40 -5.55
N GLY T 130 13.47 -9.15 -5.39
CA GLY T 130 13.99 -7.80 -5.56
C GLY T 130 15.07 -7.79 -6.62
N VAL T 131 14.91 -8.64 -7.63
CA VAL T 131 15.94 -8.89 -8.63
C VAL T 131 15.30 -8.75 -10.02
N SER T 132 15.92 -7.96 -10.89
CA SER T 132 15.64 -8.02 -12.31
C SER T 132 16.78 -8.78 -12.99
N LEU T 133 16.50 -9.29 -14.19
CA LEU T 133 17.44 -10.16 -14.87
C LEU T 133 17.73 -9.63 -16.26
N LEU T 134 18.76 -10.20 -16.87
CA LEU T 134 19.04 -10.03 -18.30
C LEU T 134 19.47 -11.39 -18.82
N ILE T 135 18.77 -11.89 -19.83
CA ILE T 135 18.97 -13.25 -20.33
C ILE T 135 19.40 -13.16 -21.79
N CYS T 136 20.47 -13.86 -22.13
CA CYS T 136 21.06 -13.83 -23.45
C CYS T 136 21.13 -15.24 -24.04
N GLY T 137 21.37 -15.31 -25.34
CA GLY T 137 21.55 -16.58 -26.01
C GLY T 137 21.45 -16.49 -27.52
N TRP T 138 22.10 -17.42 -28.23
CA TRP T 138 22.13 -17.45 -29.68
C TRP T 138 21.49 -18.75 -30.15
N ASN T 139 20.17 -18.74 -30.32
CA ASN T 139 19.41 -19.89 -30.78
C ASN T 139 18.91 -19.64 -32.20
N GLU T 140 19.13 -20.62 -33.07
CA GLU T 140 18.69 -20.60 -34.48
C GLU T 140 19.26 -19.41 -35.23
N GLY T 141 20.56 -19.20 -35.09
CA GLY T 141 21.24 -18.13 -35.81
C GLY T 141 21.16 -16.79 -35.13
N ARG T 142 19.94 -16.26 -34.97
CA ARG T 142 19.77 -14.94 -34.40
C ARG T 142 19.97 -14.96 -32.89
N PRO T 143 20.74 -14.03 -32.36
CA PRO T 143 20.90 -13.92 -30.90
C PRO T 143 19.76 -13.13 -30.27
N TYR T 144 19.67 -13.24 -28.95
CA TYR T 144 18.55 -12.67 -28.21
C TYR T 144 19.04 -12.04 -26.92
N LEU T 145 18.29 -11.06 -26.43
CA LEU T 145 18.59 -10.38 -25.17
C LEU T 145 17.28 -9.93 -24.54
N PHE T 146 16.91 -10.53 -23.42
CA PHE T 146 15.63 -10.28 -22.78
C PHE T 146 15.86 -9.66 -21.41
N GLN T 147 14.75 -9.34 -20.73
CA GLN T 147 14.81 -8.75 -19.38
C GLN T 147 13.52 -9.05 -18.65
N SER T 148 13.61 -9.75 -17.53
CA SER T 148 12.47 -9.98 -16.66
C SER T 148 12.48 -9.00 -15.50
N ASP T 149 11.40 -9.04 -14.72
CA ASP T 149 11.21 -8.13 -13.61
C ASP T 149 10.51 -8.89 -12.49
N PRO T 150 10.51 -8.37 -11.25
CA PRO T 150 9.75 -9.04 -10.19
C PRO T 150 8.24 -9.04 -10.40
N SER T 151 7.69 -8.20 -11.27
CA SER T 151 6.25 -8.24 -11.51
C SER T 151 5.87 -9.44 -12.37
N GLY T 152 6.75 -9.87 -13.26
CA GLY T 152 6.48 -11.01 -14.11
C GLY T 152 6.44 -10.72 -15.60
N ALA T 153 6.62 -9.48 -16.04
CA ALA T 153 6.62 -9.18 -17.46
C ALA T 153 8.03 -9.42 -18.03
N TYR T 154 8.16 -9.27 -19.35
CA TYR T 154 9.45 -9.43 -19.99
C TYR T 154 9.50 -8.65 -21.29
N PHE T 155 10.67 -8.65 -21.92
CA PHE T 155 10.97 -7.71 -23.00
C PHE T 155 11.82 -8.39 -24.06
N ALA T 156 12.38 -7.56 -24.93
CA ALA T 156 13.39 -7.95 -25.90
C ALA T 156 14.15 -6.68 -26.27
N TRP T 157 15.37 -6.55 -25.76
CA TRP T 157 16.13 -5.32 -25.86
C TRP T 157 17.14 -5.37 -27.00
N LYS T 158 17.45 -4.19 -27.53
CA LYS T 158 18.65 -4.03 -28.33
C LYS T 158 19.86 -3.75 -27.43
N ALA T 159 19.69 -2.83 -26.47
CA ALA T 159 20.69 -2.53 -25.47
C ALA T 159 20.00 -1.84 -24.31
N THR T 160 20.45 -2.12 -23.09
CA THR T 160 19.85 -1.53 -21.91
C THR T 160 20.85 -1.55 -20.77
N ALA T 161 20.45 -0.95 -19.65
CA ALA T 161 21.30 -0.87 -18.47
C ALA T 161 20.42 -0.77 -17.24
N MET T 162 20.70 -1.61 -16.24
CA MET T 162 19.99 -1.60 -14.98
C MET T 162 20.93 -1.20 -13.85
N GLY T 163 20.39 -1.12 -12.65
CA GLY T 163 21.18 -0.76 -11.48
C GLY T 163 21.11 0.72 -11.17
N LYS T 164 22.11 1.19 -10.44
CA LYS T 164 22.21 2.60 -10.14
C LYS T 164 22.65 3.40 -11.35
N ASN T 165 22.14 4.63 -11.44
CA ASN T 165 22.47 5.61 -12.48
C ASN T 165 22.17 5.08 -13.88
N TYR T 166 21.08 4.33 -14.00
CA TYR T 166 20.69 3.75 -15.27
C TYR T 166 20.21 4.80 -16.27
N VAL T 167 19.69 5.93 -15.78
CA VAL T 167 19.26 7.00 -16.67
C VAL T 167 20.44 7.66 -17.37
N ASN T 168 21.62 7.68 -16.73
CA ASN T 168 22.79 8.22 -17.40
C ASN T 168 23.33 7.23 -18.42
N GLY T 169 23.26 5.94 -18.11
CA GLY T 169 23.66 4.94 -19.08
C GLY T 169 22.68 4.79 -20.22
N LYS T 170 21.40 5.07 -19.97
CA LYS T 170 20.41 4.98 -21.03
C LYS T 170 20.58 6.12 -22.03
N THR T 171 20.75 7.35 -21.52
CA THR T 171 21.02 8.48 -22.40
C THR T 171 22.40 8.38 -23.04
N PHE T 172 23.33 7.65 -22.43
CA PHE T 172 24.56 7.29 -23.12
C PHE T 172 24.27 6.37 -24.29
N LEU T 173 23.60 5.24 -24.04
CA LEU T 173 23.34 4.25 -25.08
C LEU T 173 22.35 4.74 -26.13
N GLU T 174 21.46 5.67 -25.78
CA GLU T 174 20.59 6.26 -26.78
C GLU T 174 21.40 7.07 -27.78
N LYS T 175 22.42 7.78 -27.29
CA LYS T 175 23.37 8.46 -28.14
C LYS T 175 24.43 7.54 -28.71
N ARG T 176 24.51 6.29 -28.25
CA ARG T 176 25.63 5.46 -28.66
C ARG T 176 25.26 4.33 -29.61
N TYR T 177 24.26 3.50 -29.26
CA TYR T 177 24.09 2.20 -29.88
C TYR T 177 23.55 2.31 -31.29
N ASN T 178 24.30 1.75 -32.23
CA ASN T 178 23.87 1.66 -33.62
C ASN T 178 23.34 0.26 -33.89
N GLU T 179 23.05 -0.04 -35.16
CA GLU T 179 22.45 -1.32 -35.47
C GLU T 179 23.49 -2.42 -35.68
N ASP T 180 24.49 -2.18 -36.51
CA ASP T 180 25.41 -3.24 -36.94
C ASP T 180 26.83 -2.97 -36.43
N LEU T 181 27.26 -3.78 -35.47
CA LEU T 181 28.66 -3.89 -35.09
C LEU T 181 28.97 -5.34 -34.79
N GLU T 182 30.25 -5.66 -34.75
CA GLU T 182 30.68 -6.99 -34.36
C GLU T 182 30.65 -7.12 -32.83
N LEU T 183 30.97 -8.32 -32.35
CA LEU T 183 31.04 -8.52 -30.91
C LEU T 183 32.22 -7.80 -30.29
N GLU T 184 33.31 -7.63 -31.04
CA GLU T 184 34.50 -6.99 -30.49
C GLU T 184 34.30 -5.49 -30.31
N ASP T 185 33.56 -4.86 -31.22
CA ASP T 185 33.15 -3.48 -31.01
C ASP T 185 32.07 -3.35 -29.95
N ALA T 186 31.32 -4.43 -29.70
CA ALA T 186 30.25 -4.38 -28.71
C ALA T 186 30.80 -4.36 -27.29
N ILE T 187 31.89 -5.08 -27.03
CA ILE T 187 32.49 -5.05 -25.70
C ILE T 187 33.15 -3.71 -25.45
N HIS T 188 33.62 -3.06 -26.53
CA HIS T 188 34.30 -1.76 -26.40
C HIS T 188 33.34 -0.68 -25.92
N THR T 189 32.10 -0.71 -26.41
CA THR T 189 31.08 0.20 -25.92
C THR T 189 30.32 -0.34 -24.71
N ALA T 190 30.62 -1.57 -24.27
CA ALA T 190 30.00 -2.08 -23.06
C ALA T 190 30.83 -1.80 -21.82
N ILE T 191 32.14 -1.65 -21.96
CA ILE T 191 32.94 -1.19 -20.84
C ILE T 191 32.90 0.33 -20.79
N LEU T 192 32.81 0.99 -21.95
CA LEU T 192 32.74 2.44 -22.01
C LEU T 192 31.43 2.98 -21.44
N THR T 193 30.38 2.16 -21.35
CA THR T 193 29.20 2.56 -20.59
C THR T 193 29.28 2.15 -19.13
N LEU T 194 30.13 1.18 -18.79
CA LEU T 194 30.37 0.87 -17.39
C LEU T 194 31.28 1.91 -16.73
N LYS T 195 32.15 2.56 -17.51
CA LYS T 195 32.99 3.63 -16.98
C LYS T 195 32.20 4.89 -16.68
N GLU T 196 30.98 5.00 -17.18
CA GLU T 196 30.16 6.18 -16.93
C GLU T 196 29.75 6.29 -15.47
N SER T 197 29.41 5.17 -14.85
CA SER T 197 28.87 5.19 -13.49
C SER T 197 29.67 4.34 -12.51
N PHE T 198 30.88 3.92 -12.87
CA PHE T 198 31.67 3.12 -11.95
C PHE T 198 32.35 4.00 -10.91
N GLU T 199 33.07 3.35 -10.01
CA GLU T 199 33.87 4.06 -9.02
C GLU T 199 35.26 4.35 -9.58
N GLY T 200 36.20 4.69 -8.70
CA GLY T 200 37.50 5.18 -9.12
C GLY T 200 38.37 4.24 -9.94
N GLN T 201 38.91 3.20 -9.31
CA GLN T 201 39.77 2.29 -10.06
C GLN T 201 38.93 1.23 -10.75
N MET T 202 39.34 0.88 -11.97
CA MET T 202 38.70 -0.19 -12.73
C MET T 202 39.79 -1.13 -13.21
N THR T 203 39.96 -2.23 -12.50
CA THR T 203 40.98 -3.22 -12.76
C THR T 203 40.36 -4.41 -13.50
N GLU T 204 41.14 -5.48 -13.61
CA GLU T 204 40.64 -6.74 -14.16
C GLU T 204 39.71 -7.47 -13.21
N ASP T 205 39.58 -7.02 -11.96
CA ASP T 205 38.72 -7.66 -10.99
C ASP T 205 37.49 -6.84 -10.63
N ASN T 206 37.42 -5.59 -11.10
CA ASN T 206 36.24 -4.77 -10.82
C ASN T 206 35.08 -5.10 -11.75
N ILE T 207 35.38 -5.52 -12.97
CA ILE T 207 34.34 -5.87 -13.93
C ILE T 207 34.38 -7.38 -14.13
N GLU T 208 33.32 -7.90 -14.76
CA GLU T 208 33.22 -9.33 -15.03
C GLU T 208 32.26 -9.50 -16.20
N VAL T 209 32.77 -10.01 -17.32
CA VAL T 209 32.13 -9.91 -18.62
C VAL T 209 31.95 -11.29 -19.22
N GLY T 210 30.73 -11.60 -19.68
CA GLY T 210 30.47 -12.81 -20.44
C GLY T 210 29.87 -12.52 -21.81
N ILE T 211 30.05 -13.42 -22.76
CA ILE T 211 29.63 -13.21 -24.14
C ILE T 211 28.87 -14.43 -24.65
N CYS T 212 28.12 -14.22 -25.73
CA CYS T 212 27.52 -15.31 -26.51
C CYS T 212 28.08 -15.26 -27.92
N ASN T 213 28.67 -16.37 -28.35
CA ASN T 213 28.96 -16.57 -29.76
C ASN T 213 27.85 -17.43 -30.35
N GLU T 214 28.02 -17.83 -31.61
CA GLU T 214 27.25 -18.96 -32.10
C GLU T 214 27.89 -20.27 -31.69
N ALA T 215 29.15 -20.23 -31.25
CA ALA T 215 29.85 -21.39 -30.71
C ALA T 215 29.53 -21.65 -29.24
N GLY T 216 28.49 -21.02 -28.70
CA GLY T 216 28.05 -21.28 -27.34
C GLY T 216 28.32 -20.11 -26.42
N PHE T 217 27.90 -20.29 -25.17
CA PHE T 217 28.10 -19.26 -24.16
C PHE T 217 29.46 -19.40 -23.51
N ARG T 218 30.05 -18.27 -23.15
CA ARG T 218 31.38 -18.24 -22.57
C ARG T 218 31.50 -16.99 -21.70
N ARG T 219 32.15 -17.11 -20.55
CA ARG T 219 32.51 -15.96 -19.74
C ARG T 219 34.02 -15.75 -19.83
N LEU T 220 34.43 -14.49 -19.74
CA LEU T 220 35.82 -14.14 -20.03
C LEU T 220 36.68 -14.23 -18.78
N THR T 221 37.83 -14.86 -18.92
CA THR T 221 38.81 -14.90 -17.85
C THR T 221 39.50 -13.54 -17.75
N PRO T 222 40.03 -13.17 -16.57
CA PRO T 222 40.65 -11.85 -16.42
C PRO T 222 41.94 -11.64 -17.21
N THR T 223 42.50 -12.69 -17.84
CA THR T 223 43.65 -12.49 -18.70
C THR T 223 43.27 -11.70 -19.95
N GLU T 224 42.15 -12.06 -20.57
CA GLU T 224 41.68 -11.30 -21.73
C GLU T 224 41.14 -9.94 -21.31
N VAL T 225 40.43 -9.88 -20.19
CA VAL T 225 39.77 -8.65 -19.76
C VAL T 225 40.79 -7.61 -19.33
N LYS T 226 41.95 -8.04 -18.80
CA LYS T 226 43.04 -7.11 -18.59
C LYS T 226 43.58 -6.62 -19.93
N ASP T 227 43.81 -7.56 -20.85
CA ASP T 227 44.28 -7.20 -22.18
C ASP T 227 43.24 -6.48 -23.01
N TYR T 228 41.95 -6.63 -22.68
CA TYR T 228 40.95 -5.87 -23.42
C TYR T 228 40.84 -4.45 -22.90
N LEU T 229 40.84 -4.27 -21.58
CA LEU T 229 40.81 -2.92 -21.00
C LEU T 229 42.16 -2.22 -21.06
N ALA T 230 43.21 -2.88 -21.55
CA ALA T 230 44.52 -2.25 -21.69
C ALA T 230 44.46 -1.27 -22.85
N ALA T 231 44.19 0.00 -22.53
CA ALA T 231 44.28 1.17 -23.40
C ALA T 231 43.32 1.14 -24.58
N ILE T 232 42.38 0.19 -24.64
CA ILE T 232 41.32 0.23 -25.65
C ILE T 232 40.21 1.08 -25.05
N ALA T 233 40.37 2.39 -25.22
CA ALA T 233 39.64 3.45 -24.50
C ALA T 233 39.65 3.20 -22.99
N ARG U 3 -12.97 1.42 7.07
CA ARG U 3 -13.84 1.38 5.92
C ARG U 3 -14.21 -0.05 5.54
N TYR U 4 -14.36 -0.27 4.24
CA TYR U 4 -14.71 -1.58 3.71
C TYR U 4 -13.81 -1.94 2.53
N ASP U 5 -12.57 -1.44 2.57
CA ASP U 5 -11.55 -1.73 1.57
C ASP U 5 -10.63 -2.86 2.00
N SER U 6 -11.18 -3.84 2.71
CA SER U 6 -10.51 -5.07 3.11
C SER U 6 -10.46 -6.04 1.94
N ARG U 7 -10.37 -7.34 2.24
CA ARG U 7 -10.47 -8.38 1.23
C ARG U 7 -11.81 -8.33 0.47
N THR U 8 -11.87 -9.13 -0.59
CA THR U 8 -13.03 -9.19 -1.47
C THR U 8 -14.14 -10.09 -0.98
N THR U 9 -13.96 -10.70 0.19
CA THR U 9 -14.97 -11.59 0.72
C THR U 9 -15.84 -10.90 1.76
N ILE U 10 -16.09 -9.61 1.57
CA ILE U 10 -16.97 -8.86 2.47
C ILE U 10 -17.74 -7.76 1.76
N PHE U 11 -19.06 -7.85 1.83
CA PHE U 11 -19.97 -6.86 1.26
C PHE U 11 -19.84 -5.54 2.00
N SER U 12 -20.08 -4.46 1.29
CA SER U 12 -20.31 -3.19 1.95
C SER U 12 -21.75 -3.14 2.44
N PRO U 13 -22.02 -2.27 3.44
CA PRO U 13 -23.30 -2.03 4.11
C PRO U 13 -24.47 -2.16 3.18
N GLU U 14 -24.21 -1.90 1.90
CA GLU U 14 -25.22 -2.01 0.86
C GLU U 14 -24.47 -2.43 -0.39
N GLY U 15 -25.10 -3.21 -1.24
CA GLY U 15 -24.43 -4.02 -2.26
C GLY U 15 -23.45 -3.25 -3.13
N ARG U 16 -22.22 -3.11 -2.63
CA ARG U 16 -21.20 -2.37 -3.34
C ARG U 16 -19.81 -2.93 -3.08
N LEU U 17 -19.57 -4.13 -3.59
CA LEU U 17 -18.27 -4.80 -3.49
C LEU U 17 -17.20 -3.84 -3.98
N TYR U 18 -16.45 -3.26 -3.05
CA TYR U 18 -15.53 -2.18 -3.40
C TYR U 18 -14.28 -2.69 -4.10
N GLN U 19 -13.81 -3.88 -3.77
CA GLN U 19 -12.61 -4.41 -4.40
C GLN U 19 -12.85 -4.78 -5.86
N VAL U 20 -14.08 -5.21 -6.18
CA VAL U 20 -14.42 -5.49 -7.57
C VAL U 20 -14.50 -4.19 -8.36
N GLU U 21 -15.03 -3.14 -7.73
CA GLU U 21 -15.13 -1.84 -8.39
C GLU U 21 -13.77 -1.20 -8.60
N TYR U 22 -12.82 -1.48 -7.73
CA TYR U 22 -11.47 -0.93 -7.91
C TYR U 22 -10.77 -1.58 -9.08
N ALA U 23 -11.04 -2.88 -9.30
CA ALA U 23 -10.42 -3.57 -10.43
C ALA U 23 -11.07 -3.18 -11.74
N MET U 24 -12.37 -2.91 -11.74
CA MET U 24 -13.07 -2.54 -12.97
C MET U 24 -12.80 -1.12 -13.41
N GLU U 25 -12.21 -0.29 -12.54
CA GLU U 25 -11.75 1.03 -12.93
C GLU U 25 -10.29 1.06 -13.34
N ALA U 26 -9.54 0.01 -13.02
CA ALA U 26 -8.11 -0.04 -13.31
C ALA U 26 -7.84 -0.25 -14.78
N ILE U 27 -8.79 -0.81 -15.54
CA ILE U 27 -8.55 -1.15 -16.93
C ILE U 27 -8.64 0.09 -17.83
N GLY U 28 -9.24 1.16 -17.34
CA GLY U 28 -9.27 2.40 -18.11
C GLY U 28 -7.89 3.02 -18.29
N HIS U 29 -6.97 2.76 -17.37
CA HIS U 29 -5.59 3.20 -17.52
C HIS U 29 -4.72 2.08 -18.07
N ALA U 30 -5.06 1.65 -19.29
CA ALA U 30 -4.37 0.55 -19.94
C ALA U 30 -4.42 0.78 -21.44
N GLY U 31 -4.22 -0.27 -22.22
CA GLY U 31 -4.26 -0.17 -23.66
C GLY U 31 -5.69 0.05 -24.20
N THR U 32 -5.76 0.04 -25.53
CA THR U 32 -7.02 0.28 -26.22
C THR U 32 -7.24 -0.81 -27.26
N CYS U 33 -8.36 -1.51 -27.14
CA CYS U 33 -8.71 -2.58 -28.06
C CYS U 33 -10.16 -2.42 -28.48
N LEU U 34 -10.44 -2.83 -29.72
CA LEU U 34 -11.81 -2.78 -30.23
C LEU U 34 -11.99 -3.79 -31.35
N GLY U 35 -13.18 -4.36 -31.42
CA GLY U 35 -13.59 -5.18 -32.55
C GLY U 35 -14.82 -4.57 -33.17
N ILE U 36 -15.00 -4.83 -34.47
CA ILE U 36 -16.05 -4.17 -35.24
C ILE U 36 -16.99 -5.22 -35.82
N LEU U 37 -18.13 -4.72 -36.33
CA LEU U 37 -19.04 -5.57 -37.10
C LEU U 37 -18.37 -5.98 -38.40
N ALA U 38 -18.71 -7.19 -38.86
CA ALA U 38 -18.44 -7.57 -40.23
C ALA U 38 -19.35 -8.72 -40.63
N ASN U 39 -19.96 -8.59 -41.80
CA ASN U 39 -20.37 -9.78 -42.54
C ASN U 39 -19.11 -10.45 -43.07
N ASP U 40 -19.22 -11.78 -43.23
CA ASP U 40 -18.18 -12.75 -43.67
C ASP U 40 -16.76 -12.42 -43.19
N GLY U 41 -16.66 -12.10 -41.92
CA GLY U 41 -15.37 -11.78 -41.32
C GLY U 41 -15.56 -11.20 -39.93
N VAL U 42 -14.42 -10.87 -39.32
CA VAL U 42 -14.39 -10.15 -38.05
C VAL U 42 -12.97 -9.59 -37.94
N LEU U 43 -12.80 -8.54 -37.13
CA LEU U 43 -11.49 -7.91 -36.98
C LEU U 43 -11.25 -7.48 -35.55
N LEU U 44 -9.97 -7.23 -35.26
CA LEU U 44 -9.53 -6.62 -34.01
C LEU U 44 -8.56 -5.49 -34.31
N ALA U 45 -8.47 -4.55 -33.38
CA ALA U 45 -7.56 -3.42 -33.54
C ALA U 45 -7.01 -3.07 -32.16
N ALA U 46 -5.71 -2.80 -32.11
CA ALA U 46 -5.03 -2.56 -30.85
C ALA U 46 -4.02 -1.44 -31.01
N GLU U 47 -3.33 -1.12 -29.92
CA GLU U 47 -2.45 0.04 -29.86
C GLU U 47 -1.11 -0.34 -29.25
N ARG U 48 -0.03 0.12 -29.86
CA ARG U 48 1.33 -0.18 -29.41
C ARG U 48 1.75 0.88 -28.39
N ARG U 49 1.81 0.48 -27.12
CA ARG U 49 2.26 1.40 -26.07
C ARG U 49 3.76 1.29 -25.86
N ASN U 50 4.38 2.45 -25.62
CA ASN U 50 5.80 2.59 -25.31
C ASN U 50 6.68 2.02 -26.43
N ILE U 51 6.67 2.74 -27.54
CA ILE U 51 7.24 2.30 -28.82
C ILE U 51 8.66 2.84 -28.95
N HIS U 52 9.34 3.01 -27.81
CA HIS U 52 10.72 3.45 -27.71
C HIS U 52 11.66 2.63 -28.61
N LYS U 53 12.70 3.29 -29.09
CA LYS U 53 13.52 2.80 -30.20
C LYS U 53 14.62 1.83 -29.77
N LEU U 54 14.53 1.19 -28.61
CA LEU U 54 15.51 0.20 -28.20
C LEU U 54 14.85 -1.13 -27.86
N LEU U 55 13.83 -1.50 -28.62
CA LEU U 55 13.16 -2.77 -28.45
C LEU U 55 13.20 -3.56 -29.75
N ASP U 56 12.92 -4.86 -29.64
CA ASP U 56 13.01 -5.77 -30.78
C ASP U 56 11.67 -6.15 -31.37
N GLU U 57 10.68 -6.45 -30.51
CA GLU U 57 9.40 -7.07 -30.87
C GLU U 57 9.63 -8.35 -31.69
N VAL U 58 10.26 -9.32 -31.04
CA VAL U 58 10.60 -10.58 -31.70
C VAL U 58 9.36 -11.44 -31.97
N PHE U 59 8.26 -11.20 -31.24
CA PHE U 59 7.07 -12.02 -31.41
C PHE U 59 6.16 -11.48 -32.50
N PHE U 60 6.16 -10.15 -32.69
CA PHE U 60 5.33 -9.40 -33.65
C PHE U 60 3.83 -9.62 -33.42
N SER U 61 3.46 -10.03 -32.22
CA SER U 61 2.06 -10.19 -31.82
C SER U 61 2.04 -10.12 -30.31
N GLU U 62 1.56 -8.99 -29.77
CA GLU U 62 1.62 -8.73 -28.34
C GLU U 62 0.25 -8.64 -27.69
N LYS U 63 -0.63 -7.82 -28.24
CA LYS U 63 -2.00 -7.75 -27.73
C LYS U 63 -2.83 -8.95 -28.15
N ILE U 64 -2.51 -9.57 -29.27
CA ILE U 64 -3.36 -10.60 -29.88
C ILE U 64 -2.73 -11.96 -29.61
N TYR U 65 -3.56 -12.92 -29.18
CA TYR U 65 -3.12 -14.28 -28.95
C TYR U 65 -4.08 -15.23 -29.65
N LYS U 66 -3.63 -15.83 -30.75
CA LYS U 66 -4.38 -16.90 -31.39
C LYS U 66 -4.46 -18.09 -30.45
N LEU U 67 -5.68 -18.58 -30.21
CA LEU U 67 -5.85 -19.48 -29.08
C LEU U 67 -6.24 -20.90 -29.45
N ASN U 68 -7.29 -21.13 -30.23
CA ASN U 68 -7.54 -22.54 -30.54
C ASN U 68 -7.10 -22.94 -31.94
N GLU U 69 -7.96 -22.66 -32.94
CA GLU U 69 -7.62 -22.63 -34.36
C GLU U 69 -8.34 -21.52 -35.10
N ASP U 70 -9.48 -21.07 -34.60
CA ASP U 70 -10.36 -20.14 -35.29
C ASP U 70 -10.83 -19.06 -34.33
N MET U 71 -10.07 -18.84 -33.28
CA MET U 71 -10.37 -17.81 -32.28
C MET U 71 -9.06 -17.16 -31.83
N ALA U 72 -9.16 -15.86 -31.54
CA ALA U 72 -8.07 -15.14 -30.91
C ALA U 72 -8.68 -14.21 -29.87
N CYS U 73 -7.83 -13.45 -29.19
CA CYS U 73 -8.31 -12.57 -28.14
C CYS U 73 -7.36 -11.40 -27.99
N SER U 74 -7.92 -10.26 -27.58
CA SER U 74 -7.12 -9.12 -27.16
C SER U 74 -6.83 -9.28 -25.68
N VAL U 75 -6.27 -8.24 -25.05
CA VAL U 75 -5.99 -8.25 -23.62
C VAL U 75 -5.90 -6.80 -23.16
N ALA U 76 -6.33 -6.55 -21.93
CA ALA U 76 -6.25 -5.22 -21.33
C ALA U 76 -6.23 -5.36 -19.82
N GLY U 77 -5.13 -4.96 -19.20
CA GLY U 77 -5.02 -5.04 -17.75
C GLY U 77 -3.65 -5.43 -17.25
N ILE U 78 -3.61 -6.02 -16.04
CA ILE U 78 -2.33 -6.34 -15.40
C ILE U 78 -1.68 -7.50 -16.16
N THR U 79 -0.46 -7.26 -16.64
CA THR U 79 0.25 -8.22 -17.48
C THR U 79 0.65 -9.47 -16.74
N SER U 80 0.83 -9.38 -15.42
CA SER U 80 1.14 -10.56 -14.64
C SER U 80 -0.01 -11.55 -14.64
N ASP U 81 -1.25 -11.05 -14.62
CA ASP U 81 -2.41 -11.91 -14.70
C ASP U 81 -2.77 -12.25 -16.13
N ALA U 82 -2.18 -11.57 -17.10
CA ALA U 82 -2.52 -11.81 -18.51
C ALA U 82 -1.95 -13.12 -19.00
N ASN U 83 -0.71 -13.43 -18.64
CA ASN U 83 -0.09 -14.67 -19.08
C ASN U 83 -0.67 -15.90 -18.40
N VAL U 84 -1.27 -15.72 -17.21
CA VAL U 84 -1.90 -16.84 -16.53
C VAL U 84 -3.16 -17.26 -17.25
N LEU U 85 -3.95 -16.28 -17.71
CA LEU U 85 -5.25 -16.58 -18.30
C LEU U 85 -5.12 -17.19 -19.69
N THR U 86 -4.16 -16.70 -20.49
CA THR U 86 -4.02 -17.19 -21.86
C THR U 86 -3.51 -18.62 -21.91
N ASN U 87 -2.59 -18.96 -20.99
CA ASN U 87 -2.14 -20.35 -20.93
C ASN U 87 -3.22 -21.26 -20.35
N GLU U 88 -4.09 -20.70 -19.51
CA GLU U 88 -5.23 -21.48 -19.03
C GLU U 88 -6.28 -21.64 -20.12
N LEU U 89 -6.52 -20.58 -20.89
CA LEU U 89 -7.63 -20.59 -21.85
C LEU U 89 -7.33 -21.49 -23.05
N ARG U 90 -6.07 -21.53 -23.49
CA ARG U 90 -5.70 -22.47 -24.54
C ARG U 90 -5.81 -23.91 -24.07
N LEU U 91 -5.56 -24.13 -22.78
CA LEU U 91 -5.63 -25.46 -22.19
C LEU U 91 -7.07 -25.90 -21.93
N ILE U 92 -8.05 -25.00 -21.97
CA ILE U 92 -9.44 -25.40 -21.93
C ILE U 92 -9.86 -26.00 -23.26
N ALA U 93 -9.51 -25.32 -24.36
CA ALA U 93 -9.98 -25.70 -25.69
C ALA U 93 -9.41 -27.03 -26.16
N GLN U 94 -8.23 -27.42 -25.69
CA GLN U 94 -7.69 -28.72 -26.05
C GLN U 94 -8.25 -29.83 -25.19
N ARG U 95 -8.70 -29.52 -23.97
CA ARG U 95 -9.40 -30.51 -23.16
C ARG U 95 -10.75 -30.86 -23.77
N TYR U 96 -11.45 -29.85 -24.30
CA TYR U 96 -12.70 -30.10 -25.00
C TYR U 96 -12.47 -30.90 -26.27
N LEU U 97 -11.38 -30.59 -26.99
CA LEU U 97 -11.10 -31.27 -28.25
C LEU U 97 -10.68 -32.71 -28.03
N LEU U 98 -9.96 -33.00 -26.94
CA LEU U 98 -9.65 -34.37 -26.59
C LEU U 98 -10.91 -35.16 -26.23
N GLN U 99 -11.91 -34.49 -25.68
CA GLN U 99 -13.09 -35.18 -25.17
C GLN U 99 -14.11 -35.49 -26.26
N TYR U 100 -14.33 -34.58 -27.22
CA TYR U 100 -15.38 -34.77 -28.21
C TYR U 100 -14.87 -34.88 -29.64
N GLN U 101 -13.60 -34.55 -29.90
CA GLN U 101 -13.01 -34.45 -31.25
C GLN U 101 -13.82 -33.50 -32.13
N GLU U 102 -14.02 -32.29 -31.63
CA GLU U 102 -14.73 -31.20 -32.30
C GLU U 102 -14.29 -29.91 -31.62
N PRO U 103 -14.13 -28.80 -32.36
CA PRO U 103 -13.69 -27.56 -31.73
C PRO U 103 -14.74 -26.96 -30.80
N ILE U 104 -14.25 -26.13 -29.89
CA ILE U 104 -15.11 -25.54 -28.85
C ILE U 104 -15.98 -24.44 -29.47
N PRO U 105 -17.28 -24.45 -29.24
CA PRO U 105 -18.16 -23.55 -30.02
C PRO U 105 -18.27 -22.14 -29.45
N CYS U 106 -17.17 -21.52 -29.05
CA CYS U 106 -17.02 -20.06 -28.95
C CYS U 106 -17.88 -19.35 -27.90
N GLU U 107 -18.80 -20.04 -27.22
CA GLU U 107 -19.50 -19.44 -26.09
C GLU U 107 -19.13 -20.08 -24.77
N GLN U 108 -19.19 -21.41 -24.70
CA GLN U 108 -18.85 -22.11 -23.47
C GLN U 108 -17.36 -22.18 -23.22
N LEU U 109 -16.53 -21.71 -24.16
CA LEU U 109 -15.16 -21.38 -23.82
C LEU U 109 -15.10 -20.13 -22.96
N VAL U 110 -15.93 -19.14 -23.29
CA VAL U 110 -15.92 -17.88 -22.56
C VAL U 110 -16.47 -18.08 -21.15
N THR U 111 -17.54 -18.85 -21.02
CA THR U 111 -18.12 -19.11 -19.70
C THR U 111 -17.22 -20.00 -18.85
N ALA U 112 -16.36 -20.81 -19.48
CA ALA U 112 -15.40 -21.60 -18.72
C ALA U 112 -14.35 -20.70 -18.07
N LEU U 113 -13.94 -19.64 -18.75
CA LEU U 113 -13.01 -18.69 -18.14
C LEU U 113 -13.73 -17.82 -17.11
N CYS U 114 -14.94 -17.38 -17.44
CA CYS U 114 -15.69 -16.48 -16.57
C CYS U 114 -16.10 -17.14 -15.26
N ASP U 115 -16.18 -18.46 -15.21
CA ASP U 115 -16.36 -19.14 -13.94
C ASP U 115 -15.06 -19.21 -13.14
N ILE U 116 -13.92 -19.24 -13.82
CA ILE U 116 -12.64 -19.16 -13.11
C ILE U 116 -12.41 -17.74 -12.59
N LYS U 117 -12.74 -16.74 -13.42
CA LYS U 117 -12.51 -15.35 -13.03
C LYS U 117 -13.45 -14.91 -11.93
N GLN U 118 -14.65 -15.49 -11.87
CA GLN U 118 -15.56 -15.21 -10.77
C GLN U 118 -15.06 -15.79 -9.45
N ALA U 119 -14.50 -17.01 -9.49
CA ALA U 119 -14.20 -17.78 -8.29
C ALA U 119 -13.14 -17.14 -7.40
N TYR U 120 -12.40 -16.16 -7.90
CA TYR U 120 -11.49 -15.41 -7.05
C TYR U 120 -12.15 -14.23 -6.37
N THR U 121 -13.45 -14.02 -6.57
CA THR U 121 -14.16 -12.98 -5.85
C THR U 121 -14.88 -13.50 -4.61
N GLN U 122 -15.03 -14.82 -4.45
CA GLN U 122 -15.72 -15.36 -3.29
C GLN U 122 -14.81 -16.09 -2.32
N PHE U 123 -13.78 -16.75 -2.84
CA PHE U 123 -12.92 -17.57 -1.98
C PHE U 123 -12.05 -16.87 -0.95
N GLY U 124 -10.82 -16.54 -1.31
CA GLY U 124 -9.93 -15.99 -0.31
C GLY U 124 -9.43 -14.57 -0.42
N GLY U 125 -8.62 -14.20 0.57
CA GLY U 125 -7.91 -12.94 0.56
C GLY U 125 -6.80 -12.91 -0.47
N LYS U 126 -7.20 -12.61 -1.70
CA LYS U 126 -6.27 -12.52 -2.81
C LYS U 126 -6.75 -11.35 -3.64
N ARG U 127 -6.89 -11.55 -4.95
CA ARG U 127 -7.35 -10.50 -5.82
C ARG U 127 -8.27 -11.09 -6.88
N PRO U 128 -9.19 -10.29 -7.41
CA PRO U 128 -9.79 -10.63 -8.70
C PRO U 128 -8.78 -10.39 -9.82
N PHE U 129 -9.05 -11.00 -10.97
CA PHE U 129 -8.26 -10.72 -12.16
C PHE U 129 -8.54 -9.30 -12.62
N GLY U 130 -7.49 -8.51 -12.76
CA GLY U 130 -7.66 -7.16 -13.26
C GLY U 130 -7.50 -7.08 -14.77
N VAL U 131 -8.16 -7.99 -15.48
CA VAL U 131 -7.98 -8.14 -16.92
C VAL U 131 -9.36 -8.26 -17.57
N SER U 132 -9.67 -7.32 -18.47
CA SER U 132 -10.75 -7.50 -19.43
C SER U 132 -10.15 -7.74 -20.80
N LEU U 133 -10.87 -8.49 -21.62
CA LEU U 133 -10.35 -8.88 -22.92
C LEU U 133 -11.50 -9.23 -23.84
N LEU U 134 -11.21 -9.21 -25.14
CA LEU U 134 -12.20 -9.44 -26.18
C LEU U 134 -12.14 -10.87 -26.71
N TYR U 135 -13.11 -11.19 -27.55
CA TYR U 135 -13.20 -12.50 -28.18
C TYR U 135 -13.67 -12.35 -29.61
N ILE U 136 -13.00 -13.06 -30.51
CA ILE U 136 -13.43 -13.18 -31.90
C ILE U 136 -13.41 -14.66 -32.24
N GLY U 137 -14.33 -15.09 -33.10
CA GLY U 137 -14.37 -16.48 -33.47
C GLY U 137 -15.50 -16.81 -34.41
N TRP U 138 -15.47 -18.06 -34.89
CA TRP U 138 -16.46 -18.61 -35.79
C TRP U 138 -16.87 -20.00 -35.29
N ASP U 139 -18.14 -20.35 -35.45
CA ASP U 139 -18.62 -21.66 -35.05
C ASP U 139 -19.60 -22.19 -36.08
N LYS U 140 -20.12 -23.39 -35.81
CA LYS U 140 -21.11 -24.00 -36.71
C LYS U 140 -22.49 -23.40 -36.53
N HIS U 141 -22.78 -22.84 -35.36
CA HIS U 141 -24.14 -22.51 -34.97
C HIS U 141 -24.54 -21.06 -35.22
N TYR U 142 -23.62 -20.13 -35.04
CA TYR U 142 -23.95 -18.72 -35.18
C TYR U 142 -22.99 -17.93 -36.05
N GLY U 143 -21.84 -18.48 -36.42
CA GLY U 143 -20.91 -17.76 -37.26
C GLY U 143 -20.01 -16.82 -36.49
N PHE U 144 -19.84 -15.61 -37.00
CA PHE U 144 -18.88 -14.67 -36.43
C PHE U 144 -19.48 -14.01 -35.19
N GLN U 145 -18.65 -13.90 -34.14
CA GLN U 145 -19.12 -13.52 -32.81
C GLN U 145 -18.15 -12.55 -32.16
N LEU U 146 -18.65 -11.83 -31.17
CA LEU U 146 -17.85 -10.93 -30.34
C LEU U 146 -18.28 -11.04 -28.90
N TYR U 147 -17.31 -11.07 -27.98
CA TYR U 147 -17.62 -11.16 -26.56
C TYR U 147 -16.67 -10.27 -25.76
N GLN U 148 -17.12 -9.91 -24.56
CA GLN U 148 -16.49 -8.88 -23.75
C GLN U 148 -16.35 -9.39 -22.33
N SER U 149 -15.12 -9.63 -21.88
CA SER U 149 -14.91 -10.11 -20.54
C SER U 149 -14.84 -8.94 -19.54
N ASP U 150 -15.07 -9.26 -18.28
CA ASP U 150 -15.06 -8.32 -17.17
C ASP U 150 -14.30 -8.95 -16.02
N PRO U 151 -13.77 -8.13 -15.10
CA PRO U 151 -13.13 -8.70 -13.90
C PRO U 151 -14.08 -9.49 -13.01
N SER U 152 -15.36 -9.15 -12.99
CA SER U 152 -16.32 -9.83 -12.13
C SER U 152 -16.75 -11.19 -12.65
N GLY U 153 -16.34 -11.57 -13.86
CA GLY U 153 -16.84 -12.76 -14.49
C GLY U 153 -18.09 -12.55 -15.32
N ASN U 154 -18.62 -11.34 -15.37
CA ASN U 154 -19.73 -11.04 -16.25
C ASN U 154 -19.22 -10.93 -17.68
N TYR U 155 -20.09 -11.24 -18.64
CA TYR U 155 -19.72 -11.13 -20.04
C TYR U 155 -20.94 -10.65 -20.82
N GLY U 156 -20.80 -10.64 -22.15
CA GLY U 156 -21.89 -10.24 -23.02
C GLY U 156 -21.48 -10.21 -24.47
N GLY U 157 -22.40 -10.60 -25.36
CA GLY U 157 -22.14 -10.51 -26.78
C GLY U 157 -22.28 -9.09 -27.29
N TRP U 158 -21.60 -8.81 -28.40
CA TRP U 158 -21.60 -7.46 -28.95
C TRP U 158 -21.51 -7.54 -30.47
N LYS U 159 -21.72 -6.38 -31.10
CA LYS U 159 -21.42 -6.20 -32.51
C LYS U 159 -20.32 -5.19 -32.75
N ALA U 160 -20.12 -4.24 -31.83
CA ALA U 160 -18.97 -3.35 -31.82
C ALA U 160 -18.78 -2.84 -30.41
N THR U 161 -17.55 -2.90 -29.91
CA THR U 161 -17.28 -2.50 -28.54
C THR U 161 -15.83 -2.05 -28.44
N CYS U 162 -15.47 -1.54 -27.26
CA CYS U 162 -14.14 -1.00 -27.03
C CYS U 162 -13.85 -1.02 -25.54
N ILE U 163 -12.82 -0.27 -25.14
CA ILE U 163 -12.36 -0.19 -23.76
C ILE U 163 -12.75 1.19 -23.24
N GLY U 164 -12.73 1.36 -21.91
CA GLY U 164 -13.35 2.48 -21.23
C GLY U 164 -12.49 3.73 -21.19
N ASN U 165 -12.08 4.17 -19.98
CA ASN U 165 -11.57 5.51 -19.68
C ASN U 165 -10.46 5.99 -20.62
N ASN U 166 -9.73 5.07 -21.24
CA ASN U 166 -8.84 5.45 -22.34
C ASN U 166 -9.65 5.90 -23.55
N SER U 167 -10.62 5.09 -23.98
CA SER U 167 -11.26 5.26 -25.27
C SER U 167 -12.77 5.04 -25.16
N ALA U 168 -13.38 5.55 -24.08
CA ALA U 168 -14.82 5.41 -23.90
C ALA U 168 -15.61 6.30 -24.85
N ALA U 169 -14.98 7.34 -25.40
CA ALA U 169 -15.62 8.19 -26.38
C ALA U 169 -15.75 7.54 -27.74
N ALA U 170 -15.04 6.43 -27.97
CA ALA U 170 -15.15 5.73 -29.25
C ALA U 170 -16.49 5.03 -29.40
N VAL U 171 -17.11 4.64 -28.29
CA VAL U 171 -18.41 3.98 -28.33
C VAL U 171 -19.47 4.93 -28.84
N SER U 172 -19.35 6.22 -28.51
CA SER U 172 -20.20 7.23 -29.10
C SER U 172 -19.95 7.38 -30.60
N MET U 173 -18.71 7.21 -31.04
CA MET U 173 -18.42 7.27 -32.46
C MET U 173 -18.89 6.03 -33.20
N LEU U 174 -18.85 4.86 -32.55
CA LEU U 174 -19.31 3.64 -33.19
C LEU U 174 -20.82 3.65 -33.44
N LYS U 175 -21.57 4.35 -32.60
CA LYS U 175 -23.01 4.48 -32.83
C LYS U 175 -23.31 5.55 -33.87
N GLN U 176 -22.55 6.64 -33.87
CA GLN U 176 -22.80 7.73 -34.80
C GLN U 176 -22.43 7.34 -36.23
N ASP U 177 -21.42 6.49 -36.40
CA ASP U 177 -21.00 6.00 -37.70
C ASP U 177 -21.33 4.52 -37.86
N TYR U 178 -22.48 4.12 -37.34
CA TYR U 178 -22.85 2.72 -37.33
C TYR U 178 -23.34 2.25 -38.69
N LYS U 179 -23.00 1.02 -39.05
CA LYS U 179 -23.53 0.37 -40.23
C LYS U 179 -24.18 -0.94 -39.83
N GLU U 180 -25.13 -1.38 -40.65
CA GLU U 180 -25.83 -2.64 -40.41
C GLU U 180 -26.23 -3.23 -41.74
N GLY U 181 -25.71 -4.42 -42.03
CA GLY U 181 -25.91 -4.99 -43.35
C GLY U 181 -24.73 -4.74 -44.28
N GLU U 182 -24.35 -3.48 -44.47
CA GLU U 182 -23.26 -3.13 -45.38
C GLU U 182 -21.91 -3.29 -44.67
N MET U 183 -21.64 -4.52 -44.23
CA MET U 183 -20.61 -4.79 -43.25
C MET U 183 -19.50 -5.65 -43.85
N THR U 184 -19.04 -5.25 -45.03
CA THR U 184 -17.87 -5.90 -45.62
C THR U 184 -16.61 -5.51 -44.85
N LEU U 185 -15.52 -6.23 -45.15
CA LEU U 185 -14.27 -6.03 -44.42
C LEU U 185 -13.64 -4.69 -44.76
N LYS U 186 -13.66 -4.30 -46.04
CA LYS U 186 -13.07 -3.03 -46.43
C LYS U 186 -13.90 -1.86 -45.94
N SER U 187 -15.21 -2.03 -45.79
CA SER U 187 -16.03 -1.00 -45.19
C SER U 187 -15.77 -0.88 -43.69
N ALA U 188 -15.30 -1.96 -43.06
CA ALA U 188 -15.02 -1.95 -41.63
C ALA U 188 -13.60 -1.52 -41.31
N LEU U 189 -12.63 -1.83 -42.18
CA LEU U 189 -11.26 -1.37 -41.96
C LEU U 189 -11.15 0.14 -42.11
N ALA U 190 -11.94 0.73 -43.01
CA ALA U 190 -11.99 2.18 -43.10
C ALA U 190 -12.62 2.80 -41.86
N LEU U 191 -13.56 2.08 -41.23
CA LEU U 191 -14.13 2.56 -39.99
C LEU U 191 -13.16 2.41 -38.83
N ALA U 192 -12.24 1.43 -38.91
CA ALA U 192 -11.33 1.18 -37.79
C ALA U 192 -10.26 2.25 -37.69
N ILE U 193 -9.67 2.65 -38.82
CA ILE U 193 -8.61 3.65 -38.78
C ILE U 193 -9.15 5.03 -38.46
N LYS U 194 -10.46 5.26 -38.68
CA LYS U 194 -11.06 6.53 -38.31
C LYS U 194 -11.29 6.63 -36.81
N VAL U 195 -11.68 5.52 -36.19
CA VAL U 195 -11.96 5.52 -34.75
C VAL U 195 -10.67 5.65 -33.95
N LEU U 196 -9.62 4.90 -34.33
CA LEU U 196 -8.32 5.02 -33.68
C LEU U 196 -7.64 6.36 -33.95
N ASN U 197 -8.12 7.14 -34.91
CA ASN U 197 -7.51 8.43 -35.19
C ASN U 197 -7.79 9.42 -34.07
N LYS U 198 -9.02 9.49 -33.59
CA LYS U 198 -9.36 10.44 -32.55
C LYS U 198 -8.95 9.97 -31.17
N THR U 199 -9.11 8.68 -30.87
CA THR U 199 -8.89 8.18 -29.51
C THR U 199 -7.40 8.16 -29.16
N MET U 200 -6.58 7.64 -30.06
CA MET U 200 -5.13 7.80 -29.92
C MET U 200 -4.79 9.25 -30.21
N ASP U 201 -4.42 9.99 -29.16
CA ASP U 201 -4.30 11.44 -29.26
C ASP U 201 -3.07 11.89 -30.04
N VAL U 202 -2.12 10.98 -30.30
CA VAL U 202 -0.99 11.31 -31.16
C VAL U 202 -1.49 11.44 -32.59
N SER U 203 -1.17 12.57 -33.23
CA SER U 203 -1.71 12.87 -34.54
C SER U 203 -1.02 12.06 -35.63
N LYS U 204 -1.71 11.97 -36.78
CA LYS U 204 -1.25 11.45 -38.07
C LYS U 204 -1.08 9.94 -38.13
N LEU U 205 -1.15 9.26 -36.98
CA LEU U 205 -1.35 7.81 -36.84
C LEU U 205 -0.26 7.01 -37.57
N SER U 206 0.93 7.07 -37.00
CA SER U 206 2.03 6.24 -37.50
C SER U 206 1.69 4.76 -37.37
N ALA U 207 2.17 3.98 -38.35
CA ALA U 207 1.81 2.56 -38.43
C ALA U 207 2.44 1.72 -37.32
N GLU U 208 3.50 2.21 -36.68
CA GLU U 208 4.17 1.47 -35.63
C GLU U 208 3.46 1.57 -34.30
N LYS U 209 2.40 2.36 -34.20
CA LYS U 209 1.64 2.49 -32.97
C LYS U 209 0.37 1.65 -32.95
N VAL U 210 0.01 1.02 -34.08
CA VAL U 210 -1.26 0.31 -34.18
C VAL U 210 -1.03 -1.16 -34.47
N GLU U 211 -2.13 -1.92 -34.57
CA GLU U 211 -2.10 -3.32 -34.93
C GLU U 211 -3.51 -3.69 -35.40
N ILE U 212 -3.58 -4.48 -36.46
CA ILE U 212 -4.86 -4.92 -37.03
C ILE U 212 -4.78 -6.42 -37.29
N ALA U 213 -5.73 -7.18 -36.73
CA ALA U 213 -5.82 -8.60 -36.97
C ALA U 213 -7.22 -8.95 -37.45
N THR U 214 -7.32 -9.80 -38.47
CA THR U 214 -8.59 -10.18 -39.07
C THR U 214 -8.79 -11.69 -39.00
N LEU U 215 -10.01 -12.10 -39.32
CA LEU U 215 -10.38 -13.51 -39.36
C LEU U 215 -11.49 -13.67 -40.39
N THR U 216 -11.22 -14.44 -41.43
CA THR U 216 -12.17 -14.69 -42.51
C THR U 216 -12.56 -16.16 -42.55
N ARG U 217 -13.33 -16.54 -43.57
CA ARG U 217 -13.79 -17.92 -43.74
C ARG U 217 -13.56 -18.28 -45.21
N GLU U 218 -12.55 -19.10 -45.46
CA GLU U 218 -12.09 -19.37 -46.82
C GLU U 218 -11.98 -20.88 -47.02
N ASN U 219 -12.86 -21.42 -47.87
CA ASN U 219 -12.88 -22.83 -48.29
C ASN U 219 -12.96 -23.80 -47.10
N GLY U 220 -13.61 -23.37 -46.03
CA GLY U 220 -13.69 -24.17 -44.83
C GLY U 220 -12.36 -24.33 -44.12
N LYS U 221 -11.65 -23.23 -43.88
CA LYS U 221 -10.36 -23.35 -43.20
C LYS U 221 -10.20 -22.33 -42.07
N THR U 222 -10.86 -21.17 -42.20
CA THR U 222 -10.86 -20.07 -41.25
C THR U 222 -9.42 -19.59 -40.96
N VAL U 223 -8.82 -18.99 -41.98
CA VAL U 223 -7.49 -18.41 -41.79
C VAL U 223 -7.56 -17.22 -40.85
N ILE U 224 -6.44 -16.97 -40.16
CA ILE U 224 -6.32 -15.88 -39.21
C ILE U 224 -5.13 -15.03 -39.63
N ARG U 225 -5.39 -13.76 -39.94
CA ARG U 225 -4.38 -12.87 -40.47
C ARG U 225 -3.98 -11.84 -39.43
N VAL U 226 -2.68 -11.80 -39.10
CA VAL U 226 -2.09 -10.64 -38.44
C VAL U 226 -1.33 -9.89 -39.52
N LEU U 227 -1.99 -8.91 -40.12
CA LEU U 227 -1.51 -8.33 -41.37
C LEU U 227 -0.32 -7.39 -41.12
N LYS U 228 0.66 -7.48 -42.03
CA LYS U 228 1.98 -6.91 -41.83
C LYS U 228 1.96 -5.40 -41.98
N GLN U 229 3.11 -4.78 -41.66
CA GLN U 229 3.21 -3.33 -41.58
C GLN U 229 3.20 -2.65 -42.94
N LYS U 230 3.44 -3.39 -44.01
CA LYS U 230 3.49 -2.77 -45.34
C LYS U 230 2.10 -2.37 -45.81
N GLU U 231 1.09 -3.20 -45.55
CA GLU U 231 -0.26 -2.91 -45.96
C GLU U 231 -1.05 -2.11 -44.92
N VAL U 232 -0.47 -1.87 -43.75
CA VAL U 232 -1.01 -0.86 -42.86
C VAL U 232 -0.79 0.52 -43.46
N GLU U 233 0.34 0.69 -44.16
CA GLU U 233 0.74 1.98 -44.72
C GLU U 233 -0.26 2.49 -45.75
N GLN U 234 -0.62 1.64 -46.71
CA GLN U 234 -1.59 2.02 -47.73
C GLN U 234 -3.01 2.08 -47.20
N LEU U 235 -3.26 1.57 -46.00
CA LEU U 235 -4.55 1.75 -45.35
C LEU U 235 -4.63 3.08 -44.62
N ILE U 236 -3.52 3.56 -44.06
CA ILE U 236 -3.51 4.84 -43.38
C ILE U 236 -3.60 5.99 -44.38
N LYS U 237 -2.78 5.92 -45.44
CA LYS U 237 -2.77 6.98 -46.45
C LYS U 237 -4.06 7.05 -47.24
N LYS U 238 -4.84 5.97 -47.28
CA LYS U 238 -6.19 6.04 -47.82
C LYS U 238 -7.07 6.94 -46.96
N HIS U 239 -6.98 6.79 -45.64
CA HIS U 239 -7.76 7.63 -44.74
C HIS U 239 -7.25 9.06 -44.71
N GLU U 240 -5.95 9.26 -44.89
CA GLU U 240 -5.40 10.60 -45.00
C GLU U 240 -5.86 11.28 -46.27
N GLU U 241 -6.10 10.49 -47.32
CA GLU U 241 -6.65 11.05 -48.56
C GLU U 241 -8.11 11.44 -48.37
N GLU U 242 -8.85 10.69 -47.55
CA GLU U 242 -10.27 10.96 -47.39
C GLU U 242 -10.53 12.22 -46.59
N GLU U 243 -9.56 12.67 -45.80
CA GLU U 243 -9.70 13.95 -45.12
C GLU U 243 -9.60 15.10 -46.12
N ALA U 244 -8.68 14.98 -47.10
CA ALA U 244 -8.56 16.01 -48.11
C ALA U 244 -9.72 16.00 -49.09
N LYS U 245 -10.41 14.87 -49.20
CA LYS U 245 -11.62 14.82 -50.01
C LYS U 245 -12.83 15.36 -49.24
N ALA U 246 -12.85 15.18 -47.92
CA ALA U 246 -13.99 15.61 -47.12
C ALA U 246 -14.07 17.12 -46.96
N GLU U 247 -12.97 17.83 -47.16
CA GLU U 247 -12.97 19.28 -47.01
C GLU U 247 -13.45 20.01 -48.26
N ARG U 248 -13.90 19.28 -49.29
CA ARG U 248 -14.48 19.92 -50.45
C ARG U 248 -15.84 20.53 -50.15
N GLU U 249 -16.54 20.03 -49.14
CA GLU U 249 -17.78 20.68 -48.70
C GLU U 249 -17.52 22.01 -48.02
N LYS U 250 -16.33 22.20 -47.46
CA LYS U 250 -15.97 23.48 -46.84
C LYS U 250 -15.59 24.50 -47.90
N SER V 1 -20.52 -0.34 13.49
CA SER V 1 -19.63 -0.96 14.46
C SER V 1 -19.24 -2.37 14.04
N TYR V 2 -19.50 -3.34 14.90
CA TYR V 2 -19.15 -4.72 14.66
C TYR V 2 -20.03 -5.32 13.57
N ASP V 3 -19.53 -5.42 12.33
CA ASP V 3 -20.02 -6.51 11.50
C ASP V 3 -18.92 -7.37 10.91
N ARG V 4 -18.28 -6.91 9.81
CA ARG V 4 -17.03 -7.33 9.12
C ARG V 4 -16.61 -8.79 9.30
N ALA V 5 -17.59 -9.69 9.43
CA ALA V 5 -17.40 -11.10 9.70
C ALA V 5 -18.76 -11.77 9.63
N ILE V 6 -18.83 -12.95 9.03
CA ILE V 6 -20.09 -13.69 9.02
C ILE V 6 -20.24 -14.61 10.22
N THR V 7 -19.27 -14.67 11.13
CA THR V 7 -19.36 -15.56 12.27
C THR V 7 -19.64 -14.85 13.59
N VAL V 8 -19.59 -13.52 13.62
CA VAL V 8 -19.77 -12.80 14.87
C VAL V 8 -21.22 -12.38 14.99
N PHE V 9 -21.67 -12.23 16.22
CA PHE V 9 -23.02 -11.76 16.51
C PHE V 9 -23.00 -10.32 16.96
N SER V 10 -24.13 -9.66 16.82
CA SER V 10 -24.34 -8.34 17.37
C SER V 10 -24.64 -8.47 18.86
N PRO V 11 -24.55 -7.36 19.61
CA PRO V 11 -25.01 -7.42 21.01
C PRO V 11 -26.51 -7.64 21.16
N ASP V 12 -27.31 -7.45 20.11
CA ASP V 12 -28.71 -7.82 20.12
C ASP V 12 -29.01 -8.97 19.18
N GLY V 13 -28.01 -9.76 18.82
CA GLY V 13 -28.21 -10.98 18.06
C GLY V 13 -28.57 -10.81 16.60
N HIS V 14 -27.63 -10.32 15.80
CA HIS V 14 -27.82 -10.16 14.37
C HIS V 14 -26.59 -10.61 13.61
N LEU V 15 -26.80 -10.86 12.32
CA LEU V 15 -25.73 -11.18 11.36
C LEU V 15 -25.84 -10.14 10.25
N PHE V 16 -25.08 -9.04 10.39
CA PHE V 16 -25.27 -7.92 9.48
C PHE V 16 -24.74 -8.21 8.08
N GLN V 17 -23.67 -9.01 7.98
CA GLN V 17 -23.15 -9.38 6.66
C GLN V 17 -24.11 -10.30 5.92
N VAL V 18 -24.91 -11.08 6.64
CA VAL V 18 -25.98 -11.82 5.98
C VAL V 18 -27.10 -10.88 5.58
N GLU V 19 -27.40 -9.90 6.43
CA GLU V 19 -28.44 -8.93 6.13
C GLU V 19 -28.04 -7.97 5.02
N TYR V 20 -26.74 -7.73 4.85
CA TYR V 20 -26.29 -6.88 3.74
C TYR V 20 -26.40 -7.57 2.40
N ALA V 21 -26.41 -8.91 2.39
CA ALA V 21 -26.58 -9.64 1.14
C ALA V 21 -27.98 -9.46 0.56
N GLN V 22 -28.98 -9.26 1.42
CA GLN V 22 -30.32 -8.98 0.94
C GLN V 22 -30.44 -7.57 0.37
N GLU V 23 -29.55 -6.67 0.77
CA GLU V 23 -29.57 -5.32 0.20
C GLU V 23 -29.08 -5.32 -1.24
N ALA V 24 -28.25 -6.29 -1.62
CA ALA V 24 -27.80 -6.40 -3.00
C ALA V 24 -28.88 -6.96 -3.90
N VAL V 25 -29.90 -7.62 -3.33
CA VAL V 25 -31.00 -8.14 -4.14
C VAL V 25 -31.86 -6.99 -4.65
N LYS V 26 -31.96 -5.91 -3.89
CA LYS V 26 -32.81 -4.77 -4.24
C LYS V 26 -32.23 -3.90 -5.35
N LYS V 27 -31.06 -4.23 -5.90
CA LYS V 27 -30.53 -3.54 -7.07
C LYS V 27 -30.89 -4.24 -8.38
N GLY V 28 -31.69 -5.29 -8.32
CA GLY V 28 -32.01 -6.07 -9.49
C GLY V 28 -33.33 -5.71 -10.12
N SER V 29 -33.52 -6.18 -11.35
CA SER V 29 -34.78 -5.99 -12.04
C SER V 29 -35.87 -6.86 -11.42
N THR V 30 -37.08 -6.32 -11.38
CA THR V 30 -38.18 -7.02 -10.74
C THR V 30 -38.65 -8.19 -11.60
N ALA V 31 -39.05 -9.26 -10.94
CA ALA V 31 -39.63 -10.42 -11.62
C ALA V 31 -40.74 -10.98 -10.75
N VAL V 32 -41.91 -11.17 -11.34
CA VAL V 32 -43.08 -11.65 -10.62
C VAL V 32 -43.43 -13.05 -11.11
N GLY V 33 -44.32 -13.70 -10.39
CA GLY V 33 -44.76 -15.03 -10.74
C GLY V 33 -45.94 -15.49 -9.93
N VAL V 34 -46.97 -16.03 -10.59
CA VAL V 34 -48.14 -16.58 -9.92
C VAL V 34 -48.35 -18.00 -10.40
N ARG V 35 -49.10 -18.76 -9.61
CA ARG V 35 -49.59 -20.07 -10.03
C ARG V 35 -51.09 -19.98 -10.25
N GLY V 36 -51.61 -20.86 -11.10
CA GLY V 36 -53.01 -20.86 -11.47
C GLY V 36 -53.60 -22.25 -11.42
N ARG V 37 -54.60 -22.46 -12.28
CA ARG V 37 -55.27 -23.75 -12.34
C ARG V 37 -54.37 -24.79 -12.98
N ASP V 38 -53.90 -24.52 -14.20
CA ASP V 38 -53.03 -25.45 -14.90
C ASP V 38 -51.77 -24.76 -15.38
N ILE V 39 -51.91 -23.50 -15.81
CA ILE V 39 -50.83 -22.76 -16.43
C ILE V 39 -50.17 -21.87 -15.39
N VAL V 40 -48.89 -22.11 -15.13
CA VAL V 40 -48.09 -21.23 -14.30
C VAL V 40 -47.41 -20.21 -15.21
N VAL V 41 -47.11 -19.04 -14.67
CA VAL V 41 -46.58 -17.93 -15.44
C VAL V 41 -45.63 -17.11 -14.59
N LEU V 42 -44.56 -16.63 -15.20
CA LEU V 42 -43.63 -15.71 -14.57
C LEU V 42 -43.12 -14.72 -15.60
N GLY V 43 -42.99 -13.47 -15.20
CA GLY V 43 -42.55 -12.43 -16.11
C GLY V 43 -41.49 -11.58 -15.46
N VAL V 44 -40.65 -10.97 -16.31
CA VAL V 44 -39.56 -10.12 -15.86
C VAL V 44 -39.70 -8.79 -16.59
N GLU V 45 -39.07 -7.76 -16.03
CA GLU V 45 -39.10 -6.43 -16.61
C GLU V 45 -37.68 -5.92 -16.78
N LYS V 46 -37.58 -4.68 -17.27
CA LYS V 46 -36.34 -3.91 -17.40
C LYS V 46 -35.33 -4.61 -18.31
N LYS V 47 -35.71 -4.76 -19.58
CA LYS V 47 -34.78 -5.31 -20.56
C LYS V 47 -33.69 -4.30 -20.90
N SER V 48 -34.07 -3.16 -21.47
CA SER V 48 -33.23 -1.99 -21.73
C SER V 48 -32.02 -2.34 -22.60
N VAL V 49 -32.32 -2.68 -23.86
CA VAL V 49 -31.29 -2.96 -24.84
C VAL V 49 -30.53 -1.68 -25.18
N ALA V 50 -29.25 -1.81 -25.49
CA ALA V 50 -28.34 -0.68 -25.63
C ALA V 50 -27.76 -0.57 -27.04
N LYS V 51 -28.57 -0.91 -28.05
CA LYS V 51 -28.41 -0.50 -29.46
C LYS V 51 -27.25 -1.21 -30.17
N LEU V 52 -26.40 -1.93 -29.43
CA LEU V 52 -25.20 -2.47 -30.06
C LEU V 52 -24.83 -3.86 -29.57
N GLN V 53 -25.73 -4.60 -28.94
CA GLN V 53 -25.40 -5.92 -28.44
C GLN V 53 -26.47 -6.93 -28.82
N ASP V 54 -26.08 -8.20 -28.81
CA ASP V 54 -27.01 -9.30 -28.99
C ASP V 54 -27.69 -9.58 -27.66
N GLU V 55 -29.00 -9.85 -27.71
CA GLU V 55 -29.82 -9.93 -26.52
C GLU V 55 -30.12 -11.36 -26.08
N ARG V 56 -29.49 -12.36 -26.71
CA ARG V 56 -29.71 -13.73 -26.31
C ARG V 56 -28.72 -14.20 -25.25
N THR V 57 -27.87 -13.30 -24.76
CA THR V 57 -26.89 -13.63 -23.73
C THR V 57 -27.15 -12.87 -22.44
N VAL V 58 -28.34 -12.27 -22.30
CA VAL V 58 -28.67 -11.44 -21.15
C VAL V 58 -29.92 -12.06 -20.53
N ARG V 59 -30.15 -13.33 -20.81
CA ARG V 59 -31.39 -14.00 -20.43
C ARG V 59 -31.43 -14.27 -18.93
N LYS V 60 -32.56 -13.92 -18.31
CA LYS V 60 -32.76 -14.08 -16.87
C LYS V 60 -33.64 -15.26 -16.51
N ILE V 61 -34.23 -15.94 -17.50
CA ILE V 61 -35.15 -17.05 -17.25
C ILE V 61 -34.56 -18.30 -17.88
N CYS V 62 -34.27 -19.30 -17.06
CA CYS V 62 -33.68 -20.54 -17.53
C CYS V 62 -34.46 -21.71 -16.95
N ALA V 63 -34.22 -22.88 -17.52
CA ALA V 63 -34.86 -24.11 -17.07
C ALA V 63 -33.81 -25.05 -16.50
N LEU V 64 -34.07 -25.57 -15.31
CA LEU V 64 -33.15 -26.51 -14.70
C LEU V 64 -33.34 -27.91 -15.28
N ASP V 65 -34.59 -28.36 -15.34
CA ASP V 65 -34.92 -29.66 -15.91
C ASP V 65 -36.06 -29.42 -16.89
N ASP V 66 -36.69 -30.49 -17.41
CA ASP V 66 -37.69 -30.33 -18.44
C ASP V 66 -39.00 -29.73 -17.94
N ASN V 67 -39.24 -29.75 -16.63
CA ASN V 67 -40.52 -29.28 -16.10
C ASN V 67 -40.31 -28.42 -14.86
N VAL V 68 -39.27 -27.58 -14.86
CA VAL V 68 -39.05 -26.63 -13.77
C VAL V 68 -38.32 -25.43 -14.35
N CYS V 69 -38.71 -24.23 -13.90
CA CYS V 69 -38.18 -22.99 -14.41
C CYS V 69 -37.36 -22.28 -13.34
N MET V 70 -36.88 -21.09 -13.67
CA MET V 70 -36.02 -20.33 -12.76
C MET V 70 -36.06 -18.86 -13.16
N ALA V 71 -36.27 -17.99 -12.16
CA ALA V 71 -36.09 -16.55 -12.33
C ALA V 71 -35.37 -16.03 -11.09
N PHE V 72 -34.49 -15.06 -11.29
CA PHE V 72 -33.61 -14.62 -10.21
C PHE V 72 -33.51 -13.10 -10.18
N ALA V 73 -32.75 -12.62 -9.19
CA ALA V 73 -32.39 -11.22 -9.04
C ALA V 73 -30.95 -11.17 -8.57
N GLY V 74 -30.54 -9.99 -8.08
CA GLY V 74 -29.20 -9.85 -7.55
C GLY V 74 -28.19 -9.49 -8.61
N LEU V 75 -27.01 -10.09 -8.54
CA LEU V 75 -25.95 -9.84 -9.50
C LEU V 75 -25.75 -11.06 -10.39
N THR V 76 -25.36 -10.81 -11.64
CA THR V 76 -25.39 -11.84 -12.68
C THR V 76 -24.34 -12.91 -12.51
N ALA V 77 -23.24 -12.60 -11.82
CA ALA V 77 -22.14 -13.57 -11.71
C ALA V 77 -22.52 -14.72 -10.80
N ASP V 78 -23.06 -14.42 -9.62
CA ASP V 78 -23.38 -15.46 -8.65
C ASP V 78 -24.57 -16.30 -9.06
N ALA V 79 -25.43 -15.79 -9.95
CA ALA V 79 -26.55 -16.59 -10.42
C ALA V 79 -26.08 -17.70 -11.35
N ARG V 80 -25.02 -17.46 -12.12
CA ARG V 80 -24.55 -18.44 -13.09
C ARG V 80 -23.97 -19.67 -12.41
N ILE V 81 -23.39 -19.50 -11.22
CA ILE V 81 -22.85 -20.65 -10.50
C ILE V 81 -23.98 -21.49 -9.92
N VAL V 82 -25.02 -20.85 -9.40
CA VAL V 82 -26.13 -21.55 -8.77
C VAL V 82 -26.96 -22.27 -9.83
N ILE V 83 -27.15 -21.65 -10.99
CA ILE V 83 -27.89 -22.28 -12.08
C ILE V 83 -27.13 -23.49 -12.61
N ASN V 84 -25.82 -23.35 -12.83
CA ASN V 84 -25.04 -24.45 -13.38
C ASN V 84 -24.89 -25.59 -12.38
N ARG V 85 -24.89 -25.28 -11.08
CA ARG V 85 -24.82 -26.34 -10.08
C ARG V 85 -26.15 -27.07 -9.97
N ALA V 86 -27.26 -26.33 -10.05
CA ALA V 86 -28.58 -26.94 -9.89
C ALA V 86 -28.97 -27.81 -11.07
N ARG V 87 -28.41 -27.56 -12.25
CA ARG V 87 -28.64 -28.44 -13.39
C ARG V 87 -28.00 -29.79 -13.17
N VAL V 88 -26.89 -29.84 -12.43
CA VAL V 88 -26.22 -31.10 -12.15
C VAL V 88 -27.03 -31.92 -11.16
N GLU V 89 -27.54 -31.27 -10.11
CA GLU V 89 -28.26 -32.00 -9.06
C GLU V 89 -29.60 -32.49 -9.54
N CYS V 90 -30.31 -31.70 -10.35
CA CYS V 90 -31.57 -32.18 -10.89
C CYS V 90 -31.40 -33.19 -12.01
N GLN V 91 -30.16 -33.44 -12.45
CA GLN V 91 -29.87 -34.52 -13.37
C GLN V 91 -29.28 -35.73 -12.67
N SER V 92 -28.45 -35.52 -11.65
CA SER V 92 -27.88 -36.62 -10.88
C SER V 92 -28.87 -37.24 -9.91
N HIS V 93 -29.95 -36.52 -9.56
CA HIS V 93 -31.03 -37.13 -8.81
C HIS V 93 -31.73 -38.18 -9.65
N ARG V 94 -31.92 -37.90 -10.95
CA ARG V 94 -32.59 -38.84 -11.84
C ARG V 94 -31.76 -40.10 -12.06
N LEU V 95 -30.43 -40.00 -11.97
CA LEU V 95 -29.59 -41.17 -12.14
C LEU V 95 -29.63 -42.07 -10.90
N THR V 96 -29.58 -41.47 -9.71
CA THR V 96 -29.59 -42.28 -8.49
C THR V 96 -30.98 -42.81 -8.17
N VAL V 97 -32.01 -42.02 -8.43
CA VAL V 97 -33.39 -42.42 -8.22
C VAL V 97 -34.14 -42.15 -9.51
N GLU V 98 -34.77 -43.17 -10.09
CA GLU V 98 -35.28 -43.10 -11.46
C GLU V 98 -36.52 -42.23 -11.65
N ASP V 99 -37.00 -41.53 -10.62
CA ASP V 99 -38.11 -40.62 -10.77
C ASP V 99 -37.67 -39.32 -11.45
N PRO V 100 -38.60 -38.52 -11.95
CA PRO V 100 -38.28 -37.11 -12.22
C PRO V 100 -38.17 -36.36 -10.89
N VAL V 101 -37.53 -35.20 -10.97
CA VAL V 101 -37.21 -34.43 -9.78
C VAL V 101 -38.39 -33.53 -9.45
N THR V 102 -38.83 -33.59 -8.19
CA THR V 102 -39.91 -32.72 -7.75
C THR V 102 -39.43 -31.28 -7.62
N VAL V 103 -40.38 -30.35 -7.62
CA VAL V 103 -40.04 -28.95 -7.47
C VAL V 103 -39.62 -28.64 -6.03
N GLU V 104 -40.02 -29.47 -5.07
CA GLU V 104 -39.64 -29.24 -3.69
C GLU V 104 -38.21 -29.69 -3.42
N TYR V 105 -37.74 -30.71 -4.13
CA TYR V 105 -36.42 -31.26 -3.86
C TYR V 105 -35.31 -30.34 -4.33
N ILE V 106 -35.51 -29.66 -5.47
CA ILE V 106 -34.45 -28.82 -6.02
C ILE V 106 -34.31 -27.51 -5.22
N THR V 107 -35.37 -27.07 -4.55
CA THR V 107 -35.27 -25.87 -3.73
C THR V 107 -34.56 -26.12 -2.42
N ARG V 108 -34.66 -27.33 -1.89
CA ARG V 108 -33.88 -27.66 -0.70
C ARG V 108 -32.40 -27.79 -1.03
N TYR V 109 -32.06 -28.18 -2.25
CA TYR V 109 -30.65 -28.24 -2.62
C TYR V 109 -30.06 -26.85 -2.75
N ILE V 110 -30.80 -25.92 -3.34
CA ILE V 110 -30.29 -24.55 -3.52
C ILE V 110 -30.18 -23.85 -2.17
N ALA V 111 -31.14 -24.08 -1.27
CA ALA V 111 -31.09 -23.45 0.04
C ALA V 111 -29.99 -24.04 0.90
N SER V 112 -29.80 -25.36 0.86
CA SER V 112 -28.76 -25.98 1.67
C SER V 112 -27.37 -25.71 1.12
N LEU V 113 -27.24 -25.56 -0.20
CA LEU V 113 -25.94 -25.16 -0.74
C LEU V 113 -25.62 -23.73 -0.40
N LYS V 114 -26.63 -22.87 -0.27
CA LYS V 114 -26.41 -21.52 0.19
C LYS V 114 -26.30 -21.45 1.70
N GLN V 115 -26.71 -22.52 2.39
CA GLN V 115 -26.63 -22.57 3.85
C GLN V 115 -25.20 -22.70 4.33
N ARG V 116 -24.53 -23.78 3.94
CA ARG V 116 -23.15 -24.06 4.33
C ARG V 116 -22.16 -23.06 3.73
N TYR V 117 -22.57 -22.32 2.72
CA TYR V 117 -21.79 -21.31 2.06
C TYR V 117 -21.79 -19.99 2.83
N THR V 118 -22.58 -19.92 3.90
CA THR V 118 -22.66 -18.75 4.77
C THR V 118 -21.88 -18.95 6.07
N GLN V 119 -21.62 -20.20 6.44
CA GLN V 119 -21.11 -20.49 7.78
C GLN V 119 -19.62 -20.23 7.92
N SER V 120 -18.83 -20.65 6.95
CA SER V 120 -17.37 -20.58 7.06
C SER V 120 -16.85 -19.22 6.64
N ASN V 121 -15.86 -18.72 7.39
CA ASN V 121 -15.22 -17.45 7.07
C ASN V 121 -14.44 -17.54 5.77
N GLY V 122 -14.23 -16.38 5.15
CA GLY V 122 -13.60 -16.34 3.86
C GLY V 122 -14.42 -16.92 2.75
N ARG V 123 -15.75 -16.89 2.88
CA ARG V 123 -16.67 -17.35 1.83
C ARG V 123 -17.79 -16.33 1.73
N ARG V 124 -17.70 -15.47 0.73
CA ARG V 124 -18.70 -14.43 0.53
C ARG V 124 -20.01 -15.05 0.07
N PRO V 125 -21.13 -14.81 0.76
CA PRO V 125 -22.39 -15.47 0.40
C PRO V 125 -22.95 -14.97 -0.92
N PHE V 126 -23.89 -15.74 -1.46
CA PHE V 126 -24.54 -15.36 -2.71
C PHE V 126 -25.49 -14.20 -2.47
N GLY V 127 -25.37 -13.15 -3.28
CA GLY V 127 -26.25 -12.02 -3.18
C GLY V 127 -27.41 -12.09 -4.15
N ILE V 128 -28.00 -13.26 -4.31
CA ILE V 128 -29.11 -13.45 -5.24
C ILE V 128 -30.31 -14.01 -4.49
N SER V 129 -31.49 -13.77 -5.03
CA SER V 129 -32.71 -14.43 -4.62
C SER V 129 -33.38 -15.00 -5.85
N ALA V 130 -34.01 -16.16 -5.71
CA ALA V 130 -34.48 -16.92 -6.85
C ALA V 130 -35.94 -17.28 -6.70
N LEU V 131 -36.60 -17.49 -7.84
CA LEU V 131 -37.97 -17.97 -7.91
C LEU V 131 -37.97 -19.28 -8.69
N ILE V 132 -38.44 -20.35 -8.05
CA ILE V 132 -38.50 -21.67 -8.66
C ILE V 132 -39.97 -22.00 -8.89
N VAL V 133 -40.36 -22.12 -10.16
CA VAL V 133 -41.74 -22.35 -10.55
C VAL V 133 -41.78 -23.63 -11.36
N GLY V 134 -42.56 -24.61 -10.89
CA GLY V 134 -42.72 -25.84 -11.63
C GLY V 134 -43.97 -26.62 -11.28
N PHE V 135 -44.77 -26.95 -12.29
CA PHE V 135 -45.93 -27.82 -12.12
C PHE V 135 -45.55 -29.25 -12.47
N ASP V 136 -44.56 -29.77 -11.74
CA ASP V 136 -43.92 -31.03 -12.08
C ASP V 136 -44.38 -32.20 -11.21
N PHE V 137 -44.55 -31.98 -9.92
CA PHE V 137 -44.81 -33.07 -8.98
C PHE V 137 -46.26 -33.56 -9.12
N ASP V 138 -46.46 -34.38 -10.16
CA ASP V 138 -47.69 -35.13 -10.42
C ASP V 138 -48.89 -34.19 -10.61
N GLY V 139 -48.77 -33.32 -11.61
CA GLY V 139 -49.85 -32.45 -12.02
C GLY V 139 -50.22 -31.35 -11.06
N THR V 140 -49.37 -31.04 -10.09
CA THR V 140 -49.70 -30.01 -9.10
C THR V 140 -48.86 -28.77 -9.32
N PRO V 141 -49.47 -27.61 -9.54
CA PRO V 141 -48.67 -26.38 -9.73
C PRO V 141 -48.18 -25.81 -8.42
N ARG V 142 -46.89 -25.48 -8.38
CA ARG V 142 -46.26 -24.93 -7.19
C ARG V 142 -45.27 -23.84 -7.59
N LEU V 143 -44.99 -22.95 -6.65
CA LEU V 143 -43.88 -22.01 -6.81
C LEU V 143 -43.31 -21.70 -5.44
N TYR V 144 -41.99 -21.69 -5.35
CA TYR V 144 -41.28 -21.39 -4.12
C TYR V 144 -40.42 -20.16 -4.33
N GLN V 145 -39.66 -19.79 -3.31
CA GLN V 145 -38.65 -18.76 -3.44
C GLN V 145 -37.51 -19.06 -2.48
N THR V 146 -36.41 -18.33 -2.67
CA THR V 146 -35.22 -18.47 -1.85
C THR V 146 -34.91 -17.14 -1.15
N ASP V 147 -33.75 -17.10 -0.51
CA ASP V 147 -33.30 -15.96 0.27
C ASP V 147 -31.80 -16.11 0.46
N PRO V 148 -31.04 -15.02 0.51
CA PRO V 148 -29.58 -15.14 0.71
C PRO V 148 -29.17 -15.74 2.05
N SER V 149 -30.06 -15.74 3.04
CA SER V 149 -29.76 -16.45 4.28
C SER V 149 -29.82 -17.95 4.09
N GLY V 150 -30.58 -18.41 3.11
CA GLY V 150 -30.69 -19.83 2.83
C GLY V 150 -31.97 -20.44 3.36
N THR V 151 -33.07 -19.73 3.21
CA THR V 151 -34.38 -20.17 3.70
C THR V 151 -35.32 -20.31 2.50
N TYR V 152 -35.56 -21.54 2.08
CA TYR V 152 -36.54 -21.79 1.03
C TYR V 152 -37.94 -21.65 1.61
N HIS V 153 -38.85 -21.09 0.81
CA HIS V 153 -40.15 -20.74 1.32
C HIS V 153 -41.16 -20.70 0.18
N ALA V 154 -42.42 -20.98 0.50
CA ALA V 154 -43.48 -21.13 -0.50
C ALA V 154 -44.45 -19.96 -0.40
N TRP V 155 -44.69 -19.29 -1.53
CA TRP V 155 -45.78 -18.33 -1.66
C TRP V 155 -46.77 -18.83 -2.70
N LYS V 156 -47.82 -18.04 -2.90
CA LYS V 156 -48.75 -18.25 -4.00
C LYS V 156 -48.68 -17.16 -5.06
N ALA V 157 -48.06 -16.03 -4.75
CA ALA V 157 -47.81 -14.95 -5.70
C ALA V 157 -46.63 -14.17 -5.16
N ASN V 158 -45.67 -13.85 -6.02
CA ASN V 158 -44.37 -13.37 -5.56
C ASN V 158 -43.92 -12.18 -6.38
N ALA V 159 -43.12 -11.33 -5.74
CA ALA V 159 -42.44 -10.23 -6.39
C ALA V 159 -41.11 -9.97 -5.69
N ILE V 160 -40.08 -9.68 -6.48
CA ILE V 160 -38.74 -9.40 -6.00
C ILE V 160 -38.20 -8.18 -6.71
N GLY V 161 -36.94 -7.85 -6.44
CA GLY V 161 -36.26 -6.80 -7.16
C GLY V 161 -36.52 -5.41 -6.61
N ARG V 162 -36.11 -4.43 -7.41
CA ARG V 162 -36.18 -3.01 -7.03
C ARG V 162 -37.61 -2.53 -7.20
N GLY V 163 -38.40 -2.63 -6.13
CA GLY V 163 -39.78 -2.22 -6.17
C GLY V 163 -40.75 -3.35 -5.91
N ALA V 164 -40.31 -4.31 -5.08
CA ALA V 164 -41.17 -5.45 -4.75
C ALA V 164 -42.25 -5.10 -3.76
N LYS V 165 -42.06 -4.05 -2.94
CA LYS V 165 -43.02 -3.73 -1.90
C LYS V 165 -44.32 -3.18 -2.48
N SER V 166 -44.22 -2.44 -3.59
CA SER V 166 -45.43 -1.94 -4.23
C SER V 166 -46.19 -3.05 -4.93
N VAL V 167 -45.48 -3.98 -5.56
CA VAL V 167 -46.13 -5.03 -6.33
C VAL V 167 -46.76 -6.07 -5.40
N ARG V 168 -46.07 -6.41 -4.32
CA ARG V 168 -46.63 -7.36 -3.35
C ARG V 168 -47.83 -6.78 -2.62
N GLU V 169 -47.84 -5.47 -2.39
CA GLU V 169 -49.03 -4.83 -1.86
C GLU V 169 -50.12 -4.73 -2.93
N PHE V 170 -49.72 -4.66 -4.20
CA PHE V 170 -50.71 -4.59 -5.28
C PHE V 170 -51.42 -5.92 -5.46
N LEU V 171 -50.68 -7.03 -5.37
CA LEU V 171 -51.27 -8.33 -5.62
C LEU V 171 -52.17 -8.81 -4.49
N GLU V 172 -51.99 -8.31 -3.27
CA GLU V 172 -52.86 -8.69 -2.16
C GLU V 172 -54.27 -8.15 -2.37
N LYS V 173 -54.40 -6.97 -2.97
CA LYS V 173 -55.70 -6.42 -3.33
C LYS V 173 -56.15 -6.87 -4.72
N ASN V 174 -55.42 -7.77 -5.36
CA ASN V 174 -55.76 -8.12 -6.74
C ASN V 174 -55.93 -9.62 -6.94
N TYR V 175 -55.14 -10.44 -6.26
CA TYR V 175 -55.23 -11.90 -6.39
C TYR V 175 -56.52 -12.36 -5.74
N THR V 176 -57.51 -12.68 -6.56
CA THR V 176 -58.82 -13.06 -6.06
C THR V 176 -58.80 -14.47 -5.50
N ASP V 177 -59.67 -14.71 -4.51
CA ASP V 177 -59.92 -16.07 -4.07
C ASP V 177 -60.63 -16.87 -5.15
N GLU V 178 -61.40 -16.20 -6.00
CA GLU V 178 -61.80 -16.73 -7.29
C GLU V 178 -60.56 -17.10 -8.09
N ALA V 179 -60.40 -18.39 -8.37
CA ALA V 179 -59.23 -18.88 -9.08
C ALA V 179 -59.28 -18.40 -10.52
N ILE V 180 -58.15 -17.88 -11.00
CA ILE V 180 -58.12 -17.27 -12.33
C ILE V 180 -58.05 -18.38 -13.37
N GLU V 181 -59.22 -18.85 -13.79
CA GLU V 181 -59.33 -19.80 -14.90
C GLU V 181 -59.34 -19.01 -16.20
N THR V 182 -59.42 -19.75 -17.32
CA THR V 182 -59.28 -19.23 -18.68
C THR V 182 -57.95 -18.48 -18.82
N ASP V 183 -56.88 -19.29 -18.78
CA ASP V 183 -55.53 -18.90 -18.35
C ASP V 183 -54.95 -17.65 -18.99
N ASP V 184 -55.51 -17.18 -20.12
CA ASP V 184 -55.18 -15.84 -20.62
C ASP V 184 -55.62 -14.76 -19.63
N LEU V 185 -56.66 -15.03 -18.83
CA LEU V 185 -56.99 -14.14 -17.73
C LEU V 185 -55.89 -14.13 -16.68
N THR V 186 -55.30 -15.29 -16.40
CA THR V 186 -54.20 -15.35 -15.44
C THR V 186 -52.94 -14.69 -15.99
N ILE V 187 -52.72 -14.77 -17.30
CA ILE V 187 -51.60 -14.07 -17.92
C ILE V 187 -51.83 -12.58 -17.91
N LYS V 188 -53.09 -12.16 -18.12
CA LYS V 188 -53.43 -10.74 -18.04
C LYS V 188 -53.32 -10.19 -16.61
N LEU V 189 -53.37 -11.05 -15.61
CA LEU V 189 -53.11 -10.61 -14.23
C LEU V 189 -51.65 -10.22 -14.06
N VAL V 190 -50.73 -10.97 -14.67
CA VAL V 190 -49.31 -10.69 -14.56
C VAL V 190 -48.97 -9.41 -15.32
N ILE V 191 -49.55 -9.23 -16.51
CA ILE V 191 -49.32 -8.04 -17.30
C ILE V 191 -49.92 -6.81 -16.63
N LYS V 192 -51.03 -6.99 -15.90
CA LYS V 192 -51.53 -5.91 -15.07
C LYS V 192 -50.64 -5.68 -13.86
N ALA V 193 -50.03 -6.74 -13.33
CA ALA V 193 -49.10 -6.59 -12.22
C ALA V 193 -47.79 -5.95 -12.68
N LEU V 194 -47.27 -6.39 -13.83
CA LEU V 194 -46.07 -5.81 -14.40
C LEU V 194 -46.31 -4.46 -15.05
N LEU V 195 -47.56 -4.01 -15.14
CA LEU V 195 -47.86 -2.66 -15.61
C LEU V 195 -47.36 -1.59 -14.65
N GLU V 196 -47.19 -1.93 -13.38
CA GLU V 196 -46.56 -1.03 -12.41
C GLU V 196 -45.05 -1.21 -12.40
N VAL V 197 -44.44 -1.10 -13.58
CA VAL V 197 -42.99 -1.21 -13.74
C VAL V 197 -42.34 0.09 -13.32
N VAL V 198 -41.01 0.10 -13.26
CA VAL V 198 -40.25 1.28 -12.85
C VAL V 198 -40.43 2.42 -13.84
N GLN V 199 -40.66 2.10 -15.12
CA GLN V 199 -41.04 3.11 -16.10
C GLN V 199 -42.27 2.75 -16.92
N SER V 200 -42.62 1.46 -17.02
CA SER V 200 -43.78 0.95 -17.74
C SER V 200 -43.77 1.37 -19.22
N GLY V 201 -42.69 0.99 -19.90
CA GLY V 201 -42.57 1.27 -21.33
C GLY V 201 -43.46 0.43 -22.20
N GLY V 202 -43.94 -0.71 -21.68
CA GLY V 202 -44.82 -1.61 -22.42
C GLY V 202 -44.10 -2.69 -23.19
N LYS V 203 -42.99 -2.33 -23.85
CA LYS V 203 -42.21 -3.26 -24.64
C LYS V 203 -40.97 -3.76 -23.89
N ASN V 204 -40.98 -3.70 -22.56
CA ASN V 204 -39.87 -4.15 -21.75
C ASN V 204 -40.27 -5.32 -20.85
N ILE V 205 -41.30 -6.05 -21.24
CA ILE V 205 -41.84 -7.16 -20.46
C ILE V 205 -41.55 -8.45 -21.21
N GLU V 206 -40.93 -9.41 -20.52
CA GLU V 206 -40.62 -10.72 -21.09
C GLU V 206 -41.33 -11.77 -20.24
N LEU V 207 -42.58 -12.06 -20.59
CA LEU V 207 -43.37 -13.06 -19.88
C LEU V 207 -43.11 -14.43 -20.46
N ALA V 208 -42.97 -15.41 -19.57
CA ALA V 208 -42.76 -16.81 -19.95
C ALA V 208 -43.75 -17.67 -19.19
N VAL V 209 -44.54 -18.46 -19.91
CA VAL V 209 -45.57 -19.27 -19.28
C VAL V 209 -45.23 -20.74 -19.43
N MET V 210 -46.02 -21.60 -18.80
CA MET V 210 -45.85 -23.04 -18.92
C MET V 210 -47.20 -23.70 -18.65
N ARG V 211 -47.67 -24.47 -19.62
CA ARG V 211 -48.98 -25.12 -19.55
C ARG V 211 -48.94 -26.47 -18.84
N ARG V 212 -47.90 -26.74 -18.06
CA ARG V 212 -47.70 -27.89 -17.18
C ARG V 212 -47.53 -29.22 -17.91
N ASP V 213 -47.63 -29.26 -19.22
CA ASP V 213 -47.45 -30.49 -19.98
C ASP V 213 -46.43 -30.34 -21.08
N GLN V 214 -46.35 -29.16 -21.71
CA GLN V 214 -45.38 -28.90 -22.75
C GLN V 214 -44.08 -28.40 -22.13
N SER V 215 -43.18 -27.89 -22.97
CA SER V 215 -41.95 -27.28 -22.51
C SER V 215 -42.20 -25.80 -22.24
N LEU V 216 -41.13 -25.02 -22.07
CA LEU V 216 -41.25 -23.59 -21.87
C LEU V 216 -41.69 -22.91 -23.16
N LYS V 217 -42.59 -21.93 -23.03
CA LYS V 217 -43.15 -21.21 -24.16
C LYS V 217 -42.83 -19.74 -23.96
N ILE V 218 -41.75 -19.29 -24.58
CA ILE V 218 -41.36 -17.88 -24.49
C ILE V 218 -42.26 -17.06 -25.40
N LEU V 219 -42.91 -16.05 -24.84
CA LEU V 219 -43.86 -15.26 -25.61
C LEU V 219 -43.13 -14.26 -26.50
N ASN V 220 -43.73 -13.96 -27.64
CA ASN V 220 -43.19 -13.05 -28.62
C ASN V 220 -43.74 -11.64 -28.39
N PRO V 221 -43.04 -10.60 -28.85
CA PRO V 221 -43.58 -9.24 -28.73
C PRO V 221 -44.60 -8.87 -29.80
N GLU V 222 -45.52 -9.78 -30.09
CA GLU V 222 -46.73 -9.58 -30.86
C GLU V 222 -47.93 -10.20 -30.18
N GLU V 223 -47.76 -11.36 -29.54
CA GLU V 223 -48.79 -11.91 -28.69
C GLU V 223 -48.89 -11.16 -27.38
N ILE V 224 -47.75 -10.73 -26.83
CA ILE V 224 -47.75 -9.93 -25.60
C ILE V 224 -48.27 -8.53 -25.87
N GLU V 225 -48.11 -8.02 -27.09
CA GLU V 225 -48.71 -6.75 -27.45
C GLU V 225 -50.23 -6.84 -27.59
N LYS V 226 -50.75 -8.02 -27.91
CA LYS V 226 -52.20 -8.21 -27.95
C LYS V 226 -52.79 -8.20 -26.55
N TYR V 227 -52.07 -8.76 -25.58
CA TYR V 227 -52.53 -8.74 -24.20
C TYR V 227 -52.41 -7.36 -23.59
N VAL V 228 -51.46 -6.55 -24.07
CA VAL V 228 -51.38 -5.17 -23.62
C VAL V 228 -52.50 -4.33 -24.21
N ALA V 229 -53.07 -4.76 -25.34
CA ALA V 229 -54.18 -4.03 -25.95
C ALA V 229 -55.48 -4.26 -25.19
N GLU V 230 -55.75 -5.50 -24.76
CA GLU V 230 -56.97 -5.78 -24.04
C GLU V 230 -56.94 -5.26 -22.61
N ILE V 231 -55.75 -4.96 -22.08
CA ILE V 231 -55.67 -4.30 -20.78
C ILE V 231 -56.13 -2.85 -20.88
N GLU V 232 -55.88 -2.21 -22.02
CA GLU V 232 -56.40 -0.88 -22.27
C GLU V 232 -57.87 -0.91 -22.68
N LYS V 233 -58.38 -2.05 -23.13
CA LYS V 233 -59.79 -2.17 -23.45
C LYS V 233 -60.64 -2.19 -22.18
N GLU V 234 -60.17 -2.88 -21.15
CA GLU V 234 -60.86 -2.86 -19.86
C GLU V 234 -60.69 -1.54 -19.14
N LYS V 235 -59.66 -0.76 -19.48
CA LYS V 235 -59.43 0.55 -18.87
C LYS V 235 -60.34 1.62 -19.42
N GLU V 236 -61.10 1.34 -20.48
CA GLU V 236 -62.01 2.31 -21.07
C GLU V 236 -63.31 2.47 -20.27
N GLU V 237 -63.55 1.62 -19.27
CA GLU V 237 -64.75 1.69 -18.47
C GLU V 237 -64.64 2.69 -17.32
N ASN V 238 -63.53 3.40 -17.19
CA ASN V 238 -63.38 4.36 -16.11
C ASN V 238 -64.21 5.62 -16.36
N GLU V 239 -64.38 6.00 -17.62
CA GLU V 239 -65.16 7.19 -17.95
C GLU V 239 -66.65 6.88 -17.95
N TYR W 7 -12.28 -7.83 23.92
CA TYR W 7 -12.24 -9.27 24.11
C TYR W 7 -13.63 -9.90 23.98
N ASP W 8 -14.53 -9.17 23.33
CA ASP W 8 -15.91 -9.63 23.24
C ASP W 8 -16.31 -9.96 21.80
N ARG W 9 -15.32 -10.28 20.97
CA ARG W 9 -15.57 -10.67 19.59
C ARG W 9 -14.86 -11.97 19.24
N GLY W 10 -14.75 -12.89 20.19
CA GLY W 10 -14.09 -14.14 19.91
C GLY W 10 -14.52 -15.27 20.80
N VAL W 11 -14.78 -16.44 20.20
CA VAL W 11 -15.14 -17.63 20.96
C VAL W 11 -13.93 -18.29 21.60
N ASN W 12 -12.74 -17.76 21.38
CA ASN W 12 -11.49 -18.32 21.85
C ASN W 12 -10.87 -17.42 22.93
N THR W 13 -11.69 -16.63 23.61
CA THR W 13 -11.19 -15.59 24.49
C THR W 13 -12.11 -15.46 25.70
N PHE W 14 -11.54 -15.53 26.89
CA PHE W 14 -12.30 -15.37 28.13
C PHE W 14 -12.40 -13.90 28.53
N SER W 15 -13.17 -13.66 29.56
CA SER W 15 -13.36 -12.38 30.22
C SER W 15 -12.60 -12.36 31.54
N PRO W 16 -12.33 -11.17 32.10
CA PRO W 16 -11.83 -11.12 33.48
C PRO W 16 -12.83 -11.63 34.52
N GLU W 17 -14.12 -11.62 34.23
CA GLU W 17 -15.12 -12.02 35.22
C GLU W 17 -15.46 -13.50 35.06
N GLY W 18 -15.90 -13.84 33.86
CA GLY W 18 -16.27 -15.18 33.48
C GLY W 18 -17.28 -15.13 32.34
N ARG W 19 -17.46 -16.25 31.65
CA ARG W 19 -18.40 -16.44 30.53
C ARG W 19 -18.16 -15.65 29.22
N LEU W 20 -18.62 -16.28 28.15
CA LEU W 20 -18.37 -15.82 26.80
C LEU W 20 -18.63 -14.38 26.41
N PHE W 21 -19.93 -14.15 26.16
CA PHE W 21 -20.70 -12.99 25.63
C PHE W 21 -21.12 -13.55 24.26
N GLN W 22 -20.17 -14.18 23.57
CA GLN W 22 -20.40 -14.83 22.30
C GLN W 22 -21.57 -15.77 22.49
N VAL W 23 -21.53 -16.70 23.46
CA VAL W 23 -22.71 -17.55 23.57
C VAL W 23 -23.83 -16.77 24.24
N GLU W 24 -23.46 -15.79 25.08
CA GLU W 24 -24.44 -14.88 25.67
C GLU W 24 -25.16 -14.07 24.60
N TYR W 25 -24.45 -13.71 23.53
CA TYR W 25 -25.09 -13.07 22.40
C TYR W 25 -25.95 -14.06 21.61
N ALA W 26 -25.60 -15.35 21.66
CA ALA W 26 -26.41 -16.35 20.98
C ALA W 26 -27.71 -16.64 21.73
N ILE W 27 -27.72 -16.45 23.04
CA ILE W 27 -28.96 -16.55 23.80
C ILE W 27 -29.90 -15.41 23.42
N GLU W 28 -29.34 -14.24 23.10
CA GLU W 28 -30.14 -13.09 22.73
C GLU W 28 -30.82 -13.28 21.38
N ALA W 29 -30.25 -14.13 20.52
CA ALA W 29 -30.85 -14.39 19.21
C ALA W 29 -32.14 -15.19 19.32
N ILE W 30 -32.37 -15.88 20.43
CA ILE W 30 -33.63 -16.60 20.63
C ILE W 30 -34.76 -15.62 20.89
N LYS W 31 -34.46 -14.48 21.53
CA LYS W 31 -35.45 -13.54 22.04
C LYS W 31 -36.30 -12.92 20.94
N LEU W 32 -35.76 -12.78 19.73
CA LEU W 32 -36.49 -12.23 18.60
C LEU W 32 -37.20 -13.30 17.77
N GLY W 33 -37.52 -14.45 18.37
CA GLY W 33 -38.27 -15.49 17.71
C GLY W 33 -39.75 -15.38 18.00
N SER W 34 -40.42 -16.54 17.92
CA SER W 34 -41.84 -16.64 18.26
C SER W 34 -42.00 -17.52 19.48
N THR W 35 -43.11 -17.32 20.20
CA THR W 35 -43.32 -18.04 21.44
C THR W 35 -43.75 -19.48 21.17
N ALA W 36 -43.52 -20.33 22.17
CA ALA W 36 -43.83 -21.75 22.08
C ALA W 36 -43.94 -22.31 23.49
N ILE W 37 -45.02 -23.05 23.75
CA ILE W 37 -45.31 -23.57 25.09
C ILE W 37 -45.47 -25.08 25.01
N GLY W 38 -44.75 -25.79 25.86
CA GLY W 38 -44.95 -27.23 26.02
C GLY W 38 -45.15 -27.58 27.48
N ILE W 39 -46.08 -28.50 27.73
CA ILE W 39 -46.47 -28.89 29.08
C ILE W 39 -46.42 -30.40 29.18
N GLN W 40 -45.74 -30.92 30.21
CA GLN W 40 -45.72 -32.34 30.49
C GLN W 40 -46.83 -32.69 31.46
N THR W 41 -47.61 -33.71 31.11
CA THR W 41 -48.72 -34.18 31.92
C THR W 41 -48.65 -35.71 31.91
N SER W 42 -49.17 -36.34 32.97
CA SER W 42 -49.15 -37.80 33.07
C SER W 42 -49.95 -38.50 31.98
N GLU W 43 -50.92 -37.82 31.37
CA GLU W 43 -51.66 -38.36 30.25
C GLU W 43 -50.96 -38.16 28.92
N GLY W 44 -49.96 -37.28 28.85
CA GLY W 44 -49.25 -37.03 27.61
C GLY W 44 -48.71 -35.62 27.61
N VAL W 45 -48.10 -35.25 26.49
CA VAL W 45 -47.44 -33.96 26.35
C VAL W 45 -48.14 -33.16 25.26
N CYS W 46 -48.69 -32.02 25.63
CA CYS W 46 -49.26 -31.08 24.68
C CYS W 46 -48.22 -30.03 24.33
N LEU W 47 -48.47 -29.29 23.26
CA LEU W 47 -47.47 -28.36 22.74
C LEU W 47 -48.18 -27.32 21.89
N ALA W 48 -47.83 -26.04 22.08
CA ALA W 48 -48.45 -24.94 21.37
C ALA W 48 -47.37 -23.98 20.86
N VAL W 49 -47.72 -23.20 19.85
CA VAL W 49 -46.78 -22.27 19.22
C VAL W 49 -47.59 -21.14 18.56
N GLU W 50 -46.92 -20.04 18.27
CA GLU W 50 -47.50 -18.93 17.52
C GLU W 50 -46.83 -18.82 16.16
N LYS W 51 -47.62 -18.53 15.13
CA LYS W 51 -47.15 -18.57 13.75
C LYS W 51 -46.47 -17.28 13.30
N ARG W 52 -47.15 -16.14 13.48
CA ARG W 52 -46.77 -14.82 12.95
C ARG W 52 -46.64 -14.88 11.42
N ILE W 53 -47.79 -15.08 10.79
CA ILE W 53 -47.89 -15.06 9.34
C ILE W 53 -47.84 -13.62 8.86
N THR W 54 -46.98 -13.34 7.88
CA THR W 54 -46.80 -11.98 7.39
C THR W 54 -47.78 -11.62 6.28
N SER W 55 -47.92 -12.48 5.28
CA SER W 55 -48.71 -12.15 4.10
C SER W 55 -49.85 -13.15 3.90
N PRO W 56 -50.96 -12.72 3.29
CA PRO W 56 -51.97 -13.69 2.87
C PRO W 56 -51.53 -14.56 1.70
N LEU W 57 -50.68 -14.02 0.82
CA LEU W 57 -50.15 -14.82 -0.28
C LEU W 57 -49.11 -15.81 0.21
N MET W 58 -48.55 -15.56 1.38
CA MET W 58 -47.62 -16.46 2.03
C MET W 58 -48.33 -17.75 2.42
N GLU W 59 -47.84 -18.87 1.91
CA GLU W 59 -48.50 -20.15 2.14
C GLU W 59 -48.28 -20.59 3.58
N PRO W 60 -49.34 -20.95 4.32
CA PRO W 60 -49.19 -21.13 5.77
C PRO W 60 -48.47 -22.40 6.17
N SER W 61 -48.66 -23.51 5.45
CA SER W 61 -48.08 -24.77 5.88
C SER W 61 -46.60 -24.89 5.53
N SER W 62 -46.02 -23.90 4.85
CA SER W 62 -44.58 -23.89 4.63
C SER W 62 -43.82 -23.30 5.81
N ILE W 63 -44.50 -22.68 6.76
CA ILE W 63 -43.89 -22.23 8.00
C ILE W 63 -44.02 -23.37 9.00
N GLU W 64 -42.90 -24.00 9.34
CA GLU W 64 -42.93 -25.07 10.32
C GLU W 64 -42.41 -24.58 11.66
N LYS W 65 -43.09 -24.97 12.70
CA LYS W 65 -42.65 -24.77 14.07
C LYS W 65 -42.66 -26.08 14.84
N ILE W 66 -43.62 -26.94 14.56
CA ILE W 66 -43.60 -28.33 15.03
C ILE W 66 -43.17 -29.20 13.87
N VAL W 67 -42.08 -29.92 14.05
CA VAL W 67 -41.68 -30.96 13.12
C VAL W 67 -41.73 -32.29 13.84
N GLU W 68 -41.90 -33.35 13.07
CA GLU W 68 -41.95 -34.70 13.63
C GLU W 68 -40.56 -35.31 13.55
N ILE W 69 -39.92 -35.43 14.71
CA ILE W 69 -38.60 -36.08 14.76
C ILE W 69 -38.76 -37.57 14.56
N ASP W 70 -39.71 -38.19 15.26
CA ASP W 70 -39.98 -39.61 15.12
C ASP W 70 -41.46 -39.79 15.42
N ALA W 71 -41.95 -41.01 15.20
CA ALA W 71 -43.36 -41.32 15.39
C ALA W 71 -43.78 -41.40 16.86
N HIS W 72 -42.93 -41.01 17.81
CA HIS W 72 -43.36 -40.79 19.18
C HIS W 72 -42.67 -39.59 19.81
N ILE W 73 -42.04 -38.73 19.02
CA ILE W 73 -41.30 -37.57 19.52
C ILE W 73 -41.62 -36.37 18.64
N GLY W 74 -42.09 -35.29 19.26
CA GLY W 74 -42.30 -34.04 18.56
C GLY W 74 -41.16 -33.06 18.81
N CYS W 75 -41.35 -31.84 18.29
CA CYS W 75 -40.33 -30.82 18.41
C CYS W 75 -40.96 -29.44 18.34
N ALA W 76 -40.20 -28.45 18.83
CA ALA W 76 -40.56 -27.05 18.74
C ALA W 76 -39.28 -26.24 18.69
N MET W 77 -39.36 -25.05 18.09
CA MET W 77 -38.16 -24.27 17.84
C MET W 77 -38.49 -22.79 17.96
N SER W 78 -37.43 -21.99 18.11
CA SER W 78 -37.50 -20.54 18.02
C SER W 78 -36.14 -20.04 17.58
N GLY W 79 -36.05 -18.74 17.33
CA GLY W 79 -34.78 -18.16 16.94
C GLY W 79 -34.50 -18.30 15.45
N LEU W 80 -33.25 -18.56 15.10
CA LEU W 80 -32.84 -18.56 13.70
C LEU W 80 -33.35 -19.79 12.99
N ILE W 81 -34.06 -19.59 11.89
CA ILE W 81 -34.64 -20.69 11.13
C ILE W 81 -33.56 -21.46 10.37
N ALA W 82 -32.51 -20.76 9.94
CA ALA W 82 -31.47 -21.36 9.11
C ALA W 82 -30.67 -22.43 9.88
N ASP W 83 -30.40 -22.20 11.16
CA ASP W 83 -29.69 -23.19 11.95
C ASP W 83 -30.60 -24.30 12.45
N ALA W 84 -31.91 -24.08 12.42
CA ALA W 84 -32.83 -25.08 12.95
C ALA W 84 -32.92 -26.31 12.07
N LYS W 85 -32.92 -26.11 10.74
CA LYS W 85 -33.04 -27.23 9.80
C LYS W 85 -31.81 -28.12 9.82
N THR W 86 -30.66 -27.63 10.28
CA THR W 86 -29.50 -28.48 10.48
C THR W 86 -29.68 -29.41 11.66
N LEU W 87 -30.24 -28.89 12.76
CA LEU W 87 -30.42 -29.71 13.97
C LEU W 87 -31.52 -30.75 13.81
N ILE W 88 -32.56 -30.44 13.05
CA ILE W 88 -33.65 -31.40 12.84
C ILE W 88 -33.17 -32.56 11.98
N ASP W 89 -32.17 -32.32 11.13
CA ASP W 89 -31.75 -33.34 10.17
C ASP W 89 -31.07 -34.51 10.87
N LYS W 90 -30.06 -34.25 11.70
CA LYS W 90 -29.35 -35.34 12.35
C LYS W 90 -30.20 -35.93 13.48
N ALA W 91 -31.09 -35.13 14.08
CA ALA W 91 -31.99 -35.65 15.10
C ALA W 91 -32.96 -36.68 14.54
N ARG W 92 -33.29 -36.58 13.25
CA ARG W 92 -34.02 -37.66 12.59
C ARG W 92 -33.10 -38.82 12.25
N VAL W 93 -31.83 -38.55 11.97
CA VAL W 93 -30.90 -39.60 11.58
C VAL W 93 -30.43 -40.40 12.78
N GLU W 94 -30.19 -39.73 13.91
CA GLU W 94 -29.67 -40.43 15.09
C GLU W 94 -30.73 -41.35 15.72
N THR W 95 -32.00 -40.98 15.65
CA THR W 95 -33.05 -41.91 16.02
C THR W 95 -33.17 -43.06 15.03
N GLN W 96 -32.75 -42.85 13.79
CA GLN W 96 -32.84 -43.88 12.77
C GLN W 96 -31.65 -44.82 12.81
N ASN W 97 -30.46 -44.31 13.15
CA ASN W 97 -29.30 -45.18 13.29
C ASN W 97 -29.43 -46.09 14.50
N HIS W 98 -30.10 -45.61 15.55
CA HIS W 98 -30.26 -46.38 16.76
C HIS W 98 -31.21 -47.54 16.57
N TRP W 99 -32.29 -47.34 15.81
CA TRP W 99 -33.21 -48.43 15.52
C TRP W 99 -32.57 -49.46 14.59
N PHE W 100 -31.64 -49.02 13.73
CA PHE W 100 -30.98 -49.93 12.81
C PHE W 100 -30.09 -50.93 13.54
N THR W 101 -29.45 -50.50 14.64
CA THR W 101 -28.52 -51.35 15.35
C THR W 101 -29.02 -51.86 16.69
N TYR W 102 -30.27 -51.56 17.06
CA TYR W 102 -30.77 -52.05 18.34
C TYR W 102 -32.19 -52.60 18.32
N ASN W 103 -32.94 -52.46 17.23
CA ASN W 103 -34.34 -52.88 17.10
C ASN W 103 -35.23 -52.29 18.20
N GLU W 104 -35.00 -51.02 18.51
CA GLU W 104 -35.78 -50.37 19.56
C GLU W 104 -35.84 -48.89 19.28
N THR W 105 -36.75 -48.22 19.99
CA THR W 105 -36.93 -46.79 19.87
C THR W 105 -35.98 -46.07 20.82
N MET W 106 -35.27 -45.08 20.31
CA MET W 106 -34.41 -44.26 21.14
C MET W 106 -35.25 -43.41 22.09
N THR W 107 -34.83 -43.39 23.37
CA THR W 107 -35.52 -42.61 24.38
C THR W 107 -35.37 -41.12 24.12
N VAL W 108 -36.30 -40.35 24.69
CA VAL W 108 -36.39 -38.92 24.40
C VAL W 108 -35.21 -38.17 25.00
N GLU W 109 -34.68 -38.64 26.13
CA GLU W 109 -33.52 -38.02 26.75
C GLU W 109 -32.27 -38.22 25.90
N SER W 110 -32.09 -39.42 25.38
CA SER W 110 -30.88 -39.75 24.64
C SER W 110 -30.92 -39.27 23.19
N VAL W 111 -32.05 -38.75 22.73
CA VAL W 111 -32.05 -38.00 21.47
C VAL W 111 -31.20 -36.74 21.61
N THR W 112 -31.44 -35.98 22.67
CA THR W 112 -30.82 -34.68 22.81
C THR W 112 -29.35 -34.81 23.21
N GLN W 113 -28.96 -35.97 23.74
CA GLN W 113 -27.55 -36.27 23.96
C GLN W 113 -26.78 -36.25 22.64
N ALA W 114 -27.38 -36.81 21.59
CA ALA W 114 -26.74 -36.78 20.28
C ALA W 114 -26.80 -35.38 19.67
N VAL W 115 -27.84 -34.62 19.99
CA VAL W 115 -27.97 -33.28 19.43
C VAL W 115 -26.99 -32.32 20.09
N SER W 116 -26.85 -32.41 21.41
CA SER W 116 -25.96 -31.53 22.14
C SER W 116 -24.49 -31.84 21.88
N ASN W 117 -24.16 -33.03 21.38
CA ASN W 117 -22.77 -33.36 21.10
C ASN W 117 -22.21 -32.62 19.89
N LEU W 118 -23.06 -32.04 19.04
CA LEU W 118 -22.59 -31.28 17.90
C LEU W 118 -22.74 -29.78 18.08
N ALA W 119 -23.66 -29.33 18.94
CA ALA W 119 -23.79 -27.90 19.20
C ALA W 119 -22.61 -27.38 19.99
N LEU W 120 -21.95 -28.23 20.76
CA LEU W 120 -20.70 -27.88 21.43
C LEU W 120 -19.50 -28.33 20.61
N GLN W 121 -19.51 -27.94 19.34
CA GLN W 121 -18.39 -28.19 18.43
C GLN W 121 -18.10 -26.96 17.58
N PHE W 122 -18.52 -25.78 18.04
CA PHE W 122 -18.48 -24.59 17.20
C PHE W 122 -17.06 -24.08 17.02
N GLY W 123 -16.23 -24.20 18.05
CA GLY W 123 -14.84 -23.79 17.94
C GLY W 123 -13.93 -24.85 18.52
N GLU W 124 -14.51 -25.99 18.86
CA GLU W 124 -13.83 -27.04 19.60
C GLU W 124 -13.42 -28.20 18.71
N GLU W 125 -13.09 -27.91 17.45
CA GLU W 125 -12.64 -28.92 16.50
C GLU W 125 -11.15 -28.74 16.25
N ASP W 126 -10.40 -29.83 16.42
CA ASP W 126 -8.94 -29.91 16.19
C ASP W 126 -8.14 -28.86 16.97
N SER W 133 -16.07 -22.15 13.67
CA SER W 133 -17.38 -21.62 13.30
C SER W 133 -18.05 -20.94 14.49
N ARG W 134 -19.30 -20.58 14.32
CA ARG W 134 -20.07 -19.88 15.33
C ARG W 134 -21.00 -20.87 16.04
N PRO W 135 -21.43 -20.55 17.26
CA PRO W 135 -22.49 -21.34 17.89
C PRO W 135 -23.83 -21.09 17.21
N PHE W 136 -24.78 -21.96 17.53
CA PHE W 136 -26.09 -21.91 16.89
C PHE W 136 -26.98 -20.86 17.56
N GLY W 137 -28.11 -20.59 16.92
CA GLY W 137 -29.00 -19.54 17.37
C GLY W 137 -30.42 -19.98 17.62
N VAL W 138 -30.61 -21.15 18.22
CA VAL W 138 -31.94 -21.78 18.25
C VAL W 138 -32.08 -22.60 19.52
N ALA W 139 -33.18 -22.37 20.24
CA ALA W 139 -33.59 -23.22 21.35
C ALA W 139 -34.62 -24.22 20.88
N LEU W 140 -34.67 -25.36 21.55
CA LEU W 140 -35.52 -26.47 21.13
C LEU W 140 -36.29 -27.03 22.32
N LEU W 141 -37.53 -27.45 22.04
CA LEU W 141 -38.36 -28.16 23.00
C LEU W 141 -38.67 -29.55 22.45
N PHE W 142 -38.33 -30.59 23.21
CA PHE W 142 -38.53 -31.96 22.79
C PHE W 142 -39.54 -32.64 23.70
N GLY W 143 -40.66 -33.07 23.12
CA GLY W 143 -41.67 -33.80 23.84
C GLY W 143 -41.83 -35.19 23.25
N GLY W 144 -42.09 -36.17 24.11
CA GLY W 144 -42.22 -37.53 23.65
C GLY W 144 -42.58 -38.45 24.79
N VAL W 145 -43.09 -39.62 24.42
CA VAL W 145 -43.51 -40.63 25.37
C VAL W 145 -42.62 -41.85 25.12
N ASP W 146 -41.63 -42.06 25.98
CA ASP W 146 -40.79 -43.23 25.94
C ASP W 146 -41.22 -44.22 27.03
N GLU W 147 -40.39 -45.23 27.27
CA GLU W 147 -40.70 -46.28 28.24
C GLU W 147 -40.78 -45.77 29.67
N LYS W 148 -40.20 -44.60 29.97
CA LYS W 148 -40.36 -43.97 31.27
C LYS W 148 -41.55 -43.01 31.29
N GLY W 149 -42.49 -43.17 30.38
CA GLY W 149 -43.67 -42.34 30.34
C GLY W 149 -43.50 -41.14 29.44
N PRO W 150 -44.34 -40.13 29.60
CA PRO W 150 -44.17 -38.90 28.82
C PRO W 150 -43.04 -38.05 29.39
N GLN W 151 -42.31 -37.42 28.47
CA GLN W 151 -41.15 -36.62 28.81
C GLN W 151 -41.21 -35.26 28.11
N LEU W 152 -40.52 -34.29 28.70
CA LEU W 152 -40.39 -32.97 28.10
C LEU W 152 -39.03 -32.40 28.47
N PHE W 153 -38.23 -32.07 27.46
CA PHE W 153 -36.87 -31.62 27.68
C PHE W 153 -36.65 -30.28 27.01
N HIS W 154 -35.45 -29.72 27.22
CA HIS W 154 -35.11 -28.39 26.74
C HIS W 154 -33.61 -28.24 26.60
N MET W 155 -33.17 -27.54 25.56
CA MET W 155 -31.75 -27.30 25.36
C MET W 155 -31.56 -25.83 24.99
N ASP W 156 -30.33 -25.48 24.62
CA ASP W 156 -29.96 -24.10 24.34
C ASP W 156 -28.78 -24.14 23.38
N PRO W 157 -28.37 -22.98 22.83
CA PRO W 157 -27.10 -22.94 22.09
C PRO W 157 -25.87 -23.33 22.88
N SER W 158 -25.86 -23.19 24.20
CA SER W 158 -24.69 -23.56 24.98
C SER W 158 -24.61 -25.04 25.29
N GLY W 159 -25.50 -25.86 24.73
CA GLY W 159 -25.50 -27.29 25.00
C GLY W 159 -25.96 -27.70 26.37
N THR W 160 -26.41 -26.76 27.20
CA THR W 160 -26.88 -27.06 28.54
C THR W 160 -28.24 -27.72 28.44
N PHE W 161 -28.31 -28.96 28.88
CA PHE W 161 -29.49 -29.80 28.68
C PHE W 161 -30.16 -30.10 30.01
N VAL W 162 -31.50 -30.04 30.03
CA VAL W 162 -32.25 -30.12 31.27
C VAL W 162 -33.65 -30.65 30.96
N GLN W 163 -34.31 -31.19 31.98
CA GLN W 163 -35.70 -31.62 31.90
C GLN W 163 -36.60 -30.59 32.56
N CYS W 164 -37.69 -30.25 31.89
CA CYS W 164 -38.66 -29.30 32.40
C CYS W 164 -40.03 -29.96 32.48
N ASP W 165 -40.86 -29.45 33.40
CA ASP W 165 -42.23 -29.91 33.52
C ASP W 165 -43.19 -29.11 32.65
N ALA W 166 -42.94 -27.81 32.51
CA ALA W 166 -43.72 -26.97 31.60
C ALA W 166 -42.84 -25.78 31.26
N ARG W 167 -42.60 -25.56 29.97
CA ARG W 167 -41.60 -24.61 29.53
C ARG W 167 -42.16 -23.74 28.42
N ALA W 168 -41.82 -22.46 28.45
CA ALA W 168 -42.19 -21.52 27.41
C ALA W 168 -40.99 -20.69 27.01
N ILE W 169 -40.68 -20.68 25.72
CA ILE W 169 -39.47 -20.03 25.21
C ILE W 169 -39.81 -19.15 24.01
N GLY W 170 -38.79 -18.43 23.54
CA GLY W 170 -38.93 -17.56 22.39
C GLY W 170 -39.06 -16.11 22.79
N SER W 171 -39.76 -15.32 21.99
CA SER W 171 -40.25 -14.04 22.49
C SER W 171 -41.38 -14.30 23.48
N ALA W 172 -41.64 -13.31 24.34
CA ALA W 172 -42.58 -13.40 25.47
C ALA W 172 -42.29 -14.59 26.37
N SER W 173 -41.01 -14.92 26.50
CA SER W 173 -40.64 -16.13 27.25
C SER W 173 -40.76 -15.92 28.74
N GLU W 174 -40.17 -14.83 29.25
CA GLU W 174 -40.20 -14.57 30.68
C GLU W 174 -41.60 -14.20 31.15
N GLY W 175 -42.34 -13.46 30.32
CA GLY W 175 -43.69 -13.09 30.68
C GLY W 175 -44.64 -14.27 30.68
N ALA W 176 -44.36 -15.30 29.89
CA ALA W 176 -45.17 -16.50 29.95
C ALA W 176 -44.87 -17.32 31.20
N GLN W 177 -43.60 -17.38 31.62
CA GLN W 177 -43.17 -18.23 32.72
C GLN W 177 -43.84 -17.86 34.03
N SER W 178 -44.06 -16.58 34.28
CA SER W 178 -44.66 -16.16 35.54
C SER W 178 -46.12 -16.59 35.63
N SER W 179 -46.86 -16.48 34.53
CA SER W 179 -48.24 -16.95 34.53
C SER W 179 -48.32 -18.47 34.44
N LEU W 180 -47.32 -19.11 33.84
CA LEU W 180 -47.34 -20.55 33.66
C LEU W 180 -47.00 -21.29 34.96
N GLN W 181 -46.19 -20.69 35.83
CA GLN W 181 -45.91 -21.30 37.12
C GLN W 181 -47.09 -21.19 38.08
N GLU W 182 -48.08 -20.37 37.76
CA GLU W 182 -49.21 -20.17 38.65
C GLU W 182 -50.19 -21.33 38.61
N VAL W 183 -50.51 -21.82 37.40
CA VAL W 183 -51.62 -22.75 37.22
C VAL W 183 -51.16 -24.20 37.10
N TYR W 184 -49.87 -24.47 37.07
CA TYR W 184 -49.39 -25.82 36.91
C TYR W 184 -49.40 -26.57 38.23
N HIS W 185 -49.83 -27.84 38.17
CA HIS W 185 -49.71 -28.74 39.30
C HIS W 185 -49.52 -30.16 38.76
N LYS W 186 -49.32 -31.10 39.68
CA LYS W 186 -48.91 -32.44 39.28
C LYS W 186 -50.07 -33.26 38.72
N SER W 187 -51.29 -33.02 39.21
CA SER W 187 -52.44 -33.86 38.88
C SER W 187 -53.27 -33.31 37.74
N MET W 188 -52.64 -32.67 36.77
CA MET W 188 -53.33 -32.17 35.59
C MET W 188 -53.79 -33.34 34.71
N THR W 189 -54.73 -33.04 33.82
CA THR W 189 -55.09 -33.94 32.73
C THR W 189 -54.69 -33.29 31.42
N LEU W 190 -54.77 -34.08 30.35
CA LEU W 190 -54.30 -33.59 29.05
C LEU W 190 -55.25 -32.55 28.46
N LYS W 191 -56.55 -32.82 28.51
CA LYS W 191 -57.52 -31.88 27.95
C LYS W 191 -57.63 -30.60 28.78
N GLU W 192 -57.24 -30.66 30.06
CA GLU W 192 -57.18 -29.44 30.86
C GLU W 192 -55.96 -28.62 30.52
N ALA W 193 -54.82 -29.28 30.28
CA ALA W 193 -53.58 -28.58 29.98
C ALA W 193 -53.57 -27.93 28.61
N ILE W 194 -54.38 -28.44 27.67
CA ILE W 194 -54.45 -27.84 26.35
C ILE W 194 -55.15 -26.49 26.41
N LYS W 195 -56.33 -26.44 27.05
CA LYS W 195 -57.02 -25.16 27.16
C LYS W 195 -56.36 -24.24 28.17
N SER W 196 -55.56 -24.76 29.09
CA SER W 196 -54.81 -23.89 29.98
C SER W 196 -53.63 -23.25 29.27
N SER W 197 -53.14 -23.86 28.19
CA SER W 197 -51.94 -23.37 27.54
C SER W 197 -52.23 -22.15 26.67
N LEU W 198 -53.37 -22.11 26.00
CA LEU W 198 -53.66 -21.03 25.08
C LEU W 198 -54.49 -19.92 25.70
N ILE W 199 -54.87 -20.04 26.98
CA ILE W 199 -55.21 -18.84 27.76
C ILE W 199 -53.99 -17.96 27.89
N ILE W 200 -52.83 -18.58 28.10
CA ILE W 200 -51.57 -17.85 28.20
C ILE W 200 -51.22 -17.22 26.86
N LEU W 201 -51.52 -17.90 25.75
CA LEU W 201 -51.12 -17.42 24.43
C LEU W 201 -51.86 -16.16 24.03
N LYS W 202 -53.17 -16.10 24.27
CA LYS W 202 -53.93 -14.92 23.89
C LYS W 202 -53.67 -13.74 24.81
N GLN W 203 -52.99 -13.95 25.94
CA GLN W 203 -52.56 -12.86 26.79
C GLN W 203 -51.18 -12.34 26.45
N VAL W 204 -50.40 -13.06 25.65
CA VAL W 204 -49.04 -12.66 25.34
C VAL W 204 -48.84 -12.29 23.88
N MET W 205 -49.81 -12.56 23.01
CA MET W 205 -49.71 -12.13 21.63
C MET W 205 -50.58 -10.90 21.41
N GLU W 206 -50.31 -10.19 20.31
CA GLU W 206 -50.93 -8.91 20.05
C GLU W 206 -52.13 -9.00 19.12
N GLU W 207 -52.20 -10.03 18.28
CA GLU W 207 -53.35 -10.20 17.41
C GLU W 207 -54.44 -11.00 18.12
N LYS W 208 -55.65 -10.92 17.59
CA LYS W 208 -56.75 -11.69 18.13
C LYS W 208 -56.56 -13.17 17.83
N LEU W 209 -56.75 -14.01 18.84
CA LEU W 209 -56.48 -15.43 18.69
C LEU W 209 -57.57 -16.09 17.86
N ASN W 210 -57.17 -16.69 16.74
CA ASN W 210 -58.11 -17.44 15.92
C ASN W 210 -57.53 -18.78 15.49
N ALA W 211 -58.19 -19.45 14.55
CA ALA W 211 -57.75 -20.75 14.07
C ALA W 211 -56.56 -20.69 13.13
N THR W 212 -56.08 -19.50 12.79
CA THR W 212 -54.98 -19.34 11.85
C THR W 212 -53.71 -18.78 12.48
N ASN W 213 -53.75 -18.35 13.73
CA ASN W 213 -52.56 -17.79 14.37
C ASN W 213 -51.70 -18.85 15.05
N ILE W 214 -52.29 -19.97 15.47
CA ILE W 214 -51.59 -20.95 16.28
C ILE W 214 -51.75 -22.32 15.65
N GLU W 215 -51.02 -23.30 16.20
CA GLU W 215 -51.21 -24.70 15.87
C GLU W 215 -50.77 -25.54 17.06
N LEU W 216 -51.37 -26.72 17.19
CA LEU W 216 -51.15 -27.59 18.33
C LEU W 216 -50.53 -28.91 17.89
N ALA W 217 -49.99 -29.61 18.89
CA ALA W 217 -49.40 -30.94 18.68
C ALA W 217 -49.39 -31.66 20.01
N THR W 218 -49.96 -32.86 20.05
CA THR W 218 -50.01 -33.67 21.25
C THR W 218 -49.36 -35.01 21.00
N VAL W 219 -49.12 -35.74 22.09
CA VAL W 219 -48.62 -37.11 22.02
C VAL W 219 -49.13 -37.85 23.25
N GLN W 220 -49.53 -39.10 23.06
CA GLN W 220 -50.11 -39.93 24.10
C GLN W 220 -49.38 -41.27 24.12
N PRO W 221 -49.49 -42.05 25.21
CA PRO W 221 -48.86 -43.39 25.21
C PRO W 221 -49.42 -44.35 24.18
N GLY W 222 -50.73 -44.59 24.20
CA GLY W 222 -51.33 -45.49 23.24
C GLY W 222 -51.70 -44.84 21.92
N GLN W 223 -51.48 -43.54 21.80
CA GLN W 223 -51.84 -42.76 20.62
C GLN W 223 -50.58 -42.02 20.15
N ASN W 224 -49.53 -42.81 19.87
CA ASN W 224 -48.24 -42.27 19.44
C ASN W 224 -48.31 -41.52 18.11
N PHE W 225 -49.39 -41.70 17.34
CA PHE W 225 -49.70 -40.92 16.16
C PHE W 225 -50.13 -39.50 16.59
N HIS W 226 -50.45 -38.65 15.60
CA HIS W 226 -51.23 -37.42 15.75
C HIS W 226 -50.47 -36.37 16.59
N MET W 227 -49.31 -35.97 16.08
CA MET W 227 -48.59 -34.82 16.61
C MET W 227 -49.00 -33.53 15.89
N PHE W 228 -50.30 -33.33 15.79
CA PHE W 228 -50.92 -32.23 15.04
C PHE W 228 -52.39 -32.22 15.40
N THR W 229 -53.03 -31.07 15.24
CA THR W 229 -54.48 -30.97 15.31
C THR W 229 -54.98 -30.29 14.04
N LYS W 230 -55.91 -30.94 13.35
CA LYS W 230 -56.37 -30.50 12.04
C LYS W 230 -57.83 -30.05 12.15
N GLU W 231 -57.99 -28.74 12.36
CA GLU W 231 -59.27 -28.02 12.51
C GLU W 231 -60.06 -28.39 13.76
N GLU W 232 -59.62 -29.43 14.48
CA GLU W 232 -60.26 -29.79 15.72
C GLU W 232 -59.98 -28.56 16.56
N LEU W 233 -58.83 -27.98 16.25
CA LEU W 233 -58.35 -26.75 16.86
C LEU W 233 -59.39 -25.64 16.83
N GLU W 234 -60.31 -25.66 15.87
CA GLU W 234 -61.41 -24.70 15.86
C GLU W 234 -62.38 -24.96 17.01
N GLU W 235 -62.50 -26.21 17.45
CA GLU W 235 -63.41 -26.54 18.55
C GLU W 235 -62.85 -26.05 19.88
N VAL W 236 -61.53 -26.07 20.03
CA VAL W 236 -60.91 -25.66 21.28
C VAL W 236 -61.00 -24.15 21.45
N ILE W 237 -60.81 -23.40 20.36
CA ILE W 237 -60.76 -21.95 20.43
C ILE W 237 -62.17 -21.37 20.66
N LYS W 238 -63.18 -21.97 20.03
CA LYS W 238 -64.54 -21.46 20.16
C LYS W 238 -65.13 -21.67 21.55
N ASP W 239 -64.52 -22.52 22.36
CA ASP W 239 -64.98 -22.77 23.72
C ASP W 239 -64.00 -22.19 24.75
N ILE W 240 -63.32 -21.10 24.41
CA ILE W 240 -62.42 -20.45 25.34
C ILE W 240 -63.26 -19.52 26.23
N ASN X 9 -3.25 -3.64 28.79
CA ASN X 9 -4.42 -4.41 28.40
C ASN X 9 -4.22 -5.16 27.09
N GLN X 10 -3.20 -4.76 26.33
CA GLN X 10 -2.91 -5.38 25.05
C GLN X 10 -2.30 -6.77 25.21
N TYR X 11 -1.74 -7.08 26.36
CA TYR X 11 -1.23 -8.42 26.63
C TYR X 11 -2.33 -9.39 27.02
N ASP X 12 -3.52 -8.87 27.30
CA ASP X 12 -4.65 -9.67 27.79
C ASP X 12 -5.53 -10.14 26.64
N ASN X 13 -4.97 -10.81 25.65
CA ASN X 13 -5.80 -11.22 24.53
C ASN X 13 -5.64 -12.69 24.17
N ASP X 14 -4.44 -13.24 24.26
CA ASP X 14 -4.18 -14.60 23.77
C ASP X 14 -3.46 -15.41 24.82
N VAL X 15 -3.45 -16.72 24.61
CA VAL X 15 -2.74 -17.62 25.50
C VAL X 15 -1.24 -17.56 25.24
N THR X 16 -0.86 -17.28 23.99
CA THR X 16 0.54 -17.28 23.60
C THR X 16 1.31 -16.09 24.19
N VAL X 17 0.64 -14.96 24.36
CA VAL X 17 1.32 -13.71 24.69
C VAL X 17 1.68 -13.71 26.17
N TRP X 18 2.98 -13.60 26.46
CA TRP X 18 3.46 -13.41 27.82
C TRP X 18 3.25 -11.97 28.27
N SER X 19 3.38 -11.75 29.55
CA SER X 19 3.25 -10.42 30.11
C SER X 19 4.62 -9.88 30.51
N PRO X 20 4.76 -8.56 30.63
CA PRO X 20 5.98 -8.00 31.23
C PRO X 20 6.11 -8.25 32.72
N GLN X 21 5.09 -8.79 33.38
CA GLN X 21 5.22 -9.32 34.73
C GLN X 21 5.42 -10.83 34.77
N GLY X 22 5.29 -11.50 33.62
CA GLY X 22 5.50 -12.93 33.56
C GLY X 22 4.29 -13.78 33.89
N ARG X 23 3.07 -13.27 33.70
CA ARG X 23 1.86 -13.98 34.06
C ARG X 23 0.90 -13.95 32.89
N ILE X 24 0.51 -15.12 32.39
CA ILE X 24 -0.43 -15.20 31.28
C ILE X 24 -1.84 -15.03 31.84
N HIS X 25 -2.56 -14.02 31.36
CA HIS X 25 -3.83 -13.66 31.98
C HIS X 25 -4.96 -14.59 31.55
N GLN X 26 -4.84 -15.28 30.42
CA GLN X 26 -5.92 -16.15 29.96
C GLN X 26 -6.05 -17.39 30.83
N ILE X 27 -4.93 -17.92 31.34
CA ILE X 27 -5.00 -18.98 32.33
C ILE X 27 -5.57 -18.46 33.63
N GLU X 28 -5.20 -17.23 34.00
CA GLU X 28 -5.72 -16.60 35.22
C GLU X 28 -7.21 -16.29 35.12
N TYR X 29 -7.77 -16.19 33.93
CA TYR X 29 -9.19 -15.95 33.78
C TYR X 29 -10.01 -17.23 33.77
N ALA X 30 -9.42 -18.36 33.40
CA ALA X 30 -10.14 -19.61 33.43
C ALA X 30 -10.33 -20.13 34.85
N MET X 31 -9.52 -19.66 35.79
CA MET X 31 -9.81 -19.92 37.21
C MET X 31 -11.11 -19.27 37.64
N GLU X 32 -11.46 -18.13 37.04
CA GLU X 32 -12.66 -17.41 37.42
C GLU X 32 -13.93 -18.12 36.97
N ALA X 33 -13.85 -18.93 35.92
CA ALA X 33 -14.99 -19.71 35.50
C ALA X 33 -15.31 -20.85 36.46
N VAL X 34 -14.32 -21.29 37.25
CA VAL X 34 -14.55 -22.32 38.23
C VAL X 34 -15.39 -21.78 39.38
N LYS X 35 -15.19 -20.50 39.74
CA LYS X 35 -15.94 -19.89 40.82
C LYS X 35 -17.38 -19.58 40.46
N GLN X 36 -17.75 -19.72 39.18
CA GLN X 36 -19.14 -19.50 38.79
C GLN X 36 -20.02 -20.67 39.21
N GLY X 37 -19.49 -21.89 39.14
CA GLY X 37 -20.25 -23.07 39.51
C GLY X 37 -20.43 -23.20 41.01
N SER X 38 -21.29 -24.12 41.40
CA SER X 38 -21.63 -24.28 42.81
C SER X 38 -20.53 -25.06 43.53
N ALA X 39 -20.67 -25.15 44.84
CA ALA X 39 -19.65 -25.77 45.68
C ALA X 39 -19.83 -27.29 45.72
N THR X 40 -18.72 -28.00 45.92
CA THR X 40 -18.72 -29.43 46.10
C THR X 40 -17.52 -29.82 46.95
N VAL X 41 -17.71 -30.83 47.80
CA VAL X 41 -16.76 -31.20 48.83
C VAL X 41 -16.46 -32.69 48.71
N GLY X 42 -15.18 -33.03 48.66
CA GLY X 42 -14.74 -34.41 48.66
C GLY X 42 -13.74 -34.67 49.77
N LEU X 43 -13.78 -35.88 50.31
CA LEU X 43 -12.93 -36.29 51.42
C LEU X 43 -12.84 -37.81 51.44
N LYS X 44 -11.97 -38.33 52.31
CA LYS X 44 -11.77 -39.76 52.39
C LYS X 44 -11.30 -40.18 53.78
N SER X 45 -11.59 -41.43 54.10
CA SER X 45 -11.09 -42.15 55.26
C SER X 45 -9.98 -43.11 54.82
N LYS X 46 -9.57 -44.00 55.72
CA LYS X 46 -8.67 -45.07 55.34
C LYS X 46 -9.32 -46.03 54.34
N THR X 47 -10.64 -46.23 54.44
CA THR X 47 -11.32 -47.20 53.61
C THR X 47 -12.34 -46.61 52.65
N HIS X 48 -12.86 -45.42 52.90
CA HIS X 48 -13.97 -44.91 52.11
C HIS X 48 -13.75 -43.46 51.72
N ALA X 49 -14.00 -43.16 50.45
CA ALA X 49 -13.85 -41.83 49.88
C ALA X 49 -15.21 -41.38 49.37
N VAL X 50 -15.71 -40.27 49.93
CA VAL X 50 -17.04 -39.76 49.62
C VAL X 50 -16.90 -38.32 49.15
N LEU X 51 -17.49 -38.01 48.00
CA LEU X 51 -17.58 -36.64 47.52
C LEU X 51 -19.04 -36.23 47.45
N VAL X 52 -19.35 -35.03 47.93
CA VAL X 52 -20.71 -34.52 48.04
C VAL X 52 -20.79 -33.20 47.28
N ALA X 53 -21.77 -33.07 46.41
CA ALA X 53 -21.96 -31.87 45.60
C ALA X 53 -23.26 -31.17 45.97
N LEU X 54 -23.52 -30.05 45.30
CA LEU X 54 -24.70 -29.22 45.56
C LEU X 54 -25.34 -28.87 44.24
N LYS X 55 -26.59 -29.28 44.06
CA LYS X 55 -27.33 -28.97 42.84
C LYS X 55 -27.78 -27.52 42.84
N ARG X 56 -28.04 -27.00 41.64
CA ARG X 56 -28.60 -25.67 41.46
C ARG X 56 -29.80 -25.76 40.52
N ALA X 57 -30.91 -25.14 40.90
CA ALA X 57 -32.07 -25.07 40.05
C ALA X 57 -31.88 -24.04 38.94
N GLN X 58 -32.52 -24.27 37.80
CA GLN X 58 -32.56 -23.29 36.73
C GLN X 58 -33.81 -22.42 36.85
N SER X 59 -34.97 -23.04 36.94
CA SER X 59 -36.22 -22.35 37.20
C SER X 59 -36.88 -22.97 38.42
N GLU X 60 -38.12 -22.54 38.69
CA GLU X 60 -38.85 -23.02 39.85
C GLU X 60 -39.44 -24.41 39.66
N LEU X 61 -39.51 -24.91 38.43
CA LEU X 61 -40.09 -26.24 38.21
C LEU X 61 -39.32 -27.08 37.20
N ALA X 62 -38.13 -26.65 36.78
CA ALA X 62 -37.29 -27.53 36.00
C ALA X 62 -36.51 -28.46 36.92
N ALA X 63 -35.97 -29.52 36.34
CA ALA X 63 -35.13 -30.43 37.11
C ALA X 63 -33.80 -29.78 37.45
N HIS X 64 -33.22 -30.19 38.57
CA HIS X 64 -31.94 -29.65 38.97
C HIS X 64 -30.83 -30.28 38.16
N GLN X 65 -29.82 -29.47 37.85
CA GLN X 65 -28.71 -29.95 37.03
C GLN X 65 -27.81 -30.86 37.85
N LYS X 66 -27.49 -32.02 37.28
CA LYS X 66 -26.69 -33.00 37.99
C LYS X 66 -25.23 -32.61 38.00
N LYS X 67 -24.53 -33.01 39.06
CA LYS X 67 -23.11 -32.71 39.24
C LYS X 67 -22.26 -33.97 39.23
N ILE X 68 -22.56 -34.94 40.10
CA ILE X 68 -21.76 -36.14 40.20
C ILE X 68 -22.17 -37.09 39.09
N LEU X 69 -21.20 -37.63 38.37
CA LEU X 69 -21.48 -38.58 37.31
C LEU X 69 -20.53 -39.76 37.40
N HIS X 70 -21.08 -40.95 37.17
CA HIS X 70 -20.32 -42.19 37.18
C HIS X 70 -19.35 -42.22 36.02
N VAL X 71 -18.18 -42.82 36.25
CA VAL X 71 -17.17 -42.97 35.20
C VAL X 71 -16.86 -44.45 35.02
N ASP X 72 -16.36 -45.07 36.09
CA ASP X 72 -16.00 -46.48 36.07
C ASP X 72 -16.52 -47.08 37.37
N ASN X 73 -16.34 -48.39 37.54
CA ASN X 73 -16.81 -49.06 38.75
C ASN X 73 -15.97 -48.73 39.97
N HIS X 74 -14.85 -48.03 39.80
CA HIS X 74 -14.01 -47.62 40.92
C HIS X 74 -13.62 -46.15 40.82
N ILE X 75 -14.21 -45.39 39.90
CA ILE X 75 -13.88 -43.98 39.68
C ILE X 75 -15.17 -43.20 39.48
N GLY X 76 -15.35 -42.14 40.26
CA GLY X 76 -16.42 -41.18 40.02
C GLY X 76 -15.92 -39.77 40.25
N ILE X 77 -16.46 -38.84 39.47
CA ILE X 77 -15.97 -37.47 39.47
C ILE X 77 -17.11 -36.50 39.75
N SER X 78 -16.75 -35.33 40.26
CA SER X 78 -17.64 -34.18 40.41
C SER X 78 -17.32 -33.15 39.33
N ILE X 79 -18.02 -32.02 39.36
CA ILE X 79 -17.87 -31.03 38.30
C ILE X 79 -18.13 -29.63 38.87
N ALA X 80 -17.41 -28.66 38.31
CA ALA X 80 -17.62 -27.24 38.58
C ALA X 80 -17.04 -26.45 37.43
N GLY X 81 -17.86 -25.64 36.77
CA GLY X 81 -17.41 -24.88 35.63
C GLY X 81 -18.26 -25.08 34.40
N LEU X 82 -17.65 -24.96 33.23
CA LEU X 82 -18.39 -25.03 31.96
C LEU X 82 -18.89 -26.44 31.69
N THR X 83 -20.16 -26.55 31.31
CA THR X 83 -20.72 -27.84 30.92
C THR X 83 -20.23 -28.28 29.56
N ALA X 84 -19.71 -27.36 28.74
CA ALA X 84 -19.15 -27.74 27.45
C ALA X 84 -17.84 -28.50 27.64
N ASP X 85 -16.98 -27.99 28.52
CA ASP X 85 -15.74 -28.68 28.84
C ASP X 85 -15.95 -29.86 29.77
N ALA X 86 -17.14 -29.99 30.37
CA ALA X 86 -17.42 -31.09 31.27
C ALA X 86 -17.57 -32.40 30.51
N ARG X 87 -18.52 -32.45 29.58
CA ARG X 87 -18.75 -33.67 28.83
C ARG X 87 -17.67 -33.95 27.80
N LEU X 88 -16.89 -32.93 27.42
CA LEU X 88 -15.79 -33.15 26.50
C LEU X 88 -14.64 -33.88 27.18
N LEU X 89 -14.42 -33.63 28.46
CA LEU X 89 -13.41 -34.38 29.20
C LEU X 89 -13.94 -35.73 29.66
N CYS X 90 -15.25 -35.85 29.84
CA CYS X 90 -15.84 -37.13 30.26
C CYS X 90 -15.70 -38.18 29.17
N ASN X 91 -15.90 -37.78 27.91
CA ASN X 91 -15.77 -38.72 26.81
C ASN X 91 -14.31 -39.13 26.60
N PHE X 92 -13.38 -38.24 26.93
CA PHE X 92 -11.98 -38.62 26.97
C PHE X 92 -11.68 -39.48 28.20
N MET X 93 -12.43 -39.26 29.29
CA MET X 93 -12.19 -40.02 30.51
C MET X 93 -12.68 -41.46 30.36
N ARG X 94 -13.86 -41.65 29.75
CA ARG X 94 -14.42 -43.00 29.65
C ARG X 94 -13.68 -43.84 28.63
N GLN X 95 -13.10 -43.21 27.61
CA GLN X 95 -12.38 -43.95 26.59
C GLN X 95 -11.10 -44.56 27.14
N GLU X 96 -10.41 -43.84 28.02
CA GLU X 96 -9.18 -44.34 28.60
C GLU X 96 -9.42 -45.42 29.63
N CYS X 97 -10.59 -45.40 30.29
CA CYS X 97 -10.87 -46.40 31.32
C CYS X 97 -11.13 -47.77 30.71
N LEU X 98 -11.80 -47.83 29.55
CA LEU X 98 -12.12 -49.12 28.95
C LEU X 98 -11.00 -49.64 28.06
N ASP X 99 -10.01 -48.82 27.72
CA ASP X 99 -8.88 -49.32 26.96
C ASP X 99 -7.98 -50.21 27.82
N SER X 100 -7.81 -49.86 29.10
CA SER X 100 -7.05 -50.72 29.99
C SER X 100 -7.80 -52.00 30.31
N ARG X 101 -9.14 -51.94 30.29
CA ARG X 101 -9.91 -53.16 30.45
C ARG X 101 -9.81 -54.04 29.22
N PHE X 102 -9.71 -53.43 28.04
CA PHE X 102 -9.65 -54.19 26.80
C PHE X 102 -8.25 -54.74 26.53
N VAL X 103 -7.21 -54.03 26.97
CA VAL X 103 -5.85 -54.43 26.64
C VAL X 103 -5.22 -55.17 27.81
N PHE X 104 -5.16 -54.51 28.96
CA PHE X 104 -4.47 -55.04 30.12
C PHE X 104 -5.34 -55.93 31.00
N ASP X 105 -6.67 -55.84 30.84
CA ASP X 105 -7.66 -56.57 31.63
C ASP X 105 -7.50 -56.27 33.13
N ARG X 106 -7.16 -55.03 33.43
CA ARG X 106 -7.10 -54.56 34.81
C ARG X 106 -7.74 -53.18 34.86
N PRO X 107 -8.24 -52.78 36.02
CA PRO X 107 -8.66 -51.37 36.17
C PRO X 107 -7.45 -50.46 36.25
N LEU X 108 -7.67 -49.20 35.86
CA LEU X 108 -6.60 -48.22 35.86
C LEU X 108 -6.23 -47.81 37.29
N PRO X 109 -4.94 -47.61 37.55
CA PRO X 109 -4.55 -46.85 38.74
C PRO X 109 -5.00 -45.41 38.59
N VAL X 110 -5.53 -44.86 39.69
CA VAL X 110 -6.15 -43.55 39.64
C VAL X 110 -5.12 -42.45 39.46
N SER X 111 -3.92 -42.64 40.04
CA SER X 111 -2.90 -41.60 40.02
C SER X 111 -2.31 -41.38 38.62
N ARG X 112 -2.30 -42.40 37.77
CA ARG X 112 -1.75 -42.25 36.43
C ARG X 112 -2.79 -41.89 35.39
N LEU X 113 -4.08 -42.01 35.70
CA LEU X 113 -5.11 -41.52 34.79
C LEU X 113 -5.16 -40.01 34.78
N VAL X 114 -4.91 -39.39 35.94
CA VAL X 114 -4.98 -37.94 36.05
C VAL X 114 -3.77 -37.30 35.38
N SER X 115 -2.66 -38.03 35.31
CA SER X 115 -1.49 -37.56 34.56
C SER X 115 -1.78 -37.51 33.07
N LEU X 116 -2.72 -38.32 32.58
CA LEU X 116 -3.15 -38.20 31.19
C LEU X 116 -3.98 -36.96 30.96
N ILE X 117 -4.68 -36.49 32.00
CA ILE X 117 -5.49 -35.28 31.87
C ILE X 117 -4.61 -34.04 31.79
N GLY X 118 -3.55 -34.00 32.60
CA GLY X 118 -2.62 -32.88 32.56
C GLY X 118 -1.85 -32.80 31.26
N SER X 119 -1.60 -33.95 30.63
CA SER X 119 -1.07 -33.94 29.28
C SER X 119 -2.14 -33.55 28.25
N LYS X 120 -3.41 -33.79 28.56
CA LYS X 120 -4.50 -33.48 27.63
C LYS X 120 -4.78 -31.98 27.61
N THR X 121 -4.80 -31.36 28.78
CA THR X 121 -5.13 -29.96 28.90
C THR X 121 -3.93 -29.05 28.71
N GLN X 122 -2.73 -29.60 28.47
CA GLN X 122 -1.54 -28.75 28.33
C GLN X 122 -1.43 -28.15 26.92
N ILE X 123 -1.79 -28.93 25.91
CA ILE X 123 -1.72 -28.42 24.56
C ILE X 123 -2.65 -27.21 24.33
N PRO X 124 -3.98 -27.27 24.66
CA PRO X 124 -4.74 -26.03 24.46
C PRO X 124 -4.37 -24.90 25.44
N THR X 125 -3.47 -25.08 26.43
CA THR X 125 -2.91 -23.91 27.13
C THR X 125 -1.59 -23.43 26.57
N GLN X 126 -1.14 -23.96 25.44
CA GLN X 126 0.06 -23.38 24.83
C GLN X 126 -0.12 -23.02 23.37
N ARG X 127 -0.81 -23.83 22.59
CA ARG X 127 -0.93 -23.58 21.17
C ARG X 127 -2.15 -22.69 20.90
N TYR X 128 -2.02 -21.79 19.92
CA TYR X 128 -3.11 -20.88 19.58
C TYR X 128 -4.17 -21.63 18.79
N GLY X 129 -5.43 -21.29 19.06
CA GLY X 129 -6.53 -21.87 18.32
C GLY X 129 -7.52 -22.62 19.18
N ARG X 130 -7.30 -22.66 20.50
CA ARG X 130 -8.20 -23.36 21.40
C ARG X 130 -8.02 -22.78 22.80
N ARG X 131 -9.13 -22.42 23.44
CA ARG X 131 -9.08 -21.87 24.77
C ARG X 131 -8.77 -22.97 25.78
N PRO X 132 -8.27 -22.61 26.96
CA PRO X 132 -8.14 -23.60 28.03
C PRO X 132 -9.50 -24.12 28.50
N TYR X 133 -9.47 -25.30 29.10
CA TYR X 133 -10.70 -25.96 29.53
C TYR X 133 -11.14 -25.36 30.86
N GLY X 134 -12.29 -24.68 30.88
CA GLY X 134 -12.78 -24.14 32.13
C GLY X 134 -13.53 -25.21 32.89
N VAL X 135 -12.87 -25.80 33.89
CA VAL X 135 -13.36 -27.02 34.51
C VAL X 135 -12.72 -27.15 35.90
N GLY X 136 -13.43 -27.80 36.83
CA GLY X 136 -13.02 -27.92 38.21
C GLY X 136 -13.08 -29.32 38.78
N LEU X 137 -12.63 -30.31 38.02
CA LEU X 137 -12.83 -31.72 38.34
C LEU X 137 -12.26 -32.14 39.68
N LEU X 138 -13.11 -32.73 40.52
CA LEU X 138 -12.71 -33.48 41.70
C LEU X 138 -12.83 -34.97 41.38
N ILE X 139 -11.82 -35.75 41.78
CA ILE X 139 -11.71 -37.15 41.39
C ILE X 139 -11.55 -38.00 42.64
N ALA X 140 -12.38 -39.03 42.77
CA ALA X 140 -12.23 -40.05 43.80
C ALA X 140 -12.06 -41.40 43.15
N GLY X 141 -11.23 -42.26 43.76
CA GLY X 141 -10.94 -43.52 43.10
C GLY X 141 -10.34 -44.56 44.03
N TYR X 142 -10.09 -45.74 43.44
CA TYR X 142 -9.45 -46.86 44.13
C TYR X 142 -8.44 -47.53 43.22
N ASP X 143 -7.17 -47.33 43.50
CA ASP X 143 -6.13 -48.19 42.99
C ASP X 143 -5.88 -49.30 44.02
N ASP X 144 -4.77 -50.01 43.88
CA ASP X 144 -4.46 -51.09 44.81
C ASP X 144 -4.01 -50.60 46.19
N MET X 145 -3.77 -49.30 46.35
CA MET X 145 -3.26 -48.77 47.61
C MET X 145 -4.24 -47.81 48.28
N GLY X 146 -5.53 -48.05 48.13
CA GLY X 146 -6.53 -47.35 48.91
C GLY X 146 -7.20 -46.22 48.17
N PRO X 147 -7.99 -45.44 48.90
CA PRO X 147 -8.75 -44.35 48.27
C PRO X 147 -7.87 -43.14 47.99
N HIS X 148 -8.37 -42.28 47.10
CA HIS X 148 -7.68 -41.05 46.73
C HIS X 148 -8.71 -39.96 46.49
N ILE X 149 -8.32 -38.73 46.78
CA ILE X 149 -9.09 -37.54 46.43
C ILE X 149 -8.19 -36.62 45.64
N PHE X 150 -8.56 -36.36 44.39
CA PHE X 150 -7.78 -35.53 43.49
C PHE X 150 -8.59 -34.31 43.06
N GLN X 151 -7.89 -33.22 42.79
CA GLN X 151 -8.49 -32.09 42.10
C GLN X 151 -7.61 -31.70 40.93
N THR X 152 -8.24 -31.04 39.96
CA THR X 152 -7.55 -30.45 38.83
C THR X 152 -7.85 -28.96 38.79
N CYS X 153 -7.28 -28.28 37.79
CA CYS X 153 -7.48 -26.86 37.61
C CYS X 153 -7.23 -26.55 36.14
N PRO X 154 -7.78 -25.45 35.61
CA PRO X 154 -7.51 -25.10 34.22
C PRO X 154 -6.08 -24.66 33.93
N SER X 155 -5.22 -24.51 34.94
CA SER X 155 -3.79 -24.34 34.72
C SER X 155 -3.06 -25.68 34.61
N ALA X 156 -3.81 -26.77 34.44
CA ALA X 156 -3.30 -28.13 34.17
C ALA X 156 -2.45 -28.68 35.31
N ASN X 157 -2.63 -28.17 36.52
CA ASN X 157 -2.00 -28.74 37.71
C ASN X 157 -3.00 -29.64 38.42
N TYR X 158 -2.54 -30.77 38.91
CA TYR X 158 -3.39 -31.68 39.64
C TYR X 158 -2.80 -31.93 41.02
N PHE X 159 -3.66 -31.87 42.03
CA PHE X 159 -3.23 -31.86 43.43
C PHE X 159 -3.83 -33.07 44.12
N ASP X 160 -2.97 -33.93 44.68
CA ASP X 160 -3.44 -34.95 45.60
C ASP X 160 -3.76 -34.30 46.94
N CYS X 161 -4.84 -34.74 47.57
CA CYS X 161 -5.29 -34.15 48.81
C CYS X 161 -6.14 -35.17 49.56
N ARG X 162 -6.39 -34.88 50.83
CA ARG X 162 -7.26 -35.69 51.66
C ARG X 162 -8.63 -35.06 51.86
N ALA X 163 -8.79 -33.77 51.58
CA ALA X 163 -10.07 -33.10 51.62
C ALA X 163 -9.94 -31.84 50.77
N MET X 164 -11.01 -31.48 50.07
CA MET X 164 -10.97 -30.32 49.18
C MET X 164 -12.37 -29.85 48.89
N SER X 165 -12.53 -28.53 48.78
CA SER X 165 -13.79 -27.91 48.40
C SER X 165 -13.50 -26.80 47.41
N ILE X 166 -14.18 -26.83 46.27
CA ILE X 166 -14.02 -25.84 45.22
C ILE X 166 -15.39 -25.39 44.73
N GLY X 167 -15.43 -24.18 44.19
CA GLY X 167 -16.67 -23.61 43.68
C GLY X 167 -17.02 -22.28 44.30
N ALA X 168 -18.31 -21.94 44.28
CA ALA X 168 -18.74 -20.66 44.82
C ALA X 168 -18.70 -20.69 46.34
N ARG X 169 -18.16 -19.61 46.93
CA ARG X 169 -17.91 -19.36 48.36
C ARG X 169 -17.39 -20.59 49.12
N SER X 170 -16.50 -21.34 48.50
CA SER X 170 -15.99 -22.58 49.07
C SER X 170 -14.88 -22.37 50.07
N GLN X 171 -14.53 -21.12 50.39
CA GLN X 171 -13.52 -20.87 51.41
C GLN X 171 -14.03 -21.21 52.79
N SER X 172 -15.31 -20.95 53.06
CA SER X 172 -15.91 -21.31 54.35
C SER X 172 -16.00 -22.81 54.53
N ALA X 173 -16.08 -23.58 53.46
CA ALA X 173 -16.04 -25.03 53.57
C ALA X 173 -14.64 -25.53 53.89
N ARG X 174 -13.61 -24.83 53.41
CA ARG X 174 -12.24 -25.24 53.69
C ARG X 174 -11.88 -25.05 55.15
N THR X 175 -12.44 -24.02 55.80
CA THR X 175 -12.16 -23.79 57.21
C THR X 175 -12.76 -24.87 58.09
N TYR X 176 -13.90 -25.44 57.69
CA TYR X 176 -14.47 -26.55 58.44
C TYR X 176 -13.63 -27.81 58.27
N LEU X 177 -13.03 -28.00 57.10
CA LEU X 177 -12.28 -29.22 56.84
C LEU X 177 -10.94 -29.24 57.56
N GLU X 178 -10.34 -28.07 57.77
CA GLU X 178 -9.01 -28.03 58.36
C GLU X 178 -9.05 -28.32 59.86
N ARG X 179 -10.12 -27.94 60.54
CA ARG X 179 -10.24 -28.20 61.97
C ARG X 179 -10.97 -29.49 62.28
N HIS X 180 -11.22 -30.34 61.28
CA HIS X 180 -11.80 -31.64 61.49
C HIS X 180 -11.11 -32.74 60.69
N MET X 181 -9.98 -32.44 60.05
CA MET X 181 -9.27 -33.42 59.24
C MET X 181 -8.59 -34.50 60.07
N SER X 182 -8.39 -34.26 61.37
CA SER X 182 -7.80 -35.29 62.22
C SER X 182 -8.80 -36.40 62.53
N GLU X 183 -10.10 -36.11 62.40
CA GLU X 183 -11.15 -37.07 62.72
C GLU X 183 -11.56 -37.93 61.53
N PHE X 184 -11.04 -37.64 60.34
CA PHE X 184 -11.59 -38.26 59.13
C PHE X 184 -11.06 -39.66 58.87
N MET X 185 -9.89 -40.01 59.40
CA MET X 185 -9.27 -41.27 59.04
C MET X 185 -9.91 -42.46 59.73
N GLU X 186 -10.62 -42.26 60.84
CA GLU X 186 -11.10 -43.36 61.65
C GLU X 186 -12.59 -43.62 61.53
N CYS X 187 -13.39 -42.57 61.33
CA CYS X 187 -14.84 -42.70 61.38
C CYS X 187 -15.38 -43.36 60.12
N ASN X 188 -16.49 -44.09 60.26
CA ASN X 188 -17.10 -44.80 59.16
C ASN X 188 -18.23 -43.98 58.53
N LEU X 189 -18.94 -44.61 57.58
CA LEU X 189 -19.77 -43.91 56.60
C LEU X 189 -21.01 -43.27 57.20
N ASN X 190 -21.47 -43.74 58.37
CA ASN X 190 -22.67 -43.17 58.97
C ASN X 190 -22.44 -41.75 59.43
N GLU X 191 -21.19 -41.39 59.75
CA GLU X 191 -20.87 -40.02 60.06
C GLU X 191 -19.88 -39.38 59.09
N LEU X 192 -19.09 -40.18 58.36
CA LEU X 192 -18.14 -39.62 57.39
C LEU X 192 -18.85 -38.88 56.28
N VAL X 193 -20.01 -39.39 55.86
CA VAL X 193 -20.83 -38.67 54.90
C VAL X 193 -21.37 -37.38 55.51
N LYS X 194 -21.89 -37.46 56.73
CA LYS X 194 -22.38 -36.24 57.36
C LYS X 194 -21.30 -35.48 58.11
N HIS X 195 -20.05 -35.91 58.05
CA HIS X 195 -18.97 -34.93 58.25
C HIS X 195 -18.82 -34.03 57.03
N GLY X 196 -19.05 -34.58 55.84
CA GLY X 196 -18.86 -33.85 54.60
C GLY X 196 -19.95 -32.85 54.31
N LEU X 197 -21.20 -33.21 54.54
CA LEU X 197 -22.30 -32.32 54.25
C LEU X 197 -22.62 -31.35 55.39
N ARG X 198 -21.87 -31.41 56.49
CA ARG X 198 -21.82 -30.27 57.39
C ARG X 198 -20.92 -29.18 56.85
N ALA X 199 -20.05 -29.48 55.89
CA ALA X 199 -19.21 -28.46 55.29
C ALA X 199 -19.92 -27.70 54.18
N LEU X 200 -20.93 -28.31 53.56
CA LEU X 200 -21.67 -27.61 52.52
C LEU X 200 -22.58 -26.54 53.07
N ARG X 201 -23.04 -26.69 54.31
CA ARG X 201 -24.05 -25.79 54.85
C ARG X 201 -23.47 -24.46 55.32
N GLU X 202 -22.16 -24.26 55.24
CA GLU X 202 -21.59 -22.92 55.38
C GLU X 202 -21.39 -22.22 54.04
N THR X 203 -21.48 -22.96 52.94
CA THR X 203 -21.47 -22.38 51.61
C THR X 203 -22.86 -21.97 51.14
N LEU X 204 -23.82 -21.88 52.04
CA LEU X 204 -25.16 -21.44 51.77
C LEU X 204 -25.42 -20.12 52.46
N PRO X 205 -26.27 -19.26 51.88
CA PRO X 205 -26.85 -18.16 52.64
C PRO X 205 -27.63 -18.67 53.83
N ALA X 206 -27.56 -17.92 54.93
CA ALA X 206 -27.98 -18.39 56.25
C ALA X 206 -29.49 -18.55 56.41
N GLU X 207 -30.36 -18.44 55.40
CA GLU X 207 -31.80 -18.55 55.62
C GLU X 207 -32.42 -19.82 55.09
N GLN X 208 -31.82 -20.48 54.10
CA GLN X 208 -32.37 -21.72 53.57
C GLN X 208 -31.50 -22.89 54.02
N ASP X 209 -32.06 -24.09 53.84
CA ASP X 209 -31.45 -25.31 54.35
C ASP X 209 -31.19 -26.27 53.20
N LEU X 210 -30.21 -27.14 53.41
CA LEU X 210 -29.89 -28.20 52.45
C LEU X 210 -31.01 -29.23 52.47
N THR X 211 -31.84 -29.23 51.43
CA THR X 211 -32.99 -30.11 51.36
C THR X 211 -32.61 -31.43 50.69
N THR X 212 -33.61 -32.25 50.37
CA THR X 212 -33.39 -33.52 49.71
C THR X 212 -33.34 -33.42 48.19
N LYS X 213 -33.77 -32.30 47.62
CA LYS X 213 -33.91 -32.17 46.19
C LYS X 213 -32.75 -31.44 45.53
N ASN X 214 -31.76 -30.99 46.30
CA ASN X 214 -30.71 -30.14 45.76
C ASN X 214 -29.31 -30.64 46.10
N VAL X 215 -29.16 -31.90 46.47
CA VAL X 215 -27.87 -32.43 46.91
C VAL X 215 -27.68 -33.82 46.33
N SER X 216 -26.43 -34.14 46.00
CA SER X 216 -26.04 -35.46 45.55
C SER X 216 -24.84 -35.95 46.36
N ILE X 217 -24.84 -37.24 46.68
CA ILE X 217 -23.77 -37.86 47.43
C ILE X 217 -23.36 -39.12 46.69
N GLY X 218 -22.08 -39.23 46.35
CA GLY X 218 -21.55 -40.39 45.68
C GLY X 218 -20.48 -41.09 46.58
N ILE X 219 -20.65 -42.38 46.73
CA ILE X 219 -19.77 -43.18 47.59
C ILE X 219 -19.13 -44.28 46.76
N VAL X 220 -17.80 -44.34 46.78
CA VAL X 220 -17.06 -45.49 46.31
C VAL X 220 -16.29 -46.05 47.51
N GLY X 221 -16.25 -47.37 47.63
CA GLY X 221 -15.69 -48.01 48.80
C GLY X 221 -14.65 -49.04 48.43
N LYS X 222 -13.99 -49.58 49.44
CA LYS X 222 -13.01 -50.63 49.23
C LYS X 222 -13.69 -51.90 48.75
N ASP X 223 -14.80 -52.27 49.36
CA ASP X 223 -15.64 -53.36 48.89
C ASP X 223 -16.93 -52.87 48.26
N LEU X 224 -17.00 -51.60 47.90
CA LEU X 224 -18.24 -51.00 47.40
C LEU X 224 -17.97 -50.33 46.05
N GLU X 225 -18.79 -50.67 45.06
CA GLU X 225 -18.74 -50.01 43.77
C GLU X 225 -19.27 -48.58 43.89
N PHE X 226 -18.82 -47.71 43.00
CA PHE X 226 -19.21 -46.31 43.03
C PHE X 226 -20.70 -46.14 42.74
N THR X 227 -21.42 -45.55 43.70
CA THR X 227 -22.86 -45.47 43.64
C THR X 227 -23.30 -44.04 43.88
N ILE X 228 -24.21 -43.55 43.05
CA ILE X 228 -24.75 -42.20 43.14
C ILE X 228 -26.13 -42.26 43.77
N TYR X 229 -26.29 -41.56 44.88
CA TYR X 229 -27.59 -41.45 45.55
C TYR X 229 -28.09 -40.02 45.39
N ASP X 230 -29.35 -39.87 45.01
CA ASP X 230 -29.93 -38.55 44.83
C ASP X 230 -31.45 -38.61 44.97
N ASP X 231 -31.97 -37.68 45.77
CA ASP X 231 -33.36 -37.21 45.85
C ASP X 231 -34.34 -38.20 46.47
N ASP X 232 -33.93 -39.45 46.68
CA ASP X 232 -34.79 -40.41 47.36
C ASP X 232 -34.02 -41.10 48.47
N ASP X 233 -32.75 -41.39 48.21
CA ASP X 233 -31.89 -42.11 49.13
C ASP X 233 -31.03 -41.18 49.98
N VAL X 234 -31.21 -39.87 49.83
CA VAL X 234 -30.52 -38.92 50.68
C VAL X 234 -31.18 -38.85 52.06
N SER X 235 -32.44 -39.23 52.15
CA SER X 235 -33.15 -39.20 53.42
C SER X 235 -32.58 -40.11 54.53
N PRO X 236 -32.00 -41.29 54.26
CA PRO X 236 -31.24 -41.95 55.33
C PRO X 236 -29.92 -41.28 55.69
N PHE X 237 -29.46 -40.29 54.92
CA PHE X 237 -28.26 -39.55 55.25
C PHE X 237 -28.55 -38.24 55.95
N LEU X 238 -29.65 -37.57 55.61
CA LEU X 238 -30.02 -36.32 56.24
C LEU X 238 -30.70 -36.49 57.59
N GLU X 239 -31.05 -37.72 57.96
CA GLU X 239 -31.55 -37.96 59.30
C GLU X 239 -30.41 -37.88 60.32
N GLY X 240 -30.76 -37.47 61.53
CA GLY X 240 -29.77 -37.35 62.59
C GLY X 240 -28.84 -36.17 62.41
N LEU X 241 -29.38 -34.99 62.14
CA LEU X 241 -28.61 -33.77 61.99
C LEU X 241 -29.15 -32.68 62.91
N GLU X 242 -28.24 -31.81 63.34
CA GLU X 242 -28.61 -30.61 64.06
C GLU X 242 -28.83 -29.46 63.08
N GLU X 243 -29.37 -28.36 63.57
CA GLU X 243 -29.56 -27.18 62.75
C GLU X 243 -28.35 -26.25 62.88
N ARG X 244 -28.39 -25.15 62.13
CA ARG X 244 -27.35 -24.14 62.23
C ARG X 244 -27.56 -23.31 63.51
N PRO X 245 -26.49 -22.89 64.18
CA PRO X 245 -26.66 -22.11 65.41
C PRO X 245 -27.08 -20.67 65.14
N GLN X 246 -28.37 -20.48 64.86
CA GLN X 246 -28.90 -19.15 64.57
C GLN X 246 -29.72 -18.62 65.73
N THR Y 5 9.14 -3.54 23.56
CA THR Y 5 7.90 -3.03 24.11
C THR Y 5 6.96 -2.61 22.99
N GLY Y 6 6.04 -3.47 22.58
CA GLY Y 6 5.12 -3.14 21.50
C GLY Y 6 5.46 -4.08 20.38
N TYR Y 7 6.77 -4.16 20.11
CA TYR Y 7 7.29 -5.05 19.10
C TYR Y 7 7.60 -6.32 19.87
N ASP Y 8 7.07 -6.40 21.09
CA ASP Y 8 7.34 -7.54 21.96
C ASP Y 8 6.17 -8.53 22.03
N LEU Y 9 5.32 -8.58 21.01
CA LEU Y 9 4.16 -9.46 21.06
C LEU Y 9 4.50 -10.88 20.59
N SER Y 10 4.98 -11.01 19.36
CA SER Y 10 5.31 -12.32 18.83
C SER Y 10 6.70 -12.76 19.28
N ALA Y 11 6.94 -14.06 19.19
CA ALA Y 11 8.25 -14.62 19.42
C ALA Y 11 9.07 -14.70 18.14
N SER Y 12 8.50 -14.30 17.01
CA SER Y 12 9.19 -14.33 15.72
C SER Y 12 9.58 -12.93 15.26
N THR Y 13 9.51 -11.93 16.12
CA THR Y 13 9.84 -10.55 15.77
C THR Y 13 11.05 -10.09 16.57
N PHE Y 14 11.81 -9.18 15.98
CA PHE Y 14 12.99 -8.60 16.58
C PHE Y 14 12.70 -7.20 17.12
N SER Y 15 13.45 -6.82 18.15
CA SER Y 15 13.42 -5.45 18.63
C SER Y 15 14.26 -4.58 17.71
N PRO Y 16 14.10 -3.25 17.79
CA PRO Y 16 15.01 -2.37 17.03
C PRO Y 16 16.46 -2.42 17.46
N ASP Y 17 16.78 -2.97 18.64
CA ASP Y 17 18.18 -3.16 19.00
C ASP Y 17 18.64 -4.62 18.92
N GLY Y 18 17.72 -5.57 18.73
CA GLY Y 18 18.13 -6.91 18.37
C GLY Y 18 17.96 -8.02 19.39
N ARG Y 19 16.87 -8.02 20.15
CA ARG Y 19 16.60 -9.13 21.06
C ARG Y 19 15.11 -9.41 21.08
N VAL Y 20 14.75 -10.61 21.53
CA VAL Y 20 13.37 -11.05 21.59
C VAL Y 20 12.90 -10.98 23.03
N PHE Y 21 11.92 -10.12 23.31
CA PHE Y 21 11.46 -9.94 24.68
C PHE Y 21 10.55 -11.06 25.16
N GLN Y 22 9.94 -11.81 24.25
CA GLN Y 22 9.10 -12.93 24.66
C GLN Y 22 9.94 -14.04 25.29
N VAL Y 23 11.19 -14.19 24.86
CA VAL Y 23 12.11 -15.05 25.58
C VAL Y 23 12.52 -14.39 26.89
N GLU Y 24 12.69 -13.06 26.88
CA GLU Y 24 13.09 -12.34 28.08
C GLU Y 24 11.99 -12.34 29.14
N TYR Y 25 10.73 -12.32 28.70
CA TYR Y 25 9.62 -12.32 29.65
C TYR Y 25 9.47 -13.68 30.33
N ALA Y 26 9.72 -14.76 29.59
CA ALA Y 26 9.56 -16.09 30.14
C ALA Y 26 10.70 -16.48 31.07
N MET Y 27 11.83 -15.79 31.01
CA MET Y 27 12.95 -16.13 31.89
C MET Y 27 12.67 -15.72 33.33
N LYS Y 28 12.07 -14.55 33.55
CA LYS Y 28 11.80 -14.08 34.89
C LYS Y 28 10.47 -14.56 35.43
N ALA Y 29 9.78 -15.42 34.71
CA ALA Y 29 8.72 -16.23 35.31
C ALA Y 29 9.28 -17.41 36.08
N VAL Y 30 10.47 -17.88 35.71
CA VAL Y 30 11.16 -18.89 36.48
C VAL Y 30 11.69 -18.29 37.78
N GLU Y 31 11.93 -16.97 37.77
CA GLU Y 31 12.47 -16.26 38.93
C GLU Y 31 11.51 -16.29 40.12
N ASN Y 32 10.21 -16.33 39.87
CA ASN Y 32 9.23 -16.30 40.95
C ASN Y 32 9.03 -17.64 41.62
N SER Y 33 9.61 -18.72 41.09
CA SER Y 33 9.48 -20.03 41.71
C SER Y 33 10.50 -20.21 42.82
N SER Y 34 10.23 -21.17 43.70
CA SER Y 34 11.08 -21.42 44.84
C SER Y 34 12.42 -22.03 44.40
N THR Y 35 13.39 -21.98 45.30
CA THR Y 35 14.76 -22.30 44.96
C THR Y 35 14.98 -23.81 44.92
N ALA Y 36 15.57 -24.29 43.83
CA ALA Y 36 15.99 -25.68 43.68
C ALA Y 36 17.45 -25.69 43.27
N ILE Y 37 18.29 -26.39 44.04
CA ILE Y 37 19.73 -26.36 43.84
C ILE Y 37 20.20 -27.74 43.40
N GLY Y 38 21.39 -27.75 42.81
CA GLY Y 38 22.00 -29.00 42.38
C GLY Y 38 23.49 -28.92 42.57
N ILE Y 39 24.10 -30.07 42.84
CA ILE Y 39 25.52 -30.15 43.18
C ILE Y 39 25.98 -31.57 42.90
N ARG Y 40 27.24 -31.72 42.52
CA ARG Y 40 27.80 -33.04 42.29
C ARG Y 40 29.14 -33.17 43.02
N CYS Y 41 29.36 -34.34 43.61
CA CYS Y 41 30.62 -34.68 44.24
C CYS Y 41 31.47 -35.46 43.23
N LYS Y 42 32.55 -36.06 43.71
CA LYS Y 42 33.46 -36.76 42.80
C LYS Y 42 32.90 -38.08 42.31
N ASP Y 43 31.91 -38.65 42.99
CA ASP Y 43 31.32 -39.92 42.57
C ASP Y 43 29.80 -39.89 42.74
N GLY Y 44 29.17 -38.80 42.31
CA GLY Y 44 27.73 -38.75 42.31
C GLY Y 44 27.21 -37.33 42.18
N VAL Y 45 25.89 -37.24 42.01
CA VAL Y 45 25.17 -35.99 41.91
C VAL Y 45 24.08 -35.98 42.97
N VAL Y 46 23.96 -34.89 43.71
CA VAL Y 46 22.96 -34.76 44.76
C VAL Y 46 22.07 -33.56 44.43
N PHE Y 47 20.77 -33.82 44.33
CA PHE Y 47 19.78 -32.78 44.11
C PHE Y 47 19.20 -32.31 45.43
N GLY Y 48 18.47 -31.20 45.37
CA GLY Y 48 17.80 -30.66 46.53
C GLY Y 48 16.85 -29.54 46.16
N VAL Y 49 15.60 -29.63 46.64
CA VAL Y 49 14.53 -28.71 46.24
C VAL Y 49 13.87 -28.17 47.48
N GLU Y 50 13.88 -26.84 47.64
CA GLU Y 50 13.00 -26.19 48.61
C GLU Y 50 11.60 -26.14 48.05
N LYS Y 51 10.66 -26.79 48.72
CA LYS Y 51 9.28 -26.86 48.25
C LYS Y 51 8.35 -26.47 49.39
N LEU Y 52 7.46 -25.53 49.13
CA LEU Y 52 6.59 -24.95 50.16
C LEU Y 52 5.21 -25.58 50.12
N VAL Y 53 4.62 -25.76 51.30
CA VAL Y 53 3.28 -26.30 51.43
C VAL Y 53 2.27 -25.20 51.09
N LEU Y 54 1.29 -25.53 50.26
CA LEU Y 54 0.32 -24.54 49.78
C LEU Y 54 -0.55 -23.96 50.90
N SER Y 55 -1.47 -24.75 51.47
CA SER Y 55 -2.06 -24.26 52.71
C SER Y 55 -1.93 -25.23 53.88
N LYS Y 56 -2.71 -26.31 53.88
CA LYS Y 56 -2.53 -27.37 54.86
C LYS Y 56 -2.95 -28.71 54.27
N LEU Y 57 -3.77 -28.67 53.22
CA LEU Y 57 -4.46 -29.85 52.73
C LEU Y 57 -3.62 -30.65 51.75
N TYR Y 58 -2.42 -30.17 51.44
CA TYR Y 58 -1.38 -30.95 50.77
C TYR Y 58 -1.14 -32.27 51.50
N GLU Y 59 -0.89 -33.34 50.74
CA GLU Y 59 -0.89 -34.65 51.38
C GLU Y 59 0.52 -35.26 51.33
N GLU Y 60 1.53 -34.43 51.60
CA GLU Y 60 2.88 -34.84 52.00
C GLU Y 60 3.55 -35.72 50.93
N GLY Y 61 3.81 -35.10 49.79
CA GLY Y 61 4.46 -35.83 48.73
C GLY Y 61 3.81 -35.66 47.38
N SER Y 62 2.77 -34.83 47.32
CA SER Y 62 2.14 -34.52 46.05
C SER Y 62 3.02 -33.59 45.24
N ASN Y 63 2.67 -33.48 43.94
CA ASN Y 63 3.17 -32.60 42.87
C ASN Y 63 4.66 -32.25 42.96
N LYS Y 64 5.49 -33.29 43.07
CA LYS Y 64 6.90 -33.12 43.34
C LYS Y 64 7.63 -32.55 42.12
N ARG Y 65 8.81 -31.98 42.38
CA ARG Y 65 9.65 -31.41 41.33
C ARG Y 65 10.96 -32.16 41.16
N LEU Y 66 11.02 -33.40 41.63
CA LEU Y 66 12.16 -34.28 41.40
C LEU Y 66 11.66 -35.45 40.56
N PHE Y 67 11.83 -35.35 39.26
CA PHE Y 67 11.30 -36.33 38.32
C PHE Y 67 12.30 -37.45 38.13
N ASN Y 68 11.98 -38.37 37.21
CA ASN Y 68 12.83 -39.54 36.98
C ASN Y 68 12.70 -39.89 35.50
N VAL Y 69 13.64 -39.39 34.70
CA VAL Y 69 13.56 -39.54 33.25
C VAL Y 69 13.97 -40.94 32.82
N ASP Y 70 15.15 -41.38 33.21
CA ASP Y 70 15.67 -42.65 32.74
C ASP Y 70 16.07 -43.46 33.97
N ARG Y 71 16.71 -44.61 33.75
CA ARG Y 71 17.24 -45.42 34.85
C ARG Y 71 18.27 -44.67 35.68
N HIS Y 72 19.01 -43.74 35.07
CA HIS Y 72 20.05 -42.98 35.75
C HIS Y 72 19.91 -41.48 35.59
N VAL Y 73 18.77 -40.98 35.08
CA VAL Y 73 18.59 -39.57 34.77
C VAL Y 73 17.31 -39.08 35.44
N GLY Y 74 17.42 -37.94 36.16
CA GLY Y 74 16.25 -37.29 36.70
C GLY Y 74 16.36 -35.78 36.58
N MET Y 75 15.24 -35.12 36.90
CA MET Y 75 15.11 -33.68 36.74
C MET Y 75 14.86 -32.99 38.07
N ALA Y 76 15.11 -31.68 38.08
CA ALA Y 76 14.99 -30.84 39.27
C ALA Y 76 14.27 -29.54 38.92
N VAL Y 77 13.09 -29.67 38.30
CA VAL Y 77 12.41 -28.54 37.65
C VAL Y 77 12.02 -27.44 38.63
N ALA Y 78 11.79 -26.25 38.06
CA ALA Y 78 11.32 -25.08 38.79
C ALA Y 78 10.69 -24.11 37.80
N GLY Y 79 9.58 -23.50 38.19
CA GLY Y 79 8.84 -22.62 37.32
C GLY Y 79 7.39 -23.01 37.22
N LEU Y 80 6.82 -22.98 36.03
CA LEU Y 80 5.46 -23.49 35.82
C LEU Y 80 5.50 -25.01 35.89
N LEU Y 81 4.78 -25.56 36.87
CA LEU Y 81 4.88 -27.01 37.12
C LEU Y 81 4.22 -27.82 36.03
N ALA Y 82 3.09 -27.34 35.49
CA ALA Y 82 2.39 -28.07 34.43
C ALA Y 82 3.19 -28.09 33.14
N ASP Y 83 3.91 -27.00 32.85
CA ASP Y 83 4.76 -26.94 31.67
C ASP Y 83 5.97 -27.85 31.80
N ALA Y 84 6.42 -28.12 33.02
CA ALA Y 84 7.54 -29.03 33.23
C ALA Y 84 7.12 -30.48 33.11
N ARG Y 85 5.84 -30.79 33.38
CA ARG Y 85 5.37 -32.16 33.26
C ARG Y 85 5.34 -32.60 31.79
N SER Y 86 4.90 -31.72 30.91
CA SER Y 86 4.89 -32.03 29.48
C SER Y 86 6.32 -32.09 28.94
N LEU Y 87 7.23 -31.29 29.49
CA LEU Y 87 8.61 -31.33 29.05
C LEU Y 87 9.33 -32.56 29.56
N ALA Y 88 8.93 -33.06 30.74
CA ALA Y 88 9.55 -34.28 31.26
C ALA Y 88 9.16 -35.50 30.44
N ASP Y 89 7.93 -35.52 29.90
CA ASP Y 89 7.50 -36.63 29.07
C ASP Y 89 8.20 -36.66 27.72
N ILE Y 90 8.73 -35.53 27.27
CA ILE Y 90 9.54 -35.54 26.06
C ILE Y 90 10.86 -36.25 26.32
N ALA Y 91 11.48 -35.99 27.47
CA ALA Y 91 12.76 -36.61 27.79
C ALA Y 91 12.61 -38.09 28.11
N ARG Y 92 11.46 -38.49 28.65
CA ARG Y 92 11.17 -39.92 28.80
C ARG Y 92 11.05 -40.59 27.44
N GLU Y 93 10.39 -39.91 26.49
CA GLU Y 93 10.18 -40.48 25.17
C GLU Y 93 11.46 -40.44 24.33
N GLU Y 94 12.31 -39.44 24.56
CA GLU Y 94 13.54 -39.33 23.79
C GLU Y 94 14.54 -40.40 24.17
N ALA Y 95 14.64 -40.72 25.47
CA ALA Y 95 15.57 -41.75 25.92
C ALA Y 95 15.12 -43.15 25.54
N SER Y 96 13.82 -43.34 25.27
CA SER Y 96 13.33 -44.65 24.87
C SER Y 96 13.73 -44.98 23.43
N ASN Y 97 13.73 -43.99 22.54
CA ASN Y 97 14.10 -44.24 21.16
C ASN Y 97 15.59 -44.49 21.00
N PHE Y 98 16.41 -43.92 21.89
CA PHE Y 98 17.84 -44.19 21.85
C PHE Y 98 18.13 -45.63 22.28
N ARG Y 99 17.32 -46.16 23.19
CA ARG Y 99 17.43 -47.55 23.59
C ARG Y 99 17.03 -48.48 22.46
N SER Y 100 15.92 -48.16 21.79
CA SER Y 100 15.39 -49.02 20.74
C SER Y 100 16.17 -48.95 19.44
N ASN Y 101 17.01 -47.93 19.26
CA ASN Y 101 17.77 -47.80 18.03
C ASN Y 101 19.25 -48.08 18.20
N PHE Y 102 19.76 -48.08 19.42
CA PHE Y 102 21.18 -48.26 19.64
C PHE Y 102 21.52 -49.27 20.73
N GLY Y 103 20.59 -49.62 21.61
CA GLY Y 103 20.78 -50.75 22.50
C GLY Y 103 21.50 -50.48 23.79
N TYR Y 104 21.68 -49.22 24.18
CA TYR Y 104 22.36 -48.91 25.44
C TYR Y 104 21.81 -47.60 25.99
N ASN Y 105 22.27 -47.25 27.18
CA ASN Y 105 21.74 -46.10 27.90
C ASN Y 105 22.15 -44.79 27.24
N ILE Y 106 21.30 -43.79 27.38
CA ILE Y 106 21.56 -42.50 26.74
C ILE Y 106 22.66 -41.75 27.49
N PRO Y 107 23.67 -41.24 26.81
CA PRO Y 107 24.62 -40.34 27.47
C PRO Y 107 23.96 -39.02 27.80
N LEU Y 108 24.37 -38.44 28.92
CA LEU Y 108 23.74 -37.20 29.37
C LEU Y 108 24.14 -36.02 28.50
N LYS Y 109 25.32 -36.07 27.90
CA LYS Y 109 25.75 -35.02 26.98
C LYS Y 109 24.91 -35.01 25.71
N HIS Y 110 24.46 -36.17 25.26
CA HIS Y 110 23.60 -36.25 24.10
C HIS Y 110 22.13 -36.02 24.45
N LEU Y 111 21.74 -36.34 25.69
CA LEU Y 111 20.35 -36.16 26.08
C LEU Y 111 20.00 -34.70 26.24
N ALA Y 112 20.90 -33.91 26.82
CA ALA Y 112 20.65 -32.49 27.00
C ALA Y 112 20.63 -31.73 25.68
N ASP Y 113 21.31 -32.24 24.65
CA ASP Y 113 21.24 -31.61 23.34
C ASP Y 113 19.89 -31.84 22.68
N ARG Y 114 19.33 -33.03 22.84
CA ARG Y 114 18.05 -33.34 22.21
C ARG Y 114 16.91 -32.57 22.88
N VAL Y 115 17.02 -32.31 24.18
CA VAL Y 115 15.97 -31.58 24.87
C VAL Y 115 16.05 -30.10 24.56
N ALA Y 116 17.26 -29.54 24.57
CA ALA Y 116 17.42 -28.11 24.38
C ALA Y 116 17.08 -27.67 22.96
N MET Y 117 17.28 -28.53 21.97
CA MET Y 117 16.80 -28.22 20.63
C MET Y 117 15.28 -28.27 20.55
N TYR Y 118 14.64 -29.09 21.38
CA TYR Y 118 13.19 -29.11 21.42
C TYR Y 118 12.62 -27.87 22.11
N VAL Y 119 13.32 -27.37 23.13
CA VAL Y 119 12.93 -26.12 23.76
C VAL Y 119 13.17 -24.95 22.80
N HIS Y 120 14.19 -25.07 21.96
CA HIS Y 120 14.54 -24.02 21.00
C HIS Y 120 13.44 -23.82 19.97
N ALA Y 121 12.74 -24.90 19.60
CA ALA Y 121 11.75 -24.82 18.53
C ALA Y 121 10.52 -24.04 18.93
N TYR Y 122 10.25 -23.88 20.22
CA TYR Y 122 9.13 -23.08 20.68
C TYR Y 122 9.47 -21.61 20.86
N THR Y 123 10.66 -21.20 20.41
CA THR Y 123 11.08 -19.80 20.50
C THR Y 123 11.22 -19.17 19.12
N LEU Y 124 10.58 -19.74 18.11
CA LEU Y 124 10.78 -19.31 16.73
C LEU Y 124 9.49 -18.93 16.02
N TYR Y 125 8.38 -19.57 16.37
CA TYR Y 125 7.13 -19.40 15.65
C TYR Y 125 6.17 -18.51 16.43
N SER Y 126 5.28 -17.84 15.70
CA SER Y 126 4.27 -16.99 16.33
C SER Y 126 3.07 -17.77 16.83
N ALA Y 127 2.94 -19.04 16.46
CA ALA Y 127 1.81 -19.84 16.91
C ALA Y 127 1.99 -20.31 18.34
N VAL Y 128 3.21 -20.60 18.74
CA VAL Y 128 3.50 -21.14 20.05
C VAL Y 128 4.33 -20.13 20.84
N ARG Y 129 4.39 -20.32 22.15
CA ARG Y 129 5.18 -19.49 23.03
C ARG Y 129 6.39 -20.26 23.56
N PRO Y 130 7.43 -19.57 24.04
CA PRO Y 130 8.50 -20.27 24.73
C PRO Y 130 8.03 -20.86 26.05
N PHE Y 131 8.75 -21.87 26.51
CA PHE Y 131 8.47 -22.51 27.79
C PHE Y 131 8.74 -21.57 28.94
N GLY Y 132 8.17 -21.90 30.09
CA GLY Y 132 8.42 -21.14 31.30
C GLY Y 132 9.07 -21.99 32.37
N CYS Y 133 10.04 -22.82 31.97
CA CYS Y 133 10.67 -23.77 32.87
C CYS Y 133 12.18 -23.70 32.76
N SER Y 134 12.84 -24.00 33.88
CA SER Y 134 14.27 -24.28 33.90
C SER Y 134 14.49 -25.45 34.85
N PHE Y 135 15.48 -26.26 34.55
CA PHE Y 135 15.61 -27.54 35.24
C PHE Y 135 17.06 -27.99 35.24
N MET Y 136 17.31 -29.13 35.88
CA MET Y 136 18.63 -29.70 36.04
C MET Y 136 18.61 -31.11 35.49
N LEU Y 137 19.80 -31.60 35.12
CA LEU Y 137 19.95 -32.97 34.65
C LEU Y 137 21.20 -33.56 35.29
N GLY Y 138 21.03 -34.61 36.07
CA GLY Y 138 22.14 -35.26 36.73
C GLY Y 138 22.14 -36.75 36.45
N SER Y 139 23.33 -37.29 36.22
CA SER Y 139 23.47 -38.71 35.94
C SER Y 139 24.83 -39.18 36.43
N TYR Y 140 25.01 -40.50 36.43
CA TYR Y 140 26.27 -41.10 36.82
C TYR Y 140 26.51 -42.36 36.01
N SER Y 141 27.76 -42.57 35.63
CA SER Y 141 28.15 -43.77 34.89
C SER Y 141 29.55 -44.17 35.33
N VAL Y 142 29.95 -45.37 34.91
CA VAL Y 142 31.31 -45.83 35.21
C VAL Y 142 32.31 -45.50 34.11
N ASN Y 143 31.84 -45.26 32.89
CA ASN Y 143 32.72 -44.84 31.81
C ASN Y 143 32.72 -43.33 31.61
N ASP Y 144 31.83 -42.60 32.28
CA ASP Y 144 31.73 -41.16 32.12
C ASP Y 144 31.73 -40.37 33.42
N GLY Y 145 31.57 -41.02 34.56
CA GLY Y 145 31.52 -40.30 35.81
C GLY Y 145 30.18 -39.61 36.01
N ALA Y 146 30.21 -38.54 36.80
CA ALA Y 146 29.02 -37.77 37.11
C ALA Y 146 29.01 -36.47 36.30
N GLN Y 147 27.84 -36.10 35.80
CA GLN Y 147 27.68 -34.85 35.08
C GLN Y 147 26.46 -34.11 35.63
N LEU Y 148 26.45 -32.80 35.40
CA LEU Y 148 25.38 -31.95 35.88
C LEU Y 148 25.16 -30.82 34.88
N TYR Y 149 23.93 -30.70 34.39
CA TYR Y 149 23.61 -29.79 33.29
C TYR Y 149 22.54 -28.79 33.73
N MET Y 150 22.19 -27.89 32.82
CA MET Y 150 21.43 -26.70 33.15
C MET Y 150 20.80 -26.15 31.88
N ILE Y 151 19.47 -26.05 31.86
CA ILE Y 151 18.75 -25.62 30.66
C ILE Y 151 17.85 -24.45 31.03
N ASP Y 152 18.04 -23.33 30.36
CA ASP Y 152 17.23 -22.13 30.51
C ASP Y 152 16.01 -22.21 29.59
N PRO Y 153 15.03 -21.30 29.71
CA PRO Y 153 13.94 -21.30 28.72
C PRO Y 153 14.35 -20.94 27.30
N SER Y 154 15.51 -20.30 27.10
CA SER Y 154 15.94 -20.02 25.73
C SER Y 154 16.50 -21.24 25.03
N GLY Y 155 17.12 -22.16 25.76
CA GLY Y 155 17.70 -23.35 25.18
C GLY Y 155 19.19 -23.48 25.32
N VAL Y 156 19.85 -22.60 26.05
CA VAL Y 156 21.29 -22.70 26.27
C VAL Y 156 21.54 -23.79 27.31
N SER Y 157 22.38 -24.76 26.96
CA SER Y 157 22.57 -25.94 27.79
C SER Y 157 24.05 -26.29 27.85
N TYR Y 158 24.64 -26.15 29.03
CA TYR Y 158 26.02 -26.58 29.27
C TYR Y 158 26.20 -26.90 30.73
N GLY Y 159 27.42 -27.36 31.07
CA GLY Y 159 27.65 -28.02 32.34
C GLY Y 159 28.20 -27.13 33.45
N TYR Y 160 27.84 -27.51 34.68
CA TYR Y 160 28.27 -26.83 35.90
C TYR Y 160 28.89 -27.85 36.85
N TRP Y 161 29.42 -27.34 37.95
CA TRP Y 161 29.62 -28.16 39.14
C TRP Y 161 28.53 -27.97 40.18
N GLY Y 162 27.92 -26.79 40.22
CA GLY Y 162 26.83 -26.52 41.14
C GLY Y 162 25.97 -25.41 40.59
N CYS Y 163 24.70 -25.41 40.97
CA CYS Y 163 23.76 -24.43 40.43
C CYS Y 163 22.60 -24.23 41.39
N ALA Y 164 21.76 -23.24 41.06
CA ALA Y 164 20.54 -22.94 41.78
C ALA Y 164 19.54 -22.35 40.80
N ILE Y 165 18.26 -22.67 41.00
CA ILE Y 165 17.19 -22.17 40.14
C ILE Y 165 16.05 -21.71 41.03
N GLY Y 166 15.70 -20.43 40.96
CA GLY Y 166 14.54 -19.93 41.71
C GLY Y 166 14.70 -18.46 42.01
N LYS Y 167 14.14 -18.03 43.14
CA LYS Y 167 14.37 -16.68 43.64
C LYS Y 167 15.85 -16.47 43.96
N ALA Y 168 16.38 -17.31 44.85
CA ALA Y 168 17.74 -17.15 45.33
C ALA Y 168 18.73 -17.91 44.43
N ARG Y 169 18.81 -17.49 43.17
CA ARG Y 169 19.81 -18.06 42.28
C ARG Y 169 21.19 -17.53 42.61
N GLN Y 170 21.30 -16.22 42.86
CA GLN Y 170 22.57 -15.63 43.26
C GLN Y 170 22.86 -15.88 44.72
N ALA Y 171 21.82 -15.82 45.56
CA ALA Y 171 22.01 -15.94 47.00
C ALA Y 171 22.34 -17.35 47.46
N ALA Y 172 22.17 -18.36 46.61
CA ALA Y 172 22.57 -19.71 46.97
C ALA Y 172 23.98 -20.03 46.49
N LYS Y 173 24.32 -19.64 45.26
CA LYS Y 173 25.62 -19.95 44.70
C LYS Y 173 26.76 -19.16 45.32
N THR Y 174 26.46 -18.18 46.17
CA THR Y 174 27.49 -17.51 46.95
C THR Y 174 28.15 -18.48 47.92
N GLU Y 175 27.35 -19.32 48.58
CA GLU Y 175 27.86 -20.27 49.56
C GLU Y 175 27.98 -21.68 49.03
N ILE Y 176 27.61 -21.93 47.77
CA ILE Y 176 27.96 -23.21 47.15
C ILE Y 176 29.44 -23.26 46.84
N GLU Y 177 29.99 -22.17 46.33
CA GLU Y 177 31.36 -22.12 45.85
C GLU Y 177 32.40 -22.11 46.97
N LYS Y 178 31.99 -22.01 48.24
CA LYS Y 178 32.93 -22.15 49.35
C LYS Y 178 32.97 -23.58 49.88
N LEU Y 179 32.62 -24.55 49.05
CA LEU Y 179 32.70 -25.96 49.42
C LEU Y 179 33.78 -26.65 48.58
N GLN Y 180 34.46 -27.61 49.17
CA GLN Y 180 35.48 -28.38 48.47
C GLN Y 180 34.83 -29.62 47.87
N MET Y 181 34.03 -29.37 46.83
CA MET Y 181 33.20 -30.39 46.21
C MET Y 181 33.97 -31.38 45.34
N LYS Y 182 35.23 -31.10 45.04
CA LYS Y 182 35.99 -31.96 44.14
C LYS Y 182 36.39 -33.28 44.79
N GLU Y 183 36.42 -33.35 46.12
CA GLU Y 183 36.90 -34.53 46.81
C GLU Y 183 35.94 -35.11 47.84
N MET Y 184 34.81 -34.47 48.09
CA MET Y 184 33.87 -35.00 49.07
C MET Y 184 33.11 -36.19 48.51
N THR Y 185 32.61 -37.03 49.42
CA THR Y 185 31.70 -38.10 49.05
C THR Y 185 30.26 -37.60 49.13
N CYS Y 186 29.40 -38.17 48.31
CA CYS Y 186 28.00 -37.76 48.26
C CYS Y 186 27.15 -38.30 49.39
N ARG Y 187 27.74 -38.85 50.45
CA ARG Y 187 27.02 -38.98 51.70
C ARG Y 187 27.26 -37.78 52.60
N ASP Y 188 28.46 -37.21 52.54
CA ASP Y 188 28.75 -35.95 53.24
C ASP Y 188 28.12 -34.76 52.54
N ILE Y 189 27.81 -34.88 51.25
CA ILE Y 189 27.16 -33.79 50.53
C ILE Y 189 25.73 -33.58 51.02
N VAL Y 190 25.05 -34.66 51.39
CA VAL Y 190 23.61 -34.61 51.72
C VAL Y 190 23.37 -33.79 52.97
N LYS Y 191 24.23 -33.93 53.97
CA LYS Y 191 24.12 -33.06 55.15
C LYS Y 191 24.57 -31.64 54.88
N GLU Y 192 25.27 -31.39 53.78
CA GLU Y 192 25.68 -30.03 53.42
C GLU Y 192 24.70 -29.33 52.50
N VAL Y 193 23.90 -30.09 51.75
CA VAL Y 193 22.87 -29.48 50.91
C VAL Y 193 21.77 -28.87 51.76
N ALA Y 194 21.43 -29.54 52.87
CA ALA Y 194 20.28 -29.15 53.68
C ALA Y 194 20.48 -27.82 54.40
N LYS Y 195 21.74 -27.46 54.71
CA LYS Y 195 21.97 -26.16 55.31
C LYS Y 195 21.93 -25.04 54.29
N ILE Y 196 22.20 -25.32 53.01
CA ILE Y 196 22.13 -24.29 51.99
C ILE Y 196 20.68 -23.87 51.77
N ILE Y 197 19.77 -24.83 51.87
CA ILE Y 197 18.34 -24.54 51.76
C ILE Y 197 17.87 -23.72 52.96
N TYR Y 198 18.28 -24.11 54.17
CA TYR Y 198 17.68 -23.52 55.36
C TYR Y 198 18.27 -22.17 55.73
N ILE Y 199 19.42 -21.80 55.15
CA ILE Y 199 19.94 -20.46 55.38
C ILE Y 199 19.05 -19.41 54.73
N VAL Y 200 18.75 -19.58 53.44
CA VAL Y 200 18.12 -18.52 52.66
C VAL Y 200 16.62 -18.79 52.60
N HIS Y 201 15.90 -18.23 53.58
CA HIS Y 201 14.47 -17.94 53.56
C HIS Y 201 13.61 -19.19 53.35
N ASP Y 202 13.65 -20.08 54.34
CA ASP Y 202 12.83 -21.29 54.26
C ASP Y 202 11.37 -21.00 54.61
N GLU Y 203 11.13 -20.35 55.75
CA GLU Y 203 9.77 -19.99 56.16
C GLU Y 203 9.71 -18.62 56.83
N VAL Y 204 10.57 -17.68 56.40
CA VAL Y 204 10.69 -16.41 57.10
C VAL Y 204 9.48 -15.52 56.81
N LYS Y 205 9.29 -15.14 55.56
CA LYS Y 205 8.08 -14.44 55.14
C LYS Y 205 7.08 -15.38 54.49
N ASP Y 206 7.45 -16.63 54.28
CA ASP Y 206 6.54 -17.65 53.80
C ASP Y 206 5.94 -18.40 54.99
N LYS Y 207 5.09 -19.37 54.70
CA LYS Y 207 4.37 -20.09 55.75
C LYS Y 207 5.10 -21.36 56.19
N ALA Y 208 5.29 -22.29 55.26
CA ALA Y 208 5.86 -23.59 55.58
C ALA Y 208 6.57 -24.13 54.36
N PHE Y 209 7.21 -25.27 54.54
CA PHE Y 209 8.04 -25.85 53.51
C PHE Y 209 8.28 -27.32 53.82
N GLU Y 210 8.88 -28.02 52.87
CA GLU Y 210 9.32 -29.40 53.09
C GLU Y 210 10.48 -29.67 52.15
N LEU Y 211 11.52 -30.31 52.67
CA LEU Y 211 12.73 -30.54 51.91
C LEU Y 211 12.67 -31.87 51.18
N GLU Y 212 13.10 -31.88 49.92
CA GLU Y 212 13.21 -33.07 49.11
C GLU Y 212 14.63 -33.18 48.59
N LEU Y 213 15.22 -34.38 48.69
CA LEU Y 213 16.59 -34.60 48.28
C LEU Y 213 16.63 -35.83 47.38
N SER Y 214 16.99 -35.63 46.11
CA SER Y 214 17.20 -36.73 45.19
C SER Y 214 18.68 -37.08 45.15
N TRP Y 215 18.98 -38.23 44.53
CA TRP Y 215 20.22 -38.91 44.86
C TRP Y 215 20.62 -39.95 43.83
N VAL Y 216 21.83 -39.80 43.28
CA VAL Y 216 22.33 -40.70 42.24
C VAL Y 216 23.85 -40.71 42.34
N GLY Y 217 24.44 -41.87 42.12
CA GLY Y 217 25.89 -41.93 42.12
C GLY Y 217 26.39 -43.35 42.30
N GLU Y 218 27.59 -43.45 42.85
CA GLU Y 218 28.27 -44.74 42.96
C GLU Y 218 27.63 -45.63 44.01
N LEU Y 219 27.06 -45.04 45.07
CA LEU Y 219 26.49 -45.86 46.14
C LEU Y 219 25.17 -46.47 45.71
N THR Y 220 24.48 -45.87 44.75
CA THR Y 220 23.24 -46.41 44.23
C THR Y 220 23.46 -47.35 43.05
N ASN Y 221 24.73 -47.56 42.66
CA ASN Y 221 25.12 -48.38 41.50
C ASN Y 221 24.48 -47.87 40.20
N GLY Y 222 24.42 -46.54 40.06
CA GLY Y 222 23.84 -45.92 38.89
C GLY Y 222 22.35 -45.67 38.98
N ARG Y 223 21.68 -46.18 40.00
CA ARG Y 223 20.25 -45.94 40.15
C ARG Y 223 19.99 -44.50 40.59
N HIS Y 224 18.80 -44.01 40.26
CA HIS Y 224 18.37 -42.69 40.72
C HIS Y 224 17.12 -42.86 41.57
N GLU Y 225 17.20 -42.42 42.82
CA GLU Y 225 16.07 -42.51 43.73
C GLU Y 225 16.19 -41.43 44.79
N ILE Y 226 15.13 -41.29 45.57
CA ILE Y 226 15.13 -40.33 46.67
C ILE Y 226 16.00 -40.87 47.80
N VAL Y 227 16.49 -39.97 48.64
CA VAL Y 227 17.36 -40.33 49.76
C VAL Y 227 16.60 -41.16 50.78
N PRO Y 228 17.26 -42.05 51.50
CA PRO Y 228 16.70 -42.58 52.76
C PRO Y 228 17.08 -41.69 53.94
N LYS Y 229 16.62 -40.45 53.86
CA LYS Y 229 16.80 -39.46 54.91
C LYS Y 229 15.64 -39.57 55.90
N ASP Y 230 14.54 -40.19 55.45
CA ASP Y 230 13.38 -40.44 56.27
C ASP Y 230 14.01 -41.29 57.34
N ILE Y 231 14.93 -42.14 56.90
CA ILE Y 231 15.73 -42.94 57.82
C ILE Y 231 16.76 -42.03 58.47
N ARG Y 232 16.72 -41.94 59.80
CA ARG Y 232 17.63 -41.28 60.72
C ARG Y 232 17.57 -39.75 60.69
N GLU Y 233 16.87 -39.19 59.69
CA GLU Y 233 16.41 -37.78 59.67
C GLU Y 233 17.57 -36.79 59.80
N GLU Y 234 18.76 -37.17 59.31
CA GLU Y 234 20.00 -36.50 59.68
C GLU Y 234 20.20 -35.17 58.98
N ALA Y 235 19.47 -34.90 57.90
CA ALA Y 235 19.62 -33.63 57.20
C ALA Y 235 19.11 -32.48 58.05
N GLU Y 236 17.93 -32.65 58.64
CA GLU Y 236 17.36 -31.58 59.46
C GLU Y 236 18.02 -31.50 60.83
N LYS Y 237 18.57 -32.61 61.31
CA LYS Y 237 19.26 -32.59 62.60
C LYS Y 237 20.58 -31.84 62.51
N TYR Y 238 21.20 -31.84 61.35
CA TYR Y 238 22.50 -31.20 61.19
C TYR Y 238 22.37 -29.76 60.69
N ALA Y 239 21.29 -29.44 59.97
CA ALA Y 239 21.14 -28.11 59.42
C ALA Y 239 20.46 -27.15 60.40
N LYS Y 240 19.58 -27.64 61.27
CA LYS Y 240 18.94 -26.77 62.24
C LYS Y 240 19.86 -26.40 63.40
N GLU Y 241 21.03 -27.03 63.51
CA GLU Y 241 22.04 -26.61 64.47
C GLU Y 241 22.81 -25.39 64.02
N SER Y 242 22.59 -24.91 62.78
CA SER Y 242 23.23 -23.73 62.25
C SER Y 242 22.45 -22.45 62.52
N LEU Y 243 21.65 -22.44 63.60
CA LEU Y 243 20.89 -21.24 63.95
C LEU Y 243 21.81 -20.13 64.45
N LYS Y 244 22.94 -20.47 65.04
CA LYS Y 244 23.91 -19.49 65.50
C LYS Y 244 25.33 -19.92 65.13
N THR Z 34 30.60 -68.56 -1.42
CA THR Z 34 30.95 -67.51 -0.47
C THR Z 34 31.21 -68.10 0.90
N THR Z 35 32.35 -67.78 1.49
CA THR Z 35 32.69 -68.24 2.82
C THR Z 35 33.40 -67.11 3.57
N ILE Z 36 32.86 -66.75 4.73
CA ILE Z 36 33.39 -65.67 5.54
C ILE Z 36 33.76 -66.23 6.92
N MET Z 37 34.65 -65.52 7.60
CA MET Z 37 35.29 -66.04 8.78
C MET Z 37 35.65 -64.90 9.72
N ALA Z 38 35.48 -65.13 11.02
CA ALA Z 38 35.81 -64.10 12.01
C ALA Z 38 36.19 -64.78 13.32
N VAL Z 39 37.37 -64.45 13.84
CA VAL Z 39 37.88 -65.01 15.09
C VAL Z 39 38.45 -63.88 15.93
N GLN Z 40 37.99 -63.76 17.17
CA GLN Z 40 38.58 -62.78 18.08
C GLN Z 40 39.72 -63.43 18.86
N PHE Z 41 40.60 -62.58 19.37
CA PHE Z 41 41.70 -63.01 20.22
C PHE Z 41 41.85 -61.97 21.32
N ASP Z 42 42.98 -61.99 22.02
CA ASP Z 42 43.17 -61.16 23.21
C ASP Z 42 43.25 -59.68 22.82
N GLY Z 43 43.99 -59.36 21.77
CA GLY Z 43 44.09 -57.99 21.33
C GLY Z 43 42.86 -57.50 20.59
N GLY Z 44 42.52 -58.16 19.49
CA GLY Z 44 41.38 -57.76 18.67
C GLY Z 44 40.76 -58.94 17.97
N VAL Z 45 40.43 -58.75 16.69
CA VAL Z 45 39.74 -59.75 15.88
C VAL Z 45 40.54 -60.00 14.61
N VAL Z 46 40.21 -61.11 13.94
CA VAL Z 46 40.80 -61.50 12.66
C VAL Z 46 39.68 -61.86 11.71
N LEU Z 47 39.66 -61.26 10.53
CA LEU Z 47 38.64 -61.52 9.53
C LEU Z 47 39.24 -62.22 8.32
N GLY Z 48 38.37 -62.80 7.50
CA GLY Z 48 38.81 -63.49 6.30
C GLY Z 48 37.67 -63.94 5.39
N ALA Z 49 37.92 -63.94 4.09
CA ALA Z 49 36.88 -64.31 3.12
C ALA Z 49 37.53 -64.71 1.80
N ASP Z 50 36.73 -65.40 0.97
CA ASP Z 50 37.07 -65.75 -0.39
C ASP Z 50 36.64 -64.62 -1.33
N SER Z 51 36.69 -64.83 -2.64
CA SER Z 51 36.09 -63.79 -3.48
C SER Z 51 34.91 -64.23 -4.36
N ARG Z 52 35.21 -64.90 -5.49
CA ARG Z 52 34.32 -65.68 -6.38
C ARG Z 52 32.84 -65.33 -6.41
N THR Z 53 32.50 -64.09 -6.76
CA THR Z 53 31.09 -63.72 -6.93
C THR Z 53 30.55 -64.41 -8.17
N THR Z 54 29.64 -65.36 -7.98
CA THR Z 54 29.13 -66.20 -9.05
C THR Z 54 27.70 -65.83 -9.40
N THR Z 55 27.24 -66.37 -10.52
CA THR Z 55 25.84 -66.31 -10.92
C THR Z 55 25.54 -67.55 -11.76
N GLY Z 56 24.61 -68.36 -11.28
CA GLY Z 56 24.39 -69.67 -11.88
C GLY Z 56 25.59 -70.58 -11.66
N SER Z 57 26.32 -70.86 -12.74
CA SER Z 57 27.59 -71.57 -12.65
C SER Z 57 28.71 -70.77 -13.28
N TYR Z 58 28.50 -69.48 -13.50
CA TYR Z 58 29.48 -68.59 -14.12
C TYR Z 58 29.97 -67.59 -13.11
N ILE Z 59 31.29 -67.50 -12.97
CA ILE Z 59 31.91 -66.49 -12.11
C ILE Z 59 31.82 -65.14 -12.82
N ALA Z 60 31.11 -64.19 -12.19
CA ALA Z 60 31.05 -62.85 -12.71
C ALA Z 60 32.25 -62.01 -12.26
N ASN Z 61 32.53 -62.01 -10.96
CA ASN Z 61 33.65 -61.28 -10.41
C ASN Z 61 34.65 -62.28 -9.83
N ARG Z 62 35.91 -62.13 -10.22
CA ARG Z 62 36.93 -63.13 -9.91
C ARG Z 62 37.68 -62.78 -8.64
N VAL Z 63 37.81 -61.50 -8.34
CA VAL Z 63 38.41 -61.04 -7.09
C VAL Z 63 37.53 -59.93 -6.52
N THR Z 64 37.20 -60.02 -5.24
CA THR Z 64 36.10 -59.27 -4.66
C THR Z 64 36.44 -58.89 -3.22
N ASP Z 65 36.21 -57.64 -2.86
CA ASP Z 65 36.30 -57.19 -1.47
C ASP Z 65 35.01 -57.58 -0.76
N LYS Z 66 35.01 -58.76 -0.14
CA LYS Z 66 33.84 -59.20 0.62
C LYS Z 66 33.76 -58.55 2.00
N LEU Z 67 34.81 -57.90 2.45
CA LEU Z 67 34.82 -57.20 3.74
C LEU Z 67 34.85 -55.71 3.49
N THR Z 68 34.08 -54.96 4.28
CA THR Z 68 33.83 -53.56 4.00
C THR Z 68 34.10 -52.72 5.24
N PRO Z 69 34.88 -51.64 5.11
CA PRO Z 69 35.06 -50.73 6.25
C PRO Z 69 33.81 -49.89 6.51
N ILE Z 70 33.47 -49.74 7.79
CA ILE Z 70 32.39 -48.85 8.21
C ILE Z 70 33.03 -47.68 8.93
N HIS Z 71 33.75 -47.99 10.01
CA HIS Z 71 34.49 -46.99 10.76
C HIS Z 71 35.96 -47.38 10.67
N ASP Z 72 36.84 -46.66 11.36
CA ASP Z 72 38.26 -46.97 11.34
C ASP Z 72 38.60 -48.25 12.07
N ARG Z 73 37.73 -48.74 12.94
CA ARG Z 73 37.99 -49.92 13.74
C ARG Z 73 36.97 -51.03 13.55
N ILE Z 74 35.93 -50.81 12.76
CA ILE Z 74 34.82 -51.74 12.66
C ILE Z 74 34.66 -52.15 11.20
N PHE Z 75 34.79 -53.46 10.94
CA PHE Z 75 34.53 -54.02 9.63
C PHE Z 75 33.27 -54.88 9.67
N CYS Z 76 32.78 -55.22 8.48
CA CYS Z 76 31.78 -56.25 8.34
C CYS Z 76 32.07 -57.05 7.08
N CYS Z 77 31.75 -58.33 7.13
CA CYS Z 77 31.86 -59.22 5.97
C CYS Z 77 30.46 -59.71 5.62
N ARG Z 78 30.12 -59.62 4.33
CA ARG Z 78 28.74 -59.74 3.89
C ARG Z 78 28.54 -61.02 3.09
N SER Z 79 27.32 -61.54 3.15
CA SER Z 79 26.96 -62.75 2.42
C SER Z 79 25.47 -62.70 2.08
N GLY Z 80 25.11 -63.43 1.03
CA GLY Z 80 23.75 -63.42 0.54
C GLY Z 80 23.64 -62.76 -0.81
N SER Z 81 22.58 -61.99 -1.03
CA SER Z 81 22.45 -61.26 -2.27
C SER Z 81 23.43 -60.09 -2.29
N ALA Z 82 24.04 -59.85 -3.45
CA ALA Z 82 25.07 -58.83 -3.56
C ALA Z 82 24.47 -57.43 -3.49
N ALA Z 83 23.38 -57.21 -4.22
CA ALA Z 83 22.78 -55.87 -4.28
C ALA Z 83 22.08 -55.49 -2.98
N ASP Z 84 21.66 -56.49 -2.20
CA ASP Z 84 21.01 -56.18 -0.93
C ASP Z 84 22.03 -55.77 0.12
N THR Z 85 23.14 -56.49 0.23
CA THR Z 85 24.12 -56.21 1.27
C THR Z 85 24.92 -54.94 0.99
N GLN Z 86 25.08 -54.56 -0.28
CA GLN Z 86 25.75 -53.31 -0.58
C GLN Z 86 24.89 -52.10 -0.22
N ALA Z 87 23.57 -52.24 -0.33
CA ALA Z 87 22.69 -51.13 0.02
C ALA Z 87 22.59 -50.94 1.53
N VAL Z 88 22.65 -52.04 2.29
CA VAL Z 88 22.57 -51.94 3.74
C VAL Z 88 23.86 -51.37 4.31
N ALA Z 89 25.00 -51.80 3.79
CA ALA Z 89 26.30 -51.35 4.31
C ALA Z 89 26.54 -49.87 4.04
N ASP Z 90 25.91 -49.31 3.02
CA ASP Z 90 26.02 -47.88 2.79
C ASP Z 90 25.18 -47.09 3.79
N ALA Z 91 24.01 -47.60 4.15
CA ALA Z 91 23.12 -46.88 5.06
C ALA Z 91 23.65 -46.92 6.49
N VAL Z 92 24.24 -48.04 6.90
CA VAL Z 92 24.79 -48.15 8.25
C VAL Z 92 26.02 -47.27 8.40
N THR Z 93 26.84 -47.18 7.35
CA THR Z 93 27.99 -46.28 7.36
C THR Z 93 27.53 -44.83 7.39
N TYR Z 94 26.40 -44.53 6.74
CA TYR Z 94 25.83 -43.19 6.83
C TYR Z 94 25.31 -42.88 8.21
N GLN Z 95 24.64 -43.83 8.86
CA GLN Z 95 24.03 -43.56 10.15
C GLN Z 95 25.05 -43.58 11.28
N LEU Z 96 25.94 -44.58 11.28
CA LEU Z 96 26.95 -44.67 12.34
C LEU Z 96 28.00 -43.58 12.19
N GLY Z 97 28.36 -43.24 10.95
CA GLY Z 97 29.33 -42.18 10.73
C GLY Z 97 28.80 -40.82 11.13
N PHE Z 98 27.49 -40.60 10.97
CA PHE Z 98 26.88 -39.37 11.47
C PHE Z 98 26.76 -39.38 12.98
N HIS Z 99 26.58 -40.56 13.57
CA HIS Z 99 26.27 -40.64 14.99
C HIS Z 99 27.48 -40.40 15.88
N SER Z 100 28.67 -40.81 15.42
CA SER Z 100 29.88 -40.65 16.22
C SER Z 100 30.41 -39.23 16.23
N ILE Z 101 30.09 -38.43 15.22
CA ILE Z 101 30.55 -37.05 15.19
C ILE Z 101 29.80 -36.20 16.21
N GLU Z 102 28.53 -36.54 16.46
CA GLU Z 102 27.76 -35.81 17.47
C GLU Z 102 28.27 -36.10 18.87
N LEU Z 103 28.57 -37.37 19.17
CA LEU Z 103 29.04 -37.71 20.51
C LEU Z 103 30.49 -37.31 20.75
N ASN Z 104 31.25 -37.06 19.68
CA ASN Z 104 32.70 -36.78 19.73
C ASN Z 104 33.44 -37.92 20.42
N GLU Z 105 33.02 -39.15 20.13
CA GLU Z 105 33.56 -40.37 20.71
C GLU Z 105 33.65 -41.43 19.64
N PRO Z 106 34.60 -42.36 19.75
CA PRO Z 106 34.60 -43.53 18.87
C PRO Z 106 33.41 -44.42 19.18
N PRO Z 107 32.74 -44.96 18.15
CA PRO Z 107 31.54 -45.74 18.38
C PRO Z 107 31.85 -47.13 18.92
N LEU Z 108 30.81 -47.75 19.48
CA LEU Z 108 30.91 -49.10 20.01
C LEU Z 108 30.62 -50.10 18.90
N VAL Z 109 31.24 -51.29 19.03
CA VAL Z 109 30.99 -52.34 18.05
C VAL Z 109 29.58 -52.90 18.25
N HIS Z 110 29.10 -52.95 19.49
CA HIS Z 110 27.73 -53.38 19.75
C HIS Z 110 26.71 -52.39 19.23
N THR Z 111 27.09 -51.10 19.14
CA THR Z 111 26.21 -50.11 18.55
C THR Z 111 26.04 -50.35 17.06
N ALA Z 112 27.13 -50.70 16.37
CA ALA Z 112 27.06 -50.96 14.94
C ALA Z 112 26.28 -52.22 14.63
N ALA Z 113 26.40 -53.25 15.47
CA ALA Z 113 25.66 -54.49 15.23
C ALA Z 113 24.18 -54.32 15.50
N SER Z 114 23.81 -53.34 16.32
CA SER Z 114 22.39 -53.06 16.54
C SER Z 114 21.74 -52.44 15.32
N LEU Z 115 22.50 -51.66 14.54
CA LEU Z 115 21.92 -50.99 13.38
C LEU Z 115 21.62 -51.94 12.25
N PHE Z 116 22.43 -52.99 12.09
CA PHE Z 116 22.10 -54.02 11.11
C PHE Z 116 20.88 -54.82 11.53
N LYS Z 117 20.66 -54.98 12.84
CA LYS Z 117 19.50 -55.71 13.32
C LYS Z 117 18.22 -54.94 13.06
N GLU Z 118 18.27 -53.61 13.19
CA GLU Z 118 17.07 -52.79 13.01
C GLU Z 118 16.64 -52.69 11.56
N MET Z 119 17.50 -53.04 10.61
CA MET Z 119 17.12 -53.05 9.20
C MET Z 119 16.80 -54.44 8.69
N CYS Z 120 17.54 -55.45 9.13
CA CYS Z 120 17.30 -56.81 8.63
C CYS Z 120 16.03 -57.40 9.22
N TYR Z 121 15.74 -57.12 10.49
CA TYR Z 121 14.51 -57.62 11.07
C TYR Z 121 13.29 -56.86 10.55
N ARG Z 122 13.45 -55.56 10.33
CA ARG Z 122 12.34 -54.76 9.82
C ARG Z 122 12.04 -55.10 8.36
N TYR Z 123 13.07 -55.06 7.51
CA TYR Z 123 12.89 -55.40 6.10
C TYR Z 123 13.23 -56.86 5.84
N ARG Z 124 12.66 -57.76 6.64
CA ARG Z 124 12.70 -59.17 6.28
C ARG Z 124 11.58 -59.46 5.28
N GLU Z 125 11.67 -60.65 4.68
CA GLU Z 125 10.95 -61.08 3.47
C GLU Z 125 11.26 -60.22 2.25
N ASP Z 126 12.32 -59.41 2.32
CA ASP Z 126 12.78 -58.55 1.23
C ASP Z 126 14.27 -58.61 1.00
N LEU Z 127 15.05 -59.04 1.98
CA LEU Z 127 16.50 -59.05 1.89
C LEU Z 127 17.02 -60.43 2.27
N MET Z 128 18.20 -60.75 1.74
CA MET Z 128 18.92 -61.98 2.08
C MET Z 128 20.35 -61.57 2.43
N ALA Z 129 20.60 -61.33 3.71
CA ALA Z 129 21.87 -60.80 4.18
C ALA Z 129 22.48 -61.71 5.22
N GLY Z 130 23.79 -61.90 5.12
CA GLY Z 130 24.54 -62.76 6.02
C GLY Z 130 25.61 -62.02 6.80
N ILE Z 131 25.27 -60.85 7.35
CA ILE Z 131 26.27 -59.93 7.87
C ILE Z 131 26.88 -60.45 9.16
N ILE Z 132 28.22 -60.43 9.22
CA ILE Z 132 28.97 -60.67 10.44
C ILE Z 132 29.78 -59.42 10.74
N ILE Z 133 29.60 -58.86 11.93
CA ILE Z 133 30.22 -57.62 12.35
C ILE Z 133 31.32 -57.94 13.34
N ALA Z 134 32.52 -57.41 13.09
CA ALA Z 134 33.63 -57.59 14.00
C ALA Z 134 34.47 -56.32 14.04
N GLY Z 135 35.20 -56.14 15.14
CA GLY Z 135 36.07 -54.99 15.26
C GLY Z 135 36.49 -54.76 16.69
N TRP Z 136 37.50 -53.92 16.84
CA TRP Z 136 38.03 -53.55 18.14
C TRP Z 136 37.28 -52.34 18.67
N ASP Z 137 37.15 -52.29 20.01
CA ASP Z 137 36.51 -51.20 20.70
C ASP Z 137 37.34 -50.85 21.93
N PRO Z 138 37.49 -49.55 22.25
CA PRO Z 138 38.29 -49.19 23.43
C PRO Z 138 37.67 -49.61 24.75
N GLN Z 139 36.34 -49.68 24.82
CA GLN Z 139 35.70 -50.04 26.09
C GLN Z 139 35.77 -51.55 26.34
N GLU Z 140 35.67 -52.36 25.29
CA GLU Z 140 35.53 -53.79 25.47
C GLU Z 140 36.55 -54.65 24.75
N GLY Z 141 37.35 -54.10 23.85
CA GLY Z 141 38.30 -54.92 23.12
C GLY Z 141 37.68 -55.51 21.86
N GLY Z 142 38.17 -56.69 21.49
CA GLY Z 142 37.66 -57.35 20.29
C GLY Z 142 36.29 -57.95 20.53
N GLN Z 143 35.41 -57.80 19.53
CA GLN Z 143 34.06 -58.35 19.57
C GLN Z 143 33.70 -58.90 18.21
N VAL Z 144 32.90 -59.96 18.21
CA VAL Z 144 32.39 -60.58 16.99
C VAL Z 144 30.90 -60.80 17.16
N TYR Z 145 30.10 -60.26 16.25
CA TYR Z 145 28.66 -60.46 16.26
C TYR Z 145 28.22 -61.14 14.97
N SER Z 146 27.09 -61.84 15.05
CA SER Z 146 26.56 -62.60 13.93
C SER Z 146 25.11 -62.23 13.71
N VAL Z 147 24.80 -61.76 12.51
CA VAL Z 147 23.44 -61.43 12.11
C VAL Z 147 23.10 -62.29 10.89
N PRO Z 148 22.39 -63.39 11.07
CA PRO Z 148 22.04 -64.25 9.93
C PRO Z 148 20.87 -63.73 9.13
N MET Z 149 20.37 -64.55 8.21
CA MET Z 149 19.27 -64.16 7.32
C MET Z 149 17.98 -63.85 8.06
N GLY Z 150 17.80 -64.36 9.27
CA GLY Z 150 16.60 -64.09 10.04
C GLY Z 150 16.51 -62.66 10.54
N GLY Z 151 17.50 -62.23 11.32
CA GLY Z 151 17.50 -60.90 11.86
C GLY Z 151 17.91 -60.84 13.32
N MET Z 152 18.29 -61.99 13.88
CA MET Z 152 18.75 -62.03 15.26
C MET Z 152 20.19 -61.56 15.37
N MET Z 153 20.61 -61.27 16.61
CA MET Z 153 21.94 -60.78 16.90
C MET Z 153 22.48 -61.52 18.11
N VAL Z 154 23.72 -61.99 18.01
CA VAL Z 154 24.34 -62.75 19.10
C VAL Z 154 25.85 -62.55 19.02
N ARG Z 155 26.48 -62.44 20.19
CA ARG Z 155 27.93 -62.36 20.30
C ARG Z 155 28.52 -63.77 20.37
N GLN Z 156 29.62 -63.98 19.66
CA GLN Z 156 30.29 -65.27 19.63
C GLN Z 156 31.79 -65.09 19.77
N SER Z 157 32.47 -66.19 20.09
CA SER Z 157 33.93 -66.18 20.10
C SER Z 157 34.48 -66.24 18.68
N PHE Z 158 34.01 -67.18 17.89
CA PHE Z 158 34.31 -67.24 16.47
C PHE Z 158 33.01 -67.40 15.70
N ALA Z 159 33.03 -67.04 14.42
CA ALA Z 159 31.82 -67.03 13.62
C ALA Z 159 32.16 -67.40 12.18
N ILE Z 160 31.30 -68.24 11.58
CA ILE Z 160 31.40 -68.61 10.18
C ILE Z 160 30.13 -68.15 9.48
N GLY Z 161 30.14 -68.23 8.16
CA GLY Z 161 28.98 -67.82 7.39
C GLY Z 161 29.21 -68.02 5.92
N GLY Z 162 28.12 -67.99 5.17
CA GLY Z 162 28.16 -68.18 3.74
C GLY Z 162 27.70 -69.57 3.35
N SER Z 163 27.73 -69.81 2.03
CA SER Z 163 27.26 -71.09 1.50
C SER Z 163 28.26 -72.21 1.80
N GLY Z 164 29.55 -71.92 1.70
CA GLY Z 164 30.57 -72.92 1.96
C GLY Z 164 30.93 -73.12 3.40
N SER Z 165 30.24 -72.46 4.34
CA SER Z 165 30.55 -72.57 5.75
C SER Z 165 30.06 -73.88 6.35
N SER Z 166 29.18 -74.61 5.68
CA SER Z 166 28.67 -75.85 6.23
C SER Z 166 29.71 -76.97 6.22
N TYR Z 167 30.75 -76.84 5.42
CA TYR Z 167 31.71 -77.92 5.22
C TYR Z 167 32.84 -77.90 6.23
N ILE Z 168 33.02 -76.79 6.94
CA ILE Z 168 34.12 -76.64 7.90
C ILE Z 168 33.61 -76.52 9.32
N TYR Z 169 32.32 -76.80 9.54
CA TYR Z 169 31.75 -76.70 10.89
C TYR Z 169 32.30 -77.78 11.82
N GLY Z 170 32.71 -78.92 11.29
CA GLY Z 170 33.30 -79.96 12.12
C GLY Z 170 34.78 -79.73 12.33
N TYR Z 171 35.41 -78.99 11.42
CA TYR Z 171 36.83 -78.70 11.59
C TYR Z 171 37.06 -77.54 12.54
N VAL Z 172 36.15 -76.55 12.53
CA VAL Z 172 36.42 -75.30 13.22
C VAL Z 172 36.26 -75.43 14.73
N ASP Z 173 35.50 -76.42 15.21
CA ASP Z 173 35.33 -76.59 16.65
C ASP Z 173 36.23 -77.66 17.24
N ALA Z 174 36.80 -78.53 16.41
CA ALA Z 174 37.81 -79.47 16.88
C ALA Z 174 39.20 -78.85 16.88
N THR Z 175 39.38 -77.71 16.21
CA THR Z 175 40.67 -77.05 16.10
C THR Z 175 40.79 -75.82 17.00
N TYR Z 176 39.66 -75.19 17.32
CA TYR Z 176 39.65 -73.96 18.12
C TYR Z 176 40.10 -74.24 19.54
N ARG Z 177 40.83 -73.27 20.11
CA ARG Z 177 41.39 -73.39 21.43
C ARG Z 177 41.37 -72.01 22.08
N GLU Z 178 40.95 -71.96 23.34
CA GLU Z 178 40.83 -70.68 24.03
C GLU Z 178 42.21 -70.15 24.41
N GLY Z 179 42.45 -68.87 24.10
CA GLY Z 179 43.69 -68.23 24.45
C GLY Z 179 44.73 -68.27 23.34
N MET Z 180 44.34 -67.87 22.14
CA MET Z 180 45.26 -67.81 21.02
C MET Z 180 45.93 -66.45 20.95
N THR Z 181 47.04 -66.40 20.24
CA THR Z 181 47.70 -65.15 19.91
C THR Z 181 47.18 -64.65 18.58
N LYS Z 182 47.76 -63.55 18.10
CA LYS Z 182 47.33 -63.02 16.80
C LYS Z 182 47.83 -63.88 15.66
N GLU Z 183 49.09 -64.31 15.73
CA GLU Z 183 49.69 -65.10 14.65
C GLU Z 183 49.10 -66.50 14.57
N GLU Z 184 48.55 -67.01 15.66
CA GLU Z 184 47.85 -68.30 15.59
C GLU Z 184 46.51 -68.15 14.87
N CYS Z 185 45.83 -67.02 15.08
CA CYS Z 185 44.52 -66.82 14.46
C CYS Z 185 44.63 -66.57 12.96
N LEU Z 186 45.69 -65.90 12.52
CA LEU Z 186 45.95 -65.78 11.08
C LEU Z 186 46.29 -67.13 10.48
N GLN Z 187 46.98 -67.98 11.23
CA GLN Z 187 47.20 -69.35 10.78
C GLN Z 187 45.91 -70.16 10.86
N PHE Z 188 45.04 -69.85 11.82
CA PHE Z 188 43.81 -70.62 12.01
C PHE Z 188 42.83 -70.37 10.88
N THR Z 189 42.57 -69.11 10.55
CA THR Z 189 41.59 -68.80 9.52
C THR Z 189 42.10 -69.08 8.11
N ALA Z 190 43.42 -69.13 7.92
CA ALA Z 190 43.96 -69.46 6.59
C ALA Z 190 43.72 -70.92 6.25
N ASN Z 191 43.94 -71.82 7.22
CA ASN Z 191 43.64 -73.22 6.99
C ASN Z 191 42.13 -73.48 6.99
N ALA Z 192 41.38 -72.68 7.74
CA ALA Z 192 39.95 -72.90 7.83
C ALA Z 192 39.23 -72.48 6.55
N LEU Z 193 39.65 -71.39 5.94
CA LEU Z 193 39.02 -70.96 4.69
C LEU Z 193 39.41 -71.87 3.53
N ALA Z 194 40.67 -72.32 3.50
CA ALA Z 194 41.17 -73.11 2.39
C ALA Z 194 40.51 -74.48 2.27
N LEU Z 195 39.93 -74.98 3.36
CA LEU Z 195 39.17 -76.23 3.28
C LEU Z 195 37.78 -76.01 2.70
N ALA Z 196 37.15 -74.88 3.01
CA ALA Z 196 35.92 -74.51 2.32
C ALA Z 196 36.20 -74.06 0.90
N MET Z 197 37.32 -73.38 0.70
CA MET Z 197 37.81 -72.99 -0.62
C MET Z 197 38.57 -74.11 -1.32
N GLU Z 198 38.40 -75.36 -0.89
CA GLU Z 198 39.09 -76.47 -1.53
C GLU Z 198 38.63 -76.64 -2.97
N ARG Z 199 37.35 -76.93 -3.17
CA ARG Z 199 36.83 -76.90 -4.53
C ARG Z 199 35.45 -76.26 -4.67
N ASP Z 200 34.63 -76.22 -3.61
CA ASP Z 200 33.19 -75.90 -3.58
C ASP Z 200 32.81 -74.69 -4.41
N GLY Z 201 31.83 -74.88 -5.30
CA GLY Z 201 31.63 -74.05 -6.49
C GLY Z 201 31.33 -72.60 -6.22
N SER Z 202 30.82 -72.27 -5.05
CA SER Z 202 30.60 -70.88 -4.68
C SER Z 202 31.77 -70.28 -3.93
N SER Z 203 32.90 -70.98 -3.85
CA SER Z 203 34.02 -70.56 -3.03
C SER Z 203 35.33 -70.86 -3.74
N GLY Z 204 36.41 -70.25 -3.24
CA GLY Z 204 37.73 -70.36 -3.79
C GLY Z 204 38.26 -69.00 -4.16
N GLY Z 205 39.15 -68.96 -5.14
CA GLY Z 205 39.66 -67.70 -5.63
C GLY Z 205 40.93 -67.27 -4.93
N VAL Z 206 40.79 -66.33 -3.99
CA VAL Z 206 41.94 -65.77 -3.27
C VAL Z 206 41.49 -65.45 -1.85
N ILE Z 207 42.44 -65.44 -0.92
CA ILE Z 207 42.15 -65.20 0.50
C ILE Z 207 42.48 -63.76 0.83
N ARG Z 208 41.51 -63.04 1.36
CA ARG Z 208 41.71 -61.68 1.87
C ARG Z 208 41.56 -61.71 3.39
N LEU Z 209 42.62 -61.33 4.09
CA LEU Z 209 42.64 -61.35 5.55
C LEU Z 209 42.74 -59.94 6.08
N ALA Z 210 42.30 -59.75 7.32
CA ALA Z 210 42.36 -58.45 7.98
C ALA Z 210 42.45 -58.66 9.48
N ALA Z 211 43.34 -57.92 10.13
CA ALA Z 211 43.52 -57.96 11.56
C ALA Z 211 43.30 -56.57 12.14
N ILE Z 212 42.39 -56.47 13.10
CA ILE Z 212 42.01 -55.19 13.70
C ILE Z 212 42.44 -55.24 15.16
N ALA Z 213 43.23 -54.24 15.58
CA ALA Z 213 43.67 -54.15 16.95
C ALA Z 213 43.63 -52.68 17.36
N GLU Z 214 44.23 -52.38 18.51
CA GLU Z 214 44.30 -51.01 19.01
C GLU Z 214 45.24 -50.16 18.17
N SER Z 215 46.30 -50.78 17.63
CA SER Z 215 47.30 -50.02 16.88
C SER Z 215 46.77 -49.60 15.52
N GLY Z 216 46.41 -50.56 14.69
CA GLY Z 216 45.94 -50.26 13.36
C GLY Z 216 45.19 -51.41 12.76
N VAL Z 217 45.04 -51.35 11.43
CA VAL Z 217 44.37 -52.40 10.67
C VAL Z 217 45.35 -52.91 9.63
N GLU Z 218 45.71 -54.19 9.74
CA GLU Z 218 46.60 -54.83 8.79
C GLU Z 218 45.80 -55.72 7.85
N ARG Z 219 45.78 -55.37 6.57
CA ARG Z 219 45.08 -56.15 5.56
C ARG Z 219 46.10 -56.74 4.61
N GLN Z 220 45.89 -58.00 4.24
CA GLN Z 220 46.81 -58.69 3.33
C GLN Z 220 46.04 -59.68 2.47
N VAL Z 221 46.64 -60.01 1.34
CA VAL Z 221 46.05 -60.92 0.36
C VAL Z 221 46.96 -62.13 0.24
N LEU Z 222 46.39 -63.32 0.40
CA LEU Z 222 47.17 -64.54 0.45
C LEU Z 222 46.88 -65.39 -0.77
N LEU Z 223 47.94 -65.87 -1.41
CA LEU Z 223 47.84 -66.78 -2.54
C LEU Z 223 49.11 -67.63 -2.61
N GLY Z 224 48.94 -68.92 -2.88
CA GLY Z 224 50.07 -69.84 -2.93
C GLY Z 224 50.64 -70.16 -1.56
N THR AA 43 24.31 -58.74 -28.50
CA THR AA 43 24.83 -57.63 -27.70
C THR AA 43 26.11 -58.04 -26.98
N THR AA 44 27.19 -57.32 -27.27
CA THR AA 44 28.49 -57.59 -26.67
C THR AA 44 29.18 -56.26 -26.41
N ILE AA 45 29.35 -55.91 -25.14
CA ILE AA 45 30.06 -54.71 -24.75
C ILE AA 45 31.21 -55.09 -23.83
N ALA AA 46 32.26 -54.28 -23.85
CA ALA AA 46 33.46 -54.59 -23.09
C ALA AA 46 34.22 -53.31 -22.79
N GLY AA 47 35.07 -53.37 -21.78
CA GLY AA 47 35.90 -52.23 -21.41
C GLY AA 47 37.21 -52.72 -20.82
N VAL AA 48 38.19 -51.81 -20.79
CA VAL AA 48 39.53 -52.13 -20.32
C VAL AA 48 40.17 -50.84 -19.82
N VAL AA 49 41.18 -50.97 -18.98
CA VAL AA 49 41.93 -49.84 -18.45
C VAL AA 49 43.39 -50.05 -18.81
N TYR AA 50 43.92 -49.20 -19.68
CA TYR AA 50 45.33 -49.25 -20.03
C TYR AA 50 46.09 -48.25 -19.17
N LYS AA 51 47.36 -48.02 -19.53
CA LYS AA 51 48.28 -47.26 -18.67
C LYS AA 51 47.91 -45.78 -18.54
N ASP AA 52 47.07 -45.24 -19.44
CA ASP AA 52 46.70 -43.84 -19.37
C ASP AA 52 45.19 -43.60 -19.33
N GLY AA 53 44.38 -44.52 -19.79
CA GLY AA 53 42.94 -44.31 -19.81
C GLY AA 53 42.11 -45.55 -19.97
N ILE AA 54 40.96 -45.39 -20.60
CA ILE AA 54 39.94 -46.43 -20.72
C ILE AA 54 39.48 -46.51 -22.16
N VAL AA 55 39.43 -47.73 -22.71
CA VAL AA 55 38.90 -47.99 -24.03
C VAL AA 55 37.61 -48.79 -23.86
N LEU AA 56 36.53 -48.31 -24.47
CA LEU AA 56 35.25 -49.01 -24.47
C LEU AA 56 34.95 -49.54 -25.86
N GLY AA 57 34.13 -50.58 -25.90
CA GLY AA 57 33.75 -51.20 -27.17
C GLY AA 57 32.35 -51.76 -27.10
N ALA AA 58 31.68 -51.79 -28.24
CA ALA AA 58 30.31 -52.24 -28.34
C ALA AA 58 30.04 -52.74 -29.76
N ASP AA 59 28.78 -53.03 -30.05
CA ASP AA 59 28.39 -53.46 -31.39
C ASP AA 59 27.13 -52.72 -31.86
N THR AA 60 26.61 -53.07 -33.03
CA THR AA 60 25.58 -52.29 -33.72
C THR AA 60 24.43 -53.16 -34.19
N ARG AA 61 23.86 -53.97 -33.30
CA ARG AA 61 22.66 -54.72 -33.64
C ARG AA 61 21.69 -54.72 -32.48
N ALA AA 62 20.43 -54.41 -32.78
CA ALA AA 62 19.32 -54.62 -31.86
C ALA AA 62 18.30 -55.51 -32.56
N THR AA 63 17.90 -56.58 -31.89
CA THR AA 63 16.98 -57.56 -32.47
C THR AA 63 15.66 -57.56 -31.72
N GLU AA 64 14.61 -57.96 -32.42
CA GLU AA 64 13.29 -58.19 -31.86
C GLU AA 64 12.91 -59.63 -32.11
N GLY AA 65 12.83 -60.44 -31.06
CA GLY AA 65 12.65 -61.86 -31.25
C GLY AA 65 13.94 -62.46 -31.78
N MET AA 66 13.85 -63.12 -32.92
CA MET AA 66 15.03 -63.63 -33.61
C MET AA 66 15.18 -62.98 -34.98
N VAL AA 67 14.69 -61.75 -35.12
CA VAL AA 67 14.75 -60.99 -36.36
C VAL AA 67 15.57 -59.74 -36.10
N VAL AA 68 16.53 -59.47 -36.98
CA VAL AA 68 17.39 -58.30 -36.84
C VAL AA 68 16.57 -57.05 -37.12
N ALA AA 69 16.34 -56.23 -36.09
CA ALA AA 69 15.57 -55.02 -36.27
C ALA AA 69 16.43 -53.88 -36.78
N ASP AA 70 17.63 -53.71 -36.23
CA ASP AA 70 18.50 -52.61 -36.57
C ASP AA 70 19.88 -53.14 -36.96
N LYS AA 71 20.42 -52.60 -38.04
CA LYS AA 71 21.77 -52.92 -38.48
C LYS AA 71 22.81 -51.92 -38.00
N ASN AA 72 22.38 -50.80 -37.41
CA ASN AA 72 23.31 -49.79 -36.92
C ASN AA 72 22.63 -49.09 -35.74
N CYS AA 73 22.98 -49.52 -34.53
CA CYS AA 73 22.47 -48.94 -33.30
C CYS AA 73 23.64 -48.48 -32.45
N SER AA 74 23.47 -47.33 -31.80
CA SER AA 74 24.50 -46.76 -30.94
C SER AA 74 24.28 -47.26 -29.51
N LYS AA 75 25.29 -47.92 -28.95
CA LYS AA 75 25.22 -48.46 -27.60
C LYS AA 75 26.14 -47.77 -26.62
N ILE AA 76 26.94 -46.80 -27.09
CA ILE AA 76 27.82 -46.02 -26.23
C ILE AA 76 27.15 -44.67 -26.02
N HIS AA 77 26.87 -44.33 -24.77
CA HIS AA 77 26.07 -43.16 -24.44
C HIS AA 77 26.92 -42.11 -23.76
N PHE AA 78 26.58 -40.85 -24.02
CA PHE AA 78 27.26 -39.73 -23.40
C PHE AA 78 26.77 -39.54 -21.96
N ILE AA 79 27.70 -39.26 -21.06
CA ILE AA 79 27.40 -38.90 -19.67
C ILE AA 79 27.95 -37.53 -19.32
N SER AA 80 29.26 -37.36 -19.45
CA SER AA 80 29.93 -36.11 -19.18
C SER AA 80 31.09 -36.02 -20.16
N PRO AA 81 31.74 -34.87 -20.30
CA PRO AA 81 32.93 -34.79 -21.16
C PRO AA 81 34.14 -35.62 -20.70
N ASN AA 82 34.06 -36.39 -19.62
CA ASN AA 82 35.06 -37.39 -19.30
C ASN AA 82 34.52 -38.78 -19.08
N ILE AA 83 33.20 -38.96 -19.01
CA ILE AA 83 32.59 -40.24 -18.64
C ILE AA 83 31.66 -40.67 -19.76
N TYR AA 84 31.77 -41.94 -20.17
CA TYR AA 84 30.83 -42.56 -21.08
C TYR AA 84 30.33 -43.87 -20.48
N CYS AA 85 29.28 -44.41 -21.08
CA CYS AA 85 28.62 -45.59 -20.53
C CYS AA 85 28.03 -46.44 -21.64
N CYS AA 86 28.33 -47.74 -21.61
CA CYS AA 86 27.78 -48.69 -22.56
C CYS AA 86 26.53 -49.34 -21.97
N GLY AA 87 25.55 -49.57 -22.82
CA GLY AA 87 24.25 -50.07 -22.38
C GLY AA 87 24.00 -51.49 -22.87
N ALA AA 88 23.36 -52.28 -22.01
CA ALA AA 88 23.00 -53.66 -22.35
C ALA AA 88 21.74 -54.03 -21.60
N GLY AA 89 20.95 -54.92 -22.21
CA GLY AA 89 19.69 -55.32 -21.62
C GLY AA 89 18.50 -54.79 -22.39
N THR AA 90 17.47 -54.35 -21.69
CA THR AA 90 16.32 -53.72 -22.33
C THR AA 90 16.73 -52.36 -22.86
N ALA AA 91 16.47 -52.12 -24.16
CA ALA AA 91 17.02 -50.95 -24.83
C ALA AA 91 16.39 -49.65 -24.34
N ALA AA 92 15.07 -49.64 -24.16
CA ALA AA 92 14.42 -48.43 -23.68
C ALA AA 92 14.67 -48.19 -22.20
N ASP AA 93 14.96 -49.23 -21.43
CA ASP AA 93 15.32 -49.03 -20.03
C ASP AA 93 16.71 -48.41 -19.89
N THR AA 94 17.66 -48.81 -20.75
CA THR AA 94 18.99 -48.24 -20.67
C THR AA 94 19.02 -46.81 -21.20
N ASP AA 95 18.18 -46.49 -22.19
CA ASP AA 95 18.18 -45.16 -22.78
C ASP AA 95 17.63 -44.12 -21.82
N MET AA 96 16.49 -44.42 -21.20
CA MET AA 96 15.86 -43.45 -20.30
C MET AA 96 16.60 -43.33 -18.97
N THR AA 97 17.41 -44.33 -18.61
CA THR AA 97 18.19 -44.22 -17.39
C THR AA 97 19.45 -43.40 -17.62
N THR AA 98 20.13 -43.62 -18.75
CA THR AA 98 21.39 -42.93 -19.02
C THR AA 98 21.21 -41.46 -19.36
N GLN AA 99 19.98 -41.03 -19.67
CA GLN AA 99 19.72 -39.62 -19.91
C GLN AA 99 19.36 -38.86 -18.65
N LEU AA 100 18.75 -39.55 -17.67
CA LEU AA 100 18.40 -38.89 -16.41
C LEU AA 100 19.63 -38.57 -15.59
N ILE AA 101 20.54 -39.54 -15.45
CA ILE AA 101 21.72 -39.36 -14.62
C ILE AA 101 22.69 -38.39 -15.27
N SER AA 102 22.77 -38.41 -16.60
CA SER AA 102 23.56 -37.41 -17.32
C SER AA 102 22.98 -36.02 -17.18
N SER AA 103 21.67 -35.90 -16.97
CA SER AA 103 21.08 -34.60 -16.69
C SER AA 103 21.37 -34.14 -15.27
N ASN AA 104 21.47 -35.07 -14.32
CA ASN AA 104 21.78 -34.69 -12.95
C ASN AA 104 23.23 -34.28 -12.76
N LEU AA 105 24.15 -34.93 -13.48
CA LEU AA 105 25.56 -34.54 -13.37
C LEU AA 105 25.84 -33.21 -14.04
N GLU AA 106 25.11 -32.89 -15.11
CA GLU AA 106 25.19 -31.57 -15.69
C GLU AA 106 24.62 -30.53 -14.74
N LEU AA 107 23.57 -30.90 -14.01
CA LEU AA 107 23.07 -30.05 -12.93
C LEU AA 107 24.06 -29.97 -11.78
N HIS AA 108 24.77 -31.05 -11.49
CA HIS AA 108 25.67 -31.08 -10.34
C HIS AA 108 26.95 -30.30 -10.61
N SER AA 109 27.60 -30.56 -11.75
CA SER AA 109 28.92 -29.97 -12.00
C SER AA 109 28.85 -28.50 -12.32
N LEU AA 110 27.76 -28.06 -12.97
CA LEU AA 110 27.62 -26.64 -13.26
C LEU AA 110 27.30 -25.86 -12.00
N SER AA 111 26.60 -26.48 -11.05
CA SER AA 111 26.43 -25.86 -9.74
C SER AA 111 27.71 -25.89 -8.93
N THR AA 112 28.49 -26.97 -9.07
CA THR AA 112 29.73 -27.08 -8.33
C THR AA 112 30.82 -26.19 -8.93
N GLY AA 113 30.97 -26.25 -10.25
CA GLY AA 113 31.99 -25.48 -10.93
C GLY AA 113 33.26 -26.22 -11.25
N ARG AA 114 33.24 -27.55 -11.26
CA ARG AA 114 34.43 -28.33 -11.57
C ARG AA 114 34.01 -29.63 -12.24
N LEU AA 115 35.00 -30.45 -12.54
CA LEU AA 115 34.83 -31.66 -13.32
C LEU AA 115 34.17 -32.74 -12.44
N PRO AA 116 33.24 -33.53 -13.01
CA PRO AA 116 32.58 -34.57 -12.21
C PRO AA 116 33.50 -35.72 -11.87
N ARG AA 117 33.01 -36.60 -11.00
CA ARG AA 117 33.72 -37.80 -10.60
C ARG AA 117 32.94 -39.04 -11.05
N VAL AA 118 33.69 -40.10 -11.36
CA VAL AA 118 33.07 -41.35 -11.79
C VAL AA 118 32.35 -42.02 -10.62
N VAL AA 119 32.88 -41.84 -9.40
CA VAL AA 119 32.24 -42.40 -8.21
C VAL AA 119 30.91 -41.72 -7.89
N THR AA 120 30.67 -40.51 -8.41
CA THR AA 120 29.37 -39.88 -8.23
C THR AA 120 28.33 -40.53 -9.14
N ALA AA 121 28.70 -40.81 -10.40
CA ALA AA 121 27.80 -41.51 -11.30
C ALA AA 121 27.61 -42.97 -10.90
N ASN AA 122 28.58 -43.54 -10.19
CA ASN AA 122 28.41 -44.89 -9.65
C ASN AA 122 27.36 -44.89 -8.55
N ARG AA 123 27.36 -43.87 -7.69
CA ARG AA 123 26.46 -43.85 -6.55
C ARG AA 123 25.03 -43.53 -6.98
N MET AA 124 24.86 -42.72 -8.04
CA MET AA 124 23.51 -42.39 -8.49
C MET AA 124 22.83 -43.58 -9.14
N LEU AA 125 23.58 -44.39 -9.89
CA LEU AA 125 22.97 -45.49 -10.64
C LEU AA 125 22.56 -46.63 -9.72
N LYS AA 126 23.46 -47.04 -8.81
CA LYS AA 126 23.15 -48.18 -7.95
C LYS AA 126 22.11 -47.86 -6.89
N GLN AA 127 21.93 -46.58 -6.56
CA GLN AA 127 20.89 -46.20 -5.63
C GLN AA 127 19.53 -46.05 -6.29
N MET AA 128 19.51 -45.70 -7.59
CA MET AA 128 18.26 -45.64 -8.32
C MET AA 128 17.75 -47.04 -8.65
N LEU AA 129 18.63 -47.90 -9.17
CA LEU AA 129 18.22 -49.24 -9.60
C LEU AA 129 17.85 -50.14 -8.45
N PHE AA 130 18.35 -49.88 -7.25
CA PHE AA 130 17.95 -50.67 -6.08
C PHE AA 130 16.52 -50.34 -5.67
N ARG AA 131 16.07 -49.13 -5.96
CA ARG AA 131 14.73 -48.72 -5.55
C ARG AA 131 13.65 -49.38 -6.39
N TYR AA 132 13.96 -49.71 -7.64
CA TYR AA 132 13.00 -50.37 -8.52
C TYR AA 132 13.01 -51.89 -8.40
N GLN AA 133 13.84 -52.42 -7.50
CA GLN AA 133 13.90 -53.85 -7.15
C GLN AA 133 14.21 -54.73 -8.35
N GLY AA 134 15.02 -54.23 -9.27
CA GLY AA 134 15.38 -55.01 -10.44
C GLY AA 134 14.33 -55.08 -11.52
N TYR AA 135 13.27 -54.26 -11.44
CA TYR AA 135 12.26 -54.27 -12.49
C TYR AA 135 12.79 -53.63 -13.76
N ILE AA 136 13.56 -52.55 -13.63
CA ILE AA 136 14.21 -51.93 -14.78
C ILE AA 136 15.41 -52.77 -15.15
N GLY AA 137 15.37 -53.36 -16.34
CA GLY AA 137 16.47 -54.21 -16.78
C GLY AA 137 17.55 -53.42 -17.48
N ALA AA 138 18.62 -53.08 -16.76
CA ALA AA 138 19.71 -52.29 -17.28
C ALA AA 138 21.03 -52.90 -16.84
N ALA AA 139 21.90 -53.17 -17.81
CA ALA AA 139 23.24 -53.67 -17.55
C ALA AA 139 24.23 -52.69 -18.14
N LEU AA 140 25.00 -52.03 -17.28
CA LEU AA 140 25.81 -50.90 -17.70
C LEU AA 140 27.28 -51.14 -17.41
N VAL AA 141 28.12 -50.59 -18.27
CA VAL AA 141 29.56 -50.52 -18.07
C VAL AA 141 29.93 -49.05 -17.98
N LEU AA 142 30.41 -48.63 -16.83
CA LEU AA 142 30.68 -47.22 -16.55
C LEU AA 142 32.19 -47.01 -16.54
N GLY AA 143 32.64 -46.00 -17.29
CA GLY AA 143 34.06 -45.70 -17.37
C GLY AA 143 34.37 -44.25 -17.59
N GLY AA 144 35.41 -43.75 -16.93
CA GLY AA 144 35.81 -42.36 -17.10
C GLY AA 144 37.11 -42.09 -16.38
N VAL AA 145 37.65 -40.90 -16.63
CA VAL AA 145 38.92 -40.47 -16.05
C VAL AA 145 38.66 -39.25 -15.18
N ASP AA 146 39.00 -39.37 -13.90
CA ASP AA 146 38.84 -38.29 -12.93
C ASP AA 146 40.19 -37.65 -12.64
N VAL AA 147 40.20 -36.78 -11.63
CA VAL AA 147 41.46 -36.29 -11.07
C VAL AA 147 42.24 -37.44 -10.46
N THR AA 148 41.54 -38.38 -9.81
CA THR AA 148 42.17 -39.55 -9.21
C THR AA 148 42.60 -40.59 -10.22
N GLY AA 149 42.22 -40.45 -11.50
CA GLY AA 149 42.63 -41.38 -12.52
C GLY AA 149 41.46 -42.08 -13.17
N PRO AA 150 41.74 -43.08 -14.00
CA PRO AA 150 40.67 -43.81 -14.66
C PRO AA 150 39.98 -44.78 -13.70
N HIS AA 151 38.68 -44.99 -13.94
CA HIS AA 151 37.88 -45.88 -13.12
C HIS AA 151 36.85 -46.60 -13.99
N LEU AA 152 36.78 -47.91 -13.84
CA LEU AA 152 35.89 -48.74 -14.63
C LEU AA 152 34.97 -49.52 -13.71
N TYR AA 153 33.67 -49.53 -14.01
CA TYR AA 153 32.69 -50.21 -13.18
C TYR AA 153 31.79 -51.09 -14.04
N SER AA 154 31.10 -52.01 -13.38
CA SER AA 154 30.10 -52.86 -14.02
C SER AA 154 28.87 -52.89 -13.14
N ILE AA 155 27.72 -52.57 -13.70
CA ILE AA 155 26.48 -52.40 -12.95
C ILE AA 155 25.45 -53.38 -13.48
N TYR AA 156 24.87 -54.15 -12.58
CA TYR AA 156 23.83 -55.17 -12.69
C TYR AA 156 22.47 -54.57 -12.32
N PRO AA 157 21.36 -55.05 -12.91
CA PRO AA 157 20.09 -54.34 -12.76
C PRO AA 157 19.45 -54.43 -11.39
N HIS AA 158 20.02 -55.17 -10.43
CA HIS AA 158 19.53 -55.14 -9.07
C HIS AA 158 20.25 -54.11 -8.20
N GLY AA 159 21.39 -53.61 -8.65
CA GLY AA 159 22.13 -52.60 -7.94
C GLY AA 159 23.49 -53.00 -7.39
N SER AA 160 24.08 -54.07 -7.89
CA SER AA 160 25.40 -54.52 -7.44
C SER AA 160 26.46 -54.00 -8.40
N THR AA 161 27.49 -53.36 -7.84
CA THR AA 161 28.55 -52.74 -8.63
C THR AA 161 29.89 -53.35 -8.28
N ASP AA 162 30.77 -53.42 -9.29
CA ASP AA 162 32.09 -54.01 -9.15
C ASP AA 162 33.11 -53.13 -9.86
N LYS AA 163 34.15 -52.72 -9.12
CA LYS AA 163 35.29 -52.06 -9.74
C LYS AA 163 36.27 -53.11 -10.24
N LEU AA 164 36.52 -53.12 -11.54
CA LEU AA 164 37.36 -54.12 -12.18
C LEU AA 164 38.21 -53.47 -13.24
N PRO AA 165 39.39 -54.03 -13.53
CA PRO AA 165 40.19 -53.51 -14.65
C PRO AA 165 39.65 -53.86 -16.03
N TYR AA 166 38.85 -54.90 -16.16
CA TYR AA 166 38.24 -55.24 -17.44
C TYR AA 166 36.94 -56.00 -17.19
N VAL AA 167 35.90 -55.64 -17.94
CA VAL AA 167 34.57 -56.23 -17.78
C VAL AA 167 33.98 -56.51 -19.15
N THR AA 168 33.04 -57.47 -19.18
CA THR AA 168 32.19 -57.70 -20.35
C THR AA 168 30.75 -57.85 -19.86
N MET AA 169 29.82 -57.29 -20.63
CA MET AA 169 28.40 -57.47 -20.37
C MET AA 169 27.69 -57.78 -21.68
N GLY AA 170 26.48 -58.27 -21.58
CA GLY AA 170 25.67 -58.59 -22.74
C GLY AA 170 25.52 -60.09 -22.93
N SER AA 171 24.86 -60.44 -24.05
CA SER AA 171 24.62 -61.85 -24.35
C SER AA 171 25.90 -62.55 -24.80
N GLY AA 172 26.74 -61.86 -25.57
CA GLY AA 172 27.99 -62.45 -26.01
C GLY AA 172 29.15 -62.09 -25.12
N SER AA 173 28.87 -61.81 -23.84
CA SER AA 173 29.91 -61.47 -22.89
C SER AA 173 30.78 -62.67 -22.54
N LEU AA 174 30.27 -63.89 -22.73
CA LEU AA 174 31.07 -65.07 -22.43
C LEU AA 174 32.18 -65.24 -23.44
N ALA AA 175 31.93 -64.86 -24.69
CA ALA AA 175 32.95 -65.00 -25.73
C ALA AA 175 34.01 -63.91 -25.61
N ALA AA 176 33.61 -62.69 -25.26
CA ALA AA 176 34.56 -61.59 -25.19
C ALA AA 176 35.47 -61.70 -23.98
N MET AA 177 34.97 -62.30 -22.90
CA MET AA 177 35.76 -62.45 -21.68
C MET AA 177 36.90 -63.45 -21.85
N ALA AA 178 36.72 -64.48 -22.67
CA ALA AA 178 37.78 -65.46 -22.90
C ALA AA 178 38.94 -64.85 -23.66
N VAL AA 179 38.69 -63.81 -24.45
CA VAL AA 179 39.77 -63.12 -25.16
C VAL AA 179 40.59 -62.28 -24.19
N PHE AA 180 39.93 -61.69 -23.19
CA PHE AA 180 40.62 -60.86 -22.20
C PHE AA 180 41.58 -61.69 -21.36
N GLU AA 181 41.06 -62.73 -20.68
CA GLU AA 181 41.85 -63.54 -19.76
C GLU AA 181 43.00 -64.26 -20.44
N ASP AA 182 42.89 -64.51 -21.74
CA ASP AA 182 44.01 -65.09 -22.48
C ASP AA 182 45.08 -64.03 -22.77
N LYS AA 183 44.68 -62.78 -22.99
CA LYS AA 183 45.60 -61.80 -23.58
C LYS AA 183 45.67 -60.47 -22.81
N PHE AA 184 45.15 -60.39 -21.60
CA PHE AA 184 45.29 -59.16 -20.82
C PHE AA 184 46.60 -59.17 -20.06
N ARG AA 185 47.24 -58.00 -20.04
CA ARG AA 185 48.41 -57.75 -19.22
C ARG AA 185 48.28 -56.32 -18.71
N PRO AA 186 48.76 -56.04 -17.51
CA PRO AA 186 48.57 -54.69 -16.94
C PRO AA 186 49.47 -53.66 -17.61
N ASP AA 187 48.93 -52.43 -17.68
CA ASP AA 187 49.61 -51.25 -18.22
C ASP AA 187 50.03 -51.45 -19.67
N MET AA 188 49.04 -51.63 -20.53
CA MET AA 188 49.28 -51.71 -21.95
C MET AA 188 49.42 -50.31 -22.55
N GLU AA 189 49.76 -50.27 -23.82
CA GLU AA 189 49.91 -49.00 -24.53
C GLU AA 189 48.59 -48.63 -25.20
N GLU AA 190 48.63 -47.63 -26.07
CA GLU AA 190 47.41 -47.14 -26.70
C GLU AA 190 46.89 -48.10 -27.76
N GLU AA 191 47.71 -48.37 -28.79
CA GLU AA 191 47.26 -49.24 -29.86
C GLU AA 191 47.23 -50.70 -29.46
N GLU AA 192 47.98 -51.07 -28.41
CA GLU AA 192 47.89 -52.42 -27.88
C GLU AA 192 46.54 -52.67 -27.23
N ALA AA 193 46.02 -51.68 -26.49
CA ALA AA 193 44.73 -51.82 -25.86
C ALA AA 193 43.58 -51.72 -26.85
N LYS AA 194 43.73 -50.87 -27.89
CA LYS AA 194 42.70 -50.79 -28.93
C LYS AA 194 42.63 -52.06 -29.75
N ASN AA 195 43.75 -52.75 -29.92
CA ASN AA 195 43.75 -54.01 -30.65
C ASN AA 195 43.09 -55.13 -29.85
N LEU AA 196 43.15 -55.06 -28.52
CA LEU AA 196 42.59 -56.12 -27.69
C LEU AA 196 41.07 -56.05 -27.66
N VAL AA 197 40.52 -54.84 -27.60
CA VAL AA 197 39.07 -54.68 -27.49
C VAL AA 197 38.38 -55.04 -28.80
N SER AA 198 38.91 -54.57 -29.92
CA SER AA 198 38.33 -54.90 -31.22
C SER AA 198 38.48 -56.38 -31.55
N GLU AA 199 39.49 -57.03 -30.99
CA GLU AA 199 39.58 -58.48 -31.07
C GLU AA 199 38.53 -59.16 -30.20
N ALA AA 200 38.27 -58.61 -29.01
CA ALA AA 200 37.35 -59.26 -28.08
C ALA AA 200 35.90 -59.07 -28.49
N ILE AA 201 35.57 -57.92 -29.08
CA ILE AA 201 34.21 -57.70 -29.56
C ILE AA 201 33.91 -58.58 -30.76
N ALA AA 202 34.91 -58.78 -31.64
CA ALA AA 202 34.72 -59.59 -32.84
C ALA AA 202 34.51 -61.05 -32.51
N ALA AA 203 35.00 -61.52 -31.35
CA ALA AA 203 34.72 -62.88 -30.93
C ALA AA 203 33.25 -63.08 -30.60
N GLY AA 204 32.59 -62.04 -30.07
CA GLY AA 204 31.16 -62.13 -29.85
C GLY AA 204 30.33 -61.92 -31.10
N ILE AA 205 30.89 -61.26 -32.12
CA ILE AA 205 30.15 -61.02 -33.35
C ILE AA 205 30.01 -62.31 -34.14
N PHE AA 206 31.06 -63.13 -34.16
CA PHE AA 206 31.00 -64.45 -34.78
C PHE AA 206 30.45 -65.51 -33.84
N ASN AA 207 29.85 -65.10 -32.73
CA ASN AA 207 28.92 -65.89 -31.96
C ASN AA 207 27.51 -65.35 -32.24
N ASP AA 208 26.49 -66.08 -31.82
CA ASP AA 208 25.12 -65.67 -32.13
C ASP AA 208 24.74 -64.45 -31.31
N LEU AA 209 23.73 -63.73 -31.81
CA LEU AA 209 23.40 -62.36 -31.40
C LEU AA 209 24.63 -61.46 -31.49
N GLY AA 210 25.28 -61.52 -32.63
CA GLY AA 210 26.44 -60.69 -32.90
C GLY AA 210 25.99 -59.36 -33.43
N SER AA 211 26.48 -58.96 -34.60
CA SER AA 211 26.12 -57.65 -35.10
C SER AA 211 26.21 -57.59 -36.61
N GLY AA 212 25.59 -56.55 -37.15
CA GLY AA 212 25.71 -56.24 -38.57
C GLY AA 212 27.15 -55.77 -38.86
N SER AA 213 27.98 -55.76 -37.81
CA SER AA 213 29.43 -55.44 -37.80
C SER AA 213 30.04 -54.03 -37.86
N ASN AA 214 29.63 -53.09 -37.02
CA ASN AA 214 30.38 -51.83 -37.04
C ASN AA 214 30.94 -51.72 -35.62
N ILE AA 215 32.18 -52.18 -35.45
CA ILE AA 215 32.79 -52.19 -34.12
C ILE AA 215 33.06 -50.77 -33.67
N ASP AA 216 32.50 -50.41 -32.51
CA ASP AA 216 32.60 -49.06 -32.00
C ASP AA 216 33.71 -48.98 -30.95
N LEU AA 217 34.38 -47.84 -30.92
CA LEU AA 217 35.38 -47.59 -29.88
C LEU AA 217 35.22 -46.16 -29.36
N CYS AA 218 35.38 -46.02 -28.05
CA CYS AA 218 35.44 -44.71 -27.39
C CYS AA 218 36.67 -44.71 -26.52
N VAL AA 219 37.65 -43.92 -26.88
CA VAL AA 219 38.91 -43.84 -26.14
C VAL AA 219 38.85 -42.61 -25.23
N ILE AA 220 39.01 -42.83 -23.94
CA ILE AA 220 39.01 -41.77 -22.94
C ILE AA 220 40.40 -41.71 -22.32
N SER AA 221 41.07 -40.58 -22.47
CA SER AA 221 42.37 -40.36 -21.86
C SER AA 221 42.29 -39.20 -20.90
N LYS AA 222 43.45 -38.76 -20.40
CA LYS AA 222 43.49 -37.65 -19.45
C LYS AA 222 43.15 -36.32 -20.11
N ASN AA 223 43.46 -36.15 -21.38
CA ASN AA 223 43.18 -34.91 -22.08
C ASN AA 223 42.45 -35.11 -23.41
N LYS AA 224 42.75 -36.18 -24.15
CA LYS AA 224 42.20 -36.41 -25.47
C LYS AA 224 41.03 -37.37 -25.38
N LEU AA 225 39.98 -37.09 -26.16
CA LEU AA 225 38.78 -37.90 -26.18
C LEU AA 225 38.46 -38.30 -27.62
N ASP AA 226 38.33 -39.60 -27.86
CA ASP AA 226 38.06 -40.12 -29.19
C ASP AA 226 36.75 -40.89 -29.20
N PHE AA 227 36.15 -40.98 -30.38
CA PHE AA 227 34.86 -41.64 -30.54
C PHE AA 227 34.74 -42.07 -31.99
N LEU AA 228 34.76 -43.37 -32.24
CA LEU AA 228 34.90 -43.92 -33.59
C LEU AA 228 33.75 -44.87 -33.88
N ARG AA 229 32.79 -44.45 -34.69
CA ARG AA 229 31.70 -45.35 -35.06
C ARG AA 229 32.15 -46.33 -36.15
N PRO AA 230 32.70 -45.91 -37.35
CA PRO AA 230 33.03 -47.00 -38.29
C PRO AA 230 34.48 -47.48 -38.16
N TYR AA 231 34.83 -48.03 -37.00
CA TYR AA 231 36.23 -48.42 -36.79
C TYR AA 231 36.59 -49.69 -37.54
N THR AA 232 35.67 -50.64 -37.64
CA THR AA 232 35.94 -51.89 -38.33
C THR AA 232 34.64 -52.42 -38.93
N VAL AA 233 34.65 -52.66 -40.23
CA VAL AA 233 33.52 -53.27 -40.91
C VAL AA 233 33.98 -54.61 -41.46
N PRO AA 234 33.84 -55.70 -40.72
CA PRO AA 234 34.28 -57.01 -41.22
C PRO AA 234 33.23 -57.70 -42.07
N ASN AA 235 31.97 -57.34 -41.89
CA ASN AA 235 30.86 -57.97 -42.60
C ASN AA 235 30.36 -57.06 -43.70
N LYS AA 236 30.23 -57.60 -44.90
CA LYS AA 236 29.71 -56.88 -46.05
C LYS AA 236 28.49 -57.61 -46.61
N LYS AA 237 27.58 -56.84 -47.19
CA LYS AA 237 26.44 -57.40 -47.90
C LYS AA 237 26.83 -57.64 -49.35
N GLY AA 238 26.51 -58.81 -49.87
CA GLY AA 238 26.82 -59.13 -51.25
C GLY AA 238 25.99 -58.32 -52.23
N THR AA 239 26.48 -58.27 -53.46
CA THR AA 239 25.81 -57.49 -54.50
C THR AA 239 24.56 -58.23 -55.00
N ARG AA 240 23.66 -57.46 -55.59
CA ARG AA 240 22.42 -57.99 -56.14
C ARG AA 240 22.62 -58.24 -57.63
N LEU AA 241 22.48 -59.50 -58.04
CA LEU AA 241 22.81 -59.94 -59.39
C LEU AA 241 21.60 -60.07 -60.29
N GLY AA 242 20.44 -59.57 -59.86
CA GLY AA 242 19.20 -59.74 -60.60
C GLY AA 242 18.64 -58.42 -61.06
N ARG AA 243 17.91 -58.48 -62.19
CA ARG AA 243 17.20 -57.31 -62.68
C ARG AA 243 15.84 -57.22 -62.00
N TYR AA 244 15.55 -56.07 -61.42
CA TYR AA 244 14.31 -55.81 -60.70
C TYR AA 244 13.69 -54.51 -61.19
N ARG AA 245 13.58 -54.40 -62.51
CA ARG AA 245 13.12 -53.17 -63.16
C ARG AA 245 11.65 -52.92 -62.84
N CYS AA 246 11.40 -51.98 -61.94
CA CYS AA 246 10.04 -51.55 -61.64
C CYS AA 246 9.54 -50.66 -62.76
N GLU AA 247 8.37 -51.01 -63.31
CA GLU AA 247 7.84 -50.28 -64.45
C GLU AA 247 7.01 -49.10 -63.99
N LYS AA 248 7.01 -48.03 -64.80
CA LYS AA 248 6.24 -46.84 -64.50
C LYS AA 248 4.80 -47.06 -64.95
N GLY AA 249 4.03 -47.72 -64.07
CA GLY AA 249 2.64 -47.99 -64.37
C GLY AA 249 2.24 -49.44 -64.21
N THR AA 250 3.07 -50.23 -63.52
CA THR AA 250 2.79 -51.64 -63.29
C THR AA 250 1.95 -51.89 -62.04
N THR AA 251 1.28 -50.85 -61.52
CA THR AA 251 0.43 -50.98 -60.35
C THR AA 251 -0.87 -50.24 -60.60
N ALA AA 252 -1.99 -50.94 -60.44
CA ALA AA 252 -3.30 -50.34 -60.65
C ALA AA 252 -3.67 -49.43 -59.49
N VAL AA 253 -4.22 -48.26 -59.81
CA VAL AA 253 -4.59 -47.26 -58.84
C VAL AA 253 -6.09 -47.01 -58.95
N LEU AA 254 -6.80 -47.09 -57.83
CA LEU AA 254 -8.23 -46.85 -57.81
C LEU AA 254 -8.56 -45.36 -57.79
N THR AA 255 -7.94 -44.60 -56.88
CA THR AA 255 -8.27 -43.20 -56.68
C THR AA 255 -7.01 -42.41 -56.38
N GLU AA 256 -6.80 -41.33 -57.11
CA GLU AA 256 -5.69 -40.42 -56.87
C GLU AA 256 -6.19 -39.13 -56.22
N LYS AA 257 -5.24 -38.38 -55.65
CA LYS AA 257 -5.57 -37.15 -54.95
C LYS AA 257 -4.33 -36.28 -54.91
N ILE AA 258 -4.47 -35.00 -55.27
CA ILE AA 258 -3.37 -34.06 -55.32
C ILE AA 258 -3.68 -32.90 -54.36
N THR AA 259 -2.72 -32.56 -53.52
CA THR AA 259 -2.84 -31.44 -52.60
C THR AA 259 -1.56 -30.63 -52.63
N PRO AA 260 -1.56 -29.43 -53.22
CA PRO AA 260 -0.33 -28.62 -53.27
C PRO AA 260 0.01 -28.03 -51.91
N LEU AA 261 1.21 -27.47 -51.84
CA LEU AA 261 1.71 -26.86 -50.61
C LEU AA 261 2.33 -25.52 -50.97
N GLU AA 262 3.03 -24.93 -50.00
CA GLU AA 262 3.72 -23.66 -50.21
C GLU AA 262 4.99 -23.58 -49.37
N SER BA 1 -1.75 -63.25 -29.88
CA SER BA 1 -1.42 -62.35 -28.78
C SER BA 1 -2.33 -61.13 -28.78
N ILE BA 2 -1.98 -60.15 -27.94
CA ILE BA 2 -2.74 -58.91 -27.88
C ILE BA 2 -2.50 -58.09 -29.14
N MET BA 3 -1.28 -58.14 -29.67
CA MET BA 3 -0.97 -57.46 -30.94
C MET BA 3 -1.71 -58.10 -32.11
N SER BA 4 -2.00 -59.40 -32.03
CA SER BA 4 -2.68 -60.13 -33.09
C SER BA 4 -4.19 -60.13 -32.93
N TYR BA 5 -4.73 -59.17 -32.19
CA TYR BA 5 -6.18 -59.13 -31.96
C TYR BA 5 -6.92 -58.42 -33.07
N ASN BA 6 -6.30 -57.45 -33.73
CA ASN BA 6 -6.93 -56.72 -34.82
C ASN BA 6 -6.10 -56.67 -36.10
N GLY BA 7 -4.82 -57.03 -36.04
CA GLY BA 7 -3.98 -56.97 -37.23
C GLY BA 7 -3.54 -55.56 -37.55
N GLY BA 8 -2.79 -55.46 -38.63
CA GLY BA 8 -2.31 -54.17 -39.11
C GLY BA 8 -0.92 -54.27 -39.72
N ALA BA 9 -0.60 -53.30 -40.55
CA ALA BA 9 0.71 -53.23 -41.20
C ALA BA 9 0.95 -51.79 -41.62
N VAL BA 10 2.05 -51.20 -41.14
CA VAL BA 10 2.44 -49.83 -41.49
C VAL BA 10 3.87 -49.86 -41.99
N MET BA 11 4.09 -49.31 -43.18
CA MET BA 11 5.40 -49.28 -43.81
C MET BA 11 5.74 -47.86 -44.21
N ALA BA 12 6.99 -47.46 -43.96
CA ALA BA 12 7.52 -46.19 -44.45
C ALA BA 12 8.80 -46.46 -45.22
N MET BA 13 9.08 -45.59 -46.19
CA MET BA 13 10.24 -45.79 -47.06
C MET BA 13 10.78 -44.46 -47.52
N LYS BA 14 12.10 -44.30 -47.48
CA LYS BA 14 12.77 -43.06 -47.78
C LYS BA 14 13.22 -43.04 -49.24
N GLY BA 15 13.00 -41.92 -49.92
CA GLY BA 15 13.43 -41.76 -51.29
C GLY BA 15 14.57 -40.79 -51.45
N LYS BA 16 14.63 -40.10 -52.58
CA LYS BA 16 15.71 -39.15 -52.83
C LYS BA 16 15.42 -37.81 -52.14
N ASN BA 17 14.35 -37.14 -52.54
CA ASN BA 17 13.92 -35.90 -51.92
C ASN BA 17 12.53 -36.02 -51.32
N CYS BA 18 12.01 -37.24 -51.23
CA CYS BA 18 10.63 -37.49 -50.86
C CYS BA 18 10.58 -38.71 -49.95
N VAL BA 19 9.41 -38.93 -49.36
CA VAL BA 19 9.21 -40.05 -48.44
C VAL BA 19 7.78 -40.53 -48.59
N ALA BA 20 7.59 -41.84 -48.45
CA ALA BA 20 6.29 -42.46 -48.63
C ALA BA 20 5.91 -43.27 -47.41
N ILE BA 21 4.61 -43.45 -47.23
CA ILE BA 21 4.06 -44.22 -46.12
C ILE BA 21 2.79 -44.91 -46.60
N ALA BA 22 2.55 -46.12 -46.11
CA ALA BA 22 1.41 -46.91 -46.54
C ALA BA 22 0.90 -47.76 -45.38
N ALA BA 23 -0.38 -48.11 -45.47
CA ALA BA 23 -1.01 -48.93 -44.44
C ALA BA 23 -2.17 -49.69 -45.09
N ASP BA 24 -2.77 -50.58 -44.31
CA ASP BA 24 -3.91 -51.35 -44.74
C ASP BA 24 -5.22 -50.65 -44.34
N ARG BA 25 -6.34 -51.28 -44.66
CA ARG BA 25 -7.64 -50.71 -44.41
C ARG BA 25 -8.56 -51.59 -43.58
N ARG BA 26 -8.18 -52.84 -43.31
CA ARG BA 26 -9.09 -53.78 -42.67
C ARG BA 26 -9.19 -53.51 -41.17
N PHE BA 27 -10.41 -53.40 -40.68
CA PHE BA 27 -10.70 -53.38 -39.25
C PHE BA 27 -11.48 -54.63 -38.89
N GLY BA 28 -11.10 -55.27 -37.79
CA GLY BA 28 -11.81 -56.46 -37.40
C GLY BA 28 -11.36 -57.10 -36.10
N ILE BA 29 -12.25 -57.90 -35.51
CA ILE BA 29 -11.95 -58.75 -34.37
C ILE BA 29 -11.29 -59.99 -34.98
N GLN BA 30 -10.71 -60.85 -34.12
CA GLN BA 30 -9.73 -61.90 -34.39
C GLN BA 30 -9.85 -62.64 -35.73
N ALA BA 31 -11.07 -63.03 -36.10
CA ALA BA 31 -11.31 -63.64 -37.40
C ALA BA 31 -12.42 -62.98 -38.18
N GLN BA 32 -13.16 -62.06 -37.58
CA GLN BA 32 -14.29 -61.41 -38.22
C GLN BA 32 -13.96 -59.95 -38.50
N MET BA 33 -13.97 -59.57 -39.77
CA MET BA 33 -13.81 -58.17 -40.12
C MET BA 33 -15.07 -57.39 -39.76
N VAL BA 34 -14.93 -56.07 -39.72
CA VAL BA 34 -16.04 -55.16 -39.47
C VAL BA 34 -16.20 -54.14 -40.60
N THR BA 35 -15.13 -53.43 -40.93
CA THR BA 35 -15.19 -52.40 -41.94
C THR BA 35 -13.83 -52.29 -42.64
N THR BA 36 -13.83 -51.59 -43.78
CA THR BA 36 -12.65 -51.44 -44.61
C THR BA 36 -12.23 -49.98 -44.77
N ASP BA 37 -12.52 -49.15 -43.78
CA ASP BA 37 -12.18 -47.74 -43.85
C ASP BA 37 -11.62 -47.25 -42.53
N PHE BA 38 -10.81 -48.07 -41.88
CA PHE BA 38 -10.22 -47.71 -40.60
C PHE BA 38 -8.94 -46.93 -40.84
N GLN BA 39 -8.91 -45.70 -40.34
CA GLN BA 39 -7.77 -44.82 -40.55
C GLN BA 39 -6.62 -45.21 -39.61
N LYS BA 40 -5.44 -45.40 -40.18
CA LYS BA 40 -4.24 -45.70 -39.41
C LYS BA 40 -3.10 -44.73 -39.66
N ILE BA 41 -3.29 -43.74 -40.52
CA ILE BA 41 -2.30 -42.71 -40.80
C ILE BA 41 -2.92 -41.37 -40.48
N PHE BA 42 -2.26 -40.59 -39.63
CA PHE BA 42 -2.81 -39.35 -39.14
C PHE BA 42 -1.86 -38.19 -39.46
N PRO BA 43 -2.36 -37.10 -40.04
CA PRO BA 43 -1.49 -35.94 -40.31
C PRO BA 43 -1.19 -35.18 -39.02
N MET BA 44 0.09 -34.91 -38.80
CA MET BA 44 0.53 -34.10 -37.67
C MET BA 44 1.35 -32.95 -38.28
N GLY BA 45 0.65 -31.91 -38.71
CA GLY BA 45 1.28 -30.84 -39.45
C GLY BA 45 1.52 -31.21 -40.91
N ASP BA 46 1.92 -30.20 -41.68
CA ASP BA 46 2.18 -30.40 -43.09
C ASP BA 46 3.51 -31.10 -43.31
N ARG BA 47 3.55 -31.95 -44.35
CA ARG BA 47 4.73 -32.70 -44.79
C ARG BA 47 5.30 -33.60 -43.69
N LEU BA 48 4.44 -34.09 -42.80
CA LEU BA 48 4.88 -34.91 -41.68
C LEU BA 48 3.68 -35.73 -41.21
N TYR BA 49 3.75 -37.04 -41.38
CA TYR BA 49 2.66 -37.94 -41.01
C TYR BA 49 3.13 -38.91 -39.93
N ILE BA 50 2.19 -39.68 -39.41
CA ILE BA 50 2.48 -40.73 -38.45
C ILE BA 50 1.55 -41.91 -38.73
N GLY BA 51 2.06 -43.12 -38.55
CA GLY BA 51 1.28 -44.34 -38.73
C GLY BA 51 1.28 -45.16 -37.47
N LEU BA 52 0.15 -45.77 -37.18
CA LEU BA 52 -0.04 -46.56 -35.96
C LEU BA 52 -0.55 -47.95 -36.32
N ALA BA 53 -0.09 -48.94 -35.56
CA ALA BA 53 -0.49 -50.32 -35.78
C ALA BA 53 -0.40 -51.08 -34.46
N GLY BA 54 -1.35 -52.00 -34.26
CA GLY BA 54 -1.40 -52.77 -33.04
C GLY BA 54 -2.81 -52.96 -32.56
N LEU BA 55 -3.04 -52.75 -31.26
CA LEU BA 55 -4.37 -52.83 -30.70
C LEU BA 55 -5.16 -51.60 -31.10
N ALA BA 56 -6.39 -51.81 -31.62
CA ALA BA 56 -7.17 -50.73 -32.20
C ALA BA 56 -7.66 -49.72 -31.16
N THR BA 57 -7.66 -50.10 -29.88
CA THR BA 57 -7.95 -49.13 -28.82
C THR BA 57 -6.85 -48.09 -28.72
N ASP BA 58 -5.61 -48.54 -28.58
CA ASP BA 58 -4.48 -47.66 -28.37
C ASP BA 58 -4.10 -46.90 -29.63
N VAL BA 59 -4.55 -47.33 -30.82
CA VAL BA 59 -4.35 -46.55 -32.03
C VAL BA 59 -5.16 -45.26 -31.96
N GLN BA 60 -6.44 -45.36 -31.62
CA GLN BA 60 -7.26 -44.16 -31.52
C GLN BA 60 -6.97 -43.36 -30.26
N THR BA 61 -6.37 -43.98 -29.25
CA THR BA 61 -6.14 -43.27 -27.99
C THR BA 61 -4.87 -42.41 -28.07
N VAL BA 62 -3.78 -43.00 -28.53
CA VAL BA 62 -2.49 -42.29 -28.56
C VAL BA 62 -2.52 -41.19 -29.61
N ALA BA 63 -3.23 -41.41 -30.72
CA ALA BA 63 -3.36 -40.39 -31.75
C ALA BA 63 -4.15 -39.17 -31.30
N GLN BA 64 -4.97 -39.31 -30.26
CA GLN BA 64 -5.64 -38.17 -29.67
C GLN BA 64 -4.80 -37.52 -28.57
N ARG BA 65 -4.05 -38.32 -27.81
CA ARG BA 65 -3.18 -37.77 -26.78
C ARG BA 65 -2.00 -37.03 -27.40
N LEU BA 66 -1.49 -37.52 -28.52
CA LEU BA 66 -0.39 -36.83 -29.20
C LEU BA 66 -0.87 -35.54 -29.85
N LYS BA 67 -2.11 -35.55 -30.36
CA LYS BA 67 -2.69 -34.33 -30.91
C LYS BA 67 -2.98 -33.33 -29.79
N PHE BA 68 -3.24 -33.82 -28.58
CA PHE BA 68 -3.44 -32.94 -27.43
C PHE BA 68 -2.16 -32.19 -27.09
N ARG BA 69 -1.01 -32.85 -27.20
CA ARG BA 69 0.25 -32.23 -26.83
C ARG BA 69 0.87 -31.45 -27.98
N LEU BA 70 0.50 -31.75 -29.23
CA LEU BA 70 1.09 -31.06 -30.37
C LEU BA 70 0.54 -29.64 -30.48
N ASN BA 71 -0.77 -29.48 -30.31
CA ASN BA 71 -1.39 -28.16 -30.46
C ASN BA 71 -0.97 -27.22 -29.33
N LEU BA 72 -0.72 -27.75 -28.13
CA LEU BA 72 -0.18 -26.92 -27.08
C LEU BA 72 1.29 -26.55 -27.33
N TYR BA 73 2.00 -27.37 -28.10
CA TYR BA 73 3.39 -27.05 -28.42
C TYR BA 73 3.47 -25.99 -29.52
N GLU BA 74 2.59 -26.08 -30.51
CA GLU BA 74 2.63 -25.17 -31.65
C GLU BA 74 1.96 -23.83 -31.38
N LEU BA 75 1.51 -23.58 -30.15
CA LEU BA 75 0.99 -22.27 -29.77
C LEU BA 75 1.90 -21.54 -28.80
N LYS BA 76 2.62 -22.24 -27.94
CA LYS BA 76 3.64 -21.61 -27.14
C LYS BA 76 4.82 -21.19 -28.00
N GLU BA 77 5.05 -21.87 -29.11
CA GLU BA 77 6.06 -21.51 -30.08
C GLU BA 77 5.40 -21.31 -31.43
N GLY BA 78 5.77 -20.22 -32.11
CA GLY BA 78 5.17 -19.93 -33.40
C GLY BA 78 5.61 -20.86 -34.51
N ARG BA 79 6.72 -21.57 -34.32
CA ARG BA 79 7.23 -22.48 -35.32
C ARG BA 79 6.43 -23.78 -35.34
N GLN BA 80 6.69 -24.60 -36.36
CA GLN BA 80 6.17 -25.95 -36.41
C GLN BA 80 7.16 -26.88 -35.72
N ILE BA 81 6.83 -28.17 -35.69
CA ILE BA 81 7.62 -29.15 -34.96
C ILE BA 81 8.60 -29.80 -35.93
N LYS BA 82 9.82 -30.05 -35.44
CA LYS BA 82 10.81 -30.79 -36.19
C LYS BA 82 10.56 -32.29 -36.07
N PRO BA 83 10.97 -33.08 -37.07
CA PRO BA 83 10.72 -34.53 -37.00
C PRO BA 83 11.50 -35.23 -35.89
N TYR BA 84 12.66 -34.72 -35.50
CA TYR BA 84 13.36 -35.26 -34.34
C TYR BA 84 12.61 -34.95 -33.05
N THR BA 85 11.92 -33.81 -33.01
CA THR BA 85 11.25 -33.38 -31.79
C THR BA 85 10.01 -34.23 -31.51
N LEU BA 86 9.31 -34.66 -32.56
CA LEU BA 86 8.12 -35.48 -32.37
C LEU BA 86 8.49 -36.87 -31.87
N MET BA 87 9.63 -37.39 -32.32
CA MET BA 87 10.09 -38.70 -31.87
C MET BA 87 10.40 -38.71 -30.39
N SER BA 88 10.95 -37.60 -29.88
CA SER BA 88 11.16 -37.49 -28.45
C SER BA 88 9.86 -37.28 -27.70
N MET BA 89 8.86 -36.71 -28.36
CA MET BA 89 7.57 -36.50 -27.71
C MET BA 89 6.79 -37.80 -27.56
N VAL BA 90 6.81 -38.64 -28.59
CA VAL BA 90 6.09 -39.91 -28.54
C VAL BA 90 6.75 -40.86 -27.56
N ALA BA 91 8.09 -40.87 -27.52
CA ALA BA 91 8.82 -41.74 -26.61
C ALA BA 91 8.60 -41.35 -25.15
N ASN BA 92 8.30 -40.08 -24.89
CA ASN BA 92 7.94 -39.69 -23.54
C ASN BA 92 6.55 -40.19 -23.19
N LEU BA 93 5.63 -40.20 -24.16
CA LEU BA 93 4.25 -40.56 -23.87
C LEU BA 93 4.11 -42.06 -23.64
N LEU BA 94 4.91 -42.87 -24.32
CA LEU BA 94 4.83 -44.31 -24.14
C LEU BA 94 5.52 -44.77 -22.86
N TYR BA 95 6.57 -44.06 -22.44
CA TYR BA 95 7.34 -44.49 -21.29
C TYR BA 95 6.65 -44.15 -19.97
N GLU BA 96 5.72 -43.19 -19.97
CA GLU BA 96 4.95 -42.90 -18.77
C GLU BA 96 4.07 -44.07 -18.36
N LYS BA 97 3.55 -44.80 -19.34
CA LYS BA 97 2.90 -46.08 -19.08
C LYS BA 97 3.95 -47.18 -19.24
N ARG BA 98 4.90 -47.20 -18.31
CA ARG BA 98 5.96 -48.19 -18.37
C ARG BA 98 5.44 -49.58 -18.05
N PHE BA 99 4.56 -49.69 -17.06
CA PHE BA 99 4.02 -50.98 -16.66
C PHE BA 99 2.54 -51.12 -16.97
N GLY BA 100 1.91 -50.09 -17.54
CA GLY BA 100 0.56 -50.19 -18.05
C GLY BA 100 0.46 -49.91 -19.54
N PRO BA 101 1.34 -50.52 -20.36
CA PRO BA 101 1.70 -49.90 -21.64
C PRO BA 101 0.60 -49.96 -22.69
N TYR BA 102 0.64 -48.99 -23.59
CA TYR BA 102 -0.21 -49.02 -24.77
C TYR BA 102 0.31 -50.07 -25.75
N TYR BA 103 -0.60 -50.76 -26.43
CA TYR BA 103 -0.23 -51.82 -27.35
C TYR BA 103 -0.27 -51.28 -28.77
N THR BA 104 0.76 -50.50 -29.11
CA THR BA 104 0.93 -50.01 -30.47
C THR BA 104 2.41 -49.75 -30.72
N GLU BA 105 2.76 -49.65 -32.00
CA GLU BA 105 4.13 -49.37 -32.42
C GLU BA 105 4.09 -48.27 -33.47
N PRO BA 106 4.44 -47.04 -33.12
CA PRO BA 106 4.29 -45.94 -34.06
C PRO BA 106 5.39 -45.91 -35.11
N VAL BA 107 5.02 -45.36 -36.27
CA VAL BA 107 5.94 -45.12 -37.38
C VAL BA 107 5.78 -43.67 -37.81
N ILE BA 108 6.87 -42.93 -37.78
CA ILE BA 108 6.86 -41.50 -38.09
C ILE BA 108 7.62 -41.29 -39.40
N ALA BA 109 7.00 -40.60 -40.35
CA ALA BA 109 7.62 -40.26 -41.61
C ALA BA 109 7.28 -38.83 -41.97
N GLY BA 110 8.27 -38.11 -42.49
CA GLY BA 110 8.04 -36.73 -42.87
C GLY BA 110 9.32 -36.07 -43.33
N LEU BA 111 9.18 -34.83 -43.78
CA LEU BA 111 10.29 -34.03 -44.26
C LEU BA 111 10.69 -33.00 -43.21
N ASP BA 112 11.86 -32.41 -43.42
CA ASP BA 112 12.28 -31.29 -42.60
C ASP BA 112 11.42 -30.07 -42.92
N PRO BA 113 11.05 -29.26 -41.92
CA PRO BA 113 10.26 -28.06 -42.21
C PRO BA 113 11.04 -26.96 -42.88
N LYS BA 114 12.36 -26.92 -42.74
CA LYS BA 114 13.19 -25.91 -43.40
C LYS BA 114 13.80 -26.43 -44.68
N THR BA 115 14.56 -27.51 -44.60
CA THR BA 115 15.19 -28.10 -45.77
C THR BA 115 14.26 -29.15 -46.37
N PHE BA 116 14.77 -29.98 -47.27
CA PHE BA 116 13.99 -31.04 -47.91
C PHE BA 116 14.31 -32.41 -47.32
N LYS BA 117 14.99 -32.45 -46.18
CA LYS BA 117 15.57 -33.69 -45.70
C LYS BA 117 14.49 -34.61 -45.14
N PRO BA 118 14.35 -35.82 -45.64
CA PRO BA 118 13.35 -36.74 -45.11
C PRO BA 118 13.79 -37.34 -43.78
N PHE BA 119 12.84 -38.00 -43.13
CA PHE BA 119 13.08 -38.60 -41.83
C PHE BA 119 12.13 -39.77 -41.63
N ILE BA 120 12.65 -40.91 -41.22
CA ILE BA 120 11.84 -42.07 -40.86
C ILE BA 120 12.37 -42.65 -39.55
N CYS BA 121 11.45 -43.12 -38.71
CA CYS BA 121 11.81 -43.79 -37.47
C CYS BA 121 10.63 -44.66 -37.05
N SER BA 122 10.91 -45.58 -36.13
CA SER BA 122 9.87 -46.41 -35.53
C SER BA 122 10.22 -46.62 -34.06
N LEU BA 123 9.20 -46.92 -33.27
CA LEU BA 123 9.37 -47.10 -31.85
C LEU BA 123 8.78 -48.42 -31.41
N ASP BA 124 9.19 -48.87 -30.23
CA ASP BA 124 8.64 -50.08 -29.64
C ASP BA 124 7.40 -49.72 -28.84
N LEU BA 125 6.84 -50.69 -28.12
CA LEU BA 125 5.65 -50.44 -27.34
C LEU BA 125 5.94 -49.73 -26.02
N ILE BA 126 7.22 -49.54 -25.67
CA ILE BA 126 7.60 -48.80 -24.49
C ILE BA 126 8.50 -47.60 -24.81
N GLY BA 127 8.78 -47.35 -26.09
CA GLY BA 127 9.42 -46.10 -26.46
C GLY BA 127 10.90 -46.15 -26.76
N CYS BA 128 11.35 -47.16 -27.51
CA CYS BA 128 12.73 -47.21 -27.95
C CYS BA 128 12.82 -46.63 -29.35
N PRO BA 129 13.44 -45.46 -29.53
CA PRO BA 129 13.54 -44.89 -30.88
C PRO BA 129 14.57 -45.62 -31.71
N MET BA 130 14.33 -45.62 -33.02
CA MET BA 130 15.20 -46.35 -33.95
C MET BA 130 15.07 -45.69 -35.31
N VAL BA 131 16.09 -44.92 -35.68
CA VAL BA 131 16.11 -44.25 -36.98
C VAL BA 131 16.88 -45.09 -37.98
N THR BA 132 16.41 -45.10 -39.23
CA THR BA 132 17.09 -45.80 -40.30
C THR BA 132 17.28 -44.88 -41.49
N ASP BA 133 17.74 -45.43 -42.61
CA ASP BA 133 17.93 -44.66 -43.82
C ASP BA 133 17.19 -45.23 -45.03
N ASP BA 134 16.62 -46.42 -44.92
CA ASP BA 134 15.95 -47.07 -46.04
C ASP BA 134 14.47 -47.30 -45.82
N PHE BA 135 14.09 -47.97 -44.74
CA PHE BA 135 12.69 -48.30 -44.49
C PHE BA 135 12.51 -48.67 -43.03
N VAL BA 136 11.27 -48.49 -42.54
CA VAL BA 136 10.83 -49.04 -41.27
C VAL BA 136 9.47 -49.69 -41.48
N VAL BA 137 9.23 -50.77 -40.75
CA VAL BA 137 7.97 -51.51 -40.84
C VAL BA 137 7.47 -51.81 -39.43
N SER BA 138 6.15 -51.98 -39.32
CA SER BA 138 5.52 -52.32 -38.06
C SER BA 138 4.18 -52.99 -38.34
N GLY BA 139 3.77 -53.86 -37.44
CA GLY BA 139 2.51 -54.56 -37.53
C GLY BA 139 2.68 -56.04 -37.27
N THR BA 140 1.63 -56.80 -37.61
CA THR BA 140 1.67 -58.24 -37.37
C THR BA 140 2.50 -58.97 -38.41
N CYS BA 141 2.35 -58.61 -39.68
CA CYS BA 141 3.09 -59.27 -40.77
C CYS BA 141 4.44 -58.61 -41.03
N ALA BA 142 5.26 -58.54 -39.98
CA ALA BA 142 6.52 -57.82 -40.10
C ALA BA 142 7.55 -58.58 -40.92
N GLU BA 143 7.62 -59.91 -40.73
CA GLU BA 143 8.66 -60.71 -41.37
C GLU BA 143 8.48 -60.78 -42.88
N GLN BA 144 7.24 -60.71 -43.36
CA GLN BA 144 7.01 -60.66 -44.79
C GLN BA 144 7.42 -59.31 -45.38
N MET BA 145 7.33 -58.24 -44.58
CA MET BA 145 7.70 -56.93 -45.07
C MET BA 145 9.20 -56.73 -45.13
N TYR BA 146 9.97 -57.44 -44.30
CA TYR BA 146 11.42 -57.38 -44.44
C TYR BA 146 11.90 -58.10 -45.69
N GLY BA 147 11.19 -59.15 -46.11
CA GLY BA 147 11.60 -59.90 -47.28
C GLY BA 147 11.42 -59.14 -48.57
N MET BA 148 10.48 -58.21 -48.61
CA MET BA 148 10.24 -57.43 -49.82
C MET BA 148 11.13 -56.20 -49.90
N CYS BA 149 11.40 -55.56 -48.76
CA CYS BA 149 12.13 -54.30 -48.77
C CYS BA 149 13.63 -54.50 -48.90
N GLU BA 150 14.17 -55.63 -48.44
CA GLU BA 150 15.59 -55.88 -48.57
C GLU BA 150 16.01 -56.19 -50.01
N SER BA 151 15.06 -56.55 -50.87
CA SER BA 151 15.39 -56.91 -52.24
C SER BA 151 15.00 -55.85 -53.26
N LEU BA 152 14.04 -54.98 -52.93
CA LEU BA 152 13.53 -54.02 -53.91
C LEU BA 152 14.02 -52.60 -53.70
N TRP BA 153 14.61 -52.29 -52.54
CA TRP BA 153 14.96 -50.91 -52.25
C TRP BA 153 16.21 -50.48 -53.00
N GLU BA 154 16.17 -49.28 -53.55
CA GLU BA 154 17.29 -48.62 -54.19
C GLU BA 154 17.56 -47.31 -53.45
N PRO BA 155 18.83 -46.87 -53.40
CA PRO BA 155 19.18 -45.68 -52.60
C PRO BA 155 18.55 -44.37 -53.04
N ASN BA 156 18.74 -43.98 -54.30
CA ASN BA 156 18.29 -42.68 -54.80
C ASN BA 156 17.19 -42.91 -55.82
N MET BA 157 15.95 -42.61 -55.44
CA MET BA 157 14.79 -42.94 -56.24
C MET BA 157 13.88 -41.73 -56.42
N ASP BA 158 13.41 -41.55 -57.65
CA ASP BA 158 12.42 -40.54 -57.95
C ASP BA 158 11.07 -40.92 -57.33
N PRO BA 159 10.12 -39.98 -57.22
CA PRO BA 159 8.78 -40.34 -56.71
C PRO BA 159 7.99 -41.31 -57.60
N ASP BA 160 8.43 -41.53 -58.84
CA ASP BA 160 7.75 -42.52 -59.68
C ASP BA 160 8.08 -43.94 -59.22
N HIS BA 161 9.38 -44.27 -59.17
CA HIS BA 161 9.79 -45.61 -58.79
C HIS BA 161 9.63 -45.87 -57.30
N LEU BA 162 9.64 -44.83 -56.47
CA LEU BA 162 9.43 -45.03 -55.04
C LEU BA 162 7.98 -45.47 -54.77
N PHE BA 163 7.03 -44.93 -55.54
CA PHE BA 163 5.66 -45.37 -55.41
C PHE BA 163 5.48 -46.81 -55.88
N GLU BA 164 6.16 -47.19 -56.97
CA GLU BA 164 6.03 -48.54 -57.49
C GLU BA 164 6.73 -49.58 -56.63
N THR BA 165 7.73 -49.18 -55.85
CA THR BA 165 8.42 -50.13 -55.00
C THR BA 165 7.62 -50.40 -53.72
N ILE BA 166 7.09 -49.35 -53.10
CA ILE BA 166 6.30 -49.54 -51.89
C ILE BA 166 4.93 -50.14 -52.22
N SER BA 167 4.48 -50.05 -53.47
CA SER BA 167 3.23 -50.70 -53.85
C SER BA 167 3.41 -52.21 -53.92
N GLN BA 168 4.46 -52.68 -54.60
CA GLN BA 168 4.71 -54.10 -54.71
C GLN BA 168 5.17 -54.72 -53.41
N ALA BA 169 5.75 -53.92 -52.50
CA ALA BA 169 6.14 -54.45 -51.21
C ALA BA 169 4.93 -54.67 -50.31
N MET BA 170 3.94 -53.77 -50.37
CA MET BA 170 2.76 -53.91 -49.53
C MET BA 170 1.81 -54.97 -50.06
N LEU BA 171 1.65 -55.08 -51.38
CA LEU BA 171 0.67 -56.01 -51.93
C LEU BA 171 1.12 -57.46 -51.76
N ASN BA 172 2.40 -57.74 -52.01
CA ASN BA 172 2.87 -59.11 -51.95
C ASN BA 172 3.05 -59.63 -50.53
N ALA BA 173 3.21 -58.74 -49.55
CA ALA BA 173 3.43 -59.16 -48.17
C ALA BA 173 2.12 -59.31 -47.39
N VAL BA 174 1.17 -58.39 -47.61
CA VAL BA 174 -0.08 -58.44 -46.88
C VAL BA 174 -0.98 -59.56 -47.40
N ASP BA 175 -0.88 -59.88 -48.70
CA ASP BA 175 -1.61 -61.03 -49.24
C ASP BA 175 -1.11 -62.36 -48.69
N ARG BA 176 0.12 -62.40 -48.19
CA ARG BA 176 0.61 -63.55 -47.45
C ARG BA 176 0.07 -63.57 -46.02
N ASP BA 177 -0.28 -62.42 -45.47
CA ASP BA 177 -0.89 -62.36 -44.15
C ASP BA 177 -2.38 -62.68 -44.23
N ALA BA 178 -2.91 -63.24 -43.15
CA ALA BA 178 -4.32 -63.61 -43.09
C ALA BA 178 -5.18 -62.53 -42.45
N VAL BA 179 -4.70 -61.89 -41.39
CA VAL BA 179 -5.51 -60.96 -40.62
C VAL BA 179 -5.29 -59.51 -41.07
N SER BA 180 -4.69 -59.31 -42.24
CA SER BA 180 -4.47 -57.98 -42.78
C SER BA 180 -4.84 -57.98 -44.26
N GLY BA 181 -5.40 -56.87 -44.71
CA GLY BA 181 -5.76 -56.75 -46.11
C GLY BA 181 -6.90 -55.78 -46.36
N MET BA 182 -7.76 -56.14 -47.31
CA MET BA 182 -9.01 -55.45 -47.62
C MET BA 182 -8.77 -54.01 -48.10
N GLY BA 183 -7.63 -53.77 -48.73
CA GLY BA 183 -7.33 -52.45 -49.25
C GLY BA 183 -6.07 -51.84 -48.68
N VAL BA 184 -5.31 -51.12 -49.50
CA VAL BA 184 -4.06 -50.47 -49.10
C VAL BA 184 -4.11 -49.03 -49.58
N ILE BA 185 -3.90 -48.10 -48.66
CA ILE BA 185 -3.79 -46.67 -48.99
C ILE BA 185 -2.33 -46.26 -48.88
N VAL BA 186 -1.88 -45.42 -49.81
CA VAL BA 186 -0.48 -45.01 -49.90
C VAL BA 186 -0.43 -43.49 -49.93
N HIS BA 187 0.33 -42.91 -49.00
CA HIS BA 187 0.64 -41.48 -49.04
C HIS BA 187 2.08 -41.29 -49.51
N ILE BA 188 2.26 -40.43 -50.51
CA ILE BA 188 3.58 -40.04 -51.00
C ILE BA 188 3.64 -38.52 -51.00
N ILE BA 189 4.55 -37.97 -50.19
CA ILE BA 189 4.65 -36.53 -50.00
C ILE BA 189 6.00 -36.06 -50.54
N GLU BA 190 6.09 -34.76 -50.78
CA GLU BA 190 7.32 -34.13 -51.25
C GLU BA 190 7.27 -32.67 -50.85
N LYS BA 191 8.23 -31.88 -51.37
CA LYS BA 191 8.31 -30.47 -51.02
C LYS BA 191 7.15 -29.68 -51.62
N ASP BA 192 6.68 -30.06 -52.81
CA ASP BA 192 5.69 -29.25 -53.51
C ASP BA 192 4.26 -29.67 -53.22
N LYS BA 193 4.00 -30.97 -53.06
CA LYS BA 193 2.63 -31.43 -52.95
C LYS BA 193 2.57 -32.73 -52.16
N ILE BA 194 1.34 -33.17 -51.92
CA ILE BA 194 1.06 -34.43 -51.22
C ILE BA 194 0.12 -35.24 -52.10
N THR BA 195 0.51 -36.47 -52.42
CA THR BA 195 -0.28 -37.35 -53.26
C THR BA 195 -0.74 -38.55 -52.46
N THR BA 196 -2.04 -38.81 -52.48
CA THR BA 196 -2.64 -39.96 -51.81
C THR BA 196 -3.29 -40.87 -52.85
N ARG BA 197 -2.90 -42.13 -52.87
CA ARG BA 197 -3.49 -43.10 -53.79
C ARG BA 197 -3.91 -44.35 -53.04
N THR BA 198 -4.97 -44.97 -53.53
CA THR BA 198 -5.44 -46.26 -53.04
C THR BA 198 -5.22 -47.31 -54.12
N LEU BA 199 -4.91 -48.53 -53.71
CA LEU BA 199 -4.50 -49.58 -54.61
C LEU BA 199 -5.59 -50.62 -54.78
N LYS BA 200 -5.51 -51.35 -55.89
CA LYS BA 200 -6.47 -52.43 -56.20
C LYS BA 200 -5.90 -53.72 -55.64
N ALA BA 201 -6.42 -54.15 -54.50
CA ALA BA 201 -5.92 -55.32 -53.80
C ALA BA 201 -7.00 -56.39 -53.71
N ARG BA 202 -6.60 -57.57 -53.23
CA ARG BA 202 -7.54 -58.66 -53.05
C ARG BA 202 -8.44 -58.38 -51.85
N MET BA 203 -9.75 -58.55 -52.04
CA MET BA 203 -10.74 -58.24 -51.02
C MET BA 203 -11.23 -59.49 -50.30
N ASP BA 204 -10.41 -60.53 -50.24
CA ASP BA 204 -10.78 -61.76 -49.54
C ASP BA 204 -10.14 -61.84 -48.16
N MET CA 1 -24.94 -62.93 -26.83
CA MET CA 1 -26.07 -63.84 -26.64
C MET CA 1 -27.35 -63.25 -27.20
N GLU CA 2 -27.60 -61.98 -26.89
CA GLU CA 2 -28.74 -61.26 -27.45
C GLU CA 2 -28.29 -60.45 -28.67
N TYR CA 3 -29.29 -59.99 -29.43
CA TYR CA 3 -29.08 -59.63 -30.83
C TYR CA 3 -29.35 -58.15 -31.08
N LEU CA 4 -28.59 -57.58 -32.00
CA LEU CA 4 -28.77 -56.20 -32.46
C LEU CA 4 -28.63 -56.19 -33.97
N ILE CA 5 -29.07 -55.09 -34.60
CA ILE CA 5 -28.96 -54.92 -36.04
C ILE CA 5 -28.95 -53.43 -36.36
N GLY CA 6 -28.22 -53.07 -37.42
CA GLY CA 6 -27.89 -51.70 -37.71
C GLY CA 6 -28.09 -51.19 -39.13
N ILE CA 7 -29.20 -51.51 -39.79
CA ILE CA 7 -29.37 -51.18 -41.20
C ILE CA 7 -29.43 -49.67 -41.40
N GLN CA 8 -28.49 -49.14 -42.18
CA GLN CA 8 -28.34 -47.73 -42.47
C GLN CA 8 -28.90 -47.41 -43.86
N GLY CA 9 -29.68 -46.34 -43.95
CA GLY CA 9 -30.23 -45.92 -45.22
C GLY CA 9 -29.67 -44.58 -45.68
N PRO CA 10 -30.18 -44.07 -46.81
CA PRO CA 10 -29.72 -42.76 -47.29
C PRO CA 10 -30.16 -41.61 -46.42
N ASP CA 11 -31.35 -41.68 -45.83
CA ASP CA 11 -31.84 -40.62 -44.95
C ASP CA 11 -32.53 -41.19 -43.71
N TYR CA 12 -32.21 -42.43 -43.35
CA TYR CA 12 -32.86 -43.06 -42.22
C TYR CA 12 -31.90 -44.09 -41.62
N VAL CA 13 -32.14 -44.43 -40.37
CA VAL CA 13 -31.41 -45.50 -39.70
C VAL CA 13 -32.42 -46.49 -39.14
N LEU CA 14 -32.34 -47.74 -39.59
CA LEU CA 14 -33.24 -48.79 -39.14
C LEU CA 14 -32.52 -49.65 -38.12
N VAL CA 15 -33.04 -49.68 -36.89
CA VAL CA 15 -32.45 -50.47 -35.82
C VAL CA 15 -33.52 -51.37 -35.21
N ALA CA 16 -33.08 -52.50 -34.67
CA ALA CA 16 -33.96 -53.44 -34.00
C ALA CA 16 -33.15 -54.29 -33.04
N SER CA 17 -33.82 -54.78 -32.00
CA SER CA 17 -33.22 -55.64 -31.01
C SER CA 17 -34.24 -56.70 -30.61
N ASP CA 18 -33.87 -57.54 -29.64
CA ASP CA 18 -34.75 -58.55 -29.11
C ASP CA 18 -35.28 -58.13 -27.73
N ARG CA 19 -36.14 -58.97 -27.16
CA ARG CA 19 -36.89 -58.65 -25.95
C ARG CA 19 -36.80 -59.78 -24.94
N VAL CA 20 -35.60 -60.29 -24.69
CA VAL CA 20 -35.40 -61.46 -23.84
C VAL CA 20 -34.47 -61.08 -22.69
N ALA CA 21 -34.85 -61.48 -21.48
CA ALA CA 21 -34.12 -61.20 -20.24
C ALA CA 21 -33.90 -62.48 -19.45
N ALA CA 22 -33.38 -63.50 -20.12
CA ALA CA 22 -33.32 -64.86 -19.61
C ALA CA 22 -32.32 -65.00 -18.45
N SER CA 23 -32.54 -66.04 -17.62
CA SER CA 23 -31.64 -66.39 -16.53
C SER CA 23 -31.29 -67.87 -16.59
N ASN CA 24 -30.32 -68.20 -17.44
CA ASN CA 24 -29.45 -69.38 -17.47
C ASN CA 24 -30.15 -70.69 -17.87
N ILE CA 25 -31.45 -70.81 -17.64
CA ILE CA 25 -32.31 -71.75 -18.35
C ILE CA 25 -33.63 -71.07 -18.69
N VAL CA 26 -34.21 -70.39 -17.70
CA VAL CA 26 -35.54 -69.83 -17.80
C VAL CA 26 -35.50 -68.49 -18.52
N GLN CA 27 -36.67 -68.01 -18.92
CA GLN CA 27 -36.82 -66.72 -19.60
C GLN CA 27 -37.74 -65.89 -18.71
N MET CA 28 -37.14 -65.03 -17.87
CA MET CA 28 -37.91 -64.33 -16.85
C MET CA 28 -38.81 -63.24 -17.44
N LYS CA 29 -38.39 -62.64 -18.55
CA LYS CA 29 -39.11 -61.50 -19.08
C LYS CA 29 -39.05 -61.54 -20.60
N ASP CA 30 -40.22 -61.39 -21.23
CA ASP CA 30 -40.34 -61.51 -22.68
C ASP CA 30 -40.79 -60.21 -23.34
N ASP CA 31 -40.70 -59.09 -22.64
CA ASP CA 31 -40.99 -57.79 -23.22
C ASP CA 31 -39.95 -56.78 -22.77
N HIS CA 32 -38.70 -57.22 -22.66
CA HIS CA 32 -37.61 -56.37 -22.20
C HIS CA 32 -37.21 -55.39 -23.30
N ASP CA 33 -36.80 -54.20 -22.88
CA ASP CA 33 -36.42 -53.14 -23.81
C ASP CA 33 -34.94 -52.83 -23.62
N LYS CA 34 -34.21 -52.73 -24.73
CA LYS CA 34 -32.79 -52.41 -24.71
C LYS CA 34 -32.50 -51.11 -25.45
N MET CA 35 -33.51 -50.25 -25.59
CA MET CA 35 -33.42 -49.06 -26.41
C MET CA 35 -33.49 -47.83 -25.51
N PHE CA 36 -32.48 -46.99 -25.60
CA PHE CA 36 -32.30 -45.85 -24.70
C PHE CA 36 -32.30 -44.57 -25.53
N LYS CA 37 -33.34 -43.76 -25.37
CA LYS CA 37 -33.44 -42.49 -26.08
C LYS CA 37 -32.50 -41.49 -25.44
N MET CA 38 -31.32 -41.32 -26.04
CA MET CA 38 -30.35 -40.37 -25.51
C MET CA 38 -30.82 -38.93 -25.72
N SER CA 39 -31.33 -38.62 -26.90
CA SER CA 39 -31.85 -37.29 -27.19
C SER CA 39 -32.98 -37.44 -28.20
N GLU CA 40 -33.36 -36.33 -28.83
CA GLU CA 40 -34.46 -36.34 -29.79
C GLU CA 40 -34.06 -36.86 -31.16
N LYS CA 41 -32.78 -37.17 -31.37
CA LYS CA 41 -32.39 -37.79 -32.65
C LYS CA 41 -31.34 -38.88 -32.47
N ILE CA 42 -31.05 -39.34 -31.25
CA ILE CA 42 -29.98 -40.29 -31.00
C ILE CA 42 -30.53 -41.39 -30.10
N LEU CA 43 -30.40 -42.65 -30.54
CA LEU CA 43 -30.74 -43.80 -29.72
C LEU CA 43 -29.47 -44.44 -29.19
N LEU CA 44 -29.65 -45.53 -28.43
CA LEU CA 44 -28.55 -46.27 -27.83
C LEU CA 44 -28.97 -47.72 -27.62
N LEU CA 45 -28.14 -48.63 -28.11
CA LEU CA 45 -28.34 -50.06 -27.91
C LEU CA 45 -27.18 -50.61 -27.08
N CYS CA 46 -27.49 -51.45 -26.09
CA CYS CA 46 -26.49 -51.90 -25.13
C CYS CA 46 -26.63 -53.39 -24.90
N VAL CA 47 -25.53 -54.12 -25.08
CA VAL CA 47 -25.47 -55.57 -24.86
C VAL CA 47 -24.22 -55.88 -24.05
N GLY CA 48 -24.39 -56.57 -22.93
CA GLY CA 48 -23.24 -56.91 -22.12
C GLY CA 48 -23.55 -57.73 -20.89
N GLU CA 49 -22.99 -57.34 -19.76
CA GLU CA 49 -23.09 -58.10 -18.51
C GLU CA 49 -24.43 -57.84 -17.84
N ALA CA 50 -24.56 -58.27 -16.59
CA ALA CA 50 -25.81 -58.11 -15.86
C ALA CA 50 -26.02 -56.67 -15.43
N GLY CA 51 -25.09 -56.13 -14.64
CA GLY CA 51 -25.25 -54.79 -14.11
C GLY CA 51 -24.57 -53.72 -14.94
N ASP CA 52 -23.60 -54.11 -15.75
CA ASP CA 52 -22.80 -53.14 -16.50
C ASP CA 52 -23.60 -52.48 -17.62
N THR CA 53 -24.66 -53.10 -18.09
CA THR CA 53 -25.48 -52.50 -19.13
C THR CA 53 -26.28 -51.31 -18.60
N VAL CA 54 -26.92 -51.48 -17.45
CA VAL CA 54 -27.80 -50.44 -16.93
C VAL CA 54 -27.00 -49.30 -16.32
N GLN CA 55 -25.92 -49.63 -15.61
CA GLN CA 55 -25.17 -48.61 -14.89
C GLN CA 55 -24.40 -47.69 -15.81
N PHE CA 56 -23.80 -48.22 -16.87
CA PHE CA 56 -23.00 -47.36 -17.74
C PHE CA 56 -23.86 -46.57 -18.70
N ALA CA 57 -24.88 -47.21 -19.29
CA ALA CA 57 -25.65 -46.55 -20.34
C ALA CA 57 -26.54 -45.46 -19.78
N GLU CA 58 -26.98 -45.57 -18.54
CA GLU CA 58 -27.68 -44.48 -17.89
C GLU CA 58 -26.73 -43.38 -17.45
N TYR CA 59 -25.45 -43.69 -17.23
CA TYR CA 59 -24.47 -42.65 -16.96
C TYR CA 59 -24.24 -41.79 -18.19
N ILE CA 60 -24.35 -42.40 -19.38
CA ILE CA 60 -24.28 -41.62 -20.61
C ILE CA 60 -25.62 -40.93 -20.86
N GLN CA 61 -26.73 -41.57 -20.49
CA GLN CA 61 -28.06 -41.02 -20.71
C GLN CA 61 -28.27 -39.72 -19.94
N LYS CA 62 -27.88 -39.71 -18.67
CA LYS CA 62 -28.01 -38.51 -17.84
C LYS CA 62 -26.78 -37.61 -17.91
N ASN CA 63 -26.01 -37.68 -18.98
CA ASN CA 63 -24.91 -36.76 -19.20
C ASN CA 63 -25.02 -36.04 -20.53
N VAL CA 64 -25.71 -36.63 -21.51
CA VAL CA 64 -26.02 -35.92 -22.74
C VAL CA 64 -27.18 -34.96 -22.53
N GLN CA 65 -28.13 -35.31 -21.66
CA GLN CA 65 -29.22 -34.40 -21.30
C GLN CA 65 -28.71 -33.18 -20.56
N LEU CA 66 -27.56 -33.31 -19.87
CA LEU CA 66 -26.97 -32.15 -19.21
C LEU CA 66 -26.43 -31.16 -20.24
N TYR CA 67 -25.89 -31.66 -21.35
CA TYR CA 67 -25.40 -30.79 -22.41
C TYR CA 67 -26.54 -30.04 -23.09
N LYS CA 68 -27.71 -30.67 -23.20
CA LYS CA 68 -28.84 -30.03 -23.84
C LYS CA 68 -29.38 -28.88 -22.99
N MET CA 69 -29.51 -29.10 -21.68
CA MET CA 69 -30.09 -28.10 -20.81
C MET CA 69 -29.15 -26.93 -20.56
N ARG CA 70 -27.83 -27.16 -20.61
CA ARG CA 70 -26.86 -26.13 -20.25
C ARG CA 70 -26.45 -25.25 -21.42
N ASN CA 71 -26.37 -25.80 -22.63
CA ASN CA 71 -25.93 -25.03 -23.79
C ASN CA 71 -27.08 -24.63 -24.72
N GLY CA 72 -28.28 -25.10 -24.47
CA GLY CA 72 -29.43 -24.71 -25.28
C GLY CA 72 -29.60 -25.48 -26.57
N TYR CA 73 -28.58 -26.18 -27.05
CA TYR CA 73 -28.72 -26.99 -28.25
C TYR CA 73 -28.27 -28.42 -28.00
N GLU CA 74 -28.21 -29.22 -29.05
CA GLU CA 74 -28.10 -30.66 -28.95
C GLU CA 74 -26.78 -31.12 -29.55
N LEU CA 75 -26.24 -32.20 -28.99
CA LEU CA 75 -25.03 -32.82 -29.55
C LEU CA 75 -25.29 -33.38 -30.93
N SER CA 76 -24.24 -33.36 -31.76
CA SER CA 76 -24.25 -34.12 -32.99
C SER CA 76 -24.11 -35.61 -32.66
N PRO CA 77 -24.59 -36.49 -33.53
CA PRO CA 77 -24.38 -37.93 -33.30
C PRO CA 77 -22.92 -38.36 -33.36
N THR CA 78 -22.05 -37.60 -34.05
CA THR CA 78 -20.64 -37.94 -34.07
C THR CA 78 -19.98 -37.62 -32.74
N ALA CA 79 -20.24 -36.43 -32.19
CA ALA CA 79 -19.62 -36.04 -30.93
C ALA CA 79 -20.17 -36.82 -29.76
N ALA CA 80 -21.46 -37.19 -29.83
CA ALA CA 80 -22.03 -38.03 -28.78
C ALA CA 80 -21.45 -39.44 -28.82
N ALA CA 81 -21.18 -39.95 -30.01
CA ALA CA 81 -20.59 -41.29 -30.12
C ALA CA 81 -19.13 -41.31 -29.70
N ASN CA 82 -18.40 -40.22 -29.88
CA ASN CA 82 -16.99 -40.16 -29.59
C ASN CA 82 -16.72 -39.73 -28.17
N PHE CA 83 -17.77 -39.42 -27.41
CA PHE CA 83 -17.69 -39.25 -25.96
C PHE CA 83 -17.89 -40.55 -25.21
N THR CA 84 -18.71 -41.45 -25.76
CA THR CA 84 -18.90 -42.77 -25.15
C THR CA 84 -17.62 -43.59 -25.21
N ARG CA 85 -16.85 -43.44 -26.29
CA ARG CA 85 -15.58 -44.16 -26.41
C ARG CA 85 -14.57 -43.64 -25.41
N ARG CA 86 -14.68 -42.37 -25.01
CA ARG CA 86 -13.74 -41.81 -24.06
C ARG CA 86 -13.91 -42.41 -22.67
N ASN CA 87 -15.14 -42.77 -22.30
CA ASN CA 87 -15.40 -43.25 -20.94
C ASN CA 87 -15.03 -44.71 -20.74
N LEU CA 88 -15.10 -45.55 -21.78
CA LEU CA 88 -14.63 -46.92 -21.60
C LEU CA 88 -13.11 -46.97 -21.50
N ALA CA 89 -12.42 -46.24 -22.38
CA ALA CA 89 -10.96 -46.31 -22.43
C ALA CA 89 -10.31 -45.72 -21.19
N ASP CA 90 -10.94 -44.71 -20.59
CA ASP CA 90 -10.42 -44.16 -19.35
C ASP CA 90 -10.68 -45.09 -18.17
N CYS CA 91 -11.76 -45.85 -18.22
CA CYS CA 91 -12.15 -46.74 -17.13
C CYS CA 91 -11.93 -48.21 -17.55
N LEU CA 92 -10.84 -48.45 -18.26
CA LEU CA 92 -10.46 -49.79 -18.70
C LEU CA 92 -9.28 -50.36 -17.92
N ARG CA 93 -8.26 -49.55 -17.67
CA ARG CA 93 -7.10 -49.99 -16.89
C ARG CA 93 -7.30 -49.68 -15.40
N SER CA 94 -8.41 -50.14 -14.85
CA SER CA 94 -8.76 -49.85 -13.47
C SER CA 94 -9.37 -51.10 -12.85
N ARG CA 95 -9.78 -51.00 -11.59
CA ARG CA 95 -10.34 -52.13 -10.88
C ARG CA 95 -11.75 -52.46 -11.32
N THR CA 96 -12.45 -51.53 -11.97
CA THR CA 96 -13.83 -51.73 -12.42
C THR CA 96 -13.89 -51.52 -13.92
N PRO CA 97 -13.67 -52.56 -14.72
CA PRO CA 97 -13.88 -52.44 -16.17
C PRO CA 97 -15.33 -52.75 -16.55
N TYR CA 98 -15.85 -51.98 -17.50
CA TYR CA 98 -17.20 -52.19 -17.99
C TYR CA 98 -17.16 -53.08 -19.23
N HIS CA 99 -17.97 -54.13 -19.24
CA HIS CA 99 -17.98 -55.10 -20.31
C HIS CA 99 -19.33 -55.05 -21.00
N VAL CA 100 -19.47 -54.12 -21.94
CA VAL CA 100 -20.69 -53.94 -22.71
C VAL CA 100 -20.32 -53.76 -24.17
N ASN CA 101 -21.28 -54.03 -25.05
CA ASN CA 101 -21.13 -53.82 -26.48
C ASN CA 101 -22.24 -52.91 -26.94
N LEU CA 102 -21.90 -51.90 -27.73
CA LEU CA 102 -22.82 -50.83 -28.08
C LEU CA 102 -22.87 -50.65 -29.60
N LEU CA 103 -23.95 -50.01 -30.05
CA LEU CA 103 -23.96 -49.42 -31.38
C LEU CA 103 -24.87 -48.20 -31.33
N LEU CA 104 -24.44 -47.12 -31.95
CA LEU CA 104 -25.11 -45.84 -31.86
C LEU CA 104 -25.77 -45.46 -33.17
N ALA CA 105 -26.94 -44.85 -33.06
CA ALA CA 105 -27.77 -44.50 -34.21
C ALA CA 105 -28.23 -43.07 -34.03
N GLY CA 106 -27.87 -42.21 -34.98
CA GLY CA 106 -28.21 -40.81 -34.88
C GLY CA 106 -28.41 -40.18 -36.23
N TYR CA 107 -29.19 -39.10 -36.23
CA TYR CA 107 -29.42 -38.28 -37.42
C TYR CA 107 -28.90 -36.88 -37.15
N ASP CA 108 -28.26 -36.29 -38.15
CA ASP CA 108 -27.76 -34.93 -38.06
C ASP CA 108 -28.45 -34.07 -39.10
N GLU CA 109 -28.66 -32.80 -38.75
CA GLU CA 109 -29.24 -31.86 -39.69
C GLU CA 109 -28.25 -31.44 -40.78
N HIS CA 110 -26.96 -31.54 -40.51
CA HIS CA 110 -25.94 -31.16 -41.47
C HIS CA 110 -25.22 -32.34 -42.09
N GLU CA 111 -25.19 -33.48 -41.42
CA GLU CA 111 -24.47 -34.65 -41.90
C GLU CA 111 -25.37 -35.81 -42.28
N GLY CA 112 -26.68 -35.70 -42.04
CA GLY CA 112 -27.59 -36.77 -42.33
C GLY CA 112 -27.55 -37.86 -41.29
N PRO CA 113 -27.97 -39.06 -41.65
CA PRO CA 113 -27.97 -40.17 -40.70
C PRO CA 113 -26.58 -40.76 -40.53
N ALA CA 114 -26.38 -41.41 -39.39
CA ALA CA 114 -25.07 -41.98 -39.07
C ALA CA 114 -25.24 -43.19 -38.17
N LEU CA 115 -24.28 -44.11 -38.29
CA LEU CA 115 -24.24 -45.33 -37.48
C LEU CA 115 -22.82 -45.52 -36.97
N TYR CA 116 -22.67 -45.93 -35.72
CA TYR CA 116 -21.36 -46.19 -35.16
C TYR CA 116 -21.35 -47.53 -34.45
N TYR CA 117 -20.22 -48.22 -34.54
CA TYR CA 117 -20.01 -49.52 -33.91
C TYR CA 117 -19.11 -49.35 -32.69
N MET CA 118 -19.30 -50.24 -31.71
CA MET CA 118 -18.53 -50.16 -30.47
C MET CA 118 -18.23 -51.56 -29.96
N ASP CA 119 -16.96 -51.81 -29.67
CA ASP CA 119 -16.51 -53.06 -29.07
C ASP CA 119 -16.53 -52.90 -27.55
N TYR CA 120 -16.29 -53.99 -26.83
CA TYR CA 120 -16.08 -53.87 -25.39
C TYR CA 120 -14.66 -53.44 -25.05
N LEU CA 121 -13.81 -53.24 -26.05
CA LEU CA 121 -12.49 -52.65 -25.86
C LEU CA 121 -12.41 -51.22 -26.39
N ALA CA 122 -13.56 -50.58 -26.62
CA ALA CA 122 -13.69 -49.17 -27.01
C ALA CA 122 -12.98 -48.88 -28.34
N ALA CA 123 -13.51 -49.51 -29.38
CA ALA CA 123 -13.04 -49.27 -30.75
C ALA CA 123 -14.20 -48.73 -31.57
N LEU CA 124 -14.04 -47.51 -32.08
CA LEU CA 124 -15.06 -46.90 -32.91
C LEU CA 124 -14.98 -47.40 -34.35
N ALA CA 125 -16.13 -47.34 -35.03
CA ALA CA 125 -16.20 -47.66 -36.45
C ALA CA 125 -17.38 -46.90 -37.05
N LYS CA 126 -17.35 -46.78 -38.37
CA LYS CA 126 -18.41 -46.13 -39.13
C LYS CA 126 -18.89 -47.16 -40.16
N ALA CA 127 -20.02 -47.80 -39.88
CA ALA CA 127 -20.42 -48.95 -40.68
C ALA CA 127 -21.71 -48.69 -41.42
N PRO CA 128 -21.86 -49.25 -42.62
CA PRO CA 128 -23.17 -49.23 -43.30
C PRO CA 128 -24.19 -50.19 -42.70
N PHE CA 129 -23.75 -51.14 -41.88
CA PHE CA 129 -24.59 -52.06 -41.12
C PHE CA 129 -23.72 -52.76 -40.10
N ALA CA 130 -24.33 -53.17 -38.99
CA ALA CA 130 -23.61 -53.84 -37.92
C ALA CA 130 -24.58 -54.71 -37.13
N ALA CA 131 -24.02 -55.57 -36.29
CA ALA CA 131 -24.78 -56.48 -35.47
C ALA CA 131 -23.92 -56.92 -34.30
N HIS CA 132 -24.57 -57.58 -33.33
CA HIS CA 132 -23.87 -58.11 -32.16
C HIS CA 132 -24.46 -59.46 -31.79
N GLY CA 133 -23.85 -60.10 -30.80
CA GLY CA 133 -24.33 -61.37 -30.29
C GLY CA 133 -23.91 -62.54 -31.15
N TYR CA 134 -24.36 -63.72 -30.73
CA TYR CA 134 -24.06 -64.93 -31.48
C TYR CA 134 -24.84 -64.98 -32.79
N GLY CA 135 -26.00 -64.33 -32.83
CA GLY CA 135 -26.78 -64.24 -34.06
C GLY CA 135 -26.21 -63.30 -35.09
N ALA CA 136 -25.16 -62.55 -34.76
CA ALA CA 136 -24.52 -61.67 -35.73
C ALA CA 136 -23.82 -62.47 -36.82
N PHE CA 137 -23.42 -63.70 -36.53
CA PHE CA 137 -22.72 -64.52 -37.52
C PHE CA 137 -23.66 -64.99 -38.62
N LEU CA 138 -24.83 -65.49 -38.24
CA LEU CA 138 -25.71 -66.14 -39.20
C LEU CA 138 -26.47 -65.17 -40.09
N THR CA 139 -26.51 -63.89 -39.71
CA THR CA 139 -27.43 -62.95 -40.34
C THR CA 139 -26.77 -61.88 -41.18
N LEU CA 140 -25.50 -61.55 -40.93
CA LEU CA 140 -24.93 -60.39 -41.59
C LEU CA 140 -24.55 -60.66 -43.04
N SER CA 141 -24.28 -61.92 -43.39
CA SER CA 141 -23.97 -62.23 -44.78
C SER CA 141 -25.21 -62.19 -45.65
N ILE CA 142 -26.39 -62.43 -45.06
CA ILE CA 142 -27.64 -62.15 -45.75
C ILE CA 142 -27.75 -60.66 -46.02
N LEU CA 143 -27.45 -59.85 -45.00
CA LEU CA 143 -27.47 -58.41 -45.14
C LEU CA 143 -26.33 -57.91 -46.01
N ASP CA 144 -25.23 -58.66 -46.10
CA ASP CA 144 -24.17 -58.34 -47.04
C ASP CA 144 -24.54 -58.69 -48.47
N ARG CA 145 -25.51 -59.59 -48.65
CA ARG CA 145 -25.88 -60.04 -49.99
C ARG CA 145 -26.78 -59.03 -50.69
N TYR CA 146 -27.78 -58.51 -49.99
CA TYR CA 146 -28.84 -57.74 -50.63
C TYR CA 146 -28.77 -56.25 -50.32
N TYR CA 147 -27.67 -55.76 -49.75
CA TYR CA 147 -27.60 -54.36 -49.38
C TYR CA 147 -27.34 -53.48 -50.61
N THR CA 148 -27.98 -52.32 -50.63
CA THR CA 148 -27.79 -51.31 -51.65
C THR CA 148 -27.66 -49.99 -50.90
N PRO CA 149 -26.67 -49.16 -51.24
CA PRO CA 149 -26.53 -47.86 -50.57
C PRO CA 149 -27.68 -46.90 -50.84
N THR CA 150 -28.41 -47.08 -51.94
CA THR CA 150 -29.61 -46.31 -52.24
C THR CA 150 -30.79 -47.28 -52.17
N ILE CA 151 -31.32 -47.46 -50.97
CA ILE CA 151 -32.42 -48.39 -50.72
C ILE CA 151 -33.53 -47.63 -50.01
N SER CA 152 -34.78 -47.98 -50.32
CA SER CA 152 -35.91 -47.32 -49.71
C SER CA 152 -36.16 -47.86 -48.30
N ARG CA 153 -36.93 -47.09 -47.52
CA ARG CA 153 -37.24 -47.51 -46.17
C ARG CA 153 -38.25 -48.65 -46.11
N GLU CA 154 -38.96 -48.91 -47.20
CA GLU CA 154 -39.89 -50.04 -47.24
C GLU CA 154 -39.18 -51.34 -47.58
N ARG CA 155 -38.21 -51.30 -48.47
CA ARG CA 155 -37.41 -52.48 -48.75
C ARG CA 155 -36.47 -52.85 -47.61
N ALA CA 156 -36.10 -51.87 -46.78
CA ALA CA 156 -35.25 -52.16 -45.63
C ALA CA 156 -35.98 -52.96 -44.57
N VAL CA 157 -37.28 -52.73 -44.40
CA VAL CA 157 -38.08 -53.53 -43.48
C VAL CA 157 -38.24 -54.94 -44.03
N GLU CA 158 -38.44 -55.07 -45.34
CA GLU CA 158 -38.50 -56.39 -45.97
C GLU CA 158 -37.15 -57.09 -45.91
N LEU CA 159 -36.05 -56.34 -46.05
CA LEU CA 159 -34.74 -56.93 -45.86
C LEU CA 159 -34.48 -57.29 -44.40
N LEU CA 160 -35.06 -56.53 -43.47
CA LEU CA 160 -34.96 -56.88 -42.07
C LEU CA 160 -35.75 -58.15 -41.75
N ARG CA 161 -36.88 -58.34 -42.43
CA ARG CA 161 -37.67 -59.55 -42.21
C ARG CA 161 -36.99 -60.78 -42.81
N LYS CA 162 -36.26 -60.61 -43.92
CA LYS CA 162 -35.43 -61.71 -44.43
C LYS CA 162 -34.29 -62.01 -43.47
N CYS CA 163 -33.77 -60.99 -42.79
CA CYS CA 163 -32.62 -61.16 -41.92
C CYS CA 163 -32.97 -61.92 -40.64
N LEU CA 164 -34.24 -61.91 -40.24
CA LEU CA 164 -34.66 -62.50 -38.97
C LEU CA 164 -35.29 -63.87 -39.11
N GLU CA 165 -35.70 -64.27 -40.32
CA GLU CA 165 -36.31 -65.58 -40.48
C GLU CA 165 -35.26 -66.69 -40.45
N GLU CA 166 -34.06 -66.42 -40.91
CA GLU CA 166 -32.99 -67.42 -40.80
C GLU CA 166 -32.49 -67.53 -39.38
N LEU CA 167 -32.58 -66.46 -38.60
CA LEU CA 167 -32.30 -66.53 -37.18
C LEU CA 167 -33.40 -67.31 -36.45
N GLN CA 168 -34.59 -67.38 -37.00
CA GLN CA 168 -35.63 -68.25 -36.48
C GLN CA 168 -35.39 -69.71 -36.85
N LYS CA 169 -34.62 -69.97 -37.91
CA LYS CA 169 -34.47 -71.31 -38.47
C LYS CA 169 -33.30 -72.07 -37.90
N ARG CA 170 -32.08 -71.52 -37.98
CA ARG CA 170 -30.87 -72.27 -37.63
C ARG CA 170 -30.17 -71.71 -36.41
N PHE CA 171 -30.88 -71.10 -35.49
CA PHE CA 171 -30.26 -70.58 -34.27
C PHE CA 171 -30.94 -71.23 -33.08
N ILE CA 172 -30.12 -71.67 -32.11
CA ILE CA 172 -30.63 -72.55 -31.07
C ILE CA 172 -31.51 -71.81 -30.07
N LEU CA 173 -31.28 -70.51 -29.88
CA LEU CA 173 -32.09 -69.81 -28.89
C LEU CA 173 -33.45 -69.46 -29.48
N ASN CA 174 -34.36 -69.07 -28.58
CA ASN CA 174 -35.77 -68.96 -28.96
C ASN CA 174 -36.02 -67.66 -29.73
N LEU CA 175 -35.87 -66.52 -29.05
CA LEU CA 175 -35.99 -65.16 -29.55
C LEU CA 175 -37.26 -64.90 -30.35
N PRO CA 176 -38.43 -64.84 -29.71
CA PRO CA 176 -39.68 -64.75 -30.49
C PRO CA 176 -40.03 -63.36 -31.00
N THR CA 177 -39.76 -62.30 -30.24
CA THR CA 177 -40.23 -60.97 -30.55
C THR CA 177 -39.07 -60.01 -30.76
N PHE CA 178 -39.30 -58.99 -31.59
CA PHE CA 178 -38.25 -58.06 -31.98
C PHE CA 178 -38.85 -56.67 -32.17
N SER CA 179 -38.50 -55.74 -31.28
CA SER CA 179 -38.95 -54.36 -31.41
C SER CA 179 -38.09 -53.59 -32.39
N VAL CA 180 -38.72 -52.68 -33.13
CA VAL CA 180 -38.10 -51.99 -34.26
C VAL CA 180 -38.34 -50.49 -34.12
N ARG CA 181 -37.28 -49.70 -34.27
CA ARG CA 181 -37.38 -48.24 -34.38
C ARG CA 181 -37.00 -47.78 -35.77
N ILE CA 182 -37.17 -46.47 -36.00
CA ILE CA 182 -36.69 -45.81 -37.20
C ILE CA 182 -36.44 -44.34 -36.85
N ILE CA 183 -35.36 -43.79 -37.42
CA ILE CA 183 -34.95 -42.41 -37.15
C ILE CA 183 -34.85 -41.68 -38.48
N ASP CA 184 -35.47 -40.51 -38.57
CA ASP CA 184 -35.45 -39.71 -39.79
C ASP CA 184 -35.26 -38.25 -39.41
N LYS CA 185 -35.55 -37.35 -40.35
CA LYS CA 185 -35.47 -35.92 -40.08
C LYS CA 185 -36.53 -35.44 -39.10
N ASN CA 186 -37.60 -36.19 -38.91
CA ASN CA 186 -38.64 -35.80 -37.98
C ASN CA 186 -38.34 -36.25 -36.56
N GLY CA 187 -37.62 -37.34 -36.40
CA GLY CA 187 -37.25 -37.81 -35.07
C GLY CA 187 -37.23 -39.33 -35.02
N ILE CA 188 -37.50 -39.86 -33.83
CA ILE CA 188 -37.61 -41.30 -33.63
C ILE CA 188 -39.07 -41.69 -33.76
N HIS CA 189 -39.38 -42.51 -34.76
CA HIS CA 189 -40.71 -43.08 -34.93
C HIS CA 189 -40.67 -44.54 -34.53
N ASP CA 190 -41.70 -44.99 -33.84
CA ASP CA 190 -41.78 -46.37 -33.39
C ASP CA 190 -42.59 -47.18 -34.40
N LEU CA 191 -41.92 -48.12 -35.05
CA LEU CA 191 -42.63 -49.04 -35.94
C LEU CA 191 -43.29 -50.14 -35.12
N ASP CA 192 -44.08 -50.97 -35.81
CA ASP CA 192 -44.78 -52.05 -35.16
C ASP CA 192 -43.82 -53.16 -34.72
N ASN CA 193 -44.25 -53.90 -33.72
CA ASN CA 193 -43.46 -54.99 -33.17
C ASN CA 193 -43.47 -56.17 -34.13
N ILE CA 194 -42.38 -56.94 -34.13
CA ILE CA 194 -42.20 -58.06 -35.03
C ILE CA 194 -42.22 -59.34 -34.21
N SER CA 195 -43.15 -60.23 -34.53
CA SER CA 195 -43.26 -61.54 -33.89
C SER CA 195 -43.31 -62.61 -34.96
N PHE CA 196 -43.20 -63.86 -34.54
CA PHE CA 196 -43.07 -64.99 -35.47
C PHE CA 196 -44.01 -66.13 -35.12
N PRO CA 197 -45.06 -66.36 -35.92
CA PRO CA 197 -45.70 -67.68 -35.91
C PRO CA 197 -44.78 -68.72 -36.54
N LYS CA 198 -44.25 -69.63 -35.74
CA LYS CA 198 -43.17 -70.51 -36.20
C LYS CA 198 -43.69 -71.60 -37.15
N GLN CA 199 -44.62 -72.41 -36.68
CA GLN CA 199 -45.18 -73.48 -37.50
C GLN CA 199 -46.66 -73.26 -37.75
N THR DA 59 -34.78 -73.64 -0.87
CA THR DA 59 -35.15 -72.24 -1.00
C THR DA 59 -36.03 -72.03 -2.23
N THR DA 60 -37.26 -71.56 -2.01
CA THR DA 60 -38.18 -71.32 -3.12
C THR DA 60 -39.10 -70.17 -2.75
N THR DA 61 -39.04 -69.09 -3.52
CA THR DA 61 -39.94 -67.96 -3.38
C THR DA 61 -40.61 -67.70 -4.72
N LEU DA 62 -41.77 -67.05 -4.66
CA LEU DA 62 -42.43 -66.60 -5.89
C LEU DA 62 -43.26 -65.36 -5.58
N ALA DA 63 -43.57 -64.63 -6.63
CA ALA DA 63 -44.40 -63.44 -6.52
C ALA DA 63 -45.07 -63.17 -7.85
N PHE DA 64 -46.34 -62.79 -7.80
CA PHE DA 64 -47.06 -62.43 -9.02
C PHE DA 64 -48.12 -61.39 -8.67
N LYS DA 65 -48.32 -60.46 -9.60
CA LYS DA 65 -49.33 -59.43 -9.43
C LYS DA 65 -50.49 -59.68 -10.39
N PHE DA 66 -51.66 -59.19 -9.99
CA PHE DA 66 -52.88 -59.40 -10.77
C PHE DA 66 -53.78 -58.19 -10.50
N ARG DA 67 -55.08 -58.34 -10.77
CA ARG DA 67 -56.03 -57.24 -10.60
C ARG DA 67 -56.10 -56.76 -9.16
N HIS DA 68 -56.22 -57.68 -8.21
CA HIS DA 68 -56.30 -57.32 -6.80
C HIS DA 68 -54.95 -57.51 -6.11
N GLY DA 69 -53.96 -56.74 -6.54
CA GLY DA 69 -52.70 -56.68 -5.82
C GLY DA 69 -51.69 -57.78 -6.11
N VAL DA 70 -50.80 -58.02 -5.16
CA VAL DA 70 -49.64 -58.87 -5.33
C VAL DA 70 -49.70 -60.00 -4.31
N ILE DA 71 -49.36 -61.22 -4.73
CA ILE DA 71 -49.28 -62.39 -3.86
C ILE DA 71 -47.81 -62.75 -3.65
N VAL DA 72 -47.41 -62.93 -2.39
CA VAL DA 72 -46.06 -63.31 -2.04
C VAL DA 72 -46.11 -64.63 -1.25
N ALA DA 73 -45.28 -65.59 -1.65
CA ALA DA 73 -45.23 -66.88 -0.97
C ALA DA 73 -43.81 -67.42 -0.98
N ALA DA 74 -43.49 -68.18 0.07
CA ALA DA 74 -42.14 -68.72 0.23
C ALA DA 74 -42.19 -69.94 1.15
N ASP DA 75 -41.08 -70.68 1.18
CA ASP DA 75 -40.92 -71.79 2.10
C ASP DA 75 -40.24 -71.32 3.39
N SER DA 76 -39.78 -72.25 4.21
CA SER DA 76 -39.17 -71.88 5.48
C SER DA 76 -37.95 -72.74 5.84
N ARG DA 77 -37.36 -73.43 4.88
CA ARG DA 77 -36.25 -74.33 5.15
C ARG DA 77 -34.92 -73.67 4.79
N ALA DA 78 -34.00 -73.64 5.74
CA ALA DA 78 -32.63 -73.19 5.50
C ALA DA 78 -31.67 -74.30 5.92
N THR DA 79 -30.75 -74.64 5.04
CA THR DA 79 -29.85 -75.75 5.25
C THR DA 79 -28.41 -75.25 5.43
N ALA DA 80 -27.51 -76.21 5.64
CA ALA DA 80 -26.08 -75.93 5.73
C ALA DA 80 -25.36 -77.15 5.16
N GLY DA 81 -25.03 -77.09 3.88
CA GLY DA 81 -24.50 -78.24 3.19
C GLY DA 81 -25.58 -79.28 2.96
N ALA DA 82 -25.45 -80.44 3.59
CA ALA DA 82 -26.48 -81.46 3.58
C ALA DA 82 -27.21 -81.53 4.92
N TYR DA 83 -27.02 -80.52 5.77
CA TYR DA 83 -27.59 -80.49 7.10
C TYR DA 83 -28.63 -79.38 7.18
N ILE DA 84 -29.84 -79.75 7.58
CA ILE DA 84 -30.91 -78.76 7.75
C ILE DA 84 -30.68 -78.02 9.06
N ALA DA 85 -30.52 -76.69 8.97
CA ALA DA 85 -30.37 -75.89 10.17
C ALA DA 85 -31.69 -75.71 10.89
N SER DA 86 -32.69 -75.14 10.21
CA SER DA 86 -33.97 -74.87 10.82
C SER DA 86 -35.10 -75.16 9.84
N GLN DA 87 -36.33 -75.09 10.35
CA GLN DA 87 -37.53 -75.27 9.55
C GLN DA 87 -38.50 -74.11 9.69
N THR DA 88 -38.16 -73.08 10.46
CA THR DA 88 -39.04 -71.95 10.74
C THR DA 88 -38.39 -70.63 10.34
N VAL DA 89 -37.72 -70.61 9.20
CA VAL DA 89 -37.04 -69.39 8.75
C VAL DA 89 -38.04 -68.52 8.01
N LYS DA 90 -38.19 -67.28 8.45
CA LYS DA 90 -39.10 -66.33 7.81
C LYS DA 90 -38.35 -65.67 6.66
N LYS DA 91 -38.63 -66.11 5.43
CA LYS DA 91 -37.89 -65.67 4.27
C LYS DA 91 -38.51 -64.46 3.58
N VAL DA 92 -39.59 -63.91 4.12
CA VAL DA 92 -40.20 -62.70 3.57
C VAL DA 92 -40.03 -61.60 4.59
N ILE DA 93 -39.12 -60.68 4.32
CA ILE DA 93 -38.73 -59.65 5.28
C ILE DA 93 -39.69 -58.48 5.17
N GLU DA 94 -40.29 -58.12 6.30
CA GLU DA 94 -41.28 -57.05 6.36
C GLU DA 94 -40.53 -55.73 6.45
N ILE DA 95 -40.40 -55.04 5.31
CA ILE DA 95 -39.64 -53.80 5.27
C ILE DA 95 -40.44 -52.67 5.91
N ASN DA 96 -41.64 -52.43 5.41
CA ASN DA 96 -42.49 -51.34 5.86
C ASN DA 96 -43.91 -51.87 6.02
N PRO DA 97 -44.86 -51.07 6.53
CA PRO DA 97 -46.27 -51.43 6.36
C PRO DA 97 -46.78 -51.34 4.93
N TYR DA 98 -45.97 -50.87 3.98
CA TYR DA 98 -46.39 -50.80 2.59
C TYR DA 98 -45.37 -51.41 1.64
N LEU DA 99 -44.32 -52.05 2.13
CA LEU DA 99 -43.33 -52.70 1.29
C LEU DA 99 -42.96 -54.06 1.86
N LEU DA 100 -42.59 -54.98 0.98
CA LEU DA 100 -42.18 -56.32 1.37
C LEU DA 100 -40.95 -56.73 0.58
N GLY DA 101 -40.09 -57.51 1.20
CA GLY DA 101 -38.90 -58.01 0.55
C GLY DA 101 -38.71 -59.48 0.87
N THR DA 102 -38.00 -60.17 -0.02
CA THR DA 102 -37.80 -61.61 0.07
C THR DA 102 -36.35 -61.93 0.42
N MET DA 103 -36.10 -63.21 0.67
CA MET DA 103 -34.78 -63.71 1.02
C MET DA 103 -34.51 -64.91 0.13
N ALA DA 104 -33.51 -64.80 -0.76
CA ALA DA 104 -33.21 -65.87 -1.70
C ALA DA 104 -31.72 -65.82 -2.01
N GLY DA 105 -30.95 -66.69 -1.36
CA GLY DA 105 -29.53 -66.76 -1.61
C GLY DA 105 -28.77 -65.93 -0.62
N GLY DA 106 -28.13 -66.57 0.37
CA GLY DA 106 -27.42 -65.83 1.39
C GLY DA 106 -28.35 -65.38 2.50
N ALA DA 107 -28.04 -65.73 3.73
CA ALA DA 107 -28.92 -65.38 4.84
C ALA DA 107 -28.69 -63.96 5.30
N ALA DA 108 -27.46 -63.63 5.72
CA ALA DA 108 -27.18 -62.31 6.25
C ALA DA 108 -27.08 -61.26 5.17
N ASP DA 109 -26.83 -61.66 3.92
CA ASP DA 109 -26.73 -60.69 2.84
C ASP DA 109 -28.09 -60.10 2.51
N CYS DA 110 -29.13 -60.93 2.46
CA CYS DA 110 -30.47 -60.40 2.26
C CYS DA 110 -31.03 -59.77 3.52
N SER DA 111 -30.49 -60.12 4.69
CA SER DA 111 -31.00 -59.58 5.94
C SER DA 111 -30.45 -58.19 6.22
N PHE DA 112 -29.17 -57.97 5.90
CA PHE DA 112 -28.54 -56.69 6.21
C PHE DA 112 -29.02 -55.58 5.28
N TRP DA 113 -28.91 -55.82 3.97
CA TRP DA 113 -29.09 -54.74 3.00
C TRP DA 113 -30.55 -54.32 2.87
N GLU DA 114 -31.50 -55.21 3.14
CA GLU DA 114 -32.89 -54.77 3.17
C GLU DA 114 -33.20 -54.02 4.45
N ARG DA 115 -32.54 -54.35 5.56
CA ARG DA 115 -32.68 -53.54 6.77
C ARG DA 115 -32.04 -52.17 6.57
N LEU DA 116 -30.95 -52.11 5.80
CA LEU DA 116 -30.37 -50.81 5.47
C LEU DA 116 -31.27 -50.03 4.51
N LEU DA 117 -32.02 -50.74 3.66
CA LEU DA 117 -32.99 -50.07 2.79
C LEU DA 117 -34.16 -49.54 3.59
N ALA DA 118 -34.60 -50.29 4.60
CA ALA DA 118 -35.66 -49.80 5.48
C ALA DA 118 -35.20 -48.64 6.33
N ARG DA 119 -33.90 -48.58 6.62
CA ARG DA 119 -33.33 -47.41 7.28
C ARG DA 119 -33.37 -46.19 6.37
N GLN DA 120 -33.28 -46.41 5.06
CA GLN DA 120 -33.22 -45.29 4.12
C GLN DA 120 -34.60 -44.78 3.74
N CYS DA 121 -35.59 -45.68 3.65
CA CYS DA 121 -36.92 -45.26 3.21
C CYS DA 121 -37.66 -44.46 4.27
N ARG DA 122 -37.30 -44.65 5.54
CA ARG DA 122 -37.95 -43.89 6.60
C ARG DA 122 -37.47 -42.45 6.61
N ILE DA 123 -36.18 -42.21 6.32
CA ILE DA 123 -35.65 -40.86 6.27
C ILE DA 123 -36.22 -40.11 5.07
N TYR DA 124 -36.44 -40.83 3.96
CA TYR DA 124 -37.07 -40.23 2.79
C TYR DA 124 -38.50 -39.81 3.08
N GLU DA 125 -39.19 -40.54 3.95
CA GLU DA 125 -40.55 -40.16 4.32
C GLU DA 125 -40.57 -38.93 5.21
N LEU DA 126 -39.57 -38.80 6.10
CA LEU DA 126 -39.55 -37.67 7.00
C LEU DA 126 -39.13 -36.38 6.30
N ARG DA 127 -38.22 -36.48 5.34
CA ARG DA 127 -37.72 -35.29 4.67
C ARG DA 127 -38.69 -34.75 3.63
N ASN DA 128 -39.60 -35.58 3.13
CA ASN DA 128 -40.46 -35.19 2.03
C ASN DA 128 -41.94 -35.35 2.30
N LYS DA 129 -42.32 -35.85 3.48
CA LYS DA 129 -43.70 -35.97 3.94
C LYS DA 129 -44.55 -36.84 3.01
N GLU DA 130 -43.92 -37.87 2.45
CA GLU DA 130 -44.56 -38.71 1.45
C GLU DA 130 -43.84 -40.06 1.43
N ARG DA 131 -44.61 -41.13 1.19
CA ARG DA 131 -44.02 -42.45 1.05
C ARG DA 131 -43.16 -42.54 -0.20
N ILE DA 132 -42.24 -43.48 -0.19
CA ILE DA 132 -41.34 -43.72 -1.31
C ILE DA 132 -42.08 -44.56 -2.34
N SER DA 133 -41.69 -44.45 -3.60
CA SER DA 133 -42.30 -45.27 -4.63
C SER DA 133 -41.58 -46.61 -4.73
N VAL DA 134 -42.20 -47.55 -5.43
CA VAL DA 134 -41.67 -48.91 -5.53
C VAL DA 134 -40.44 -48.94 -6.43
N ALA DA 135 -40.48 -48.17 -7.53
CA ALA DA 135 -39.33 -48.09 -8.43
C ALA DA 135 -38.15 -47.36 -7.80
N ALA DA 136 -38.41 -46.49 -6.82
CA ALA DA 136 -37.32 -45.78 -6.16
C ALA DA 136 -36.55 -46.71 -5.22
N ALA DA 137 -37.27 -47.54 -4.46
CA ALA DA 137 -36.61 -48.39 -3.48
C ALA DA 137 -35.85 -49.52 -4.12
N SER DA 138 -36.33 -50.04 -5.25
CA SER DA 138 -35.59 -51.07 -5.97
C SER DA 138 -34.33 -50.50 -6.61
N LYS DA 139 -34.35 -49.22 -6.96
CA LYS DA 139 -33.17 -48.61 -7.57
C LYS DA 139 -32.10 -48.32 -6.52
N LEU DA 140 -32.50 -47.88 -5.33
CA LEU DA 140 -31.55 -47.62 -4.26
C LEU DA 140 -30.87 -48.89 -3.79
N LEU DA 141 -31.59 -50.01 -3.81
CA LEU DA 141 -31.00 -51.29 -3.43
C LEU DA 141 -30.01 -51.77 -4.48
N ALA DA 142 -30.27 -51.44 -5.76
CA ALA DA 142 -29.39 -51.90 -6.83
C ALA DA 142 -28.05 -51.18 -6.82
N ASN DA 143 -28.03 -49.91 -6.41
CA ASN DA 143 -26.77 -49.17 -6.41
C ASN DA 143 -25.90 -49.52 -5.22
N MET DA 144 -26.48 -49.93 -4.10
CA MET DA 144 -25.67 -50.29 -2.93
C MET DA 144 -24.96 -51.61 -3.15
N VAL DA 145 -25.60 -52.55 -3.83
CA VAL DA 145 -25.00 -53.87 -4.04
C VAL DA 145 -23.95 -53.81 -5.15
N TYR DA 146 -24.16 -52.94 -6.15
CA TYR DA 146 -23.27 -52.84 -7.30
C TYR DA 146 -21.87 -52.36 -6.93
N GLN DA 147 -21.72 -51.64 -5.83
CA GLN DA 147 -20.40 -51.19 -5.41
C GLN DA 147 -19.55 -52.34 -4.87
N TYR DA 148 -20.16 -53.45 -4.50
CA TYR DA 148 -19.47 -54.64 -4.02
C TYR DA 148 -19.50 -55.74 -5.06
N LYS DA 149 -19.50 -55.37 -6.34
CA LYS DA 149 -19.59 -56.35 -7.42
C LYS DA 149 -18.28 -57.11 -7.55
N GLY DA 150 -18.37 -58.44 -7.58
CA GLY DA 150 -17.21 -59.28 -7.71
C GLY DA 150 -16.58 -59.70 -6.40
N MET DA 151 -16.92 -59.04 -5.30
CA MET DA 151 -16.34 -59.37 -4.01
C MET DA 151 -16.98 -60.60 -3.38
N GLY DA 152 -18.07 -61.11 -3.93
CA GLY DA 152 -18.62 -62.37 -3.46
C GLY DA 152 -19.91 -62.27 -2.67
N LEU DA 153 -20.79 -61.36 -3.04
CA LEU DA 153 -22.11 -61.32 -2.43
C LEU DA 153 -23.06 -62.25 -3.15
N SER DA 154 -24.13 -62.62 -2.45
CA SER DA 154 -25.21 -63.43 -3.02
C SER DA 154 -26.52 -62.82 -2.58
N MET DA 155 -27.35 -62.43 -3.54
CA MET DA 155 -28.60 -61.75 -3.24
C MET DA 155 -29.49 -61.80 -4.47
N GLY DA 156 -30.71 -62.31 -4.30
CA GLY DA 156 -31.65 -62.45 -5.40
C GLY DA 156 -33.06 -62.04 -5.03
N THR DA 157 -33.19 -61.03 -4.18
CA THR DA 157 -34.47 -60.70 -3.56
C THR DA 157 -35.44 -60.07 -4.56
N MET DA 158 -36.67 -59.86 -4.10
CA MET DA 158 -37.72 -59.21 -4.87
C MET DA 158 -38.31 -58.08 -4.03
N ILE DA 159 -38.87 -57.08 -4.70
CA ILE DA 159 -39.47 -55.93 -4.05
C ILE DA 159 -40.94 -55.86 -4.45
N CYS DA 160 -41.82 -55.80 -3.46
CA CYS DA 160 -43.26 -55.73 -3.68
C CYS DA 160 -43.82 -54.53 -2.93
N GLY DA 161 -44.95 -54.04 -3.42
CA GLY DA 161 -45.63 -52.95 -2.75
C GLY DA 161 -46.54 -52.19 -3.69
N TRP DA 162 -47.51 -51.53 -3.09
CA TRP DA 162 -48.44 -50.69 -3.83
C TRP DA 162 -47.82 -49.31 -4.03
N ASP DA 163 -48.17 -48.67 -5.14
CA ASP DA 163 -47.60 -47.38 -5.48
C ASP DA 163 -48.73 -46.50 -6.00
N LYS DA 164 -48.41 -45.23 -6.25
CA LYS DA 164 -49.38 -44.32 -6.87
C LYS DA 164 -49.68 -44.72 -8.31
N ARG DA 165 -48.74 -45.41 -8.97
CA ARG DA 165 -49.00 -46.00 -10.28
C ARG DA 165 -49.74 -47.32 -10.21
N GLY DA 166 -50.02 -47.82 -9.01
CA GLY DA 166 -50.72 -49.07 -8.84
C GLY DA 166 -49.89 -50.10 -8.12
N PRO DA 167 -49.88 -51.33 -8.61
CA PRO DA 167 -49.01 -52.36 -8.04
C PRO DA 167 -47.56 -52.11 -8.39
N GLY DA 168 -46.69 -52.90 -7.78
CA GLY DA 168 -45.26 -52.79 -8.04
C GLY DA 168 -44.54 -54.09 -7.78
N LEU DA 169 -43.69 -54.50 -8.73
CA LEU DA 169 -42.98 -55.76 -8.60
C LEU DA 169 -41.67 -55.65 -9.39
N TYR DA 170 -40.56 -55.62 -8.67
CA TYR DA 170 -39.24 -55.56 -9.27
C TYR DA 170 -38.39 -56.69 -8.73
N TYR DA 171 -37.33 -57.00 -9.48
CA TYR DA 171 -36.43 -58.10 -9.16
C TYR DA 171 -35.00 -57.61 -9.17
N VAL DA 172 -34.29 -57.81 -8.07
CA VAL DA 172 -32.95 -57.28 -7.88
C VAL DA 172 -31.99 -58.44 -7.61
N ASP DA 173 -30.94 -58.52 -8.41
CA ASP DA 173 -29.86 -59.49 -8.22
C ASP DA 173 -28.65 -58.85 -7.55
N SER DA 174 -27.77 -59.71 -7.05
CA SER DA 174 -26.46 -59.27 -6.63
C SER DA 174 -25.53 -59.03 -7.80
N GLU DA 175 -25.87 -59.56 -8.98
CA GLU DA 175 -25.06 -59.34 -10.17
C GLU DA 175 -25.33 -57.97 -10.79
N GLY DA 176 -26.50 -57.41 -10.54
CA GLY DA 176 -26.85 -56.10 -11.05
C GLY DA 176 -28.06 -56.06 -11.95
N ASN DA 177 -28.90 -57.09 -11.95
CA ASN DA 177 -30.09 -57.11 -12.79
C ASN DA 177 -31.26 -56.50 -12.04
N ARG DA 178 -31.80 -55.41 -12.57
CA ARG DA 178 -32.99 -54.76 -12.04
C ARG DA 178 -34.03 -54.73 -13.15
N ILE DA 179 -35.01 -55.63 -13.06
CA ILE DA 179 -36.06 -55.73 -14.07
C ILE DA 179 -37.42 -55.71 -13.39
N SER DA 180 -38.40 -55.21 -14.12
CA SER DA 180 -39.79 -55.30 -13.70
C SER DA 180 -40.43 -56.55 -14.28
N GLY DA 181 -41.72 -56.72 -14.04
CA GLY DA 181 -42.42 -57.86 -14.60
C GLY DA 181 -43.72 -58.11 -13.87
N ALA DA 182 -44.38 -59.17 -14.29
CA ALA DA 182 -45.67 -59.58 -13.72
C ALA DA 182 -45.57 -60.82 -12.84
N THR DA 183 -44.77 -61.82 -13.24
CA THR DA 183 -44.59 -63.03 -12.46
C THR DA 183 -43.10 -63.29 -12.27
N PHE DA 184 -42.75 -63.77 -11.09
CA PHE DA 184 -41.37 -64.16 -10.78
C PHE DA 184 -41.37 -65.36 -9.86
N SER DA 185 -40.25 -66.08 -9.87
CA SER DA 185 -40.03 -67.21 -8.97
C SER DA 185 -38.54 -67.37 -8.77
N VAL DA 186 -38.07 -67.22 -7.53
CA VAL DA 186 -36.65 -67.16 -7.23
C VAL DA 186 -36.33 -68.27 -6.24
N GLY DA 187 -35.18 -68.92 -6.42
CA GLY DA 187 -34.72 -69.93 -5.50
C GLY DA 187 -34.06 -71.13 -6.17
N SER DA 188 -33.63 -72.11 -5.38
CA SER DA 188 -33.07 -73.33 -5.97
C SER DA 188 -34.16 -74.18 -6.60
N GLY DA 189 -35.34 -74.23 -5.97
CA GLY DA 189 -36.46 -74.93 -6.54
C GLY DA 189 -37.44 -74.00 -7.23
N SER DA 190 -36.90 -72.92 -7.80
CA SER DA 190 -37.73 -71.95 -8.49
C SER DA 190 -38.25 -72.48 -9.82
N VAL DA 191 -37.43 -73.29 -10.52
CA VAL DA 191 -37.78 -73.78 -11.84
C VAL DA 191 -38.91 -74.80 -11.79
N TYR DA 192 -39.15 -75.39 -10.63
CA TYR DA 192 -40.29 -76.28 -10.46
C TYR DA 192 -41.57 -75.49 -10.25
N ALA DA 193 -41.47 -74.20 -9.94
CA ALA DA 193 -42.61 -73.36 -9.64
C ALA DA 193 -43.10 -72.54 -10.83
N TYR DA 194 -42.27 -72.37 -11.86
CA TYR DA 194 -42.72 -71.60 -13.02
C TYR DA 194 -43.80 -72.33 -13.80
N GLY DA 195 -43.71 -73.65 -13.93
CA GLY DA 195 -44.63 -74.36 -14.80
C GLY DA 195 -46.01 -74.51 -14.21
N VAL DA 196 -46.08 -74.83 -12.91
CA VAL DA 196 -47.37 -74.98 -12.26
C VAL DA 196 -48.06 -73.64 -12.04
N MET DA 197 -47.30 -72.56 -11.94
CA MET DA 197 -47.92 -71.24 -11.80
C MET DA 197 -48.47 -70.74 -13.13
N ASP DA 198 -47.68 -70.85 -14.20
CA ASP DA 198 -48.09 -70.31 -15.49
C ASP DA 198 -49.22 -71.10 -16.12
N ARG DA 199 -49.40 -72.36 -15.73
CA ARG DA 199 -50.54 -73.14 -16.22
C ARG DA 199 -51.85 -72.64 -15.62
N GLY DA 200 -51.80 -72.09 -14.40
CA GLY DA 200 -52.97 -71.56 -13.76
C GLY DA 200 -53.03 -70.05 -13.64
N TYR DA 201 -52.04 -69.33 -14.14
CA TYR DA 201 -52.02 -67.88 -13.97
C TYR DA 201 -52.98 -67.19 -14.92
N SER DA 202 -53.67 -66.19 -14.38
CA SER DA 202 -54.44 -65.26 -15.19
C SER DA 202 -54.46 -63.92 -14.46
N TYR DA 203 -54.65 -62.85 -15.22
CA TYR DA 203 -54.72 -61.53 -14.60
C TYR DA 203 -56.05 -61.31 -13.87
N ASP DA 204 -57.10 -62.00 -14.27
CA ASP DA 204 -58.44 -61.80 -13.73
C ASP DA 204 -58.84 -62.94 -12.79
N LEU DA 205 -57.88 -63.46 -12.04
CA LEU DA 205 -58.19 -64.50 -11.06
C LEU DA 205 -58.87 -63.89 -9.84
N GLU DA 206 -59.59 -64.72 -9.12
CA GLU DA 206 -60.23 -64.28 -7.89
C GLU DA 206 -59.23 -64.28 -6.74
N VAL DA 207 -59.66 -63.73 -5.61
CA VAL DA 207 -58.78 -63.61 -4.45
C VAL DA 207 -58.56 -64.97 -3.80
N GLU DA 208 -59.64 -65.72 -3.61
CA GLU DA 208 -59.51 -67.07 -3.06
C GLU DA 208 -58.87 -68.02 -4.06
N GLN DA 209 -59.02 -67.75 -5.35
CA GLN DA 209 -58.37 -68.58 -6.35
C GLN DA 209 -56.87 -68.33 -6.38
N ALA DA 210 -56.46 -67.07 -6.21
CA ALA DA 210 -55.04 -66.74 -6.22
C ALA DA 210 -54.34 -67.25 -4.97
N TYR DA 211 -55.08 -67.39 -3.86
CA TYR DA 211 -54.50 -67.98 -2.65
C TYR DA 211 -54.18 -69.44 -2.86
N ASP DA 212 -55.06 -70.16 -3.57
CA ASP DA 212 -54.85 -71.59 -3.77
C ASP DA 212 -53.81 -71.87 -4.84
N LEU DA 213 -53.57 -70.92 -5.75
CA LEU DA 213 -52.59 -71.15 -6.80
C LEU DA 213 -51.17 -71.08 -6.24
N ALA DA 214 -50.88 -70.06 -5.42
CA ALA DA 214 -49.55 -69.93 -4.86
C ALA DA 214 -49.28 -70.97 -3.79
N ARG DA 215 -50.32 -71.40 -3.07
CA ARG DA 215 -50.14 -72.44 -2.06
C ARG DA 215 -49.87 -73.79 -2.73
N ARG DA 216 -50.48 -74.02 -3.89
CA ARG DA 216 -50.19 -75.22 -4.67
C ARG DA 216 -48.77 -75.19 -5.23
N ALA DA 217 -48.31 -74.02 -5.68
CA ALA DA 217 -47.05 -73.94 -6.42
C ALA DA 217 -45.85 -74.12 -5.50
N ILE DA 218 -45.94 -73.67 -4.25
CA ILE DA 218 -44.86 -73.92 -3.30
C ILE DA 218 -44.82 -75.39 -2.92
N TYR DA 219 -45.98 -76.04 -2.85
CA TYR DA 219 -46.04 -77.45 -2.46
C TYR DA 219 -45.43 -78.35 -3.52
N GLN DA 220 -45.66 -78.05 -4.79
CA GLN DA 220 -45.02 -78.83 -5.85
C GLN DA 220 -43.54 -78.58 -5.94
N ALA DA 221 -43.07 -77.40 -5.50
CA ALA DA 221 -41.65 -77.12 -5.51
C ALA DA 221 -40.93 -77.83 -4.37
N THR DA 222 -41.52 -77.83 -3.18
CA THR DA 222 -40.93 -78.54 -2.05
C THR DA 222 -41.00 -80.05 -2.20
N TYR DA 223 -41.86 -80.55 -3.07
CA TYR DA 223 -41.95 -81.98 -3.30
C TYR DA 223 -40.74 -82.49 -4.06
N ARG DA 224 -40.41 -81.87 -5.19
CA ARG DA 224 -39.30 -82.36 -6.02
C ARG DA 224 -37.95 -81.93 -5.48
N ASP DA 225 -37.84 -80.69 -5.00
CA ASP DA 225 -36.56 -80.20 -4.50
C ASP DA 225 -36.26 -80.79 -3.13
N ALA DA 226 -34.97 -80.97 -2.85
CA ALA DA 226 -34.53 -81.42 -1.54
C ALA DA 226 -34.22 -80.28 -0.59
N TYR DA 227 -33.90 -79.10 -1.11
CA TYR DA 227 -33.56 -77.93 -0.30
C TYR DA 227 -34.76 -77.04 -0.04
N SER DA 228 -35.97 -77.60 -0.04
CA SER DA 228 -37.17 -76.79 0.14
C SER DA 228 -38.18 -77.58 0.96
N GLY DA 229 -38.73 -76.93 1.98
CA GLY DA 229 -39.70 -77.58 2.82
C GLY DA 229 -40.07 -76.70 3.99
N GLY DA 230 -40.64 -77.31 5.02
CA GLY DA 230 -41.02 -76.59 6.21
C GLY DA 230 -42.47 -76.15 6.20
N ALA DA 231 -42.69 -74.84 6.20
CA ALA DA 231 -44.02 -74.27 6.14
C ALA DA 231 -44.15 -73.42 4.87
N VAL DA 232 -45.38 -73.02 4.58
CA VAL DA 232 -45.67 -72.20 3.40
C VAL DA 232 -46.28 -70.90 3.89
N ASN DA 233 -45.50 -69.82 3.84
CA ASN DA 233 -46.01 -68.51 4.19
C ASN DA 233 -46.71 -67.89 2.99
N LEU DA 234 -47.62 -66.96 3.28
CA LEU DA 234 -48.45 -66.39 2.22
C LEU DA 234 -48.87 -64.99 2.64
N TYR DA 235 -48.45 -63.97 1.90
CA TYR DA 235 -48.81 -62.60 2.16
C TYR DA 235 -49.63 -62.05 1.00
N HIS DA 236 -50.38 -60.99 1.27
CA HIS DA 236 -51.22 -60.34 0.27
C HIS DA 236 -51.03 -58.84 0.38
N VAL DA 237 -50.63 -58.21 -0.72
CA VAL DA 237 -50.42 -56.77 -0.76
C VAL DA 237 -51.71 -56.13 -1.27
N ARG DA 238 -52.36 -55.37 -0.40
CA ARG DA 238 -53.56 -54.62 -0.74
C ARG DA 238 -53.13 -53.17 -1.02
N GLU DA 239 -54.08 -52.34 -1.47
CA GLU DA 239 -53.79 -50.96 -1.82
C GLU DA 239 -53.31 -50.15 -0.62
N ASP DA 240 -53.96 -50.33 0.54
CA ASP DA 240 -53.55 -49.62 1.74
C ASP DA 240 -52.25 -50.17 2.32
N GLY DA 241 -52.07 -51.49 2.28
CA GLY DA 241 -50.88 -52.10 2.83
C GLY DA 241 -50.99 -53.60 2.76
N TRP DA 242 -49.89 -54.26 3.09
CA TRP DA 242 -49.86 -55.71 3.03
C TRP DA 242 -50.61 -56.32 4.20
N ILE DA 243 -51.01 -57.58 4.03
CA ILE DA 243 -51.75 -58.33 5.05
C ILE DA 243 -51.28 -59.77 5.03
N ARG DA 244 -51.02 -60.32 6.21
CA ARG DA 244 -50.63 -61.72 6.34
C ARG DA 244 -51.85 -62.61 6.15
N VAL DA 245 -51.77 -63.55 5.21
CA VAL DA 245 -52.91 -64.43 4.96
C VAL DA 245 -52.89 -65.62 5.91
N SER DA 246 -51.87 -66.47 5.80
CA SER DA 246 -51.82 -67.72 6.54
C SER DA 246 -50.40 -68.25 6.53
N SER DA 247 -50.22 -69.39 7.20
CA SER DA 247 -48.94 -70.10 7.21
C SER DA 247 -49.25 -71.56 7.48
N ASP DA 248 -49.06 -72.41 6.47
CA ASP DA 248 -49.51 -73.79 6.52
C ASP DA 248 -48.32 -74.73 6.41
N ASN DA 249 -48.40 -75.85 7.13
CA ASN DA 249 -47.37 -76.88 7.07
C ASN DA 249 -47.53 -77.67 5.78
N VAL DA 250 -46.40 -78.21 5.29
CA VAL DA 250 -46.41 -79.01 4.07
C VAL DA 250 -47.10 -80.34 4.32
N ALA DA 251 -46.85 -80.95 5.49
CA ALA DA 251 -47.46 -82.23 5.82
C ALA DA 251 -48.97 -82.13 6.02
N ASP DA 252 -49.48 -80.95 6.39
CA ASP DA 252 -50.92 -80.75 6.44
C ASP DA 252 -51.51 -80.62 5.05
N LEU DA 253 -50.77 -80.03 4.11
CA LEU DA 253 -51.24 -79.91 2.74
C LEU DA 253 -51.20 -81.25 2.02
N HIS DA 254 -50.30 -82.14 2.41
CA HIS DA 254 -50.20 -83.46 1.78
C HIS DA 254 -51.43 -84.30 2.06
N GLU DA 255 -52.01 -84.17 3.26
CA GLU DA 255 -53.26 -84.86 3.56
C GLU DA 255 -54.44 -84.24 2.83
N LYS DA 256 -54.36 -82.96 2.51
CA LYS DA 256 -55.43 -82.23 1.84
C LYS DA 256 -55.40 -82.41 0.33
N TYR DA 257 -54.21 -82.36 -0.26
CA TYR DA 257 -54.09 -82.39 -1.71
C TYR DA 257 -54.18 -83.80 -2.26
N SER DA 258 -53.51 -84.77 -1.62
CA SER DA 258 -53.56 -86.15 -2.09
C SER DA 258 -54.88 -86.81 -1.77
N GLY DA 259 -55.64 -86.31 -0.81
CA GLY DA 259 -56.94 -86.87 -0.48
C GLY DA 259 -58.03 -86.37 -1.41
N ARG EA 28 2.67 -72.47 3.95
CA ARG EA 28 2.53 -71.05 4.27
C ARG EA 28 1.56 -70.86 5.44
N PHE EA 29 1.49 -69.62 5.94
CA PHE EA 29 0.68 -69.32 7.11
C PHE EA 29 -0.81 -69.42 6.81
N SER EA 30 -1.53 -70.11 7.69
CA SER EA 30 -2.98 -70.21 7.63
C SER EA 30 -3.58 -69.65 8.92
N PRO EA 31 -4.59 -68.80 8.85
CA PRO EA 31 -5.04 -68.05 10.02
C PRO EA 31 -6.14 -68.70 10.85
N TYR EA 32 -6.65 -69.86 10.43
CA TYR EA 32 -7.78 -70.50 11.08
C TYR EA 32 -7.40 -71.87 11.60
N VAL EA 33 -8.05 -72.30 12.68
CA VAL EA 33 -7.93 -73.65 13.21
C VAL EA 33 -9.21 -73.94 13.97
N PHE EA 34 -9.56 -75.22 14.09
CA PHE EA 34 -10.78 -75.64 14.76
C PHE EA 34 -10.45 -76.14 16.16
N ASN EA 35 -11.27 -75.74 17.13
CA ASN EA 35 -11.02 -76.07 18.52
C ASN EA 35 -12.09 -76.93 19.18
N GLY EA 36 -13.22 -77.14 18.54
CA GLY EA 36 -14.27 -77.95 19.13
C GLY EA 36 -15.09 -77.20 20.16
N GLY EA 37 -16.07 -77.89 20.69
CA GLY EA 37 -16.99 -77.33 21.66
C GLY EA 37 -18.42 -77.65 21.29
N THR EA 38 -19.30 -77.59 22.29
CA THR EA 38 -20.72 -77.89 22.10
C THR EA 38 -21.52 -77.02 23.05
N ILE EA 39 -22.48 -76.26 22.51
CA ILE EA 39 -23.27 -75.32 23.28
C ILE EA 39 -24.73 -75.67 23.11
N LEU EA 40 -25.48 -75.66 24.22
CA LEU EA 40 -26.89 -75.99 24.22
C LEU EA 40 -27.68 -74.91 24.94
N ALA EA 41 -28.82 -74.52 24.36
CA ALA EA 41 -29.71 -73.55 24.99
C ALA EA 41 -31.16 -73.98 24.81
N ILE EA 42 -31.95 -73.78 25.86
CA ILE EA 42 -33.37 -74.12 25.88
C ILE EA 42 -34.13 -72.94 26.48
N ALA EA 43 -35.07 -72.40 25.71
CA ALA EA 43 -35.93 -71.32 26.19
C ALA EA 43 -37.11 -71.92 26.96
N GLY EA 44 -37.19 -71.63 28.25
CA GLY EA 44 -38.29 -72.06 29.07
C GLY EA 44 -39.44 -71.07 29.04
N GLU EA 45 -40.45 -71.36 29.86
CA GLU EA 45 -41.59 -70.46 29.96
C GLU EA 45 -41.23 -69.20 30.73
N ASP EA 46 -40.44 -69.35 31.79
CA ASP EA 46 -39.99 -68.21 32.60
C ASP EA 46 -38.54 -68.38 32.99
N PHE EA 47 -37.78 -69.10 32.17
CA PHE EA 47 -36.38 -69.39 32.49
C PHE EA 47 -35.63 -69.62 31.18
N ALA EA 48 -34.32 -69.79 31.30
CA ALA EA 48 -33.47 -70.13 30.17
C ALA EA 48 -32.25 -70.87 30.71
N ILE EA 49 -31.88 -71.95 30.02
CA ILE EA 49 -30.79 -72.81 30.45
C ILE EA 49 -29.73 -72.81 29.35
N VAL EA 50 -28.49 -72.50 29.73
CA VAL EA 50 -27.36 -72.50 28.81
C VAL EA 50 -26.34 -73.50 29.33
N ALA EA 51 -25.94 -74.43 28.47
CA ALA EA 51 -25.03 -75.50 28.87
C ALA EA 51 -23.91 -75.63 27.84
N SER EA 52 -22.73 -76.03 28.33
CA SER EA 52 -21.57 -76.23 27.49
C SER EA 52 -20.57 -77.12 28.21
N ASP EA 53 -19.66 -77.70 27.43
CA ASP EA 53 -18.56 -78.47 27.96
C ASP EA 53 -17.33 -77.59 28.15
N THR EA 54 -16.32 -78.13 28.85
CA THR EA 54 -15.14 -77.35 29.19
C THR EA 54 -13.86 -77.94 28.58
N ARG EA 55 -13.98 -78.69 27.50
CA ARG EA 55 -12.82 -79.30 26.86
C ARG EA 55 -12.33 -78.40 25.73
N LEU EA 56 -11.06 -78.03 25.79
CA LEU EA 56 -10.40 -77.26 24.75
C LEU EA 56 -9.34 -78.13 24.10
N SER EA 57 -9.48 -78.36 22.79
CA SER EA 57 -8.62 -79.27 22.07
C SER EA 57 -8.16 -78.63 20.77
N GLU EA 58 -7.17 -79.25 20.15
CA GLU EA 58 -6.70 -78.83 18.82
C GLU EA 58 -6.01 -80.01 18.16
N GLY EA 59 -6.51 -80.41 16.99
CA GLY EA 59 -5.93 -81.53 16.28
C GLY EA 59 -6.18 -82.85 16.97
N PHE EA 60 -5.14 -83.40 17.58
CA PHE EA 60 -5.23 -84.64 18.34
C PHE EA 60 -4.58 -84.47 19.71
N SER EA 61 -4.78 -83.29 20.30
CA SER EA 61 -4.22 -82.99 21.61
C SER EA 61 -5.26 -82.26 22.44
N ILE EA 62 -5.10 -82.35 23.75
CA ILE EA 62 -5.99 -81.71 24.70
C ILE EA 62 -5.20 -80.60 25.39
N HIS EA 63 -5.63 -79.36 25.21
CA HIS EA 63 -4.98 -78.26 25.91
C HIS EA 63 -5.34 -78.26 27.38
N THR EA 64 -6.62 -78.22 27.69
CA THR EA 64 -7.07 -78.21 29.08
C THR EA 64 -8.41 -78.91 29.18
N ARG EA 65 -8.78 -79.26 30.41
CA ARG EA 65 -10.08 -79.85 30.70
C ARG EA 65 -10.98 -78.90 31.48
N ASP EA 66 -10.60 -77.62 31.56
CA ASP EA 66 -11.37 -76.63 32.31
C ASP EA 66 -11.33 -75.33 31.51
N SER EA 67 -12.32 -75.14 30.66
CA SER EA 67 -12.47 -73.94 29.85
C SER EA 67 -13.93 -73.80 29.45
N PRO EA 68 -14.77 -73.23 30.31
CA PRO EA 68 -16.21 -73.15 30.00
C PRO EA 68 -16.49 -72.11 28.93
N LYS EA 69 -17.62 -72.30 28.25
CA LYS EA 69 -18.04 -71.42 27.17
C LYS EA 69 -19.14 -70.46 27.60
N CYS EA 70 -19.58 -70.52 28.85
CA CYS EA 70 -20.61 -69.62 29.34
C CYS EA 70 -20.00 -68.27 29.70
N TYR EA 71 -20.73 -67.21 29.41
CA TYR EA 71 -20.29 -65.85 29.72
C TYR EA 71 -21.48 -65.04 30.19
N LYS EA 72 -21.44 -64.62 31.45
CA LYS EA 72 -22.52 -63.81 32.01
C LYS EA 72 -22.35 -62.37 31.54
N LEU EA 73 -23.14 -61.97 30.55
CA LEU EA 73 -23.06 -60.60 30.06
C LEU EA 73 -23.73 -59.64 31.04
N THR EA 74 -25.03 -59.82 31.26
CA THR EA 74 -25.80 -59.06 32.22
C THR EA 74 -26.34 -60.04 33.27
N ASP EA 75 -27.24 -59.53 34.11
CA ASP EA 75 -27.94 -60.37 35.07
C ASP EA 75 -29.06 -61.17 34.45
N LYS EA 76 -29.35 -60.99 33.15
CA LYS EA 76 -30.40 -61.74 32.49
C LYS EA 76 -29.99 -62.28 31.13
N THR EA 77 -28.70 -62.29 30.79
CA THR EA 77 -28.28 -62.71 29.46
C THR EA 77 -26.94 -63.42 29.54
N VAL EA 78 -26.88 -64.64 29.01
CA VAL EA 78 -25.67 -65.44 28.95
C VAL EA 78 -25.42 -65.80 27.49
N ILE EA 79 -24.18 -65.63 27.03
CA ILE EA 79 -23.80 -65.92 25.65
C ILE EA 79 -22.86 -67.11 25.64
N GLY EA 80 -22.92 -67.89 24.57
CA GLY EA 80 -21.98 -68.97 24.35
C GLY EA 80 -21.25 -68.80 23.03
N CYS EA 81 -19.96 -69.14 23.03
CA CYS EA 81 -19.10 -68.93 21.89
C CYS EA 81 -18.30 -70.20 21.61
N SER EA 82 -18.48 -70.77 20.42
CA SER EA 82 -17.72 -71.93 19.98
C SER EA 82 -16.87 -71.56 18.78
N GLY EA 83 -16.16 -72.57 18.25
CA GLY EA 83 -15.36 -72.35 17.06
C GLY EA 83 -13.91 -72.02 17.35
N PHE EA 84 -13.36 -71.07 16.60
CA PHE EA 84 -11.97 -70.67 16.79
C PHE EA 84 -11.83 -69.86 18.06
N HIS EA 85 -10.97 -70.33 18.97
CA HIS EA 85 -10.90 -69.79 20.32
C HIS EA 85 -10.28 -68.41 20.38
N GLY EA 86 -9.40 -68.07 19.42
CA GLY EA 86 -8.83 -66.73 19.41
C GLY EA 86 -9.83 -65.66 19.07
N ASP EA 87 -10.81 -65.98 18.22
CA ASP EA 87 -11.89 -65.04 17.94
C ASP EA 87 -12.92 -65.02 19.06
N CYS EA 88 -13.04 -66.10 19.83
CA CYS EA 88 -13.97 -66.10 20.96
C CYS EA 88 -13.50 -65.19 22.08
N LEU EA 89 -12.18 -65.11 22.29
CA LEU EA 89 -11.66 -64.21 23.32
C LEU EA 89 -11.75 -62.76 22.87
N THR EA 90 -11.64 -62.51 21.57
CA THR EA 90 -11.74 -61.15 21.06
C THR EA 90 -13.17 -60.66 21.07
N LEU EA 91 -14.09 -61.47 20.54
CA LEU EA 91 -15.49 -61.05 20.38
C LEU EA 91 -16.18 -60.87 21.72
N THR EA 92 -15.74 -61.62 22.75
CA THR EA 92 -16.31 -61.45 24.07
C THR EA 92 -15.97 -60.10 24.67
N LYS EA 93 -14.73 -59.65 24.48
CA LYS EA 93 -14.29 -58.39 25.06
C LYS EA 93 -14.82 -57.18 24.29
N ILE EA 94 -15.20 -57.36 23.03
CA ILE EA 94 -15.80 -56.27 22.27
C ILE EA 94 -17.22 -56.01 22.75
N ILE EA 95 -17.98 -57.09 23.03
CA ILE EA 95 -19.36 -56.96 23.47
C ILE EA 95 -19.41 -56.35 24.87
N GLU EA 96 -18.51 -56.79 25.76
CA GLU EA 96 -18.47 -56.25 27.12
C GLU EA 96 -18.06 -54.79 27.16
N ALA EA 97 -17.32 -54.32 26.15
CA ALA EA 97 -17.03 -52.90 26.08
C ALA EA 97 -18.26 -52.10 25.67
N ARG EA 98 -19.02 -52.63 24.70
CA ARG EA 98 -20.19 -51.92 24.20
C ARG EA 98 -21.38 -51.96 25.16
N LEU EA 99 -21.36 -52.87 26.14
CA LEU EA 99 -22.37 -52.84 27.18
C LEU EA 99 -22.22 -51.60 28.05
N LYS EA 100 -20.97 -51.22 28.36
CA LYS EA 100 -20.73 -50.00 29.11
C LYS EA 100 -20.98 -48.77 28.25
N MET EA 101 -20.71 -48.87 26.95
CA MET EA 101 -20.93 -47.75 26.04
C MET EA 101 -22.41 -47.48 25.83
N TYR EA 102 -23.25 -48.52 25.90
CA TYR EA 102 -24.68 -48.32 25.86
C TYR EA 102 -25.18 -47.63 27.12
N LYS EA 103 -24.63 -48.02 28.28
CA LYS EA 103 -25.25 -47.68 29.55
C LYS EA 103 -25.05 -46.22 29.92
N HIS EA 104 -23.82 -45.71 29.74
CA HIS EA 104 -23.57 -44.32 30.10
C HIS EA 104 -24.14 -43.36 29.07
N SER EA 105 -24.51 -43.85 27.89
CA SER EA 105 -25.22 -43.07 26.90
C SER EA 105 -26.73 -43.12 27.05
N ASN EA 106 -27.26 -44.07 27.84
CA ASN EA 106 -28.70 -44.27 27.90
C ASN EA 106 -29.26 -44.46 29.30
N ASN EA 107 -28.41 -44.57 30.33
CA ASN EA 107 -28.81 -44.69 31.74
C ASN EA 107 -29.67 -45.94 32.00
N LYS EA 108 -29.38 -47.01 31.25
CA LYS EA 108 -30.09 -48.27 31.40
C LYS EA 108 -29.24 -49.37 30.79
N ALA EA 109 -29.63 -50.61 31.05
CA ALA EA 109 -28.93 -51.77 30.51
C ALA EA 109 -29.63 -52.26 29.24
N MET EA 110 -28.89 -53.02 28.44
CA MET EA 110 -29.45 -53.57 27.21
C MET EA 110 -30.45 -54.68 27.52
N THR EA 111 -31.38 -54.90 26.60
CA THR EA 111 -32.31 -56.00 26.71
C THR EA 111 -31.68 -57.23 26.07
N THR EA 112 -32.45 -58.33 26.02
CA THR EA 112 -31.96 -59.51 25.33
C THR EA 112 -31.99 -59.32 23.82
N GLY EA 113 -33.09 -58.77 23.30
CA GLY EA 113 -33.20 -58.53 21.87
C GLY EA 113 -32.30 -57.43 21.35
N ALA EA 114 -31.88 -56.50 22.21
CA ALA EA 114 -30.99 -55.44 21.77
C ALA EA 114 -29.58 -55.96 21.54
N ILE EA 115 -29.16 -56.97 22.31
CA ILE EA 115 -27.82 -57.53 22.14
C ILE EA 115 -27.75 -58.32 20.84
N ALA EA 116 -28.80 -59.06 20.52
CA ALA EA 116 -28.84 -59.81 19.27
C ALA EA 116 -28.88 -58.89 18.05
N ALA EA 117 -29.48 -57.71 18.20
CA ALA EA 117 -29.43 -56.74 17.10
C ALA EA 117 -28.06 -56.09 16.99
N MET EA 118 -27.37 -55.90 18.12
CA MET EA 118 -26.05 -55.30 18.07
C MET EA 118 -25.01 -56.28 17.56
N LEU EA 119 -25.14 -57.55 17.93
CA LEU EA 119 -24.17 -58.57 17.54
C LEU EA 119 -24.22 -58.84 16.04
N SER EA 120 -25.39 -58.69 15.42
CA SER EA 120 -25.50 -58.92 13.98
C SER EA 120 -24.75 -57.88 13.17
N THR EA 121 -24.65 -56.65 13.69
CA THR EA 121 -23.89 -55.62 13.00
C THR EA 121 -22.39 -55.81 13.19
N ILE EA 122 -21.99 -56.38 14.33
CA ILE EA 122 -20.56 -56.60 14.59
C ILE EA 122 -20.04 -57.74 13.73
N LEU EA 123 -20.83 -58.80 13.60
CA LEU EA 123 -20.41 -59.95 12.78
C LEU EA 123 -20.38 -59.61 11.30
N TYR EA 124 -21.26 -58.72 10.84
CA TYR EA 124 -21.23 -58.34 9.43
C TYR EA 124 -20.14 -57.33 9.14
N SER EA 125 -19.63 -56.64 10.16
CA SER EA 125 -18.62 -55.60 9.98
C SER EA 125 -17.29 -56.15 9.48
N ARG EA 126 -17.06 -57.45 9.61
CA ARG EA 126 -15.87 -58.11 9.07
C ARG EA 126 -16.32 -59.17 8.09
N ARG EA 127 -17.21 -58.79 7.16
CA ARG EA 127 -17.83 -59.71 6.21
C ARG EA 127 -16.80 -60.42 5.34
N PHE EA 128 -15.75 -59.71 4.94
CA PHE EA 128 -14.76 -60.27 4.03
C PHE EA 128 -13.52 -60.77 4.76
N PHE EA 129 -13.60 -60.91 6.08
CA PHE EA 129 -12.63 -61.65 6.89
C PHE EA 129 -13.37 -62.11 8.13
N PRO EA 130 -14.13 -63.20 8.04
CA PRO EA 130 -15.16 -63.47 9.06
C PRO EA 130 -14.61 -64.10 10.32
N TYR EA 131 -15.32 -63.84 11.42
CA TYR EA 131 -15.10 -64.58 12.66
C TYR EA 131 -15.53 -66.02 12.47
N TYR EA 132 -14.72 -66.94 12.96
CA TYR EA 132 -15.06 -68.36 12.91
C TYR EA 132 -15.68 -68.78 14.26
N VAL EA 133 -16.82 -68.17 14.57
CA VAL EA 133 -17.48 -68.31 15.85
C VAL EA 133 -18.96 -68.59 15.61
N TYR EA 134 -19.48 -69.64 16.21
CA TYR EA 134 -20.91 -69.89 16.29
C TYR EA 134 -21.41 -69.36 17.63
N ASN EA 135 -22.51 -68.60 17.60
CA ASN EA 135 -23.00 -67.89 18.76
C ASN EA 135 -24.44 -68.28 19.07
N ILE EA 136 -24.74 -68.42 20.35
CA ILE EA 136 -26.09 -68.62 20.85
C ILE EA 136 -26.28 -67.71 22.05
N ILE EA 137 -27.33 -66.87 22.02
CA ILE EA 137 -27.67 -66.00 23.12
C ILE EA 137 -28.97 -66.50 23.74
N GLY EA 138 -28.92 -66.80 25.03
CA GLY EA 138 -30.11 -67.17 25.76
C GLY EA 138 -30.30 -66.27 26.96
N GLY EA 139 -31.56 -65.99 27.28
CA GLY EA 139 -31.85 -65.13 28.40
C GLY EA 139 -33.33 -64.79 28.44
N LEU EA 140 -33.64 -63.82 29.29
CA LEU EA 140 -35.02 -63.39 29.52
C LEU EA 140 -35.32 -62.11 28.77
N ASP EA 141 -36.56 -62.00 28.28
CA ASP EA 141 -37.02 -60.81 27.60
C ASP EA 141 -37.56 -59.80 28.62
N GLU EA 142 -38.23 -58.77 28.15
CA GLU EA 142 -38.83 -57.79 29.04
C GLU EA 142 -40.16 -58.24 29.61
N GLU EA 143 -40.72 -59.35 29.13
CA GLU EA 143 -41.94 -59.90 29.68
C GLU EA 143 -41.69 -60.98 30.73
N GLY EA 144 -40.44 -61.42 30.88
CA GLY EA 144 -40.11 -62.46 31.84
C GLY EA 144 -40.10 -63.86 31.29
N LYS EA 145 -40.10 -64.04 29.97
CA LYS EA 145 -40.11 -65.35 29.34
C LYS EA 145 -38.74 -65.66 28.75
N GLY EA 146 -38.57 -66.93 28.39
CA GLY EA 146 -37.31 -67.36 27.80
C GLY EA 146 -37.18 -66.91 26.37
N ALA EA 147 -35.93 -66.74 25.93
CA ALA EA 147 -35.64 -66.33 24.56
C ALA EA 147 -34.27 -66.84 24.17
N VAL EA 148 -34.20 -67.53 23.04
CA VAL EA 148 -32.95 -68.08 22.53
C VAL EA 148 -32.74 -67.58 21.10
N TYR EA 149 -31.60 -66.95 20.87
CA TYR EA 149 -31.22 -66.46 19.56
C TYR EA 149 -30.00 -67.24 19.07
N SER EA 150 -30.10 -67.80 17.88
CA SER EA 150 -28.99 -68.52 17.26
C SER EA 150 -28.37 -67.66 16.17
N PHE EA 151 -27.13 -67.96 15.83
CA PHE EA 151 -26.35 -67.12 14.93
C PHE EA 151 -25.59 -67.97 13.93
N ASP EA 152 -25.01 -67.30 12.96
CA ASP EA 152 -24.09 -67.85 11.97
C ASP EA 152 -22.84 -66.98 11.98
N PRO EA 153 -21.72 -67.47 11.42
CA PRO EA 153 -20.49 -66.64 11.43
C PRO EA 153 -20.54 -65.36 10.59
N VAL EA 154 -21.61 -65.10 9.83
CA VAL EA 154 -21.71 -63.84 9.10
C VAL EA 154 -22.70 -62.86 9.73
N GLY EA 155 -23.70 -63.34 10.48
CA GLY EA 155 -24.51 -62.43 11.26
C GLY EA 155 -26.01 -62.47 11.08
N SER EA 156 -26.56 -63.56 10.54
CA SER EA 156 -28.00 -63.72 10.44
C SER EA 156 -28.51 -64.46 11.66
N TYR EA 157 -29.69 -64.07 12.13
CA TYR EA 157 -30.22 -64.62 13.37
C TYR EA 157 -31.73 -64.77 13.31
N GLN EA 158 -32.25 -65.54 14.24
CA GLN EA 158 -33.69 -65.71 14.42
C GLN EA 158 -33.92 -66.17 15.85
N ARG EA 159 -35.15 -65.95 16.33
CA ARG EA 159 -35.54 -66.38 17.66
C ARG EA 159 -36.11 -67.79 17.59
N ASP EA 160 -35.56 -68.68 18.41
CA ASP EA 160 -35.99 -70.08 18.44
C ASP EA 160 -36.33 -70.46 19.87
N SER EA 161 -36.80 -71.70 20.03
CA SER EA 161 -37.08 -72.25 21.35
C SER EA 161 -35.94 -73.07 21.91
N PHE EA 162 -35.17 -73.73 21.04
CA PHE EA 162 -34.02 -74.52 21.45
C PHE EA 162 -33.09 -74.68 20.26
N LYS EA 163 -31.80 -74.48 20.50
CA LYS EA 163 -30.76 -74.72 19.51
C LYS EA 163 -29.57 -75.39 20.17
N ALA EA 164 -28.77 -76.06 19.35
CA ALA EA 164 -27.57 -76.73 19.80
C ALA EA 164 -26.47 -76.45 18.78
N GLY EA 165 -25.48 -75.66 19.19
CA GLY EA 165 -24.40 -75.31 18.28
C GLY EA 165 -23.08 -75.92 18.67
N GLY EA 166 -22.17 -76.05 17.71
CA GLY EA 166 -20.86 -76.60 17.99
C GLY EA 166 -20.52 -77.82 17.16
N SER EA 167 -19.57 -78.62 17.63
CA SER EA 167 -19.13 -79.79 16.90
C SER EA 167 -20.16 -80.93 16.94
N ALA EA 168 -20.86 -81.08 18.06
CA ALA EA 168 -21.87 -82.12 18.21
C ALA EA 168 -23.28 -81.60 17.95
N SER EA 169 -23.41 -80.65 17.01
CA SER EA 169 -24.70 -80.04 16.73
C SER EA 169 -25.66 -81.01 16.06
N ALA EA 170 -25.13 -81.90 15.22
CA ALA EA 170 -25.97 -82.86 14.51
C ALA EA 170 -26.46 -83.99 15.41
N MET EA 171 -25.81 -84.22 16.54
CA MET EA 171 -26.17 -85.30 17.43
C MET EA 171 -27.18 -84.89 18.50
N LEU EA 172 -27.59 -83.63 18.53
CA LEU EA 172 -28.48 -83.15 19.57
C LEU EA 172 -29.78 -82.59 19.06
N GLN EA 173 -29.80 -82.03 17.84
CA GLN EA 173 -31.04 -81.51 17.27
C GLN EA 173 -32.14 -82.54 17.01
N PRO EA 174 -31.88 -83.77 16.49
CA PRO EA 174 -33.02 -84.69 16.31
C PRO EA 174 -33.63 -85.19 17.61
N LEU EA 175 -32.86 -85.29 18.69
CA LEU EA 175 -33.43 -85.80 19.92
C LEU EA 175 -34.30 -84.76 20.61
N LEU EA 176 -33.91 -83.49 20.53
CA LEU EA 176 -34.71 -82.44 21.16
C LEU EA 176 -35.97 -82.14 20.37
N ASP EA 177 -35.99 -82.49 19.08
CA ASP EA 177 -37.23 -82.42 18.32
C ASP EA 177 -38.24 -83.44 18.81
N ASN EA 178 -37.77 -84.58 19.30
CA ASN EA 178 -38.68 -85.60 19.82
C ASN EA 178 -39.20 -85.21 21.19
N GLN EA 179 -38.33 -84.73 22.08
CA GLN EA 179 -38.70 -84.52 23.46
C GLN EA 179 -39.32 -83.14 23.71
N VAL EA 180 -38.72 -82.09 23.17
CA VAL EA 180 -39.23 -80.75 23.39
C VAL EA 180 -40.28 -80.37 22.35
N GLY EA 181 -39.96 -80.53 21.07
CA GLY EA 181 -40.88 -80.16 20.01
C GLY EA 181 -41.99 -81.14 19.74
N PHE EA 182 -41.88 -82.36 20.30
CA PHE EA 182 -42.87 -83.44 20.14
C PHE EA 182 -43.11 -83.80 18.67
N LYS EA 183 -42.07 -83.68 17.84
CA LYS EA 183 -42.22 -84.00 16.44
C LYS EA 183 -42.22 -85.51 16.23
N ASN EA 184 -42.94 -85.94 15.17
CA ASN EA 184 -43.12 -87.34 14.78
C ASN EA 184 -43.72 -88.20 15.88
N MET EA 185 -44.57 -87.62 16.73
CA MET EA 185 -45.22 -88.35 17.79
C MET EA 185 -46.74 -88.34 17.57
N GLN EA 186 -47.39 -89.39 18.04
CA GLN EA 186 -48.83 -89.56 17.92
C GLN EA 186 -49.44 -89.81 19.29
N ASN EA 187 -50.57 -89.15 19.55
CA ASN EA 187 -51.36 -89.29 20.78
C ASN EA 187 -50.55 -88.93 22.02
N VAL EA 188 -49.94 -87.75 21.98
CA VAL EA 188 -49.16 -87.22 23.09
C VAL EA 188 -49.49 -85.75 23.25
N GLU EA 189 -49.94 -85.37 24.44
CA GLU EA 189 -50.31 -83.99 24.70
C GLU EA 189 -49.08 -83.10 24.77
N HIS EA 190 -49.31 -81.80 24.53
CA HIS EA 190 -48.22 -80.82 24.51
C HIS EA 190 -48.20 -80.08 25.84
N VAL EA 191 -47.62 -80.74 26.84
CA VAL EA 191 -47.38 -80.11 28.14
C VAL EA 191 -46.12 -79.26 28.00
N PRO EA 192 -46.11 -78.03 28.53
CA PRO EA 192 -44.87 -77.24 28.49
C PRO EA 192 -43.82 -77.83 29.41
N LEU EA 193 -42.57 -77.66 29.01
CA LEU EA 193 -41.46 -78.25 29.73
C LEU EA 193 -41.22 -77.50 31.04
N SER EA 194 -41.26 -78.24 32.15
CA SER EA 194 -40.99 -77.67 33.46
C SER EA 194 -39.50 -77.46 33.64
N LEU EA 195 -39.12 -76.86 34.77
CA LEU EA 195 -37.71 -76.61 35.04
C LEU EA 195 -36.99 -77.91 35.40
N ASP EA 196 -37.60 -78.75 36.23
CA ASP EA 196 -36.94 -79.97 36.68
C ASP EA 196 -36.84 -81.00 35.56
N ARG EA 197 -37.85 -81.06 34.69
CA ARG EA 197 -37.79 -81.98 33.55
C ARG EA 197 -36.74 -81.51 32.54
N ALA EA 198 -36.57 -80.20 32.40
CA ALA EA 198 -35.57 -79.68 31.48
C ALA EA 198 -34.15 -79.91 31.97
N MET EA 199 -33.94 -80.04 33.29
CA MET EA 199 -32.60 -80.28 33.80
C MET EA 199 -32.11 -81.68 33.45
N ARG EA 200 -32.97 -82.67 33.59
CA ARG EA 200 -32.56 -84.04 33.29
C ARG EA 200 -32.49 -84.31 31.79
N LEU EA 201 -33.15 -83.50 30.95
CA LEU EA 201 -32.96 -83.64 29.52
C LEU EA 201 -31.60 -83.13 29.08
N VAL EA 202 -31.12 -82.07 29.74
CA VAL EA 202 -29.78 -81.57 29.44
C VAL EA 202 -28.72 -82.55 29.93
N LYS EA 203 -28.94 -83.14 31.10
CA LYS EA 203 -27.96 -84.08 31.64
C LYS EA 203 -27.91 -85.40 30.87
N ASP EA 204 -28.96 -85.73 30.13
CA ASP EA 204 -28.96 -86.97 29.36
C ASP EA 204 -28.39 -86.82 27.97
N VAL EA 205 -28.52 -85.65 27.34
CA VAL EA 205 -28.05 -85.51 25.97
C VAL EA 205 -26.53 -85.42 25.91
N PHE EA 206 -25.89 -84.83 26.93
CA PHE EA 206 -24.45 -84.72 26.92
C PHE EA 206 -23.74 -86.01 27.29
N ILE EA 207 -24.41 -86.91 28.00
CA ILE EA 207 -23.83 -88.23 28.22
C ILE EA 207 -23.83 -89.02 26.92
N SER EA 208 -24.92 -88.97 26.16
CA SER EA 208 -24.98 -89.69 24.89
C SER EA 208 -24.11 -89.04 23.83
N ALA EA 209 -23.90 -87.72 23.91
CA ALA EA 209 -23.06 -87.06 22.90
C ALA EA 209 -21.59 -87.27 23.16
N ALA EA 210 -21.17 -87.38 24.43
CA ALA EA 210 -19.76 -87.58 24.73
C ALA EA 210 -19.29 -88.98 24.37
N GLU EA 211 -20.20 -89.92 24.17
CA GLU EA 211 -19.83 -91.27 23.76
C GLU EA 211 -19.35 -91.30 22.32
N ARG EA 212 -20.10 -90.66 21.41
CA ARG EA 212 -19.81 -90.76 19.99
C ARG EA 212 -18.96 -89.62 19.46
N ASP EA 213 -18.91 -88.48 20.15
CA ASP EA 213 -18.08 -87.36 19.74
C ASP EA 213 -16.79 -87.37 20.53
N VAL EA 214 -15.70 -86.94 19.90
CA VAL EA 214 -14.40 -86.87 20.55
C VAL EA 214 -14.07 -85.48 21.07
N TYR EA 215 -14.81 -84.45 20.64
CA TYR EA 215 -14.57 -83.08 21.06
C TYR EA 215 -15.41 -82.68 22.26
N THR EA 216 -15.92 -83.65 23.02
CA THR EA 216 -16.89 -83.35 24.07
C THR EA 216 -16.60 -84.21 25.29
N GLY EA 217 -16.46 -83.58 26.44
CA GLY EA 217 -16.35 -84.33 27.68
C GLY EA 217 -15.77 -83.47 28.79
N ASP EA 218 -15.33 -84.18 29.84
CA ASP EA 218 -14.51 -83.76 30.97
C ASP EA 218 -15.23 -82.92 32.02
N ALA EA 219 -16.42 -82.39 31.68
CA ALA EA 219 -17.29 -81.60 32.56
C ALA EA 219 -18.58 -81.23 31.84
N LEU EA 220 -19.47 -80.54 32.55
CA LEU EA 220 -20.65 -79.93 31.92
C LEU EA 220 -21.07 -78.74 32.77
N ARG EA 221 -20.75 -77.54 32.30
CA ARG EA 221 -21.17 -76.31 32.97
C ARG EA 221 -22.58 -75.95 32.52
N ILE EA 222 -23.47 -75.76 33.49
CA ILE EA 222 -24.87 -75.44 33.22
C ILE EA 222 -25.21 -74.14 33.93
N CYS EA 223 -25.73 -73.18 33.18
CA CYS EA 223 -26.17 -71.90 33.72
C CYS EA 223 -27.68 -71.78 33.57
N ILE EA 224 -28.36 -71.44 34.65
CA ILE EA 224 -29.80 -71.29 34.68
C ILE EA 224 -30.13 -69.83 34.93
N VAL EA 225 -30.86 -69.21 34.01
CA VAL EA 225 -31.22 -67.80 34.09
C VAL EA 225 -32.69 -67.70 34.44
N THR EA 226 -32.97 -67.20 35.65
CA THR EA 226 -34.35 -66.98 36.09
C THR EA 226 -34.53 -65.53 36.49
N LYS EA 227 -35.68 -65.20 37.09
CA LYS EA 227 -35.95 -63.86 37.56
C LYS EA 227 -35.25 -63.54 38.88
N GLU EA 228 -34.57 -64.50 39.47
CA GLU EA 228 -33.90 -64.33 40.76
C GLU EA 228 -32.39 -64.31 40.66
N GLY EA 229 -31.84 -64.36 39.45
CA GLY EA 229 -30.41 -64.34 39.24
C GLY EA 229 -29.99 -65.45 38.32
N ILE EA 230 -28.71 -65.79 38.38
CA ILE EA 230 -28.11 -66.83 37.54
C ILE EA 230 -27.48 -67.88 38.44
N ARG EA 231 -27.95 -69.11 38.31
CA ARG EA 231 -27.37 -70.25 39.02
C ARG EA 231 -26.39 -70.98 38.13
N GLU EA 232 -25.45 -71.68 38.75
CA GLU EA 232 -24.50 -72.51 38.04
C GLU EA 232 -24.46 -73.90 38.65
N GLU EA 233 -24.07 -74.87 37.82
CA GLU EA 233 -24.03 -76.27 38.22
C GLU EA 233 -23.07 -77.00 37.29
N THR EA 234 -22.25 -77.88 37.86
CA THR EA 234 -21.24 -78.60 37.12
C THR EA 234 -21.45 -80.10 37.28
N VAL EA 235 -21.55 -80.82 36.16
CA VAL EA 235 -21.73 -82.27 36.14
C VAL EA 235 -20.55 -82.86 35.39
N SER EA 236 -19.90 -83.85 35.99
CA SER EA 236 -18.75 -84.50 35.37
C SER EA 236 -19.18 -85.44 34.26
N LEU EA 237 -18.29 -85.66 33.32
CA LEU EA 237 -18.46 -86.61 32.24
C LEU EA 237 -17.27 -87.57 32.21
N ARG EA 238 -17.22 -88.40 31.17
CA ARG EA 238 -16.09 -89.31 31.00
C ARG EA 238 -14.86 -88.55 30.52
N LYS EA 239 -13.70 -89.01 30.96
CA LYS EA 239 -12.46 -88.24 30.85
C LYS EA 239 -11.55 -88.68 29.72
N ASP EA 240 -11.98 -89.63 28.89
CA ASP EA 240 -11.12 -90.13 27.82
C ASP EA 240 -10.93 -89.12 26.69
N THR FA 45 5.75 -62.49 9.59
CA THR FA 45 6.77 -63.49 9.35
C THR FA 45 6.18 -64.70 8.64
N GLN FA 46 6.68 -64.98 7.44
CA GLN FA 46 6.21 -66.11 6.66
C GLN FA 46 7.13 -67.33 6.74
N ASN FA 47 8.41 -67.12 7.02
CA ASN FA 47 9.36 -68.23 7.06
C ASN FA 47 10.23 -68.12 8.31
N PRO FA 48 10.04 -68.99 9.30
CA PRO FA 48 10.89 -68.96 10.50
C PRO FA 48 12.28 -69.52 10.19
N MET FA 49 13.29 -68.68 10.36
CA MET FA 49 14.66 -69.11 10.05
C MET FA 49 15.27 -69.87 11.21
N VAL FA 50 15.47 -69.20 12.34
CA VAL FA 50 16.15 -69.79 13.50
C VAL FA 50 15.10 -70.02 14.58
N THR FA 51 14.83 -71.28 14.87
CA THR FA 51 13.75 -71.66 15.77
C THR FA 51 14.28 -72.30 17.04
N GLY FA 52 13.42 -72.35 18.04
CA GLY FA 52 13.65 -73.07 19.27
C GLY FA 52 12.92 -74.39 19.29
N THR FA 53 12.52 -74.80 20.48
CA THR FA 53 11.85 -76.09 20.69
C THR FA 53 11.04 -76.01 21.98
N SER FA 54 10.67 -77.18 22.52
CA SER FA 54 9.71 -77.31 23.61
C SER FA 54 10.15 -76.58 24.88
N VAL FA 55 9.17 -75.98 25.55
CA VAL FA 55 9.35 -75.27 26.81
C VAL FA 55 8.34 -75.83 27.79
N LEU FA 56 8.81 -76.16 29.00
CA LEU FA 56 7.97 -76.76 30.02
C LEU FA 56 7.61 -75.75 31.11
N GLY FA 57 6.61 -76.10 31.90
CA GLY FA 57 6.19 -75.27 33.02
C GLY FA 57 5.13 -75.92 33.86
N VAL FA 58 5.26 -75.82 35.19
CA VAL FA 58 4.32 -76.46 36.10
C VAL FA 58 4.33 -75.68 37.41
N LYS FA 59 3.16 -75.57 38.04
CA LYS FA 59 3.01 -74.90 39.31
C LYS FA 59 3.45 -75.81 40.45
N PHE FA 60 3.71 -75.19 41.61
CA PHE FA 60 3.88 -75.93 42.85
C PHE FA 60 3.38 -75.05 43.99
N GLU FA 61 3.69 -75.46 45.23
CA GLU FA 61 3.26 -74.72 46.41
C GLU FA 61 4.02 -73.41 46.54
N GLY FA 62 3.42 -72.33 46.06
CA GLY FA 62 4.03 -71.01 46.18
C GLY FA 62 5.08 -70.70 45.14
N GLY FA 63 4.82 -71.05 43.88
CA GLY FA 63 5.76 -70.70 42.83
C GLY FA 63 5.50 -71.51 41.59
N VAL FA 64 6.14 -71.06 40.50
CA VAL FA 64 6.05 -71.69 39.19
C VAL FA 64 7.46 -71.91 38.66
N VAL FA 65 7.75 -73.11 38.17
CA VAL FA 65 9.05 -73.45 37.62
C VAL FA 65 8.91 -73.63 36.11
N ILE FA 66 9.87 -73.10 35.35
CA ILE FA 66 9.89 -73.14 33.89
C ILE FA 66 11.30 -73.52 33.44
N ALA FA 67 11.40 -74.50 32.54
CA ALA FA 67 12.68 -74.92 32.00
C ALA FA 67 12.63 -75.02 30.48
N ALA FA 68 13.76 -74.72 29.86
CA ALA FA 68 13.94 -74.84 28.42
C ALA FA 68 15.42 -74.98 28.13
N ASP FA 69 15.74 -75.44 26.93
CA ASP FA 69 17.13 -75.67 26.56
C ASP FA 69 17.72 -74.42 25.93
N MET FA 70 18.92 -74.56 25.36
CA MET FA 70 19.76 -73.45 24.94
C MET FA 70 20.25 -73.66 23.51
N LEU FA 71 19.33 -73.96 22.61
CA LEU FA 71 19.68 -74.35 21.25
C LEU FA 71 19.03 -73.44 20.22
N GLY FA 72 19.80 -73.07 19.20
CA GLY FA 72 19.39 -72.13 18.17
C GLY FA 72 19.35 -72.69 16.76
N SER FA 73 18.75 -73.87 16.59
CA SER FA 73 18.86 -74.63 15.34
C SER FA 73 18.25 -73.91 14.15
N TYR FA 74 18.87 -74.12 12.98
CA TYR FA 74 18.41 -73.63 11.69
C TYR FA 74 18.06 -74.84 10.84
N GLY FA 75 16.77 -75.18 10.80
CA GLY FA 75 16.35 -76.37 10.08
C GLY FA 75 16.80 -77.64 10.78
N SER FA 76 17.78 -78.33 10.20
CA SER FA 76 18.41 -79.47 10.84
C SER FA 76 19.76 -79.13 11.45
N LEU FA 77 20.42 -78.08 10.96
CA LEU FA 77 21.69 -77.65 11.52
C LEU FA 77 21.48 -76.92 12.83
N ALA FA 78 22.22 -77.32 13.86
CA ALA FA 78 22.24 -76.63 15.15
C ALA FA 78 23.33 -75.57 15.08
N ARG FA 79 22.94 -74.37 14.65
CA ARG FA 79 23.94 -73.33 14.38
C ARG FA 79 24.39 -72.64 15.65
N PHE FA 80 23.48 -72.44 16.61
CA PHE FA 80 23.77 -71.66 17.81
C PHE FA 80 23.60 -72.55 19.03
N ARG FA 81 24.72 -72.89 19.67
CA ARG FA 81 24.71 -73.82 20.79
C ARG FA 81 24.54 -73.13 22.14
N ASN FA 82 24.54 -71.80 22.18
CA ASN FA 82 24.55 -71.11 23.48
C ASN FA 82 23.72 -69.83 23.33
N ILE FA 83 22.43 -69.95 23.66
CA ILE FA 83 21.51 -68.81 23.71
C ILE FA 83 20.63 -68.98 24.93
N SER FA 84 20.01 -67.88 25.35
CA SER FA 84 19.08 -67.90 26.47
C SER FA 84 17.67 -67.69 25.93
N ARG FA 85 16.76 -68.58 26.31
CA ARG FA 85 15.39 -68.56 25.82
C ARG FA 85 14.38 -68.24 26.92
N ILE FA 86 14.86 -67.77 28.06
CA ILE FA 86 14.01 -67.41 29.19
C ILE FA 86 14.32 -65.98 29.60
N MET FA 87 13.30 -65.14 29.65
CA MET FA 87 13.45 -63.74 30.00
C MET FA 87 12.88 -63.49 31.40
N ARG FA 88 13.67 -62.84 32.23
CA ARG FA 88 13.26 -62.49 33.59
C ARG FA 88 12.58 -61.12 33.57
N VAL FA 89 11.26 -61.12 33.68
CA VAL FA 89 10.51 -59.88 33.85
C VAL FA 89 10.63 -59.55 35.33
N ASN FA 90 10.29 -58.32 35.72
CA ASN FA 90 10.83 -57.59 36.87
C ASN FA 90 11.02 -58.31 38.20
N ASN FA 91 9.95 -58.73 38.87
CA ASN FA 91 10.12 -59.44 40.13
C ASN FA 91 9.16 -60.60 40.35
N SER FA 92 8.07 -60.71 39.61
CA SER FA 92 7.07 -61.72 39.88
C SER FA 92 6.76 -62.58 38.68
N THR FA 93 6.65 -61.98 37.50
CA THR FA 93 6.34 -62.71 36.27
C THR FA 93 7.61 -62.99 35.49
N MET FA 94 7.48 -63.88 34.51
CA MET FA 94 8.63 -64.53 33.89
C MET FA 94 8.18 -65.20 32.60
N LEU FA 95 9.03 -65.13 31.57
CA LEU FA 95 8.63 -65.52 30.23
C LEU FA 95 9.65 -66.46 29.58
N GLY FA 96 9.13 -67.55 29.04
CA GLY FA 96 9.90 -68.38 28.13
C GLY FA 96 9.11 -68.61 26.87
N ALA FA 97 9.83 -68.81 25.76
CA ALA FA 97 9.18 -68.83 24.46
C ALA FA 97 9.78 -69.90 23.57
N SER FA 98 9.01 -70.25 22.54
CA SER FA 98 9.46 -71.13 21.48
C SER FA 98 9.26 -70.44 20.14
N GLY FA 99 9.44 -71.17 19.05
CA GLY FA 99 9.26 -70.57 17.74
C GLY FA 99 10.47 -69.77 17.30
N ASP FA 100 10.22 -68.77 16.48
CA ASP FA 100 11.30 -67.98 15.88
C ASP FA 100 11.98 -67.12 16.93
N TYR FA 101 13.31 -67.11 16.91
CA TYR FA 101 14.09 -66.43 17.93
C TYR FA 101 14.32 -64.96 17.60
N ALA FA 102 14.32 -64.59 16.32
CA ALA FA 102 14.41 -63.18 15.95
C ALA FA 102 13.16 -62.42 16.35
N ASP FA 103 12.00 -63.08 16.32
CA ASP FA 103 10.79 -62.47 16.84
C ASP FA 103 10.82 -62.37 18.36
N PHE FA 104 11.53 -63.29 19.01
CA PHE FA 104 11.62 -63.25 20.46
C PHE FA 104 12.49 -62.10 20.95
N GLN FA 105 13.53 -61.75 20.21
CA GLN FA 105 14.33 -60.57 20.55
C GLN FA 105 13.53 -59.29 20.38
N TYR FA 106 12.53 -59.28 19.51
CA TYR FA 106 11.66 -58.12 19.37
C TYR FA 106 10.76 -57.96 20.58
N LEU FA 107 10.17 -59.05 21.05
CA LEU FA 107 9.31 -58.97 22.24
C LEU FA 107 10.12 -58.79 23.51
N LYS FA 108 11.38 -59.24 23.50
CA LYS FA 108 12.29 -58.94 24.61
C LYS FA 108 12.60 -57.45 24.65
N GLN FA 109 12.62 -56.80 23.49
CA GLN FA 109 12.87 -55.37 23.40
C GLN FA 109 11.69 -54.55 23.87
N VAL FA 110 10.47 -54.96 23.52
CA VAL FA 110 9.28 -54.18 23.83
C VAL FA 110 8.85 -54.36 25.28
N LEU FA 111 8.80 -55.61 25.75
CA LEU FA 111 8.46 -55.88 27.14
C LEU FA 111 9.49 -55.32 28.10
N GLY FA 112 10.76 -55.26 27.70
CA GLY FA 112 11.77 -54.63 28.52
C GLY FA 112 11.57 -53.14 28.67
N GLN FA 113 10.96 -52.50 27.67
CA GLN FA 113 10.75 -51.07 27.74
C GLN FA 113 9.55 -50.72 28.62
N MET FA 114 8.48 -51.52 28.55
CA MET FA 114 7.24 -51.20 29.26
C MET FA 114 7.40 -51.33 30.77
N VAL FA 115 8.25 -52.26 31.21
CA VAL FA 115 8.49 -52.43 32.64
C VAL FA 115 9.28 -51.24 33.18
N ILE FA 116 10.24 -50.75 32.41
CA ILE FA 116 11.00 -49.56 32.81
C ILE FA 116 10.09 -48.34 32.83
N ASP FA 117 9.14 -48.25 31.89
CA ASP FA 117 8.27 -47.10 31.80
C ASP FA 117 7.30 -46.97 32.97
N GLU FA 118 7.01 -48.06 33.68
CA GLU FA 118 6.17 -47.95 34.86
C GLU FA 118 6.99 -47.70 36.12
N GLU FA 119 8.18 -48.29 36.22
CA GLU FA 119 9.02 -48.14 37.40
C GLU FA 119 9.53 -46.72 37.56
N LEU FA 120 9.65 -45.96 36.48
CA LEU FA 120 10.09 -44.58 36.60
C LEU FA 120 8.99 -43.67 37.12
N LEU FA 121 7.73 -44.10 37.05
CA LEU FA 121 6.67 -43.34 37.68
C LEU FA 121 6.74 -43.44 39.19
N GLY FA 122 6.98 -44.64 39.71
CA GLY FA 122 7.12 -44.83 41.14
C GLY FA 122 5.86 -44.67 41.93
N ASP FA 123 4.71 -44.96 41.33
CA ASP FA 123 3.41 -44.81 41.99
C ASP FA 123 2.99 -46.05 42.77
N GLY FA 124 3.92 -46.95 43.07
CA GLY FA 124 3.59 -48.12 43.85
C GLY FA 124 2.79 -49.19 43.13
N HIS FA 125 2.85 -49.22 41.80
CA HIS FA 125 2.14 -50.20 41.00
C HIS FA 125 3.09 -50.92 40.07
N SER FA 126 2.69 -52.12 39.66
CA SER FA 126 3.47 -52.92 38.73
C SER FA 126 2.51 -53.77 37.92
N TYR FA 127 3.04 -54.39 36.86
CA TYR FA 127 2.23 -55.28 36.06
C TYR FA 127 2.07 -56.62 36.78
N SER FA 128 0.82 -57.07 36.92
CA SER FA 128 0.56 -58.40 37.40
C SER FA 128 0.94 -59.41 36.32
N PRO FA 129 1.20 -60.66 36.69
CA PRO FA 129 1.44 -61.69 35.65
C PRO FA 129 0.23 -61.95 34.77
N ARG FA 130 -0.98 -61.71 35.26
CA ARG FA 130 -2.16 -61.81 34.41
C ARG FA 130 -2.29 -60.65 33.44
N ALA FA 131 -1.78 -59.46 33.80
CA ALA FA 131 -1.86 -58.32 32.90
C ALA FA 131 -0.88 -58.45 31.73
N ILE FA 132 0.27 -59.08 31.97
CA ILE FA 132 1.19 -59.38 30.88
C ILE FA 132 0.56 -60.41 29.93
N HIS FA 133 -0.15 -61.39 30.50
CA HIS FA 133 -0.84 -62.38 29.70
C HIS FA 133 -1.99 -61.78 28.91
N SER FA 134 -2.59 -60.70 29.41
CA SER FA 134 -3.65 -60.03 28.66
C SER FA 134 -3.08 -59.18 27.53
N TRP FA 135 -1.98 -58.46 27.79
CA TRP FA 135 -1.39 -57.60 26.76
C TRP FA 135 -0.79 -58.41 25.64
N LEU FA 136 -0.17 -59.54 25.97
CA LEU FA 136 0.54 -60.33 24.97
C LEU FA 136 -0.42 -61.03 24.02
N THR FA 137 -1.62 -61.38 24.51
CA THR FA 137 -2.62 -61.98 23.66
C THR FA 137 -3.15 -60.99 22.63
N ARG FA 138 -3.41 -59.75 23.06
CA ARG FA 138 -3.89 -58.73 22.13
C ARG FA 138 -2.82 -58.31 21.15
N ALA FA 139 -1.55 -58.46 21.53
CA ALA FA 139 -0.47 -58.18 20.59
C ALA FA 139 -0.39 -59.24 19.51
N MET FA 140 -0.63 -60.50 19.87
CA MET FA 140 -0.54 -61.58 18.89
C MET FA 140 -1.78 -61.63 18.00
N TYR FA 141 -2.95 -61.31 18.55
CA TYR FA 141 -4.17 -61.35 17.74
C TYR FA 141 -4.21 -60.20 16.73
N SER FA 142 -3.75 -59.02 17.13
CA SER FA 142 -3.71 -57.91 16.21
C SER FA 142 -2.64 -58.09 15.14
N ARG FA 143 -1.64 -58.93 15.40
CA ARG FA 143 -0.58 -59.15 14.43
C ARG FA 143 -1.00 -60.15 13.36
N ARG FA 144 -1.75 -61.18 13.73
CA ARG FA 144 -2.22 -62.14 12.73
C ARG FA 144 -3.36 -61.61 11.88
N SER FA 145 -4.05 -60.56 12.34
CA SER FA 145 -5.14 -60.00 11.55
C SER FA 145 -4.63 -59.24 10.34
N LYS FA 146 -3.39 -58.78 10.37
CA LYS FA 146 -2.73 -58.17 9.23
C LYS FA 146 -2.05 -59.19 8.33
N MET FA 147 -2.23 -60.48 8.62
CA MET FA 147 -1.65 -61.60 7.87
C MET FA 147 -0.12 -61.52 7.83
N ASN FA 148 0.47 -61.11 8.95
CA ASN FA 148 1.93 -61.02 9.08
C ASN FA 148 2.31 -61.39 10.50
N PRO FA 149 2.15 -62.65 10.87
CA PRO FA 149 2.16 -63.03 12.30
C PRO FA 149 3.56 -63.10 12.87
N LEU FA 150 3.63 -63.30 14.18
CA LEU FA 150 4.87 -63.57 14.90
C LEU FA 150 4.96 -65.06 15.18
N TRP FA 151 6.00 -65.70 14.66
CA TRP FA 151 6.15 -67.15 14.82
C TRP FA 151 6.71 -67.46 16.20
N ASN FA 152 5.81 -67.50 17.18
CA ASN FA 152 6.20 -67.79 18.55
C ASN FA 152 5.14 -68.65 19.23
N THR FA 153 5.54 -69.22 20.37
CA THR FA 153 4.62 -69.91 21.27
C THR FA 153 5.18 -69.69 22.67
N MET FA 154 4.42 -69.00 23.51
CA MET FA 154 4.99 -68.39 24.71
C MET FA 154 4.29 -68.90 25.96
N VAL FA 155 5.08 -69.07 27.02
CA VAL FA 155 4.61 -69.55 28.32
C VAL FA 155 4.97 -68.51 29.35
N ILE FA 156 3.97 -68.02 30.09
CA ILE FA 156 4.15 -66.98 31.09
C ILE FA 156 3.95 -67.61 32.46
N GLY FA 157 4.97 -67.54 33.30
CA GLY FA 157 4.88 -67.98 34.68
C GLY FA 157 5.02 -66.81 35.62
N GLY FA 158 4.17 -66.77 36.64
CA GLY FA 158 4.18 -65.65 37.56
C GLY FA 158 3.64 -66.05 38.92
N TYR FA 159 4.04 -65.28 39.93
CA TYR FA 159 3.61 -65.50 41.30
C TYR FA 159 3.39 -64.16 41.96
N ALA FA 160 2.14 -63.82 42.25
CA ALA FA 160 1.80 -62.56 42.88
C ALA FA 160 0.63 -62.77 43.81
N ASP FA 161 0.64 -62.02 44.93
CA ASP FA 161 -0.41 -62.02 45.96
C ASP FA 161 -0.64 -63.41 46.55
N GLY FA 162 0.45 -64.16 46.72
CA GLY FA 162 0.35 -65.52 47.21
C GLY FA 162 -0.28 -66.50 46.26
N GLU FA 163 -0.38 -66.16 44.98
CA GLU FA 163 -1.05 -67.00 43.99
C GLU FA 163 -0.12 -67.25 42.83
N SER FA 164 -0.04 -68.51 42.40
CA SER FA 164 0.74 -68.86 41.24
C SER FA 164 -0.03 -68.53 39.97
N PHE FA 165 0.69 -68.46 38.86
CA PHE FA 165 0.07 -68.17 37.57
C PHE FA 165 0.88 -68.84 36.47
N LEU FA 166 0.18 -69.44 35.52
CA LEU FA 166 0.82 -70.16 34.42
C LEU FA 166 -0.06 -70.01 33.20
N GLY FA 167 0.41 -69.24 32.22
CA GLY FA 167 -0.41 -68.91 31.07
C GLY FA 167 0.25 -69.31 29.76
N TYR FA 168 -0.60 -69.61 28.79
CA TYR FA 168 -0.18 -70.05 27.46
C TYR FA 168 -0.57 -69.00 26.44
N VAL FA 169 0.30 -68.77 25.46
CA VAL FA 169 0.03 -67.84 24.37
C VAL FA 169 0.41 -68.51 23.07
N ASP FA 170 -0.54 -68.61 22.14
CA ASP FA 170 -0.32 -69.21 20.84
C ASP FA 170 0.03 -68.12 19.83
N MET FA 171 0.53 -68.56 18.67
CA MET FA 171 0.71 -67.66 17.54
C MET FA 171 -0.61 -67.10 17.05
N LEU FA 172 -1.66 -67.92 17.04
CA LEU FA 172 -2.96 -67.53 16.54
C LEU FA 172 -3.83 -66.83 17.58
N GLY FA 173 -3.25 -66.41 18.70
CA GLY FA 173 -4.01 -65.70 19.72
C GLY FA 173 -4.85 -66.59 20.61
N VAL FA 174 -4.54 -67.87 20.69
CA VAL FA 174 -5.25 -68.79 21.57
C VAL FA 174 -4.57 -68.80 22.92
N ALA FA 175 -5.30 -68.47 23.97
CA ALA FA 175 -4.72 -68.33 25.29
C ALA FA 175 -5.62 -68.98 26.33
N TYR FA 176 -5.00 -69.58 27.34
CA TYR FA 176 -5.72 -70.21 28.44
C TYR FA 176 -4.77 -70.31 29.63
N GLU FA 177 -5.29 -70.87 30.72
CA GLU FA 177 -4.51 -71.14 31.91
C GLU FA 177 -4.55 -72.64 32.20
N ALA FA 178 -3.50 -73.13 32.87
CA ALA FA 178 -3.37 -74.55 33.13
C ALA FA 178 -2.42 -74.75 34.30
N PRO FA 179 -2.57 -75.81 35.08
CA PRO FA 179 -1.56 -76.13 36.11
C PRO FA 179 -0.26 -76.67 35.55
N SER FA 180 -0.23 -77.08 34.28
CA SER FA 180 1.00 -77.54 33.66
C SER FA 180 0.90 -77.27 32.17
N LEU FA 181 2.01 -76.82 31.58
CA LEU FA 181 2.05 -76.47 30.17
C LEU FA 181 3.25 -77.11 29.50
N ALA FA 182 3.10 -77.33 28.20
CA ALA FA 182 4.15 -77.90 27.38
C ALA FA 182 3.88 -77.51 25.93
N THR FA 183 4.94 -77.09 25.23
CA THR FA 183 4.82 -76.62 23.87
C THR FA 183 5.54 -77.58 22.92
N GLY FA 184 5.22 -77.45 21.63
CA GLY FA 184 5.92 -78.19 20.60
C GLY FA 184 5.66 -79.68 20.68
N TYR FA 185 6.74 -80.47 20.61
CA TYR FA 185 6.62 -81.90 20.82
C TYR FA 185 6.45 -82.26 22.28
N GLY FA 186 6.77 -81.34 23.19
CA GLY FA 186 6.56 -81.58 24.61
C GLY FA 186 5.10 -81.74 24.99
N ALA FA 187 4.18 -81.17 24.21
CA ALA FA 187 2.76 -81.39 24.42
C ALA FA 187 2.33 -82.81 24.09
N TYR FA 188 3.14 -83.54 23.32
CA TYR FA 188 2.89 -84.95 23.05
C TYR FA 188 3.63 -85.87 23.99
N LEU FA 189 4.74 -85.41 24.57
CA LEU FA 189 5.66 -86.29 25.27
C LEU FA 189 5.71 -86.04 26.77
N ALA FA 190 6.02 -84.81 27.19
CA ALA FA 190 6.11 -84.52 28.62
C ALA FA 190 4.74 -84.25 29.22
N GLN FA 191 3.80 -83.77 28.40
CA GLN FA 191 2.45 -83.47 28.89
C GLN FA 191 1.67 -84.68 29.46
N PRO FA 192 1.76 -85.91 28.93
CA PRO FA 192 1.15 -87.03 29.67
C PRO FA 192 1.84 -87.34 31.00
N LEU FA 193 3.13 -87.05 31.13
CA LEU FA 193 3.78 -87.23 32.42
C LEU FA 193 3.38 -86.15 33.41
N LEU FA 194 3.02 -84.97 32.92
CA LEU FA 194 2.60 -83.89 33.81
C LEU FA 194 1.22 -84.17 34.39
N ARG FA 195 0.26 -84.54 33.53
CA ARG FA 195 -1.11 -84.73 33.97
C ARG FA 195 -1.30 -86.00 34.79
N GLU FA 196 -0.37 -86.96 34.67
CA GLU FA 196 -0.50 -88.19 35.44
C GLU FA 196 -0.25 -87.94 36.91
N VAL FA 197 0.76 -87.13 37.23
CA VAL FA 197 1.09 -86.88 38.63
C VAL FA 197 0.10 -85.91 39.26
N LEU FA 198 -0.34 -84.90 38.50
CA LEU FA 198 -1.22 -83.88 39.04
C LEU FA 198 -2.63 -84.38 39.31
N GLU FA 199 -3.03 -85.50 38.71
CA GLU FA 199 -4.32 -86.09 39.05
C GLU FA 199 -4.24 -87.03 40.24
N LYS FA 200 -3.13 -87.74 40.40
CA LYS FA 200 -2.93 -88.56 41.59
C LYS FA 200 -2.54 -87.72 42.80
N GLN FA 201 -2.03 -86.51 42.59
CA GLN FA 201 -1.67 -85.60 43.67
C GLN FA 201 -1.80 -84.17 43.17
N PRO FA 202 -2.80 -83.42 43.64
CA PRO FA 202 -3.08 -82.12 43.02
C PRO FA 202 -2.07 -81.04 43.35
N VAL FA 203 -1.47 -81.05 44.52
CA VAL FA 203 -0.49 -80.04 44.91
C VAL FA 203 0.88 -80.69 45.03
N LEU FA 204 1.91 -79.88 44.80
CA LEU FA 204 3.28 -80.36 44.82
C LEU FA 204 4.17 -79.37 45.56
N SER FA 205 5.22 -79.89 46.17
CA SER FA 205 6.23 -79.04 46.79
C SER FA 205 7.23 -78.58 45.73
N GLN FA 206 8.24 -77.83 46.17
CA GLN FA 206 9.22 -77.33 45.22
C GLN FA 206 10.19 -78.43 44.79
N THR FA 207 10.61 -79.28 45.73
CA THR FA 207 11.53 -80.36 45.39
C THR FA 207 10.87 -81.45 44.58
N GLU FA 208 9.57 -81.68 44.80
CA GLU FA 208 8.85 -82.64 43.97
C GLU FA 208 8.65 -82.13 42.57
N ALA FA 209 8.44 -80.81 42.42
CA ALA FA 209 8.23 -80.23 41.10
C ALA FA 209 9.53 -80.16 40.31
N ARG FA 210 10.63 -79.76 40.96
CA ARG FA 210 11.90 -79.61 40.26
C ARG FA 210 12.48 -80.95 39.84
N ASP FA 211 12.27 -81.99 40.63
CA ASP FA 211 12.71 -83.33 40.24
C ASP FA 211 11.87 -83.87 39.09
N LEU FA 212 10.61 -83.46 38.99
CA LEU FA 212 9.74 -83.95 37.94
C LEU FA 212 10.06 -83.32 36.60
N VAL FA 213 10.57 -82.09 36.60
CA VAL FA 213 10.92 -81.42 35.34
C VAL FA 213 12.17 -82.07 34.74
N GLU FA 214 13.16 -82.39 35.58
CA GLU FA 214 14.38 -83.04 35.11
C GLU FA 214 14.12 -84.43 34.54
N ARG FA 215 13.06 -85.10 35.00
CA ARG FA 215 12.66 -86.36 34.38
C ARG FA 215 12.08 -86.12 32.98
N CYS FA 216 11.26 -85.08 32.84
CA CYS FA 216 10.67 -84.79 31.53
C CYS FA 216 11.69 -84.20 30.57
N MET FA 217 12.62 -83.39 31.07
CA MET FA 217 13.69 -82.88 30.22
C MET FA 217 14.67 -83.98 29.82
N ARG FA 218 14.77 -85.03 30.63
CA ARG FA 218 15.56 -86.19 30.23
C ARG FA 218 14.92 -86.92 29.06
N VAL FA 219 13.58 -87.02 29.09
CA VAL FA 219 12.85 -87.77 28.07
C VAL FA 219 12.97 -87.10 26.70
N LEU FA 220 12.81 -85.78 26.66
CA LEU FA 220 12.88 -85.03 25.40
C LEU FA 220 14.24 -85.10 24.73
N TYR FA 221 15.30 -85.38 25.49
CA TYR FA 221 16.59 -85.61 24.89
C TYR FA 221 16.64 -86.90 24.08
N TYR FA 222 15.84 -87.90 24.45
CA TYR FA 222 15.91 -89.18 23.76
C TYR FA 222 15.23 -89.16 22.40
N ARG FA 223 14.10 -88.46 22.26
CA ARG FA 223 13.32 -88.64 21.05
C ARG FA 223 12.94 -87.36 20.31
N ASP FA 224 13.37 -86.19 20.76
CA ASP FA 224 13.20 -84.98 19.97
C ASP FA 224 14.48 -84.73 19.18
N ALA FA 225 14.33 -84.56 17.87
CA ALA FA 225 15.50 -84.38 17.02
C ALA FA 225 16.12 -82.99 17.15
N ARG FA 226 15.45 -82.05 17.82
CA ARG FA 226 15.97 -80.70 17.99
C ARG FA 226 16.27 -80.42 19.46
N SER FA 227 16.54 -81.46 20.25
CA SER FA 227 16.86 -81.29 21.65
C SER FA 227 18.34 -80.94 21.82
N TYR FA 228 18.74 -80.71 23.06
CA TYR FA 228 20.09 -80.23 23.36
C TYR FA 228 20.39 -80.55 24.82
N ASN FA 229 21.55 -81.13 25.07
CA ASN FA 229 21.86 -81.65 26.41
C ASN FA 229 22.52 -80.60 27.29
N ARG FA 230 21.91 -79.41 27.34
CA ARG FA 230 22.37 -78.32 28.18
C ARG FA 230 21.21 -77.35 28.29
N PHE FA 231 20.60 -77.26 29.48
CA PHE FA 231 19.39 -76.48 29.65
C PHE FA 231 19.50 -75.67 30.94
N GLN FA 232 18.55 -74.78 31.14
CA GLN FA 232 18.51 -73.94 32.32
C GLN FA 232 17.10 -73.93 32.90
N ILE FA 233 17.04 -73.76 34.22
CA ILE FA 233 15.79 -73.86 34.97
C ILE FA 233 15.54 -72.52 35.67
N ALA FA 234 14.36 -71.97 35.44
CA ALA FA 234 13.97 -70.70 36.04
C ALA FA 234 12.77 -70.92 36.97
N THR FA 235 12.76 -70.19 38.09
CA THR FA 235 11.79 -70.42 39.14
C THR FA 235 11.43 -69.10 39.80
N VAL FA 236 10.13 -68.82 39.92
CA VAL FA 236 9.64 -67.68 40.68
C VAL FA 236 9.18 -68.17 42.04
N THR FA 237 9.39 -67.33 43.06
CA THR FA 237 8.92 -67.59 44.42
C THR FA 237 8.38 -66.26 44.95
N GLU FA 238 8.18 -66.19 46.27
CA GLU FA 238 7.97 -64.89 46.90
C GLU FA 238 9.25 -64.09 47.01
N LYS FA 239 10.42 -64.75 46.88
CA LYS FA 239 11.70 -64.06 46.93
C LYS FA 239 12.07 -63.39 45.62
N GLY FA 240 11.46 -63.81 44.51
CA GLY FA 240 11.71 -63.20 43.22
C GLY FA 240 12.07 -64.22 42.17
N VAL FA 241 12.51 -63.72 41.02
CA VAL FA 241 12.84 -64.56 39.89
C VAL FA 241 14.27 -65.06 40.04
N GLU FA 242 14.47 -66.36 39.86
CA GLU FA 242 15.79 -66.96 39.96
C GLU FA 242 15.99 -67.94 38.81
N ILE FA 243 17.12 -67.82 38.12
CA ILE FA 243 17.42 -68.63 36.95
C ILE FA 243 18.68 -69.43 37.23
N GLU FA 244 18.60 -70.74 37.13
CA GLU FA 244 19.74 -71.60 37.37
C GLU FA 244 20.61 -71.69 36.11
N GLY FA 245 21.81 -72.25 36.27
CA GLY FA 245 22.80 -72.26 35.23
C GLY FA 245 22.57 -73.34 34.18
N PRO FA 246 23.56 -73.55 33.30
CA PRO FA 246 23.41 -74.53 32.23
C PRO FA 246 23.53 -75.96 32.72
N LEU FA 247 22.43 -76.51 33.23
CA LEU FA 247 22.44 -77.87 33.76
C LEU FA 247 22.41 -78.87 32.61
N SER FA 248 22.76 -80.12 32.94
CA SER FA 248 22.80 -81.20 31.97
C SER FA 248 21.96 -82.36 32.48
N THR FA 249 21.84 -83.40 31.66
CA THR FA 249 21.04 -84.57 31.96
C THR FA 249 21.93 -85.76 32.29
N GLU FA 250 21.30 -86.88 32.58
CA GLU FA 250 21.98 -88.15 32.82
C GLU FA 250 21.25 -89.23 32.03
N THR FA 251 21.93 -89.79 31.04
CA THR FA 251 21.29 -90.68 30.08
C THR FA 251 21.60 -92.13 30.41
N ASN FA 252 20.81 -93.03 29.82
CA ASN FA 252 21.00 -94.46 29.93
C ASN FA 252 21.05 -95.06 28.53
N TRP FA 253 22.02 -95.95 28.30
CA TRP FA 253 22.18 -96.59 27.01
C TRP FA 253 22.43 -98.08 27.16
N ASP FA 254 21.84 -98.70 28.19
CA ASP FA 254 22.06 -100.12 28.43
C ASP FA 254 21.31 -101.01 27.44
N ILE FA 255 20.31 -100.48 26.72
CA ILE FA 255 19.62 -101.27 25.71
C ILE FA 255 20.38 -101.35 24.40
N ALA FA 256 21.51 -100.64 24.29
CA ALA FA 256 22.33 -100.74 23.09
C ALA FA 256 23.06 -102.08 23.02
N HIS FA 257 23.33 -102.70 24.16
CA HIS FA 257 24.00 -104.00 24.16
C HIS FA 257 23.06 -105.13 23.75
N MET FA 258 21.75 -104.90 23.78
CA MET FA 258 20.81 -105.84 23.20
C MET FA 258 20.87 -105.77 21.68
N ILE FA 259 20.29 -106.77 21.03
CA ILE FA 259 20.26 -106.82 19.58
C ILE FA 259 19.16 -105.91 19.05
N SER GA 4 3.56 -158.21 -18.98
CA SER GA 4 3.24 -158.13 -20.40
C SER GA 4 3.55 -156.74 -20.95
N SER GA 5 3.65 -156.64 -22.27
CA SER GA 5 3.90 -155.37 -22.96
C SER GA 5 2.61 -154.92 -23.62
N ALA GA 6 1.85 -154.09 -22.91
CA ALA GA 6 0.54 -153.63 -23.37
C ALA GA 6 0.61 -152.15 -23.73
N GLY GA 7 0.21 -151.82 -24.97
CA GLY GA 7 0.25 -150.46 -25.43
C GLY GA 7 1.65 -149.93 -25.63
N PHE GA 8 2.07 -149.01 -24.76
CA PHE GA 8 3.43 -148.49 -24.75
C PHE GA 8 3.96 -148.42 -23.34
N ASP GA 9 3.67 -149.45 -22.54
CA ASP GA 9 4.11 -149.49 -21.15
C ASP GA 9 5.62 -149.70 -21.02
N ARG GA 10 6.22 -150.40 -21.98
CA ARG GA 10 7.66 -150.60 -21.96
C ARG GA 10 8.45 -149.39 -22.45
N HIS GA 11 7.78 -148.36 -22.96
CA HIS GA 11 8.44 -147.20 -23.53
C HIS GA 11 8.24 -145.93 -22.73
N ILE GA 12 7.02 -145.64 -22.29
CA ILE GA 12 6.75 -144.40 -21.58
C ILE GA 12 6.19 -144.71 -20.19
N THR GA 13 5.87 -143.66 -19.44
CA THR GA 13 5.45 -143.79 -18.04
C THR GA 13 3.93 -143.87 -17.96
N ILE GA 14 3.41 -145.05 -18.28
CA ILE GA 14 2.00 -145.38 -18.11
C ILE GA 14 1.90 -146.67 -17.32
N PHE GA 15 0.69 -147.00 -16.90
CA PHE GA 15 0.47 -148.22 -16.16
C PHE GA 15 0.42 -149.42 -17.10
N SER GA 16 1.02 -150.52 -16.65
CA SER GA 16 0.92 -151.80 -17.31
C SER GA 16 -0.25 -152.54 -16.69
N PRO GA 17 -0.62 -153.73 -17.16
CA PRO GA 17 -1.40 -154.63 -16.31
C PRO GA 17 -0.63 -155.01 -15.05
N GLU GA 18 -1.39 -155.43 -14.03
CA GLU GA 18 -0.94 -155.69 -12.67
C GLU GA 18 -0.33 -154.46 -11.98
N GLY GA 19 -0.70 -153.26 -12.43
CA GLY GA 19 -0.34 -152.03 -11.77
C GLY GA 19 1.11 -151.61 -11.85
N ARG GA 20 1.94 -152.35 -12.57
CA ARG GA 20 3.36 -152.01 -12.64
C ARG GA 20 3.60 -150.88 -13.63
N LEU GA 21 4.85 -150.42 -13.63
CA LEU GA 21 5.31 -149.40 -14.57
C LEU GA 21 6.83 -149.53 -14.64
N TYR GA 22 7.35 -149.64 -15.87
CA TYR GA 22 8.71 -150.15 -16.02
C TYR GA 22 9.76 -149.07 -16.24
N GLN GA 23 9.37 -147.90 -16.72
CA GLN GA 23 10.36 -146.86 -17.04
C GLN GA 23 10.98 -146.22 -15.81
N VAL GA 24 10.45 -146.45 -14.62
CA VAL GA 24 11.06 -145.98 -13.39
C VAL GA 24 11.88 -147.07 -12.72
N GLU GA 25 11.40 -148.31 -12.73
CA GLU GA 25 12.22 -149.39 -12.20
C GLU GA 25 13.29 -149.86 -13.17
N TYR GA 26 13.35 -149.29 -14.38
CA TYR GA 26 14.56 -149.38 -15.18
C TYR GA 26 15.61 -148.39 -14.69
N ALA GA 27 15.17 -147.29 -14.08
CA ALA GA 27 16.10 -146.30 -13.56
C ALA GA 27 16.73 -146.72 -12.24
N PHE GA 28 16.18 -147.74 -11.58
CA PHE GA 28 16.75 -148.20 -10.33
C PHE GA 28 18.09 -148.90 -10.56
N LYS GA 29 18.26 -149.55 -11.70
CA LYS GA 29 19.56 -150.08 -12.09
C LYS GA 29 20.22 -149.23 -13.17
N ALA GA 30 19.77 -147.98 -13.32
CA ALA GA 30 20.56 -146.98 -14.01
C ALA GA 30 21.68 -146.44 -13.13
N ILE GA 31 21.56 -146.63 -11.82
CA ILE GA 31 22.65 -146.33 -10.91
C ILE GA 31 23.81 -147.29 -11.14
N ASN GA 32 23.51 -148.56 -11.41
CA ASN GA 32 24.49 -149.64 -11.36
C ASN GA 32 25.53 -149.62 -12.47
N GLN GA 33 25.42 -148.72 -13.45
CA GLN GA 33 26.48 -148.58 -14.44
C GLN GA 33 27.59 -147.63 -13.99
N GLY GA 34 27.54 -147.16 -12.76
CA GLY GA 34 28.61 -146.32 -12.26
C GLY GA 34 29.84 -147.08 -11.84
N GLY GA 35 29.66 -148.32 -11.38
CA GLY GA 35 30.76 -149.09 -10.82
C GLY GA 35 31.23 -148.48 -9.51
N LEU GA 36 30.29 -148.24 -8.61
CA LEU GA 36 30.58 -147.42 -7.44
C LEU GA 36 29.70 -147.92 -6.29
N THR GA 37 30.13 -147.63 -5.07
CA THR GA 37 29.39 -147.99 -3.88
C THR GA 37 29.66 -146.94 -2.81
N SER GA 38 28.58 -146.45 -2.17
CA SER GA 38 28.70 -145.43 -1.14
C SER GA 38 28.04 -145.91 0.14
N VAL GA 39 28.67 -145.60 1.28
CA VAL GA 39 28.23 -146.06 2.58
C VAL GA 39 28.11 -144.86 3.51
N ALA GA 40 26.95 -144.73 4.17
CA ALA GA 40 26.73 -143.71 5.19
C ALA GA 40 26.35 -144.39 6.50
N VAL GA 41 26.92 -143.91 7.61
CA VAL GA 41 26.71 -144.50 8.93
C VAL GA 41 26.39 -143.38 9.91
N ARG GA 42 25.28 -143.52 10.64
CA ARG GA 42 24.95 -142.66 11.77
C ARG GA 42 24.97 -143.52 13.03
N GLY GA 43 25.81 -143.16 13.99
CA GLY GA 43 25.85 -143.90 15.24
C GLY GA 43 25.79 -143.08 16.52
N LYS GA 44 26.09 -141.79 16.42
CA LYS GA 44 26.54 -141.01 17.56
C LYS GA 44 26.05 -139.57 17.45
N ASP GA 45 26.76 -138.65 18.07
CA ASP GA 45 26.61 -137.22 17.78
C ASP GA 45 27.35 -136.79 16.50
N CYS GA 46 27.68 -137.73 15.62
CA CYS GA 46 28.38 -137.48 14.37
C CYS GA 46 27.66 -138.21 13.24
N ALA GA 47 28.18 -138.03 12.02
CA ALA GA 47 27.68 -138.73 10.84
C ALA GA 47 28.80 -138.79 9.81
N VAL GA 48 28.95 -139.95 9.17
CA VAL GA 48 30.10 -140.23 8.32
C VAL GA 48 29.62 -140.71 6.94
N ILE GA 49 30.12 -140.08 5.89
CA ILE GA 49 30.02 -140.58 4.51
C ILE GA 49 31.36 -141.22 4.17
N VAL GA 50 31.34 -142.34 3.46
CA VAL GA 50 32.54 -142.91 2.87
C VAL GA 50 32.20 -143.46 1.48
N THR GA 51 33.06 -143.15 0.51
CA THR GA 51 32.82 -143.47 -0.89
C THR GA 51 34.18 -143.54 -1.57
N GLN GA 52 34.39 -144.53 -2.43
CA GLN GA 52 35.67 -144.65 -3.11
C GLN GA 52 35.71 -143.79 -4.37
N LYS GA 53 36.93 -143.50 -4.82
CA LYS GA 53 37.17 -142.96 -6.15
C LYS GA 53 37.80 -144.04 -7.03
N LYS GA 54 37.61 -143.90 -8.34
CA LYS GA 54 38.14 -144.83 -9.31
C LYS GA 54 38.89 -144.05 -10.36
N VAL GA 55 40.22 -144.01 -10.24
CA VAL GA 55 41.05 -143.26 -11.17
C VAL GA 55 41.77 -144.24 -12.09
N PRO GA 56 41.36 -144.35 -13.35
CA PRO GA 56 42.02 -145.29 -14.27
C PRO GA 56 43.14 -144.71 -15.09
N ASP GA 57 43.45 -143.42 -14.97
CA ASP GA 57 44.39 -142.76 -15.85
C ASP GA 57 45.30 -141.86 -15.05
N LYS GA 58 46.58 -141.85 -15.41
CA LYS GA 58 47.53 -140.93 -14.81
C LYS GA 58 47.38 -139.52 -15.38
N LEU GA 59 46.81 -139.39 -16.58
CA LEU GA 59 46.50 -138.07 -17.12
C LEU GA 59 45.28 -137.47 -16.44
N LEU GA 60 44.39 -138.31 -15.92
CA LEU GA 60 43.24 -137.87 -15.18
C LEU GA 60 43.66 -137.29 -13.83
N ASP GA 61 43.03 -136.20 -13.43
CA ASP GA 61 43.42 -135.46 -12.24
C ASP GA 61 42.97 -136.18 -10.97
N SER GA 62 43.14 -135.52 -9.84
CA SER GA 62 42.77 -136.09 -8.55
C SER GA 62 41.76 -135.24 -7.80
N SER GA 63 41.85 -133.92 -7.89
CA SER GA 63 40.95 -133.05 -7.17
C SER GA 63 39.59 -132.92 -7.85
N THR GA 64 39.49 -133.22 -9.14
CA THR GA 64 38.26 -133.05 -9.89
C THR GA 64 37.53 -134.39 -10.07
N VAL GA 65 37.70 -135.28 -9.11
CA VAL GA 65 37.05 -136.60 -9.13
C VAL GA 65 36.01 -136.73 -8.04
N THR GA 66 35.99 -135.79 -7.08
CA THR GA 66 35.31 -135.98 -5.81
C THR GA 66 33.79 -135.97 -5.95
N HIS GA 67 33.14 -137.01 -5.41
CA HIS GA 67 31.70 -137.09 -5.39
C HIS GA 67 31.08 -136.46 -4.15
N LEU GA 68 31.89 -136.14 -3.14
CA LEU GA 68 31.37 -135.38 -2.00
C LEU GA 68 31.08 -133.96 -2.43
N PHE GA 69 29.84 -133.54 -2.21
CA PHE GA 69 29.37 -132.24 -2.67
C PHE GA 69 28.84 -131.47 -1.47
N LYS GA 70 29.25 -130.22 -1.35
CA LYS GA 70 28.89 -129.36 -0.23
C LYS GA 70 27.67 -128.54 -0.63
N ILE GA 71 26.51 -128.91 -0.11
CA ILE GA 71 25.28 -128.18 -0.43
C ILE GA 71 25.26 -126.86 0.30
N THR GA 72 25.27 -126.90 1.63
CA THR GA 72 25.35 -125.69 2.43
C THR GA 72 26.49 -125.95 3.41
N GLU GA 73 26.74 -125.06 4.36
CA GLU GA 73 27.82 -125.24 5.31
C GLU GA 73 27.56 -126.40 6.27
N ASN GA 74 26.31 -126.73 6.53
CA ASN GA 74 25.96 -127.79 7.46
C ASN GA 74 25.47 -129.05 6.79
N ILE GA 75 25.29 -129.04 5.47
CA ILE GA 75 24.70 -130.15 4.74
C ILE GA 75 25.65 -130.54 3.61
N GLY GA 76 26.11 -131.78 3.63
CA GLY GA 76 26.88 -132.33 2.54
C GLY GA 76 26.19 -133.55 1.96
N CYS GA 77 26.59 -133.97 0.76
CA CYS GA 77 25.92 -135.10 0.14
C CYS GA 77 26.91 -135.87 -0.73
N VAL GA 78 26.52 -137.09 -1.08
CA VAL GA 78 27.28 -137.93 -2.00
C VAL GA 78 26.31 -138.39 -3.09
N MET GA 79 26.84 -138.54 -4.31
CA MET GA 79 26.03 -138.87 -5.47
C MET GA 79 26.52 -140.19 -6.06
N THR GA 80 25.58 -141.08 -6.34
CA THR GA 80 25.85 -142.31 -7.07
C THR GA 80 25.06 -142.29 -8.37
N GLY GA 81 25.35 -143.25 -9.23
CA GLY GA 81 24.77 -143.31 -10.55
C GLY GA 81 25.63 -142.67 -11.60
N MET GA 82 24.99 -142.26 -12.69
CA MET GA 82 25.72 -141.61 -13.77
C MET GA 82 26.07 -140.18 -13.39
N THR GA 83 27.18 -139.70 -13.93
CA THR GA 83 27.79 -138.46 -13.47
C THR GA 83 27.00 -137.24 -13.94
N ALA GA 84 26.48 -137.27 -15.17
CA ALA GA 84 25.83 -136.09 -15.74
C ALA GA 84 24.50 -135.78 -15.06
N ASP GA 85 23.70 -136.80 -14.72
CA ASP GA 85 22.47 -136.55 -13.99
C ASP GA 85 22.75 -136.20 -12.53
N SER GA 86 23.92 -136.59 -12.01
CA SER GA 86 24.22 -136.35 -10.60
C SER GA 86 24.48 -134.88 -10.34
N ARG GA 87 25.32 -134.25 -11.16
CA ARG GA 87 25.68 -132.85 -10.93
C ARG GA 87 24.54 -131.89 -11.23
N SER GA 88 23.60 -132.26 -12.08
CA SER GA 88 22.43 -131.41 -12.31
C SER GA 88 21.45 -131.50 -11.17
N GLN GA 89 21.41 -132.64 -10.48
CA GLN GA 89 20.57 -132.78 -9.30
C GLN GA 89 21.09 -131.92 -8.15
N VAL GA 90 22.41 -131.74 -8.06
CA VAL GA 90 23.01 -130.95 -7.00
C VAL GA 90 22.78 -129.46 -7.25
N GLN GA 91 22.66 -129.06 -8.53
CA GLN GA 91 22.37 -127.66 -8.85
C GLN GA 91 20.99 -127.23 -8.36
N ARG GA 92 20.04 -128.16 -8.31
CA ARG GA 92 18.76 -127.84 -7.68
C ARG GA 92 18.88 -127.81 -6.16
N ALA GA 93 19.71 -128.68 -5.59
CA ALA GA 93 19.85 -128.77 -4.15
C ALA GA 93 20.59 -127.56 -3.58
N ARG GA 94 21.56 -127.02 -4.33
CA ARG GA 94 22.21 -125.79 -3.91
C ARG GA 94 21.29 -124.60 -4.07
N TYR GA 95 20.37 -124.66 -5.03
CA TYR GA 95 19.51 -123.52 -5.33
C TYR GA 95 18.40 -123.37 -4.31
N GLU GA 96 17.67 -124.46 -4.05
CA GLU GA 96 16.49 -124.40 -3.20
C GLU GA 96 16.84 -124.45 -1.72
N ALA GA 97 18.08 -124.77 -1.37
CA ALA GA 97 18.53 -124.55 0.00
C ALA GA 97 18.72 -123.07 0.30
N ALA GA 98 19.01 -122.26 -0.71
CA ALA GA 98 19.15 -120.83 -0.51
C ALA GA 98 17.81 -120.11 -0.57
N ASN GA 99 16.82 -120.70 -1.25
CA ASN GA 99 15.50 -120.08 -1.27
C ASN GA 99 14.80 -120.21 0.09
N TRP GA 100 15.13 -121.25 0.85
CA TRP GA 100 14.63 -121.36 2.21
C TRP GA 100 15.16 -120.24 3.08
N LYS GA 101 16.45 -119.93 2.95
CA LYS GA 101 17.07 -118.85 3.73
C LYS GA 101 16.51 -117.49 3.35
N TYR GA 102 16.15 -117.30 2.08
CA TYR GA 102 15.63 -116.02 1.64
C TYR GA 102 14.17 -115.85 2.02
N LYS GA 103 13.34 -116.86 1.76
CA LYS GA 103 11.91 -116.73 2.03
C LYS GA 103 11.61 -116.79 3.51
N TYR GA 104 12.31 -117.65 4.26
CA TYR GA 104 11.88 -117.99 5.61
C TYR GA 104 12.82 -117.50 6.70
N GLY GA 105 14.06 -117.18 6.36
CA GLY GA 105 14.91 -116.44 7.26
C GLY GA 105 15.80 -117.26 8.17
N TYR GA 106 15.90 -118.58 7.96
CA TYR GA 106 16.77 -119.39 8.78
C TYR GA 106 17.27 -120.57 7.95
N GLU GA 107 18.06 -121.43 8.59
CA GLU GA 107 18.72 -122.53 7.90
C GLU GA 107 17.75 -123.68 7.68
N ILE GA 108 17.85 -124.30 6.50
CA ILE GA 108 16.93 -125.37 6.10
C ILE GA 108 17.25 -126.65 6.87
N PRO GA 109 16.24 -127.35 7.36
CA PRO GA 109 16.49 -128.68 7.93
C PRO GA 109 16.82 -129.67 6.83
N VAL GA 110 17.59 -130.71 7.21
CA VAL GA 110 17.94 -131.76 6.28
C VAL GA 110 16.73 -132.61 5.93
N ASP GA 111 15.72 -132.66 6.81
CA ASP GA 111 14.50 -133.40 6.51
C ASP GA 111 13.65 -132.67 5.48
N MET GA 112 13.60 -131.34 5.56
CA MET GA 112 12.79 -130.56 4.64
C MET GA 112 13.38 -130.53 3.24
N LEU GA 113 14.71 -130.61 3.12
CA LEU GA 113 15.34 -130.52 1.81
C LEU GA 113 15.16 -131.80 1.01
N CYS GA 114 15.17 -132.95 1.69
CA CYS GA 114 15.00 -134.22 0.99
C CYS GA 114 13.57 -134.41 0.50
N LYS GA 115 12.60 -133.69 1.07
CA LYS GA 115 11.25 -133.67 0.52
C LYS GA 115 11.23 -132.95 -0.82
N ARG GA 116 11.82 -131.76 -0.87
CA ARG GA 116 11.72 -130.90 -2.05
C ARG GA 116 12.49 -131.46 -3.23
N ILE GA 117 13.57 -132.20 -2.97
CA ILE GA 117 14.31 -132.86 -4.06
C ILE GA 117 13.48 -134.01 -4.63
N ALA GA 118 12.84 -134.79 -3.77
CA ALA GA 118 12.04 -135.92 -4.25
C ALA GA 118 10.76 -135.46 -4.94
N ASP GA 119 10.28 -134.26 -4.60
CA ASP GA 119 9.09 -133.75 -5.28
C ASP GA 119 9.40 -133.29 -6.70
N ILE GA 120 10.66 -132.96 -6.98
CA ILE GA 120 11.03 -132.63 -8.36
C ILE GA 120 11.13 -133.91 -9.18
N SER GA 121 11.61 -134.99 -8.58
CA SER GA 121 11.64 -136.29 -9.26
C SER GA 121 10.26 -136.90 -9.40
N GLN GA 122 9.25 -136.33 -8.73
CA GLN GA 122 7.88 -136.81 -8.87
C GLN GA 122 7.32 -136.50 -10.25
N VAL GA 123 7.48 -135.24 -10.69
CA VAL GA 123 6.82 -134.76 -11.90
C VAL GA 123 7.37 -135.45 -13.14
N TYR GA 124 8.64 -135.85 -13.10
CA TYR GA 124 9.23 -136.56 -14.23
C TYR GA 124 8.65 -137.96 -14.37
N THR GA 125 8.20 -138.54 -13.26
CA THR GA 125 7.42 -139.77 -13.32
C THR GA 125 5.97 -139.48 -13.72
N GLN GA 126 5.42 -138.38 -13.23
CA GLN GA 126 4.03 -138.02 -13.52
C GLN GA 126 3.86 -137.61 -14.97
N ASN GA 127 4.62 -136.60 -15.41
CA ASN GA 127 4.53 -136.12 -16.78
C ASN GA 127 5.34 -137.04 -17.70
N ALA GA 128 4.94 -137.07 -18.96
CA ALA GA 128 5.63 -137.84 -19.99
C ALA GA 128 6.61 -136.96 -20.75
N GLU GA 129 7.37 -137.60 -21.64
CA GLU GA 129 8.44 -137.00 -22.46
C GLU GA 129 9.50 -136.27 -21.61
N MET GA 130 9.68 -136.69 -20.36
CA MET GA 130 10.61 -136.03 -19.45
C MET GA 130 11.38 -137.12 -18.72
N ARG GA 131 12.70 -137.15 -18.90
CA ARG GA 131 13.53 -138.27 -18.51
C ARG GA 131 13.79 -138.25 -17.00
N PRO GA 132 13.52 -139.36 -16.29
CA PRO GA 132 13.47 -139.32 -14.83
C PRO GA 132 14.78 -139.51 -14.07
N LEU GA 133 15.88 -138.87 -14.50
CA LEU GA 133 17.08 -138.57 -13.70
C LEU GA 133 17.65 -139.78 -12.93
N GLY GA 134 18.22 -140.70 -13.68
CA GLY GA 134 18.72 -141.93 -13.08
C GLY GA 134 19.96 -141.77 -12.21
N CYS GA 135 19.79 -141.14 -11.04
CA CYS GA 135 20.86 -141.00 -10.06
C CYS GA 135 20.26 -141.05 -8.67
N CYS GA 136 21.13 -141.10 -7.66
CA CYS GA 136 20.70 -141.26 -6.27
C CYS GA 136 21.49 -140.32 -5.37
N MET GA 137 20.82 -139.80 -4.34
CA MET GA 137 21.41 -138.82 -3.44
C MET GA 137 21.26 -139.27 -1.99
N ILE GA 138 22.32 -139.10 -1.20
CA ILE GA 138 22.34 -139.41 0.22
C ILE GA 138 22.79 -138.16 0.97
N LEU GA 139 22.03 -137.75 1.98
CA LEU GA 139 22.31 -136.54 2.71
C LEU GA 139 22.79 -136.84 4.14
N ILE GA 140 23.51 -135.87 4.71
CA ILE GA 140 23.81 -135.84 6.14
C ILE GA 140 23.69 -134.41 6.63
N GLY GA 141 23.55 -134.25 7.94
CA GLY GA 141 23.49 -132.94 8.54
C GLY GA 141 23.13 -133.04 10.01
N ILE GA 142 23.27 -131.90 10.69
CA ILE GA 142 22.99 -131.79 12.11
C ILE GA 142 21.72 -130.97 12.29
N ASP GA 143 20.75 -131.53 13.00
CA ASP GA 143 19.55 -130.81 13.40
C ASP GA 143 19.64 -130.54 14.90
N GLU GA 144 19.38 -129.30 15.30
CA GLU GA 144 19.37 -128.96 16.72
C GLU GA 144 18.16 -129.57 17.39
N GLU GA 145 18.37 -130.10 18.59
CA GLU GA 145 17.42 -130.87 19.40
C GLU GA 145 16.93 -132.14 18.72
N GLN GA 146 17.62 -132.60 17.67
CA GLN GA 146 17.27 -133.84 16.99
C GLN GA 146 18.48 -134.72 16.67
N GLY GA 147 19.71 -134.23 16.83
CA GLY GA 147 20.88 -135.01 16.52
C GLY GA 147 21.18 -135.05 15.04
N PRO GA 148 22.10 -135.90 14.63
CA PRO GA 148 22.40 -136.05 13.20
C PRO GA 148 21.39 -136.93 12.50
N GLN GA 149 21.28 -136.73 11.19
CA GLN GA 149 20.35 -137.48 10.37
C GLN GA 149 21.03 -137.91 9.08
N VAL GA 150 20.54 -139.01 8.50
CA VAL GA 150 20.96 -139.50 7.21
C VAL GA 150 19.72 -139.78 6.38
N TYR GA 151 19.60 -139.12 5.24
CA TYR GA 151 18.46 -139.32 4.34
C TYR GA 151 18.94 -139.85 3.01
N LYS GA 152 17.98 -140.35 2.22
CA LYS GA 152 18.29 -140.97 0.95
C LYS GA 152 17.10 -140.78 0.01
N CYS GA 153 17.37 -140.30 -1.20
CA CYS GA 153 16.34 -140.04 -2.19
C CYS GA 153 16.43 -141.03 -3.34
N ASP GA 154 15.28 -141.32 -3.95
CA ASP GA 154 15.16 -142.24 -5.05
C ASP GA 154 14.82 -141.51 -6.34
N PRO GA 155 15.08 -142.12 -7.50
CA PRO GA 155 14.55 -141.54 -8.75
C PRO GA 155 13.04 -141.58 -8.83
N ALA GA 156 12.38 -142.48 -8.11
CA ALA GA 156 10.93 -142.55 -8.10
C ALA GA 156 10.28 -141.45 -7.28
N GLY GA 157 11.04 -140.69 -6.50
CA GLY GA 157 10.49 -139.71 -5.60
C GLY GA 157 10.27 -140.19 -4.19
N TYR GA 158 10.76 -141.39 -3.86
CA TYR GA 158 10.60 -141.95 -2.53
C TYR GA 158 11.81 -141.60 -1.68
N TYR GA 159 11.57 -141.19 -0.44
CA TYR GA 159 12.64 -140.88 0.49
C TYR GA 159 12.34 -141.54 1.82
N CYS GA 160 13.40 -141.70 2.60
CA CYS GA 160 13.31 -142.17 3.98
C CYS GA 160 14.56 -141.70 4.72
N GLY GA 161 14.52 -141.82 6.02
CA GLY GA 161 15.69 -141.56 6.85
C GLY GA 161 16.02 -142.81 7.65
N PHE GA 162 17.31 -143.15 7.68
CA PHE GA 162 17.73 -144.37 8.36
C PHE GA 162 19.21 -144.26 8.71
N LYS GA 163 19.66 -145.19 9.55
CA LYS GA 163 20.89 -145.07 10.31
C LYS GA 163 22.13 -145.50 9.54
N ALA GA 164 22.06 -146.63 8.85
CA ALA GA 164 23.19 -147.14 8.09
C ALA GA 164 22.77 -147.37 6.65
N THR GA 165 23.54 -146.82 5.71
CA THR GA 165 23.11 -146.69 4.34
C THR GA 165 24.14 -147.32 3.41
N ALA GA 166 23.65 -148.04 2.40
CA ALA GA 166 24.48 -148.47 1.27
C ALA GA 166 23.80 -148.03 -0.02
N ALA GA 167 24.61 -147.83 -1.05
CA ALA GA 167 24.10 -147.43 -2.35
C ALA GA 167 25.07 -147.89 -3.42
N GLY GA 168 24.78 -147.51 -4.66
CA GLY GA 168 25.63 -147.93 -5.77
C GLY GA 168 25.27 -149.33 -6.20
N VAL GA 169 26.29 -150.20 -6.29
CA VAL GA 169 26.12 -151.53 -6.86
C VAL GA 169 25.79 -152.56 -5.78
N LYS GA 170 26.37 -152.43 -4.59
CA LYS GA 170 26.44 -153.54 -3.66
C LYS GA 170 25.62 -153.30 -2.39
N GLN GA 171 24.36 -152.87 -2.55
CA GLN GA 171 23.50 -152.63 -1.39
C GLN GA 171 23.22 -153.92 -0.64
N THR GA 172 22.83 -154.97 -1.37
CA THR GA 172 22.32 -156.20 -0.78
C THR GA 172 23.38 -156.96 0.01
N GLU GA 173 24.66 -156.72 -0.27
CA GLU GA 173 25.72 -157.33 0.52
C GLU GA 173 26.15 -156.45 1.67
N SER GA 174 26.04 -155.14 1.52
CA SER GA 174 26.49 -154.23 2.58
C SER GA 174 25.42 -154.02 3.64
N THR GA 175 24.15 -153.90 3.22
CA THR GA 175 23.07 -153.76 4.20
C THR GA 175 22.85 -155.03 5.00
N SER GA 176 23.18 -156.19 4.41
CA SER GA 176 23.17 -157.43 5.19
C SER GA 176 24.30 -157.45 6.21
N PHE GA 177 25.42 -156.79 5.90
CA PHE GA 177 26.52 -156.73 6.86
C PHE GA 177 26.21 -155.78 8.02
N LEU GA 178 25.47 -154.71 7.75
CA LEU GA 178 25.24 -153.70 8.77
C LEU GA 178 24.11 -154.06 9.72
N GLU GA 179 23.18 -154.91 9.28
CA GLU GA 179 22.18 -155.42 10.22
C GLU GA 179 22.80 -156.36 11.24
N LYS GA 180 23.77 -157.17 10.79
CA LYS GA 180 24.56 -157.95 11.73
C LYS GA 180 25.45 -157.04 12.57
N LYS GA 181 25.87 -155.91 12.02
CA LYS GA 181 26.62 -154.94 12.80
C LYS GA 181 25.71 -154.20 13.77
N VAL GA 182 24.68 -153.55 13.26
CA VAL GA 182 23.72 -152.83 14.13
C VAL GA 182 22.63 -153.83 14.48
N LYS GA 183 22.95 -154.70 15.44
CA LYS GA 183 21.96 -155.36 16.27
C LYS GA 183 22.34 -155.35 17.74
N LYS GA 184 23.63 -155.36 18.06
CA LYS GA 184 24.14 -155.02 19.39
C LYS GA 184 24.55 -153.55 19.29
N LYS GA 185 23.68 -152.67 19.77
CA LYS GA 185 23.91 -151.22 19.67
C LYS GA 185 24.98 -150.83 20.66
N PHE GA 186 26.23 -150.97 20.24
CA PHE GA 186 27.37 -150.68 21.09
C PHE GA 186 27.63 -149.17 21.12
N ASP GA 187 28.69 -148.78 21.83
CA ASP GA 187 29.03 -147.37 21.99
C ASP GA 187 29.66 -146.86 20.71
N TRP GA 188 28.92 -146.10 19.92
CA TRP GA 188 29.44 -145.46 18.73
C TRP GA 188 30.12 -144.16 19.17
N THR GA 189 31.44 -144.09 19.02
CA THR GA 189 32.26 -143.08 19.68
C THR GA 189 33.13 -142.30 18.70
N PHE GA 190 32.64 -142.10 17.47
CA PHE GA 190 33.23 -141.32 16.37
C PHE GA 190 34.46 -141.99 15.75
N GLU GA 191 34.98 -143.04 16.39
CA GLU GA 191 35.91 -143.94 15.72
C GLU GA 191 35.36 -145.33 15.56
N GLN GA 192 34.37 -145.72 16.38
CA GLN GA 192 33.56 -146.88 16.09
C GLN GA 192 32.74 -146.67 14.83
N THR GA 193 32.34 -145.43 14.55
CA THR GA 193 31.55 -145.13 13.37
C THR GA 193 32.41 -145.21 12.11
N VAL GA 194 33.62 -144.65 12.16
CA VAL GA 194 34.50 -144.62 11.01
C VAL GA 194 35.04 -146.02 10.69
N GLU GA 195 35.29 -146.83 11.73
CA GLU GA 195 35.86 -148.16 11.52
C GLU GA 195 34.88 -149.10 10.84
N THR GA 196 33.61 -149.07 11.26
CA THR GA 196 32.60 -149.87 10.58
C THR GA 196 32.27 -149.31 9.20
N ALA GA 197 32.47 -148.00 8.99
CA ALA GA 197 32.32 -147.43 7.66
C ALA GA 197 33.41 -147.92 6.71
N ILE GA 198 34.58 -148.24 7.23
CA ILE GA 198 35.65 -148.78 6.39
C ILE GA 198 35.53 -150.29 6.25
N THR GA 199 35.38 -151.00 7.37
CA THR GA 199 35.41 -152.46 7.37
C THR GA 199 34.20 -153.09 6.69
N CYS GA 200 33.11 -152.35 6.49
CA CYS GA 200 32.04 -152.86 5.64
C CYS GA 200 32.47 -152.83 4.18
N LEU GA 201 32.93 -151.66 3.72
CA LEU GA 201 33.36 -151.50 2.33
C LEU GA 201 34.64 -152.26 2.02
N SER GA 202 35.50 -152.47 3.02
CA SER GA 202 36.73 -153.22 2.81
C SER GA 202 36.51 -154.72 2.79
N THR GA 203 35.30 -155.19 3.08
CA THR GA 203 34.97 -156.61 3.00
C THR GA 203 33.92 -156.94 1.95
N VAL GA 204 33.03 -156.00 1.62
CA VAL GA 204 32.13 -156.22 0.49
C VAL GA 204 32.90 -156.16 -0.83
N LEU GA 205 33.72 -155.12 -1.00
CA LEU GA 205 34.61 -155.08 -2.15
C LEU GA 205 35.81 -155.99 -1.97
N SER GA 206 36.23 -156.22 -0.72
CA SER GA 206 37.33 -157.12 -0.34
C SER GA 206 38.64 -156.71 -1.01
N ILE GA 207 39.12 -155.52 -0.67
CA ILE GA 207 40.28 -154.92 -1.31
C ILE GA 207 41.43 -154.71 -0.32
N ASP GA 208 41.13 -154.17 0.87
CA ASP GA 208 42.10 -153.79 1.91
C ASP GA 208 43.12 -152.80 1.34
N PHE GA 209 42.60 -151.62 1.04
CA PHE GA 209 43.10 -150.71 0.01
C PHE GA 209 44.09 -149.67 0.55
N LYS GA 210 44.77 -149.04 -0.40
CA LYS GA 210 45.74 -147.98 -0.17
C LYS GA 210 45.05 -146.75 0.41
N PRO GA 211 45.77 -145.90 1.18
CA PRO GA 211 45.13 -144.68 1.73
C PRO GA 211 44.57 -143.64 0.76
N SER GA 212 44.71 -143.82 -0.56
CA SER GA 212 44.36 -142.77 -1.52
C SER GA 212 43.37 -143.24 -2.58
N GLU GA 213 42.31 -143.93 -2.18
CA GLU GA 213 41.23 -144.23 -3.12
C GLU GA 213 39.84 -143.90 -2.61
N ILE GA 214 39.68 -143.39 -1.39
CA ILE GA 214 38.37 -143.07 -0.86
C ILE GA 214 38.30 -141.60 -0.47
N GLU GA 215 37.08 -141.13 -0.22
CA GLU GA 215 36.82 -139.86 0.44
C GLU GA 215 36.01 -140.13 1.70
N VAL GA 216 36.14 -139.23 2.68
CA VAL GA 216 35.33 -139.30 3.89
C VAL GA 216 34.75 -137.92 4.17
N GLY GA 217 33.44 -137.81 4.10
CA GLY GA 217 32.74 -136.62 4.57
C GLY GA 217 32.26 -136.85 5.99
N VAL GA 218 32.29 -135.79 6.79
CA VAL GA 218 31.96 -135.92 8.20
C VAL GA 218 31.23 -134.67 8.67
N VAL GA 219 30.37 -134.86 9.66
CA VAL GA 219 29.78 -133.76 10.40
C VAL GA 219 29.57 -134.28 11.82
N THR GA 220 29.69 -133.38 12.81
CA THR GA 220 29.75 -133.77 14.21
C THR GA 220 29.13 -132.66 15.03
N VAL GA 221 28.49 -133.02 16.14
CA VAL GA 221 27.81 -132.06 17.00
C VAL GA 221 28.69 -130.93 17.52
N GLU GA 222 30.01 -131.12 17.51
CA GLU GA 222 30.92 -130.10 17.99
C GLU GA 222 31.18 -129.02 16.95
N ASN GA 223 31.63 -129.44 15.78
CA ASN GA 223 31.93 -128.53 14.68
C ASN GA 223 30.95 -128.88 13.59
N PRO GA 224 29.81 -128.18 13.52
CA PRO GA 224 28.73 -128.58 12.60
C PRO GA 224 29.00 -128.27 11.14
N LYS GA 225 30.15 -127.72 10.80
CA LYS GA 225 30.48 -127.49 9.39
C LYS GA 225 30.75 -128.80 8.68
N PHE GA 226 30.37 -128.87 7.41
CA PHE GA 226 30.72 -130.03 6.60
C PHE GA 226 32.22 -130.02 6.33
N ARG GA 227 32.80 -131.21 6.31
CA ARG GA 227 34.25 -131.33 6.41
C ARG GA 227 34.72 -132.55 5.63
N ILE GA 228 35.61 -132.33 4.67
CA ILE GA 228 36.19 -133.40 3.87
C ILE GA 228 37.58 -133.69 4.41
N LEU GA 229 37.85 -134.96 4.68
CA LEU GA 229 39.08 -135.34 5.35
C LEU GA 229 40.29 -135.27 4.43
N THR GA 230 41.45 -135.09 5.05
CA THR GA 230 42.73 -134.96 4.36
C THR GA 230 43.36 -136.34 4.22
N GLU GA 231 44.12 -136.53 3.13
CA GLU GA 231 44.84 -137.78 2.85
C GLU GA 231 45.73 -138.22 4.00
N ALA GA 232 46.31 -137.29 4.75
CA ALA GA 232 47.11 -137.63 5.91
C ALA GA 232 46.25 -138.23 7.02
N GLU GA 233 45.13 -137.58 7.35
CA GLU GA 233 44.28 -138.07 8.43
C GLU GA 233 43.35 -139.19 8.01
N ILE GA 234 43.13 -139.38 6.70
CA ILE GA 234 42.52 -140.62 6.22
C ILE GA 234 43.45 -141.79 6.51
N ASP GA 235 44.75 -141.59 6.31
CA ASP GA 235 45.75 -142.61 6.63
C ASP GA 235 45.86 -142.86 8.13
N ALA GA 236 45.50 -141.87 8.95
CA ALA GA 236 45.55 -142.05 10.39
C ALA GA 236 44.47 -143.01 10.88
N HIS GA 237 43.27 -142.92 10.32
CA HIS GA 237 42.22 -143.87 10.68
C HIS GA 237 42.43 -145.23 10.03
N LEU GA 238 43.14 -145.29 8.91
CA LEU GA 238 43.31 -146.55 8.20
C LEU GA 238 44.30 -147.46 8.92
N VAL GA 239 45.41 -146.90 9.40
CA VAL GA 239 46.36 -147.69 10.19
C VAL GA 239 45.88 -147.92 11.62
N ALA GA 240 44.85 -147.19 12.05
CA ALA GA 240 44.31 -147.38 13.39
C ALA GA 240 43.48 -148.64 13.52
N LEU GA 241 43.01 -149.21 12.41
CA LEU GA 241 42.27 -150.46 12.41
C LEU GA 241 43.12 -151.64 11.98
N ALA GA 242 44.44 -151.52 12.05
CA ALA GA 242 45.36 -152.59 11.63
C ALA GA 242 45.67 -153.51 12.81
N GLU GA 243 44.61 -154.10 13.37
CA GLU GA 243 44.75 -155.07 14.44
C GLU GA 243 43.92 -156.32 14.14
N GLU HA 2 8.96 -126.16 -24.53
CA GLU HA 2 8.66 -127.48 -25.07
C GLU HA 2 7.78 -127.39 -26.32
N ARG HA 3 7.33 -128.55 -26.80
CA ARG HA 3 6.50 -128.57 -28.00
C ARG HA 3 5.07 -128.14 -27.71
N GLY HA 4 4.47 -128.68 -26.65
CA GLY HA 4 3.05 -128.46 -26.42
C GLY HA 4 2.21 -129.54 -27.08
N TYR HA 5 2.48 -130.79 -26.72
CA TYR HA 5 1.88 -131.93 -27.39
C TYR HA 5 0.37 -132.01 -27.14
N SER HA 6 -0.05 -132.03 -25.87
CA SER HA 6 -1.43 -131.86 -25.41
C SER HA 6 -2.39 -132.90 -26.01
N PHE HA 7 -2.10 -134.17 -25.72
CA PHE HA 7 -3.03 -135.24 -26.05
C PHE HA 7 -3.13 -136.20 -24.88
N SER HA 8 -4.36 -136.59 -24.56
CA SER HA 8 -4.58 -137.51 -23.45
C SER HA 8 -4.18 -138.93 -23.84
N LEU HA 9 -3.86 -139.73 -22.83
CA LEU HA 9 -3.43 -141.10 -23.03
C LEU HA 9 -4.54 -142.10 -22.76
N THR HA 10 -5.79 -141.65 -22.79
CA THR HA 10 -6.93 -142.49 -22.43
C THR HA 10 -8.05 -142.29 -23.43
N THR HA 11 -8.53 -143.39 -24.02
CA THR HA 11 -9.70 -143.38 -24.89
C THR HA 11 -10.57 -144.57 -24.53
N PHE HA 12 -11.72 -144.67 -25.19
CA PHE HA 12 -12.66 -145.74 -24.90
C PHE HA 12 -12.26 -147.03 -25.59
N SER HA 13 -12.57 -148.14 -24.93
CA SER HA 13 -12.51 -149.45 -25.55
C SER HA 13 -13.71 -149.60 -26.48
N PRO HA 14 -13.66 -150.56 -27.42
CA PRO HA 14 -14.89 -150.90 -28.16
C PRO HA 14 -15.99 -151.47 -27.29
N SER HA 15 -15.64 -152.12 -26.18
CA SER HA 15 -16.63 -152.53 -25.20
C SER HA 15 -17.19 -151.35 -24.40
N GLY HA 16 -16.43 -150.27 -24.27
CA GLY HA 16 -16.87 -149.09 -23.56
C GLY HA 16 -16.21 -148.83 -22.23
N LYS HA 17 -15.13 -149.52 -21.90
CA LYS HA 17 -14.45 -149.33 -20.63
C LYS HA 17 -13.19 -148.49 -20.83
N LEU HA 18 -12.78 -147.83 -19.76
CA LEU HA 18 -11.53 -147.08 -19.75
C LEU HA 18 -10.43 -147.97 -19.19
N VAL HA 19 -9.41 -148.22 -20.01
CA VAL HA 19 -8.47 -149.28 -19.73
C VAL HA 19 -7.45 -148.87 -18.67
N GLN HA 20 -6.92 -147.66 -18.76
CA GLN HA 20 -5.83 -147.25 -17.89
C GLN HA 20 -6.29 -146.98 -16.46
N ILE HA 21 -7.56 -146.61 -16.28
CA ILE HA 21 -8.07 -146.42 -14.93
C ILE HA 21 -8.22 -147.75 -14.21
N GLU HA 22 -8.63 -148.79 -14.94
CA GLU HA 22 -8.75 -150.12 -14.35
C GLU HA 22 -7.39 -150.72 -14.05
N TYR HA 23 -6.34 -150.30 -14.76
CA TYR HA 23 -5.00 -150.75 -14.43
C TYR HA 23 -4.47 -150.07 -13.17
N ALA HA 24 -4.87 -148.81 -12.95
CA ALA HA 24 -4.39 -148.08 -11.78
C ALA HA 24 -4.98 -148.60 -10.48
N LEU HA 25 -6.15 -149.26 -10.53
CA LEU HA 25 -6.72 -149.84 -9.33
C LEU HA 25 -5.97 -151.10 -8.92
N ALA HA 26 -5.28 -151.74 -9.85
CA ALA HA 26 -4.47 -152.90 -9.50
C ALA HA 26 -3.26 -152.51 -8.67
N ALA HA 27 -2.68 -151.34 -8.92
CA ALA HA 27 -1.59 -150.86 -8.09
C ALA HA 27 -2.09 -150.39 -6.73
N VAL HA 28 -3.36 -150.00 -6.64
CA VAL HA 28 -3.96 -149.65 -5.37
C VAL HA 28 -4.16 -150.90 -4.52
N ALA HA 29 -4.66 -151.98 -5.12
CA ALA HA 29 -4.93 -153.20 -4.39
C ALA HA 29 -3.66 -153.93 -3.96
N GLY HA 30 -2.51 -153.62 -4.55
CA GLY HA 30 -1.26 -154.23 -4.14
C GLY HA 30 -0.45 -153.35 -3.21
N GLY HA 31 -1.12 -152.42 -2.53
CA GLY HA 31 -0.47 -151.52 -1.60
C GLY HA 31 -0.52 -152.03 -0.17
N ALA HA 32 -0.10 -151.16 0.75
CA ALA HA 32 -0.16 -151.50 2.15
C ALA HA 32 -1.60 -151.48 2.64
N PRO HA 33 -2.00 -152.43 3.49
CA PRO HA 33 -3.39 -152.49 3.92
C PRO HA 33 -3.73 -151.41 4.94
N SER HA 34 -5.02 -151.11 5.02
CA SER HA 34 -5.51 -150.06 5.91
C SER HA 34 -6.96 -150.38 6.26
N VAL HA 35 -7.46 -149.69 7.29
CA VAL HA 35 -8.82 -149.90 7.76
C VAL HA 35 -9.31 -148.63 8.44
N GLY HA 36 -10.58 -148.30 8.22
CA GLY HA 36 -11.19 -147.15 8.85
C GLY HA 36 -12.60 -147.44 9.31
N ILE HA 37 -12.92 -147.10 10.56
CA ILE HA 37 -14.19 -147.45 11.19
C ILE HA 37 -14.82 -146.18 11.75
N LYS HA 38 -16.07 -145.92 11.38
CA LYS HA 38 -16.84 -144.80 11.92
C LYS HA 38 -17.61 -145.29 13.14
N ALA HA 39 -17.26 -144.77 14.31
CA ALA HA 39 -17.94 -145.11 15.55
C ALA HA 39 -19.02 -144.07 15.84
N ALA HA 40 -19.68 -144.23 17.00
CA ALA HA 40 -20.78 -143.35 17.36
C ALA HA 40 -20.32 -141.99 17.86
N ASN HA 41 -19.06 -141.87 18.29
CA ASN HA 41 -18.53 -140.60 18.74
C ASN HA 41 -17.19 -140.25 18.11
N GLY HA 42 -16.70 -141.05 17.17
CA GLY HA 42 -15.41 -140.77 16.56
C GLY HA 42 -15.18 -141.62 15.33
N VAL HA 43 -14.08 -141.31 14.65
CA VAL HA 43 -13.61 -142.06 13.50
C VAL HA 43 -12.22 -142.56 13.81
N VAL HA 44 -11.98 -143.86 13.57
CA VAL HA 44 -10.71 -144.50 13.84
C VAL HA 44 -10.06 -144.88 12.53
N LEU HA 45 -8.81 -144.44 12.34
CA LEU HA 45 -7.99 -144.86 11.22
C LEU HA 45 -6.81 -145.67 11.71
N ALA HA 46 -6.45 -146.69 10.93
CA ALA HA 46 -5.30 -147.52 11.23
C ALA HA 46 -4.67 -147.97 9.93
N THR HA 47 -3.39 -148.32 9.99
CA THR HA 47 -2.64 -148.70 8.80
C THR HA 47 -1.56 -149.70 9.18
N GLU HA 48 -0.81 -150.14 8.17
CA GLU HA 48 0.22 -151.16 8.32
C GLU HA 48 1.54 -150.57 7.85
N LYS HA 49 2.46 -150.38 8.78
CA LYS HA 49 3.72 -149.68 8.53
C LYS HA 49 4.87 -150.59 8.97
N LYS HA 50 5.34 -151.43 8.06
CA LYS HA 50 6.51 -152.27 8.31
C LYS HA 50 7.65 -151.83 7.41
N GLN HA 51 8.84 -151.74 7.99
CA GLN HA 51 10.04 -151.44 7.23
C GLN HA 51 10.60 -152.71 6.61
N LYS HA 52 11.34 -152.54 5.51
CA LYS HA 52 11.97 -153.66 4.85
C LYS HA 52 13.25 -154.10 5.56
N SER HA 53 13.74 -153.30 6.51
CA SER HA 53 14.99 -153.59 7.21
C SER HA 53 14.83 -153.19 8.68
N ILE HA 54 15.83 -153.54 9.48
CA ILE HA 54 15.91 -153.08 10.86
C ILE HA 54 16.64 -151.74 10.95
N LEU HA 55 17.00 -151.15 9.81
CA LEU HA 55 17.74 -149.90 9.77
C LEU HA 55 16.84 -148.69 9.68
N TYR HA 56 15.62 -148.86 9.17
CA TYR HA 56 14.76 -147.72 8.82
C TYR HA 56 14.19 -147.07 10.07
N ASP HA 57 14.39 -145.75 10.18
CA ASP HA 57 13.81 -145.00 11.29
C ASP HA 57 12.30 -144.89 11.11
N GLU HA 58 11.60 -144.76 12.23
CA GLU HA 58 10.15 -144.69 12.23
C GLU HA 58 9.62 -143.28 12.47
N ARG HA 59 10.45 -142.36 12.95
CA ARG HA 59 10.04 -140.99 13.23
C ARG HA 59 10.29 -140.05 12.07
N SER HA 60 10.44 -140.57 10.85
CA SER HA 60 10.74 -139.75 9.68
C SER HA 60 9.52 -139.56 8.79
N VAL HA 61 8.90 -140.66 8.37
CA VAL HA 61 7.76 -140.63 7.44
C VAL HA 61 6.53 -141.12 8.18
N HIS HA 62 5.43 -140.39 8.06
CA HIS HA 62 4.19 -140.74 8.72
C HIS HA 62 3.14 -141.19 7.69
N LYS HA 63 2.20 -142.01 8.16
CA LYS HA 63 1.10 -142.48 7.33
C LYS HA 63 -0.19 -141.71 7.61
N VAL HA 64 -0.65 -141.72 8.86
CA VAL HA 64 -1.73 -140.85 9.28
C VAL HA 64 -1.26 -139.40 9.20
N GLU HA 65 -1.96 -138.58 8.44
CA GLU HA 65 -1.51 -137.23 8.17
C GLU HA 65 -2.66 -136.24 8.33
N PRO HA 66 -2.50 -135.19 9.13
CA PRO HA 66 -3.55 -134.20 9.29
C PRO HA 66 -3.63 -133.26 8.10
N ILE HA 67 -4.85 -132.78 7.84
CA ILE HA 67 -5.10 -131.75 6.84
C ILE HA 67 -5.46 -130.42 7.50
N THR HA 68 -6.46 -130.44 8.35
CA THR HA 68 -6.76 -129.33 9.25
C THR HA 68 -6.66 -129.93 10.66
N LYS HA 69 -7.03 -129.16 11.68
CA LYS HA 69 -6.98 -129.68 13.05
C LYS HA 69 -8.16 -130.58 13.39
N HIS HA 70 -9.05 -130.85 12.43
CA HIS HA 70 -10.13 -131.81 12.65
C HIS HA 70 -10.29 -132.75 11.45
N ILE HA 71 -9.33 -132.79 10.53
CA ILE HA 71 -9.42 -133.60 9.33
C ILE HA 71 -8.10 -134.34 9.15
N GLY HA 72 -8.16 -135.67 9.05
CA GLY HA 72 -7.02 -136.48 8.71
C GLY HA 72 -7.26 -137.28 7.44
N LEU HA 73 -6.22 -137.99 7.01
CA LEU HA 73 -6.23 -138.59 5.68
C LEU HA 73 -5.16 -139.68 5.54
N VAL HA 74 -5.58 -140.90 5.16
CA VAL HA 74 -4.64 -142.01 4.94
C VAL HA 74 -4.78 -142.55 3.53
N TYR HA 75 -4.05 -143.61 3.21
CA TYR HA 75 -3.97 -144.07 1.83
C TYR HA 75 -3.60 -145.54 1.76
N SER HA 76 -3.80 -146.11 0.58
CA SER HA 76 -3.34 -147.45 0.24
C SER HA 76 -2.99 -147.45 -1.24
N GLY HA 77 -1.70 -147.51 -1.54
CA GLY HA 77 -1.23 -147.46 -2.91
C GLY HA 77 0.27 -147.36 -2.99
N MET HA 78 0.78 -146.42 -3.79
CA MET HA 78 2.21 -146.20 -3.89
C MET HA 78 2.60 -144.92 -3.16
N GLY HA 79 3.81 -144.94 -2.60
CA GLY HA 79 4.31 -143.94 -1.70
C GLY HA 79 4.37 -142.50 -2.19
N PRO HA 80 5.20 -142.21 -3.19
CA PRO HA 80 5.47 -140.79 -3.52
C PRO HA 80 4.30 -140.05 -4.14
N ASP HA 81 3.34 -140.74 -4.76
CA ASP HA 81 2.18 -140.05 -5.30
C ASP HA 81 1.25 -139.53 -4.21
N TYR HA 82 1.38 -140.03 -2.99
CA TYR HA 82 0.52 -139.60 -1.90
C TYR HA 82 0.82 -138.16 -1.48
N ARG HA 83 2.09 -137.79 -1.40
CA ARG HA 83 2.48 -136.47 -0.90
C ARG HA 83 2.11 -135.33 -1.84
N VAL HA 84 1.78 -135.63 -3.09
CA VAL HA 84 1.36 -134.58 -4.03
C VAL HA 84 -0.01 -134.04 -3.64
N LEU HA 85 -1.00 -134.92 -3.56
CA LEU HA 85 -2.35 -134.50 -3.24
C LEU HA 85 -2.54 -134.11 -1.78
N VAL HA 86 -1.62 -134.51 -0.89
CA VAL HA 86 -1.65 -134.00 0.48
C VAL HA 86 -1.34 -132.51 0.49
N HIS HA 87 -0.23 -132.13 -0.14
CA HIS HA 87 0.13 -130.72 -0.25
C HIS HA 87 -0.87 -129.95 -1.10
N ARG HA 88 -1.52 -130.63 -2.04
CA ARG HA 88 -2.60 -130.01 -2.79
C ARG HA 88 -3.81 -129.75 -1.90
N ALA HA 89 -4.13 -130.69 -1.00
CA ALA HA 89 -5.29 -130.53 -0.14
C ALA HA 89 -5.04 -129.52 0.97
N ARG HA 90 -3.78 -129.30 1.34
CA ARG HA 90 -3.45 -128.27 2.33
C ARG HA 90 -3.73 -126.87 1.79
N LYS HA 91 -3.22 -126.58 0.59
CA LYS HA 91 -3.42 -125.27 -0.01
C LYS HA 91 -4.87 -125.05 -0.42
N LEU HA 92 -5.57 -126.14 -0.72
CA LEU HA 92 -6.99 -126.04 -1.07
C LEU HA 92 -7.85 -125.76 0.16
N ALA HA 93 -7.50 -126.34 1.32
CA ALA HA 93 -8.30 -126.15 2.51
C ALA HA 93 -8.13 -124.76 3.11
N GLN HA 94 -6.97 -124.13 2.88
CA GLN HA 94 -6.77 -122.78 3.38
C GLN HA 94 -7.53 -121.76 2.56
N GLN HA 95 -7.78 -122.05 1.27
CA GLN HA 95 -8.51 -121.11 0.43
C GLN HA 95 -9.98 -121.02 0.82
N TYR HA 96 -10.55 -122.09 1.38
CA TYR HA 96 -11.87 -121.99 1.98
C TYR HA 96 -11.84 -121.09 3.21
N TYR HA 97 -10.78 -121.21 4.00
CA TYR HA 97 -10.67 -120.43 5.23
C TYR HA 97 -10.38 -118.96 4.95
N LEU HA 98 -9.69 -118.65 3.86
CA LEU HA 98 -9.43 -117.25 3.52
C LEU HA 98 -10.69 -116.54 3.04
N VAL HA 99 -11.62 -117.27 2.45
CA VAL HA 99 -12.85 -116.67 1.96
C VAL HA 99 -13.90 -116.60 3.05
N TYR HA 100 -14.12 -117.71 3.76
CA TYR HA 100 -15.29 -117.84 4.63
C TYR HA 100 -14.97 -117.68 6.11
N GLN HA 101 -13.68 -117.63 6.48
CA GLN HA 101 -13.22 -117.46 7.86
C GLN HA 101 -13.76 -118.56 8.78
N GLU HA 102 -13.74 -119.80 8.27
CA GLU HA 102 -14.39 -120.90 8.95
C GLU HA 102 -13.77 -122.19 8.44
N PRO HA 103 -13.48 -123.15 9.31
CA PRO HA 103 -12.85 -124.40 8.86
C PRO HA 103 -13.76 -125.22 7.96
N ILE HA 104 -13.14 -125.90 7.01
CA ILE HA 104 -13.90 -126.53 5.91
C ILE HA 104 -14.59 -127.79 6.42
N PRO HA 105 -15.85 -128.01 6.05
CA PRO HA 105 -16.48 -129.30 6.35
C PRO HA 105 -15.88 -130.40 5.50
N THR HA 106 -15.94 -131.63 6.03
CA THR HA 106 -15.30 -132.77 5.37
C THR HA 106 -16.01 -133.18 4.09
N ALA HA 107 -17.30 -132.84 3.95
CA ALA HA 107 -17.98 -133.13 2.69
C ALA HA 107 -17.49 -132.22 1.58
N GLN HA 108 -17.26 -130.94 1.90
CA GLN HA 108 -16.85 -129.97 0.91
C GLN HA 108 -15.41 -130.18 0.44
N LEU HA 109 -14.56 -130.73 1.31
CA LEU HA 109 -13.18 -131.01 0.94
C LEU HA 109 -13.10 -132.13 -0.10
N VAL HA 110 -13.92 -133.16 0.06
CA VAL HA 110 -13.91 -134.29 -0.87
C VAL HA 110 -14.54 -133.90 -2.21
N GLN HA 111 -15.38 -132.86 -2.22
CA GLN HA 111 -15.90 -132.32 -3.47
C GLN HA 111 -14.80 -131.79 -4.38
N ARG HA 112 -13.71 -131.30 -3.79
CA ARG HA 112 -12.67 -130.62 -4.53
C ARG HA 112 -11.41 -131.45 -4.72
N VAL HA 113 -11.09 -132.34 -3.76
CA VAL HA 113 -9.94 -133.22 -3.91
C VAL HA 113 -10.19 -134.25 -5.02
N ALA HA 114 -11.43 -134.74 -5.10
CA ALA HA 114 -11.80 -135.65 -6.18
C ALA HA 114 -11.81 -134.97 -7.54
N SER HA 115 -12.05 -133.66 -7.58
CA SER HA 115 -11.94 -132.93 -8.84
C SER HA 115 -10.49 -132.81 -9.29
N VAL HA 116 -9.55 -132.77 -8.35
CA VAL HA 116 -8.14 -132.75 -8.70
C VAL HA 116 -7.73 -134.09 -9.30
N MET HA 117 -8.19 -135.19 -8.70
CA MET HA 117 -7.91 -136.51 -9.23
C MET HA 117 -8.67 -136.78 -10.52
N GLN HA 118 -9.75 -136.05 -10.77
CA GLN HA 118 -10.41 -136.12 -12.06
C GLN HA 118 -9.55 -135.51 -13.15
N GLU HA 119 -8.82 -134.45 -12.83
CA GLU HA 119 -8.14 -133.64 -13.83
C GLU HA 119 -6.95 -134.36 -14.45
N TYR HA 120 -6.31 -135.28 -13.73
CA TYR HA 120 -5.20 -136.02 -14.31
C TYR HA 120 -5.65 -137.21 -15.14
N THR HA 121 -6.94 -137.53 -15.13
CA THR HA 121 -7.47 -138.61 -15.97
C THR HA 121 -7.87 -138.13 -17.35
N GLN HA 122 -8.30 -136.87 -17.47
CA GLN HA 122 -8.81 -136.34 -18.72
C GLN HA 122 -7.77 -135.53 -19.50
N SER HA 123 -6.85 -134.88 -18.81
CA SER HA 123 -5.92 -133.96 -19.45
C SER HA 123 -4.85 -134.72 -20.23
N GLY HA 124 -3.91 -133.96 -20.80
CA GLY HA 124 -3.05 -134.47 -21.85
C GLY HA 124 -1.73 -135.01 -21.33
N GLY HA 125 -1.48 -136.29 -21.65
CA GLY HA 125 -0.18 -136.90 -21.48
C GLY HA 125 0.17 -137.34 -20.07
N VAL HA 126 -0.59 -136.94 -19.07
CA VAL HA 126 -0.32 -137.35 -17.71
C VAL HA 126 -1.03 -138.67 -17.43
N ARG HA 127 -0.60 -139.35 -16.39
CA ARG HA 127 -1.20 -140.60 -15.98
C ARG HA 127 -2.07 -140.41 -14.74
N PRO HA 128 -3.11 -141.23 -14.56
CA PRO HA 128 -3.95 -141.11 -13.36
C PRO HA 128 -3.22 -141.57 -12.11
N PHE HA 129 -3.80 -141.26 -10.95
CA PHE HA 129 -3.19 -141.58 -9.68
C PHE HA 129 -3.17 -143.09 -9.45
N GLY HA 130 -2.35 -143.51 -8.48
CA GLY HA 130 -2.28 -144.89 -8.08
C GLY HA 130 -2.49 -144.99 -6.58
N VAL HA 131 -3.23 -144.03 -6.05
CA VAL HA 131 -3.47 -143.90 -4.62
C VAL HA 131 -4.97 -143.70 -4.41
N SER HA 132 -5.58 -144.58 -3.60
CA SER HA 132 -6.89 -144.32 -3.05
C SER HA 132 -6.74 -143.79 -1.64
N LEU HA 133 -7.80 -143.12 -1.16
CA LEU HA 133 -7.71 -142.39 0.10
C LEU HA 133 -8.79 -142.87 1.07
N LEU HA 134 -8.65 -142.41 2.31
CA LEU HA 134 -9.71 -142.46 3.30
C LEU HA 134 -9.66 -141.15 4.07
N ILE HA 135 -10.76 -140.39 4.00
CA ILE HA 135 -10.81 -139.04 4.55
C ILE HA 135 -11.83 -139.02 5.67
N CYS HA 136 -11.44 -138.42 6.80
CA CYS HA 136 -12.18 -138.49 8.04
C CYS HA 136 -12.39 -137.10 8.62
N GLY HA 137 -13.19 -137.02 9.67
CA GLY HA 137 -13.41 -135.76 10.36
C GLY HA 137 -14.73 -135.66 11.07
N TRP HA 138 -14.77 -134.91 12.17
CA TRP HA 138 -15.97 -134.74 12.99
C TRP HA 138 -16.37 -133.26 12.93
N ASN HA 139 -17.16 -132.93 11.92
CA ASN HA 139 -17.66 -131.57 11.73
C ASN HA 139 -19.17 -131.55 11.94
N GLU HA 140 -19.62 -130.55 12.70
CA GLU HA 140 -21.04 -130.31 13.04
C GLU HA 140 -21.66 -131.52 13.74
N GLY HA 141 -21.09 -131.88 14.88
CA GLY HA 141 -21.60 -132.96 15.69
C GLY HA 141 -21.27 -134.34 15.16
N ARG HA 142 -21.88 -134.71 14.03
CA ARG HA 142 -21.69 -136.05 13.49
C ARG HA 142 -20.33 -136.18 12.81
N PRO HA 143 -19.65 -137.29 13.01
CA PRO HA 143 -18.39 -137.54 12.30
C PRO HA 143 -18.63 -138.14 10.92
N TYR HA 144 -17.59 -138.09 10.10
CA TYR HA 144 -17.68 -138.51 8.71
C TYR HA 144 -16.49 -139.37 8.32
N LEU HA 145 -16.68 -140.20 7.31
CA LEU HA 145 -15.62 -141.08 6.81
C LEU HA 145 -15.90 -141.35 5.34
N PHE HA 146 -15.04 -140.82 4.47
CA PHE HA 146 -15.20 -140.93 3.02
C PHE HA 146 -14.03 -141.69 2.42
N GLN HA 147 -14.20 -142.11 1.17
CA GLN HA 147 -13.18 -142.84 0.42
C GLN HA 147 -13.19 -142.38 -1.02
N SER HA 148 -12.04 -141.96 -1.53
CA SER HA 148 -11.90 -141.51 -2.90
C SER HA 148 -10.95 -142.41 -3.65
N ASP HA 149 -11.31 -142.75 -4.88
CA ASP HA 149 -10.58 -143.65 -5.75
C ASP HA 149 -9.81 -142.88 -6.82
N PRO HA 150 -8.82 -143.52 -7.49
CA PRO HA 150 -8.12 -142.83 -8.58
C PRO HA 150 -8.96 -142.55 -9.83
N SER HA 151 -10.19 -143.07 -9.93
CA SER HA 151 -11.03 -142.69 -11.06
C SER HA 151 -11.57 -141.27 -10.90
N GLY HA 152 -11.79 -140.83 -9.67
CA GLY HA 152 -12.34 -139.51 -9.41
C GLY HA 152 -13.66 -139.51 -8.65
N ALA HA 153 -14.27 -140.67 -8.41
CA ALA HA 153 -15.51 -140.72 -7.65
C ALA HA 153 -15.20 -140.73 -6.15
N TYR HA 154 -16.26 -140.85 -5.35
CA TYR HA 154 -16.10 -140.98 -3.90
C TYR HA 154 -17.33 -141.65 -3.32
N PHE HA 155 -17.22 -142.05 -2.06
CA PHE HA 155 -18.28 -142.80 -1.38
C PHE HA 155 -18.38 -142.31 0.06
N ALA HA 156 -19.18 -143.01 0.84
CA ALA HA 156 -19.40 -142.69 2.26
C ALA HA 156 -19.58 -144.00 3.01
N TRP HA 157 -18.56 -144.43 3.73
CA TRP HA 157 -18.56 -145.75 4.36
C TRP HA 157 -18.89 -145.66 5.84
N LYS HA 158 -19.34 -146.80 6.37
CA LYS HA 158 -19.38 -147.01 7.81
C LYS HA 158 -18.07 -147.63 8.30
N ALA HA 159 -17.64 -148.69 7.62
CA ALA HA 159 -16.36 -149.33 7.90
C ALA HA 159 -15.89 -150.00 6.62
N THR HA 160 -14.61 -149.79 6.28
CA THR HA 160 -14.08 -150.32 5.03
C THR HA 160 -12.60 -150.61 5.22
N ALA HA 161 -12.02 -151.23 4.19
CA ALA HA 161 -10.61 -151.61 4.24
C ALA HA 161 -10.03 -151.58 2.83
N MET HA 162 -8.93 -150.86 2.66
CA MET HA 162 -8.21 -150.78 1.41
C MET HA 162 -6.82 -151.37 1.57
N GLY HA 163 -6.24 -151.81 0.47
CA GLY HA 163 -4.95 -152.44 0.47
C GLY HA 163 -5.03 -153.90 0.08
N LYS HA 164 -4.01 -154.65 0.48
CA LYS HA 164 -4.00 -156.09 0.24
C LYS HA 164 -4.99 -156.79 1.16
N ASN HA 165 -5.53 -157.91 0.67
CA ASN HA 165 -6.48 -158.78 1.39
C ASN HA 165 -7.72 -158.02 1.84
N TYR HA 166 -8.19 -157.08 1.00
CA TYR HA 166 -9.32 -156.25 1.38
C TYR HA 166 -10.64 -157.01 1.34
N VAL HA 167 -10.72 -158.08 0.54
CA VAL HA 167 -11.95 -158.87 0.51
C VAL HA 167 -12.09 -159.72 1.76
N ASN HA 168 -10.99 -160.00 2.47
CA ASN HA 168 -11.09 -160.70 3.74
C ASN HA 168 -11.47 -159.75 4.87
N GLY HA 169 -10.92 -158.53 4.85
CA GLY HA 169 -11.30 -157.53 5.83
C GLY HA 169 -12.69 -156.97 5.62
N LYS HA 170 -13.20 -157.02 4.39
CA LYS HA 170 -14.56 -156.54 4.12
C LYS HA 170 -15.59 -157.46 4.76
N THR HA 171 -15.35 -158.77 4.72
CA THR HA 171 -16.25 -159.70 5.38
C THR HA 171 -16.07 -159.69 6.88
N PHE HA 172 -14.86 -159.40 7.36
CA PHE HA 172 -14.61 -159.41 8.79
C PHE HA 172 -15.23 -158.19 9.47
N LEU HA 173 -15.19 -157.03 8.81
CA LEU HA 173 -15.82 -155.85 9.37
C LEU HA 173 -17.34 -155.97 9.35
N GLU HA 174 -17.88 -156.68 8.35
CA GLU HA 174 -19.32 -156.90 8.30
C GLU HA 174 -19.79 -157.83 9.40
N LYS HA 175 -18.95 -158.78 9.81
CA LYS HA 175 -19.30 -159.71 10.86
C LYS HA 175 -18.96 -159.21 12.26
N ARG HA 176 -18.32 -158.05 12.38
CA ARG HA 176 -17.90 -157.53 13.67
C ARG HA 176 -18.48 -156.18 14.02
N TYR HA 177 -18.64 -155.28 13.04
CA TYR HA 177 -19.19 -153.97 13.33
C TYR HA 177 -20.70 -154.06 13.53
N ASN HA 178 -21.27 -152.96 14.01
CA ASN HA 178 -22.68 -152.91 14.37
C ASN HA 178 -23.17 -151.48 14.14
N GLU HA 179 -24.30 -151.13 14.77
CA GLU HA 179 -24.84 -149.78 14.64
C GLU HA 179 -23.97 -148.77 15.39
N ASP HA 180 -23.63 -149.05 16.63
CA ASP HA 180 -22.82 -148.10 17.40
C ASP HA 180 -21.82 -148.83 18.27
N LEU HA 181 -20.69 -148.16 18.51
CA LEU HA 181 -19.70 -148.55 19.51
C LEU HA 181 -19.18 -147.28 20.15
N GLU HA 182 -18.25 -147.44 21.08
CA GLU HA 182 -17.44 -146.31 21.49
C GLU HA 182 -16.19 -146.24 20.63
N LEU HA 183 -15.49 -145.10 20.70
CA LEU HA 183 -14.24 -144.97 19.97
C LEU HA 183 -13.18 -145.90 20.54
N GLU HA 184 -13.18 -146.11 21.85
CA GLU HA 184 -12.24 -147.02 22.48
C GLU HA 184 -12.54 -148.48 22.17
N ASP HA 185 -13.80 -148.79 21.87
CA ASP HA 185 -14.12 -150.12 21.37
C ASP HA 185 -13.84 -150.23 19.88
N ALA HA 186 -13.85 -149.10 19.17
CA ALA HA 186 -13.65 -149.12 17.72
C ALA HA 186 -12.20 -149.35 17.35
N ILE HA 187 -11.25 -148.92 18.18
CA ILE HA 187 -9.84 -149.18 17.91
C ILE HA 187 -9.55 -150.66 18.14
N HIS HA 188 -10.29 -151.30 19.05
CA HIS HA 188 -10.07 -152.71 19.35
C HIS HA 188 -10.45 -153.60 18.17
N THR HA 189 -11.55 -153.28 17.50
CA THR HA 189 -11.92 -153.99 16.28
C THR HA 189 -11.22 -153.46 15.04
N ALA HA 190 -10.39 -152.42 15.17
CA ALA HA 190 -9.62 -151.92 14.04
C ALA HA 190 -8.22 -152.50 13.97
N ILE HA 191 -7.69 -152.99 15.10
CA ILE HA 191 -6.42 -153.69 15.07
C ILE HA 191 -6.65 -155.18 14.80
N LEU HA 192 -7.76 -155.71 15.31
CA LEU HA 192 -8.11 -157.11 15.08
C LEU HA 192 -8.44 -157.38 13.62
N THR HA 193 -8.85 -156.38 12.85
CA THR HA 193 -8.94 -156.53 11.40
C THR HA 193 -7.62 -156.23 10.70
N LEU HA 194 -6.70 -155.52 11.35
CA LEU HA 194 -5.35 -155.35 10.83
C LEU HA 194 -4.41 -156.45 11.29
N LYS HA 195 -4.75 -157.16 12.36
CA LYS HA 195 -4.02 -158.37 12.74
C LYS HA 195 -4.34 -159.54 11.84
N GLU HA 196 -5.38 -159.45 11.02
CA GLU HA 196 -5.72 -160.50 10.08
C GLU HA 196 -4.64 -160.66 9.00
N SER HA 197 -4.10 -159.54 8.52
CA SER HA 197 -3.18 -159.55 7.40
C SER HA 197 -1.79 -159.06 7.76
N PHE HA 198 -1.48 -158.90 9.05
CA PHE HA 198 -0.16 -158.44 9.45
C PHE HA 198 0.82 -159.60 9.45
N GLU HA 199 2.07 -159.31 9.80
CA GLU HA 199 3.11 -160.33 9.88
C GLU HA 199 3.06 -160.99 11.25
N GLY HA 200 4.11 -161.75 11.58
CA GLY HA 200 4.11 -162.54 12.79
C GLY HA 200 4.27 -161.73 14.06
N GLN HA 201 4.73 -160.49 13.95
CA GLN HA 201 4.93 -159.62 15.11
C GLN HA 201 4.24 -158.29 14.87
N MET HA 202 3.56 -157.80 15.92
CA MET HA 202 2.89 -156.50 15.88
C MET HA 202 3.32 -155.71 17.12
N THR HA 203 4.05 -154.63 16.89
CA THR HA 203 4.59 -153.80 17.97
C THR HA 203 4.00 -152.39 17.86
N GLU HA 204 4.56 -151.47 18.65
CA GLU HA 204 4.16 -150.08 18.58
C GLU HA 204 4.64 -149.39 17.30
N ASP HA 205 5.57 -149.99 16.57
CA ASP HA 205 6.13 -149.40 15.37
C ASP HA 205 5.75 -150.14 14.11
N ASN HA 206 4.96 -151.22 14.22
CA ASN HA 206 4.45 -151.89 13.04
C ASN HA 206 3.11 -151.32 12.59
N ILE HA 207 2.30 -150.83 13.52
CA ILE HA 207 1.04 -150.20 13.19
C ILE HA 207 1.15 -148.71 13.50
N GLU HA 208 0.14 -147.95 13.07
CA GLU HA 208 0.13 -146.50 13.26
C GLU HA 208 -1.32 -146.04 13.16
N VAL HA 209 -1.82 -145.42 14.23
CA VAL HA 209 -3.26 -145.22 14.43
C VAL HA 209 -3.54 -143.73 14.67
N GLY HA 210 -4.52 -143.19 13.96
CA GLY HA 210 -5.02 -141.86 14.24
C GLY HA 210 -6.51 -141.88 14.48
N ILE HA 211 -6.97 -140.95 15.31
CA ILE HA 211 -8.36 -140.89 15.76
C ILE HA 211 -8.94 -139.52 15.43
N CYS HA 212 -10.27 -139.41 15.61
CA CYS HA 212 -11.00 -138.16 15.40
C CYS HA 212 -12.03 -138.01 16.51
N ASN HA 213 -11.66 -137.37 17.60
CA ASN HA 213 -12.65 -136.97 18.59
C ASN HA 213 -13.31 -135.67 18.14
N GLU HA 214 -14.36 -135.26 18.87
CA GLU HA 214 -14.95 -133.96 18.61
C GLU HA 214 -14.04 -132.83 19.09
N ALA HA 215 -13.09 -133.12 19.98
CA ALA HA 215 -12.07 -132.16 20.37
C ALA HA 215 -11.10 -131.81 19.25
N GLY HA 216 -11.06 -132.60 18.19
CA GLY HA 216 -10.24 -132.31 17.02
C GLY HA 216 -9.60 -133.56 16.51
N PHE HA 217 -8.67 -133.38 15.57
CA PHE HA 217 -7.91 -134.50 15.03
C PHE HA 217 -6.69 -134.76 15.88
N ARG HA 218 -6.33 -136.03 16.00
CA ARG HA 218 -5.24 -136.44 16.88
C ARG HA 218 -4.67 -137.75 16.36
N ARG HA 219 -3.37 -137.79 16.11
CA ARG HA 219 -2.69 -139.03 15.81
C ARG HA 219 -1.91 -139.48 17.05
N LEU HA 220 -1.78 -140.80 17.20
CA LEU HA 220 -1.31 -141.36 18.45
C LEU HA 220 0.18 -141.59 18.45
N THR HA 221 0.83 -141.22 19.55
CA THR HA 221 2.22 -141.54 19.78
C THR HA 221 2.35 -143.03 20.09
N PRO HA 222 3.54 -143.62 19.90
CA PRO HA 222 3.71 -145.05 20.21
C PRO HA 222 3.57 -145.42 21.68
N THR HA 223 3.51 -144.46 22.59
CA THR HA 223 3.26 -144.78 24.00
C THR HA 223 1.85 -145.33 24.20
N GLU HA 224 0.85 -144.68 23.59
CA GLU HA 224 -0.53 -145.18 23.70
C GLU HA 224 -0.71 -146.48 22.93
N VAL HA 225 -0.09 -146.59 21.75
CA VAL HA 225 -0.28 -147.76 20.90
C VAL HA 225 0.39 -148.99 21.50
N LYS HA 226 1.47 -148.80 22.26
CA LYS HA 226 2.04 -149.91 23.00
C LYS HA 226 1.15 -150.28 24.18
N ASP HA 227 0.61 -149.27 24.87
CA ASP HA 227 -0.31 -149.52 25.96
C ASP HA 227 -1.67 -150.01 25.48
N TYR HA 228 -2.04 -149.75 24.23
CA TYR HA 228 -3.34 -150.23 23.75
C TYR HA 228 -3.26 -151.70 23.36
N LEU HA 229 -2.18 -152.12 22.68
CA LEU HA 229 -1.97 -153.51 22.36
C LEU HA 229 -1.32 -154.30 23.49
N ALA HA 230 -1.20 -153.70 24.68
CA ALA HA 230 -0.66 -154.39 25.85
C ALA HA 230 -1.72 -155.36 26.37
N ALA HA 231 -1.74 -156.55 25.74
CA ALA HA 231 -2.55 -157.72 26.09
C ALA HA 231 -4.05 -157.51 25.98
N ILE HA 232 -4.51 -156.35 25.53
CA ILE HA 232 -5.93 -156.16 25.18
C ILE HA 232 -6.03 -156.48 23.70
N ALA HA 233 -6.11 -157.78 23.41
CA ALA HA 233 -5.93 -158.38 22.07
C ALA HA 233 -4.71 -157.84 21.34
N SER IA 1 4.52 -136.68 -29.51
CA SER IA 1 4.97 -137.40 -30.70
C SER IA 1 3.78 -137.70 -31.63
N ARG IA 2 3.89 -138.80 -32.36
CA ARG IA 2 2.86 -139.21 -33.32
C ARG IA 2 2.29 -140.59 -33.03
N ARG IA 3 3.13 -141.55 -32.64
CA ARG IA 3 2.69 -142.92 -32.41
C ARG IA 3 2.01 -143.11 -31.06
N TYR IA 4 1.91 -142.07 -30.24
CA TYR IA 4 1.33 -142.15 -28.91
C TYR IA 4 -0.09 -141.60 -28.86
N ASP IA 5 -0.58 -141.02 -29.94
CA ASP IA 5 -1.84 -140.30 -29.95
C ASP IA 5 -3.01 -141.25 -30.17
N SER IA 6 -4.14 -140.90 -29.58
CA SER IA 6 -5.41 -141.56 -29.86
C SER IA 6 -6.11 -140.84 -31.01
N ARG IA 7 -7.12 -141.50 -31.57
CA ARG IA 7 -7.74 -140.96 -32.79
C ARG IA 7 -8.76 -139.88 -32.46
N THR IA 8 -9.90 -140.28 -31.88
CA THR IA 8 -10.97 -139.45 -31.32
C THR IA 8 -11.61 -138.44 -32.29
N THR IA 9 -11.17 -138.39 -33.55
CA THR IA 9 -11.61 -137.31 -34.42
C THR IA 9 -11.79 -137.73 -35.88
N ILE IA 10 -11.61 -139.01 -36.21
CA ILE IA 10 -11.42 -139.44 -37.60
C ILE IA 10 -12.65 -140.22 -38.05
N PHE IA 11 -13.19 -139.83 -39.19
CA PHE IA 11 -14.34 -140.48 -39.81
C PHE IA 11 -14.01 -141.91 -40.25
N SER IA 12 -15.06 -142.68 -40.44
CA SER IA 12 -14.96 -143.99 -41.07
C SER IA 12 -14.91 -143.82 -42.59
N PRO IA 13 -14.45 -144.84 -43.31
CA PRO IA 13 -14.62 -144.82 -44.78
C PRO IA 13 -16.07 -144.83 -45.22
N GLU IA 14 -16.99 -145.37 -44.41
CA GLU IA 14 -18.41 -145.28 -44.70
C GLU IA 14 -19.05 -144.02 -44.14
N GLY IA 15 -18.39 -143.33 -43.22
CA GLY IA 15 -18.86 -142.04 -42.72
C GLY IA 15 -19.27 -142.02 -41.27
N ARG IA 16 -19.30 -143.16 -40.59
CA ARG IA 16 -19.74 -143.15 -39.20
C ARG IA 16 -18.60 -142.71 -38.27
N LEU IA 17 -18.93 -142.54 -37.00
CA LEU IA 17 -17.98 -142.10 -36.00
C LEU IA 17 -17.47 -143.29 -35.18
N TYR IA 18 -16.16 -143.25 -34.88
CA TYR IA 18 -15.50 -144.38 -34.27
C TYR IA 18 -15.58 -144.36 -32.74
N GLN IA 19 -15.41 -143.20 -32.13
CA GLN IA 19 -15.43 -143.10 -30.68
C GLN IA 19 -16.79 -142.71 -30.11
N VAL IA 20 -17.61 -142.01 -30.89
CA VAL IA 20 -18.90 -141.53 -30.38
C VAL IA 20 -19.87 -142.69 -30.22
N GLU IA 21 -19.82 -143.67 -31.13
CA GLU IA 21 -20.66 -144.85 -31.02
C GLU IA 21 -20.27 -145.72 -29.83
N TYR IA 22 -19.02 -145.65 -29.38
CA TYR IA 22 -18.59 -146.44 -28.23
C TYR IA 22 -19.10 -145.85 -26.93
N ALA IA 23 -19.11 -144.52 -26.82
CA ALA IA 23 -19.55 -143.87 -25.60
C ALA IA 23 -21.07 -143.95 -25.43
N MET IA 24 -21.81 -144.10 -26.53
CA MET IA 24 -23.25 -144.25 -26.46
C MET IA 24 -23.68 -145.67 -26.10
N GLU IA 25 -22.73 -146.60 -25.96
CA GLU IA 25 -23.05 -147.95 -25.54
C GLU IA 25 -22.66 -148.25 -24.10
N ALA IA 26 -21.76 -147.46 -23.51
CA ALA IA 26 -21.40 -147.68 -22.11
C ALA IA 26 -22.49 -147.17 -21.18
N ILE IA 27 -23.33 -146.24 -21.65
CA ILE IA 27 -24.42 -145.72 -20.84
C ILE IA 27 -25.52 -146.77 -20.68
N GLY IA 28 -25.68 -147.65 -21.68
CA GLY IA 28 -26.66 -148.71 -21.57
C GLY IA 28 -26.30 -149.76 -20.53
N HIS IA 29 -25.02 -149.90 -20.22
CA HIS IA 29 -24.57 -150.76 -19.13
C HIS IA 29 -24.36 -149.94 -17.86
N ALA IA 30 -25.42 -149.25 -17.44
CA ALA IA 30 -25.38 -148.41 -16.26
C ALA IA 30 -26.77 -148.38 -15.64
N GLY IA 31 -27.03 -147.39 -14.80
CA GLY IA 31 -28.29 -147.29 -14.09
C GLY IA 31 -29.46 -146.91 -14.98
N THR IA 32 -30.64 -146.90 -14.37
CA THR IA 32 -31.90 -146.66 -15.06
C THR IA 32 -32.54 -145.39 -14.51
N CYS IA 33 -32.92 -144.48 -15.42
CA CYS IA 33 -33.59 -143.25 -15.07
C CYS IA 33 -34.72 -143.01 -16.07
N LEU IA 34 -35.81 -142.43 -15.60
CA LEU IA 34 -36.94 -142.13 -16.47
C LEU IA 34 -37.70 -140.94 -15.93
N GLY IA 35 -38.60 -140.40 -16.76
CA GLY IA 35 -39.46 -139.31 -16.37
C GLY IA 35 -40.79 -139.44 -17.06
N ILE IA 36 -41.76 -138.66 -16.57
CA ILE IA 36 -43.12 -138.71 -17.11
C ILE IA 36 -43.78 -137.37 -16.86
N LEU IA 37 -44.47 -136.86 -17.88
CA LEU IA 37 -45.26 -135.66 -17.74
C LEU IA 37 -46.56 -135.93 -16.99
N ALA IA 38 -47.08 -134.86 -16.40
CA ALA IA 38 -48.44 -134.82 -15.86
C ALA IA 38 -49.09 -133.53 -16.32
N ASN IA 39 -50.39 -133.41 -16.06
CA ASN IA 39 -51.08 -132.15 -16.33
C ASN IA 39 -50.70 -131.09 -15.31
N ASP IA 40 -50.27 -131.48 -14.12
CA ASP IA 40 -49.89 -130.56 -13.06
C ASP IA 40 -48.66 -131.05 -12.31
N GLY IA 41 -47.74 -131.69 -13.03
CA GLY IA 41 -46.48 -132.08 -12.41
C GLY IA 41 -45.56 -132.80 -13.37
N VAL IA 42 -44.44 -133.23 -12.82
CA VAL IA 42 -43.45 -134.03 -13.54
C VAL IA 42 -42.64 -134.75 -12.47
N LEU IA 43 -42.15 -135.95 -12.80
CA LEU IA 43 -41.46 -136.77 -11.82
C LEU IA 43 -40.25 -137.44 -12.45
N LEU IA 44 -39.37 -137.93 -11.58
CA LEU IA 44 -38.20 -138.69 -11.98
C LEU IA 44 -38.07 -139.94 -11.12
N ALA IA 45 -37.50 -140.98 -11.71
CA ALA IA 45 -37.27 -142.25 -11.01
C ALA IA 45 -35.85 -142.71 -11.30
N ALA IA 46 -35.27 -143.45 -10.38
CA ALA IA 46 -33.87 -143.83 -10.49
C ALA IA 46 -33.65 -145.20 -9.87
N GLU IA 47 -32.55 -145.83 -10.29
CA GLU IA 47 -32.13 -147.13 -9.79
C GLU IA 47 -30.88 -146.97 -8.94
N ARG IA 48 -30.88 -147.62 -7.77
CA ARG IA 48 -29.74 -147.56 -6.86
C ARG IA 48 -28.69 -148.58 -7.28
N ARG IA 49 -27.47 -148.12 -7.46
CA ARG IA 49 -26.32 -149.01 -7.60
C ARG IA 49 -25.56 -149.03 -6.28
N ASN IA 50 -24.86 -150.15 -6.03
CA ASN IA 50 -24.05 -150.38 -4.84
C ASN IA 50 -24.89 -150.25 -3.56
N ILE IA 51 -25.77 -151.25 -3.38
CA ILE IA 51 -26.74 -151.23 -2.28
C ILE IA 51 -26.19 -152.06 -1.11
N HIS IA 52 -24.86 -152.12 -1.03
CA HIS IA 52 -24.17 -152.80 0.06
C HIS IA 52 -24.51 -152.16 1.41
N LYS IA 53 -24.43 -152.97 2.47
CA LYS IA 53 -24.95 -152.60 3.78
C LYS IA 53 -23.90 -151.94 4.68
N LEU IA 54 -22.92 -151.27 4.12
CA LEU IA 54 -21.93 -150.52 4.90
C LEU IA 54 -21.76 -149.12 4.34
N LEU IA 55 -22.84 -148.53 3.85
CA LEU IA 55 -22.81 -147.18 3.31
C LEU IA 55 -23.73 -146.29 4.15
N ASP IA 56 -23.60 -144.98 3.92
CA ASP IA 56 -24.28 -143.98 4.73
C ASP IA 56 -25.48 -143.34 4.04
N GLU IA 57 -25.30 -142.90 2.80
CA GLU IA 57 -26.28 -142.13 2.02
C GLU IA 57 -26.79 -140.91 2.78
N VAL IA 58 -25.84 -140.01 3.09
CA VAL IA 58 -26.15 -138.82 3.87
C VAL IA 58 -26.40 -137.59 3.01
N PHE IA 59 -26.42 -137.74 1.69
CA PHE IA 59 -26.53 -136.58 0.81
C PHE IA 59 -27.96 -136.16 0.54
N PHE IA 60 -28.94 -137.01 0.89
CA PHE IA 60 -30.38 -136.93 0.63
C PHE IA 60 -30.73 -137.02 -0.86
N SER IA 61 -29.76 -137.15 -1.75
CA SER IA 61 -29.95 -137.21 -3.19
C SER IA 61 -28.65 -137.67 -3.84
N GLU IA 62 -28.72 -138.68 -4.71
CA GLU IA 62 -27.54 -139.15 -5.42
C GLU IA 62 -27.68 -139.01 -6.93
N LYS IA 63 -28.76 -139.55 -7.50
CA LYS IA 63 -28.99 -139.39 -8.93
C LYS IA 63 -29.55 -138.02 -9.27
N ILE IA 64 -30.36 -137.45 -8.39
CA ILE IA 64 -31.02 -136.18 -8.62
C ILE IA 64 -30.10 -135.06 -8.15
N TYR IA 65 -30.00 -134.00 -8.95
CA TYR IA 65 -29.23 -132.81 -8.59
C TYR IA 65 -30.12 -131.60 -8.84
N LYS IA 66 -30.64 -131.01 -7.75
CA LYS IA 66 -31.44 -129.79 -7.85
C LYS IA 66 -30.55 -128.66 -8.33
N LEU IA 67 -30.75 -128.21 -9.56
CA LEU IA 67 -29.71 -127.44 -10.24
C LEU IA 67 -29.92 -125.92 -10.19
N ASN IA 68 -31.07 -125.37 -10.57
CA ASN IA 68 -31.16 -123.92 -10.45
C ASN IA 68 -31.98 -123.48 -9.23
N GLU IA 69 -33.30 -123.47 -9.39
CA GLU IA 69 -34.29 -123.47 -8.30
C GLU IA 69 -35.51 -124.29 -8.63
N ASP IA 70 -35.82 -124.49 -9.90
CA ASP IA 70 -37.06 -125.09 -10.38
C ASP IA 70 -36.77 -126.19 -11.38
N MET IA 71 -35.53 -126.66 -11.38
CA MET IA 71 -35.08 -127.71 -12.29
C MET IA 71 -34.16 -128.67 -11.57
N ALA IA 72 -34.16 -129.92 -12.02
CA ALA IA 72 -33.26 -130.93 -11.52
C ALA IA 72 -32.91 -131.84 -12.68
N CYS IA 73 -32.03 -132.81 -12.43
CA CYS IA 73 -31.61 -133.71 -13.48
C CYS IA 73 -31.19 -135.04 -12.86
N SER IA 74 -31.52 -136.13 -13.54
CA SER IA 74 -30.93 -137.42 -13.25
C SER IA 74 -29.57 -137.50 -13.94
N VAL IA 75 -28.92 -138.67 -13.84
CA VAL IA 75 -27.61 -138.83 -14.46
C VAL IA 75 -27.41 -140.31 -14.76
N ALA IA 76 -26.61 -140.60 -15.78
CA ALA IA 76 -26.29 -141.96 -16.17
C ALA IA 76 -24.94 -141.96 -16.88
N GLY IA 77 -24.17 -143.02 -16.66
CA GLY IA 77 -22.87 -143.14 -17.28
C GLY IA 77 -21.72 -143.10 -16.29
N ILE IA 78 -20.61 -142.47 -16.69
CA ILE IA 78 -19.43 -142.40 -15.83
C ILE IA 78 -19.70 -141.38 -14.73
N THR IA 79 -19.69 -141.85 -13.48
CA THR IA 79 -20.00 -140.99 -12.36
C THR IA 79 -18.87 -140.00 -12.07
N SER IA 80 -17.64 -140.38 -12.38
CA SER IA 80 -16.51 -139.46 -12.19
C SER IA 80 -16.54 -138.32 -13.19
N ASP IA 81 -16.97 -138.60 -14.42
CA ASP IA 81 -17.11 -137.56 -15.43
C ASP IA 81 -18.34 -136.69 -15.20
N ALA IA 82 -19.29 -137.16 -14.41
CA ALA IA 82 -20.57 -136.48 -14.28
C ALA IA 82 -20.52 -135.25 -13.39
N ASN IA 83 -19.57 -135.19 -12.46
CA ASN IA 83 -19.52 -134.06 -11.54
C ASN IA 83 -19.01 -132.79 -12.20
N VAL IA 84 -18.29 -132.92 -13.32
CA VAL IA 84 -17.80 -131.75 -14.04
C VAL IA 84 -18.97 -131.03 -14.73
N LEU IA 85 -19.91 -131.80 -15.29
CA LEU IA 85 -21.02 -131.22 -16.02
C LEU IA 85 -22.02 -130.52 -15.10
N THR IA 86 -22.23 -131.04 -13.89
CA THR IA 86 -23.23 -130.46 -13.00
C THR IA 86 -22.76 -129.14 -12.41
N ASN IA 87 -21.48 -129.05 -12.05
CA ASN IA 87 -20.94 -127.81 -11.52
C ASN IA 87 -20.86 -126.72 -12.59
N GLU IA 88 -20.70 -127.13 -13.86
CA GLU IA 88 -20.76 -126.16 -14.94
C GLU IA 88 -22.20 -125.72 -15.20
N LEU IA 89 -23.15 -126.66 -15.14
CA LEU IA 89 -24.52 -126.37 -15.55
C LEU IA 89 -25.24 -125.50 -14.52
N ARG IA 90 -24.93 -125.66 -13.24
CA ARG IA 90 -25.42 -124.72 -12.23
C ARG IA 90 -24.80 -123.35 -12.44
N LEU IA 91 -23.57 -123.31 -12.96
CA LEU IA 91 -22.88 -122.05 -13.18
C LEU IA 91 -23.33 -121.37 -14.47
N ILE IA 92 -23.86 -122.12 -15.44
CA ILE IA 92 -24.47 -121.50 -16.61
C ILE IA 92 -25.80 -120.87 -16.24
N ALA IA 93 -26.61 -121.58 -15.45
CA ALA IA 93 -27.92 -121.07 -15.06
C ALA IA 93 -27.84 -119.88 -14.11
N GLN IA 94 -26.69 -119.67 -13.47
CA GLN IA 94 -26.56 -118.60 -12.49
C GLN IA 94 -26.00 -117.32 -13.09
N ARG IA 95 -25.13 -117.42 -14.10
CA ARG IA 95 -24.69 -116.23 -14.82
C ARG IA 95 -25.77 -115.66 -15.73
N TYR IA 96 -26.77 -116.46 -16.09
CA TYR IA 96 -27.94 -115.93 -16.77
C TYR IA 96 -28.74 -115.02 -15.86
N LEU IA 97 -28.87 -115.41 -14.59
CA LEU IA 97 -29.63 -114.61 -13.64
C LEU IA 97 -28.89 -113.33 -13.26
N LEU IA 98 -27.56 -113.34 -13.32
CA LEU IA 98 -26.82 -112.10 -13.17
C LEU IA 98 -27.05 -111.16 -14.34
N GLN IA 99 -27.32 -111.72 -15.52
CA GLN IA 99 -27.39 -110.94 -16.75
C GLN IA 99 -28.77 -110.32 -17.00
N TYR IA 100 -29.85 -111.08 -16.73
CA TYR IA 100 -31.20 -110.59 -17.02
C TYR IA 100 -32.07 -110.43 -15.79
N GLN IA 101 -31.70 -111.03 -14.65
CA GLN IA 101 -32.53 -111.13 -13.44
C GLN IA 101 -33.89 -111.76 -13.73
N GLU IA 102 -33.86 -112.91 -14.42
CA GLU IA 102 -35.00 -113.73 -14.72
C GLU IA 102 -34.43 -115.14 -14.76
N PRO IA 103 -35.16 -116.15 -14.29
CA PRO IA 103 -34.63 -117.53 -14.36
C PRO IA 103 -34.53 -118.02 -15.79
N ILE IA 104 -33.65 -119.01 -15.96
CA ILE IA 104 -33.34 -119.53 -17.29
C ILE IA 104 -34.50 -120.39 -17.80
N PRO IA 105 -35.00 -120.16 -19.01
CA PRO IA 105 -36.26 -120.80 -19.42
C PRO IA 105 -36.11 -122.20 -19.97
N CYS IA 106 -35.28 -123.05 -19.36
CA CYS IA 106 -35.33 -124.50 -19.45
C CYS IA 106 -35.01 -125.12 -20.82
N GLU IA 107 -34.78 -124.32 -21.86
CA GLU IA 107 -34.33 -124.86 -23.14
C GLU IA 107 -32.91 -124.44 -23.46
N GLN IA 108 -32.64 -123.13 -23.43
CA GLN IA 108 -31.31 -122.64 -23.76
C GLN IA 108 -30.29 -122.91 -22.65
N LEU IA 109 -30.73 -123.40 -21.49
CA LEU IA 109 -29.79 -124.04 -20.57
C LEU IA 109 -29.27 -125.34 -21.15
N VAL IA 110 -30.16 -126.12 -21.76
CA VAL IA 110 -29.80 -127.43 -22.29
C VAL IA 110 -28.90 -127.27 -23.51
N THR IA 111 -29.20 -126.30 -24.37
CA THR IA 111 -28.36 -126.06 -25.54
C THR IA 111 -27.02 -125.48 -25.15
N ALA IA 112 -26.94 -124.80 -24.01
CA ALA IA 112 -25.66 -124.32 -23.51
C ALA IA 112 -24.77 -125.47 -23.07
N LEU IA 113 -25.34 -126.52 -22.48
CA LEU IA 113 -24.54 -127.69 -22.16
C LEU IA 113 -24.23 -128.50 -23.40
N CYS IA 114 -25.23 -128.67 -24.28
CA CYS IA 114 -25.07 -129.50 -25.47
C CYS IA 114 -24.08 -128.92 -26.47
N ASP IA 115 -23.76 -127.63 -26.37
CA ASP IA 115 -22.64 -127.10 -27.14
C ASP IA 115 -21.31 -127.42 -26.47
N ILE IA 116 -21.28 -127.50 -25.14
CA ILE IA 116 -20.06 -127.87 -24.44
C ILE IA 116 -19.77 -129.35 -24.60
N LYS IA 117 -20.81 -130.19 -24.51
CA LYS IA 117 -20.64 -131.63 -24.67
C LYS IA 117 -20.29 -132.00 -26.10
N GLN IA 118 -20.74 -131.20 -27.07
CA GLN IA 118 -20.41 -131.46 -28.46
C GLN IA 118 -18.94 -131.21 -28.75
N ALA IA 119 -18.38 -130.13 -28.18
CA ALA IA 119 -17.10 -129.57 -28.58
C ALA IA 119 -15.91 -130.48 -28.33
N TYR IA 120 -16.07 -131.54 -27.53
CA TYR IA 120 -14.97 -132.47 -27.36
C TYR IA 120 -14.94 -133.54 -28.44
N THR IA 121 -16.05 -133.75 -29.16
CA THR IA 121 -16.03 -134.56 -30.35
C THR IA 121 -15.35 -133.85 -31.51
N GLN IA 122 -15.43 -132.53 -31.54
CA GLN IA 122 -14.66 -131.68 -32.44
C GLN IA 122 -13.32 -131.33 -31.80
N PHE IA 123 -12.77 -130.20 -32.27
CA PHE IA 123 -11.37 -129.78 -32.11
C PHE IA 123 -10.80 -130.01 -30.71
N GLY IA 124 -9.52 -130.38 -30.69
CA GLY IA 124 -8.86 -130.82 -29.48
C GLY IA 124 -8.90 -132.33 -29.37
N GLY IA 125 -7.76 -132.96 -29.11
CA GLY IA 125 -7.76 -134.39 -28.92
C GLY IA 125 -8.06 -134.72 -27.47
N LYS IA 126 -9.34 -134.97 -27.18
CA LYS IA 126 -9.80 -135.16 -25.82
C LYS IA 126 -10.90 -136.22 -25.81
N ARG IA 127 -11.18 -136.73 -24.64
CA ARG IA 127 -12.17 -137.77 -24.44
C ARG IA 127 -13.56 -137.16 -24.33
N PRO IA 128 -14.55 -137.66 -25.07
CA PRO IA 128 -15.91 -137.10 -24.96
C PRO IA 128 -16.59 -137.52 -23.66
N PHE IA 129 -17.68 -136.83 -23.36
CA PHE IA 129 -18.45 -137.15 -22.17
C PHE IA 129 -19.29 -138.40 -22.38
N GLY IA 130 -19.12 -139.38 -21.51
CA GLY IA 130 -19.95 -140.57 -21.57
C GLY IA 130 -21.16 -140.49 -20.66
N VAL IA 131 -21.87 -139.36 -20.71
CA VAL IA 131 -22.99 -139.11 -19.80
C VAL IA 131 -24.20 -138.65 -20.61
N SER IA 132 -25.29 -139.41 -20.52
CA SER IA 132 -26.61 -138.95 -20.90
C SER IA 132 -27.39 -138.67 -19.64
N LEU IA 133 -28.23 -137.63 -19.67
CA LEU IA 133 -28.94 -137.24 -18.47
C LEU IA 133 -30.26 -136.57 -18.83
N LEU IA 134 -31.20 -136.64 -17.89
CA LEU IA 134 -32.56 -136.14 -18.10
C LEU IA 134 -32.68 -134.69 -17.66
N TYR IA 135 -33.87 -134.13 -17.82
CA TYR IA 135 -34.16 -132.75 -17.46
C TYR IA 135 -35.62 -132.63 -17.06
N ILE IA 136 -35.88 -131.90 -15.98
CA ILE IA 136 -37.25 -131.53 -15.61
C ILE IA 136 -37.25 -130.04 -15.28
N GLY IA 137 -38.39 -129.40 -15.46
CA GLY IA 137 -38.47 -128.00 -15.09
C GLY IA 137 -39.77 -127.35 -15.50
N TRP IA 138 -39.83 -126.05 -15.27
CA TRP IA 138 -41.01 -125.23 -15.55
C TRP IA 138 -40.54 -123.85 -16.02
N ASP IA 139 -41.26 -123.29 -16.98
CA ASP IA 139 -40.95 -121.95 -17.47
C ASP IA 139 -42.26 -121.18 -17.62
N LYS IA 140 -42.13 -119.91 -18.03
CA LYS IA 140 -43.29 -119.07 -18.30
C LYS IA 140 -43.95 -119.41 -19.63
N HIS IA 141 -43.18 -119.94 -20.58
CA HIS IA 141 -43.61 -120.01 -21.97
C HIS IA 141 -44.23 -121.33 -22.37
N TYR IA 142 -43.80 -122.44 -21.78
CA TYR IA 142 -44.35 -123.75 -22.16
C TYR IA 142 -44.79 -124.61 -20.98
N GLY IA 143 -44.20 -124.46 -19.81
CA GLY IA 143 -44.63 -125.23 -18.65
C GLY IA 143 -43.71 -126.40 -18.37
N PHE IA 144 -44.31 -127.55 -18.08
CA PHE IA 144 -43.58 -128.72 -17.63
C PHE IA 144 -42.94 -129.43 -18.81
N GLN IA 145 -41.67 -129.81 -18.66
CA GLN IA 145 -40.84 -130.24 -19.78
C GLN IA 145 -39.94 -131.39 -19.38
N LEU IA 146 -39.61 -132.24 -20.36
CA LEU IA 146 -38.57 -133.25 -20.26
C LEU IA 146 -37.63 -133.11 -21.44
N TYR IA 147 -36.34 -133.39 -21.21
CA TYR IA 147 -35.35 -133.37 -22.28
C TYR IA 147 -34.37 -134.51 -22.09
N GLN IA 148 -33.63 -134.82 -23.17
CA GLN IA 148 -32.84 -136.04 -23.27
C GLN IA 148 -31.48 -135.69 -23.84
N SER IA 149 -30.49 -135.51 -22.97
CA SER IA 149 -29.14 -135.21 -23.44
C SER IA 149 -28.46 -136.48 -23.94
N ASP IA 150 -27.45 -136.27 -24.78
CA ASP IA 150 -26.71 -137.33 -25.44
C ASP IA 150 -25.24 -136.96 -25.46
N PRO IA 151 -24.34 -137.94 -25.58
CA PRO IA 151 -22.92 -137.61 -25.78
C PRO IA 151 -22.64 -136.91 -27.09
N SER IA 152 -23.47 -137.12 -28.11
CA SER IA 152 -23.30 -136.44 -29.38
C SER IA 152 -23.66 -134.96 -29.28
N GLY IA 153 -24.53 -134.60 -28.35
CA GLY IA 153 -25.04 -133.26 -28.24
C GLY IA 153 -26.48 -133.10 -28.66
N ASN IA 154 -27.11 -134.17 -29.14
CA ASN IA 154 -28.51 -134.10 -29.54
C ASN IA 154 -29.40 -134.05 -28.31
N TYR IA 155 -30.50 -133.31 -28.41
CA TYR IA 155 -31.50 -133.28 -27.36
C TYR IA 155 -32.89 -133.38 -27.98
N GLY IA 156 -33.81 -133.96 -27.22
CA GLY IA 156 -35.18 -134.08 -27.67
C GLY IA 156 -36.16 -133.86 -26.54
N GLY IA 157 -37.29 -133.23 -26.84
CA GLY IA 157 -38.29 -133.00 -25.82
C GLY IA 157 -39.32 -134.11 -25.77
N TRP IA 158 -39.23 -134.96 -24.75
CA TRP IA 158 -40.03 -136.17 -24.67
C TRP IA 158 -41.19 -136.01 -23.70
N LYS IA 159 -42.21 -136.84 -23.89
CA LYS IA 159 -43.31 -136.92 -22.91
C LYS IA 159 -43.08 -138.03 -21.90
N ALA IA 160 -42.44 -139.11 -22.30
CA ALA IA 160 -42.09 -140.21 -21.39
C ALA IA 160 -40.93 -140.95 -22.03
N THR IA 161 -39.74 -140.85 -21.42
CA THR IA 161 -38.54 -141.46 -21.97
C THR IA 161 -37.80 -142.18 -20.85
N CYS IA 162 -36.76 -142.91 -21.22
CA CYS IA 162 -35.99 -143.71 -20.27
C CYS IA 162 -34.60 -143.96 -20.86
N ILE IA 163 -33.88 -144.90 -20.25
CA ILE IA 163 -32.55 -145.29 -20.68
C ILE IA 163 -32.71 -146.55 -21.54
N GLY IA 164 -31.69 -146.83 -22.35
CA GLY IA 164 -31.79 -147.83 -23.39
C GLY IA 164 -31.42 -149.22 -22.92
N ASN IA 165 -30.24 -149.74 -23.31
CA ASN IA 165 -29.84 -151.14 -23.17
C ASN IA 165 -30.04 -151.73 -21.77
N ASN IA 166 -30.05 -150.90 -20.72
CA ASN IA 166 -30.46 -151.37 -19.41
C ASN IA 166 -31.96 -151.64 -19.36
N SER IA 167 -32.76 -150.72 -19.88
CA SER IA 167 -34.22 -150.73 -19.68
C SER IA 167 -34.96 -150.37 -20.96
N ALA IA 168 -34.54 -150.97 -22.08
CA ALA IA 168 -35.14 -150.65 -23.38
C ALA IA 168 -36.54 -151.21 -23.53
N ALA IA 169 -36.90 -152.23 -22.75
CA ALA IA 169 -38.25 -152.76 -22.77
C ALA IA 169 -39.26 -151.83 -22.10
N ALA IA 170 -38.79 -150.85 -21.33
CA ALA IA 170 -39.69 -149.89 -20.71
C ALA IA 170 -40.29 -148.96 -21.75
N VAL IA 171 -39.52 -148.60 -22.78
CA VAL IA 171 -40.01 -147.73 -23.84
C VAL IA 171 -41.11 -148.42 -24.63
N SER IA 172 -40.97 -149.74 -24.83
CA SER IA 172 -42.06 -150.52 -25.40
C SER IA 172 -43.26 -150.59 -24.47
N MET IA 173 -43.01 -150.55 -23.16
CA MET IA 173 -44.11 -150.55 -22.20
C MET IA 173 -44.78 -149.18 -22.10
N LEU IA 174 -43.98 -148.10 -22.19
CA LEU IA 174 -44.55 -146.76 -22.06
C LEU IA 174 -45.42 -146.39 -23.25
N LYS IA 175 -45.16 -146.98 -24.43
CA LYS IA 175 -46.06 -146.74 -25.56
C LYS IA 175 -47.38 -147.48 -25.40
N GLN IA 176 -47.44 -148.49 -24.51
CA GLN IA 176 -48.67 -149.26 -24.34
C GLN IA 176 -49.56 -148.68 -23.26
N ASP IA 177 -48.98 -148.10 -22.21
CA ASP IA 177 -49.74 -147.78 -21.00
C ASP IA 177 -49.82 -146.30 -20.66
N TYR IA 178 -48.99 -145.45 -21.27
CA TYR IA 178 -49.08 -144.01 -21.03
C TYR IA 178 -50.14 -143.44 -21.97
N LYS IA 179 -51.30 -143.09 -21.41
CA LYS IA 179 -52.40 -142.54 -22.19
C LYS IA 179 -52.28 -141.02 -22.27
N GLU IA 180 -52.55 -140.48 -23.45
CA GLU IA 180 -52.40 -139.06 -23.71
C GLU IA 180 -53.55 -138.27 -23.06
N GLY IA 181 -53.23 -137.05 -22.64
CA GLY IA 181 -54.22 -136.14 -22.11
C GLY IA 181 -54.32 -136.13 -20.60
N GLU IA 182 -54.73 -137.23 -20.00
CA GLU IA 182 -54.80 -137.34 -18.54
C GLU IA 182 -53.64 -138.20 -18.07
N MET IA 183 -52.74 -137.59 -17.29
CA MET IA 183 -51.51 -138.26 -16.86
C MET IA 183 -51.13 -137.82 -15.46
N THR IA 184 -52.13 -137.57 -14.61
CA THR IA 184 -51.94 -136.90 -13.32
C THR IA 184 -51.07 -137.72 -12.36
N LEU IA 185 -50.73 -137.08 -11.23
CA LEU IA 185 -49.62 -137.51 -10.38
C LEU IA 185 -49.85 -138.89 -9.77
N LYS IA 186 -51.04 -139.12 -9.23
CA LYS IA 186 -51.36 -140.43 -8.66
C LYS IA 186 -51.46 -141.49 -9.76
N SER IA 187 -51.88 -141.09 -10.96
CA SER IA 187 -51.85 -142.02 -12.08
C SER IA 187 -50.43 -142.23 -12.59
N ALA IA 188 -49.58 -141.21 -12.49
CA ALA IA 188 -48.22 -141.31 -13.01
C ALA IA 188 -47.29 -142.04 -12.04
N LEU IA 189 -47.53 -141.89 -10.73
CA LEU IA 189 -46.72 -142.63 -9.76
C LEU IA 189 -47.00 -144.12 -9.80
N ALA IA 190 -48.28 -144.49 -9.95
CA ALA IA 190 -48.62 -145.90 -10.06
C ALA IA 190 -48.15 -146.50 -11.38
N LEU IA 191 -48.02 -145.65 -12.41
CA LEU IA 191 -47.47 -146.13 -13.68
C LEU IA 191 -45.96 -146.34 -13.58
N ALA IA 192 -45.29 -145.51 -12.77
CA ALA IA 192 -43.84 -145.59 -12.68
C ALA IA 192 -43.39 -146.79 -11.85
N ILE IA 193 -44.12 -147.11 -10.78
CA ILE IA 193 -43.77 -148.26 -9.95
C ILE IA 193 -44.06 -149.57 -10.67
N LYS IA 194 -44.99 -149.56 -11.64
CA LYS IA 194 -45.24 -150.74 -12.44
C LYS IA 194 -44.09 -151.04 -13.39
N VAL IA 195 -43.44 -149.99 -13.91
CA VAL IA 195 -42.37 -150.17 -14.88
C VAL IA 195 -41.12 -150.72 -14.22
N LEU IA 196 -40.73 -150.14 -13.08
CA LEU IA 196 -39.54 -150.59 -12.37
C LEU IA 196 -39.72 -151.94 -11.70
N ASN IA 197 -40.95 -152.44 -11.62
CA ASN IA 197 -41.18 -153.81 -11.17
C ASN IA 197 -40.60 -154.82 -12.15
N LYS IA 198 -40.69 -154.54 -13.46
CA LYS IA 198 -40.22 -155.48 -14.46
C LYS IA 198 -38.74 -155.29 -14.77
N THR IA 199 -38.30 -154.03 -14.92
CA THR IA 199 -36.95 -153.75 -15.38
C THR IA 199 -35.91 -154.11 -14.32
N MET IA 200 -36.10 -153.62 -13.10
CA MET IA 200 -35.30 -154.10 -11.98
C MET IA 200 -35.76 -155.51 -11.62
N ASP IA 201 -34.87 -156.49 -11.80
CA ASP IA 201 -35.23 -157.90 -11.62
C ASP IA 201 -35.32 -158.32 -10.15
N VAL IA 202 -35.08 -157.41 -9.21
CA VAL IA 202 -35.28 -157.71 -7.80
C VAL IA 202 -36.76 -157.84 -7.53
N SER IA 203 -37.17 -158.96 -6.94
CA SER IA 203 -38.58 -159.19 -6.64
C SER IA 203 -39.03 -158.31 -5.47
N LYS IA 204 -40.34 -158.03 -5.46
CA LYS IA 204 -41.09 -157.32 -4.43
C LYS IA 204 -40.74 -155.85 -4.29
N LEU IA 205 -39.75 -155.36 -5.06
CA LEU IA 205 -39.39 -153.95 -5.20
C LEU IA 205 -39.05 -153.32 -3.84
N SER IA 206 -37.90 -153.76 -3.32
CA SER IA 206 -37.37 -153.20 -2.08
C SER IA 206 -37.16 -151.70 -2.20
N ALA IA 207 -37.69 -150.95 -1.24
CA ALA IA 207 -37.73 -149.48 -1.32
C ALA IA 207 -36.36 -148.83 -1.22
N GLU IA 208 -35.35 -149.55 -0.74
CA GLU IA 208 -33.99 -149.03 -0.71
C GLU IA 208 -33.29 -149.07 -2.06
N LYS IA 209 -33.92 -149.70 -3.07
CA LYS IA 209 -33.34 -149.81 -4.39
C LYS IA 209 -33.94 -148.82 -5.39
N VAL IA 210 -34.79 -147.91 -4.94
CA VAL IA 210 -35.44 -146.92 -5.81
C VAL IA 210 -35.20 -145.53 -5.26
N GLU IA 211 -35.63 -144.53 -6.04
CA GLU IA 211 -35.51 -143.12 -5.68
C GLU IA 211 -36.45 -142.34 -6.58
N ILE IA 212 -37.32 -141.53 -5.98
CA ILE IA 212 -38.35 -140.80 -6.71
C ILE IA 212 -38.32 -139.34 -6.27
N ALA IA 213 -38.23 -138.43 -7.23
CA ALA IA 213 -38.35 -137.00 -6.99
C ALA IA 213 -39.39 -136.40 -7.92
N THR IA 214 -40.15 -135.43 -7.43
CA THR IA 214 -41.24 -134.82 -8.18
C THR IA 214 -41.07 -133.31 -8.24
N LEU IA 215 -42.00 -132.66 -8.94
CA LEU IA 215 -42.03 -131.20 -9.06
C LEU IA 215 -43.45 -130.77 -9.32
N THR IA 216 -43.96 -129.88 -8.46
CA THR IA 216 -45.31 -129.34 -8.61
C THR IA 216 -45.25 -127.82 -8.57
N ARG IA 217 -45.92 -127.17 -9.52
CA ARG IA 217 -46.11 -125.73 -9.48
C ARG IA 217 -47.21 -125.44 -8.45
N GLU IA 218 -46.81 -124.91 -7.30
CA GLU IA 218 -47.71 -124.79 -6.15
C GLU IA 218 -47.65 -123.36 -5.61
N ASN IA 219 -48.70 -122.59 -5.90
CA ASN IA 219 -48.93 -121.25 -5.35
C ASN IA 219 -47.79 -120.28 -5.67
N GLY IA 220 -47.20 -120.44 -6.86
CA GLY IA 220 -46.11 -119.58 -7.28
C GLY IA 220 -44.80 -119.85 -6.55
N LYS IA 221 -44.45 -121.11 -6.36
CA LYS IA 221 -43.21 -121.46 -5.67
C LYS IA 221 -42.35 -122.44 -6.44
N THR IA 222 -42.97 -123.40 -7.15
CA THR IA 222 -42.32 -124.50 -7.86
C THR IA 222 -41.40 -125.30 -6.92
N VAL IA 223 -42.05 -125.98 -5.97
CA VAL IA 223 -41.29 -126.83 -5.06
C VAL IA 223 -40.75 -128.05 -5.80
N ILE IA 224 -39.63 -128.57 -5.28
CA ILE IA 224 -39.02 -129.78 -5.81
C ILE IA 224 -39.00 -130.78 -4.65
N ARG IA 225 -39.88 -131.77 -4.72
CA ARG IA 225 -40.09 -132.69 -3.60
C ARG IA 225 -39.36 -134.00 -3.87
N VAL IA 226 -38.29 -134.24 -3.12
CA VAL IA 226 -37.63 -135.54 -3.07
C VAL IA 226 -38.32 -136.29 -1.94
N LEU IA 227 -39.28 -137.15 -2.30
CA LEU IA 227 -40.13 -137.79 -1.31
C LEU IA 227 -39.37 -138.89 -0.57
N LYS IA 228 -39.58 -138.95 0.74
CA LYS IA 228 -38.79 -139.80 1.62
C LYS IA 228 -39.18 -141.28 1.47
N GLN IA 229 -38.39 -142.14 2.10
CA GLN IA 229 -38.54 -143.59 1.96
C GLN IA 229 -39.73 -144.14 2.73
N LYS IA 230 -40.35 -143.34 3.61
CA LYS IA 230 -41.50 -143.84 4.35
C LYS IA 230 -42.73 -143.96 3.46
N GLU IA 231 -42.93 -143.01 2.56
CA GLU IA 231 -44.07 -143.03 1.64
C GLU IA 231 -43.74 -143.72 0.32
N VAL IA 232 -42.52 -144.21 0.14
CA VAL IA 232 -42.25 -145.16 -0.93
C VAL IA 232 -42.93 -146.49 -0.60
N GLU IA 233 -42.98 -146.83 0.69
CA GLU IA 233 -43.47 -148.13 1.16
C GLU IA 233 -44.93 -148.35 0.79
N GLN IA 234 -45.80 -147.41 1.15
CA GLN IA 234 -47.21 -147.54 0.83
C GLN IA 234 -47.49 -147.35 -0.66
N LEU IA 235 -46.58 -146.71 -1.39
CA LEU IA 235 -46.71 -146.63 -2.84
C LEU IA 235 -46.43 -147.98 -3.50
N ILE IA 236 -45.55 -148.78 -2.89
CA ILE IA 236 -45.30 -150.12 -3.39
C ILE IA 236 -46.48 -151.03 -3.08
N LYS IA 237 -47.00 -150.97 -1.85
CA LYS IA 237 -48.11 -151.82 -1.45
C LYS IA 237 -49.40 -151.51 -2.19
N LYS IA 238 -49.54 -150.29 -2.72
CA LYS IA 238 -50.65 -150.01 -3.62
C LYS IA 238 -50.51 -150.80 -4.92
N HIS IA 239 -49.29 -150.87 -5.45
CA HIS IA 239 -49.05 -151.71 -6.63
C HIS IA 239 -49.06 -153.18 -6.26
N GLU IA 240 -48.67 -153.53 -5.04
CA GLU IA 240 -48.78 -154.90 -4.58
C GLU IA 240 -50.23 -155.33 -4.40
N GLU IA 241 -51.11 -154.37 -4.10
CA GLU IA 241 -52.54 -154.66 -4.03
C GLU IA 241 -53.12 -154.96 -5.40
N GLU IA 242 -52.53 -154.40 -6.47
CA GLU IA 242 -53.06 -154.56 -7.81
C GLU IA 242 -52.87 -155.97 -8.38
N GLU IA 243 -52.06 -156.80 -7.73
CA GLU IA 243 -51.99 -158.20 -8.11
C GLU IA 243 -53.27 -158.93 -7.73
N ALA IA 244 -53.93 -158.50 -6.66
CA ALA IA 244 -55.15 -159.16 -6.20
C ALA IA 244 -56.31 -158.92 -7.18
N LYS IA 245 -56.35 -157.75 -7.81
CA LYS IA 245 -57.31 -157.52 -8.87
C LYS IA 245 -56.89 -158.22 -10.15
N ALA IA 246 -55.57 -158.38 -10.37
CA ALA IA 246 -55.06 -158.98 -11.59
C ALA IA 246 -55.31 -160.48 -11.67
N GLU IA 247 -55.66 -161.13 -10.57
CA GLU IA 247 -55.95 -162.56 -10.57
C GLU IA 247 -57.44 -162.85 -10.54
N ARG IA 248 -58.29 -161.83 -10.51
CA ARG IA 248 -59.74 -162.06 -10.49
C ARG IA 248 -60.26 -162.48 -11.86
N GLU IA 249 -59.59 -162.09 -12.94
CA GLU IA 249 -60.03 -162.44 -14.28
C GLU IA 249 -59.81 -163.91 -14.62
N LYS IA 250 -58.91 -164.60 -13.92
CA LYS IA 250 -58.68 -166.01 -14.16
C LYS IA 250 -59.34 -166.85 -13.07
N SER JA 1 -5.57 -147.42 -47.09
CA SER JA 1 -4.18 -147.08 -46.83
C SER JA 1 -4.07 -145.72 -46.16
N TYR JA 2 -3.32 -144.81 -46.77
CA TYR JA 2 -3.09 -143.48 -46.23
C TYR JA 2 -4.35 -142.63 -46.32
N ASP JA 3 -5.10 -142.50 -45.23
CA ASP JA 3 -5.86 -141.26 -45.09
C ASP JA 3 -5.62 -140.53 -43.76
N ARG JA 4 -6.27 -140.97 -42.67
CA ARG JA 4 -6.10 -140.71 -41.23
C ARG JA 4 -5.48 -139.36 -40.85
N ALA JA 5 -5.72 -138.33 -41.67
CA ALA JA 5 -5.15 -137.00 -41.54
C ALA JA 5 -5.80 -136.11 -42.59
N ILE JA 6 -6.14 -134.87 -42.21
CA ILE JA 6 -6.66 -133.94 -43.20
C ILE JA 6 -5.59 -133.14 -43.91
N THR JA 7 -4.31 -133.34 -43.59
CA THR JA 7 -3.25 -132.57 -44.21
C THR JA 7 -2.43 -133.36 -45.22
N VAL JA 8 -2.60 -134.67 -45.30
CA VAL JA 8 -1.80 -135.49 -46.20
C VAL JA 8 -2.54 -135.67 -47.51
N PHE JA 9 -1.78 -135.87 -48.57
CA PHE JA 9 -2.33 -136.13 -49.89
C PHE JA 9 -2.20 -137.61 -50.24
N SER JA 10 -3.04 -138.05 -51.16
CA SER JA 10 -2.93 -139.37 -51.74
C SER JA 10 -1.82 -139.35 -52.78
N PRO JA 11 -1.34 -140.52 -53.22
CA PRO JA 11 -0.42 -140.53 -54.37
C PRO JA 11 -1.05 -140.09 -55.68
N ASP JA 12 -2.38 -140.05 -55.79
CA ASP JA 12 -3.04 -139.45 -56.93
C ASP JA 12 -3.78 -138.16 -56.58
N GLY JA 13 -3.40 -137.52 -55.47
CA GLY JA 13 -3.92 -136.20 -55.14
C GLY JA 13 -5.35 -136.17 -54.65
N HIS JA 14 -5.60 -136.72 -53.45
CA HIS JA 14 -6.92 -136.68 -52.86
C HIS JA 14 -6.83 -136.37 -51.38
N LEU JA 15 -7.96 -135.96 -50.82
CA LEU JA 15 -8.15 -135.72 -49.39
C LEU JA 15 -9.31 -136.60 -48.96
N PHE JA 16 -8.99 -137.81 -48.50
CA PHE JA 16 -10.04 -138.79 -48.24
C PHE JA 16 -10.87 -138.44 -47.00
N GLN JA 17 -10.26 -137.83 -46.00
CA GLN JA 17 -11.00 -137.41 -44.82
C GLN JA 17 -11.97 -136.27 -45.14
N VAL JA 18 -11.65 -135.44 -46.12
CA VAL JA 18 -12.63 -134.47 -46.60
C VAL JA 18 -13.72 -135.17 -47.39
N GLU JA 19 -13.35 -136.17 -48.19
CA GLU JA 19 -14.32 -136.92 -48.98
C GLU JA 19 -15.20 -137.81 -48.11
N TYR JA 20 -14.71 -138.25 -46.95
CA TYR JA 20 -15.53 -139.04 -46.04
C TYR JA 20 -16.58 -138.19 -45.35
N ALA JA 21 -16.37 -136.88 -45.24
CA ALA JA 21 -17.36 -136.02 -44.63
C ALA JA 21 -18.61 -135.90 -45.50
N GLN JA 22 -18.45 -136.01 -46.82
CA GLN JA 22 -19.61 -136.01 -47.70
C GLN JA 22 -20.40 -137.30 -47.61
N GLU JA 23 -19.76 -138.39 -47.16
CA GLU JA 23 -20.48 -139.64 -46.97
C GLU JA 23 -21.43 -139.57 -45.77
N ALA JA 24 -21.13 -138.72 -44.79
CA ALA JA 24 -22.02 -138.54 -43.66
C ALA JA 24 -23.24 -137.71 -44.03
N VAL JA 25 -23.19 -136.96 -45.12
CA VAL JA 25 -24.35 -136.19 -45.56
C VAL JA 25 -25.43 -137.11 -46.09
N LYS JA 26 -25.03 -138.24 -46.68
CA LYS JA 26 -25.98 -139.17 -47.28
C LYS JA 26 -26.74 -140.01 -46.27
N LYS JA 27 -26.55 -139.82 -44.97
CA LYS JA 27 -27.36 -140.46 -43.95
C LYS JA 27 -28.51 -139.58 -43.48
N GLY JA 28 -28.70 -138.42 -44.09
CA GLY JA 28 -29.69 -137.48 -43.64
C GLY JA 28 -30.98 -137.56 -44.44
N SER JA 29 -32.01 -136.93 -43.89
CA SER JA 29 -33.29 -136.83 -44.57
C SER JA 29 -33.19 -135.87 -45.75
N THR JA 30 -33.88 -136.20 -46.83
CA THR JA 30 -33.81 -135.39 -48.03
C THR JA 30 -34.57 -134.09 -47.86
N ALA JA 31 -34.04 -133.03 -48.46
CA ALA JA 31 -34.70 -131.73 -48.48
C ALA JA 31 -34.46 -131.08 -49.84
N VAL JA 32 -35.53 -130.65 -50.47
CA VAL JA 32 -35.46 -130.06 -51.79
C VAL JA 32 -35.82 -128.58 -51.71
N GLY JA 33 -35.56 -127.86 -52.80
CA GLY JA 33 -35.85 -126.45 -52.86
C GLY JA 33 -35.72 -125.89 -54.26
N VAL JA 34 -36.71 -125.11 -54.70
CA VAL JA 34 -36.67 -124.46 -56.00
C VAL JA 34 -36.92 -122.97 -55.78
N ARG JA 35 -36.53 -122.19 -56.78
CA ARG JA 35 -36.90 -120.79 -56.85
C ARG JA 35 -37.89 -120.60 -58.00
N GLY JA 36 -38.71 -119.56 -57.89
CA GLY JA 36 -39.76 -119.30 -58.85
C GLY JA 36 -39.78 -117.83 -59.26
N ARG JA 37 -40.97 -117.37 -59.61
CA ARG JA 37 -41.15 -115.99 -60.03
C ARG JA 37 -41.03 -115.05 -58.84
N ASP JA 38 -41.85 -115.26 -57.80
CA ASP JA 38 -41.80 -114.41 -56.63
C ASP JA 38 -41.66 -115.27 -55.37
N ILE JA 39 -42.31 -116.42 -55.36
CA ILE JA 39 -42.39 -117.26 -54.17
C ILE JA 39 -41.34 -118.36 -54.27
N VAL JA 40 -40.41 -118.36 -53.31
CA VAL JA 40 -39.45 -119.45 -53.17
C VAL JA 40 -40.03 -120.46 -52.19
N VAL JA 41 -39.63 -121.72 -52.35
CA VAL JA 41 -40.20 -122.81 -51.56
C VAL JA 41 -39.13 -123.86 -51.31
N LEU JA 42 -39.17 -124.45 -50.12
CA LEU JA 42 -38.31 -125.56 -49.77
C LEU JA 42 -39.08 -126.51 -48.87
N GLY JA 43 -38.90 -127.81 -49.07
CA GLY JA 43 -39.61 -128.80 -48.30
C GLY JA 43 -38.66 -129.88 -47.83
N VAL JA 44 -39.03 -130.52 -46.72
CA VAL JA 44 -38.24 -131.59 -46.13
C VAL JA 44 -39.15 -132.79 -45.96
N GLU JA 45 -38.54 -133.96 -45.82
CA GLU JA 45 -39.28 -135.20 -45.64
C GLU JA 45 -38.76 -135.91 -44.40
N LYS JA 46 -39.34 -137.10 -44.16
CA LYS JA 46 -38.93 -138.05 -43.12
C LYS JA 46 -39.02 -137.44 -41.72
N LYS JA 47 -40.26 -137.09 -41.33
CA LYS JA 47 -40.49 -136.60 -39.97
C LYS JA 47 -40.37 -137.74 -38.96
N SER JA 48 -41.26 -138.73 -39.06
CA SER JA 48 -41.23 -139.99 -38.31
C SER JA 48 -41.26 -139.76 -36.79
N VAL JA 49 -42.40 -139.23 -36.34
CA VAL JA 49 -42.61 -139.03 -34.92
C VAL JA 49 -42.73 -140.38 -34.21
N ALA JA 50 -42.29 -140.43 -32.96
CA ALA JA 50 -42.14 -141.67 -32.22
C ALA JA 50 -43.01 -141.73 -30.98
N LYS JA 51 -44.22 -141.16 -31.07
CA LYS JA 51 -45.37 -141.43 -30.19
C LYS JA 51 -45.23 -140.85 -28.78
N LEU JA 52 -44.04 -140.36 -28.42
CA LEU JA 52 -43.84 -139.96 -27.03
C LEU JA 52 -42.99 -138.71 -26.87
N GLN JA 53 -42.80 -137.91 -27.92
CA GLN JA 53 -41.98 -136.72 -27.79
C GLN JA 53 -42.68 -135.52 -28.40
N ASP JA 54 -42.23 -134.34 -27.97
CA ASP JA 54 -42.67 -133.08 -28.57
C ASP JA 54 -41.88 -132.84 -29.84
N GLU JA 55 -42.57 -132.35 -30.87
CA GLU JA 55 -42.00 -132.26 -32.21
C GLU JA 55 -41.54 -130.86 -32.58
N ARG JA 56 -41.55 -129.92 -31.63
CA ARG JA 56 -41.09 -128.57 -31.92
C ARG JA 56 -39.60 -128.39 -31.62
N THR JA 57 -38.90 -129.46 -31.27
CA THR JA 57 -37.47 -129.43 -30.98
C THR JA 57 -36.67 -130.26 -31.97
N VAL JA 58 -37.29 -130.66 -33.08
CA VAL JA 58 -36.66 -131.53 -34.05
C VAL JA 58 -36.69 -130.80 -35.39
N ARG JA 59 -36.81 -129.48 -35.32
CA ARG JA 59 -37.03 -128.66 -36.51
C ARG JA 59 -35.76 -128.55 -37.34
N LYS JA 60 -35.90 -128.76 -38.65
CA LYS JA 60 -34.79 -128.73 -39.59
C LYS JA 60 -34.75 -127.45 -40.42
N ILE JA 61 -35.75 -126.59 -40.32
CA ILE JA 61 -35.83 -125.38 -41.13
C ILE JA 61 -35.82 -124.19 -40.18
N CYS JA 62 -34.80 -123.35 -40.30
CA CYS JA 62 -34.67 -122.18 -39.47
C CYS JA 62 -34.39 -120.95 -40.32
N ALA JA 63 -34.53 -119.78 -39.72
CA ALA JA 63 -34.27 -118.52 -40.40
C ALA JA 63 -33.07 -117.84 -39.75
N LEU JA 64 -32.12 -117.41 -40.59
CA LEU JA 64 -30.96 -116.69 -40.07
C LEU JA 64 -31.30 -115.24 -39.79
N ASP JA 65 -31.92 -114.58 -40.76
CA ASP JA 65 -32.35 -113.20 -40.63
C ASP JA 65 -33.81 -113.13 -41.06
N ASP JA 66 -34.36 -111.93 -41.21
CA ASP JA 66 -35.79 -111.80 -41.50
C ASP JA 66 -36.16 -112.24 -42.92
N ASN JA 67 -35.20 -112.32 -43.83
CA ASN JA 67 -35.51 -112.63 -45.22
C ASN JA 67 -34.53 -113.63 -45.80
N VAL JA 68 -34.12 -114.61 -45.00
CA VAL JA 68 -33.28 -115.70 -45.49
C VAL JA 68 -33.59 -116.95 -44.66
N CYS JA 69 -33.64 -118.10 -45.33
CA CYS JA 69 -34.01 -119.36 -44.71
C CYS JA 69 -32.81 -120.30 -44.68
N MET JA 70 -33.04 -121.51 -44.19
CA MET JA 70 -31.98 -122.50 -44.03
C MET JA 70 -32.59 -123.89 -43.96
N ALA JA 71 -32.03 -124.81 -44.76
CA ALA JA 71 -32.33 -126.22 -44.65
C ALA JA 71 -31.02 -126.99 -44.76
N PHE JA 72 -30.89 -128.07 -43.99
CA PHE JA 72 -29.61 -128.75 -43.88
C PHE JA 72 -29.80 -130.27 -43.94
N ALA JA 73 -28.67 -130.97 -43.89
CA ALA JA 73 -28.61 -132.41 -43.79
C ALA JA 73 -27.45 -132.76 -42.85
N GLY JA 74 -27.04 -134.03 -42.86
CA GLY JA 74 -25.92 -134.44 -42.06
C GLY JA 74 -26.33 -134.85 -40.67
N LEU JA 75 -25.55 -134.46 -39.67
CA LEU JA 75 -25.83 -134.80 -38.27
C LEU JA 75 -26.25 -133.54 -37.53
N THR JA 76 -27.12 -133.71 -36.53
CA THR JA 76 -27.82 -132.59 -35.91
C THR JA 76 -26.93 -131.72 -35.04
N ALA JA 77 -25.84 -132.28 -34.52
CA ALA JA 77 -25.00 -131.53 -33.59
C ALA JA 77 -24.22 -130.43 -34.31
N ASP JA 78 -23.58 -130.76 -35.42
CA ASP JA 78 -22.76 -129.79 -36.14
C ASP JA 78 -23.58 -128.73 -36.84
N ALA JA 79 -24.86 -129.00 -37.11
CA ALA JA 79 -25.70 -127.97 -37.72
C ALA JA 79 -26.03 -126.87 -36.74
N ARG JA 80 -26.16 -127.20 -35.45
CA ARG JA 80 -26.54 -126.22 -34.44
C ARG JA 80 -25.45 -125.17 -34.23
N ILE JA 81 -24.19 -125.55 -34.41
CA ILE JA 81 -23.09 -124.60 -34.27
C ILE JA 81 -23.07 -123.64 -35.46
N VAL JA 82 -23.29 -124.17 -36.66
CA VAL JA 82 -23.23 -123.35 -37.87
C VAL JA 82 -24.41 -122.40 -37.93
N ILE JA 83 -25.59 -122.86 -37.51
CA ILE JA 83 -26.78 -122.00 -37.46
C ILE JA 83 -26.60 -120.88 -36.45
N ASN JA 84 -26.11 -121.22 -35.25
CA ASN JA 84 -25.97 -120.21 -34.20
C ASN JA 84 -24.85 -119.22 -34.53
N ARG JA 85 -23.84 -119.66 -35.27
CA ARG JA 85 -22.78 -118.74 -35.67
C ARG JA 85 -23.25 -117.82 -36.78
N ALA JA 86 -24.03 -118.34 -37.73
CA ALA JA 86 -24.49 -117.55 -38.86
C ALA JA 86 -25.52 -116.50 -38.46
N ARG JA 87 -26.25 -116.73 -37.37
CA ARG JA 87 -27.15 -115.70 -36.87
C ARG JA 87 -26.39 -114.49 -36.35
N VAL JA 88 -25.18 -114.72 -35.82
CA VAL JA 88 -24.38 -113.61 -35.32
C VAL JA 88 -23.83 -112.79 -36.46
N GLU JA 89 -23.34 -113.44 -37.52
CA GLU JA 89 -22.72 -112.73 -38.62
C GLU JA 89 -23.74 -111.96 -39.45
N CYS JA 90 -24.93 -112.54 -39.66
CA CYS JA 90 -25.96 -111.81 -40.38
C CYS JA 90 -26.61 -110.72 -39.53
N GLN JA 91 -26.28 -110.64 -38.24
CA GLN JA 91 -26.70 -109.53 -37.41
C GLN JA 91 -25.60 -108.52 -37.20
N SER JA 92 -24.34 -108.97 -37.09
CA SER JA 92 -23.22 -108.06 -36.94
C SER JA 92 -22.82 -107.40 -38.25
N HIS JA 93 -23.22 -107.96 -39.38
CA HIS JA 93 -23.07 -107.26 -40.65
C HIS JA 93 -23.93 -106.02 -40.69
N ARG JA 94 -25.16 -106.13 -40.16
CA ARG JA 94 -26.10 -105.01 -40.16
C ARG JA 94 -25.62 -103.88 -39.24
N LEU JA 95 -24.86 -104.22 -38.19
CA LEU JA 95 -24.34 -103.19 -37.30
C LEU JA 95 -23.18 -102.44 -37.94
N THR JA 96 -22.26 -103.15 -38.59
CA THR JA 96 -21.12 -102.48 -39.20
C THR JA 96 -21.49 -101.77 -40.49
N VAL JA 97 -22.38 -102.35 -41.28
CA VAL JA 97 -22.87 -101.74 -42.51
C VAL JA 97 -24.39 -101.75 -42.45
N GLU JA 98 -25.02 -100.58 -42.58
CA GLU JA 98 -26.44 -100.42 -42.25
C GLU JA 98 -27.40 -101.05 -43.25
N ASP JA 99 -26.92 -101.77 -44.26
CA ASP JA 99 -27.80 -102.46 -45.19
C ASP JA 99 -28.36 -103.73 -44.55
N PRO JA 100 -29.42 -104.31 -45.13
CA PRO JA 100 -29.71 -105.71 -44.84
C PRO JA 100 -28.69 -106.62 -45.53
N VAL JA 101 -28.63 -107.84 -45.05
CA VAL JA 101 -27.60 -108.79 -45.49
C VAL JA 101 -28.11 -109.50 -46.73
N THR JA 102 -27.30 -109.51 -47.79
CA THR JA 102 -27.66 -110.22 -49.00
C THR JA 102 -27.54 -111.73 -48.78
N VAL JA 103 -28.21 -112.49 -49.65
CA VAL JA 103 -28.15 -113.94 -49.57
C VAL JA 103 -26.80 -114.45 -50.02
N GLU JA 104 -26.06 -113.68 -50.82
CA GLU JA 104 -24.75 -114.11 -51.28
C GLU JA 104 -23.70 -113.93 -50.19
N TYR JA 105 -23.86 -112.94 -49.32
CA TYR JA 105 -22.84 -112.64 -48.33
C TYR JA 105 -22.81 -113.69 -47.23
N ILE JA 106 -23.98 -114.19 -46.83
CA ILE JA 106 -24.03 -115.15 -45.72
C ILE JA 106 -23.53 -116.53 -46.14
N THR JA 107 -23.61 -116.86 -47.43
CA THR JA 107 -23.09 -118.14 -47.88
C THR JA 107 -21.58 -118.15 -47.99
N ARG JA 108 -20.97 -117.00 -48.26
CA ARG JA 108 -19.52 -116.93 -48.23
C ARG JA 108 -18.98 -117.02 -46.81
N TYR JA 109 -19.75 -116.57 -45.83
CA TYR JA 109 -19.31 -116.69 -44.45
C TYR JA 109 -19.35 -118.14 -43.98
N ILE JA 110 -20.40 -118.88 -44.36
CA ILE JA 110 -20.53 -120.27 -43.96
C ILE JA 110 -19.47 -121.13 -44.65
N ALA JA 111 -19.19 -120.83 -45.93
CA ALA JA 111 -18.19 -121.60 -46.66
C ALA JA 111 -16.78 -121.29 -46.16
N SER JA 112 -16.48 -120.02 -45.88
CA SER JA 112 -15.15 -119.68 -45.40
C SER JA 112 -14.92 -120.12 -43.96
N LEU JA 113 -15.98 -120.14 -43.15
CA LEU JA 113 -15.81 -120.69 -41.80
C LEU JA 113 -15.62 -122.19 -41.84
N LYS JA 114 -16.19 -122.87 -42.81
CA LYS JA 114 -15.94 -124.28 -43.00
C LYS JA 114 -14.64 -124.53 -43.74
N GLN JA 115 -14.08 -123.49 -44.36
CA GLN JA 115 -12.83 -123.61 -45.11
C GLN JA 115 -11.65 -123.77 -44.15
N ARG JA 116 -11.42 -122.77 -43.29
CA ARG JA 116 -10.32 -122.78 -42.33
C ARG JA 116 -10.47 -123.85 -41.26
N TYR JA 117 -11.67 -124.41 -41.11
CA TYR JA 117 -11.98 -125.47 -40.18
C TYR JA 117 -11.58 -126.83 -40.71
N THR JA 118 -11.13 -126.88 -41.96
CA THR JA 118 -10.65 -128.10 -42.61
C THR JA 118 -9.13 -128.18 -42.64
N GLN JA 119 -8.44 -127.03 -42.52
CA GLN JA 119 -7.02 -126.98 -42.82
C GLN JA 119 -6.16 -127.50 -41.68
N SER JA 120 -6.48 -127.11 -40.44
CA SER JA 120 -5.64 -127.43 -39.30
C SER JA 120 -5.95 -128.81 -38.74
N ASN JA 121 -4.89 -129.54 -38.37
CA ASN JA 121 -5.05 -130.86 -37.77
C ASN JA 121 -5.71 -130.76 -36.40
N GLY JA 122 -6.31 -131.87 -35.98
CA GLY JA 122 -7.06 -131.89 -34.75
C GLY JA 122 -8.31 -131.05 -34.78
N ARG JA 123 -8.92 -130.87 -35.96
CA ARG JA 123 -10.17 -130.16 -36.11
C ARG JA 123 -11.04 -130.97 -37.08
N ARG JA 124 -11.98 -131.73 -36.53
CA ARG JA 124 -12.85 -132.55 -37.34
C ARG JA 124 -13.83 -131.68 -38.13
N PRO JA 125 -13.89 -131.80 -39.45
CA PRO JA 125 -14.72 -130.90 -40.26
C PRO JA 125 -16.21 -131.17 -40.05
N PHE JA 126 -17.01 -130.19 -40.47
CA PHE JA 126 -18.46 -130.33 -40.36
C PHE JA 126 -18.96 -131.33 -41.38
N GLY JA 127 -19.76 -132.30 -40.92
CA GLY JA 127 -20.35 -133.28 -41.82
C GLY JA 127 -21.76 -132.91 -42.24
N ILE JA 128 -21.99 -131.64 -42.55
CA ILE JA 128 -23.31 -131.17 -42.95
C ILE JA 128 -23.22 -130.51 -44.31
N SER JA 129 -24.34 -130.48 -45.01
CA SER JA 129 -24.52 -129.68 -46.22
C SER JA 129 -25.80 -128.89 -46.05
N ALA JA 130 -25.80 -127.65 -46.55
CA ALA JA 130 -26.86 -126.72 -46.26
C ALA JA 130 -27.44 -126.13 -47.53
N LEU JA 131 -28.70 -125.70 -47.44
CA LEU JA 131 -29.39 -124.98 -48.50
C LEU JA 131 -29.80 -123.63 -47.97
N ILE JA 132 -29.33 -122.57 -48.63
CA ILE JA 132 -29.64 -121.20 -48.23
C ILE JA 132 -30.55 -120.61 -49.30
N VAL JA 133 -31.78 -120.29 -48.92
CA VAL JA 133 -32.78 -119.80 -49.84
C VAL JA 133 -33.26 -118.45 -49.34
N GLY JA 134 -33.10 -117.41 -50.16
CA GLY JA 134 -33.58 -116.10 -49.79
C GLY JA 134 -33.80 -115.16 -50.95
N PHE JA 135 -35.02 -114.60 -51.04
CA PHE JA 135 -35.33 -113.57 -52.03
C PHE JA 135 -35.16 -112.19 -51.39
N ASP JA 136 -33.94 -111.93 -50.92
CA ASP JA 136 -33.66 -110.76 -50.11
C ASP JA 136 -32.98 -109.63 -50.88
N PHE JA 137 -32.02 -109.95 -51.75
CA PHE JA 137 -31.19 -108.93 -52.38
C PHE JA 137 -31.98 -108.21 -53.47
N ASP JA 138 -32.80 -107.25 -53.01
CA ASP JA 138 -33.54 -106.29 -53.82
C ASP JA 138 -34.50 -107.00 -54.80
N GLY JA 139 -35.42 -107.76 -54.22
CA GLY JA 139 -36.48 -108.39 -54.97
C GLY JA 139 -36.07 -109.50 -55.90
N THR JA 140 -34.87 -110.07 -55.74
CA THR JA 140 -34.42 -111.12 -56.65
C THR JA 140 -34.37 -112.45 -55.92
N PRO JA 141 -35.08 -113.47 -56.41
CA PRO JA 141 -35.05 -114.77 -55.74
C PRO JA 141 -33.79 -115.56 -56.09
N ARG JA 142 -33.15 -116.09 -55.07
CA ARG JA 142 -31.92 -116.87 -55.23
C ARG JA 142 -31.93 -118.05 -54.28
N LEU JA 143 -31.15 -119.08 -54.63
CA LEU JA 143 -30.87 -120.16 -53.69
C LEU JA 143 -29.49 -120.71 -54.00
N TYR JA 144 -28.71 -120.95 -52.95
CA TYR JA 144 -27.37 -121.49 -53.05
C TYR JA 144 -27.31 -122.82 -52.32
N GLN JA 145 -26.12 -123.40 -52.28
CA GLN JA 145 -25.89 -124.58 -51.44
C GLN JA 145 -24.44 -124.58 -50.99
N THR JA 146 -24.15 -125.45 -50.04
CA THR JA 146 -22.82 -125.60 -49.47
C THR JA 146 -22.31 -127.03 -49.71
N ASP JA 147 -21.17 -127.33 -49.10
CA ASP JA 147 -20.49 -128.61 -49.25
C ASP JA 147 -19.52 -128.72 -48.09
N PRO JA 148 -19.27 -129.93 -47.56
CA PRO JA 148 -18.32 -130.06 -46.45
C PRO JA 148 -16.88 -129.69 -46.79
N SER JA 149 -16.52 -129.65 -48.07
CA SER JA 149 -15.20 -129.14 -48.44
C SER JA 149 -15.13 -127.63 -48.27
N GLY JA 150 -16.27 -126.95 -48.33
CA GLY JA 150 -16.29 -125.50 -48.15
C GLY JA 150 -16.42 -124.75 -49.46
N THR JA 151 -17.26 -125.25 -50.36
CA THR JA 151 -17.46 -124.66 -51.67
C THR JA 151 -18.92 -124.24 -51.80
N TYR JA 152 -19.18 -122.95 -51.66
CA TYR JA 152 -20.53 -122.43 -51.88
C TYR JA 152 -20.81 -122.40 -53.38
N HIS JA 153 -22.05 -122.71 -53.74
CA HIS JA 153 -22.37 -122.89 -55.14
C HIS JA 153 -23.86 -122.65 -55.35
N ALA JA 154 -24.21 -122.19 -56.55
CA ALA JA 154 -25.58 -121.77 -56.88
C ALA JA 154 -26.21 -122.76 -57.84
N TRP JA 155 -27.38 -123.26 -57.48
CA TRP JA 155 -28.24 -124.00 -58.39
C TRP JA 155 -29.54 -123.24 -58.62
N LYS JA 156 -30.41 -123.82 -59.45
CA LYS JA 156 -31.77 -123.34 -59.61
C LYS JA 156 -32.81 -124.31 -59.06
N ALA JA 157 -32.42 -125.56 -58.80
CA ALA JA 157 -33.27 -126.54 -58.15
C ALA JA 157 -32.34 -127.57 -57.53
N ASN JA 158 -32.62 -127.96 -56.29
CA ASN JA 158 -31.63 -128.68 -55.51
C ASN JA 158 -32.28 -129.85 -54.77
N ALA JA 159 -31.48 -130.87 -54.52
CA ALA JA 159 -31.87 -132.01 -53.69
C ALA JA 159 -30.63 -132.55 -52.99
N ILE JA 160 -30.80 -132.92 -51.73
CA ILE JA 160 -29.74 -133.46 -50.89
C ILE JA 160 -30.27 -134.68 -50.15
N GLY JA 161 -29.43 -135.24 -49.28
CA GLY JA 161 -29.87 -136.31 -48.40
C GLY JA 161 -29.79 -137.68 -49.03
N ARG JA 162 -30.42 -138.63 -48.34
CA ARG JA 162 -30.39 -140.05 -48.72
C ARG JA 162 -31.37 -140.26 -49.86
N GLY JA 163 -30.88 -140.15 -51.09
CA GLY JA 163 -31.71 -140.32 -52.26
C GLY JA 163 -31.80 -139.08 -53.11
N ALA JA 164 -30.72 -138.30 -53.13
CA ALA JA 164 -30.68 -137.08 -53.92
C ALA JA 164 -30.50 -137.34 -55.41
N LYS JA 165 -29.91 -138.48 -55.77
CA LYS JA 165 -29.60 -138.76 -57.17
C LYS JA 165 -30.87 -139.02 -57.97
N SER JA 166 -31.87 -139.64 -57.35
CA SER JA 166 -33.13 -139.87 -58.04
C SER JA 166 -33.91 -138.57 -58.21
N VAL JA 167 -33.89 -137.72 -57.20
CA VAL JA 167 -34.69 -136.50 -57.23
C VAL JA 167 -34.07 -135.47 -58.18
N ARG JA 168 -32.74 -135.36 -58.17
CA ARG JA 168 -32.06 -134.44 -59.08
C ARG JA 168 -32.19 -134.90 -60.52
N GLU JA 169 -32.24 -136.21 -60.77
CA GLU JA 169 -32.54 -136.69 -62.11
C GLU JA 169 -34.01 -136.49 -62.44
N PHE JA 170 -34.88 -136.49 -61.43
CA PHE JA 170 -36.31 -136.28 -61.66
C PHE JA 170 -36.59 -134.83 -62.04
N LEU JA 171 -35.93 -133.88 -61.39
CA LEU JA 171 -36.22 -132.47 -61.63
C LEU JA 171 -35.68 -131.98 -62.96
N GLU JA 172 -34.65 -132.63 -63.51
CA GLU JA 172 -34.13 -132.23 -64.82
C GLU JA 172 -35.13 -132.50 -65.93
N LYS JA 173 -35.90 -133.57 -65.80
CA LYS JA 173 -36.99 -133.86 -66.73
C LYS JA 173 -38.30 -133.20 -66.32
N ASN JA 174 -38.29 -132.37 -65.28
CA ASN JA 174 -39.55 -131.82 -64.79
C ASN JA 174 -39.54 -130.30 -64.68
N TYR JA 175 -38.41 -129.70 -64.33
CA TYR JA 175 -38.31 -128.25 -64.21
C TYR JA 175 -38.37 -127.65 -65.61
N THR JA 176 -39.52 -127.08 -65.96
CA THR JA 176 -39.72 -126.55 -67.30
C THR JA 176 -38.99 -125.22 -67.47
N ASP JA 177 -38.58 -124.95 -68.71
CA ASP JA 177 -38.11 -123.62 -69.06
C ASP JA 177 -39.24 -122.61 -68.98
N GLU JA 178 -40.47 -123.05 -69.22
CA GLU JA 178 -41.65 -122.32 -68.80
C GLU JA 178 -41.60 -122.08 -67.31
N ALA JA 179 -41.52 -120.82 -66.92
CA ALA JA 179 -41.41 -120.46 -65.51
C ALA JA 179 -42.71 -120.75 -64.79
N ILE JA 180 -42.62 -121.41 -63.64
CA ILE JA 180 -43.80 -121.87 -62.94
C ILE JA 180 -44.44 -120.68 -62.24
N GLU JA 181 -45.32 -119.98 -62.94
CA GLU JA 181 -46.12 -118.93 -62.34
C GLU JA 181 -47.35 -119.55 -61.69
N THR JA 182 -48.20 -118.69 -61.10
CA THR JA 182 -49.35 -119.08 -60.28
C THR JA 182 -48.90 -120.02 -59.16
N ASP JA 183 -48.15 -119.42 -58.22
CA ASP JA 183 -47.15 -120.06 -57.36
C ASP JA 183 -47.61 -121.33 -56.63
N ASP JA 184 -48.92 -121.56 -56.51
CA ASP JA 184 -49.40 -122.88 -56.09
C ASP JA 184 -49.01 -123.97 -57.08
N LEU JA 185 -48.84 -123.62 -58.35
CA LEU JA 185 -48.26 -124.55 -59.31
C LEU JA 185 -46.81 -124.86 -58.97
N THR JA 186 -46.05 -123.85 -58.53
CA THR JA 186 -44.66 -124.07 -58.13
C THR JA 186 -44.58 -124.87 -56.84
N ILE JA 187 -45.54 -124.68 -55.93
CA ILE JA 187 -45.59 -125.49 -54.71
C ILE JA 187 -45.97 -126.92 -55.05
N LYS JA 188 -46.87 -127.11 -56.01
CA LYS JA 188 -47.24 -128.44 -56.46
C LYS JA 188 -46.11 -129.15 -57.18
N LEU JA 189 -45.14 -128.41 -57.70
CA LEU JA 189 -43.94 -129.03 -58.27
C LEU JA 189 -43.09 -129.67 -57.18
N VAL JA 190 -42.98 -129.02 -56.03
CA VAL JA 190 -42.19 -129.56 -54.92
C VAL JA 190 -42.87 -130.78 -54.32
N ILE JA 191 -44.21 -130.72 -54.17
CA ILE JA 191 -44.96 -131.86 -53.64
C ILE JA 191 -44.92 -133.03 -54.62
N LYS JA 192 -44.87 -132.75 -55.92
CA LYS JA 192 -44.64 -133.81 -56.89
C LYS JA 192 -43.20 -134.32 -56.82
N ALA JA 193 -42.26 -133.43 -56.51
CA ALA JA 193 -40.87 -133.85 -56.36
C ALA JA 193 -40.68 -134.65 -55.08
N LEU JA 194 -41.28 -134.17 -53.98
CA LEU JA 194 -41.22 -134.89 -52.71
C LEU JA 194 -42.14 -136.11 -52.66
N LEU JA 195 -42.95 -136.33 -53.70
CA LEU JA 195 -43.74 -137.55 -53.80
C LEU JA 195 -42.87 -138.77 -53.99
N GLU JA 196 -41.66 -138.61 -54.51
CA GLU JA 196 -40.68 -139.70 -54.60
C GLU JA 196 -39.85 -139.78 -53.32
N VAL JA 197 -40.52 -139.86 -52.19
CA VAL JA 197 -39.89 -139.98 -50.88
C VAL JA 197 -39.41 -141.40 -50.67
N VAL JA 198 -38.65 -141.64 -49.60
CA VAL JA 198 -38.13 -142.97 -49.29
C VAL JA 198 -39.26 -143.96 -48.99
N GLN JA 199 -40.39 -143.47 -48.46
CA GLN JA 199 -41.58 -144.29 -48.31
C GLN JA 199 -42.84 -143.64 -48.86
N SER JA 200 -42.88 -142.30 -49.00
CA SER JA 200 -44.00 -141.53 -49.52
C SER JA 200 -45.30 -141.80 -48.75
N GLY JA 201 -45.23 -141.52 -47.44
CA GLY JA 201 -46.39 -141.68 -46.59
C GLY JA 201 -47.44 -140.61 -46.78
N GLY JA 202 -47.07 -139.48 -47.37
CA GLY JA 202 -47.98 -138.37 -47.62
C GLY JA 202 -48.06 -137.35 -46.51
N LYS JA 203 -48.07 -137.81 -45.27
CA LYS JA 203 -48.15 -136.94 -44.10
C LYS JA 203 -46.79 -136.74 -43.44
N ASN JA 204 -45.71 -136.93 -44.18
CA ASN JA 204 -44.35 -136.77 -43.66
C ASN JA 204 -43.61 -135.66 -44.39
N ILE JA 205 -44.35 -134.72 -44.97
CA ILE JA 205 -43.78 -133.62 -45.75
C ILE JA 205 -44.02 -132.33 -45.00
N GLU JA 206 -42.96 -131.56 -44.79
CA GLU JA 206 -43.03 -130.27 -44.11
C GLU JA 206 -42.52 -129.21 -45.07
N LEU JA 207 -43.42 -128.68 -45.89
CA LEU JA 207 -43.06 -127.65 -46.86
C LEU JA 207 -43.16 -126.28 -46.23
N ALA JA 208 -42.17 -125.43 -46.52
CA ALA JA 208 -42.13 -124.06 -46.01
C ALA JA 208 -41.86 -123.14 -47.18
N VAL JA 209 -42.73 -122.16 -47.38
CA VAL JA 209 -42.61 -121.26 -48.52
C VAL JA 209 -42.29 -119.86 -48.02
N MET JA 210 -42.03 -118.95 -48.97
CA MET JA 210 -41.79 -117.55 -48.64
C MET JA 210 -42.16 -116.71 -49.85
N ARG JA 211 -43.08 -115.77 -49.66
CA ARG JA 211 -43.59 -114.93 -50.74
C ARG JA 211 -42.75 -113.68 -50.97
N ARG JA 212 -41.50 -113.67 -50.50
CA ARG JA 212 -40.45 -112.67 -50.73
C ARG JA 212 -40.72 -111.31 -50.08
N ASP JA 213 -41.85 -111.12 -49.45
CA ASP JA 213 -42.19 -109.87 -48.79
C ASP JA 213 -42.59 -110.07 -47.34
N GLN JA 214 -43.27 -111.17 -47.03
CA GLN JA 214 -43.68 -111.47 -45.67
C GLN JA 214 -42.57 -112.25 -44.96
N SER JA 215 -42.87 -112.81 -43.80
CA SER JA 215 -41.95 -113.66 -43.08
C SER JA 215 -42.14 -115.11 -43.55
N LEU JA 216 -41.56 -116.05 -42.81
CA LEU JA 216 -41.72 -117.46 -43.15
C LEU JA 216 -43.14 -117.92 -42.87
N LYS JA 217 -43.68 -118.74 -43.77
CA LYS JA 217 -45.05 -119.23 -43.68
C LYS JA 217 -44.98 -120.75 -43.64
N ILE JA 218 -45.01 -121.32 -42.44
CA ILE JA 218 -44.97 -122.77 -42.27
C ILE JA 218 -46.35 -123.32 -42.59
N LEU JA 219 -46.40 -124.26 -43.53
CA LEU JA 219 -47.69 -124.80 -43.97
C LEU JA 219 -48.21 -125.82 -42.96
N ASN JA 220 -49.54 -125.88 -42.85
CA ASN JA 220 -50.23 -126.77 -41.94
C ASN JA 220 -50.59 -128.07 -42.64
N PRO JA 221 -50.78 -129.17 -41.89
CA PRO JA 221 -51.20 -130.42 -42.52
C PRO JA 221 -52.70 -130.50 -42.82
N GLU JA 222 -53.25 -129.43 -43.36
CA GLU JA 222 -54.58 -129.35 -43.96
C GLU JA 222 -54.54 -128.61 -45.28
N GLU JA 223 -53.72 -127.57 -45.38
CA GLU JA 223 -53.44 -126.94 -46.67
C GLU JA 223 -52.54 -127.81 -47.54
N ILE JA 224 -51.55 -128.46 -46.91
CA ILE JA 224 -50.69 -129.38 -47.65
C ILE JA 224 -51.43 -130.64 -48.06
N GLU JA 225 -52.45 -131.04 -47.29
CA GLU JA 225 -53.30 -132.15 -47.70
C GLU JA 225 -54.19 -131.80 -48.87
N LYS JA 226 -54.52 -130.51 -49.05
CA LYS JA 226 -55.29 -130.09 -50.21
C LYS JA 226 -54.43 -130.15 -51.48
N TYR JA 227 -53.14 -129.82 -51.36
CA TYR JA 227 -52.26 -129.91 -52.50
C TYR JA 227 -51.92 -131.35 -52.85
N VAL JA 228 -51.97 -132.25 -51.86
CA VAL JA 228 -51.80 -133.66 -52.15
C VAL JA 228 -53.03 -134.23 -52.83
N ALA JA 229 -54.19 -133.60 -52.66
CA ALA JA 229 -55.41 -134.06 -53.31
C ALA JA 229 -55.42 -133.71 -54.79
N GLU JA 230 -55.00 -132.49 -55.13
CA GLU JA 230 -54.99 -132.08 -56.54
C GLU JA 230 -53.87 -132.77 -57.33
N ILE JA 231 -52.86 -133.31 -56.66
CA ILE JA 231 -51.85 -134.10 -57.36
C ILE JA 231 -52.45 -135.43 -57.79
N GLU JA 232 -53.37 -135.99 -57.01
CA GLU JA 232 -54.09 -137.18 -57.42
C GLU JA 232 -55.19 -136.87 -58.42
N LYS JA 233 -55.63 -135.60 -58.50
CA LYS JA 233 -56.63 -135.23 -59.50
C LYS JA 233 -56.02 -135.20 -60.90
N GLU JA 234 -54.78 -134.71 -61.01
CA GLU JA 234 -54.09 -134.75 -62.30
C GLU JA 234 -53.63 -136.15 -62.66
N LYS JA 235 -53.51 -137.05 -61.67
CA LYS JA 235 -53.11 -138.43 -61.93
C LYS JA 235 -54.24 -139.27 -62.47
N GLU JA 236 -55.47 -138.76 -62.50
CA GLU JA 236 -56.62 -139.51 -63.02
C GLU JA 236 -56.66 -139.53 -64.54
N GLU JA 237 -55.82 -138.76 -65.22
CA GLU JA 237 -55.79 -138.72 -66.68
C GLU JA 237 -54.95 -139.82 -67.29
N ASN JA 238 -54.39 -140.72 -66.49
CA ASN JA 238 -53.59 -141.81 -67.04
C ASN JA 238 -54.45 -142.88 -67.69
N GLU JA 239 -55.66 -143.09 -67.18
CA GLU JA 239 -56.56 -144.09 -67.74
C GLU JA 239 -57.28 -143.54 -68.97
N TYR KA 7 5.74 -145.06 -42.15
CA TYR KA 7 6.37 -143.83 -42.62
C TYR KA 7 6.04 -143.57 -44.09
N ASP KA 8 6.88 -144.11 -44.97
CA ASP KA 8 6.70 -143.95 -46.42
C ASP KA 8 6.46 -142.50 -46.83
N ARG KA 9 7.35 -141.62 -46.37
CA ARG KA 9 7.33 -140.17 -46.64
C ARG KA 9 5.99 -139.51 -46.28
N GLY KA 10 5.81 -139.32 -44.96
CA GLY KA 10 4.66 -138.61 -44.45
C GLY KA 10 4.72 -137.10 -44.63
N VAL KA 11 4.44 -136.35 -43.57
CA VAL KA 11 4.09 -134.93 -43.69
C VAL KA 11 5.30 -134.08 -44.13
N ASN KA 12 6.42 -134.17 -43.42
CA ASN KA 12 7.55 -133.29 -43.69
C ASN KA 12 8.85 -134.07 -43.48
N THR KA 13 9.32 -134.72 -44.54
CA THR KA 13 10.49 -135.59 -44.47
C THR KA 13 11.04 -135.76 -45.88
N PHE KA 14 12.36 -135.62 -46.04
CA PHE KA 14 12.98 -135.72 -47.34
C PHE KA 14 12.97 -137.13 -47.89
N SER KA 15 12.93 -137.22 -49.22
CA SER KA 15 13.18 -138.45 -49.93
C SER KA 15 14.65 -138.84 -49.78
N PRO KA 16 14.98 -140.13 -49.94
CA PRO KA 16 16.39 -140.52 -50.11
C PRO KA 16 17.01 -140.02 -51.41
N GLU KA 17 16.20 -139.59 -52.38
CA GLU KA 17 16.72 -139.07 -53.64
C GLU KA 17 16.39 -137.61 -53.85
N GLY KA 18 15.10 -137.23 -53.78
CA GLY KA 18 14.71 -135.91 -54.22
C GLY KA 18 13.71 -135.16 -53.37
N ARG KA 19 12.63 -134.71 -54.01
CA ARG KA 19 11.72 -133.72 -53.44
C ARG KA 19 10.88 -134.30 -52.30
N LEU KA 20 10.14 -133.41 -51.66
CA LEU KA 20 9.09 -133.81 -50.75
C LEU KA 20 7.92 -134.37 -51.55
N PHE KA 21 7.41 -135.51 -51.11
CA PHE KA 21 6.31 -136.13 -51.85
C PHE KA 21 4.96 -135.49 -51.57
N GLN KA 22 4.84 -134.77 -50.45
CA GLN KA 22 3.63 -133.97 -50.22
C GLN KA 22 3.52 -132.84 -51.25
N VAL KA 23 4.67 -132.23 -51.59
CA VAL KA 23 4.68 -131.24 -52.65
C VAL KA 23 4.53 -131.92 -54.02
N GLU KA 24 5.11 -133.12 -54.16
CA GLU KA 24 5.00 -133.86 -55.41
C GLU KA 24 3.57 -134.35 -55.65
N TYR KA 25 2.85 -134.73 -54.59
CA TYR KA 25 1.46 -135.11 -54.75
C TYR KA 25 0.55 -133.92 -54.90
N ALA KA 26 1.01 -132.72 -54.55
CA ALA KA 26 0.22 -131.52 -54.78
C ALA KA 26 0.15 -131.17 -56.26
N ILE KA 27 1.17 -131.56 -57.03
CA ILE KA 27 1.15 -131.34 -58.47
C ILE KA 27 0.11 -132.23 -59.12
N GLU KA 28 -0.07 -133.44 -58.61
CA GLU KA 28 -1.01 -134.40 -59.18
C GLU KA 28 -2.46 -133.98 -58.95
N ALA KA 29 -2.74 -133.19 -57.90
CA ALA KA 29 -4.10 -132.74 -57.66
C ALA KA 29 -4.58 -131.74 -58.70
N ILE KA 30 -3.66 -131.11 -59.45
CA ILE KA 30 -4.04 -130.20 -60.51
C ILE KA 30 -4.59 -130.97 -61.71
N LYS KA 31 -4.14 -132.23 -61.88
CA LYS KA 31 -4.51 -133.06 -63.02
C LYS KA 31 -6.00 -133.38 -63.04
N LEU KA 32 -6.66 -133.42 -61.89
CA LEU KA 32 -8.11 -133.61 -61.84
C LEU KA 32 -8.88 -132.31 -61.91
N GLY KA 33 -8.24 -131.21 -62.30
CA GLY KA 33 -8.90 -129.93 -62.44
C GLY KA 33 -9.52 -129.77 -63.82
N SER KA 34 -9.80 -128.51 -64.16
CA SER KA 34 -10.35 -128.15 -65.46
C SER KA 34 -9.28 -127.45 -66.29
N THR KA 35 -9.32 -127.68 -67.60
CA THR KA 35 -8.27 -127.13 -68.45
C THR KA 35 -8.48 -125.64 -68.70
N ALA KA 36 -7.38 -124.97 -69.04
CA ALA KA 36 -7.35 -123.53 -69.25
C ALA KA 36 -6.13 -123.19 -70.08
N ILE KA 37 -6.27 -122.22 -70.97
CA ILE KA 37 -5.20 -121.80 -71.88
C ILE KA 37 -5.03 -120.29 -71.79
N GLY KA 38 -3.79 -119.85 -71.60
CA GLY KA 38 -3.47 -118.44 -71.68
C GLY KA 38 -2.33 -118.19 -72.65
N ILE KA 39 -2.48 -117.18 -73.52
CA ILE KA 39 -1.51 -116.88 -74.57
C ILE KA 39 -1.15 -115.40 -74.49
N GLN KA 40 0.15 -115.11 -74.45
CA GLN KA 40 0.62 -113.73 -74.49
C GLN KA 40 0.91 -113.31 -75.93
N THR KA 41 0.37 -112.14 -76.30
CA THR KA 41 0.59 -111.54 -77.61
C THR KA 41 1.00 -110.10 -77.35
N SER KA 42 1.76 -109.51 -78.28
CA SER KA 42 2.19 -108.13 -78.13
C SER KA 42 1.03 -107.14 -78.15
N GLU KA 43 -0.12 -107.52 -78.72
CA GLU KA 43 -1.31 -106.69 -78.67
C GLU KA 43 -2.09 -106.82 -77.37
N GLY KA 44 -1.94 -107.93 -76.68
CA GLY KA 44 -2.67 -108.14 -75.43
C GLY KA 44 -2.62 -109.61 -75.04
N VAL KA 45 -3.31 -109.92 -73.94
CA VAL KA 45 -3.30 -111.26 -73.36
C VAL KA 45 -4.70 -111.83 -73.46
N CYS KA 46 -4.85 -112.90 -74.22
CA CYS KA 46 -6.10 -113.64 -74.31
C CYS KA 46 -6.03 -114.85 -73.39
N LEU KA 47 -7.20 -115.39 -73.05
CA LEU KA 47 -7.27 -116.43 -72.04
C LEU KA 47 -8.58 -117.19 -72.22
N ALA KA 48 -8.57 -118.48 -71.88
CA ALA KA 48 -9.75 -119.32 -72.02
C ALA KA 48 -9.75 -120.39 -70.94
N VAL KA 49 -10.93 -120.99 -70.72
CA VAL KA 49 -11.11 -122.04 -69.72
C VAL KA 49 -12.33 -122.87 -70.13
N GLU KA 50 -12.43 -124.08 -69.59
CA GLU KA 50 -13.61 -124.92 -69.74
C GLU KA 50 -14.35 -124.97 -68.41
N LYS KA 51 -15.67 -124.77 -68.46
CA LYS KA 51 -16.44 -124.64 -67.21
C LYS KA 51 -16.69 -125.99 -66.54
N ARG KA 52 -16.96 -127.03 -67.34
CA ARG KA 52 -17.37 -128.37 -66.88
C ARG KA 52 -18.64 -128.27 -66.01
N ILE KA 53 -19.73 -127.89 -66.69
CA ILE KA 53 -21.04 -127.80 -66.08
C ILE KA 53 -21.70 -129.18 -66.16
N THR KA 54 -22.20 -129.67 -65.03
CA THR KA 54 -22.75 -131.01 -64.95
C THR KA 54 -24.26 -131.03 -65.20
N SER KA 55 -25.01 -130.20 -64.48
CA SER KA 55 -26.46 -130.24 -64.54
C SER KA 55 -27.02 -128.98 -65.22
N PRO KA 56 -28.17 -129.08 -65.87
CA PRO KA 56 -28.84 -127.85 -66.34
C PRO KA 56 -29.42 -127.04 -65.20
N LEU KA 57 -29.82 -127.70 -64.10
CA LEU KA 57 -30.32 -126.98 -62.93
C LEU KA 57 -29.18 -126.27 -62.21
N MET KA 58 -27.97 -126.82 -62.32
CA MET KA 58 -26.76 -126.16 -61.88
C MET KA 58 -26.57 -124.87 -62.67
N GLU KA 59 -26.48 -123.75 -61.95
CA GLU KA 59 -26.48 -122.45 -62.60
C GLU KA 59 -25.12 -122.22 -63.27
N PRO KA 60 -25.11 -121.78 -64.54
CA PRO KA 60 -23.82 -121.71 -65.25
C PRO KA 60 -22.91 -120.58 -64.79
N SER KA 61 -23.45 -119.40 -64.54
CA SER KA 61 -22.62 -118.23 -64.25
C SER KA 61 -22.15 -118.17 -62.81
N SER KA 62 -22.40 -119.21 -62.01
CA SER KA 62 -21.86 -119.28 -60.67
C SER KA 62 -20.45 -119.85 -60.62
N ILE KA 63 -20.10 -120.67 -61.61
CA ILE KA 63 -18.74 -121.21 -61.70
C ILE KA 63 -17.84 -120.12 -62.24
N GLU KA 64 -16.90 -119.64 -61.42
CA GLU KA 64 -15.91 -118.69 -61.89
C GLU KA 64 -14.58 -119.39 -62.03
N LYS KA 65 -13.86 -119.05 -63.08
CA LYS KA 65 -12.47 -119.46 -63.28
C LYS KA 65 -11.58 -118.26 -63.57
N ILE KA 66 -12.11 -117.28 -64.31
CA ILE KA 66 -11.47 -115.99 -64.47
C ILE KA 66 -12.05 -115.04 -63.43
N VAL KA 67 -11.19 -114.49 -62.58
CA VAL KA 67 -11.61 -113.45 -61.66
C VAL KA 67 -10.86 -112.18 -62.01
N GLU KA 68 -11.20 -111.09 -61.34
CA GLU KA 68 -10.55 -109.80 -61.58
C GLU KA 68 -9.75 -109.45 -60.33
N ILE KA 69 -8.43 -109.61 -60.40
CA ILE KA 69 -7.57 -109.20 -59.31
C ILE KA 69 -7.53 -107.68 -59.21
N ASP KA 70 -7.31 -107.03 -60.35
CA ASP KA 70 -7.35 -105.58 -60.43
C ASP KA 70 -7.81 -105.24 -61.84
N ALA KA 71 -8.03 -103.95 -62.09
CA ALA KA 71 -8.57 -103.50 -63.38
C ALA KA 71 -7.61 -103.69 -64.55
N HIS KA 72 -6.37 -104.08 -64.30
CA HIS KA 72 -5.44 -104.40 -65.37
C HIS KA 72 -4.79 -105.77 -65.18
N ILE KA 73 -5.31 -106.59 -64.28
CA ILE KA 73 -4.75 -107.91 -63.99
C ILE KA 73 -5.88 -108.93 -63.95
N GLY KA 74 -5.82 -109.91 -64.85
CA GLY KA 74 -6.75 -111.02 -64.83
C GLY KA 74 -6.17 -112.23 -64.12
N CYS KA 75 -6.93 -113.32 -64.16
CA CYS KA 75 -6.51 -114.55 -63.48
C CYS KA 75 -7.18 -115.76 -64.12
N ALA KA 76 -6.66 -116.92 -63.75
CA ALA KA 76 -7.20 -118.22 -64.14
C ALA KA 76 -6.78 -119.23 -63.09
N MET KA 77 -7.62 -120.23 -62.87
CA MET KA 77 -7.37 -121.22 -61.83
C MET KA 77 -7.78 -122.60 -62.31
N SER KA 78 -7.21 -123.61 -61.66
CA SER KA 78 -7.57 -125.00 -61.90
C SER KA 78 -7.31 -125.79 -60.62
N GLY KA 79 -7.81 -127.02 -60.59
CA GLY KA 79 -7.61 -127.87 -59.44
C GLY KA 79 -8.63 -127.64 -58.34
N LEU KA 80 -8.15 -127.41 -57.12
CA LEU KA 80 -9.06 -127.24 -55.99
C LEU KA 80 -9.63 -125.83 -55.96
N ILE KA 81 -10.96 -125.75 -55.98
CA ILE KA 81 -11.64 -124.47 -55.89
C ILE KA 81 -11.62 -123.95 -54.46
N ALA KA 82 -11.65 -124.85 -53.49
CA ALA KA 82 -11.71 -124.49 -52.07
C ALA KA 82 -10.46 -123.76 -51.60
N ASP KA 83 -9.29 -124.10 -52.12
CA ASP KA 83 -8.07 -123.41 -51.73
C ASP KA 83 -7.79 -122.18 -52.57
N ALA KA 84 -8.41 -122.06 -53.75
CA ALA KA 84 -8.11 -120.94 -54.63
C ALA KA 84 -8.74 -119.65 -54.13
N LYS KA 85 -9.84 -119.72 -53.39
CA LYS KA 85 -10.48 -118.52 -52.86
C LYS KA 85 -9.63 -117.85 -51.79
N THR KA 86 -8.72 -118.58 -51.15
CA THR KA 86 -7.79 -117.97 -50.21
C THR KA 86 -6.71 -117.18 -50.95
N LEU KA 87 -6.25 -117.70 -52.09
CA LEU KA 87 -5.18 -117.03 -52.84
C LEU KA 87 -5.67 -115.75 -53.51
N ILE KA 88 -6.88 -115.78 -54.08
CA ILE KA 88 -7.44 -114.62 -54.77
C ILE KA 88 -7.75 -113.50 -53.77
N ASP KA 89 -7.98 -113.86 -52.50
CA ASP KA 89 -8.36 -112.86 -51.50
C ASP KA 89 -7.23 -111.90 -51.20
N LYS KA 90 -6.06 -112.40 -50.82
CA LYS KA 90 -4.93 -111.54 -50.49
C LYS KA 90 -4.24 -111.00 -51.73
N ALA KA 91 -4.42 -111.66 -52.89
CA ALA KA 91 -3.94 -111.09 -54.15
C ALA KA 91 -4.69 -109.80 -54.50
N ARG KA 92 -5.96 -109.70 -54.12
CA ARG KA 92 -6.68 -108.44 -54.28
C ARG KA 92 -6.30 -107.44 -53.19
N VAL KA 93 -5.93 -107.92 -52.01
CA VAL KA 93 -5.64 -107.03 -50.89
C VAL KA 93 -4.28 -106.37 -51.06
N GLU KA 94 -3.24 -107.13 -51.40
CA GLU KA 94 -1.90 -106.57 -51.40
C GLU KA 94 -1.55 -105.84 -52.69
N THR KA 95 -2.39 -105.92 -53.73
CA THR KA 95 -2.29 -104.93 -54.79
C THR KA 95 -2.97 -103.63 -54.38
N GLN KA 96 -3.95 -103.73 -53.49
CA GLN KA 96 -4.64 -102.54 -52.99
C GLN KA 96 -3.81 -101.83 -51.92
N ASN KA 97 -3.02 -102.58 -51.16
CA ASN KA 97 -2.09 -101.97 -50.20
C ASN KA 97 -0.96 -101.23 -50.91
N HIS KA 98 -0.59 -101.70 -52.11
CA HIS KA 98 0.45 -101.06 -52.88
C HIS KA 98 0.00 -99.72 -53.44
N TRP KA 99 -1.26 -99.62 -53.85
CA TRP KA 99 -1.79 -98.34 -54.31
C TRP KA 99 -1.96 -97.37 -53.14
N PHE KA 100 -2.21 -97.89 -51.94
CA PHE KA 100 -2.40 -97.02 -50.78
C PHE KA 100 -1.13 -96.30 -50.38
N THR KA 101 0.03 -96.93 -50.56
CA THR KA 101 1.28 -96.36 -50.10
C THR KA 101 2.21 -95.91 -51.21
N TYR KA 102 1.82 -96.04 -52.48
CA TYR KA 102 2.70 -95.63 -53.56
C TYR KA 102 2.02 -94.86 -54.69
N ASN KA 103 0.69 -94.72 -54.66
CA ASN KA 103 -0.11 -94.04 -55.70
C ASN KA 103 0.10 -94.62 -57.09
N GLU KA 104 0.39 -95.91 -57.18
CA GLU KA 104 0.72 -96.49 -58.48
C GLU KA 104 0.24 -97.92 -58.53
N THR KA 105 0.19 -98.45 -59.75
CA THR KA 105 -0.26 -99.82 -59.96
C THR KA 105 0.90 -100.78 -59.76
N MET KA 106 0.64 -101.85 -59.01
CA MET KA 106 1.63 -102.90 -58.85
C MET KA 106 1.81 -103.66 -60.16
N THR KA 107 3.07 -103.94 -60.51
CA THR KA 107 3.38 -104.67 -61.73
C THR KA 107 2.93 -106.12 -61.63
N VAL KA 108 2.79 -106.76 -62.79
CA VAL KA 108 2.20 -108.09 -62.86
C VAL KA 108 3.14 -109.13 -62.25
N GLU KA 109 4.45 -108.92 -62.39
CA GLU KA 109 5.41 -109.87 -61.82
C GLU KA 109 5.44 -109.80 -60.31
N SER KA 110 5.44 -108.59 -59.75
CA SER KA 110 5.55 -108.41 -58.31
C SER KA 110 4.25 -108.69 -57.56
N VAL KA 111 3.15 -108.97 -58.26
CA VAL KA 111 1.98 -109.53 -57.59
C VAL KA 111 2.30 -110.91 -57.07
N THR KA 112 2.82 -111.77 -57.94
CA THR KA 112 2.95 -113.18 -57.61
C THR KA 112 4.16 -113.44 -56.72
N GLN KA 113 5.07 -112.47 -56.60
CA GLN KA 113 6.08 -112.49 -55.55
C GLN KA 113 5.42 -112.60 -54.18
N ALA KA 114 4.42 -111.76 -53.94
CA ALA KA 114 3.70 -111.80 -52.67
C ALA KA 114 2.79 -113.02 -52.57
N VAL KA 115 2.29 -113.52 -53.69
CA VAL KA 115 1.44 -114.71 -53.67
C VAL KA 115 2.27 -115.95 -53.40
N SER KA 116 3.47 -116.02 -53.98
CA SER KA 116 4.32 -117.18 -53.76
C SER KA 116 5.01 -117.17 -52.41
N ASN KA 117 4.95 -116.06 -51.65
CA ASN KA 117 5.45 -116.11 -50.29
C ASN KA 117 4.53 -116.93 -49.39
N LEU KA 118 3.22 -116.84 -49.62
CA LEU KA 118 2.28 -117.44 -48.69
C LEU KA 118 2.10 -118.94 -48.92
N ALA KA 119 2.38 -119.42 -50.14
CA ALA KA 119 2.22 -120.84 -50.42
C ALA KA 119 3.37 -121.66 -49.87
N LEU KA 120 4.52 -121.02 -49.62
CA LEU KA 120 5.67 -121.72 -49.06
C LEU KA 120 5.71 -121.57 -47.54
N GLN KA 121 4.57 -121.84 -46.90
CA GLN KA 121 4.43 -121.61 -45.47
C GLN KA 121 3.66 -122.74 -44.80
N PHE KA 122 3.60 -123.90 -45.43
CA PHE KA 122 2.88 -125.03 -44.86
C PHE KA 122 3.71 -125.67 -43.75
N GLY KA 123 3.01 -126.18 -42.74
CA GLY KA 123 3.65 -126.79 -41.60
C GLY KA 123 3.11 -126.21 -40.31
N GLU KA 124 3.91 -126.30 -39.26
CA GLU KA 124 3.53 -125.83 -37.93
C GLU KA 124 4.24 -124.53 -37.55
N GLU KA 125 5.10 -123.99 -38.40
CA GLU KA 125 5.78 -122.74 -38.10
C GLU KA 125 4.82 -121.57 -38.29
N ASP KA 126 5.08 -120.50 -37.55
CA ASP KA 126 4.25 -119.30 -37.60
C ASP KA 126 5.02 -118.11 -38.15
N SER KA 133 -0.99 -125.17 -42.96
CA SER KA 133 -0.54 -126.46 -42.44
C SER KA 133 -0.14 -127.40 -43.57
N ARG KA 134 -1.06 -127.60 -44.50
CA ARG KA 134 -0.85 -128.44 -45.67
C ARG KA 134 -0.56 -127.59 -46.90
N PRO KA 135 0.14 -128.13 -47.89
CA PRO KA 135 0.33 -127.38 -49.14
C PRO KA 135 -0.96 -127.29 -49.95
N PHE KA 136 -0.96 -126.39 -50.92
CA PHE KA 136 -2.15 -126.11 -51.70
C PHE KA 136 -2.23 -127.04 -52.90
N GLY KA 137 -3.41 -127.05 -53.53
CA GLY KA 137 -3.66 -127.92 -54.67
C GLY KA 137 -4.17 -127.21 -55.90
N VAL KA 138 -3.59 -126.05 -56.21
CA VAL KA 138 -4.16 -125.16 -57.22
C VAL KA 138 -3.04 -124.44 -57.96
N ALA KA 139 -3.09 -124.49 -59.30
CA ALA KA 139 -2.21 -123.73 -60.16
C ALA KA 139 -2.94 -122.49 -60.67
N LEU KA 140 -2.16 -121.49 -61.07
CA LEU KA 140 -2.70 -120.20 -61.46
C LEU KA 140 -2.02 -119.68 -62.71
N LEU KA 141 -2.79 -118.92 -63.50
CA LEU KA 141 -2.28 -118.16 -64.63
C LEU KA 141 -2.69 -116.70 -64.47
N PHE KA 142 -1.71 -115.80 -64.57
CA PHE KA 142 -1.94 -114.38 -64.35
C PHE KA 142 -1.66 -113.61 -65.65
N GLY KA 143 -2.69 -112.98 -66.19
CA GLY KA 143 -2.54 -112.07 -67.30
C GLY KA 143 -2.61 -110.62 -66.84
N GLY KA 144 -1.91 -109.75 -67.57
CA GLY KA 144 -1.89 -108.36 -67.20
C GLY KA 144 -1.02 -107.49 -68.06
N VAL KA 145 -1.30 -106.19 -68.08
CA VAL KA 145 -0.57 -105.21 -68.88
C VAL KA 145 0.07 -104.23 -67.90
N ASP KA 146 1.36 -104.41 -67.62
CA ASP KA 146 2.12 -103.47 -66.81
C ASP KA 146 2.87 -102.51 -67.72
N GLU KA 147 3.82 -101.77 -67.13
CA GLU KA 147 4.59 -100.77 -67.88
C GLU KA 147 5.50 -101.41 -68.93
N LYS KA 148 5.81 -102.69 -68.82
CA LYS KA 148 6.59 -103.41 -69.82
C LYS KA 148 5.69 -104.11 -70.84
N GLY KA 149 4.50 -103.59 -71.07
CA GLY KA 149 3.58 -104.18 -72.02
C GLY KA 149 2.73 -105.25 -71.39
N PRO KA 150 2.25 -106.20 -72.18
CA PRO KA 150 1.49 -107.33 -71.63
C PRO KA 150 2.41 -108.43 -71.14
N GLN KA 151 1.97 -109.10 -70.07
CA GLN KA 151 2.73 -110.16 -69.43
C GLN KA 151 1.85 -111.37 -69.19
N LEU KA 152 2.49 -112.50 -68.93
CA LEU KA 152 1.80 -113.74 -68.60
C LEU KA 152 2.71 -114.58 -67.72
N PHE KA 153 2.18 -115.05 -66.59
CA PHE KA 153 2.97 -115.75 -65.60
C PHE KA 153 2.23 -117.00 -65.14
N HIS KA 154 2.94 -117.85 -64.41
CA HIS KA 154 2.37 -119.10 -63.91
C HIS KA 154 3.07 -119.53 -62.63
N MET KA 155 2.30 -120.04 -61.68
CA MET KA 155 2.84 -120.58 -60.45
C MET KA 155 2.25 -121.96 -60.19
N ASP KA 156 2.87 -122.68 -59.27
CA ASP KA 156 2.49 -124.02 -58.86
C ASP KA 156 2.47 -124.07 -57.34
N PRO KA 157 1.92 -125.14 -56.74
CA PRO KA 157 2.01 -125.28 -55.28
C PRO KA 157 3.43 -125.41 -54.71
N SER KA 158 4.44 -125.68 -55.54
CA SER KA 158 5.81 -125.72 -55.04
C SER KA 158 6.44 -124.34 -54.91
N GLY KA 159 5.71 -123.27 -55.26
CA GLY KA 159 6.27 -121.94 -55.25
C GLY KA 159 7.18 -121.62 -56.41
N THR KA 160 7.38 -122.55 -57.34
CA THR KA 160 8.25 -122.33 -58.49
C THR KA 160 7.55 -121.38 -59.46
N PHE KA 161 8.06 -120.17 -59.55
CA PHE KA 161 7.41 -119.11 -60.30
C PHE KA 161 8.24 -118.76 -61.52
N VAL KA 162 7.56 -118.60 -62.66
CA VAL KA 162 8.24 -118.46 -63.95
C VAL KA 162 7.33 -117.69 -64.90
N GLN KA 163 7.94 -117.05 -65.90
CA GLN KA 163 7.21 -116.36 -66.96
C GLN KA 163 7.03 -117.28 -68.15
N CYS KA 164 5.82 -117.32 -68.69
CA CYS KA 164 5.52 -118.08 -69.90
C CYS KA 164 5.01 -117.14 -70.98
N ASP KA 165 5.14 -117.59 -72.22
CA ASP KA 165 4.57 -116.88 -73.36
C ASP KA 165 3.23 -117.44 -73.80
N ALA KA 166 3.01 -118.73 -73.57
CA ALA KA 166 1.75 -119.40 -73.88
C ALA KA 166 1.72 -120.68 -73.08
N ARG KA 167 0.70 -120.86 -72.24
CA ARG KA 167 0.71 -121.93 -71.27
C ARG KA 167 -0.70 -122.50 -71.13
N ALA KA 168 -0.78 -123.82 -71.04
CA ALA KA 168 -2.03 -124.52 -70.78
C ALA KA 168 -1.85 -125.41 -69.57
N ILE KA 169 -2.76 -125.30 -68.61
CA ILE KA 169 -2.70 -126.10 -67.39
C ILE KA 169 -4.07 -126.69 -67.09
N GLY KA 170 -4.06 -127.76 -66.29
CA GLY KA 170 -5.29 -128.43 -65.91
C GLY KA 170 -5.30 -129.87 -66.38
N SER KA 171 -6.50 -130.45 -66.50
CA SER KA 171 -6.62 -131.78 -67.08
C SER KA 171 -6.32 -131.74 -68.57
N ALA KA 172 -5.66 -132.80 -69.05
CA ALA KA 172 -5.19 -132.95 -70.44
C ALA KA 172 -4.29 -131.79 -70.86
N SER KA 173 -3.50 -131.27 -69.92
CA SER KA 173 -2.57 -130.17 -70.23
C SER KA 173 -1.35 -130.66 -70.98
N GLU KA 174 -1.01 -131.95 -70.86
CA GLU KA 174 0.15 -132.48 -71.56
C GLU KA 174 -0.10 -132.54 -73.06
N GLY KA 175 -1.25 -133.06 -73.48
CA GLY KA 175 -1.59 -133.05 -74.89
C GLY KA 175 -1.93 -131.68 -75.44
N ALA KA 176 -2.28 -130.74 -74.57
CA ALA KA 176 -2.53 -129.38 -75.03
C ALA KA 176 -1.22 -128.69 -75.41
N GLN KA 177 -0.19 -128.82 -74.56
CA GLN KA 177 1.08 -128.13 -74.77
C GLN KA 177 1.86 -128.66 -75.97
N SER KA 178 1.54 -129.86 -76.45
CA SER KA 178 2.25 -130.39 -77.61
C SER KA 178 1.84 -129.66 -78.89
N SER KA 179 0.53 -129.54 -79.12
CA SER KA 179 0.05 -128.86 -80.32
C SER KA 179 0.15 -127.35 -80.20
N LEU KA 180 0.23 -126.84 -78.97
CA LEU KA 180 0.25 -125.39 -78.76
C LEU KA 180 1.59 -124.79 -79.15
N GLN KA 181 2.67 -125.57 -79.07
CA GLN KA 181 3.99 -125.05 -79.44
C GLN KA 181 4.17 -124.96 -80.94
N GLU KA 182 3.31 -125.61 -81.72
CA GLU KA 182 3.41 -125.52 -83.18
C GLU KA 182 2.72 -124.26 -83.71
N VAL KA 183 1.56 -123.92 -83.13
CA VAL KA 183 0.76 -122.82 -83.65
C VAL KA 183 1.21 -121.45 -83.15
N TYR KA 184 2.21 -121.38 -82.28
CA TYR KA 184 2.64 -120.13 -81.70
C TYR KA 184 3.85 -119.59 -82.43
N HIS KA 185 3.87 -118.27 -82.62
CA HIS KA 185 5.05 -117.55 -83.09
C HIS KA 185 5.04 -116.16 -82.49
N LYS KA 186 6.13 -115.43 -82.70
CA LYS KA 186 6.33 -114.17 -82.00
C LYS KA 186 5.49 -113.03 -82.54
N SER KA 187 4.99 -113.13 -83.78
CA SER KA 187 4.31 -112.04 -84.45
C SER KA 187 2.81 -112.29 -84.58
N MET KA 188 2.20 -112.86 -83.55
CA MET KA 188 0.77 -113.06 -83.54
C MET KA 188 0.04 -111.73 -83.37
N THR KA 189 -1.26 -111.75 -83.66
CA THR KA 189 -2.15 -110.66 -83.30
C THR KA 189 -3.22 -111.19 -82.35
N LEU KA 190 -3.90 -110.27 -81.67
CA LEU KA 190 -4.88 -110.67 -80.66
C LEU KA 190 -6.12 -111.28 -81.27
N LYS KA 191 -6.56 -110.79 -82.43
CA LYS KA 191 -7.71 -111.40 -83.11
C LYS KA 191 -7.37 -112.76 -83.67
N GLU KA 192 -6.09 -113.01 -83.98
CA GLU KA 192 -5.66 -114.31 -84.46
C GLU KA 192 -5.51 -115.31 -83.32
N ALA KA 193 -5.01 -114.86 -82.17
CA ALA KA 193 -4.68 -115.77 -81.08
C ALA KA 193 -5.90 -116.29 -80.35
N ILE KA 194 -7.03 -115.58 -80.42
CA ILE KA 194 -8.23 -116.03 -79.72
C ILE KA 194 -8.82 -117.25 -80.41
N LYS KA 195 -9.00 -117.18 -81.74
CA LYS KA 195 -9.49 -118.36 -82.45
C LYS KA 195 -8.42 -119.44 -82.57
N SER KA 196 -7.15 -119.09 -82.42
CA SER KA 196 -6.10 -120.11 -82.39
C SER KA 196 -6.12 -120.91 -81.10
N SER KA 197 -6.70 -120.38 -80.03
CA SER KA 197 -6.75 -121.06 -78.75
C SER KA 197 -7.95 -121.99 -78.62
N LEU KA 198 -9.10 -121.60 -79.14
CA LEU KA 198 -10.30 -122.42 -78.98
C LEU KA 198 -10.36 -123.58 -79.96
N ILE KA 199 -9.54 -123.56 -81.01
CA ILE KA 199 -9.35 -124.77 -81.81
C ILE KA 199 -8.66 -125.84 -80.98
N ILE KA 200 -7.70 -125.43 -80.14
CA ILE KA 200 -7.06 -126.36 -79.22
C ILE KA 200 -8.04 -126.83 -78.15
N LEU KA 201 -9.01 -125.98 -77.78
CA LEU KA 201 -9.98 -126.33 -76.75
C LEU KA 201 -10.91 -127.45 -77.19
N LYS KA 202 -11.49 -127.35 -78.39
CA LYS KA 202 -12.44 -128.37 -78.82
C LYS KA 202 -11.75 -129.66 -79.25
N GLN KA 203 -10.43 -129.64 -79.42
CA GLN KA 203 -9.67 -130.85 -79.71
C GLN KA 203 -9.20 -131.56 -78.45
N VAL KA 204 -9.38 -130.96 -77.27
CA VAL KA 204 -9.00 -131.63 -76.03
C VAL KA 204 -10.18 -131.93 -75.13
N MET KA 205 -11.33 -131.27 -75.30
CA MET KA 205 -12.53 -131.63 -74.58
C MET KA 205 -13.43 -132.47 -75.48
N GLU KA 206 -14.52 -132.95 -74.92
CA GLU KA 206 -15.38 -133.90 -75.62
C GLU KA 206 -16.76 -133.37 -75.96
N GLU KA 207 -17.23 -132.32 -75.27
CA GLU KA 207 -18.55 -131.79 -75.57
C GLU KA 207 -18.49 -130.88 -76.79
N LYS KA 208 -19.68 -130.62 -77.36
CA LYS KA 208 -19.78 -129.70 -78.48
C LYS KA 208 -19.53 -128.28 -77.98
N LEU KA 209 -18.65 -127.56 -78.68
CA LEU KA 209 -18.20 -126.26 -78.24
C LEU KA 209 -19.29 -125.23 -78.50
N ASN KA 210 -19.92 -124.75 -77.43
CA ASN KA 210 -20.94 -123.71 -77.55
C ASN KA 210 -20.64 -122.52 -76.64
N ALA KA 211 -21.61 -121.62 -76.49
CA ALA KA 211 -21.43 -120.43 -75.67
C ALA KA 211 -21.56 -120.70 -74.17
N THR KA 212 -21.84 -121.94 -73.77
CA THR KA 212 -21.97 -122.27 -72.35
C THR KA 212 -20.81 -123.11 -71.83
N ASN KA 213 -19.98 -123.67 -72.71
CA ASN KA 213 -18.86 -124.49 -72.25
C ASN KA 213 -17.69 -123.64 -71.81
N ILE KA 214 -17.33 -122.63 -72.61
CA ILE KA 214 -16.09 -121.88 -72.43
C ILE KA 214 -16.41 -120.41 -72.17
N GLU KA 215 -15.38 -119.68 -71.78
CA GLU KA 215 -15.46 -118.23 -71.61
C GLU KA 215 -14.07 -117.65 -71.83
N LEU KA 216 -14.03 -116.38 -72.20
CA LEU KA 216 -12.78 -115.74 -72.61
C LEU KA 216 -12.45 -114.58 -71.67
N ALA KA 217 -11.21 -114.12 -71.77
CA ALA KA 217 -10.74 -113.00 -70.96
C ALA KA 217 -9.60 -112.33 -71.71
N THR KA 218 -9.80 -111.07 -72.10
CA THR KA 218 -8.81 -110.30 -72.84
C THR KA 218 -8.48 -109.02 -72.08
N VAL KA 219 -7.20 -108.63 -72.10
CA VAL KA 219 -6.76 -107.37 -71.54
C VAL KA 219 -5.83 -106.70 -72.56
N GLN KA 220 -6.00 -105.40 -72.76
CA GLN KA 220 -5.27 -104.64 -73.75
C GLN KA 220 -4.60 -103.46 -73.07
N PRO KA 221 -3.58 -102.85 -73.70
CA PRO KA 221 -3.05 -101.59 -73.18
C PRO KA 221 -4.06 -100.45 -73.22
N GLY KA 222 -4.63 -100.15 -74.39
CA GLY KA 222 -5.61 -99.09 -74.49
C GLY KA 222 -7.01 -99.46 -74.04
N GLN KA 223 -7.24 -100.74 -73.79
CA GLN KA 223 -8.56 -101.23 -73.39
C GLN KA 223 -8.38 -102.01 -72.09
N ASN KA 224 -7.91 -101.31 -71.04
CA ASN KA 224 -7.83 -101.91 -69.70
C ASN KA 224 -9.20 -102.31 -69.15
N PHE KA 225 -10.28 -101.79 -69.71
CA PHE KA 225 -11.63 -102.28 -69.45
C PHE KA 225 -11.83 -103.64 -70.14
N HIS KA 226 -12.93 -104.32 -69.77
CA HIS KA 226 -13.49 -105.49 -70.48
C HIS KA 226 -12.53 -106.68 -70.46
N MET KA 227 -12.34 -107.24 -69.26
CA MET KA 227 -11.63 -108.50 -69.08
C MET KA 227 -12.53 -109.72 -69.24
N PHE KA 228 -13.72 -109.56 -69.79
CA PHE KA 228 -14.67 -110.66 -69.83
C PHE KA 228 -15.65 -110.45 -70.97
N THR KA 229 -15.55 -111.30 -72.00
CA THR KA 229 -16.49 -111.27 -73.10
C THR KA 229 -17.75 -112.04 -72.73
N LYS KA 230 -18.90 -111.53 -73.17
CA LYS KA 230 -20.18 -112.12 -72.81
C LYS KA 230 -21.11 -112.02 -74.01
N GLU KA 231 -21.33 -113.16 -74.69
CA GLU KA 231 -22.22 -113.36 -75.83
C GLU KA 231 -21.86 -112.55 -77.09
N GLU KA 232 -20.76 -111.80 -77.03
CA GLU KA 232 -19.99 -111.53 -78.23
C GLU KA 232 -19.13 -112.73 -78.59
N LEU KA 233 -18.92 -113.62 -77.62
CA LEU KA 233 -18.29 -114.91 -77.82
C LEU KA 233 -19.10 -115.82 -78.74
N GLU KA 234 -20.41 -115.57 -78.87
CA GLU KA 234 -21.22 -116.34 -79.82
C GLU KA 234 -20.82 -116.05 -81.26
N GLU KA 235 -20.31 -114.85 -81.54
CA GLU KA 235 -19.85 -114.52 -82.87
C GLU KA 235 -18.56 -115.25 -83.22
N VAL KA 236 -17.70 -115.47 -82.24
CA VAL KA 236 -16.38 -116.08 -82.50
C VAL KA 236 -16.54 -117.56 -82.80
N ILE KA 237 -17.56 -118.21 -82.24
CA ILE KA 237 -17.76 -119.64 -82.44
C ILE KA 237 -18.23 -119.92 -83.85
N LYS KA 238 -19.18 -119.13 -84.35
CA LYS KA 238 -19.70 -119.36 -85.69
C LYS KA 238 -18.74 -118.94 -86.79
N ASP KA 239 -17.73 -118.12 -86.46
CA ASP KA 239 -16.73 -117.75 -87.45
C ASP KA 239 -15.75 -118.89 -87.71
N ILE KA 240 -15.56 -119.78 -86.76
CA ILE KA 240 -14.68 -120.93 -86.96
C ILE KA 240 -15.57 -122.15 -87.24
N ASN LA 9 15.83 -149.27 -41.38
CA ASN LA 9 15.06 -148.23 -42.06
C ASN LA 9 14.23 -147.39 -41.09
N GLN LA 10 14.06 -147.91 -39.88
CA GLN LA 10 13.27 -147.20 -38.87
C GLN LA 10 14.00 -145.99 -38.30
N TYR LA 11 15.33 -145.93 -38.44
CA TYR LA 11 16.07 -144.76 -38.03
C TYR LA 11 16.03 -143.65 -39.06
N ASP LA 12 15.51 -143.93 -40.25
CA ASP LA 12 15.51 -143.01 -41.37
C ASP LA 12 14.18 -142.24 -41.44
N ASN LA 13 13.81 -141.59 -40.35
CA ASN LA 13 12.52 -140.89 -40.38
C ASN LA 13 12.60 -139.45 -39.90
N ASP LA 14 13.42 -139.15 -38.89
CA ASP LA 14 13.42 -137.83 -38.27
C ASP LA 14 14.84 -137.30 -38.17
N VAL LA 15 14.93 -136.01 -37.91
CA VAL LA 15 16.23 -135.37 -37.73
C VAL LA 15 16.77 -135.69 -36.34
N THR LA 16 15.89 -135.90 -35.37
CA THR LA 16 16.31 -136.13 -33.98
C THR LA 16 16.95 -137.50 -33.80
N VAL LA 17 16.52 -138.49 -34.57
CA VAL LA 17 16.89 -139.88 -34.31
C VAL LA 17 18.31 -140.13 -34.82
N TRP LA 18 19.20 -140.52 -33.92
CA TRP LA 18 20.53 -140.95 -34.30
C TRP LA 18 20.50 -142.37 -34.85
N SER LA 19 21.59 -142.76 -35.48
CA SER LA 19 21.71 -144.10 -36.02
C SER LA 19 22.65 -144.94 -35.17
N PRO LA 20 22.54 -146.26 -35.25
CA PRO LA 20 23.57 -147.11 -34.63
C PRO LA 20 24.92 -147.07 -35.32
N GLN LA 21 25.05 -146.41 -36.47
CA GLN LA 21 26.35 -146.09 -37.05
C GLN LA 21 26.78 -144.66 -36.75
N GLY LA 22 25.90 -143.85 -36.16
CA GLY LA 22 26.24 -142.49 -35.81
C GLY LA 22 26.07 -141.47 -36.90
N ARG LA 23 25.17 -141.70 -37.85
CA ARG LA 23 24.97 -140.81 -39.00
C ARG LA 23 23.49 -140.51 -39.14
N ILE LA 24 23.12 -139.24 -39.07
CA ILE LA 24 21.73 -138.86 -39.24
C ILE LA 24 21.42 -138.80 -40.73
N HIS LA 25 20.44 -139.60 -41.16
CA HIS LA 25 20.21 -139.75 -42.59
C HIS LA 25 19.45 -138.59 -43.20
N GLN LA 26 18.72 -137.81 -42.40
CA GLN LA 26 17.96 -136.70 -42.96
C GLN LA 26 18.86 -135.56 -43.41
N ILE LA 27 19.97 -135.33 -42.72
CA ILE LA 27 20.97 -134.39 -43.20
C ILE LA 27 21.65 -134.94 -44.46
N GLU LA 28 21.90 -136.25 -44.47
CA GLU LA 28 22.50 -136.90 -45.64
C GLU LA 28 21.59 -136.89 -46.85
N TYR LA 29 20.28 -136.74 -46.66
CA TYR LA 29 19.35 -136.68 -47.79
C TYR LA 29 19.19 -135.28 -48.34
N ALA LA 30 19.41 -134.26 -47.51
CA ALA LA 30 19.32 -132.89 -48.00
C ALA LA 30 20.49 -132.51 -48.90
N MET LA 31 21.62 -133.24 -48.80
CA MET LA 31 22.68 -133.10 -49.79
C MET LA 31 22.23 -133.53 -51.17
N GLU LA 32 21.31 -134.49 -51.24
CA GLU LA 32 20.85 -135.00 -52.53
C GLU LA 32 19.96 -134.01 -53.25
N ALA LA 33 19.29 -133.11 -52.53
CA ALA LA 33 18.50 -132.07 -53.17
C ALA LA 33 19.38 -131.02 -53.84
N VAL LA 34 20.62 -130.88 -53.40
CA VAL LA 34 21.54 -129.93 -54.04
C VAL LA 34 21.93 -130.44 -55.42
N LYS LA 35 22.07 -131.76 -55.57
CA LYS LA 35 22.45 -132.34 -56.85
C LYS LA 35 21.33 -132.31 -57.88
N GLN LA 36 20.11 -131.96 -57.47
CA GLN LA 36 19.02 -131.85 -58.44
C GLN LA 36 19.14 -130.59 -59.27
N GLY LA 37 19.61 -129.49 -58.68
CA GLY LA 37 19.76 -128.24 -59.39
C GLY LA 37 20.93 -128.26 -60.34
N SER LA 38 20.99 -127.22 -61.19
CA SER LA 38 22.02 -127.17 -62.21
C SER LA 38 23.34 -126.71 -61.62
N ALA LA 39 24.38 -126.75 -62.45
CA ALA LA 39 25.72 -126.43 -62.01
C ALA LA 39 25.97 -124.93 -62.02
N THR LA 40 26.87 -124.49 -61.15
CA THR LA 40 27.31 -123.10 -61.09
C THR LA 40 28.72 -123.06 -60.52
N VAL LA 41 29.52 -122.13 -61.05
CA VAL LA 41 30.95 -122.09 -60.79
C VAL LA 41 31.32 -120.69 -60.31
N GLY LA 42 32.02 -120.60 -59.19
CA GLY LA 42 32.52 -119.34 -58.68
C GLY LA 42 34.01 -119.42 -58.45
N LEU LA 43 34.69 -118.28 -58.65
CA LEU LA 43 36.14 -118.19 -58.50
C LEU LA 43 36.51 -116.73 -58.29
N LYS LA 44 37.79 -116.50 -58.00
CA LYS LA 44 38.25 -115.14 -57.73
C LYS LA 44 39.73 -114.99 -58.06
N SER LA 45 40.11 -113.75 -58.35
CA SER LA 45 41.48 -113.29 -58.50
C SER LA 45 41.88 -112.52 -57.24
N LYS LA 46 43.02 -111.84 -57.32
CA LYS LA 46 43.40 -110.91 -56.25
C LYS LA 46 42.43 -109.75 -56.13
N THR LA 47 41.85 -109.31 -57.26
CA THR LA 47 41.01 -108.13 -57.27
C THR LA 47 39.56 -108.39 -57.65
N HIS LA 48 39.26 -109.48 -58.34
CA HIS LA 48 37.92 -109.66 -58.87
C HIS LA 48 37.42 -111.08 -58.63
N ALA LA 49 36.18 -111.16 -58.17
CA ALA LA 49 35.51 -112.42 -57.86
C ALA LA 49 34.29 -112.54 -58.76
N VAL LA 50 34.25 -113.58 -59.59
CA VAL LA 50 33.20 -113.79 -60.58
C VAL LA 50 32.60 -115.16 -60.36
N LEU LA 51 31.27 -115.23 -60.24
CA LEU LA 51 30.55 -116.48 -60.19
C LEU LA 51 29.63 -116.58 -61.40
N VAL LA 52 29.63 -117.74 -62.04
CA VAL LA 52 28.90 -117.98 -63.28
C VAL LA 52 27.97 -119.17 -63.07
N ALA LA 53 26.70 -119.01 -63.42
CA ALA LA 53 25.70 -120.04 -63.25
C ALA LA 53 25.18 -120.51 -64.61
N LEU LA 54 24.26 -121.47 -64.57
CA LEU LA 54 23.69 -122.07 -65.77
C LEU LA 54 22.18 -122.15 -65.62
N LYS LA 55 21.46 -121.47 -66.50
CA LYS LA 55 20.00 -121.48 -66.47
C LYS LA 55 19.48 -122.82 -67.00
N ARG LA 56 18.24 -123.13 -66.62
CA ARG LA 56 17.52 -124.29 -67.12
C ARG LA 56 16.14 -123.86 -67.57
N ALA LA 57 15.75 -124.29 -68.77
CA ALA LA 57 14.41 -124.03 -69.27
C ALA LA 57 13.40 -124.95 -68.60
N GLN LA 58 12.16 -124.45 -68.51
CA GLN LA 58 11.05 -125.28 -68.03
C GLN LA 58 10.32 -125.90 -69.22
N SER LA 59 9.91 -125.08 -70.18
CA SER LA 59 9.34 -125.53 -71.43
C SER LA 59 10.13 -124.94 -72.59
N GLU LA 60 9.62 -125.14 -73.80
CA GLU LA 60 10.28 -124.67 -75.00
C GLU LA 60 10.10 -123.18 -75.23
N LEU LA 61 9.15 -122.53 -74.56
CA LEU LA 61 8.94 -121.11 -74.79
C LEU LA 61 8.67 -120.32 -73.52
N ALA LA 62 8.86 -120.92 -72.34
CA ALA LA 62 8.84 -120.14 -71.11
C ALA LA 62 10.20 -119.49 -70.88
N ALA LA 63 10.22 -118.51 -70.00
CA ALA LA 63 11.47 -117.87 -69.65
C ALA LA 63 12.32 -118.81 -68.80
N HIS LA 64 13.64 -118.64 -68.90
CA HIS LA 64 14.53 -119.48 -68.11
C HIS LA 64 14.56 -118.99 -66.67
N GLN LA 65 14.67 -119.93 -65.74
CA GLN LA 65 14.68 -119.60 -64.33
C GLN LA 65 16.01 -118.97 -63.94
N LYS LA 66 15.94 -117.85 -63.24
CA LYS LA 66 17.15 -117.13 -62.87
C LYS LA 66 17.85 -117.80 -61.70
N LYS LA 67 19.17 -117.67 -61.68
CA LYS LA 67 20.00 -118.26 -60.63
C LYS LA 67 20.69 -117.20 -59.78
N ILE LA 68 21.45 -116.31 -60.41
CA ILE LA 68 22.20 -115.30 -59.68
C ILE LA 68 21.26 -114.17 -59.31
N LEU LA 69 21.29 -113.74 -58.05
CA LEU LA 69 20.45 -112.64 -57.62
C LEU LA 69 21.26 -111.69 -56.75
N HIS LA 70 21.04 -110.40 -56.96
CA HIS LA 70 21.69 -109.34 -56.21
C HIS LA 70 21.24 -109.37 -54.75
N VAL LA 71 22.18 -109.05 -53.86
CA VAL LA 71 21.87 -108.97 -52.43
C VAL LA 71 22.19 -107.58 -51.92
N ASP LA 72 23.46 -107.19 -52.03
CA ASP LA 72 23.91 -105.89 -51.58
C ASP LA 72 24.83 -105.34 -52.67
N ASN LA 73 25.34 -104.12 -52.47
CA ASN LA 73 26.23 -103.52 -53.45
C ASN LA 73 27.61 -104.14 -53.46
N HIS LA 74 27.92 -105.03 -52.52
CA HIS LA 74 29.19 -105.73 -52.49
C HIS LA 74 29.02 -107.23 -52.25
N ILE LA 75 27.79 -107.74 -52.31
CA ILE LA 75 27.50 -109.15 -52.06
C ILE LA 75 26.49 -109.64 -53.10
N GLY LA 76 26.83 -110.72 -53.79
CA GLY LA 76 25.88 -111.41 -54.63
C GLY LA 76 26.04 -112.91 -54.50
N ILE LA 77 24.92 -113.62 -54.60
CA ILE LA 77 24.90 -115.06 -54.34
C ILE LA 77 24.33 -115.81 -55.54
N SER LA 78 24.71 -117.08 -55.64
CA SER LA 78 24.14 -118.03 -56.58
C SER LA 78 23.19 -118.97 -55.83
N ILE LA 79 22.63 -119.95 -56.55
CA ILE LA 79 21.63 -120.82 -55.94
C ILE LA 79 21.68 -122.19 -56.60
N ALA LA 80 21.39 -123.22 -55.80
CA ALA LA 80 21.22 -124.59 -56.27
C ALA LA 80 20.41 -125.35 -55.23
N GLY LA 81 19.27 -125.88 -55.63
CA GLY LA 81 18.41 -126.60 -54.71
C GLY LA 81 16.98 -126.09 -54.72
N LEU LA 82 16.30 -126.18 -53.57
CA LEU LA 82 14.89 -125.83 -53.49
C LEU LA 82 14.70 -124.33 -53.61
N THR LA 83 13.73 -123.93 -54.45
CA THR LA 83 13.38 -122.51 -54.56
C THR LA 83 12.60 -122.02 -53.36
N ALA LA 84 12.00 -122.93 -52.59
CA ALA LA 84 11.31 -122.51 -51.36
C ALA LA 84 12.31 -122.07 -50.30
N ASP LA 85 13.38 -122.82 -50.13
CA ASP LA 85 14.44 -122.43 -49.20
C ASP LA 85 15.33 -121.34 -49.78
N ALA LA 86 15.23 -121.07 -51.07
CA ALA LA 86 16.05 -120.04 -51.69
C ALA LA 86 15.61 -118.65 -51.26
N ARG LA 87 14.35 -118.30 -51.53
CA ARG LA 87 13.86 -116.97 -51.18
C ARG LA 87 13.63 -116.81 -49.69
N LEU LA 88 13.52 -117.91 -48.95
CA LEU LA 88 13.39 -117.80 -47.50
C LEU LA 88 14.70 -117.39 -46.84
N LEU LA 89 15.83 -117.83 -47.39
CA LEU LA 89 17.11 -117.37 -46.88
C LEU LA 89 17.50 -116.02 -47.44
N CYS LA 90 16.98 -115.67 -48.62
CA CYS LA 90 17.27 -114.36 -49.21
C CYS LA 90 16.66 -113.22 -48.39
N ASN LA 91 15.43 -113.42 -47.90
CA ASN LA 91 14.79 -112.41 -47.09
C ASN LA 91 15.46 -112.29 -45.72
N PHE LA 92 16.04 -113.37 -45.21
CA PHE LA 92 16.90 -113.27 -44.05
C PHE LA 92 18.24 -112.64 -44.39
N MET LA 93 18.70 -112.84 -45.62
CA MET LA 93 19.99 -112.28 -46.03
C MET LA 93 19.90 -110.76 -46.20
N ARG LA 94 18.82 -110.27 -46.82
CA ARG LA 94 18.72 -108.85 -47.10
C ARG LA 94 18.43 -108.05 -45.83
N GLN LA 95 17.78 -108.67 -44.86
CA GLN LA 95 17.45 -107.97 -43.62
C GLN LA 95 18.70 -107.69 -42.80
N GLU LA 96 19.64 -108.63 -42.79
CA GLU LA 96 20.86 -108.45 -42.03
C GLU LA 96 21.81 -107.46 -42.69
N CYS LA 97 21.74 -107.33 -44.02
CA CYS LA 97 22.64 -106.42 -44.72
C CYS LA 97 22.28 -104.96 -44.46
N LEU LA 98 21.00 -104.64 -44.38
CA LEU LA 98 20.59 -103.26 -44.17
C LEU LA 98 20.54 -102.86 -42.70
N ASP LA 99 20.62 -103.82 -41.78
CA ASP LA 99 20.68 -103.46 -40.37
C ASP LA 99 22.04 -102.88 -40.01
N SER LA 100 23.11 -103.40 -40.61
CA SER LA 100 24.43 -102.82 -40.38
C SER LA 100 24.56 -101.46 -41.05
N ARG LA 101 23.84 -101.25 -42.15
CA ARG LA 101 23.80 -99.93 -42.76
C ARG LA 101 23.02 -98.95 -41.90
N PHE LA 102 21.98 -99.43 -41.23
CA PHE LA 102 21.14 -98.55 -40.43
C PHE LA 102 21.76 -98.26 -39.06
N VAL LA 103 22.52 -99.21 -38.51
CA VAL LA 103 23.05 -99.05 -37.16
C VAL LA 103 24.50 -98.60 -37.21
N PHE LA 104 25.34 -99.39 -37.86
CA PHE LA 104 26.78 -99.14 -37.88
C PHE LA 104 27.22 -98.20 -38.98
N ASP LA 105 26.38 -98.00 -40.00
CA ASP LA 105 26.66 -97.18 -41.19
C ASP LA 105 27.92 -97.68 -41.91
N ARG LA 106 28.10 -99.00 -41.93
CA ARG LA 106 29.18 -99.62 -42.69
C ARG LA 106 28.60 -100.84 -43.38
N PRO LA 107 29.21 -101.28 -44.47
CA PRO LA 107 28.84 -102.57 -45.04
C PRO LA 107 29.34 -103.72 -44.20
N LEU LA 108 28.65 -104.85 -44.28
CA LEU LA 108 29.02 -106.02 -43.51
C LEU LA 108 30.31 -106.65 -44.01
N PRO LA 109 31.15 -107.14 -43.11
CA PRO LA 109 32.19 -108.08 -43.52
C PRO LA 109 31.53 -109.37 -43.96
N VAL LA 110 32.06 -109.94 -45.04
CA VAL LA 110 31.42 -111.08 -45.68
C VAL LA 110 31.59 -112.34 -44.84
N SER LA 111 32.73 -112.46 -44.14
CA SER LA 111 33.03 -113.67 -43.39
C SER LA 111 32.15 -113.84 -42.16
N ARG LA 112 31.65 -112.74 -41.58
CA ARG LA 112 30.81 -112.85 -40.39
C ARG LA 112 29.32 -112.88 -40.72
N LEU LA 113 28.93 -112.54 -41.96
CA LEU LA 113 27.54 -112.71 -42.36
C LEU LA 113 27.20 -114.18 -42.54
N VAL LA 114 28.16 -114.96 -43.05
CA VAL LA 114 27.92 -116.37 -43.31
C VAL LA 114 27.87 -117.15 -42.00
N SER LA 115 28.55 -116.65 -40.96
CA SER LA 115 28.44 -117.25 -39.63
C SER LA 115 27.04 -117.08 -39.05
N LEU LA 116 26.32 -116.04 -39.48
CA LEU LA 116 24.92 -115.91 -39.08
C LEU LA 116 24.04 -116.94 -39.78
N ILE LA 117 24.43 -117.37 -40.97
CA ILE LA 117 23.65 -118.37 -41.70
C ILE LA 117 23.80 -119.74 -41.05
N GLY LA 118 25.02 -120.08 -40.62
CA GLY LA 118 25.24 -121.35 -39.95
C GLY LA 118 24.55 -121.43 -38.59
N SER LA 119 24.39 -120.29 -37.94
CA SER LA 119 23.55 -120.25 -36.74
C SER LA 119 22.08 -120.31 -37.10
N LYS LA 120 21.70 -119.85 -38.31
CA LYS LA 120 20.30 -119.84 -38.72
C LYS LA 120 19.83 -121.23 -39.10
N THR LA 121 20.67 -121.97 -39.83
CA THR LA 121 20.31 -123.27 -40.32
C THR LA 121 20.59 -124.38 -39.30
N GLN LA 122 21.14 -124.06 -38.12
CA GLN LA 122 21.47 -125.10 -37.15
C GLN LA 122 20.24 -125.54 -36.34
N ILE LA 123 19.37 -124.61 -35.99
CA ILE LA 123 18.19 -124.94 -35.25
C ILE LA 123 17.26 -125.91 -36.02
N PRO LA 124 16.85 -125.63 -37.30
CA PRO LA 124 16.03 -126.67 -37.95
C PRO LA 124 16.81 -127.96 -38.29
N THR LA 125 18.14 -128.07 -38.06
CA THR LA 125 18.77 -129.40 -38.11
C THR LA 125 18.90 -130.06 -36.76
N GLN LA 126 18.30 -129.51 -35.71
CA GLN LA 126 18.32 -130.23 -34.44
C GLN LA 126 16.94 -130.39 -33.82
N ARG LA 127 16.09 -129.36 -33.89
CA ARG LA 127 14.80 -129.43 -33.23
C ARG LA 127 13.77 -130.02 -34.18
N TYR LA 128 12.84 -130.81 -33.63
CA TYR LA 128 11.81 -131.44 -34.43
C TYR LA 128 10.75 -130.41 -34.81
N GLY LA 129 10.24 -130.53 -36.03
CA GLY LA 129 9.17 -129.65 -36.48
C GLY LA 129 9.51 -128.84 -37.70
N ARG LA 130 10.72 -129.00 -38.24
CA ARG LA 130 11.14 -128.24 -39.41
C ARG LA 130 12.27 -129.00 -40.08
N ARG LA 131 12.15 -129.21 -41.39
CA ARG LA 131 13.18 -129.90 -42.14
C ARG LA 131 14.39 -129.01 -42.32
N PRO LA 132 15.56 -129.59 -42.60
CA PRO LA 132 16.72 -128.78 -42.98
C PRO LA 132 16.49 -128.07 -44.31
N TYR LA 133 17.24 -126.98 -44.51
CA TYR LA 133 17.09 -126.15 -45.69
C TYR LA 133 17.84 -126.80 -46.85
N GLY LA 134 17.12 -127.25 -47.87
CA GLY LA 134 17.78 -127.81 -49.02
C GLY LA 134 18.25 -126.71 -49.96
N VAL LA 135 19.53 -126.38 -49.89
CA VAL LA 135 20.05 -125.17 -50.52
C VAL LA 135 21.55 -125.33 -50.74
N GLY LA 136 22.07 -124.66 -51.76
CA GLY LA 136 23.46 -124.80 -52.18
C GLY LA 136 24.18 -123.48 -52.41
N LEU LA 137 23.99 -122.51 -51.50
CA LEU LA 137 24.43 -121.13 -51.71
C LEU LA 137 25.94 -121.01 -51.93
N LEU LA 138 26.30 -120.35 -53.04
CA LEU LA 138 27.63 -119.83 -53.28
C LEU LA 138 27.62 -118.33 -53.04
N ILE LA 139 28.64 -117.82 -52.35
CA ILE LA 139 28.65 -116.43 -51.91
C ILE LA 139 29.94 -115.78 -52.36
N ALA LA 140 29.83 -114.62 -53.02
CA ALA LA 140 30.96 -113.78 -53.36
C ALA LA 140 30.79 -112.42 -52.71
N GLY LA 141 31.91 -111.82 -52.29
CA GLY LA 141 31.78 -110.58 -51.55
C GLY LA 141 33.06 -109.79 -51.45
N TYR LA 142 32.95 -108.63 -50.81
CA TYR LA 142 34.08 -107.74 -50.54
C TYR LA 142 33.99 -107.18 -49.13
N ASP LA 143 34.85 -107.66 -48.26
CA ASP LA 143 35.15 -106.95 -47.03
C ASP LA 143 36.36 -106.06 -47.27
N ASP LA 144 36.98 -105.55 -46.20
CA ASP LA 144 38.13 -104.67 -46.35
C ASP LA 144 39.39 -105.40 -46.78
N MET LA 145 39.40 -106.73 -46.81
CA MET LA 145 40.59 -107.50 -47.13
C MET LA 145 40.45 -108.31 -48.41
N GLY LA 146 39.69 -107.80 -49.38
CA GLY LA 146 39.67 -108.37 -50.70
C GLY LA 146 38.47 -109.26 -50.97
N PRO LA 147 38.50 -109.96 -52.11
CA PRO LA 147 37.36 -110.80 -52.49
C PRO LA 147 37.34 -112.11 -51.73
N HIS LA 148 36.17 -112.74 -51.75
CA HIS LA 148 35.97 -114.03 -51.10
C HIS LA 148 35.01 -114.87 -51.93
N ILE LA 149 35.22 -116.18 -51.89
CA ILE LA 149 34.28 -117.15 -52.46
C ILE LA 149 33.91 -118.13 -51.37
N PHE LA 150 32.63 -118.17 -51.02
CA PHE LA 150 32.12 -119.02 -49.96
C PHE LA 150 31.09 -119.99 -50.53
N GLN LA 151 31.02 -121.17 -49.91
CA GLN LA 151 29.90 -122.06 -50.15
C GLN LA 151 29.31 -122.49 -48.81
N THR LA 152 28.04 -122.89 -48.86
CA THR LA 152 27.35 -123.48 -47.72
C THR LA 152 26.85 -124.86 -48.11
N CYS LA 153 26.20 -125.51 -47.16
CA CYS LA 153 25.64 -126.85 -47.36
C CYS LA 153 24.50 -127.03 -46.37
N PRO LA 154 23.55 -127.92 -46.66
CA PRO LA 154 22.46 -128.17 -45.70
C PRO LA 154 22.89 -128.83 -44.40
N SER LA 155 24.14 -129.27 -44.27
CA SER LA 155 24.68 -129.68 -42.98
C SER LA 155 25.23 -128.52 -42.18
N ALA LA 156 24.93 -127.28 -42.59
CA ALA LA 156 25.25 -126.03 -41.89
C ALA LA 156 26.75 -125.78 -41.74
N ASN LA 157 27.56 -126.40 -42.61
CA ASN LA 157 28.97 -126.10 -42.69
C ASN LA 157 29.23 -125.12 -43.82
N TYR LA 158 30.10 -124.15 -43.58
CA TYR LA 158 30.45 -123.17 -44.60
C TYR LA 158 31.94 -123.22 -44.84
N PHE LA 159 32.33 -123.23 -46.12
CA PHE LA 159 33.70 -123.48 -46.54
C PHE LA 159 34.21 -122.26 -47.29
N ASP LA 160 35.29 -121.66 -46.80
CA ASP LA 160 36.02 -120.68 -47.59
C ASP LA 160 36.82 -121.41 -48.65
N CYS LA 161 36.86 -120.84 -49.85
CA CYS LA 161 37.54 -121.46 -50.97
C CYS LA 161 37.93 -120.40 -51.97
N ARG LA 162 38.79 -120.78 -52.91
CA ARG LA 162 39.19 -119.91 -54.01
C ARG LA 162 38.50 -120.27 -55.32
N ALA LA 163 37.93 -121.46 -55.43
CA ALA LA 163 37.15 -121.88 -56.58
C ALA LA 163 36.26 -123.03 -56.13
N MET LA 164 35.04 -123.08 -56.67
CA MET LA 164 34.10 -124.11 -56.26
C MET LA 164 33.02 -124.27 -57.33
N SER LA 165 32.58 -125.51 -57.53
CA SER LA 165 31.48 -125.83 -58.42
C SER LA 165 30.58 -126.85 -57.76
N ILE LA 166 29.29 -126.55 -57.68
CA ILE LA 166 28.31 -127.43 -57.08
C ILE LA 166 27.09 -127.55 -57.98
N GLY LA 167 26.37 -128.66 -57.85
CA GLY LA 167 25.20 -128.89 -58.65
C GLY LA 167 25.25 -130.19 -59.42
N ALA LA 168 24.49 -130.28 -60.51
CA ALA LA 168 24.45 -131.50 -61.30
C ALA LA 168 25.74 -131.65 -62.11
N ARG LA 169 26.29 -132.87 -62.09
CA ARG LA 169 27.55 -133.33 -62.69
C ARG LA 169 28.70 -132.33 -62.55
N SER LA 170 28.80 -131.69 -61.39
CA SER LA 170 29.80 -130.65 -61.16
C SER LA 170 31.16 -131.20 -60.81
N GLN LA 171 31.35 -132.52 -60.84
CA GLN LA 171 32.67 -133.09 -60.57
C GLN LA 171 33.62 -132.80 -61.73
N SER LA 172 33.12 -132.84 -62.97
CA SER LA 172 33.94 -132.52 -64.13
C SER LA 172 34.36 -131.06 -64.16
N ALA LA 173 33.58 -130.17 -63.55
CA ALA LA 173 34.00 -128.78 -63.43
C ALA LA 173 35.09 -128.61 -62.39
N ARG LA 174 35.09 -129.44 -61.35
CA ARG LA 174 36.12 -129.34 -60.32
C ARG LA 174 37.48 -129.76 -60.85
N THR LA 175 37.51 -130.73 -61.78
CA THR LA 175 38.78 -131.17 -62.35
C THR LA 175 39.42 -130.11 -63.22
N TYR LA 176 38.61 -129.28 -63.88
CA TYR LA 176 39.15 -128.18 -64.65
C TYR LA 176 39.71 -127.09 -63.74
N LEU LA 177 39.09 -126.89 -62.57
CA LEU LA 177 39.52 -125.81 -61.68
C LEU LA 177 40.81 -126.15 -60.96
N GLU LA 178 41.07 -127.43 -60.70
CA GLU LA 178 42.24 -127.81 -59.93
C GLU LA 178 43.53 -127.67 -60.75
N ARG LA 179 43.45 -127.92 -62.06
CA ARG LA 179 44.62 -127.82 -62.91
C ARG LA 179 44.77 -126.44 -63.55
N HIS LA 180 43.97 -125.46 -63.12
CA HIS LA 180 44.11 -124.09 -63.59
C HIS LA 180 44.03 -123.07 -62.47
N MET LA 181 44.03 -123.52 -61.21
CA MET LA 181 43.93 -122.60 -60.08
C MET LA 181 45.21 -121.78 -59.86
N SER LA 182 46.33 -122.20 -60.44
CA SER LA 182 47.55 -121.41 -60.31
C SER LA 182 47.51 -120.17 -61.20
N GLU LA 183 46.68 -120.18 -62.23
CA GLU LA 183 46.57 -119.08 -63.17
C GLU LA 183 45.54 -118.02 -62.77
N PHE LA 184 44.77 -118.26 -61.71
CA PHE LA 184 43.61 -117.42 -61.44
C PHE LA 184 43.96 -116.13 -60.72
N MET LA 185 45.08 -116.09 -60.00
CA MET LA 185 45.37 -114.93 -59.16
C MET LA 185 45.86 -113.72 -59.95
N GLU LA 186 46.36 -113.92 -61.17
CA GLU LA 186 47.00 -112.84 -61.91
C GLU LA 186 46.17 -112.29 -63.05
N CYS LA 187 45.38 -113.13 -63.71
CA CYS LA 187 44.68 -112.72 -64.92
C CYS LA 187 43.49 -111.81 -64.61
N ASN LA 188 43.18 -110.92 -65.54
CA ASN LA 188 42.08 -109.97 -65.36
C ASN LA 188 40.81 -110.47 -66.03
N LEU LA 189 39.78 -109.61 -66.04
CA LEU LA 189 38.40 -110.02 -66.26
C LEU LA 189 38.11 -110.47 -67.68
N ASN LA 190 38.93 -110.05 -68.65
CA ASN LA 190 38.68 -110.43 -70.03
C ASN LA 190 38.89 -111.93 -70.25
N GLU LA 191 39.73 -112.56 -69.43
CA GLU LA 191 39.89 -114.00 -69.47
C GLU LA 191 39.48 -114.70 -68.18
N LEU LA 192 39.45 -113.98 -67.05
CA LEU LA 192 39.04 -114.60 -65.78
C LEU LA 192 37.58 -115.06 -65.83
N VAL LA 193 36.73 -114.29 -66.51
CA VAL LA 193 35.36 -114.71 -66.73
C VAL LA 193 35.32 -115.93 -67.65
N LYS LA 194 36.07 -115.90 -68.74
CA LYS LA 194 36.09 -117.05 -69.62
C LYS LA 194 37.12 -118.10 -69.22
N HIS LA 195 37.81 -117.93 -68.10
CA HIS LA 195 38.34 -119.11 -67.42
C HIS LA 195 37.23 -119.87 -66.71
N GLY LA 196 36.24 -119.15 -66.19
CA GLY LA 196 35.17 -119.76 -65.43
C GLY LA 196 34.15 -120.50 -66.27
N LEU LA 197 33.76 -119.91 -67.40
CA LEU LA 197 32.76 -120.53 -68.25
C LEU LA 197 33.34 -121.54 -69.23
N ARG LA 198 34.66 -121.76 -69.21
CA ARG LA 198 35.19 -122.98 -69.77
C ARG LA 198 35.00 -124.17 -68.85
N ALA LA 199 34.71 -123.93 -67.57
CA ALA LA 199 34.45 -125.02 -66.64
C ALA LA 199 33.00 -125.49 -66.71
N LEU LA 200 32.09 -124.63 -67.16
CA LEU LA 200 30.69 -125.04 -67.25
C LEU LA 200 30.47 -125.98 -68.42
N ARG LA 201 31.28 -125.87 -69.46
CA ARG LA 201 31.01 -126.62 -70.69
C ARG LA 201 31.42 -128.07 -70.61
N GLU LA 202 32.01 -128.53 -69.50
CA GLU LA 202 32.15 -129.96 -69.24
C GLU LA 202 31.02 -130.51 -68.41
N THR LA 203 30.20 -129.66 -67.81
CA THR LA 203 28.98 -130.08 -67.12
C THR LA 203 27.78 -130.13 -68.06
N LEU LA 204 28.03 -130.14 -69.35
CA LEU LA 204 27.00 -130.27 -70.36
C LEU LA 204 27.15 -131.60 -71.09
N PRO LA 205 26.05 -132.18 -71.56
CA PRO LA 205 26.16 -133.24 -72.57
C PRO LA 205 26.84 -132.73 -73.83
N ALA LA 206 27.63 -133.59 -74.45
CA ALA LA 206 28.60 -133.21 -75.48
C ALA LA 206 27.98 -132.78 -76.80
N GLU LA 207 26.66 -132.59 -76.98
CA GLU LA 207 26.12 -132.24 -78.28
C GLU LA 207 25.61 -130.80 -78.37
N GLN LA 208 25.24 -130.17 -77.26
CA GLN LA 208 24.77 -128.79 -77.30
C GLN LA 208 25.83 -127.87 -76.70
N ASP LA 209 25.64 -126.58 -76.95
CA ASP LA 209 26.63 -125.57 -76.61
C ASP LA 209 26.01 -124.55 -75.66
N LEU LA 210 26.86 -123.91 -74.86
CA LEU LA 210 26.46 -122.85 -73.96
C LEU LA 210 26.10 -121.62 -74.80
N THR LA 211 24.80 -121.33 -74.91
CA THR LA 211 24.32 -120.24 -75.74
C THR LA 211 24.23 -118.96 -74.92
N THR LA 212 23.62 -117.93 -75.49
CA THR LA 212 23.45 -116.65 -74.81
C THR LA 212 22.20 -116.59 -73.95
N LYS LA 213 21.27 -117.53 -74.11
CA LYS LA 213 19.98 -117.46 -73.45
C LYS LA 213 19.89 -118.33 -72.21
N ASN LA 214 20.95 -119.05 -71.86
CA ASN LA 214 20.88 -120.02 -70.76
C ASN LA 214 22.01 -119.85 -69.75
N VAL LA 215 22.65 -118.69 -69.69
CA VAL LA 215 23.79 -118.49 -68.82
C VAL LA 215 23.70 -117.10 -68.19
N SER LA 216 24.15 -117.00 -66.94
CA SER LA 216 24.25 -115.73 -66.24
C SER LA 216 25.64 -115.59 -65.64
N ILE LA 217 26.17 -114.37 -65.69
CA ILE LA 217 27.49 -114.06 -65.15
C ILE LA 217 27.34 -112.82 -64.27
N GLY LA 218 27.75 -112.93 -63.01
CA GLY LA 218 27.71 -111.83 -62.08
C GLY LA 218 29.16 -111.46 -61.63
N ILE LA 219 29.45 -110.19 -61.71
CA ILE LA 219 30.79 -109.69 -61.37
C ILE LA 219 30.66 -108.65 -60.28
N VAL LA 220 31.39 -108.85 -59.18
CA VAL LA 220 31.63 -107.82 -58.19
C VAL LA 220 33.13 -107.57 -58.15
N GLY LA 221 33.52 -106.30 -58.05
CA GLY LA 221 34.92 -105.93 -58.17
C GLY LA 221 35.35 -105.08 -56.99
N LYS LA 222 36.66 -104.81 -56.95
CA LYS LA 222 37.21 -103.95 -55.91
C LYS LA 222 36.71 -102.52 -56.08
N ASP LA 223 36.71 -102.02 -57.30
CA ASP LA 223 36.11 -100.74 -57.62
C ASP LA 223 34.80 -100.88 -58.39
N LEU LA 224 34.21 -102.08 -58.39
CA LEU LA 224 33.02 -102.35 -59.20
C LEU LA 224 31.91 -102.91 -58.31
N GLU LA 225 30.74 -102.30 -58.40
CA GLU LA 225 29.55 -102.80 -57.72
C GLU LA 225 29.10 -104.10 -58.37
N PHE LA 226 28.41 -104.93 -57.59
CA PHE LA 226 27.95 -106.23 -58.08
C PHE LA 226 26.90 -106.06 -59.17
N THR LA 227 27.19 -106.61 -60.35
CA THR LA 227 26.37 -106.39 -61.54
C THR LA 227 26.04 -107.73 -62.17
N ILE LA 228 24.78 -107.92 -62.53
CA ILE LA 228 24.30 -109.16 -63.15
C ILE LA 228 24.11 -108.89 -64.63
N TYR LA 229 24.81 -109.67 -65.46
CA TYR LA 229 24.66 -109.60 -66.90
C TYR LA 229 23.97 -110.87 -67.39
N ASP LA 230 22.97 -110.72 -68.23
CA ASP LA 230 22.24 -111.87 -68.75
C ASP LA 230 21.58 -111.54 -70.09
N ASP LA 231 21.78 -112.44 -71.05
CA ASP LA 231 21.01 -112.62 -72.29
C ASP LA 231 21.22 -111.54 -73.35
N ASP LA 232 21.86 -110.43 -72.99
CA ASP LA 232 22.17 -109.40 -73.98
C ASP LA 232 23.63 -109.00 -73.88
N ASP LA 233 24.15 -108.96 -72.66
CA ASP LA 233 25.50 -108.52 -72.39
C ASP LA 233 26.45 -109.69 -72.22
N VAL LA 234 25.98 -110.92 -72.43
CA VAL LA 234 26.85 -112.09 -72.42
C VAL LA 234 27.63 -112.19 -73.72
N SER LA 235 27.11 -111.58 -74.79
CA SER LA 235 27.80 -111.61 -76.08
C SER LA 235 29.19 -110.95 -76.13
N PRO LA 236 29.52 -109.89 -75.37
CA PRO LA 236 30.93 -109.51 -75.26
C PRO LA 236 31.79 -110.47 -74.44
N PHE LA 237 31.19 -111.44 -73.74
CA PHE LA 237 31.94 -112.44 -73.00
C PHE LA 237 32.10 -113.75 -73.76
N LEU LA 238 31.10 -114.13 -74.55
CA LEU LA 238 31.18 -115.36 -75.33
C LEU LA 238 31.97 -115.20 -76.61
N GLU LA 239 32.35 -113.98 -76.99
CA GLU LA 239 33.25 -113.81 -78.12
C GLU LA 239 34.66 -114.22 -77.74
N GLY LA 240 35.41 -114.70 -78.74
CA GLY LA 240 36.77 -115.13 -78.51
C GLY LA 240 36.87 -116.44 -77.76
N LEU LA 241 36.11 -117.45 -78.19
CA LEU LA 241 36.16 -118.77 -77.59
C LEU LA 241 36.42 -119.84 -78.64
N GLU LA 242 37.06 -120.91 -78.22
CA GLU LA 242 37.22 -122.09 -79.04
C GLU LA 242 36.06 -123.05 -78.80
N GLU LA 243 35.96 -124.08 -79.63
CA GLU LA 243 34.94 -125.10 -79.46
C GLU LA 243 35.49 -126.26 -78.63
N ARG LA 244 34.62 -127.22 -78.36
CA ARG LA 244 35.05 -128.43 -77.66
C ARG LA 244 35.83 -129.33 -78.62
N PRO LA 245 36.86 -130.03 -78.14
CA PRO LA 245 37.63 -130.91 -79.04
C PRO LA 245 36.88 -132.18 -79.39
N GLN LA 246 35.95 -132.09 -80.32
CA GLN LA 246 35.15 -133.25 -80.74
C GLN LA 246 35.58 -133.74 -82.12
N THR MA 5 18.09 -151.19 -28.58
CA THR MA 5 17.78 -151.50 -29.96
C THR MA 5 16.27 -151.60 -30.16
N GLY MA 6 15.62 -150.54 -30.62
CA GLY MA 6 14.19 -150.54 -30.83
C GLY MA 6 13.63 -149.44 -29.97
N TYR MA 7 13.87 -149.58 -28.67
CA TYR MA 7 13.45 -148.57 -27.71
C TYR MA 7 14.49 -147.48 -27.80
N ASP MA 8 15.52 -147.71 -28.60
CA ASP MA 8 16.61 -146.76 -28.74
C ASP MA 8 16.25 -145.57 -29.62
N LEU MA 9 14.97 -145.24 -29.75
CA LEU MA 9 14.57 -144.15 -30.64
C LEU MA 9 14.65 -142.80 -29.95
N SER MA 10 13.91 -142.62 -28.86
CA SER MA 10 13.91 -141.36 -28.15
C SER MA 10 15.10 -141.26 -27.20
N ALA MA 11 15.43 -140.03 -26.82
CA ALA MA 11 16.42 -139.78 -25.80
C ALA MA 11 15.81 -139.73 -24.40
N SER MA 12 14.49 -139.88 -24.29
CA SER MA 12 13.80 -139.86 -23.01
C SER MA 12 13.35 -141.25 -22.57
N THR MA 13 13.83 -142.29 -23.23
CA THR MA 13 13.44 -143.67 -22.90
C THR MA 13 14.65 -144.44 -22.40
N PHE MA 14 14.37 -145.42 -21.55
CA PHE MA 14 15.38 -146.29 -20.98
C PHE MA 14 15.39 -147.65 -21.66
N SER MA 15 16.55 -148.28 -21.66
CA SER MA 15 16.66 -149.66 -22.10
C SER MA 15 16.17 -150.58 -20.99
N PRO MA 16 15.90 -151.85 -21.31
CA PRO MA 16 15.57 -152.81 -20.24
C PRO MA 16 16.71 -153.09 -19.28
N ASP MA 17 17.96 -152.76 -19.61
CA ASP MA 17 19.03 -152.88 -18.64
C ASP MA 17 19.50 -151.55 -18.05
N GLY MA 18 19.05 -150.42 -18.61
CA GLY MA 18 19.23 -149.16 -17.92
C GLY MA 18 20.20 -148.15 -18.49
N ARG MA 19 20.26 -148.02 -19.82
CA ARG MA 19 21.09 -146.98 -20.42
C ARG MA 19 20.36 -146.41 -21.64
N VAL MA 20 20.80 -145.23 -22.05
CA VAL MA 20 20.20 -144.52 -23.18
C VAL MA 20 21.14 -144.64 -24.37
N PHE MA 21 20.67 -145.31 -25.42
CA PHE MA 21 21.52 -145.54 -26.59
C PHE MA 21 21.66 -144.32 -27.48
N GLN MA 22 20.72 -143.37 -27.41
CA GLN MA 22 20.85 -142.15 -28.19
C GLN MA 22 22.03 -141.31 -27.73
N VAL MA 23 22.37 -141.37 -26.45
CA VAL MA 23 23.63 -140.79 -25.99
C VAL MA 23 24.79 -141.66 -26.45
N GLU MA 24 24.61 -142.98 -26.46
CA GLU MA 24 25.66 -143.90 -26.87
C GLU MA 24 25.96 -143.79 -28.36
N TYR MA 25 24.92 -143.52 -29.16
CA TYR MA 25 25.12 -143.39 -30.60
C TYR MA 25 25.87 -142.11 -30.95
N ALA MA 26 25.60 -141.02 -30.22
CA ALA MA 26 26.24 -139.76 -30.52
C ALA MA 26 27.69 -139.70 -30.05
N MET MA 27 28.10 -140.60 -29.16
CA MET MA 27 29.49 -140.60 -28.70
C MET MA 27 30.44 -141.09 -29.77
N LYS MA 28 30.07 -142.13 -30.51
CA LYS MA 28 30.94 -142.69 -31.52
C LYS MA 28 30.78 -142.01 -32.87
N ALA MA 29 29.99 -140.94 -32.95
CA ALA MA 29 30.08 -140.01 -34.07
C ALA MA 29 31.25 -139.06 -33.91
N VAL MA 30 31.67 -138.79 -32.66
CA VAL MA 30 32.88 -138.03 -32.41
C VAL MA 30 34.10 -138.87 -32.76
N GLU MA 31 33.96 -140.19 -32.70
CA GLU MA 31 35.07 -141.12 -32.98
C GLU MA 31 35.54 -141.03 -34.43
N ASN MA 32 34.65 -140.70 -35.36
CA ASN MA 32 35.02 -140.65 -36.77
C ASN MA 32 35.75 -139.37 -37.16
N SER MA 33 35.82 -138.38 -36.28
CA SER MA 33 36.52 -137.15 -36.57
C SER MA 33 38.02 -137.30 -36.34
N SER MA 34 38.79 -136.40 -36.94
CA SER MA 34 40.24 -136.45 -36.84
C SER MA 34 40.70 -136.08 -35.44
N THR MA 35 41.95 -136.42 -35.14
CA THR MA 35 42.46 -136.34 -33.78
C THR MA 35 42.85 -134.91 -33.41
N ALA MA 36 42.35 -134.45 -32.26
CA ALA MA 36 42.74 -133.17 -31.69
C ALA MA 36 43.18 -133.41 -30.26
N ILE MA 37 44.39 -132.98 -29.92
CA ILE MA 37 44.97 -133.27 -28.63
C ILE MA 37 45.14 -131.98 -27.84
N GLY MA 38 45.29 -132.14 -26.53
CA GLY MA 38 45.50 -131.01 -25.64
C GLY MA 38 46.43 -131.40 -24.53
N ILE MA 39 47.21 -130.44 -24.06
CA ILE MA 39 48.26 -130.68 -23.07
C ILE MA 39 48.55 -129.36 -22.37
N ARG MA 40 48.94 -129.44 -21.11
CA ARG MA 40 49.31 -128.23 -20.37
C ARG MA 40 50.65 -128.44 -19.67
N CYS MA 41 51.49 -127.41 -19.68
CA CYS MA 41 52.74 -127.41 -18.96
C CYS MA 41 52.52 -126.72 -17.61
N LYS MA 42 53.60 -126.40 -16.92
CA LYS MA 42 53.47 -125.81 -15.59
C LYS MA 42 53.03 -124.36 -15.63
N ASP MA 43 53.19 -123.68 -16.77
CA ASP MA 43 52.78 -122.27 -16.89
C ASP MA 43 52.10 -122.01 -18.23
N GLY MA 44 51.20 -122.90 -18.62
CA GLY MA 44 50.43 -122.66 -19.83
C GLY MA 44 49.77 -123.92 -20.33
N VAL MA 45 48.91 -123.72 -21.34
CA VAL MA 45 48.19 -124.79 -22.01
C VAL MA 45 48.49 -124.68 -23.50
N VAL MA 46 48.83 -125.81 -24.13
CA VAL MA 46 49.14 -125.85 -25.55
C VAL MA 46 48.15 -126.80 -26.23
N PHE MA 47 47.43 -126.28 -27.21
CA PHE MA 47 46.51 -127.07 -28.03
C PHE MA 47 47.20 -127.55 -29.29
N GLY MA 48 46.54 -128.48 -29.99
CA GLY MA 48 47.04 -128.99 -31.24
C GLY MA 48 46.00 -129.85 -31.95
N VAL MA 49 45.75 -129.56 -33.22
CA VAL MA 49 44.68 -130.19 -33.98
C VAL MA 49 45.24 -130.73 -35.29
N GLU MA 50 45.11 -132.04 -35.51
CA GLU MA 50 45.31 -132.59 -36.84
C GLU MA 50 44.09 -132.30 -37.68
N LYS MA 51 44.28 -131.55 -38.76
CA LYS MA 51 43.18 -131.15 -39.63
C LYS MA 51 43.57 -131.48 -41.08
N LEU MA 52 42.67 -132.18 -41.77
CA LEU MA 52 42.95 -132.67 -43.11
C LEU MA 52 42.31 -131.78 -44.17
N VAL MA 53 43.01 -131.62 -45.28
CA VAL MA 53 42.52 -130.83 -46.41
C VAL MA 53 41.49 -131.66 -47.16
N LEU MA 54 40.34 -131.05 -47.49
CA LEU MA 54 39.24 -131.78 -48.12
C LEU MA 54 39.58 -132.28 -49.52
N SER MA 55 39.72 -131.39 -50.51
CA SER MA 55 40.34 -131.88 -51.74
C SER MA 55 41.57 -131.09 -52.17
N LYS MA 56 41.37 -129.88 -52.70
CA LYS MA 56 42.49 -128.98 -52.98
C LYS MA 56 42.04 -127.53 -52.85
N LEU MA 57 40.73 -127.31 -52.95
CA LEU MA 57 40.20 -125.96 -53.12
C LEU MA 57 40.00 -125.24 -51.80
N TYR MA 58 40.29 -125.91 -50.68
CA TYR MA 58 40.44 -125.30 -49.37
C TYR MA 58 41.43 -124.14 -49.43
N GLU MA 59 41.14 -123.07 -48.70
CA GLU MA 59 41.94 -121.87 -48.90
C GLU MA 59 42.77 -121.55 -47.65
N GLU MA 60 43.36 -122.58 -47.05
CA GLU MA 60 44.48 -122.50 -46.12
C GLU MA 60 44.14 -121.66 -44.87
N GLY MA 61 43.20 -122.19 -44.10
CA GLY MA 61 42.82 -121.51 -42.88
C GLY MA 61 41.32 -121.39 -42.69
N SER MA 62 40.57 -121.99 -43.60
CA SER MA 62 39.13 -122.02 -43.46
C SER MA 62 38.73 -123.03 -42.38
N ASN MA 63 37.45 -122.92 -41.96
CA ASN MA 63 36.67 -123.77 -41.05
C ASN MA 63 37.46 -124.40 -39.91
N LYS MA 64 38.19 -123.58 -39.17
CA LYS MA 64 39.13 -124.06 -38.17
C LYS MA 64 38.40 -124.63 -36.96
N ARG MA 65 39.12 -125.44 -36.19
CA ARG MA 65 38.58 -126.06 -34.99
C ARG MA 65 39.28 -125.57 -33.73
N LEU MA 66 39.95 -124.43 -33.81
CA LEU MA 66 40.55 -123.77 -32.64
C LEU MA 66 39.83 -122.45 -32.46
N PHE MA 67 38.82 -122.45 -31.60
CA PHE MA 67 37.96 -121.29 -31.42
C PHE MA 67 38.56 -120.36 -30.36
N ASN MA 68 37.82 -119.31 -30.01
CA ASN MA 68 38.31 -118.32 -29.06
C ASN MA 68 37.09 -117.80 -28.30
N VAL MA 69 36.84 -118.37 -27.12
CA VAL MA 69 35.62 -118.07 -26.38
C VAL MA 69 35.76 -116.74 -25.66
N ASP MA 70 36.79 -116.59 -24.85
CA ASP MA 70 36.94 -115.40 -24.02
C ASP MA 70 38.33 -114.82 -24.28
N ARG MA 71 38.73 -113.82 -23.51
CA ARG MA 71 40.06 -113.25 -23.59
C ARG MA 71 41.15 -114.29 -23.29
N HIS MA 72 40.85 -115.27 -22.45
CA HIS MA 72 41.80 -116.28 -22.04
C HIS MA 72 41.29 -117.71 -22.23
N VAL MA 73 40.19 -117.90 -22.94
CA VAL MA 73 39.54 -119.21 -23.08
C VAL MA 73 39.32 -119.51 -24.55
N GLY MA 74 39.73 -120.71 -24.99
CA GLY MA 74 39.44 -121.17 -26.33
C GLY MA 74 39.09 -122.65 -26.34
N MET MA 75 38.64 -123.10 -27.50
CA MET MA 75 38.14 -124.45 -27.68
C MET MA 75 38.98 -125.23 -28.70
N ALA MA 76 38.85 -126.55 -28.64
CA ALA MA 76 39.59 -127.47 -29.50
C ALA MA 76 38.67 -128.55 -30.03
N VAL MA 77 37.56 -128.13 -30.66
CA VAL MA 77 36.43 -129.02 -30.98
C VAL MA 77 36.81 -130.12 -31.96
N ALA MA 78 35.99 -131.17 -31.96
CA ALA MA 78 36.11 -132.29 -32.89
C ALA MA 78 34.76 -133.00 -32.95
N GLY MA 79 34.39 -133.41 -34.16
CA GLY MA 79 33.09 -134.02 -34.38
C GLY MA 79 32.32 -133.33 -35.49
N LEU MA 80 31.02 -133.13 -35.29
CA LEU MA 80 30.25 -132.34 -36.23
C LEU MA 80 30.61 -130.87 -36.08
N LEU MA 81 31.16 -130.29 -37.14
CA LEU MA 81 31.70 -128.94 -37.06
C LEU MA 81 30.62 -127.89 -36.91
N ALA MA 82 29.48 -128.07 -37.59
CA ALA MA 82 28.38 -127.11 -37.49
C ALA MA 82 27.74 -127.12 -36.11
N ASP MA 83 27.67 -128.29 -35.48
CA ASP MA 83 27.13 -128.38 -34.14
C ASP MA 83 28.07 -127.76 -33.11
N ALA MA 84 29.37 -127.73 -33.39
CA ALA MA 84 30.31 -127.08 -32.49
C ALA MA 84 30.29 -125.57 -32.61
N ARG MA 85 29.90 -125.05 -33.77
CA ARG MA 85 29.81 -123.59 -33.94
C ARG MA 85 28.68 -123.01 -33.12
N SER MA 86 27.53 -123.69 -33.08
CA SER MA 86 26.42 -123.23 -32.25
C SER MA 86 26.73 -123.39 -30.77
N LEU MA 87 27.51 -124.42 -30.42
CA LEU MA 87 27.88 -124.61 -29.02
C LEU MA 87 28.94 -123.61 -28.58
N ALA MA 88 29.79 -123.17 -29.50
CA ALA MA 88 30.80 -122.16 -29.15
C ALA MA 88 30.16 -120.81 -28.90
N ASP MA 89 29.08 -120.49 -29.60
CA ASP MA 89 28.38 -119.23 -29.38
C ASP MA 89 27.65 -119.19 -28.05
N ILE MA 90 27.33 -120.36 -27.47
CA ILE MA 90 26.77 -120.39 -26.13
C ILE MA 90 27.82 -119.98 -25.11
N ALA MA 91 29.04 -120.48 -25.28
CA ALA MA 91 30.10 -120.18 -24.33
C ALA MA 91 30.59 -118.74 -24.47
N ARG MA 92 30.50 -118.17 -25.68
CA ARG MA 92 30.76 -116.74 -25.84
C ARG MA 92 29.70 -115.92 -25.11
N GLU MA 93 28.45 -116.35 -25.19
CA GLU MA 93 27.36 -115.61 -24.57
C GLU MA 93 27.34 -115.81 -23.07
N GLU MA 94 27.78 -116.98 -22.60
CA GLU MA 94 27.77 -117.25 -21.16
C GLU MA 94 28.83 -116.44 -20.43
N ALA MA 95 30.01 -116.30 -21.04
CA ALA MA 95 31.08 -115.54 -20.42
C ALA MA 95 30.81 -114.04 -20.42
N SER MA 96 29.94 -113.57 -21.31
CA SER MA 96 29.61 -112.14 -21.35
C SER MA 96 28.70 -111.74 -20.19
N ASN MA 97 27.78 -112.62 -19.81
CA ASN MA 97 26.88 -112.31 -18.71
C ASN MA 97 27.59 -112.34 -17.37
N PHE MA 98 28.63 -113.16 -17.24
CA PHE MA 98 29.41 -113.17 -16.00
C PHE MA 98 30.21 -111.89 -15.86
N ARG MA 99 30.64 -111.30 -16.98
CA ARG MA 99 31.32 -110.01 -16.94
C ARG MA 99 30.35 -108.90 -16.55
N SER MA 100 29.15 -108.92 -17.12
CA SER MA 100 28.18 -107.87 -16.89
C SER MA 100 27.51 -107.95 -15.53
N ASN MA 101 27.60 -109.09 -14.84
CA ASN MA 101 26.94 -109.25 -13.55
C ASN MA 101 27.92 -109.28 -12.39
N PHE MA 102 29.21 -109.51 -12.66
CA PHE MA 102 30.19 -109.66 -11.58
C PHE MA 102 31.46 -108.85 -11.79
N GLY MA 103 31.76 -108.43 -13.01
CA GLY MA 103 32.81 -107.46 -13.23
C GLY MA 103 34.22 -108.00 -13.38
N TYR MA 104 34.38 -109.30 -13.59
CA TYR MA 104 35.71 -109.87 -13.77
C TYR MA 104 35.62 -111.10 -14.66
N ASN MA 105 36.77 -111.66 -14.98
CA ASN MA 105 36.85 -112.75 -15.95
C ASN MA 105 36.26 -114.04 -15.39
N ILE MA 106 35.73 -114.85 -16.29
CA ILE MA 106 35.07 -116.10 -15.84
C ILE MA 106 36.13 -117.12 -15.44
N PRO MA 107 35.99 -117.76 -14.29
CA PRO MA 107 36.87 -118.90 -13.97
C PRO MA 107 36.52 -120.09 -14.84
N LEU MA 108 37.55 -120.85 -15.19
CA LEU MA 108 37.34 -121.98 -16.09
C LEU MA 108 36.59 -123.11 -15.41
N LYS MA 109 36.74 -123.25 -14.09
CA LYS MA 109 35.99 -124.26 -13.35
C LYS MA 109 34.50 -123.95 -13.33
N HIS MA 110 34.14 -122.68 -13.32
CA HIS MA 110 32.74 -122.30 -13.38
C HIS MA 110 32.21 -122.28 -14.81
N LEU MA 111 33.07 -122.02 -15.78
CA LEU MA 111 32.63 -121.95 -17.17
C LEU MA 111 32.27 -123.33 -17.71
N ALA MA 112 33.07 -124.34 -17.38
CA ALA MA 112 32.80 -125.70 -17.83
C ALA MA 112 31.55 -126.28 -17.20
N ASP MA 113 31.18 -125.80 -16.02
CA ASP MA 113 29.93 -126.27 -15.41
C ASP MA 113 28.72 -125.71 -16.13
N ARG MA 114 28.79 -124.45 -16.56
CA ARG MA 114 27.65 -123.82 -17.24
C ARG MA 114 27.45 -124.41 -18.62
N VAL MA 115 28.52 -124.83 -19.28
CA VAL MA 115 28.39 -125.39 -20.62
C VAL MA 115 27.89 -126.83 -20.54
N ALA MA 116 28.42 -127.61 -19.59
CA ALA MA 116 28.06 -129.03 -19.51
C ALA MA 116 26.62 -129.23 -19.06
N MET MA 117 26.08 -128.33 -18.25
CA MET MA 117 24.66 -128.38 -17.94
C MET MA 117 23.80 -128.03 -19.14
N TYR MA 118 24.31 -127.19 -20.04
CA TYR MA 118 23.58 -126.87 -21.25
C TYR MA 118 23.60 -128.04 -22.23
N VAL MA 119 24.71 -128.79 -22.29
CA VAL MA 119 24.77 -129.99 -23.10
C VAL MA 119 23.88 -131.07 -22.49
N HIS MA 120 23.74 -131.07 -21.17
CA HIS MA 120 22.93 -132.07 -20.47
C HIS MA 120 21.46 -131.92 -20.82
N ALA MA 121 21.00 -130.70 -21.07
CA ALA MA 121 19.58 -130.45 -21.30
C ALA MA 121 19.09 -131.01 -22.63
N TYR MA 122 19.99 -131.25 -23.58
CA TYR MA 122 19.61 -131.85 -24.86
C TYR MA 122 19.65 -133.37 -24.83
N THR MA 123 19.82 -133.96 -23.64
CA THR MA 123 19.83 -135.42 -23.50
C THR MA 123 18.65 -135.92 -22.69
N LEU MA 124 17.59 -135.12 -22.58
CA LEU MA 124 16.48 -135.44 -21.71
C LEU MA 124 15.14 -135.46 -22.41
N TYR MA 125 14.96 -134.66 -23.46
CA TYR MA 125 13.67 -134.50 -24.10
C TYR MA 125 13.64 -135.26 -25.43
N SER MA 126 12.43 -135.64 -25.82
CA SER MA 126 12.24 -136.34 -27.10
C SER MA 126 12.18 -135.39 -28.28
N ALA MA 127 12.05 -134.09 -28.04
CA ALA MA 127 11.98 -133.13 -29.14
C ALA MA 127 13.35 -132.86 -29.74
N VAL MA 128 14.39 -132.87 -28.91
CA VAL MA 128 15.73 -132.54 -29.36
C VAL MA 128 16.62 -133.78 -29.21
N ARG MA 129 17.76 -133.74 -29.87
CA ARG MA 129 18.74 -134.80 -29.80
C ARG MA 129 19.97 -134.36 -29.02
N PRO MA 130 20.77 -135.29 -28.51
CA PRO MA 130 22.07 -134.89 -27.93
C PRO MA 130 23.02 -134.37 -28.99
N PHE MA 131 23.98 -133.58 -28.53
CA PHE MA 131 25.01 -133.03 -29.40
C PHE MA 131 25.92 -134.13 -29.92
N GLY MA 132 26.64 -133.82 -31.00
CA GLY MA 132 27.61 -134.73 -31.55
C GLY MA 132 29.01 -134.16 -31.50
N CYS MA 133 29.35 -133.50 -30.40
CA CYS MA 133 30.62 -132.80 -30.28
C CYS MA 133 31.32 -133.15 -28.98
N SER MA 134 32.65 -133.12 -29.03
CA SER MA 134 33.47 -133.13 -27.84
C SER MA 134 34.61 -132.15 -28.05
N PHE MA 135 35.05 -131.51 -26.97
CA PHE MA 135 35.94 -130.37 -27.12
C PHE MA 135 36.81 -130.23 -25.86
N MET MA 136 37.68 -129.24 -25.90
CA MET MA 136 38.63 -128.97 -24.83
C MET MA 136 38.45 -127.53 -24.38
N LEU MA 137 38.87 -127.25 -23.14
CA LEU MA 137 38.84 -125.90 -22.61
C LEU MA 137 40.15 -125.65 -21.86
N GLY MA 138 40.91 -124.68 -22.33
CA GLY MA 138 42.18 -124.34 -21.71
C GLY MA 138 42.25 -122.85 -21.40
N SER MA 139 42.79 -122.54 -20.22
CA SER MA 139 42.91 -121.16 -19.80
C SER MA 139 44.14 -121.03 -18.90
N TYR MA 140 44.50 -119.78 -18.60
CA TYR MA 140 45.61 -119.50 -17.71
C TYR MA 140 45.31 -118.23 -16.94
N SER MA 141 45.70 -118.23 -15.67
CA SER MA 141 45.55 -117.07 -14.81
C SER MA 141 46.72 -117.01 -13.85
N VAL MA 142 46.83 -115.89 -13.15
CA VAL MA 142 47.89 -115.72 -12.16
C VAL MA 142 47.44 -116.13 -10.76
N ASN MA 143 46.15 -116.14 -10.49
CA ASN MA 143 45.63 -116.61 -9.21
C ASN MA 143 45.17 -118.07 -9.26
N ASP MA 144 45.11 -118.67 -10.45
CA ASP MA 144 44.62 -120.02 -10.60
C ASP MA 144 45.54 -120.93 -11.40
N GLY MA 145 46.54 -120.39 -12.10
CA GLY MA 145 47.39 -121.23 -12.92
C GLY MA 145 46.70 -121.64 -14.21
N ALA MA 146 47.16 -122.77 -14.74
CA ALA MA 146 46.63 -123.32 -15.98
C ALA MA 146 45.71 -124.49 -15.68
N GLN MA 147 44.59 -124.57 -16.41
CA GLN MA 147 43.66 -125.68 -16.28
C GLN MA 147 43.32 -126.21 -17.66
N LEU MA 148 42.87 -127.46 -17.68
CA LEU MA 148 42.53 -128.13 -18.94
C LEU MA 148 41.36 -129.06 -18.68
N TYR MA 149 40.28 -128.89 -19.43
CA TYR MA 149 39.02 -129.59 -19.19
C TYR MA 149 38.62 -130.39 -20.42
N MET MA 150 37.50 -131.10 -20.30
CA MET MA 150 37.13 -132.14 -21.25
C MET MA 150 35.64 -132.42 -21.12
N ILE MA 151 34.90 -132.25 -22.21
CA ILE MA 151 33.45 -132.39 -22.19
C ILE MA 151 33.04 -133.38 -23.27
N ASP MA 152 32.36 -134.45 -22.86
CA ASP MA 152 31.81 -135.46 -23.74
C ASP MA 152 30.43 -135.03 -24.22
N PRO MA 153 29.83 -135.74 -25.19
CA PRO MA 153 28.43 -135.43 -25.55
C PRO MA 153 27.41 -135.70 -24.45
N SER MA 154 27.73 -136.53 -23.46
CA SER MA 154 26.77 -136.75 -22.38
C SER MA 154 26.74 -135.60 -21.39
N GLY MA 155 27.85 -134.91 -21.19
CA GLY MA 155 27.91 -133.80 -20.27
C GLY MA 155 28.84 -133.99 -19.08
N VAL MA 156 29.62 -135.05 -19.05
CA VAL MA 156 30.58 -135.27 -17.98
C VAL MA 156 31.79 -134.38 -18.22
N SER MA 157 32.14 -133.56 -17.23
CA SER MA 157 33.17 -132.54 -17.41
C SER MA 157 34.06 -132.50 -16.18
N TYR MA 158 35.33 -132.89 -16.37
CA TYR MA 158 36.32 -132.77 -15.31
C TYR MA 158 37.71 -132.65 -15.95
N GLY MA 159 38.71 -132.49 -15.08
CA GLY MA 159 40.02 -132.02 -15.52
C GLY MA 159 41.04 -133.11 -15.79
N TYR MA 160 41.95 -132.81 -16.72
CA TYR MA 160 43.04 -133.69 -17.12
C TYR MA 160 44.35 -132.92 -17.03
N TRP MA 161 45.45 -133.64 -17.25
CA TRP MA 161 46.70 -133.01 -17.65
C TRP MA 161 46.93 -133.09 -19.16
N GLY MA 162 46.42 -134.12 -19.81
CA GLY MA 162 46.53 -134.25 -21.25
C GLY MA 162 45.41 -135.11 -21.78
N CYS MA 163 45.04 -134.89 -23.04
CA CYS MA 163 43.92 -135.60 -23.62
C CYS MA 163 44.05 -135.67 -25.14
N ALA MA 164 43.13 -136.42 -25.74
CA ALA MA 164 43.02 -136.55 -27.19
C ALA MA 164 41.56 -136.81 -27.53
N ILE MA 165 41.12 -136.27 -28.65
CA ILE MA 165 39.74 -136.45 -29.12
C ILE MA 165 39.78 -136.76 -30.61
N GLY MA 166 39.29 -137.92 -31.00
CA GLY MA 166 39.19 -138.26 -32.41
C GLY MA 166 39.22 -139.77 -32.61
N LYS MA 167 39.77 -140.18 -33.76
CA LYS MA 167 40.04 -141.60 -33.98
C LYS MA 167 41.05 -142.14 -32.97
N ALA MA 168 42.22 -141.52 -32.93
CA ALA MA 168 43.31 -142.01 -32.09
C ALA MA 168 43.25 -141.36 -30.70
N ARG MA 169 42.16 -141.66 -29.99
CA ARG MA 169 42.07 -141.20 -28.61
C ARG MA 169 42.97 -142.04 -27.70
N GLN MA 170 42.97 -143.36 -27.90
CA GLN MA 170 43.85 -144.23 -27.13
C GLN MA 170 45.27 -144.20 -27.69
N ALA MA 171 45.39 -144.14 -29.01
CA ALA MA 171 46.71 -144.22 -29.64
C ALA MA 171 47.54 -142.96 -29.46
N ALA MA 172 46.94 -141.85 -29.02
CA ALA MA 172 47.73 -140.65 -28.75
C ALA MA 172 48.14 -140.57 -27.28
N LYS MA 173 47.23 -140.90 -26.36
CA LYS MA 173 47.52 -140.79 -24.94
C LYS MA 173 48.47 -141.86 -24.44
N THR MA 174 48.82 -142.85 -25.27
CA THR MA 174 49.87 -143.78 -24.92
C THR MA 174 51.22 -143.08 -24.82
N GLU MA 175 51.51 -142.17 -25.74
CA GLU MA 175 52.77 -141.46 -25.77
C GLU MA 175 52.68 -140.04 -25.21
N ILE MA 176 51.50 -139.59 -24.79
CA ILE MA 176 51.43 -138.36 -24.03
C ILE MA 176 51.97 -138.57 -22.63
N GLU MA 177 51.61 -139.70 -22.01
CA GLU MA 177 51.94 -139.96 -20.61
C GLU MA 177 53.41 -140.31 -20.38
N LYS MA 178 54.22 -140.46 -21.43
CA LYS MA 178 55.65 -140.63 -21.26
C LYS MA 178 56.41 -139.30 -21.37
N LEU MA 179 55.73 -138.19 -21.09
CA LEU MA 179 56.36 -136.87 -21.07
C LEU MA 179 56.37 -136.34 -19.65
N GLN MA 180 57.42 -135.60 -19.30
CA GLN MA 180 57.54 -134.98 -17.98
C GLN MA 180 56.94 -133.57 -18.06
N MET MA 181 55.62 -133.54 -18.16
CA MET MA 181 54.87 -132.32 -18.41
C MET MA 181 54.75 -131.42 -17.17
N LYS MA 182 55.11 -131.91 -15.99
CA LYS MA 182 54.95 -131.13 -14.77
C LYS MA 182 55.96 -130.00 -14.67
N GLU MA 183 57.09 -130.08 -15.37
CA GLU MA 183 58.15 -129.09 -15.22
C GLU MA 183 58.61 -128.45 -16.52
N MET MA 184 58.09 -128.88 -17.68
CA MET MA 184 58.49 -128.28 -18.93
C MET MA 184 57.88 -126.90 -19.11
N THR MA 185 58.52 -126.09 -19.94
CA THR MA 185 57.95 -124.82 -20.36
C THR MA 185 57.17 -125.02 -21.64
N CYS MA 186 56.15 -124.20 -21.84
CA CYS MA 186 55.28 -124.31 -23.01
C CYS MA 186 55.87 -123.75 -24.28
N ARG MA 187 57.17 -123.44 -24.32
CA ARG MA 187 57.84 -123.30 -25.60
C ARG MA 187 58.47 -124.61 -26.03
N ASP MA 188 58.95 -125.41 -25.07
CA ASP MA 188 59.42 -126.75 -25.36
C ASP MA 188 58.28 -127.72 -25.62
N ILE MA 189 57.07 -127.41 -25.16
CA ILE MA 189 55.92 -128.27 -25.41
C ILE MA 189 55.53 -128.24 -26.88
N VAL MA 190 55.67 -127.07 -27.54
CA VAL MA 190 55.17 -126.87 -28.89
C VAL MA 190 55.91 -127.76 -29.88
N LYS MA 191 57.23 -127.90 -29.72
CA LYS MA 191 57.97 -128.85 -30.56
C LYS MA 191 57.70 -130.29 -30.19
N GLU MA 192 57.10 -130.56 -29.02
CA GLU MA 192 56.77 -131.92 -28.64
C GLU MA 192 55.34 -132.31 -29.01
N VAL MA 193 54.45 -131.33 -29.18
CA VAL MA 193 53.09 -131.63 -29.62
C VAL MA 193 53.09 -132.10 -31.07
N ALA MA 194 53.96 -131.49 -31.90
CA ALA MA 194 53.94 -131.73 -33.34
C ALA MA 194 54.37 -133.14 -33.71
N LYS MA 195 55.22 -133.77 -32.89
CA LYS MA 195 55.58 -135.14 -33.17
C LYS MA 195 54.50 -136.13 -32.75
N ILE MA 196 53.64 -135.76 -31.79
CA ILE MA 196 52.56 -136.66 -31.40
C ILE MA 196 51.53 -136.75 -32.52
N ILE MA 197 51.32 -135.63 -33.22
CA ILE MA 197 50.42 -135.62 -34.37
C ILE MA 197 50.99 -136.45 -35.52
N TYR MA 198 52.28 -136.28 -35.81
CA TYR MA 198 52.83 -136.85 -37.02
C TYR MA 198 53.16 -138.33 -36.89
N ILE MA 199 53.22 -138.87 -35.66
CA ILE MA 199 53.43 -140.31 -35.50
C ILE MA 199 52.21 -141.08 -35.99
N VAL MA 200 51.01 -140.70 -35.50
CA VAL MA 200 49.83 -141.53 -35.70
C VAL MA 200 49.03 -140.96 -36.88
N HIS MA 201 49.36 -141.47 -38.07
CA HIS MA 201 48.52 -141.45 -39.28
C HIS MA 201 48.14 -140.04 -39.73
N ASP MA 202 49.15 -139.29 -40.16
CA ASP MA 202 48.89 -137.94 -40.65
C ASP MA 202 48.36 -137.97 -42.08
N GLU MA 203 49.05 -138.67 -42.99
CA GLU MA 203 48.60 -138.79 -44.38
C GLU MA 203 48.83 -140.19 -44.94
N VAL MA 204 48.74 -141.22 -44.11
CA VAL MA 204 49.13 -142.56 -44.54
C VAL MA 204 48.08 -143.16 -45.47
N LYS MA 205 46.87 -143.35 -44.96
CA LYS MA 205 45.75 -143.74 -45.81
C LYS MA 205 44.87 -142.56 -46.16
N ASP MA 206 45.14 -141.39 -45.61
CA ASP MA 206 44.47 -140.16 -45.98
C ASP MA 206 45.28 -139.44 -47.05
N LYS MA 207 44.78 -138.28 -47.50
CA LYS MA 207 45.42 -137.57 -48.59
C LYS MA 207 46.41 -136.52 -48.09
N ALA MA 208 45.94 -135.56 -47.31
CA ALA MA 208 46.78 -134.45 -46.88
C ALA MA 208 46.24 -133.92 -45.57
N PHE MA 209 46.95 -132.95 -45.01
CA PHE MA 209 46.66 -132.44 -43.68
C PHE MA 209 47.35 -131.10 -43.50
N GLU MA 210 47.02 -130.43 -42.40
CA GLU MA 210 47.71 -129.21 -42.01
C GLU MA 210 47.59 -129.08 -40.50
N LEU MA 211 48.70 -128.73 -39.87
CA LEU MA 211 48.77 -128.65 -38.41
C LEU MA 211 48.40 -127.27 -37.91
N GLU MA 212 47.57 -127.23 -36.86
CA GLU MA 212 47.22 -125.98 -36.19
C GLU MA 212 47.57 -126.12 -34.72
N LEU MA 213 48.19 -125.08 -34.16
CA LEU MA 213 48.63 -125.09 -32.77
C LEU MA 213 48.15 -123.81 -32.10
N SER MA 214 47.26 -123.95 -31.13
CA SER MA 214 46.83 -122.82 -30.33
C SER MA 214 47.66 -122.76 -29.04
N TRP MA 215 47.53 -121.64 -28.33
CA TRP MA 215 48.60 -121.27 -27.42
C TRP MA 215 48.16 -120.23 -26.40
N VAL MA 216 48.32 -120.54 -25.11
CA VAL MA 216 47.91 -119.68 -24.01
C VAL MA 216 48.79 -119.98 -22.82
N GLY MA 217 49.16 -118.94 -22.07
CA GLY MA 217 49.94 -119.18 -20.88
C GLY MA 217 50.63 -117.90 -20.42
N GLU MA 218 51.75 -118.11 -19.73
CA GLU MA 218 52.45 -117.00 -19.08
C GLU MA 218 53.16 -116.12 -20.10
N LEU MA 219 53.61 -116.70 -21.22
CA LEU MA 219 54.36 -115.91 -22.19
C LEU MA 219 53.42 -114.99 -22.97
N THR MA 220 52.15 -115.34 -23.08
CA THR MA 220 51.17 -114.51 -23.75
C THR MA 220 50.50 -113.51 -22.81
N ASN MA 221 50.90 -113.51 -21.53
CA ASN MA 221 50.30 -112.67 -20.47
C ASN MA 221 48.80 -112.91 -20.34
N GLY MA 222 48.39 -114.16 -20.45
CA GLY MA 222 46.99 -114.52 -20.34
C GLY MA 222 46.22 -114.48 -21.64
N ARG MA 223 46.81 -113.96 -22.71
CA ARG MA 223 46.13 -113.93 -24.00
C ARG MA 223 46.07 -115.31 -24.61
N HIS MA 224 45.07 -115.53 -25.46
CA HIS MA 224 44.96 -116.76 -26.23
C HIS MA 224 45.04 -116.44 -27.71
N GLU MA 225 46.02 -117.02 -28.38
CA GLU MA 225 46.18 -116.80 -29.81
C GLU MA 225 46.91 -117.99 -30.41
N ILE MA 226 46.96 -118.00 -31.75
CA ILE MA 226 47.67 -119.05 -32.46
C ILE MA 226 49.17 -118.83 -32.30
N VAL MA 227 49.95 -119.89 -32.46
CA VAL MA 227 51.41 -119.83 -32.33
C VAL MA 227 52.02 -118.98 -33.44
N PRO MA 228 53.13 -118.32 -33.19
CA PRO MA 228 53.97 -117.84 -34.29
C PRO MA 228 54.97 -118.91 -34.74
N LYS MA 229 54.41 -120.03 -35.18
CA LYS MA 229 55.17 -121.15 -35.69
C LYS MA 229 55.40 -120.93 -37.19
N ASP MA 230 54.57 -120.07 -37.79
CA ASP MA 230 54.71 -119.69 -39.18
C ASP MA 230 56.10 -119.11 -39.16
N ILE MA 231 56.36 -118.34 -38.10
CA ILE MA 231 57.71 -117.83 -37.87
C ILE MA 231 58.61 -118.98 -37.47
N ARG MA 232 59.66 -119.21 -38.27
CA ARG MA 232 60.78 -120.14 -38.09
C ARG MA 232 60.40 -121.61 -38.30
N GLU MA 233 59.10 -121.92 -38.38
CA GLU MA 233 58.56 -123.18 -38.90
C GLU MA 233 59.08 -124.40 -38.13
N GLU MA 234 59.37 -124.21 -36.84
CA GLU MA 234 60.21 -125.15 -36.09
C GLU MA 234 59.48 -126.42 -35.69
N ALA MA 235 58.14 -126.41 -35.72
CA ALA MA 235 57.38 -127.60 -35.34
C ALA MA 235 57.59 -128.72 -36.36
N GLU MA 236 57.49 -128.38 -37.64
CA GLU MA 236 57.64 -129.39 -38.68
C GLU MA 236 59.10 -129.75 -38.91
N LYS MA 237 60.03 -128.84 -38.60
CA LYS MA 237 61.44 -129.12 -38.75
C LYS MA 237 61.92 -130.12 -37.70
N TYR MA 238 61.29 -130.12 -36.54
CA TYR MA 238 61.71 -130.98 -35.45
C TYR MA 238 60.95 -132.30 -35.43
N ALA MA 239 59.72 -132.31 -35.96
CA ALA MA 239 58.91 -133.53 -35.93
C ALA MA 239 59.17 -134.42 -37.13
N LYS MA 240 59.52 -133.86 -38.28
CA LYS MA 240 59.82 -134.68 -39.45
C LYS MA 240 61.18 -135.36 -39.38
N GLU MA 241 62.01 -135.00 -38.40
CA GLU MA 241 63.26 -135.70 -38.15
C GLU MA 241 63.04 -137.01 -37.40
N SER MA 242 61.82 -137.29 -36.95
CA SER MA 242 61.49 -138.53 -36.25
C SER MA 242 61.04 -139.63 -37.19
N LEU MA 243 61.49 -139.60 -38.45
CA LEU MA 243 61.15 -140.65 -39.40
C LEU MA 243 61.83 -141.98 -39.05
N LYS MA 244 62.98 -141.92 -38.40
CA LYS MA 244 63.67 -143.12 -37.96
C LYS MA 244 64.20 -142.95 -36.55
N THR NA 34 21.90 -89.37 10.00
CA THR NA 34 22.64 -90.57 9.66
C THR NA 34 24.03 -90.20 9.17
N THR NA 35 25.06 -90.81 9.77
CA THR NA 35 26.43 -90.57 9.36
C THR NA 35 27.19 -91.89 9.41
N ILE NA 36 27.80 -92.26 8.29
CA ILE NA 36 28.53 -93.51 8.18
C ILE NA 36 29.98 -93.20 7.78
N MET NA 37 30.86 -94.15 8.06
CA MET NA 37 32.28 -93.88 8.00
C MET NA 37 33.01 -95.18 7.66
N ALA NA 38 34.05 -95.07 6.83
CA ALA NA 38 34.83 -96.24 6.45
C ALA NA 38 36.26 -95.80 6.11
N VAL NA 39 37.23 -96.41 6.77
CA VAL NA 39 38.65 -96.10 6.57
C VAL NA 39 39.42 -97.42 6.45
N GLN NA 40 40.17 -97.58 5.38
CA GLN NA 40 41.05 -98.74 5.26
C GLN NA 40 42.42 -98.44 5.84
N PHE NA 41 43.13 -99.50 6.20
CA PHE NA 41 44.50 -99.39 6.69
C PHE NA 41 45.28 -100.55 6.10
N ASP NA 42 46.46 -100.83 6.65
CA ASP NA 42 47.36 -101.81 6.07
C ASP NA 42 46.79 -103.22 6.18
N GLY NA 43 46.25 -103.57 7.34
CA GLY NA 43 45.66 -104.87 7.53
C GLY NA 43 44.30 -105.02 6.86
N GLY NA 44 43.35 -104.19 7.25
CA GLY NA 44 42.00 -104.26 6.72
C GLY NA 44 41.32 -102.92 6.72
N VAL NA 45 40.05 -102.89 7.13
CA VAL NA 45 39.23 -101.69 7.12
C VAL NA 45 38.64 -101.46 8.50
N VAL NA 46 38.13 -100.25 8.71
CA VAL NA 46 37.47 -99.84 9.95
C VAL NA 46 36.17 -99.15 9.58
N LEU NA 47 35.06 -99.61 10.14
CA LEU NA 47 33.74 -99.04 9.89
C LEU NA 47 33.20 -98.35 11.13
N GLY NA 48 32.18 -97.52 10.92
CA GLY NA 48 31.56 -96.79 12.01
C GLY NA 48 30.31 -96.04 11.62
N ALA NA 49 29.35 -95.93 12.53
CA ALA NA 49 28.08 -95.27 12.26
C ALA NA 49 27.40 -94.85 13.56
N ASP NA 50 26.45 -93.94 13.43
CA ASP NA 50 25.56 -93.51 14.50
C ASP NA 50 24.34 -94.42 14.53
N SER NA 51 23.31 -94.09 15.32
CA SER NA 51 22.10 -94.89 15.17
C SER NA 51 20.85 -94.12 14.73
N ARG NA 52 20.20 -93.41 15.67
CA ARG NA 52 19.16 -92.38 15.51
C ARG NA 52 18.29 -92.41 14.26
N THR NA 53 17.57 -93.50 14.04
CA THR NA 53 16.61 -93.57 12.93
C THR NA 53 15.44 -92.66 13.24
N THR NA 54 15.32 -91.57 12.48
CA THR NA 54 14.33 -90.53 12.73
C THR NA 54 13.21 -90.58 11.70
N THR NA 55 12.15 -89.83 11.99
CA THR NA 55 11.08 -89.57 11.05
C THR NA 55 10.48 -88.21 11.40
N GLY NA 56 10.54 -87.28 10.45
CA GLY NA 56 10.20 -85.90 10.74
C GLY NA 56 11.19 -85.28 11.70
N SER NA 57 10.75 -85.03 12.94
CA SER NA 57 11.63 -84.60 14.01
C SER NA 57 11.53 -85.53 15.21
N TYR NA 58 10.98 -86.73 15.01
CA TYR NA 58 10.80 -87.71 16.07
C TYR NA 58 11.70 -88.90 15.81
N ILE NA 59 12.48 -89.27 16.82
CA ILE NA 59 13.32 -90.46 16.75
C ILE NA 59 12.42 -91.68 16.93
N ALA NA 60 12.37 -92.53 15.91
CA ALA NA 60 11.63 -93.78 15.98
C ALA NA 60 12.46 -94.87 16.64
N ASN NA 61 13.68 -95.07 16.15
CA ASN NA 61 14.59 -96.07 16.71
C ASN NA 61 15.79 -95.36 17.32
N ARG NA 62 16.10 -95.71 18.56
CA ARG NA 62 17.09 -94.98 19.34
C ARG NA 62 18.47 -95.60 19.23
N VAL NA 63 18.53 -96.92 19.04
CA VAL NA 63 19.78 -97.62 18.80
C VAL NA 63 19.56 -98.58 17.64
N THR NA 64 20.47 -98.58 16.67
CA THR NA 64 20.22 -99.16 15.35
C THR NA 64 21.51 -99.75 14.80
N ASP NA 65 21.44 -100.96 14.28
CA ASP NA 65 22.55 -101.57 13.54
C ASP NA 65 22.54 -101.02 12.11
N LYS NA 66 23.29 -99.94 11.90
CA LYS NA 66 23.39 -99.36 10.57
C LYS NA 66 24.35 -100.13 9.67
N LEU NA 67 25.15 -101.03 10.23
CA LEU NA 67 26.08 -101.85 9.45
C LEU NA 67 25.59 -103.28 9.45
N THR NA 68 25.69 -103.94 8.30
CA THR NA 68 25.04 -105.22 8.10
C THR NA 68 26.04 -106.24 7.55
N PRO NA 69 26.14 -107.43 8.15
CA PRO NA 69 26.99 -108.48 7.58
C PRO NA 69 26.37 -109.06 6.32
N ILE NA 70 27.22 -109.29 5.31
CA ILE NA 70 26.83 -109.99 4.09
C ILE NA 70 27.53 -111.33 4.10
N HIS NA 71 28.86 -111.30 4.14
CA HIS NA 71 29.66 -112.50 4.23
C HIS NA 71 30.45 -112.40 5.53
N ASP NA 72 31.33 -113.36 5.80
CA ASP NA 72 32.12 -113.34 7.03
C ASP NA 72 33.16 -112.23 7.04
N ARG NA 73 33.51 -111.68 5.89
CA ARG NA 73 34.56 -110.68 5.80
C ARG NA 73 34.09 -109.38 5.17
N ILE NA 74 32.85 -109.29 4.71
CA ILE NA 74 32.36 -108.14 3.96
C ILE NA 74 31.16 -107.55 4.68
N PHE NA 75 31.27 -106.28 5.06
CA PHE NA 75 30.17 -105.54 5.63
C PHE NA 75 29.71 -104.46 4.66
N CYS NA 76 28.55 -103.90 4.95
CA CYS NA 76 28.10 -102.67 4.30
C CYS NA 76 27.37 -101.82 5.32
N CYS NA 77 27.50 -100.50 5.17
CA CYS NA 77 26.78 -99.54 5.97
C CYS NA 77 25.85 -98.75 5.07
N ARG NA 78 24.59 -98.62 5.48
CA ARG NA 78 23.53 -98.18 4.61
C ARG NA 78 23.03 -96.81 5.02
N SER NA 79 22.52 -96.07 4.03
CA SER NA 79 21.99 -94.74 4.26
C SER NA 79 20.92 -94.46 3.21
N GLY NA 80 20.01 -93.55 3.56
CA GLY NA 80 18.89 -93.23 2.70
C GLY NA 80 17.58 -93.71 3.29
N SER NA 81 16.68 -94.21 2.45
CA SER NA 81 15.44 -94.78 2.94
C SER NA 81 15.71 -96.10 3.64
N ALA NA 82 15.02 -96.32 4.76
CA ALA NA 82 15.27 -97.51 5.57
C ALA NA 82 14.72 -98.77 4.89
N ALA NA 83 13.50 -98.68 4.36
CA ALA NA 83 12.88 -99.87 3.76
C ALA NA 83 13.51 -100.23 2.43
N ASP NA 84 14.12 -99.27 1.75
CA ASP NA 84 14.78 -99.57 0.47
C ASP NA 84 16.09 -100.31 0.70
N THR NA 85 16.91 -99.83 1.63
CA THR NA 85 18.23 -100.41 1.85
C THR NA 85 18.17 -101.77 2.52
N GLN NA 86 17.13 -102.03 3.31
CA GLN NA 86 16.98 -103.36 3.92
C GLN NA 86 16.58 -104.40 2.87
N ALA NA 87 15.82 -103.99 1.85
CA ALA NA 87 15.44 -104.94 0.81
C ALA NA 87 16.59 -105.26 -0.12
N VAL NA 88 17.47 -104.29 -0.37
CA VAL NA 88 18.61 -104.54 -1.26
C VAL NA 88 19.64 -105.42 -0.57
N ALA NA 89 19.89 -105.17 0.73
CA ALA NA 89 20.91 -105.91 1.46
C ALA NA 89 20.52 -107.37 1.66
N ASP NA 90 19.23 -107.68 1.63
CA ASP NA 90 18.81 -109.08 1.70
C ASP NA 90 19.03 -109.79 0.37
N ALA NA 91 18.83 -109.09 -0.75
CA ALA NA 91 18.97 -109.73 -2.05
C ALA NA 91 20.43 -109.94 -2.41
N VAL NA 92 21.31 -109.02 -2.02
CA VAL NA 92 22.73 -109.16 -2.30
C VAL NA 92 23.33 -110.29 -1.46
N THR NA 93 22.87 -110.41 -0.22
CA THR NA 93 23.30 -111.52 0.63
C THR NA 93 22.79 -112.85 0.09
N TYR NA 94 21.61 -112.85 -0.52
CA TYR NA 94 21.10 -114.05 -1.17
C TYR NA 94 21.93 -114.41 -2.41
N GLN NA 95 22.29 -113.41 -3.21
CA GLN NA 95 22.99 -113.70 -4.47
C GLN NA 95 24.46 -114.00 -4.23
N LEU NA 96 25.13 -113.21 -3.40
CA LEU NA 96 26.55 -113.45 -3.14
C LEU NA 96 26.76 -114.69 -2.29
N GLY NA 97 25.85 -114.96 -1.34
CA GLY NA 97 25.97 -116.16 -0.54
C GLY NA 97 25.76 -117.42 -1.35
N PHE NA 98 24.89 -117.36 -2.36
CA PHE NA 98 24.73 -118.49 -3.27
C PHE NA 98 25.92 -118.62 -4.21
N HIS NA 99 26.56 -117.51 -4.56
CA HIS NA 99 27.58 -117.52 -5.59
C HIS NA 99 28.90 -118.10 -5.09
N SER NA 100 29.23 -117.89 -3.81
CA SER NA 100 30.50 -118.37 -3.28
C SER NA 100 30.50 -119.86 -2.99
N ILE NA 101 29.32 -120.46 -2.79
CA ILE NA 101 29.26 -121.90 -2.53
C ILE NA 101 29.54 -122.68 -3.80
N GLU NA 102 29.15 -122.14 -4.96
CA GLU NA 102 29.44 -122.79 -6.23
C GLU NA 102 30.93 -122.77 -6.55
N LEU NA 103 31.59 -121.63 -6.33
CA LEU NA 103 33.00 -121.53 -6.63
C LEU NA 103 33.88 -122.23 -5.62
N ASN NA 104 33.35 -122.52 -4.42
CA ASN NA 104 34.09 -123.09 -3.28
C ASN NA 104 35.29 -122.19 -2.93
N GLU NA 105 35.06 -120.88 -2.98
CA GLU NA 105 36.08 -119.87 -2.73
C GLU NA 105 35.44 -118.73 -1.94
N PRO NA 106 36.23 -118.03 -1.13
CA PRO NA 106 35.74 -116.79 -0.52
C PRO NA 106 35.55 -115.72 -1.58
N PRO NA 107 34.46 -114.96 -1.50
CA PRO NA 107 34.17 -113.98 -2.54
C PRO NA 107 35.06 -112.74 -2.44
N LEU NA 108 35.11 -112.00 -3.54
CA LEU NA 108 35.86 -110.77 -3.61
C LEU NA 108 35.01 -109.61 -3.13
N VAL NA 109 35.66 -108.59 -2.56
CA VAL NA 109 34.95 -107.40 -2.12
C VAL NA 109 34.47 -106.61 -3.32
N HIS NA 110 35.26 -106.60 -4.41
CA HIS NA 110 34.85 -105.93 -5.64
C HIS NA 110 33.68 -106.65 -6.30
N THR NA 111 33.55 -107.95 -6.08
CA THR NA 111 32.39 -108.68 -6.59
C THR NA 111 31.12 -108.25 -5.88
N ALA NA 112 31.20 -108.05 -4.56
CA ALA NA 112 30.02 -107.63 -3.80
C ALA NA 112 29.61 -106.20 -4.14
N ALA NA 113 30.58 -105.31 -4.40
CA ALA NA 113 30.25 -103.94 -4.74
C ALA NA 113 29.66 -103.84 -6.14
N SER NA 114 29.94 -104.81 -7.00
CA SER NA 114 29.33 -104.83 -8.33
C SER NA 114 27.85 -105.17 -8.26
N LEU NA 115 27.45 -105.99 -7.29
CA LEU NA 115 26.05 -106.41 -7.20
C LEU NA 115 25.14 -105.29 -6.71
N PHE NA 116 25.65 -104.40 -5.86
CA PHE NA 116 24.88 -103.23 -5.48
C PHE NA 116 24.74 -102.26 -6.63
N LYS NA 117 25.74 -102.21 -7.52
CA LYS NA 117 25.67 -101.32 -8.66
C LYS NA 117 24.63 -101.79 -9.66
N GLU NA 118 24.51 -103.10 -9.84
CA GLU NA 118 23.57 -103.64 -10.81
C GLU NA 118 22.11 -103.49 -10.39
N MET NA 119 21.85 -103.22 -9.12
CA MET NA 119 20.50 -102.98 -8.66
C MET NA 119 20.17 -101.51 -8.48
N CYS NA 120 21.13 -100.71 -8.01
CA CYS NA 120 20.87 -99.29 -7.78
C CYS NA 120 20.80 -98.52 -9.10
N TYR NA 121 21.64 -98.88 -10.07
CA TYR NA 121 21.59 -98.21 -11.36
C TYR NA 121 20.36 -98.66 -12.16
N ARG NA 122 20.00 -99.94 -12.04
CA ARG NA 122 18.83 -100.43 -12.76
C ARG NA 122 17.54 -99.88 -12.17
N TYR NA 123 17.37 -100.04 -10.87
CA TYR NA 123 16.17 -99.51 -10.20
C TYR NA 123 16.44 -98.12 -9.62
N ARG NA 124 16.97 -97.22 -10.44
CA ARG NA 124 16.99 -95.83 -10.06
C ARG NA 124 15.63 -95.20 -10.39
N GLU NA 125 15.41 -94.00 -9.88
CA GLU NA 125 14.12 -93.29 -9.75
C GLU NA 125 13.11 -94.06 -8.92
N ASP NA 126 13.56 -95.07 -8.16
CA ASP NA 126 12.72 -95.87 -7.28
C ASP NA 126 13.32 -96.09 -5.91
N LEU NA 127 14.63 -95.93 -5.76
CA LEU NA 127 15.32 -96.21 -4.51
C LEU NA 127 16.19 -95.00 -4.13
N MET NA 128 16.43 -94.86 -2.84
CA MET NA 128 17.34 -93.84 -2.29
C MET NA 128 18.29 -94.57 -1.36
N ALA NA 129 19.44 -95.00 -1.88
CA ALA NA 129 20.38 -95.82 -1.14
C ALA NA 129 21.75 -95.17 -1.11
N GLY NA 130 22.39 -95.23 0.06
CA GLY NA 130 23.70 -94.65 0.27
C GLY NA 130 24.76 -95.67 0.65
N ILE NA 131 24.80 -96.79 -0.06
CA ILE NA 131 25.57 -97.96 0.38
C ILE NA 131 27.06 -97.70 0.24
N ILE NA 132 27.81 -98.00 1.31
CA ILE NA 132 29.26 -98.06 1.28
C ILE NA 132 29.69 -99.46 1.65
N ILE NA 133 30.47 -100.10 0.79
CA ILE NA 133 30.87 -101.49 0.95
C ILE NA 133 32.34 -101.50 1.35
N ALA NA 134 32.66 -102.23 2.42
CA ALA NA 134 34.03 -102.36 2.86
C ALA NA 134 34.25 -103.77 3.41
N GLY NA 135 35.50 -104.21 3.37
CA GLY NA 135 35.83 -105.52 3.91
C GLY NA 135 37.18 -105.99 3.44
N TRP NA 136 37.67 -107.02 4.12
CA TRP NA 136 38.95 -107.64 3.79
C TRP NA 136 38.76 -108.73 2.75
N ASP NA 137 39.77 -108.90 1.90
CA ASP NA 137 39.79 -109.92 0.88
C ASP NA 137 41.17 -110.55 0.86
N PRO NA 138 41.26 -111.88 0.65
CA PRO NA 138 42.59 -112.53 0.62
C PRO NA 138 43.43 -112.14 -0.57
N GLN NA 139 42.82 -111.81 -1.70
CA GLN NA 139 43.59 -111.47 -2.89
C GLN NA 139 44.15 -110.05 -2.80
N GLU NA 140 43.39 -109.12 -2.22
CA GLU NA 140 43.75 -107.72 -2.30
C GLU NA 140 43.87 -107.01 -0.95
N GLY NA 141 43.43 -107.60 0.15
CA GLY NA 141 43.49 -106.91 1.42
C GLY NA 141 42.24 -106.08 1.67
N GLY NA 142 42.42 -104.98 2.40
CA GLY NA 142 41.30 -104.11 2.70
C GLY NA 142 40.90 -103.26 1.50
N GLN NA 143 39.59 -103.13 1.31
CA GLN NA 143 39.02 -102.34 0.23
C GLN NA 143 37.82 -101.57 0.74
N VAL NA 144 37.61 -100.38 0.19
CA VAL NA 144 36.46 -99.54 0.51
C VAL NA 144 35.87 -99.05 -0.81
N TYR NA 145 34.58 -99.31 -1.02
CA TYR NA 145 33.86 -98.85 -2.20
C TYR NA 145 32.71 -97.95 -1.78
N SER NA 146 32.32 -97.05 -2.69
CA SER NA 146 31.28 -96.08 -2.43
C SER NA 146 30.25 -96.13 -3.55
N VAL NA 147 29.01 -96.40 -3.19
CA VAL NA 147 27.90 -96.39 -4.13
C VAL NA 147 26.87 -95.37 -3.65
N PRO NA 148 26.89 -94.16 -4.22
CA PRO NA 148 25.93 -93.12 -3.79
C PRO NA 148 24.54 -93.32 -4.37
N MET NA 149 23.68 -92.31 -4.19
CA MET NA 149 22.29 -92.38 -4.66
C MET NA 149 22.16 -92.50 -6.18
N GLY NA 150 23.18 -92.11 -6.93
CA GLY NA 150 23.13 -92.22 -8.38
C GLY NA 150 23.21 -93.65 -8.87
N GLY NA 151 24.29 -94.34 -8.53
CA GLY NA 151 24.48 -95.71 -8.96
C GLY NA 151 25.88 -96.01 -9.43
N MET NA 152 26.77 -95.03 -9.31
CA MET NA 152 28.16 -95.23 -9.70
C MET NA 152 28.92 -95.99 -8.61
N MET NA 153 30.10 -96.49 -8.98
CA MET NA 153 30.94 -97.27 -8.08
C MET NA 153 32.38 -96.79 -8.22
N VAL NA 154 33.04 -96.56 -7.09
CA VAL NA 154 34.41 -96.07 -7.09
C VAL NA 154 35.11 -96.56 -5.82
N ARG NA 155 36.39 -96.90 -5.96
CA ARG NA 155 37.22 -97.29 -4.83
C ARG NA 155 37.87 -96.05 -4.22
N GLN NA 156 37.90 -95.98 -2.89
CA GLN NA 156 38.48 -94.85 -2.20
C GLN NA 156 39.35 -95.34 -1.06
N SER NA 157 40.19 -94.44 -0.55
CA SER NA 157 40.96 -94.74 0.65
C SER NA 157 40.09 -94.64 1.90
N PHE NA 158 39.37 -93.53 2.05
CA PHE NA 158 38.37 -93.38 3.09
C PHE NA 158 37.08 -92.89 2.45
N ALA NA 159 35.97 -93.10 3.14
CA ALA NA 159 34.67 -92.77 2.58
C ALA NA 159 33.72 -92.32 3.68
N ILE NA 160 32.94 -91.27 3.39
CA ILE NA 160 31.92 -90.77 4.28
C ILE NA 160 30.58 -90.89 3.56
N GLY NA 161 29.51 -90.66 4.31
CA GLY NA 161 28.18 -90.75 3.72
C GLY NA 161 27.12 -90.44 4.76
N GLY NA 162 25.93 -90.17 4.25
CA GLY NA 162 24.79 -89.83 5.10
C GLY NA 162 24.51 -88.34 5.09
N SER NA 163 23.50 -87.97 5.86
CA SER NA 163 23.07 -86.58 5.90
C SER NA 163 24.06 -85.72 6.68
N GLY NA 164 24.60 -86.24 7.78
CA GLY NA 164 25.54 -85.50 8.58
C GLY NA 164 26.98 -85.54 8.10
N SER NA 165 27.24 -86.15 6.95
CA SER NA 165 28.60 -86.25 6.44
C SER NA 165 29.12 -84.95 5.84
N SER NA 166 28.24 -83.99 5.56
CA SER NA 166 28.67 -82.73 4.97
C SER NA 166 29.43 -81.85 5.95
N TYR NA 167 29.29 -82.10 7.25
CA TYR NA 167 29.85 -81.22 8.26
C TYR NA 167 31.28 -81.57 8.63
N ILE NA 168 31.74 -82.77 8.29
CA ILE NA 168 33.07 -83.24 8.65
C ILE NA 168 33.96 -83.40 7.43
N TYR NA 169 33.52 -82.91 6.26
CA TYR NA 169 34.32 -83.03 5.05
C TYR NA 169 35.59 -82.21 5.11
N GLY NA 170 35.59 -81.11 5.85
CA GLY NA 170 36.80 -80.31 6.00
C GLY NA 170 37.70 -80.86 7.07
N TYR NA 171 37.13 -81.60 8.02
CA TYR NA 171 37.96 -82.18 9.07
C TYR NA 171 38.62 -83.47 8.61
N VAL NA 172 37.95 -84.25 7.77
CA VAL NA 172 38.41 -85.59 7.47
C VAL NA 172 39.61 -85.59 6.53
N ASP NA 173 39.81 -84.55 5.74
CA ASP NA 173 40.94 -84.49 4.82
C ASP NA 173 42.11 -83.69 5.36
N ALA NA 174 41.90 -82.87 6.38
CA ALA NA 174 43.01 -82.22 7.06
C ALA NA 174 43.61 -83.09 8.14
N THR NA 175 42.92 -84.16 8.54
CA THR NA 175 43.39 -85.06 9.59
C THR NA 175 43.93 -86.36 9.06
N TYR NA 176 43.47 -86.80 7.88
CA TYR NA 176 43.88 -88.07 7.31
C TYR NA 176 45.36 -88.07 6.93
N ARG NA 177 46.01 -89.21 7.12
CA ARG NA 177 47.43 -89.35 6.87
C ARG NA 177 47.69 -90.75 6.35
N GLU NA 178 48.49 -90.87 5.30
CA GLU NA 178 48.74 -92.16 4.69
C GLU NA 178 49.67 -93.00 5.56
N GLY NA 179 49.29 -94.26 5.79
CA GLY NA 179 50.10 -95.17 6.56
C GLY NA 179 49.73 -95.20 8.04
N MET NA 180 48.45 -95.39 8.33
CA MET NA 180 48.00 -95.50 9.70
C MET NA 180 48.01 -96.96 10.15
N THR NA 181 48.00 -97.15 11.46
CA THR NA 181 47.83 -98.46 12.05
C THR NA 181 46.34 -98.69 12.30
N LYS NA 182 46.02 -99.83 12.93
CA LYS NA 182 44.63 -100.12 13.23
C LYS NA 182 44.12 -99.24 14.37
N GLU NA 183 44.92 -99.09 15.43
CA GLU NA 183 44.50 -98.32 16.60
C GLU NA 183 44.40 -96.83 16.30
N GLU NA 184 45.12 -96.34 15.29
CA GLU NA 184 44.95 -94.94 14.89
C GLU NA 184 43.63 -94.74 14.16
N CYS NA 185 43.21 -95.73 13.37
CA CYS NA 185 41.98 -95.60 12.60
C CYS NA 185 40.75 -95.69 13.49
N LEU NA 186 40.81 -96.51 14.54
CA LEU NA 186 39.73 -96.52 15.52
C LEU NA 186 39.67 -95.21 16.29
N GLN NA 187 40.83 -94.59 16.53
CA GLN NA 187 40.85 -93.26 17.11
C GLN NA 187 40.40 -92.22 16.09
N PHE NA 188 40.68 -92.46 14.81
CA PHE NA 188 40.35 -91.49 13.77
C PHE NA 188 38.84 -91.40 13.55
N THR NA 189 38.17 -92.54 13.39
CA THR NA 189 36.75 -92.53 13.11
C THR NA 189 35.91 -92.21 14.34
N ALA NA 190 36.46 -92.40 15.54
CA ALA NA 190 35.71 -92.05 16.74
C ALA NA 190 35.59 -90.54 16.89
N ASN NA 191 36.68 -89.81 16.63
CA ASN NA 191 36.61 -88.35 16.66
C ASN NA 191 35.88 -87.81 15.44
N ALA NA 192 35.95 -88.53 14.32
CA ALA NA 192 35.31 -88.02 13.10
C ALA NA 192 33.80 -88.14 13.18
N LEU NA 193 33.29 -89.24 13.75
CA LEU NA 193 31.84 -89.39 13.87
C LEU NA 193 31.27 -88.45 14.91
N ALA NA 194 32.00 -88.26 16.03
CA ALA NA 194 31.49 -87.46 17.15
C ALA NA 194 31.33 -85.99 16.81
N LEU NA 195 32.03 -85.50 15.77
CA LEU NA 195 31.81 -84.13 15.33
C LEU NA 195 30.56 -84.00 14.47
N ALA NA 196 30.26 -85.02 13.66
CA ALA NA 196 28.97 -85.05 12.97
C ALA NA 196 27.85 -85.39 13.94
N MET NA 197 28.14 -86.25 14.91
CA MET NA 197 27.23 -86.58 16.00
C MET NA 197 27.27 -85.57 17.13
N GLU NA 198 27.79 -84.36 16.88
CA GLU NA 198 27.84 -83.34 17.94
C GLU NA 198 26.45 -82.93 18.37
N ARG NA 199 25.66 -82.37 17.45
CA ARG NA 199 24.26 -82.15 17.76
C ARG NA 199 23.29 -82.47 16.63
N ASP NA 200 23.74 -82.48 15.36
CA ASP NA 200 22.94 -82.50 14.13
C ASP NA 200 21.81 -83.52 14.14
N GLY NA 201 20.59 -83.03 13.83
CA GLY NA 201 19.34 -83.67 14.23
C GLY NA 201 19.11 -85.06 13.68
N SER NA 202 19.75 -85.41 12.57
CA SER NA 202 19.66 -86.75 12.04
C SER NA 202 20.78 -87.65 12.55
N SER NA 203 21.57 -87.20 13.51
CA SER NA 203 22.75 -87.94 13.93
C SER NA 203 22.91 -87.82 15.44
N GLY NA 204 23.76 -88.69 15.99
CA GLY NA 204 24.03 -88.77 17.41
C GLY NA 204 23.72 -90.17 17.90
N GLY NA 205 23.37 -90.27 19.18
CA GLY NA 205 22.99 -91.54 19.74
C GLY NA 205 24.15 -92.30 20.35
N VAL NA 206 24.66 -93.29 19.62
CA VAL NA 206 25.74 -94.14 20.11
C VAL NA 206 26.61 -94.52 18.92
N ILE NA 207 27.88 -94.81 19.19
CA ILE NA 207 28.86 -95.15 18.16
C ILE NA 207 29.02 -96.66 18.10
N ARG NA 208 28.80 -97.23 16.91
CA ARG NA 208 29.06 -98.64 16.66
C ARG NA 208 30.24 -98.76 15.70
N LEU NA 209 31.30 -99.41 16.15
CA LEU NA 209 32.52 -99.56 15.37
C LEU NA 209 32.72 -101.03 15.01
N ALA NA 210 33.49 -101.24 13.95
CA ALA NA 210 33.80 -102.59 13.49
C ALA NA 210 35.13 -102.58 12.76
N ALA NA 211 35.98 -103.55 13.06
CA ALA NA 211 37.28 -103.70 12.42
C ALA NA 211 37.36 -105.07 11.78
N ILE NA 212 37.64 -105.10 10.48
CA ILE NA 212 37.70 -106.34 9.71
C ILE NA 212 39.14 -106.55 9.27
N ALA NA 213 39.69 -107.71 9.58
CA ALA NA 213 41.05 -108.04 9.18
C ALA NA 213 41.06 -109.51 8.77
N GLU NA 214 42.28 -110.04 8.60
CA GLU NA 214 42.44 -111.44 8.23
C GLU NA 214 42.07 -112.37 9.39
N SER NA 215 42.31 -111.92 10.63
CA SER NA 215 42.06 -112.78 11.79
C SER NA 215 40.56 -112.93 12.05
N GLY NA 216 39.88 -111.83 12.31
CA GLY NA 216 38.48 -111.89 12.62
C GLY NA 216 37.82 -110.54 12.46
N VAL NA 217 36.63 -110.42 13.05
CA VAL NA 217 35.86 -109.19 13.03
C VAL NA 217 35.62 -108.76 14.47
N GLU NA 218 36.15 -107.61 14.84
CA GLU NA 218 35.97 -107.05 16.17
C GLU NA 218 34.95 -105.93 16.12
N ARG NA 219 33.81 -106.12 16.78
CA ARG NA 219 32.77 -105.12 16.83
C ARG NA 219 32.62 -104.63 18.27
N GLN NA 220 32.46 -103.32 18.44
CA GLN NA 220 32.34 -102.73 19.76
C GLN NA 220 31.42 -101.52 19.70
N VAL NA 221 30.86 -101.19 20.86
CA VAL NA 221 29.92 -100.08 21.01
C VAL NA 221 30.55 -99.08 21.95
N LEU NA 222 30.62 -97.82 21.53
CA LEU NA 222 31.32 -96.78 22.25
C LEU NA 222 30.32 -95.76 22.79
N LEU NA 223 30.46 -95.43 24.07
CA LEU NA 223 29.64 -94.40 24.70
C LEU NA 223 30.42 -93.83 25.87
N GLY NA 224 30.37 -92.50 26.04
CA GLY NA 224 31.11 -91.83 27.09
C GLY NA 224 32.60 -91.79 26.84
N THR OA 43 -5.94 -94.73 18.60
CA THR OA 43 -5.23 -95.99 18.47
C THR OA 43 -3.90 -95.94 19.18
N THR OA 44 -3.71 -96.82 20.16
CA THR OA 44 -2.47 -96.89 20.93
C THR OA 44 -2.16 -98.35 21.22
N ILE OA 45 -1.10 -98.87 20.61
CA ILE OA 45 -0.65 -100.22 20.86
C ILE OA 45 0.80 -100.18 21.35
N ALA OA 46 1.17 -101.18 22.13
CA ALA OA 46 2.49 -101.21 22.74
C ALA OA 46 2.87 -102.65 23.06
N GLY OA 47 4.17 -102.88 23.22
CA GLY OA 47 4.68 -104.18 23.57
C GLY OA 47 5.95 -104.04 24.38
N VAL OA 48 6.30 -105.13 25.07
CA VAL OA 48 7.46 -105.14 25.96
C VAL OA 48 7.95 -106.58 26.06
N VAL OA 49 9.20 -106.75 26.45
CA VAL OA 49 9.80 -108.06 26.66
C VAL OA 49 10.31 -108.11 28.09
N TYR OA 50 9.69 -108.95 28.91
CA TYR OA 50 10.16 -109.15 30.28
C TYR OA 50 11.07 -110.38 30.32
N LYS OA 51 11.39 -110.82 31.54
CA LYS OA 51 12.42 -111.84 31.74
C LYS OA 51 12.04 -113.22 31.20
N ASP OA 52 10.76 -113.47 30.95
CA ASP OA 52 10.33 -114.76 30.44
C ASP OA 52 9.53 -114.70 29.15
N GLY OA 53 8.90 -113.58 28.83
CA GLY OA 53 8.09 -113.51 27.63
C GLY OA 53 7.77 -112.10 27.18
N ILE OA 54 6.61 -111.95 26.55
CA ILE OA 54 6.20 -110.72 25.89
C ILE OA 54 4.78 -110.40 26.31
N VAL OA 55 4.55 -109.15 26.71
CA VAL OA 55 3.22 -108.63 27.01
C VAL OA 55 2.85 -107.61 25.95
N LEU OA 56 1.69 -107.79 25.34
CA LEU OA 56 1.15 -106.86 24.36
C LEU OA 56 -0.05 -106.12 24.92
N GLY OA 57 -0.30 -104.93 24.40
CA GLY OA 57 -1.42 -104.12 24.85
C GLY OA 57 -1.98 -103.31 23.71
N ALA OA 58 -3.28 -103.01 23.79
CA ALA OA 58 -3.98 -102.28 22.76
C ALA OA 58 -5.19 -101.59 23.38
N ASP OA 59 -6.05 -101.01 22.52
CA ASP OA 59 -7.27 -100.37 22.98
C ASP OA 59 -8.47 -100.79 22.13
N THR OA 60 -9.64 -100.21 22.38
CA THR OA 60 -10.90 -100.69 21.82
C THR OA 60 -11.72 -99.56 21.22
N ARG OA 61 -11.12 -98.75 20.36
CA ARG OA 61 -11.87 -97.74 19.64
C ARG OA 61 -11.43 -97.67 18.18
N ALA OA 62 -12.39 -97.68 17.27
CA ALA OA 62 -12.18 -97.35 15.88
C ALA OA 62 -13.11 -96.20 15.52
N THR OA 63 -12.55 -95.15 14.93
CA THR OA 63 -13.31 -93.95 14.60
C THR OA 63 -13.38 -93.76 13.10
N GLU OA 64 -14.44 -93.08 12.66
CA GLU OA 64 -14.60 -92.65 11.28
C GLU OA 64 -14.73 -91.14 11.27
N GLY OA 65 -13.74 -90.46 10.71
CA GLY OA 65 -13.70 -89.02 10.82
C GLY OA 65 -13.34 -88.64 12.25
N MET OA 66 -14.20 -87.85 12.89
CA MET OA 66 -14.05 -87.52 14.30
C MET OA 66 -15.24 -88.03 15.10
N VAL OA 67 -15.85 -89.11 14.63
CA VAL OA 67 -17.00 -89.73 15.29
C VAL OA 67 -16.61 -91.14 15.68
N VAL OA 68 -16.89 -91.51 16.93
CA VAL OA 68 -16.55 -92.84 17.44
C VAL OA 68 -17.48 -93.85 16.77
N ALA OA 69 -16.91 -94.71 15.93
CA ALA OA 69 -17.71 -95.71 15.25
C ALA OA 69 -17.91 -96.95 16.12
N ASP OA 70 -16.86 -97.41 16.79
CA ASP OA 70 -16.90 -98.63 17.57
C ASP OA 70 -16.39 -98.36 18.98
N LYS OA 71 -17.12 -98.88 19.97
CA LYS OA 71 -16.71 -98.78 21.36
C LYS OA 71 -15.97 -100.01 21.84
N ASN OA 72 -15.93 -101.08 21.04
CA ASN OA 72 -15.24 -102.31 21.42
C ASN OA 72 -14.76 -102.98 20.14
N CYS OA 73 -13.49 -102.76 19.81
CA CYS OA 73 -12.87 -103.37 18.65
C CYS OA 73 -11.64 -104.14 19.09
N SER OA 74 -11.42 -105.30 18.46
CA SER OA 74 -10.28 -106.14 18.78
C SER OA 74 -9.12 -105.77 17.87
N LYS OA 75 -7.99 -105.41 18.47
CA LYS OA 75 -6.80 -105.01 17.72
C LYS OA 75 -5.66 -105.98 17.87
N ILE OA 76 -5.81 -107.02 18.69
CA ILE OA 76 -4.80 -108.06 18.85
C ILE OA 76 -5.25 -109.26 18.03
N HIS OA 77 -4.43 -109.67 17.07
CA HIS OA 77 -4.81 -110.68 16.10
C HIS OA 77 -4.02 -111.95 16.30
N PHE OA 78 -4.67 -113.08 16.03
CA PHE OA 78 -4.02 -114.38 16.12
C PHE OA 78 -3.12 -114.62 14.91
N ILE OA 79 -1.95 -115.18 15.15
CA ILE OA 79 -1.04 -115.61 14.10
C ILE OA 79 -0.73 -117.10 14.20
N SER OA 80 -0.18 -117.52 15.33
CA SER OA 80 0.14 -118.90 15.61
C SER OA 80 -0.09 -119.12 17.10
N PRO OA 81 -0.09 -120.36 17.58
CA PRO OA 81 -0.19 -120.58 19.03
C PRO OA 81 0.97 -120.06 19.88
N ASN OA 82 1.99 -119.43 19.29
CA ASN OA 82 2.98 -118.69 20.06
C ASN OA 82 3.16 -117.24 19.64
N ILE OA 83 2.56 -116.81 18.53
CA ILE OA 83 2.81 -115.48 17.97
C ILE OA 83 1.48 -114.74 17.86
N TYR OA 84 1.45 -113.50 18.32
CA TYR OA 84 0.33 -112.59 18.12
C TYR OA 84 0.84 -111.29 17.52
N CYS OA 85 -0.10 -110.48 17.04
CA CYS OA 85 0.25 -109.26 16.32
C CYS OA 85 -0.80 -108.19 16.55
N CYS OA 86 -0.35 -106.99 16.92
CA CYS OA 86 -1.25 -105.86 17.09
C CYS OA 86 -1.28 -105.03 15.81
N GLY OA 87 -2.45 -104.52 15.49
CA GLY OA 87 -2.67 -103.81 14.23
C GLY OA 87 -2.91 -102.33 14.44
N ALA OA 88 -2.38 -101.52 13.53
CA ALA OA 88 -2.57 -100.08 13.58
C ALA OA 88 -2.54 -99.53 12.16
N GLY OA 89 -3.28 -98.44 11.94
CA GLY OA 89 -3.37 -97.86 10.62
C GLY OA 89 -4.74 -98.05 10.00
N THR OA 90 -4.77 -98.34 8.70
CA THR OA 90 -6.03 -98.65 8.05
C THR OA 90 -6.54 -100.00 8.53
N ALA OA 91 -7.79 -100.04 8.99
CA ALA OA 91 -8.31 -101.21 9.69
C ALA OA 91 -8.49 -102.40 8.76
N ALA OA 92 -9.04 -102.17 7.57
CA ALA OA 92 -9.23 -103.26 6.62
C ALA OA 92 -7.92 -103.72 5.99
N ASP OA 93 -6.92 -102.84 5.93
CA ASP OA 93 -5.61 -103.27 5.44
C ASP OA 93 -4.89 -104.17 6.44
N THR OA 94 -5.03 -103.88 7.73
CA THR OA 94 -4.38 -104.72 8.73
C THR OA 94 -5.09 -106.05 8.89
N ASP OA 95 -6.41 -106.08 8.69
CA ASP OA 95 -7.17 -107.31 8.89
C ASP OA 95 -6.88 -108.31 7.77
N MET OA 96 -6.91 -107.86 6.53
CA MET OA 96 -6.68 -108.78 5.41
C MET OA 96 -5.22 -109.18 5.27
N THR OA 97 -4.30 -108.43 5.85
CA THR OA 97 -2.89 -108.82 5.82
C THR OA 97 -2.59 -109.85 6.90
N THR OA 98 -3.12 -109.65 8.11
CA THR OA 98 -2.82 -110.55 9.21
C THR OA 98 -3.50 -111.90 9.08
N GLN OA 99 -4.49 -112.04 8.19
CA GLN OA 99 -5.11 -113.34 7.96
C GLN OA 99 -4.40 -114.13 6.88
N LEU OA 100 -3.78 -113.45 5.91
CA LEU OA 100 -3.06 -114.15 4.86
C LEU OA 100 -1.79 -114.80 5.39
N ILE OA 101 -1.01 -114.06 6.17
CA ILE OA 101 0.26 -114.56 6.66
C ILE OA 101 0.04 -115.64 7.72
N SER OA 102 -1.02 -115.49 8.52
CA SER OA 102 -1.40 -116.54 9.46
C SER OA 102 -1.88 -117.80 8.75
N SER OA 103 -2.41 -117.67 7.53
CA SER OA 103 -2.75 -118.84 6.75
C SER OA 103 -1.51 -119.50 6.16
N ASN OA 104 -0.48 -118.72 5.82
CA ASN OA 104 0.73 -119.30 5.27
C ASN OA 104 1.57 -120.01 6.33
N LEU OA 105 1.59 -119.50 7.56
CA LEU OA 105 2.33 -120.16 8.61
C LEU OA 105 1.66 -121.45 9.07
N GLU OA 106 0.33 -121.48 9.02
CA GLU OA 106 -0.38 -122.74 9.27
C GLU OA 106 -0.10 -123.74 8.15
N LEU OA 107 0.03 -123.25 6.92
CA LEU OA 107 0.49 -124.08 5.81
C LEU OA 107 1.94 -124.50 6.00
N HIS OA 108 2.77 -123.61 6.54
CA HIS OA 108 4.20 -123.90 6.65
C HIS OA 108 4.49 -124.89 7.78
N SER OA 109 3.95 -124.64 8.97
CA SER OA 109 4.31 -125.44 10.13
C SER OA 109 3.70 -126.84 10.09
N LEU OA 110 2.51 -126.97 9.51
CA LEU OA 110 1.90 -128.29 9.38
C LEU OA 110 2.62 -129.12 8.33
N SER OA 111 3.18 -128.48 7.31
CA SER OA 111 4.03 -129.19 6.37
C SER OA 111 5.38 -129.51 7.00
N THR OA 112 5.90 -128.61 7.83
CA THR OA 112 7.19 -128.83 8.47
C THR OA 112 7.08 -129.84 9.60
N GLY OA 113 6.09 -129.67 10.46
CA GLY OA 113 5.89 -130.56 11.58
C GLY OA 113 6.45 -130.07 12.90
N ARG OA 114 6.69 -128.77 13.03
CA ARG OA 114 7.23 -128.21 14.27
C ARG OA 114 6.71 -126.79 14.44
N LEU OA 115 7.13 -126.16 15.52
CA LEU OA 115 6.66 -124.85 15.94
C LEU OA 115 7.24 -123.77 15.02
N PRO OA 116 6.46 -122.76 14.66
CA PRO OA 116 6.98 -121.70 13.79
C PRO OA 116 7.97 -120.80 14.50
N ARG OA 117 8.61 -119.94 13.70
CA ARG OA 117 9.56 -118.95 14.20
C ARG OA 117 9.04 -117.55 13.94
N VAL OA 118 9.38 -116.64 14.85
CA VAL OA 118 8.95 -115.24 14.71
C VAL OA 118 9.69 -114.58 13.55
N VAL OA 119 10.93 -114.99 13.29
CA VAL OA 119 11.69 -114.45 12.18
C VAL OA 119 11.12 -114.86 10.82
N THR OA 120 10.33 -115.93 10.78
CA THR OA 120 9.66 -116.30 9.54
C THR OA 120 8.50 -115.36 9.24
N ALA OA 121 7.72 -115.04 10.28
CA ALA OA 121 6.63 -114.07 10.10
C ALA OA 121 7.16 -112.66 9.88
N ASN OA 122 8.37 -112.37 10.37
CA ASN OA 122 8.99 -111.09 10.07
C ASN OA 122 9.36 -110.99 8.59
N ARG OA 123 9.87 -112.08 8.02
CA ARG OA 123 10.32 -112.03 6.65
C ARG OA 123 9.16 -112.01 5.66
N MET OA 124 8.04 -112.65 6.01
CA MET OA 124 6.88 -112.65 5.11
C MET OA 124 6.22 -111.28 5.04
N LEU OA 125 6.17 -110.57 6.16
CA LEU OA 125 5.46 -109.29 6.19
C LEU OA 125 6.23 -108.19 5.47
N LYS OA 126 7.54 -108.08 5.75
CA LYS OA 126 8.31 -107.00 5.16
C LYS OA 126 8.58 -107.22 3.68
N GLN OA 127 8.50 -108.46 3.21
CA GLN OA 127 8.65 -108.73 1.78
C GLN OA 127 7.36 -108.52 1.02
N MET OA 128 6.21 -108.72 1.67
CA MET OA 128 4.93 -108.43 1.03
C MET OA 128 4.68 -106.93 0.94
N LEU OA 129 4.88 -106.21 2.06
CA LEU OA 129 4.57 -104.79 2.11
C LEU OA 129 5.52 -103.95 1.26
N PHE OA 130 6.74 -104.45 0.99
CA PHE OA 130 7.64 -103.73 0.11
C PHE OA 130 7.17 -103.79 -1.34
N ARG OA 131 6.44 -104.85 -1.70
CA ARG OA 131 6.00 -105.03 -3.08
C ARG OA 131 4.87 -104.06 -3.43
N TYR OA 132 4.06 -103.68 -2.45
CA TYR OA 132 2.97 -102.75 -2.69
C TYR OA 132 3.39 -101.29 -2.57
N GLN OA 133 4.67 -101.02 -2.31
CA GLN OA 133 5.28 -99.69 -2.31
C GLN OA 133 4.62 -98.76 -1.29
N GLY OA 134 4.18 -99.31 -0.17
CA GLY OA 134 3.56 -98.51 0.86
C GLY OA 134 2.13 -98.10 0.59
N TYR OA 135 1.48 -98.69 -0.42
CA TYR OA 135 0.08 -98.38 -0.67
C TYR OA 135 -0.82 -98.96 0.39
N ILE OA 136 -0.53 -100.18 0.84
CA ILE OA 136 -1.27 -100.79 1.93
C ILE OA 136 -0.77 -100.17 3.23
N GLY OA 137 -1.65 -99.46 3.93
CA GLY OA 137 -1.27 -98.82 5.17
C GLY OA 137 -1.45 -99.72 6.36
N ALA OA 138 -0.36 -100.35 6.80
CA ALA OA 138 -0.38 -101.28 7.91
C ALA OA 138 0.79 -101.01 8.82
N ALA OA 139 0.51 -100.82 10.11
CA ALA OA 139 1.53 -100.63 11.13
C ALA OA 139 1.36 -101.73 12.17
N LEU OA 140 2.34 -102.61 12.25
CA LEU OA 140 2.18 -103.83 13.03
C LEU OA 140 3.25 -103.93 14.11
N VAL OA 141 2.86 -104.55 15.22
CA VAL OA 141 3.77 -104.92 16.29
C VAL OA 141 3.74 -106.44 16.38
N LEU OA 142 4.86 -107.08 16.09
CA LEU OA 142 4.95 -108.52 16.02
C LEU OA 142 5.70 -109.04 17.24
N GLY OA 143 5.12 -110.03 17.92
CA GLY OA 143 5.75 -110.59 19.09
C GLY OA 143 5.43 -112.06 19.31
N GLY OA 144 6.41 -112.82 19.75
CA GLY OA 144 6.20 -114.24 20.02
C GLY OA 144 7.42 -114.84 20.67
N VAL OA 145 7.26 -116.09 21.12
CA VAL OA 145 8.32 -116.83 21.80
C VAL OA 145 8.65 -118.06 20.98
N ASP OA 146 9.92 -118.15 20.56
CA ASP OA 146 10.41 -119.27 19.78
C ASP OA 146 11.23 -120.20 20.67
N VAL OA 147 11.90 -121.17 20.02
CA VAL OA 147 12.92 -121.95 20.69
C VAL OA 147 14.08 -121.05 21.13
N THR OA 148 14.43 -120.08 20.31
CA THR OA 148 15.49 -119.13 20.62
C THR OA 148 15.09 -118.09 21.65
N GLY OA 149 13.82 -118.01 22.02
CA GLY OA 149 13.36 -117.08 23.03
C GLY OA 149 12.36 -116.09 22.50
N PRO OA 150 12.02 -115.08 23.31
CA PRO OA 150 11.06 -114.07 22.85
C PRO OA 150 11.68 -113.10 21.86
N HIS OA 151 10.86 -112.60 20.95
CA HIS OA 151 11.29 -111.67 19.93
C HIS OA 151 10.18 -110.67 19.64
N LEU OA 152 10.53 -109.39 19.64
CA LEU OA 152 9.57 -108.31 19.43
C LEU OA 152 10.02 -107.47 18.24
N TYR OA 153 9.10 -107.17 17.35
CA TYR OA 153 9.40 -106.39 16.16
C TYR OA 153 8.38 -105.27 15.98
N SER OA 154 8.76 -104.30 15.15
CA SER OA 154 7.89 -103.20 14.77
C SER OA 154 7.98 -103.03 13.27
N ILE OA 155 6.83 -103.04 12.59
CA ILE OA 155 6.78 -103.02 11.13
C ILE OA 155 6.00 -101.81 10.69
N TYR OA 156 6.59 -101.03 9.79
CA TYR OA 156 6.16 -99.82 9.10
C TYR OA 156 5.63 -100.17 7.72
N PRO OA 157 4.66 -99.42 7.18
CA PRO OA 157 3.97 -99.86 5.96
C PRO OA 157 4.80 -99.80 4.68
N HIS OA 158 6.03 -99.29 4.70
CA HIS OA 158 6.90 -99.37 3.55
C HIS OA 158 7.79 -100.61 3.56
N GLY OA 159 7.92 -101.28 4.69
CA GLY OA 159 8.68 -102.50 4.79
C GLY OA 159 9.93 -102.44 5.66
N SER OA 160 10.05 -101.47 6.55
CA SER OA 160 11.20 -101.35 7.44
C SER OA 160 10.86 -101.96 8.78
N THR OA 161 11.73 -102.85 9.26
CA THR OA 161 11.50 -103.58 10.49
C THR OA 161 12.62 -103.30 11.48
N ASP OA 162 12.26 -103.30 12.77
CA ASP OA 162 13.19 -103.02 13.86
C ASP OA 162 12.96 -104.00 14.99
N LYS OA 163 14.02 -104.69 15.40
CA LYS OA 163 13.98 -105.50 16.61
C LYS OA 163 14.29 -104.62 17.81
N LEU OA 164 13.34 -104.52 18.74
CA LEU OA 164 13.47 -103.65 19.90
C LEU OA 164 12.90 -104.34 21.12
N PRO OA 165 13.38 -103.99 22.32
CA PRO OA 165 12.78 -104.55 23.54
C PRO OA 165 11.42 -103.95 23.89
N TYR OA 166 11.11 -102.75 23.41
CA TYR OA 166 9.80 -102.16 23.65
C TYR OA 166 9.48 -101.19 22.52
N VAL OA 167 8.24 -101.24 22.03
CA VAL OA 167 7.80 -100.41 20.91
C VAL OA 167 6.41 -99.87 21.21
N THR OA 168 6.07 -98.76 20.55
CA THR OA 168 4.72 -98.22 20.52
C THR OA 168 4.40 -97.84 19.08
N MET OA 169 3.16 -98.11 18.67
CA MET OA 169 2.66 -97.67 17.37
C MET OA 169 1.27 -97.08 17.55
N GLY OA 170 0.82 -96.37 16.53
CA GLY OA 170 -0.50 -95.77 16.54
C GLY OA 170 -0.43 -94.26 16.69
N SER OA 171 -1.62 -93.67 16.80
CA SER OA 171 -1.72 -92.22 16.93
C SER OA 171 -1.29 -91.74 18.31
N GLY OA 172 -1.61 -92.50 19.34
CA GLY OA 172 -1.21 -92.14 20.69
C GLY OA 172 0.07 -92.83 21.13
N SER OA 173 0.91 -93.17 20.15
CA SER OA 173 2.19 -93.81 20.45
C SER OA 173 3.17 -92.86 21.12
N LEU OA 174 3.00 -91.55 20.93
CA LEU OA 174 3.90 -90.60 21.56
C LEU OA 174 3.68 -90.54 23.07
N ALA OA 175 2.44 -90.72 23.51
CA ALA OA 175 2.14 -90.69 24.93
C ALA OA 175 2.58 -91.97 25.61
N ALA OA 176 2.40 -93.12 24.96
CA ALA OA 176 2.74 -94.39 25.58
C ALA OA 176 4.25 -94.60 25.67
N MET OA 177 5.00 -94.03 24.74
CA MET OA 177 6.45 -94.18 24.73
C MET OA 177 7.11 -93.42 25.88
N ALA OA 178 6.54 -92.29 26.30
CA ALA OA 178 7.10 -91.54 27.41
C ALA OA 178 6.95 -92.28 28.73
N VAL OA 179 5.96 -93.16 28.83
CA VAL OA 179 5.80 -93.97 30.04
C VAL OA 179 6.87 -95.06 30.09
N PHE OA 180 7.22 -95.61 28.93
CA PHE OA 180 8.24 -96.66 28.87
C PHE OA 180 9.61 -96.14 29.29
N GLU OA 181 10.11 -95.09 28.60
CA GLU OA 181 11.45 -94.57 28.83
C GLU OA 181 11.63 -94.04 30.25
N ASP OA 182 10.55 -93.62 30.90
CA ASP OA 182 10.64 -93.21 32.29
C ASP OA 182 10.74 -94.42 33.22
N LYS OA 183 10.11 -95.54 32.88
CA LYS OA 183 9.90 -96.60 33.84
C LYS OA 183 10.30 -97.99 33.34
N PHE OA 184 11.02 -98.10 32.23
CA PHE OA 184 11.49 -99.41 31.77
C PHE OA 184 12.81 -99.77 32.44
N ARG OA 185 12.92 -101.03 32.84
CA ARG OA 185 14.16 -101.59 33.33
C ARG OA 185 14.23 -103.01 32.77
N PRO OA 186 15.42 -103.53 32.48
CA PRO OA 186 15.52 -104.85 31.86
C PRO OA 186 15.23 -105.96 32.84
N ASP OA 187 14.63 -107.05 32.32
CA ASP OA 187 14.30 -108.28 33.03
C ASP OA 187 13.36 -108.01 34.21
N MET OA 188 12.17 -107.53 33.87
CA MET OA 188 11.13 -107.35 34.88
C MET OA 188 10.43 -108.68 35.16
N GLU OA 189 9.54 -108.65 36.14
CA GLU OA 189 8.78 -109.83 36.52
C GLU OA 189 7.47 -109.85 35.75
N GLU OA 190 6.56 -110.74 36.16
CA GLU OA 190 5.30 -110.91 35.44
C GLU OA 190 4.35 -109.75 35.70
N GLU OA 191 3.98 -109.54 36.97
CA GLU OA 191 3.03 -108.48 37.29
C GLU OA 191 3.65 -107.10 37.21
N GLU OA 192 4.98 -107.01 37.28
CA GLU OA 192 5.64 -105.72 37.07
C GLU OA 192 5.54 -105.29 35.62
N ALA OA 193 5.66 -106.22 34.68
CA ALA OA 193 5.53 -105.89 33.27
C ALA OA 193 4.09 -105.65 32.86
N LYS OA 194 3.14 -106.38 33.46
CA LYS OA 194 1.73 -106.15 33.17
C LYS OA 194 1.27 -104.82 33.71
N ASN OA 195 1.86 -104.34 34.80
CA ASN OA 195 1.50 -103.04 35.34
C ASN OA 195 2.04 -101.91 34.48
N LEU OA 196 3.16 -102.13 33.80
CA LEU OA 196 3.77 -101.08 32.99
C LEU OA 196 2.99 -100.84 31.71
N VAL OA 197 2.51 -101.91 31.08
CA VAL OA 197 1.80 -101.79 29.81
C VAL OA 197 0.43 -101.15 30.00
N SER OA 198 -0.31 -101.59 31.01
CA SER OA 198 -1.63 -101.01 31.29
C SER OA 198 -1.52 -99.57 31.75
N GLU OA 199 -0.39 -99.20 32.35
CA GLU OA 199 -0.12 -97.80 32.62
C GLU OA 199 0.19 -97.02 31.36
N ALA OA 200 0.92 -97.63 30.42
CA ALA OA 200 1.34 -96.91 29.23
C ALA OA 200 0.20 -96.75 28.23
N ILE OA 201 -0.70 -97.75 28.15
CA ILE OA 201 -1.85 -97.63 27.27
C ILE OA 201 -2.81 -96.58 27.78
N ALA OA 202 -2.98 -96.50 29.11
CA ALA OA 202 -3.91 -95.55 29.70
C ALA OA 202 -3.45 -94.10 29.51
N ALA OA 203 -2.14 -93.89 29.33
CA ALA OA 203 -1.67 -92.54 29.02
C ALA OA 203 -2.13 -92.09 27.64
N GLY OA 204 -2.23 -93.01 26.68
CA GLY OA 204 -2.79 -92.68 25.39
C GLY OA 204 -4.30 -92.58 25.37
N ILE OA 205 -4.98 -93.22 26.32
CA ILE OA 205 -6.44 -93.17 26.37
C ILE OA 205 -6.90 -91.79 26.82
N PHE OA 206 -6.20 -91.21 27.80
CA PHE OA 206 -6.48 -89.85 28.24
C PHE OA 206 -5.78 -88.79 27.38
N ASN OA 207 -5.27 -89.20 26.22
CA ASN OA 207 -4.94 -88.32 25.12
C ASN OA 207 -6.02 -88.54 24.06
N ASP OA 208 -6.07 -87.66 23.05
CA ASP OA 208 -7.12 -87.74 22.06
C ASP OA 208 -6.89 -88.95 21.15
N LEU OA 209 -7.99 -89.39 20.51
CA LEU OA 209 -8.09 -90.69 19.86
C LEU OA 209 -7.69 -91.82 20.82
N GLY OA 210 -8.30 -91.77 21.99
CA GLY OA 210 -8.07 -92.78 23.01
C GLY OA 210 -9.02 -93.93 22.78
N SER OA 211 -9.81 -94.28 23.79
CA SER OA 211 -10.68 -95.43 23.61
C SER OA 211 -11.89 -95.34 24.52
N GLY OA 212 -12.88 -96.17 24.17
CA GLY OA 212 -14.06 -96.35 25.00
C GLY OA 212 -13.68 -97.08 26.29
N SER OA 213 -12.37 -97.35 26.45
CA SER OA 213 -11.70 -97.96 27.61
C SER OA 213 -11.72 -99.46 27.98
N ASN OA 214 -11.35 -100.39 27.07
CA ASN OA 214 -11.22 -101.75 27.57
C ASN OA 214 -9.78 -102.12 27.24
N ILE OA 215 -8.90 -101.95 28.22
CA ILE OA 215 -7.48 -102.20 28.00
C ILE OA 215 -7.25 -103.69 27.80
N ASP OA 216 -6.67 -104.05 26.67
CA ASP OA 216 -6.45 -105.44 26.33
C ASP OA 216 -5.03 -105.86 26.65
N LEU OA 217 -4.87 -107.11 27.05
CA LEU OA 217 -3.55 -107.68 27.29
C LEU OA 217 -3.48 -109.08 26.71
N CYS OA 218 -2.34 -109.41 26.11
CA CYS OA 218 -2.04 -110.74 25.64
C CYS OA 218 -0.66 -111.10 26.18
N VAL OA 219 -0.61 -112.04 27.11
CA VAL OA 219 0.64 -112.46 27.73
C VAL OA 219 1.12 -113.72 27.04
N ILE OA 220 2.32 -113.69 26.48
CA ILE OA 220 2.93 -114.83 25.82
C ILE OA 220 4.15 -115.23 26.62
N SER OA 221 4.15 -116.46 27.13
CA SER OA 221 5.30 -116.99 27.85
C SER OA 221 5.82 -118.23 27.11
N LYS OA 222 6.74 -118.94 27.75
CA LYS OA 222 7.32 -120.13 27.14
C LYS OA 222 6.34 -121.29 27.08
N ASN OA 223 5.42 -121.37 28.02
CA ASN OA 223 4.43 -122.45 28.03
C ASN OA 223 2.99 -121.96 28.18
N LYS OA 224 2.76 -120.90 28.96
CA LYS OA 224 1.43 -120.42 29.26
C LYS OA 224 1.08 -119.26 28.34
N LEU OA 225 -0.17 -119.23 27.89
CA LEU OA 225 -0.66 -118.20 26.98
C LEU OA 225 -1.93 -117.59 27.56
N ASP OA 226 -1.94 -116.27 27.72
CA ASP OA 226 -3.08 -115.56 28.29
C ASP OA 226 -3.60 -114.54 27.30
N PHE OA 227 -4.89 -114.21 27.46
CA PHE OA 227 -5.56 -113.28 26.56
C PHE OA 227 -6.74 -112.69 27.31
N LEU OA 228 -6.67 -111.39 27.61
CA LEU OA 228 -7.61 -110.74 28.53
C LEU OA 228 -8.25 -109.54 27.84
N ARG OA 229 -9.51 -109.69 27.45
CA ARG OA 229 -10.20 -108.54 26.85
C ARG OA 229 -10.68 -107.55 27.92
N PRO OA 230 -11.46 -107.94 29.00
CA PRO OA 230 -11.85 -106.86 29.92
C PRO OA 230 -10.90 -106.70 31.10
N TYR OA 231 -9.63 -106.36 30.81
CA TYR OA 231 -8.65 -106.29 31.88
C TYR OA 231 -8.82 -105.04 32.74
N THR OA 232 -9.19 -103.92 32.13
CA THR OA 232 -9.37 -102.68 32.88
C THR OA 232 -10.44 -101.83 32.19
N VAL OA 233 -11.47 -101.46 32.95
CA VAL OA 233 -12.50 -100.56 32.46
C VAL OA 233 -12.44 -99.29 33.30
N PRO OA 234 -11.67 -98.28 32.89
CA PRO OA 234 -11.60 -97.05 33.67
C PRO OA 234 -12.72 -96.06 33.35
N ASN OA 235 -13.30 -96.18 32.16
CA ASN OA 235 -14.34 -95.26 31.71
C ASN OA 235 -15.69 -95.93 31.80
N LYS OA 236 -16.65 -95.25 32.41
CA LYS OA 236 -18.01 -95.71 32.54
C LYS OA 236 -18.97 -94.71 31.91
N LYS OA 237 -20.08 -95.20 31.39
CA LYS OA 237 -21.16 -94.34 30.91
C LYS OA 237 -22.10 -94.04 32.06
N GLY OA 238 -22.46 -92.77 32.21
CA GLY OA 238 -23.38 -92.38 33.26
C GLY OA 238 -24.79 -92.88 33.03
N THR OA 239 -25.56 -92.91 34.10
CA THR OA 239 -26.93 -93.40 34.03
C THR OA 239 -27.84 -92.38 33.36
N ARG OA 240 -28.97 -92.89 32.86
CA ARG OA 240 -29.96 -92.06 32.20
C ARG OA 240 -31.03 -91.68 33.21
N LEU OA 241 -31.19 -90.38 33.46
CA LEU OA 241 -32.05 -89.89 34.53
C LEU OA 241 -33.41 -89.42 34.03
N GLY OA 242 -33.74 -89.71 32.78
CA GLY OA 242 -34.98 -89.21 32.18
C GLY OA 242 -35.93 -90.33 31.83
N ARG OA 243 -37.21 -90.00 31.85
CA ARG OA 243 -38.24 -90.94 31.40
C ARG OA 243 -38.41 -90.83 29.89
N TYR OA 244 -38.31 -91.96 29.20
CA TYR OA 244 -38.43 -92.02 27.75
C TYR OA 244 -39.42 -93.12 27.37
N ARG OA 245 -40.59 -93.06 27.98
CA ARG OA 245 -41.61 -94.09 27.83
C ARG OA 245 -42.16 -94.07 26.41
N CYS OA 246 -41.75 -95.04 25.60
CA CYS OA 246 -42.28 -95.20 24.27
C CYS OA 246 -43.67 -95.85 24.36
N GLU OA 247 -44.67 -95.22 23.75
CA GLU OA 247 -46.03 -95.69 23.86
C GLU OA 247 -46.33 -96.73 22.77
N LYS OA 248 -47.21 -97.66 23.11
CA LYS OA 248 -47.60 -98.71 22.17
C LYS OA 248 -48.68 -98.15 21.24
N GLY OA 249 -48.23 -97.44 20.22
CA GLY OA 249 -49.14 -96.87 19.26
C GLY OA 249 -48.93 -95.39 18.99
N THR OA 250 -47.77 -94.87 19.39
CA THR OA 250 -47.45 -93.46 19.19
C THR OA 250 -46.80 -93.19 17.83
N THR OA 251 -46.93 -94.12 16.88
CA THR OA 251 -46.38 -93.95 15.55
C THR OA 251 -47.41 -94.38 14.52
N ALA OA 252 -47.73 -93.48 13.59
CA ALA OA 252 -48.71 -93.78 12.56
C ALA OA 252 -48.13 -94.72 11.51
N VAL OA 253 -48.92 -95.72 11.11
CA VAL OA 253 -48.50 -96.72 10.14
C VAL OA 253 -49.44 -96.63 8.94
N LEU OA 254 -48.86 -96.54 7.74
CA LEU OA 254 -49.65 -96.49 6.52
C LEU OA 254 -50.10 -97.87 6.07
N THR OA 255 -49.18 -98.83 6.00
CA THR OA 255 -49.47 -100.14 5.45
C THR OA 255 -48.73 -101.21 6.25
N GLU OA 256 -49.44 -102.22 6.71
CA GLU OA 256 -48.84 -103.36 7.39
C GLU OA 256 -48.82 -104.58 6.48
N LYS OA 257 -48.01 -105.56 6.86
CA LYS OA 257 -47.85 -106.78 6.07
C LYS OA 257 -47.34 -107.88 6.99
N ILE OA 258 -47.97 -109.05 6.91
CA ILE OA 258 -47.63 -110.20 7.75
C ILE OA 258 -47.23 -111.35 6.83
N THR OA 259 -46.10 -111.98 7.13
CA THR OA 259 -45.64 -113.15 6.39
C THR OA 259 -45.15 -114.19 7.38
N PRO OA 260 -45.88 -115.29 7.57
CA PRO OA 260 -45.44 -116.31 8.52
C PRO OA 260 -44.26 -117.10 7.99
N LEU OA 261 -43.68 -117.91 8.88
CA LEU OA 261 -42.53 -118.74 8.56
C LEU OA 261 -42.76 -120.14 9.12
N GLU OA 262 -41.72 -120.95 9.10
CA GLU OA 262 -41.78 -122.31 9.64
C GLU OA 262 -40.44 -122.74 10.23
N SER PA 1 -19.89 -85.22 -1.64
CA SER PA 1 -18.98 -86.27 -2.05
C SER PA 1 -19.69 -87.28 -2.95
N ILE PA 2 -18.99 -88.40 -3.23
CA ILE PA 2 -19.59 -89.46 -4.02
C ILE PA 2 -20.67 -90.18 -3.23
N MET PA 3 -20.46 -90.31 -1.91
CA MET PA 3 -21.49 -90.90 -1.05
C MET PA 3 -22.72 -90.00 -0.94
N SER PA 4 -22.54 -88.69 -1.08
CA SER PA 4 -23.63 -87.74 -0.98
C SER PA 4 -24.30 -87.46 -2.32
N TYR PA 5 -24.15 -88.36 -3.30
CA TYR PA 5 -24.72 -88.14 -4.62
C TYR PA 5 -26.17 -88.57 -4.71
N ASN PA 6 -26.58 -89.57 -3.93
CA ASN PA 6 -27.96 -90.04 -3.94
C ASN PA 6 -28.59 -90.11 -2.56
N GLY PA 7 -27.82 -90.03 -1.48
CA GLY PA 7 -28.37 -90.11 -0.15
C GLY PA 7 -28.69 -91.54 0.24
N GLY PA 8 -29.21 -91.68 1.44
CA GLY PA 8 -29.61 -92.97 1.97
C GLY PA 8 -29.37 -93.08 3.45
N ALA PA 9 -30.08 -94.02 4.08
CA ALA PA 9 -29.96 -94.28 5.51
C ALA PA 9 -30.45 -95.68 5.79
N VAL PA 10 -29.60 -96.53 6.37
CA VAL PA 10 -29.95 -97.89 6.73
C VAL PA 10 -29.62 -98.11 8.20
N MET PA 11 -30.60 -98.56 8.97
CA MET PA 11 -30.43 -98.78 10.40
C MET PA 11 -30.87 -100.19 10.76
N ALA PA 12 -30.10 -100.85 11.60
CA ALA PA 12 -30.47 -102.14 12.17
C ALA PA 12 -30.39 -102.05 13.69
N MET PA 13 -31.21 -102.84 14.36
CA MET PA 13 -31.29 -102.78 15.82
C MET PA 13 -31.65 -104.15 16.37
N LYS PA 14 -30.95 -104.56 17.44
CA LYS PA 14 -31.10 -105.88 18.02
C LYS PA 14 -32.08 -105.82 19.19
N GLY PA 15 -32.98 -106.80 19.24
CA GLY PA 15 -33.93 -106.89 20.34
C GLY PA 15 -33.65 -108.06 21.27
N LYS PA 16 -34.70 -108.62 21.87
CA LYS PA 16 -34.53 -109.74 22.79
C LYS PA 16 -34.36 -111.05 22.03
N ASN PA 17 -35.39 -111.45 21.28
CA ASN PA 17 -35.34 -112.65 20.45
C ASN PA 17 -35.54 -112.31 18.99
N CYS PA 18 -35.49 -111.03 18.64
CA CYS PA 18 -35.87 -110.55 17.32
C CYS PA 18 -34.89 -109.46 16.91
N VAL PA 19 -34.97 -109.07 15.65
CA VAL PA 19 -34.09 -108.04 15.10
C VAL PA 19 -34.88 -107.26 14.04
N ALA PA 20 -34.60 -105.97 13.95
CA ALA PA 20 -35.31 -105.08 13.04
C ALA PA 20 -34.34 -104.35 12.15
N ILE PA 21 -34.83 -103.93 10.98
CA ILE PA 21 -34.04 -103.19 10.01
C ILE PA 21 -34.97 -102.23 9.28
N ALA PA 22 -34.45 -101.05 8.95
CA ALA PA 22 -35.26 -100.02 8.33
C ALA PA 22 -34.39 -99.21 7.36
N ALA PA 23 -35.06 -98.60 6.39
CA ALA PA 23 -34.39 -97.79 5.39
C ALA PA 23 -35.38 -96.76 4.86
N ASP PA 24 -34.86 -95.85 4.03
CA ASP PA 24 -35.67 -94.82 3.40
C ASP PA 24 -36.15 -95.29 2.03
N ARG PA 25 -36.89 -94.42 1.35
CA ARG PA 25 -37.47 -94.74 0.06
C ARG PA 25 -37.09 -93.80 -1.06
N ARG PA 26 -36.43 -92.68 -0.76
CA ARG PA 26 -36.17 -91.65 -1.75
C ARG PA 26 -35.03 -92.06 -2.69
N PHE PA 27 -35.29 -91.97 -3.99
CA PHE PA 27 -34.26 -92.08 -5.01
C PHE PA 27 -34.12 -90.75 -5.72
N GLY PA 28 -32.89 -90.32 -5.93
CA GLY PA 28 -32.69 -89.06 -6.61
C GLY PA 28 -31.26 -88.66 -6.87
N ILE PA 29 -31.08 -87.77 -7.84
CA ILE PA 29 -29.81 -87.12 -8.13
C ILE PA 29 -29.73 -85.97 -7.12
N GLN PA 30 -28.55 -85.34 -7.01
CA GLN PA 30 -28.05 -84.48 -5.93
C GLN PA 30 -29.08 -83.59 -5.22
N ALA PA 31 -29.95 -82.94 -5.99
CA ALA PA 31 -31.03 -82.16 -5.40
C ALA PA 31 -32.40 -82.50 -5.97
N GLN PA 32 -32.46 -83.32 -7.01
CA GLN PA 32 -33.71 -83.66 -7.68
C GLN PA 32 -34.05 -85.12 -7.40
N MET PA 33 -35.19 -85.36 -6.76
CA MET PA 33 -35.67 -86.72 -6.60
C MET PA 33 -36.18 -87.26 -7.92
N VAL PA 34 -36.33 -88.59 -7.97
CA VAL PA 34 -36.88 -89.28 -9.13
C VAL PA 34 -38.10 -90.11 -8.76
N THR PA 35 -37.95 -90.98 -7.76
CA THR PA 35 -39.03 -91.88 -7.36
C THR PA 35 -38.92 -92.18 -5.87
N THR PA 36 -39.99 -92.74 -5.32
CA THR PA 36 -40.10 -93.02 -3.90
C THR PA 36 -40.29 -94.51 -3.62
N ASP PA 37 -39.79 -95.37 -4.50
CA ASP PA 37 -39.96 -96.80 -4.34
C ASP PA 37 -38.66 -97.54 -4.64
N PHE PA 38 -37.54 -96.97 -4.23
CA PHE PA 38 -36.23 -97.56 -4.48
C PHE PA 38 -35.91 -98.56 -3.38
N GLN PA 39 -35.73 -99.81 -3.75
CA GLN PA 39 -35.47 -100.87 -2.78
C GLN PA 39 -34.02 -100.81 -2.31
N LYS PA 40 -33.84 -100.81 -1.00
CA LYS PA 40 -32.52 -100.82 -0.40
C LYS PA 40 -32.32 -101.98 0.58
N ILE PA 41 -33.33 -102.81 0.79
CA ILE PA 41 -33.24 -103.98 1.66
C ILE PA 41 -33.56 -105.20 0.82
N PHE PA 42 -32.65 -106.18 0.81
CA PHE PA 42 -32.79 -107.33 -0.05
C PHE PA 42 -32.78 -108.61 0.78
N PRO PA 43 -33.74 -109.51 0.58
CA PRO PA 43 -33.73 -110.78 1.32
C PRO PA 43 -32.67 -111.72 0.78
N MET PA 44 -31.86 -112.27 1.69
CA MET PA 44 -30.84 -113.26 1.36
C MET PA 44 -31.15 -114.47 2.23
N GLY PA 45 -32.08 -115.30 1.79
CA GLY PA 45 -32.57 -116.40 2.59
C GLY PA 45 -33.58 -115.94 3.63
N ASP PA 46 -34.21 -116.91 4.28
CA ASP PA 46 -35.21 -116.62 5.28
C ASP PA 46 -34.56 -116.18 6.59
N ARG PA 47 -35.24 -115.25 7.28
CA ARG PA 47 -34.84 -114.70 8.58
C ARG PA 47 -33.46 -114.06 8.55
N LEU PA 48 -33.07 -113.50 7.40
CA LEU PA 48 -31.74 -112.90 7.24
C LEU PA 48 -31.82 -111.92 6.08
N TYR PA 49 -31.69 -110.63 6.37
CA TYR PA 49 -31.76 -109.58 5.37
C TYR PA 49 -30.43 -108.85 5.27
N ILE PA 50 -30.34 -107.95 4.29
CA ILE PA 50 -29.19 -107.09 4.11
C ILE PA 50 -29.67 -105.73 3.62
N GLY PA 51 -29.02 -104.68 4.09
CA GLY PA 51 -29.35 -103.32 3.68
C GLY PA 51 -28.12 -102.65 3.07
N LEU PA 52 -28.36 -101.85 2.03
CA LEU PA 52 -27.29 -101.19 1.30
C LEU PA 52 -27.58 -99.69 1.22
N ALA PA 53 -26.52 -98.90 1.30
CA ALA PA 53 -26.64 -97.44 1.24
C ALA PA 53 -25.36 -96.86 0.67
N GLY PA 54 -25.50 -95.80 -0.12
CA GLY PA 54 -24.36 -95.17 -0.75
C GLY PA 54 -24.66 -94.75 -2.17
N LEU PA 55 -23.75 -95.04 -3.09
CA LEU PA 55 -23.98 -94.76 -4.49
C LEU PA 55 -24.95 -95.77 -5.06
N ALA PA 56 -25.97 -95.27 -5.77
CA ALA PA 56 -27.08 -96.11 -6.23
C ALA PA 56 -26.66 -97.10 -7.31
N THR PA 57 -25.53 -96.87 -7.98
CA THR PA 57 -25.00 -97.87 -8.89
C THR PA 57 -24.53 -99.10 -8.15
N ASP PA 58 -23.68 -98.92 -7.15
CA ASP PA 58 -23.09 -100.03 -6.41
C ASP PA 58 -24.10 -100.72 -5.50
N VAL PA 59 -25.23 -100.08 -5.18
CA VAL PA 59 -26.28 -100.75 -4.44
C VAL PA 59 -26.90 -101.86 -5.28
N GLN PA 60 -27.27 -101.55 -6.52
CA GLN PA 60 -27.84 -102.56 -7.39
C GLN PA 60 -26.81 -103.53 -7.92
N THR PA 61 -25.53 -103.16 -7.91
CA THR PA 61 -24.51 -104.03 -8.49
C THR PA 61 -24.07 -105.10 -7.48
N VAL PA 62 -23.76 -104.70 -6.25
CA VAL PA 62 -23.26 -105.63 -5.25
C VAL PA 62 -24.37 -106.60 -4.82
N ALA PA 63 -25.60 -106.12 -4.78
CA ALA PA 63 -26.73 -106.99 -4.43
C ALA PA 63 -27.00 -108.06 -5.47
N GLN PA 64 -26.54 -107.87 -6.70
CA GLN PA 64 -26.63 -108.93 -7.71
C GLN PA 64 -25.41 -109.83 -7.69
N ARG PA 65 -24.23 -109.28 -7.39
CA ARG PA 65 -23.03 -110.10 -7.29
C ARG PA 65 -23.06 -110.98 -6.05
N LEU PA 66 -23.64 -110.49 -4.96
CA LEU PA 66 -23.76 -111.30 -3.76
C LEU PA 66 -24.80 -112.39 -3.94
N LYS PA 67 -25.86 -112.09 -4.68
CA LYS PA 67 -26.86 -113.10 -5.00
C LYS PA 67 -26.29 -114.14 -5.96
N PHE PA 68 -25.32 -113.74 -6.78
CA PHE PA 68 -24.64 -114.69 -7.67
C PHE PA 68 -23.83 -115.70 -6.88
N ARG PA 69 -23.20 -115.26 -5.80
CA ARG PA 69 -22.36 -116.17 -5.01
C ARG PA 69 -23.14 -116.93 -3.96
N LEU PA 70 -24.30 -116.42 -3.56
CA LEU PA 70 -25.08 -117.10 -2.52
C LEU PA 70 -25.75 -118.36 -3.06
N ASN PA 71 -26.32 -118.28 -4.26
CA ASN PA 71 -27.02 -119.43 -4.83
C ASN PA 71 -26.05 -120.54 -5.20
N LEU PA 72 -24.82 -120.20 -5.59
CA LEU PA 72 -23.82 -121.23 -5.81
C LEU PA 72 -23.34 -121.85 -4.51
N TYR PA 73 -23.44 -121.12 -3.39
CA TYR PA 73 -23.06 -121.66 -2.11
C TYR PA 73 -24.13 -122.60 -1.55
N GLU PA 74 -25.40 -122.25 -1.72
CA GLU PA 74 -26.50 -123.01 -1.18
C GLU PA 74 -26.89 -124.22 -2.02
N LEU PA 75 -26.15 -124.50 -3.10
CA LEU PA 75 -26.35 -125.70 -3.88
C LEU PA 75 -25.23 -126.71 -3.73
N LYS PA 76 -23.99 -126.24 -3.54
CA LYS PA 76 -22.92 -127.15 -3.19
C LYS PA 76 -23.09 -127.71 -1.78
N GLU PA 77 -23.77 -126.97 -0.91
CA GLU PA 77 -24.11 -127.42 0.42
C GLU PA 77 -25.62 -127.35 0.59
N GLY PA 78 -26.21 -128.40 1.15
CA GLY PA 78 -27.64 -128.44 1.33
C GLY PA 78 -28.16 -127.50 2.41
N ARG PA 79 -27.28 -127.04 3.29
CA ARG PA 79 -27.66 -126.15 4.37
C ARG PA 79 -27.85 -124.72 3.85
N GLN PA 80 -28.40 -123.88 4.70
CA GLN PA 80 -28.45 -122.45 4.45
C GLN PA 80 -27.17 -121.80 5.00
N ILE PA 81 -27.07 -120.49 4.84
CA ILE PA 81 -25.87 -119.76 5.21
C ILE PA 81 -26.03 -119.23 6.63
N LYS PA 82 -24.94 -119.27 7.40
CA LYS PA 82 -24.89 -118.66 8.72
C LYS PA 82 -24.64 -117.16 8.60
N PRO PA 83 -25.10 -116.37 9.58
CA PRO PA 83 -24.88 -114.92 9.48
C PRO PA 83 -23.42 -114.50 9.61
N TYR PA 84 -22.59 -115.28 10.30
CA TYR PA 84 -21.15 -115.02 10.30
C TYR PA 84 -20.53 -115.31 8.94
N THR PA 85 -21.09 -116.28 8.21
CA THR PA 85 -20.51 -116.69 6.94
C THR PA 85 -20.75 -115.65 5.86
N LEU PA 86 -21.91 -114.99 5.90
CA LEU PA 86 -22.21 -113.96 4.90
C LEU PA 86 -21.34 -112.73 5.09
N MET PA 87 -21.01 -112.41 6.33
CA MET PA 87 -20.15 -111.26 6.61
C MET PA 87 -18.75 -111.48 6.06
N SER PA 88 -18.26 -112.71 6.12
CA SER PA 88 -16.97 -113.02 5.50
C SER PA 88 -17.08 -113.04 3.99
N MET PA 89 -18.26 -113.33 3.45
CA MET PA 89 -18.43 -113.36 2.00
C MET PA 89 -18.46 -111.96 1.42
N VAL PA 90 -19.14 -111.03 2.09
CA VAL PA 90 -19.23 -109.64 1.60
C VAL PA 90 -17.88 -108.96 1.72
N ALA PA 91 -17.15 -109.22 2.80
CA ALA PA 91 -15.84 -108.60 3.00
C ALA PA 91 -14.82 -109.10 1.99
N ASN PA 92 -15.01 -110.30 1.46
CA ASN PA 92 -14.16 -110.76 0.36
C ASN PA 92 -14.50 -110.02 -0.92
N LEU PA 93 -15.78 -109.73 -1.14
CA LEU PA 93 -16.19 -109.14 -2.41
C LEU PA 93 -15.77 -107.68 -2.50
N LEU PA 94 -15.77 -106.98 -1.37
CA LEU PA 94 -15.37 -105.57 -1.38
C LEU PA 94 -13.87 -105.40 -1.44
N TYR PA 95 -13.11 -106.34 -0.89
CA TYR PA 95 -11.66 -106.19 -0.83
C TYR PA 95 -11.00 -106.52 -2.16
N GLU PA 96 -11.66 -107.28 -3.04
CA GLU PA 96 -11.12 -107.55 -4.36
C GLU PA 96 -11.02 -106.28 -5.19
N LYS PA 97 -11.96 -105.35 -5.01
CA LYS PA 97 -11.83 -104.00 -5.54
C LYS PA 97 -11.22 -103.11 -4.47
N ARG PA 98 -9.94 -103.38 -4.19
CA ARG PA 98 -9.23 -102.62 -3.16
C ARG PA 98 -8.97 -101.19 -3.62
N PHE PA 99 -8.59 -101.02 -4.88
CA PHE PA 99 -8.29 -99.71 -5.42
C PHE PA 99 -9.29 -99.24 -6.47
N GLY PA 100 -10.29 -100.05 -6.78
CA GLY PA 100 -11.40 -99.64 -7.61
C GLY PA 100 -12.74 -99.74 -6.91
N PRO PA 101 -12.85 -99.24 -5.67
CA PRO PA 101 -13.84 -99.78 -4.73
C PRO PA 101 -15.28 -99.38 -5.06
N TYR PA 102 -16.20 -100.25 -4.64
CA TYR PA 102 -17.61 -99.92 -4.70
C TYR PA 102 -17.95 -98.91 -3.62
N TYR PA 103 -18.85 -97.98 -3.94
CA TYR PA 103 -19.22 -96.92 -3.00
C TYR PA 103 -20.53 -97.29 -2.31
N THR PA 104 -20.42 -98.21 -1.35
CA THR PA 104 -21.56 -98.59 -0.53
C THR PA 104 -21.04 -99.09 0.80
N GLU PA 105 -21.93 -99.14 1.78
CA GLU PA 105 -21.62 -99.63 3.12
C GLU PA 105 -22.74 -100.58 3.55
N PRO PA 106 -22.49 -101.89 3.51
CA PRO PA 106 -23.57 -102.84 3.78
C PRO PA 106 -23.88 -102.98 5.26
N VAL PA 107 -25.14 -103.31 5.53
CA VAL PA 107 -25.62 -103.60 6.87
C VAL PA 107 -26.35 -104.94 6.83
N ILE PA 108 -25.91 -105.90 7.63
CA ILE PA 108 -26.45 -107.25 7.64
C ILE PA 108 -27.17 -107.47 8.97
N ALA PA 109 -28.43 -107.92 8.88
CA ALA PA 109 -29.22 -108.23 10.06
C ALA PA 109 -29.96 -109.53 9.82
N GLY PA 110 -30.02 -110.37 10.85
CA GLY PA 110 -30.73 -111.64 10.71
C GLY PA 110 -30.57 -112.48 11.96
N LEU PA 111 -31.26 -113.60 11.95
CA LEU PA 111 -31.24 -114.56 13.05
C LEU PA 111 -30.35 -115.74 12.69
N ASP PA 112 -30.04 -116.53 13.72
CA ASP PA 112 -29.36 -117.79 13.49
C ASP PA 112 -30.31 -118.78 12.83
N PRO PA 113 -29.83 -119.59 11.88
CA PRO PA 113 -30.71 -120.58 11.25
C PRO PA 113 -31.09 -121.74 12.14
N LYS PA 114 -30.29 -122.05 13.16
CA LYS PA 114 -30.59 -123.14 14.10
C LYS PA 114 -31.24 -122.62 15.37
N THR PA 115 -30.56 -121.73 16.08
CA THR PA 115 -31.09 -121.14 17.30
C THR PA 115 -31.88 -119.88 16.96
N PHE PA 116 -32.19 -119.07 17.97
CA PHE PA 116 -32.92 -117.82 17.79
C PHE PA 116 -32.00 -116.61 17.88
N LYS PA 117 -30.69 -116.82 17.83
CA LYS PA 117 -29.74 -115.78 18.18
C LYS PA 117 -29.66 -114.74 17.08
N PRO PA 118 -29.91 -113.47 17.38
CA PRO PA 118 -29.81 -112.42 16.35
C PRO PA 118 -28.37 -112.07 16.05
N PHE PA 119 -28.19 -111.30 14.98
CA PHE PA 119 -26.86 -110.90 14.53
C PHE PA 119 -26.98 -109.61 13.75
N ILE PA 120 -26.14 -108.63 14.09
CA ILE PA 120 -26.04 -107.38 13.35
C ILE PA 120 -24.57 -107.06 13.14
N CYS PA 121 -24.25 -106.50 11.96
CA CYS PA 121 -22.91 -106.05 11.65
C CYS PA 121 -23.00 -105.02 10.54
N SER PA 122 -21.91 -104.27 10.37
CA SER PA 122 -21.79 -103.33 9.28
C SER PA 122 -20.35 -103.34 8.78
N LEU PA 123 -20.17 -102.93 7.54
CA LEU PA 123 -18.86 -102.95 6.91
C LEU PA 123 -18.55 -101.58 6.32
N ASP PA 124 -17.26 -101.35 6.08
CA ASP PA 124 -16.82 -100.13 5.43
C ASP PA 124 -16.88 -100.31 3.92
N LEU PA 125 -16.39 -99.34 3.17
CA LEU PA 125 -16.41 -99.43 1.72
C LEU PA 125 -15.30 -100.31 1.17
N ILE PA 126 -14.38 -100.79 2.01
CA ILE PA 126 -13.34 -101.72 1.61
C ILE PA 126 -13.37 -103.01 2.40
N GLY PA 127 -14.33 -103.19 3.30
CA GLY PA 127 -14.56 -104.49 3.90
C GLY PA 127 -14.02 -104.70 5.30
N CYS PA 128 -14.21 -103.73 6.19
CA CYS PA 128 -13.85 -103.91 7.59
C CYS PA 128 -15.07 -104.36 8.37
N PRO PA 129 -15.13 -105.59 8.85
CA PRO PA 129 -16.31 -106.03 9.60
C PRO PA 129 -16.33 -105.43 11.00
N MET PA 130 -17.53 -105.24 11.52
CA MET PA 130 -17.70 -104.59 12.82
C MET PA 130 -19.03 -105.08 13.39
N VAL PA 131 -18.97 -105.99 14.35
CA VAL PA 131 -20.16 -106.51 15.00
C VAL PA 131 -20.42 -105.73 16.28
N THR PA 132 -21.70 -105.51 16.57
CA THR PA 132 -22.10 -104.84 17.80
C THR PA 132 -23.17 -105.66 18.52
N ASP PA 133 -23.75 -105.08 19.57
CA ASP PA 133 -24.82 -105.74 20.30
C ASP PA 133 -26.08 -104.92 20.41
N ASP PA 134 -26.06 -103.65 20.01
CA ASP PA 134 -27.22 -102.77 20.14
C ASP PA 134 -27.76 -102.28 18.81
N PHE PA 135 -26.94 -101.67 17.97
CA PHE PA 135 -27.39 -101.09 16.71
C PHE PA 135 -26.20 -100.85 15.80
N VAL PA 136 -26.47 -100.84 14.50
CA VAL PA 136 -25.55 -100.34 13.49
C VAL PA 136 -26.31 -99.43 12.55
N VAL PA 137 -25.61 -98.39 12.06
CA VAL PA 137 -26.20 -97.42 11.16
C VAL PA 137 -25.24 -97.18 10.00
N SER PA 138 -25.79 -96.77 8.86
CA SER PA 138 -25.01 -96.44 7.68
C SER PA 138 -25.82 -95.50 6.80
N GLY PA 139 -25.10 -94.65 6.07
CA GLY PA 139 -25.71 -93.72 5.15
C GLY PA 139 -25.11 -92.34 5.30
N THR PA 140 -25.78 -91.36 4.71
CA THR PA 140 -25.29 -89.99 4.75
C THR PA 140 -25.57 -89.33 6.10
N CYS PA 141 -26.77 -89.52 6.63
CA CYS PA 141 -27.17 -88.90 7.91
C CYS PA 141 -26.82 -89.78 9.10
N ALA PA 142 -25.53 -90.13 9.20
CA ALA PA 142 -25.10 -91.06 10.23
C ALA PA 142 -25.10 -90.43 11.62
N GLU PA 143 -24.65 -89.18 11.72
CA GLU PA 143 -24.49 -88.53 13.02
C GLU PA 143 -25.82 -88.26 13.70
N GLN PA 144 -26.87 -88.04 12.93
CA GLN PA 144 -28.20 -87.90 13.51
C GLN PA 144 -28.72 -89.23 14.03
N MET PA 145 -28.32 -90.34 13.41
CA MET PA 145 -28.80 -91.64 13.84
C MET PA 145 -28.10 -92.13 15.09
N TYR PA 146 -26.87 -91.67 15.36
CA TYR PA 146 -26.24 -92.00 16.63
C TYR PA 146 -26.89 -91.26 17.78
N GLY PA 147 -27.40 -90.05 17.53
CA GLY PA 147 -28.02 -89.28 18.60
C GLY PA 147 -29.33 -89.85 19.08
N MET PA 148 -30.04 -90.56 18.22
CA MET PA 148 -31.32 -91.15 18.60
C MET PA 148 -31.15 -92.52 19.25
N CYS PA 149 -30.19 -93.31 18.77
CA CYS PA 149 -30.06 -94.68 19.25
C CYS PA 149 -29.35 -94.78 20.59
N GLU PA 150 -28.47 -93.82 20.90
CA GLU PA 150 -27.78 -93.85 22.19
C GLU PA 150 -28.71 -93.48 23.35
N SER PA 151 -29.84 -92.85 23.08
CA SER PA 151 -30.74 -92.42 24.13
C SER PA 151 -31.99 -93.28 24.26
N LEU PA 152 -32.40 -93.97 23.20
CA LEU PA 152 -33.65 -94.68 23.19
C LEU PA 152 -33.50 -96.20 23.32
N TRP PA 153 -32.30 -96.74 23.15
CA TRP PA 153 -32.14 -98.18 23.13
C TRP PA 153 -32.19 -98.77 24.53
N GLU PA 154 -32.90 -99.88 24.66
CA GLU PA 154 -32.99 -100.68 25.87
C GLU PA 154 -32.48 -102.07 25.56
N PRO PA 155 -31.87 -102.77 26.54
CA PRO PA 155 -31.25 -104.07 26.25
C PRO PA 155 -32.21 -105.18 25.83
N ASN PA 156 -33.23 -105.47 26.64
CA ASN PA 156 -34.12 -106.60 26.39
C ASN PA 156 -35.51 -106.05 26.07
N MET PA 157 -35.89 -106.14 24.80
CA MET PA 157 -37.10 -105.49 24.30
C MET PA 157 -37.95 -106.47 23.53
N ASP PA 158 -39.26 -106.43 23.77
CA ASP PA 158 -40.23 -107.20 23.01
C ASP PA 158 -40.34 -106.62 21.60
N PRO PA 159 -40.93 -107.37 20.64
CA PRO PA 159 -41.13 -106.80 19.30
C PRO PA 159 -42.09 -105.62 19.24
N ASP PA 160 -42.85 -105.35 20.29
CA ASP PA 160 -43.71 -104.16 20.31
C ASP PA 160 -42.88 -102.90 20.49
N HIS PA 161 -42.10 -102.83 21.57
CA HIS PA 161 -41.30 -101.64 21.85
C HIS PA 161 -40.10 -101.51 20.92
N LEU PA 162 -39.61 -102.62 20.37
CA LEU PA 162 -38.49 -102.53 19.42
C LEU PA 162 -38.94 -101.85 18.14
N PHE PA 163 -40.18 -102.10 17.71
CA PHE PA 163 -40.71 -101.41 16.54
C PHE PA 163 -40.90 -99.93 16.81
N GLU PA 164 -41.37 -99.59 18.01
CA GLU PA 164 -41.62 -98.19 18.34
C GLU PA 164 -40.34 -97.40 18.56
N THR PA 165 -39.25 -98.07 18.91
CA THR PA 165 -37.99 -97.37 19.12
C THR PA 165 -37.30 -97.07 17.80
N ILE PA 166 -37.26 -98.06 16.89
CA ILE PA 166 -36.63 -97.86 15.60
C ILE PA 166 -37.50 -96.97 14.71
N SER PA 167 -38.79 -96.83 15.01
CA SER PA 167 -39.63 -95.91 14.25
C SER PA 167 -39.29 -94.47 14.60
N GLN PA 168 -39.22 -94.15 15.89
CA GLN PA 168 -38.91 -92.79 16.32
C GLN PA 168 -37.47 -92.42 16.05
N ALA PA 169 -36.58 -93.41 15.95
CA ALA PA 169 -35.19 -93.11 15.62
C ALA PA 169 -35.04 -92.75 14.15
N MET PA 170 -35.77 -93.42 13.27
CA MET PA 170 -35.66 -93.14 11.85
C MET PA 170 -36.40 -91.86 11.47
N LEU PA 171 -37.55 -91.59 12.07
CA LEU PA 171 -38.33 -90.43 11.65
C LEU PA 171 -37.67 -89.12 12.09
N ASN PA 172 -37.16 -89.07 13.32
CA ASN PA 172 -36.60 -87.83 13.82
C ASN PA 172 -35.22 -87.52 13.25
N ALA PA 173 -34.50 -88.52 12.75
CA ALA PA 173 -33.16 -88.29 12.22
C ALA PA 173 -33.17 -87.98 10.74
N VAL PA 174 -34.03 -88.66 9.97
CA VAL PA 174 -34.06 -88.45 8.53
C VAL PA 174 -34.75 -87.12 8.20
N ASP PA 175 -35.72 -86.69 9.01
CA ASP PA 175 -36.32 -85.37 8.83
C ASP PA 175 -35.34 -84.24 9.09
N ARG PA 176 -34.27 -84.48 9.85
CA ARG PA 176 -33.18 -83.54 9.96
C ARG PA 176 -32.27 -83.57 8.74
N ASP PA 177 -32.22 -84.68 8.01
CA ASP PA 177 -31.45 -84.75 6.79
C ASP PA 177 -32.24 -84.14 5.64
N ALA PA 178 -31.51 -83.60 4.66
CA ALA PA 178 -32.11 -82.97 3.50
C ALA PA 178 -32.26 -83.92 2.32
N VAL PA 179 -31.24 -84.74 2.07
CA VAL PA 179 -31.21 -85.58 0.87
C VAL PA 179 -31.74 -86.99 1.15
N SER PA 180 -32.45 -87.17 2.26
CA SER PA 180 -33.04 -88.46 2.59
C SER PA 180 -34.46 -88.23 3.10
N GLY PA 181 -35.35 -89.15 2.76
CA GLY PA 181 -36.72 -89.05 3.21
C GLY PA 181 -37.71 -89.75 2.31
N MET PA 182 -38.88 -89.13 2.14
CA MET PA 182 -39.93 -89.53 1.19
C MET PA 182 -40.48 -90.92 1.50
N GLY PA 183 -40.46 -91.32 2.77
CA GLY PA 183 -40.98 -92.61 3.16
C GLY PA 183 -39.97 -93.51 3.82
N VAL PA 184 -40.40 -94.27 4.83
CA VAL PA 184 -39.54 -95.19 5.57
C VAL PA 184 -40.24 -96.53 5.65
N ILE PA 185 -39.55 -97.59 5.22
CA ILE PA 185 -40.05 -98.95 5.33
C ILE PA 185 -39.27 -99.66 6.44
N VAL PA 186 -39.97 -100.48 7.22
CA VAL PA 186 -39.41 -101.14 8.39
C VAL PA 186 -39.69 -102.63 8.29
N HIS PA 187 -38.64 -103.44 8.35
CA HIS PA 187 -38.78 -104.90 8.47
C HIS PA 187 -38.47 -105.31 9.90
N ILE PA 188 -39.38 -106.08 10.50
CA ILE PA 188 -39.17 -106.66 11.82
C ILE PA 188 -39.43 -108.16 11.71
N ILE PA 189 -38.39 -108.96 11.95
CA ILE PA 189 -38.45 -110.40 11.78
C ILE PA 189 -38.29 -111.07 13.14
N GLU PA 190 -38.70 -112.33 13.21
CA GLU PA 190 -38.57 -113.13 14.42
C GLU PA 190 -38.56 -114.60 14.00
N LYS PA 191 -38.63 -115.49 14.99
CA LYS PA 191 -38.59 -116.93 14.71
C LYS PA 191 -39.83 -117.41 14.00
N ASP PA 192 -40.99 -116.82 14.30
CA ASP PA 192 -42.25 -117.34 13.77
C ASP PA 192 -42.67 -116.67 12.47
N LYS PA 193 -42.42 -115.38 12.31
CA LYS PA 193 -42.97 -114.66 11.17
C LYS PA 193 -42.08 -113.48 10.82
N ILE PA 194 -42.44 -112.81 9.73
CA ILE PA 194 -41.76 -111.62 9.24
C ILE PA 194 -42.82 -110.55 9.03
N THR PA 195 -42.64 -109.40 9.66
CA THR PA 195 -43.58 -108.29 9.57
C THR PA 195 -42.91 -107.11 8.87
N THR PA 196 -43.57 -106.60 7.83
CA THR PA 196 -43.10 -105.43 7.09
C THR PA 196 -44.13 -104.32 7.23
N ARG PA 197 -43.70 -103.16 7.70
CA ARG PA 197 -44.57 -102.00 7.82
C ARG PA 197 -43.92 -100.78 7.19
N THR PA 198 -44.76 -99.90 6.65
CA THR PA 198 -44.36 -98.61 6.14
C THR PA 198 -44.93 -97.52 7.02
N LEU PA 199 -44.19 -96.44 7.18
CA LEU PA 199 -44.53 -95.40 8.13
C LEU PA 199 -45.03 -94.15 7.42
N LYS PA 200 -45.76 -93.33 8.18
CA LYS PA 200 -46.30 -92.07 7.68
C LYS PA 200 -45.30 -90.97 7.98
N ALA PA 201 -44.53 -90.58 6.97
CA ALA PA 201 -43.46 -89.60 7.13
C ALA PA 201 -43.75 -88.35 6.30
N ARG PA 202 -42.91 -87.34 6.50
CA ARG PA 202 -43.03 -86.11 5.74
C ARG PA 202 -42.55 -86.32 4.31
N MET PA 203 -43.37 -85.90 3.34
CA MET PA 203 -43.10 -86.11 1.93
C MET PA 203 -42.51 -84.87 1.26
N ASP PA 204 -41.83 -84.02 2.03
CA ASP PA 204 -41.21 -82.83 1.47
C ASP PA 204 -39.71 -83.01 1.24
N MET QA 1 -29.57 -81.58 -22.52
CA MET QA 1 -29.82 -80.49 -23.47
C MET QA 1 -31.08 -80.76 -24.29
N GLU QA 2 -31.19 -81.98 -24.81
CA GLU QA 2 -32.38 -82.40 -25.53
C GLU QA 2 -33.33 -83.15 -24.58
N TYR QA 3 -34.57 -83.32 -25.03
CA TYR QA 3 -35.69 -83.57 -24.14
C TYR QA 3 -36.32 -84.93 -24.40
N LEU QA 4 -36.80 -85.54 -23.32
CA LEU QA 4 -37.56 -86.79 -23.37
C LEU QA 4 -38.75 -86.69 -22.43
N ILE QA 5 -39.70 -87.60 -22.58
CA ILE QA 5 -40.88 -87.63 -21.73
C ILE QA 5 -41.43 -89.06 -21.70
N GLY QA 6 -42.00 -89.44 -20.56
CA GLY QA 6 -42.33 -90.82 -20.27
C GLY QA 6 -43.71 -91.12 -19.71
N ILE QA 7 -44.78 -90.52 -20.25
CA ILE QA 7 -46.11 -90.67 -19.65
C ILE QA 7 -46.60 -92.11 -19.76
N GLN QA 8 -46.85 -92.72 -18.62
CA GLN QA 8 -47.31 -94.11 -18.49
C GLN QA 8 -48.81 -94.15 -18.23
N GLY QA 9 -49.50 -95.04 -18.94
CA GLY QA 9 -50.92 -95.21 -18.75
C GLY QA 9 -51.27 -96.57 -18.19
N PRO QA 10 -52.57 -96.85 -18.05
CA PRO QA 10 -52.98 -98.17 -17.54
C PRO QA 10 -52.73 -99.30 -18.52
N ASP QA 11 -52.82 -99.05 -19.82
CA ASP QA 11 -52.56 -100.08 -20.81
C ASP QA 11 -51.78 -99.53 -21.99
N TYR QA 12 -51.07 -98.43 -21.80
CA TYR QA 12 -50.33 -97.79 -22.88
C TYR QA 12 -49.15 -97.04 -22.30
N VAL QA 13 -48.17 -96.78 -23.15
CA VAL QA 13 -47.02 -95.96 -22.79
C VAL QA 13 -46.89 -94.86 -23.83
N LEU QA 14 -46.98 -93.61 -23.39
CA LEU QA 14 -46.87 -92.45 -24.26
C LEU QA 14 -45.47 -91.86 -24.12
N VAL QA 15 -44.71 -91.86 -25.22
CA VAL QA 15 -43.36 -91.31 -25.23
C VAL QA 15 -43.24 -90.29 -26.35
N ALA QA 16 -42.34 -89.33 -26.15
CA ALA QA 16 -42.07 -88.32 -27.15
C ALA QA 16 -40.68 -87.75 -26.91
N SER QA 17 -40.07 -87.25 -27.99
CA SER QA 17 -38.76 -86.62 -27.94
C SER QA 17 -38.76 -85.43 -28.87
N ASP QA 18 -37.60 -84.80 -29.01
CA ASP QA 18 -37.42 -83.68 -29.92
C ASP QA 18 -36.63 -84.13 -31.15
N ARG QA 19 -36.44 -83.21 -32.08
CA ARG QA 19 -35.88 -83.51 -33.40
C ARG QA 19 -34.77 -82.52 -33.76
N VAL QA 20 -33.84 -82.29 -32.84
CA VAL QA 20 -32.80 -81.28 -33.01
C VAL QA 20 -31.43 -81.94 -32.90
N ALA QA 21 -30.55 -81.61 -33.84
CA ALA QA 21 -29.19 -82.16 -33.92
C ALA QA 21 -28.17 -81.03 -34.04
N ALA QA 22 -28.27 -80.06 -33.13
CA ALA QA 22 -27.54 -78.81 -33.21
C ALA QA 22 -26.04 -78.99 -33.00
N SER QA 23 -25.26 -78.01 -33.52
CA SER QA 23 -23.81 -77.97 -33.33
C SER QA 23 -23.40 -76.58 -32.84
N ASN QA 24 -23.53 -76.37 -31.53
CA ASN QA 24 -22.89 -75.38 -30.67
C ASN QA 24 -23.32 -73.93 -30.88
N ILE QA 25 -23.79 -73.58 -32.08
CA ILE QA 25 -24.64 -72.41 -32.31
C ILE QA 25 -25.73 -72.79 -33.30
N VAL QA 26 -25.34 -73.44 -34.39
CA VAL QA 26 -26.23 -73.72 -35.51
C VAL QA 26 -27.06 -74.96 -35.22
N GLN QA 27 -28.11 -75.15 -36.03
CA GLN QA 27 -29.00 -76.31 -35.93
C GLN QA 27 -28.90 -77.03 -37.27
N MET QA 28 -28.06 -78.07 -37.32
CA MET QA 28 -27.74 -78.71 -38.59
C MET QA 28 -28.90 -79.53 -39.13
N LYS QA 29 -29.73 -80.09 -38.25
CA LYS QA 29 -30.76 -81.01 -38.68
C LYS QA 29 -31.99 -80.81 -37.80
N ASP QA 30 -33.15 -80.67 -38.44
CA ASP QA 30 -34.40 -80.38 -37.75
C ASP QA 30 -35.44 -81.48 -37.91
N ASP QA 31 -35.02 -82.67 -38.32
CA ASP QA 31 -35.89 -83.83 -38.39
C ASP QA 31 -35.18 -85.06 -37.88
N HIS QA 32 -34.36 -84.89 -36.85
CA HIS QA 32 -33.58 -85.98 -36.29
C HIS QA 32 -34.48 -86.90 -35.48
N ASP QA 33 -34.14 -88.18 -35.48
CA ASP QA 33 -34.92 -89.19 -34.77
C ASP QA 33 -34.05 -89.81 -33.69
N LYS QA 34 -34.61 -89.93 -32.49
CA LYS QA 34 -33.92 -90.52 -31.34
C LYS QA 34 -34.64 -91.77 -30.85
N MET QA 35 -35.46 -92.39 -31.70
CA MET QA 35 -36.32 -93.49 -31.32
C MET QA 35 -35.84 -94.76 -31.99
N PHE QA 36 -35.55 -95.78 -31.19
CA PHE QA 36 -34.93 -97.01 -31.66
C PHE QA 36 -35.87 -98.17 -31.34
N LYS QA 37 -36.43 -98.77 -32.38
CA LYS QA 37 -37.32 -99.93 -32.22
C LYS QA 37 -36.49 -101.15 -31.89
N MET QA 38 -36.40 -101.48 -30.60
CA MET QA 38 -35.65 -102.66 -30.19
C MET QA 38 -36.34 -103.94 -30.63
N SER QA 39 -37.66 -104.02 -30.45
CA SER QA 39 -38.42 -105.18 -30.87
C SER QA 39 -39.82 -104.71 -31.24
N GLU QA 40 -40.76 -105.66 -31.32
CA GLU QA 40 -42.12 -105.33 -31.71
C GLU QA 40 -42.96 -104.76 -30.57
N LYS QA 41 -42.41 -104.68 -29.36
CA LYS QA 41 -43.14 -104.03 -28.29
C LYS QA 41 -42.25 -103.19 -27.39
N ILE QA 42 -41.00 -102.93 -27.76
CA ILE QA 42 -40.04 -102.23 -26.91
C ILE QA 42 -39.36 -101.15 -27.73
N LEU QA 43 -39.43 -99.90 -27.25
CA LEU QA 43 -38.70 -98.79 -27.85
C LEU QA 43 -37.46 -98.46 -27.01
N LEU QA 44 -36.72 -97.45 -27.46
CA LEU QA 44 -35.51 -97.01 -26.79
C LEU QA 44 -35.28 -95.55 -27.09
N LEU QA 45 -35.07 -94.76 -26.05
CA LEU QA 45 -34.72 -93.35 -26.16
C LEU QA 45 -33.33 -93.12 -25.58
N CYS QA 46 -32.51 -92.35 -26.29
CA CYS QA 46 -31.10 -92.21 -25.93
C CYS QA 46 -30.68 -90.75 -26.01
N VAL QA 47 -30.13 -90.23 -24.93
CA VAL QA 47 -29.64 -88.85 -24.83
C VAL QA 47 -28.25 -88.89 -24.21
N GLY QA 48 -27.27 -88.29 -24.88
CA GLY QA 48 -25.93 -88.27 -24.33
C GLY QA 48 -24.91 -87.53 -25.16
N GLU QA 49 -23.75 -88.15 -25.36
CA GLU QA 49 -22.63 -87.52 -26.03
C GLU QA 49 -22.81 -87.58 -27.55
N ALA QA 50 -21.75 -87.26 -28.29
CA ALA QA 50 -21.83 -87.25 -29.74
C ALA QA 50 -21.86 -88.66 -30.31
N GLY QA 51 -20.83 -89.45 -30.03
CA GLY QA 51 -20.72 -90.78 -30.58
C GLY QA 51 -21.27 -91.87 -29.69
N ASP QA 52 -21.36 -91.59 -28.39
CA ASP QA 52 -21.76 -92.62 -27.44
C ASP QA 52 -23.23 -93.00 -27.56
N THR QA 53 -24.05 -92.12 -28.13
CA THR QA 53 -25.46 -92.45 -28.30
C THR QA 53 -25.66 -93.50 -29.38
N VAL QA 54 -25.00 -93.33 -30.53
CA VAL QA 54 -25.24 -94.22 -31.65
C VAL QA 54 -24.53 -95.55 -31.43
N GLN QA 55 -23.32 -95.52 -30.88
CA GLN QA 55 -22.52 -96.74 -30.77
C GLN QA 55 -23.07 -97.70 -29.73
N PHE QA 56 -23.53 -97.19 -28.59
CA PHE QA 56 -24.01 -98.09 -27.55
C PHE QA 56 -25.42 -98.59 -27.83
N ALA QA 57 -26.31 -97.70 -28.28
CA ALA QA 57 -27.70 -98.09 -28.43
C ALA QA 57 -27.92 -99.04 -29.59
N GLU QA 58 -27.08 -98.96 -30.63
CA GLU QA 58 -27.12 -99.96 -31.68
C GLU QA 58 -26.48 -101.27 -31.25
N TYR QA 59 -25.57 -101.24 -30.27
CA TYR QA 59 -25.04 -102.48 -29.72
C TYR QA 59 -26.12 -103.22 -28.95
N ILE QA 60 -27.04 -102.50 -28.32
CA ILE QA 60 -28.18 -103.13 -27.68
C ILE QA 60 -29.22 -103.52 -28.73
N GLN QA 61 -29.36 -102.71 -29.79
CA GLN QA 61 -30.35 -102.97 -30.83
C GLN QA 61 -30.06 -104.26 -31.57
N LYS QA 62 -28.80 -104.50 -31.93
CA LYS QA 62 -28.42 -105.72 -32.62
C LYS QA 62 -28.01 -106.83 -31.67
N ASN QA 63 -28.49 -106.80 -30.43
CA ASN QA 63 -28.27 -107.90 -29.50
C ASN QA 63 -29.58 -108.44 -28.94
N VAL QA 64 -30.64 -107.63 -28.92
CA VAL QA 64 -31.96 -108.13 -28.58
C VAL QA 64 -32.57 -108.87 -29.77
N GLN QA 65 -32.27 -108.43 -30.99
CA GLN QA 65 -32.71 -109.13 -32.19
C GLN QA 65 -32.06 -110.50 -32.30
N LEU QA 66 -30.88 -110.68 -31.72
CA LEU QA 66 -30.25 -111.99 -31.70
C LEU QA 66 -31.00 -112.96 -30.80
N TYR QA 67 -31.55 -112.44 -29.69
CA TYR QA 67 -32.35 -113.28 -28.80
C TYR QA 67 -33.65 -113.73 -29.46
N LYS QA 68 -34.22 -112.87 -30.31
CA LYS QA 68 -35.48 -113.20 -30.98
C LYS QA 68 -35.28 -114.30 -32.01
N MET QA 69 -34.21 -114.20 -32.80
CA MET QA 69 -33.98 -115.17 -33.87
C MET QA 69 -33.50 -116.52 -33.35
N ARG QA 70 -32.82 -116.54 -32.20
CA ARG QA 70 -32.22 -117.76 -31.70
C ARG QA 70 -33.14 -118.58 -30.82
N ASN QA 71 -34.01 -117.94 -30.04
CA ASN QA 71 -34.89 -118.65 -29.13
C ASN QA 71 -36.33 -118.73 -29.61
N GLY QA 72 -36.67 -118.05 -30.71
CA GLY QA 72 -38.00 -118.12 -31.25
C GLY QA 72 -39.02 -117.20 -30.62
N TYR QA 73 -38.76 -116.67 -29.43
CA TYR QA 73 -39.68 -115.73 -28.80
C TYR QA 73 -38.95 -114.46 -28.40
N GLU QA 74 -39.65 -113.58 -27.70
CA GLU QA 74 -39.23 -112.19 -27.51
C GLU QA 74 -38.95 -111.94 -26.03
N LEU QA 75 -37.99 -111.06 -25.76
CA LEU QA 75 -37.72 -110.64 -24.39
C LEU QA 75 -38.90 -109.89 -23.79
N SER QA 76 -39.03 -110.03 -22.47
CA SER QA 76 -39.90 -109.16 -21.73
C SER QA 76 -39.27 -107.78 -21.63
N PRO QA 77 -40.09 -106.73 -21.45
CA PRO QA 77 -39.51 -105.39 -21.25
C PRO QA 77 -38.71 -105.25 -19.96
N THR QA 78 -38.97 -106.08 -18.95
CA THR QA 78 -38.20 -106.02 -17.72
C THR QA 78 -36.80 -106.61 -17.93
N ALA QA 79 -36.72 -107.77 -18.58
CA ALA QA 79 -35.43 -108.42 -18.78
C ALA QA 79 -34.59 -107.66 -19.80
N ALA QA 80 -35.24 -107.04 -20.79
CA ALA QA 80 -34.50 -106.22 -21.75
C ALA QA 80 -33.96 -104.96 -21.09
N ALA QA 81 -34.71 -104.38 -20.16
CA ALA QA 81 -34.24 -103.19 -19.47
C ALA QA 81 -33.12 -103.49 -18.48
N ASN QA 82 -33.11 -104.68 -17.89
CA ASN QA 82 -32.14 -105.04 -16.87
C ASN QA 82 -30.89 -105.67 -17.47
N PHE QA 83 -30.88 -105.84 -18.80
CA PHE QA 83 -29.67 -106.18 -19.55
C PHE QA 83 -28.89 -104.95 -19.98
N THR QA 84 -29.60 -103.85 -20.26
CA THR QA 84 -28.94 -102.60 -20.61
C THR QA 84 -28.17 -102.03 -19.42
N ARG QA 85 -28.70 -102.22 -18.21
CA ARG QA 85 -28.00 -101.76 -17.01
C ARG QA 85 -26.73 -102.56 -16.77
N ARG QA 86 -26.70 -103.82 -17.21
CA ARG QA 86 -25.53 -104.65 -17.01
C ARG QA 86 -24.35 -104.18 -17.85
N ASN QA 87 -24.61 -103.63 -19.03
CA ASN QA 87 -23.52 -103.25 -19.93
C ASN QA 87 -22.88 -101.92 -19.58
N LEU QA 88 -23.62 -100.98 -18.99
CA LEU QA 88 -22.97 -99.75 -18.53
C LEU QA 88 -22.08 -100.01 -17.32
N ALA QA 89 -22.59 -100.76 -16.35
CA ALA QA 89 -21.86 -100.98 -15.10
C ALA QA 89 -20.61 -101.81 -15.30
N ASP QA 90 -20.63 -102.73 -16.26
CA ASP QA 90 -19.42 -103.50 -16.56
C ASP QA 90 -18.40 -102.67 -17.32
N CYS QA 91 -18.86 -101.71 -18.11
CA CYS QA 91 -17.99 -100.87 -18.93
C CYS QA 91 -17.94 -99.46 -18.36
N LEU QA 92 -17.91 -99.35 -17.03
CA LEU QA 92 -17.82 -98.07 -16.34
C LEU QA 92 -16.46 -97.84 -15.72
N ARG QA 93 -15.86 -98.85 -15.10
CA ARG QA 93 -14.53 -98.74 -14.51
C ARG QA 93 -13.46 -99.14 -15.51
N SER QA 94 -13.50 -98.54 -16.69
CA SER QA 94 -12.57 -98.89 -17.76
C SER QA 94 -12.14 -97.62 -18.48
N ARG QA 95 -11.32 -97.78 -19.51
CA ARG QA 95 -10.80 -96.63 -20.25
C ARG QA 95 -11.85 -95.98 -21.14
N THR QA 96 -12.92 -96.69 -21.48
CA THR QA 96 -13.97 -96.17 -22.35
C THR QA 96 -15.30 -96.21 -21.59
N PRO QA 97 -15.66 -95.15 -20.87
CA PRO QA 97 -16.99 -95.09 -20.28
C PRO QA 97 -17.99 -94.45 -21.23
N TYR QA 98 -19.20 -95.01 -21.23
CA TYR QA 98 -20.27 -94.48 -22.06
C TYR QA 98 -21.11 -93.50 -21.26
N HIS QA 99 -21.34 -92.32 -21.82
CA HIS QA 99 -22.05 -91.25 -21.12
C HIS QA 99 -23.33 -90.96 -21.89
N VAL QA 100 -24.36 -91.75 -21.59
CA VAL QA 100 -25.68 -91.60 -22.21
C VAL QA 100 -26.74 -91.70 -21.12
N ASN QA 101 -27.91 -91.16 -21.41
CA ASN QA 101 -29.07 -91.24 -20.54
C ASN QA 101 -30.21 -91.87 -21.31
N LEU QA 102 -30.88 -92.84 -20.70
CA LEU QA 102 -31.86 -93.66 -21.38
C LEU QA 102 -33.18 -93.66 -20.63
N LEU QA 103 -34.23 -94.04 -21.35
CA LEU QA 103 -35.46 -94.47 -20.70
C LEU QA 103 -36.13 -95.48 -21.61
N LEU QA 104 -36.63 -96.56 -21.04
CA LEU QA 104 -37.16 -97.68 -21.78
C LEU QA 104 -38.66 -97.79 -21.65
N ALA QA 105 -39.29 -98.15 -22.76
CA ALA QA 105 -40.75 -98.22 -22.87
C ALA QA 105 -41.12 -99.55 -23.49
N GLY QA 106 -41.89 -100.35 -22.77
CA GLY QA 106 -42.25 -101.67 -23.27
C GLY QA 106 -43.60 -102.10 -22.77
N TYR QA 107 -44.22 -102.99 -23.52
CA TYR QA 107 -45.47 -103.63 -23.15
C TYR QA 107 -45.26 -105.12 -23.03
N ASP QA 108 -45.88 -105.72 -22.02
CA ASP QA 108 -45.80 -107.16 -21.80
C ASP QA 108 -47.19 -107.76 -21.89
N GLU QA 109 -47.25 -108.99 -22.39
CA GLU QA 109 -48.53 -109.69 -22.47
C GLU QA 109 -48.99 -110.17 -21.11
N HIS QA 110 -48.07 -110.37 -20.16
CA HIS QA 110 -48.42 -110.84 -18.83
C HIS QA 110 -48.34 -109.75 -17.77
N GLU QA 111 -47.53 -108.72 -17.98
CA GLU QA 111 -47.34 -107.67 -17.01
C GLU QA 111 -47.90 -106.32 -17.43
N GLY QA 112 -48.40 -106.21 -18.65
CA GLY QA 112 -48.92 -104.94 -19.13
C GLY QA 112 -47.81 -104.01 -19.55
N PRO QA 113 -48.10 -102.71 -19.57
CA PRO QA 113 -47.09 -101.74 -19.96
C PRO QA 113 -46.12 -101.45 -18.83
N ALA QA 114 -44.93 -100.96 -19.22
CA ALA QA 114 -43.89 -100.70 -18.25
C ALA QA 114 -42.99 -99.58 -18.74
N LEU QA 115 -42.41 -98.86 -17.79
CA LEU QA 115 -41.48 -97.77 -18.05
C LEU QA 115 -40.28 -97.91 -17.12
N TYR QA 116 -39.09 -97.68 -17.65
CA TYR QA 116 -37.88 -97.73 -16.84
C TYR QA 116 -37.03 -96.50 -17.07
N TYR QA 117 -36.38 -96.05 -15.99
CA TYR QA 117 -35.49 -94.89 -16.02
C TYR QA 117 -34.05 -95.35 -15.96
N MET QA 118 -33.16 -94.55 -16.55
CA MET QA 118 -31.75 -94.91 -16.60
C MET QA 118 -30.89 -93.66 -16.48
N ASP QA 119 -29.94 -93.68 -15.55
CA ASP QA 119 -28.97 -92.62 -15.37
C ASP QA 119 -27.75 -92.93 -16.24
N TYR QA 120 -26.81 -91.99 -16.30
CA TYR QA 120 -25.52 -92.30 -16.93
C TYR QA 120 -24.59 -93.04 -15.98
N LEU QA 121 -25.01 -93.29 -14.74
CA LEU QA 121 -24.29 -94.14 -13.82
C LEU QA 121 -24.97 -95.49 -13.62
N ALA QA 122 -25.87 -95.87 -14.52
CA ALA QA 122 -26.54 -97.18 -14.57
C ALA QA 122 -27.33 -97.46 -13.29
N ALA QA 123 -28.36 -96.64 -13.08
CA ALA QA 123 -29.29 -96.81 -11.98
C ALA QA 123 -30.68 -97.04 -12.55
N LEU QA 124 -31.26 -98.20 -12.27
CA LEU QA 124 -32.61 -98.51 -12.74
C LEU QA 124 -33.66 -97.88 -11.84
N ALA QA 125 -34.84 -97.65 -12.42
CA ALA QA 125 -35.99 -97.17 -11.68
C ALA QA 125 -37.25 -97.61 -12.40
N LYS QA 126 -38.36 -97.61 -11.67
CA LYS QA 126 -39.67 -97.95 -12.22
C LYS QA 126 -40.57 -96.75 -11.95
N ALA QA 127 -40.80 -95.93 -12.97
CA ALA QA 127 -41.45 -94.66 -12.74
C ALA QA 127 -42.80 -94.56 -13.45
N PRO QA 128 -43.77 -93.87 -12.85
CA PRO QA 128 -45.01 -93.56 -13.57
C PRO QA 128 -44.86 -92.49 -14.64
N PHE QA 129 -43.76 -91.74 -14.62
CA PHE QA 129 -43.38 -90.75 -15.63
C PHE QA 129 -41.95 -90.35 -15.39
N ALA QA 130 -41.27 -89.94 -16.46
CA ALA QA 130 -39.87 -89.54 -16.37
C ALA QA 130 -39.55 -88.60 -17.50
N ALA QA 131 -38.39 -87.95 -17.39
CA ALA QA 131 -37.93 -86.99 -18.39
C ALA QA 131 -36.42 -86.85 -18.27
N HIS QA 132 -35.82 -86.19 -19.25
CA HIS QA 132 -34.39 -85.94 -19.26
C HIS QA 132 -34.12 -84.53 -19.80
N GLY QA 133 -32.86 -84.14 -19.76
CA GLY QA 133 -32.44 -82.86 -20.30
C GLY QA 133 -32.71 -81.71 -19.35
N TYR QA 134 -32.36 -80.51 -19.83
CA TYR QA 134 -32.60 -79.30 -19.04
C TYR QA 134 -34.09 -78.97 -18.97
N GLY QA 135 -34.85 -79.37 -19.99
CA GLY QA 135 -36.28 -79.18 -19.97
C GLY QA 135 -37.04 -80.11 -19.04
N ALA QA 136 -36.36 -81.07 -18.42
CA ALA QA 136 -37.01 -81.95 -17.46
C ALA QA 136 -37.40 -81.21 -16.20
N PHE QA 137 -36.71 -80.11 -15.89
CA PHE QA 137 -37.00 -79.34 -14.68
C PHE QA 137 -38.32 -78.59 -14.81
N LEU QA 138 -38.52 -77.92 -15.94
CA LEU QA 138 -39.65 -77.00 -16.07
C LEU QA 138 -40.96 -77.72 -16.33
N THR QA 139 -40.92 -78.99 -16.71
CA THR QA 139 -42.10 -79.65 -17.23
C THR QA 139 -42.67 -80.75 -16.35
N LEU QA 140 -41.87 -81.34 -15.46
CA LEU QA 140 -42.35 -82.53 -14.76
C LEU QA 140 -43.30 -82.17 -13.62
N SER QA 141 -43.21 -80.97 -13.06
CA SER QA 141 -44.14 -80.58 -12.01
C SER QA 141 -45.53 -80.27 -12.57
N ILE QA 142 -45.59 -79.87 -13.84
CA ILE QA 142 -46.87 -79.83 -14.55
C ILE QA 142 -47.44 -81.23 -14.66
N LEU QA 143 -46.60 -82.19 -15.05
CA LEU QA 143 -47.01 -83.58 -15.15
C LEU QA 143 -47.23 -84.19 -13.78
N ASP QA 144 -46.59 -83.67 -12.74
CA ASP QA 144 -46.88 -84.09 -11.37
C ASP QA 144 -48.20 -83.53 -10.87
N ARG QA 145 -48.68 -82.44 -11.47
CA ARG QA 145 -49.90 -81.79 -11.00
C ARG QA 145 -51.14 -82.53 -11.47
N TYR QA 146 -51.18 -82.91 -12.75
CA TYR QA 146 -52.41 -83.40 -13.36
C TYR QA 146 -52.40 -84.90 -13.64
N TYR QA 147 -51.45 -85.64 -13.09
CA TYR QA 147 -51.39 -87.07 -13.38
C TYR QA 147 -52.44 -87.84 -12.59
N THR QA 148 -53.01 -88.84 -13.24
CA THR QA 148 -53.95 -89.77 -12.64
C THR QA 148 -53.52 -91.15 -13.09
N PRO QA 149 -53.45 -92.12 -12.16
CA PRO QA 149 -53.08 -93.49 -12.56
C PRO QA 149 -54.08 -94.16 -13.46
N THR QA 150 -55.34 -93.73 -13.45
CA THR QA 150 -56.36 -94.21 -14.38
C THR QA 150 -56.73 -93.04 -15.29
N ILE QA 151 -55.97 -92.89 -16.37
CA ILE QA 151 -56.16 -91.80 -17.31
C ILE QA 151 -56.29 -92.39 -18.71
N SER QA 152 -57.12 -91.78 -19.54
CA SER QA 152 -57.33 -92.27 -20.89
C SER QA 152 -56.19 -91.84 -21.80
N ARG QA 153 -56.08 -92.51 -22.95
CA ARG QA 153 -55.04 -92.19 -23.90
C ARG QA 153 -55.30 -90.88 -24.64
N GLU QA 154 -56.52 -90.38 -24.61
CA GLU QA 154 -56.82 -89.10 -25.24
C GLU QA 154 -56.48 -87.92 -24.34
N ARG QA 155 -56.72 -88.07 -23.03
CA ARG QA 155 -56.32 -87.04 -22.08
C ARG QA 155 -54.81 -86.99 -21.89
N ALA QA 156 -54.11 -88.10 -22.14
CA ALA QA 156 -52.66 -88.10 -22.03
C ALA QA 156 -52.00 -87.28 -23.12
N VAL QA 157 -52.59 -87.27 -24.32
CA VAL QA 157 -52.08 -86.43 -25.40
C VAL QA 157 -52.33 -84.96 -25.08
N GLU QA 158 -53.51 -84.66 -24.52
CA GLU QA 158 -53.81 -83.31 -24.08
C GLU QA 158 -52.93 -82.89 -22.92
N LEU QA 159 -52.61 -83.82 -22.02
CA LEU QA 159 -51.66 -83.53 -20.95
C LEU QA 159 -50.25 -83.37 -21.50
N LEU QA 160 -49.92 -84.09 -22.58
CA LEU QA 160 -48.62 -83.92 -23.22
C LEU QA 160 -48.54 -82.56 -23.90
N ARG QA 161 -49.65 -82.08 -24.46
CA ARG QA 161 -49.65 -80.76 -25.10
C ARG QA 161 -49.55 -79.64 -24.07
N LYS QA 162 -50.12 -79.84 -22.88
CA LYS QA 162 -49.91 -78.88 -21.80
C LYS QA 162 -48.46 -78.90 -21.33
N CYS QA 163 -47.82 -80.07 -21.38
CA CYS QA 163 -46.46 -80.23 -20.89
C CYS QA 163 -45.44 -79.56 -21.79
N LEU QA 164 -45.76 -79.36 -23.06
CA LEU QA 164 -44.81 -78.83 -24.04
C LEU QA 164 -44.99 -77.35 -24.33
N GLU QA 165 -46.13 -76.75 -23.98
CA GLU QA 165 -46.32 -75.34 -24.26
C GLU QA 165 -45.54 -74.47 -23.28
N GLU QA 166 -45.35 -74.92 -22.05
CA GLU QA 166 -44.52 -74.16 -21.13
C GLU QA 166 -43.05 -74.31 -21.47
N LEU QA 167 -42.66 -75.42 -22.08
CA LEU QA 167 -41.31 -75.54 -22.62
C LEU QA 167 -41.12 -74.65 -23.84
N GLN QA 168 -42.20 -74.29 -24.53
CA GLN QA 168 -42.13 -73.29 -25.58
C GLN QA 168 -42.03 -71.88 -25.02
N LYS QA 169 -42.47 -71.67 -23.78
CA LYS QA 169 -42.60 -70.34 -23.20
C LYS QA 169 -41.35 -69.86 -22.44
N ARG QA 170 -40.89 -70.63 -21.46
CA ARG QA 170 -39.84 -70.17 -20.56
C ARG QA 170 -38.56 -70.99 -20.70
N PHE QA 171 -38.29 -71.55 -21.86
CA PHE QA 171 -37.05 -72.30 -22.06
C PHE QA 171 -36.29 -71.66 -23.20
N ILE QA 172 -34.98 -71.49 -23.00
CA ILE QA 172 -34.21 -70.64 -23.90
C ILE QA 172 -33.97 -71.29 -25.25
N LEU QA 173 -33.94 -72.63 -25.30
CA LEU QA 173 -33.67 -73.25 -26.59
C LEU QA 173 -34.93 -73.27 -27.45
N ASN QA 174 -34.74 -73.57 -28.73
CA ASN QA 174 -35.81 -73.36 -29.70
C ASN QA 174 -36.83 -74.49 -29.64
N LEU QA 175 -36.41 -75.70 -30.02
CA LEU QA 175 -37.15 -76.96 -29.98
C LEU QA 175 -38.53 -76.88 -30.64
N PRO QA 176 -38.62 -76.78 -31.97
CA PRO QA 176 -39.93 -76.54 -32.59
C PRO QA 176 -40.81 -77.77 -32.76
N THR QA 177 -40.23 -78.93 -33.05
CA THR QA 177 -41.00 -80.11 -33.42
C THR QA 177 -40.75 -81.25 -32.44
N PHE QA 178 -41.76 -82.11 -32.31
CA PHE QA 178 -41.72 -83.18 -31.31
C PHE QA 178 -42.46 -84.40 -31.86
N SER QA 179 -41.72 -85.46 -32.15
CA SER QA 179 -42.31 -86.71 -32.62
C SER QA 179 -42.84 -87.53 -31.44
N VAL QA 180 -43.96 -88.22 -31.66
CA VAL QA 180 -44.72 -88.89 -30.61
C VAL QA 180 -45.01 -90.32 -31.06
N ARG QA 181 -44.74 -91.29 -30.17
CA ARG QA 181 -45.15 -92.67 -30.37
C ARG QA 181 -46.21 -93.06 -29.33
N ILE QA 182 -46.73 -94.27 -29.49
CA ILE QA 182 -47.62 -94.88 -28.51
C ILE QA 182 -47.49 -96.40 -28.65
N ILE QA 183 -47.50 -97.10 -27.51
CA ILE QA 183 -47.34 -98.55 -27.46
C ILE QA 183 -48.53 -99.14 -26.73
N ASP QA 184 -49.16 -100.15 -27.33
CA ASP QA 184 -50.31 -100.80 -26.73
C ASP QA 184 -50.18 -102.30 -26.95
N LYS QA 185 -51.29 -103.03 -26.77
CA LYS QA 185 -51.30 -104.46 -26.99
C LYS QA 185 -51.12 -104.83 -28.46
N ASN QA 186 -51.38 -103.90 -29.38
CA ASN QA 186 -51.23 -104.18 -30.80
C ASN QA 186 -49.80 -103.95 -31.27
N GLY QA 187 -49.07 -103.05 -30.64
CA GLY QA 187 -47.68 -102.81 -31.00
C GLY QA 187 -47.34 -101.33 -30.85
N ILE QA 188 -46.39 -100.88 -31.67
CA ILE QA 188 -46.01 -99.48 -31.70
C ILE QA 188 -46.80 -98.80 -32.81
N HIS QA 189 -47.62 -97.83 -32.43
CA HIS QA 189 -48.34 -97.00 -33.38
C HIS QA 189 -47.71 -95.63 -33.40
N ASP QA 190 -47.59 -95.05 -34.60
CA ASP QA 190 -46.99 -93.74 -34.76
C ASP QA 190 -48.09 -92.69 -34.79
N LEU QA 191 -48.11 -91.83 -33.78
CA LEU QA 191 -49.03 -90.71 -33.79
C LEU QA 191 -48.48 -89.59 -34.66
N ASP QA 192 -49.30 -88.56 -34.84
CA ASP QA 192 -48.92 -87.43 -35.67
C ASP QA 192 -47.84 -86.59 -34.99
N ASN QA 193 -47.09 -85.88 -35.81
CA ASN QA 193 -46.01 -85.03 -35.33
C ASN QA 193 -46.59 -83.78 -34.69
N ILE QA 194 -45.87 -83.25 -33.70
CA ILE QA 194 -46.31 -82.08 -32.94
C ILE QA 194 -45.39 -80.92 -33.26
N SER QA 195 -45.96 -79.84 -33.77
CA SER QA 195 -45.24 -78.61 -34.07
C SER QA 195 -45.95 -77.44 -33.41
N PHE QA 196 -45.29 -76.28 -33.40
CA PHE QA 196 -45.79 -75.13 -32.67
C PHE QA 196 -45.77 -73.86 -33.52
N PRO QA 197 -46.93 -73.34 -33.93
CA PRO QA 197 -46.99 -71.93 -34.32
C PRO QA 197 -46.85 -71.03 -33.10
N LYS QA 198 -45.72 -70.33 -33.00
CA LYS QA 198 -45.38 -69.63 -31.76
C LYS QA 198 -46.23 -68.38 -31.56
N GLN QA 199 -46.16 -67.45 -32.49
CA GLN QA 199 -46.93 -66.21 -32.38
C GLN QA 199 -47.95 -66.11 -33.51
N THR RA 59 -11.23 -71.72 -44.01
CA THR RA 59 -11.81 -72.99 -44.39
C THR RA 59 -13.32 -72.90 -44.47
N THR RA 60 -13.87 -73.14 -45.66
CA THR RA 60 -15.33 -73.10 -45.85
C THR RA 60 -15.72 -74.08 -46.93
N THR RA 61 -16.53 -75.06 -46.57
CA THR RA 61 -17.11 -76.02 -47.52
C THR RA 61 -18.62 -75.99 -47.38
N LEU RA 62 -19.30 -76.40 -48.44
CA LEU RA 62 -20.75 -76.59 -48.36
C LEU RA 62 -21.16 -77.67 -49.35
N ALA RA 63 -22.34 -78.23 -49.11
CA ALA RA 63 -22.91 -79.25 -49.98
C ALA RA 63 -24.42 -79.23 -49.83
N PHE RA 64 -25.11 -79.36 -50.96
CA PHE RA 64 -26.57 -79.44 -50.93
C PHE RA 64 -27.03 -80.29 -52.10
N LYS RA 65 -28.08 -81.06 -51.87
CA LYS RA 65 -28.68 -81.90 -52.91
C LYS RA 65 -30.03 -81.34 -53.32
N PHE RA 66 -30.40 -81.62 -54.56
CA PHE RA 66 -31.64 -81.12 -55.13
C PHE RA 66 -32.12 -82.14 -56.15
N ARG RA 67 -32.99 -81.72 -57.07
CA ARG RA 67 -33.56 -82.63 -58.06
C ARG RA 67 -32.49 -83.23 -58.96
N HIS RA 68 -31.59 -82.42 -59.48
CA HIS RA 68 -30.53 -82.91 -60.35
C HIS RA 68 -29.21 -83.04 -59.60
N GLY RA 69 -29.20 -83.94 -58.61
CA GLY RA 69 -27.96 -84.32 -57.96
C GLY RA 69 -27.47 -83.41 -56.85
N VAL RA 70 -26.16 -83.45 -56.60
CA VAL RA 70 -25.53 -82.82 -55.45
C VAL RA 70 -24.50 -81.81 -55.96
N ILE RA 71 -24.43 -80.66 -55.31
CA ILE RA 71 -23.45 -79.62 -55.60
C ILE RA 71 -22.44 -79.56 -54.45
N VAL RA 72 -21.15 -79.60 -54.79
CA VAL RA 72 -20.06 -79.52 -53.82
C VAL RA 72 -19.20 -78.31 -54.16
N ALA RA 73 -18.90 -77.49 -53.15
CA ALA RA 73 -18.06 -76.31 -53.35
C ALA RA 73 -17.23 -76.06 -52.11
N ALA RA 74 -16.04 -75.49 -52.32
CA ALA RA 74 -15.11 -75.23 -51.23
C ALA RA 74 -14.13 -74.14 -51.66
N ASP RA 75 -13.38 -73.62 -50.68
CA ASP RA 75 -12.32 -72.66 -50.93
C ASP RA 75 -11.00 -73.39 -51.11
N SER RA 76 -9.89 -72.65 -51.08
CA SER RA 76 -8.58 -73.27 -51.31
C SER RA 76 -7.49 -72.70 -50.41
N ARG RA 77 -7.84 -72.04 -49.31
CA ARG RA 77 -6.86 -71.40 -48.45
C ARG RA 77 -6.60 -72.26 -47.21
N ALA RA 78 -5.33 -72.56 -46.97
CA ALA RA 78 -4.89 -73.24 -45.75
C ALA RA 78 -3.84 -72.39 -45.07
N THR RA 79 -4.03 -72.14 -43.78
CA THR RA 79 -3.17 -71.24 -43.02
C THR RA 79 -2.37 -72.02 -41.98
N ALA RA 80 -1.54 -71.29 -41.25
CA ALA RA 80 -0.76 -71.85 -40.13
C ALA RA 80 -0.63 -70.72 -39.10
N GLY RA 81 -1.54 -70.72 -38.13
CA GLY RA 81 -1.62 -69.61 -37.20
C GLY RA 81 -2.17 -68.38 -37.86
N ALA RA 82 -1.35 -67.34 -37.98
CA ALA RA 82 -1.70 -66.14 -38.73
C ALA RA 82 -0.96 -66.07 -40.07
N TYR RA 83 -0.34 -67.17 -40.47
CA TYR RA 83 0.47 -67.25 -41.67
C TYR RA 83 -0.23 -68.13 -42.69
N ILE RA 84 -0.47 -67.60 -43.89
CA ILE RA 84 -1.06 -68.38 -44.97
C ILE RA 84 0.00 -69.28 -45.56
N ALA RA 85 -0.25 -70.60 -45.52
CA ALA RA 85 0.68 -71.54 -46.13
C ALA RA 85 0.55 -71.53 -47.64
N SER RA 86 -0.65 -71.82 -48.16
CA SER RA 86 -0.86 -71.91 -49.59
C SER RA 86 -2.21 -71.31 -49.96
N GLN RA 87 -2.44 -71.20 -51.26
CA GLN RA 87 -3.69 -70.70 -51.81
C GLN RA 87 -4.31 -71.67 -52.81
N THR RA 88 -3.69 -72.82 -53.06
CA THR RA 88 -4.14 -73.79 -54.06
C THR RA 88 -4.37 -75.15 -53.44
N VAL RA 89 -4.97 -75.18 -52.26
CA VAL RA 89 -5.24 -76.45 -51.58
C VAL RA 89 -6.54 -77.03 -52.09
N LYS RA 90 -6.49 -78.26 -52.59
CA LYS RA 90 -7.67 -78.95 -53.09
C LYS RA 90 -8.37 -79.61 -51.91
N LYS RA 91 -9.45 -79.00 -51.43
CA LYS RA 91 -10.12 -79.45 -50.22
C LYS RA 91 -11.24 -80.43 -50.49
N VAL RA 92 -11.46 -80.83 -51.74
CA VAL RA 92 -12.48 -81.82 -52.06
C VAL RA 92 -11.74 -83.05 -52.60
N ILE RA 93 -11.68 -84.09 -51.78
CA ILE RA 93 -10.88 -85.26 -52.09
C ILE RA 93 -11.69 -86.22 -52.95
N GLU RA 94 -11.14 -86.57 -54.11
CA GLU RA 94 -11.81 -87.44 -55.08
C GLU RA 94 -11.60 -88.88 -54.64
N ILE RA 95 -12.61 -89.45 -53.98
CA ILE RA 95 -12.49 -90.80 -53.46
C ILE RA 95 -12.59 -91.82 -54.58
N ASN RA 96 -13.67 -91.77 -55.34
CA ASN RA 96 -13.95 -92.73 -56.39
C ASN RA 96 -14.46 -91.96 -57.61
N PRO RA 97 -14.68 -92.61 -58.76
CA PRO RA 97 -15.49 -91.96 -59.80
C PRO RA 97 -16.96 -91.81 -59.46
N TYR RA 98 -17.42 -92.31 -58.31
CA TYR RA 98 -18.81 -92.16 -57.91
C TYR RA 98 -18.96 -91.65 -56.47
N LEU RA 99 -17.87 -91.28 -55.81
CA LEU RA 99 -17.94 -90.74 -54.45
C LEU RA 99 -17.00 -89.55 -54.33
N LEU RA 100 -17.37 -88.62 -53.44
CA LEU RA 100 -16.56 -87.44 -53.17
C LEU RA 100 -16.51 -87.20 -51.67
N GLY RA 101 -15.38 -86.67 -51.22
CA GLY RA 101 -15.21 -86.33 -49.81
C GLY RA 101 -14.55 -84.97 -49.68
N THR RA 102 -14.80 -84.33 -48.54
CA THR RA 102 -14.35 -82.98 -48.27
C THR RA 102 -13.24 -82.99 -47.24
N MET RA 103 -12.65 -81.80 -47.03
CA MET RA 103 -11.58 -81.60 -46.06
C MET RA 103 -11.94 -80.39 -45.22
N ALA RA 104 -12.18 -80.60 -43.93
CA ALA RA 104 -12.60 -79.51 -43.05
C ALA RA 104 -12.10 -79.81 -41.65
N GLY RA 105 -10.99 -79.17 -41.27
CA GLY RA 105 -10.43 -79.34 -39.95
C GLY RA 105 -9.37 -80.42 -39.94
N GLY RA 106 -8.10 -80.02 -39.88
CA GLY RA 106 -7.03 -80.98 -39.93
C GLY RA 106 -6.68 -81.35 -41.36
N ALA RA 107 -5.41 -81.21 -41.73
CA ALA RA 107 -5.02 -81.49 -43.10
C ALA RA 107 -4.79 -82.98 -43.32
N ALA RA 108 -3.86 -83.57 -42.55
CA ALA RA 108 -3.53 -84.98 -42.75
C ALA RA 108 -4.58 -85.91 -42.17
N ASP RA 109 -5.41 -85.43 -41.25
CA ASP RA 109 -6.45 -86.28 -40.67
C ASP RA 109 -7.55 -86.57 -41.68
N CYS RA 110 -7.96 -85.55 -42.44
CA CYS RA 110 -8.94 -85.79 -43.50
C CYS RA 110 -8.30 -86.43 -44.72
N SER RA 111 -6.98 -86.32 -44.87
CA SER RA 111 -6.31 -86.88 -46.03
C SER RA 111 -6.05 -88.37 -45.87
N PHE RA 112 -5.70 -88.80 -44.65
CA PHE RA 112 -5.36 -90.20 -44.43
C PHE RA 112 -6.59 -91.08 -44.43
N TRP RA 113 -7.58 -90.75 -43.61
CA TRP RA 113 -8.70 -91.65 -43.34
C TRP RA 113 -9.64 -91.78 -44.52
N GLU RA 114 -9.74 -90.76 -45.37
CA GLU RA 114 -10.52 -90.91 -46.59
C GLU RA 114 -9.76 -91.73 -47.63
N ARG RA 115 -8.44 -91.65 -47.64
CA ARG RA 115 -7.66 -92.53 -48.50
C ARG RA 115 -7.75 -93.97 -48.01
N LEU RA 116 -7.84 -94.18 -46.69
CA LEU RA 116 -8.06 -95.51 -46.15
C LEU RA 116 -9.48 -95.99 -46.45
N LEU RA 117 -10.44 -95.07 -46.54
CA LEU RA 117 -11.79 -95.44 -46.94
C LEU RA 117 -11.85 -95.83 -48.41
N ALA RA 118 -11.08 -95.12 -49.26
CA ALA RA 118 -11.00 -95.47 -50.67
C ALA RA 118 -10.28 -96.80 -50.86
N ARG RA 119 -9.36 -97.14 -49.95
CA ARG RA 119 -8.75 -98.46 -49.96
C ARG RA 119 -9.77 -99.54 -49.62
N GLN RA 120 -10.77 -99.21 -48.80
CA GLN RA 120 -11.72 -100.21 -48.35
C GLN RA 120 -12.86 -100.40 -49.35
N CYS RA 121 -13.29 -99.33 -50.03
CA CYS RA 121 -14.42 -99.43 -50.93
C CYS RA 121 -14.08 -100.18 -52.22
N ARG RA 122 -12.79 -100.21 -52.60
CA ARG RA 122 -12.39 -100.94 -53.79
C ARG RA 122 -12.42 -102.45 -53.54
N ILE RA 123 -12.04 -102.87 -52.34
CA ILE RA 123 -12.06 -104.29 -52.00
C ILE RA 123 -13.49 -104.79 -51.91
N TYR RA 124 -14.40 -103.94 -51.41
CA TYR RA 124 -15.82 -104.27 -51.36
C TYR RA 124 -16.41 -104.43 -52.75
N GLU RA 125 -15.90 -103.69 -53.73
CA GLU RA 125 -16.37 -103.83 -55.10
C GLU RA 125 -15.88 -105.12 -55.73
N LEU RA 126 -14.65 -105.54 -55.39
CA LEU RA 126 -14.10 -106.75 -55.99
C LEU RA 126 -14.71 -108.01 -55.39
N ARG RA 127 -15.01 -107.99 -54.09
CA ARG RA 127 -15.54 -109.17 -53.43
C ARG RA 127 -17.02 -109.40 -53.73
N ASN RA 128 -17.75 -108.36 -54.13
CA ASN RA 128 -19.19 -108.46 -54.27
C ASN RA 128 -19.70 -108.05 -55.64
N LYS RA 129 -18.82 -107.62 -56.55
CA LYS RA 129 -19.14 -107.28 -57.94
C LYS RA 129 -20.19 -106.18 -58.04
N GLU RA 130 -20.13 -105.23 -57.11
CA GLU RA 130 -21.13 -104.18 -57.01
C GLU RA 130 -20.52 -103.00 -56.26
N ARG RA 131 -20.90 -101.79 -56.65
CA ARG RA 131 -20.46 -100.59 -55.96
C ARG RA 131 -21.03 -100.54 -54.55
N ILE RA 132 -20.37 -99.80 -53.70
CA ILE RA 132 -20.78 -99.62 -52.31
C ILE RA 132 -21.86 -98.54 -52.28
N SER RA 133 -22.73 -98.59 -51.28
CA SER RA 133 -23.74 -97.56 -51.14
C SER RA 133 -23.18 -96.38 -50.35
N VAL RA 134 -23.92 -95.27 -50.38
CA VAL RA 134 -23.45 -94.05 -49.75
C VAL RA 134 -23.57 -94.15 -48.23
N ALA RA 135 -24.64 -94.77 -47.74
CA ALA RA 135 -24.81 -94.98 -46.31
C ALA RA 135 -23.81 -95.98 -45.75
N ALA RA 136 -23.31 -96.89 -46.58
CA ALA RA 136 -22.32 -97.86 -46.11
C ALA RA 136 -20.96 -97.19 -45.88
N ALA RA 137 -20.55 -96.34 -46.81
CA ALA RA 137 -19.21 -95.74 -46.72
C ALA RA 137 -19.13 -94.70 -45.60
N SER RA 138 -20.23 -93.99 -45.34
CA SER RA 138 -20.24 -93.05 -44.22
C SER RA 138 -20.23 -93.77 -42.90
N LYS RA 139 -20.77 -94.99 -42.84
CA LYS RA 139 -20.77 -95.73 -41.60
C LYS RA 139 -19.41 -96.33 -41.30
N LEU RA 140 -18.71 -96.81 -42.35
CA LEU RA 140 -17.37 -97.37 -42.16
C LEU RA 140 -16.38 -96.30 -41.72
N LEU RA 141 -16.56 -95.07 -42.20
CA LEU RA 141 -15.69 -93.98 -41.77
C LEU RA 141 -15.97 -93.59 -40.32
N ALA RA 142 -17.22 -93.72 -39.88
CA ALA RA 142 -17.56 -93.33 -38.52
C ALA RA 142 -16.98 -94.29 -37.48
N ASN RA 143 -16.88 -95.57 -37.82
CA ASN RA 143 -16.37 -96.53 -36.86
C ASN RA 143 -14.86 -96.49 -36.73
N MET RA 144 -14.15 -96.09 -37.80
CA MET RA 144 -12.70 -96.02 -37.72
C MET RA 144 -12.24 -94.84 -36.87
N VAL RA 145 -12.97 -93.72 -36.93
CA VAL RA 145 -12.57 -92.55 -36.18
C VAL RA 145 -12.97 -92.68 -34.72
N TYR RA 146 -14.07 -93.38 -34.43
CA TYR RA 146 -14.59 -93.53 -33.07
C TYR RA 146 -13.63 -94.30 -32.16
N GLN RA 147 -12.78 -95.16 -32.71
CA GLN RA 147 -11.83 -95.88 -31.89
C GLN RA 147 -10.71 -94.98 -31.36
N TYR RA 148 -10.51 -93.82 -31.97
CA TYR RA 148 -9.52 -92.85 -31.51
C TYR RA 148 -10.20 -91.64 -30.87
N LYS RA 149 -11.33 -91.87 -30.20
CA LYS RA 149 -12.08 -90.78 -29.59
C LYS RA 149 -11.37 -90.28 -28.35
N GLY RA 150 -11.18 -88.96 -28.27
CA GLY RA 150 -10.52 -88.35 -27.15
C GLY RA 150 -9.03 -88.20 -27.30
N MET RA 151 -8.41 -88.91 -28.24
CA MET RA 151 -6.97 -88.83 -28.44
C MET RA 151 -6.54 -87.56 -29.17
N GLY RA 152 -7.47 -86.81 -29.75
CA GLY RA 152 -7.13 -85.53 -30.32
C GLY RA 152 -7.16 -85.45 -31.83
N LEU RA 153 -8.11 -86.15 -32.45
CA LEU RA 153 -8.30 -86.00 -33.89
C LEU RA 153 -9.21 -84.82 -34.19
N SER RA 154 -9.12 -84.34 -35.42
CA SER RA 154 -9.99 -83.28 -35.92
C SER RA 154 -10.43 -83.66 -37.32
N MET RA 155 -11.74 -83.79 -37.53
CA MET RA 155 -12.27 -84.25 -38.80
C MET RA 155 -13.74 -83.90 -38.87
N GLY RA 156 -14.14 -83.18 -39.92
CA GLY RA 156 -15.51 -82.75 -40.08
C GLY RA 156 -16.02 -82.92 -41.50
N THR RA 157 -15.59 -83.98 -42.18
CA THR RA 157 -15.80 -84.12 -43.61
C THR RA 157 -17.26 -84.45 -43.94
N MET RA 158 -17.56 -84.46 -45.24
CA MET RA 158 -18.86 -84.81 -45.76
C MET RA 158 -18.70 -85.89 -46.83
N ILE RA 159 -19.75 -86.69 -47.02
CA ILE RA 159 -19.73 -87.76 -48.00
C ILE RA 159 -20.84 -87.51 -49.01
N CYS RA 160 -20.49 -87.51 -50.30
CA CYS RA 160 -21.43 -87.28 -51.36
C CYS RA 160 -21.35 -88.42 -52.38
N GLY RA 161 -22.43 -88.63 -53.10
CA GLY RA 161 -22.44 -89.63 -54.14
C GLY RA 161 -23.83 -90.09 -54.46
N TRP RA 162 -23.98 -90.62 -55.68
CA TRP RA 162 -25.24 -91.19 -56.13
C TRP RA 162 -25.34 -92.64 -55.65
N ASP RA 163 -26.57 -93.07 -55.39
CA ASP RA 163 -26.81 -94.40 -54.86
C ASP RA 163 -27.99 -95.00 -55.62
N LYS RA 164 -28.29 -96.27 -55.33
CA LYS RA 164 -29.47 -96.90 -55.89
C LYS RA 164 -30.75 -96.29 -55.32
N ARG RA 165 -30.68 -95.74 -54.11
CA ARG RA 165 -31.79 -94.99 -53.55
C ARG RA 165 -31.86 -93.56 -54.07
N GLY RA 166 -30.91 -93.14 -54.90
CA GLY RA 166 -30.91 -91.80 -55.45
C GLY RA 166 -29.66 -91.03 -55.05
N PRO RA 167 -29.84 -89.78 -54.65
CA PRO RA 167 -28.71 -89.00 -54.13
C PRO RA 167 -28.29 -89.49 -52.76
N GLY RA 168 -27.18 -88.95 -52.29
CA GLY RA 168 -26.67 -89.30 -50.97
C GLY RA 168 -25.83 -88.20 -50.37
N LEU RA 169 -26.10 -87.87 -49.11
CA LEU RA 169 -25.39 -86.77 -48.45
C LEU RA 169 -25.37 -87.05 -46.95
N TYR RA 170 -24.20 -87.37 -46.42
CA TYR RA 170 -24.02 -87.62 -45.01
C TYR RA 170 -22.91 -86.74 -44.46
N TYR RA 171 -22.93 -86.54 -43.14
CA TYR RA 171 -21.98 -85.68 -42.46
C TYR RA 171 -21.34 -86.43 -41.31
N VAL RA 172 -20.01 -86.49 -41.31
CA VAL RA 172 -19.25 -87.29 -40.34
C VAL RA 172 -18.31 -86.36 -39.58
N ASP RA 173 -18.41 -86.40 -38.26
CA ASP RA 173 -17.51 -85.69 -37.37
C ASP RA 173 -16.44 -86.61 -36.80
N SER RA 174 -15.40 -85.99 -36.24
CA SER RA 174 -14.45 -86.72 -35.43
C SER RA 174 -14.98 -87.00 -34.04
N GLU RA 175 -16.03 -86.29 -33.62
CA GLU RA 175 -16.65 -86.53 -32.33
C GLU RA 175 -17.56 -87.75 -32.35
N GLY RA 176 -18.08 -88.11 -33.52
CA GLY RA 176 -18.93 -89.26 -33.67
C GLY RA 176 -20.33 -88.98 -34.19
N ASN RA 177 -20.58 -87.81 -34.78
CA ASN RA 177 -21.88 -87.47 -35.31
C ASN RA 177 -21.98 -87.93 -36.75
N ARG RA 178 -22.92 -88.83 -37.03
CA ARG RA 178 -23.22 -89.29 -38.38
C ARG RA 178 -24.69 -89.00 -38.64
N ILE RA 179 -24.96 -87.95 -39.41
CA ILE RA 179 -26.32 -87.55 -39.71
C ILE RA 179 -26.47 -87.38 -41.22
N SER RA 180 -27.69 -87.60 -41.70
CA SER RA 180 -28.04 -87.30 -43.08
C SER RA 180 -28.63 -85.89 -43.15
N GLY RA 181 -29.06 -85.50 -44.34
CA GLY RA 181 -29.67 -84.20 -44.50
C GLY RA 181 -29.69 -83.79 -45.95
N ALA RA 182 -30.18 -82.58 -46.16
CA ALA RA 182 -30.29 -81.99 -47.50
C ALA RA 182 -29.28 -80.90 -47.77
N THR RA 183 -29.00 -80.03 -46.80
CA THR RA 183 -28.02 -78.96 -46.94
C THR RA 183 -27.04 -79.02 -45.78
N PHE RA 184 -25.78 -78.73 -46.08
CA PHE RA 184 -24.75 -78.67 -45.06
C PHE RA 184 -23.74 -77.58 -45.43
N SER RA 185 -23.02 -77.09 -44.42
CA SER RA 185 -21.95 -76.13 -44.62
C SER RA 185 -20.97 -76.28 -43.46
N VAL RA 186 -19.73 -76.65 -43.78
CA VAL RA 186 -18.74 -77.00 -42.76
C VAL RA 186 -17.54 -76.09 -42.92
N GLY RA 187 -16.97 -75.65 -41.79
CA GLY RA 187 -15.76 -74.85 -41.81
C GLY RA 187 -15.76 -73.74 -40.78
N SER RA 188 -14.68 -72.95 -40.75
CA SER RA 188 -14.64 -71.81 -39.84
C SER RA 188 -15.57 -70.70 -40.32
N GLY RA 189 -15.65 -70.50 -41.63
CA GLY RA 189 -16.57 -69.52 -42.18
C GLY RA 189 -17.83 -70.18 -42.71
N SER RA 190 -18.24 -71.27 -42.07
CA SER RA 190 -19.44 -71.98 -42.48
C SER RA 190 -20.70 -71.23 -42.13
N VAL RA 191 -20.70 -70.53 -40.99
CA VAL RA 191 -21.90 -69.85 -40.51
C VAL RA 191 -22.24 -68.63 -41.35
N TYR RA 192 -21.29 -68.13 -42.14
CA TYR RA 192 -21.57 -67.07 -43.09
C TYR RA 192 -22.22 -67.62 -44.36
N ALA RA 193 -22.15 -68.93 -44.57
CA ALA RA 193 -22.66 -69.56 -45.76
C ALA RA 193 -24.05 -70.14 -45.60
N TYR RA 194 -24.52 -70.35 -44.37
CA TYR RA 194 -25.87 -70.89 -44.18
C TYR RA 194 -26.95 -69.90 -44.60
N GLY RA 195 -26.74 -68.61 -44.31
CA GLY RA 195 -27.80 -67.65 -44.53
C GLY RA 195 -28.00 -67.30 -45.99
N VAL RA 196 -26.91 -67.12 -46.71
CA VAL RA 196 -27.01 -66.78 -48.13
C VAL RA 196 -27.45 -68.00 -48.96
N MET RA 197 -27.18 -69.21 -48.50
CA MET RA 197 -27.63 -70.40 -49.21
C MET RA 197 -29.12 -70.63 -49.01
N ASP RA 198 -29.58 -70.56 -47.75
CA ASP RA 198 -30.97 -70.87 -47.44
C ASP RA 198 -31.93 -69.81 -47.96
N ARG RA 199 -31.46 -68.59 -48.19
CA ARG RA 199 -32.31 -67.57 -48.79
C ARG RA 199 -32.59 -67.87 -50.26
N GLY RA 200 -31.66 -68.54 -50.93
CA GLY RA 200 -31.84 -68.91 -52.32
C GLY RA 200 -32.06 -70.37 -52.59
N TYR RA 201 -32.10 -71.22 -51.57
CA TYR RA 201 -32.21 -72.65 -51.79
C TYR RA 201 -33.64 -73.05 -52.14
N SER RA 202 -33.76 -73.95 -53.12
CA SER RA 202 -35.00 -74.63 -53.41
C SER RA 202 -34.67 -76.00 -53.96
N TYR RA 203 -35.60 -76.94 -53.82
CA TYR RA 203 -35.38 -78.27 -54.36
C TYR RA 203 -35.50 -78.31 -55.87
N ASP RA 204 -36.26 -77.39 -56.46
CA ASP RA 204 -36.53 -77.39 -57.89
C ASP RA 204 -35.75 -76.31 -58.62
N LEU RA 205 -34.52 -76.05 -58.17
CA LEU RA 205 -33.67 -75.10 -58.86
C LEU RA 205 -33.14 -75.69 -60.15
N GLU RA 206 -32.74 -74.81 -61.06
CA GLU RA 206 -32.14 -75.25 -62.31
C GLU RA 206 -30.67 -75.57 -62.10
N VAL RA 207 -30.06 -76.14 -63.14
CA VAL RA 207 -28.66 -76.55 -63.05
C VAL RA 207 -27.74 -75.34 -63.08
N GLU RA 208 -28.00 -74.41 -64.01
CA GLU RA 208 -27.21 -73.18 -64.06
C GLU RA 208 -27.52 -72.27 -62.89
N GLN RA 209 -28.73 -72.36 -62.33
CA GLN RA 209 -29.07 -71.57 -61.16
C GLN RA 209 -28.36 -72.11 -59.92
N ALA RA 210 -28.25 -73.43 -59.81
CA ALA RA 210 -27.58 -74.02 -58.65
C ALA RA 210 -26.07 -73.78 -58.70
N TYR RA 211 -25.51 -73.63 -59.90
CA TYR RA 211 -24.09 -73.30 -60.02
C TYR RA 211 -23.81 -71.90 -59.50
N ASP RA 212 -24.72 -70.95 -59.77
CA ASP RA 212 -24.51 -69.58 -59.33
C ASP RA 212 -24.80 -69.39 -57.86
N LEU RA 213 -25.62 -70.26 -57.26
CA LEU RA 213 -25.93 -70.12 -55.83
C LEU RA 213 -24.74 -70.52 -54.98
N ALA RA 214 -24.11 -71.66 -55.28
CA ALA RA 214 -22.97 -72.10 -54.49
C ALA RA 214 -21.74 -71.24 -54.75
N ARG RA 215 -21.59 -70.70 -55.96
CA ARG RA 215 -20.47 -69.82 -56.25
C ARG RA 215 -20.63 -68.49 -55.54
N ARG RA 216 -21.86 -68.02 -55.38
CA ARG RA 216 -22.13 -66.83 -54.59
C ARG RA 216 -21.85 -67.07 -53.11
N ALA RA 217 -22.22 -68.25 -52.60
CA ALA RA 217 -22.19 -68.50 -51.16
C ALA RA 217 -20.77 -68.65 -50.64
N ILE RA 218 -19.86 -69.20 -51.44
CA ILE RA 218 -18.45 -69.26 -51.04
C ILE RA 218 -17.84 -67.87 -51.05
N TYR RA 219 -18.26 -67.02 -52.00
CA TYR RA 219 -17.70 -65.68 -52.12
C TYR RA 219 -18.08 -64.80 -50.94
N GLN RA 220 -19.32 -64.92 -50.45
CA GLN RA 220 -19.72 -64.17 -49.28
C GLN RA 220 -19.06 -64.69 -48.01
N ALA RA 221 -18.68 -65.97 -47.99
CA ALA RA 221 -18.01 -66.52 -46.82
C ALA RA 221 -16.55 -66.09 -46.78
N THR RA 222 -15.86 -66.09 -47.92
CA THR RA 222 -14.47 -65.64 -47.97
C THR RA 222 -14.35 -64.13 -47.80
N TYR RA 223 -15.43 -63.39 -47.99
CA TYR RA 223 -15.40 -61.94 -47.78
C TYR RA 223 -15.29 -61.60 -46.31
N ARG RA 224 -16.19 -62.15 -45.48
CA ARG RA 224 -16.20 -61.80 -44.07
C ARG RA 224 -15.12 -62.53 -43.27
N ASP RA 225 -14.90 -63.81 -43.57
CA ASP RA 225 -13.92 -64.59 -42.83
C ASP RA 225 -12.51 -64.22 -43.27
N ALA RA 226 -11.57 -64.32 -42.33
CA ALA RA 226 -10.16 -64.10 -42.63
C ALA RA 226 -9.43 -65.38 -43.01
N TYR RA 227 -9.94 -66.53 -42.58
CA TYR RA 227 -9.30 -67.81 -42.86
C TYR RA 227 -9.88 -68.50 -44.10
N SER RA 228 -10.40 -67.72 -45.04
CA SER RA 228 -11.04 -68.29 -46.22
C SER RA 228 -10.74 -67.42 -47.43
N GLY RA 229 -10.29 -68.05 -48.51
CA GLY RA 229 -9.98 -67.32 -49.71
C GLY RA 229 -9.36 -68.24 -50.74
N GLY RA 230 -8.69 -67.63 -51.71
CA GLY RA 230 -8.04 -68.40 -52.76
C GLY RA 230 -8.88 -68.55 -54.01
N ALA RA 231 -9.25 -69.79 -54.32
CA ALA RA 231 -10.11 -70.09 -55.45
C ALA RA 231 -11.39 -70.75 -54.95
N VAL RA 232 -12.35 -70.88 -55.86
CA VAL RA 232 -13.64 -71.49 -55.54
C VAL RA 232 -13.80 -72.70 -56.45
N ASN RA 233 -13.65 -73.89 -55.89
CA ASN RA 233 -13.87 -75.12 -56.64
C ASN RA 233 -15.35 -75.46 -56.63
N LEU RA 234 -15.77 -76.21 -57.64
CA LEU RA 234 -17.19 -76.51 -57.82
C LEU RA 234 -17.32 -77.85 -58.54
N TYR RA 235 -17.92 -78.83 -57.88
CA TYR RA 235 -18.16 -80.13 -58.47
C TYR RA 235 -19.66 -80.38 -58.58
N HIS RA 236 -20.03 -81.31 -59.46
CA HIS RA 236 -21.42 -81.67 -59.68
C HIS RA 236 -21.53 -83.20 -59.73
N VAL RA 237 -22.35 -83.77 -58.86
CA VAL RA 237 -22.56 -85.21 -58.81
C VAL RA 237 -23.77 -85.54 -59.68
N ARG RA 238 -23.53 -86.24 -60.77
CA ARG RA 238 -24.58 -86.71 -61.65
C ARG RA 238 -24.87 -88.17 -61.29
N GLU RA 239 -25.90 -88.75 -61.93
CA GLU RA 239 -26.31 -90.13 -61.64
C GLU RA 239 -25.22 -91.13 -61.99
N ASP RA 240 -24.55 -90.95 -63.13
CA ASP RA 240 -23.48 -91.85 -63.52
C ASP RA 240 -22.21 -91.62 -62.70
N GLY RA 241 -21.90 -90.36 -62.39
CA GLY RA 241 -20.70 -90.07 -61.64
C GLY RA 241 -20.53 -88.56 -61.53
N TRP RA 242 -19.55 -88.16 -60.74
CA TRP RA 242 -19.30 -86.74 -60.52
C TRP RA 242 -18.61 -86.13 -61.73
N ILE RA 243 -18.72 -84.81 -61.84
CA ILE RA 243 -18.11 -84.05 -62.93
C ILE RA 243 -17.59 -82.73 -62.38
N ARG RA 244 -16.37 -82.36 -62.76
CA ARG RA 244 -15.81 -81.09 -62.35
C ARG RA 244 -16.42 -79.96 -63.18
N VAL RA 245 -16.99 -78.96 -62.50
CA VAL RA 245 -17.62 -77.86 -63.21
C VAL RA 245 -16.59 -76.81 -63.59
N SER RA 246 -15.98 -76.17 -62.60
CA SER RA 246 -15.11 -75.03 -62.84
C SER RA 246 -14.26 -74.78 -61.60
N SER RA 247 -13.39 -73.77 -61.69
CA SER RA 247 -12.58 -73.33 -60.56
C SER RA 247 -12.24 -71.87 -60.82
N ASP RA 248 -12.82 -70.98 -60.02
CA ASP RA 248 -12.74 -69.54 -60.28
C ASP RA 248 -12.02 -68.84 -59.13
N ASN RA 249 -11.25 -67.82 -59.47
CA ASN RA 249 -10.58 -67.00 -58.48
C ASN RA 249 -11.59 -66.06 -57.82
N VAL RA 250 -11.29 -65.70 -56.57
CA VAL RA 250 -12.16 -64.78 -55.83
C VAL RA 250 -12.06 -63.38 -56.40
N ALA RA 251 -10.84 -62.96 -56.76
CA ALA RA 251 -10.63 -61.62 -57.32
C ALA RA 251 -11.29 -61.46 -58.69
N ASP RA 252 -11.46 -62.56 -59.44
CA ASP RA 252 -12.21 -62.48 -60.69
C ASP RA 252 -13.70 -62.34 -60.43
N LEU RA 253 -14.20 -62.97 -59.36
CA LEU RA 253 -15.61 -62.84 -59.02
C LEU RA 253 -15.94 -61.47 -58.45
N HIS RA 254 -14.96 -60.81 -57.83
CA HIS RA 254 -15.19 -59.48 -57.28
C HIS RA 254 -15.43 -58.44 -58.36
N GLU RA 255 -14.76 -58.59 -59.50
CA GLU RA 255 -15.04 -57.71 -60.63
C GLU RA 255 -16.36 -58.02 -61.29
N LYS RA 256 -16.85 -59.25 -61.18
CA LYS RA 256 -18.09 -59.68 -61.77
C LYS RA 256 -19.30 -59.35 -60.91
N TYR RA 257 -19.17 -59.56 -59.60
CA TYR RA 257 -20.32 -59.40 -58.71
C TYR RA 257 -20.56 -57.94 -58.34
N SER RA 258 -19.49 -57.21 -58.03
CA SER RA 258 -19.63 -55.80 -57.68
C SER RA 258 -19.94 -54.93 -58.87
N GLY RA 259 -19.62 -55.38 -60.08
CA GLY RA 259 -19.93 -54.62 -61.28
C GLY RA 259 -21.36 -54.80 -61.74
N ARG SA 28 12.31 -80.48 -15.83
CA ARG SA 28 12.22 -81.87 -16.26
C ARG SA 28 12.66 -82.00 -17.73
N PHE SA 29 12.78 -83.24 -18.19
CA PHE SA 29 13.28 -83.51 -19.53
C PHE SA 29 12.27 -83.09 -20.59
N SER SA 30 12.75 -82.38 -21.61
CA SER SA 30 11.97 -82.01 -22.78
C SER SA 30 12.62 -82.58 -24.03
N PRO SA 31 11.85 -83.20 -24.92
CA PRO SA 31 12.44 -83.98 -26.01
C PRO SA 31 12.69 -83.22 -27.30
N TYR SA 32 12.30 -81.95 -27.39
CA TYR SA 32 12.37 -81.18 -28.62
C TYR SA 32 13.27 -79.96 -28.43
N VAL SA 33 13.91 -79.56 -29.54
CA VAL SA 33 14.67 -78.31 -29.59
C VAL SA 33 14.69 -77.87 -31.04
N PHE SA 34 14.86 -76.56 -31.26
CA PHE SA 34 14.85 -75.99 -32.60
C PHE SA 34 16.28 -75.72 -33.04
N ASN SA 35 16.58 -76.05 -34.30
CA ASN SA 35 17.94 -75.95 -34.82
C ASN SA 35 18.09 -74.97 -35.97
N GLY SA 36 17.00 -74.47 -36.55
CA GLY SA 36 17.10 -73.55 -37.66
C GLY SA 36 17.38 -74.24 -38.98
N GLY SA 37 17.45 -73.43 -40.02
CA GLY SA 37 17.66 -73.91 -41.37
C GLY SA 37 16.66 -73.28 -42.33
N THR SA 38 17.02 -73.28 -43.61
CA THR SA 38 16.17 -72.70 -44.65
C THR SA 38 16.38 -73.51 -45.92
N ILE SA 39 15.29 -74.00 -46.50
CA ILE SA 39 15.32 -74.86 -47.68
C ILE SA 39 14.48 -74.21 -48.77
N LEU SA 40 15.01 -74.20 -49.99
CA LEU SA 40 14.33 -73.61 -51.14
C LEU SA 40 14.31 -74.59 -52.30
N ALA SA 41 13.15 -74.69 -52.96
CA ALA SA 41 13.03 -75.53 -54.14
C ALA SA 41 12.21 -74.81 -55.21
N ILE SA 42 12.62 -74.98 -56.46
CA ILE SA 42 11.96 -74.38 -57.61
C ILE SA 42 11.82 -75.45 -58.68
N ALA SA 43 10.59 -75.71 -59.11
CA ALA SA 43 10.34 -76.66 -60.20
C ALA SA 43 10.46 -75.92 -61.53
N GLY SA 44 11.45 -76.34 -62.33
CA GLY SA 44 11.63 -75.79 -63.66
C GLY SA 44 10.81 -76.53 -64.69
N GLU SA 45 11.01 -76.16 -65.95
CA GLU SA 45 10.32 -76.83 -67.04
C GLU SA 45 10.91 -78.21 -67.30
N ASP SA 46 12.23 -78.34 -67.21
CA ASP SA 46 12.91 -79.60 -67.39
C ASP SA 46 14.04 -79.75 -66.38
N PHE SA 47 13.89 -79.12 -65.22
CA PHE SA 47 14.94 -79.14 -64.20
C PHE SA 47 14.30 -78.90 -62.85
N ALA SA 48 15.12 -79.01 -61.81
CA ALA SA 48 14.69 -78.72 -60.45
C ALA SA 48 15.92 -78.29 -59.66
N ILE SA 49 15.75 -77.23 -58.87
CA ILE SA 49 16.84 -76.64 -58.10
C ILE SA 49 16.49 -76.72 -56.62
N VAL SA 50 17.39 -77.31 -55.84
CA VAL SA 50 17.22 -77.42 -54.39
C VAL SA 50 18.38 -76.70 -53.73
N ALA SA 51 18.07 -75.77 -52.83
CA ALA SA 51 19.07 -74.94 -52.18
C ALA SA 51 18.83 -74.92 -50.68
N SER SA 52 19.93 -74.81 -49.93
CA SER SA 52 19.88 -74.74 -48.47
C SER SA 52 21.18 -74.15 -47.95
N ASP SA 53 21.12 -73.67 -46.71
CA ASP SA 53 22.29 -73.18 -46.01
C ASP SA 53 22.92 -74.29 -45.17
N THR SA 54 24.13 -74.04 -44.68
CA THR SA 54 24.88 -75.06 -43.96
C THR SA 54 25.15 -74.66 -42.51
N ARG SA 55 24.33 -73.80 -41.93
CA ARG SA 55 24.54 -73.36 -40.56
C ARG SA 55 23.68 -74.20 -39.62
N LEU SA 56 24.33 -74.81 -38.63
CA LEU SA 56 23.66 -75.58 -37.60
C LEU SA 56 23.83 -74.86 -36.27
N SER SA 57 22.73 -74.47 -35.65
CA SER SA 57 22.76 -73.66 -34.44
C SER SA 57 21.79 -74.23 -33.43
N GLU SA 58 21.91 -73.74 -32.18
CA GLU SA 58 20.99 -74.10 -31.11
C GLU SA 58 21.02 -73.01 -30.07
N GLY SA 59 19.87 -72.41 -29.80
CA GLY SA 59 19.80 -71.34 -28.81
C GLY SA 59 20.51 -70.09 -29.27
N PHE SA 60 21.65 -69.80 -28.67
CA PHE SA 60 22.49 -68.66 -29.04
C PHE SA 60 23.92 -69.11 -29.27
N SER SA 61 24.07 -70.27 -29.88
CA SER SA 61 25.40 -70.82 -30.16
C SER SA 61 25.41 -71.42 -31.55
N ILE SA 62 26.59 -71.50 -32.14
CA ILE SA 62 26.78 -72.07 -33.46
C ILE SA 62 27.56 -73.37 -33.28
N HIS SA 63 26.95 -74.49 -33.67
CA HIS SA 63 27.65 -75.76 -33.62
C HIS SA 63 28.69 -75.85 -34.74
N THR SA 64 28.26 -75.68 -35.98
CA THR SA 64 29.18 -75.74 -37.10
C THR SA 64 28.69 -74.82 -38.20
N ARG SA 65 29.59 -74.55 -39.15
CA ARG SA 65 29.27 -73.76 -40.33
C ARG SA 65 29.26 -74.60 -41.59
N ASP SA 66 29.29 -75.93 -41.46
CA ASP SA 66 29.31 -76.83 -42.61
C ASP SA 66 28.41 -78.01 -42.27
N SER SA 67 27.14 -77.92 -42.64
CA SER SA 67 26.16 -78.97 -42.45
C SER SA 67 25.03 -78.79 -43.45
N PRO SA 68 25.19 -79.27 -44.68
CA PRO SA 68 24.17 -79.05 -45.71
C PRO SA 68 22.94 -79.90 -45.47
N LYS SA 69 21.82 -79.41 -46.00
CA LYS SA 69 20.53 -80.08 -45.85
C LYS SA 69 20.12 -80.85 -47.10
N CYS SA 70 20.94 -80.84 -48.15
CA CYS SA 70 20.63 -81.58 -49.37
C CYS SA 70 21.00 -83.04 -49.19
N TYR SA 71 20.15 -83.92 -49.74
CA TYR SA 71 20.38 -85.36 -49.68
C TYR SA 71 19.99 -85.97 -51.01
N LYS SA 72 20.97 -86.53 -51.72
CA LYS SA 72 20.72 -87.17 -53.00
C LYS SA 72 20.14 -88.56 -52.74
N LEU SA 73 18.82 -88.69 -52.90
CA LEU SA 73 18.19 -89.99 -52.72
C LEU SA 73 18.46 -90.89 -53.89
N THR SA 74 18.00 -90.50 -55.07
CA THR SA 74 18.25 -91.21 -56.32
C THR SA 74 19.02 -90.26 -57.25
N ASP SA 75 19.15 -90.68 -58.51
CA ASP SA 75 19.75 -89.82 -59.52
C ASP SA 75 18.80 -88.76 -60.03
N LYS SA 76 17.54 -88.75 -59.58
CA LYS SA 76 16.58 -87.75 -60.02
C LYS SA 76 15.77 -87.15 -58.88
N THR SA 77 16.17 -87.34 -57.62
CA THR SA 77 15.37 -86.88 -56.50
C THR SA 77 16.27 -86.45 -55.36
N VAL SA 78 16.11 -85.21 -54.90
CA VAL SA 78 16.85 -84.65 -53.77
C VAL SA 78 15.84 -84.18 -52.73
N ILE SA 79 16.07 -84.54 -51.47
CA ILE SA 79 15.18 -84.17 -50.38
C ILE SA 79 15.90 -83.19 -49.45
N GLY SA 80 15.12 -82.31 -48.84
CA GLY SA 80 15.65 -81.41 -47.83
C GLY SA 80 14.91 -81.57 -46.53
N CYS SA 81 15.65 -81.48 -45.42
CA CYS SA 81 15.10 -81.73 -44.10
C CYS SA 81 15.54 -80.61 -43.15
N SER SA 82 14.57 -79.89 -42.60
CA SER SA 82 14.83 -78.85 -41.60
C SER SA 82 14.21 -79.25 -40.27
N GLY SA 83 14.33 -78.35 -39.29
CA GLY SA 83 13.73 -78.57 -38.00
C GLY SA 83 14.66 -79.21 -36.99
N PHE SA 84 14.14 -80.16 -36.22
CA PHE SA 84 14.94 -80.84 -35.21
C PHE SA 84 15.92 -81.79 -35.87
N HIS SA 85 17.21 -81.59 -35.60
CA HIS SA 85 18.26 -82.28 -36.34
C HIS SA 85 18.37 -83.75 -35.99
N GLY SA 86 17.97 -84.15 -34.78
CA GLY SA 86 18.00 -85.55 -34.43
C GLY SA 86 16.98 -86.38 -35.19
N ASP SA 87 15.83 -85.78 -35.51
CA ASP SA 87 14.85 -86.46 -36.34
C ASP SA 87 15.24 -86.43 -37.81
N CYS SA 88 16.02 -85.42 -38.22
CA CYS SA 88 16.47 -85.36 -39.61
C CYS SA 88 17.47 -86.46 -39.93
N LEU SA 89 18.31 -86.82 -38.96
CA LEU SA 89 19.26 -87.90 -39.19
C LEU SA 89 18.56 -89.26 -39.17
N THR SA 90 17.49 -89.37 -38.38
CA THR SA 90 16.76 -90.62 -38.31
C THR SA 90 15.92 -90.84 -39.56
N LEU SA 91 15.15 -89.82 -39.95
CA LEU SA 91 14.21 -89.94 -41.06
C LEU SA 91 14.93 -90.12 -42.40
N THR SA 92 16.15 -89.60 -42.52
CA THR SA 92 16.92 -89.79 -43.74
C THR SA 92 17.33 -91.25 -43.91
N LYS SA 93 17.74 -91.89 -42.83
CA LYS SA 93 18.20 -93.28 -42.91
C LYS SA 93 17.05 -94.27 -43.06
N ILE SA 94 15.83 -93.88 -42.65
CA ILE SA 94 14.67 -94.75 -42.85
C ILE SA 94 14.28 -94.78 -44.33
N ILE SA 95 14.33 -93.62 -44.99
CA ILE SA 95 13.96 -93.53 -46.39
C ILE SA 95 14.97 -94.26 -47.27
N GLU SA 96 16.26 -94.11 -46.96
CA GLU SA 96 17.31 -94.78 -47.73
C GLU SA 96 17.27 -96.29 -47.55
N ALA SA 97 16.74 -96.79 -46.44
CA ALA SA 97 16.54 -98.23 -46.30
C ALA SA 97 15.40 -98.71 -47.18
N ARG SA 98 14.31 -97.95 -47.23
CA ARG SA 98 13.14 -98.37 -47.99
C ARG SA 98 13.32 -98.21 -49.50
N LEU SA 99 14.31 -97.42 -49.92
CA LEU SA 99 14.66 -97.38 -51.35
C LEU SA 99 15.21 -98.72 -51.81
N LYS SA 100 16.04 -99.35 -51.00
CA LYS SA 100 16.56 -100.68 -51.32
C LYS SA 100 15.46 -101.73 -51.19
N MET SA 101 14.55 -101.55 -50.23
CA MET SA 101 13.46 -102.50 -50.03
C MET SA 101 12.46 -102.45 -51.18
N TYR SA 102 12.30 -101.29 -51.81
CA TYR SA 102 11.46 -101.21 -53.00
C TYR SA 102 12.12 -101.92 -54.17
N LYS SA 103 13.44 -101.76 -54.31
CA LYS SA 103 14.10 -102.12 -55.56
C LYS SA 103 14.23 -103.63 -55.73
N HIS SA 104 14.62 -104.34 -54.67
CA HIS SA 104 14.78 -105.78 -54.80
C HIS SA 104 13.44 -106.50 -54.81
N SER SA 105 12.37 -105.81 -54.42
CA SER SA 105 11.02 -106.34 -54.54
C SER SA 105 10.36 -106.01 -55.87
N ASN SA 106 10.93 -105.07 -56.65
CA ASN SA 106 10.26 -104.61 -57.85
C ASN SA 106 11.16 -104.47 -59.07
N ASN SA 107 12.49 -104.64 -58.93
CA ASN SA 107 13.48 -104.59 -60.02
C ASN SA 107 13.48 -103.24 -60.74
N LYS SA 108 13.22 -102.17 -59.99
CA LYS SA 108 13.22 -100.82 -60.52
C LYS SA 108 13.36 -99.84 -59.37
N ALA SA 109 13.63 -98.58 -59.72
CA ALA SA 109 13.76 -97.54 -58.72
C ALA SA 109 12.45 -96.78 -58.55
N MET SA 110 12.32 -96.09 -57.43
CA MET SA 110 11.11 -95.32 -57.17
C MET SA 110 11.07 -94.07 -58.06
N THR SA 111 9.86 -93.59 -58.31
CA THR SA 111 9.67 -92.34 -59.01
C THR SA 111 9.71 -91.20 -58.03
N THR SA 112 9.47 -89.98 -58.52
CA THR SA 112 9.40 -88.83 -57.61
C THR SA 112 8.09 -88.85 -56.83
N GLY SA 113 6.98 -89.12 -57.51
CA GLY SA 113 5.69 -89.18 -56.85
C GLY SA 113 5.50 -90.37 -55.93
N ALA SA 114 6.26 -91.45 -56.16
CA ALA SA 114 6.16 -92.61 -55.27
C ALA SA 114 6.80 -92.34 -53.92
N ILE SA 115 7.85 -91.53 -53.89
CA ILE SA 115 8.52 -91.22 -52.64
C ILE SA 115 7.65 -90.31 -51.78
N ALA SA 116 6.96 -89.36 -52.41
CA ALA SA 116 6.06 -88.48 -51.68
C ALA SA 116 4.85 -89.23 -51.14
N ALA SA 117 4.42 -90.29 -51.82
CA ALA SA 117 3.36 -91.12 -51.29
C ALA SA 117 3.86 -92.00 -50.16
N MET SA 118 5.11 -92.44 -50.22
CA MET SA 118 5.65 -93.29 -49.16
C MET SA 118 5.96 -92.47 -47.92
N LEU SA 119 6.45 -91.25 -48.10
CA LEU SA 119 6.82 -90.40 -46.98
C LEU SA 119 5.61 -89.96 -46.16
N SER SA 120 4.46 -89.81 -46.81
CA SER SA 120 3.24 -89.41 -46.10
C SER SA 120 2.77 -90.49 -45.14
N THR SA 121 3.00 -91.76 -45.46
CA THR SA 121 2.63 -92.82 -44.54
C THR SA 121 3.62 -92.95 -43.40
N ILE SA 122 4.89 -92.60 -43.62
CA ILE SA 122 5.89 -92.69 -42.57
C ILE SA 122 5.67 -91.58 -41.54
N LEU SA 123 5.35 -90.37 -42.01
CA LEU SA 123 5.12 -89.26 -41.11
C LEU SA 123 3.84 -89.43 -40.31
N TYR SA 124 2.82 -90.07 -40.87
CA TYR SA 124 1.60 -90.29 -40.12
C TYR SA 124 1.73 -91.45 -39.15
N SER SA 125 2.72 -92.33 -39.36
CA SER SA 125 2.88 -93.53 -38.52
C SER SA 125 3.28 -93.18 -37.09
N ARG SA 126 3.76 -91.98 -36.84
CA ARG SA 126 4.04 -91.51 -35.49
C ARG SA 126 3.21 -90.27 -35.22
N ARG SA 127 1.90 -90.39 -35.49
CA ARG SA 127 0.97 -89.26 -35.39
C ARG SA 127 0.93 -88.67 -33.99
N PHE SA 128 1.00 -89.51 -32.96
CA PHE SA 128 0.88 -89.05 -31.59
C PHE SA 128 2.23 -88.89 -30.90
N PHE SA 129 3.31 -88.89 -31.68
CA PHE SA 129 4.63 -88.43 -31.25
C PHE SA 129 5.37 -87.98 -32.49
N PRO SA 130 5.10 -86.77 -32.97
CA PRO SA 130 5.46 -86.41 -34.35
C PRO SA 130 6.92 -86.04 -34.52
N TYR SA 131 7.41 -86.28 -35.74
CA TYR SA 131 8.69 -85.74 -36.17
C TYR SA 131 8.59 -84.22 -36.27
N TYR SA 132 9.60 -83.53 -35.76
CA TYR SA 132 9.67 -82.07 -35.89
C TYR SA 132 10.54 -81.70 -37.08
N VAL SA 133 10.08 -82.11 -38.27
CA VAL SA 133 10.83 -81.98 -39.51
C VAL SA 133 9.90 -81.41 -40.58
N TYR SA 134 10.34 -80.34 -41.23
CA TYR SA 134 9.70 -79.85 -42.44
C TYR SA 134 10.44 -80.40 -43.65
N ASN SA 135 9.69 -80.93 -44.61
CA ASN SA 135 10.27 -81.66 -45.73
C ASN SA 135 9.84 -81.04 -47.05
N ILE SA 136 10.78 -80.98 -47.99
CA ILE SA 136 10.52 -80.58 -49.37
C ILE SA 136 11.24 -81.57 -50.28
N ILE SA 137 10.51 -82.18 -51.20
CA ILE SA 137 11.08 -83.09 -52.19
C ILE SA 137 11.01 -82.41 -53.55
N GLY SA 138 12.15 -82.27 -54.19
CA GLY SA 138 12.21 -81.77 -55.55
C GLY SA 138 12.94 -82.74 -56.45
N GLY SA 139 12.48 -82.81 -57.70
CA GLY SA 139 13.09 -83.70 -58.65
C GLY SA 139 12.28 -83.77 -59.92
N LEU SA 140 12.64 -84.75 -60.75
CA LEU SA 140 12.02 -84.93 -62.06
C LEU SA 140 10.99 -86.04 -62.04
N ASP SA 141 9.92 -85.85 -62.80
CA ASP SA 141 8.88 -86.86 -62.94
C ASP SA 141 9.25 -87.84 -64.04
N GLU SA 142 8.30 -88.68 -64.44
CA GLU SA 142 8.54 -89.62 -65.53
C GLU SA 142 8.40 -88.97 -66.90
N GLU SA 143 7.93 -87.73 -66.98
CA GLU SA 143 7.86 -87.03 -68.25
C GLU SA 143 9.06 -86.14 -68.50
N GLY SA 144 9.92 -85.95 -67.51
CA GLY SA 144 11.09 -85.12 -67.65
C GLY SA 144 10.92 -83.68 -67.20
N LYS SA 145 9.87 -83.37 -66.45
CA LYS SA 145 9.60 -82.03 -65.99
C LYS SA 145 9.87 -81.91 -64.50
N GLY SA 146 9.92 -80.66 -64.03
CA GLY SA 146 10.17 -80.43 -62.62
C GLY SA 146 8.96 -80.74 -61.77
N ALA SA 147 9.22 -81.10 -60.51
CA ALA SA 147 8.16 -81.41 -59.57
C ALA SA 147 8.66 -81.12 -58.16
N VAL SA 148 7.89 -80.34 -57.41
CA VAL SA 148 8.22 -79.99 -56.04
C VAL SA 148 7.06 -80.35 -55.14
N TYR SA 149 7.33 -81.17 -54.12
CA TYR SA 149 6.34 -81.57 -53.14
C TYR SA 149 6.74 -80.99 -51.79
N SER SA 150 5.80 -80.30 -51.14
CA SER SA 150 6.01 -79.74 -49.82
C SER SA 150 5.26 -80.58 -48.80
N PHE SA 151 5.69 -80.49 -47.55
CA PHE SA 151 5.17 -81.35 -46.49
C PHE SA 151 4.92 -80.55 -45.22
N ASP SA 152 4.29 -81.22 -44.28
CA ASP SA 152 4.06 -80.75 -42.92
C ASP SA 152 4.54 -81.84 -41.97
N PRO SA 153 4.75 -81.52 -40.68
CA PRO SA 153 5.25 -82.56 -39.75
C PRO SA 153 4.28 -83.70 -39.47
N VAL SA 154 3.05 -83.67 -39.97
CA VAL SA 154 2.15 -84.80 -39.78
C VAL SA 154 1.95 -85.64 -41.05
N GLY SA 155 2.15 -85.06 -42.23
CA GLY SA 155 2.19 -85.88 -43.43
C GLY SA 155 1.27 -85.54 -44.57
N SER SA 156 0.74 -84.32 -44.61
CA SER SA 156 -0.06 -83.87 -45.74
C SER SA 156 0.82 -83.18 -46.77
N TYR SA 157 0.52 -83.39 -48.05
CA TYR SA 157 1.38 -82.88 -49.10
C TYR SA 157 0.57 -82.45 -50.31
N GLN SA 158 1.22 -81.69 -51.18
CA GLN SA 158 0.66 -81.28 -52.45
C GLN SA 158 1.80 -80.93 -53.38
N ARG SA 159 1.52 -80.97 -54.67
CA ARG SA 159 2.50 -80.62 -55.69
C ARG SA 159 2.42 -79.13 -55.98
N ASP SA 160 3.56 -78.45 -55.89
CA ASP SA 160 3.64 -77.01 -56.11
C ASP SA 160 4.71 -76.72 -57.15
N SER SA 161 4.84 -75.44 -57.51
CA SER SA 161 5.89 -75.00 -58.41
C SER SA 161 7.12 -74.48 -57.67
N PHE SA 162 6.92 -73.89 -56.49
CA PHE SA 162 8.02 -73.39 -55.68
C PHE SA 162 7.55 -73.28 -54.24
N LYS SA 163 8.40 -73.73 -53.32
CA LYS SA 163 8.15 -73.59 -51.89
C LYS SA 163 9.46 -73.24 -51.20
N ALA SA 164 9.32 -72.65 -50.02
CA ALA SA 164 10.47 -72.27 -49.19
C ALA SA 164 10.14 -72.65 -47.76
N GLY SA 165 10.83 -73.65 -47.23
CA GLY SA 165 10.58 -74.10 -45.88
C GLY SA 165 11.72 -73.79 -44.93
N GLY SA 166 11.42 -73.74 -43.63
CA GLY SA 166 12.44 -73.49 -42.64
C GLY SA 166 12.17 -72.27 -41.78
N SER SA 167 13.23 -71.72 -41.18
CA SER SA 167 13.07 -70.58 -40.29
C SER SA 167 12.78 -69.28 -41.05
N ALA SA 168 13.37 -69.12 -42.23
CA ALA SA 168 13.18 -67.93 -43.05
C ALA SA 168 12.12 -68.15 -44.13
N SER SA 169 11.09 -68.93 -43.82
CA SER SA 169 10.06 -69.25 -44.80
C SER SA 169 9.19 -68.05 -45.13
N ALA SA 170 8.95 -67.19 -44.14
CA ALA SA 170 8.10 -66.03 -44.36
C ALA SA 170 8.81 -64.93 -45.13
N MET SA 171 10.14 -64.95 -45.19
CA MET SA 171 10.90 -63.92 -45.87
C MET SA 171 11.18 -64.24 -47.32
N LEU SA 172 10.74 -65.40 -47.81
CA LEU SA 172 11.04 -65.83 -49.17
C LEU SA 172 9.82 -66.06 -50.04
N GLN SA 173 8.71 -66.47 -49.44
CA GLN SA 173 7.48 -66.68 -50.21
C GLN SA 173 6.88 -65.43 -50.88
N PRO SA 174 6.84 -64.23 -50.26
CA PRO SA 174 6.27 -63.10 -51.00
C PRO SA 174 7.11 -62.62 -52.18
N LEU SA 175 8.44 -62.80 -52.12
CA LEU SA 175 9.27 -62.32 -53.22
C LEU SA 175 9.18 -63.25 -54.42
N LEU SA 176 9.07 -64.55 -54.17
CA LEU SA 176 8.96 -65.49 -55.29
C LEU SA 176 7.59 -65.45 -55.94
N ASP SA 177 6.57 -64.97 -55.21
CA ASP SA 177 5.28 -64.71 -55.84
C ASP SA 177 5.36 -63.58 -56.85
N ASN SA 178 6.23 -62.61 -56.60
CA ASN SA 178 6.39 -61.50 -57.53
C ASN SA 178 7.18 -61.93 -58.76
N GLN SA 179 8.28 -62.66 -58.57
CA GLN SA 179 9.19 -62.95 -59.66
C GLN SA 179 8.80 -64.20 -60.45
N VAL SA 180 8.46 -65.28 -59.76
CA VAL SA 180 8.11 -66.53 -60.44
C VAL SA 180 6.64 -66.58 -60.78
N GLY SA 181 5.78 -66.34 -59.80
CA GLY SA 181 4.34 -66.41 -60.02
C GLY SA 181 3.72 -65.22 -60.70
N PHE SA 182 4.48 -64.11 -60.79
CA PHE SA 182 4.05 -62.85 -61.40
C PHE SA 182 2.77 -62.29 -60.77
N LYS SA 183 2.60 -62.51 -59.46
CA LYS SA 183 1.42 -62.02 -58.78
C LYS SA 183 1.54 -60.52 -58.53
N ASN SA 184 0.38 -59.85 -58.49
CA ASN SA 184 0.22 -58.42 -58.28
C ASN SA 184 0.99 -57.58 -59.30
N MET SA 185 1.14 -58.07 -60.52
CA MET SA 185 1.82 -57.36 -61.59
C MET SA 185 0.84 -57.05 -62.71
N GLN SA 186 1.10 -55.95 -63.42
CA GLN SA 186 0.27 -55.50 -64.52
C GLN SA 186 1.15 -55.29 -65.75
N ASN SA 187 0.64 -55.74 -66.90
CA ASN SA 187 1.27 -55.58 -68.22
C ASN SA 187 2.65 -56.23 -68.27
N VAL SA 188 2.70 -57.49 -67.86
CA VAL SA 188 3.93 -58.28 -67.86
C VAL SA 188 3.60 -59.66 -68.38
N GLU SA 189 4.28 -60.09 -69.44
CA GLU SA 189 4.03 -61.38 -70.03
C GLU SA 189 4.57 -62.50 -69.14
N HIS SA 190 4.00 -63.70 -69.32
CA HIS SA 190 4.36 -64.85 -68.52
C HIS SA 190 5.33 -65.73 -69.31
N VAL SA 191 6.59 -65.31 -69.30
CA VAL SA 191 7.67 -66.10 -69.88
C VAL SA 191 8.04 -67.16 -68.84
N PRO SA 192 8.24 -68.42 -69.24
CA PRO SA 192 8.71 -69.42 -68.28
C PRO SA 192 10.14 -69.15 -67.85
N LEU SA 193 10.43 -69.51 -66.61
CA LEU SA 193 11.73 -69.22 -66.02
C LEU SA 193 12.79 -70.14 -66.62
N SER SA 194 13.83 -69.54 -67.18
CA SER SA 194 14.95 -70.29 -67.74
C SER SA 194 15.84 -70.79 -66.61
N LEU SA 195 16.85 -71.58 -66.99
CA LEU SA 195 17.77 -72.10 -65.98
C LEU SA 195 18.70 -71.03 -65.44
N ASP SA 196 19.22 -70.18 -66.33
CA ASP SA 196 20.18 -69.16 -65.89
C ASP SA 196 19.51 -68.06 -65.10
N ARG SA 197 18.27 -67.70 -65.45
CA ARG SA 197 17.54 -66.71 -64.68
C ARG SA 197 17.16 -67.25 -63.31
N ALA SA 198 16.88 -68.54 -63.22
CA ALA SA 198 16.54 -69.15 -61.94
C ALA SA 198 17.74 -69.24 -61.00
N MET SA 199 18.96 -69.29 -61.54
CA MET SA 199 20.13 -69.38 -60.69
C MET SA 199 20.38 -68.07 -59.95
N ARG SA 200 20.23 -66.95 -60.63
CA ARG SA 200 20.46 -65.67 -59.98
C ARG SA 200 19.31 -65.25 -59.09
N LEU SA 201 18.12 -65.82 -59.26
CA LEU SA 201 17.04 -65.56 -58.30
C LEU SA 201 17.30 -66.28 -56.98
N VAL SA 202 17.88 -67.47 -57.04
CA VAL SA 202 18.24 -68.18 -55.82
C VAL SA 202 19.39 -67.48 -55.11
N LYS SA 203 20.36 -66.99 -55.87
CA LYS SA 203 21.52 -66.33 -55.26
C LYS SA 203 21.15 -64.96 -54.67
N ASP SA 204 20.05 -64.35 -55.10
CA ASP SA 204 19.66 -63.05 -54.56
C ASP SA 204 18.77 -63.17 -53.33
N VAL SA 205 17.96 -64.22 -53.21
CA VAL SA 205 17.04 -64.28 -52.09
C VAL SA 205 17.77 -64.67 -50.81
N PHE SA 206 18.83 -65.47 -50.89
CA PHE SA 206 19.56 -65.86 -49.70
C PHE SA 206 20.48 -64.78 -49.18
N ILE SA 207 20.90 -63.83 -50.03
CA ILE SA 207 21.64 -62.69 -49.55
C ILE SA 207 20.72 -61.77 -48.75
N SER SA 208 19.51 -61.54 -49.24
CA SER SA 208 18.56 -60.68 -48.52
C SER SA 208 18.01 -61.37 -47.28
N ALA SA 209 17.94 -62.70 -47.28
CA ALA SA 209 17.41 -63.40 -46.11
C ALA SA 209 18.43 -63.50 -45.00
N ALA SA 210 19.72 -63.61 -45.33
CA ALA SA 210 20.75 -63.71 -44.32
C ALA SA 210 20.98 -62.39 -43.58
N GLU SA 211 20.51 -61.28 -44.14
CA GLU SA 211 20.63 -60.00 -43.47
C GLU SA 211 19.69 -59.91 -42.28
N ARG SA 212 18.43 -60.29 -42.46
CA ARG SA 212 17.41 -60.09 -41.44
C ARG SA 212 17.20 -61.31 -40.55
N ASP SA 213 17.58 -62.50 -41.01
CA ASP SA 213 17.45 -63.70 -40.20
C ASP SA 213 18.79 -64.04 -39.57
N VAL SA 214 18.74 -64.59 -38.36
CA VAL SA 214 19.95 -64.98 -37.64
C VAL SA 214 20.28 -66.46 -37.79
N TYR SA 215 19.34 -67.27 -38.28
CA TYR SA 215 19.54 -68.69 -38.45
C TYR SA 215 20.02 -69.05 -39.85
N THR SA 216 20.58 -68.10 -40.59
CA THR SA 216 20.88 -68.32 -42.00
C THR SA 216 22.21 -67.67 -42.34
N GLY SA 217 23.12 -68.44 -42.91
CA GLY SA 217 24.35 -67.86 -43.42
C GLY SA 217 25.42 -68.93 -43.64
N ASP SA 218 26.65 -68.43 -43.77
CA ASP SA 218 27.93 -69.12 -43.76
C ASP SA 218 28.26 -69.92 -45.02
N ALA SA 219 27.26 -70.17 -45.87
CA ALA SA 219 27.38 -70.87 -47.16
C ALA SA 219 26.04 -70.92 -47.87
N LEU SA 220 26.02 -71.50 -49.07
CA LEU SA 220 24.76 -71.79 -49.77
C LEU SA 220 25.01 -72.97 -50.70
N ARG SA 221 24.55 -74.15 -50.30
CA ARG SA 221 24.65 -75.33 -51.13
C ARG SA 221 23.47 -75.38 -52.10
N ILE SA 222 23.78 -75.49 -53.39
CA ILE SA 222 22.75 -75.50 -54.44
C ILE SA 222 22.91 -76.79 -55.24
N CYS SA 223 21.83 -77.54 -55.36
CA CYS SA 223 21.80 -78.77 -56.15
C CYS SA 223 20.86 -78.59 -57.33
N ILE SA 224 21.35 -78.90 -58.53
CA ILE SA 224 20.58 -78.78 -59.76
C ILE SA 224 20.33 -80.17 -60.30
N VAL SA 225 19.06 -80.52 -60.48
CA VAL SA 225 18.67 -81.85 -60.96
C VAL SA 225 18.17 -81.70 -62.39
N THR SA 226 18.92 -82.27 -63.33
CA THR SA 226 18.52 -82.27 -64.74
C THR SA 226 18.47 -83.69 -65.26
N LYS SA 227 18.30 -83.85 -66.57
CA LYS SA 227 18.30 -85.17 -67.18
C LYS SA 227 19.69 -85.75 -67.37
N GLU SA 228 20.74 -85.01 -67.03
CA GLU SA 228 22.11 -85.45 -67.20
C GLU SA 228 22.82 -85.74 -65.88
N GLY SA 229 22.11 -85.66 -64.77
CA GLY SA 229 22.67 -85.94 -63.46
C GLY SA 229 22.36 -84.83 -62.49
N ILE SA 230 23.16 -84.75 -61.43
CA ILE SA 230 22.97 -83.77 -60.36
C ILE SA 230 24.24 -82.96 -60.23
N ARG SA 231 24.14 -81.65 -60.42
CA ARG SA 231 25.24 -80.73 -60.22
C ARG SA 231 25.15 -80.10 -58.84
N GLU SA 232 26.31 -79.66 -58.33
CA GLU SA 232 26.37 -78.97 -57.06
C GLU SA 232 27.17 -77.67 -57.22
N GLU SA 233 26.88 -76.72 -56.35
CA GLU SA 233 27.51 -75.41 -56.39
C GLU SA 233 27.38 -74.78 -55.01
N THR SA 234 28.45 -74.13 -54.56
CA THR SA 234 28.50 -73.53 -53.23
C THR SA 234 28.82 -72.05 -53.35
N VAL SA 235 27.98 -71.22 -52.74
CA VAL SA 235 28.15 -69.77 -52.73
C VAL SA 235 28.26 -69.33 -51.28
N SER SA 236 29.30 -68.55 -50.98
CA SER SA 236 29.50 -68.08 -49.62
C SER SA 236 28.54 -66.95 -49.27
N LEU SA 237 28.27 -66.81 -47.98
CA LEU SA 237 27.47 -65.72 -47.45
C LEU SA 237 28.25 -65.02 -46.34
N ARG SA 238 27.59 -64.11 -45.64
CA ARG SA 238 28.21 -63.42 -44.53
C ARG SA 238 28.31 -64.34 -43.31
N LYS SA 239 29.38 -64.16 -42.54
CA LYS SA 239 29.79 -65.13 -41.54
C LYS SA 239 29.41 -64.75 -40.12
N ASP SA 240 28.68 -63.65 -39.92
CA ASP SA 240 28.33 -63.22 -38.57
C ASP SA 240 27.29 -64.12 -37.90
N THR TA 45 16.68 -91.50 -17.32
CA THR TA 45 17.23 -90.69 -16.23
C THR TA 45 16.58 -89.31 -16.20
N GLN TA 46 15.90 -89.01 -15.09
CA GLN TA 46 15.24 -87.72 -14.95
C GLN TA 46 16.02 -86.73 -14.10
N ASN TA 47 16.89 -87.21 -13.21
CA ASN TA 47 17.65 -86.33 -12.34
C ASN TA 47 19.11 -86.74 -12.31
N PRO TA 48 20.00 -85.98 -12.93
CA PRO TA 48 21.43 -86.30 -12.88
C PRO TA 48 22.02 -86.00 -11.51
N MET TA 49 22.52 -87.04 -10.85
CA MET TA 49 23.06 -86.85 -9.49
C MET TA 49 24.51 -86.35 -9.55
N VAL TA 50 25.41 -87.17 -10.07
CA VAL TA 50 26.84 -86.87 -10.08
C VAL TA 50 27.23 -86.55 -11.52
N THR TA 51 27.59 -85.30 -11.78
CA THR TA 51 27.84 -84.83 -13.13
C THR TA 51 29.29 -84.45 -13.31
N GLY TA 52 29.69 -84.35 -14.57
CA GLY TA 52 30.97 -83.84 -14.98
C GLY TA 52 30.88 -82.40 -15.46
N THR TA 53 31.74 -82.05 -16.41
CA THR TA 53 31.81 -80.70 -16.94
C THR TA 53 32.44 -80.76 -18.33
N SER TA 54 32.93 -79.61 -18.81
CA SER TA 54 33.35 -79.41 -20.19
C SER TA 54 34.48 -80.36 -20.60
N VAL TA 55 34.42 -80.83 -21.85
CA VAL TA 55 35.41 -81.70 -22.45
C VAL TA 55 35.82 -81.07 -23.78
N LEU TA 56 37.11 -80.97 -24.02
CA LEU TA 56 37.65 -80.33 -25.22
C LEU TA 56 38.16 -81.37 -26.21
N GLY TA 57 38.36 -80.92 -27.45
CA GLY TA 57 38.89 -81.77 -28.49
C GLY TA 57 39.18 -81.02 -29.77
N VAL TA 58 40.32 -81.29 -30.39
CA VAL TA 58 40.72 -80.60 -31.62
C VAL TA 58 41.65 -81.51 -32.41
N LYS TA 59 41.53 -81.45 -33.73
CA LYS TA 59 42.38 -82.22 -34.61
C LYS TA 59 43.74 -81.56 -34.80
N PHE TA 60 44.69 -82.33 -35.27
CA PHE TA 60 45.97 -81.78 -35.74
C PHE TA 60 46.47 -82.67 -36.87
N GLU TA 61 47.73 -82.48 -37.24
CA GLU TA 61 48.33 -83.24 -38.33
C GLU TA 61 48.57 -84.69 -37.91
N GLY TA 62 47.65 -85.57 -38.26
CA GLY TA 62 47.81 -86.98 -37.95
C GLY TA 62 47.43 -87.37 -36.55
N GLY TA 63 46.33 -86.85 -36.02
CA GLY TA 63 45.88 -87.25 -34.71
C GLY TA 63 44.87 -86.27 -34.15
N VAL TA 64 44.22 -86.71 -33.07
CA VAL TA 64 43.21 -85.92 -32.37
C VAL TA 64 43.56 -85.94 -30.88
N VAL TA 65 43.54 -84.76 -30.25
CA VAL TA 65 43.83 -84.63 -28.84
C VAL TA 65 42.55 -84.25 -28.09
N ILE TA 66 42.32 -84.88 -26.94
CA ILE TA 66 41.13 -84.68 -26.12
C ILE TA 66 41.57 -84.53 -24.67
N ALA TA 67 41.07 -83.50 -23.99
CA ALA TA 67 41.38 -83.27 -22.59
C ALA TA 67 40.12 -83.00 -21.79
N ALA TA 68 40.13 -83.45 -20.53
CA ALA TA 68 39.06 -83.20 -19.59
C ALA TA 68 39.62 -83.31 -18.18
N ASP TA 69 38.88 -82.79 -17.21
CA ASP TA 69 39.35 -82.80 -15.84
C ASP TA 69 38.89 -84.07 -15.12
N MET TA 70 39.07 -84.10 -13.80
CA MET TA 70 38.94 -85.30 -12.99
C MET TA 70 38.05 -85.03 -11.78
N LEU TA 71 36.88 -84.46 -12.01
CA LEU TA 71 36.02 -83.99 -10.92
C LEU TA 71 34.65 -84.64 -11.00
N GLY TA 72 34.13 -85.03 -9.85
CA GLY TA 72 32.87 -85.75 -9.72
C GLY TA 72 31.80 -85.03 -8.92
N SER TA 73 31.58 -83.75 -9.19
CA SER TA 73 30.76 -82.89 -8.35
C SER TA 73 29.30 -83.33 -8.27
N TYR TA 74 28.71 -83.12 -7.10
CA TYR TA 74 27.30 -83.37 -6.82
C TYR TA 74 26.66 -82.02 -6.51
N GLY TA 75 26.01 -81.43 -7.52
CA GLY TA 75 25.44 -80.10 -7.35
C GLY TA 75 26.51 -79.05 -7.24
N SER TA 76 26.67 -78.50 -6.03
CA SER TA 76 27.78 -77.58 -5.75
C SER TA 76 28.91 -78.25 -4.99
N LEU TA 77 28.65 -79.35 -4.28
CA LEU TA 77 29.69 -80.07 -3.58
C LEU TA 77 30.51 -80.89 -4.56
N ALA TA 78 31.83 -80.76 -4.46
CA ALA TA 78 32.76 -81.58 -5.23
C ALA TA 78 33.07 -82.82 -4.40
N ARG TA 79 32.27 -83.87 -4.60
CA ARG TA 79 32.36 -85.04 -3.74
C ARG TA 79 33.51 -85.95 -4.14
N PHE TA 80 33.79 -86.07 -5.44
CA PHE TA 80 34.77 -87.03 -5.94
C PHE TA 80 35.88 -86.26 -6.65
N ARG TA 81 37.06 -86.22 -6.04
CA ARG TA 81 38.17 -85.44 -6.57
C ARG TA 81 39.06 -86.24 -7.51
N ASN TA 82 38.82 -87.53 -7.69
CA ASN TA 82 39.76 -88.35 -8.46
C ASN TA 82 38.95 -89.41 -9.20
N ILE TA 83 38.56 -89.09 -10.43
CA ILE TA 83 37.90 -90.02 -11.34
C ILE TA 83 38.49 -89.82 -12.73
N SER TA 84 38.29 -90.82 -13.58
CA SER TA 84 38.73 -90.76 -14.97
C SER TA 84 37.51 -90.61 -15.86
N ARG TA 85 37.52 -89.61 -16.74
CA ARG TA 85 36.40 -89.30 -17.60
C ARG TA 85 36.73 -89.53 -19.07
N ILE TA 86 37.82 -90.22 -19.36
CA ILE TA 86 38.24 -90.53 -20.72
C ILE TA 86 38.45 -92.03 -20.83
N MET TA 87 37.78 -92.65 -21.80
CA MET TA 87 37.87 -94.09 -22.01
C MET TA 87 38.69 -94.38 -23.27
N ARG TA 88 39.65 -95.27 -23.14
CA ARG TA 88 40.50 -95.68 -24.26
C ARG TA 88 39.85 -96.87 -24.96
N VAL TA 89 39.25 -96.62 -26.11
CA VAL TA 89 38.74 -97.70 -26.95
C VAL TA 89 39.97 -98.22 -27.71
N ASN TA 90 39.87 -99.40 -28.33
CA ASN TA 90 40.95 -100.35 -28.59
C ASN TA 90 42.31 -99.83 -29.08
N ASN TA 91 42.39 -99.28 -30.30
CA ASN TA 91 43.66 -98.76 -30.78
C ASN TA 91 43.57 -97.47 -31.57
N SER TA 92 42.41 -97.07 -32.04
CA SER TA 92 42.31 -95.92 -32.93
C SER TA 92 41.32 -94.88 -32.45
N THR TA 93 40.17 -95.31 -31.94
CA THR TA 93 39.15 -94.40 -31.45
C THR TA 93 39.21 -94.29 -29.94
N MET TA 94 38.51 -93.28 -29.42
CA MET TA 94 38.74 -92.81 -28.06
C MET TA 94 37.56 -91.93 -27.65
N LEU TA 95 37.14 -92.04 -26.39
CA LEU TA 95 35.90 -91.44 -25.95
C LEU TA 95 36.09 -90.65 -24.66
N GLY TA 96 35.59 -89.42 -24.66
CA GLY TA 96 35.41 -88.66 -23.44
C GLY TA 96 33.99 -88.13 -23.39
N ALA TA 97 33.50 -87.96 -22.16
CA ALA TA 97 32.08 -87.66 -21.98
C ALA TA 97 31.87 -86.65 -20.89
N SER TA 98 30.69 -86.04 -20.92
CA SER TA 98 30.22 -85.15 -19.87
C SER TA 98 28.87 -85.63 -19.37
N GLY TA 99 28.20 -84.83 -18.55
CA GLY TA 99 26.90 -85.23 -18.05
C GLY TA 99 27.02 -86.19 -16.88
N ASP TA 100 26.00 -87.04 -16.73
CA ASP TA 100 25.90 -87.95 -15.60
C ASP TA 100 26.97 -89.04 -15.70
N TYR TA 101 27.64 -89.30 -14.59
CA TYR TA 101 28.76 -90.23 -14.56
C TYR TA 101 28.30 -91.67 -14.35
N ALA TA 102 27.17 -91.89 -13.69
CA ALA TA 102 26.64 -93.24 -13.56
C ALA TA 102 26.15 -93.78 -14.89
N ASP TA 103 25.65 -92.91 -15.77
CA ASP TA 103 25.32 -93.32 -17.12
C ASP TA 103 26.58 -93.59 -17.95
N PHE TA 104 27.69 -92.91 -17.61
CA PHE TA 104 28.93 -93.12 -18.33
C PHE TA 104 29.55 -94.48 -18.01
N GLN TA 105 29.42 -94.94 -16.77
CA GLN TA 105 29.87 -96.28 -16.42
C GLN TA 105 29.06 -97.36 -17.12
N TYR TA 106 27.80 -97.07 -17.46
CA TYR TA 106 27.01 -98.02 -18.23
C TYR TA 106 27.51 -98.14 -19.66
N LEU TA 107 27.81 -97.00 -20.30
CA LEU TA 107 28.31 -97.05 -21.67
C LEU TA 107 29.76 -97.53 -21.71
N LYS TA 108 30.51 -97.33 -20.62
CA LYS TA 108 31.83 -97.93 -20.50
C LYS TA 108 31.73 -99.45 -20.42
N GLN TA 109 30.65 -99.95 -19.84
CA GLN TA 109 30.43 -101.38 -19.73
C GLN TA 109 30.02 -102.01 -21.06
N VAL TA 110 29.18 -101.32 -21.83
CA VAL TA 110 28.65 -101.89 -23.07
C VAL TA 110 29.67 -101.79 -24.20
N LEU TA 111 30.28 -100.62 -24.37
CA LEU TA 111 31.31 -100.44 -25.39
C LEU TA 111 32.53 -101.31 -25.12
N GLY TA 112 32.85 -101.56 -23.85
CA GLY TA 112 33.94 -102.47 -23.53
C GLY TA 112 33.66 -103.90 -23.94
N GLN TA 113 32.38 -104.29 -23.95
CA GLN TA 113 32.04 -105.66 -24.32
C GLN TA 113 32.07 -105.86 -25.83
N MET TA 114 31.62 -104.86 -26.59
CA MET TA 114 31.49 -105.00 -28.04
C MET TA 114 32.85 -105.07 -28.73
N VAL TA 115 33.84 -104.38 -28.17
CA VAL TA 115 35.19 -104.43 -28.74
C VAL TA 115 35.82 -105.80 -28.50
N ILE TA 116 35.58 -106.38 -27.33
CA ILE TA 116 36.06 -107.73 -27.04
C ILE TA 116 35.37 -108.75 -27.94
N ASP TA 117 34.08 -108.54 -28.21
CA ASP TA 117 33.29 -109.48 -29.01
C ASP TA 117 33.75 -109.55 -30.47
N GLU TA 118 34.39 -108.51 -30.99
CA GLU TA 118 34.91 -108.59 -32.35
C GLU TA 118 36.33 -109.14 -32.39
N GLU TA 119 37.15 -108.80 -31.39
CA GLU TA 119 38.55 -109.25 -31.36
C GLU TA 119 38.66 -110.76 -31.17
N LEU TA 120 37.67 -111.39 -30.55
CA LEU TA 120 37.72 -112.84 -30.39
C LEU TA 120 37.40 -113.57 -31.68
N LEU TA 121 36.77 -112.90 -32.65
CA LEU TA 121 36.57 -113.51 -33.96
C LEU TA 121 37.89 -113.58 -34.71
N GLY TA 122 38.69 -112.52 -34.68
CA GLY TA 122 39.99 -112.52 -35.32
C GLY TA 122 39.95 -112.52 -36.83
N ASP TA 123 38.90 -111.94 -37.41
CA ASP TA 123 38.74 -111.91 -38.87
C ASP TA 123 39.42 -110.71 -39.52
N GLY TA 124 40.32 -110.04 -38.82
CA GLY TA 124 41.04 -108.92 -39.40
C GLY TA 124 40.23 -107.66 -39.56
N HIS TA 125 39.18 -107.49 -38.78
CA HIS TA 125 38.35 -106.30 -38.83
C HIS TA 125 38.21 -105.69 -37.45
N SER TA 126 37.91 -104.39 -37.43
CA SER TA 126 37.71 -103.65 -36.20
C SER TA 126 36.70 -102.55 -36.46
N TYR TA 127 36.23 -101.94 -35.38
CA TYR TA 127 35.32 -100.81 -35.53
C TYR TA 127 36.10 -99.56 -35.91
N SER TA 128 35.66 -98.90 -36.96
CA SER TA 128 36.19 -97.59 -37.32
C SER TA 128 35.68 -96.57 -36.30
N PRO TA 129 36.39 -95.44 -36.15
CA PRO TA 129 35.86 -94.37 -35.29
C PRO TA 129 34.55 -93.77 -35.77
N ARG TA 130 34.27 -93.84 -37.07
CA ARG TA 130 32.97 -93.41 -37.58
C ARG TA 130 31.87 -94.41 -37.26
N ALA TA 131 32.19 -95.69 -37.17
CA ALA TA 131 31.17 -96.69 -36.85
C ALA TA 131 30.75 -96.62 -35.39
N ILE TA 132 31.67 -96.26 -34.51
CA ILE TA 132 31.31 -96.03 -33.10
C ILE TA 132 30.41 -94.80 -33.00
N HIS TA 133 30.70 -93.78 -33.81
CA HIS TA 133 29.87 -92.57 -33.84
C HIS TA 133 28.49 -92.85 -34.41
N SER TA 134 28.38 -93.84 -35.29
CA SER TA 134 27.08 -94.21 -35.84
C SER TA 134 26.26 -95.01 -34.83
N TRP TA 135 26.90 -95.96 -34.14
CA TRP TA 135 26.20 -96.79 -33.17
C TRP TA 135 25.73 -95.99 -31.97
N LEU TA 136 26.56 -95.06 -31.52
CA LEU TA 136 26.27 -94.32 -30.30
C LEU TA 136 25.12 -93.34 -30.51
N THR TA 137 24.97 -92.82 -31.74
CA THR TA 137 23.85 -91.93 -32.03
C THR TA 137 22.53 -92.68 -32.01
N ARG TA 138 22.50 -93.88 -32.59
CA ARG TA 138 21.29 -94.68 -32.59
C ARG TA 138 20.94 -95.19 -31.19
N ALA TA 139 21.95 -95.34 -30.34
CA ALA TA 139 21.69 -95.72 -28.95
C ALA TA 139 21.04 -94.57 -28.18
N MET TA 140 21.47 -93.34 -28.45
CA MET TA 140 20.91 -92.20 -27.73
C MET TA 140 19.54 -91.81 -28.26
N TYR TA 141 19.31 -91.95 -29.57
CA TYR TA 141 18.02 -91.59 -30.14
C TYR TA 141 16.94 -92.57 -29.73
N SER TA 142 17.27 -93.86 -29.70
CA SER TA 142 16.29 -94.85 -29.26
C SER TA 142 16.02 -94.76 -27.78
N ARG TA 143 16.92 -94.17 -27.00
CA ARG TA 143 16.72 -94.05 -25.58
C ARG TA 143 15.82 -92.88 -25.22
N ARG TA 144 15.93 -91.76 -25.94
CA ARG TA 144 15.05 -90.62 -25.69
C ARG TA 144 13.65 -90.83 -26.22
N SER TA 145 13.45 -91.77 -27.16
CA SER TA 145 12.11 -92.01 -27.68
C SER TA 145 11.22 -92.70 -26.67
N LYS TA 146 11.82 -93.40 -25.71
CA LYS TA 146 11.09 -94.00 -24.60
C LYS TA 146 10.90 -93.04 -23.44
N MET TA 147 11.32 -91.78 -23.60
CA MET TA 147 11.22 -90.71 -22.60
C MET TA 147 11.96 -91.08 -21.32
N ASN TA 148 13.12 -91.74 -21.48
CA ASN TA 148 13.97 -92.12 -20.35
C ASN TA 148 15.43 -91.99 -20.79
N PRO TA 149 15.91 -90.77 -20.99
CA PRO TA 149 17.16 -90.56 -21.72
C PRO TA 149 18.39 -90.84 -20.86
N LEU TA 150 19.55 -90.80 -21.52
CA LEU TA 150 20.84 -90.87 -20.85
C LEU TA 150 21.42 -89.46 -20.78
N TRP TA 151 21.67 -88.98 -19.56
CA TRP TA 151 22.17 -87.62 -19.36
C TRP TA 151 23.67 -87.58 -19.64
N ASN TA 152 24.01 -87.48 -20.91
CA ASN TA 152 25.42 -87.42 -21.31
C ASN TA 152 25.60 -86.45 -22.47
N THR TA 153 26.86 -86.12 -22.71
CA THR TA 153 27.27 -85.36 -23.89
C THR TA 153 28.67 -85.84 -24.22
N MET TA 154 28.84 -86.46 -25.37
CA MET TA 154 30.01 -87.29 -25.64
C MET TA 154 30.78 -86.81 -26.85
N VAL TA 155 32.10 -86.92 -26.76
CA VAL TA 155 33.02 -86.51 -27.81
C VAL TA 155 33.87 -87.71 -28.19
N ILE TA 156 33.85 -88.07 -29.48
CA ILE TA 156 34.57 -89.23 -29.98
C ILE TA 156 35.73 -88.74 -30.84
N GLY TA 157 36.94 -89.10 -30.46
CA GLY TA 157 38.13 -88.80 -31.25
C GLY TA 157 38.74 -90.08 -31.76
N GLY TA 158 39.13 -90.07 -33.03
CA GLY TA 158 39.67 -91.26 -33.65
C GLY TA 158 40.59 -90.93 -34.80
N TYR TA 159 41.49 -91.87 -35.09
CA TYR TA 159 42.44 -91.72 -36.19
C TYR TA 159 42.61 -93.07 -36.87
N ALA TA 160 42.11 -93.17 -38.10
CA ALA TA 160 42.20 -94.41 -38.86
C ALA TA 160 42.41 -94.08 -40.33
N ASP TA 161 43.19 -94.93 -41.00
CA ASP TA 161 43.50 -94.85 -42.44
C ASP TA 161 44.14 -93.51 -42.80
N GLY TA 162 45.00 -93.01 -41.92
CA GLY TA 162 45.64 -91.73 -42.14
C GLY TA 162 44.72 -90.54 -42.03
N GLU TA 163 43.53 -90.70 -41.45
CA GLU TA 163 42.54 -89.64 -41.38
C GLU TA 163 42.10 -89.45 -39.94
N SER TA 164 42.05 -88.19 -39.52
CA SER TA 164 41.56 -87.88 -38.19
C SER TA 164 40.04 -87.90 -38.16
N PHE TA 165 39.48 -87.99 -36.96
CA PHE TA 165 38.04 -88.01 -36.80
C PHE TA 165 37.69 -87.38 -35.46
N LEU TA 166 36.64 -86.56 -35.46
CA LEU TA 166 36.22 -85.87 -34.24
C LEU TA 166 34.71 -85.69 -34.32
N GLY TA 167 33.99 -86.43 -33.48
CA GLY TA 167 32.54 -86.46 -33.56
C GLY TA 167 31.90 -86.05 -32.25
N TYR TA 168 30.70 -85.47 -32.39
CA TYR TA 168 29.91 -84.98 -31.27
C TYR TA 168 28.65 -85.81 -31.14
N VAL TA 169 28.25 -86.10 -29.91
CA VAL TA 169 27.02 -86.83 -29.63
C VAL TA 169 26.27 -86.10 -28.52
N ASP TA 170 25.03 -85.72 -28.79
CA ASP TA 170 24.19 -85.03 -27.82
C ASP TA 170 23.31 -86.04 -27.10
N MET TA 171 22.70 -85.58 -25.99
CA MET TA 171 21.68 -86.36 -25.32
C MET TA 171 20.47 -86.60 -26.21
N LEU TA 172 20.07 -85.59 -26.99
CA LEU TA 172 18.90 -85.66 -27.84
C LEU TA 172 19.17 -86.29 -29.20
N GLY TA 173 20.32 -86.95 -29.38
CA GLY TA 173 20.61 -87.59 -30.65
C GLY TA 173 21.10 -86.67 -31.73
N VAL TA 174 21.59 -85.49 -31.38
CA VAL TA 174 22.13 -84.55 -32.37
C VAL TA 174 23.61 -84.83 -32.53
N ALA TA 175 24.03 -85.13 -33.76
CA ALA TA 175 25.40 -85.53 -34.02
C ALA TA 175 25.91 -84.84 -35.27
N TYR TA 176 27.20 -84.48 -35.24
CA TYR TA 176 27.86 -83.85 -36.38
C TYR TA 176 29.36 -84.07 -36.24
N GLU TA 177 30.10 -83.55 -37.20
CA GLU TA 177 31.56 -83.57 -37.19
C GLU TA 177 32.07 -82.13 -37.22
N ALA TA 178 33.27 -81.94 -36.66
CA ALA TA 178 33.85 -80.62 -36.56
C ALA TA 178 35.36 -80.75 -36.39
N PRO TA 179 36.14 -79.76 -36.83
CA PRO TA 179 37.57 -79.77 -36.54
C PRO TA 179 37.90 -79.43 -35.09
N SER TA 180 36.96 -78.90 -34.33
CA SER TA 180 37.17 -78.61 -32.91
C SER TA 180 35.82 -78.70 -32.20
N LEU TA 181 35.83 -79.29 -31.02
CA LEU TA 181 34.61 -79.47 -30.24
C LEU TA 181 34.81 -79.00 -28.81
N ALA TA 182 33.70 -78.62 -28.20
CA ALA TA 182 33.69 -78.17 -26.81
C ALA TA 182 32.28 -78.34 -26.28
N THR TA 183 32.16 -78.88 -25.07
CA THR TA 183 30.88 -79.17 -24.46
C THR TA 183 30.66 -78.26 -23.25
N GLY TA 184 29.40 -78.18 -22.82
CA GLY TA 184 29.06 -77.48 -21.59
C GLY TA 184 29.30 -75.99 -21.70
N TYR TA 185 29.95 -75.42 -20.70
CA TYR TA 185 30.35 -74.02 -20.75
C TYR TA 185 31.55 -73.80 -21.66
N GLY TA 186 32.28 -74.86 -21.99
CA GLY TA 186 33.39 -74.75 -22.92
C GLY TA 186 32.99 -74.36 -24.32
N ALA TA 187 31.74 -74.64 -24.70
CA ALA TA 187 31.22 -74.17 -25.98
C ALA TA 187 31.00 -72.67 -26.00
N TYR TA 188 30.93 -72.02 -24.84
CA TYR TA 188 30.86 -70.58 -24.76
C TYR TA 188 32.21 -69.92 -24.56
N LEU TA 189 33.17 -70.65 -24.01
CA LEU TA 189 34.42 -70.06 -23.54
C LEU TA 189 35.64 -70.49 -24.35
N ALA TA 190 35.90 -71.80 -24.44
CA ALA TA 190 37.06 -72.25 -25.19
C ALA TA 190 36.79 -72.32 -26.68
N GLN TA 191 35.53 -72.50 -27.07
CA GLN TA 191 35.18 -72.58 -28.48
C GLN TA 191 35.48 -71.33 -29.31
N PRO TA 192 35.33 -70.08 -28.83
CA PRO TA 192 35.86 -68.96 -29.62
C PRO TA 192 37.37 -68.95 -29.74
N LEU TA 193 38.10 -69.49 -28.77
CA LEU TA 193 39.54 -69.58 -28.92
C LEU TA 193 39.94 -70.67 -29.92
N LEU TA 194 39.11 -71.70 -30.06
CA LEU TA 194 39.40 -72.76 -31.02
C LEU TA 194 39.22 -72.29 -32.45
N ARG TA 195 38.09 -71.64 -32.73
CA ARG TA 195 37.77 -71.23 -34.09
C ARG TA 195 38.60 -70.06 -34.56
N GLU TA 196 39.18 -69.28 -33.64
CA GLU TA 196 40.00 -68.15 -34.03
C GLU TA 196 41.31 -68.60 -34.66
N VAL TA 197 41.94 -69.64 -34.09
CA VAL TA 197 43.22 -70.09 -34.60
C VAL TA 197 43.03 -70.93 -35.87
N LEU TA 198 41.96 -71.73 -35.92
CA LEU TA 198 41.74 -72.62 -37.05
C LEU TA 198 41.32 -71.88 -38.32
N GLU TA 199 40.85 -70.65 -38.22
CA GLU TA 199 40.57 -69.85 -39.41
C GLU TA 199 41.79 -69.09 -39.89
N LYS TA 200 42.64 -68.63 -38.98
CA LYS TA 200 43.89 -68.01 -39.39
C LYS TA 200 44.93 -69.04 -39.81
N GLN TA 201 44.78 -70.29 -39.40
CA GLN TA 201 45.68 -71.36 -39.79
C GLN TA 201 44.92 -72.68 -39.77
N PRO TA 202 44.63 -73.27 -40.94
CA PRO TA 202 43.71 -74.41 -40.97
C PRO TA 202 44.29 -75.71 -40.42
N VAL TA 203 45.59 -75.94 -40.57
CA VAL TA 203 46.21 -77.16 -40.07
C VAL TA 203 47.15 -76.81 -38.93
N LEU TA 204 47.34 -77.77 -38.03
CA LEU TA 204 48.17 -77.58 -36.85
C LEU TA 204 49.05 -78.80 -36.64
N SER TA 205 50.22 -78.57 -36.03
CA SER TA 205 51.07 -79.66 -35.64
C SER TA 205 50.63 -80.18 -34.27
N GLN TA 206 51.37 -81.17 -33.74
CA GLN TA 206 51.00 -81.74 -32.46
C GLN TA 206 51.38 -80.82 -31.31
N THR TA 207 52.54 -80.17 -31.40
CA THR TA 207 52.97 -79.27 -30.32
C THR TA 207 52.17 -77.98 -30.32
N GLU TA 208 51.71 -77.52 -31.49
CA GLU TA 208 50.85 -76.35 -31.55
C GLU TA 208 49.47 -76.66 -30.98
N ALA TA 209 48.98 -77.88 -31.22
CA ALA TA 209 47.66 -78.25 -30.72
C ALA TA 209 47.67 -78.48 -29.22
N ARG TA 210 48.70 -79.17 -28.71
CA ARG TA 210 48.76 -79.48 -27.29
C ARG TA 210 48.97 -78.24 -26.44
N ASP TA 211 49.74 -77.28 -26.94
CA ASP TA 211 49.91 -76.02 -26.23
C ASP TA 211 48.62 -75.21 -26.22
N LEU TA 212 47.81 -75.34 -27.26
CA LEU TA 212 46.58 -74.57 -27.35
C LEU TA 212 45.50 -75.09 -26.41
N VAL TA 213 45.52 -76.40 -26.12
CA VAL TA 213 44.54 -76.97 -25.20
C VAL TA 213 44.82 -76.52 -23.77
N GLU TA 214 46.09 -76.49 -23.38
CA GLU TA 214 46.47 -76.05 -22.04
C GLU TA 214 46.15 -74.59 -21.80
N ARG TA 215 46.10 -73.78 -22.86
CA ARG TA 215 45.63 -72.41 -22.72
C ARG TA 215 44.13 -72.36 -22.47
N CYS TA 216 43.37 -73.19 -23.17
CA CYS TA 216 41.93 -73.22 -22.98
C CYS TA 216 41.54 -73.89 -21.66
N MET TA 217 42.28 -74.92 -21.25
CA MET TA 217 42.04 -75.52 -19.95
C MET TA 217 42.44 -74.60 -18.81
N ARG TA 218 43.37 -73.68 -19.05
CA ARG TA 218 43.69 -72.67 -18.06
C ARG TA 218 42.53 -71.69 -17.88
N VAL TA 219 41.87 -71.34 -18.98
CA VAL TA 219 40.80 -70.34 -18.95
C VAL TA 219 39.60 -70.87 -18.17
N LEU TA 220 39.21 -72.12 -18.42
CA LEU TA 220 38.05 -72.72 -17.76
C LEU TA 220 38.23 -72.85 -16.26
N TYR TA 221 39.47 -72.87 -15.76
CA TYR TA 221 39.68 -72.84 -14.33
C TYR TA 221 39.30 -71.49 -13.72
N TYR TA 222 39.39 -70.39 -14.48
CA TYR TA 222 39.12 -69.09 -13.90
C TYR TA 222 37.63 -68.82 -13.73
N ARG TA 223 36.78 -69.26 -14.65
CA ARG TA 223 35.40 -68.80 -14.62
C ARG TA 223 34.34 -69.89 -14.67
N ASP TA 224 34.70 -71.17 -14.67
CA ASP TA 224 33.70 -72.23 -14.51
C ASP TA 224 33.67 -72.63 -13.05
N ALA TA 225 32.49 -72.62 -12.46
CA ALA TA 225 32.35 -72.93 -11.05
C ALA TA 225 32.50 -74.41 -10.75
N ARG TA 226 32.51 -75.26 -11.77
CA ARG TA 226 32.66 -76.70 -11.57
C ARG TA 226 33.98 -77.21 -12.16
N SER TA 227 34.98 -76.34 -12.25
CA SER TA 227 36.28 -76.72 -12.78
C SER TA 227 37.12 -77.36 -11.68
N TYR TA 228 38.32 -77.81 -12.05
CA TYR TA 228 39.16 -78.58 -11.15
C TYR TA 228 40.59 -78.49 -11.67
N ASN TA 229 41.54 -78.18 -10.78
CA ASN TA 229 42.90 -77.88 -11.21
C ASN TA 229 43.77 -79.14 -11.25
N ARG TA 230 43.25 -80.18 -11.91
CA ARG TA 230 43.97 -81.43 -12.10
C ARG TA 230 43.25 -82.16 -13.23
N PHE TA 231 43.91 -82.27 -14.39
CA PHE TA 231 43.26 -82.81 -15.57
C PHE TA 231 44.22 -83.76 -16.27
N GLN TA 232 43.70 -84.47 -17.27
CA GLN TA 232 44.50 -85.41 -18.03
C GLN TA 232 44.24 -85.20 -19.51
N ILE TA 233 45.26 -85.50 -20.31
CA ILE TA 233 45.25 -85.25 -21.74
C ILE TA 233 45.43 -86.58 -22.47
N ALA TA 234 44.51 -86.87 -23.39
CA ALA TA 234 44.55 -88.09 -24.17
C ALA TA 234 44.74 -87.75 -25.65
N THR TA 235 45.51 -88.59 -26.35
CA THR TA 235 45.92 -88.29 -27.71
C THR TA 235 46.01 -89.58 -28.51
N VAL TA 236 45.37 -89.61 -29.68
CA VAL TA 236 45.52 -90.71 -30.62
C VAL TA 236 46.51 -90.30 -31.70
N THR TA 237 47.29 -91.26 -32.17
CA THR TA 237 48.22 -91.09 -33.28
C THR TA 237 48.11 -92.32 -34.16
N GLU TA 238 49.08 -92.50 -35.06
CA GLU TA 238 49.24 -93.79 -35.71
C GLU TA 238 49.84 -94.84 -34.78
N LYS TA 239 50.46 -94.42 -33.69
CA LYS TA 239 51.04 -95.35 -32.72
C LYS TA 239 50.02 -95.91 -31.76
N GLY TA 240 48.87 -95.27 -31.61
CA GLY TA 240 47.81 -95.77 -30.77
C GLY TA 240 47.33 -94.73 -29.78
N VAL TA 241 46.51 -95.17 -28.84
CA VAL TA 241 45.90 -94.29 -27.85
C VAL TA 241 46.88 -94.10 -26.70
N GLU TA 242 47.10 -92.85 -26.31
CA GLU TA 242 47.99 -92.53 -25.19
C GLU TA 242 47.35 -91.49 -24.30
N ILE TA 243 47.34 -91.75 -23.00
CA ILE TA 243 46.69 -90.88 -22.02
C ILE TA 243 47.75 -90.40 -21.04
N GLU TA 244 47.89 -89.08 -20.93
CA GLU TA 244 48.85 -88.49 -20.02
C GLU TA 244 48.27 -88.44 -18.60
N GLY TA 245 49.15 -88.16 -17.64
CA GLY TA 245 48.81 -88.21 -16.24
C GLY TA 245 48.04 -87.00 -15.74
N PRO TA 246 47.88 -86.90 -14.42
CA PRO TA 246 47.11 -85.78 -13.85
C PRO TA 246 47.86 -84.47 -13.87
N LEU TA 247 47.82 -83.77 -15.01
CA LEU TA 247 48.53 -82.52 -15.15
C LEU TA 247 47.77 -81.40 -14.45
N SER TA 248 48.47 -80.30 -14.21
CA SER TA 248 47.91 -79.14 -13.53
C SER TA 248 48.13 -77.89 -14.38
N THR TA 249 47.59 -76.78 -13.92
CA THR TA 249 47.65 -75.51 -14.63
C THR TA 249 48.64 -74.57 -13.95
N GLU TA 250 48.77 -73.37 -14.52
CA GLU TA 250 49.59 -72.30 -13.95
C GLU TA 250 48.76 -71.03 -14.02
N THR TA 251 48.41 -70.49 -12.85
CA THR TA 251 47.46 -69.40 -12.76
C THR TA 251 48.19 -68.08 -12.53
N ASN TA 252 47.47 -66.99 -12.77
CA ASN TA 252 47.96 -65.64 -12.53
C ASN TA 252 46.94 -64.92 -11.65
N TRP TA 253 47.43 -64.21 -10.64
CA TRP TA 253 46.56 -63.46 -9.73
C TRP TA 253 47.13 -62.08 -9.45
N ASP TA 254 47.80 -61.47 -10.43
CA ASP TA 254 48.39 -60.16 -10.24
C ASP TA 254 47.36 -59.04 -10.22
N ILE TA 255 46.15 -59.28 -10.71
CA ILE TA 255 45.10 -58.26 -10.65
C ILE TA 255 44.43 -58.19 -9.29
N ALA TA 256 44.78 -59.08 -8.37
CA ALA TA 256 44.24 -59.01 -7.02
C ALA TA 256 44.83 -57.84 -6.23
N HIS TA 257 46.05 -57.42 -6.57
CA HIS TA 257 46.66 -56.28 -5.89
C HIS TA 257 46.06 -54.96 -6.32
N MET TA 258 45.34 -54.93 -7.45
CA MET TA 258 44.58 -53.77 -7.82
C MET TA 258 43.33 -53.67 -6.93
N ILE TA 259 42.69 -52.50 -6.96
CA ILE TA 259 41.48 -52.29 -6.18
C ILE TA 259 40.28 -52.90 -6.90
ZN ZN UA . -7.33 76.18 45.57
PG ATP VA . -28.95 12.53 31.45
O1G ATP VA . -28.91 13.07 30.05
O2G ATP VA . -28.84 13.58 32.52
O3G ATP VA . -28.09 11.31 31.68
PB ATP VA . -30.95 11.27 32.96
O1B ATP VA . -30.90 12.29 34.06
O2B ATP VA . -30.26 9.94 33.07
O3B ATP VA . -30.45 11.97 31.58
PA ATP VA . -33.64 12.00 32.96
O1A ATP VA . -33.40 13.19 32.06
O2A ATP VA . -33.76 12.21 34.45
O3A ATP VA . -32.49 10.94 32.65
O5' ATP VA . -34.95 11.24 32.46
C5' ATP VA . -35.80 11.86 31.49
C4' ATP VA . -37.23 11.43 31.74
O4' ATP VA . -37.35 10.01 31.67
C3' ATP VA . -37.68 11.83 33.13
O3' ATP VA . -38.46 13.02 33.05
C2' ATP VA . -38.52 10.68 33.61
O2' ATP VA . -39.90 11.05 33.58
C1' ATP VA . -38.28 9.54 32.64
N9 ATP VA . -37.66 8.40 33.36
C8 ATP VA . -36.38 8.02 33.24
N7 ATP VA . -36.12 6.93 34.01
C5 ATP VA . -37.26 6.61 34.64
C6 ATP VA . -37.67 5.57 35.61
N6 ATP VA . -36.80 4.64 36.06
N1 ATP VA . -38.95 5.57 36.02
C2 ATP VA . -39.83 6.49 35.59
N3 ATP VA . -39.52 7.46 34.72
C4 ATP VA . -38.28 7.56 34.20
MG MG WA . -29.89 14.32 33.85
PG ATP XA . -29.31 22.97 3.39
O1G ATP XA . -29.68 21.79 4.25
O2G ATP XA . -28.98 24.24 4.14
O3G ATP XA . -28.36 22.65 2.26
PB ATP XA . -32.06 23.64 3.35
O1B ATP XA . -32.90 22.39 3.39
O2B ATP XA . -31.78 24.38 4.63
O3B ATP XA . -30.67 23.29 2.61
PA ATP XA . -34.09 24.53 1.64
O1A ATP XA . -35.10 25.05 2.62
O2A ATP XA . -34.25 23.16 1.02
O3A ATP XA . -32.63 24.67 2.28
O5' ATP XA . -33.98 25.58 0.42
C5' ATP XA . -35.10 26.39 0.12
C4' ATP XA . -35.22 26.61 -1.37
O4' ATP XA . -35.59 25.39 -2.01
C3' ATP XA . -36.30 27.62 -1.64
O3' ATP XA . -35.79 28.68 -2.46
C2' ATP XA . -37.38 26.88 -2.38
O2' ATP XA . -37.75 27.58 -3.57
C1' ATP XA . -36.81 25.51 -2.73
N9 ATP XA . -37.69 24.40 -2.29
C8 ATP XA . -37.19 23.32 -1.66
N7 ATP XA . -38.17 22.43 -1.35
C5 ATP XA . -39.33 22.95 -1.79
C6 ATP XA . -40.73 22.51 -1.80
N6 ATP XA . -41.11 21.34 -1.25
N1 ATP XA . -41.64 23.33 -2.36
C2 ATP XA . -41.30 24.50 -2.91
N3 ATP XA . -40.03 24.95 -2.95
C4 ATP XA . -39.00 24.24 -2.42
MG MG YA . -30.49 24.95 5.77
PG ATP ZA . -4.41 29.02 -10.83
O1G ATP ZA . -4.91 27.94 -11.76
O2G ATP ZA . -4.85 28.90 -9.41
O3G ATP ZA . -2.95 29.36 -10.99
PB ATP ZA . -5.26 30.50 -12.97
O1B ATP ZA . -6.53 29.90 -13.45
O2B ATP ZA . -3.95 30.05 -13.56
O3B ATP ZA . -5.17 30.32 -11.37
PA ATP ZA . -5.27 32.68 -14.61
O1A ATP ZA . -6.16 33.89 -14.63
O2A ATP ZA . -5.45 31.56 -15.59
O3A ATP ZA . -5.31 32.09 -13.12
O5' ATP ZA . -3.75 33.15 -14.73
C5' ATP ZA . -3.47 34.42 -15.30
C4' ATP ZA . -2.27 34.40 -16.23
O4' ATP ZA . -2.55 33.57 -17.36
C3' ATP ZA . -2.05 35.80 -16.75
O3' ATP ZA . -0.65 36.02 -16.96
C2' ATP ZA . -2.73 35.77 -18.10
O2' ATP ZA . -2.17 36.71 -19.01
C1' ATP ZA . -2.58 34.34 -18.56
N9 ATP ZA . -3.73 33.90 -19.38
C8 ATP ZA . -4.44 32.78 -19.15
N7 ATP ZA . -5.43 32.63 -20.07
C5 ATP ZA . -5.37 33.66 -20.91
C6 ATP ZA . -6.12 34.10 -22.10
N6 ATP ZA . -7.16 33.39 -22.57
N1 ATP ZA . -5.74 35.25 -22.70
C2 ATP ZA . -4.70 35.98 -22.24
N3 ATP ZA . -3.98 35.63 -21.17
C4 ATP ZA . -4.25 34.51 -20.47
MG MG AB . -5.76 32.40 -9.96
PB ADP BB . 23.73 23.42 -1.58
O1B ADP BB . 23.22 22.07 -1.14
O2B ADP BB . 24.34 23.46 -2.95
O3B ADP BB . 22.80 24.57 -1.27
PA ADP BB . 25.36 25.24 -0.33
O1A ADP BB . 24.52 25.72 0.82
O2A ADP BB . 25.30 25.98 -1.65
O3A ADP BB . 24.98 23.71 -0.62
O5' ADP BB . 26.89 25.17 0.17
C5' ADP BB . 27.85 24.39 -0.52
C4' ADP BB . 29.22 24.84 -0.04
O4' ADP BB . 30.23 24.33 -0.91
C3' ADP BB . 29.31 26.34 -0.06
O3' ADP BB . 29.64 26.83 1.24
C2' ADP BB . 30.43 26.68 -1.02
O2' ADP BB . 31.44 27.43 -0.35
C1' ADP BB . 31.01 25.36 -1.50
N9 ADP BB . 30.81 25.26 -2.97
C8 ADP BB . 29.98 24.38 -3.56
N7 ADP BB . 30.01 24.51 -4.90
C5 ADP BB . 30.87 25.50 -5.18
C6 ADP BB . 31.37 26.16 -6.41
N6 ADP BB . 30.95 25.78 -7.63
N1 ADP BB . 32.27 27.17 -6.26
C2 ADP BB . 32.70 27.55 -5.05
N3 ADP BB . 32.30 27.00 -3.90
C4 ADP BB . 31.39 25.99 -3.90
MG MG CB . 21.82 25.41 0.17
PG ATP DB . -3.02 11.62 45.76
O1G ATP DB . -3.85 11.51 44.52
O2G ATP DB . -1.61 11.09 45.60
O3G ATP DB . -3.11 12.94 46.49
PB ATP DB . -2.83 10.01 48.00
O1B ATP DB . -2.24 8.68 47.60
O2B ATP DB . -1.95 11.14 48.47
O3B ATP DB . -3.69 10.58 46.77
PA ATP DB . -3.88 9.69 50.61
O1A ATP DB . -5.04 10.45 51.20
O2A ATP DB . -2.48 10.06 51.02
O3A ATP DB . -4.05 9.75 49.02
O5' ATP DB . -4.13 8.14 50.94
C5' ATP DB . -5.29 7.51 50.39
C4' ATP DB . -6.10 6.82 51.49
O4' ATP DB . -5.86 5.42 51.47
C3' ATP DB . -5.73 7.34 52.88
O3' ATP DB . -6.84 8.07 53.43
C2' ATP DB . -5.46 6.11 53.71
O2' ATP DB . -6.51 5.96 54.68
C1' ATP DB . -5.50 4.94 52.75
N9 ATP DB . -4.13 4.39 52.62
C8 ATP DB . -3.42 4.41 51.48
N7 ATP DB . -2.20 3.84 51.66
C5 ATP DB . -2.13 3.43 52.94
C6 ATP DB . -1.12 2.76 53.79
N6 ATP DB . 0.08 2.39 53.28
N1 ATP DB . -1.45 2.53 55.08
C2 ATP DB . -2.64 2.89 55.59
N3 ATP DB . -3.60 3.50 54.88
C4 ATP DB . -3.41 3.80 53.57
MG MG EB . -2.53 13.90 48.22
#